data_6QI5
#
_entry.id   6QI5
#
loop_
_entity.id
_entity.type
_entity.pdbx_description
1 polymer 'Hexon protein'
2 polymer 'Protein LH3'
3 polymer 'Pre-hexon-linking protein VIII'
4 polymer PIIIa
5 polymer 'Penton protein'
#
loop_
_entity_poly.entity_id
_entity_poly.type
_entity_poly.pdbx_seq_one_letter_code
_entity_poly.pdbx_strand_id
1 'polypeptide(L)'
;MEPQREFFHIAGRSAKEYLSENLVQFIQATQNYFNIGEKFRDPYVAPSAGVTTDRSQKLQLRVVPIQTEDNVNYYKARFT
LNVGDNRLVDLGSSYFDIKGTLDRGPSFKPYGGTAYNPLAPKSAPINSAFTVGNDTHFVAQLPQTYAAGGTGVTEAIQQQ
VSGVDPNPQVGQPNYAGPVVVNTTNNAGLGRIVSADSEGQQFPCYGAYAPPQSAGGDVSTAAVTKTYINTTNNNGRVSGT
MATDTITWENPDAHFADFVDDRRATAAGNRPNYIGFRDNFIGMMYYNSGSNTGSFSSQTQQLNIVLDLNDRNSELSYQYL
LADLTSRWHYFALWNQAVDDYDHHVRILENDGYEEGPPNLAFPPHVISNPFAPAAVGTGMTVNEQQQTAAVTANTVALIG
YGNIPAVEMNLPANLKRTFLYSNVAMYLPDTYKFTPANVDLPENHLSYGYINGRLPLPNIVDTWTDIGARWSLDVMDTVN
PFNHHRNTGLKYRSQLLGNGRYCDFHIQVPQKFFAIKNLLLLPGTYNYEWYFRKDPNMVLQSTLGNDLRADGASITYTQI
NLYVSFFPMNYDTQSELELMLRNATNDQNFSDYLGAVNNLYQIPAGSSTVVVNIPDRSWGAFRGWSFTRLKVSETPRIGA
TQDPNFQYSGSIPYLDGTFYLSHTFQRCSIQWDSSVPWPGNDRMLTPNWFEIKRPINQDAEGNDTMQSNLTKDFFMVQMA
ASYNQGYQGFNWPNCTKHYGFINNFEPMSRQVPEYGANYPNLMAAYLANPQTMPIWNNCGFQQKTATNVLLERCGHPYVA
NWPYPLSGRNAVPNQVTERKFLVDRYLWQIPFSSNFLNMGTLTDLGQNVMYANSSHSLNMQFTVDPMTEPTYLMLLFGVF
DQVVINQPTRSGISVAYLRLPFASGSAAT
;
A,L,K,J,H,I,G,F,E,D,C,B
2 'polypeptide(L)'
;MTSVEELYVINPINQWPAPGSFSSQKPPGTLLPGEDPEAVFKQYHVVYLVPGAQYHWKNILIEKPVWIYGNGATVRTSGT
GPILRIVGNRTEKRDVRIQDISFFGEDCTPNRMEPMSEKLVYQMAIWVTDMKRVTIKGCNFTNFAGAAVFFEETAYNGFF
WSMQHLITECRFTGCRIGIANGGRSEYSTASFNNFFDCQICFNVVGGNWNRCGNIAANCRCVYLHTTNMWYEGAGGNFNA
AHGSFTGNTMNHCDYGGNLWPTAFQLPDREIQLAGFYFDNARARCPTWTGNTQYYGDMKILNFNQANDAAIFVIDGCALY
GQPGDTGSIETTAALTDKVFIQGCQGNKVTLFNIKAANVVPAIGTIKQKP
;
S,T,R,Q
3 'polypeptide(L)'
;MDAPVTPYIWQYQPQTGKAAGARQNYGAVINWLSADNNMFHRVQTVNRARNLIDEIREETVRPDLAASFNDWTYDQLTQP
PGTAYLPAPDPLTGPTTIRDKVLSAEGEQLAGSRPSVLHGGASLPPSAYSLGDGREYMKLTRDALPFPQNWMVKENGVWT
PIVEQRAALRGGSANALSSYPTLLFNQPPILRYRRPGQQLQGSGVIAPSSKVLSLLSEAPRIPRTEGMTPYQFANSFPPV
VYEDPFSQNLAVFPKEFSPLFEPENQVLASSLATLQYN
;
P,O
4 'polypeptide(L)'
;MDPGLKPSSLWTHKIIDSIIANRSLSAVQNFRKQPLANKLTALEDAIVQPRKDTTPETVAAILQELVAMGALQPNEVGPM
FSDLMIRVHKYNSTNVQNNLSVLLGDIRAAQSEAIRSTNVGELSNQVVLNDFLSREPAVVPQGQHNYEAFKQTLRLMVNE
APNVTLFKSGPDTLMQVNIRGVNTVNLNSAFKNLKNFWGVQLDTEIVPGSISSKLSSNTRVLLLFLAPFTNDSTFTPDTF
ISQIMRLYRETVAASIEQPQETELEVAETIRELGGDVEDIGRTMAFLLKNKEEIVSNPRTLSPRQLNVLRYVQESLQDRI
DRNGEEPEDALRNLVFSFAPSYFEANGPFIRRLISYLEVALINSPNYFREIYSNKYWTPPASFWTQNYGDFHLEREAEAE
RRAASEAGYGDFEEGDFALPDNLGEGSDLAWDDFNTAMSPSVPPTPSVRSAPASLSYGRTSPSSVSSLTASDRNIGATLA
RAVIPPAAAAIGSAAGEALYPSLGQYLAPAASLAATRLLNLTRARRQRLKRDSLARHRRITEVRGVYPKAAPTRSSSSSS
VSSTPTVFEPLPGAFSVINPLMRPEGDRDVSGTGIVNPFSHLKPRNGLQ
;
N
5 'polypeptide(L)'
;MEVYVPPPRVMAPTEGRNSISYNPIAPLQDTTHIYIIDNKTSDIENLNIHKDHSNFYTNIVQNVDVAPSDAATQTIKLDE
RSRWGGELHTILKTNAPNVTEFFNSNSFKALLMSDKTDPANPVYTWFELSIPEGDYTVGSLIDMLNNAVVENYLEVGRQK
GVQISDIGVKFDTRNFSLGRDPLTSLVTPGNYTFKAFHPDIVLLPGCGVDFTHSRINNMLGMRKRFPYEPGYVITYEDLV
GGNIPALLDLAKYPGETSPVLQDPDGNSYHVEEVSPKKWQTKYRSWCLAYNSSQGTLKSEQILTVPDITGGLGQLYWSLP
DAFKPPVTFTNNTTDISTQPVTGMHLFPLSQRIVYNTSAVYAQLVEQMTNNTKVFNRFPKNAILMQPPYDTTQWISENVP
YVADHGIQPLKNSLTGVQRVTLTDDRRRSCPYIYKTLATVTPKVLSSATLQ
;
M
#
# COMPACT_ATOMS: atom_id res chain seq x y z
N MET A 1 -47.36 64.47 21.98
CA MET A 1 -46.79 65.26 20.89
C MET A 1 -46.41 66.65 21.38
N GLU A 2 -45.16 67.03 21.18
CA GLU A 2 -44.67 68.32 21.66
C GLU A 2 -45.33 69.44 20.87
N PRO A 3 -45.59 70.61 21.48
CA PRO A 3 -45.22 71.12 22.81
C PRO A 3 -46.07 70.65 23.98
N GLN A 4 -46.91 69.61 23.82
CA GLN A 4 -47.54 69.02 24.99
C GLN A 4 -46.59 68.11 25.75
N ARG A 5 -45.46 67.72 25.15
CA ARG A 5 -44.39 67.12 25.94
C ARG A 5 -43.80 68.11 26.92
N GLU A 6 -43.39 69.27 26.41
CA GLU A 6 -42.60 70.24 27.15
C GLU A 6 -43.39 70.89 28.28
N PHE A 7 -44.71 71.00 28.14
CA PHE A 7 -45.51 71.56 29.21
C PHE A 7 -45.66 70.60 30.38
N PHE A 8 -45.71 69.30 30.11
CA PHE A 8 -45.81 68.29 31.16
C PHE A 8 -44.46 67.71 31.54
N HIS A 9 -43.38 68.23 30.95
CA HIS A 9 -42.00 67.95 31.36
C HIS A 9 -41.62 66.49 31.19
N ILE A 10 -42.11 65.89 30.11
CA ILE A 10 -41.53 64.66 29.61
C ILE A 10 -40.13 64.92 29.08
N ALA A 11 -39.99 65.96 28.26
CA ALA A 11 -38.70 66.45 27.81
C ALA A 11 -38.69 67.97 27.96
N GLY A 12 -37.52 68.58 27.72
CA GLY A 12 -37.39 70.01 27.77
C GLY A 12 -36.30 70.43 28.74
N ARG A 13 -36.61 71.42 29.57
CA ARG A 13 -35.63 72.03 30.45
C ARG A 13 -35.65 71.38 31.83
N SER A 14 -34.50 71.42 32.50
CA SER A 14 -34.35 70.81 33.80
C SER A 14 -35.00 71.68 34.89
N ALA A 15 -35.02 71.14 36.11
CA ALA A 15 -35.85 71.69 37.18
C ALA A 15 -35.37 73.06 37.64
N LYS A 16 -34.07 73.34 37.54
CA LYS A 16 -33.54 74.63 37.91
C LYS A 16 -33.54 75.61 36.75
N GLU A 17 -34.25 75.32 35.68
CA GLU A 17 -34.30 76.18 34.51
C GLU A 17 -35.68 76.75 34.25
N TYR A 18 -36.73 75.92 34.26
CA TYR A 18 -38.06 76.46 34.01
C TYR A 18 -38.64 77.15 35.24
N LEU A 19 -38.16 76.84 36.44
CA LEU A 19 -38.58 77.58 37.60
C LEU A 19 -37.96 78.96 37.60
N SER A 20 -38.63 79.89 38.29
CA SER A 20 -38.11 81.24 38.39
C SER A 20 -36.88 81.26 39.29
N GLU A 21 -35.95 82.16 38.96
CA GLU A 21 -34.64 82.17 39.62
C GLU A 21 -34.69 82.67 41.05
N ASN A 22 -35.80 83.27 41.49
CA ASN A 22 -35.95 83.60 42.90
C ASN A 22 -36.50 82.42 43.69
N LEU A 23 -37.30 81.57 43.05
CA LEU A 23 -37.85 80.41 43.75
C LEU A 23 -36.77 79.34 43.97
N VAL A 24 -35.85 79.21 43.02
CA VAL A 24 -34.75 78.26 43.16
C VAL A 24 -33.82 78.68 44.29
N GLN A 25 -33.61 79.98 44.44
CA GLN A 25 -32.80 80.48 45.55
C GLN A 25 -33.53 80.38 46.88
N PHE A 26 -34.86 80.21 46.87
CA PHE A 26 -35.58 79.96 48.10
C PHE A 26 -35.46 78.51 48.53
N ILE A 27 -35.65 77.56 47.60
CA ILE A 27 -35.67 76.15 47.94
C ILE A 27 -34.29 75.56 48.11
N GLN A 28 -33.24 76.35 47.91
CA GLN A 28 -31.89 75.95 48.31
C GLN A 28 -31.50 76.49 49.67
N ALA A 29 -32.10 77.59 50.09
CA ALA A 29 -31.89 78.08 51.44
C ALA A 29 -32.68 77.26 52.45
N THR A 30 -34.00 77.24 52.30
CA THR A 30 -34.86 76.39 53.12
C THR A 30 -34.86 74.99 52.50
N GLN A 31 -33.83 74.23 52.85
CA GLN A 31 -33.72 72.89 52.29
C GLN A 31 -33.50 71.86 53.40
N ASN A 32 -32.83 72.29 54.48
CA ASN A 32 -32.53 71.37 55.56
C ASN A 32 -33.73 71.09 56.45
N TYR A 33 -34.79 71.90 56.37
CA TYR A 33 -35.94 71.72 57.23
C TYR A 33 -37.28 71.81 56.53
N PHE A 34 -37.35 72.28 55.29
CA PHE A 34 -38.62 72.39 54.59
C PHE A 34 -38.33 72.18 53.10
N ASN A 35 -38.42 70.94 52.66
CA ASN A 35 -37.94 70.54 51.34
C ASN A 35 -39.06 70.71 50.32
N ILE A 36 -38.77 71.43 49.25
CA ILE A 36 -39.73 71.65 48.17
C ILE A 36 -39.26 71.02 46.85
N GLY A 37 -37.95 70.93 46.62
CA GLY A 37 -37.40 70.51 45.34
C GLY A 37 -37.67 69.09 44.88
N GLU A 38 -38.40 68.31 45.66
CA GLU A 38 -38.92 67.02 45.24
C GLU A 38 -40.34 67.12 44.72
N LYS A 39 -40.91 68.32 44.65
CA LYS A 39 -42.23 68.53 44.09
C LYS A 39 -42.17 69.06 42.67
N PHE A 40 -41.02 68.98 42.03
CA PHE A 40 -40.83 69.52 40.68
C PHE A 40 -40.13 68.48 39.84
N ARG A 41 -40.81 68.02 38.80
CA ARG A 41 -40.33 66.92 37.97
C ARG A 41 -39.18 67.39 37.09
N ASP A 42 -38.19 66.51 36.91
CA ASP A 42 -36.98 66.83 36.17
C ASP A 42 -36.82 65.80 35.05
N PRO A 43 -36.78 66.22 33.79
CA PRO A 43 -36.68 65.25 32.70
C PRO A 43 -35.28 64.66 32.58
N TYR A 44 -35.22 63.47 31.98
CA TYR A 44 -33.97 62.73 31.83
C TYR A 44 -34.04 62.03 30.49
N VAL A 45 -33.25 62.52 29.52
CA VAL A 45 -33.46 62.26 28.11
C VAL A 45 -32.27 61.50 27.54
N ALA A 46 -32.55 60.40 26.85
CA ALA A 46 -31.52 59.64 26.16
C ALA A 46 -31.12 60.35 24.85
N PRO A 47 -29.88 60.21 24.39
CA PRO A 47 -29.41 61.03 23.26
C PRO A 47 -30.00 60.67 21.90
N SER A 48 -30.40 59.41 21.69
CA SER A 48 -31.22 58.92 20.56
C SER A 48 -30.56 58.97 19.19
N ALA A 49 -29.34 59.49 19.08
CA ALA A 49 -28.68 59.60 17.79
C ALA A 49 -27.19 59.77 18.01
N GLY A 50 -26.40 58.96 17.30
CA GLY A 50 -24.96 59.03 17.41
C GLY A 50 -24.34 58.01 18.34
N VAL A 51 -25.15 57.31 19.13
CA VAL A 51 -24.61 56.35 20.09
C VAL A 51 -24.70 54.94 19.52
N THR A 52 -25.91 54.49 19.21
CA THR A 52 -26.12 53.13 18.76
C THR A 52 -26.42 53.11 17.27
N THR A 53 -25.76 52.19 16.55
CA THR A 53 -26.00 52.00 15.14
C THR A 53 -27.39 51.42 14.90
N ASP A 54 -27.81 51.49 13.64
CA ASP A 54 -29.09 50.95 13.22
C ASP A 54 -28.96 49.64 12.45
N ARG A 55 -27.82 49.44 11.80
CA ARG A 55 -27.61 48.33 10.88
C ARG A 55 -27.61 46.99 11.62
N SER A 56 -27.88 45.93 10.86
CA SER A 56 -28.03 44.59 11.40
C SER A 56 -26.68 44.08 11.90
N GLN A 57 -26.54 43.97 13.21
CA GLN A 57 -25.29 43.60 13.84
C GLN A 57 -25.57 42.66 15.00
N LYS A 58 -24.79 41.60 15.10
CA LYS A 58 -24.94 40.66 16.20
C LYS A 58 -24.49 41.30 17.51
N LEU A 59 -25.25 41.05 18.57
CA LEU A 59 -25.03 41.71 19.85
C LEU A 59 -24.13 40.90 20.78
N GLN A 60 -24.31 39.58 20.83
CA GLN A 60 -23.49 38.70 21.65
C GLN A 60 -23.06 37.50 20.81
N LEU A 61 -21.76 37.21 20.82
CA LEU A 61 -21.15 36.27 19.89
C LEU A 61 -20.66 35.03 20.61
N ARG A 62 -20.99 33.86 20.08
CA ARG A 62 -20.40 32.60 20.50
C ARG A 62 -19.32 32.22 19.50
N VAL A 63 -18.19 31.75 19.99
CA VAL A 63 -17.10 31.27 19.15
C VAL A 63 -16.58 29.96 19.73
N VAL A 64 -16.47 28.95 18.87
CA VAL A 64 -16.12 27.60 19.28
C VAL A 64 -14.64 27.40 19.01
N PRO A 65 -13.95 26.44 19.62
CA PRO A 65 -12.49 26.36 19.44
C PRO A 65 -12.07 25.90 18.06
N ILE A 66 -10.91 26.38 17.62
CA ILE A 66 -10.37 26.01 16.32
C ILE A 66 -9.81 24.61 16.35
N GLN A 67 -8.91 24.34 17.31
CA GLN A 67 -8.12 23.12 17.27
C GLN A 67 -7.78 22.76 18.73
N THR A 68 -8.57 21.87 19.30
CA THR A 68 -8.36 21.47 20.68
C THR A 68 -7.26 20.40 20.79
N GLU A 69 -6.94 20.05 22.02
CA GLU A 69 -6.03 18.95 22.31
C GLU A 69 -6.39 18.38 23.66
N ASP A 70 -6.47 17.06 23.74
CA ASP A 70 -6.91 16.38 24.94
C ASP A 70 -5.89 15.31 25.28
N ASN A 71 -5.43 15.30 26.53
CA ASN A 71 -4.61 14.21 27.05
C ASN A 71 -4.98 14.02 28.51
N VAL A 72 -4.10 13.33 29.25
CA VAL A 72 -4.41 12.93 30.62
C VAL A 72 -4.45 14.14 31.54
N ASN A 73 -3.50 15.07 31.40
CA ASN A 73 -3.34 16.12 32.38
C ASN A 73 -4.11 17.39 32.07
N TYR A 74 -4.11 17.87 30.83
CA TYR A 74 -4.71 19.16 30.53
C TYR A 74 -5.67 19.01 29.35
N TYR A 75 -6.20 20.14 28.90
CA TYR A 75 -7.14 20.18 27.77
C TYR A 75 -6.98 21.52 27.07
N LYS A 76 -6.18 21.55 26.00
CA LYS A 76 -6.01 22.77 25.23
C LYS A 76 -7.27 23.09 24.45
N ALA A 77 -7.63 24.38 24.42
CA ALA A 77 -8.54 24.90 23.42
C ALA A 77 -7.95 26.18 22.85
N ARG A 78 -8.22 26.43 21.57
CA ARG A 78 -7.66 27.56 20.85
C ARG A 78 -8.74 28.24 20.06
N PHE A 79 -8.97 29.51 20.33
CA PHE A 79 -10.06 30.29 19.76
C PHE A 79 -9.50 31.36 18.83
N THR A 80 -10.27 31.70 17.81
CA THR A 80 -9.97 32.86 16.97
C THR A 80 -11.04 33.89 17.27
N LEU A 81 -10.78 34.72 18.27
CA LEU A 81 -11.63 35.87 18.56
C LEU A 81 -11.46 36.89 17.45
N ASN A 82 -12.42 36.92 16.53
CA ASN A 82 -12.28 37.68 15.29
C ASN A 82 -13.12 38.94 15.42
N VAL A 83 -12.52 39.96 16.03
CA VAL A 83 -13.18 41.25 16.16
C VAL A 83 -13.03 41.98 14.83
N GLY A 84 -14.11 42.12 14.09
CA GLY A 84 -14.06 42.83 12.84
C GLY A 84 -13.95 44.33 13.05
N ASP A 85 -14.07 45.05 11.94
CA ASP A 85 -14.12 46.50 11.97
C ASP A 85 -15.43 46.94 12.64
N ASN A 86 -15.48 48.21 13.05
CA ASN A 86 -16.66 48.86 13.63
C ASN A 86 -17.19 48.18 14.90
N ARG A 87 -16.38 47.33 15.54
CA ARG A 87 -16.78 46.57 16.71
C ARG A 87 -15.76 46.78 17.81
N LEU A 88 -16.25 46.82 19.04
CA LEU A 88 -15.42 46.99 20.22
C LEU A 88 -15.85 45.98 21.27
N VAL A 89 -14.88 45.31 21.88
CA VAL A 89 -15.17 44.34 22.92
C VAL A 89 -14.32 44.67 24.14
N ASP A 90 -14.94 44.62 25.31
CA ASP A 90 -14.20 44.62 26.57
C ASP A 90 -14.06 43.17 27.00
N LEU A 91 -12.86 42.77 27.38
CA LEU A 91 -12.65 41.39 27.80
C LEU A 91 -13.18 41.10 29.20
N GLY A 92 -13.74 42.09 29.89
CA GLY A 92 -14.52 41.79 31.09
C GLY A 92 -15.78 41.04 30.77
N SER A 93 -16.33 41.23 29.57
CA SER A 93 -17.48 40.47 29.11
C SER A 93 -17.12 39.08 28.61
N SER A 94 -15.85 38.72 28.58
CA SER A 94 -15.44 37.42 28.09
C SER A 94 -15.45 36.39 29.20
N TYR A 95 -15.97 35.20 28.88
CA TYR A 95 -15.91 34.06 29.77
C TYR A 95 -15.99 32.79 28.96
N PHE A 96 -15.43 31.72 29.50
CA PHE A 96 -15.51 30.40 28.88
C PHE A 96 -16.73 29.68 29.40
N ASP A 97 -17.60 29.26 28.49
CA ASP A 97 -18.83 28.56 28.83
C ASP A 97 -18.56 27.06 28.68
N ILE A 98 -18.16 26.45 29.78
CA ILE A 98 -17.71 25.05 29.78
C ILE A 98 -18.89 24.14 30.06
N LYS A 99 -19.10 23.16 29.20
CA LYS A 99 -20.07 22.10 29.41
C LYS A 99 -19.33 20.77 29.46
N GLY A 100 -19.70 19.92 30.41
CA GLY A 100 -19.07 18.63 30.53
C GLY A 100 -19.90 17.69 31.37
N THR A 101 -19.27 16.60 31.80
CA THR A 101 -19.85 15.69 32.78
C THR A 101 -18.82 15.42 33.86
N LEU A 102 -19.32 15.02 35.04
CA LEU A 102 -18.49 14.95 36.23
C LEU A 102 -18.75 13.66 36.99
N ASP A 103 -17.67 13.01 37.40
CA ASP A 103 -17.69 11.85 38.26
C ASP A 103 -17.13 12.28 39.62
N ARG A 104 -17.96 12.24 40.65
CA ARG A 104 -17.52 12.66 41.97
C ARG A 104 -16.89 11.54 42.78
N GLY A 105 -17.05 10.30 42.37
CA GLY A 105 -16.44 9.19 43.06
C GLY A 105 -17.26 8.69 44.22
N PRO A 106 -16.81 7.59 44.85
CA PRO A 106 -17.59 6.99 45.94
C PRO A 106 -17.48 7.73 47.27
N SER A 107 -16.59 8.71 47.38
CA SER A 107 -16.41 9.45 48.62
C SER A 107 -17.42 10.58 48.81
N PHE A 108 -18.40 10.68 47.94
CA PHE A 108 -19.35 11.77 47.98
C PHE A 108 -20.57 11.37 48.81
N LYS A 109 -20.96 12.22 49.74
CA LYS A 109 -22.12 11.97 50.58
C LYS A 109 -22.63 13.33 51.07
N PRO A 110 -23.57 13.94 50.34
CA PRO A 110 -23.90 15.34 50.61
C PRO A 110 -24.95 15.59 51.67
N TYR A 111 -24.91 14.88 52.79
CA TYR A 111 -25.87 15.08 53.86
C TYR A 111 -25.31 14.46 55.14
N GLY A 112 -26.14 14.41 56.17
CA GLY A 112 -25.74 13.87 57.45
C GLY A 112 -26.63 12.70 57.84
N GLY A 113 -26.03 11.73 58.53
CA GLY A 113 -26.81 10.57 58.95
C GLY A 113 -27.09 9.65 57.80
N THR A 114 -28.30 9.07 57.79
CA THR A 114 -28.69 8.11 56.77
C THR A 114 -30.00 8.56 56.14
N ALA A 115 -30.42 7.82 55.13
CA ALA A 115 -31.72 8.03 54.50
C ALA A 115 -32.58 6.77 54.53
N TYR A 116 -32.17 5.76 55.30
CA TYR A 116 -32.88 4.49 55.34
C TYR A 116 -33.07 4.08 56.79
N ASN A 117 -34.31 3.82 57.16
CA ASN A 117 -34.75 3.61 58.54
C ASN A 117 -34.19 4.66 59.51
N PRO A 118 -34.42 5.96 59.26
CA PRO A 118 -33.67 6.99 59.99
C PRO A 118 -34.13 7.17 61.43
N LEU A 119 -35.35 6.77 61.77
CA LEU A 119 -35.85 6.89 63.12
C LEU A 119 -35.52 5.69 63.99
N ALA A 120 -34.82 4.71 63.45
CA ALA A 120 -34.49 3.53 64.24
C ALA A 120 -33.33 3.82 65.17
N PRO A 121 -33.26 3.16 66.32
CA PRO A 121 -32.03 3.17 67.10
C PRO A 121 -30.93 2.45 66.35
N LYS A 122 -29.70 2.91 66.57
CA LYS A 122 -28.57 2.41 65.78
C LYS A 122 -28.18 0.98 66.17
N SER A 123 -28.60 0.51 67.33
CA SER A 123 -28.31 -0.86 67.75
C SER A 123 -29.40 -1.84 67.35
N ALA A 124 -30.42 -1.40 66.64
CA ALA A 124 -31.58 -2.23 66.36
C ALA A 124 -31.28 -3.21 65.24
N PRO A 125 -31.58 -4.49 65.40
CA PRO A 125 -31.51 -5.43 64.28
C PRO A 125 -32.86 -5.58 63.59
N ILE A 126 -32.79 -5.92 62.30
CA ILE A 126 -33.99 -6.27 61.56
C ILE A 126 -34.38 -7.70 61.89
N ASN A 127 -35.58 -8.11 61.48
CA ASN A 127 -35.98 -9.50 61.65
C ASN A 127 -35.21 -10.35 60.65
N SER A 128 -34.38 -11.25 61.15
CA SER A 128 -33.42 -11.92 60.30
C SER A 128 -33.07 -13.28 60.88
N ALA A 129 -32.24 -14.01 60.14
CA ALA A 129 -31.67 -15.28 60.58
C ALA A 129 -30.15 -15.17 60.54
N PHE A 130 -29.48 -15.90 61.43
CA PHE A 130 -28.05 -15.78 61.59
C PHE A 130 -27.38 -17.15 61.41
N THR A 131 -26.04 -17.12 61.37
CA THR A 131 -25.23 -18.30 61.06
C THR A 131 -24.10 -18.50 62.06
N VAL A 132 -24.23 -18.01 63.28
CA VAL A 132 -23.16 -18.14 64.26
C VAL A 132 -23.11 -19.58 64.78
N GLY A 133 -21.95 -20.21 64.64
CA GLY A 133 -21.83 -21.63 64.95
C GLY A 133 -22.60 -22.47 63.95
N ASN A 134 -23.12 -23.61 64.43
CA ASN A 134 -24.08 -24.37 63.66
C ASN A 134 -25.51 -24.05 64.04
N ASP A 135 -25.72 -23.46 65.21
CA ASP A 135 -27.03 -23.00 65.67
C ASP A 135 -27.41 -21.78 64.85
N THR A 136 -28.25 -21.98 63.83
CA THR A 136 -28.82 -20.84 63.11
C THR A 136 -29.89 -20.19 63.98
N HIS A 137 -29.77 -18.88 64.17
CA HIS A 137 -30.66 -18.18 65.07
C HIS A 137 -31.81 -17.52 64.32
N PHE A 138 -32.78 -17.05 65.08
CA PHE A 138 -33.80 -16.16 64.56
C PHE A 138 -34.04 -15.08 65.59
N VAL A 139 -34.16 -13.84 65.12
CA VAL A 139 -34.73 -12.78 65.94
C VAL A 139 -35.75 -12.06 65.07
N ALA A 140 -36.92 -11.76 65.64
CA ALA A 140 -37.99 -11.17 64.86
C ALA A 140 -38.93 -10.38 65.78
N GLN A 141 -39.79 -9.58 65.15
CA GLN A 141 -40.91 -8.91 65.80
C GLN A 141 -42.16 -9.23 64.98
N LEU A 142 -43.21 -9.71 65.65
CA LEU A 142 -44.40 -10.20 64.97
C LEU A 142 -45.62 -9.38 65.35
N PRO A 143 -45.94 -8.34 64.58
CA PRO A 143 -47.12 -7.50 64.88
C PRO A 143 -48.45 -8.19 64.61
N GLN A 144 -48.64 -8.76 63.44
CA GLN A 144 -49.95 -9.20 62.99
C GLN A 144 -50.35 -10.52 63.67
N THR A 145 -51.65 -10.81 63.62
CA THR A 145 -52.21 -12.02 64.22
C THR A 145 -53.09 -12.75 63.21
N TYR A 146 -53.20 -14.07 63.38
CA TYR A 146 -54.09 -14.93 62.60
C TYR A 146 -54.84 -15.85 63.57
N ALA A 147 -55.59 -15.20 64.46
CA ALA A 147 -56.15 -15.74 65.70
C ALA A 147 -57.09 -16.94 65.59
N ALA A 148 -57.58 -17.39 66.75
CA ALA A 148 -58.33 -18.63 66.97
C ALA A 148 -57.49 -19.84 66.57
N GLY A 149 -56.43 -20.06 67.34
CA GLY A 149 -55.53 -21.17 67.14
C GLY A 149 -55.96 -22.43 67.83
N GLY A 150 -55.14 -22.93 68.75
CA GLY A 150 -55.28 -24.25 69.30
C GLY A 150 -53.95 -24.97 69.15
N THR A 151 -53.91 -26.00 68.31
CA THR A 151 -52.66 -26.37 67.68
C THR A 151 -52.40 -25.39 66.55
N GLY A 152 -51.16 -24.98 66.41
CA GLY A 152 -50.86 -23.87 65.52
C GLY A 152 -50.72 -24.22 64.06
N VAL A 153 -50.97 -25.47 63.68
CA VAL A 153 -50.64 -25.92 62.33
C VAL A 153 -51.84 -25.79 61.38
N THR A 154 -53.06 -25.95 61.90
CA THR A 154 -54.27 -25.96 61.07
C THR A 154 -54.59 -24.62 60.44
N GLU A 155 -53.97 -23.53 60.90
CA GLU A 155 -54.12 -22.22 60.27
C GLU A 155 -52.79 -21.66 59.78
N ALA A 156 -51.72 -22.46 59.80
CA ALA A 156 -50.40 -22.00 59.37
C ALA A 156 -50.16 -22.24 57.88
N ILE A 157 -50.58 -23.39 57.37
CA ILE A 157 -50.50 -23.65 55.93
C ILE A 157 -51.46 -22.73 55.18
N GLN A 158 -52.59 -22.39 55.81
CA GLN A 158 -53.48 -21.37 55.28
C GLN A 158 -52.82 -19.98 55.37
N GLN A 159 -53.54 -18.99 54.83
CA GLN A 159 -53.09 -17.61 54.60
C GLN A 159 -51.70 -17.56 53.97
N GLN A 160 -51.68 -18.00 52.71
CA GLN A 160 -50.50 -17.99 51.87
C GLN A 160 -49.95 -16.58 51.69
N VAL A 161 -48.66 -16.51 51.35
CA VAL A 161 -47.96 -15.24 51.30
C VAL A 161 -47.49 -14.94 49.89
N SER A 162 -46.85 -13.79 49.72
CA SER A 162 -46.32 -13.34 48.44
C SER A 162 -45.09 -12.50 48.73
N GLY A 163 -44.66 -11.70 47.75
CA GLY A 163 -43.59 -10.77 47.99
C GLY A 163 -44.00 -9.63 48.89
N VAL A 164 -45.26 -9.20 48.80
CA VAL A 164 -45.75 -8.06 49.56
C VAL A 164 -47.03 -8.39 50.32
N ASP A 165 -47.31 -9.68 50.51
CA ASP A 165 -48.57 -10.01 51.19
C ASP A 165 -48.44 -9.83 52.70
N PRO A 166 -47.34 -10.26 53.40
CA PRO A 166 -47.11 -9.69 54.73
C PRO A 166 -46.41 -8.35 54.61
N ASN A 167 -47.06 -7.32 55.05
CA ASN A 167 -46.49 -6.00 54.85
C ASN A 167 -45.80 -5.55 56.14
N PRO A 168 -44.55 -5.10 56.08
CA PRO A 168 -43.89 -4.60 57.30
C PRO A 168 -44.52 -3.36 57.90
N GLN A 169 -45.34 -2.62 57.15
CA GLN A 169 -46.03 -1.48 57.73
C GLN A 169 -47.35 -1.89 58.37
N VAL A 170 -48.06 -2.83 57.76
CA VAL A 170 -49.33 -3.30 58.31
C VAL A 170 -49.05 -4.18 59.51
N GLY A 171 -49.63 -3.84 60.65
CA GLY A 171 -49.44 -4.62 61.85
C GLY A 171 -50.70 -4.79 62.67
N GLN A 172 -50.60 -4.48 63.97
CA GLN A 172 -51.78 -4.42 64.82
C GLN A 172 -52.70 -3.30 64.34
N PRO A 173 -54.01 -3.43 64.55
CA PRO A 173 -54.89 -2.28 64.35
C PRO A 173 -54.63 -1.22 65.40
N ASN A 174 -55.08 0.00 65.09
CA ASN A 174 -54.87 1.14 65.99
C ASN A 174 -55.65 0.95 67.28
N TYR A 175 -55.12 1.56 68.34
CA TYR A 175 -55.70 1.56 69.70
C TYR A 175 -55.79 0.16 70.30
N ALA A 176 -54.83 -0.69 69.93
CA ALA A 176 -54.65 -1.94 70.67
C ALA A 176 -54.04 -1.69 72.04
N GLY A 177 -53.35 -0.57 72.21
CA GLY A 177 -52.70 -0.24 73.46
C GLY A 177 -51.48 -1.10 73.70
N PRO A 178 -51.14 -1.33 74.96
CA PRO A 178 -50.06 -2.27 75.30
C PRO A 178 -50.54 -3.71 75.34
N VAL A 179 -51.02 -4.19 74.19
CA VAL A 179 -51.66 -5.50 74.14
C VAL A 179 -50.62 -6.60 74.29
N VAL A 180 -50.90 -7.56 75.16
CA VAL A 180 -50.04 -8.72 75.36
C VAL A 180 -50.63 -9.85 74.53
N VAL A 181 -49.94 -10.21 73.45
CA VAL A 181 -50.41 -11.27 72.58
C VAL A 181 -50.23 -12.60 73.30
N ASN A 182 -51.35 -13.20 73.70
CA ASN A 182 -51.32 -14.53 74.30
C ASN A 182 -50.85 -15.53 73.26
N THR A 183 -49.76 -16.23 73.55
CA THR A 183 -49.19 -17.14 72.56
C THR A 183 -50.10 -18.35 72.35
N THR A 184 -50.87 -18.71 73.36
CA THR A 184 -52.00 -19.60 73.19
C THR A 184 -53.17 -18.81 72.60
N ASN A 185 -53.83 -19.40 71.59
CA ASN A 185 -54.98 -18.90 70.84
C ASN A 185 -54.68 -17.69 69.95
N ASN A 186 -53.41 -17.31 69.82
CA ASN A 186 -52.98 -16.34 68.81
C ASN A 186 -51.65 -16.81 68.26
N ALA A 187 -51.19 -16.13 67.21
CA ALA A 187 -49.90 -16.43 66.61
C ALA A 187 -49.44 -15.21 65.83
N GLY A 188 -48.12 -15.05 65.71
CA GLY A 188 -47.57 -13.88 65.05
C GLY A 188 -47.49 -14.04 63.54
N LEU A 189 -47.29 -12.92 62.86
CA LEU A 189 -47.33 -12.90 61.40
C LEU A 189 -46.50 -11.73 60.90
N GLY A 190 -45.43 -12.02 60.19
CA GLY A 190 -44.53 -10.98 59.69
C GLY A 190 -43.55 -11.45 58.64
N ARG A 191 -42.38 -10.82 58.58
CA ARG A 191 -41.35 -11.17 57.62
C ARG A 191 -40.01 -11.30 58.32
N ILE A 192 -39.14 -12.13 57.77
CA ILE A 192 -37.72 -12.16 58.10
C ILE A 192 -36.95 -12.16 56.78
N VAL A 193 -35.63 -12.27 56.88
CA VAL A 193 -34.78 -12.52 55.73
C VAL A 193 -33.94 -13.76 56.01
N SER A 194 -33.91 -14.69 55.05
CA SER A 194 -33.16 -15.93 55.22
C SER A 194 -31.67 -15.66 55.34
N ALA A 195 -30.99 -16.55 56.03
CA ALA A 195 -29.54 -16.57 56.02
C ALA A 195 -29.05 -17.18 54.70
N ASP A 196 -27.73 -17.09 54.50
CA ASP A 196 -27.06 -17.45 53.24
C ASP A 196 -27.71 -16.71 52.06
N SER A 197 -27.76 -15.39 52.18
CA SER A 197 -28.47 -14.55 51.22
C SER A 197 -27.56 -13.43 50.71
N GLU A 198 -26.29 -13.77 50.48
CA GLU A 198 -25.36 -13.00 49.63
C GLU A 198 -25.11 -11.58 50.13
N GLY A 199 -24.48 -11.46 51.28
CA GLY A 199 -24.04 -10.14 51.71
C GLY A 199 -23.72 -10.07 53.19
N GLN A 200 -23.26 -8.88 53.59
CA GLN A 200 -22.92 -8.61 54.98
C GLN A 200 -24.17 -8.31 55.78
N GLN A 201 -24.31 -8.97 56.93
CA GLN A 201 -25.43 -8.68 57.83
C GLN A 201 -25.23 -7.31 58.45
N PHE A 202 -26.30 -6.54 58.50
CA PHE A 202 -26.26 -5.13 58.86
C PHE A 202 -27.46 -4.80 59.72
N PRO A 203 -27.34 -3.84 60.65
CA PRO A 203 -28.47 -3.48 61.50
C PRO A 203 -29.58 -2.76 60.75
N CYS A 204 -30.58 -2.32 61.53
CA CYS A 204 -31.75 -1.70 60.93
C CYS A 204 -31.45 -0.31 60.40
N TYR A 205 -30.66 0.46 61.15
CA TYR A 205 -30.37 1.85 60.82
C TYR A 205 -29.45 1.90 59.61
N GLY A 206 -30.03 2.12 58.44
CA GLY A 206 -29.26 2.28 57.22
C GLY A 206 -29.28 1.11 56.28
N ALA A 207 -30.14 0.12 56.51
CA ALA A 207 -30.15 -1.09 55.68
C ALA A 207 -30.97 -0.85 54.43
N TYR A 208 -30.38 -1.16 53.28
CA TYR A 208 -31.02 -0.96 51.99
C TYR A 208 -31.18 -2.28 51.26
N ALA A 209 -32.24 -2.36 50.47
CA ALA A 209 -32.66 -3.54 49.72
C ALA A 209 -33.30 -3.10 48.41
N PRO A 210 -32.66 -3.33 47.27
CA PRO A 210 -33.18 -2.82 46.00
C PRO A 210 -34.46 -3.54 45.59
N PRO A 211 -35.48 -2.80 45.16
CA PRO A 211 -36.76 -3.42 44.82
C PRO A 211 -36.68 -4.17 43.51
N GLN A 212 -37.73 -4.95 43.25
CA GLN A 212 -37.78 -5.80 42.07
C GLN A 212 -38.93 -5.50 41.12
N SER A 213 -40.04 -4.95 41.61
CA SER A 213 -41.13 -4.54 40.75
C SER A 213 -41.86 -3.38 41.40
N ALA A 214 -42.91 -2.90 40.74
CA ALA A 214 -43.63 -1.72 41.19
C ALA A 214 -44.46 -1.97 42.43
N GLY A 215 -44.75 -3.22 42.76
CA GLY A 215 -45.45 -3.52 44.00
C GLY A 215 -44.61 -3.39 45.25
N GLY A 216 -43.29 -3.34 45.11
CA GLY A 216 -42.41 -3.23 46.25
C GLY A 216 -41.78 -4.54 46.69
N ASP A 217 -41.85 -5.58 45.88
CA ASP A 217 -41.27 -6.86 46.26
C ASP A 217 -39.74 -6.78 46.21
N VAL A 218 -39.10 -7.51 47.11
CA VAL A 218 -37.66 -7.39 47.33
C VAL A 218 -36.99 -8.71 46.98
N SER A 219 -37.71 -9.81 47.17
CA SER A 219 -37.13 -11.15 47.09
C SER A 219 -36.76 -11.49 45.65
N THR A 220 -35.45 -11.54 45.37
CA THR A 220 -34.99 -11.95 44.06
C THR A 220 -35.17 -13.44 43.81
N ALA A 221 -35.30 -14.24 44.88
CA ALA A 221 -35.73 -15.62 44.77
C ALA A 221 -37.18 -15.72 45.22
N ALA A 222 -37.68 -16.95 45.34
CA ALA A 222 -39.06 -17.15 45.73
C ALA A 222 -39.23 -16.90 47.23
N VAL A 223 -40.48 -16.88 47.67
CA VAL A 223 -40.82 -16.62 49.06
C VAL A 223 -41.19 -17.95 49.73
N THR A 224 -40.88 -18.06 51.01
CA THR A 224 -41.03 -19.31 51.76
C THR A 224 -41.45 -18.96 53.19
N LYS A 225 -42.29 -19.79 53.79
CA LYS A 225 -42.63 -19.63 55.19
C LYS A 225 -41.65 -20.42 56.07
N THR A 226 -41.37 -19.89 57.25
CA THR A 226 -40.40 -20.49 58.17
C THR A 226 -40.95 -20.37 59.58
N TYR A 227 -41.58 -21.44 60.07
CA TYR A 227 -42.41 -21.34 61.26
C TYR A 227 -41.59 -21.32 62.55
N ILE A 228 -42.28 -21.14 63.68
CA ILE A 228 -41.64 -20.87 64.96
C ILE A 228 -42.58 -21.29 66.08
N ASN A 229 -42.03 -21.45 67.29
CA ASN A 229 -42.80 -21.71 68.50
C ASN A 229 -42.09 -21.11 69.69
N THR A 230 -42.85 -20.41 70.54
CA THR A 230 -42.44 -20.08 71.91
C THR A 230 -43.59 -20.46 72.84
N THR A 231 -43.69 -21.75 73.15
CA THR A 231 -44.68 -22.30 74.09
C THR A 231 -44.02 -23.47 74.81
N ASN A 232 -44.85 -24.33 75.41
CA ASN A 232 -44.43 -25.63 75.89
C ASN A 232 -45.28 -26.75 75.31
N ASN A 233 -45.90 -26.51 74.14
CA ASN A 233 -46.87 -27.43 73.57
C ASN A 233 -46.26 -28.48 72.67
N ASN A 234 -45.04 -28.25 72.16
CA ASN A 234 -44.22 -29.12 71.31
C ASN A 234 -44.80 -29.33 69.91
N GLY A 235 -45.98 -28.81 69.61
CA GLY A 235 -46.57 -28.97 68.30
C GLY A 235 -47.31 -27.73 67.84
N ARG A 236 -47.33 -26.70 68.66
CA ARG A 236 -47.96 -25.45 68.29
C ARG A 236 -47.03 -24.63 67.40
N VAL A 237 -47.60 -24.02 66.37
CA VAL A 237 -46.91 -23.02 65.56
C VAL A 237 -47.41 -21.65 65.99
N SER A 238 -46.49 -20.76 66.33
CA SER A 238 -46.84 -19.44 66.83
C SER A 238 -46.45 -18.31 65.89
N GLY A 239 -45.93 -18.61 64.71
CA GLY A 239 -45.61 -17.57 63.75
C GLY A 239 -45.22 -18.18 62.42
N THR A 240 -45.33 -17.37 61.37
CA THR A 240 -45.06 -17.86 60.02
C THR A 240 -43.79 -17.28 59.41
N MET A 241 -43.66 -15.95 59.37
CA MET A 241 -42.45 -15.23 58.98
C MET A 241 -42.00 -15.58 57.56
N ALA A 242 -42.80 -15.10 56.60
CA ALA A 242 -42.51 -15.27 55.18
C ALA A 242 -41.14 -14.70 54.82
N THR A 243 -40.20 -15.57 54.46
CA THR A 243 -38.79 -15.19 54.42
C THR A 243 -38.48 -14.41 53.15
N ASP A 244 -37.21 -14.02 53.02
CA ASP A 244 -36.80 -13.07 52.01
C ASP A 244 -35.31 -13.27 51.74
N THR A 245 -34.87 -12.83 50.56
CA THR A 245 -33.46 -12.79 50.23
C THR A 245 -33.10 -11.42 49.67
N ILE A 246 -31.92 -10.92 50.04
CA ILE A 246 -31.47 -9.57 49.73
C ILE A 246 -30.14 -9.73 48.97
N THR A 247 -29.60 -8.61 48.49
CA THR A 247 -28.20 -8.54 48.13
C THR A 247 -27.37 -7.78 49.14
N TRP A 248 -28.01 -7.18 50.15
CA TRP A 248 -27.38 -6.58 51.33
C TRP A 248 -26.41 -5.46 50.99
N GLU A 249 -26.98 -4.39 50.47
CA GLU A 249 -26.24 -3.16 50.33
C GLU A 249 -26.39 -2.33 51.59
N ASN A 250 -25.30 -1.75 52.05
CA ASN A 250 -25.31 -0.83 53.18
C ASN A 250 -24.68 0.50 52.77
N PRO A 251 -25.45 1.40 52.17
CA PRO A 251 -24.96 2.75 51.95
C PRO A 251 -25.03 3.53 53.26
N ASP A 252 -24.36 4.69 53.23
CA ASP A 252 -24.32 5.78 54.21
C ASP A 252 -24.30 5.38 55.69
N ALA A 253 -23.62 4.27 56.01
CA ALA A 253 -23.36 3.84 57.38
C ALA A 253 -22.22 2.82 57.36
N HIS A 254 -21.43 2.79 58.45
CA HIS A 254 -20.10 2.18 58.31
C HIS A 254 -19.65 1.36 59.52
N PHE A 255 -20.58 0.73 60.25
CA PHE A 255 -20.29 -0.18 61.37
C PHE A 255 -19.48 0.52 62.47
N ALA A 256 -20.15 1.42 63.20
CA ALA A 256 -19.54 2.14 64.32
C ALA A 256 -18.87 1.19 65.32
N ASP A 257 -19.56 0.13 65.73
CA ASP A 257 -18.94 -1.02 66.37
C ASP A 257 -19.48 -2.29 65.73
N PHE A 258 -18.82 -3.40 66.02
CA PHE A 258 -19.13 -4.68 65.40
C PHE A 258 -18.49 -5.82 66.17
N VAL A 259 -19.26 -6.87 66.48
CA VAL A 259 -18.65 -8.07 67.05
C VAL A 259 -19.24 -9.34 66.43
N ASP A 260 -18.50 -9.86 65.46
CA ASP A 260 -18.37 -11.24 65.00
C ASP A 260 -19.51 -11.85 64.18
N ASP A 261 -20.78 -11.45 64.36
CA ASP A 261 -21.73 -11.42 63.25
C ASP A 261 -22.89 -10.45 63.45
N ARG A 262 -23.34 -10.32 64.70
CA ARG A 262 -24.75 -10.05 64.96
C ARG A 262 -25.03 -8.73 65.65
N ARG A 263 -24.48 -8.51 66.83
CA ARG A 263 -24.79 -7.31 67.60
C ARG A 263 -23.78 -6.23 67.24
N ALA A 264 -24.29 -5.09 66.78
CA ALA A 264 -23.47 -4.03 66.22
C ALA A 264 -24.28 -2.73 66.13
N THR A 265 -23.60 -1.60 66.16
CA THR A 265 -24.24 -0.34 65.83
C THR A 265 -23.68 0.21 64.53
N ALA A 266 -24.43 1.13 63.93
CA ALA A 266 -24.05 1.74 62.67
C ALA A 266 -24.24 3.24 62.79
N ALA A 267 -23.13 3.98 62.73
CA ALA A 267 -23.20 5.42 62.61
C ALA A 267 -23.19 5.79 61.12
N GLY A 268 -23.90 6.86 60.79
CA GLY A 268 -23.92 7.32 59.42
C GLY A 268 -22.57 7.84 58.97
N ASN A 269 -22.38 7.88 57.66
CA ASN A 269 -21.10 8.32 57.12
C ASN A 269 -20.94 9.83 57.28
N ARG A 270 -19.69 10.26 57.22
CA ARG A 270 -19.35 11.66 57.43
C ARG A 270 -19.87 12.49 56.26
N PRO A 271 -20.39 13.69 56.51
CA PRO A 271 -20.84 14.56 55.41
C PRO A 271 -19.65 15.03 54.59
N ASN A 272 -19.66 14.69 53.31
CA ASN A 272 -18.56 15.01 52.39
C ASN A 272 -19.17 15.68 51.18
N TYR A 273 -19.07 17.01 51.12
CA TYR A 273 -19.56 17.77 49.98
C TYR A 273 -18.42 17.95 48.99
N ILE A 274 -18.65 17.55 47.75
CA ILE A 274 -17.66 17.71 46.68
C ILE A 274 -18.27 18.60 45.61
N GLY A 275 -17.66 19.75 45.39
CA GLY A 275 -18.09 20.66 44.33
C GLY A 275 -16.90 21.41 43.78
N PHE A 276 -17.15 22.38 42.89
CA PHE A 276 -16.04 23.17 42.40
C PHE A 276 -15.58 24.16 43.46
N ARG A 277 -14.42 24.78 43.19
CA ARG A 277 -13.88 25.76 44.11
C ARG A 277 -14.66 27.07 44.03
N ASP A 278 -14.34 27.96 44.97
CA ASP A 278 -14.76 29.35 44.84
C ASP A 278 -14.14 29.95 43.60
N ASN A 279 -14.95 30.68 42.83
CA ASN A 279 -14.54 31.41 41.62
C ASN A 279 -13.91 30.53 40.55
N PHE A 280 -14.16 29.22 40.62
CA PHE A 280 -13.50 28.19 39.81
C PHE A 280 -11.98 28.33 39.83
N ILE A 281 -11.45 28.49 41.05
CA ILE A 281 -10.01 28.46 41.25
C ILE A 281 -9.49 27.06 40.95
N GLY A 282 -8.41 26.98 40.18
CA GLY A 282 -7.76 25.71 39.95
C GLY A 282 -8.31 24.93 38.79
N MET A 283 -9.02 25.58 37.88
CA MET A 283 -9.41 24.95 36.62
C MET A 283 -8.53 25.41 35.48
N MET A 284 -7.95 26.60 35.61
CA MET A 284 -7.23 27.27 34.53
C MET A 284 -5.79 27.51 34.97
N TYR A 285 -4.85 27.12 34.13
CA TYR A 285 -3.43 27.19 34.47
C TYR A 285 -2.97 28.64 34.49
N TYR A 286 -3.04 29.26 35.65
CA TYR A 286 -2.42 30.56 35.88
C TYR A 286 -1.09 30.35 36.57
N ASN A 287 -0.08 31.09 36.11
CA ASN A 287 1.26 31.14 36.69
C ASN A 287 1.93 29.76 36.70
N SER A 288 2.10 29.19 35.51
CA SER A 288 2.84 27.96 35.33
C SER A 288 3.71 28.11 34.10
N GLY A 289 4.98 27.71 34.22
CA GLY A 289 5.86 27.72 33.07
C GLY A 289 5.53 26.63 32.08
N SER A 290 4.90 25.54 32.54
CA SER A 290 4.54 24.44 31.67
C SER A 290 3.41 24.83 30.73
N ASN A 291 2.40 25.52 31.27
CA ASN A 291 1.08 25.63 30.65
C ASN A 291 0.64 27.09 30.63
N THR A 292 1.02 27.80 29.58
CA THR A 292 0.78 29.23 29.46
C THR A 292 -0.16 29.50 28.29
N GLY A 293 -1.23 30.23 28.55
CA GLY A 293 -2.13 30.65 27.49
C GLY A 293 -1.54 31.76 26.66
N SER A 294 -2.30 32.20 25.67
CA SER A 294 -1.76 33.12 24.68
C SER A 294 -2.87 33.92 24.04
N PHE A 295 -2.87 35.24 24.27
CA PHE A 295 -3.66 36.15 23.47
C PHE A 295 -2.71 36.88 22.53
N SER A 296 -2.96 36.75 21.22
CA SER A 296 -2.02 37.29 20.24
C SER A 296 -2.79 37.72 19.01
N SER A 297 -2.17 38.61 18.24
CA SER A 297 -2.75 39.10 17.00
C SER A 297 -2.33 38.24 15.82
N GLN A 298 -2.54 38.73 14.61
CA GLN A 298 -2.01 38.09 13.41
C GLN A 298 -0.65 38.61 13.01
N THR A 299 -0.07 39.54 13.76
CA THR A 299 1.37 39.63 13.90
C THR A 299 1.70 38.58 14.94
N GLN A 300 2.02 37.37 14.45
CA GLN A 300 1.80 36.13 15.18
C GLN A 300 2.64 36.04 16.44
N GLN A 301 3.83 36.62 16.39
CA GLN A 301 4.83 36.32 17.42
C GLN A 301 4.56 37.11 18.69
N LEU A 302 3.82 38.20 18.57
CA LEU A 302 3.58 39.05 19.72
C LEU A 302 2.57 38.40 20.65
N ASN A 303 3.08 37.72 21.67
CA ASN A 303 2.28 37.05 22.68
C ASN A 303 2.24 37.98 23.89
N ILE A 304 1.07 38.54 24.17
CA ILE A 304 1.01 39.56 25.20
C ILE A 304 0.72 38.99 26.58
N VAL A 305 0.56 37.68 26.72
CA VAL A 305 0.39 37.06 28.03
C VAL A 305 1.72 36.40 28.37
N LEU A 306 2.57 37.13 29.08
CA LEU A 306 3.83 36.61 29.60
C LEU A 306 3.62 36.28 31.07
N ASP A 307 3.77 35.00 31.41
CA ASP A 307 3.31 34.48 32.69
C ASP A 307 4.51 34.18 33.57
N LEU A 308 4.52 34.73 34.77
CA LEU A 308 5.61 34.56 35.72
C LEU A 308 5.18 33.58 36.82
N ASN A 309 6.18 33.05 37.53
CA ASN A 309 5.93 32.13 38.62
C ASN A 309 5.85 32.81 39.98
N ASP A 310 6.42 34.01 40.11
CA ASP A 310 6.34 34.78 41.35
C ASP A 310 5.01 35.46 41.54
N ARG A 311 4.12 35.40 40.55
CA ARG A 311 2.83 36.06 40.57
C ARG A 311 1.77 35.06 41.00
N ASN A 312 0.69 35.56 41.59
CA ASN A 312 -0.46 34.73 41.95
C ASN A 312 -1.70 35.44 41.43
N SER A 313 -2.15 35.06 40.22
CA SER A 313 -3.36 35.63 39.67
C SER A 313 -4.62 35.07 40.31
N GLU A 314 -4.51 33.98 41.06
CA GLU A 314 -5.66 33.43 41.76
C GLU A 314 -5.99 34.23 43.01
N LEU A 315 -4.98 34.48 43.86
CA LEU A 315 -5.21 35.22 45.09
C LEU A 315 -5.42 36.70 44.82
N SER A 316 -4.85 37.22 43.73
CA SER A 316 -5.08 38.61 43.37
C SER A 316 -6.52 38.85 42.96
N TYR A 317 -7.19 37.84 42.43
CA TYR A 317 -8.61 37.97 42.14
C TYR A 317 -9.43 37.87 43.41
N GLN A 318 -8.95 37.13 44.41
CA GLN A 318 -9.70 36.97 45.65
C GLN A 318 -9.65 38.20 46.52
N TYR A 319 -8.58 38.98 46.43
CA TYR A 319 -8.54 40.24 47.16
C TYR A 319 -9.20 41.36 46.39
N LEU A 320 -9.28 41.23 45.06
CA LEU A 320 -9.96 42.23 44.25
C LEU A 320 -11.47 42.17 44.45
N LEU A 321 -12.00 40.96 44.64
CA LEU A 321 -13.44 40.81 44.80
C LEU A 321 -13.89 41.27 46.19
N ALA A 322 -13.03 41.15 47.19
CA ALA A 322 -13.36 41.67 48.51
C ALA A 322 -13.31 43.19 48.56
N ASP A 323 -12.62 43.81 47.61
CA ASP A 323 -12.57 45.27 47.54
C ASP A 323 -13.82 45.83 46.87
N LEU A 324 -14.19 45.28 45.72
CA LEU A 324 -15.29 45.84 44.94
C LEU A 324 -16.63 45.54 45.58
N THR A 325 -16.98 44.26 45.67
CA THR A 325 -18.30 43.88 46.14
C THR A 325 -18.22 43.32 47.55
N SER A 326 -19.39 43.16 48.16
CA SER A 326 -19.46 42.48 49.43
C SER A 326 -19.28 40.99 49.24
N ARG A 327 -18.79 40.34 50.28
CA ARG A 327 -18.45 38.93 50.23
C ARG A 327 -19.56 38.04 50.79
N TRP A 328 -20.55 38.64 51.44
CA TRP A 328 -21.63 37.90 52.06
C TRP A 328 -22.56 37.26 51.04
N HIS A 329 -22.74 37.88 49.89
CA HIS A 329 -23.76 37.41 48.95
C HIS A 329 -23.23 36.27 48.09
N TYR A 330 -24.16 35.49 47.56
CA TYR A 330 -23.87 34.32 46.73
C TYR A 330 -24.32 34.62 45.30
N PHE A 331 -23.38 34.63 44.38
CA PHE A 331 -23.64 34.96 42.98
C PHE A 331 -23.28 33.73 42.15
N ALA A 332 -24.30 32.95 41.76
CA ALA A 332 -24.11 31.62 41.22
C ALA A 332 -23.53 31.59 39.82
N LEU A 333 -23.30 32.73 39.16
CA LEU A 333 -22.70 32.69 37.84
C LEU A 333 -21.22 32.36 37.94
N TRP A 334 -20.45 33.18 38.67
CA TRP A 334 -19.03 32.96 38.81
C TRP A 334 -18.68 32.00 39.93
N ASN A 335 -19.66 31.24 40.43
CA ASN A 335 -19.52 30.35 41.58
C ASN A 335 -18.98 31.13 42.79
N GLN A 336 -19.55 32.31 43.00
CA GLN A 336 -19.03 33.28 43.95
C GLN A 336 -19.66 32.96 45.30
N ALA A 337 -19.02 32.09 46.06
CA ALA A 337 -19.50 31.68 47.37
C ALA A 337 -18.32 31.66 48.34
N VAL A 338 -18.44 32.37 49.45
CA VAL A 338 -17.31 32.56 50.35
C VAL A 338 -17.06 31.31 51.18
N ASP A 339 -15.80 30.91 51.28
CA ASP A 339 -15.38 29.88 52.22
C ASP A 339 -15.43 30.46 53.64
N ASP A 340 -16.35 29.99 54.46
CA ASP A 340 -16.42 30.43 55.84
C ASP A 340 -16.43 29.23 56.77
N TYR A 341 -16.58 29.51 58.05
CA TYR A 341 -16.71 28.49 59.07
C TYR A 341 -17.81 28.93 60.01
N ASP A 342 -18.02 28.17 61.07
CA ASP A 342 -19.00 28.53 62.06
C ASP A 342 -18.28 29.22 63.22
N HIS A 343 -18.72 30.42 63.55
CA HIS A 343 -18.11 31.22 64.61
C HIS A 343 -18.27 30.58 65.98
N HIS A 344 -19.29 29.75 66.17
CA HIS A 344 -19.52 29.07 67.43
C HIS A 344 -18.97 27.66 67.46
N VAL A 345 -18.17 27.28 66.47
CA VAL A 345 -17.54 25.96 66.44
C VAL A 345 -16.03 26.06 66.53
N ARG A 346 -15.41 26.90 65.71
CA ARG A 346 -13.98 27.12 65.75
C ARG A 346 -13.55 27.75 67.06
N ILE A 347 -14.26 28.78 67.49
CA ILE A 347 -13.92 29.60 68.65
C ILE A 347 -15.05 29.35 69.65
N LEU A 348 -15.46 28.08 69.74
CA LEU A 348 -16.64 27.65 70.48
C LEU A 348 -16.64 28.11 71.93
N GLU A 349 -17.83 28.36 72.45
CA GLU A 349 -18.06 28.92 73.77
C GLU A 349 -18.94 27.96 74.54
N ASN A 350 -18.40 27.35 75.59
CA ASN A 350 -19.13 26.36 76.37
C ASN A 350 -19.88 27.10 77.47
N ASP A 351 -21.19 27.24 77.30
CA ASP A 351 -22.05 27.89 78.28
C ASP A 351 -22.97 26.94 78.99
N GLY A 352 -22.75 25.63 78.85
CA GLY A 352 -23.63 24.67 79.49
C GLY A 352 -24.92 24.54 78.71
N TYR A 353 -26.04 24.74 79.40
CA TYR A 353 -27.36 24.56 78.79
C TYR A 353 -28.38 25.29 79.64
N GLU A 354 -29.44 25.74 78.98
CA GLU A 354 -30.57 26.36 79.69
C GLU A 354 -31.42 25.25 80.29
N GLU A 355 -31.37 25.09 81.60
CA GLU A 355 -32.15 24.06 82.25
C GLU A 355 -33.55 24.59 82.58
N GLY A 356 -34.47 23.65 82.81
CA GLY A 356 -35.83 24.00 83.11
C GLY A 356 -36.61 22.85 83.72
N PRO A 357 -37.88 22.74 83.34
CA PRO A 357 -38.73 21.66 83.84
C PRO A 357 -38.28 20.31 83.28
N PRO A 358 -38.65 19.21 83.92
CA PRO A 358 -38.26 17.89 83.38
C PRO A 358 -38.99 17.58 82.08
N ASN A 359 -38.24 17.10 81.11
CA ASN A 359 -38.77 16.81 79.78
C ASN A 359 -39.28 15.37 79.77
N LEU A 360 -40.47 15.19 80.33
CA LEU A 360 -41.02 13.87 80.52
C LEU A 360 -41.60 13.32 79.22
N ALA A 361 -41.54 12.00 79.07
CA ALA A 361 -42.12 11.29 77.95
C ALA A 361 -43.06 10.21 78.46
N PHE A 362 -44.22 10.09 77.85
CA PHE A 362 -45.33 9.29 78.35
C PHE A 362 -45.72 8.23 77.32
N PRO A 363 -46.39 7.15 77.74
CA PRO A 363 -46.89 6.19 76.76
C PRO A 363 -48.03 6.79 75.95
N PRO A 364 -48.28 6.28 74.74
CA PRO A 364 -49.37 6.85 73.92
C PRO A 364 -50.76 6.63 74.51
N HIS A 365 -51.08 5.40 74.89
CA HIS A 365 -52.18 5.16 75.83
C HIS A 365 -51.72 5.80 77.13
N VAL A 366 -52.59 6.55 77.78
CA VAL A 366 -52.12 7.30 78.94
C VAL A 366 -52.40 6.52 80.22
N ILE A 367 -53.43 5.69 80.23
CA ILE A 367 -53.77 4.93 81.44
C ILE A 367 -53.10 3.57 81.37
N SER A 368 -52.41 3.20 82.45
CA SER A 368 -51.67 1.95 82.56
C SER A 368 -51.24 1.77 84.01
N ASN A 369 -51.15 0.54 84.43
CA ASN A 369 -50.34 0.25 85.59
C ASN A 369 -48.87 0.36 85.18
N PRO A 370 -47.98 0.78 86.09
CA PRO A 370 -46.58 1.01 85.70
C PRO A 370 -45.78 -0.25 85.37
N PHE A 371 -46.29 -1.45 85.70
CA PHE A 371 -45.60 -2.68 85.32
C PHE A 371 -46.59 -3.74 84.87
N ALA A 372 -47.72 -3.34 84.30
CA ALA A 372 -48.79 -4.25 83.95
C ALA A 372 -49.66 -3.58 82.90
N PRO A 373 -50.47 -4.35 82.16
CA PRO A 373 -51.50 -3.73 81.33
C PRO A 373 -52.59 -3.10 82.17
N ALA A 374 -53.47 -2.35 81.49
CA ALA A 374 -54.56 -1.65 82.15
C ALA A 374 -55.55 -2.66 82.73
N ALA A 375 -55.72 -2.61 84.05
CA ALA A 375 -56.49 -3.62 84.76
C ALA A 375 -57.98 -3.43 84.48
N VAL A 376 -58.61 -4.44 83.88
CA VAL A 376 -60.03 -4.40 83.57
C VAL A 376 -60.83 -4.61 84.85
N GLY A 377 -62.13 -4.34 84.78
CA GLY A 377 -62.96 -4.55 85.95
C GLY A 377 -64.41 -4.31 85.64
N THR A 378 -65.16 -3.95 86.68
CA THR A 378 -66.60 -3.77 86.58
C THR A 378 -66.99 -2.60 87.48
N GLY A 379 -67.98 -1.81 87.04
CA GLY A 379 -68.53 -0.79 87.90
C GLY A 379 -69.29 -1.38 89.06
N MET A 380 -69.51 -0.56 90.08
CA MET A 380 -70.19 -0.99 91.29
C MET A 380 -71.28 0.00 91.66
N THR A 381 -72.44 -0.51 92.04
CA THR A 381 -73.50 0.29 92.64
C THR A 381 -73.54 -0.03 94.12
N VAL A 382 -73.99 0.92 94.93
CA VAL A 382 -73.88 0.84 96.38
C VAL A 382 -75.27 1.02 97.00
N ASN A 383 -75.49 0.36 98.12
CA ASN A 383 -76.68 0.57 98.93
C ASN A 383 -76.26 1.27 100.21
N GLU A 384 -77.01 2.30 100.61
CA GLU A 384 -76.80 2.84 101.94
C GLU A 384 -77.70 2.10 102.93
N GLN A 385 -77.43 2.32 104.22
CA GLN A 385 -78.04 1.75 105.43
C GLN A 385 -77.64 0.29 105.64
N GLN A 386 -76.94 -0.33 104.70
CA GLN A 386 -76.26 -1.61 104.89
C GLN A 386 -75.10 -1.65 103.91
N GLN A 387 -73.98 -2.25 104.34
CA GLN A 387 -72.73 -2.17 103.60
C GLN A 387 -72.68 -3.26 102.53
N THR A 388 -73.57 -3.12 101.55
CA THR A 388 -73.70 -4.07 100.45
C THR A 388 -73.23 -3.40 99.17
N ALA A 389 -72.18 -3.95 98.56
CA ALA A 389 -71.64 -3.44 97.30
C ALA A 389 -72.11 -4.36 96.19
N ALA A 390 -73.12 -3.91 95.45
CA ALA A 390 -73.73 -4.74 94.41
C ALA A 390 -73.05 -4.49 93.07
N VAL A 391 -72.89 -5.55 92.29
CA VAL A 391 -72.33 -5.42 90.95
C VAL A 391 -73.38 -4.83 90.02
N THR A 392 -72.93 -3.99 89.09
CA THR A 392 -73.85 -3.34 88.17
C THR A 392 -74.10 -4.22 86.94
N ALA A 393 -74.98 -3.74 86.06
CA ALA A 393 -75.53 -4.61 85.02
C ALA A 393 -74.60 -4.78 83.82
N ASN A 394 -74.34 -3.69 83.10
CA ASN A 394 -73.63 -3.74 81.82
C ASN A 394 -72.47 -2.77 81.87
N THR A 395 -71.32 -3.24 82.35
CA THR A 395 -70.13 -2.39 82.48
C THR A 395 -68.88 -3.25 82.53
N VAL A 396 -67.93 -2.97 81.64
CA VAL A 396 -66.54 -3.34 81.84
C VAL A 396 -65.73 -2.04 81.90
N ALA A 397 -64.75 -2.00 82.79
CA ALA A 397 -64.06 -0.74 83.10
C ALA A 397 -62.56 -0.96 83.12
N LEU A 398 -61.85 -0.26 82.26
CA LEU A 398 -60.40 -0.27 82.24
C LEU A 398 -59.88 0.75 83.23
N ILE A 399 -59.26 0.29 84.30
CA ILE A 399 -58.85 1.14 85.42
C ILE A 399 -57.34 1.20 85.45
N GLY A 400 -56.78 2.40 85.47
CA GLY A 400 -55.37 2.60 85.67
C GLY A 400 -55.11 3.09 87.08
N TYR A 401 -54.17 2.43 87.75
CA TYR A 401 -53.88 2.74 89.15
C TYR A 401 -52.54 3.46 89.26
N GLY A 402 -52.38 4.15 90.39
CA GLY A 402 -51.17 4.87 90.65
C GLY A 402 -51.04 6.10 89.75
N ASN A 403 -49.81 6.56 89.63
CA ASN A 403 -49.52 7.70 88.80
C ASN A 403 -49.00 7.23 87.44
N ILE A 404 -49.03 8.13 86.46
CA ILE A 404 -48.72 7.77 85.08
C ILE A 404 -47.22 7.50 84.94
N PRO A 405 -46.81 6.36 84.41
CA PRO A 405 -45.38 6.08 84.26
C PRO A 405 -44.75 6.93 83.16
N ALA A 406 -43.51 7.33 83.38
CA ALA A 406 -42.86 8.25 82.46
C ALA A 406 -41.36 8.06 82.52
N VAL A 407 -40.68 8.66 81.54
CA VAL A 407 -39.23 8.74 81.52
C VAL A 407 -38.81 10.19 81.29
N GLU A 408 -37.71 10.57 81.93
CA GLU A 408 -37.20 11.93 81.88
C GLU A 408 -35.96 11.96 81.00
N MET A 409 -35.79 13.04 80.23
CA MET A 409 -34.79 13.11 79.18
C MET A 409 -33.57 13.97 79.51
N ASN A 410 -33.75 15.10 80.20
CA ASN A 410 -32.81 16.23 80.22
C ASN A 410 -32.43 16.63 78.80
N LEU A 411 -33.43 17.15 78.09
CA LEU A 411 -33.30 17.46 76.68
C LEU A 411 -32.27 18.54 76.30
N PRO A 412 -32.15 19.70 76.98
CA PRO A 412 -31.15 20.68 76.51
C PRO A 412 -29.72 20.24 76.71
N ALA A 413 -29.48 19.27 77.60
CA ALA A 413 -28.14 18.70 77.72
C ALA A 413 -27.84 17.78 76.55
N ASN A 414 -28.88 17.20 75.94
CA ASN A 414 -28.69 16.30 74.82
C ASN A 414 -28.45 17.07 73.53
N LEU A 415 -29.00 18.27 73.42
CA LEU A 415 -28.72 19.10 72.24
C LEU A 415 -27.28 19.61 72.26
N LYS A 416 -26.70 19.77 73.44
CA LYS A 416 -25.32 20.22 73.53
C LYS A 416 -24.35 19.09 73.16
N ARG A 417 -24.68 17.85 73.56
CA ARG A 417 -23.81 16.72 73.26
C ARG A 417 -23.84 16.37 71.78
N THR A 418 -24.98 16.56 71.13
CA THR A 418 -25.06 16.32 69.70
C THR A 418 -24.29 17.38 68.91
N PHE A 419 -24.37 18.63 69.37
CA PHE A 419 -23.65 19.71 68.71
C PHE A 419 -22.15 19.57 68.87
N LEU A 420 -21.69 19.10 70.02
CA LEU A 420 -20.25 18.99 70.24
C LEU A 420 -19.65 17.74 69.59
N TYR A 421 -20.44 16.68 69.39
CA TYR A 421 -19.88 15.48 68.80
C TYR A 421 -19.72 15.62 67.29
N SER A 422 -20.74 16.14 66.62
CA SER A 422 -20.70 16.18 65.16
C SER A 422 -19.83 17.32 64.64
N ASN A 423 -19.74 18.43 65.36
CA ASN A 423 -19.04 19.60 64.87
C ASN A 423 -17.62 19.74 65.41
N VAL A 424 -17.36 19.26 66.62
CA VAL A 424 -16.06 19.43 67.26
C VAL A 424 -15.33 18.10 67.41
N ALA A 425 -16.03 17.08 67.94
CA ALA A 425 -15.35 15.81 68.21
C ALA A 425 -15.08 15.03 66.93
N MET A 426 -15.91 15.24 65.92
CA MET A 426 -15.77 14.48 64.67
C MET A 426 -14.55 14.91 63.89
N TYR A 427 -14.16 16.18 64.01
CA TYR A 427 -13.10 16.77 63.19
C TYR A 427 -11.76 16.85 63.92
N LEU A 428 -11.46 15.88 64.77
CA LEU A 428 -10.16 15.84 65.44
C LEU A 428 -9.06 15.44 64.46
N PRO A 429 -7.78 15.69 64.82
CA PRO A 429 -6.69 15.04 64.08
C PRO A 429 -6.59 13.55 64.34
N ASP A 430 -5.67 12.89 63.65
CA ASP A 430 -5.51 11.44 63.69
C ASP A 430 -5.02 10.92 65.04
N THR A 431 -4.33 11.73 65.82
CA THR A 431 -3.72 11.26 67.05
C THR A 431 -4.73 11.03 68.17
N TYR A 432 -5.91 11.65 68.09
CA TYR A 432 -6.91 11.56 69.16
C TYR A 432 -8.11 10.73 68.75
N LYS A 433 -7.99 9.93 67.70
CA LYS A 433 -9.04 9.02 67.29
C LYS A 433 -8.59 7.58 67.50
N PHE A 434 -9.54 6.66 67.36
CA PHE A 434 -9.23 5.24 67.44
C PHE A 434 -10.04 4.48 66.40
N THR A 435 -9.46 3.43 65.88
CA THR A 435 -10.24 2.53 65.06
C THR A 435 -11.04 1.57 65.95
N PRO A 436 -12.24 1.19 65.53
CA PRO A 436 -13.02 0.24 66.32
C PRO A 436 -12.45 -1.16 66.22
N ALA A 437 -12.96 -2.05 67.08
CA ALA A 437 -12.57 -3.44 67.03
C ALA A 437 -13.28 -4.14 65.88
N ASN A 438 -12.61 -5.15 65.32
CA ASN A 438 -13.12 -6.07 64.31
C ASN A 438 -13.53 -5.38 63.01
N VAL A 439 -12.96 -4.23 62.70
CA VAL A 439 -13.21 -3.56 61.42
C VAL A 439 -11.88 -3.43 60.69
N ASP A 440 -11.97 -3.28 59.38
CA ASP A 440 -10.81 -3.26 58.50
C ASP A 440 -10.81 -1.98 57.68
N LEU A 441 -9.81 -1.18 57.87
CA LEU A 441 -9.59 0.09 57.21
C LEU A 441 -8.60 -0.08 56.07
N PRO A 442 -8.66 0.77 55.04
CA PRO A 442 -7.62 0.75 54.00
C PRO A 442 -6.27 1.21 54.55
N GLU A 443 -5.22 0.84 53.80
CA GLU A 443 -3.87 0.95 54.33
C GLU A 443 -3.38 2.39 54.35
N ASN A 444 -3.73 3.19 53.35
CA ASN A 444 -3.23 4.55 53.27
C ASN A 444 -4.04 5.49 54.13
N HIS A 445 -3.40 6.58 54.55
CA HIS A 445 -4.10 7.71 55.10
C HIS A 445 -4.64 8.56 53.95
N LEU A 446 -5.32 9.66 54.29
CA LEU A 446 -5.82 10.66 53.34
C LEU A 446 -6.79 10.07 52.32
N SER A 447 -7.54 9.04 52.72
CA SER A 447 -8.54 8.43 51.88
C SER A 447 -9.89 8.49 52.59
N TYR A 448 -10.95 8.16 51.87
CA TYR A 448 -12.26 8.25 52.49
C TYR A 448 -12.56 7.07 53.39
N GLY A 449 -12.11 5.87 53.02
CA GLY A 449 -12.38 4.69 53.83
C GLY A 449 -11.66 4.67 55.15
N TYR A 450 -10.62 5.48 55.30
CA TYR A 450 -9.87 5.58 56.54
C TYR A 450 -10.44 6.65 57.48
N ILE A 451 -10.78 7.83 56.95
CA ILE A 451 -11.29 8.91 57.79
C ILE A 451 -12.70 8.60 58.25
N ASN A 452 -13.48 7.91 57.41
CA ASN A 452 -14.83 7.52 57.81
C ASN A 452 -14.81 6.48 58.91
N GLY A 453 -13.81 5.60 58.91
CA GLY A 453 -13.82 4.49 59.84
C GLY A 453 -13.38 4.83 61.26
N ARG A 454 -12.70 5.94 61.45
CA ARG A 454 -12.16 6.28 62.76
C ARG A 454 -13.15 7.10 63.57
N LEU A 455 -13.10 6.91 64.88
CA LEU A 455 -14.02 7.55 65.81
C LEU A 455 -13.24 8.22 66.92
N PRO A 456 -13.73 9.35 67.44
CA PRO A 456 -12.96 10.09 68.45
C PRO A 456 -13.05 9.48 69.84
N LEU A 457 -12.04 9.79 70.65
CA LEU A 457 -12.02 9.40 72.04
C LEU A 457 -13.11 10.14 72.81
N PRO A 458 -13.68 9.50 73.85
CA PRO A 458 -14.85 10.11 74.51
C PRO A 458 -14.53 11.32 75.37
N ASN A 459 -13.47 11.28 76.18
CA ASN A 459 -13.27 12.31 77.21
C ASN A 459 -12.55 13.54 76.71
N ILE A 460 -12.27 13.68 75.42
CA ILE A 460 -11.55 14.88 75.00
C ILE A 460 -12.47 16.09 74.98
N VAL A 461 -13.74 15.92 74.60
CA VAL A 461 -14.76 16.95 74.73
C VAL A 461 -16.02 16.33 75.29
N ASP A 462 -16.79 17.17 75.98
CA ASP A 462 -18.12 16.85 76.50
C ASP A 462 -18.76 18.19 76.83
N THR A 463 -19.89 18.18 77.52
CA THR A 463 -20.50 19.45 77.90
C THR A 463 -19.82 20.12 79.09
N TRP A 464 -18.74 19.54 79.64
CA TRP A 464 -18.01 20.15 80.73
C TRP A 464 -16.68 20.76 80.34
N THR A 465 -16.19 20.56 79.11
CA THR A 465 -14.80 20.90 78.81
C THR A 465 -14.63 22.41 78.64
N ASP A 466 -13.71 22.97 79.44
CA ASP A 466 -13.49 24.40 79.60
C ASP A 466 -14.81 25.13 79.87
N ILE A 467 -15.48 24.71 80.94
CA ILE A 467 -16.86 25.13 81.16
C ILE A 467 -16.89 26.59 81.59
N GLY A 468 -17.79 27.34 80.98
CA GLY A 468 -17.85 28.77 81.17
C GLY A 468 -16.80 29.56 80.41
N ALA A 469 -15.95 28.92 79.63
CA ALA A 469 -14.82 29.56 78.98
C ALA A 469 -15.03 29.58 77.48
N ARG A 470 -14.93 30.77 76.89
CA ARG A 470 -14.85 30.91 75.43
C ARG A 470 -13.40 30.63 75.06
N TRP A 471 -13.15 29.41 74.62
CA TRP A 471 -11.80 28.93 74.42
C TRP A 471 -11.78 27.86 73.34
N SER A 472 -11.06 28.12 72.26
CA SER A 472 -10.84 27.13 71.23
C SER A 472 -9.84 26.10 71.71
N LEU A 473 -10.03 24.86 71.27
CA LEU A 473 -9.20 23.74 71.72
C LEU A 473 -7.75 23.90 71.25
N ASP A 474 -6.83 23.52 72.12
CA ASP A 474 -5.41 23.74 71.87
C ASP A 474 -4.87 22.88 70.73
N VAL A 475 -5.55 21.78 70.42
CA VAL A 475 -5.12 20.92 69.32
C VAL A 475 -5.91 21.15 68.05
N MET A 476 -7.07 21.81 68.13
CA MET A 476 -7.84 22.20 66.96
C MET A 476 -7.40 23.51 66.36
N ASP A 477 -6.34 24.13 66.90
CA ASP A 477 -5.91 25.43 66.40
C ASP A 477 -5.21 25.29 65.05
N THR A 478 -4.27 24.37 64.94
CA THR A 478 -3.60 24.09 63.69
C THR A 478 -4.31 22.98 62.90
N VAL A 479 -5.63 23.11 62.80
CA VAL A 479 -6.46 22.26 61.96
C VAL A 479 -7.38 23.18 61.18
N ASN A 480 -7.42 22.99 59.86
CA ASN A 480 -8.12 23.82 58.90
C ASN A 480 -9.59 23.94 59.24
N PRO A 481 -10.07 25.13 59.61
CA PRO A 481 -11.47 25.28 60.01
C PRO A 481 -12.44 25.31 58.83
N PHE A 482 -11.94 25.43 57.61
CA PHE A 482 -12.79 25.46 56.43
C PHE A 482 -13.12 24.08 55.92
N ASN A 483 -12.63 23.03 56.58
CA ASN A 483 -12.99 21.66 56.27
C ASN A 483 -14.10 21.23 57.22
N HIS A 484 -15.27 21.83 57.01
CA HIS A 484 -16.39 21.68 57.92
C HIS A 484 -17.63 21.52 57.07
N HIS A 485 -18.70 20.99 57.66
CA HIS A 485 -19.91 20.90 56.86
C HIS A 485 -20.85 22.09 57.10
N ARG A 486 -20.52 22.97 58.04
CA ARG A 486 -21.14 24.28 58.16
C ARG A 486 -20.43 25.30 57.28
N ASN A 487 -19.44 24.86 56.49
CA ASN A 487 -18.83 25.70 55.47
C ASN A 487 -19.89 25.96 54.42
N THR A 488 -20.56 27.10 54.55
CA THR A 488 -21.79 27.35 53.81
C THR A 488 -21.51 27.61 52.34
N GLY A 489 -20.30 28.06 52.03
CA GLY A 489 -19.93 28.22 50.64
C GLY A 489 -19.74 26.88 49.94
N LEU A 490 -18.99 25.97 50.57
CA LEU A 490 -18.76 24.66 49.98
C LEU A 490 -20.04 23.83 49.93
N LYS A 491 -20.92 24.00 50.92
CA LYS A 491 -22.22 23.35 50.86
C LYS A 491 -23.09 23.95 49.77
N TYR A 492 -22.95 25.25 49.51
CA TYR A 492 -23.70 25.86 48.42
C TYR A 492 -23.08 25.55 47.07
N ARG A 493 -21.74 25.46 47.01
CA ARG A 493 -21.10 25.14 45.74
C ARG A 493 -21.26 23.67 45.35
N SER A 494 -21.55 22.80 46.31
CA SER A 494 -21.78 21.41 45.99
C SER A 494 -23.23 21.13 45.62
N GLN A 495 -24.17 21.75 46.34
CA GLN A 495 -25.58 21.59 46.03
C GLN A 495 -26.02 22.36 44.79
N LEU A 496 -25.18 23.27 44.30
CA LEU A 496 -25.52 24.01 43.09
C LEU A 496 -25.39 23.13 41.85
N LEU A 497 -24.55 22.10 41.92
CA LEU A 497 -24.39 21.16 40.83
C LEU A 497 -25.43 20.05 40.86
N GLY A 498 -25.74 19.55 42.05
CA GLY A 498 -26.69 18.46 42.18
C GLY A 498 -26.47 17.72 43.48
N ASN A 499 -27.17 16.59 43.59
CA ASN A 499 -27.10 15.74 44.78
C ASN A 499 -26.51 14.37 44.53
N GLY A 500 -26.60 13.86 43.31
CA GLY A 500 -26.08 12.55 42.98
C GLY A 500 -24.60 12.55 42.72
N ARG A 501 -24.11 11.40 42.28
CA ARG A 501 -22.70 11.18 42.00
C ARG A 501 -22.36 11.57 40.56
N TYR A 502 -22.99 10.92 39.59
CA TYR A 502 -22.82 11.27 38.18
C TYR A 502 -23.67 12.49 37.90
N CYS A 503 -23.03 13.62 37.62
CA CYS A 503 -23.74 14.85 37.30
C CYS A 503 -23.17 15.48 36.04
N ASP A 504 -24.04 16.09 35.25
CA ASP A 504 -23.60 17.01 34.23
C ASP A 504 -23.46 18.40 34.84
N PHE A 505 -22.61 19.21 34.23
CA PHE A 505 -22.40 20.57 34.71
C PHE A 505 -22.34 21.49 33.51
N HIS A 506 -22.60 22.77 33.78
CA HIS A 506 -22.60 23.78 32.73
C HIS A 506 -22.20 25.08 33.41
N ILE A 507 -20.92 25.42 33.33
CA ILE A 507 -20.34 26.44 34.19
C ILE A 507 -19.81 27.59 33.32
N GLN A 508 -19.45 28.68 34.00
CA GLN A 508 -18.91 29.88 33.36
C GLN A 508 -17.70 30.33 34.17
N VAL A 509 -16.51 30.28 33.58
CA VAL A 509 -15.30 30.59 34.32
C VAL A 509 -14.74 31.93 33.85
N PRO A 510 -14.08 32.71 34.71
CA PRO A 510 -13.60 34.02 34.27
C PRO A 510 -12.21 33.98 33.66
N GLN A 511 -11.68 35.15 33.29
CA GLN A 511 -10.28 35.31 32.93
C GLN A 511 -9.62 36.21 33.96
N LYS A 512 -8.80 35.60 34.83
CA LYS A 512 -8.30 36.29 36.01
C LYS A 512 -6.92 36.88 35.82
N PHE A 513 -6.31 36.73 34.65
CA PHE A 513 -5.04 37.38 34.38
C PHE A 513 -5.28 38.85 34.11
N PHE A 514 -4.54 39.71 34.80
CA PHE A 514 -4.91 41.11 34.94
C PHE A 514 -4.73 41.93 33.66
N ALA A 515 -3.83 41.53 32.77
CA ALA A 515 -3.63 42.31 31.56
C ALA A 515 -4.78 42.14 30.58
N ILE A 516 -5.33 40.94 30.50
CA ILE A 516 -6.47 40.66 29.63
C ILE A 516 -7.75 40.44 30.42
N LYS A 517 -7.78 40.94 31.66
CA LYS A 517 -8.98 40.82 32.47
C LYS A 517 -10.09 41.72 31.95
N ASN A 518 -9.80 43.00 31.76
CA ASN A 518 -10.75 43.96 31.20
C ASN A 518 -10.06 44.83 30.16
N LEU A 519 -9.34 44.18 29.24
CA LEU A 519 -8.75 44.88 28.11
C LEU A 519 -9.82 45.26 27.10
N LEU A 520 -9.71 46.45 26.52
CA LEU A 520 -10.61 46.90 25.46
C LEU A 520 -9.93 46.69 24.11
N LEU A 521 -10.57 45.93 23.22
CA LEU A 521 -9.95 45.59 21.96
C LEU A 521 -10.45 46.49 20.83
N LEU A 522 -9.53 46.79 19.93
CA LEU A 522 -9.79 47.47 18.67
C LEU A 522 -9.91 46.40 17.58
N PRO A 523 -10.41 46.77 16.38
CA PRO A 523 -10.54 45.78 15.30
C PRO A 523 -9.24 45.08 14.90
N GLY A 524 -9.39 43.84 14.49
CA GLY A 524 -8.30 42.94 14.14
C GLY A 524 -8.66 41.51 14.48
N THR A 525 -8.01 40.59 13.78
CA THR A 525 -8.20 39.16 14.04
C THR A 525 -7.24 38.73 15.13
N TYR A 526 -7.78 38.18 16.21
CA TYR A 526 -6.97 37.82 17.37
C TYR A 526 -7.02 36.32 17.63
N ASN A 527 -6.01 35.85 18.36
CA ASN A 527 -5.76 34.43 18.57
C ASN A 527 -5.67 34.20 20.07
N TYR A 528 -6.60 33.42 20.64
CA TYR A 528 -6.78 33.39 22.09
C TYR A 528 -6.93 31.95 22.56
N GLU A 529 -5.82 31.32 22.93
CA GLU A 529 -5.79 29.95 23.41
C GLU A 529 -5.46 29.90 24.89
N TRP A 530 -5.83 28.79 25.53
CA TRP A 530 -5.69 28.65 26.97
C TRP A 530 -5.80 27.17 27.34
N TYR A 531 -5.10 26.76 28.40
CA TYR A 531 -5.10 25.37 28.86
C TYR A 531 -5.94 25.21 30.12
N PHE A 532 -6.78 24.18 30.15
CA PHE A 532 -7.61 23.86 31.31
C PHE A 532 -7.04 22.67 32.06
N ARG A 533 -7.35 22.59 33.35
CA ARG A 533 -6.86 21.52 34.20
C ARG A 533 -7.81 20.33 34.21
N LYS A 534 -7.26 19.17 34.58
CA LYS A 534 -8.04 17.97 34.80
C LYS A 534 -7.75 17.29 36.12
N ASP A 535 -6.97 17.90 37.00
CA ASP A 535 -6.60 17.28 38.26
C ASP A 535 -7.78 17.32 39.22
N PRO A 536 -8.26 16.17 39.72
CA PRO A 536 -9.44 16.20 40.59
C PRO A 536 -9.16 16.79 41.97
N ASN A 537 -7.92 16.74 42.45
CA ASN A 537 -7.58 17.38 43.71
C ASN A 537 -7.63 18.90 43.60
N MET A 538 -7.30 19.43 42.43
CA MET A 538 -7.20 20.86 42.23
C MET A 538 -8.55 21.47 41.85
N VAL A 539 -9.27 20.83 40.93
CA VAL A 539 -10.52 21.39 40.42
C VAL A 539 -11.62 21.28 41.47
N LEU A 540 -11.80 20.11 42.06
CA LEU A 540 -12.86 19.87 43.01
C LEU A 540 -12.38 20.06 44.44
N GLN A 541 -13.29 20.50 45.31
CA GLN A 541 -13.01 20.69 46.72
C GLN A 541 -13.84 19.71 47.54
N SER A 542 -13.21 19.03 48.46
CA SER A 542 -13.91 18.09 49.34
C SER A 542 -13.99 18.66 50.75
N THR A 543 -15.02 18.23 51.48
CA THR A 543 -15.17 18.67 52.86
C THR A 543 -14.14 18.00 53.76
N LEU A 544 -13.98 16.68 53.62
CA LEU A 544 -12.99 15.97 54.41
C LEU A 544 -11.57 16.23 53.93
N GLY A 545 -11.39 16.64 52.68
CA GLY A 545 -10.07 16.92 52.18
C GLY A 545 -9.23 15.69 51.92
N ASN A 546 -9.85 14.61 51.45
CA ASN A 546 -9.15 13.37 51.16
C ASN A 546 -8.47 13.46 49.80
N ASP A 547 -8.01 12.31 49.30
CA ASP A 547 -7.44 12.24 47.95
C ASP A 547 -8.56 11.96 46.98
N LEU A 548 -8.85 12.91 46.10
CA LEU A 548 -9.79 12.67 45.02
C LEU A 548 -9.14 11.97 43.84
N ARG A 549 -7.82 11.94 43.78
CA ARG A 549 -7.14 11.16 42.74
C ARG A 549 -7.21 9.67 43.04
N ALA A 550 -7.29 9.31 44.32
CA ALA A 550 -7.24 7.91 44.71
C ALA A 550 -8.51 7.16 44.32
N ASP A 551 -9.67 7.71 44.70
CA ASP A 551 -10.94 7.11 44.32
C ASP A 551 -11.30 7.46 42.88
N GLY A 552 -12.52 7.07 42.47
CA GLY A 552 -12.94 7.26 41.10
C GLY A 552 -13.54 8.63 40.81
N ALA A 553 -12.85 9.69 41.20
CA ALA A 553 -13.28 11.04 40.86
C ALA A 553 -12.56 11.49 39.61
N SER A 554 -13.31 11.99 38.63
CA SER A 554 -12.73 12.34 37.35
C SER A 554 -13.55 13.44 36.70
N ILE A 555 -12.87 14.43 36.14
CA ILE A 555 -13.48 15.51 35.39
C ILE A 555 -13.16 15.31 33.91
N THR A 556 -14.13 15.59 33.05
CA THR A 556 -13.88 15.55 31.62
C THR A 556 -14.75 16.57 30.91
N TYR A 557 -14.29 17.02 29.75
CA TYR A 557 -14.85 18.15 29.05
C TYR A 557 -15.39 17.67 27.70
N THR A 558 -16.66 17.94 27.43
CA THR A 558 -17.21 17.51 26.15
C THR A 558 -17.15 18.59 25.07
N GLN A 559 -17.39 19.86 25.43
CA GLN A 559 -17.26 20.99 24.52
C GLN A 559 -17.22 22.26 25.36
N ILE A 560 -16.41 23.23 24.92
CA ILE A 560 -16.44 24.57 25.49
C ILE A 560 -16.61 25.56 24.35
N ASN A 561 -16.80 26.83 24.70
CA ASN A 561 -16.87 27.93 23.75
C ASN A 561 -16.74 29.24 24.50
N LEU A 562 -16.21 30.25 23.81
CA LEU A 562 -15.98 31.57 24.38
C LEU A 562 -17.11 32.50 24.00
N TYR A 563 -17.56 33.31 24.96
CA TYR A 563 -18.63 34.26 24.72
C TYR A 563 -18.08 35.67 24.91
N VAL A 564 -18.37 36.56 23.96
CA VAL A 564 -18.04 37.97 24.09
C VAL A 564 -19.30 38.78 23.83
N SER A 565 -19.20 40.08 24.13
CA SER A 565 -20.33 40.99 24.00
C SER A 565 -19.87 42.22 23.24
N PHE A 566 -20.26 42.32 21.98
CA PHE A 566 -19.92 43.46 21.14
C PHE A 566 -20.91 44.57 21.43
N PHE A 567 -20.41 45.75 21.78
CA PHE A 567 -21.29 46.89 22.02
C PHE A 567 -21.73 47.46 20.68
N PRO A 568 -23.02 47.66 20.45
CA PRO A 568 -23.49 48.13 19.14
C PRO A 568 -23.28 49.63 18.93
N MET A 569 -22.03 50.04 18.92
CA MET A 569 -21.71 51.46 18.79
C MET A 569 -21.95 51.91 17.35
N ASN A 570 -22.29 53.18 17.18
CA ASN A 570 -22.46 53.80 15.87
C ASN A 570 -21.16 53.71 15.08
N TYR A 571 -21.29 53.48 13.76
CA TYR A 571 -20.12 53.19 12.95
C TYR A 571 -19.26 54.41 12.71
N ASP A 572 -19.79 55.60 12.93
CA ASP A 572 -18.99 56.82 12.85
C ASP A 572 -18.62 57.36 14.21
N THR A 573 -19.25 56.87 15.28
CA THR A 573 -18.76 57.15 16.62
C THR A 573 -17.58 56.23 16.96
N GLN A 574 -17.66 54.97 16.53
CA GLN A 574 -16.53 54.05 16.67
C GLN A 574 -15.35 54.50 15.84
N SER A 575 -15.61 55.13 14.69
CA SER A 575 -14.53 55.62 13.84
C SER A 575 -13.77 56.78 14.47
N GLU A 576 -14.36 57.45 15.46
CA GLU A 576 -13.65 58.46 16.22
C GLU A 576 -12.99 57.86 17.46
N LEU A 577 -13.61 56.86 18.07
CA LEU A 577 -13.05 56.24 19.26
C LEU A 577 -11.93 55.27 18.93
N GLU A 578 -11.92 54.70 17.73
CA GLU A 578 -10.79 53.88 17.33
C GLU A 578 -9.55 54.73 17.12
N LEU A 579 -9.71 55.89 16.45
CA LEU A 579 -8.60 56.79 16.19
C LEU A 579 -7.99 57.36 17.47
N MET A 580 -8.80 57.54 18.51
CA MET A 580 -8.26 58.00 19.78
C MET A 580 -7.51 56.90 20.52
N LEU A 581 -7.80 55.64 20.26
CA LEU A 581 -7.10 54.55 20.92
C LEU A 581 -6.00 53.94 20.08
N ARG A 582 -5.94 54.24 18.78
CA ARG A 582 -4.75 53.90 18.01
C ARG A 582 -3.58 54.81 18.34
N ASN A 583 -3.83 55.91 19.05
CA ASN A 583 -2.79 56.87 19.37
C ASN A 583 -1.85 56.29 20.41
N ALA A 584 -0.59 56.76 20.39
CA ALA A 584 0.42 56.21 21.28
C ALA A 584 0.33 56.76 22.69
N THR A 585 -0.28 57.92 22.88
CA THR A 585 -0.40 58.52 24.20
C THR A 585 -1.63 58.07 24.96
N ASN A 586 -2.47 57.23 24.35
CA ASN A 586 -3.68 56.72 24.98
C ASN A 586 -3.57 55.22 25.24
N ASP A 587 -2.39 54.75 25.61
CA ASP A 587 -2.20 53.33 25.86
C ASP A 587 -2.83 52.96 27.19
N GLN A 588 -3.48 51.80 27.20
CA GLN A 588 -4.23 51.37 28.38
C GLN A 588 -3.28 50.79 29.41
N ASN A 589 -3.39 51.26 30.64
CA ASN A 589 -2.57 50.77 31.72
C ASN A 589 -3.39 49.85 32.60
N PHE A 590 -2.78 48.76 33.05
CA PHE A 590 -3.42 47.87 34.00
C PHE A 590 -2.40 47.44 35.04
N SER A 591 -2.90 47.08 36.21
CA SER A 591 -2.05 46.69 37.31
C SER A 591 -2.68 45.52 38.04
N ASP A 592 -1.83 44.62 38.52
CA ASP A 592 -2.30 43.55 39.39
C ASP A 592 -2.73 44.14 40.72
N TYR A 593 -3.86 43.65 41.25
CA TYR A 593 -4.39 44.24 42.48
C TYR A 593 -3.54 43.84 43.68
N LEU A 594 -3.02 42.61 43.69
CA LEU A 594 -2.20 42.18 44.80
C LEU A 594 -0.85 42.89 44.78
N GLY A 595 -0.13 42.80 43.67
CA GLY A 595 1.16 43.43 43.52
C GLY A 595 2.19 42.82 44.44
N ALA A 596 2.37 41.51 44.36
CA ALA A 596 3.23 40.82 45.29
C ALA A 596 4.12 39.84 44.54
N VAL A 597 5.15 39.39 45.24
CA VAL A 597 6.08 38.38 44.74
C VAL A 597 5.98 37.19 45.68
N ASN A 598 5.44 36.08 45.18
CA ASN A 598 5.28 34.89 45.99
C ASN A 598 6.62 34.22 46.22
N ASN A 599 6.91 33.91 47.48
CA ASN A 599 8.10 33.16 47.83
C ASN A 599 7.73 32.18 48.94
N LEU A 600 7.98 30.90 48.71
CA LEU A 600 7.58 29.85 49.64
C LEU A 600 8.85 29.29 50.27
N TYR A 601 9.30 29.90 51.35
CA TYR A 601 10.41 29.36 52.11
C TYR A 601 9.91 28.28 53.05
N GLN A 602 10.70 27.23 53.19
CA GLN A 602 10.26 26.01 53.87
C GLN A 602 10.74 26.00 55.31
N ILE A 603 9.83 25.71 56.22
CA ILE A 603 10.15 25.42 57.62
C ILE A 603 10.22 23.91 57.76
N PRO A 604 11.29 23.35 58.31
CA PRO A 604 11.33 21.91 58.56
C PRO A 604 10.38 21.53 59.69
N ALA A 605 10.08 20.24 59.77
CA ALA A 605 9.14 19.74 60.76
C ALA A 605 9.77 19.76 62.14
N GLY A 606 9.17 20.54 63.04
CA GLY A 606 9.67 20.67 64.39
C GLY A 606 10.67 21.76 64.61
N SER A 607 10.90 22.62 63.61
CA SER A 607 11.85 23.71 63.73
C SER A 607 11.12 25.01 64.02
N SER A 608 11.89 26.05 64.35
CA SER A 608 11.31 27.33 64.74
C SER A 608 11.91 28.53 64.04
N THR A 609 13.17 28.50 63.64
CA THR A 609 13.86 29.66 63.09
C THR A 609 14.14 29.44 61.62
N VAL A 610 13.71 30.39 60.78
CA VAL A 610 13.95 30.34 59.34
C VAL A 610 14.53 31.67 58.90
N VAL A 611 15.71 31.62 58.29
CA VAL A 611 16.40 32.80 57.78
C VAL A 611 16.16 32.87 56.29
N VAL A 612 15.74 34.03 55.80
CA VAL A 612 15.68 34.27 54.36
C VAL A 612 16.75 35.30 54.03
N ASN A 613 17.27 35.23 52.82
CA ASN A 613 18.40 36.05 52.40
C ASN A 613 18.16 36.52 50.98
N ILE A 614 18.10 37.84 50.79
CA ILE A 614 17.98 38.46 49.48
C ILE A 614 19.29 39.18 49.18
N PRO A 615 19.96 38.88 48.08
CA PRO A 615 21.14 39.67 47.70
C PRO A 615 20.73 41.07 47.27
N ASP A 616 21.74 41.94 47.12
CA ASP A 616 21.49 43.38 47.02
C ASP A 616 20.79 43.76 45.73
N ARG A 617 19.66 44.45 45.87
CA ARG A 617 18.80 44.82 44.75
C ARG A 617 18.54 46.31 44.74
N SER A 618 17.56 46.74 43.92
CA SER A 618 17.24 48.16 43.82
C SER A 618 16.53 48.66 45.06
N TRP A 619 15.45 47.99 45.45
CA TRP A 619 14.55 48.38 46.55
C TRP A 619 13.92 49.75 46.37
N GLY A 620 13.84 50.24 45.13
CA GLY A 620 13.15 51.48 44.87
C GLY A 620 11.68 51.21 44.58
N ALA A 621 10.82 52.11 45.09
CA ALA A 621 9.35 52.00 45.05
C ALA A 621 8.84 50.69 45.66
N PHE A 622 9.57 50.15 46.63
CA PHE A 622 9.14 48.96 47.34
C PHE A 622 8.01 49.30 48.29
N ARG A 623 7.06 48.39 48.43
CA ARG A 623 5.81 48.70 49.11
C ARG A 623 5.69 48.10 50.51
N GLY A 624 6.08 46.85 50.71
CA GLY A 624 6.02 46.28 52.05
C GLY A 624 6.10 44.77 52.02
N TRP A 625 5.92 44.18 53.20
CA TRP A 625 6.00 42.75 53.40
C TRP A 625 4.63 42.18 53.78
N SER A 626 4.51 40.86 53.63
CA SER A 626 3.30 40.13 54.03
C SER A 626 3.67 38.67 54.18
N PHE A 627 3.19 38.02 55.24
CA PHE A 627 3.63 36.66 55.52
C PHE A 627 2.62 35.87 56.35
N THR A 628 2.47 34.60 56.01
CA THR A 628 1.78 33.59 56.82
C THR A 628 2.60 32.31 56.83
N ARG A 629 1.98 31.24 57.31
CA ARG A 629 2.49 29.89 57.18
C ARG A 629 1.50 29.05 56.39
N LEU A 630 2.01 28.12 55.60
CA LEU A 630 1.18 27.23 54.81
C LEU A 630 1.71 25.82 54.96
N LYS A 631 0.81 24.87 55.20
CA LYS A 631 1.21 23.47 55.25
C LYS A 631 1.70 23.00 53.89
N VAL A 632 2.71 22.14 53.89
CA VAL A 632 3.26 21.62 52.63
C VAL A 632 2.27 20.69 51.97
N SER A 633 1.57 19.87 52.77
CA SER A 633 0.58 18.94 52.24
C SER A 633 -0.64 19.66 51.66
N GLU A 634 -0.93 20.87 52.12
CA GLU A 634 -2.09 21.62 51.65
C GLU A 634 -1.74 22.63 50.57
N THR A 635 -0.47 22.76 50.19
CA THR A 635 -0.05 23.72 49.18
C THR A 635 0.54 22.98 47.99
N PRO A 636 -0.01 23.14 46.80
CA PRO A 636 0.49 22.41 45.63
C PRO A 636 1.73 23.08 45.06
N ARG A 637 2.18 22.54 43.94
CA ARG A 637 3.22 23.17 43.13
C ARG A 637 2.60 23.51 41.79
N ILE A 638 2.39 24.79 41.54
CA ILE A 638 1.66 25.24 40.36
C ILE A 638 2.56 25.32 39.13
N GLY A 639 3.86 25.57 39.32
CA GLY A 639 4.81 25.72 38.21
C GLY A 639 5.02 24.47 37.38
N ALA A 640 4.61 23.30 37.87
CA ALA A 640 4.63 22.08 37.07
C ALA A 640 3.25 21.85 36.44
N THR A 641 3.23 20.96 35.44
CA THR A 641 1.98 20.61 34.79
C THR A 641 1.09 19.72 35.64
N GLN A 642 1.65 19.07 36.66
CA GLN A 642 0.93 18.19 37.56
C GLN A 642 1.80 17.96 38.78
N ASP A 643 1.17 17.92 39.94
CA ASP A 643 1.90 17.71 41.18
C ASP A 643 1.63 16.31 41.70
N PRO A 644 2.57 15.36 41.58
CA PRO A 644 2.31 14.00 42.06
C PRO A 644 2.39 13.86 43.57
N ASN A 645 2.98 14.82 44.27
CA ASN A 645 3.05 14.80 45.72
C ASN A 645 1.88 15.53 46.37
N PHE A 646 0.87 15.90 45.60
CA PHE A 646 -0.26 16.67 46.09
C PHE A 646 -1.41 15.70 46.33
N GLN A 647 -1.64 15.36 47.60
CA GLN A 647 -2.58 14.33 47.99
C GLN A 647 -3.79 14.89 48.74
N TYR A 648 -4.01 16.20 48.65
CA TYR A 648 -5.01 16.89 49.44
C TYR A 648 -6.02 17.56 48.52
N SER A 649 -7.28 17.60 48.95
CA SER A 649 -8.32 18.18 48.12
C SER A 649 -9.32 19.00 48.93
N GLY A 650 -8.88 19.61 50.01
CA GLY A 650 -9.74 20.52 50.75
C GLY A 650 -9.57 21.93 50.23
N SER A 651 -9.57 22.90 51.13
CA SER A 651 -9.36 24.29 50.75
C SER A 651 -7.86 24.57 50.73
N ILE A 652 -7.37 25.10 49.61
CA ILE A 652 -5.96 25.47 49.48
C ILE A 652 -5.81 26.92 49.94
N PRO A 653 -5.10 27.19 51.03
CA PRO A 653 -4.94 28.57 51.48
C PRO A 653 -4.01 29.40 50.62
N TYR A 654 -3.20 28.77 49.77
CA TYR A 654 -2.35 29.52 48.87
C TYR A 654 -3.14 30.11 47.71
N LEU A 655 -4.26 29.47 47.33
CA LEU A 655 -5.09 29.92 46.21
C LEU A 655 -6.37 30.60 46.67
N ASP A 656 -7.09 30.00 47.61
CA ASP A 656 -8.19 30.68 48.28
C ASP A 656 -7.63 31.73 49.22
N GLY A 657 -8.51 32.50 49.87
CA GLY A 657 -8.00 33.36 50.91
C GLY A 657 -7.58 32.56 52.13
N THR A 658 -8.58 32.12 52.91
CA THR A 658 -8.56 31.00 53.87
C THR A 658 -7.28 30.75 54.64
N PHE A 659 -6.58 31.80 55.08
CA PHE A 659 -5.42 31.59 55.94
C PHE A 659 -5.90 31.32 57.35
N TYR A 660 -5.27 30.35 58.02
CA TYR A 660 -5.64 30.06 59.39
C TYR A 660 -4.46 29.88 60.32
N LEU A 661 -3.23 29.82 59.81
CA LEU A 661 -2.04 29.79 60.63
C LEU A 661 -1.40 31.16 60.79
N SER A 662 -2.23 32.21 60.89
CA SER A 662 -1.68 33.56 61.01
C SER A 662 -1.18 33.82 62.44
N HIS A 663 -1.51 32.95 63.38
CA HIS A 663 -0.78 32.97 64.64
C HIS A 663 0.47 32.11 64.51
N THR A 664 1.11 31.82 65.64
CA THR A 664 2.44 31.17 65.72
C THR A 664 3.50 31.96 64.95
N PHE A 665 3.79 33.18 65.38
CA PHE A 665 4.83 34.00 64.74
C PHE A 665 5.65 34.78 65.76
N GLN A 666 6.19 34.07 66.77
CA GLN A 666 6.82 34.63 67.98
C GLN A 666 7.69 35.88 67.79
N ARG A 667 8.60 35.86 66.82
CA ARG A 667 9.45 37.03 66.57
C ARG A 667 9.60 37.25 65.07
N CYS A 668 10.21 38.39 64.74
CA CYS A 668 10.49 38.79 63.36
C CYS A 668 11.50 39.94 63.36
N SER A 669 12.58 39.84 62.58
CA SER A 669 13.59 40.89 62.57
C SER A 669 14.05 41.15 61.15
N ILE A 670 14.08 42.41 60.75
CA ILE A 670 14.49 42.83 59.42
C ILE A 670 15.81 43.58 59.54
N GLN A 671 16.76 43.25 58.68
CA GLN A 671 18.14 43.70 58.82
C GLN A 671 18.73 43.82 57.43
N TRP A 672 19.32 44.97 57.11
CA TRP A 672 19.64 45.24 55.70
C TRP A 672 20.92 44.56 55.25
N ASP A 673 22.06 44.96 55.80
CA ASP A 673 23.35 44.48 55.30
C ASP A 673 24.10 43.69 56.36
N SER A 674 23.36 42.81 57.07
CA SER A 674 23.79 42.17 58.32
C SER A 674 24.23 43.21 59.34
N SER A 675 23.52 44.34 59.33
CA SER A 675 23.72 45.55 60.11
C SER A 675 22.57 46.45 59.70
N VAL A 676 22.40 47.56 60.44
CA VAL A 676 21.35 48.56 60.24
C VAL A 676 19.99 47.89 60.31
N PRO A 677 19.51 47.53 61.50
CA PRO A 677 18.18 46.91 61.59
C PRO A 677 17.10 47.90 61.20
N TRP A 678 16.01 47.36 60.67
CA TRP A 678 14.91 48.20 60.23
C TRP A 678 13.73 48.04 61.18
N PRO A 679 13.09 49.12 61.63
CA PRO A 679 13.35 50.54 61.37
C PRO A 679 14.57 51.07 62.12
N GLY A 680 14.84 50.52 63.31
CA GLY A 680 16.10 50.72 63.98
C GLY A 680 16.38 52.10 64.53
N ASN A 681 15.46 53.06 64.37
CA ASN A 681 15.64 54.39 64.93
C ASN A 681 14.96 54.52 66.28
N ASP A 682 14.96 53.43 67.07
CA ASP A 682 14.22 53.30 68.32
C ASP A 682 12.74 53.60 68.12
N ARG A 683 12.17 53.03 67.07
CA ARG A 683 10.76 53.28 66.78
C ARG A 683 9.83 52.42 67.61
N MET A 684 10.15 51.13 67.74
CA MET A 684 9.27 50.18 68.38
C MET A 684 9.52 50.18 69.89
N LEU A 685 8.77 49.36 70.63
CA LEU A 685 9.04 49.18 72.05
C LEU A 685 10.33 48.40 72.26
N THR A 686 10.42 47.22 71.66
CA THR A 686 11.68 46.51 71.52
C THR A 686 12.26 46.88 70.17
N PRO A 687 13.23 47.79 70.10
CA PRO A 687 13.53 48.49 68.84
C PRO A 687 14.30 47.68 67.81
N ASN A 688 14.77 46.47 68.15
CA ASN A 688 15.55 45.71 67.18
C ASN A 688 14.69 44.80 66.31
N TRP A 689 13.71 44.12 66.91
CA TRP A 689 12.91 43.15 66.18
C TRP A 689 11.43 43.45 66.36
N PHE A 690 10.63 42.90 65.45
CA PHE A 690 9.17 43.00 65.54
C PHE A 690 8.68 41.82 66.36
N GLU A 691 8.59 42.00 67.67
CA GLU A 691 8.07 40.94 68.53
C GLU A 691 6.55 40.90 68.37
N ILE A 692 6.02 39.72 68.01
CA ILE A 692 4.59 39.62 67.72
C ILE A 692 3.84 39.02 68.89
N LYS A 693 4.25 37.82 69.34
CA LYS A 693 3.67 37.22 70.52
C LYS A 693 4.68 37.24 71.67
N ARG A 694 4.19 37.50 72.87
CA ARG A 694 4.97 37.24 74.06
C ARG A 694 4.07 36.48 75.02
N PRO A 695 4.40 35.22 75.35
CA PRO A 695 3.50 34.43 76.19
C PRO A 695 3.48 34.94 77.63
N ILE A 696 2.29 35.15 78.14
CA ILE A 696 2.11 35.66 79.49
C ILE A 696 2.41 34.55 80.48
N ASN A 697 3.06 34.91 81.59
CA ASN A 697 4.00 34.25 82.54
C ASN A 697 5.45 34.38 82.09
N GLN A 698 5.73 35.01 80.96
CA GLN A 698 7.07 35.46 80.60
C GLN A 698 7.14 36.98 80.46
N ASP A 699 6.03 37.60 80.09
CA ASP A 699 5.94 39.04 80.01
C ASP A 699 6.12 39.70 81.37
N ALA A 700 6.80 40.84 81.37
CA ALA A 700 7.04 41.60 82.58
C ALA A 700 6.35 42.96 82.61
N GLU A 701 6.38 43.72 81.52
CA GLU A 701 5.92 45.11 81.55
C GLU A 701 4.99 45.40 80.37
N GLY A 702 3.71 45.12 80.56
CA GLY A 702 2.73 45.47 79.55
C GLY A 702 2.83 44.55 78.35
N ASN A 703 3.05 45.15 77.17
CA ASN A 703 3.35 44.44 75.91
C ASN A 703 2.31 43.39 75.54
N ASP A 704 1.05 43.61 75.90
CA ASP A 704 0.00 42.61 75.71
C ASP A 704 -1.30 43.36 75.45
N THR A 705 -1.65 43.53 74.18
CA THR A 705 -2.92 44.16 73.85
C THR A 705 -4.07 43.17 73.97
N MET A 706 -5.28 43.72 73.95
CA MET A 706 -6.51 43.02 73.55
C MET A 706 -6.88 41.87 74.47
N GLN A 707 -6.29 41.82 75.67
CA GLN A 707 -6.35 40.65 76.57
C GLN A 707 -5.91 39.39 75.83
N SER A 708 -4.73 39.45 75.22
CA SER A 708 -4.20 38.35 74.43
C SER A 708 -2.68 38.42 74.45
N ASN A 709 -2.04 37.66 73.56
CA ASN A 709 -0.59 37.61 73.47
C ASN A 709 -0.01 38.66 72.53
N LEU A 710 -0.84 39.35 71.75
CA LEU A 710 -0.36 40.29 70.75
C LEU A 710 0.19 41.53 71.44
N THR A 711 1.35 41.98 70.99
CA THR A 711 2.11 42.98 71.73
C THR A 711 1.65 44.40 71.38
N LYS A 712 2.08 45.35 72.20
CA LYS A 712 1.66 46.74 72.05
C LYS A 712 2.28 47.38 70.82
N ASP A 713 3.53 47.04 70.53
CA ASP A 713 4.23 47.65 69.41
C ASP A 713 3.74 47.10 68.07
N PHE A 714 3.37 45.82 68.04
CA PHE A 714 3.01 45.19 66.79
C PHE A 714 1.51 45.27 66.48
N PHE A 715 0.68 45.46 67.51
CA PHE A 715 -0.73 45.78 67.26
C PHE A 715 -0.87 47.15 66.61
N MET A 716 0.07 48.05 66.88
CA MET A 716 0.04 49.37 66.26
C MET A 716 0.30 49.30 64.77
N VAL A 717 1.35 48.59 64.36
CA VAL A 717 1.73 48.56 62.95
C VAL A 717 0.79 47.73 62.09
N GLN A 718 -0.18 47.05 62.68
CA GLN A 718 -1.24 46.43 61.91
C GLN A 718 -2.45 47.34 61.78
N MET A 719 -2.76 48.12 62.82
CA MET A 719 -3.85 49.09 62.71
C MET A 719 -3.41 50.29 61.89
N ALA A 720 -2.12 50.62 61.91
CA ALA A 720 -1.62 51.73 61.12
C ALA A 720 -1.50 51.36 59.64
N ALA A 721 -1.20 50.11 59.35
CA ALA A 721 -1.14 49.68 57.96
C ALA A 721 -2.53 49.54 57.36
N SER A 722 -3.42 48.86 58.06
CA SER A 722 -4.73 48.55 57.50
C SER A 722 -5.69 49.72 57.62
N TYR A 723 -5.77 50.33 58.81
CA TYR A 723 -6.87 51.26 59.09
C TYR A 723 -6.40 52.66 59.44
N ASN A 724 -5.13 52.99 59.24
CA ASN A 724 -4.60 54.36 59.30
C ASN A 724 -4.77 54.97 60.69
N GLN A 725 -4.68 54.16 61.73
CA GLN A 725 -4.84 54.59 63.12
C GLN A 725 -3.53 54.42 63.86
N GLY A 726 -3.55 54.68 65.18
CA GLY A 726 -2.42 54.44 66.05
C GLY A 726 -1.90 55.69 66.72
N TYR A 727 -1.96 56.83 66.03
CA TYR A 727 -1.41 58.07 66.56
C TYR A 727 -2.45 58.96 67.21
N GLN A 728 -3.73 58.72 66.98
CA GLN A 728 -4.78 59.56 67.52
C GLN A 728 -5.85 58.74 68.23
N GLY A 729 -5.48 57.57 68.73
CA GLY A 729 -6.43 56.75 69.46
C GLY A 729 -7.08 55.71 68.59
N PHE A 730 -7.31 54.52 69.14
CA PHE A 730 -7.90 53.42 68.40
C PHE A 730 -9.42 53.43 68.57
N ASN A 731 -10.12 52.99 67.53
CA ASN A 731 -11.55 52.76 67.59
C ASN A 731 -11.89 51.72 66.53
N TRP A 732 -13.14 51.31 66.51
CA TRP A 732 -13.62 50.44 65.46
C TRP A 732 -13.70 51.23 64.17
N PRO A 733 -13.07 50.77 63.08
CA PRO A 733 -13.04 51.57 61.85
C PRO A 733 -14.36 51.51 61.11
N ASN A 734 -14.53 52.46 60.19
CA ASN A 734 -15.78 52.57 59.43
C ASN A 734 -15.87 51.48 58.38
N CYS A 735 -14.94 51.48 57.42
CA CYS A 735 -14.96 50.55 56.31
C CYS A 735 -14.02 49.40 56.63
N THR A 736 -14.59 48.20 56.78
CA THR A 736 -13.85 47.00 57.13
C THR A 736 -13.98 45.99 56.01
N LYS A 737 -12.85 45.52 55.50
CA LYS A 737 -12.86 44.57 54.39
C LYS A 737 -13.03 43.15 54.92
N HIS A 738 -13.12 42.19 53.99
CA HIS A 738 -13.33 40.80 54.37
C HIS A 738 -12.06 40.15 54.91
N TYR A 739 -10.91 40.54 54.38
CA TYR A 739 -9.62 40.04 54.86
C TYR A 739 -8.95 41.03 55.80
N GLY A 740 -9.73 41.84 56.50
CA GLY A 740 -9.20 42.84 57.40
C GLY A 740 -8.67 42.24 58.68
N PHE A 741 -8.25 43.12 59.59
CA PHE A 741 -7.62 42.67 60.82
C PHE A 741 -8.61 42.57 61.97
N ILE A 742 -9.28 43.67 62.29
CA ILE A 742 -10.09 43.72 63.50
C ILE A 742 -11.43 43.03 63.32
N ASN A 743 -11.75 42.59 62.10
CA ASN A 743 -12.97 41.82 61.88
C ASN A 743 -12.86 40.43 62.50
N ASN A 744 -11.72 39.78 62.32
CA ASN A 744 -11.55 38.37 62.65
C ASN A 744 -10.49 38.11 63.70
N PHE A 745 -9.89 39.15 64.28
CA PHE A 745 -9.05 39.01 65.45
C PHE A 745 -9.92 38.66 66.66
N GLU A 746 -9.71 37.48 67.24
CA GLU A 746 -10.55 37.01 68.34
C GLU A 746 -9.68 36.57 69.52
N PRO A 747 -9.56 37.38 70.56
CA PRO A 747 -8.83 36.95 71.76
C PRO A 747 -9.69 36.08 72.67
N MET A 748 -9.02 35.39 73.59
CA MET A 748 -9.68 34.42 74.45
C MET A 748 -8.81 34.16 75.67
N SER A 749 -9.44 33.60 76.72
CA SER A 749 -8.76 33.36 77.98
C SER A 749 -9.47 32.26 78.74
N ARG A 750 -8.73 31.62 79.65
CA ARG A 750 -9.30 30.61 80.55
C ARG A 750 -8.41 30.50 81.78
N GLN A 751 -8.79 29.63 82.70
CA GLN A 751 -7.96 29.29 83.85
C GLN A 751 -7.87 27.78 83.99
N VAL A 752 -6.75 27.32 84.53
CA VAL A 752 -6.55 25.91 84.85
C VAL A 752 -6.04 25.81 86.28
N PRO A 753 -6.41 24.78 87.02
CA PRO A 753 -5.81 24.58 88.33
C PRO A 753 -4.37 24.11 88.18
N GLU A 754 -3.55 24.42 89.18
CA GLU A 754 -2.19 23.89 89.22
C GLU A 754 -2.25 22.38 89.39
N TYR A 755 -1.30 21.70 88.78
CA TYR A 755 -1.32 20.24 88.76
C TYR A 755 -0.20 19.72 89.66
N GLY A 756 -0.03 18.40 89.71
CA GLY A 756 1.10 17.80 90.38
C GLY A 756 0.90 17.44 91.83
N ALA A 757 0.86 18.44 92.72
CA ALA A 757 0.80 18.21 94.16
C ALA A 757 -0.65 18.25 94.61
N ASN A 758 -1.18 17.08 94.97
CA ASN A 758 -2.53 16.81 95.48
C ASN A 758 -3.63 17.06 94.46
N TYR A 759 -3.30 17.50 93.25
CA TYR A 759 -4.28 17.76 92.19
C TYR A 759 -3.87 16.91 91.00
N PRO A 760 -4.26 15.63 90.97
CA PRO A 760 -3.82 14.75 89.89
C PRO A 760 -4.51 15.07 88.57
N ASN A 761 -3.71 15.31 87.54
CA ASN A 761 -4.21 15.60 86.21
C ASN A 761 -4.75 14.30 85.62
N LEU A 762 -6.05 14.11 85.71
CA LEU A 762 -6.66 12.89 85.20
C LEU A 762 -6.74 12.90 83.67
N MET A 763 -6.69 14.07 83.05
CA MET A 763 -6.80 14.14 81.60
C MET A 763 -5.51 13.68 80.93
N ALA A 764 -4.37 14.04 81.50
CA ALA A 764 -3.10 13.54 80.97
C ALA A 764 -2.90 12.07 81.30
N ALA A 765 -3.49 11.61 82.40
CA ALA A 765 -3.44 10.18 82.70
C ALA A 765 -4.38 9.39 81.81
N TYR A 766 -5.45 10.02 81.31
CA TYR A 766 -6.36 9.33 80.42
C TYR A 766 -5.76 9.17 79.03
N LEU A 767 -4.97 10.15 78.59
CA LEU A 767 -4.36 10.09 77.26
C LEU A 767 -3.19 9.13 77.20
N ALA A 768 -2.65 8.70 78.34
CA ALA A 768 -1.63 7.66 78.35
C ALA A 768 -2.21 6.35 77.84
N ASN A 769 -3.25 5.85 78.51
CA ASN A 769 -4.03 4.72 78.02
C ASN A 769 -5.51 4.98 78.30
N PRO A 770 -6.36 5.08 77.27
CA PRO A 770 -7.79 5.31 77.52
C PRO A 770 -8.53 4.07 77.97
N GLN A 771 -7.88 2.90 78.01
CA GLN A 771 -8.57 1.67 78.38
C GLN A 771 -8.86 1.63 79.87
N THR A 772 -8.06 2.32 80.68
CA THR A 772 -8.43 2.58 82.06
C THR A 772 -9.22 3.89 82.13
N MET A 773 -10.00 4.04 83.19
CA MET A 773 -10.88 5.20 83.27
C MET A 773 -10.55 6.02 84.50
N PRO A 774 -9.74 7.06 84.40
CA PRO A 774 -9.54 7.94 85.55
C PRO A 774 -10.66 8.97 85.68
N ILE A 775 -11.33 9.27 84.58
CA ILE A 775 -12.33 10.34 84.55
C ILE A 775 -13.71 9.71 84.70
N TRP A 776 -14.41 10.09 85.76
CA TRP A 776 -15.77 9.62 86.03
C TRP A 776 -16.68 10.84 85.96
N ASN A 777 -17.47 10.91 84.90
CA ASN A 777 -18.49 11.94 84.80
C ASN A 777 -19.62 11.34 83.97
N ASN A 778 -20.85 11.68 84.35
CA ASN A 778 -22.17 11.13 83.97
C ASN A 778 -22.11 9.64 83.66
N CYS A 779 -21.47 8.89 84.56
CA CYS A 779 -21.42 7.45 84.44
C CYS A 779 -22.73 6.86 84.89
N GLY A 780 -23.14 5.77 84.25
CA GLY A 780 -24.43 5.20 84.45
C GLY A 780 -25.45 5.63 83.41
N PHE A 781 -25.19 6.74 82.74
CA PHE A 781 -26.11 7.24 81.72
C PHE A 781 -25.43 7.35 80.36
N GLN A 782 -24.23 6.80 80.22
CA GLN A 782 -23.59 6.65 78.92
C GLN A 782 -22.61 5.47 79.00
N GLN A 783 -21.98 5.17 77.88
CA GLN A 783 -21.00 4.10 77.79
C GLN A 783 -19.74 4.49 78.54
N LYS A 784 -18.98 3.47 78.95
CA LYS A 784 -17.63 3.68 79.47
C LYS A 784 -16.74 4.33 78.42
N THR A 785 -15.70 5.00 78.89
CA THR A 785 -14.91 5.88 78.04
C THR A 785 -13.76 5.18 77.34
N ALA A 786 -13.62 3.86 77.48
CA ALA A 786 -12.59 3.17 76.72
C ALA A 786 -13.07 2.90 75.29
N THR A 787 -14.32 2.46 75.15
CA THR A 787 -14.88 2.08 73.87
C THR A 787 -15.55 3.31 73.23
N ASN A 788 -16.38 3.06 72.22
CA ASN A 788 -17.14 4.08 71.52
C ASN A 788 -18.09 4.81 72.47
N VAL A 789 -18.38 6.08 72.14
CA VAL A 789 -19.29 6.89 72.95
C VAL A 789 -20.71 6.84 72.41
N LEU A 790 -20.98 5.99 71.43
CA LEU A 790 -22.15 6.12 70.58
C LEU A 790 -23.21 5.05 70.87
N LEU A 791 -23.09 4.30 71.98
CA LEU A 791 -24.04 3.23 72.22
C LEU A 791 -24.18 2.90 73.69
N GLU A 792 -25.42 2.66 74.13
CA GLU A 792 -25.73 1.70 75.19
C GLU A 792 -25.08 1.92 76.55
N ARG A 793 -25.61 2.87 77.32
CA ARG A 793 -25.29 3.11 78.73
C ARG A 793 -25.11 1.82 79.54
N CYS A 794 -24.13 1.86 80.45
CA CYS A 794 -23.63 0.61 81.03
C CYS A 794 -23.33 0.62 82.52
N GLY A 795 -23.25 1.78 83.18
CA GLY A 795 -22.79 1.85 84.54
C GLY A 795 -23.91 1.96 85.56
N HIS A 796 -23.60 2.57 86.69
CA HIS A 796 -24.54 2.91 87.73
C HIS A 796 -24.23 4.33 88.23
N PRO A 797 -25.25 5.09 88.64
CA PRO A 797 -25.04 6.52 88.87
C PRO A 797 -24.19 6.80 90.10
N TYR A 798 -23.20 7.68 89.95
CA TYR A 798 -22.17 7.80 90.95
C TYR A 798 -21.61 9.22 90.93
N VAL A 799 -20.93 9.59 92.01
CA VAL A 799 -20.38 10.91 92.18
C VAL A 799 -19.24 11.13 91.19
N ALA A 800 -19.30 12.24 90.46
CA ALA A 800 -18.26 12.59 89.51
C ALA A 800 -17.00 13.07 90.23
N ASN A 801 -15.88 13.07 89.49
CA ASN A 801 -14.61 13.50 90.06
C ASN A 801 -13.78 14.36 89.13
N TRP A 802 -14.35 14.86 88.03
CA TRP A 802 -13.55 15.58 87.06
C TRP A 802 -14.51 16.43 86.25
N PRO A 803 -14.17 17.70 85.97
CA PRO A 803 -12.94 18.43 86.27
C PRO A 803 -12.93 19.07 87.65
N TYR A 804 -12.08 20.00 87.85
CA TYR A 804 -12.14 20.69 89.13
C TYR A 804 -13.07 21.89 89.02
N PRO A 805 -13.75 22.26 90.12
CA PRO A 805 -14.57 23.48 90.08
C PRO A 805 -13.70 24.71 90.04
N LEU A 806 -13.79 25.45 88.94
CA LEU A 806 -13.05 26.69 88.80
C LEU A 806 -13.79 27.89 89.38
N SER A 807 -15.09 27.75 89.62
CA SER A 807 -15.89 28.83 90.16
C SER A 807 -16.74 28.26 91.29
N GLY A 808 -17.65 29.07 91.81
CA GLY A 808 -18.55 28.60 92.83
C GLY A 808 -18.05 28.87 94.23
N ARG A 809 -18.65 28.16 95.19
CA ARG A 809 -18.36 28.38 96.59
C ARG A 809 -17.07 27.71 97.03
N ASN A 810 -16.69 26.62 96.37
CA ASN A 810 -15.47 25.89 96.74
C ASN A 810 -14.54 25.77 95.54
N ALA A 811 -14.29 26.88 94.87
CA ALA A 811 -13.40 26.90 93.71
C ALA A 811 -11.97 26.62 94.12
N VAL A 812 -11.24 25.99 93.21
CA VAL A 812 -9.85 25.60 93.50
C VAL A 812 -8.95 26.84 93.50
N PRO A 813 -8.09 27.02 94.50
CA PRO A 813 -7.26 28.23 94.54
C PRO A 813 -5.99 28.09 93.72
N ASN A 814 -5.21 29.18 93.68
CA ASN A 814 -3.87 29.24 93.07
C ASN A 814 -3.88 28.91 91.58
N GLN A 815 -4.99 29.18 90.90
CA GLN A 815 -5.11 28.85 89.49
C GLN A 815 -4.48 29.93 88.62
N VAL A 816 -4.06 29.54 87.42
CA VAL A 816 -3.24 30.37 86.55
C VAL A 816 -3.99 30.62 85.25
N THR A 817 -3.79 31.81 84.68
CA THR A 817 -4.53 32.27 83.52
C THR A 817 -3.71 32.06 82.25
N GLU A 818 -4.38 31.68 81.16
CA GLU A 818 -3.73 31.38 79.90
C GLU A 818 -4.42 32.13 78.78
N ARG A 819 -3.66 32.93 78.02
CA ARG A 819 -4.17 33.74 76.93
C ARG A 819 -3.63 33.25 75.59
N LYS A 820 -4.47 33.35 74.56
CA LYS A 820 -4.02 33.21 73.17
C LYS A 820 -5.03 33.94 72.29
N PHE A 821 -4.74 33.96 71.00
CA PHE A 821 -5.60 34.61 70.03
C PHE A 821 -5.58 33.81 68.73
N LEU A 822 -6.72 33.78 68.04
CA LEU A 822 -6.83 33.16 66.74
C LEU A 822 -7.07 34.23 65.68
N VAL A 823 -6.23 34.25 64.67
CA VAL A 823 -6.35 35.16 63.54
C VAL A 823 -6.54 34.31 62.29
N ASP A 824 -7.65 34.52 61.59
CA ASP A 824 -7.92 33.81 60.36
C ASP A 824 -7.97 34.80 59.20
N ARG A 825 -7.53 34.33 58.04
CA ARG A 825 -7.67 35.00 56.74
C ARG A 825 -6.96 36.34 56.65
N TYR A 826 -5.93 36.62 57.45
CA TYR A 826 -5.48 37.99 57.52
C TYR A 826 -4.20 38.29 56.73
N LEU A 827 -3.18 37.43 56.81
CA LEU A 827 -1.87 37.64 56.18
C LEU A 827 -1.19 38.92 56.68
N TRP A 828 -0.61 38.85 57.90
CA TRP A 828 0.13 39.91 58.59
C TRP A 828 0.95 40.76 57.63
N GLN A 829 0.81 42.08 57.72
CA GLN A 829 1.49 42.98 56.80
C GLN A 829 2.40 43.94 57.56
N ILE A 830 3.55 44.19 56.98
CA ILE A 830 4.52 45.15 57.48
C ILE A 830 4.74 46.19 56.39
N PRO A 831 4.20 47.39 56.55
CA PRO A 831 4.35 48.40 55.50
C PRO A 831 5.74 49.01 55.50
N PHE A 832 6.23 49.33 54.32
CA PHE A 832 7.57 49.91 54.17
C PHE A 832 7.46 51.43 54.17
N SER A 833 6.96 51.96 55.28
CA SER A 833 6.73 53.38 55.43
C SER A 833 7.45 53.85 56.68
N SER A 834 7.57 55.17 56.81
CA SER A 834 8.34 55.74 57.91
C SER A 834 7.55 55.75 59.20
N ASN A 835 6.26 56.09 59.13
CA ASN A 835 5.37 56.11 60.26
C ASN A 835 4.33 55.00 60.20
N PHE A 836 4.55 54.00 59.33
CA PHE A 836 3.70 52.82 59.12
C PHE A 836 2.29 53.18 58.67
N LEU A 837 2.07 54.37 58.12
CA LEU A 837 0.75 54.78 57.70
C LEU A 837 0.61 54.67 56.18
N ASN A 838 -0.61 54.89 55.71
CA ASN A 838 -0.90 54.88 54.27
C ASN A 838 -1.00 56.33 53.81
N MET A 839 0.16 56.95 53.62
CA MET A 839 0.19 58.28 53.01
C MET A 839 0.18 58.20 51.49
N GLY A 840 0.37 57.02 50.91
CA GLY A 840 0.36 56.89 49.48
C GLY A 840 0.61 55.45 49.08
N THR A 841 0.20 55.12 47.86
CA THR A 841 0.49 53.81 47.31
C THR A 841 1.98 53.63 47.09
N LEU A 842 2.59 54.56 46.35
CA LEU A 842 4.03 54.72 46.39
C LEU A 842 4.38 55.34 47.73
N THR A 843 5.00 54.56 48.60
CA THR A 843 5.31 55.01 49.95
C THR A 843 6.44 56.05 49.94
N ASP A 844 6.68 56.65 51.10
CA ASP A 844 7.68 57.71 51.17
C ASP A 844 9.10 57.16 51.18
N LEU A 845 9.32 55.99 51.77
CA LEU A 845 10.63 55.36 51.69
C LEU A 845 10.90 54.74 50.34
N GLY A 846 9.87 54.52 49.53
CA GLY A 846 10.07 53.97 48.21
C GLY A 846 10.68 54.96 47.24
N GLN A 847 10.43 56.25 47.44
CA GLN A 847 11.06 57.30 46.65
C GLN A 847 12.13 58.04 47.45
N ASN A 848 12.59 57.45 48.54
CA ASN A 848 13.72 58.01 49.27
C ASN A 848 14.99 57.79 48.48
N VAL A 849 15.89 58.78 48.52
CA VAL A 849 17.11 58.71 47.75
C VAL A 849 18.09 57.71 48.36
N MET A 850 17.91 57.38 49.65
CA MET A 850 18.82 56.45 50.31
C MET A 850 18.58 55.02 49.85
N TYR A 851 17.32 54.69 49.54
CA TYR A 851 17.00 53.32 49.17
C TYR A 851 16.89 53.13 47.66
N ALA A 852 16.54 54.17 46.90
CA ALA A 852 16.36 54.01 45.47
C ALA A 852 17.70 53.97 44.74
N ASN A 853 18.57 54.94 45.01
CA ASN A 853 19.84 55.07 44.30
C ASN A 853 20.96 54.27 44.93
N SER A 854 20.66 53.25 45.71
CA SER A 854 21.68 52.43 46.33
C SER A 854 21.20 50.99 46.40
N SER A 855 22.15 50.08 46.59
CA SER A 855 21.87 48.65 46.63
C SER A 855 22.06 48.14 48.03
N HIS A 856 21.05 47.46 48.56
CA HIS A 856 21.11 46.86 49.89
C HIS A 856 20.59 45.44 49.81
N SER A 857 21.21 44.55 50.59
CA SER A 857 20.75 43.17 50.71
C SER A 857 19.60 43.10 51.71
N LEU A 858 19.22 41.89 52.11
CA LEU A 858 18.15 41.76 53.10
C LEU A 858 18.34 40.46 53.84
N ASN A 859 18.57 40.54 55.14
CA ASN A 859 18.57 39.37 56.02
C ASN A 859 17.37 39.51 56.95
N MET A 860 16.48 38.53 56.92
CA MET A 860 15.20 38.67 57.61
C MET A 860 14.80 37.31 58.18
N GLN A 861 15.14 37.08 59.43
CA GLN A 861 14.86 35.81 60.07
C GLN A 861 13.57 35.89 60.88
N PHE A 862 12.86 34.77 60.93
CA PHE A 862 11.59 34.66 61.63
C PHE A 862 11.75 33.73 62.83
N THR A 863 10.68 33.64 63.62
CA THR A 863 10.64 32.70 64.73
C THR A 863 9.19 32.29 64.91
N VAL A 864 8.89 31.03 64.60
CA VAL A 864 7.53 30.52 64.65
C VAL A 864 7.45 29.43 65.71
N ASP A 865 6.22 29.00 65.98
CA ASP A 865 6.05 27.88 66.89
C ASP A 865 6.31 26.57 66.17
N PRO A 866 6.90 25.58 66.84
CA PRO A 866 7.15 24.30 66.19
C PRO A 866 5.87 23.52 65.98
N MET A 867 5.73 22.95 64.79
CA MET A 867 4.63 22.07 64.45
C MET A 867 5.13 20.64 64.28
N THR A 868 4.22 19.77 63.86
CA THR A 868 4.50 18.34 63.76
C THR A 868 4.73 17.88 62.33
N GLU A 869 4.78 18.79 61.37
CA GLU A 869 4.86 18.45 59.96
C GLU A 869 5.45 19.65 59.21
N PRO A 870 6.06 19.44 58.03
CA PRO A 870 6.67 20.56 57.31
C PRO A 870 5.66 21.61 56.86
N THR A 871 6.18 22.82 56.69
CA THR A 871 5.34 24.01 56.56
C THR A 871 6.07 25.02 55.69
N TYR A 872 5.42 25.51 54.65
CA TYR A 872 5.93 26.68 53.94
C TYR A 872 5.55 27.94 54.69
N LEU A 873 6.35 28.99 54.53
CA LEU A 873 5.94 30.32 54.94
C LEU A 873 5.75 31.17 53.68
N MET A 874 4.57 31.76 53.55
CA MET A 874 4.21 32.47 52.32
C MET A 874 4.62 33.92 52.47
N LEU A 875 5.85 34.21 52.10
CA LEU A 875 6.37 35.57 52.19
C LEU A 875 6.02 36.34 50.93
N LEU A 876 5.41 37.51 51.10
CA LEU A 876 5.05 38.37 49.98
C LEU A 876 5.80 39.68 50.09
N PHE A 877 6.31 40.16 48.95
CA PHE A 877 6.98 41.45 48.86
C PHE A 877 6.07 42.38 48.07
N GLY A 878 5.72 43.52 48.66
CA GLY A 878 4.92 44.48 47.94
C GLY A 878 5.67 45.13 46.80
N VAL A 879 5.30 44.80 45.57
CA VAL A 879 5.92 45.40 44.39
C VAL A 879 4.83 46.12 43.62
N PHE A 880 5.19 46.78 42.53
CA PHE A 880 4.27 47.56 41.71
C PHE A 880 4.21 46.92 40.33
N ASP A 881 3.27 46.02 40.13
CA ASP A 881 3.16 45.30 38.86
C ASP A 881 2.31 46.12 37.90
N GLN A 882 2.88 46.46 36.75
CA GLN A 882 2.25 47.36 35.80
C GLN A 882 2.42 46.82 34.38
N VAL A 883 1.49 47.19 33.51
CA VAL A 883 1.59 46.94 32.07
C VAL A 883 1.29 48.25 31.36
N VAL A 884 1.71 48.31 30.09
CA VAL A 884 1.10 49.19 29.11
C VAL A 884 0.74 48.30 27.94
N ILE A 885 -0.14 48.81 27.08
CA ILE A 885 -0.48 48.09 25.86
C ILE A 885 -0.89 49.06 24.76
N ASN A 886 -0.25 48.96 23.60
CA ASN A 886 -0.62 49.77 22.46
C ASN A 886 -1.14 48.88 21.33
N GLN A 887 -2.05 49.45 20.55
CA GLN A 887 -2.63 48.78 19.40
C GLN A 887 -2.57 49.82 18.28
N PRO A 888 -1.46 49.89 17.56
CA PRO A 888 -1.29 51.01 16.62
C PRO A 888 -1.84 50.72 15.23
N THR A 889 -2.05 49.45 14.92
CA THR A 889 -2.47 49.02 13.60
C THR A 889 -3.51 47.93 13.78
N ARG A 890 -4.43 47.82 12.82
CA ARG A 890 -5.41 46.74 12.84
C ARG A 890 -4.71 45.39 12.76
N SER A 891 -5.18 44.44 13.59
CA SER A 891 -4.51 43.17 13.89
C SER A 891 -3.09 43.40 14.41
N GLY A 892 -2.91 44.40 15.26
CA GLY A 892 -1.61 44.67 15.84
C GLY A 892 -1.76 45.02 17.31
N ILE A 893 -0.89 44.43 18.13
CA ILE A 893 -0.97 44.59 19.57
C ILE A 893 0.43 44.31 20.14
N SER A 894 0.76 45.01 21.22
CA SER A 894 2.05 44.87 21.87
C SER A 894 1.95 45.40 23.28
N VAL A 895 2.74 44.82 24.18
CA VAL A 895 2.72 45.18 25.58
C VAL A 895 4.14 45.50 26.04
N ALA A 896 4.25 45.81 27.33
CA ALA A 896 5.54 46.00 27.98
C ALA A 896 5.34 45.70 29.46
N TYR A 897 5.83 44.55 29.92
CA TYR A 897 5.68 44.19 31.32
C TYR A 897 6.89 44.65 32.10
N LEU A 898 6.63 45.32 33.22
CA LEU A 898 7.70 45.88 34.02
C LEU A 898 7.20 46.15 35.44
N ARG A 899 7.89 45.63 36.44
CA ARG A 899 7.51 45.83 37.83
C ARG A 899 8.69 46.37 38.64
N LEU A 900 8.39 47.25 39.59
CA LEU A 900 9.38 47.77 40.52
C LEU A 900 9.12 47.20 41.89
N PRO A 901 10.14 46.76 42.64
CA PRO A 901 11.55 46.72 42.24
C PRO A 901 12.02 45.37 41.74
N PHE A 902 11.20 44.32 41.90
CA PHE A 902 11.69 42.96 41.67
C PHE A 902 11.45 42.57 40.22
N ALA A 903 12.28 43.14 39.33
CA ALA A 903 12.29 42.74 37.93
C ALA A 903 13.14 41.47 37.82
N SER A 904 12.43 40.34 37.72
CA SER A 904 12.97 38.98 37.61
C SER A 904 13.89 38.62 38.76
N GLY A 905 13.35 38.61 39.98
CA GLY A 905 14.10 38.19 41.14
C GLY A 905 13.75 36.79 41.60
N MET B 1 38.33 59.00 25.63
CA MET B 1 37.68 57.93 24.88
C MET B 1 38.33 57.72 23.53
N GLU B 2 38.21 58.73 22.67
CA GLU B 2 38.80 58.62 21.33
C GLU B 2 40.32 58.60 21.31
N PRO B 3 41.07 59.46 22.02
CA PRO B 3 42.54 59.33 21.90
C PRO B 3 43.11 58.20 22.73
N GLN B 4 42.34 57.69 23.70
CA GLN B 4 42.81 56.57 24.50
C GLN B 4 42.82 55.28 23.68
N ARG B 5 41.84 55.13 22.79
CA ARG B 5 41.69 53.95 21.97
C ARG B 5 42.59 53.97 20.74
N GLU B 6 43.11 55.13 20.36
CA GLU B 6 44.03 55.19 19.23
C GLU B 6 45.48 54.99 19.62
N PHE B 7 45.84 55.25 20.87
CA PHE B 7 47.20 55.00 21.33
C PHE B 7 47.47 53.52 21.50
N PHE B 8 46.43 52.73 21.78
CA PHE B 8 46.57 51.30 21.97
C PHE B 8 45.93 50.48 20.86
N HIS B 9 45.30 51.14 19.89
CA HIS B 9 44.69 50.54 18.71
C HIS B 9 43.57 49.56 19.09
N ILE B 10 42.78 49.96 20.09
CA ILE B 10 41.43 49.45 20.22
C ILE B 10 40.66 49.69 18.93
N ALA B 11 40.73 50.91 18.42
CA ALA B 11 40.20 51.31 17.13
C ALA B 11 41.23 52.19 16.45
N GLY B 12 40.88 52.76 15.30
CA GLY B 12 41.78 53.66 14.64
C GLY B 12 42.33 53.17 13.32
N ARG B 13 43.61 53.39 13.08
CA ARG B 13 44.23 53.07 11.80
C ARG B 13 44.84 51.67 11.83
N SER B 14 44.84 51.02 10.67
CA SER B 14 45.40 49.69 10.55
C SER B 14 46.92 49.75 10.53
N ALA B 15 47.56 48.58 10.53
CA ALA B 15 49.01 48.49 10.66
C ALA B 15 49.76 49.06 9.46
N LYS B 16 49.10 49.19 8.31
CA LYS B 16 49.73 49.80 7.15
C LYS B 16 49.88 51.31 7.28
N GLU B 17 49.26 51.94 8.27
CA GLU B 17 49.25 53.39 8.37
C GLU B 17 50.07 53.95 9.53
N TYR B 18 49.85 53.48 10.75
CA TYR B 18 50.52 54.14 11.88
C TYR B 18 51.99 53.75 12.00
N LEU B 19 52.44 52.72 11.30
CA LEU B 19 53.86 52.43 11.25
C LEU B 19 54.56 53.42 10.33
N SER B 20 55.88 53.47 10.44
CA SER B 20 56.66 54.29 9.52
C SER B 20 56.62 53.68 8.13
N GLU B 21 56.81 54.53 7.12
CA GLU B 21 56.76 54.05 5.73
C GLU B 21 57.94 53.15 5.41
N ASN B 22 59.10 53.42 6.01
CA ASN B 22 60.25 52.55 5.82
C ASN B 22 60.09 51.24 6.58
N LEU B 23 59.37 51.26 7.70
CA LEU B 23 59.19 50.04 8.48
C LEU B 23 58.17 49.11 7.83
N VAL B 24 57.22 49.66 7.08
CA VAL B 24 56.27 48.81 6.38
C VAL B 24 56.94 48.12 5.19
N GLN B 25 57.78 48.85 4.46
CA GLN B 25 58.50 48.26 3.33
C GLN B 25 59.56 47.27 3.76
N PHE B 26 60.00 47.31 5.02
CA PHE B 26 60.89 46.28 5.52
C PHE B 26 60.14 44.98 5.76
N ILE B 27 59.02 45.05 6.49
CA ILE B 27 58.35 43.85 6.98
C ILE B 27 57.55 43.17 5.88
N GLN B 28 57.43 43.82 4.72
CA GLN B 28 56.91 43.14 3.55
C GLN B 28 57.99 42.37 2.81
N ALA B 29 59.22 42.86 2.82
CA ALA B 29 60.31 42.18 2.12
C ALA B 29 60.72 40.92 2.85
N THR B 30 60.96 41.04 4.17
CA THR B 30 61.43 39.92 4.97
C THR B 30 60.29 39.10 5.57
N GLN B 31 59.11 39.12 4.96
CA GLN B 31 57.96 38.46 5.54
C GLN B 31 58.05 36.95 5.38
N ASN B 32 58.77 36.48 4.36
CA ASN B 32 58.78 35.06 4.06
C ASN B 32 59.71 34.25 4.95
N TYR B 33 60.65 34.89 5.65
CA TYR B 33 61.56 34.11 6.48
C TYR B 33 61.69 34.65 7.89
N PHE B 34 61.52 35.96 8.08
CA PHE B 34 61.69 36.58 9.40
C PHE B 34 60.50 37.51 9.66
N ASN B 35 59.44 36.96 10.19
CA ASN B 35 58.16 37.66 10.28
C ASN B 35 58.19 38.66 11.44
N ILE B 36 57.93 39.93 11.12
CA ILE B 36 57.78 40.96 12.12
C ILE B 36 56.34 41.45 12.23
N GLY B 37 55.58 41.46 11.14
CA GLY B 37 54.29 42.12 11.06
C GLY B 37 53.18 41.50 11.90
N GLU B 38 53.45 40.44 12.64
CA GLU B 38 52.51 39.93 13.62
C GLU B 38 52.75 40.50 15.01
N LYS B 39 53.71 41.41 15.14
CA LYS B 39 54.03 42.06 16.42
C LYS B 39 53.44 43.45 16.51
N PHE B 40 52.40 43.73 15.74
CA PHE B 40 51.76 45.05 15.72
C PHE B 40 50.27 44.82 15.60
N ARG B 41 49.51 45.36 16.56
CA ARG B 41 48.09 45.08 16.64
C ARG B 41 47.33 45.84 15.57
N ASP B 42 46.33 45.17 14.98
CA ASP B 42 45.54 45.70 13.89
C ASP B 42 44.10 45.83 14.38
N PRO B 43 43.51 47.02 14.37
CA PRO B 43 42.12 47.16 14.82
C PRO B 43 41.14 46.59 13.81
N TYR B 44 39.95 46.26 14.32
CA TYR B 44 38.90 45.63 13.52
C TYR B 44 37.58 45.98 14.20
N VAL B 45 36.88 46.96 13.66
CA VAL B 45 35.73 47.55 14.32
C VAL B 45 34.45 47.28 13.54
N ALA B 46 33.34 47.34 14.24
CA ALA B 46 31.99 47.24 13.71
C ALA B 46 31.52 48.59 13.21
N PRO B 47 30.57 48.64 12.27
CA PRO B 47 30.08 49.94 11.78
C PRO B 47 29.31 50.75 12.82
N SER B 48 28.33 50.13 13.47
CA SER B 48 27.48 50.73 14.52
C SER B 48 26.69 51.94 14.04
N ALA B 49 26.41 52.03 12.74
CA ALA B 49 25.61 53.13 12.21
C ALA B 49 24.96 52.63 10.92
N GLY B 50 23.68 52.28 11.00
CA GLY B 50 22.99 51.79 9.84
C GLY B 50 23.10 50.31 9.59
N VAL B 51 23.37 49.51 10.63
CA VAL B 51 23.43 48.07 10.46
C VAL B 51 22.37 47.41 11.32
N THR B 52 21.93 48.09 12.38
CA THR B 52 20.93 47.53 13.28
C THR B 52 20.10 48.66 13.86
N THR B 53 18.77 48.49 13.84
CA THR B 53 17.85 49.46 14.40
C THR B 53 17.85 49.41 15.92
N ASP B 54 17.01 50.26 16.51
CA ASP B 54 16.83 50.31 17.95
C ASP B 54 15.41 49.99 18.40
N ARG B 55 14.41 50.17 17.54
CA ARG B 55 13.02 50.00 17.93
C ARG B 55 12.71 48.53 18.21
N SER B 56 11.69 48.33 19.02
CA SER B 56 11.38 47.03 19.60
C SER B 56 10.76 46.11 18.55
N GLN B 57 11.57 45.23 17.98
CA GLN B 57 11.08 44.20 17.08
C GLN B 57 11.81 42.91 17.37
N LYS B 58 11.19 41.80 16.97
CA LYS B 58 11.62 40.48 17.39
C LYS B 58 12.58 39.87 16.37
N LEU B 59 13.09 38.68 16.69
CA LEU B 59 14.11 38.03 15.88
C LEU B 59 13.63 36.75 15.21
N GLN B 60 13.02 35.82 15.94
CA GLN B 60 12.59 34.55 15.38
C GLN B 60 11.08 34.42 15.47
N LEU B 61 10.42 34.52 14.33
CA LEU B 61 8.96 34.53 14.25
C LEU B 61 8.44 33.12 14.48
N ARG B 62 7.41 32.99 15.31
CA ARG B 62 6.69 31.73 15.48
C ARG B 62 5.26 31.92 15.02
N VAL B 63 4.92 31.36 13.85
CA VAL B 63 3.57 31.43 13.32
C VAL B 63 2.89 30.08 13.45
N VAL B 64 1.75 30.07 14.14
CA VAL B 64 0.92 28.88 14.23
C VAL B 64 0.00 28.90 13.02
N PRO B 65 -0.46 27.75 12.52
CA PRO B 65 -1.19 27.75 11.25
C PRO B 65 -2.59 28.32 11.39
N ILE B 66 -3.07 28.89 10.29
CA ILE B 66 -4.43 29.43 10.27
C ILE B 66 -5.45 28.32 10.35
N GLN B 67 -5.30 27.30 9.50
CA GLN B 67 -6.23 26.18 9.49
C GLN B 67 -5.56 24.97 8.88
N THR B 68 -5.80 23.81 9.49
CA THR B 68 -5.18 22.56 9.10
C THR B 68 -6.24 21.59 8.63
N GLU B 69 -5.86 20.72 7.69
CA GLU B 69 -6.72 19.63 7.23
C GLU B 69 -6.05 18.31 7.58
N ASP B 70 -6.56 17.65 8.60
CA ASP B 70 -6.07 16.32 8.95
C ASP B 70 -6.77 15.28 8.09
N ASN B 71 -5.98 14.52 7.34
CA ASN B 71 -6.50 13.48 6.46
C ASN B 71 -5.76 12.18 6.77
N VAL B 72 -6.29 11.08 6.25
CA VAL B 72 -5.63 9.79 6.38
C VAL B 72 -4.31 9.80 5.61
N ASN B 73 -4.29 10.44 4.44
CA ASN B 73 -3.12 10.40 3.58
C ASN B 73 -2.16 11.56 3.80
N TYR B 74 -2.64 12.73 4.22
CA TYR B 74 -1.75 13.88 4.36
C TYR B 74 -2.22 14.74 5.53
N TYR B 75 -1.50 15.85 5.74
CA TYR B 75 -1.84 16.83 6.75
C TYR B 75 -1.42 18.21 6.24
N LYS B 76 -2.39 19.05 5.93
CA LYS B 76 -2.15 20.38 5.40
C LYS B 76 -1.91 21.37 6.54
N ALA B 77 -0.99 22.30 6.32
CA ALA B 77 -0.81 23.45 7.21
C ALA B 77 -0.71 24.71 6.35
N ARG B 78 -1.48 25.74 6.69
CA ARG B 78 -1.45 27.00 5.98
C ARG B 78 -1.11 28.12 6.95
N PHE B 79 -0.14 28.94 6.60
CA PHE B 79 0.37 30.01 7.45
C PHE B 79 0.13 31.35 6.79
N THR B 80 0.14 32.40 7.60
CA THR B 80 0.04 33.77 7.12
C THR B 80 1.27 34.52 7.62
N LEU B 81 2.19 34.81 6.73
CA LEU B 81 3.47 35.41 7.06
C LEU B 81 3.41 36.90 6.79
N ASN B 82 3.36 37.70 7.85
CA ASN B 82 3.34 39.15 7.73
C ASN B 82 4.78 39.65 7.80
N VAL B 83 5.34 40.02 6.66
CA VAL B 83 6.59 40.75 6.60
C VAL B 83 6.18 42.22 6.67
N GLY B 84 6.30 42.81 7.85
CA GLY B 84 5.79 44.15 8.08
C GLY B 84 6.60 45.21 7.37
N ASP B 85 6.15 46.45 7.52
CA ASP B 85 6.88 47.58 6.97
C ASP B 85 8.21 47.75 7.66
N ASN B 86 9.24 48.04 6.86
CA ASN B 86 10.64 48.17 7.31
C ASN B 86 11.14 46.90 7.96
N ARG B 87 10.80 45.75 7.39
CA ARG B 87 11.29 44.46 7.84
C ARG B 87 11.78 43.69 6.62
N LEU B 88 12.49 42.58 6.85
CA LEU B 88 13.22 41.91 5.78
C LEU B 88 13.47 40.47 6.18
N VAL B 89 13.06 39.52 5.32
CA VAL B 89 13.15 38.10 5.62
C VAL B 89 13.95 37.41 4.53
N ASP B 90 14.96 36.63 4.91
CA ASP B 90 15.53 35.62 4.04
C ASP B 90 14.87 34.30 4.37
N LEU B 91 14.37 33.61 3.35
CA LEU B 91 13.71 32.33 3.55
C LEU B 91 14.66 31.15 3.58
N GLY B 92 15.97 31.41 3.64
CA GLY B 92 16.89 30.36 4.00
C GLY B 92 16.74 29.94 5.43
N SER B 93 16.29 30.86 6.29
CA SER B 93 16.04 30.59 7.69
C SER B 93 14.66 29.99 7.95
N SER B 94 13.83 29.87 6.93
CA SER B 94 12.48 29.38 7.12
C SER B 94 12.50 27.87 7.29
N TYR B 95 11.98 27.40 8.42
CA TYR B 95 11.84 25.96 8.62
C TYR B 95 10.62 25.69 9.47
N PHE B 96 10.08 24.50 9.31
CA PHE B 96 8.98 24.04 10.14
C PHE B 96 9.51 23.47 11.44
N ASP B 97 8.70 23.54 12.47
CA ASP B 97 8.99 22.94 13.77
C ASP B 97 7.82 22.04 14.10
N ILE B 98 7.83 20.83 13.57
CA ILE B 98 6.67 19.96 13.65
C ILE B 98 6.86 19.02 14.83
N LYS B 99 5.75 18.56 15.39
CA LYS B 99 5.79 17.90 16.69
C LYS B 99 4.60 16.97 16.79
N GLY B 100 4.87 15.68 16.96
CA GLY B 100 3.80 14.71 17.13
C GLY B 100 4.31 13.45 17.79
N THR B 101 3.50 12.39 17.78
CA THR B 101 3.92 11.11 18.31
C THR B 101 4.08 10.12 17.16
N LEU B 102 4.79 9.03 17.43
CA LEU B 102 5.21 8.11 16.38
C LEU B 102 5.18 6.69 16.90
N ASP B 103 4.43 5.82 16.23
CA ASP B 103 4.45 4.39 16.46
C ASP B 103 5.35 3.75 15.42
N ARG B 104 6.25 2.89 15.87
CA ARG B 104 7.16 2.20 14.98
C ARG B 104 6.71 0.79 14.62
N GLY B 105 5.76 0.24 15.35
CA GLY B 105 5.27 -1.08 15.06
C GLY B 105 6.12 -2.15 15.71
N PRO B 106 5.69 -3.41 15.60
CA PRO B 106 6.43 -4.50 16.26
C PRO B 106 7.69 -4.92 15.54
N SER B 107 7.98 -4.36 14.37
CA SER B 107 9.15 -4.72 13.59
C SER B 107 10.38 -3.91 13.97
N PHE B 108 10.40 -3.31 15.15
CA PHE B 108 11.48 -2.44 15.57
C PHE B 108 12.30 -3.11 16.65
N LYS B 109 13.57 -3.38 16.35
CA LYS B 109 14.52 -3.88 17.33
C LYS B 109 15.77 -3.02 17.23
N PRO B 110 16.02 -2.12 18.17
CA PRO B 110 17.10 -1.15 18.02
C PRO B 110 18.47 -1.66 18.39
N TYR B 111 18.67 -2.97 18.44
CA TYR B 111 19.95 -3.53 18.85
C TYR B 111 20.07 -4.93 18.30
N GLY B 112 21.23 -5.53 18.49
CA GLY B 112 21.47 -6.89 18.08
C GLY B 112 21.56 -7.83 19.27
N GLY B 113 21.35 -9.12 19.03
CA GLY B 113 21.42 -10.07 20.12
C GLY B 113 20.17 -10.06 20.97
N THR B 114 20.33 -10.15 22.28
CA THR B 114 19.21 -10.15 23.21
C THR B 114 19.59 -9.40 24.47
N ALA B 115 18.62 -9.25 25.37
CA ALA B 115 18.83 -8.53 26.61
C ALA B 115 18.42 -9.33 27.84
N TYR B 116 17.92 -10.54 27.67
CA TYR B 116 17.48 -11.36 28.79
C TYR B 116 18.22 -12.69 28.74
N ASN B 117 18.95 -12.98 29.80
CA ASN B 117 19.96 -14.04 29.86
C ASN B 117 20.92 -14.00 28.66
N PRO B 118 21.66 -12.91 28.46
CA PRO B 118 22.48 -12.79 27.25
C PRO B 118 23.73 -13.65 27.25
N LEU B 119 24.04 -14.33 28.35
CA LEU B 119 25.24 -15.15 28.45
C LEU B 119 24.99 -16.63 28.22
N ALA B 120 23.73 -17.04 28.20
CA ALA B 120 23.40 -18.46 28.15
C ALA B 120 23.74 -19.07 26.80
N PRO B 121 24.04 -20.36 26.76
CA PRO B 121 24.05 -21.07 25.48
C PRO B 121 22.66 -21.07 24.87
N LYS B 122 22.61 -21.05 23.54
CA LYS B 122 21.34 -20.83 22.86
C LYS B 122 20.43 -22.06 22.90
N SER B 123 20.97 -23.23 23.19
CA SER B 123 20.19 -24.45 23.30
C SER B 123 19.89 -24.82 24.74
N ALA B 124 19.85 -23.85 25.63
CA ALA B 124 19.78 -24.15 27.06
C ALA B 124 18.34 -24.25 27.52
N PRO B 125 17.94 -25.33 28.18
CA PRO B 125 16.64 -25.35 28.85
C PRO B 125 16.74 -24.77 30.26
N ILE B 126 15.74 -23.97 30.62
CA ILE B 126 15.63 -23.52 32.00
C ILE B 126 15.04 -24.65 32.83
N ASN B 127 15.06 -24.47 34.15
CA ASN B 127 14.46 -25.43 35.06
C ASN B 127 12.96 -25.38 34.88
N SER B 128 12.38 -26.42 34.31
CA SER B 128 11.00 -26.33 33.87
C SER B 128 10.32 -27.68 34.03
N ALA B 129 9.00 -27.67 33.84
CA ALA B 129 8.18 -28.87 33.80
C ALA B 129 7.41 -28.85 32.50
N PHE B 130 7.85 -29.65 31.53
CA PHE B 130 7.20 -29.73 30.23
C PHE B 130 6.59 -31.10 30.04
N THR B 131 5.42 -31.14 29.40
CA THR B 131 4.65 -32.36 29.22
C THR B 131 4.94 -32.92 27.83
N VAL B 132 5.15 -34.22 27.76
CA VAL B 132 5.40 -34.91 26.49
C VAL B 132 4.28 -35.93 26.33
N GLY B 133 3.21 -35.54 25.65
CA GLY B 133 2.16 -36.47 25.29
C GLY B 133 1.29 -36.93 26.44
N ASN B 134 1.86 -37.73 27.34
CA ASN B 134 1.14 -38.29 28.46
C ASN B 134 1.57 -37.71 29.80
N ASP B 135 2.87 -37.68 30.09
CA ASP B 135 3.34 -37.31 31.41
C ASP B 135 4.43 -36.26 31.29
N THR B 136 4.55 -35.44 32.32
CA THR B 136 5.48 -34.34 32.32
C THR B 136 6.91 -34.83 32.55
N HIS B 137 7.86 -33.97 32.19
CA HIS B 137 9.27 -34.19 32.47
C HIS B 137 9.78 -33.03 33.30
N PHE B 138 10.60 -33.31 34.29
CA PHE B 138 11.20 -32.29 35.14
C PHE B 138 12.67 -32.16 34.80
N VAL B 139 13.02 -31.18 33.98
CA VAL B 139 14.41 -30.81 33.77
C VAL B 139 14.75 -29.68 34.75
N ALA B 140 15.88 -29.79 35.43
CA ALA B 140 16.15 -28.92 36.56
C ALA B 140 17.65 -28.89 36.87
N GLN B 141 18.01 -28.02 37.82
CA GLN B 141 19.38 -27.77 38.24
C GLN B 141 19.25 -27.18 39.64
N LEU B 142 19.84 -27.84 40.64
CA LEU B 142 19.58 -27.51 42.04
C LEU B 142 20.87 -27.03 42.69
N PRO B 143 21.14 -25.73 42.69
CA PRO B 143 22.41 -25.24 43.24
C PRO B 143 22.46 -25.25 44.77
N GLN B 144 21.40 -24.82 45.43
CA GLN B 144 21.41 -24.66 46.87
C GLN B 144 20.98 -25.96 47.54
N THR B 145 21.80 -26.44 48.46
CA THR B 145 21.55 -27.68 49.17
C THR B 145 21.19 -27.39 50.63
N TYR B 146 20.62 -28.42 51.27
CA TYR B 146 20.32 -28.35 52.69
C TYR B 146 20.61 -29.72 53.30
N ALA B 147 20.48 -29.81 54.61
CA ALA B 147 20.75 -31.06 55.31
C ALA B 147 19.53 -31.96 55.30
N ALA B 148 19.69 -33.19 54.81
CA ALA B 148 18.64 -34.19 54.81
C ALA B 148 19.28 -35.53 55.08
N GLY B 149 18.98 -36.12 56.23
CA GLY B 149 19.65 -37.33 56.67
C GLY B 149 19.33 -38.57 55.87
N GLY B 150 18.09 -39.04 55.97
CA GLY B 150 17.68 -40.22 55.23
C GLY B 150 16.18 -40.28 55.12
N THR B 151 15.68 -40.49 53.89
CA THR B 151 14.30 -40.24 53.48
C THR B 151 13.87 -38.85 53.95
N GLY B 152 14.54 -37.85 53.38
CA GLY B 152 14.43 -36.48 53.85
C GLY B 152 13.11 -35.82 53.53
N VAL B 153 12.04 -36.29 54.16
CA VAL B 153 10.70 -35.78 53.93
C VAL B 153 10.23 -34.88 55.07
N THR B 154 10.85 -34.95 56.24
CA THR B 154 10.54 -34.03 57.32
C THR B 154 11.37 -32.76 57.26
N GLU B 155 12.41 -32.72 56.43
CA GLU B 155 13.14 -31.50 56.15
C GLU B 155 12.65 -30.80 54.90
N ALA B 156 12.25 -31.56 53.87
CA ALA B 156 11.72 -30.97 52.66
C ALA B 156 10.33 -30.38 52.85
N ILE B 157 9.61 -30.80 53.89
CA ILE B 157 8.28 -30.27 54.15
C ILE B 157 8.34 -28.88 54.75
N GLN B 158 9.48 -28.49 55.34
CA GLN B 158 9.58 -27.22 56.05
C GLN B 158 10.56 -26.25 55.39
N GLN B 159 11.02 -26.54 54.18
CA GLN B 159 11.77 -25.56 53.41
C GLN B 159 10.76 -24.56 52.85
N GLN B 160 10.51 -23.50 53.62
CA GLN B 160 9.44 -22.56 53.29
C GLN B 160 9.80 -21.72 52.08
N VAL B 161 8.85 -21.59 51.15
CA VAL B 161 9.08 -20.94 49.88
C VAL B 161 8.12 -19.77 49.71
N SER B 162 8.49 -18.85 48.83
CA SER B 162 7.68 -17.68 48.53
C SER B 162 8.09 -17.18 47.14
N GLY B 163 7.72 -15.94 46.83
CA GLY B 163 8.02 -15.39 45.51
C GLY B 163 9.49 -15.11 45.31
N VAL B 164 10.18 -14.68 46.38
CA VAL B 164 11.61 -14.40 46.29
C VAL B 164 12.46 -15.42 47.03
N ASP B 165 11.85 -16.41 47.66
CA ASP B 165 12.52 -17.46 48.38
C ASP B 165 12.17 -18.80 47.75
N PRO B 166 13.13 -19.54 47.20
CA PRO B 166 14.56 -19.22 47.10
C PRO B 166 14.94 -18.37 45.90
N ASN B 167 15.99 -17.58 46.08
CA ASN B 167 16.58 -16.81 44.99
C ASN B 167 17.26 -17.76 44.00
N PRO B 168 17.01 -17.62 42.68
CA PRO B 168 17.78 -18.43 41.72
C PRO B 168 19.29 -18.23 41.76
N GLN B 169 19.77 -17.00 41.94
CA GLN B 169 21.21 -16.76 42.03
C GLN B 169 21.70 -16.94 43.46
N VAL B 170 21.94 -18.21 43.80
CA VAL B 170 22.27 -18.54 45.19
C VAL B 170 23.53 -19.40 45.34
N GLY B 171 23.90 -20.19 44.33
CA GLY B 171 25.18 -20.89 44.34
C GLY B 171 25.27 -21.99 45.37
N GLN B 172 26.51 -22.49 45.58
CA GLN B 172 26.70 -23.51 46.61
C GLN B 172 26.56 -22.88 48.00
N PRO B 173 27.59 -22.24 48.60
CA PRO B 173 27.53 -20.78 48.77
C PRO B 173 28.38 -20.04 47.74
N ASN B 174 29.65 -20.47 47.65
CA ASN B 174 30.72 -19.94 46.82
C ASN B 174 32.00 -20.69 47.15
N TYR B 175 32.98 -20.62 46.25
CA TYR B 175 34.38 -21.08 46.38
C TYR B 175 34.55 -22.59 46.51
N ALA B 176 33.48 -23.37 46.59
CA ALA B 176 33.61 -24.82 46.49
C ALA B 176 33.87 -25.18 45.04
N GLY B 177 34.73 -26.15 44.82
CA GLY B 177 35.24 -26.41 43.51
C GLY B 177 34.33 -27.32 42.70
N PRO B 178 34.86 -28.46 42.30
CA PRO B 178 34.08 -29.39 41.47
C PRO B 178 33.20 -30.33 42.30
N VAL B 179 32.90 -29.94 43.55
CA VAL B 179 32.37 -30.84 44.56
C VAL B 179 31.05 -31.48 44.14
N VAL B 180 30.89 -32.74 44.50
CA VAL B 180 29.72 -33.53 44.12
C VAL B 180 28.78 -33.56 45.31
N VAL B 181 27.55 -33.10 45.09
CA VAL B 181 26.53 -33.13 46.13
C VAL B 181 26.15 -34.57 46.40
N ASN B 182 26.28 -35.00 47.66
CA ASN B 182 25.91 -36.35 48.05
C ASN B 182 24.40 -36.49 47.99
N THR B 183 23.92 -37.44 47.20
CA THR B 183 22.50 -37.68 47.05
C THR B 183 21.94 -38.62 48.11
N THR B 184 22.60 -38.74 49.25
CA THR B 184 22.07 -39.44 50.42
C THR B 184 22.01 -38.54 51.63
N ASN B 185 23.02 -37.73 51.87
CA ASN B 185 23.07 -36.84 53.02
C ASN B 185 22.69 -35.41 52.69
N ASN B 186 22.50 -35.07 51.42
CA ASN B 186 22.14 -33.72 51.03
C ASN B 186 21.02 -33.78 49.98
N ALA B 187 20.32 -32.66 49.85
CA ALA B 187 19.27 -32.52 48.86
C ALA B 187 19.25 -31.09 48.38
N GLY B 188 19.11 -30.90 47.06
CA GLY B 188 19.11 -29.58 46.47
C GLY B 188 17.76 -28.90 46.55
N LEU B 189 17.72 -27.66 46.06
CA LEU B 189 16.48 -26.90 45.94
C LEU B 189 16.68 -25.83 44.88
N GLY B 190 15.58 -25.20 44.48
CA GLY B 190 15.62 -24.20 43.44
C GLY B 190 14.22 -23.84 42.99
N ARG B 191 14.13 -23.35 41.76
CA ARG B 191 12.87 -22.94 41.16
C ARG B 191 12.55 -23.79 39.94
N ILE B 192 11.26 -24.04 39.73
CA ILE B 192 10.71 -24.67 38.53
C ILE B 192 9.63 -23.73 38.03
N VAL B 193 9.40 -23.71 36.72
CA VAL B 193 8.20 -23.11 36.18
C VAL B 193 7.23 -24.22 35.82
N SER B 194 5.94 -24.00 36.10
CA SER B 194 4.98 -25.09 36.07
C SER B 194 4.57 -25.42 34.64
N ALA B 195 3.96 -26.59 34.48
CA ALA B 195 3.42 -27.00 33.19
C ALA B 195 2.12 -26.29 32.85
N ASP B 196 1.37 -25.84 33.86
CA ASP B 196 0.14 -25.11 33.64
C ASP B 196 0.45 -23.62 33.48
N SER B 197 1.13 -23.32 32.39
CA SER B 197 1.59 -21.97 32.09
C SER B 197 1.29 -21.68 30.63
N GLU B 198 0.72 -20.51 30.38
CA GLU B 198 0.25 -20.16 29.03
C GLU B 198 1.40 -19.62 28.19
N GLY B 199 1.33 -19.92 26.90
CA GLY B 199 2.36 -19.51 25.95
C GLY B 199 3.30 -20.64 25.60
N GLN B 200 4.04 -20.42 24.53
CA GLN B 200 5.02 -21.40 24.06
C GLN B 200 6.26 -21.38 24.94
N GLN B 201 6.69 -22.55 25.40
CA GLN B 201 7.89 -22.63 26.21
C GLN B 201 9.12 -22.31 25.37
N PHE B 202 9.97 -21.44 25.90
CA PHE B 202 11.12 -20.86 25.24
C PHE B 202 12.40 -21.26 25.97
N PRO B 203 13.55 -21.35 25.27
CA PRO B 203 14.80 -21.65 25.98
C PRO B 203 15.32 -20.54 26.87
N CYS B 204 16.53 -20.73 27.41
CA CYS B 204 17.05 -19.77 28.37
C CYS B 204 17.48 -18.47 27.71
N TYR B 205 17.89 -18.52 26.43
CA TYR B 205 18.62 -17.44 25.78
C TYR B 205 17.84 -16.13 25.66
N GLY B 206 16.51 -16.16 25.74
CA GLY B 206 15.79 -14.92 25.67
C GLY B 206 14.50 -14.87 26.48
N ALA B 207 14.36 -15.75 27.46
CA ALA B 207 13.11 -15.93 28.16
C ALA B 207 12.83 -14.75 29.09
N TYR B 208 11.57 -14.35 29.16
CA TYR B 208 11.17 -13.18 29.95
C TYR B 208 9.77 -13.39 30.51
N ALA B 209 9.56 -12.91 31.74
CA ALA B 209 8.26 -12.84 32.37
C ALA B 209 8.24 -11.53 33.13
N PRO B 210 7.16 -10.76 33.06
CA PRO B 210 7.12 -9.47 33.74
C PRO B 210 7.00 -9.66 35.24
N PRO B 211 7.65 -8.80 36.03
CA PRO B 211 7.56 -8.94 37.48
C PRO B 211 6.20 -8.48 37.99
N GLN B 212 5.84 -8.99 39.17
CA GLN B 212 4.54 -8.73 39.74
C GLN B 212 4.56 -7.87 40.99
N SER B 213 5.71 -7.73 41.65
CA SER B 213 5.83 -6.91 42.84
C SER B 213 7.21 -6.26 42.86
N ALA B 214 7.43 -5.40 43.84
CA ALA B 214 8.72 -4.74 43.97
C ALA B 214 9.80 -5.67 44.49
N GLY B 215 9.42 -6.80 45.08
CA GLY B 215 10.41 -7.78 45.50
C GLY B 215 11.05 -8.52 44.35
N GLY B 216 10.36 -8.64 43.23
CA GLY B 216 10.89 -9.26 42.05
C GLY B 216 10.33 -10.62 41.69
N ASP B 217 9.17 -10.99 42.23
CA ASP B 217 8.58 -12.27 41.89
C ASP B 217 7.96 -12.22 40.49
N VAL B 218 7.82 -13.40 39.88
CA VAL B 218 7.23 -13.52 38.56
C VAL B 218 6.01 -14.42 38.52
N SER B 219 5.71 -15.15 39.60
CA SER B 219 4.55 -16.03 39.62
C SER B 219 3.27 -15.22 39.72
N THR B 220 2.39 -15.36 38.73
CA THR B 220 1.13 -14.65 38.73
C THR B 220 0.08 -15.28 39.64
N ALA B 221 0.33 -16.48 40.14
CA ALA B 221 -0.56 -17.11 41.11
C ALA B 221 0.25 -17.60 42.31
N ALA B 222 -0.37 -18.41 43.16
CA ALA B 222 0.28 -18.91 44.37
C ALA B 222 1.39 -19.90 44.02
N VAL B 223 2.27 -20.13 44.98
CA VAL B 223 3.46 -20.97 44.80
C VAL B 223 3.26 -22.25 45.60
N THR B 224 3.27 -23.37 44.90
CA THR B 224 3.26 -24.69 45.51
C THR B 224 4.66 -25.30 45.40
N LYS B 225 4.78 -26.56 45.78
CA LYS B 225 6.05 -27.25 45.76
C LYS B 225 5.97 -28.51 44.90
N THR B 226 7.13 -29.00 44.49
CA THR B 226 7.24 -30.17 43.64
C THR B 226 8.46 -30.97 44.07
N TYR B 227 8.24 -32.15 44.62
CA TYR B 227 9.30 -32.93 45.24
C TYR B 227 9.88 -33.92 44.24
N ILE B 228 11.20 -34.17 44.35
CA ILE B 228 11.94 -34.89 43.33
C ILE B 228 12.82 -35.94 44.02
N ASN B 229 13.28 -36.91 43.22
CA ASN B 229 14.22 -37.92 43.70
C ASN B 229 14.93 -38.54 42.51
N THR B 230 16.26 -38.62 42.59
CA THR B 230 17.08 -39.44 41.69
C THR B 230 18.02 -40.28 42.56
N THR B 231 17.50 -41.38 43.10
CA THR B 231 18.27 -42.32 43.91
C THR B 231 17.80 -43.73 43.58
N ASN B 232 18.29 -44.70 44.35
CA ASN B 232 17.72 -46.04 44.39
C ASN B 232 16.70 -46.19 45.50
N ASN B 233 16.58 -45.20 46.38
CA ASN B 233 15.65 -45.27 47.49
C ASN B 233 14.23 -44.99 46.99
N ASN B 234 13.25 -45.57 47.68
CA ASN B 234 11.85 -45.37 47.32
C ASN B 234 11.22 -44.23 48.10
N GLY B 235 11.60 -44.03 49.35
CA GLY B 235 10.99 -43.00 50.18
C GLY B 235 11.78 -41.74 50.37
N ARG B 236 12.81 -41.49 49.57
CA ARG B 236 13.63 -40.30 49.76
C ARG B 236 13.15 -39.20 48.80
N VAL B 237 13.27 -37.96 49.26
CA VAL B 237 13.00 -36.77 48.46
C VAL B 237 14.29 -35.97 48.35
N SER B 238 14.67 -35.58 47.13
CA SER B 238 15.93 -34.92 46.88
C SER B 238 15.79 -33.44 46.55
N GLY B 239 14.58 -32.89 46.56
CA GLY B 239 14.41 -31.50 46.20
C GLY B 239 13.06 -30.96 46.62
N THR B 240 13.00 -29.65 46.77
CA THR B 240 11.76 -28.96 47.14
C THR B 240 11.12 -28.23 45.98
N MET B 241 11.89 -27.42 45.25
CA MET B 241 11.54 -26.88 43.94
C MET B 241 10.26 -26.04 43.95
N ALA B 242 10.38 -24.85 44.55
CA ALA B 242 9.32 -23.85 44.50
C ALA B 242 8.89 -23.55 43.07
N THR B 243 7.66 -23.91 42.72
CA THR B 243 7.21 -23.80 41.34
C THR B 243 6.39 -22.53 41.12
N ASP B 244 6.55 -21.95 39.94
CA ASP B 244 5.87 -20.72 39.55
C ASP B 244 5.05 -20.95 38.30
N THR B 245 4.09 -20.06 38.07
CA THR B 245 3.33 -20.06 36.83
C THR B 245 3.60 -18.76 36.07
N ILE B 246 3.80 -18.89 34.76
CA ILE B 246 4.42 -17.88 33.93
C ILE B 246 3.55 -17.65 32.69
N THR B 247 3.39 -16.39 32.30
CA THR B 247 3.00 -16.09 30.93
C THR B 247 4.26 -16.06 30.06
N TRP B 248 4.37 -17.01 29.13
CA TRP B 248 5.58 -17.13 28.35
C TRP B 248 5.62 -16.09 27.25
N GLU B 249 6.78 -15.47 27.08
CA GLU B 249 6.99 -14.53 26.00
C GLU B 249 8.47 -14.40 25.70
N ASN B 250 8.78 -14.20 24.42
CA ASN B 250 10.14 -13.96 23.94
C ASN B 250 10.17 -12.61 23.24
N PRO B 251 10.46 -11.53 23.98
CA PRO B 251 10.41 -10.20 23.35
C PRO B 251 11.62 -9.87 22.49
N ASP B 252 12.61 -10.74 22.41
CA ASP B 252 13.85 -10.46 21.70
C ASP B 252 14.25 -11.49 20.68
N ALA B 253 13.86 -12.74 20.86
CA ALA B 253 14.42 -13.83 20.07
C ALA B 253 13.32 -14.68 19.46
N HIS B 254 13.74 -15.60 18.60
CA HIS B 254 12.85 -16.52 17.92
C HIS B 254 13.51 -17.91 17.95
N PHE B 255 12.86 -18.87 17.30
CA PHE B 255 13.37 -20.23 17.23
C PHE B 255 14.15 -20.42 15.94
N ALA B 256 15.45 -20.68 16.07
CA ALA B 256 16.23 -21.08 14.90
C ALA B 256 16.09 -22.57 14.61
N ASP B 257 15.60 -23.35 15.58
CA ASP B 257 15.28 -24.76 15.38
C ASP B 257 14.31 -25.15 16.49
N PHE B 258 13.12 -25.61 16.12
CA PHE B 258 12.13 -26.04 17.09
C PHE B 258 11.72 -27.48 16.80
N VAL B 259 11.81 -28.33 17.81
CA VAL B 259 11.45 -29.74 17.70
C VAL B 259 10.40 -30.04 18.76
N ASP B 260 10.69 -29.68 20.00
CA ASP B 260 9.78 -29.85 21.13
C ASP B 260 10.04 -28.67 22.06
N ASP B 261 9.29 -28.63 23.18
CA ASP B 261 9.46 -27.55 24.14
C ASP B 261 10.82 -27.58 24.81
N ARG B 262 11.42 -28.76 24.92
CA ARG B 262 12.76 -28.86 25.49
C ARG B 262 13.83 -28.67 24.43
N ARG B 263 13.86 -29.55 23.43
CA ARG B 263 14.94 -29.53 22.45
C ARG B 263 14.65 -28.45 21.41
N ALA B 264 15.20 -27.26 21.65
CA ALA B 264 15.05 -26.12 20.76
C ALA B 264 16.17 -25.14 21.03
N THR B 265 16.74 -24.58 19.98
CA THR B 265 17.68 -23.49 20.11
C THR B 265 16.95 -22.17 19.97
N ALA B 266 17.67 -21.08 20.23
CA ALA B 266 17.06 -19.76 20.21
C ALA B 266 18.08 -18.73 19.79
N ALA B 267 17.83 -18.07 18.66
CA ALA B 267 18.65 -16.97 18.19
C ALA B 267 17.87 -15.69 18.28
N GLY B 268 18.55 -14.60 18.60
CA GLY B 268 17.91 -13.31 18.71
C GLY B 268 17.43 -12.80 17.36
N ASN B 269 16.48 -11.87 17.41
CA ASN B 269 15.92 -11.30 16.20
C ASN B 269 16.96 -10.44 15.48
N ARG B 270 16.72 -10.19 14.20
CA ARG B 270 17.61 -9.34 13.43
C ARG B 270 17.46 -7.89 13.91
N PRO B 271 18.54 -7.12 13.89
CA PRO B 271 18.42 -5.70 14.24
C PRO B 271 17.71 -4.93 13.15
N ASN B 272 16.77 -4.08 13.55
CA ASN B 272 15.96 -3.30 12.62
C ASN B 272 15.86 -1.89 13.18
N TYR B 273 16.57 -0.96 12.54
CA TYR B 273 16.58 0.44 12.96
C TYR B 273 15.54 1.19 12.14
N ILE B 274 14.48 1.67 12.79
CA ILE B 274 13.43 2.42 12.11
C ILE B 274 13.50 3.86 12.58
N GLY B 275 13.98 4.74 11.71
CA GLY B 275 14.02 6.16 12.02
C GLY B 275 13.65 6.98 10.80
N PHE B 276 13.78 8.30 10.87
CA PHE B 276 13.46 9.12 9.72
C PHE B 276 14.54 9.01 8.66
N ARG B 277 14.28 9.62 7.51
CA ARG B 277 15.24 9.60 6.42
C ARG B 277 16.36 10.62 6.65
N ASP B 278 17.34 10.56 5.77
CA ASP B 278 18.33 11.63 5.66
C ASP B 278 17.61 12.89 5.23
N ASN B 279 17.96 14.04 5.85
CA ASN B 279 17.47 15.38 5.50
C ASN B 279 15.95 15.54 5.59
N PHE B 280 15.28 14.61 6.26
CA PHE B 280 13.84 14.40 6.21
C PHE B 280 13.32 14.40 4.78
N ILE B 281 13.88 13.51 3.97
CA ILE B 281 13.28 13.21 2.68
C ILE B 281 11.97 12.48 2.92
N GLY B 282 10.94 12.86 2.19
CA GLY B 282 9.67 12.19 2.32
C GLY B 282 8.89 12.59 3.55
N MET B 283 8.98 13.84 3.97
CA MET B 283 8.06 14.40 4.94
C MET B 283 7.09 15.34 4.26
N MET B 284 7.53 15.96 3.17
CA MET B 284 6.85 17.04 2.49
C MET B 284 6.60 16.66 1.04
N TYR B 285 5.39 16.94 0.54
CA TYR B 285 5.01 16.62 -0.83
C TYR B 285 5.77 17.53 -1.79
N TYR B 286 6.91 17.09 -2.30
CA TYR B 286 7.61 17.78 -3.36
C TYR B 286 7.27 17.14 -4.69
N ASN B 287 6.86 17.96 -5.65
CA ASN B 287 6.58 17.57 -7.04
C ASN B 287 5.49 16.52 -7.15
N SER B 288 4.54 16.53 -6.22
CA SER B 288 3.35 15.74 -6.40
C SER B 288 2.46 16.40 -7.44
N GLY B 289 1.52 15.63 -7.98
CA GLY B 289 0.64 16.20 -8.98
C GLY B 289 -0.45 17.05 -8.38
N SER B 290 -1.36 16.41 -7.66
CA SER B 290 -2.53 17.06 -7.11
C SER B 290 -2.28 17.73 -5.78
N ASN B 291 -1.06 17.65 -5.27
CA ASN B 291 -0.80 17.91 -3.87
C ASN B 291 0.37 18.86 -3.69
N THR B 292 0.48 19.85 -4.57
CA THR B 292 1.53 20.85 -4.43
C THR B 292 1.18 21.83 -3.32
N GLY B 293 2.21 22.30 -2.63
CA GLY B 293 2.05 23.41 -1.72
C GLY B 293 2.00 24.72 -2.46
N SER B 294 1.80 25.79 -1.70
CA SER B 294 1.58 27.09 -2.33
C SER B 294 2.10 28.21 -1.45
N PHE B 295 3.01 28.99 -2.00
CA PHE B 295 3.43 30.27 -1.41
C PHE B 295 2.84 31.37 -2.27
N SER B 296 2.11 32.29 -1.66
CA SER B 296 1.44 33.32 -2.44
C SER B 296 1.14 34.50 -1.53
N SER B 297 1.00 35.66 -2.13
CA SER B 297 0.75 36.84 -1.33
C SER B 297 -0.75 37.03 -1.12
N GLN B 298 -1.11 37.51 0.06
CA GLN B 298 -2.47 37.93 0.33
C GLN B 298 -2.79 39.12 -0.55
N THR B 299 -4.07 39.23 -0.97
CA THR B 299 -4.72 40.13 -1.92
C THR B 299 -4.40 39.70 -3.36
N GLN B 300 -3.43 38.82 -3.57
CA GLN B 300 -2.94 38.48 -4.89
C GLN B 300 -2.76 36.96 -4.92
N GLN B 301 -3.83 36.22 -4.64
CA GLN B 301 -3.75 34.79 -4.40
C GLN B 301 -3.41 34.01 -5.68
N LEU B 302 -2.17 34.18 -6.14
CA LEU B 302 -1.64 33.50 -7.31
C LEU B 302 -0.39 32.77 -6.88
N ASN B 303 -0.32 31.48 -7.21
CA ASN B 303 0.69 30.61 -6.64
C ASN B 303 2.07 30.90 -7.25
N ILE B 304 3.10 30.69 -6.43
CA ILE B 304 4.49 30.87 -6.86
C ILE B 304 5.14 29.53 -7.21
N VAL B 305 4.54 28.41 -6.83
CA VAL B 305 5.12 27.09 -6.98
C VAL B 305 4.48 26.41 -8.18
N LEU B 306 5.30 26.04 -9.16
CA LEU B 306 4.84 25.30 -10.31
C LEU B 306 5.65 24.00 -10.34
N ASP B 307 5.17 22.99 -9.63
CA ASP B 307 5.86 21.72 -9.56
C ASP B 307 5.62 20.92 -10.84
N LEU B 308 6.64 20.16 -11.24
CA LEU B 308 6.56 19.27 -12.38
C LEU B 308 6.95 17.86 -11.94
N ASN B 309 6.37 16.86 -12.58
CA ASN B 309 6.76 15.49 -12.30
C ASN B 309 8.14 15.16 -12.83
N ASP B 310 8.59 15.88 -13.86
CA ASP B 310 9.94 15.68 -14.39
C ASP B 310 11.00 16.19 -13.43
N ARG B 311 10.70 17.24 -12.69
CA ARG B 311 11.65 17.83 -11.76
C ARG B 311 11.71 17.00 -10.49
N ASN B 312 12.92 16.81 -9.96
CA ASN B 312 13.14 16.12 -8.69
C ASN B 312 13.65 17.16 -7.70
N SER B 313 12.83 17.53 -6.73
CA SER B 313 13.23 18.54 -5.77
C SER B 313 13.96 17.91 -4.60
N GLU B 314 13.74 16.62 -4.38
CA GLU B 314 14.70 15.78 -3.69
C GLU B 314 15.82 15.46 -4.65
N LEU B 315 16.93 14.94 -4.13
CA LEU B 315 18.11 14.45 -4.87
C LEU B 315 18.86 15.58 -5.60
N SER B 316 18.31 16.79 -5.63
CA SER B 316 19.01 18.02 -5.91
C SER B 316 19.45 18.72 -4.65
N TYR B 317 18.67 18.59 -3.58
CA TYR B 317 19.15 18.99 -2.26
C TYR B 317 20.25 18.06 -1.77
N GLN B 318 20.24 16.80 -2.22
CA GLN B 318 21.29 15.87 -1.84
C GLN B 318 22.59 16.20 -2.56
N TYR B 319 22.51 16.62 -3.82
CA TYR B 319 23.71 16.93 -4.58
C TYR B 319 24.24 18.32 -4.27
N LEU B 320 23.36 19.27 -3.94
CA LEU B 320 23.83 20.60 -3.56
C LEU B 320 24.54 20.57 -2.22
N LEU B 321 24.01 19.78 -1.28
CA LEU B 321 24.60 19.75 0.05
C LEU B 321 25.89 18.96 0.07
N ALA B 322 26.06 18.00 -0.84
CA ALA B 322 27.32 17.30 -0.93
C ALA B 322 28.37 18.10 -1.67
N ASP B 323 27.96 19.15 -2.37
CA ASP B 323 28.89 20.06 -3.03
C ASP B 323 29.28 21.23 -2.15
N LEU B 324 28.38 21.71 -1.29
CA LEU B 324 28.71 22.80 -0.38
C LEU B 324 29.65 22.33 0.71
N THR B 325 29.21 21.38 1.53
CA THR B 325 29.99 20.88 2.64
C THR B 325 30.31 19.41 2.43
N SER B 326 31.15 18.88 3.30
CA SER B 326 31.42 17.45 3.30
C SER B 326 30.27 16.71 3.97
N ARG B 327 30.29 15.39 3.86
CA ARG B 327 29.20 14.55 4.32
C ARG B 327 29.64 13.57 5.40
N TRP B 328 30.74 13.86 6.09
CA TRP B 328 31.19 13.03 7.20
C TRP B 328 30.65 13.49 8.55
N HIS B 329 30.02 14.67 8.59
CA HIS B 329 29.61 15.28 9.84
C HIS B 329 28.12 15.11 10.07
N TYR B 330 27.74 14.83 11.31
CA TYR B 330 26.37 14.50 11.68
C TYR B 330 25.74 15.72 12.33
N PHE B 331 25.14 16.56 11.51
CA PHE B 331 24.46 17.76 11.98
C PHE B 331 23.01 17.37 12.25
N ALA B 332 22.66 17.23 13.52
CA ALA B 332 21.39 16.62 13.88
C ALA B 332 20.21 17.58 13.83
N LEU B 333 20.40 18.83 13.43
CA LEU B 333 19.26 19.75 13.33
C LEU B 333 18.41 19.40 12.13
N TRP B 334 19.01 19.32 10.94
CA TRP B 334 18.29 18.88 9.75
C TRP B 334 18.24 17.38 9.62
N ASN B 335 18.73 16.65 10.62
CA ASN B 335 18.81 15.19 10.62
C ASN B 335 19.61 14.69 9.43
N GLN B 336 20.74 15.34 9.17
CA GLN B 336 21.56 14.96 8.03
C GLN B 336 22.61 13.96 8.52
N ALA B 337 22.48 12.73 8.05
CA ALA B 337 23.43 11.66 8.31
C ALA B 337 23.42 10.75 7.09
N VAL B 338 24.58 10.40 6.61
CA VAL B 338 24.68 9.73 5.32
C VAL B 338 24.64 8.23 5.54
N ASP B 339 23.80 7.56 4.78
CA ASP B 339 23.85 6.11 4.66
C ASP B 339 25.18 5.73 4.02
N ASP B 340 26.00 4.98 4.74
CA ASP B 340 27.26 4.48 4.21
C ASP B 340 27.36 2.98 4.43
N TYR B 341 27.58 2.25 3.34
CA TYR B 341 27.91 0.84 3.46
C TYR B 341 29.25 0.68 4.18
N ASP B 342 29.38 -0.41 4.91
CA ASP B 342 30.66 -0.73 5.53
C ASP B 342 31.65 -1.10 4.44
N HIS B 343 32.89 -0.66 4.62
CA HIS B 343 33.92 -0.92 3.62
C HIS B 343 34.35 -2.39 3.59
N HIS B 344 33.98 -3.19 4.60
CA HIS B 344 34.37 -4.59 4.62
C HIS B 344 33.20 -5.57 4.62
N VAL B 345 31.97 -5.08 4.50
CA VAL B 345 30.83 -5.98 4.26
C VAL B 345 30.53 -6.03 2.77
N ARG B 346 30.21 -4.88 2.19
CA ARG B 346 30.51 -4.58 0.80
C ARG B 346 32.03 -4.54 0.70
N ILE B 347 32.57 -4.56 -0.52
CA ILE B 347 33.66 -5.42 -0.98
C ILE B 347 34.64 -5.84 0.11
N LEU B 348 34.80 -7.15 0.29
CA LEU B 348 35.38 -7.68 1.50
C LEU B 348 36.68 -8.42 1.20
N GLU B 349 37.67 -8.24 2.06
CA GLU B 349 38.92 -8.97 1.98
C GLU B 349 38.84 -10.19 2.88
N ASN B 350 39.13 -11.36 2.32
CA ASN B 350 39.13 -12.59 3.08
C ASN B 350 40.54 -13.02 3.44
N ASP B 351 41.39 -12.06 3.77
CA ASP B 351 42.61 -12.35 4.50
C ASP B 351 42.24 -13.01 5.82
N GLY B 352 42.82 -14.17 6.08
CA GLY B 352 42.36 -15.00 7.17
C GLY B 352 42.72 -14.46 8.55
N TYR B 353 42.40 -15.28 9.54
CA TYR B 353 42.72 -14.96 10.92
C TYR B 353 44.23 -14.98 11.15
N GLU B 354 44.69 -14.14 12.07
CA GLU B 354 46.09 -14.11 12.43
C GLU B 354 46.33 -15.13 13.54
N GLU B 355 47.27 -16.04 13.32
CA GLU B 355 47.49 -17.15 14.24
C GLU B 355 48.20 -16.68 15.50
N GLY B 356 48.50 -17.63 16.38
CA GLY B 356 49.20 -17.36 17.60
C GLY B 356 49.25 -18.56 18.51
N PRO B 357 49.62 -18.35 19.77
CA PRO B 357 49.62 -19.43 20.75
C PRO B 357 48.21 -19.90 21.06
N PRO B 358 48.04 -21.12 21.58
CA PRO B 358 46.68 -21.60 21.85
C PRO B 358 45.98 -20.82 22.95
N ASN B 359 44.70 -20.56 22.73
CA ASN B 359 43.91 -19.71 23.61
C ASN B 359 43.15 -20.61 24.57
N LEU B 360 43.88 -21.12 25.55
CA LEU B 360 43.34 -22.13 26.46
C LEU B 360 42.36 -21.51 27.46
N ALA B 361 41.48 -22.36 27.98
CA ALA B 361 40.56 -21.99 29.04
C ALA B 361 40.66 -23.04 30.14
N PHE B 362 40.69 -22.57 31.38
CA PHE B 362 40.99 -23.38 32.55
C PHE B 362 39.84 -23.33 33.53
N PRO B 363 39.64 -24.35 34.37
CA PRO B 363 38.61 -24.27 35.39
C PRO B 363 38.99 -23.24 36.43
N PRO B 364 37.99 -22.60 37.08
CA PRO B 364 38.30 -21.50 38.00
C PRO B 364 39.04 -21.93 39.25
N HIS B 365 38.77 -23.13 39.76
CA HIS B 365 39.72 -23.82 40.65
C HIS B 365 40.76 -24.42 39.73
N VAL B 366 42.03 -24.19 40.02
CA VAL B 366 43.07 -24.54 39.05
C VAL B 366 43.48 -26.01 39.21
N ILE B 367 43.43 -26.54 40.43
CA ILE B 367 43.85 -27.92 40.64
C ILE B 367 42.69 -28.85 40.31
N SER B 368 43.01 -29.95 39.62
CA SER B 368 41.99 -30.93 39.24
C SER B 368 42.67 -32.24 38.87
N ASN B 369 41.98 -33.33 39.17
CA ASN B 369 42.12 -34.61 38.50
C ASN B 369 41.25 -34.47 37.26
N PRO B 370 41.72 -34.84 36.05
CA PRO B 370 40.93 -34.54 34.83
C PRO B 370 39.59 -35.25 34.70
N PHE B 371 39.30 -36.27 35.50
CA PHE B 371 37.97 -36.90 35.44
C PHE B 371 37.44 -37.23 36.82
N ALA B 372 37.86 -36.47 37.83
CA ALA B 372 37.53 -36.76 39.22
C ALA B 372 37.76 -35.48 40.02
N PRO B 373 37.20 -35.38 41.22
CA PRO B 373 37.62 -34.31 42.13
C PRO B 373 39.03 -34.54 42.63
N ALA B 374 39.57 -33.52 43.30
CA ALA B 374 40.93 -33.57 43.80
C ALA B 374 41.06 -34.57 44.92
N ALA B 375 42.10 -35.41 44.85
CA ALA B 375 42.27 -36.51 45.80
C ALA B 375 42.68 -35.97 47.16
N VAL B 376 41.82 -36.15 48.16
CA VAL B 376 42.04 -35.63 49.49
C VAL B 376 42.85 -36.64 50.30
N GLY B 377 43.69 -36.14 51.19
CA GLY B 377 44.54 -37.01 52.01
C GLY B 377 45.38 -36.19 52.96
N THR B 378 46.27 -36.88 53.66
CA THR B 378 47.08 -36.30 54.72
C THR B 378 48.55 -36.38 54.35
N GLY B 379 49.29 -35.32 54.62
CA GLY B 379 50.72 -35.35 54.39
C GLY B 379 51.48 -35.76 55.64
N MET B 380 52.69 -36.29 55.45
CA MET B 380 53.44 -36.82 56.58
C MET B 380 54.94 -36.87 56.31
N THR B 381 55.68 -37.26 57.36
CA THR B 381 57.12 -37.33 57.33
C THR B 381 57.59 -38.77 57.07
N VAL B 382 58.90 -38.97 57.17
CA VAL B 382 59.53 -40.28 57.04
C VAL B 382 60.40 -40.54 58.27
N ASN B 383 61.05 -41.70 58.30
CA ASN B 383 61.78 -42.11 59.50
C ASN B 383 63.28 -41.90 59.32
N GLU B 384 63.69 -41.38 58.16
CA GLU B 384 65.07 -40.93 57.90
C GLU B 384 66.11 -42.03 58.07
N GLN B 385 66.21 -42.89 57.05
CA GLN B 385 67.04 -44.10 56.87
C GLN B 385 66.44 -45.32 57.55
N GLN B 386 65.19 -45.25 57.98
CA GLN B 386 64.32 -46.40 58.08
C GLN B 386 63.19 -46.16 57.09
N GLN B 387 63.00 -47.09 56.15
CA GLN B 387 62.09 -46.86 55.02
C GLN B 387 60.64 -47.01 55.50
N THR B 388 60.18 -46.00 56.22
CA THR B 388 58.86 -46.00 56.82
C THR B 388 58.37 -44.57 56.90
N ALA B 389 57.14 -44.33 56.43
CA ALA B 389 56.52 -43.01 56.48
C ALA B 389 55.25 -43.11 57.31
N ALA B 390 55.34 -42.69 58.57
CA ALA B 390 54.20 -42.70 59.47
C ALA B 390 53.44 -41.39 59.38
N VAL B 391 52.12 -41.47 59.54
CA VAL B 391 51.26 -40.31 59.34
C VAL B 391 51.39 -39.33 60.51
N THR B 392 51.43 -38.04 60.20
CA THR B 392 51.47 -37.02 61.23
C THR B 392 50.11 -36.33 61.34
N ALA B 393 49.92 -35.63 62.45
CA ALA B 393 48.62 -35.06 62.78
C ALA B 393 48.51 -33.63 62.29
N ASN B 394 47.26 -33.14 62.25
CA ASN B 394 46.90 -31.77 61.88
C ASN B 394 47.40 -31.40 60.49
N THR B 395 47.31 -32.35 59.55
CA THR B 395 47.65 -32.11 58.15
C THR B 395 46.58 -32.75 57.28
N VAL B 396 45.95 -31.97 56.42
CA VAL B 396 45.14 -32.51 55.33
C VAL B 396 45.60 -31.82 54.05
N ALA B 397 45.32 -32.45 52.92
CA ALA B 397 45.79 -31.95 51.63
C ALA B 397 44.84 -32.42 50.54
N LEU B 398 45.03 -31.86 49.34
CA LEU B 398 44.26 -32.25 48.17
C LEU B 398 45.05 -31.89 46.92
N ILE B 399 45.27 -32.88 46.05
CA ILE B 399 46.29 -32.85 45.01
C ILE B 399 45.66 -33.33 43.70
N GLY B 400 46.00 -32.67 42.60
CA GLY B 400 45.47 -33.02 41.30
C GLY B 400 46.21 -34.12 40.54
N TYR B 401 47.52 -34.21 40.75
CA TYR B 401 48.46 -35.24 40.26
C TYR B 401 48.69 -35.24 38.75
N GLY B 402 48.03 -34.37 37.98
CA GLY B 402 48.28 -34.37 36.56
C GLY B 402 48.67 -32.99 36.07
N ASN B 403 48.19 -32.60 34.90
CA ASN B 403 48.21 -31.20 34.50
C ASN B 403 46.86 -30.60 34.84
N ILE B 404 46.65 -29.36 34.42
CA ILE B 404 45.36 -28.69 34.58
C ILE B 404 44.53 -29.01 33.34
N PRO B 405 43.34 -29.60 33.48
CA PRO B 405 42.54 -29.95 32.30
C PRO B 405 41.98 -28.70 31.63
N ALA B 406 42.45 -28.43 30.42
CA ALA B 406 42.09 -27.25 29.67
C ALA B 406 41.32 -27.60 28.41
N VAL B 407 40.75 -26.58 27.79
CA VAL B 407 40.11 -26.69 26.48
C VAL B 407 40.70 -25.63 25.57
N GLU B 408 40.86 -25.96 24.30
CA GLU B 408 41.51 -25.10 23.33
C GLU B 408 40.54 -24.68 22.24
N MET B 409 40.56 -23.39 21.90
CA MET B 409 39.71 -22.88 20.84
C MET B 409 40.47 -21.89 19.99
N ASN B 410 40.26 -21.96 18.68
CA ASN B 410 40.85 -20.99 17.76
C ASN B 410 40.11 -19.68 17.97
N LEU B 411 40.74 -18.77 18.70
CA LEU B 411 40.09 -17.50 19.02
C LEU B 411 39.95 -16.56 17.82
N PRO B 412 41.00 -16.24 17.03
CA PRO B 412 40.77 -15.28 15.94
C PRO B 412 39.98 -15.85 14.78
N ALA B 413 39.86 -17.16 14.65
CA ALA B 413 39.01 -17.72 13.62
C ALA B 413 37.54 -17.65 14.01
N ASN B 414 37.24 -17.64 15.31
CA ASN B 414 35.87 -17.51 15.76
C ASN B 414 35.38 -16.07 15.71
N LEU B 415 36.27 -15.09 15.93
CA LEU B 415 35.89 -13.71 15.67
C LEU B 415 35.71 -13.45 14.19
N LYS B 416 36.44 -14.18 13.34
CA LYS B 416 36.30 -14.05 11.90
C LYS B 416 35.01 -14.70 11.42
N ARG B 417 34.62 -15.83 12.02
CA ARG B 417 33.42 -16.54 11.59
C ARG B 417 32.14 -15.81 12.00
N THR B 418 32.17 -15.13 13.16
CA THR B 418 31.03 -14.34 13.58
C THR B 418 30.84 -13.12 12.69
N PHE B 419 31.95 -12.52 12.24
CA PHE B 419 31.88 -11.37 11.36
C PHE B 419 31.33 -11.75 9.99
N LEU B 420 31.73 -12.91 9.46
CA LEU B 420 31.21 -13.34 8.17
C LEU B 420 29.76 -13.76 8.24
N TYR B 421 29.27 -14.17 9.40
CA TYR B 421 27.90 -14.64 9.50
C TYR B 421 26.90 -13.50 9.68
N SER B 422 27.13 -12.64 10.66
CA SER B 422 26.14 -11.62 11.01
C SER B 422 26.11 -10.49 9.99
N ASN B 423 27.20 -10.29 9.25
CA ASN B 423 27.28 -9.16 8.32
C ASN B 423 27.10 -9.56 6.86
N VAL B 424 27.60 -10.73 6.46
CA VAL B 424 27.53 -11.15 5.07
C VAL B 424 26.50 -12.26 4.87
N ALA B 425 26.51 -13.28 5.73
CA ALA B 425 25.61 -14.41 5.54
C ALA B 425 24.18 -14.06 5.89
N MET B 426 23.99 -13.18 6.87
CA MET B 426 22.67 -12.80 7.33
C MET B 426 21.90 -12.00 6.30
N TYR B 427 22.60 -11.33 5.37
CA TYR B 427 22.00 -10.41 4.42
C TYR B 427 21.93 -10.99 3.00
N LEU B 428 21.68 -12.28 2.85
CA LEU B 428 21.57 -12.89 1.53
C LEU B 428 20.27 -12.52 0.86
N PRO B 429 20.17 -12.71 -0.47
CA PRO B 429 18.85 -12.74 -1.10
C PRO B 429 18.04 -13.93 -0.65
N ASP B 430 16.73 -13.85 -0.91
CA ASP B 430 15.77 -14.81 -0.36
C ASP B 430 15.92 -16.20 -0.95
N THR B 431 16.57 -16.32 -2.11
CA THR B 431 16.70 -17.62 -2.77
C THR B 431 17.63 -18.54 -1.99
N TYR B 432 18.72 -18.01 -1.46
CA TYR B 432 19.72 -18.84 -0.80
C TYR B 432 19.38 -19.16 0.65
N LYS B 433 18.48 -18.40 1.26
CA LYS B 433 18.08 -18.71 2.63
C LYS B 433 17.11 -19.88 2.65
N PHE B 434 16.73 -20.31 3.86
CA PHE B 434 15.74 -21.36 4.00
C PHE B 434 15.02 -21.16 5.33
N THR B 435 13.77 -21.53 5.35
CA THR B 435 13.09 -21.54 6.64
C THR B 435 13.51 -22.79 7.41
N PRO B 436 13.65 -22.69 8.73
CA PRO B 436 13.99 -23.87 9.52
C PRO B 436 12.79 -24.79 9.67
N ALA B 437 13.06 -25.97 10.23
CA ALA B 437 12.03 -26.97 10.37
C ALA B 437 11.06 -26.59 11.47
N ASN B 438 9.77 -26.86 11.22
CA ASN B 438 8.68 -26.76 12.20
C ASN B 438 8.51 -25.35 12.74
N VAL B 439 8.30 -24.39 11.84
CA VAL B 439 8.04 -23.01 12.21
C VAL B 439 7.05 -22.44 11.22
N ASP B 440 6.21 -21.53 11.69
CA ASP B 440 5.14 -20.93 10.89
C ASP B 440 5.50 -19.49 10.57
N LEU B 441 5.81 -19.24 9.33
CA LEU B 441 6.10 -17.89 8.87
C LEU B 441 4.89 -17.30 8.16
N PRO B 442 4.67 -15.99 8.25
CA PRO B 442 3.52 -15.39 7.57
C PRO B 442 3.67 -15.42 6.06
N GLU B 443 2.52 -15.42 5.38
CA GLU B 443 2.50 -15.53 3.93
C GLU B 443 2.92 -14.25 3.24
N ASN B 444 2.87 -13.12 3.94
CA ASN B 444 3.38 -11.86 3.41
C ASN B 444 4.90 -11.95 3.36
N HIS B 445 5.46 -12.09 2.16
CA HIS B 445 6.90 -12.26 2.01
C HIS B 445 7.68 -10.96 2.18
N LEU B 446 6.99 -9.83 2.32
CA LEU B 446 7.63 -8.55 2.59
C LEU B 446 7.48 -8.11 4.03
N SER B 447 6.86 -8.93 4.88
CA SER B 447 6.63 -8.55 6.26
C SER B 447 7.88 -8.84 7.08
N TYR B 448 7.83 -8.50 8.37
CA TYR B 448 9.00 -8.70 9.22
C TYR B 448 9.16 -10.16 9.61
N GLY B 449 8.05 -10.90 9.72
CA GLY B 449 8.14 -12.28 10.20
C GLY B 449 8.79 -13.20 9.19
N TYR B 450 8.63 -12.92 7.90
CA TYR B 450 9.24 -13.76 6.88
C TYR B 450 10.71 -13.42 6.67
N ILE B 451 11.09 -12.16 6.85
CA ILE B 451 12.50 -11.79 6.70
C ILE B 451 13.29 -12.26 7.91
N ASN B 452 12.69 -12.19 9.10
CA ASN B 452 13.39 -12.57 10.33
C ASN B 452 13.53 -14.07 10.45
N GLY B 453 12.48 -14.82 10.10
CA GLY B 453 12.42 -16.24 10.40
C GLY B 453 13.35 -17.10 9.57
N ARG B 454 13.79 -16.62 8.41
CA ARG B 454 14.60 -17.44 7.53
C ARG B 454 16.07 -17.41 7.92
N LEU B 455 16.75 -18.52 7.69
CA LEU B 455 18.14 -18.68 8.07
C LEU B 455 18.99 -18.95 6.82
N PRO B 456 20.22 -18.46 6.78
CA PRO B 456 21.03 -18.62 5.57
C PRO B 456 21.61 -20.00 5.41
N LEU B 457 21.92 -20.34 4.16
CA LEU B 457 22.55 -21.60 3.83
C LEU B 457 24.00 -21.56 4.28
N PRO B 458 24.54 -22.68 4.83
CA PRO B 458 25.86 -22.64 5.46
C PRO B 458 27.07 -22.41 4.54
N ASN B 459 27.22 -23.22 3.50
CA ASN B 459 28.50 -23.29 2.81
C ASN B 459 28.69 -22.20 1.77
N ILE B 460 27.82 -21.20 1.70
CA ILE B 460 28.02 -20.19 0.66
C ILE B 460 29.11 -19.20 1.08
N VAL B 461 29.20 -18.87 2.37
CA VAL B 461 30.31 -18.10 2.92
C VAL B 461 30.79 -18.78 4.20
N ASP B 462 32.07 -18.60 4.48
CA ASP B 462 32.75 -19.17 5.64
C ASP B 462 34.04 -18.37 5.81
N THR B 463 34.95 -18.87 6.63
CA THR B 463 36.26 -18.23 6.77
C THR B 463 37.25 -18.66 5.69
N TRP B 464 36.79 -19.32 4.62
CA TRP B 464 37.66 -19.73 3.53
C TRP B 464 37.21 -19.26 2.16
N THR B 465 36.06 -18.58 2.04
CA THR B 465 35.42 -18.41 0.74
C THR B 465 36.15 -17.38 -0.11
N ASP B 466 36.78 -17.88 -1.18
CA ASP B 466 37.65 -17.12 -2.09
C ASP B 466 38.73 -16.40 -1.28
N ILE B 467 39.54 -17.21 -0.62
CA ILE B 467 40.41 -16.71 0.45
C ILE B 467 41.61 -16.00 -0.17
N GLY B 468 42.01 -14.91 0.46
CA GLY B 468 43.10 -14.12 -0.07
C GLY B 468 42.76 -13.24 -1.24
N ALA B 469 41.48 -13.00 -1.51
CA ALA B 469 41.06 -12.24 -2.67
C ALA B 469 40.08 -11.16 -2.26
N ARG B 470 40.37 -9.92 -2.63
CA ARG B 470 39.45 -8.82 -2.40
C ARG B 470 38.33 -8.95 -3.42
N TRP B 471 37.19 -9.48 -2.99
CA TRP B 471 36.17 -9.92 -3.94
C TRP B 471 34.83 -9.96 -3.22
N SER B 472 33.92 -9.08 -3.61
CA SER B 472 32.56 -9.16 -3.12
C SER B 472 31.87 -10.40 -3.68
N LEU B 473 30.87 -10.90 -2.95
CA LEU B 473 30.12 -12.06 -3.42
C LEU B 473 29.31 -11.69 -4.65
N ASP B 474 29.31 -12.60 -5.64
CA ASP B 474 28.69 -12.32 -6.93
C ASP B 474 27.19 -12.16 -6.85
N VAL B 475 26.55 -12.72 -5.83
CA VAL B 475 25.12 -12.53 -5.65
C VAL B 475 24.79 -11.37 -4.72
N MET B 476 25.78 -10.86 -3.99
CA MET B 476 25.59 -9.69 -3.14
C MET B 476 25.82 -8.38 -3.88
N ASP B 477 25.95 -8.41 -5.20
CA ASP B 477 26.09 -7.18 -5.95
C ASP B 477 24.74 -6.50 -6.14
N THR B 478 23.69 -7.29 -6.34
CA THR B 478 22.35 -6.76 -6.50
C THR B 478 21.69 -6.41 -5.17
N VAL B 479 22.20 -6.92 -4.06
CA VAL B 479 21.64 -6.61 -2.75
C VAL B 479 22.03 -5.18 -2.38
N ASN B 480 21.04 -4.40 -1.93
CA ASN B 480 21.22 -3.02 -1.50
C ASN B 480 22.16 -2.97 -0.30
N PRO B 481 23.35 -2.35 -0.44
CA PRO B 481 24.32 -2.36 0.66
C PRO B 481 23.96 -1.46 1.81
N PHE B 482 23.00 -0.55 1.62
CA PHE B 482 22.65 0.40 2.65
C PHE B 482 21.56 -0.13 3.56
N ASN B 483 20.87 -1.20 3.14
CA ASN B 483 19.95 -1.92 4.00
C ASN B 483 20.76 -2.91 4.83
N HIS B 484 21.43 -2.36 5.85
CA HIS B 484 22.40 -3.13 6.60
C HIS B 484 22.53 -2.46 7.96
N HIS B 485 22.77 -3.27 9.00
CA HIS B 485 22.77 -2.71 10.34
C HIS B 485 24.07 -2.00 10.70
N ARG B 486 25.04 -1.94 9.79
CA ARG B 486 26.31 -1.29 10.08
C ARG B 486 26.46 0.05 9.39
N ASN B 487 25.40 0.62 8.84
CA ASN B 487 25.50 1.98 8.35
C ASN B 487 25.41 2.95 9.53
N THR B 488 26.38 3.84 9.63
CA THR B 488 26.42 4.77 10.75
C THR B 488 25.43 5.91 10.60
N GLY B 489 24.71 5.99 9.47
CA GLY B 489 23.71 7.00 9.28
C GLY B 489 22.38 6.61 9.91
N LEU B 490 21.89 5.42 9.56
CA LEU B 490 20.60 4.99 10.07
C LEU B 490 20.69 4.56 11.52
N LYS B 491 21.84 4.03 11.93
CA LYS B 491 22.09 3.77 13.34
C LYS B 491 22.09 5.06 14.15
N TYR B 492 22.48 6.17 13.53
CA TYR B 492 22.41 7.48 14.18
C TYR B 492 20.99 8.02 14.17
N ARG B 493 20.31 7.96 13.02
CA ARG B 493 18.99 8.57 12.90
C ARG B 493 17.91 7.81 13.67
N SER B 494 18.13 6.54 13.99
CA SER B 494 17.18 5.78 14.77
C SER B 494 17.46 5.82 16.26
N GLN B 495 18.46 6.58 16.69
CA GLN B 495 18.77 6.75 18.10
C GLN B 495 18.65 8.18 18.58
N LEU B 496 18.45 9.13 17.67
CA LEU B 496 17.99 10.47 18.05
C LEU B 496 16.57 10.45 18.60
N LEU B 497 15.78 9.47 18.20
CA LEU B 497 14.39 9.40 18.61
C LEU B 497 14.17 8.51 19.82
N GLY B 498 15.13 7.65 20.15
CA GLY B 498 15.07 6.80 21.33
C GLY B 498 15.18 5.34 20.97
N ASN B 499 14.86 4.50 21.94
CA ASN B 499 14.84 3.06 21.77
C ASN B 499 13.45 2.45 21.84
N GLY B 500 12.44 3.23 22.17
CA GLY B 500 11.12 2.68 22.39
C GLY B 500 10.33 2.48 21.12
N ARG B 501 9.21 1.77 21.26
CA ARG B 501 8.29 1.58 20.15
C ARG B 501 7.41 2.82 19.97
N TYR B 502 7.13 3.52 21.06
CA TYR B 502 6.31 4.73 21.07
C TYR B 502 7.22 5.90 21.42
N CYS B 503 7.46 6.79 20.47
CA CYS B 503 8.33 7.92 20.69
C CYS B 503 7.63 9.23 20.34
N ASP B 504 7.90 10.25 21.15
CA ASP B 504 7.45 11.61 20.88
C ASP B 504 8.62 12.36 20.26
N PHE B 505 8.41 12.91 19.07
CA PHE B 505 9.48 13.52 18.32
C PHE B 505 9.21 15.01 18.14
N HIS B 506 10.28 15.78 18.02
CA HIS B 506 10.23 17.22 17.88
C HIS B 506 11.34 17.60 16.91
N ILE B 507 10.98 17.70 15.62
CA ILE B 507 11.98 17.77 14.56
C ILE B 507 11.76 19.02 13.73
N GLN B 508 12.75 19.32 12.89
CA GLN B 508 12.76 20.51 12.04
C GLN B 508 13.06 20.09 10.62
N VAL B 509 12.15 20.37 9.71
CA VAL B 509 12.34 19.96 8.32
C VAL B 509 12.71 21.19 7.48
N PRO B 510 13.51 21.05 6.43
CA PRO B 510 13.89 22.21 5.62
C PRO B 510 12.95 22.37 4.42
N GLN B 511 13.06 23.53 3.78
CA GLN B 511 12.35 23.81 2.54
C GLN B 511 13.31 23.60 1.38
N LYS B 512 13.04 22.58 0.57
CA LYS B 512 14.00 22.12 -0.42
C LYS B 512 13.62 22.47 -1.86
N PHE B 513 12.53 23.21 -2.07
CA PHE B 513 12.17 23.67 -3.40
C PHE B 513 12.96 24.93 -3.71
N PHE B 514 13.58 24.98 -4.88
CA PHE B 514 14.69 25.91 -5.13
C PHE B 514 14.26 27.36 -5.28
N ALA B 515 12.99 27.63 -5.61
CA ALA B 515 12.56 29.01 -5.69
C ALA B 515 12.35 29.60 -4.30
N ILE B 516 11.75 28.83 -3.39
CA ILE B 516 11.43 29.32 -2.06
C ILE B 516 12.67 29.31 -1.16
N LYS B 517 13.62 28.42 -1.45
CA LYS B 517 14.67 28.06 -0.50
C LYS B 517 15.60 29.23 -0.18
N ASN B 518 15.79 30.15 -1.11
CA ASN B 518 16.66 31.29 -0.82
C ASN B 518 16.01 32.60 -1.24
N LEU B 519 14.69 32.70 -1.19
CA LEU B 519 14.03 33.92 -1.64
C LEU B 519 14.09 34.97 -0.53
N LEU B 520 14.47 36.19 -0.90
CA LEU B 520 14.64 37.29 0.05
C LEU B 520 13.41 38.18 -0.06
N LEU B 521 12.52 38.08 0.93
CA LEU B 521 11.25 38.77 0.89
C LEU B 521 11.37 40.23 1.35
N LEU B 522 10.60 41.07 0.67
CA LEU B 522 10.36 42.46 0.98
C LEU B 522 9.04 42.56 1.74
N PRO B 523 8.66 43.74 2.27
CA PRO B 523 7.37 43.85 2.98
C PRO B 523 6.14 43.46 2.16
N GLY B 524 5.16 42.95 2.89
CA GLY B 524 3.96 42.37 2.29
C GLY B 524 3.41 41.29 3.20
N THR B 525 2.27 40.75 2.80
CA THR B 525 1.62 39.66 3.53
C THR B 525 1.51 38.45 2.62
N TYR B 526 1.97 37.30 3.11
CA TYR B 526 2.12 36.12 2.27
C TYR B 526 1.47 34.90 2.91
N ASN B 527 0.85 34.07 2.08
CA ASN B 527 0.32 32.78 2.49
C ASN B 527 1.31 31.69 2.13
N TYR B 528 1.38 30.65 2.98
CA TYR B 528 2.42 29.62 2.87
C TYR B 528 1.81 28.24 3.07
N GLU B 529 0.75 27.94 2.32
CA GLU B 529 0.07 26.65 2.39
C GLU B 529 0.98 25.53 1.91
N TRP B 530 0.97 24.41 2.63
CA TRP B 530 1.90 23.32 2.33
C TRP B 530 1.37 22.01 2.92
N TYR B 531 1.68 20.90 2.26
CA TYR B 531 1.21 19.58 2.65
C TYR B 531 2.33 18.73 3.22
N PHE B 532 1.98 17.82 4.14
CA PHE B 532 2.93 16.92 4.77
C PHE B 532 2.48 15.49 4.61
N ARG B 533 3.38 14.55 4.86
CA ARG B 533 3.08 13.15 4.63
C ARG B 533 2.66 12.44 5.92
N LYS B 534 1.83 11.42 5.76
CA LYS B 534 1.50 10.48 6.83
C LYS B 534 1.71 9.05 6.38
N ASP B 535 2.59 8.84 5.41
CA ASP B 535 2.85 7.51 4.85
C ASP B 535 4.00 6.86 5.62
N PRO B 536 3.78 5.69 6.24
CA PRO B 536 4.85 5.11 7.05
C PRO B 536 6.03 4.59 6.25
N ASN B 537 5.81 4.15 5.00
CA ASN B 537 6.92 3.67 4.19
C ASN B 537 7.79 4.82 3.69
N MET B 538 7.20 5.98 3.43
CA MET B 538 7.97 7.06 2.85
C MET B 538 8.64 7.90 3.93
N VAL B 539 7.95 8.15 5.03
CA VAL B 539 8.50 8.96 6.11
C VAL B 539 9.64 8.22 6.81
N LEU B 540 9.37 7.00 7.26
CA LEU B 540 10.33 6.25 8.06
C LEU B 540 11.33 5.52 7.18
N GLN B 541 12.26 4.80 7.81
CA GLN B 541 13.27 4.03 7.07
C GLN B 541 13.69 2.87 7.95
N SER B 542 13.24 1.67 7.60
CA SER B 542 13.67 0.49 8.32
C SER B 542 14.98 -0.03 7.73
N THR B 543 15.69 -0.82 8.53
CA THR B 543 16.95 -1.40 8.06
C THR B 543 16.68 -2.52 7.05
N LEU B 544 15.76 -3.42 7.37
CA LEU B 544 15.50 -4.55 6.48
C LEU B 544 14.72 -4.15 5.24
N GLY B 545 13.99 -3.04 5.30
CA GLY B 545 13.17 -2.65 4.16
C GLY B 545 11.91 -3.44 4.02
N ASN B 546 11.20 -3.69 5.12
CA ASN B 546 9.95 -4.42 5.09
C ASN B 546 8.79 -3.47 4.75
N ASP B 547 7.57 -3.94 4.95
CA ASP B 547 6.37 -3.16 4.67
C ASP B 547 5.87 -2.57 5.98
N LEU B 548 6.14 -1.28 6.19
CA LEU B 548 5.80 -0.66 7.47
C LEU B 548 4.31 -0.40 7.63
N ARG B 549 3.60 -0.11 6.55
CA ARG B 549 2.15 0.09 6.67
C ARG B 549 1.40 -1.23 6.86
N ALA B 550 2.05 -2.36 6.65
CA ALA B 550 1.48 -3.65 7.01
C ALA B 550 1.91 -4.10 8.41
N ASP B 551 3.03 -3.59 8.91
CA ASP B 551 3.49 -3.98 10.24
C ASP B 551 2.69 -3.28 11.34
N GLY B 552 2.39 -2.00 11.14
CA GLY B 552 1.63 -1.27 12.13
C GLY B 552 2.28 0.04 12.52
N ALA B 553 3.22 0.51 11.70
CA ALA B 553 3.81 1.81 11.92
C ALA B 553 2.79 2.90 11.60
N SER B 554 2.80 3.96 12.39
CA SER B 554 1.81 5.02 12.24
C SER B 554 2.39 6.32 12.77
N ILE B 555 2.30 7.38 11.98
CA ILE B 555 2.73 8.71 12.38
C ILE B 555 1.50 9.62 12.40
N THR B 556 1.45 10.51 13.38
CA THR B 556 0.42 11.55 13.42
C THR B 556 1.03 12.82 13.96
N TYR B 557 0.37 13.94 13.68
CA TYR B 557 0.91 15.26 13.96
C TYR B 557 0.06 15.97 15.00
N THR B 558 0.71 16.43 16.06
CA THR B 558 0.03 17.22 17.06
C THR B 558 0.04 18.70 16.72
N GLN B 559 1.18 19.23 16.31
CA GLN B 559 1.32 20.65 16.06
C GLN B 559 2.43 20.87 15.03
N ILE B 560 2.18 21.78 14.09
CA ILE B 560 3.17 22.18 13.10
C ILE B 560 3.28 23.70 13.14
N ASN B 561 4.49 24.21 13.34
CA ASN B 561 4.74 25.64 13.33
C ASN B 561 5.71 25.96 12.20
N LEU B 562 6.08 27.24 12.11
CA LEU B 562 7.03 27.72 11.11
C LEU B 562 7.87 28.81 11.73
N TYR B 563 9.19 28.72 11.58
CA TYR B 563 10.11 29.70 12.15
C TYR B 563 10.84 30.41 11.03
N VAL B 564 10.67 31.72 10.94
CA VAL B 564 11.48 32.54 10.05
C VAL B 564 12.23 33.55 10.91
N SER B 565 13.32 34.09 10.36
CA SER B 565 14.23 34.93 11.12
C SER B 565 14.35 36.30 10.46
N PHE B 566 14.16 37.34 11.25
CA PHE B 566 14.25 38.72 10.80
C PHE B 566 15.64 39.26 11.11
N PHE B 567 16.32 39.75 10.09
CA PHE B 567 17.52 40.53 10.36
C PHE B 567 17.10 41.91 10.82
N PRO B 568 17.45 42.32 12.04
CA PRO B 568 16.95 43.61 12.55
C PRO B 568 17.69 44.81 11.96
N MET B 569 17.44 45.06 10.67
CA MET B 569 18.15 46.09 9.95
C MET B 569 17.61 47.46 10.32
N ASN B 570 18.47 48.46 10.24
CA ASN B 570 18.07 49.85 10.45
C ASN B 570 17.03 50.26 9.42
N TYR B 571 16.08 51.09 9.84
CA TYR B 571 14.94 51.42 9.01
C TYR B 571 15.27 52.36 7.86
N ASP B 572 16.50 52.86 7.77
CA ASP B 572 16.94 53.61 6.62
C ASP B 572 17.87 52.82 5.71
N THR B 573 18.65 51.90 6.28
CA THR B 573 19.39 50.95 5.46
C THR B 573 18.44 49.96 4.79
N GLN B 574 17.35 49.63 5.47
CA GLN B 574 16.32 48.77 4.89
C GLN B 574 15.66 49.46 3.71
N SER B 575 15.31 50.73 3.87
CA SER B 575 14.55 51.44 2.84
C SER B 575 15.37 51.73 1.60
N GLU B 576 16.69 51.70 1.70
CA GLU B 576 17.52 51.73 0.49
C GLU B 576 17.48 50.39 -0.22
N LEU B 577 17.58 49.30 0.55
CA LEU B 577 17.59 47.97 -0.04
C LEU B 577 16.21 47.56 -0.55
N GLU B 578 15.16 47.97 0.16
CA GLU B 578 13.80 47.73 -0.31
C GLU B 578 13.48 48.54 -1.55
N LEU B 579 14.18 49.64 -1.78
CA LEU B 579 13.98 50.42 -2.99
C LEU B 579 14.80 49.90 -4.17
N MET B 580 15.93 49.26 -3.90
CA MET B 580 16.76 48.72 -4.98
C MET B 580 16.31 47.35 -5.46
N LEU B 581 15.66 46.57 -4.60
CA LEU B 581 15.22 45.24 -4.97
C LEU B 581 13.83 45.21 -5.59
N ARG B 582 13.16 46.35 -5.66
CA ARG B 582 11.91 46.45 -6.40
C ARG B 582 12.13 46.95 -7.81
N ASN B 583 13.37 47.14 -8.21
CA ASN B 583 13.69 47.55 -9.58
C ASN B 583 13.51 46.36 -10.51
N ALA B 584 13.32 46.65 -11.80
CA ALA B 584 13.08 45.60 -12.76
C ALA B 584 14.36 44.84 -13.11
N THR B 585 15.52 45.48 -12.99
CA THR B 585 16.77 44.83 -13.33
C THR B 585 17.34 44.01 -12.19
N ASN B 586 16.89 44.24 -10.96
CA ASN B 586 17.43 43.57 -9.78
C ASN B 586 16.61 42.36 -9.37
N ASP B 587 16.03 41.66 -10.34
CA ASP B 587 15.19 40.52 -10.03
C ASP B 587 16.04 39.32 -9.63
N GLN B 588 15.57 38.59 -8.63
CA GLN B 588 16.33 37.49 -8.06
C GLN B 588 16.06 36.20 -8.82
N ASN B 589 17.08 35.70 -9.50
CA ASN B 589 16.97 34.44 -10.24
C ASN B 589 17.78 33.36 -9.55
N PHE B 590 17.33 32.12 -9.72
CA PHE B 590 17.93 30.97 -9.06
C PHE B 590 18.09 29.82 -10.04
N SER B 591 18.51 28.66 -9.56
CA SER B 591 18.64 27.50 -10.42
C SER B 591 18.59 26.23 -9.59
N ASP B 592 17.90 25.23 -10.11
CA ASP B 592 17.95 23.90 -9.53
C ASP B 592 19.35 23.33 -9.72
N TYR B 593 19.93 22.78 -8.66
CA TYR B 593 21.32 22.33 -8.73
C TYR B 593 21.47 21.09 -9.60
N LEU B 594 20.47 20.20 -9.57
CA LEU B 594 20.54 19.02 -10.43
C LEU B 594 20.39 19.42 -11.89
N GLY B 595 19.34 20.19 -12.19
CA GLY B 595 19.08 20.65 -13.55
C GLY B 595 18.78 19.50 -14.48
N ALA B 596 17.67 18.81 -14.27
CA ALA B 596 17.45 17.58 -15.00
C ALA B 596 15.97 17.37 -15.28
N VAL B 597 15.70 16.51 -16.26
CA VAL B 597 14.37 16.01 -16.57
C VAL B 597 14.41 14.50 -16.33
N ASN B 598 13.79 14.06 -15.24
CA ASN B 598 13.89 12.68 -14.79
C ASN B 598 12.84 11.82 -15.49
N ASN B 599 13.29 11.02 -16.43
CA ASN B 599 12.45 10.00 -17.06
C ASN B 599 12.83 8.64 -16.51
N LEU B 600 11.83 7.78 -16.30
CA LEU B 600 12.06 6.47 -15.72
C LEU B 600 11.57 5.42 -16.71
N TYR B 601 12.44 5.01 -17.61
CA TYR B 601 12.14 3.93 -18.52
C TYR B 601 12.29 2.61 -17.79
N GLN B 602 11.39 1.68 -18.05
CA GLN B 602 11.38 0.44 -17.29
C GLN B 602 11.96 -0.71 -18.10
N ILE B 603 12.63 -1.61 -17.41
CA ILE B 603 13.23 -2.81 -17.98
C ILE B 603 12.52 -4.02 -17.34
N PRO B 604 11.92 -4.90 -18.12
CA PRO B 604 11.28 -6.08 -17.53
C PRO B 604 12.32 -7.09 -17.05
N ALA B 605 11.83 -8.14 -16.42
CA ALA B 605 12.71 -9.14 -15.83
C ALA B 605 13.38 -9.97 -16.91
N GLY B 606 14.70 -10.10 -16.81
CA GLY B 606 15.46 -10.89 -17.75
C GLY B 606 15.72 -10.23 -19.08
N SER B 607 15.46 -8.94 -19.22
CA SER B 607 15.69 -8.22 -20.46
C SER B 607 16.99 -7.44 -20.36
N SER B 608 17.78 -7.49 -21.43
CA SER B 608 19.06 -6.79 -21.47
C SER B 608 18.97 -5.42 -22.12
N THR B 609 18.14 -5.25 -23.14
CA THR B 609 18.10 -4.04 -23.95
C THR B 609 16.86 -3.23 -23.62
N VAL B 610 17.06 -1.94 -23.33
CA VAL B 610 15.98 -0.97 -23.26
C VAL B 610 16.26 0.11 -24.30
N VAL B 611 15.21 0.55 -25.00
CA VAL B 611 15.35 1.45 -26.14
C VAL B 611 14.48 2.67 -25.90
N VAL B 612 15.10 3.81 -25.65
CA VAL B 612 14.35 5.04 -25.47
C VAL B 612 14.22 5.72 -26.83
N ASN B 613 13.30 6.68 -26.91
CA ASN B 613 13.03 7.36 -28.18
C ASN B 613 12.41 8.71 -27.86
N ILE B 614 12.99 9.76 -28.41
CA ILE B 614 12.50 11.13 -28.24
C ILE B 614 12.25 11.71 -29.63
N PRO B 615 11.03 12.14 -29.94
CA PRO B 615 10.79 12.81 -31.22
C PRO B 615 11.40 14.20 -31.24
N ASP B 616 11.58 14.74 -32.45
CA ASP B 616 12.47 15.87 -32.66
C ASP B 616 11.93 17.15 -32.06
N ARG B 617 12.86 18.00 -31.65
CA ARG B 617 12.57 19.20 -30.89
C ARG B 617 13.83 20.05 -30.87
N SER B 618 13.74 21.21 -30.22
CA SER B 618 14.90 22.06 -30.06
C SER B 618 15.76 21.52 -28.93
N TRP B 619 16.95 21.03 -29.26
CA TRP B 619 17.94 20.61 -28.28
C TRP B 619 18.94 21.71 -27.96
N GLY B 620 18.51 22.96 -28.05
CA GLY B 620 19.40 24.06 -27.73
C GLY B 620 19.68 24.12 -26.25
N ALA B 621 20.94 24.45 -25.91
CA ALA B 621 21.45 24.56 -24.55
C ALA B 621 21.30 23.25 -23.77
N PHE B 622 21.48 22.13 -24.46
CA PHE B 622 21.47 20.83 -23.81
C PHE B 622 22.78 20.64 -23.06
N ARG B 623 22.72 19.93 -21.93
CA ARG B 623 23.85 19.88 -21.02
C ARG B 623 24.52 18.51 -20.93
N GLY B 624 23.77 17.42 -20.98
CA GLY B 624 24.38 16.11 -20.99
C GLY B 624 23.41 15.03 -20.56
N TRP B 625 23.95 13.83 -20.36
CA TRP B 625 23.18 12.67 -19.94
C TRP B 625 23.68 12.17 -18.59
N SER B 626 22.85 11.35 -17.95
CA SER B 626 23.20 10.63 -16.73
C SER B 626 22.21 9.49 -16.56
N PHE B 627 22.71 8.31 -16.18
CA PHE B 627 21.84 7.14 -16.18
C PHE B 627 22.34 6.09 -15.19
N THR B 628 21.39 5.43 -14.53
CA THR B 628 21.63 4.39 -13.53
C THR B 628 20.34 3.61 -13.32
N ARG B 629 20.44 2.29 -13.30
CA ARG B 629 19.29 1.44 -13.03
C ARG B 629 18.80 1.60 -11.59
N LEU B 630 17.49 1.42 -11.42
CA LEU B 630 16.84 1.40 -10.13
C LEU B 630 15.87 0.22 -10.11
N LYS B 631 15.72 -0.41 -8.96
CA LYS B 631 14.72 -1.47 -8.86
C LYS B 631 13.32 -0.87 -8.86
N VAL B 632 12.37 -1.63 -9.40
CA VAL B 632 10.97 -1.18 -9.40
C VAL B 632 10.39 -1.27 -8.00
N SER B 633 10.70 -2.35 -7.28
CA SER B 633 10.20 -2.53 -5.93
C SER B 633 10.80 -1.55 -4.94
N GLU B 634 11.92 -0.89 -5.27
CA GLU B 634 12.57 0.07 -4.40
C GLU B 634 12.34 1.51 -4.86
N THR B 635 11.39 1.74 -5.76
CA THR B 635 11.16 3.07 -6.27
C THR B 635 9.68 3.40 -6.30
N PRO B 636 9.24 4.42 -5.59
CA PRO B 636 7.83 4.81 -5.59
C PRO B 636 7.54 5.65 -6.83
N ARG B 637 6.30 6.11 -6.90
CA ARG B 637 5.91 7.09 -7.91
C ARG B 637 5.21 8.22 -7.18
N ILE B 638 5.83 9.40 -7.19
CA ILE B 638 5.53 10.46 -6.24
C ILE B 638 4.26 11.23 -6.62
N GLY B 639 3.89 11.22 -7.89
CA GLY B 639 2.88 12.13 -8.45
C GLY B 639 1.48 12.01 -7.89
N ALA B 640 1.19 11.01 -7.07
CA ALA B 640 -0.12 10.87 -6.45
C ALA B 640 -0.01 11.17 -4.96
N THR B 641 -1.16 11.10 -4.28
CA THR B 641 -1.17 11.27 -2.83
C THR B 641 -0.77 10.00 -2.09
N GLN B 642 -0.84 8.85 -2.75
CA GLN B 642 -0.43 7.59 -2.13
C GLN B 642 -0.09 6.59 -3.24
N ASP B 643 0.97 5.82 -3.02
CA ASP B 643 1.31 4.71 -3.89
C ASP B 643 0.96 3.41 -3.17
N PRO B 644 -0.17 2.77 -3.48
CA PRO B 644 -0.56 1.57 -2.75
C PRO B 644 0.28 0.36 -3.09
N ASN B 645 0.95 0.35 -4.23
CA ASN B 645 1.80 -0.77 -4.62
C ASN B 645 3.21 -0.68 -4.04
N PHE B 646 3.51 0.41 -3.34
CA PHE B 646 4.85 0.64 -2.80
C PHE B 646 4.93 0.03 -1.41
N GLN B 647 5.54 -1.16 -1.31
CA GLN B 647 5.59 -1.91 -0.07
C GLN B 647 7.03 -2.10 0.37
N TYR B 648 7.81 -1.03 0.36
CA TYR B 648 9.22 -1.07 0.68
C TYR B 648 9.54 0.09 1.61
N SER B 649 10.53 -0.09 2.47
CA SER B 649 10.83 0.96 3.43
C SER B 649 12.32 1.17 3.65
N GLY B 650 13.17 0.65 2.79
CA GLY B 650 14.61 0.79 2.94
C GLY B 650 15.12 2.09 2.37
N SER B 651 16.39 2.09 1.97
CA SER B 651 16.96 3.24 1.30
C SER B 651 16.44 3.30 -0.13
N ILE B 652 15.78 4.40 -0.48
CA ILE B 652 15.22 4.59 -1.81
C ILE B 652 16.26 5.35 -2.63
N PRO B 653 16.88 4.73 -3.63
CA PRO B 653 17.94 5.41 -4.38
C PRO B 653 17.44 6.45 -5.38
N TYR B 654 16.14 6.62 -5.56
CA TYR B 654 15.66 7.62 -6.50
C TYR B 654 15.74 9.03 -5.92
N LEU B 655 15.57 9.17 -4.61
CA LEU B 655 15.64 10.45 -3.93
C LEU B 655 16.79 10.62 -2.95
N ASP B 656 17.44 9.54 -2.51
CA ASP B 656 18.51 9.64 -1.52
C ASP B 656 19.88 9.68 -2.18
N GLY B 657 19.99 9.25 -3.43
CA GLY B 657 21.28 9.18 -4.08
C GLY B 657 22.08 7.95 -3.78
N THR B 658 21.50 6.98 -3.07
CA THR B 658 22.21 5.76 -2.68
C THR B 658 22.16 4.75 -3.82
N PHE B 659 22.82 5.10 -4.92
CA PHE B 659 22.84 4.26 -6.10
C PHE B 659 23.83 3.13 -5.94
N TYR B 660 23.46 1.95 -6.39
CA TYR B 660 24.35 0.80 -6.34
C TYR B 660 24.28 -0.08 -7.57
N LEU B 661 23.49 0.28 -8.57
CA LEU B 661 23.35 -0.48 -9.80
C LEU B 661 23.87 0.33 -10.97
N SER B 662 25.02 0.97 -10.80
CA SER B 662 25.69 1.60 -11.92
C SER B 662 26.67 0.67 -12.60
N HIS B 663 27.12 -0.39 -11.91
CA HIS B 663 28.14 -1.30 -12.41
C HIS B 663 27.61 -2.33 -13.38
N THR B 664 26.41 -2.14 -13.91
CA THR B 664 25.70 -3.24 -14.57
C THR B 664 25.26 -2.85 -15.98
N PHE B 665 25.96 -1.90 -16.59
CA PHE B 665 25.75 -1.54 -17.99
C PHE B 665 26.89 -2.11 -18.82
N GLN B 666 26.57 -2.79 -19.92
CA GLN B 666 27.63 -3.16 -20.85
C GLN B 666 27.97 -2.00 -21.78
N ARG B 667 26.99 -1.52 -22.54
CA ARG B 667 27.28 -0.57 -23.60
C ARG B 667 26.09 0.36 -23.78
N CYS B 668 26.29 1.35 -24.66
CA CYS B 668 25.39 2.48 -24.82
C CYS B 668 25.62 3.12 -26.17
N SER B 669 24.55 3.45 -26.88
CA SER B 669 24.69 4.10 -28.18
C SER B 669 23.69 5.24 -28.28
N ILE B 670 24.13 6.32 -28.92
CA ILE B 670 23.36 7.55 -29.03
C ILE B 670 23.30 7.95 -30.50
N GLN B 671 22.10 8.05 -31.05
CA GLN B 671 21.93 8.44 -32.44
C GLN B 671 20.98 9.61 -32.58
N TRP B 672 21.37 10.57 -33.41
CA TRP B 672 20.53 11.72 -33.74
C TRP B 672 19.84 11.45 -35.06
N ASP B 673 18.52 11.69 -35.08
CA ASP B 673 17.52 11.55 -36.16
C ASP B 673 17.80 10.42 -37.15
N SER B 674 18.03 9.23 -36.61
CA SER B 674 18.09 7.93 -37.28
C SER B 674 19.28 7.74 -38.21
N SER B 675 20.08 8.78 -38.44
CA SER B 675 21.25 8.66 -39.28
C SER B 675 22.54 9.01 -38.55
N VAL B 676 22.56 10.13 -37.83
CA VAL B 676 23.78 10.68 -37.26
C VAL B 676 24.17 9.90 -36.00
N PRO B 677 25.36 9.33 -35.92
CA PRO B 677 25.82 8.77 -34.64
C PRO B 677 26.53 9.81 -33.79
N TRP B 678 26.27 9.77 -32.51
CA TRP B 678 26.97 10.71 -31.65
C TRP B 678 27.95 9.96 -30.75
N PRO B 679 29.18 10.47 -30.58
CA PRO B 679 29.81 11.68 -31.11
C PRO B 679 30.20 11.56 -32.57
N GLY B 680 30.33 10.33 -33.07
CA GLY B 680 30.75 10.11 -34.43
C GLY B 680 32.18 10.57 -34.64
N ASN B 681 32.53 10.75 -35.92
CA ASN B 681 33.79 11.36 -36.35
C ASN B 681 35.02 10.64 -35.80
N ASP B 682 34.89 9.31 -35.69
CA ASP B 682 35.81 8.30 -35.14
C ASP B 682 36.69 8.79 -33.98
N ARG B 683 36.05 9.32 -32.95
CA ARG B 683 36.77 9.92 -31.82
C ARG B 683 37.44 8.88 -30.94
N MET B 684 36.68 8.02 -30.28
CA MET B 684 37.24 7.01 -29.42
C MET B 684 37.40 5.68 -30.17
N LEU B 685 38.04 4.71 -29.51
CA LEU B 685 38.48 3.50 -30.18
C LEU B 685 37.33 2.58 -30.56
N THR B 686 36.16 2.72 -29.91
CA THR B 686 34.92 2.11 -30.38
C THR B 686 34.04 3.26 -30.84
N PRO B 687 34.11 3.67 -32.10
CA PRO B 687 33.60 4.99 -32.49
C PRO B 687 32.09 5.08 -32.55
N ASN B 688 31.38 3.98 -32.77
CA ASN B 688 29.96 4.06 -33.04
C ASN B 688 29.10 3.93 -31.79
N TRP B 689 29.65 3.45 -30.68
CA TRP B 689 28.89 3.38 -29.44
C TRP B 689 29.85 3.41 -28.26
N PHE B 690 29.32 3.84 -27.12
CA PHE B 690 30.06 3.75 -25.88
C PHE B 690 29.99 2.32 -25.35
N GLU B 691 31.09 1.88 -24.74
CA GLU B 691 31.14 0.60 -24.05
C GLU B 691 31.49 0.88 -22.60
N ILE B 692 30.51 0.72 -21.70
CA ILE B 692 30.76 0.93 -20.28
C ILE B 692 31.70 -0.12 -19.75
N LYS B 693 31.37 -1.39 -19.94
CA LYS B 693 32.30 -2.44 -19.54
C LYS B 693 32.33 -3.54 -20.60
N ARG B 694 33.52 -4.08 -20.81
CA ARG B 694 33.74 -5.20 -21.71
C ARG B 694 34.48 -6.29 -20.96
N PRO B 695 33.90 -7.48 -20.84
CA PRO B 695 34.48 -8.48 -19.94
C PRO B 695 35.74 -9.08 -20.51
N ILE B 696 36.69 -9.37 -19.61
CA ILE B 696 37.86 -10.13 -20.04
C ILE B 696 37.45 -11.60 -20.15
N ASN B 697 38.29 -12.37 -20.85
CA ASN B 697 38.17 -13.66 -21.56
C ASN B 697 37.47 -13.47 -22.91
N GLN B 698 36.92 -12.30 -23.13
CA GLN B 698 36.79 -11.66 -24.42
C GLN B 698 37.98 -10.70 -24.53
N ASP B 699 37.94 -9.78 -25.51
CA ASP B 699 38.75 -8.56 -25.51
C ASP B 699 40.25 -8.86 -25.56
N ALA B 700 40.68 -9.40 -26.70
CA ALA B 700 42.11 -9.61 -26.94
C ALA B 700 42.85 -8.28 -27.06
N GLU B 701 42.14 -7.23 -27.46
CA GLU B 701 42.62 -5.86 -27.36
C GLU B 701 42.78 -5.46 -25.90
N GLY B 702 43.56 -4.41 -25.61
CA GLY B 702 43.74 -4.01 -24.23
C GLY B 702 42.50 -3.46 -23.56
N ASN B 703 42.15 -2.21 -23.90
CA ASN B 703 40.85 -1.54 -23.64
C ASN B 703 40.24 -1.82 -22.27
N ASP B 704 41.08 -1.81 -21.22
CA ASP B 704 40.64 -2.11 -19.86
C ASP B 704 41.51 -1.32 -18.88
N THR B 705 40.98 -0.22 -18.36
CA THR B 705 41.68 0.53 -17.31
C THR B 705 41.56 -0.16 -15.96
N MET B 706 42.46 0.23 -15.05
CA MET B 706 42.32 0.08 -13.59
C MET B 706 42.26 -1.40 -13.14
N GLN B 707 42.68 -2.30 -14.02
CA GLN B 707 42.60 -3.76 -13.84
C GLN B 707 41.17 -4.20 -13.53
N SER B 708 40.26 -3.87 -14.43
CA SER B 708 38.85 -4.17 -14.23
C SER B 708 38.20 -4.35 -15.60
N ASN B 709 36.87 -4.30 -15.64
CA ASN B 709 36.13 -4.39 -16.89
C ASN B 709 35.93 -3.05 -17.57
N LEU B 710 36.26 -1.94 -16.91
CA LEU B 710 35.95 -0.62 -17.43
C LEU B 710 36.85 -0.28 -18.60
N THR B 711 36.26 0.13 -19.71
CA THR B 711 36.99 0.29 -20.96
C THR B 711 37.74 1.63 -20.99
N LYS B 712 38.76 1.68 -21.83
CA LYS B 712 39.63 2.85 -21.92
C LYS B 712 38.99 3.99 -22.67
N ASP B 713 38.02 3.70 -23.54
CA ASP B 713 37.26 4.77 -24.18
C ASP B 713 36.30 5.43 -23.21
N PHE B 714 35.92 4.72 -22.14
CA PHE B 714 34.87 5.19 -21.27
C PHE B 714 35.36 5.58 -19.89
N PHE B 715 36.52 5.08 -19.46
CA PHE B 715 37.17 5.66 -18.28
C PHE B 715 37.66 7.07 -18.56
N MET B 716 37.95 7.38 -19.82
CA MET B 716 38.41 8.71 -20.19
C MET B 716 37.29 9.74 -20.13
N VAL B 717 36.08 9.37 -20.57
CA VAL B 717 34.99 10.34 -20.58
C VAL B 717 34.47 10.59 -19.17
N GLN B 718 34.57 9.61 -18.27
CA GLN B 718 34.10 9.83 -16.91
C GLN B 718 35.09 10.69 -16.11
N MET B 719 36.37 10.60 -16.43
CA MET B 719 37.34 11.45 -15.75
C MET B 719 37.38 12.84 -16.35
N ALA B 720 37.12 12.98 -17.64
CA ALA B 720 37.13 14.30 -18.26
C ALA B 720 35.88 15.09 -17.92
N ALA B 721 34.73 14.43 -17.78
CA ALA B 721 33.51 15.15 -17.43
C ALA B 721 33.52 15.60 -15.99
N SER B 722 34.16 14.84 -15.10
CA SER B 722 34.12 15.12 -13.68
C SER B 722 35.31 15.97 -13.23
N TYR B 723 36.51 15.67 -13.71
CA TYR B 723 37.71 16.27 -13.16
C TYR B 723 38.64 16.91 -14.18
N ASN B 724 38.26 16.95 -15.46
CA ASN B 724 39.08 17.47 -16.57
C ASN B 724 40.43 16.78 -16.68
N GLN B 725 40.50 15.50 -16.33
CA GLN B 725 41.76 14.78 -16.30
C GLN B 725 42.20 14.28 -17.67
N GLY B 726 41.44 14.54 -18.73
CA GLY B 726 41.81 14.07 -20.03
C GLY B 726 42.99 14.83 -20.61
N TYR B 727 43.66 14.16 -21.56
CA TYR B 727 44.63 14.71 -22.51
C TYR B 727 45.96 15.14 -21.90
N GLN B 728 46.09 15.13 -20.58
CA GLN B 728 47.35 15.51 -19.95
C GLN B 728 47.72 14.58 -18.81
N GLY B 729 47.27 13.32 -18.84
CA GLY B 729 47.63 12.38 -17.81
C GLY B 729 46.62 12.31 -16.69
N PHE B 730 46.41 11.12 -16.15
CA PHE B 730 45.48 10.91 -15.07
C PHE B 730 46.23 10.85 -13.75
N ASN B 731 45.68 11.51 -12.74
CA ASN B 731 46.22 11.43 -11.39
C ASN B 731 45.06 11.50 -10.41
N TRP B 732 45.38 11.46 -9.13
CA TRP B 732 44.34 11.68 -8.14
C TRP B 732 44.01 13.17 -8.10
N PRO B 733 42.74 13.54 -8.20
CA PRO B 733 42.39 14.97 -8.29
C PRO B 733 42.51 15.70 -6.97
N ASN B 734 42.20 17.00 -6.98
CA ASN B 734 42.35 17.81 -5.78
C ASN B 734 41.22 17.54 -4.79
N CYS B 735 39.98 17.86 -5.18
CA CYS B 735 38.83 17.66 -4.33
C CYS B 735 37.87 16.67 -4.97
N THR B 736 37.39 15.73 -4.17
CA THR B 736 36.46 14.70 -4.60
C THR B 736 35.19 14.82 -3.78
N LYS B 737 34.05 14.96 -4.45
CA LYS B 737 32.79 15.09 -3.76
C LYS B 737 32.25 13.70 -3.38
N HIS B 738 31.11 13.70 -2.69
CA HIS B 738 30.60 12.45 -2.14
C HIS B 738 30.03 11.55 -3.22
N TYR B 739 29.37 12.12 -4.21
CA TYR B 739 28.77 11.37 -5.31
C TYR B 739 29.68 11.32 -6.53
N GLY B 740 30.99 11.32 -6.32
CA GLY B 740 31.95 11.37 -7.41
C GLY B 740 32.24 10.00 -7.97
N PHE B 741 33.24 9.96 -8.84
CA PHE B 741 33.63 8.75 -9.54
C PHE B 741 34.85 8.08 -8.94
N ILE B 742 35.89 8.85 -8.64
CA ILE B 742 37.18 8.24 -8.39
C ILE B 742 37.34 7.78 -6.95
N ASN B 743 36.59 8.33 -6.00
CA ASN B 743 36.57 7.77 -4.66
C ASN B 743 35.51 6.70 -4.49
N ASN B 744 34.66 6.49 -5.49
CA ASN B 744 33.61 5.49 -5.45
C ASN B 744 33.89 4.29 -6.33
N PHE B 745 35.00 4.28 -7.08
CA PHE B 745 35.38 3.15 -7.91
C PHE B 745 36.18 2.17 -7.07
N GLU B 746 35.85 0.88 -7.16
CA GLU B 746 36.69 -0.14 -6.55
C GLU B 746 36.86 -1.31 -7.50
N PRO B 747 38.06 -1.57 -7.99
CA PRO B 747 38.29 -2.74 -8.83
C PRO B 747 38.58 -3.98 -8.00
N MET B 748 38.32 -5.14 -8.61
CA MET B 748 38.46 -6.43 -7.95
C MET B 748 39.00 -7.45 -8.92
N SER B 749 39.56 -8.53 -8.38
CA SER B 749 40.09 -9.64 -9.16
C SER B 749 40.16 -10.87 -8.29
N ARG B 750 39.93 -12.04 -8.90
CA ARG B 750 40.12 -13.31 -8.22
C ARG B 750 40.37 -14.37 -9.28
N GLN B 751 41.05 -15.44 -8.88
CA GLN B 751 41.20 -16.60 -9.72
C GLN B 751 40.29 -17.72 -9.24
N VAL B 752 39.99 -18.64 -10.14
CA VAL B 752 39.04 -19.71 -9.87
C VAL B 752 39.46 -20.89 -10.74
N PRO B 753 39.33 -22.14 -10.27
CA PRO B 753 39.71 -23.28 -11.13
C PRO B 753 38.84 -23.48 -12.36
N GLU B 754 39.20 -24.48 -13.18
CA GLU B 754 38.54 -24.66 -14.46
C GLU B 754 37.24 -25.45 -14.35
N TYR B 755 37.13 -26.33 -13.33
CA TYR B 755 35.95 -27.14 -13.03
C TYR B 755 35.50 -28.00 -14.21
N GLY B 756 36.46 -28.72 -14.80
CA GLY B 756 36.15 -29.57 -15.93
C GLY B 756 35.68 -30.95 -15.54
N ALA B 757 36.08 -31.97 -16.31
CA ALA B 757 35.79 -33.35 -15.94
C ALA B 757 36.53 -33.75 -14.67
N ASN B 758 37.85 -33.62 -14.69
CA ASN B 758 38.61 -33.59 -13.45
C ASN B 758 38.36 -32.27 -12.74
N TYR B 759 38.69 -32.24 -11.45
CA TYR B 759 38.38 -31.17 -10.49
C TYR B 759 36.90 -30.83 -10.52
N PRO B 760 36.02 -31.68 -9.98
CA PRO B 760 34.58 -31.41 -10.06
C PRO B 760 34.16 -30.25 -9.17
N ASN B 761 32.99 -29.72 -9.47
CA ASN B 761 32.44 -28.56 -8.77
C ASN B 761 31.56 -29.06 -7.63
N LEU B 762 32.03 -28.89 -6.40
CA LEU B 762 31.30 -29.35 -5.23
C LEU B 762 30.33 -28.32 -4.70
N MET B 763 30.49 -27.06 -5.09
CA MET B 763 29.55 -26.02 -4.67
C MET B 763 28.28 -26.09 -5.50
N ALA B 764 28.39 -26.35 -6.81
CA ALA B 764 27.20 -26.48 -7.63
C ALA B 764 26.43 -27.75 -7.32
N ALA B 765 27.12 -28.78 -6.83
CA ALA B 765 26.42 -29.95 -6.33
C ALA B 765 25.78 -29.68 -4.98
N TYR B 766 26.29 -28.69 -4.25
CA TYR B 766 25.72 -28.35 -2.96
C TYR B 766 24.52 -27.41 -3.10
N LEU B 767 24.56 -26.48 -4.06
CA LEU B 767 23.41 -25.61 -4.25
C LEU B 767 22.26 -26.35 -4.92
N ALA B 768 22.56 -27.32 -5.78
CA ALA B 768 21.51 -28.14 -6.37
C ALA B 768 20.94 -29.15 -5.39
N ASN B 769 21.68 -29.49 -4.34
CA ASN B 769 21.21 -30.42 -3.32
C ASN B 769 21.91 -30.05 -2.03
N PRO B 770 21.21 -29.38 -1.11
CA PRO B 770 21.83 -29.05 0.19
C PRO B 770 22.13 -30.27 1.03
N GLN B 771 21.39 -31.35 0.83
CA GLN B 771 21.73 -32.62 1.44
C GLN B 771 22.80 -33.32 0.62
N THR B 772 23.21 -34.50 1.10
CA THR B 772 24.26 -35.44 0.65
C THR B 772 25.65 -34.88 0.98
N MET B 773 25.75 -33.60 1.38
CA MET B 773 26.88 -32.90 1.96
C MET B 773 28.18 -33.09 1.18
N PRO B 774 28.36 -32.49 0.01
CA PRO B 774 29.63 -32.67 -0.71
C PRO B 774 30.81 -31.95 -0.08
N ILE B 775 30.60 -30.77 0.49
CA ILE B 775 31.71 -30.01 1.04
C ILE B 775 32.03 -30.51 2.44
N TRP B 776 33.26 -30.97 2.63
CA TRP B 776 33.74 -31.40 3.94
C TRP B 776 34.84 -30.44 4.36
N ASN B 777 34.53 -29.58 5.32
CA ASN B 777 35.50 -28.70 5.94
C ASN B 777 35.07 -28.51 7.39
N ASN B 778 36.08 -28.36 8.27
CA ASN B 778 36.02 -28.39 9.75
C ASN B 778 34.92 -29.31 10.30
N CYS B 779 34.99 -30.56 9.85
CA CYS B 779 34.02 -31.56 10.26
C CYS B 779 34.28 -31.98 11.69
N GLY B 780 33.21 -32.24 12.43
CA GLY B 780 33.31 -32.58 13.82
C GLY B 780 33.38 -31.41 14.76
N PHE B 781 33.48 -30.19 14.23
CA PHE B 781 33.55 -28.99 15.04
C PHE B 781 32.40 -28.03 14.77
N GLN B 782 31.39 -28.47 14.03
CA GLN B 782 30.20 -27.68 13.77
C GLN B 782 29.07 -28.61 13.38
N GLN B 783 27.91 -28.02 13.08
CA GLN B 783 26.75 -28.77 12.65
C GLN B 783 26.94 -29.28 11.22
N LYS B 784 26.21 -30.35 10.89
CA LYS B 784 26.09 -30.80 9.52
C LYS B 784 25.52 -29.69 8.64
N THR B 785 25.91 -29.69 7.36
CA THR B 785 25.81 -28.48 6.57
C THR B 785 24.52 -28.34 5.78
N ALA B 786 23.52 -29.20 5.99
CA ALA B 786 22.22 -28.91 5.42
C ALA B 786 21.36 -28.13 6.41
N THR B 787 21.58 -28.35 7.70
CA THR B 787 20.86 -27.59 8.72
C THR B 787 21.69 -26.35 9.03
N ASN B 788 21.37 -25.63 10.10
CA ASN B 788 21.95 -24.34 10.44
C ASN B 788 23.42 -24.48 10.82
N VAL B 789 24.09 -23.33 10.96
CA VAL B 789 25.36 -23.29 11.66
C VAL B 789 25.19 -22.78 13.08
N LEU B 790 23.97 -22.41 13.47
CA LEU B 790 23.71 -21.97 14.83
C LEU B 790 23.54 -23.13 15.81
N LEU B 791 23.53 -24.36 15.31
CA LEU B 791 23.28 -25.53 16.14
C LEU B 791 24.59 -26.06 16.73
N GLU B 792 24.55 -27.27 17.28
CA GLU B 792 25.67 -27.82 18.02
C GLU B 792 26.69 -28.45 17.08
N ARG B 793 27.73 -29.04 17.66
CA ARG B 793 28.72 -29.74 16.87
C ARG B 793 28.22 -31.16 16.53
N CYS B 794 28.69 -31.66 15.38
CA CYS B 794 28.31 -32.97 14.89
C CYS B 794 29.47 -33.57 14.12
N GLY B 795 29.78 -34.83 14.40
CA GLY B 795 30.69 -35.61 13.58
C GLY B 795 32.02 -35.83 14.25
N HIS B 796 32.96 -36.33 13.44
CA HIS B 796 34.32 -36.61 13.86
C HIS B 796 35.29 -35.82 13.00
N PRO B 797 36.51 -35.57 13.48
CA PRO B 797 37.49 -34.89 12.64
C PRO B 797 37.99 -35.79 11.51
N TYR B 798 38.20 -35.17 10.35
CA TYR B 798 38.52 -35.90 9.14
C TYR B 798 39.10 -34.90 8.15
N VAL B 799 39.80 -35.41 7.13
CA VAL B 799 40.48 -34.58 6.16
C VAL B 799 39.46 -33.82 5.30
N ALA B 800 39.83 -32.59 4.93
CA ALA B 800 38.95 -31.73 4.14
C ALA B 800 39.14 -32.00 2.65
N ASN B 801 38.15 -31.58 1.86
CA ASN B 801 38.18 -31.78 0.41
C ASN B 801 37.78 -30.54 -0.38
N TRP B 802 37.60 -29.39 0.26
CA TRP B 802 37.10 -28.24 -0.45
C TRP B 802 37.53 -27.01 0.32
N PRO B 803 37.98 -25.94 -0.36
CA PRO B 803 38.09 -25.73 -1.80
C PRO B 803 39.37 -26.26 -2.40
N TYR B 804 39.64 -25.93 -3.66
CA TYR B 804 40.94 -26.30 -4.21
C TYR B 804 41.96 -25.23 -3.87
N PRO B 805 43.19 -25.61 -3.50
CA PRO B 805 44.18 -24.60 -3.15
C PRO B 805 44.68 -23.86 -4.38
N LEU B 806 44.61 -22.54 -4.34
CA LEU B 806 45.05 -21.70 -5.43
C LEU B 806 46.47 -21.18 -5.22
N SER B 807 47.08 -21.50 -4.08
CA SER B 807 48.38 -20.95 -3.75
C SER B 807 49.18 -22.00 -2.98
N GLY B 808 50.50 -21.89 -3.08
CA GLY B 808 51.39 -22.79 -2.38
C GLY B 808 52.03 -23.81 -3.29
N ARG B 809 52.54 -24.87 -2.66
CA ARG B 809 53.20 -25.94 -3.42
C ARG B 809 52.19 -26.81 -4.15
N ASN B 810 51.03 -27.06 -3.54
CA ASN B 810 50.01 -27.92 -4.12
C ASN B 810 48.94 -27.12 -4.85
N ALA B 811 49.31 -25.99 -5.44
CA ALA B 811 48.33 -25.15 -6.13
C ALA B 811 47.87 -25.81 -7.41
N VAL B 812 46.59 -25.63 -7.73
CA VAL B 812 46.00 -26.26 -8.91
C VAL B 812 46.47 -25.53 -10.16
N PRO B 813 46.83 -26.22 -11.23
CA PRO B 813 47.13 -25.55 -12.48
C PRO B 813 45.85 -25.19 -13.23
N ASN B 814 46.02 -24.38 -14.28
CA ASN B 814 44.95 -23.89 -15.16
C ASN B 814 43.89 -23.12 -14.35
N GLN B 815 44.33 -22.02 -13.79
CA GLN B 815 43.48 -21.13 -13.02
C GLN B 815 43.01 -19.99 -13.91
N VAL B 816 41.71 -19.85 -14.07
CA VAL B 816 41.16 -18.75 -14.85
C VAL B 816 40.80 -17.60 -13.92
N THR B 817 41.09 -16.38 -14.35
CA THR B 817 40.80 -15.18 -13.58
C THR B 817 39.66 -14.41 -14.21
N GLU B 818 38.95 -13.64 -13.38
CA GLU B 818 37.93 -12.74 -13.90
C GLU B 818 37.90 -11.46 -13.07
N ARG B 819 37.66 -10.34 -13.74
CA ARG B 819 37.68 -9.02 -13.15
C ARG B 819 36.28 -8.45 -13.14
N LYS B 820 35.98 -7.64 -12.13
CA LYS B 820 34.78 -6.84 -12.11
C LYS B 820 35.02 -5.62 -11.25
N PHE B 821 34.06 -4.70 -11.24
CA PHE B 821 34.16 -3.47 -10.49
C PHE B 821 32.81 -3.14 -9.88
N LEU B 822 32.81 -2.29 -8.88
CA LEU B 822 31.59 -1.85 -8.21
C LEU B 822 31.70 -0.36 -7.92
N VAL B 823 30.81 0.42 -8.51
CA VAL B 823 30.66 1.84 -8.21
C VAL B 823 29.37 2.05 -7.44
N ASP B 824 29.42 2.94 -6.46
CA ASP B 824 28.25 3.29 -5.68
C ASP B 824 28.10 4.81 -5.72
N ARG B 825 26.87 5.26 -5.45
CA ARG B 825 26.51 6.67 -5.32
C ARG B 825 26.78 7.46 -6.60
N TYR B 826 26.73 6.81 -7.76
CA TYR B 826 27.28 7.43 -8.95
C TYR B 826 26.35 7.22 -10.14
N LEU B 827 26.12 8.29 -10.88
CA LEU B 827 25.42 8.28 -12.15
C LEU B 827 26.45 8.34 -13.26
N TRP B 828 26.35 7.43 -14.23
CA TRP B 828 27.25 7.49 -15.38
C TRP B 828 26.92 8.71 -16.21
N GLN B 829 27.75 9.74 -16.14
CA GLN B 829 27.48 10.97 -16.86
C GLN B 829 28.18 10.96 -18.20
N ILE B 830 27.48 11.49 -19.21
CA ILE B 830 27.99 11.65 -20.57
C ILE B 830 27.81 13.10 -20.95
N PRO B 831 28.87 13.90 -21.01
CA PRO B 831 28.70 15.33 -21.29
C PRO B 831 28.43 15.59 -22.76
N PHE B 832 27.63 16.61 -23.02
CA PHE B 832 27.29 16.99 -24.38
C PHE B 832 28.20 18.14 -24.80
N SER B 833 29.46 17.79 -25.05
CA SER B 833 30.46 18.75 -25.49
C SER B 833 31.38 18.05 -26.47
N SER B 834 32.11 18.86 -27.24
CA SER B 834 32.91 18.38 -28.37
C SER B 834 34.04 17.46 -27.92
N ASN B 835 35.00 17.99 -27.18
CA ASN B 835 35.77 17.13 -26.29
C ASN B 835 34.93 16.85 -25.06
N PHE B 836 35.26 15.78 -24.35
CA PHE B 836 34.38 15.29 -23.29
C PHE B 836 34.65 15.94 -21.95
N LEU B 837 35.19 17.15 -21.93
CA LEU B 837 35.50 17.84 -20.70
C LEU B 837 34.69 19.13 -20.61
N ASN B 838 34.86 19.83 -19.49
CA ASN B 838 34.04 20.98 -19.13
C ASN B 838 34.79 22.26 -19.46
N MET B 839 34.39 22.92 -20.54
CA MET B 839 34.83 24.27 -20.82
C MET B 839 33.77 25.30 -20.49
N GLY B 840 32.58 24.87 -20.09
CA GLY B 840 31.50 25.77 -19.79
C GLY B 840 30.23 25.06 -19.38
N THR B 841 29.42 25.71 -18.54
CA THR B 841 28.11 25.16 -18.19
C THR B 841 27.20 25.13 -19.41
N LEU B 842 27.13 26.25 -20.13
CA LEU B 842 26.52 26.28 -21.45
C LEU B 842 27.57 25.82 -22.44
N THR B 843 27.46 24.57 -22.88
CA THR B 843 28.56 23.90 -23.60
C THR B 843 28.69 24.46 -25.02
N ASP B 844 29.73 24.01 -25.73
CA ASP B 844 29.95 24.47 -27.09
C ASP B 844 29.03 23.78 -28.09
N LEU B 845 28.70 22.51 -27.87
CA LEU B 845 27.67 21.87 -28.69
C LEU B 845 26.27 22.28 -28.29
N GLY B 846 26.09 22.89 -27.12
CA GLY B 846 24.80 23.43 -26.75
C GLY B 846 24.43 24.71 -27.48
N GLN B 847 25.35 25.28 -28.24
CA GLN B 847 25.08 26.46 -29.03
C GLN B 847 25.10 26.20 -30.53
N ASN B 848 25.60 25.04 -30.97
CA ASN B 848 25.61 24.71 -32.38
C ASN B 848 24.33 24.04 -32.85
N VAL B 849 23.55 23.45 -31.94
CA VAL B 849 22.32 22.76 -32.33
C VAL B 849 21.27 23.76 -32.77
N MET B 850 21.29 24.97 -32.23
CA MET B 850 20.36 26.00 -32.66
C MET B 850 20.86 26.74 -33.95
N TYR B 851 21.72 26.11 -34.73
CA TYR B 851 22.06 26.63 -36.06
C TYR B 851 20.85 26.48 -36.96
N ALA B 852 20.30 27.63 -37.40
CA ALA B 852 19.10 27.73 -38.23
C ALA B 852 17.89 27.06 -37.59
N ASN B 853 17.87 27.03 -36.25
CA ASN B 853 16.74 26.55 -35.43
C ASN B 853 16.35 25.12 -35.76
N SER B 854 17.34 24.29 -36.05
CA SER B 854 17.06 22.92 -36.48
C SER B 854 16.59 22.07 -35.32
N SER B 855 15.87 21.00 -35.64
CA SER B 855 15.32 20.09 -34.64
C SER B 855 15.73 18.67 -34.98
N HIS B 856 16.26 17.95 -34.00
CA HIS B 856 16.78 16.60 -34.18
C HIS B 856 16.08 15.65 -33.23
N SER B 857 15.79 14.44 -33.69
CA SER B 857 15.23 13.43 -32.82
C SER B 857 16.33 12.51 -32.32
N LEU B 858 16.04 11.81 -31.23
CA LEU B 858 17.06 11.10 -30.48
C LEU B 858 16.54 9.76 -30.02
N ASN B 859 17.26 8.68 -30.35
CA ASN B 859 17.00 7.39 -29.74
C ASN B 859 18.29 6.80 -29.19
N MET B 860 18.19 6.12 -28.06
CA MET B 860 19.34 5.56 -27.38
C MET B 860 19.03 4.11 -27.01
N GLN B 861 19.76 3.18 -27.62
CA GLN B 861 19.66 1.78 -27.27
C GLN B 861 20.69 1.47 -26.20
N PHE B 862 20.27 0.88 -25.09
CA PHE B 862 21.16 0.52 -24.00
C PHE B 862 21.29 -1.00 -23.89
N THR B 863 22.19 -1.43 -23.02
CA THR B 863 22.34 -2.85 -22.75
C THR B 863 22.77 -3.03 -21.30
N VAL B 864 21.95 -3.73 -20.51
CA VAL B 864 22.23 -3.95 -19.10
C VAL B 864 22.39 -5.45 -18.87
N ASP B 865 22.86 -5.80 -17.68
CA ASP B 865 22.92 -7.21 -17.31
C ASP B 865 21.51 -7.76 -17.10
N PRO B 866 21.26 -9.00 -17.48
CA PRO B 866 19.95 -9.59 -17.20
C PRO B 866 19.76 -9.87 -15.71
N MET B 867 18.83 -9.17 -15.08
CA MET B 867 18.53 -9.36 -13.67
C MET B 867 17.11 -9.87 -13.51
N THR B 868 16.91 -10.72 -12.50
CA THR B 868 15.71 -11.54 -12.37
C THR B 868 14.52 -10.81 -11.77
N GLU B 869 14.54 -9.48 -11.69
CA GLU B 869 13.44 -8.68 -11.18
C GLU B 869 13.25 -7.47 -12.08
N PRO B 870 12.05 -6.91 -12.14
CA PRO B 870 11.85 -5.70 -12.96
C PRO B 870 12.58 -4.51 -12.35
N THR B 871 13.29 -3.78 -13.21
CA THR B 871 14.07 -2.61 -12.80
C THR B 871 13.72 -1.43 -13.69
N TYR B 872 13.80 -0.23 -13.11
CA TYR B 872 13.64 0.98 -13.89
C TYR B 872 14.96 1.38 -14.53
N LEU B 873 15.02 2.61 -15.03
CA LEU B 873 16.25 3.18 -15.56
C LEU B 873 16.16 4.70 -15.36
N MET B 874 16.85 5.20 -14.35
CA MET B 874 16.80 6.63 -14.05
C MET B 874 17.68 7.36 -15.05
N LEU B 875 17.11 7.68 -16.21
CA LEU B 875 17.77 8.52 -17.17
C LEU B 875 17.35 9.95 -16.92
N LEU B 876 18.30 10.88 -16.96
CA LEU B 876 18.02 12.27 -16.64
C LEU B 876 18.83 13.18 -17.54
N PHE B 877 18.14 13.85 -18.46
CA PHE B 877 18.79 14.74 -19.40
C PHE B 877 19.26 16.00 -18.69
N GLY B 878 20.46 16.45 -19.00
CA GLY B 878 20.95 17.68 -18.41
C GLY B 878 20.28 18.89 -19.01
N VAL B 879 19.56 19.65 -18.20
CA VAL B 879 18.89 20.86 -18.65
C VAL B 879 19.33 22.01 -17.77
N PHE B 880 18.82 23.20 -18.11
CA PHE B 880 18.93 24.36 -17.25
C PHE B 880 17.56 24.65 -16.64
N ASP B 881 17.55 25.35 -15.52
CA ASP B 881 16.30 25.63 -14.85
C ASP B 881 16.45 26.95 -14.12
N GLN B 882 15.50 27.85 -14.29
CA GLN B 882 15.65 29.21 -13.83
C GLN B 882 14.33 29.71 -13.27
N VAL B 883 14.41 30.75 -12.44
CA VAL B 883 13.26 31.54 -12.02
C VAL B 883 13.60 32.99 -12.30
N VAL B 884 12.69 33.90 -11.93
CA VAL B 884 12.87 35.34 -12.16
C VAL B 884 12.69 36.13 -10.88
N ILE B 885 12.01 35.55 -9.90
CA ILE B 885 10.97 36.17 -9.08
C ILE B 885 11.15 37.66 -8.81
N ASN B 886 10.14 38.45 -9.18
CA ASN B 886 10.18 39.89 -9.01
C ASN B 886 9.11 40.34 -8.02
N GLN B 887 9.36 41.49 -7.39
CA GLN B 887 8.48 42.04 -6.37
C GLN B 887 8.38 43.55 -6.59
N PRO B 888 7.62 43.99 -7.60
CA PRO B 888 7.61 45.43 -7.89
C PRO B 888 6.78 46.24 -6.93
N THR B 889 5.74 45.65 -6.38
CA THR B 889 4.85 46.29 -5.43
C THR B 889 4.55 45.24 -4.36
N ARG B 890 4.30 45.69 -3.14
CA ARG B 890 3.88 44.75 -2.09
C ARG B 890 2.55 44.11 -2.46
N SER B 891 2.45 42.81 -2.15
CA SER B 891 1.41 41.92 -2.68
C SER B 891 1.38 41.97 -4.21
N GLY B 892 2.55 41.87 -4.82
CA GLY B 892 2.67 41.90 -6.28
C GLY B 892 3.71 40.95 -6.81
N ILE B 893 3.95 39.86 -6.08
CA ILE B 893 5.02 38.93 -6.45
C ILE B 893 4.58 38.09 -7.65
N SER B 894 5.54 37.76 -8.51
CA SER B 894 5.25 37.00 -9.73
C SER B 894 6.53 36.32 -10.20
N VAL B 895 6.38 35.36 -11.12
CA VAL B 895 7.47 34.51 -11.56
C VAL B 895 7.53 34.43 -13.08
N ALA B 896 8.55 33.70 -13.54
CA ALA B 896 8.61 33.14 -14.88
C ALA B 896 9.61 31.99 -14.82
N TYR B 897 9.12 30.75 -14.87
CA TYR B 897 10.03 29.62 -14.90
C TYR B 897 10.39 29.32 -16.34
N LEU B 898 11.59 28.78 -16.55
CA LEU B 898 12.00 28.44 -17.91
C LEU B 898 13.05 27.33 -17.84
N ARG B 899 12.84 26.29 -18.64
CA ARG B 899 13.74 25.15 -18.75
C ARG B 899 14.11 25.01 -20.22
N LEU B 900 15.39 25.26 -20.57
CA LEU B 900 15.72 25.55 -21.98
C LEU B 900 15.62 24.35 -22.93
N PRO B 901 16.19 23.17 -22.66
CA PRO B 901 16.01 22.10 -23.64
C PRO B 901 14.61 21.51 -23.65
N PHE B 902 14.00 21.35 -22.47
CA PHE B 902 12.66 20.78 -22.35
C PHE B 902 11.76 21.84 -21.73
N ALA B 903 11.19 22.70 -22.57
CA ALA B 903 10.35 23.78 -22.06
C ALA B 903 8.96 23.26 -21.74
N SER B 904 8.45 23.66 -20.57
CA SER B 904 7.06 23.45 -20.20
C SER B 904 6.30 24.71 -20.56
N GLY B 905 5.91 24.80 -21.82
CA GLY B 905 5.56 26.08 -22.42
C GLY B 905 4.15 26.57 -22.19
N SER B 906 3.45 26.86 -23.30
CA SER B 906 2.16 27.57 -23.34
C SER B 906 2.27 28.91 -22.63
N MET C 1 74.42 29.73 -25.54
CA MET C 1 74.38 28.73 -24.49
C MET C 1 74.95 29.27 -23.19
N GLU C 2 75.52 30.46 -23.23
CA GLU C 2 76.12 31.10 -22.07
C GLU C 2 75.50 32.47 -21.84
N PRO C 3 75.35 32.89 -20.57
CA PRO C 3 75.66 32.23 -19.29
C PRO C 3 74.68 31.13 -18.93
N GLN C 4 75.21 30.07 -18.31
CA GLN C 4 74.49 28.82 -18.19
C GLN C 4 73.45 28.80 -17.09
N ARG C 5 73.41 29.79 -16.21
CA ARG C 5 72.36 29.78 -15.19
C ARG C 5 71.07 30.36 -15.74
N GLU C 6 71.15 31.41 -16.54
CA GLU C 6 69.90 31.99 -17.04
C GLU C 6 69.35 31.23 -18.23
N PHE C 7 70.20 30.59 -19.03
CA PHE C 7 69.72 29.88 -20.21
C PHE C 7 68.96 28.62 -19.82
N PHE C 8 69.45 27.92 -18.80
CA PHE C 8 68.71 26.80 -18.24
C PHE C 8 67.80 27.24 -17.12
N HIS C 9 67.73 28.54 -16.85
CA HIS C 9 66.75 29.18 -16.00
C HIS C 9 66.88 28.73 -14.54
N ILE C 10 68.13 28.67 -14.09
CA ILE C 10 68.43 28.57 -12.68
C ILE C 10 68.16 29.90 -11.99
N ALA C 11 68.65 30.98 -12.57
CA ALA C 11 68.40 32.33 -12.10
C ALA C 11 67.91 33.18 -13.26
N GLY C 12 67.60 34.43 -12.96
CA GLY C 12 67.27 35.39 -14.00
C GLY C 12 65.76 35.65 -14.07
N ARG C 13 65.22 35.58 -15.29
CA ARG C 13 63.87 36.03 -15.54
C ARG C 13 62.84 34.97 -15.18
N SER C 14 61.68 35.42 -14.71
CA SER C 14 60.61 34.52 -14.32
C SER C 14 59.93 33.95 -15.56
N ALA C 15 58.97 33.05 -15.34
CA ALA C 15 58.44 32.21 -16.40
C ALA C 15 57.64 33.00 -17.42
N LYS C 16 57.01 34.10 -17.02
CA LYS C 16 56.23 34.93 -17.91
C LYS C 16 57.02 36.16 -18.36
N GLU C 17 58.34 36.08 -18.37
CA GLU C 17 59.18 37.18 -18.81
C GLU C 17 60.17 36.82 -19.89
N TYR C 18 60.51 35.54 -20.07
CA TYR C 18 61.35 35.14 -21.20
C TYR C 18 60.55 34.53 -22.33
N LEU C 19 59.24 34.36 -22.17
CA LEU C 19 58.43 33.90 -23.27
C LEU C 19 58.05 35.08 -24.16
N SER C 20 57.54 34.77 -25.34
CA SER C 20 57.02 35.82 -26.19
C SER C 20 55.68 36.31 -25.65
N GLU C 21 55.31 37.54 -26.02
CA GLU C 21 54.05 38.11 -25.54
C GLU C 21 52.85 37.39 -26.13
N ASN C 22 52.99 36.83 -27.33
CA ASN C 22 51.91 36.06 -27.92
C ASN C 22 51.68 34.74 -27.20
N LEU C 23 52.72 34.14 -26.64
CA LEU C 23 52.53 32.86 -25.97
C LEU C 23 51.98 33.05 -24.56
N VAL C 24 52.40 34.12 -23.88
CA VAL C 24 51.89 34.40 -22.54
C VAL C 24 50.40 34.71 -22.58
N GLN C 25 49.97 35.49 -23.59
CA GLN C 25 48.55 35.75 -23.76
C GLN C 25 47.78 34.54 -24.24
N PHE C 26 48.46 33.54 -24.81
CA PHE C 26 47.77 32.30 -25.14
C PHE C 26 47.50 31.47 -23.89
N ILE C 27 48.54 31.22 -23.09
CA ILE C 27 48.42 30.32 -21.95
C ILE C 27 47.66 30.93 -20.79
N GLN C 28 47.39 32.24 -20.81
CA GLN C 28 46.42 32.80 -19.88
C GLN C 28 45.01 32.51 -20.32
N ALA C 29 44.75 32.55 -21.63
CA ALA C 29 43.41 32.32 -22.15
C ALA C 29 43.04 30.85 -22.08
N THR C 30 43.80 30.00 -22.78
CA THR C 30 43.56 28.56 -22.74
C THR C 30 44.28 28.02 -21.52
N GLN C 31 43.65 28.17 -20.37
CA GLN C 31 44.24 27.73 -19.11
C GLN C 31 43.35 26.77 -18.35
N ASN C 32 42.04 27.00 -18.37
CA ASN C 32 41.11 26.17 -17.62
C ASN C 32 40.86 24.82 -18.28
N TYR C 33 41.38 24.57 -19.47
CA TYR C 33 41.19 23.27 -20.09
C TYR C 33 42.44 22.69 -20.76
N PHE C 34 43.49 23.47 -20.98
CA PHE C 34 44.68 22.95 -21.66
C PHE C 34 45.88 23.73 -21.13
N ASN C 35 46.52 23.19 -20.09
CA ASN C 35 47.50 23.93 -19.30
C ASN C 35 48.89 23.73 -19.88
N ILE C 36 49.51 24.83 -20.31
CA ILE C 36 50.90 24.83 -20.80
C ILE C 36 51.66 25.71 -19.80
N GLY C 37 51.25 25.64 -18.55
CA GLY C 37 51.89 26.46 -17.53
C GLY C 37 53.08 25.79 -16.89
N GLU C 38 52.96 24.50 -16.65
CA GLU C 38 54.02 23.73 -16.02
C GLU C 38 55.06 23.23 -17.01
N LYS C 39 54.93 23.58 -18.29
CA LYS C 39 55.94 23.25 -19.26
C LYS C 39 57.15 24.18 -19.20
N PHE C 40 57.10 25.22 -18.38
CA PHE C 40 58.12 26.24 -18.37
C PHE C 40 58.62 26.49 -16.96
N ARG C 41 59.93 26.52 -16.81
CA ARG C 41 60.57 26.56 -15.50
C ARG C 41 60.68 27.99 -14.99
N ASP C 42 60.42 28.17 -13.70
CA ASP C 42 60.41 29.47 -13.06
C ASP C 42 61.44 29.52 -11.94
N PRO C 43 62.41 30.42 -11.97
CA PRO C 43 63.44 30.45 -10.94
C PRO C 43 62.94 31.03 -9.63
N TYR C 44 63.76 30.86 -8.59
CA TYR C 44 63.42 31.33 -7.24
C TYR C 44 64.75 31.51 -6.51
N VAL C 45 65.18 32.76 -6.39
CA VAL C 45 66.56 33.09 -6.05
C VAL C 45 66.61 33.76 -4.68
N ALA C 46 67.51 33.28 -3.82
CA ALA C 46 67.78 33.89 -2.53
C ALA C 46 68.42 35.27 -2.71
N PRO C 47 68.31 36.17 -1.70
CA PRO C 47 68.89 37.52 -1.87
C PRO C 47 70.40 37.57 -2.00
N SER C 48 71.12 36.98 -1.03
CA SER C 48 72.59 36.95 -0.97
C SER C 48 73.22 38.35 -0.98
N ALA C 49 72.54 39.33 -0.40
CA ALA C 49 73.07 40.69 -0.35
C ALA C 49 72.48 41.35 0.90
N GLY C 50 73.25 41.35 1.97
CA GLY C 50 72.85 42.07 3.16
C GLY C 50 71.77 41.40 3.99
N VAL C 51 71.73 40.08 4.02
CA VAL C 51 70.79 39.37 4.89
C VAL C 51 71.48 38.52 5.94
N THR C 52 72.76 38.18 5.79
CA THR C 52 73.48 37.41 6.78
C THR C 52 74.93 37.85 6.81
N THR C 53 75.45 38.09 8.00
CA THR C 53 76.77 38.66 8.19
C THR C 53 77.88 37.63 7.99
N ASP C 54 79.11 38.12 7.97
CA ASP C 54 80.31 37.30 7.90
C ASP C 54 80.81 36.91 9.29
N ARG C 55 80.60 37.78 10.28
CA ARG C 55 81.24 37.65 11.58
C ARG C 55 80.74 36.45 12.35
N SER C 56 81.54 36.01 13.31
CA SER C 56 81.23 34.82 14.09
C SER C 56 80.10 35.13 15.07
N GLN C 57 79.05 34.32 15.04
CA GLN C 57 77.86 34.59 15.83
C GLN C 57 77.11 33.29 16.08
N LYS C 58 76.64 33.10 17.31
CA LYS C 58 75.96 31.87 17.68
C LYS C 58 74.55 31.84 17.13
N LEU C 59 74.09 30.65 16.74
CA LEU C 59 72.68 30.45 16.49
C LEU C 59 71.89 30.46 17.79
N GLN C 60 72.17 29.51 18.66
CA GLN C 60 71.52 29.43 19.97
C GLN C 60 72.54 29.75 21.05
N LEU C 61 72.03 29.97 22.26
CA LEU C 61 72.89 30.43 23.36
C LEU C 61 72.41 29.83 24.66
N ARG C 62 73.25 28.99 25.27
CA ARG C 62 72.99 28.44 26.60
C ARG C 62 73.49 29.44 27.64
N VAL C 63 72.57 30.20 28.23
CA VAL C 63 72.93 31.12 29.30
C VAL C 63 72.57 30.46 30.64
N VAL C 64 73.54 30.45 31.55
CA VAL C 64 73.42 29.81 32.85
C VAL C 64 72.75 30.77 33.81
N PRO C 65 72.10 30.32 34.89
CA PRO C 65 71.52 31.27 35.83
C PRO C 65 72.57 31.95 36.68
N ILE C 66 72.29 33.21 37.02
CA ILE C 66 73.21 33.99 37.84
C ILE C 66 73.23 33.46 39.26
N GLN C 67 72.07 33.46 39.92
CA GLN C 67 71.93 32.88 41.24
C GLN C 67 70.52 32.34 41.42
N THR C 68 70.42 31.16 42.02
CA THR C 68 69.16 30.47 42.23
C THR C 68 68.91 30.26 43.71
N GLU C 69 67.67 29.94 44.05
CA GLU C 69 67.34 29.51 45.39
C GLU C 69 66.33 28.37 45.31
N ASP C 70 66.26 27.60 46.39
CA ASP C 70 65.45 26.39 46.40
C ASP C 70 64.90 26.21 47.81
N ASN C 71 63.57 26.16 47.92
CA ASN C 71 62.93 25.73 49.16
C ASN C 71 61.92 24.63 48.87
N VAL C 72 61.05 24.33 49.83
CA VAL C 72 60.04 23.31 49.64
C VAL C 72 59.04 23.73 48.58
N ASN C 73 58.73 25.02 48.51
CA ASN C 73 57.65 25.49 47.66
C ASN C 73 58.05 25.67 46.20
N TYR C 74 59.12 26.40 45.91
CA TYR C 74 59.39 26.85 44.55
C TYR C 74 60.88 26.70 44.24
N TYR C 75 61.29 27.25 43.10
CA TYR C 75 62.68 27.24 42.67
C TYR C 75 62.93 28.43 41.77
N LYS C 76 63.64 29.44 42.27
CA LYS C 76 63.96 30.63 41.50
C LYS C 76 65.06 30.33 40.49
N ALA C 77 64.89 30.83 39.27
CA ALA C 77 65.96 30.88 38.28
C ALA C 77 66.09 32.30 37.77
N ARG C 78 67.23 32.94 38.04
CA ARG C 78 67.46 34.33 37.67
C ARG C 78 68.55 34.38 36.60
N PHE C 79 68.23 35.01 35.48
CA PHE C 79 69.11 35.05 34.32
C PHE C 79 69.43 36.48 33.95
N THR C 80 70.57 36.65 33.27
CA THR C 80 70.96 37.94 32.71
C THR C 80 71.17 37.74 31.21
N LEU C 81 70.23 38.24 30.42
CA LEU C 81 70.23 38.03 28.98
C LEU C 81 70.96 39.20 28.32
N ASN C 82 72.20 38.97 27.93
CA ASN C 82 73.03 40.03 27.34
C ASN C 82 72.86 39.97 25.84
N VAL C 83 71.88 40.71 25.33
CA VAL C 83 71.75 40.89 23.89
C VAL C 83 72.87 41.83 23.46
N GLY C 84 73.81 41.31 22.68
CA GLY C 84 74.98 42.08 22.30
C GLY C 84 74.65 43.18 21.32
N ASP C 85 75.70 43.91 20.94
CA ASP C 85 75.53 44.99 19.98
C ASP C 85 75.29 44.41 18.59
N ASN C 86 74.36 45.05 17.86
CA ASN C 86 73.98 44.69 16.49
C ASN C 86 73.40 43.28 16.38
N ARG C 87 72.76 42.80 17.44
CA ARG C 87 72.17 41.47 17.45
C ARG C 87 70.74 41.59 17.95
N LEU C 88 69.87 40.72 17.44
CA LEU C 88 68.45 40.76 17.76
C LEU C 88 68.02 39.42 18.34
N VAL C 89 66.86 39.42 19.00
CA VAL C 89 66.27 38.20 19.50
C VAL C 89 64.76 38.36 19.58
N ASP C 90 64.03 37.33 19.15
CA ASP C 90 62.61 37.21 19.39
C ASP C 90 62.42 36.23 20.54
N LEU C 91 61.62 36.61 21.52
CA LEU C 91 61.42 35.75 22.67
C LEU C 91 60.48 34.58 22.41
N GLY C 92 59.93 34.47 21.19
CA GLY C 92 59.23 33.26 20.83
C GLY C 92 60.14 32.05 20.81
N SER C 93 61.39 32.25 20.38
CA SER C 93 62.38 31.19 20.37
C SER C 93 62.90 30.84 21.75
N SER C 94 62.61 31.65 22.76
CA SER C 94 63.12 31.38 24.10
C SER C 94 62.35 30.27 24.78
N TYR C 95 63.07 29.49 25.58
CA TYR C 95 62.47 28.52 26.49
C TYR C 95 63.48 28.20 27.58
N PHE C 96 62.99 27.53 28.62
CA PHE C 96 63.84 27.05 29.70
C PHE C 96 64.12 25.57 29.49
N ASP C 97 65.40 25.21 29.46
CA ASP C 97 65.84 23.84 29.28
C ASP C 97 66.03 23.22 30.66
N ILE C 98 64.97 22.59 31.17
CA ILE C 98 64.95 22.07 32.54
C ILE C 98 65.37 20.62 32.54
N LYS C 99 66.36 20.28 33.37
CA LYS C 99 66.77 18.92 33.61
C LYS C 99 66.63 18.63 35.10
N GLY C 100 66.09 17.46 35.43
CA GLY C 100 65.95 17.08 36.83
C GLY C 100 65.50 15.64 36.94
N THR C 101 65.28 15.23 38.18
CA THR C 101 64.72 13.91 38.47
C THR C 101 63.39 14.07 39.19
N LEU C 102 62.62 12.99 39.21
CA LEU C 102 61.23 13.02 39.61
C LEU C 102 60.80 11.67 40.16
N ASP C 103 60.18 11.69 41.34
CA ASP C 103 59.58 10.51 41.95
C ASP C 103 58.08 10.58 41.76
N ARG C 104 57.49 9.50 41.25
CA ARG C 104 56.06 9.47 41.02
C ARG C 104 55.27 8.88 42.18
N GLY C 105 55.92 8.20 43.10
CA GLY C 105 55.23 7.65 44.25
C GLY C 105 54.60 6.30 43.98
N PRO C 106 54.05 5.67 45.02
CA PRO C 106 53.49 4.32 44.86
C PRO C 106 52.17 4.26 44.11
N SER C 107 51.51 5.40 43.89
CA SER C 107 50.22 5.40 43.21
C SER C 107 50.32 5.26 41.71
N PHE C 108 51.53 5.16 41.16
CA PHE C 108 51.71 5.09 39.73
C PHE C 108 51.56 3.65 39.25
N LYS C 109 50.78 3.46 38.19
CA LYS C 109 50.65 2.17 37.53
C LYS C 109 50.42 2.40 36.05
N PRO C 110 51.41 2.13 35.22
CA PRO C 110 51.35 2.59 33.83
C PRO C 110 50.63 1.66 32.87
N TYR C 111 49.84 0.73 33.38
CA TYR C 111 49.21 -0.26 32.52
C TYR C 111 47.98 -0.82 33.20
N GLY C 112 47.23 -1.62 32.45
CA GLY C 112 46.04 -2.25 32.95
C GLY C 112 46.28 -3.73 33.22
N GLY C 113 45.49 -4.29 34.14
CA GLY C 113 45.65 -5.69 34.49
C GLY C 113 46.88 -5.89 35.35
N THR C 114 47.52 -7.03 35.20
CA THR C 114 48.73 -7.37 35.94
C THR C 114 49.80 -7.84 34.97
N ALA C 115 51.00 -8.03 35.50
CA ALA C 115 52.13 -8.49 34.70
C ALA C 115 52.72 -9.77 35.23
N TYR C 116 52.07 -10.42 36.19
CA TYR C 116 52.58 -11.65 36.78
C TYR C 116 51.47 -12.69 36.79
N ASN C 117 51.75 -13.85 36.20
CA ASN C 117 50.79 -14.91 35.94
C ASN C 117 49.47 -14.43 35.32
N PRO C 118 49.52 -13.73 34.16
CA PRO C 118 48.30 -13.07 33.68
C PRO C 118 47.30 -14.02 33.04
N LEU C 119 47.69 -15.23 32.67
CA LEU C 119 46.77 -16.19 32.07
C LEU C 119 45.98 -16.95 33.11
N ALA C 120 46.34 -16.85 34.38
CA ALA C 120 45.68 -17.60 35.43
C ALA C 120 44.28 -17.06 35.69
N PRO C 121 43.35 -17.92 36.12
CA PRO C 121 42.09 -17.41 36.66
C PRO C 121 42.34 -16.67 37.96
N LYS C 122 41.46 -15.71 38.24
CA LYS C 122 41.69 -14.79 39.35
C LYS C 122 41.45 -15.44 40.71
N SER C 123 40.77 -16.58 40.75
CA SER C 123 40.52 -17.30 41.99
C SER C 123 41.54 -18.40 42.25
N ALA C 124 42.49 -18.58 41.35
CA ALA C 124 43.36 -19.75 41.38
C ALA C 124 44.45 -19.60 42.44
N PRO C 125 44.60 -20.57 43.34
CA PRO C 125 45.74 -20.55 44.26
C PRO C 125 46.94 -21.30 43.71
N ILE C 126 48.12 -20.84 44.13
CA ILE C 126 49.36 -21.53 43.79
C ILE C 126 49.50 -22.77 44.66
N ASN C 127 50.45 -23.63 44.33
CA ASN C 127 50.76 -24.75 45.20
C ASN C 127 51.43 -24.21 46.45
N SER C 128 50.77 -24.36 47.59
CA SER C 128 51.20 -23.67 48.80
C SER C 128 50.80 -24.48 50.02
N ALA C 129 51.13 -23.93 51.19
CA ALA C 129 50.84 -24.56 52.47
C ALA C 129 50.09 -23.55 53.33
N PHE C 130 48.80 -23.78 53.52
CA PHE C 130 47.98 -22.90 54.35
C PHE C 130 47.91 -23.41 55.78
N THR C 131 47.71 -22.49 56.70
CA THR C 131 47.54 -22.81 58.11
C THR C 131 46.28 -22.14 58.62
N VAL C 132 45.37 -22.93 59.18
CA VAL C 132 44.20 -22.41 59.89
C VAL C 132 44.01 -23.24 61.16
N GLY C 133 43.94 -22.56 62.30
CA GLY C 133 43.89 -23.23 63.58
C GLY C 133 45.21 -23.94 63.89
N ASN C 134 45.12 -25.05 64.62
CA ASN C 134 46.26 -25.93 64.78
C ASN C 134 46.50 -26.75 63.53
N ASP C 135 45.49 -26.90 62.69
CA ASP C 135 45.62 -27.62 61.43
C ASP C 135 46.47 -26.81 60.46
N THR C 136 47.14 -27.53 59.56
CA THR C 136 47.77 -26.92 58.40
C THR C 136 47.29 -27.64 57.14
N HIS C 137 47.07 -26.87 56.08
CA HIS C 137 46.50 -27.39 54.85
C HIS C 137 47.50 -27.26 53.72
N PHE C 138 47.52 -28.25 52.84
CA PHE C 138 48.26 -28.17 51.60
C PHE C 138 47.28 -28.17 50.44
N VAL C 139 47.63 -27.41 49.40
CA VAL C 139 47.01 -27.55 48.09
C VAL C 139 48.15 -27.66 47.08
N ALA C 140 48.02 -28.60 46.16
CA ALA C 140 49.15 -28.92 45.29
C ALA C 140 48.67 -29.44 43.95
N GLN C 141 49.49 -29.21 42.94
CA GLN C 141 49.35 -29.83 41.63
C GLN C 141 50.69 -30.45 41.28
N LEU C 142 50.70 -31.75 41.01
CA LEU C 142 51.96 -32.49 40.84
C LEU C 142 52.08 -33.03 39.42
N PRO C 143 52.75 -32.32 38.52
CA PRO C 143 52.82 -32.78 37.13
C PRO C 143 53.69 -34.00 36.89
N GLN C 144 54.93 -34.00 37.36
CA GLN C 144 55.87 -35.03 36.93
C GLN C 144 55.60 -36.37 37.62
N THR C 145 56.23 -37.42 37.08
CA THR C 145 56.19 -38.75 37.66
C THR C 145 57.60 -39.32 37.74
N TYR C 146 57.83 -40.17 38.75
CA TYR C 146 59.10 -40.87 38.91
C TYR C 146 58.81 -42.33 39.27
N ALA C 147 57.93 -42.96 38.49
CA ALA C 147 56.80 -43.77 38.94
C ALA C 147 56.93 -44.44 40.32
N ALA C 148 57.97 -45.25 40.53
CA ALA C 148 58.34 -45.80 41.83
C ALA C 148 57.20 -46.62 42.46
N GLY C 149 56.91 -47.74 41.83
CA GLY C 149 55.87 -48.63 42.32
C GLY C 149 56.20 -49.28 43.65
N GLY C 150 55.22 -50.00 44.19
CA GLY C 150 55.35 -50.55 45.52
C GLY C 150 55.11 -49.48 46.57
N THR C 151 55.92 -49.52 47.62
CA THR C 151 55.97 -48.39 48.52
C THR C 151 56.78 -47.27 47.87
N GLY C 152 56.36 -46.02 48.09
CA GLY C 152 56.98 -44.93 47.38
C GLY C 152 58.00 -44.18 48.20
N VAL C 153 58.69 -44.88 49.09
CA VAL C 153 59.59 -44.23 50.03
C VAL C 153 61.03 -44.24 49.52
N THR C 154 61.48 -45.37 48.97
CA THR C 154 62.89 -45.52 48.59
C THR C 154 63.26 -44.78 47.31
N GLU C 155 62.33 -44.05 46.69
CA GLU C 155 62.68 -43.11 45.63
C GLU C 155 62.38 -41.68 45.99
N ALA C 156 61.53 -41.43 46.99
CA ALA C 156 61.40 -40.09 47.52
C ALA C 156 62.63 -39.68 48.31
N ILE C 157 63.33 -40.66 48.90
CA ILE C 157 64.64 -40.40 49.49
C ILE C 157 65.64 -40.05 48.40
N GLN C 158 65.51 -40.67 47.23
CA GLN C 158 66.34 -40.34 46.08
C GLN C 158 65.81 -39.08 45.41
N GLN C 159 66.36 -38.79 44.22
CA GLN C 159 66.10 -37.60 43.38
C GLN C 159 66.16 -36.30 44.21
N GLN C 160 67.37 -36.00 44.65
CA GLN C 160 67.64 -34.82 45.44
C GLN C 160 67.27 -33.54 44.69
N VAL C 161 66.85 -32.54 45.43
CA VAL C 161 66.26 -31.34 44.87
C VAL C 161 67.18 -30.15 45.10
N SER C 162 66.82 -29.02 44.50
CA SER C 162 67.61 -27.81 44.59
C SER C 162 66.65 -26.63 44.54
N GLY C 163 67.20 -25.43 44.30
CA GLY C 163 66.35 -24.26 44.15
C GLY C 163 65.63 -24.18 42.83
N VAL C 164 66.12 -24.87 41.81
CA VAL C 164 65.55 -24.82 40.46
C VAL C 164 65.28 -26.19 39.88
N ASP C 165 65.54 -27.28 40.61
CA ASP C 165 65.55 -28.58 39.96
C ASP C 165 64.15 -29.16 39.72
N PRO C 166 63.19 -29.11 40.68
CA PRO C 166 61.82 -29.43 40.20
C PRO C 166 61.17 -28.20 39.57
N ASN C 167 61.46 -27.99 38.29
CA ASN C 167 61.09 -26.77 37.59
C ASN C 167 59.58 -26.66 37.44
N PRO C 168 58.96 -25.55 37.86
CA PRO C 168 57.50 -25.41 37.70
C PRO C 168 57.03 -25.31 36.26
N GLN C 169 57.92 -25.02 35.31
CA GLN C 169 57.53 -25.03 33.91
C GLN C 169 57.58 -26.42 33.30
N VAL C 170 58.50 -27.26 33.77
CA VAL C 170 58.55 -28.65 33.33
C VAL C 170 57.37 -29.40 33.93
N GLY C 171 56.67 -30.17 33.09
CA GLY C 171 55.57 -30.97 33.59
C GLY C 171 55.50 -32.37 33.05
N GLN C 172 54.29 -32.79 32.66
CA GLN C 172 54.13 -34.02 31.90
C GLN C 172 54.85 -33.91 30.56
N PRO C 173 55.26 -35.03 29.96
CA PRO C 173 55.70 -34.99 28.58
C PRO C 173 54.56 -34.62 27.65
N ASN C 174 54.93 -34.11 26.48
CA ASN C 174 53.93 -33.70 25.50
C ASN C 174 53.17 -34.91 24.98
N TYR C 175 51.90 -34.67 24.63
CA TYR C 175 50.98 -35.66 24.05
C TYR C 175 50.71 -36.82 25.01
N ALA C 176 50.79 -36.55 26.31
CA ALA C 176 50.27 -37.50 27.29
C ALA C 176 48.75 -37.47 27.36
N GLY C 177 48.12 -36.41 26.87
CA GLY C 177 46.69 -36.27 26.92
C GLY C 177 46.20 -36.04 28.33
N PRO C 178 44.93 -36.36 28.59
CA PRO C 178 44.43 -36.29 29.96
C PRO C 178 44.72 -37.59 30.71
N VAL C 179 46.00 -37.84 30.93
CA VAL C 179 46.42 -39.12 31.50
C VAL C 179 46.03 -39.18 32.97
N VAL C 180 45.34 -40.26 33.33
CA VAL C 180 44.95 -40.50 34.71
C VAL C 180 46.17 -41.08 35.43
N VAL C 181 46.83 -40.26 36.24
CA VAL C 181 47.98 -40.72 37.00
C VAL C 181 47.46 -41.61 38.12
N ASN C 182 47.66 -42.92 37.98
CA ASN C 182 47.29 -43.87 39.02
C ASN C 182 48.21 -43.65 40.21
N THR C 183 47.61 -43.31 41.36
CA THR C 183 48.41 -42.95 42.53
C THR C 183 49.17 -44.16 43.07
N THR C 184 48.59 -45.35 42.92
CA THR C 184 49.36 -46.57 43.04
C THR C 184 50.19 -46.76 41.77
N ASN C 185 51.48 -47.09 41.97
CA ASN C 185 52.53 -47.33 40.96
C ASN C 185 53.00 -46.08 40.22
N ASN C 186 52.50 -44.90 40.55
CA ASN C 186 53.10 -43.65 40.13
C ASN C 186 53.21 -42.74 41.34
N ALA C 187 53.88 -41.60 41.16
CA ALA C 187 54.03 -40.66 42.26
C ALA C 187 54.24 -39.26 41.68
N GLY C 188 53.89 -38.26 42.47
CA GLY C 188 53.95 -36.89 41.99
C GLY C 188 55.25 -36.18 42.35
N LEU C 189 55.49 -35.10 41.63
CA LEU C 189 56.70 -34.30 41.79
C LEU C 189 56.36 -32.85 41.49
N GLY C 190 57.00 -31.93 42.21
CA GLY C 190 56.76 -30.51 41.96
C GLY C 190 57.32 -29.66 43.08
N ARG C 191 56.73 -28.47 43.22
CA ARG C 191 57.12 -27.53 44.25
C ARG C 191 55.90 -27.03 45.00
N ILE C 192 56.10 -26.75 46.29
CA ILE C 192 55.17 -25.97 47.10
C ILE C 192 55.98 -24.85 47.75
N VAL C 193 55.30 -24.08 48.60
CA VAL C 193 55.94 -23.08 49.44
C VAL C 193 55.48 -23.31 50.87
N SER C 194 56.43 -23.36 51.81
CA SER C 194 56.15 -23.62 53.21
C SER C 194 55.33 -22.49 53.82
N ALA C 195 54.82 -22.76 55.01
CA ALA C 195 54.32 -21.69 55.87
C ALA C 195 55.51 -21.09 56.62
N ASP C 196 55.21 -20.28 57.63
CA ASP C 196 56.19 -19.51 58.41
C ASP C 196 57.04 -18.62 57.50
N SER C 197 56.40 -18.04 56.49
CA SER C 197 57.00 -17.04 55.62
C SER C 197 56.19 -15.75 55.76
N GLU C 198 56.82 -14.64 55.41
CA GLU C 198 56.24 -13.34 55.69
C GLU C 198 55.18 -12.96 54.66
N GLY C 199 54.77 -11.71 54.68
CA GLY C 199 53.80 -11.22 53.72
C GLY C 199 52.40 -11.73 53.99
N GLN C 200 51.58 -11.65 52.94
CA GLN C 200 50.21 -12.13 52.96
C GLN C 200 50.06 -13.17 51.88
N GLN C 201 49.34 -14.26 52.19
CA GLN C 201 49.04 -15.27 51.19
C GLN C 201 48.16 -14.68 50.09
N PHE C 202 48.44 -15.08 48.87
CA PHE C 202 47.91 -14.43 47.69
C PHE C 202 47.64 -15.46 46.61
N PRO C 203 46.65 -15.23 45.73
CA PRO C 203 46.39 -16.18 44.65
C PRO C 203 47.48 -16.18 43.59
N CYS C 204 47.24 -16.97 42.54
CA CYS C 204 48.20 -17.04 41.44
C CYS C 204 48.23 -15.76 40.64
N TYR C 205 47.10 -15.09 40.46
CA TYR C 205 46.97 -13.95 39.56
C TYR C 205 47.65 -12.74 40.19
N GLY C 206 48.94 -12.59 39.93
CA GLY C 206 49.69 -11.44 40.40
C GLY C 206 50.72 -11.73 41.46
N ALA C 207 51.00 -12.99 41.76
CA ALA C 207 51.90 -13.36 42.84
C ALA C 207 53.33 -13.18 42.36
N TYR C 208 54.06 -12.30 43.01
CA TYR C 208 55.45 -12.04 42.66
C TYR C 208 56.37 -12.48 43.80
N ALA C 209 57.55 -12.91 43.45
CA ALA C 209 58.53 -13.36 44.42
C ALA C 209 59.92 -13.17 43.84
N PRO C 210 60.73 -12.26 44.38
CA PRO C 210 61.95 -11.84 43.69
C PRO C 210 63.03 -12.90 43.73
N PRO C 211 63.80 -13.05 42.65
CA PRO C 211 64.79 -14.13 42.58
C PRO C 211 66.00 -13.83 43.45
N GLN C 212 66.85 -14.84 43.57
CA GLN C 212 68.05 -14.73 44.38
C GLN C 212 69.33 -14.93 43.59
N SER C 213 69.34 -15.84 42.63
CA SER C 213 70.52 -16.10 41.81
C SER C 213 70.14 -16.10 40.34
N ALA C 214 71.16 -16.19 39.49
CA ALA C 214 70.96 -16.14 38.05
C ALA C 214 70.31 -17.40 37.49
N GLY C 215 70.34 -18.50 38.25
CA GLY C 215 69.63 -19.70 37.83
C GLY C 215 68.13 -19.61 37.95
N GLY C 216 67.62 -18.63 38.69
CA GLY C 216 66.20 -18.41 38.79
C GLY C 216 65.56 -18.87 40.08
N ASP C 217 66.34 -19.31 41.06
CA ASP C 217 65.75 -19.76 42.31
C ASP C 217 65.24 -18.58 43.12
N VAL C 218 64.26 -18.86 43.98
CA VAL C 218 63.59 -17.83 44.75
C VAL C 218 63.84 -17.97 46.25
N SER C 219 64.23 -19.16 46.71
CA SER C 219 64.30 -19.47 48.14
C SER C 219 65.38 -18.65 48.84
N THR C 220 64.97 -17.92 49.87
CA THR C 220 65.90 -17.18 50.69
C THR C 220 66.55 -18.02 51.77
N ALA C 221 66.18 -19.29 51.89
CA ALA C 221 66.82 -20.21 52.81
C ALA C 221 66.95 -21.56 52.11
N ALA C 222 67.26 -22.60 52.88
CA ALA C 222 67.50 -23.92 52.32
C ALA C 222 66.18 -24.55 51.86
N VAL C 223 66.32 -25.57 51.03
CA VAL C 223 65.19 -26.27 50.42
C VAL C 223 64.98 -27.59 51.15
N THR C 224 63.72 -28.01 51.26
CA THR C 224 63.35 -29.20 52.04
C THR C 224 62.28 -29.95 51.24
N LYS C 225 62.17 -31.24 51.47
CA LYS C 225 61.13 -32.04 50.82
C LYS C 225 59.92 -32.19 51.75
N THR C 226 58.73 -32.25 51.15
CA THR C 226 57.49 -32.28 51.93
C THR C 226 56.57 -33.34 51.35
N TYR C 227 56.39 -34.43 52.07
CA TYR C 227 55.80 -35.65 51.53
C TYR C 227 54.32 -35.72 51.87
N ILE C 228 53.49 -36.07 50.88
CA ILE C 228 52.06 -36.19 51.06
C ILE C 228 51.57 -37.49 50.40
N ASN C 229 50.75 -38.25 51.12
CA ASN C 229 50.07 -39.42 50.59
C ASN C 229 48.58 -39.12 50.44
N THR C 230 47.99 -39.54 49.32
CA THR C 230 46.54 -39.68 49.18
C THR C 230 46.27 -41.06 48.62
N THR C 231 46.28 -42.07 49.49
CA THR C 231 45.89 -43.44 49.16
C THR C 231 45.12 -43.99 50.35
N ASN C 232 44.97 -45.32 50.38
CA ASN C 232 44.43 -46.03 51.54
C ASN C 232 45.42 -47.07 52.03
N ASN C 233 46.71 -46.75 51.97
CA ASN C 233 47.78 -47.71 52.25
C ASN C 233 48.60 -47.36 53.48
N ASN C 234 48.82 -46.06 53.74
CA ASN C 234 49.52 -45.49 54.89
C ASN C 234 51.02 -45.84 54.92
N GLY C 235 51.53 -46.50 53.89
CA GLY C 235 52.94 -46.81 53.80
C GLY C 235 53.49 -46.46 52.44
N ARG C 236 52.95 -45.40 51.85
CA ARG C 236 53.33 -44.97 50.51
C ARG C 236 53.47 -43.45 50.53
N VAL C 237 54.46 -42.96 49.80
CA VAL C 237 54.65 -41.52 49.59
C VAL C 237 54.32 -41.21 48.13
N SER C 238 53.38 -40.28 47.93
CA SER C 238 52.89 -39.99 46.60
C SER C 238 53.47 -38.71 45.99
N GLY C 239 54.02 -37.81 46.80
CA GLY C 239 54.62 -36.61 46.27
C GLY C 239 55.79 -36.18 47.14
N THR C 240 56.67 -35.39 46.55
CA THR C 240 57.86 -34.97 47.27
C THR C 240 57.93 -33.48 47.56
N MET C 241 57.62 -32.62 46.58
CA MET C 241 57.26 -31.22 46.79
C MET C 241 58.35 -30.41 47.49
N ALA C 242 59.42 -30.14 46.75
CA ALA C 242 60.54 -29.37 47.27
C ALA C 242 60.10 -27.98 47.70
N THR C 243 60.00 -27.76 49.00
CA THR C 243 59.29 -26.61 49.54
C THR C 243 60.16 -25.36 49.45
N ASP C 244 59.63 -24.25 49.95
CA ASP C 244 60.18 -22.96 49.61
C ASP C 244 59.76 -21.96 50.67
N THR C 245 60.56 -20.92 50.85
CA THR C 245 60.26 -19.79 51.72
C THR C 245 60.41 -18.49 50.96
N ILE C 246 59.41 -17.62 51.09
CA ILE C 246 59.17 -16.49 50.19
C ILE C 246 58.94 -15.25 51.04
N THR C 247 59.35 -14.08 50.54
CA THR C 247 59.01 -12.82 51.20
C THR C 247 57.63 -12.29 50.83
N TRP C 248 56.99 -12.86 49.80
CA TRP C 248 55.58 -12.68 49.45
C TRP C 248 55.16 -11.26 49.13
N GLU C 249 55.67 -10.69 48.04
CA GLU C 249 55.23 -9.41 47.55
C GLU C 249 54.05 -9.61 46.60
N ASN C 250 53.03 -8.78 46.72
CA ASN C 250 51.93 -8.76 45.75
C ASN C 250 51.79 -7.36 45.17
N PRO C 251 52.56 -7.04 44.14
CA PRO C 251 52.32 -5.77 43.45
C PRO C 251 51.12 -5.89 42.53
N ASP C 252 50.72 -4.74 41.99
CA ASP C 252 49.68 -4.51 40.96
C ASP C 252 48.43 -5.38 41.08
N ALA C 253 48.00 -5.64 42.32
CA ALA C 253 46.78 -6.40 42.61
C ALA C 253 46.41 -6.18 44.08
N HIS C 254 45.12 -6.27 44.39
CA HIS C 254 44.64 -5.73 45.67
C HIS C 254 43.53 -6.51 46.37
N PHE C 255 43.43 -7.84 46.19
CA PHE C 255 42.45 -8.69 46.89
C PHE C 255 41.00 -8.27 46.65
N ALA C 256 40.47 -8.50 45.45
CA ALA C 256 39.07 -8.17 45.15
C ALA C 256 38.11 -8.84 46.12
N ASP C 257 38.37 -10.08 46.52
CA ASP C 257 37.71 -10.68 47.67
C ASP C 257 38.73 -11.39 48.54
N PHE C 258 38.28 -11.76 49.74
CA PHE C 258 39.13 -12.39 50.74
C PHE C 258 38.24 -12.97 51.82
N VAL C 259 38.40 -14.25 52.11
CA VAL C 259 37.77 -14.87 53.27
C VAL C 259 38.88 -15.51 54.11
N ASP C 260 39.44 -14.67 54.98
CA ASP C 260 40.16 -14.93 56.22
C ASP C 260 41.51 -15.63 56.11
N ASP C 261 41.76 -16.47 55.10
CA ASP C 261 43.14 -16.82 54.78
C ASP C 261 43.37 -17.14 53.31
N ARG C 262 42.45 -17.90 52.72
CA ARG C 262 42.80 -18.80 51.62
C ARG C 262 42.01 -18.55 50.36
N ARG C 263 40.69 -18.48 50.45
CA ARG C 263 39.83 -18.51 49.27
C ARG C 263 39.56 -17.08 48.81
N ALA C 264 40.64 -16.44 48.37
CA ALA C 264 40.61 -15.04 47.96
C ALA C 264 40.72 -14.97 46.44
N THR C 265 40.18 -13.91 45.86
CA THR C 265 40.30 -13.65 44.44
C THR C 265 41.00 -12.32 44.21
N ALA C 266 41.99 -12.33 43.33
CA ALA C 266 42.76 -11.14 43.01
C ALA C 266 42.12 -10.37 41.86
N ALA C 267 42.52 -9.12 41.74
CA ALA C 267 42.19 -8.28 40.60
C ALA C 267 43.27 -7.23 40.50
N GLY C 268 43.72 -6.96 39.28
CA GLY C 268 44.76 -5.98 39.07
C GLY C 268 44.31 -4.57 39.44
N ASN C 269 45.29 -3.74 39.79
CA ASN C 269 44.97 -2.40 40.24
C ASN C 269 44.51 -1.52 39.08
N ARG C 270 43.94 -0.37 39.42
CA ARG C 270 43.49 0.57 38.42
C ARG C 270 44.69 1.18 37.71
N PRO C 271 44.62 1.35 36.38
CA PRO C 271 45.71 2.01 35.66
C PRO C 271 45.76 3.49 36.02
N ASN C 272 46.95 3.96 36.35
CA ASN C 272 47.14 5.32 36.85
C ASN C 272 48.34 5.93 36.12
N TYR C 273 48.08 6.73 35.11
CA TYR C 273 49.14 7.38 34.36
C TYR C 273 49.49 8.70 35.05
N ILE C 274 50.75 8.86 35.42
CA ILE C 274 51.22 10.11 36.02
C ILE C 274 52.32 10.68 35.14
N GLY C 275 52.03 11.80 34.51
CA GLY C 275 53.03 12.50 33.71
C GLY C 275 52.91 13.99 33.92
N PHE C 276 53.58 14.79 33.11
CA PHE C 276 53.41 16.23 33.22
C PHE C 276 52.09 16.65 32.59
N ARG C 277 51.77 17.93 32.75
CA ARG C 277 50.53 18.46 32.21
C ARG C 277 50.66 18.70 30.72
N ASP C 278 49.51 19.00 30.09
CA ASP C 278 49.49 19.49 28.73
C ASP C 278 50.16 20.85 28.70
N ASN C 279 51.09 21.03 27.76
CA ASN C 279 51.84 22.28 27.52
C ASN C 279 52.63 22.77 28.74
N PHE C 280 52.91 21.87 29.69
CA PHE C 280 53.50 22.16 30.99
C PHE C 280 52.75 23.29 31.71
N ILE C 281 51.44 23.12 31.80
CA ILE C 281 50.63 23.99 32.63
C ILE C 281 50.96 23.74 34.09
N GLY C 282 51.20 24.80 34.84
CA GLY C 282 51.48 24.68 36.26
C GLY C 282 52.93 24.49 36.61
N MET C 283 53.80 24.34 35.62
CA MET C 283 55.23 24.32 35.89
C MET C 283 55.72 25.70 36.31
N MET C 284 55.04 26.75 35.85
CA MET C 284 55.52 28.11 35.95
C MET C 284 54.45 28.99 36.57
N TYR C 285 54.86 29.80 37.55
CA TYR C 285 53.91 30.65 38.28
C TYR C 285 53.44 31.78 37.38
N TYR C 286 52.30 31.58 36.73
CA TYR C 286 51.57 32.66 36.09
C TYR C 286 50.40 33.06 36.98
N ASN C 287 50.15 34.36 37.05
CA ASN C 287 49.01 34.95 37.76
C ASN C 287 49.03 34.62 39.26
N SER C 288 50.23 34.61 39.83
CA SER C 288 50.40 34.40 41.27
C SER C 288 51.08 35.65 41.82
N GLY C 289 50.28 36.60 42.29
CA GLY C 289 50.75 37.91 42.74
C GLY C 289 51.72 37.88 43.91
N SER C 290 51.77 36.79 44.67
CA SER C 290 52.77 36.68 45.72
C SER C 290 54.17 36.48 45.15
N ASN C 291 54.27 35.85 43.98
CA ASN C 291 55.58 35.47 43.44
C ASN C 291 55.49 35.42 41.90
N THR C 292 55.89 36.52 41.26
CA THR C 292 55.74 36.72 39.83
C THR C 292 57.09 36.67 39.12
N GLY C 293 57.07 36.96 37.82
CA GLY C 293 58.30 37.09 37.07
C GLY C 293 58.67 38.53 36.81
N SER C 294 59.95 38.76 36.51
CA SER C 294 60.49 40.12 36.53
C SER C 294 61.41 40.38 35.34
N PHE C 295 60.92 40.15 34.12
CA PHE C 295 61.69 40.55 32.95
C PHE C 295 61.76 42.06 32.86
N SER C 296 62.99 42.58 32.77
CA SER C 296 63.24 44.02 32.75
C SER C 296 64.65 44.24 32.24
N SER C 297 65.02 45.50 32.11
CA SER C 297 66.41 45.82 31.87
C SER C 297 67.18 45.72 33.19
N GLN C 298 68.50 45.89 33.12
CA GLN C 298 69.23 46.05 34.37
C GLN C 298 68.92 47.41 34.98
N THR C 299 69.40 47.59 36.20
CA THR C 299 68.89 48.61 37.14
C THR C 299 67.38 48.48 37.27
N GLN C 300 66.99 47.38 37.93
CA GLN C 300 65.61 46.91 37.95
C GLN C 300 64.71 47.85 38.73
N GLN C 301 64.38 48.99 38.12
CA GLN C 301 63.48 49.95 38.74
C GLN C 301 62.03 49.63 38.45
N LEU C 302 61.77 48.82 37.43
CA LEU C 302 60.43 48.45 37.01
C LEU C 302 60.52 47.22 36.12
N ASN C 303 59.68 46.22 36.36
CA ASN C 303 59.57 45.11 35.43
C ASN C 303 58.36 45.31 34.53
N ILE C 304 58.35 44.60 33.41
CA ILE C 304 57.28 44.74 32.44
C ILE C 304 56.33 43.55 32.46
N VAL C 305 56.38 42.73 33.49
CA VAL C 305 55.41 41.65 33.67
C VAL C 305 54.59 42.00 34.91
N LEU C 306 53.41 42.57 34.67
CA LEU C 306 52.50 42.96 35.74
C LEU C 306 51.30 42.03 35.63
N ASP C 307 51.33 40.95 36.39
CA ASP C 307 50.40 39.84 36.19
C ASP C 307 49.31 39.92 37.26
N LEU C 308 48.06 39.88 36.83
CA LEU C 308 46.91 40.04 37.69
C LEU C 308 46.26 38.70 37.97
N ASN C 309 45.56 38.61 39.10
CA ASN C 309 44.85 37.39 39.45
C ASN C 309 43.62 37.16 38.59
N ASP C 310 43.04 38.23 38.04
CA ASP C 310 41.85 38.11 37.20
C ASP C 310 42.16 37.66 35.78
N ARG C 311 43.42 37.57 35.41
CA ARG C 311 43.84 37.07 34.11
C ARG C 311 44.17 35.59 34.22
N ASN C 312 43.97 34.85 33.13
CA ASN C 312 44.43 33.47 33.03
C ASN C 312 45.34 33.38 31.81
N SER C 313 46.65 33.33 32.04
CA SER C 313 47.60 33.16 30.96
C SER C 313 47.71 31.71 30.49
N GLU C 314 47.16 30.77 31.25
CA GLU C 314 47.20 29.37 30.84
C GLU C 314 46.14 29.05 29.81
N LEU C 315 44.89 29.46 30.09
CA LEU C 315 43.80 29.20 29.17
C LEU C 315 43.89 30.09 27.93
N SER C 316 44.52 31.25 28.06
CA SER C 316 44.79 32.09 26.90
C SER C 316 45.77 31.43 25.94
N TYR C 317 46.69 30.61 26.47
CA TYR C 317 47.58 29.87 25.59
C TYR C 317 46.88 28.68 24.96
N GLN C 318 45.88 28.11 25.63
CA GLN C 318 45.21 26.94 25.10
C GLN C 318 44.27 27.30 23.95
N TYR C 319 43.55 28.42 24.07
CA TYR C 319 42.66 28.82 22.99
C TYR C 319 43.45 29.38 21.81
N LEU C 320 44.62 29.95 22.06
CA LEU C 320 45.47 30.39 20.96
C LEU C 320 46.03 29.20 20.21
N LEU C 321 46.37 28.13 20.94
CA LEU C 321 46.99 26.97 20.32
C LEU C 321 45.97 26.19 19.49
N ALA C 322 44.69 26.27 19.83
CA ALA C 322 43.66 25.65 19.01
C ALA C 322 43.23 26.51 17.84
N ASP C 323 43.79 27.72 17.72
CA ASP C 323 43.54 28.61 16.59
C ASP C 323 44.61 28.51 15.52
N LEU C 324 45.89 28.48 15.92
CA LEU C 324 46.97 28.36 14.95
C LEU C 324 46.99 27.00 14.29
N THR C 325 47.14 25.95 15.08
CA THR C 325 47.34 24.61 14.55
C THR C 325 46.10 23.77 14.79
N SER C 326 46.12 22.57 14.22
CA SER C 326 45.17 21.57 14.65
C SER C 326 45.62 21.01 16.00
N ARG C 327 44.74 20.20 16.59
CA ARG C 327 44.93 19.74 17.95
C ARG C 327 45.11 18.22 18.01
N TRP C 328 44.95 17.54 16.87
CA TRP C 328 45.13 16.09 16.85
C TRP C 328 46.60 15.68 16.97
N HIS C 329 47.50 16.49 16.43
CA HIS C 329 48.89 16.07 16.33
C HIS C 329 49.62 16.22 17.65
N TYR C 330 50.46 15.23 17.96
CA TYR C 330 51.17 15.17 19.23
C TYR C 330 52.58 15.67 19.01
N PHE C 331 52.89 16.86 19.53
CA PHE C 331 54.16 17.51 19.33
C PHE C 331 54.93 17.43 20.64
N ALA C 332 55.99 16.61 20.65
CA ALA C 332 56.63 16.19 21.90
C ALA C 332 57.54 17.25 22.50
N LEU C 333 57.81 18.37 21.82
CA LEU C 333 58.71 19.36 22.41
C LEU C 333 58.01 20.12 23.51
N TRP C 334 56.89 20.76 23.21
CA TRP C 334 56.16 21.52 24.20
C TRP C 334 55.19 20.68 25.00
N ASN C 335 55.30 19.35 24.91
CA ASN C 335 54.38 18.40 25.55
C ASN C 335 52.95 18.68 25.12
N GLN C 336 52.76 18.74 23.81
CA GLN C 336 51.53 19.22 23.18
C GLN C 336 50.67 18.01 22.84
N ALA C 337 49.98 17.49 23.85
CA ALA C 337 49.09 16.34 23.71
C ALA C 337 47.74 16.70 24.31
N VAL C 338 46.69 16.64 23.51
CA VAL C 338 45.37 17.09 23.93
C VAL C 338 44.74 16.08 24.88
N ASP C 339 44.14 16.59 25.96
CA ASP C 339 43.28 15.78 26.80
C ASP C 339 41.99 15.44 26.05
N ASP C 340 41.76 14.16 25.80
CA ASP C 340 40.53 13.74 25.15
C ASP C 340 39.90 12.60 25.93
N TYR C 341 38.58 12.48 25.78
CA TYR C 341 37.88 11.31 26.29
C TYR C 341 37.66 10.35 25.14
N ASP C 342 36.88 9.31 25.38
CA ASP C 342 36.51 8.36 24.35
C ASP C 342 35.06 8.60 23.97
N HIS C 343 34.82 8.72 22.66
CA HIS C 343 33.48 9.02 22.15
C HIS C 343 32.48 7.91 22.43
N HIS C 344 32.94 6.67 22.60
CA HIS C 344 32.07 5.53 22.87
C HIS C 344 32.06 5.13 24.33
N VAL C 345 32.59 5.96 25.22
CA VAL C 345 32.64 5.70 26.65
C VAL C 345 31.88 6.76 27.44
N ARG C 346 32.11 8.03 27.11
CA ARG C 346 31.32 9.11 27.69
C ARG C 346 29.86 8.99 27.29
N ILE C 347 29.61 8.73 26.01
CA ILE C 347 28.27 8.45 25.52
C ILE C 347 28.27 7.00 25.07
N LEU C 348 27.90 6.09 25.96
CA LEU C 348 27.90 4.67 25.60
C LEU C 348 26.73 4.40 24.66
N GLU C 349 27.04 3.89 23.48
CA GLU C 349 26.04 3.61 22.45
C GLU C 349 25.76 2.12 22.51
N ASN C 350 24.78 1.75 23.33
CA ASN C 350 24.47 0.35 23.57
C ASN C 350 23.69 -0.17 22.37
N ASP C 351 24.31 -1.07 21.61
CA ASP C 351 23.68 -1.68 20.44
C ASP C 351 23.61 -3.19 20.56
N GLY C 352 23.77 -3.73 21.76
CA GLY C 352 23.81 -5.16 21.91
C GLY C 352 25.13 -5.70 21.38
N TYR C 353 25.06 -6.80 20.65
CA TYR C 353 26.26 -7.44 20.14
C TYR C 353 25.91 -8.15 18.84
N GLU C 354 26.95 -8.48 18.07
CA GLU C 354 26.77 -9.20 16.81
C GLU C 354 26.83 -10.69 17.11
N GLU C 355 25.68 -11.34 17.12
CA GLU C 355 25.62 -12.76 17.40
C GLU C 355 25.87 -13.57 16.13
N GLY C 356 26.34 -14.80 16.31
CA GLY C 356 26.64 -15.67 15.21
C GLY C 356 26.61 -17.13 15.60
N PRO C 357 27.46 -17.94 14.98
CA PRO C 357 27.54 -19.36 15.34
C PRO C 357 28.13 -19.54 16.72
N PRO C 358 27.86 -20.66 17.39
CA PRO C 358 28.38 -20.86 18.75
C PRO C 358 29.89 -21.00 18.76
N ASN C 359 30.54 -20.21 19.61
CA ASN C 359 32.00 -20.15 19.68
C ASN C 359 32.47 -21.26 20.62
N LEU C 360 32.52 -22.47 20.08
CA LEU C 360 32.81 -23.63 20.91
C LEU C 360 34.30 -23.73 21.22
N ALA C 361 34.60 -24.40 22.33
CA ALA C 361 35.98 -24.73 22.70
C ALA C 361 36.09 -26.24 22.86
N PHE C 362 37.27 -26.76 22.57
CA PHE C 362 37.45 -28.20 22.46
C PHE C 362 38.68 -28.65 23.22
N PRO C 363 38.70 -29.88 23.74
CA PRO C 363 39.93 -30.42 24.31
C PRO C 363 40.93 -30.70 23.22
N PRO C 364 42.21 -30.45 23.49
CA PRO C 364 43.22 -30.50 22.41
C PRO C 364 43.57 -31.90 21.93
N HIS C 365 43.32 -32.91 22.74
CA HIS C 365 43.59 -34.30 22.39
C HIS C 365 42.41 -34.94 21.66
N VAL C 366 41.87 -34.26 20.66
CA VAL C 366 40.43 -34.06 20.41
C VAL C 366 39.53 -35.27 20.71
N ILE C 367 40.01 -36.50 20.50
CA ILE C 367 39.17 -37.66 20.78
C ILE C 367 39.16 -37.92 22.28
N SER C 368 37.96 -38.18 22.81
CA SER C 368 37.73 -38.55 24.20
C SER C 368 36.27 -38.95 24.35
N ASN C 369 36.02 -39.77 25.35
CA ASN C 369 34.68 -39.89 25.89
C ASN C 369 34.35 -38.62 26.67
N PRO C 370 33.07 -38.24 26.77
CA PRO C 370 32.74 -36.98 27.46
C PRO C 370 33.02 -36.99 28.96
N PHE C 371 33.07 -38.15 29.60
CA PHE C 371 33.41 -38.19 31.03
C PHE C 371 34.37 -39.32 31.34
N ALA C 372 35.23 -39.67 30.39
CA ALA C 372 36.19 -40.74 30.55
C ALA C 372 37.32 -40.50 29.56
N PRO C 373 38.52 -41.04 29.81
CA PRO C 373 39.58 -40.97 28.81
C PRO C 373 39.29 -41.81 27.59
N ALA C 374 40.12 -41.64 26.57
CA ALA C 374 40.00 -42.40 25.33
C ALA C 374 40.30 -43.87 25.61
N ALA C 375 39.28 -44.72 25.48
CA ALA C 375 39.39 -46.10 25.91
C ALA C 375 40.26 -46.90 24.96
N VAL C 376 41.22 -47.63 25.53
CA VAL C 376 42.13 -48.44 24.72
C VAL C 376 41.40 -49.68 24.21
N GLY C 377 41.92 -50.24 23.13
CA GLY C 377 41.29 -51.40 22.53
C GLY C 377 42.19 -52.06 21.52
N THR C 378 41.60 -52.98 20.77
CA THR C 378 42.33 -53.80 19.82
C THR C 378 41.44 -54.04 18.62
N GLY C 379 42.02 -53.97 17.42
CA GLY C 379 41.29 -54.26 16.20
C GLY C 379 40.84 -55.70 16.13
N MET C 380 39.91 -55.96 15.19
CA MET C 380 39.28 -57.26 15.06
C MET C 380 39.27 -57.67 13.59
N THR C 381 39.87 -58.81 13.30
CA THR C 381 39.66 -59.45 12.01
C THR C 381 38.37 -60.25 12.06
N VAL C 382 37.73 -60.42 10.90
CA VAL C 382 36.40 -60.97 10.85
C VAL C 382 36.35 -62.09 9.83
N ASN C 383 35.52 -63.09 10.12
CA ASN C 383 35.24 -64.20 9.22
C ASN C 383 33.90 -63.92 8.55
N GLU C 384 33.81 -64.22 7.26
CA GLU C 384 32.55 -64.15 6.56
C GLU C 384 32.10 -65.55 6.20
N GLN C 385 30.80 -65.68 5.90
CA GLN C 385 29.96 -66.89 5.77
C GLN C 385 29.67 -67.53 7.11
N GLN C 386 30.30 -67.10 8.19
CA GLN C 386 29.92 -67.42 9.55
C GLN C 386 30.37 -66.26 10.43
N GLN C 387 29.63 -66.02 11.50
CA GLN C 387 29.76 -64.80 12.29
C GLN C 387 30.69 -65.08 13.47
N THR C 388 31.98 -64.91 13.23
CA THR C 388 33.01 -65.10 14.24
C THR C 388 34.11 -64.07 14.01
N ALA C 389 34.38 -63.25 15.02
CA ALA C 389 35.41 -62.22 14.93
C ALA C 389 36.54 -62.59 15.88
N ALA C 390 37.73 -62.78 15.32
CA ALA C 390 38.91 -63.10 16.11
C ALA C 390 39.75 -61.85 16.33
N VAL C 391 40.49 -61.83 17.44
CA VAL C 391 41.36 -60.70 17.73
C VAL C 391 42.57 -60.75 16.80
N THR C 392 43.00 -59.58 16.33
CA THR C 392 44.11 -59.51 15.40
C THR C 392 45.44 -59.46 16.18
N ALA C 393 46.54 -59.53 15.43
CA ALA C 393 47.83 -59.86 16.03
C ALA C 393 48.50 -58.66 16.70
N ASN C 394 48.86 -57.65 15.93
CA ASN C 394 49.68 -56.54 16.41
C ASN C 394 48.90 -55.25 16.21
N THR C 395 48.07 -54.89 17.19
CA THR C 395 47.23 -53.71 17.10
C THR C 395 46.84 -53.27 18.50
N VAL C 396 47.01 -51.98 18.80
CA VAL C 396 46.34 -51.33 19.91
C VAL C 396 45.64 -50.10 19.36
N ALA C 397 44.48 -49.78 19.92
CA ALA C 397 43.59 -48.79 19.32
C ALA C 397 43.07 -47.84 20.39
N LEU C 398 43.30 -46.54 20.18
CA LEU C 398 42.71 -45.50 20.99
C LEU C 398 41.37 -45.10 20.37
N ILE C 399 40.28 -45.44 21.04
CA ILE C 399 38.94 -45.27 20.50
C ILE C 399 38.18 -44.29 21.38
N GLY C 400 37.64 -43.25 20.76
CA GLY C 400 36.75 -42.31 21.42
C GLY C 400 35.34 -42.51 20.89
N TYR C 401 34.38 -42.57 21.80
CA TYR C 401 33.00 -42.84 21.44
C TYR C 401 32.15 -41.60 21.58
N GLY C 402 30.98 -41.64 20.95
CA GLY C 402 30.08 -40.51 20.97
C GLY C 402 30.63 -39.36 20.15
N ASN C 403 30.19 -38.16 20.50
CA ASN C 403 30.63 -36.95 19.82
C ASN C 403 31.69 -36.26 20.68
N ILE C 404 32.35 -35.27 20.08
CA ILE C 404 33.43 -34.56 20.78
C ILE C 404 32.83 -33.68 21.88
N PRO C 405 33.30 -33.79 23.13
CA PRO C 405 32.82 -32.88 24.17
C PRO C 405 33.32 -31.46 23.94
N ALA C 406 32.52 -30.49 24.37
CA ALA C 406 32.82 -29.09 24.09
C ALA C 406 32.15 -28.22 25.14
N VAL C 407 32.61 -26.97 25.20
CA VAL C 407 31.95 -25.94 25.98
C VAL C 407 31.69 -24.75 25.06
N GLU C 408 30.68 -23.96 25.41
CA GLU C 408 30.24 -22.84 24.59
C GLU C 408 30.54 -21.52 25.31
N MET C 409 30.97 -20.53 24.54
CA MET C 409 31.53 -19.29 25.07
C MET C 409 30.54 -18.13 25.13
N ASN C 410 29.74 -17.94 24.07
CA ASN C 410 28.97 -16.71 23.80
C ASN C 410 29.88 -15.49 23.88
N LEU C 411 30.81 -15.45 22.93
CA LEU C 411 31.95 -14.56 22.91
C LEU C 411 31.64 -13.06 22.82
N PRO C 412 30.76 -12.56 21.92
CA PRO C 412 30.56 -11.09 21.87
C PRO C 412 29.83 -10.53 23.08
N ALA C 413 29.09 -11.36 23.83
CA ALA C 413 28.55 -10.91 25.10
C ALA C 413 29.64 -10.80 26.15
N ASN C 414 30.55 -11.78 26.19
CA ASN C 414 31.68 -11.72 27.11
C ASN C 414 32.71 -10.69 26.68
N LEU C 415 32.75 -10.34 25.40
CA LEU C 415 33.67 -9.31 24.93
C LEU C 415 33.13 -7.92 25.22
N LYS C 416 31.81 -7.75 25.22
CA LYS C 416 31.23 -6.44 25.48
C LYS C 416 31.21 -6.12 26.96
N ARG C 417 30.95 -7.13 27.81
CA ARG C 417 30.84 -6.89 29.24
C ARG C 417 32.18 -6.51 29.85
N THR C 418 33.28 -6.98 29.27
CA THR C 418 34.60 -6.51 29.66
C THR C 418 34.78 -5.03 29.31
N PHE C 419 34.25 -4.61 28.17
CA PHE C 419 34.34 -3.21 27.77
C PHE C 419 33.49 -2.32 28.67
N LEU C 420 32.30 -2.77 29.05
CA LEU C 420 31.43 -1.95 29.87
C LEU C 420 31.88 -1.90 31.33
N TYR C 421 32.59 -2.93 31.78
CA TYR C 421 33.00 -2.94 33.18
C TYR C 421 34.21 -2.05 33.43
N SER C 422 35.22 -2.14 32.58
CA SER C 422 36.47 -1.43 32.84
C SER C 422 36.40 0.04 32.45
N ASN C 423 35.51 0.40 31.53
CA ASN C 423 35.47 1.77 31.03
C ASN C 423 34.33 2.58 31.59
N VAL C 424 33.20 1.97 31.91
CA VAL C 424 32.02 2.68 32.39
C VAL C 424 31.75 2.38 33.86
N ALA C 425 31.68 1.10 34.22
CA ALA C 425 31.31 0.74 35.58
C ALA C 425 32.45 0.92 36.57
N MET C 426 33.67 1.08 36.09
CA MET C 426 34.80 1.26 36.98
C MET C 426 34.92 2.72 37.44
N TYR C 427 34.47 3.67 36.62
CA TYR C 427 34.65 5.10 36.86
C TYR C 427 33.42 5.75 37.49
N LEU C 428 32.74 5.06 38.38
CA LEU C 428 31.54 5.58 39.03
C LEU C 428 31.88 6.63 40.07
N PRO C 429 30.89 7.38 40.55
CA PRO C 429 31.04 8.05 41.83
C PRO C 429 31.07 7.06 42.99
N ASP C 430 31.43 7.57 44.16
CA ASP C 430 31.66 6.71 45.32
C ASP C 430 30.36 6.14 45.90
N THR C 431 29.22 6.77 45.61
CA THR C 431 27.97 6.32 46.19
C THR C 431 27.44 5.04 45.55
N TYR C 432 27.97 4.63 44.40
CA TYR C 432 27.58 3.40 43.75
C TYR C 432 28.64 2.31 43.86
N LYS C 433 29.55 2.44 44.82
CA LYS C 433 30.59 1.46 45.04
C LYS C 433 30.53 0.95 46.47
N PHE C 434 31.08 -0.23 46.69
CA PHE C 434 31.13 -0.82 48.02
C PHE C 434 32.55 -1.25 48.32
N THR C 435 32.80 -1.54 49.59
CA THR C 435 34.08 -2.12 49.91
C THR C 435 33.93 -3.62 50.10
N PRO C 436 34.94 -4.41 49.72
CA PRO C 436 34.86 -5.85 49.95
C PRO C 436 34.95 -6.18 51.44
N ALA C 437 34.50 -7.38 51.77
CA ALA C 437 34.54 -7.83 53.15
C ALA C 437 35.95 -8.23 53.54
N ASN C 438 36.24 -8.10 54.83
CA ASN C 438 37.48 -8.50 55.50
C ASN C 438 38.72 -7.77 55.00
N VAL C 439 38.57 -6.68 54.26
CA VAL C 439 39.69 -5.84 53.86
C VAL C 439 39.46 -4.45 54.40
N ASP C 440 40.56 -3.71 54.59
CA ASP C 440 40.51 -2.39 55.20
C ASP C 440 41.18 -1.38 54.27
N LEU C 441 40.56 -0.23 54.15
CA LEU C 441 40.99 0.86 53.30
C LEU C 441 41.65 1.95 54.15
N PRO C 442 42.41 2.86 53.53
CA PRO C 442 42.86 4.05 54.27
C PRO C 442 41.69 4.91 54.72
N GLU C 443 41.95 5.71 55.77
CA GLU C 443 40.86 6.40 56.47
C GLU C 443 40.32 7.57 55.65
N ASN C 444 41.19 8.28 54.94
CA ASN C 444 40.70 9.39 54.13
C ASN C 444 40.13 8.88 52.81
N HIS C 445 39.41 9.76 52.15
CA HIS C 445 39.10 9.59 50.73
C HIS C 445 40.26 10.17 49.93
N LEU C 446 40.10 10.24 48.62
CA LEU C 446 40.97 10.97 47.68
C LEU C 446 42.42 10.47 47.66
N SER C 447 42.69 9.29 48.20
CA SER C 447 44.01 8.68 48.12
C SER C 447 43.95 7.50 47.17
N TYR C 448 45.12 6.91 46.91
CA TYR C 448 45.13 5.80 45.96
C TYR C 448 44.60 4.51 46.57
N GLY C 449 44.94 4.23 47.83
CA GLY C 449 44.52 3.00 48.47
C GLY C 449 43.03 2.90 48.71
N TYR C 450 42.33 4.04 48.72
CA TYR C 450 40.87 4.01 48.84
C TYR C 450 40.23 3.71 47.49
N ILE C 451 40.55 4.51 46.47
CA ILE C 451 39.92 4.41 45.16
C ILE C 451 40.25 3.08 44.49
N ASN C 452 41.40 2.50 44.82
CA ASN C 452 41.74 1.15 44.35
C ASN C 452 40.80 0.12 44.95
N GLY C 453 40.44 0.27 46.22
CA GLY C 453 39.69 -0.75 46.91
C GLY C 453 38.19 -0.53 46.98
N ARG C 454 37.67 0.38 46.16
CA ARG C 454 36.23 0.57 46.04
C ARG C 454 35.78 -0.11 44.74
N LEU C 455 34.88 -1.06 44.86
CA LEU C 455 34.50 -1.86 43.70
C LEU C 455 33.02 -1.66 43.41
N PRO C 456 32.62 -1.66 42.14
CA PRO C 456 31.27 -1.19 41.81
C PRO C 456 30.16 -2.19 42.08
N LEU C 457 28.98 -1.64 42.32
CA LEU C 457 27.77 -2.45 42.41
C LEU C 457 27.46 -3.05 41.05
N PRO C 458 26.93 -4.27 41.00
CA PRO C 458 26.84 -4.97 39.70
C PRO C 458 25.73 -4.51 38.76
N ASN C 459 24.51 -4.29 39.23
CA ASN C 459 23.38 -4.12 38.32
C ASN C 459 23.25 -2.73 37.72
N ILE C 460 24.10 -1.78 38.09
CA ILE C 460 23.92 -0.43 37.58
C ILE C 460 24.37 -0.32 36.12
N VAL C 461 25.39 -1.09 35.72
CA VAL C 461 25.86 -1.13 34.34
C VAL C 461 26.05 -2.59 33.96
N ASP C 462 25.30 -3.04 32.97
CA ASP C 462 25.45 -4.39 32.43
C ASP C 462 25.24 -4.27 30.93
N THR C 463 25.14 -5.39 30.23
CA THR C 463 24.97 -5.33 28.79
C THR C 463 23.51 -5.12 28.37
N TRP C 464 22.61 -4.82 29.32
CA TRP C 464 21.22 -4.52 29.00
C TRP C 464 20.81 -3.08 29.27
N THR C 465 21.65 -2.27 29.91
CA THR C 465 21.18 -0.99 30.43
C THR C 465 21.03 0.05 29.33
N ASP C 466 19.82 0.61 29.24
CA ASP C 466 19.39 1.55 28.19
C ASP C 466 19.65 0.96 26.80
N ILE C 467 19.10 -0.24 26.59
CA ILE C 467 19.45 -1.05 25.43
C ILE C 467 18.87 -0.44 24.16
N GLY C 468 19.67 -0.43 23.10
CA GLY C 468 19.28 0.16 21.86
C GLY C 468 19.34 1.68 21.79
N ALA C 469 19.70 2.35 22.88
CA ALA C 469 19.64 3.79 22.95
C ALA C 469 21.02 4.40 23.13
N ARG C 470 21.29 5.47 22.39
CA ARG C 470 22.49 6.26 22.55
C ARG C 470 22.22 7.23 23.69
N TRP C 471 22.79 6.95 24.86
CA TRP C 471 22.43 7.69 26.06
C TRP C 471 23.55 7.59 27.07
N SER C 472 24.13 8.74 27.43
CA SER C 472 25.08 8.77 28.54
C SER C 472 24.34 8.67 29.85
N LEU C 473 24.96 7.98 30.82
CA LEU C 473 24.32 7.69 32.09
C LEU C 473 24.04 8.95 32.89
N ASP C 474 22.94 8.93 33.64
CA ASP C 474 22.53 10.09 34.41
C ASP C 474 23.45 10.37 35.59
N VAL C 475 24.17 9.35 36.07
CA VAL C 475 25.10 9.53 37.18
C VAL C 475 26.51 9.85 36.72
N MET C 476 26.77 9.83 35.41
CA MET C 476 28.10 10.05 34.87
C MET C 476 28.28 11.44 34.26
N ASP C 477 27.30 12.33 34.45
CA ASP C 477 27.46 13.69 33.96
C ASP C 477 28.30 14.53 34.91
N THR C 478 28.26 14.23 36.19
CA THR C 478 29.08 14.90 37.19
C THR C 478 30.49 14.33 37.27
N VAL C 479 30.79 13.27 36.54
CA VAL C 479 32.10 12.64 36.57
C VAL C 479 32.94 13.22 35.44
N ASN C 480 34.15 13.62 35.76
CA ASN C 480 35.08 14.21 34.80
C ASN C 480 35.47 13.18 33.77
N PRO C 481 35.16 13.37 32.48
CA PRO C 481 35.48 12.35 31.48
C PRO C 481 36.94 12.29 31.08
N PHE C 482 37.77 13.20 31.56
CA PHE C 482 39.18 13.20 31.24
C PHE C 482 40.01 12.48 32.27
N ASN C 483 39.42 12.10 33.39
CA ASN C 483 40.07 11.25 34.39
C ASN C 483 39.76 9.79 34.05
N HIS C 484 40.36 9.34 32.95
CA HIS C 484 40.02 8.07 32.35
C HIS C 484 41.27 7.51 31.67
N HIS C 485 41.37 6.19 31.58
CA HIS C 485 42.59 5.61 31.04
C HIS C 485 42.59 5.50 29.53
N ARG C 486 41.55 5.99 28.85
CA ARG C 486 41.55 6.13 27.41
C ARG C 486 41.94 7.56 27.01
N ASN C 487 42.34 8.38 27.98
CA ASN C 487 42.83 9.72 27.70
C ASN C 487 44.18 9.57 27.00
N THR C 488 44.15 9.67 25.68
CA THR C 488 45.31 9.36 24.85
C THR C 488 46.42 10.38 25.05
N GLY C 489 46.06 11.61 25.38
CA GLY C 489 47.07 12.61 25.70
C GLY C 489 47.80 12.30 27.00
N LEU C 490 47.06 11.95 28.04
CA LEU C 490 47.70 11.59 29.31
C LEU C 490 48.45 10.28 29.20
N LYS C 491 47.98 9.36 28.36
CA LYS C 491 48.75 8.16 28.06
C LYS C 491 50.01 8.50 27.28
N TYR C 492 49.95 9.50 26.41
CA TYR C 492 51.14 9.92 25.68
C TYR C 492 52.08 10.73 26.56
N ARG C 493 51.55 11.54 27.48
CA ARG C 493 52.42 12.34 28.34
C ARG C 493 53.06 11.51 29.43
N SER C 494 52.46 10.39 29.81
CA SER C 494 53.06 9.57 30.86
C SER C 494 54.10 8.61 30.29
N GLN C 495 53.86 8.07 29.11
CA GLN C 495 54.80 7.15 28.48
C GLN C 495 55.97 7.86 27.81
N LEU C 496 55.90 9.18 27.69
CA LEU C 496 56.99 9.94 27.09
C LEU C 496 58.15 10.13 28.05
N LEU C 497 57.91 9.96 29.35
CA LEU C 497 58.93 10.07 30.37
C LEU C 497 59.57 8.73 30.70
N GLY C 498 58.77 7.68 30.75
CA GLY C 498 59.26 6.36 31.12
C GLY C 498 58.11 5.49 31.57
N ASN C 499 58.45 4.44 32.31
CA ASN C 499 57.45 3.54 32.83
C ASN C 499 57.60 3.21 34.31
N GLY C 500 58.71 3.57 34.93
CA GLY C 500 58.94 3.27 36.33
C GLY C 500 58.55 4.40 37.24
N ARG C 501 59.10 4.38 38.44
CA ARG C 501 58.75 5.36 39.44
C ARG C 501 59.74 6.50 39.51
N TYR C 502 60.99 6.27 39.13
CA TYR C 502 62.03 7.30 39.12
C TYR C 502 62.38 7.64 37.69
N CYS C 503 62.11 8.89 37.28
CA CYS C 503 62.44 9.33 35.94
C CYS C 503 63.38 10.52 35.99
N ASP C 504 64.41 10.48 35.14
CA ASP C 504 65.32 11.61 34.93
C ASP C 504 64.80 12.35 33.70
N PHE C 505 63.87 13.27 33.92
CA PHE C 505 63.25 13.99 32.83
C PHE C 505 64.18 15.07 32.30
N HIS C 506 63.84 15.59 31.12
CA HIS C 506 64.58 16.68 30.50
C HIS C 506 63.58 17.40 29.60
N ILE C 507 63.03 18.50 30.07
CA ILE C 507 61.86 19.09 29.46
C ILE C 507 62.19 20.49 28.97
N GLN C 508 61.29 21.05 28.16
CA GLN C 508 61.42 22.39 27.60
C GLN C 508 60.10 23.11 27.79
N VAL C 509 60.06 24.09 28.68
CA VAL C 509 58.80 24.76 29.02
C VAL C 509 58.72 26.08 28.28
N PRO C 510 57.52 26.52 27.86
CA PRO C 510 57.45 27.76 27.09
C PRO C 510 57.21 28.98 27.94
N GLN C 511 57.34 30.16 27.35
CA GLN C 511 56.92 31.39 27.97
C GLN C 511 55.56 31.79 27.41
N LYS C 512 54.56 31.93 28.28
CA LYS C 512 53.18 32.08 27.84
C LYS C 512 52.55 33.40 28.22
N PHE C 513 53.27 34.28 28.91
CA PHE C 513 52.73 35.59 29.24
C PHE C 513 52.78 36.46 28.01
N PHE C 514 51.64 37.07 27.67
CA PHE C 514 51.40 37.62 26.33
C PHE C 514 52.28 38.80 25.98
N ALA C 515 52.86 39.48 26.96
CA ALA C 515 53.75 40.59 26.63
C ALA C 515 55.12 40.09 26.18
N ILE C 516 55.74 39.23 26.97
CA ILE C 516 57.09 38.77 26.69
C ILE C 516 57.09 37.42 25.98
N LYS C 517 55.96 37.04 25.38
CA LYS C 517 55.86 35.75 24.70
C LYS C 517 56.63 35.76 23.40
N ASN C 518 56.38 36.76 22.56
CA ASN C 518 57.10 36.93 21.30
C ASN C 518 57.50 38.39 21.12
N LEU C 519 58.08 38.96 22.17
CA LEU C 519 58.67 40.29 22.09
C LEU C 519 59.94 40.26 21.26
N LEU C 520 60.16 41.33 20.49
CA LEU C 520 61.39 41.51 19.72
C LEU C 520 62.30 42.48 20.46
N LEU C 521 63.48 42.02 20.83
CA LEU C 521 64.40 42.81 21.63
C LEU C 521 65.49 43.45 20.77
N LEU C 522 65.65 44.74 20.92
CA LEU C 522 66.79 45.48 20.39
C LEU C 522 67.98 45.26 21.33
N PRO C 523 69.20 45.64 20.91
CA PRO C 523 70.36 45.48 21.82
C PRO C 523 70.22 46.19 23.15
N GLY C 524 70.75 45.54 24.17
CA GLY C 524 70.63 45.96 25.56
C GLY C 524 70.81 44.78 26.48
N THR C 525 71.10 45.08 27.74
CA THR C 525 71.35 44.07 28.76
C THR C 525 70.12 43.94 29.63
N TYR C 526 69.56 42.73 29.71
CA TYR C 526 68.26 42.52 30.32
C TYR C 526 68.33 41.51 31.46
N ASN C 527 67.48 41.71 32.46
CA ASN C 527 67.27 40.77 33.55
C ASN C 527 66.01 39.96 33.25
N TYR C 528 66.06 38.66 33.54
CA TYR C 528 64.91 37.80 33.26
C TYR C 528 64.92 36.67 34.29
N GLU C 529 64.20 36.88 35.40
CA GLU C 529 64.10 35.91 36.46
C GLU C 529 62.70 35.33 36.52
N TRP C 530 62.58 34.16 37.12
CA TRP C 530 61.33 33.42 37.07
C TRP C 530 61.34 32.35 38.16
N TYR C 531 60.15 32.05 38.68
CA TYR C 531 59.94 31.07 39.74
C TYR C 531 59.27 29.83 39.17
N PHE C 532 59.79 28.66 39.53
CA PHE C 532 59.29 27.39 39.03
C PHE C 532 58.70 26.58 40.18
N ARG C 533 57.64 25.84 39.89
CA ARG C 533 56.81 25.25 40.93
C ARG C 533 57.30 23.85 41.32
N LYS C 534 57.17 23.53 42.62
CA LYS C 534 57.49 22.22 43.15
C LYS C 534 56.28 21.52 43.77
N ASP C 535 55.09 21.98 43.46
CA ASP C 535 53.86 21.35 43.95
C ASP C 535 53.63 20.06 43.17
N PRO C 536 53.47 18.91 43.85
CA PRO C 536 53.23 17.66 43.10
C PRO C 536 51.86 17.60 42.45
N ASN C 537 50.84 18.23 43.03
CA ASN C 537 49.50 18.14 42.46
C ASN C 537 49.36 18.97 41.20
N MET C 538 50.04 20.11 41.13
CA MET C 538 49.87 21.01 40.01
C MET C 538 50.76 20.61 38.84
N VAL C 539 52.01 20.22 39.13
CA VAL C 539 52.96 19.87 38.08
C VAL C 539 52.56 18.57 37.39
N LEU C 540 52.23 17.55 38.16
CA LEU C 540 51.88 16.26 37.61
C LEU C 540 50.38 16.12 37.41
N GLN C 541 49.98 15.14 36.62
CA GLN C 541 48.59 14.85 36.34
C GLN C 541 48.35 13.37 36.47
N SER C 542 47.38 12.98 37.29
CA SER C 542 47.06 11.58 37.51
C SER C 542 45.80 11.20 36.75
N THR C 543 45.61 9.90 36.58
CA THR C 543 44.42 9.40 35.90
C THR C 543 43.24 9.28 36.86
N LEU C 544 43.48 8.73 38.05
CA LEU C 544 42.40 8.56 39.00
C LEU C 544 41.99 9.88 39.63
N GLY C 545 42.89 10.85 39.69
CA GLY C 545 42.58 12.11 40.34
C GLY C 545 42.78 12.08 41.83
N ASN C 546 43.68 11.24 42.34
CA ASN C 546 43.95 11.13 43.76
C ASN C 546 44.84 12.28 44.23
N ASP C 547 45.16 12.28 45.51
CA ASP C 547 46.12 13.21 46.05
C ASP C 547 47.52 12.75 45.69
N LEU C 548 48.36 13.66 45.24
CA LEU C 548 49.76 13.35 45.01
C LEU C 548 50.67 13.88 46.11
N ARG C 549 50.11 14.39 47.21
CA ARG C 549 50.90 14.73 48.38
C ARG C 549 50.79 13.66 49.46
N ALA C 550 49.73 12.86 49.44
CA ALA C 550 49.56 11.81 50.43
C ALA C 550 50.55 10.68 50.21
N ASP C 551 50.92 10.43 48.96
CA ASP C 551 51.94 9.45 48.64
C ASP C 551 53.29 10.16 48.53
N GLY C 552 54.29 9.47 47.98
CA GLY C 552 55.62 10.03 47.90
C GLY C 552 55.98 10.66 46.58
N ALA C 553 55.02 11.32 45.93
CA ALA C 553 55.30 12.03 44.69
C ALA C 553 56.04 13.32 45.00
N SER C 554 57.17 13.53 44.33
CA SER C 554 57.99 14.70 44.62
C SER C 554 58.79 15.07 43.40
N ILE C 555 58.72 16.34 43.02
CA ILE C 555 59.43 16.90 41.89
C ILE C 555 60.62 17.70 42.40
N THR C 556 61.77 17.56 41.74
CA THR C 556 62.94 18.33 42.12
C THR C 556 63.77 18.63 40.89
N TYR C 557 64.60 19.67 41.00
CA TYR C 557 65.35 20.20 39.88
C TYR C 557 66.83 20.21 40.22
N THR C 558 67.66 19.86 39.24
CA THR C 558 69.10 19.82 39.46
C THR C 558 69.87 20.91 38.71
N GLN C 559 69.40 21.32 37.52
CA GLN C 559 69.97 22.47 36.83
C GLN C 559 68.94 22.97 35.84
N ILE C 560 69.16 24.18 35.35
CA ILE C 560 68.18 24.86 34.52
C ILE C 560 68.92 25.86 33.64
N ASN C 561 68.44 26.03 32.41
CA ASN C 561 69.13 26.84 31.42
C ASN C 561 68.11 27.55 30.53
N LEU C 562 68.38 28.81 30.22
CA LEU C 562 67.60 29.55 29.24
C LEU C 562 68.27 29.47 27.88
N TYR C 563 67.49 29.20 26.85
CA TYR C 563 68.00 29.19 25.49
C TYR C 563 67.33 30.30 24.71
N VAL C 564 68.11 30.99 23.86
CA VAL C 564 67.58 31.99 22.96
C VAL C 564 68.07 31.67 21.55
N SER C 565 67.75 32.54 20.60
CA SER C 565 68.16 32.33 19.21
C SER C 565 68.40 33.68 18.56
N PHE C 566 69.67 34.04 18.37
CA PHE C 566 70.03 35.33 17.80
C PHE C 566 70.06 35.23 16.30
N PHE C 567 69.19 35.97 15.60
CA PHE C 567 69.14 35.89 14.15
C PHE C 567 70.36 36.61 13.56
N PRO C 568 71.12 35.97 12.69
CA PRO C 568 72.37 36.58 12.20
C PRO C 568 72.12 37.55 11.05
N MET C 569 71.45 38.66 11.34
CA MET C 569 71.22 39.67 10.32
C MET C 569 72.52 40.45 10.08
N ASN C 570 72.66 40.97 8.86
CA ASN C 570 73.80 41.82 8.53
C ASN C 570 73.78 43.08 9.37
N TYR C 571 74.97 43.56 9.74
CA TYR C 571 75.03 44.66 10.68
C TYR C 571 74.69 46.00 10.05
N ASP C 572 74.58 46.07 8.73
CA ASP C 572 74.06 47.25 8.06
C ASP C 572 72.53 47.20 7.98
N THR C 573 71.98 46.01 7.76
CA THR C 573 70.53 45.87 7.71
C THR C 573 69.92 45.96 9.11
N GLN C 574 70.62 45.43 10.11
CA GLN C 574 70.15 45.54 11.49
C GLN C 574 70.19 46.97 11.98
N SER C 575 71.25 47.72 11.61
CA SER C 575 71.39 49.08 12.10
C SER C 575 70.34 50.01 11.49
N GLU C 576 69.86 49.68 10.29
CA GLU C 576 68.73 50.41 9.74
C GLU C 576 67.42 49.92 10.35
N LEU C 577 67.36 48.67 10.79
CA LEU C 577 66.17 48.13 11.42
C LEU C 577 66.10 48.48 12.89
N GLU C 578 67.24 48.68 13.55
CA GLU C 578 67.20 49.09 14.95
C GLU C 578 66.68 50.51 15.09
N LEU C 579 67.17 51.43 14.24
CA LEU C 579 66.76 52.84 14.32
C LEU C 579 65.29 53.05 13.97
N MET C 580 64.69 52.14 13.21
CA MET C 580 63.25 52.26 12.98
C MET C 580 62.45 51.80 14.20
N LEU C 581 62.95 50.82 14.95
CA LEU C 581 62.20 50.30 16.09
C LEU C 581 62.54 51.03 17.39
N ARG C 582 63.58 51.85 17.42
CA ARG C 582 63.76 52.76 18.54
C ARG C 582 62.77 53.91 18.51
N ASN C 583 62.13 54.14 17.37
CA ASN C 583 61.23 55.27 17.17
C ASN C 583 59.94 55.06 17.97
N ALA C 584 59.28 56.17 18.28
CA ALA C 584 58.09 56.11 19.12
C ALA C 584 56.88 55.61 18.35
N THR C 585 56.75 56.01 17.09
CA THR C 585 55.58 55.61 16.30
C THR C 585 55.64 54.16 15.85
N ASN C 586 56.83 53.55 15.85
CA ASN C 586 56.96 52.13 15.55
C ASN C 586 56.98 51.36 16.86
N ASP C 587 55.83 51.38 17.52
CA ASP C 587 55.69 50.86 18.87
C ASP C 587 55.06 49.48 18.81
N GLN C 588 55.70 48.51 19.42
CA GLN C 588 55.24 47.13 19.34
C GLN C 588 54.02 46.92 20.23
N ASN C 589 53.01 46.27 19.68
CA ASN C 589 51.73 46.08 20.34
C ASN C 589 51.47 44.59 20.46
N PHE C 590 50.87 44.18 21.58
CA PHE C 590 50.46 42.79 21.74
C PHE C 590 49.11 42.78 22.44
N SER C 591 48.44 41.64 22.36
CA SER C 591 47.13 41.48 22.97
C SER C 591 46.94 40.04 23.40
N ASP C 592 46.36 39.85 24.58
CA ASP C 592 46.05 38.52 25.07
C ASP C 592 44.93 37.93 24.22
N TYR C 593 45.10 36.68 23.80
CA TYR C 593 44.14 36.08 22.87
C TYR C 593 42.81 35.78 23.54
N LEU C 594 42.82 35.46 24.83
CA LEU C 594 41.58 35.20 25.53
C LEU C 594 40.76 36.48 25.68
N GLY C 595 41.41 37.55 26.15
CA GLY C 595 40.73 38.82 26.31
C GLY C 595 39.63 38.81 27.33
N ALA C 596 39.81 38.09 28.43
CA ALA C 596 38.75 37.91 29.40
C ALA C 596 39.24 38.24 30.80
N VAL C 597 38.28 38.40 31.70
CA VAL C 597 38.54 38.63 33.11
C VAL C 597 37.93 37.46 33.88
N ASN C 598 38.77 36.71 34.57
CA ASN C 598 38.33 35.50 35.25
C ASN C 598 37.69 35.86 36.58
N ASN C 599 36.45 35.40 36.78
CA ASN C 599 35.73 35.62 38.02
C ASN C 599 35.04 34.34 38.43
N LEU C 600 35.27 33.90 39.66
CA LEU C 600 34.69 32.68 40.19
C LEU C 600 33.69 33.04 41.27
N TYR C 601 32.51 32.42 41.23
CA TYR C 601 31.46 32.72 42.19
C TYR C 601 30.95 31.43 42.80
N GLN C 602 30.83 31.44 44.13
CA GLN C 602 30.56 30.22 44.88
C GLN C 602 29.10 29.80 44.74
N ILE C 603 28.88 28.50 44.59
CA ILE C 603 27.55 27.91 44.63
C ILE C 603 27.53 26.93 45.81
N PRO C 604 26.58 27.04 46.72
CA PRO C 604 26.47 26.04 47.78
C PRO C 604 26.00 24.70 47.23
N ALA C 605 26.23 23.65 48.03
CA ALA C 605 25.82 22.31 47.66
C ALA C 605 24.31 22.19 47.72
N GLY C 606 23.69 21.87 46.60
CA GLY C 606 22.24 21.79 46.51
C GLY C 606 21.57 23.08 46.11
N SER C 607 22.26 24.21 46.16
CA SER C 607 21.69 25.45 45.69
C SER C 607 21.61 25.47 44.17
N SER C 608 20.72 26.32 43.66
CA SER C 608 20.45 26.32 42.23
C SER C 608 20.31 27.72 41.65
N THR C 609 20.84 28.74 42.32
CA THR C 609 20.66 30.12 41.87
C THR C 609 21.89 30.92 42.28
N VAL C 610 22.49 31.62 41.32
CA VAL C 610 23.64 32.50 41.57
C VAL C 610 23.22 33.90 41.21
N VAL C 611 23.51 34.87 42.08
CA VAL C 611 23.28 36.27 41.79
C VAL C 611 24.61 36.99 41.86
N VAL C 612 25.13 37.39 40.72
CA VAL C 612 26.39 38.12 40.63
C VAL C 612 26.11 39.59 40.33
N ASN C 613 26.61 40.46 41.19
CA ASN C 613 26.42 41.90 41.09
C ASN C 613 27.76 42.56 40.80
N ILE C 614 27.75 43.54 39.91
CA ILE C 614 28.92 44.35 39.60
C ILE C 614 28.52 45.81 39.84
N PRO C 615 29.30 46.59 40.59
CA PRO C 615 29.00 48.02 40.73
C PRO C 615 29.31 48.81 39.46
N ASP C 616 29.14 50.14 39.53
CA ASP C 616 29.18 50.95 38.32
C ASP C 616 30.59 51.07 37.76
N ARG C 617 30.67 51.18 36.44
CA ARG C 617 31.94 51.11 35.72
C ARG C 617 31.70 51.75 34.35
N SER C 618 32.78 52.02 33.63
CA SER C 618 32.71 52.79 32.39
C SER C 618 32.12 52.00 31.24
N TRP C 619 32.28 50.67 31.21
CA TRP C 619 31.69 49.77 30.21
C TRP C 619 32.07 50.11 28.77
N GLY C 620 33.25 50.71 28.56
CA GLY C 620 33.64 51.13 27.23
C GLY C 620 34.29 50.01 26.46
N ALA C 621 33.76 49.73 25.25
CA ALA C 621 34.20 48.66 24.36
C ALA C 621 34.20 47.29 25.03
N PHE C 622 33.12 47.00 25.76
CA PHE C 622 32.88 45.67 26.29
C PHE C 622 32.63 44.69 25.15
N ARG C 623 33.14 43.47 25.30
CA ARG C 623 33.16 42.54 24.18
C ARG C 623 32.14 41.41 24.31
N GLY C 624 31.90 40.88 25.50
CA GLY C 624 30.92 39.83 25.65
C GLY C 624 31.14 39.04 26.93
N TRP C 625 30.34 37.99 27.08
CA TRP C 625 30.35 37.14 28.26
C TRP C 625 30.74 35.72 27.91
N SER C 626 31.14 34.96 28.94
CA SER C 626 31.43 33.54 28.82
C SER C 626 31.34 32.91 30.20
N PHE C 627 30.68 31.75 30.31
CA PHE C 627 30.46 31.18 31.63
C PHE C 627 30.36 29.67 31.61
N THR C 628 30.96 29.03 32.61
CA THR C 628 30.81 27.62 32.90
C THR C 628 30.63 27.40 34.40
N ARG C 629 30.62 26.13 34.79
CA ARG C 629 30.67 25.71 36.18
C ARG C 629 31.93 24.89 36.41
N LEU C 630 32.51 25.03 37.59
CA LEU C 630 33.70 24.29 37.95
C LEU C 630 33.55 23.76 39.36
N LYS C 631 33.94 22.51 39.57
CA LYS C 631 33.97 21.95 40.91
C LYS C 631 34.98 22.70 41.77
N VAL C 632 34.66 22.85 43.06
CA VAL C 632 35.57 23.48 43.99
C VAL C 632 36.78 22.59 44.25
N SER C 633 36.57 21.27 44.27
CA SER C 633 37.69 20.35 44.46
C SER C 633 38.61 20.33 43.24
N GLU C 634 38.08 20.63 42.06
CA GLU C 634 38.87 20.62 40.83
C GLU C 634 39.34 22.00 40.42
N THR C 635 39.39 22.95 41.35
CA THR C 635 39.85 24.28 40.97
C THR C 635 40.76 24.87 42.04
N PRO C 636 42.01 25.16 41.71
CA PRO C 636 42.95 25.70 42.69
C PRO C 636 42.87 27.21 42.78
N ARG C 637 43.47 27.73 43.84
CA ARG C 637 43.69 29.17 43.98
C ARG C 637 45.15 29.43 43.63
N ILE C 638 45.38 30.05 42.48
CA ILE C 638 46.74 30.17 41.95
C ILE C 638 47.50 31.31 42.63
N GLY C 639 46.79 32.27 43.24
CA GLY C 639 47.42 33.44 43.83
C GLY C 639 48.32 33.16 45.02
N ALA C 640 48.21 31.97 45.61
CA ALA C 640 49.13 31.55 46.66
C ALA C 640 50.29 30.78 46.05
N THR C 641 51.41 30.75 46.78
CA THR C 641 52.58 30.00 46.32
C THR C 641 52.36 28.50 46.41
N GLN C 642 51.41 28.04 47.22
CA GLN C 642 51.00 26.65 47.27
C GLN C 642 49.59 26.64 47.84
N ASP C 643 48.71 25.86 47.23
CA ASP C 643 47.32 25.79 47.68
C ASP C 643 47.19 24.65 48.69
N PRO C 644 46.83 24.93 49.94
CA PRO C 644 46.70 23.84 50.92
C PRO C 644 45.39 23.09 50.83
N ASN C 645 44.36 23.67 50.22
CA ASN C 645 43.06 23.03 50.10
C ASN C 645 42.88 22.35 48.75
N PHE C 646 43.97 21.99 48.08
CA PHE C 646 43.93 21.45 46.73
C PHE C 646 44.39 20.00 46.80
N GLN C 647 43.44 19.10 47.05
CA GLN C 647 43.70 17.69 47.25
C GLN C 647 43.47 16.87 45.98
N TYR C 648 43.59 17.49 44.82
CA TYR C 648 43.20 16.91 43.55
C TYR C 648 44.37 16.95 42.58
N SER C 649 44.41 15.98 41.66
CA SER C 649 45.52 15.95 40.71
C SER C 649 45.11 15.55 39.30
N GLY C 650 43.83 15.55 38.99
CA GLY C 650 43.40 15.19 37.65
C GLY C 650 43.52 16.35 36.68
N SER C 651 42.53 16.52 35.81
CA SER C 651 42.53 17.61 34.85
C SER C 651 41.83 18.81 35.46
N ILE C 652 42.46 19.98 35.38
CA ILE C 652 41.91 21.22 35.91
C ILE C 652 41.24 21.95 34.75
N PRO C 653 39.91 22.10 34.75
CA PRO C 653 39.26 22.81 33.64
C PRO C 653 39.51 24.29 33.66
N TYR C 654 39.92 24.85 34.79
CA TYR C 654 40.23 26.27 34.87
C TYR C 654 41.54 26.59 34.16
N LEU C 655 42.42 25.61 33.99
CA LEU C 655 43.70 25.80 33.32
C LEU C 655 43.81 25.07 32.01
N ASP C 656 43.39 23.81 31.94
CA ASP C 656 43.24 23.13 30.66
C ASP C 656 41.99 23.67 29.95
N GLY C 657 41.71 23.14 28.77
CA GLY C 657 40.40 23.44 28.23
C GLY C 657 39.33 22.68 28.99
N THR C 658 39.19 21.38 28.69
CA THR C 658 38.53 20.32 29.44
C THR C 658 37.28 20.70 30.24
N PHE C 659 36.43 21.56 29.69
CA PHE C 659 35.16 21.85 30.34
C PHE C 659 34.19 20.72 30.08
N TYR C 660 33.45 20.33 31.11
CA TYR C 660 32.48 19.26 30.96
C TYR C 660 31.15 19.52 31.65
N LEU C 661 31.06 20.50 32.53
CA LEU C 661 29.81 20.90 33.15
C LEU C 661 29.21 22.11 32.43
N SER C 662 29.39 22.18 31.11
CA SER C 662 28.80 23.26 30.34
C SER C 662 27.31 23.06 30.09
N HIS C 663 26.73 21.93 30.47
CA HIS C 663 25.28 21.86 30.61
C HIS C 663 24.97 22.28 32.05
N THR C 664 23.75 22.00 32.52
CA THR C 664 23.23 22.44 33.83
C THR C 664 23.29 23.96 33.98
N PHE C 665 22.55 24.66 33.13
CA PHE C 665 22.45 26.10 33.36
C PHE C 665 21.04 26.64 33.34
N GLN C 666 20.19 26.15 32.44
CA GLN C 666 18.74 26.35 32.40
C GLN C 666 18.23 27.75 32.12
N ARG C 667 18.98 28.80 32.45
CA ARG C 667 18.48 30.18 32.47
C ARG C 667 19.65 31.13 32.59
N CYS C 668 19.40 32.37 32.16
CA CYS C 668 20.36 33.47 32.23
C CYS C 668 19.60 34.78 32.05
N SER C 669 19.70 35.65 33.04
CA SER C 669 18.98 36.93 33.00
C SER C 669 19.98 38.05 33.23
N ILE C 670 19.92 39.10 32.42
CA ILE C 670 20.84 40.23 32.51
C ILE C 670 20.03 41.50 32.68
N GLN C 671 20.37 42.30 33.69
CA GLN C 671 19.69 43.56 33.94
C GLN C 671 20.74 44.66 34.14
N TRP C 672 20.48 45.83 33.56
CA TRP C 672 21.34 46.99 33.72
C TRP C 672 20.69 47.99 34.65
N ASP C 673 21.44 48.43 35.67
CA ASP C 673 20.99 49.30 36.74
C ASP C 673 19.75 48.76 37.43
N SER C 674 19.62 47.43 37.50
CA SER C 674 18.55 46.63 38.12
C SER C 674 17.21 46.73 37.41
N SER C 675 17.05 47.59 36.40
CA SER C 675 15.76 47.71 35.74
C SER C 675 15.83 47.43 34.24
N VAL C 676 16.80 48.02 33.56
CA VAL C 676 16.82 47.96 32.10
C VAL C 676 17.32 46.59 31.65
N PRO C 677 16.54 45.85 30.87
CA PRO C 677 16.98 44.50 30.49
C PRO C 677 17.87 44.52 29.26
N TRP C 678 18.65 43.47 29.05
CA TRP C 678 19.36 43.33 27.79
C TRP C 678 19.21 41.91 27.24
N PRO C 679 18.87 41.76 25.95
CA PRO C 679 18.38 42.84 25.10
C PRO C 679 16.89 43.03 25.24
N GLY C 680 16.49 44.09 25.93
CA GLY C 680 15.07 44.31 26.02
C GLY C 680 14.64 45.24 24.91
N ASN C 681 14.35 44.64 23.77
CA ASN C 681 13.67 45.29 22.66
C ASN C 681 12.75 44.22 22.09
N ASP C 682 12.35 43.32 22.99
CA ASP C 682 11.56 42.13 22.68
C ASP C 682 12.30 41.24 21.70
N ARG C 683 13.61 41.04 21.91
CA ARG C 683 14.41 40.38 20.89
C ARG C 683 14.23 38.86 20.90
N MET C 684 14.14 38.25 22.08
CA MET C 684 14.07 36.81 22.15
C MET C 684 12.61 36.36 22.18
N LEU C 685 12.40 35.04 22.10
CA LEU C 685 11.05 34.51 22.30
C LEU C 685 10.63 34.67 23.74
N THR C 686 11.49 34.25 24.67
CA THR C 686 11.37 34.59 26.07
C THR C 686 12.19 35.85 26.30
N PRO C 687 11.55 37.02 26.36
CA PRO C 687 12.30 38.27 26.17
C PRO C 687 13.05 38.76 27.39
N ASN C 688 12.72 38.30 28.59
CA ASN C 688 13.34 38.84 29.79
C ASN C 688 14.54 38.04 30.28
N TRP C 689 14.78 36.85 29.74
CA TRP C 689 15.94 36.07 30.16
C TRP C 689 16.34 35.11 29.06
N PHE C 690 17.64 34.90 28.91
CA PHE C 690 18.18 33.86 28.05
C PHE C 690 17.86 32.51 28.67
N GLU C 691 17.01 31.73 28.02
CA GLU C 691 16.60 30.44 28.53
C GLU C 691 17.46 29.37 27.88
N ILE C 692 18.25 28.65 28.68
CA ILE C 692 19.27 27.77 28.13
C ILE C 692 18.72 26.36 27.94
N LYS C 693 18.27 25.71 29.02
CA LYS C 693 17.64 24.40 28.89
C LYS C 693 16.14 24.53 29.08
N ARG C 694 15.41 23.61 28.45
CA ARG C 694 13.97 23.50 28.65
C ARG C 694 13.65 22.02 28.75
N PRO C 695 13.37 21.53 29.96
CA PRO C 695 13.08 20.10 30.12
C PRO C 695 11.77 19.73 29.45
N ILE C 696 11.80 18.66 28.66
CA ILE C 696 10.63 18.27 27.89
C ILE C 696 9.75 17.39 28.76
N ASN C 697 8.42 17.58 28.63
CA ASN C 697 7.24 17.42 29.50
C ASN C 697 7.02 18.67 30.34
N GLN C 698 7.90 19.66 30.20
CA GLN C 698 7.63 21.03 30.64
C GLN C 698 7.73 21.98 29.45
N ASP C 699 7.02 21.69 28.36
CA ASP C 699 7.24 22.37 27.09
C ASP C 699 5.98 22.31 26.25
N ALA C 700 5.53 23.46 25.76
CA ALA C 700 4.35 23.53 24.91
C ALA C 700 4.65 24.09 23.52
N GLU C 701 5.23 25.28 23.45
CA GLU C 701 5.28 26.05 22.21
C GLU C 701 6.60 25.83 21.46
N GLY C 702 6.96 24.57 21.26
CA GLY C 702 8.19 24.28 20.56
C GLY C 702 9.41 24.59 21.39
N ASN C 703 10.31 25.44 20.87
CA ASN C 703 11.45 25.98 21.59
C ASN C 703 12.40 24.91 22.10
N ASP C 704 12.66 23.91 21.24
CA ASP C 704 13.63 22.86 21.53
C ASP C 704 14.34 22.52 20.23
N THR C 705 15.67 22.43 20.29
CA THR C 705 16.47 22.21 19.09
C THR C 705 17.13 20.83 19.12
N MET C 706 17.30 20.28 17.91
CA MET C 706 18.16 19.14 17.63
C MET C 706 17.78 17.89 18.42
N GLN C 707 16.49 17.75 18.71
CA GLN C 707 15.93 16.66 19.52
C GLN C 707 16.59 16.60 20.89
N SER C 708 16.58 17.75 21.57
CA SER C 708 17.26 17.89 22.85
C SER C 708 16.56 18.97 23.66
N ASN C 709 17.19 19.39 24.75
CA ASN C 709 16.63 20.41 25.64
C ASN C 709 17.00 21.83 25.24
N LEU C 710 17.96 22.01 24.35
CA LEU C 710 18.45 23.36 24.04
C LEU C 710 17.40 24.12 23.24
N THR C 711 17.17 25.37 23.62
CA THR C 711 16.04 26.14 23.13
C THR C 711 16.35 26.81 21.80
N LYS C 712 15.29 27.23 21.10
CA LYS C 712 15.42 27.95 19.85
C LYS C 712 15.97 29.35 20.05
N ASP C 713 15.82 29.90 21.26
CA ASP C 713 16.43 31.16 21.61
C ASP C 713 17.94 31.04 21.66
N PHE C 714 18.43 30.06 22.40
CA PHE C 714 19.81 30.05 22.82
C PHE C 714 20.71 29.21 21.94
N PHE C 715 20.13 28.37 21.09
CA PHE C 715 20.92 27.71 20.05
C PHE C 715 21.37 28.71 19.00
N MET C 716 20.56 29.72 18.72
CA MET C 716 20.88 30.67 17.66
C MET C 716 21.96 31.64 18.09
N VAL C 717 21.93 32.11 19.34
CA VAL C 717 22.93 33.07 19.79
C VAL C 717 24.29 32.42 20.02
N GLN C 718 24.36 31.10 20.06
CA GLN C 718 25.64 30.41 20.06
C GLN C 718 26.13 30.13 18.66
N MET C 719 25.21 29.94 17.72
CA MET C 719 25.61 29.78 16.33
C MET C 719 25.93 31.12 15.68
N ALA C 720 25.25 32.18 16.10
CA ALA C 720 25.55 33.51 15.55
C ALA C 720 26.81 34.11 16.14
N ALA C 721 27.15 33.76 17.38
CA ALA C 721 28.39 34.24 17.96
C ALA C 721 29.59 33.52 17.38
N SER C 722 29.49 32.20 17.27
CA SER C 722 30.67 31.41 16.92
C SER C 722 30.90 31.38 15.41
N TYR C 723 29.81 31.36 14.63
CA TYR C 723 29.94 31.05 13.21
C TYR C 723 29.26 32.06 12.29
N ASN C 724 28.74 33.17 12.82
CA ASN C 724 28.17 34.29 12.05
C ASN C 724 27.03 33.81 11.17
N GLN C 725 25.97 33.32 11.82
CA GLN C 725 25.06 32.40 11.16
C GLN C 725 23.76 32.31 11.95
N GLY C 726 22.63 32.35 11.25
CA GLY C 726 21.36 32.26 11.93
C GLY C 726 20.25 33.11 11.34
N TYR C 727 20.61 34.18 10.65
CA TYR C 727 19.61 34.98 9.97
C TYR C 727 19.36 34.52 8.54
N GLN C 728 20.18 33.62 8.01
CA GLN C 728 20.04 33.16 6.64
C GLN C 728 20.01 31.64 6.55
N GLY C 729 19.75 30.95 7.65
CA GLY C 729 19.67 29.51 7.65
C GLY C 729 20.86 28.88 8.36
N PHE C 730 20.69 27.62 8.74
CA PHE C 730 21.71 26.87 9.44
C PHE C 730 22.22 25.74 8.56
N ASN C 731 23.51 25.44 8.73
CA ASN C 731 24.18 24.35 8.04
C ASN C 731 25.46 24.03 8.80
N TRP C 732 26.17 23.02 8.35
CA TRP C 732 27.45 22.70 8.96
C TRP C 732 28.48 23.72 8.53
N PRO C 733 29.15 24.40 9.46
CA PRO C 733 30.10 25.44 9.09
C PRO C 733 31.41 24.86 8.58
N ASN C 734 32.15 25.70 7.85
CA ASN C 734 33.36 25.24 7.19
C ASN C 734 34.51 25.07 8.17
N CYS C 735 34.92 26.13 8.83
CA CYS C 735 36.08 26.13 9.71
C CYS C 735 35.59 25.98 11.15
N THR C 736 35.81 24.81 11.73
CA THR C 736 35.38 24.50 13.10
C THR C 736 36.60 24.27 13.96
N LYS C 737 36.68 24.99 15.08
CA LYS C 737 37.83 24.90 15.96
C LYS C 737 37.67 23.72 16.93
N HIS C 738 38.67 23.56 17.80
CA HIS C 738 38.64 22.47 18.77
C HIS C 738 37.66 22.74 19.90
N TYR C 739 37.49 24.00 20.28
CA TYR C 739 36.57 24.41 21.34
C TYR C 739 35.29 25.02 20.78
N GLY C 740 34.92 24.67 19.55
CA GLY C 740 33.74 25.20 18.91
C GLY C 740 32.46 24.65 19.51
N PHE C 741 31.35 24.97 18.84
CA PHE C 741 30.05 24.58 19.37
C PHE C 741 29.52 23.29 18.76
N ILE C 742 29.34 23.28 17.43
CA ILE C 742 28.70 22.14 16.78
C ILE C 742 29.66 20.97 16.59
N ASN C 743 30.93 21.14 16.97
CA ASN C 743 31.85 20.01 17.03
C ASN C 743 31.43 19.03 18.11
N ASN C 744 30.96 19.53 19.23
CA ASN C 744 30.77 18.73 20.44
C ASN C 744 29.45 19.05 21.10
N PHE C 745 28.40 19.22 20.30
CA PHE C 745 27.03 19.23 20.79
C PHE C 745 26.44 17.87 20.46
N GLU C 746 26.22 17.04 21.47
CA GLU C 746 25.72 15.69 21.25
C GLU C 746 24.35 15.53 21.90
N PRO C 747 23.27 15.67 21.15
CA PRO C 747 21.95 15.37 21.69
C PRO C 747 21.71 13.87 21.74
N MET C 748 20.80 13.47 22.61
CA MET C 748 20.51 12.06 22.83
C MET C 748 19.15 11.93 23.50
N SER C 749 18.52 10.76 23.33
CA SER C 749 17.17 10.54 23.81
C SER C 749 16.97 9.07 24.13
N ARG C 750 16.02 8.81 25.03
CA ARG C 750 15.60 7.44 25.34
C ARG C 750 14.16 7.48 25.83
N GLN C 751 13.57 6.30 25.99
CA GLN C 751 12.25 6.16 26.58
C GLN C 751 12.35 5.32 27.84
N VAL C 752 11.57 5.68 28.86
CA VAL C 752 11.51 4.93 30.10
C VAL C 752 10.08 4.41 30.25
N PRO C 753 9.86 3.33 30.97
CA PRO C 753 8.48 2.94 31.28
C PRO C 753 7.87 3.86 32.33
N GLU C 754 6.58 3.71 32.58
CA GLU C 754 5.96 4.42 33.68
C GLU C 754 6.16 3.64 34.97
N TYR C 755 6.07 4.34 36.09
CA TYR C 755 6.25 3.73 37.40
C TYR C 755 5.30 4.38 38.38
N GLY C 756 4.61 3.57 39.21
CA GLY C 756 4.79 2.13 39.26
C GLY C 756 3.50 1.34 39.42
N ALA C 757 2.40 1.88 38.87
CA ALA C 757 1.12 1.18 38.91
C ALA C 757 1.19 -0.02 37.97
N ASN C 758 1.26 -1.22 38.57
CA ASN C 758 1.42 -2.51 37.90
C ASN C 758 2.69 -2.60 37.06
N TYR C 759 3.68 -1.75 37.34
CA TYR C 759 5.01 -1.84 36.74
C TYR C 759 6.02 -1.41 37.78
N PRO C 760 6.39 -2.32 38.69
CA PRO C 760 7.27 -1.92 39.80
C PRO C 760 8.69 -1.67 39.32
N ASN C 761 9.36 -0.73 39.98
CA ASN C 761 10.72 -0.35 39.65
C ASN C 761 11.66 -1.24 40.44
N LEU C 762 12.24 -2.24 39.77
CA LEU C 762 13.20 -3.12 40.41
C LEU C 762 14.59 -2.51 40.50
N MET C 763 14.82 -1.39 39.81
CA MET C 763 16.14 -0.77 39.83
C MET C 763 16.30 0.15 41.03
N ALA C 764 15.26 0.92 41.35
CA ALA C 764 15.33 1.75 42.56
C ALA C 764 15.14 0.92 43.81
N ALA C 765 14.44 -0.21 43.71
CA ALA C 765 14.33 -1.11 44.85
C ALA C 765 15.64 -1.85 45.08
N TYR C 766 16.46 -2.02 44.05
CA TYR C 766 17.76 -2.64 44.22
C TYR C 766 18.72 -1.67 44.91
N LEU C 767 18.61 -0.38 44.62
CA LEU C 767 19.53 0.60 45.19
C LEU C 767 19.24 0.89 46.65
N ALA C 768 18.04 0.53 47.15
CA ALA C 768 17.76 0.65 48.57
C ALA C 768 18.62 -0.34 49.36
N ASN C 769 18.45 -1.63 49.10
CA ASN C 769 19.34 -2.65 49.63
C ASN C 769 19.77 -3.62 48.53
N PRO C 770 21.06 -3.66 48.19
CA PRO C 770 21.48 -4.54 47.08
C PRO C 770 21.56 -6.00 47.47
N GLN C 771 21.40 -6.33 48.77
CA GLN C 771 21.58 -7.69 49.22
C GLN C 771 20.35 -8.56 49.00
N THR C 772 19.18 -7.95 48.81
CA THR C 772 17.96 -8.74 48.65
C THR C 772 17.79 -9.23 47.23
N MET C 773 18.53 -8.64 46.27
CA MET C 773 18.62 -9.00 44.86
C MET C 773 17.29 -9.11 44.13
N PRO C 774 16.61 -8.00 43.82
CA PRO C 774 15.37 -8.11 43.05
C PRO C 774 15.58 -8.44 41.60
N ILE C 775 16.58 -7.83 40.95
CA ILE C 775 16.75 -7.93 39.52
C ILE C 775 17.33 -9.30 39.18
N TRP C 776 16.62 -10.05 38.34
CA TRP C 776 17.04 -11.37 37.89
C TRP C 776 17.33 -11.28 36.41
N ASN C 777 18.60 -11.35 36.05
CA ASN C 777 19.02 -11.40 34.66
C ASN C 777 20.33 -12.16 34.65
N ASN C 778 20.48 -13.04 33.64
CA ASN C 778 21.52 -14.05 33.41
C ASN C 778 22.07 -14.66 34.70
N CYS C 779 21.16 -15.06 35.58
CA CYS C 779 21.54 -15.73 36.82
C CYS C 779 21.80 -17.20 36.55
N GLY C 780 22.73 -17.76 37.31
CA GLY C 780 23.22 -19.09 37.05
C GLY C 780 24.41 -19.13 36.13
N PHE C 781 24.63 -18.08 35.34
CA PHE C 781 25.77 -17.99 34.47
C PHE C 781 26.76 -16.90 34.90
N GLN C 782 26.52 -16.26 36.03
CA GLN C 782 27.48 -15.34 36.61
C GLN C 782 27.25 -15.29 38.12
N GLN C 783 28.10 -14.51 38.79
CA GLN C 783 27.96 -14.29 40.22
C GLN C 783 26.69 -13.51 40.53
N LYS C 784 26.07 -13.84 41.67
CA LYS C 784 24.88 -13.14 42.13
C LYS C 784 25.18 -11.67 42.42
N THR C 785 24.12 -10.88 42.48
CA THR C 785 24.24 -9.43 42.47
C THR C 785 24.22 -8.80 43.85
N ALA C 786 24.42 -9.60 44.91
CA ALA C 786 24.69 -9.07 46.23
C ALA C 786 26.17 -8.99 46.53
N THR C 787 27.01 -9.27 45.55
CA THR C 787 28.44 -9.49 45.78
C THR C 787 29.31 -8.89 44.68
N ASN C 788 30.51 -9.45 44.58
CA ASN C 788 31.64 -8.81 43.93
C ASN C 788 31.81 -9.30 42.49
N VAL C 789 30.79 -9.07 41.64
CA VAL C 789 30.40 -9.77 40.40
C VAL C 789 31.52 -10.34 39.51
N LEU C 790 32.76 -9.85 39.69
CA LEU C 790 33.97 -10.47 39.16
C LEU C 790 34.21 -11.93 39.56
N LEU C 791 33.41 -12.48 40.48
CA LEU C 791 33.56 -13.84 40.97
C LEU C 791 33.02 -14.86 39.96
N GLU C 792 33.13 -16.14 40.31
CA GLU C 792 32.68 -17.25 39.51
C GLU C 792 31.15 -17.33 39.46
N ARG C 793 30.64 -18.16 38.56
CA ARG C 793 29.20 -18.33 38.38
C ARG C 793 28.55 -18.94 39.60
N CYS C 794 27.26 -18.66 39.78
CA CYS C 794 26.49 -19.25 40.87
C CYS C 794 25.02 -19.21 40.51
N GLY C 795 24.31 -20.28 40.84
CA GLY C 795 22.88 -20.32 40.62
C GLY C 795 22.40 -21.38 39.63
N HIS C 796 21.18 -21.21 39.14
CA HIS C 796 20.59 -22.08 38.13
C HIS C 796 19.88 -21.20 37.11
N PRO C 797 19.86 -21.60 35.83
CA PRO C 797 19.25 -20.74 34.80
C PRO C 797 17.74 -20.63 34.96
N TYR C 798 17.23 -19.44 34.70
CA TYR C 798 15.85 -19.13 35.04
C TYR C 798 15.41 -17.93 34.22
N VAL C 799 14.09 -17.69 34.22
CA VAL C 799 13.48 -16.62 33.46
C VAL C 799 13.91 -15.26 34.02
N ALA C 800 14.42 -14.39 33.14
CA ALA C 800 14.75 -13.04 33.54
C ALA C 800 13.48 -12.21 33.71
N ASN C 801 13.58 -11.15 34.52
CA ASN C 801 12.43 -10.29 34.79
C ASN C 801 12.71 -8.80 34.61
N TRP C 802 13.91 -8.40 34.20
CA TRP C 802 14.24 -6.99 34.17
C TRP C 802 15.25 -6.78 33.06
N PRO C 803 15.13 -5.70 32.26
CA PRO C 803 14.19 -4.58 32.29
C PRO C 803 12.85 -4.86 31.61
N TYR C 804 12.10 -3.81 31.34
CA TYR C 804 10.92 -4.06 30.53
C TYR C 804 11.26 -3.94 29.05
N PRO C 805 10.64 -4.72 28.19
CA PRO C 805 10.88 -4.56 26.75
C PRO C 805 10.29 -3.27 26.22
N LEU C 806 11.15 -2.34 25.82
CA LEU C 806 10.69 -1.07 25.29
C LEU C 806 10.30 -1.16 23.82
N SER C 807 10.76 -2.20 23.14
CA SER C 807 10.49 -2.38 21.72
C SER C 807 10.02 -3.80 21.45
N GLY C 808 9.95 -4.19 20.19
CA GLY C 808 9.59 -5.54 19.84
C GLY C 808 8.11 -5.72 19.71
N ARG C 809 7.69 -6.99 19.83
CA ARG C 809 6.29 -7.34 19.63
C ARG C 809 5.44 -6.90 20.80
N ASN C 810 5.73 -7.41 21.99
CA ASN C 810 4.99 -7.03 23.18
C ASN C 810 5.77 -5.99 23.99
N ALA C 811 5.89 -4.80 23.41
CA ALA C 811 6.51 -3.71 24.12
C ALA C 811 5.54 -3.13 25.15
N VAL C 812 6.11 -2.49 26.16
CA VAL C 812 5.31 -1.90 27.24
C VAL C 812 4.66 -0.62 26.72
N PRO C 813 3.38 -0.40 26.98
CA PRO C 813 2.76 0.88 26.59
C PRO C 813 2.96 1.94 27.65
N ASN C 814 2.39 3.14 27.40
CA ASN C 814 2.41 4.28 28.32
C ASN C 814 3.84 4.73 28.66
N GLN C 815 4.77 4.60 27.73
CA GLN C 815 6.15 4.99 27.96
C GLN C 815 6.39 6.42 27.51
N VAL C 816 7.29 7.11 28.23
CA VAL C 816 7.49 8.54 28.08
C VAL C 816 8.94 8.79 27.71
N THR C 817 9.18 9.86 26.94
CA THR C 817 10.45 10.13 26.29
C THR C 817 11.24 11.17 27.07
N GLU C 818 12.54 10.92 27.24
CA GLU C 818 13.43 11.80 27.98
C GLU C 818 14.54 12.30 27.07
N ARG C 819 14.82 13.60 27.14
CA ARG C 819 15.85 14.23 26.32
C ARG C 819 16.90 14.90 27.20
N LYS C 820 18.11 14.99 26.67
CA LYS C 820 19.20 15.74 27.27
C LYS C 820 20.23 16.05 26.18
N PHE C 821 21.28 16.78 26.56
CA PHE C 821 22.40 17.01 25.66
C PHE C 821 23.66 17.11 26.49
N LEU C 822 24.80 17.07 25.81
CA LEU C 822 26.10 17.22 26.44
C LEU C 822 26.97 18.10 25.57
N VAL C 823 27.45 19.21 26.13
CA VAL C 823 28.51 20.02 25.53
C VAL C 823 29.75 19.92 26.42
N ASP C 824 30.82 19.41 25.84
CA ASP C 824 32.12 19.41 26.50
C ASP C 824 33.00 20.47 25.85
N ARG C 825 33.91 21.04 26.64
CA ARG C 825 34.95 21.99 26.23
C ARG C 825 34.40 23.31 25.71
N TYR C 826 33.13 23.64 25.95
CA TYR C 826 32.57 24.68 25.10
C TYR C 826 32.66 26.10 25.67
N LEU C 827 32.29 26.30 26.95
CA LEU C 827 32.24 27.62 27.57
C LEU C 827 31.28 28.57 26.86
N TRP C 828 29.96 28.36 27.09
CA TRP C 828 28.85 29.17 26.57
C TRP C 828 29.16 30.65 26.51
N GLN C 829 28.88 31.28 25.37
CA GLN C 829 29.21 32.67 25.17
C GLN C 829 27.98 33.49 24.78
N ILE C 830 27.94 34.71 25.30
CA ILE C 830 26.94 35.71 24.95
C ILE C 830 27.67 36.90 24.35
N PRO C 831 27.54 37.16 23.05
CA PRO C 831 28.22 38.32 22.48
C PRO C 831 27.49 39.60 22.83
N PHE C 832 28.24 40.64 23.13
CA PHE C 832 27.67 41.94 23.47
C PHE C 832 27.45 42.71 22.17
N SER C 833 26.46 42.25 21.42
CA SER C 833 26.16 42.85 20.13
C SER C 833 24.66 43.05 20.00
N SER C 834 24.25 43.85 19.02
CA SER C 834 22.85 44.16 18.84
C SER C 834 22.12 43.00 18.17
N ASN C 835 22.76 42.36 17.19
CA ASN C 835 22.17 41.26 16.45
C ASN C 835 22.89 39.94 16.69
N PHE C 836 23.74 39.87 17.71
CA PHE C 836 24.50 38.69 18.14
C PHE C 836 25.47 38.18 17.07
N LEU C 837 25.82 39.00 16.10
CA LEU C 837 26.75 38.58 15.06
C LEU C 837 28.14 39.13 15.35
N ASN C 838 29.10 38.71 14.53
CA ASN C 838 30.47 39.20 14.61
C ASN C 838 30.68 40.14 13.44
N MET C 839 30.30 41.40 13.63
CA MET C 839 30.62 42.45 12.67
C MET C 839 31.94 43.12 12.96
N GLY C 840 32.63 42.70 14.02
CA GLY C 840 33.90 43.29 14.39
C GLY C 840 34.39 42.81 15.73
N THR C 841 35.68 42.98 16.01
CA THR C 841 36.19 42.69 17.35
C THR C 841 35.70 43.73 18.34
N LEU C 842 35.93 45.00 18.04
CA LEU C 842 35.19 46.07 18.71
C LEU C 842 33.76 46.03 18.20
N THR C 843 32.84 45.65 19.07
CA THR C 843 31.46 45.44 18.68
C THR C 843 30.75 46.77 18.44
N ASP C 844 29.49 46.69 18.01
CA ASP C 844 28.74 47.91 17.70
C ASP C 844 28.21 48.60 18.94
N LEU C 845 27.83 47.85 19.97
CA LEU C 845 27.43 48.43 21.24
C LEU C 845 28.61 48.78 22.12
N GLY C 846 29.83 48.44 21.70
CA GLY C 846 30.99 48.79 22.48
C GLY C 846 31.41 50.23 22.29
N GLN C 847 31.25 50.76 21.09
CA GLN C 847 31.52 52.17 20.81
C GLN C 847 30.27 53.02 20.89
N ASN C 848 29.23 52.55 21.59
CA ASN C 848 28.07 53.38 21.87
C ASN C 848 28.44 54.38 22.96
N VAL C 849 28.02 55.64 22.76
CA VAL C 849 28.37 56.70 23.69
C VAL C 849 27.51 56.64 24.94
N MET C 850 26.38 55.93 24.87
CA MET C 850 25.51 55.78 26.03
C MET C 850 26.19 54.96 27.13
N TYR C 851 27.03 54.01 26.76
CA TYR C 851 27.66 53.17 27.77
C TYR C 851 29.01 53.73 28.20
N ALA C 852 29.87 54.16 27.25
CA ALA C 852 31.24 54.54 27.57
C ALA C 852 31.32 55.83 28.37
N ASN C 853 30.36 56.74 28.19
CA ASN C 853 30.37 58.02 28.90
C ASN C 853 29.26 58.11 29.94
N SER C 854 28.84 56.98 30.51
CA SER C 854 27.89 56.97 31.61
C SER C 854 28.04 55.67 32.39
N SER C 855 28.31 55.77 33.68
CA SER C 855 28.52 54.62 34.52
C SER C 855 27.22 53.86 34.73
N HIS C 856 27.29 52.53 34.59
CA HIS C 856 26.14 51.66 34.65
C HIS C 856 26.41 50.51 35.59
N SER C 857 25.39 50.12 36.36
CA SER C 857 25.49 48.95 37.21
C SER C 857 25.26 47.69 36.38
N LEU C 858 25.29 46.54 37.04
CA LEU C 858 25.09 45.27 36.35
C LEU C 858 24.54 44.27 37.34
N ASN C 859 23.35 43.75 37.07
CA ASN C 859 22.68 42.80 37.96
C ASN C 859 22.24 41.60 37.13
N MET C 860 23.10 40.61 37.01
CA MET C 860 22.71 39.39 36.31
C MET C 860 22.66 38.20 37.25
N GLN C 861 21.85 37.22 36.87
CA GLN C 861 21.66 36.05 37.72
C GLN C 861 21.43 34.81 36.86
N PHE C 862 21.92 33.67 37.36
CA PHE C 862 21.87 32.38 36.68
C PHE C 862 21.07 31.42 37.54
N THR C 863 20.47 30.40 36.92
CA THR C 863 19.68 29.41 37.66
C THR C 863 20.11 28.01 37.22
N VAL C 864 21.21 27.51 37.79
CA VAL C 864 21.80 26.25 37.35
C VAL C 864 21.08 25.07 37.99
N ASP C 865 21.38 23.86 37.53
CA ASP C 865 20.88 22.66 38.19
C ASP C 865 21.57 22.47 39.54
N PRO C 866 20.87 21.92 40.53
CA PRO C 866 21.52 21.63 41.81
C PRO C 866 22.42 20.41 41.70
N MET C 867 23.52 20.47 42.45
CA MET C 867 24.45 19.36 42.54
C MET C 867 24.74 19.08 44.02
N THR C 868 25.36 17.94 44.28
CA THR C 868 25.54 17.43 45.62
C THR C 868 26.85 17.89 46.27
N GLU C 869 27.43 18.98 45.79
CA GLU C 869 28.75 19.41 46.21
C GLU C 869 28.93 20.87 45.81
N PRO C 870 29.83 21.61 46.46
CA PRO C 870 30.06 22.99 46.06
C PRO C 870 30.71 23.10 44.68
N THR C 871 30.44 24.22 44.02
CA THR C 871 30.74 24.42 42.61
C THR C 871 31.03 25.90 42.43
N TYR C 872 31.99 26.24 41.57
CA TYR C 872 32.24 27.63 41.23
C TYR C 872 31.35 28.06 40.06
N LEU C 873 31.67 29.22 39.49
CA LEU C 873 31.01 29.69 38.27
C LEU C 873 32.03 30.53 37.53
N MET C 874 32.65 29.93 36.51
CA MET C 874 33.78 30.54 35.83
C MET C 874 33.25 31.53 34.80
N LEU C 875 32.95 32.73 35.28
CA LEU C 875 32.39 33.78 34.44
C LEU C 875 33.50 34.61 33.84
N LEU C 876 33.36 34.92 32.55
CA LEU C 876 34.34 35.73 31.83
C LEU C 876 33.66 36.97 31.26
N PHE C 877 34.40 38.06 31.25
CA PHE C 877 33.95 39.31 30.64
C PHE C 877 34.93 39.67 29.54
N GLY C 878 34.43 39.81 28.32
CA GLY C 878 35.29 40.16 27.21
C GLY C 878 35.88 41.56 27.31
N VAL C 879 37.18 41.64 27.53
CA VAL C 879 37.87 42.92 27.59
C VAL C 879 38.94 42.95 26.51
N PHE C 880 39.68 44.06 26.42
CA PHE C 880 40.74 44.22 25.45
C PHE C 880 42.06 44.39 26.22
N ASP C 881 42.74 43.28 26.49
CA ASP C 881 44.09 43.36 27.02
C ASP C 881 45.02 43.90 25.94
N GLN C 882 45.65 45.04 26.20
CA GLN C 882 46.53 45.66 25.23
C GLN C 882 47.80 46.10 25.94
N VAL C 883 48.91 46.09 25.21
CA VAL C 883 50.16 46.65 25.70
C VAL C 883 50.72 47.55 24.60
N VAL C 884 51.54 48.51 25.03
CA VAL C 884 52.54 49.13 24.17
C VAL C 884 53.86 48.95 24.89
N ILE C 885 54.94 48.86 24.13
CA ILE C 885 56.25 48.66 24.74
C ILE C 885 57.33 49.37 23.91
N ASN C 886 57.89 50.43 24.46
CA ASN C 886 58.95 51.15 23.77
C ASN C 886 60.31 50.66 24.24
N GLN C 887 61.29 50.79 23.37
CA GLN C 887 62.68 50.57 23.69
C GLN C 887 63.40 51.78 23.13
N PRO C 888 63.44 52.88 23.87
CA PRO C 888 63.93 54.13 23.28
C PRO C 888 65.45 54.22 23.20
N THR C 889 66.16 53.66 24.18
CA THR C 889 67.61 53.73 24.21
C THR C 889 68.24 52.36 24.37
N ARG C 890 69.56 52.33 24.57
CA ARG C 890 70.25 51.10 24.89
C ARG C 890 69.93 50.67 26.31
N SER C 891 69.56 49.39 26.46
CA SER C 891 69.16 48.78 27.74
C SER C 891 68.01 49.54 28.40
N GLY C 892 67.04 49.97 27.60
CA GLY C 892 65.88 50.65 28.13
C GLY C 892 64.60 50.03 27.61
N ILE C 893 63.67 49.72 28.50
CA ILE C 893 62.43 49.04 28.11
C ILE C 893 61.35 49.41 29.10
N SER C 894 60.15 49.66 28.59
CA SER C 894 59.04 50.09 29.44
C SER C 894 57.74 49.81 28.73
N VAL C 895 56.71 49.55 29.52
CA VAL C 895 55.39 49.23 29.01
C VAL C 895 54.38 50.22 29.56
N ALA C 896 53.20 50.18 28.96
CA ALA C 896 52.03 50.89 29.47
C ALA C 896 50.84 49.98 29.20
N TYR C 897 50.35 49.33 30.25
CA TYR C 897 49.26 48.37 30.13
C TYR C 897 47.94 49.12 30.19
N LEU C 898 46.90 48.52 29.64
CA LEU C 898 45.53 48.81 30.05
C LEU C 898 44.69 47.61 29.67
N ARG C 899 43.50 47.53 30.23
CA ARG C 899 42.44 46.75 29.66
C ARG C 899 41.14 47.50 29.89
N LEU C 900 40.34 47.64 28.84
CA LEU C 900 39.06 48.30 29.01
C LEU C 900 37.98 47.39 28.46
N PRO C 901 36.84 47.28 29.15
CA PRO C 901 36.34 48.13 30.24
C PRO C 901 36.82 47.88 31.68
N PHE C 902 37.48 46.79 32.01
CA PHE C 902 37.75 46.48 33.41
C PHE C 902 39.20 46.83 33.74
N ALA C 903 39.50 48.12 33.85
CA ALA C 903 40.86 48.55 34.17
C ALA C 903 41.07 48.52 35.68
N SER C 904 42.26 48.10 36.10
CA SER C 904 42.63 48.17 37.49
C SER C 904 42.89 49.62 37.86
N GLY C 905 41.89 50.31 38.40
CA GLY C 905 42.01 51.72 38.63
C GLY C 905 42.72 52.02 39.93
N SER C 906 44.01 52.33 39.83
CA SER C 906 44.82 52.64 41.00
C SER C 906 45.56 53.94 40.75
N ALA C 907 45.83 54.21 39.47
CA ALA C 907 46.51 55.42 39.07
C ALA C 907 45.52 56.57 38.95
N ALA C 908 45.85 57.70 39.57
CA ALA C 908 44.97 58.86 39.54
C ALA C 908 45.76 60.15 39.67
N GLU D 2 19.64 34.79 -28.43
CA GLU D 2 18.25 34.72 -28.04
C GLU D 2 17.96 35.72 -26.92
N PRO D 3 16.77 36.34 -26.96
CA PRO D 3 16.38 37.17 -25.81
C PRO D 3 15.94 36.34 -24.63
N GLN D 4 15.56 35.08 -24.84
CA GLN D 4 15.17 34.22 -23.73
C GLN D 4 16.38 33.67 -22.99
N ARG D 5 17.49 33.47 -23.70
CA ARG D 5 18.71 33.07 -23.02
C ARG D 5 19.27 34.20 -22.17
N GLU D 6 19.15 35.43 -22.66
CA GLU D 6 19.74 36.56 -21.96
C GLU D 6 18.88 37.00 -20.78
N PHE D 7 17.57 36.73 -20.83
CA PHE D 7 16.68 37.22 -19.79
C PHE D 7 16.78 36.39 -18.53
N PHE D 8 16.89 35.08 -18.68
CA PHE D 8 17.00 34.17 -17.55
C PHE D 8 18.44 33.99 -17.09
N HIS D 9 19.36 34.76 -17.69
CA HIS D 9 20.76 34.84 -17.30
C HIS D 9 21.45 33.49 -17.41
N ILE D 10 21.48 32.99 -18.63
CA ILE D 10 22.09 31.71 -18.94
C ILE D 10 23.31 31.93 -19.81
N ALA D 11 23.22 32.89 -20.73
CA ALA D 11 24.36 33.43 -21.44
C ALA D 11 24.31 34.94 -21.30
N GLY D 12 25.49 35.56 -21.34
CA GLY D 12 25.52 37.01 -21.35
C GLY D 12 26.33 37.64 -20.24
N ARG D 13 25.75 38.65 -19.59
CA ARG D 13 26.48 39.47 -18.64
C ARG D 13 26.53 38.83 -17.27
N SER D 14 27.68 38.99 -16.61
CA SER D 14 27.85 38.50 -15.26
C SER D 14 27.09 39.40 -14.28
N ALA D 15 26.94 38.90 -13.04
CA ALA D 15 26.13 39.59 -12.04
C ALA D 15 26.74 40.91 -11.59
N LYS D 16 28.03 41.12 -11.87
CA LYS D 16 28.65 42.42 -11.62
C LYS D 16 28.08 43.50 -12.54
N GLU D 17 27.61 43.12 -13.73
CA GLU D 17 27.35 44.10 -14.79
C GLU D 17 25.96 44.02 -15.39
N TYR D 18 24.99 43.38 -14.72
CA TYR D 18 23.60 43.64 -15.06
C TYR D 18 22.78 44.12 -13.89
N LEU D 19 23.37 44.25 -12.71
CA LEU D 19 22.64 44.80 -11.59
C LEU D 19 22.69 46.33 -11.66
N SER D 20 22.09 46.98 -10.66
CA SER D 20 21.81 48.40 -10.73
C SER D 20 23.03 49.28 -10.53
N GLU D 21 24.17 48.72 -10.11
CA GLU D 21 25.45 49.37 -9.82
C GLU D 21 25.39 50.28 -8.60
N ASN D 22 24.21 50.44 -8.02
CA ASN D 22 24.02 50.89 -6.66
C ASN D 22 23.74 49.72 -5.74
N LEU D 23 23.25 48.61 -6.30
CA LEU D 23 23.03 47.38 -5.55
C LEU D 23 24.32 46.59 -5.41
N VAL D 24 25.24 46.72 -6.36
CA VAL D 24 26.50 45.99 -6.27
C VAL D 24 27.36 46.55 -5.15
N GLN D 25 27.37 47.87 -4.98
CA GLN D 25 28.10 48.48 -3.88
C GLN D 25 27.44 48.26 -2.53
N PHE D 26 26.20 47.78 -2.51
CA PHE D 26 25.59 47.35 -1.26
C PHE D 26 25.96 45.92 -0.91
N ILE D 27 26.01 45.02 -1.90
CA ILE D 27 26.24 43.61 -1.63
C ILE D 27 27.72 43.30 -1.57
N GLN D 28 28.56 44.33 -1.63
CA GLN D 28 29.97 44.20 -1.30
C GLN D 28 30.33 44.84 0.02
N ALA D 29 29.55 45.83 0.47
CA ALA D 29 29.74 46.37 1.81
C ALA D 29 29.19 45.41 2.85
N THR D 30 27.93 45.00 2.70
CA THR D 30 27.33 43.99 3.57
C THR D 30 27.65 42.60 3.01
N GLN D 31 28.92 42.25 3.11
CA GLN D 31 29.42 41.00 2.55
C GLN D 31 29.57 39.91 3.58
N ASN D 32 29.96 40.26 4.80
CA ASN D 32 30.37 39.28 5.79
C ASN D 32 29.33 39.01 6.86
N TYR D 33 28.23 39.76 6.89
CA TYR D 33 27.19 39.51 7.88
C TYR D 33 25.79 39.38 7.31
N PHE D 34 25.49 39.99 6.17
CA PHE D 34 24.18 39.80 5.52
C PHE D 34 24.44 39.63 4.02
N ASN D 35 24.69 38.39 3.62
CA ASN D 35 25.11 38.08 2.26
C ASN D 35 23.89 38.01 1.36
N ILE D 36 23.74 38.97 0.45
CA ILE D 36 22.79 38.76 -0.63
C ILE D 36 23.42 37.78 -1.59
N GLY D 37 24.50 38.19 -2.27
CA GLY D 37 25.41 37.29 -2.95
C GLY D 37 24.83 36.37 -4.00
N GLU D 38 24.66 35.11 -3.60
CA GLU D 38 24.23 34.00 -4.45
C GLU D 38 22.73 33.98 -4.70
N LYS D 39 22.02 35.06 -4.45
CA LYS D 39 20.62 35.15 -4.85
C LYS D 39 20.46 35.56 -6.30
N PHE D 40 21.56 35.73 -7.03
CA PHE D 40 21.57 36.14 -8.43
C PHE D 40 22.46 35.20 -9.21
N ARG D 41 22.00 34.79 -10.38
CA ARG D 41 22.78 33.85 -11.17
C ARG D 41 23.94 34.54 -11.86
N ASP D 42 24.79 33.74 -12.46
CA ASP D 42 26.00 34.20 -13.11
C ASP D 42 26.32 33.23 -14.23
N PRO D 43 26.23 33.66 -15.50
CA PRO D 43 26.42 32.73 -16.60
C PRO D 43 27.88 32.32 -16.78
N TYR D 44 28.06 31.18 -17.44
CA TYR D 44 29.38 30.57 -17.62
C TYR D 44 29.34 29.85 -18.96
N VAL D 45 29.98 30.44 -19.96
CA VAL D 45 29.74 30.12 -21.37
C VAL D 45 31.01 29.53 -21.97
N ALA D 46 30.87 28.39 -22.66
CA ALA D 46 31.96 27.80 -23.40
C ALA D 46 32.36 28.69 -24.57
N PRO D 47 33.64 28.67 -24.99
CA PRO D 47 34.08 29.58 -26.06
C PRO D 47 33.48 29.31 -27.43
N SER D 48 32.99 28.08 -27.69
CA SER D 48 32.06 27.75 -28.77
C SER D 48 32.58 27.85 -30.19
N ALA D 49 33.81 28.33 -30.38
CA ALA D 49 34.39 28.52 -31.70
C ALA D 49 35.89 28.70 -31.56
N GLY D 50 36.62 28.17 -32.54
CA GLY D 50 38.05 28.35 -32.56
C GLY D 50 38.84 27.45 -31.63
N VAL D 51 38.19 26.57 -30.89
CA VAL D 51 38.90 25.70 -29.97
C VAL D 51 38.94 24.29 -30.53
N THR D 52 37.78 23.67 -30.73
CA THR D 52 37.70 22.28 -31.12
C THR D 52 37.27 22.18 -32.58
N THR D 53 37.96 21.34 -33.33
CA THR D 53 37.71 21.20 -34.76
C THR D 53 36.40 20.47 -35.03
N ASP D 54 36.03 20.43 -36.30
CA ASP D 54 34.85 19.71 -36.75
C ASP D 54 35.23 18.61 -37.74
N ARG D 55 36.50 18.54 -38.13
CA ARG D 55 37.02 17.45 -38.95
C ARG D 55 37.05 16.16 -38.14
N SER D 56 37.09 15.04 -38.85
CA SER D 56 37.04 13.74 -38.20
C SER D 56 38.44 13.27 -37.84
N GLN D 57 38.68 13.09 -36.54
CA GLN D 57 39.96 12.58 -36.07
C GLN D 57 39.75 11.88 -34.73
N LYS D 58 40.80 11.25 -34.23
CA LYS D 58 40.71 10.46 -33.01
C LYS D 58 41.08 11.29 -31.79
N LEU D 59 40.61 10.82 -30.63
CA LEU D 59 40.95 11.42 -29.35
C LEU D 59 41.99 10.63 -28.58
N GLN D 60 41.88 9.31 -28.60
CA GLN D 60 42.83 8.44 -27.92
C GLN D 60 43.38 7.45 -28.94
N LEU D 61 44.69 7.46 -29.12
CA LEU D 61 45.34 6.70 -30.18
C LEU D 61 46.12 5.55 -29.56
N ARG D 62 46.21 4.45 -30.29
CA ARG D 62 46.99 3.29 -29.88
C ARG D 62 48.00 2.96 -30.95
N VAL D 63 49.15 2.45 -30.55
CA VAL D 63 50.20 2.06 -31.48
C VAL D 63 50.89 0.82 -30.92
N VAL D 64 51.12 -0.16 -31.80
CA VAL D 64 51.65 -1.46 -31.45
C VAL D 64 53.13 -1.45 -31.87
N PRO D 65 53.99 -2.36 -31.40
CA PRO D 65 55.42 -2.23 -31.72
C PRO D 65 55.76 -2.44 -33.18
N ILE D 66 56.85 -1.79 -33.61
CA ILE D 66 57.44 -2.08 -34.90
C ILE D 66 58.12 -3.43 -34.86
N GLN D 67 59.03 -3.63 -33.90
CA GLN D 67 59.58 -4.94 -33.62
C GLN D 67 59.78 -5.08 -32.11
N THR D 68 59.82 -6.32 -31.66
CA THR D 68 60.09 -6.65 -30.27
C THR D 68 61.27 -7.60 -30.21
N GLU D 69 62.23 -7.32 -29.34
CA GLU D 69 63.33 -8.23 -29.07
C GLU D 69 63.11 -8.86 -27.70
N ASP D 70 63.08 -10.19 -27.65
CA ASP D 70 62.85 -10.92 -26.43
C ASP D 70 64.17 -11.50 -25.94
N ASN D 71 64.59 -11.09 -24.76
CA ASN D 71 65.79 -11.63 -24.12
C ASN D 71 65.36 -12.26 -22.80
N VAL D 72 66.27 -13.04 -22.22
CA VAL D 72 66.03 -13.57 -20.87
C VAL D 72 66.02 -12.44 -19.85
N ASN D 73 66.90 -11.46 -20.03
CA ASN D 73 66.99 -10.38 -19.05
C ASN D 73 65.92 -9.31 -19.26
N TYR D 74 65.69 -8.89 -20.50
CA TYR D 74 64.82 -7.75 -20.74
C TYR D 74 63.85 -8.06 -21.87
N TYR D 75 63.10 -7.04 -22.28
CA TYR D 75 62.12 -7.15 -23.35
C TYR D 75 61.98 -5.79 -24.02
N LYS D 76 62.53 -5.64 -25.21
CA LYS D 76 62.53 -4.37 -25.93
C LYS D 76 61.20 -4.19 -26.67
N ALA D 77 60.64 -2.98 -26.59
CA ALA D 77 59.48 -2.60 -27.39
C ALA D 77 59.78 -1.28 -28.07
N ARG D 78 59.72 -1.27 -29.40
CA ARG D 78 60.08 -0.09 -30.19
C ARG D 78 58.87 0.35 -31.00
N PHE D 79 58.54 1.64 -30.91
CA PHE D 79 57.31 2.20 -31.44
C PHE D 79 57.61 3.17 -32.56
N THR D 80 56.56 3.74 -33.13
CA THR D 80 56.66 4.87 -34.05
C THR D 80 55.46 5.78 -33.76
N LEU D 81 55.69 6.82 -32.98
CA LEU D 81 54.66 7.79 -32.68
C LEU D 81 54.52 8.75 -33.84
N ASN D 82 53.48 8.58 -34.64
CA ASN D 82 53.28 9.36 -35.86
C ASN D 82 52.32 10.50 -35.52
N VAL D 83 52.87 11.68 -35.32
CA VAL D 83 52.09 12.87 -34.99
C VAL D 83 51.98 13.70 -36.26
N GLY D 84 50.83 13.65 -36.91
CA GLY D 84 50.65 14.41 -38.12
C GLY D 84 50.45 15.88 -37.82
N ASP D 85 50.30 16.66 -38.89
CA ASP D 85 50.03 18.08 -38.75
C ASP D 85 48.65 18.31 -38.15
N ASN D 86 48.47 19.53 -37.64
CA ASN D 86 47.23 20.04 -37.07
C ASN D 86 46.78 19.25 -35.85
N ARG D 87 47.71 18.57 -35.17
CA ARG D 87 47.42 17.73 -34.01
C ARG D 87 48.55 17.88 -33.01
N LEU D 88 48.23 18.24 -31.78
CA LEU D 88 49.17 18.26 -30.68
C LEU D 88 49.07 16.96 -29.90
N VAL D 89 50.11 16.64 -29.15
CA VAL D 89 50.06 15.56 -28.18
C VAL D 89 50.94 15.92 -27.00
N ASP D 90 50.42 15.72 -25.80
CA ASP D 90 51.17 15.89 -24.58
C ASP D 90 51.61 14.52 -24.09
N LEU D 91 52.91 14.37 -23.84
CA LEU D 91 53.44 13.08 -23.41
C LEU D 91 53.11 12.75 -21.97
N GLY D 92 52.47 13.66 -21.23
CA GLY D 92 51.97 13.33 -19.91
C GLY D 92 50.87 12.31 -19.92
N SER D 93 50.13 12.20 -21.02
CA SER D 93 49.05 11.25 -21.15
C SER D 93 49.48 9.92 -21.75
N SER D 94 50.72 9.81 -22.21
CA SER D 94 51.20 8.58 -22.81
C SER D 94 51.54 7.56 -21.74
N TYR D 95 51.11 6.32 -21.95
CA TYR D 95 51.40 5.26 -21.00
C TYR D 95 51.38 3.93 -21.73
N PHE D 96 52.18 3.00 -21.24
CA PHE D 96 52.14 1.64 -21.75
C PHE D 96 50.97 0.90 -21.14
N ASP D 97 50.52 -0.14 -21.81
CA ASP D 97 49.79 -1.21 -21.14
C ASP D 97 50.51 -2.51 -21.41
N ILE D 98 50.47 -3.41 -20.45
CA ILE D 98 51.17 -4.68 -20.55
C ILE D 98 50.18 -5.78 -20.23
N LYS D 99 49.97 -6.68 -21.18
CA LYS D 99 49.23 -7.90 -20.94
C LYS D 99 50.24 -9.04 -20.87
N GLY D 100 50.25 -9.75 -19.76
CA GLY D 100 51.19 -10.85 -19.58
C GLY D 100 50.60 -11.93 -18.72
N THR D 101 51.39 -12.96 -18.49
CA THR D 101 51.03 -14.06 -17.61
C THR D 101 52.06 -14.12 -16.49
N LEU D 102 51.59 -14.06 -15.26
CA LEU D 102 52.47 -13.97 -14.10
C LEU D 102 52.41 -15.25 -13.29
N ASP D 103 53.57 -15.78 -12.95
CA ASP D 103 53.71 -16.90 -12.03
C ASP D 103 54.37 -16.36 -10.77
N ARG D 104 53.65 -16.44 -9.65
CA ARG D 104 54.19 -15.92 -8.40
C ARG D 104 55.09 -16.90 -7.67
N GLY D 105 54.98 -18.19 -7.97
CA GLY D 105 55.83 -19.17 -7.35
C GLY D 105 55.14 -19.88 -6.21
N PRO D 106 55.83 -20.86 -5.61
CA PRO D 106 55.23 -21.61 -4.50
C PRO D 106 55.26 -20.87 -3.18
N SER D 107 55.96 -19.75 -3.09
CA SER D 107 56.07 -19.00 -1.84
C SER D 107 54.90 -18.06 -1.60
N PHE D 108 53.87 -18.11 -2.44
CA PHE D 108 52.78 -17.16 -2.35
C PHE D 108 51.66 -17.74 -1.50
N LYS D 109 51.20 -16.96 -0.53
CA LYS D 109 50.15 -17.39 0.39
C LYS D 109 49.45 -16.14 0.91
N PRO D 110 48.41 -15.67 0.23
CA PRO D 110 47.93 -14.31 0.47
C PRO D 110 46.94 -14.16 1.62
N TYR D 111 47.19 -14.80 2.75
CA TYR D 111 46.37 -14.64 3.94
C TYR D 111 47.11 -15.20 5.13
N GLY D 112 46.43 -15.20 6.27
CA GLY D 112 46.97 -15.78 7.47
C GLY D 112 46.15 -16.97 7.92
N GLY D 113 46.83 -17.95 8.51
CA GLY D 113 46.13 -19.13 8.98
C GLY D 113 46.00 -20.15 7.87
N THR D 114 44.86 -20.84 7.85
CA THR D 114 44.63 -21.89 6.87
C THR D 114 43.14 -21.99 6.60
N ALA D 115 42.79 -22.78 5.58
CA ALA D 115 41.42 -22.85 5.10
C ALA D 115 40.81 -24.24 5.24
N TYR D 116 41.56 -25.22 5.72
CA TYR D 116 41.10 -26.61 5.77
C TYR D 116 41.09 -27.05 7.22
N ASN D 117 39.90 -27.31 7.73
CA ASN D 117 39.63 -27.54 9.15
C ASN D 117 40.22 -26.43 10.04
N PRO D 118 39.75 -25.18 9.90
CA PRO D 118 40.40 -24.08 10.63
C PRO D 118 40.08 -24.05 12.10
N LEU D 119 38.97 -24.64 12.53
CA LEU D 119 38.56 -24.55 13.92
C LEU D 119 39.21 -25.61 14.80
N ALA D 120 39.90 -26.57 14.22
CA ALA D 120 40.47 -27.65 14.99
C ALA D 120 41.64 -27.15 15.84
N PRO D 121 41.86 -27.75 17.01
CA PRO D 121 43.11 -27.51 17.74
C PRO D 121 44.27 -28.03 16.93
N LYS D 122 45.41 -27.35 17.05
CA LYS D 122 46.56 -27.67 16.22
C LYS D 122 47.20 -29.00 16.60
N SER D 123 46.93 -29.50 17.79
CA SER D 123 47.44 -30.78 18.27
C SER D 123 46.54 -31.95 17.91
N ALA D 124 45.48 -31.71 17.17
CA ALA D 124 44.47 -32.75 16.98
C ALA D 124 44.76 -33.57 15.73
N PRO D 125 44.77 -34.89 15.83
CA PRO D 125 44.86 -35.72 14.63
C PRO D 125 43.49 -36.15 14.12
N ILE D 126 43.42 -36.41 12.82
CA ILE D 126 42.20 -36.98 12.24
C ILE D 126 42.15 -38.46 12.56
N ASN D 127 40.99 -39.08 12.33
CA ASN D 127 40.84 -40.50 12.60
C ASN D 127 41.63 -41.28 11.56
N SER D 128 42.78 -41.82 11.97
CA SER D 128 43.70 -42.43 11.03
C SER D 128 44.29 -43.69 11.65
N ALA D 129 45.15 -44.35 10.88
CA ALA D 129 45.89 -45.51 11.31
C ALA D 129 47.35 -45.33 10.90
N PHE D 130 48.26 -45.74 11.77
CA PHE D 130 49.68 -45.57 11.48
C PHE D 130 50.46 -46.73 12.07
N THR D 131 51.63 -46.97 11.49
CA THR D 131 52.38 -48.20 11.73
C THR D 131 53.72 -47.96 12.41
N VAL D 132 53.75 -47.13 13.46
CA VAL D 132 54.99 -46.91 14.20
C VAL D 132 55.32 -48.17 14.99
N GLY D 133 56.49 -48.74 14.71
CA GLY D 133 56.89 -50.01 15.30
C GLY D 133 56.52 -51.17 14.41
N ASN D 134 56.27 -52.34 15.02
CA ASN D 134 55.81 -53.50 14.26
C ASN D 134 54.31 -53.52 14.13
N ASP D 135 53.59 -52.95 15.08
CA ASP D 135 52.14 -52.95 15.07
C ASP D 135 51.59 -51.77 14.29
N THR D 136 50.27 -51.80 14.08
CA THR D 136 49.53 -50.64 13.62
C THR D 136 48.68 -50.10 14.77
N HIS D 137 48.34 -48.83 14.67
CA HIS D 137 47.55 -48.15 15.67
C HIS D 137 46.24 -47.69 15.05
N PHE D 138 45.30 -47.30 15.90
CA PHE D 138 44.05 -46.72 15.44
C PHE D 138 43.65 -45.62 16.42
N VAL D 139 43.83 -44.37 16.00
CA VAL D 139 43.30 -43.21 16.70
C VAL D 139 41.99 -42.85 16.01
N ALA D 140 40.92 -42.72 16.79
CA ALA D 140 39.58 -42.72 16.20
C ALA D 140 38.57 -42.05 17.10
N GLN D 141 37.61 -41.38 16.46
CA GLN D 141 36.39 -40.88 17.09
C GLN D 141 35.22 -41.46 16.32
N LEU D 142 34.24 -42.02 17.03
CA LEU D 142 33.13 -42.74 16.39
C LEU D 142 31.82 -42.04 16.73
N PRO D 143 31.38 -41.10 15.91
CA PRO D 143 30.20 -40.31 16.26
C PRO D 143 28.87 -40.98 15.94
N GLN D 144 28.79 -41.77 14.87
CA GLN D 144 27.55 -42.46 14.58
C GLN D 144 27.50 -43.74 15.43
N THR D 145 26.33 -44.05 15.97
CA THR D 145 26.13 -45.28 16.73
C THR D 145 25.00 -46.08 16.12
N TYR D 146 25.06 -47.39 16.30
CA TYR D 146 23.98 -48.27 15.87
C TYR D 146 23.79 -49.36 16.92
N ALA D 147 22.57 -49.89 16.98
CA ALA D 147 22.24 -50.88 17.99
C ALA D 147 22.82 -52.24 17.59
N ALA D 148 23.55 -52.85 18.52
CA ALA D 148 24.12 -54.18 18.32
C ALA D 148 24.23 -54.85 19.68
N GLY D 149 23.61 -56.01 19.82
CA GLY D 149 23.58 -56.72 21.09
C GLY D 149 24.87 -57.45 21.40
N GLY D 150 24.74 -58.54 22.15
CA GLY D 150 25.89 -59.37 22.49
C GLY D 150 26.51 -60.03 21.27
N THR D 151 27.81 -59.80 21.09
CA THR D 151 28.58 -60.19 19.90
C THR D 151 27.91 -59.62 18.64
N GLY D 152 27.99 -58.29 18.55
CA GLY D 152 27.37 -57.58 17.45
C GLY D 152 28.14 -57.62 16.13
N VAL D 153 28.66 -58.80 15.77
CA VAL D 153 29.35 -58.95 14.50
C VAL D 153 28.36 -59.07 13.35
N THR D 154 27.12 -59.48 13.62
CA THR D 154 26.11 -59.53 12.56
C THR D 154 25.67 -58.13 12.15
N GLU D 155 25.46 -57.24 13.11
CA GLU D 155 25.13 -55.87 12.80
C GLU D 155 26.32 -55.10 12.25
N ALA D 156 27.55 -55.58 12.50
CA ALA D 156 28.72 -54.93 11.94
C ALA D 156 28.90 -55.22 10.46
N ILE D 157 28.43 -56.39 10.00
CA ILE D 157 28.51 -56.70 8.59
C ILE D 157 27.44 -55.96 7.81
N GLN D 158 26.25 -55.80 8.40
CA GLN D 158 25.12 -55.19 7.71
C GLN D 158 25.26 -53.69 7.51
N GLN D 159 26.28 -53.05 8.09
CA GLN D 159 26.52 -51.64 7.84
C GLN D 159 27.11 -51.45 6.45
N GLN D 160 26.52 -50.57 5.66
CA GLN D 160 26.87 -50.36 4.27
C GLN D 160 27.69 -49.09 4.13
N VAL D 161 28.83 -49.18 3.45
CA VAL D 161 29.78 -48.09 3.34
C VAL D 161 30.19 -47.86 1.90
N SER D 162 30.56 -46.62 1.59
CA SER D 162 31.12 -46.24 0.29
C SER D 162 31.93 -44.97 0.49
N GLY D 163 32.24 -44.30 -0.62
CA GLY D 163 32.97 -43.05 -0.57
C GLY D 163 32.19 -41.86 -0.06
N VAL D 164 30.89 -41.99 0.14
CA VAL D 164 30.08 -40.90 0.67
C VAL D 164 29.38 -41.27 1.98
N ASP D 165 29.13 -42.55 2.26
CA ASP D 165 28.59 -42.92 3.56
C ASP D 165 29.57 -43.82 4.31
N PRO D 166 29.75 -43.63 5.63
CA PRO D 166 29.11 -42.62 6.49
C PRO D 166 29.73 -41.24 6.33
N ASN D 167 28.99 -40.24 6.74
CA ASN D 167 29.44 -38.87 6.55
C ASN D 167 30.23 -38.41 7.78
N PRO D 168 31.39 -37.79 7.61
CA PRO D 168 32.18 -37.37 8.78
C PRO D 168 31.60 -36.23 9.59
N GLN D 169 30.45 -35.66 9.21
CA GLN D 169 29.99 -34.44 9.86
C GLN D 169 28.53 -34.49 10.28
N VAL D 170 27.93 -35.67 10.36
CA VAL D 170 26.54 -35.78 10.81
C VAL D 170 26.44 -36.21 12.27
N GLY D 171 27.26 -37.16 12.70
CA GLY D 171 27.43 -37.46 14.11
C GLY D 171 26.22 -38.04 14.82
N GLN D 172 26.08 -37.64 16.08
CA GLN D 172 24.97 -37.93 16.98
C GLN D 172 23.67 -37.34 16.44
N PRO D 173 22.51 -37.68 17.00
CA PRO D 173 21.33 -36.84 16.83
C PRO D 173 21.51 -35.46 17.47
N ASN D 174 20.56 -34.59 17.20
CA ASN D 174 20.78 -33.14 17.30
C ASN D 174 20.94 -32.68 18.76
N TYR D 175 19.92 -32.86 19.57
CA TYR D 175 19.94 -32.36 20.94
C TYR D 175 20.13 -33.45 21.98
N ALA D 176 20.48 -34.65 21.56
CA ALA D 176 20.86 -35.69 22.52
C ALA D 176 22.19 -35.29 23.15
N GLY D 177 22.19 -35.10 24.47
CA GLY D 177 23.35 -34.60 25.17
C GLY D 177 24.49 -35.61 25.26
N PRO D 178 25.47 -35.33 26.12
CA PRO D 178 26.67 -36.18 26.17
C PRO D 178 26.43 -37.47 26.95
N VAL D 179 25.55 -38.31 26.42
CA VAL D 179 25.24 -39.58 27.07
C VAL D 179 26.40 -40.53 26.82
N VAL D 180 26.83 -41.21 27.88
CA VAL D 180 27.79 -42.30 27.71
C VAL D 180 27.10 -43.45 26.99
N VAL D 181 27.77 -44.02 26.01
CA VAL D 181 27.19 -45.07 25.20
C VAL D 181 27.53 -46.41 25.82
N ASN D 182 26.55 -47.31 25.82
CA ASN D 182 26.79 -48.67 26.30
C ASN D 182 27.46 -49.43 25.18
N THR D 183 28.76 -49.69 25.33
CA THR D 183 29.50 -50.44 24.33
C THR D 183 29.09 -51.91 24.34
N THR D 184 28.52 -52.38 25.44
CA THR D 184 27.86 -53.68 25.47
C THR D 184 26.60 -53.68 24.61
N ASN D 185 25.89 -52.56 24.54
CA ASN D 185 24.62 -52.48 23.82
C ASN D 185 24.69 -51.75 22.48
N ASN D 186 25.73 -50.95 22.25
CA ASN D 186 25.92 -50.24 20.99
C ASN D 186 27.35 -50.43 20.53
N ALA D 187 27.62 -50.07 19.28
CA ALA D 187 28.94 -50.32 18.71
C ALA D 187 29.67 -49.04 18.32
N GLY D 188 29.10 -48.22 17.47
CA GLY D 188 29.86 -47.10 16.97
C GLY D 188 30.19 -47.27 15.49
N LEU D 189 30.38 -46.15 14.81
CA LEU D 189 30.38 -46.12 13.35
C LEU D 189 31.01 -44.81 12.89
N GLY D 190 32.04 -44.91 12.04
CA GLY D 190 32.78 -43.73 11.63
C GLY D 190 33.64 -43.98 10.40
N ARG D 191 34.77 -43.29 10.29
CA ARG D 191 35.68 -43.45 9.16
C ARG D 191 37.13 -43.38 9.64
N ILE D 192 37.97 -44.23 9.06
CA ILE D 192 39.42 -44.21 9.24
C ILE D 192 40.02 -43.97 7.87
N VAL D 193 41.24 -43.44 7.83
CA VAL D 193 42.07 -43.52 6.64
C VAL D 193 43.21 -44.51 6.93
N SER D 194 43.37 -45.49 6.03
CA SER D 194 44.33 -46.56 6.22
C SER D 194 45.77 -46.04 6.20
N ALA D 195 46.66 -46.83 6.79
CA ALA D 195 48.07 -46.47 6.81
C ALA D 195 48.72 -46.70 5.45
N ASP D 196 48.17 -47.59 4.64
CA ASP D 196 48.68 -47.86 3.30
C ASP D 196 48.25 -46.70 2.39
N SER D 197 49.00 -45.61 2.47
CA SER D 197 48.71 -44.40 1.71
C SER D 197 50.01 -43.62 1.50
N GLU D 198 50.10 -42.97 0.36
CA GLU D 198 51.28 -42.18 0.04
C GLU D 198 51.20 -40.82 0.74
N GLY D 199 52.34 -40.18 0.88
CA GLY D 199 52.43 -38.87 1.50
C GLY D 199 52.71 -38.94 2.99
N GLN D 200 52.94 -37.76 3.56
CA GLN D 200 53.21 -37.63 4.98
C GLN D 200 51.90 -37.46 5.74
N GLN D 201 51.73 -38.24 6.80
CA GLN D 201 50.55 -38.11 7.65
C GLN D 201 50.61 -36.79 8.41
N PHE D 202 49.50 -36.05 8.38
CA PHE D 202 49.40 -34.68 8.83
C PHE D 202 48.25 -34.55 9.82
N PRO D 203 48.33 -33.62 10.80
CA PRO D 203 47.21 -33.45 11.73
C PRO D 203 45.96 -32.85 11.12
N CYS D 204 44.96 -32.59 11.96
CA CYS D 204 43.67 -32.14 11.45
C CYS D 204 43.72 -30.70 10.96
N TYR D 205 44.62 -29.88 11.51
CA TYR D 205 44.56 -28.43 11.40
C TYR D 205 44.70 -27.90 9.97
N GLY D 206 45.33 -28.65 9.07
CA GLY D 206 45.45 -28.15 7.72
C GLY D 206 45.39 -29.23 6.67
N ALA D 207 44.84 -30.39 7.02
CA ALA D 207 44.89 -31.54 6.14
C ALA D 207 43.93 -31.39 4.98
N TYR D 208 44.38 -31.76 3.79
CA TYR D 208 43.58 -31.64 2.58
C TYR D 208 43.78 -32.87 1.72
N ALA D 209 42.72 -33.28 1.04
CA ALA D 209 42.81 -34.36 0.11
C ALA D 209 41.83 -34.05 -1.02
N PRO D 210 42.24 -34.18 -2.27
CA PRO D 210 41.37 -33.78 -3.39
C PRO D 210 40.21 -34.75 -3.53
N PRO D 211 39.03 -34.25 -3.90
CA PRO D 211 37.88 -35.13 -4.12
C PRO D 211 38.02 -35.88 -5.43
N GLN D 212 37.16 -36.87 -5.61
CA GLN D 212 37.23 -37.72 -6.78
C GLN D 212 35.98 -37.71 -7.65
N SER D 213 34.85 -37.23 -7.13
CA SER D 213 33.64 -37.11 -7.94
C SER D 213 32.82 -35.93 -7.41
N ALA D 214 31.68 -35.70 -8.04
CA ALA D 214 30.80 -34.61 -7.63
C ALA D 214 30.08 -34.91 -6.32
N GLY D 215 29.96 -36.18 -5.94
CA GLY D 215 29.41 -36.54 -4.66
C GLY D 215 30.32 -36.27 -3.48
N GLY D 216 31.60 -36.03 -3.74
CA GLY D 216 32.52 -35.67 -2.67
C GLY D 216 33.29 -36.82 -2.08
N ASP D 217 33.43 -37.93 -2.81
CA ASP D 217 34.23 -39.03 -2.31
C ASP D 217 35.71 -38.68 -2.36
N VAL D 218 36.45 -39.14 -1.36
CA VAL D 218 37.81 -38.67 -1.15
C VAL D 218 38.86 -39.76 -1.40
N SER D 219 38.56 -41.01 -1.05
CA SER D 219 39.49 -42.11 -1.31
C SER D 219 39.62 -42.37 -2.80
N THR D 220 40.85 -42.67 -3.24
CA THR D 220 41.13 -42.91 -4.64
C THR D 220 40.92 -44.36 -5.06
N ALA D 221 40.73 -45.28 -4.10
CA ALA D 221 40.49 -46.68 -4.42
C ALA D 221 39.27 -47.19 -3.68
N ALA D 222 39.08 -48.51 -3.66
CA ALA D 222 37.92 -49.12 -3.04
C ALA D 222 37.93 -48.93 -1.52
N VAL D 223 36.78 -49.19 -0.90
CA VAL D 223 36.53 -48.90 0.50
C VAL D 223 36.42 -50.23 1.26
N THR D 224 37.13 -50.32 2.39
CA THR D 224 37.15 -51.53 3.21
C THR D 224 36.74 -51.14 4.64
N LYS D 225 36.17 -52.09 5.37
CA LYS D 225 35.78 -51.87 6.75
C LYS D 225 36.87 -52.39 7.69
N THR D 226 36.92 -51.82 8.91
CA THR D 226 38.03 -52.08 9.83
C THR D 226 37.48 -52.19 11.26
N TYR D 227 37.32 -53.41 11.74
CA TYR D 227 36.61 -53.67 12.99
C TYR D 227 37.55 -53.57 14.18
N ILE D 228 37.01 -53.12 15.32
CA ILE D 228 37.75 -53.00 16.57
C ILE D 228 36.93 -53.58 17.71
N ASN D 229 37.49 -53.47 18.92
CA ASN D 229 36.87 -53.96 20.14
C ASN D 229 37.39 -53.14 21.30
N THR D 230 36.55 -52.96 22.31
CA THR D 230 36.94 -52.22 23.50
C THR D 230 36.58 -53.01 24.75
N THR D 231 35.50 -53.77 24.68
CA THR D 231 34.91 -54.39 25.86
C THR D 231 35.75 -55.56 26.37
N ASN D 232 35.31 -56.14 27.49
CA ASN D 232 35.96 -57.33 28.03
C ASN D 232 35.66 -58.57 27.20
N ASN D 233 34.63 -58.53 26.36
CA ASN D 233 34.35 -59.62 25.45
C ASN D 233 35.43 -59.70 24.38
N ASN D 234 35.83 -60.92 24.03
CA ASN D 234 36.86 -61.10 23.03
C ASN D 234 36.29 -60.94 21.63
N GLY D 235 35.26 -61.71 21.29
CA GLY D 235 34.67 -61.71 19.97
C GLY D 235 33.69 -60.61 19.67
N ARG D 236 33.68 -59.53 20.45
CA ARG D 236 32.77 -58.43 20.22
C ARG D 236 33.36 -57.46 19.21
N VAL D 237 32.52 -56.95 18.31
CA VAL D 237 32.88 -55.88 17.39
C VAL D 237 32.12 -54.63 17.83
N SER D 238 32.86 -53.54 18.07
CA SER D 238 32.30 -52.30 18.56
C SER D 238 32.76 -51.13 17.69
N GLY D 239 32.63 -51.28 16.38
CA GLY D 239 33.00 -50.23 15.45
C GLY D 239 33.37 -50.80 14.10
N THR D 240 32.95 -50.17 13.02
CA THR D 240 33.19 -50.70 11.69
C THR D 240 34.14 -49.85 10.85
N MET D 241 33.89 -48.54 10.74
CA MET D 241 34.88 -47.55 10.32
C MET D 241 35.48 -47.75 8.94
N ALA D 242 34.70 -47.49 7.89
CA ALA D 242 35.14 -47.52 6.49
C ALA D 242 36.48 -46.83 6.27
N THR D 243 37.42 -47.55 5.67
CA THR D 243 38.78 -47.07 5.53
C THR D 243 39.00 -46.47 4.14
N ASP D 244 40.04 -45.66 4.03
CA ASP D 244 40.33 -44.89 2.82
C ASP D 244 41.81 -44.98 2.48
N THR D 245 42.14 -44.58 1.25
CA THR D 245 43.53 -44.34 0.86
C THR D 245 43.63 -42.96 0.22
N ILE D 246 44.64 -42.20 0.66
CA ILE D 246 44.69 -40.75 0.51
C ILE D 246 46.09 -40.37 0.04
N THR D 247 46.19 -39.36 -0.84
CA THR D 247 47.49 -38.88 -1.27
C THR D 247 48.20 -38.03 -0.23
N TRP D 248 47.49 -37.52 0.79
CA TRP D 248 48.04 -36.85 1.98
C TRP D 248 48.89 -35.63 1.64
N GLU D 249 48.23 -34.61 1.09
CA GLU D 249 48.93 -33.36 0.88
C GLU D 249 48.53 -32.35 1.94
N ASN D 250 49.49 -31.53 2.35
CA ASN D 250 49.28 -30.47 3.33
C ASN D 250 49.60 -29.13 2.69
N PRO D 251 48.65 -28.53 1.98
CA PRO D 251 48.89 -27.16 1.48
C PRO D 251 48.74 -26.20 2.63
N ASP D 252 49.40 -25.04 2.47
CA ASP D 252 49.42 -23.84 3.32
C ASP D 252 49.48 -24.09 4.83
N ALA D 253 50.19 -25.13 5.26
CA ALA D 253 50.36 -25.48 6.66
C ALA D 253 51.59 -26.36 6.79
N HIS D 254 52.31 -26.21 7.90
CA HIS D 254 53.55 -26.94 8.10
C HIS D 254 53.63 -27.44 9.54
N PHE D 255 54.65 -28.23 9.81
CA PHE D 255 54.85 -28.77 11.16
C PHE D 255 55.52 -27.74 12.05
N ALA D 256 54.86 -27.40 13.15
CA ALA D 256 55.50 -26.59 14.17
C ALA D 256 56.30 -27.43 15.16
N ASP D 257 55.96 -28.71 15.28
CA ASP D 257 56.68 -29.66 16.11
C ASP D 257 56.41 -31.03 15.53
N PHE D 258 57.43 -31.89 15.47
CA PHE D 258 57.27 -33.20 14.87
C PHE D 258 58.16 -34.20 15.61
N VAL D 259 57.53 -35.12 16.33
CA VAL D 259 58.21 -36.28 16.88
C VAL D 259 57.55 -37.58 16.45
N ASP D 260 56.27 -37.58 16.08
CA ASP D 260 55.58 -38.75 15.57
C ASP D 260 54.46 -38.25 14.67
N ASP D 261 53.87 -39.17 13.90
CA ASP D 261 52.76 -38.82 13.02
C ASP D 261 51.53 -38.43 13.83
N ARG D 262 51.27 -39.12 14.93
CA ARG D 262 50.20 -38.76 15.84
C ARG D 262 50.58 -37.60 16.74
N ARG D 263 51.88 -37.37 16.95
CA ARG D 263 52.36 -36.46 17.98
C ARG D 263 52.95 -35.19 17.38
N ALA D 264 52.29 -34.64 16.37
CA ALA D 264 52.76 -33.43 15.71
C ALA D 264 51.70 -32.35 15.77
N THR D 265 52.14 -31.10 15.85
CA THR D 265 51.26 -29.96 15.68
C THR D 265 51.31 -29.46 14.25
N ALA D 266 50.54 -28.39 14.00
CA ALA D 266 50.47 -27.81 12.68
C ALA D 266 50.22 -26.32 12.82
N ALA D 267 51.16 -25.51 12.37
CA ALA D 267 50.95 -24.09 12.21
C ALA D 267 50.81 -23.79 10.74
N GLY D 268 49.87 -22.89 10.41
CA GLY D 268 49.72 -22.46 9.04
C GLY D 268 50.92 -21.67 8.57
N ASN D 269 51.12 -21.64 7.26
CA ASN D 269 52.28 -20.97 6.73
C ASN D 269 52.13 -19.46 6.82
N ARG D 270 53.26 -18.78 6.71
CA ARG D 270 53.31 -17.35 6.95
C ARG D 270 52.63 -16.60 5.80
N PRO D 271 52.02 -15.45 6.09
CA PRO D 271 51.46 -14.63 5.02
C PRO D 271 52.58 -14.02 4.18
N ASN D 272 52.46 -14.14 2.86
CA ASN D 272 53.48 -13.67 1.93
C ASN D 272 52.73 -13.10 0.73
N TYR D 273 52.47 -11.80 0.76
CA TYR D 273 51.81 -11.13 -0.35
C TYR D 273 52.83 -10.77 -1.42
N ILE D 274 52.63 -11.27 -2.64
CA ILE D 274 53.50 -10.99 -3.76
C ILE D 274 52.72 -10.24 -4.81
N GLY D 275 53.08 -8.97 -5.02
CA GLY D 275 52.46 -8.15 -6.05
C GLY D 275 53.50 -7.22 -6.62
N PHE D 276 53.06 -6.36 -7.53
CA PHE D 276 53.97 -5.39 -8.12
C PHE D 276 54.32 -4.29 -7.10
N ARG D 277 55.30 -3.48 -7.47
CA ARG D 277 55.79 -2.44 -6.59
C ARG D 277 54.84 -1.24 -6.58
N ASP D 278 55.17 -0.25 -5.75
CA ASP D 278 54.48 1.03 -5.80
C ASP D 278 54.85 1.72 -7.11
N ASN D 279 53.83 2.15 -7.85
CA ASN D 279 53.96 2.91 -9.11
C ASN D 279 54.74 2.16 -10.18
N PHE D 280 54.80 0.83 -10.07
CA PHE D 280 55.58 -0.06 -10.93
C PHE D 280 57.05 0.36 -10.98
N ILE D 281 57.61 0.67 -9.82
CA ILE D 281 59.03 0.95 -9.71
C ILE D 281 59.79 -0.35 -9.93
N GLY D 282 60.79 -0.29 -10.80
CA GLY D 282 61.52 -1.50 -11.13
C GLY D 282 60.85 -2.34 -12.18
N MET D 283 59.91 -1.77 -12.94
CA MET D 283 59.40 -2.41 -14.14
C MET D 283 60.27 -2.10 -15.34
N MET D 284 60.86 -0.91 -15.37
CA MET D 284 61.51 -0.37 -16.54
C MET D 284 62.90 0.11 -16.18
N TYR D 285 63.79 0.06 -17.16
CA TYR D 285 65.19 0.42 -16.95
C TYR D 285 65.32 1.94 -17.00
N TYR D 286 65.31 2.57 -15.82
CA TYR D 286 65.69 3.96 -15.70
C TYR D 286 67.10 4.05 -15.16
N ASN D 287 67.89 4.96 -15.75
CA ASN D 287 69.24 5.31 -15.30
C ASN D 287 70.20 4.13 -15.33
N SER D 288 70.01 3.23 -16.28
CA SER D 288 70.96 2.16 -16.54
C SER D 288 71.80 2.57 -17.74
N GLY D 289 73.12 2.47 -17.60
CA GLY D 289 74.01 2.93 -18.63
C GLY D 289 74.01 2.06 -19.87
N SER D 290 73.74 0.77 -19.71
CA SER D 290 73.70 -0.14 -20.84
C SER D 290 72.31 -0.23 -21.45
N ASN D 291 71.28 -0.22 -20.62
CA ASN D 291 69.90 -0.36 -21.09
C ASN D 291 69.23 1.01 -21.23
N THR D 292 69.85 1.88 -22.01
CA THR D 292 69.31 3.21 -22.23
C THR D 292 68.14 3.14 -23.19
N GLY D 293 67.03 3.78 -22.82
CA GLY D 293 65.93 3.98 -23.74
C GLY D 293 66.23 5.09 -24.72
N SER D 294 65.27 5.35 -25.59
CA SER D 294 65.51 6.29 -26.68
C SER D 294 64.20 6.91 -27.12
N PHE D 295 64.15 8.23 -27.16
CA PHE D 295 63.06 8.93 -27.84
C PHE D 295 63.67 9.85 -28.88
N SER D 296 63.73 9.39 -30.12
CA SER D 296 64.30 10.17 -31.20
C SER D 296 63.26 10.35 -32.28
N SER D 297 63.58 11.18 -33.25
CA SER D 297 62.76 11.35 -34.44
C SER D 297 63.42 10.66 -35.62
N GLN D 298 62.60 10.17 -36.54
CA GLN D 298 63.15 9.74 -37.81
C GLN D 298 63.63 10.96 -38.58
N THR D 299 64.62 10.76 -39.48
CA THR D 299 65.17 11.80 -40.35
C THR D 299 65.74 12.97 -39.55
N GLN D 300 67.00 12.85 -39.08
CA GLN D 300 67.62 13.28 -37.82
C GLN D 300 67.32 12.35 -36.65
N GLN D 301 67.93 11.16 -36.70
CA GLN D 301 67.90 10.21 -35.58
C GLN D 301 68.71 10.74 -34.41
N LEU D 302 68.18 11.73 -33.69
CA LEU D 302 68.87 12.34 -32.56
C LEU D 302 68.14 11.97 -31.29
N ASN D 303 68.82 11.25 -30.41
CA ASN D 303 68.21 10.76 -29.18
C ASN D 303 68.08 11.88 -28.16
N ILE D 304 66.90 11.96 -27.53
CA ILE D 304 66.69 12.92 -26.45
C ILE D 304 67.15 12.35 -25.11
N VAL D 305 66.75 11.11 -24.83
CA VAL D 305 66.95 10.55 -23.49
C VAL D 305 68.41 10.22 -23.27
N LEU D 306 69.00 10.84 -22.26
CA LEU D 306 70.40 10.63 -21.88
C LEU D 306 70.39 10.29 -20.39
N ASP D 307 70.30 9.00 -20.09
CA ASP D 307 70.27 8.53 -18.71
C ASP D 307 71.65 8.52 -18.10
N LEU D 308 71.74 8.96 -16.85
CA LEU D 308 72.98 8.98 -16.10
C LEU D 308 72.84 8.11 -14.86
N ASN D 309 73.93 7.46 -14.46
CA ASN D 309 73.91 6.58 -13.31
C ASN D 309 73.87 7.34 -11.99
N ASP D 310 74.21 8.63 -12.00
CA ASP D 310 74.15 9.46 -10.80
C ASP D 310 72.73 9.89 -10.44
N ARG D 311 71.76 9.63 -11.31
CA ARG D 311 70.39 10.09 -11.15
C ARG D 311 69.50 8.94 -10.71
N ASN D 312 68.49 9.24 -9.92
CA ASN D 312 67.46 8.27 -9.54
C ASN D 312 66.11 8.84 -9.96
N SER D 313 65.54 8.28 -11.03
CA SER D 313 64.28 8.75 -11.58
C SER D 313 63.08 8.05 -10.98
N GLU D 314 63.29 6.91 -10.33
CA GLU D 314 62.21 6.22 -9.65
C GLU D 314 62.05 6.66 -8.21
N LEU D 315 63.01 7.43 -7.68
CA LEU D 315 62.82 8.14 -6.43
C LEU D 315 62.37 9.57 -6.66
N SER D 316 62.73 10.14 -7.82
CA SER D 316 62.25 11.46 -8.17
C SER D 316 60.73 11.48 -8.33
N TYR D 317 60.17 10.40 -8.87
CA TYR D 317 58.73 10.29 -9.02
C TYR D 317 58.03 10.06 -7.70
N GLN D 318 58.70 9.48 -6.71
CA GLN D 318 58.06 9.29 -5.41
C GLN D 318 57.95 10.60 -4.65
N TYR D 319 59.01 11.41 -4.68
CA TYR D 319 58.94 12.68 -3.97
C TYR D 319 58.10 13.71 -4.71
N LEU D 320 58.02 13.59 -6.04
CA LEU D 320 57.16 14.49 -6.81
C LEU D 320 55.70 14.23 -6.51
N LEU D 321 55.34 12.97 -6.29
CA LEU D 321 53.95 12.60 -6.11
C LEU D 321 53.48 12.95 -4.70
N ALA D 322 54.35 12.84 -3.71
CA ALA D 322 53.99 13.21 -2.34
C ALA D 322 53.90 14.72 -2.16
N ASP D 323 54.49 15.49 -3.06
CA ASP D 323 54.33 16.94 -3.03
C ASP D 323 53.05 17.38 -3.71
N LEU D 324 52.62 16.66 -4.75
CA LEU D 324 51.41 17.03 -5.47
C LEU D 324 50.15 16.60 -4.72
N THR D 325 49.98 15.30 -4.54
CA THR D 325 48.77 14.75 -3.95
C THR D 325 49.06 14.22 -2.56
N SER D 326 48.03 13.68 -1.93
CA SER D 326 48.16 13.03 -0.64
C SER D 326 48.39 11.55 -0.85
N ARG D 327 49.24 10.96 -0.02
CA ARG D 327 49.58 9.55 -0.12
C ARG D 327 48.68 8.66 0.72
N TRP D 328 47.46 9.13 1.03
CA TRP D 328 46.47 8.33 1.73
C TRP D 328 45.56 7.58 0.78
N HIS D 329 45.42 8.07 -0.46
CA HIS D 329 44.46 7.52 -1.41
C HIS D 329 45.11 6.43 -2.25
N TYR D 330 44.30 5.48 -2.69
CA TYR D 330 44.76 4.30 -3.44
C TYR D 330 44.21 4.41 -4.85
N PHE D 331 45.07 4.78 -5.79
CA PHE D 331 44.67 5.02 -7.17
C PHE D 331 45.25 3.88 -8.00
N ALA D 332 44.48 2.79 -8.11
CA ALA D 332 44.95 1.52 -8.63
C ALA D 332 45.32 1.55 -10.11
N LEU D 333 45.10 2.65 -10.82
CA LEU D 333 45.48 2.74 -12.23
C LEU D 333 46.99 2.75 -12.39
N TRP D 334 47.69 3.60 -11.61
CA TRP D 334 49.14 3.60 -11.63
C TRP D 334 49.73 2.70 -10.57
N ASN D 335 48.92 1.79 -9.99
CA ASN D 335 49.30 0.93 -8.87
C ASN D 335 49.81 1.78 -7.70
N GLN D 336 49.09 2.87 -7.46
CA GLN D 336 49.50 3.94 -6.56
C GLN D 336 49.03 3.58 -5.15
N ALA D 337 49.92 2.96 -4.38
CA ALA D 337 49.60 2.54 -3.01
C ALA D 337 50.90 2.50 -2.23
N VAL D 338 50.91 3.15 -1.07
CA VAL D 338 52.16 3.40 -0.36
C VAL D 338 52.65 2.13 0.33
N ASP D 339 53.90 2.16 0.72
CA ASP D 339 54.40 1.22 1.72
C ASP D 339 54.36 1.91 3.07
N ASP D 340 53.65 1.30 4.02
CA ASP D 340 53.55 1.85 5.36
C ASP D 340 53.74 0.72 6.36
N TYR D 341 53.42 0.99 7.62
CA TYR D 341 53.50 -0.01 8.65
C TYR D 341 52.43 0.28 9.67
N ASP D 342 52.10 -0.71 10.48
CA ASP D 342 51.14 -0.49 11.54
C ASP D 342 51.79 0.34 12.64
N HIS D 343 51.04 1.32 13.13
CA HIS D 343 51.59 2.29 14.07
C HIS D 343 51.82 1.67 15.45
N HIS D 344 51.26 0.49 15.70
CA HIS D 344 51.41 -0.18 16.98
C HIS D 344 52.22 -1.47 16.90
N VAL D 345 52.83 -1.78 15.76
CA VAL D 345 53.81 -2.88 15.70
C VAL D 345 55.23 -2.37 15.81
N ARG D 346 55.66 -1.49 14.91
CA ARG D 346 56.70 -0.52 15.20
C ARG D 346 56.05 0.48 16.15
N ILE D 347 56.85 1.37 16.74
CA ILE D 347 56.92 1.60 18.19
C ILE D 347 55.62 1.30 18.91
N LEU D 348 55.68 0.39 19.87
CA LEU D 348 54.48 -0.25 20.39
C LEU D 348 54.28 0.10 21.86
N GLU D 349 53.02 0.11 22.27
CA GLU D 349 52.63 0.54 23.61
C GLU D 349 52.11 -0.67 24.36
N ASN D 350 52.93 -1.19 25.27
CA ASN D 350 52.52 -2.31 26.12
C ASN D 350 51.76 -1.71 27.30
N ASP D 351 50.45 -1.56 27.13
CA ASP D 351 49.57 -1.06 28.17
C ASP D 351 48.84 -2.17 28.90
N GLY D 352 49.33 -3.40 28.79
CA GLY D 352 48.65 -4.52 29.44
C GLY D 352 47.41 -4.88 28.67
N TYR D 353 46.29 -4.93 29.37
CA TYR D 353 45.03 -5.36 28.80
C TYR D 353 43.90 -4.86 29.69
N GLU D 354 42.81 -4.42 29.08
CA GLU D 354 41.64 -3.96 29.84
C GLU D 354 40.95 -5.19 30.41
N GLU D 355 41.17 -5.47 31.69
CA GLU D 355 40.58 -6.62 32.33
C GLU D 355 39.15 -6.32 32.77
N GLY D 356 38.48 -7.34 33.31
CA GLY D 356 37.13 -7.16 33.80
C GLY D 356 36.54 -8.44 34.38
N PRO D 357 35.27 -8.69 34.07
CA PRO D 357 34.57 -9.85 34.62
C PRO D 357 35.12 -11.15 34.06
N PRO D 358 34.89 -12.28 34.72
CA PRO D 358 35.45 -13.54 34.21
C PRO D 358 34.71 -14.00 32.97
N ASN D 359 35.47 -14.49 32.00
CA ASN D 359 34.94 -14.83 30.69
C ASN D 359 34.70 -16.34 30.66
N LEU D 360 33.63 -16.75 31.34
CA LEU D 360 33.34 -18.15 31.57
C LEU D 360 32.79 -18.81 30.31
N ALA D 361 33.08 -20.09 30.17
CA ALA D 361 32.54 -20.91 29.10
C ALA D 361 31.83 -22.11 29.69
N PHE D 362 30.60 -22.33 29.25
CA PHE D 362 29.71 -23.34 29.81
C PHE D 362 29.49 -24.44 28.78
N PRO D 363 29.16 -25.66 29.22
CA PRO D 363 28.76 -26.68 28.26
C PRO D 363 27.44 -26.31 27.60
N PRO D 364 27.19 -26.78 26.38
CA PRO D 364 25.96 -26.35 25.68
C PRO D 364 24.68 -26.85 26.31
N HIS D 365 24.62 -28.13 26.65
CA HIS D 365 23.67 -28.62 27.65
C HIS D 365 24.07 -27.95 28.96
N VAL D 366 23.10 -27.44 29.70
CA VAL D 366 23.44 -26.70 30.91
C VAL D 366 23.27 -27.59 32.14
N ILE D 367 22.21 -28.38 32.16
CA ILE D 367 21.92 -29.20 33.33
C ILE D 367 22.83 -30.43 33.35
N SER D 368 23.62 -30.54 34.42
CA SER D 368 24.61 -31.60 34.59
C SER D 368 25.20 -31.62 36.00
N ASN D 369 25.58 -32.80 36.47
CA ASN D 369 26.60 -32.91 37.49
C ASN D 369 27.94 -32.54 36.87
N PRO D 370 28.93 -32.14 37.68
CA PRO D 370 30.25 -31.82 37.10
C PRO D 370 31.02 -33.02 36.56
N PHE D 371 30.55 -34.27 36.77
CA PHE D 371 31.24 -35.42 36.20
C PHE D 371 30.31 -36.49 35.65
N ALA D 372 29.01 -36.25 35.59
CA ALA D 372 28.06 -37.26 35.13
C ALA D 372 26.77 -36.55 34.73
N PRO D 373 25.88 -37.23 34.01
CA PRO D 373 24.49 -36.78 33.97
C PRO D 373 23.64 -37.49 35.01
N ALA D 374 22.55 -36.87 35.48
CA ALA D 374 21.68 -37.46 36.49
C ALA D 374 20.27 -37.55 35.95
N ALA D 375 19.83 -38.76 35.61
CA ALA D 375 18.48 -38.97 35.06
C ALA D 375 17.91 -40.25 35.66
N VAL D 376 17.18 -40.10 36.78
CA VAL D 376 16.36 -41.17 37.33
C VAL D 376 14.97 -40.59 37.50
N GLY D 377 14.06 -40.98 36.61
CA GLY D 377 12.78 -40.29 36.56
C GLY D 377 11.80 -40.67 37.63
N THR D 378 11.63 -39.80 38.62
CA THR D 378 10.57 -39.91 39.62
C THR D 378 10.38 -38.54 40.24
N GLY D 379 9.15 -38.04 40.19
CA GLY D 379 8.78 -36.83 40.91
C GLY D 379 7.93 -37.17 42.11
N MET D 380 8.46 -36.94 43.31
CA MET D 380 7.82 -37.40 44.53
C MET D 380 6.59 -36.57 44.87
N THR D 381 5.63 -37.21 45.54
CA THR D 381 4.44 -36.55 46.08
C THR D 381 4.29 -37.00 47.52
N VAL D 382 4.44 -36.08 48.46
CA VAL D 382 4.45 -36.43 49.86
C VAL D 382 3.16 -35.95 50.52
N ASN D 383 2.83 -36.59 51.64
CA ASN D 383 1.77 -36.15 52.50
C ASN D 383 2.31 -35.15 53.52
N GLU D 384 1.41 -34.34 54.07
CA GLU D 384 1.76 -33.45 55.17
C GLU D 384 1.21 -33.90 56.51
N GLN D 385 0.13 -34.69 56.50
CA GLN D 385 -0.32 -35.34 57.73
C GLN D 385 0.69 -36.38 58.19
N GLN D 386 1.30 -37.09 57.24
CA GLN D 386 2.30 -38.10 57.52
C GLN D 386 3.61 -37.68 56.83
N GLN D 387 4.59 -38.59 56.86
CA GLN D 387 5.89 -38.36 56.23
C GLN D 387 6.18 -39.55 55.32
N THR D 388 5.64 -39.52 54.11
CA THR D 388 5.72 -40.64 53.19
C THR D 388 5.67 -40.12 51.76
N ALA D 389 6.62 -40.56 50.94
CA ALA D 389 6.69 -40.16 49.54
C ALA D 389 6.09 -41.26 48.67
N ALA D 390 5.18 -40.88 47.77
CA ALA D 390 4.50 -41.82 46.91
C ALA D 390 5.27 -42.01 45.60
N VAL D 391 4.73 -42.88 44.74
CA VAL D 391 5.42 -43.20 43.50
C VAL D 391 5.27 -42.09 42.47
N THR D 392 4.02 -41.74 42.13
CA THR D 392 3.66 -40.74 41.13
C THR D 392 4.25 -41.10 39.77
N ALA D 393 3.58 -42.00 39.06
CA ALA D 393 4.12 -42.83 37.96
C ALA D 393 4.70 -42.04 36.80
N ASN D 394 5.23 -42.76 35.80
CA ASN D 394 6.56 -42.48 35.27
C ASN D 394 6.70 -41.15 34.55
N THR D 395 6.94 -40.11 35.34
CA THR D 395 7.54 -38.86 34.88
C THR D 395 9.06 -39.00 34.90
N VAL D 396 9.73 -38.08 34.19
CA VAL D 396 11.16 -38.17 33.97
C VAL D 396 11.82 -36.96 34.62
N ALA D 397 12.92 -37.20 35.33
CA ALA D 397 13.62 -36.16 36.07
C ALA D 397 15.02 -35.99 35.50
N LEU D 398 15.40 -34.74 35.21
CA LEU D 398 16.74 -34.38 34.78
C LEU D 398 17.22 -33.27 35.71
N ILE D 399 17.79 -33.64 36.85
CA ILE D 399 18.19 -32.65 37.83
C ILE D 399 19.71 -32.64 37.98
N GLY D 400 20.23 -31.53 38.47
CA GLY D 400 21.62 -31.19 38.25
C GLY D 400 22.58 -31.18 39.43
N TYR D 401 22.07 -30.90 40.63
CA TYR D 401 22.81 -31.00 41.91
C TYR D 401 24.04 -30.11 41.95
N GLY D 402 23.80 -28.81 41.95
CA GLY D 402 24.89 -27.90 42.24
C GLY D 402 24.98 -26.80 41.23
N ASN D 403 26.16 -26.20 41.11
CA ASN D 403 26.38 -25.15 40.15
C ASN D 403 26.63 -25.75 38.77
N ILE D 404 26.45 -24.92 37.76
CA ILE D 404 26.78 -25.33 36.39
C ILE D 404 28.29 -25.33 36.23
N PRO D 405 28.92 -26.43 35.82
CA PRO D 405 30.38 -26.44 35.66
C PRO D 405 30.81 -25.54 34.52
N ALA D 406 32.02 -24.99 34.65
CA ALA D 406 32.47 -23.99 33.71
C ALA D 406 34.00 -23.97 33.69
N VAL D 407 34.53 -23.42 32.60
CA VAL D 407 35.96 -23.12 32.48
C VAL D 407 36.08 -21.62 32.28
N GLU D 408 37.28 -21.10 32.54
CA GLU D 408 37.51 -19.65 32.57
C GLU D 408 38.79 -19.32 31.84
N MET D 409 38.73 -18.40 30.88
CA MET D 409 39.92 -17.88 30.25
C MET D 409 40.03 -16.39 30.54
N ASN D 410 41.25 -15.87 30.44
CA ASN D 410 41.47 -14.44 30.51
C ASN D 410 41.37 -13.94 29.08
N LEU D 411 40.16 -13.56 28.68
CA LEU D 411 39.88 -13.25 27.28
C LEU D 411 40.55 -11.99 26.76
N PRO D 412 40.57 -10.84 27.45
CA PRO D 412 41.31 -9.70 26.88
C PRO D 412 42.83 -9.88 26.91
N ALA D 413 43.35 -10.84 27.68
CA ALA D 413 44.77 -11.13 27.60
C ALA D 413 45.09 -11.97 26.36
N ASN D 414 44.21 -12.88 25.98
CA ASN D 414 44.46 -13.76 24.84
C ASN D 414 44.31 -13.04 23.51
N LEU D 415 43.43 -12.03 23.43
CA LEU D 415 43.41 -11.17 22.25
C LEU D 415 44.70 -10.38 22.12
N LYS D 416 45.32 -10.01 23.25
CA LYS D 416 46.58 -9.29 23.23
C LYS D 416 47.76 -10.24 23.06
N ARG D 417 47.62 -11.48 23.51
CA ARG D 417 48.71 -12.44 23.41
C ARG D 417 48.93 -12.89 21.97
N THR D 418 47.86 -13.04 21.20
CA THR D 418 48.00 -13.41 19.81
C THR D 418 48.39 -12.23 18.93
N PHE D 419 48.23 -11.01 19.42
CA PHE D 419 48.70 -9.84 18.68
C PHE D 419 50.22 -9.74 18.76
N LEU D 420 50.79 -9.94 19.94
CA LEU D 420 52.22 -9.78 20.13
C LEU D 420 53.01 -10.89 19.46
N TYR D 421 52.45 -12.09 19.37
CA TYR D 421 53.16 -13.19 18.75
C TYR D 421 53.17 -13.07 17.23
N SER D 422 52.00 -12.79 16.66
CA SER D 422 51.85 -12.81 15.20
C SER D 422 52.48 -11.62 14.51
N ASN D 423 52.83 -10.57 15.24
CA ASN D 423 53.37 -9.37 14.63
C ASN D 423 54.80 -9.10 15.04
N VAL D 424 55.06 -9.00 16.34
CA VAL D 424 56.38 -8.65 16.83
C VAL D 424 57.27 -9.89 16.96
N ALA D 425 56.77 -10.95 17.59
CA ALA D 425 57.57 -12.14 17.81
C ALA D 425 57.75 -12.96 16.56
N MET D 426 56.85 -12.83 15.59
CA MET D 426 56.98 -13.57 14.35
C MET D 426 58.07 -12.98 13.45
N TYR D 427 58.26 -11.66 13.49
CA TYR D 427 59.17 -10.97 12.58
C TYR D 427 60.52 -10.68 13.22
N LEU D 428 60.97 -11.53 14.13
CA LEU D 428 62.29 -11.40 14.75
C LEU D 428 63.38 -11.71 13.73
N PRO D 429 64.63 -11.27 13.98
CA PRO D 429 65.74 -11.72 13.13
C PRO D 429 66.10 -13.18 13.29
N ASP D 430 67.10 -13.64 12.52
CA ASP D 430 67.47 -15.05 12.51
C ASP D 430 68.17 -15.49 13.79
N THR D 431 68.69 -14.55 14.57
CA THR D 431 69.37 -14.89 15.81
C THR D 431 68.41 -15.43 16.85
N TYR D 432 67.22 -14.83 16.94
CA TYR D 432 66.23 -15.15 17.98
C TYR D 432 65.22 -16.19 17.52
N LYS D 433 65.59 -17.07 16.60
CA LYS D 433 64.71 -18.12 16.14
C LYS D 433 65.44 -19.45 16.20
N PHE D 434 64.68 -20.53 16.06
CA PHE D 434 65.26 -21.86 16.08
C PHE D 434 64.37 -22.80 15.28
N THR D 435 64.99 -23.76 14.63
CA THR D 435 64.18 -24.80 14.03
C THR D 435 63.71 -25.79 15.10
N PRO D 436 62.52 -26.33 14.96
CA PRO D 436 62.05 -27.38 15.87
C PRO D 436 62.71 -28.71 15.54
N ALA D 437 62.46 -29.69 16.39
CA ALA D 437 63.16 -30.97 16.32
C ALA D 437 62.62 -31.83 15.18
N ASN D 438 63.53 -32.62 14.59
CA ASN D 438 63.25 -33.67 13.62
C ASN D 438 62.60 -33.16 12.34
N VAL D 439 62.87 -31.92 11.95
CA VAL D 439 62.35 -31.37 10.72
C VAL D 439 63.50 -30.72 9.96
N ASP D 440 63.43 -30.76 8.63
CA ASP D 440 64.51 -30.27 7.78
C ASP D 440 64.15 -28.92 7.18
N LEU D 441 65.18 -28.19 6.80
CA LEU D 441 65.05 -26.87 6.19
C LEU D 441 65.90 -26.81 4.94
N PRO D 442 65.59 -25.90 4.02
CA PRO D 442 66.49 -25.67 2.88
C PRO D 442 67.82 -25.07 3.35
N GLU D 443 68.81 -25.17 2.47
CA GLU D 443 70.17 -24.80 2.85
C GLU D 443 70.33 -23.29 2.92
N ASN D 444 69.86 -22.57 1.91
CA ASN D 444 70.03 -21.13 1.87
C ASN D 444 69.08 -20.43 2.85
N HIS D 445 69.54 -19.29 3.37
CA HIS D 445 68.80 -18.54 4.36
C HIS D 445 67.81 -17.56 3.73
N LEU D 446 67.63 -17.60 2.41
CA LEU D 446 66.82 -16.63 1.71
C LEU D 446 65.64 -17.25 0.98
N SER D 447 65.41 -18.55 1.14
CA SER D 447 64.27 -19.17 0.50
C SER D 447 63.04 -19.06 1.39
N TYR D 448 61.91 -19.56 0.90
CA TYR D 448 60.68 -19.47 1.69
C TYR D 448 60.63 -20.54 2.76
N GLY D 449 61.10 -21.75 2.44
CA GLY D 449 61.02 -22.87 3.38
C GLY D 449 61.91 -22.73 4.59
N TYR D 450 62.90 -21.83 4.54
CA TYR D 450 63.74 -21.59 5.70
C TYR D 450 63.12 -20.57 6.63
N ILE D 451 62.50 -19.53 6.06
CA ILE D 451 61.81 -18.53 6.89
C ILE D 451 60.54 -19.15 7.48
N ASN D 452 59.95 -20.10 6.78
CA ASN D 452 58.71 -20.72 7.22
C ASN D 452 58.93 -21.62 8.42
N GLY D 453 60.01 -22.40 8.41
CA GLY D 453 60.17 -23.43 9.42
C GLY D 453 60.67 -22.92 10.75
N ARG D 454 61.34 -21.77 10.76
CA ARG D 454 61.92 -21.26 11.99
C ARG D 454 60.87 -20.59 12.85
N LEU D 455 60.77 -21.03 14.09
CA LEU D 455 59.86 -20.49 15.06
C LEU D 455 60.64 -19.72 16.13
N PRO D 456 60.10 -18.63 16.65
CA PRO D 456 60.89 -17.73 17.50
C PRO D 456 61.08 -18.28 18.91
N LEU D 457 62.02 -17.66 19.61
CA LEU D 457 62.25 -17.96 21.01
C LEU D 457 61.03 -17.57 21.84
N PRO D 458 60.75 -18.32 22.93
CA PRO D 458 59.46 -18.17 23.65
C PRO D 458 59.15 -16.80 24.26
N ASN D 459 59.98 -16.30 25.17
CA ASN D 459 59.54 -15.17 26.01
C ASN D 459 60.56 -14.03 26.00
N ILE D 460 61.00 -13.63 24.82
CA ILE D 460 61.65 -12.33 24.70
C ILE D 460 60.66 -11.28 24.23
N VAL D 461 59.52 -11.68 23.68
CA VAL D 461 58.37 -10.81 23.45
C VAL D 461 57.16 -11.52 24.02
N ASP D 462 56.54 -10.93 25.03
CA ASP D 462 55.44 -11.55 25.74
C ASP D 462 54.47 -10.44 26.13
N THR D 463 53.49 -10.75 26.98
CA THR D 463 52.55 -9.73 27.43
C THR D 463 53.11 -8.85 28.53
N TRP D 464 54.29 -9.16 29.07
CA TRP D 464 54.90 -8.38 30.12
C TRP D 464 56.05 -7.50 29.67
N THR D 465 56.53 -7.63 28.44
CA THR D 465 57.84 -7.07 28.09
C THR D 465 57.77 -5.56 27.97
N ASP D 466 58.48 -4.90 28.89
CA ASP D 466 58.50 -3.44 29.06
C ASP D 466 57.08 -2.90 29.25
N ILE D 467 56.49 -3.26 30.38
CA ILE D 467 55.16 -2.81 30.74
C ILE D 467 55.10 -1.29 30.86
N GLY D 468 54.03 -0.71 30.31
CA GLY D 468 53.73 0.69 30.52
C GLY D 468 54.61 1.66 29.77
N ALA D 469 55.37 1.22 28.78
CA ALA D 469 56.30 2.08 28.07
C ALA D 469 56.03 2.03 26.58
N ARG D 470 55.86 3.19 25.97
CA ARG D 470 55.88 3.30 24.52
C ARG D 470 57.31 3.12 24.07
N TRP D 471 57.64 1.92 23.60
CA TRP D 471 59.03 1.55 23.37
C TRP D 471 59.10 0.41 22.40
N SER D 472 59.71 0.63 21.23
CA SER D 472 59.93 -0.47 20.30
C SER D 472 61.07 -1.35 20.78
N LEU D 473 61.11 -2.57 20.26
CA LEU D 473 62.13 -3.52 20.66
C LEU D 473 63.52 -3.08 20.17
N ASP D 474 64.53 -3.37 20.98
CA ASP D 474 65.88 -2.92 20.67
C ASP D 474 66.50 -3.70 19.52
N VAL D 475 65.99 -4.90 19.23
CA VAL D 475 66.48 -5.65 18.07
C VAL D 475 65.62 -5.42 16.84
N MET D 476 64.41 -4.89 16.99
CA MET D 476 63.52 -4.62 15.88
C MET D 476 63.69 -3.23 15.30
N ASP D 477 64.74 -2.51 15.69
CA ASP D 477 64.98 -1.20 15.11
C ASP D 477 65.51 -1.32 13.69
N THR D 478 66.53 -2.14 13.50
CA THR D 478 67.16 -2.30 12.20
C THR D 478 66.47 -3.33 11.32
N VAL D 479 65.42 -3.95 11.81
CA VAL D 479 64.58 -4.83 11.00
C VAL D 479 63.60 -3.96 10.24
N ASN D 480 63.48 -4.18 8.92
CA ASN D 480 62.67 -3.40 8.01
C ASN D 480 61.19 -3.50 8.38
N PRO D 481 60.56 -2.39 8.79
CA PRO D 481 59.16 -2.45 9.22
C PRO D 481 58.18 -2.51 8.07
N PHE D 482 58.65 -2.36 6.85
CA PHE D 482 57.80 -2.37 5.67
C PHE D 482 57.67 -3.75 5.07
N ASN D 483 58.38 -4.72 5.62
CA ASN D 483 58.21 -6.13 5.28
C ASN D 483 57.27 -6.79 6.27
N HIS D 484 56.10 -6.21 6.38
CA HIS D 484 55.12 -6.65 7.33
C HIS D 484 53.91 -7.16 6.54
N HIS D 485 53.06 -7.96 7.17
CA HIS D 485 51.84 -8.38 6.49
C HIS D 485 50.69 -7.43 6.78
N ARG D 486 50.94 -6.30 7.42
CA ARG D 486 49.92 -5.33 7.73
C ARG D 486 50.08 -4.02 6.97
N ASN D 487 51.05 -3.92 6.06
CA ASN D 487 51.09 -2.73 5.23
C ASN D 487 49.93 -2.74 4.24
N THR D 488 49.09 -1.71 4.34
CA THR D 488 47.82 -1.71 3.62
C THR D 488 48.04 -1.60 2.12
N GLY D 489 49.19 -1.06 1.70
CA GLY D 489 49.45 -0.89 0.28
C GLY D 489 49.87 -2.17 -0.41
N LEU D 490 50.90 -2.84 0.11
CA LEU D 490 51.35 -4.09 -0.48
C LEU D 490 50.30 -5.19 -0.38
N LYS D 491 49.49 -5.15 0.68
CA LYS D 491 48.31 -6.00 0.74
C LYS D 491 47.35 -5.66 -0.39
N TYR D 492 47.13 -4.37 -0.64
CA TYR D 492 46.24 -3.94 -1.70
C TYR D 492 46.83 -4.21 -3.08
N ARG D 493 48.15 -4.15 -3.21
CA ARG D 493 48.77 -4.42 -4.50
C ARG D 493 48.78 -5.91 -4.83
N SER D 494 48.56 -6.78 -3.85
CA SER D 494 48.49 -8.21 -4.11
C SER D 494 47.06 -8.72 -4.24
N GLN D 495 46.11 -8.13 -3.52
CA GLN D 495 44.70 -8.46 -3.74
C GLN D 495 44.21 -7.96 -5.08
N LEU D 496 44.89 -6.96 -5.65
CA LEU D 496 44.43 -6.31 -6.88
C LEU D 496 44.62 -7.21 -8.09
N LEU D 497 45.60 -8.12 -8.05
CA LEU D 497 45.80 -9.05 -9.15
C LEU D 497 45.05 -10.35 -8.96
N GLY D 498 44.83 -10.78 -7.73
CA GLY D 498 44.07 -11.97 -7.47
C GLY D 498 44.63 -12.72 -6.28
N ASN D 499 44.15 -13.95 -6.11
CA ASN D 499 44.60 -14.80 -5.03
C ASN D 499 45.39 -16.02 -5.51
N GLY D 500 45.41 -16.30 -6.79
CA GLY D 500 46.00 -17.53 -7.28
C GLY D 500 47.49 -17.44 -7.48
N ARG D 501 48.10 -18.60 -7.71
CA ARG D 501 49.52 -18.65 -8.02
C ARG D 501 49.76 -18.20 -9.46
N TYR D 502 48.92 -18.65 -10.39
CA TYR D 502 49.01 -18.26 -11.79
C TYR D 502 47.96 -17.20 -12.08
N CYS D 503 48.38 -16.10 -12.70
CA CYS D 503 47.44 -15.01 -12.94
C CYS D 503 47.82 -14.28 -14.22
N ASP D 504 46.80 -13.81 -14.93
CA ASP D 504 46.96 -12.92 -16.06
C ASP D 504 46.75 -11.49 -15.59
N PHE D 505 47.68 -10.61 -15.93
CA PHE D 505 47.61 -9.23 -15.49
C PHE D 505 47.48 -8.30 -16.68
N HIS D 506 46.96 -7.11 -16.41
CA HIS D 506 46.81 -6.08 -17.42
C HIS D 506 47.07 -4.75 -16.71
N ILE D 507 48.29 -4.23 -16.85
CA ILE D 507 48.71 -3.09 -16.04
C ILE D 507 48.91 -1.86 -16.92
N GLN D 508 49.24 -0.73 -16.29
CA GLN D 508 49.56 0.51 -17.01
C GLN D 508 50.76 1.14 -16.32
N VAL D 509 51.88 1.29 -17.02
CA VAL D 509 53.06 1.86 -16.37
C VAL D 509 53.28 3.28 -16.90
N PRO D 510 53.78 4.20 -16.06
CA PRO D 510 53.94 5.59 -16.50
C PRO D 510 55.23 5.83 -17.25
N GLN D 511 55.56 7.10 -17.50
CA GLN D 511 56.88 7.50 -17.98
C GLN D 511 57.51 8.40 -16.94
N LYS D 512 58.39 7.83 -16.11
CA LYS D 512 58.91 8.56 -14.96
C LYS D 512 60.18 9.33 -15.26
N PHE D 513 60.63 9.37 -16.51
CA PHE D 513 61.81 10.15 -16.86
C PHE D 513 61.41 11.58 -17.17
N PHE D 514 62.01 12.52 -16.44
CA PHE D 514 61.48 13.87 -16.28
C PHE D 514 61.53 14.72 -17.53
N ALA D 515 62.42 14.42 -18.48
CA ALA D 515 62.50 15.23 -19.69
C ALA D 515 61.30 14.97 -20.59
N ILE D 516 60.98 13.71 -20.84
CA ILE D 516 59.86 13.34 -21.69
C ILE D 516 58.66 12.90 -20.84
N LYS D 517 58.60 13.30 -19.58
CA LYS D 517 57.49 12.94 -18.71
C LYS D 517 56.20 13.63 -19.16
N ASN D 518 56.27 14.94 -19.34
CA ASN D 518 55.14 15.73 -19.83
C ASN D 518 55.59 16.70 -20.91
N LEU D 519 56.34 16.21 -21.89
CA LEU D 519 56.77 17.04 -23.00
C LEU D 519 55.65 17.21 -24.01
N LEU D 520 55.34 18.46 -24.35
CA LEU D 520 54.41 18.79 -25.42
C LEU D 520 55.21 18.90 -26.72
N LEU D 521 54.87 18.08 -27.71
CA LEU D 521 55.63 18.10 -28.96
C LEU D 521 54.77 18.49 -30.15
N LEU D 522 55.40 19.17 -31.08
CA LEU D 522 54.83 19.64 -32.32
C LEU D 522 54.82 18.48 -33.32
N PRO D 523 54.14 18.61 -34.47
CA PRO D 523 54.06 17.49 -35.41
C PRO D 523 55.40 16.99 -35.95
N GLY D 524 55.42 15.70 -36.28
CA GLY D 524 56.61 15.03 -36.75
C GLY D 524 56.46 13.54 -36.58
N THR D 525 57.46 12.80 -37.05
CA THR D 525 57.49 11.35 -36.92
C THR D 525 58.59 10.96 -35.94
N TYR D 526 58.20 10.27 -34.87
CA TYR D 526 59.09 10.04 -33.74
C TYR D 526 59.20 8.55 -33.45
N ASN D 527 60.37 8.14 -32.96
CA ASN D 527 60.60 6.79 -32.48
C ASN D 527 60.63 6.81 -30.96
N TYR D 528 60.08 5.76 -30.35
CA TYR D 528 59.95 5.68 -28.89
C TYR D 528 60.32 4.27 -28.48
N GLU D 529 61.61 4.06 -28.23
CA GLU D 529 62.18 2.75 -27.95
C GLU D 529 62.57 2.69 -26.48
N TRP D 530 62.16 1.61 -25.80
CA TRP D 530 62.29 1.57 -24.36
C TRP D 530 62.32 0.12 -23.90
N TYR D 531 63.12 -0.17 -22.87
CA TYR D 531 63.34 -1.53 -22.39
C TYR D 531 62.50 -1.81 -21.14
N PHE D 532 62.27 -3.09 -20.89
CA PHE D 532 61.40 -3.56 -19.81
C PHE D 532 62.12 -4.65 -19.03
N ARG D 533 61.94 -4.69 -17.71
CA ARG D 533 62.66 -5.67 -16.92
C ARG D 533 61.93 -7.01 -16.89
N LYS D 534 62.67 -8.05 -16.49
CA LYS D 534 62.10 -9.37 -16.23
C LYS D 534 62.63 -9.99 -14.95
N ASP D 535 63.32 -9.23 -14.12
CA ASP D 535 63.85 -9.75 -12.87
C ASP D 535 62.70 -9.90 -11.87
N PRO D 536 62.45 -11.10 -11.34
CA PRO D 536 61.35 -11.25 -10.38
C PRO D 536 61.61 -10.57 -9.05
N ASN D 537 62.86 -10.35 -8.68
CA ASN D 537 63.15 -9.64 -7.44
C ASN D 537 62.88 -8.14 -7.59
N MET D 538 63.14 -7.59 -8.77
CA MET D 538 62.97 -6.16 -8.97
C MET D 538 61.53 -5.81 -9.30
N VAL D 539 60.89 -6.61 -10.14
CA VAL D 539 59.52 -6.32 -10.57
C VAL D 539 58.53 -6.58 -9.44
N LEU D 540 58.56 -7.79 -8.88
CA LEU D 540 57.59 -8.17 -7.86
C LEU D 540 58.08 -7.74 -6.48
N GLN D 541 57.20 -7.93 -5.48
CA GLN D 541 57.51 -7.54 -4.10
C GLN D 541 56.87 -8.53 -3.15
N SER D 542 57.68 -9.25 -2.40
CA SER D 542 57.17 -10.21 -1.43
C SER D 542 57.14 -9.59 -0.04
N THR D 543 56.35 -10.21 0.83
CA THR D 543 56.23 -9.72 2.20
C THR D 543 57.46 -10.08 3.01
N LEU D 544 57.90 -11.33 2.94
CA LEU D 544 59.03 -11.77 3.75
C LEU D 544 60.36 -11.34 3.18
N GLY D 545 60.42 -10.96 1.91
CA GLY D 545 61.67 -10.56 1.31
C GLY D 545 62.53 -11.70 0.82
N ASN D 546 61.94 -12.86 0.57
CA ASN D 546 62.68 -14.01 0.08
C ASN D 546 63.08 -13.84 -1.38
N ASP D 547 64.08 -14.61 -1.80
CA ASP D 547 64.58 -14.58 -3.17
C ASP D 547 63.58 -15.25 -4.10
N LEU D 548 62.84 -14.43 -4.87
CA LEU D 548 61.90 -14.95 -5.85
C LEU D 548 62.59 -15.53 -7.08
N ARG D 549 63.88 -15.29 -7.26
CA ARG D 549 64.57 -15.86 -8.40
C ARG D 549 64.77 -17.35 -8.23
N ALA D 550 65.07 -17.81 -7.01
CA ALA D 550 65.25 -19.23 -6.77
C ALA D 550 63.95 -19.93 -6.40
N ASP D 551 62.93 -19.20 -5.95
CA ASP D 551 61.67 -19.84 -5.61
C ASP D 551 60.93 -20.31 -6.86
N GLY D 552 60.97 -19.53 -7.93
CA GLY D 552 60.35 -19.95 -9.17
C GLY D 552 59.35 -18.95 -9.69
N ALA D 553 59.45 -17.70 -9.25
CA ALA D 553 58.60 -16.66 -9.80
C ALA D 553 59.07 -16.28 -11.19
N SER D 554 58.12 -15.95 -12.05
CA SER D 554 58.44 -15.64 -13.44
C SER D 554 57.37 -14.72 -13.99
N ILE D 555 57.78 -13.82 -14.86
CA ILE D 555 56.88 -12.92 -15.57
C ILE D 555 57.18 -13.04 -17.06
N THR D 556 56.12 -13.02 -17.87
CA THR D 556 56.28 -13.03 -19.31
C THR D 556 55.43 -11.92 -19.91
N TYR D 557 55.79 -11.50 -21.12
CA TYR D 557 55.14 -10.39 -21.80
C TYR D 557 54.54 -10.90 -23.10
N THR D 558 53.29 -10.54 -23.35
CA THR D 558 52.61 -10.97 -24.56
C THR D 558 52.37 -9.83 -25.54
N GLN D 559 51.81 -8.71 -25.09
CA GLN D 559 51.54 -7.61 -25.99
C GLN D 559 51.62 -6.31 -25.20
N ILE D 560 52.39 -5.36 -25.71
CA ILE D 560 52.63 -4.07 -25.06
C ILE D 560 52.38 -2.96 -26.07
N ASN D 561 51.51 -2.02 -25.71
CA ASN D 561 51.12 -0.93 -26.61
C ASN D 561 51.39 0.42 -25.96
N LEU D 562 51.10 1.48 -26.68
CA LEU D 562 51.29 2.84 -26.21
C LEU D 562 50.03 3.66 -26.49
N TYR D 563 49.57 4.40 -25.49
CA TYR D 563 48.31 5.12 -25.55
C TYR D 563 48.54 6.62 -25.38
N VAL D 564 48.78 7.31 -26.49
CA VAL D 564 48.80 8.75 -26.49
C VAL D 564 47.39 9.25 -26.72
N SER D 565 47.14 10.51 -26.33
CA SER D 565 45.83 11.10 -26.51
C SER D 565 45.99 12.48 -27.14
N PHE D 566 45.50 12.64 -28.36
CA PHE D 566 45.61 13.88 -29.10
C PHE D 566 44.47 14.81 -28.71
N PHE D 567 44.81 16.04 -28.35
CA PHE D 567 43.77 17.02 -28.05
C PHE D 567 43.15 17.50 -29.35
N PRO D 568 41.82 17.53 -29.47
CA PRO D 568 41.19 17.92 -30.74
C PRO D 568 41.16 19.43 -30.95
N MET D 569 42.34 20.02 -31.17
CA MET D 569 42.41 21.46 -31.33
C MET D 569 41.97 21.85 -32.74
N ASN D 570 41.40 23.05 -32.87
CA ASN D 570 41.03 23.60 -34.17
C ASN D 570 42.28 23.78 -35.02
N TYR D 571 42.12 23.57 -36.32
CA TYR D 571 43.30 23.44 -37.18
C TYR D 571 43.92 24.77 -37.53
N ASP D 572 43.32 25.89 -37.15
CA ASP D 572 43.95 27.19 -37.30
C ASP D 572 44.33 27.83 -35.98
N THR D 573 43.79 27.35 -34.86
CA THR D 573 44.36 27.66 -33.56
C THR D 573 45.64 26.86 -33.36
N GLN D 574 45.72 25.68 -33.96
CA GLN D 574 46.96 24.90 -33.96
C GLN D 574 48.05 25.60 -34.74
N SER D 575 47.70 26.14 -35.91
CA SER D 575 48.67 26.83 -36.76
C SER D 575 49.18 28.11 -36.14
N GLU D 576 48.46 28.67 -35.17
CA GLU D 576 49.02 29.76 -34.39
C GLU D 576 49.91 29.23 -33.27
N LEU D 577 49.48 28.17 -32.57
CA LEU D 577 50.21 27.66 -31.42
C LEU D 577 51.44 26.87 -31.82
N GLU D 578 51.46 26.25 -33.00
CA GLU D 578 52.68 25.60 -33.46
C GLU D 578 53.77 26.61 -33.75
N LEU D 579 53.43 27.67 -34.48
CA LEU D 579 54.40 28.71 -34.82
C LEU D 579 54.84 29.53 -33.61
N MET D 580 54.08 29.53 -32.53
CA MET D 580 54.58 30.14 -31.30
C MET D 580 55.63 29.27 -30.64
N LEU D 581 55.50 27.95 -30.75
CA LEU D 581 56.42 27.04 -30.09
C LEU D 581 57.56 26.57 -30.99
N ARG D 582 57.55 26.94 -32.27
CA ARG D 582 58.75 26.78 -33.08
C ARG D 582 59.78 27.87 -32.79
N ASN D 583 59.37 28.92 -32.09
CA ASN D 583 60.26 30.04 -31.80
C ASN D 583 61.30 29.63 -30.77
N ALA D 584 62.53 30.08 -30.98
CA ALA D 584 63.63 29.64 -30.13
C ALA D 584 63.58 30.23 -28.73
N THR D 585 62.85 31.33 -28.54
CA THR D 585 62.69 31.87 -27.19
C THR D 585 61.58 31.19 -26.41
N ASN D 586 60.79 30.34 -27.05
CA ASN D 586 59.69 29.63 -26.40
C ASN D 586 60.02 28.15 -26.21
N ASP D 587 61.28 27.85 -25.90
CA ASP D 587 61.67 26.47 -25.68
C ASP D 587 61.13 25.98 -24.35
N GLN D 588 60.57 24.77 -24.37
CA GLN D 588 60.04 24.15 -23.17
C GLN D 588 61.18 23.59 -22.34
N ASN D 589 61.31 24.06 -21.11
CA ASN D 589 62.36 23.60 -20.22
C ASN D 589 61.77 22.85 -19.04
N PHE D 590 62.53 21.90 -18.50
CA PHE D 590 62.06 21.07 -17.39
C PHE D 590 63.17 20.90 -16.37
N SER D 591 62.83 20.25 -15.26
CA SER D 591 63.80 20.00 -14.20
C SER D 591 63.37 18.78 -13.40
N ASP D 592 64.36 17.99 -12.99
CA ASP D 592 64.08 16.84 -12.15
C ASP D 592 63.72 17.30 -10.75
N TYR D 593 62.65 16.74 -10.19
CA TYR D 593 62.17 17.19 -8.88
C TYR D 593 63.11 16.79 -7.76
N LEU D 594 63.76 15.63 -7.88
CA LEU D 594 64.65 15.18 -6.81
C LEU D 594 65.89 16.05 -6.74
N GLY D 595 66.47 16.38 -7.88
CA GLY D 595 67.53 17.36 -7.99
C GLY D 595 68.78 17.03 -7.19
N ALA D 596 69.26 15.79 -7.27
CA ALA D 596 70.40 15.41 -6.48
C ALA D 596 71.22 14.36 -7.23
N VAL D 597 72.43 14.14 -6.73
CA VAL D 597 73.37 13.19 -7.32
C VAL D 597 73.53 12.03 -6.34
N ASN D 598 73.14 10.84 -6.78
CA ASN D 598 73.19 9.65 -5.94
C ASN D 598 74.62 9.16 -5.79
N ASN D 599 75.01 8.87 -4.55
CA ASN D 599 76.32 8.31 -4.27
C ASN D 599 76.19 7.28 -3.17
N LEU D 600 76.78 6.10 -3.38
CA LEU D 600 76.72 5.01 -2.42
C LEU D 600 78.13 4.67 -1.97
N TYR D 601 78.37 4.79 -0.66
CA TYR D 601 79.68 4.54 -0.08
C TYR D 601 79.62 3.33 0.82
N GLN D 602 80.60 2.43 0.70
CA GLN D 602 80.59 1.20 1.47
C GLN D 602 80.91 1.47 2.93
N ILE D 603 80.08 0.93 3.82
CA ILE D 603 80.35 0.92 5.25
C ILE D 603 80.39 -0.53 5.69
N PRO D 604 81.55 -1.06 6.09
CA PRO D 604 81.66 -2.50 6.39
C PRO D 604 80.91 -2.87 7.67
N ALA D 605 80.71 -4.17 7.84
CA ALA D 605 80.03 -4.68 9.02
C ALA D 605 80.93 -4.53 10.24
N GLY D 606 80.39 -3.89 11.28
CA GLY D 606 81.15 -3.61 12.47
C GLY D 606 81.93 -2.31 12.44
N SER D 607 82.15 -1.75 11.26
CA SER D 607 82.84 -0.46 11.15
C SER D 607 81.90 0.66 11.57
N SER D 608 82.49 1.68 12.20
CA SER D 608 81.72 2.76 12.78
C SER D 608 81.93 4.11 12.13
N THR D 609 82.83 4.24 11.17
CA THR D 609 83.07 5.50 10.48
C THR D 609 83.05 5.29 8.98
N VAL D 610 82.83 6.39 8.27
CA VAL D 610 83.00 6.43 6.81
C VAL D 610 83.48 7.83 6.46
N VAL D 611 84.46 7.90 5.56
CA VAL D 611 85.06 9.16 5.14
C VAL D 611 84.91 9.25 3.63
N VAL D 612 84.27 10.31 3.15
CA VAL D 612 84.20 10.57 1.73
C VAL D 612 85.16 11.71 1.41
N ASN D 613 85.72 11.69 0.20
CA ASN D 613 86.73 12.66 -0.20
C ASN D 613 86.39 13.11 -1.61
N ILE D 614 85.75 14.26 -1.72
CA ILE D 614 85.43 14.83 -3.02
C ILE D 614 86.63 15.63 -3.51
N PRO D 615 87.10 15.40 -4.74
CA PRO D 615 88.25 16.18 -5.25
C PRO D 615 87.89 17.61 -5.63
N ASP D 616 88.84 18.32 -6.23
CA ASP D 616 88.69 19.74 -6.50
C ASP D 616 87.63 20.00 -7.56
N ARG D 617 86.68 20.86 -7.24
CA ARG D 617 85.55 21.17 -8.11
C ARG D 617 84.96 22.49 -7.66
N SER D 618 84.39 23.24 -8.61
CA SER D 618 83.62 24.43 -8.26
C SER D 618 82.30 24.03 -7.61
N TRP D 619 81.76 24.94 -6.78
CA TRP D 619 80.58 24.67 -6.00
C TRP D 619 79.50 25.73 -6.19
N GLY D 620 79.43 26.32 -7.38
CA GLY D 620 78.36 27.25 -7.67
C GLY D 620 77.02 26.54 -7.81
N ALA D 621 75.98 27.23 -7.35
CA ALA D 621 74.57 26.79 -7.37
C ALA D 621 74.35 25.48 -6.62
N PHE D 622 75.21 25.17 -5.66
CA PHE D 622 75.02 23.99 -4.83
C PHE D 622 73.87 24.21 -3.87
N ARG D 623 73.17 23.14 -3.52
CA ARG D 623 71.91 23.28 -2.81
C ARG D 623 71.91 22.68 -1.41
N GLY D 624 72.48 21.50 -1.21
CA GLY D 624 72.54 20.93 0.13
C GLY D 624 72.92 19.47 0.10
N TRP D 625 72.85 18.85 1.27
CA TRP D 625 73.18 17.45 1.47
C TRP D 625 71.97 16.66 1.92
N SER D 626 72.04 15.35 1.75
CA SER D 626 71.04 14.43 2.25
C SER D 626 71.66 13.05 2.41
N PHE D 627 71.44 12.41 3.55
CA PHE D 627 72.16 11.17 3.84
C PHE D 627 71.34 10.24 4.72
N THR D 628 71.38 8.95 4.40
CA THR D 628 70.71 7.88 5.15
C THR D 628 71.38 6.56 4.77
N ARG D 629 71.61 5.70 5.76
CA ARG D 629 72.17 4.37 5.53
C ARG D 629 71.21 3.51 4.71
N LEU D 630 71.81 2.51 4.04
CA LEU D 630 71.08 1.50 3.28
C LEU D 630 71.82 0.19 3.42
N LYS D 631 71.09 -0.91 3.59
CA LYS D 631 71.74 -2.21 3.61
C LYS D 631 72.16 -2.60 2.20
N VAL D 632 73.28 -3.32 2.12
CA VAL D 632 73.79 -3.75 0.81
C VAL D 632 72.89 -4.83 0.22
N SER D 633 72.34 -5.70 1.08
CA SER D 633 71.42 -6.73 0.59
C SER D 633 70.12 -6.13 0.10
N GLU D 634 69.71 -4.99 0.67
CA GLU D 634 68.48 -4.31 0.25
C GLU D 634 68.72 -3.25 -0.81
N THR D 635 69.80 -3.35 -1.57
CA THR D 635 70.09 -2.32 -2.57
C THR D 635 70.70 -2.93 -3.82
N PRO D 636 70.10 -2.72 -4.98
CA PRO D 636 70.61 -3.29 -6.22
C PRO D 636 71.63 -2.37 -6.88
N ARG D 637 72.34 -2.95 -7.85
CA ARG D 637 73.26 -2.17 -8.68
C ARG D 637 72.57 -1.90 -10.02
N ILE D 638 71.78 -0.83 -10.04
CA ILE D 638 71.15 -0.40 -11.27
C ILE D 638 72.21 0.22 -12.18
N GLY D 639 72.30 -0.28 -13.40
CA GLY D 639 73.34 0.14 -14.32
C GLY D 639 73.78 -1.06 -15.14
N ALA D 640 73.49 -2.25 -14.63
CA ALA D 640 73.70 -3.48 -15.35
C ALA D 640 72.36 -4.04 -15.81
N THR D 641 72.42 -5.00 -16.74
CA THR D 641 71.21 -5.66 -17.19
C THR D 641 70.66 -6.59 -16.11
N GLN D 642 71.54 -7.33 -15.45
CA GLN D 642 71.17 -8.27 -14.41
C GLN D 642 72.07 -8.04 -13.20
N ASP D 643 71.47 -8.09 -12.01
CA ASP D 643 72.24 -8.00 -10.78
C ASP D 643 72.25 -9.37 -10.11
N PRO D 644 73.31 -10.16 -10.27
CA PRO D 644 73.28 -11.53 -9.76
C PRO D 644 73.44 -11.63 -8.26
N ASN D 645 74.11 -10.65 -7.66
CA ASN D 645 74.26 -10.64 -6.20
C ASN D 645 72.98 -10.24 -5.49
N PHE D 646 72.05 -9.62 -6.19
CA PHE D 646 70.84 -9.08 -5.57
C PHE D 646 69.84 -10.21 -5.35
N GLN D 647 69.68 -10.61 -4.09
CA GLN D 647 68.84 -11.74 -3.70
C GLN D 647 67.85 -11.33 -2.62
N TYR D 648 67.14 -10.23 -2.88
CA TYR D 648 66.19 -9.67 -1.94
C TYR D 648 64.98 -9.18 -2.73
N SER D 649 63.81 -9.23 -2.12
CA SER D 649 62.62 -8.85 -2.86
C SER D 649 61.62 -8.06 -2.04
N GLY D 650 62.02 -7.51 -0.90
CA GLY D 650 61.13 -6.70 -0.10
C GLY D 650 61.08 -5.26 -0.60
N SER D 651 60.78 -4.35 0.32
CA SER D 651 60.82 -2.94 -0.03
C SER D 651 62.27 -2.48 -0.14
N ILE D 652 62.61 -1.85 -1.26
CA ILE D 652 63.96 -1.39 -1.52
C ILE D 652 64.01 0.11 -1.22
N PRO D 653 64.63 0.55 -0.12
CA PRO D 653 64.57 1.97 0.24
C PRO D 653 65.39 2.87 -0.66
N TYR D 654 66.28 2.32 -1.49
CA TYR D 654 66.98 3.14 -2.46
C TYR D 654 66.06 3.63 -3.57
N LEU D 655 65.04 2.85 -3.91
CA LEU D 655 64.21 3.19 -5.06
C LEU D 655 62.98 4.00 -4.67
N ASP D 656 62.09 3.43 -3.85
CA ASP D 656 60.84 4.11 -3.59
C ASP D 656 60.86 4.99 -2.35
N GLY D 657 61.99 5.07 -1.66
CA GLY D 657 62.08 5.94 -0.51
C GLY D 657 61.29 5.42 0.66
N THR D 658 61.76 4.35 1.28
CA THR D 658 61.10 3.78 2.44
C THR D 658 62.13 3.55 3.54
N PHE D 659 62.90 4.60 3.80
CA PHE D 659 64.08 4.55 4.66
C PHE D 659 63.71 4.28 6.11
N TYR D 660 64.55 3.52 6.80
CA TYR D 660 64.33 3.21 8.19
C TYR D 660 65.58 3.24 9.05
N LEU D 661 66.74 3.58 8.48
CA LEU D 661 67.98 3.67 9.23
C LEU D 661 68.49 5.11 9.30
N SER D 662 67.57 6.05 9.41
CA SER D 662 67.97 7.43 9.61
C SER D 662 68.38 7.71 11.05
N HIS D 663 67.95 6.86 11.97
CA HIS D 663 68.11 7.11 13.40
C HIS D 663 69.45 6.64 13.95
N THR D 664 70.34 6.12 13.11
CA THR D 664 71.56 5.48 13.59
C THR D 664 72.81 6.22 13.12
N PHE D 665 72.76 7.54 13.12
CA PHE D 665 73.92 8.38 12.91
C PHE D 665 74.31 9.07 14.22
N GLN D 666 75.57 9.51 14.31
CA GLN D 666 76.00 10.34 15.43
C GLN D 666 76.57 11.68 15.01
N ARG D 667 77.37 11.72 13.94
CA ARG D 667 78.24 12.85 13.68
C ARG D 667 78.33 13.11 12.19
N CYS D 668 78.39 14.38 11.83
CA CYS D 668 78.60 14.81 10.44
C CYS D 668 79.62 15.95 10.48
N SER D 669 80.88 15.63 10.24
CA SER D 669 81.97 16.60 10.33
C SER D 669 82.36 17.02 8.92
N ILE D 670 81.69 18.06 8.42
CA ILE D 670 81.95 18.57 7.08
C ILE D 670 83.18 19.45 7.14
N GLN D 671 84.24 19.02 6.46
CA GLN D 671 85.55 19.64 6.51
C GLN D 671 85.88 20.13 5.11
N TRP D 672 86.00 21.45 4.95
CA TRP D 672 85.79 22.03 3.63
C TRP D 672 87.03 22.05 2.73
N ASP D 673 88.22 22.27 3.27
CA ASP D 673 89.45 22.21 2.49
C ASP D 673 90.50 21.33 3.14
N SER D 674 90.07 20.40 4.00
CA SER D 674 90.83 19.68 5.02
C SER D 674 91.44 20.61 6.08
N SER D 675 91.07 21.88 6.09
CA SER D 675 91.47 22.86 7.09
C SER D 675 90.29 23.67 7.60
N VAL D 676 89.36 24.04 6.73
CA VAL D 676 88.25 24.93 7.07
C VAL D 676 87.06 24.07 7.48
N PRO D 677 86.50 24.25 8.67
CA PRO D 677 85.25 23.56 8.99
C PRO D 677 84.03 24.36 8.54
N TRP D 678 83.07 23.67 7.98
CA TRP D 678 81.82 24.29 7.59
C TRP D 678 80.73 23.92 8.60
N PRO D 679 79.90 24.87 9.05
CA PRO D 679 79.83 26.29 8.72
C PRO D 679 80.89 27.12 9.42
N GLY D 680 81.55 26.53 10.41
CA GLY D 680 82.51 27.28 11.20
C GLY D 680 81.81 28.38 11.99
N ASN D 681 82.56 29.45 12.26
CA ASN D 681 82.05 30.74 12.72
C ASN D 681 81.29 30.67 14.05
N ASP D 682 81.47 29.59 14.81
CA ASP D 682 80.71 29.30 16.03
C ASP D 682 79.20 29.40 15.80
N ARG D 683 78.70 28.51 14.94
CA ARG D 683 77.27 28.49 14.65
C ARG D 683 76.50 27.49 15.49
N MET D 684 76.97 26.25 15.55
CA MET D 684 76.38 25.25 16.42
C MET D 684 76.88 25.43 17.86
N LEU D 685 76.25 24.73 18.80
CA LEU D 685 76.78 24.70 20.16
C LEU D 685 78.05 23.87 20.22
N THR D 686 78.11 22.79 19.45
CA THR D 686 79.36 22.11 19.14
C THR D 686 79.78 22.57 17.75
N PRO D 687 80.60 23.61 17.64
CA PRO D 687 80.68 24.38 16.40
C PRO D 687 81.49 23.73 15.29
N ASN D 688 82.22 22.67 15.55
CA ASN D 688 83.11 22.08 14.56
C ASN D 688 82.53 20.87 13.86
N TRP D 689 81.34 20.43 14.25
CA TRP D 689 80.68 19.30 13.60
C TRP D 689 79.18 19.41 13.78
N PHE D 690 78.46 18.51 13.11
CA PHE D 690 77.02 18.38 13.27
C PHE D 690 76.77 17.12 14.09
N GLU D 691 76.66 17.26 15.40
CA GLU D 691 76.40 16.09 16.21
C GLU D 691 74.90 15.79 16.19
N ILE D 692 74.56 14.55 15.85
CA ILE D 692 73.17 14.20 15.61
C ILE D 692 72.49 13.66 16.86
N LYS D 693 73.17 12.80 17.62
CA LYS D 693 72.57 12.33 18.86
C LYS D 693 73.65 12.01 19.89
N ARG D 694 73.32 12.25 21.16
CA ARG D 694 74.06 12.03 22.40
C ARG D 694 73.54 10.79 23.11
N PRO D 695 74.40 9.98 23.71
CA PRO D 695 73.92 9.12 24.79
C PRO D 695 73.51 9.98 25.97
N ILE D 696 72.51 9.51 26.72
CA ILE D 696 71.92 10.35 27.75
C ILE D 696 72.82 10.49 28.98
N ASN D 697 73.68 9.52 29.27
CA ASN D 697 74.58 9.64 30.40
C ASN D 697 75.72 10.63 30.14
N GLN D 698 76.12 10.79 28.87
CA GLN D 698 77.20 11.70 28.55
C GLN D 698 76.75 13.15 28.57
N ASP D 699 75.50 13.40 28.15
CA ASP D 699 74.99 14.77 28.03
C ASP D 699 74.56 15.31 29.40
N ALA D 700 75.56 15.63 30.21
CA ALA D 700 75.29 16.33 31.46
C ALA D 700 75.46 17.83 31.30
N GLU D 701 74.92 18.38 30.21
CA GLU D 701 74.74 19.82 30.07
C GLU D 701 73.44 20.22 29.40
N GLY D 702 72.72 19.29 28.78
CA GLY D 702 71.38 19.58 28.31
C GLY D 702 71.23 19.85 26.83
N ASN D 703 71.95 19.12 25.99
CA ASN D 703 71.79 19.22 24.54
C ASN D 703 70.95 18.07 24.00
N ASP D 704 69.70 18.01 24.42
CA ASP D 704 68.79 16.94 24.02
C ASP D 704 67.41 17.54 23.78
N THR D 705 66.92 17.45 22.56
CA THR D 705 65.58 17.92 22.23
C THR D 705 64.56 16.79 22.36
N MET D 706 63.29 17.19 22.38
CA MET D 706 62.13 16.33 22.11
C MET D 706 61.97 15.19 23.12
N GLN D 707 62.65 15.29 24.26
CA GLN D 707 62.84 14.22 25.24
C GLN D 707 63.36 12.95 24.56
N SER D 708 64.49 13.09 23.88
CA SER D 708 65.11 11.99 23.15
C SER D 708 66.62 12.23 23.10
N ASN D 709 67.30 11.53 22.20
CA ASN D 709 68.74 11.73 22.01
C ASN D 709 69.07 12.88 21.08
N LEU D 710 68.10 13.40 20.33
CA LEU D 710 68.37 14.36 19.28
C LEU D 710 68.79 15.70 19.88
N THR D 711 69.86 16.29 19.33
CA THR D 711 70.55 17.40 19.97
C THR D 711 69.90 18.73 19.64
N LYS D 712 70.30 19.75 20.41
CA LYS D 712 69.81 21.10 20.20
C LYS D 712 70.37 21.71 18.92
N ASP D 713 71.58 21.30 18.53
CA ASP D 713 72.17 21.77 17.29
C ASP D 713 71.42 21.22 16.09
N PHE D 714 71.04 19.96 16.15
CA PHE D 714 70.63 19.26 14.95
C PHE D 714 69.11 19.15 14.80
N PHE D 715 68.35 19.38 15.86
CA PHE D 715 66.92 19.53 15.68
C PHE D 715 66.57 20.88 15.09
N MET D 716 67.40 21.89 15.33
CA MET D 716 67.13 23.22 14.79
C MET D 716 67.34 23.26 13.28
N VAL D 717 68.38 22.57 12.79
CA VAL D 717 68.69 22.61 11.37
C VAL D 717 67.67 21.80 10.57
N GLN D 718 67.08 20.77 11.17
CA GLN D 718 66.07 20.00 10.46
C GLN D 718 64.74 20.74 10.38
N MET D 719 64.40 21.51 11.40
CA MET D 719 63.17 22.29 11.35
C MET D 719 63.33 23.58 10.56
N ALA D 720 64.55 24.10 10.46
CA ALA D 720 64.78 25.30 9.65
C ALA D 720 64.86 24.96 8.17
N ALA D 721 65.39 23.80 7.83
CA ALA D 721 65.46 23.41 6.42
C ALA D 721 64.10 23.04 5.89
N SER D 722 63.33 22.29 6.67
CA SER D 722 62.06 21.77 6.17
C SER D 722 60.93 22.79 6.29
N TYR D 723 60.87 23.52 7.41
CA TYR D 723 59.69 24.32 7.70
C TYR D 723 59.98 25.78 8.00
N ASN D 724 61.23 26.23 7.83
CA ASN D 724 61.67 27.62 8.04
C ASN D 724 61.35 28.10 9.46
N GLN D 725 61.56 27.22 10.43
CA GLN D 725 61.38 27.57 11.82
C GLN D 725 62.75 27.75 12.47
N GLY D 726 62.75 28.07 13.76
CA GLY D 726 63.94 28.59 14.38
C GLY D 726 63.88 30.09 14.35
N TYR D 727 64.36 30.73 15.43
CA TYR D 727 64.40 32.17 15.73
C TYR D 727 63.02 32.75 16.05
N GLN D 728 61.97 31.98 15.81
CA GLN D 728 60.62 32.22 16.27
C GLN D 728 60.11 30.82 16.58
N GLY D 729 59.55 30.64 17.77
CA GLY D 729 59.35 29.36 18.42
C GLY D 729 58.77 28.21 17.62
N PHE D 730 59.21 26.99 17.93
CA PHE D 730 58.80 25.83 17.17
C PHE D 730 57.36 25.46 17.50
N ASN D 731 56.55 25.27 16.48
CA ASN D 731 55.19 24.79 16.62
C ASN D 731 54.97 23.66 15.63
N TRP D 732 53.79 23.07 15.67
CA TRP D 732 53.43 22.12 14.65
C TRP D 732 53.19 22.90 13.36
N PRO D 733 53.89 22.59 12.28
CA PRO D 733 53.79 23.40 11.06
C PRO D 733 52.46 23.20 10.36
N ASN D 734 52.26 24.04 9.34
CA ASN D 734 50.97 24.08 8.65
C ASN D 734 50.78 22.86 7.75
N CYS D 735 51.64 22.72 6.75
CA CYS D 735 51.49 21.71 5.71
C CYS D 735 52.67 20.76 5.77
N THR D 736 52.44 19.57 6.31
CA THR D 736 53.45 18.53 6.40
C THR D 736 53.28 17.54 5.25
N LYS D 737 54.40 17.09 4.72
CA LYS D 737 54.37 16.15 3.60
C LYS D 737 54.56 14.71 4.12
N HIS D 738 54.55 13.77 3.19
CA HIS D 738 54.67 12.36 3.56
C HIS D 738 56.08 12.00 3.97
N TYR D 739 57.08 12.66 3.40
CA TYR D 739 58.47 12.42 3.72
C TYR D 739 59.06 13.51 4.58
N GLY D 740 58.24 14.18 5.36
CA GLY D 740 58.69 15.26 6.21
C GLY D 740 59.38 14.74 7.45
N PHE D 741 59.77 15.68 8.31
CA PHE D 741 60.49 15.34 9.53
C PHE D 741 59.58 15.19 10.74
N ILE D 742 58.68 16.15 10.96
CA ILE D 742 58.02 16.22 12.26
C ILE D 742 56.86 15.23 12.37
N ASN D 743 56.26 14.79 11.27
CA ASN D 743 55.25 13.75 11.36
C ASN D 743 55.84 12.35 11.46
N ASN D 744 57.12 12.20 11.14
CA ASN D 744 57.79 10.90 11.17
C ASN D 744 58.67 10.73 12.39
N PHE D 745 59.15 11.82 12.98
CA PHE D 745 59.98 11.74 14.18
C PHE D 745 59.11 11.35 15.36
N GLU D 746 59.44 10.21 15.99
CA GLU D 746 58.67 9.69 17.12
C GLU D 746 59.61 9.34 18.26
N PRO D 747 59.76 10.21 19.26
CA PRO D 747 60.63 9.90 20.39
C PRO D 747 59.94 9.00 21.39
N MET D 748 60.76 8.39 22.24
CA MET D 748 60.28 7.36 23.16
C MET D 748 61.30 7.17 24.26
N SER D 749 60.84 6.56 25.36
CA SER D 749 61.67 6.35 26.53
C SER D 749 61.17 5.15 27.33
N ARG D 750 62.11 4.47 27.98
CA ARG D 750 61.80 3.39 28.90
C ARG D 750 62.74 3.49 30.07
N GLN D 751 62.53 2.65 31.08
CA GLN D 751 63.40 2.57 32.24
C GLN D 751 63.71 1.12 32.53
N VAL D 752 64.95 0.84 32.89
CA VAL D 752 65.44 -0.51 33.09
C VAL D 752 66.17 -0.52 34.43
N PRO D 753 66.07 -1.58 35.23
CA PRO D 753 66.79 -1.60 36.51
C PRO D 753 68.29 -1.73 36.33
N GLU D 754 68.99 -1.69 37.47
CA GLU D 754 70.44 -1.53 37.46
C GLU D 754 71.14 -2.82 37.06
N TYR D 755 70.61 -3.96 37.49
CA TYR D 755 71.16 -5.31 37.28
C TYR D 755 72.59 -5.42 37.82
N GLY D 756 72.69 -5.29 39.12
CA GLY D 756 73.95 -5.45 39.83
C GLY D 756 74.12 -6.87 40.33
N ALA D 757 74.70 -7.00 41.52
CA ALA D 757 74.85 -8.31 42.14
C ALA D 757 73.57 -8.78 42.82
N ASN D 758 72.72 -7.85 43.27
CA ASN D 758 71.44 -8.23 43.84
C ASN D 758 70.44 -8.65 42.78
N TYR D 759 70.52 -8.08 41.58
CA TYR D 759 69.56 -8.40 40.54
C TYR D 759 70.29 -9.05 39.37
N PRO D 760 70.13 -10.37 39.17
CA PRO D 760 71.08 -11.12 38.34
C PRO D 760 70.78 -11.20 36.85
N ASN D 761 69.82 -10.44 36.32
CA ASN D 761 69.54 -10.32 34.89
C ASN D 761 69.18 -11.68 34.27
N LEU D 762 68.00 -12.17 34.66
CA LEU D 762 67.50 -13.47 34.23
C LEU D 762 67.30 -13.58 32.73
N MET D 763 67.10 -12.47 32.03
CA MET D 763 66.94 -12.52 30.59
C MET D 763 68.26 -12.82 29.88
N ALA D 764 69.35 -12.17 30.32
CA ALA D 764 70.65 -12.43 29.71
C ALA D 764 71.17 -13.82 30.04
N ALA D 765 70.75 -14.41 31.16
CA ALA D 765 71.04 -15.81 31.42
C ALA D 765 70.17 -16.74 30.58
N TYR D 766 69.07 -16.24 30.05
CA TYR D 766 68.18 -17.06 29.23
C TYR D 766 68.64 -17.10 27.78
N LEU D 767 69.14 -15.98 27.25
CA LEU D 767 69.64 -15.95 25.88
C LEU D 767 70.92 -16.76 25.72
N ALA D 768 71.72 -16.86 26.77
CA ALA D 768 72.95 -17.65 26.67
C ALA D 768 72.67 -19.14 26.74
N ASN D 769 71.66 -19.56 27.50
CA ASN D 769 71.32 -20.97 27.65
C ASN D 769 69.82 -21.09 27.86
N PRO D 770 69.04 -21.16 26.79
CA PRO D 770 67.58 -21.30 26.95
C PRO D 770 67.14 -22.70 27.30
N GLN D 771 68.05 -23.67 27.30
CA GLN D 771 67.67 -25.06 27.60
C GLN D 771 67.29 -25.23 29.05
N THR D 772 67.97 -24.50 29.95
CA THR D 772 67.63 -24.49 31.37
C THR D 772 67.03 -23.12 31.68
N MET D 773 65.77 -23.11 32.08
CA MET D 773 65.05 -21.86 32.19
C MET D 773 65.41 -21.16 33.50
N PRO D 774 65.72 -19.88 33.47
CA PRO D 774 65.77 -19.13 34.73
C PRO D 774 64.47 -18.38 34.98
N ILE D 775 63.62 -18.31 33.97
CA ILE D 775 62.57 -17.32 33.88
C ILE D 775 61.22 -17.98 34.09
N TRP D 776 60.49 -17.52 35.09
CA TRP D 776 59.24 -18.15 35.52
C TRP D 776 58.14 -17.11 35.45
N ASN D 777 57.36 -17.15 34.38
CA ASN D 777 56.17 -16.33 34.27
C ASN D 777 55.07 -17.21 33.68
N ASN D 778 53.87 -17.06 34.26
CA ASN D 778 52.62 -17.81 34.08
C ASN D 778 52.82 -19.28 33.74
N CYS D 779 53.66 -19.95 34.53
CA CYS D 779 53.87 -21.37 34.39
C CYS D 779 52.61 -22.14 34.81
N GLY D 780 52.40 -23.29 34.19
CA GLY D 780 51.20 -24.05 34.37
C GLY D 780 50.08 -23.64 33.44
N PHE D 781 50.28 -22.63 32.62
CA PHE D 781 49.27 -22.15 31.70
C PHE D 781 49.81 -21.97 30.29
N GLN D 782 51.05 -22.37 30.05
CA GLN D 782 51.63 -22.36 28.72
C GLN D 782 52.72 -23.43 28.66
N GLN D 783 53.36 -23.53 27.50
CA GLN D 783 54.44 -24.49 27.31
C GLN D 783 55.70 -24.01 28.04
N LYS D 784 56.56 -24.98 28.37
CA LYS D 784 57.97 -24.78 28.68
C LYS D 784 58.61 -23.75 27.75
N THR D 785 59.39 -22.85 28.33
CA THR D 785 60.07 -21.84 27.51
C THR D 785 61.47 -22.31 27.07
N ALA D 786 61.50 -23.52 26.52
CA ALA D 786 62.61 -23.96 25.68
C ALA D 786 62.12 -24.65 24.44
N THR D 787 60.81 -24.80 24.26
CA THR D 787 60.23 -25.38 23.07
C THR D 787 59.27 -24.33 22.52
N ASN D 788 58.45 -24.71 21.54
CA ASN D 788 57.58 -23.77 20.87
C ASN D 788 56.43 -23.36 21.78
N VAL D 789 56.13 -22.05 21.79
CA VAL D 789 55.04 -21.52 22.57
C VAL D 789 53.67 -21.92 22.02
N LEU D 790 53.64 -22.45 20.79
CA LEU D 790 52.41 -22.95 20.18
C LEU D 790 51.90 -24.23 20.81
N LEU D 791 52.67 -24.87 21.69
CA LEU D 791 52.29 -26.16 22.24
C LEU D 791 51.36 -25.98 23.44
N GLU D 792 51.16 -27.07 24.18
CA GLU D 792 50.12 -27.16 25.20
C GLU D 792 50.68 -26.70 26.55
N ARG D 793 49.78 -26.50 27.53
CA ARG D 793 50.20 -26.17 28.89
C ARG D 793 50.99 -27.33 29.50
N CYS D 794 51.95 -27.01 30.36
CA CYS D 794 52.90 -28.03 30.81
C CYS D 794 52.97 -28.19 32.32
N GLY D 795 53.14 -27.11 33.08
CA GLY D 795 53.55 -27.22 34.47
C GLY D 795 52.40 -27.10 35.46
N HIS D 796 52.76 -26.61 36.66
CA HIS D 796 51.85 -26.34 37.77
C HIS D 796 51.87 -24.86 38.11
N PRO D 797 50.79 -24.29 38.68
CA PRO D 797 50.82 -22.87 39.04
C PRO D 797 51.74 -22.60 40.23
N TYR D 798 52.37 -21.43 40.18
CA TYR D 798 53.45 -21.07 41.09
C TYR D 798 53.70 -19.57 40.90
N VAL D 799 54.46 -18.99 41.84
CA VAL D 799 54.75 -17.56 41.79
C VAL D 799 55.67 -17.23 40.61
N ALA D 800 55.67 -15.96 40.24
CA ALA D 800 56.53 -15.45 39.19
C ALA D 800 57.68 -14.66 39.78
N ASN D 801 58.82 -14.72 39.11
CA ASN D 801 60.03 -14.04 39.56
C ASN D 801 60.54 -12.98 38.60
N TRP D 802 59.80 -12.66 37.54
CA TRP D 802 60.34 -11.84 36.49
C TRP D 802 59.17 -11.23 35.72
N PRO D 803 59.26 -9.96 35.31
CA PRO D 803 60.33 -8.96 35.43
C PRO D 803 60.39 -8.28 36.78
N TYR D 804 61.18 -7.22 36.90
CA TYR D 804 61.10 -6.60 38.21
C TYR D 804 60.02 -5.53 38.22
N PRO D 805 59.31 -5.38 39.35
CA PRO D 805 58.32 -4.30 39.44
C PRO D 805 59.01 -2.94 39.45
N LEU D 806 58.76 -2.16 38.42
CA LEU D 806 59.30 -0.81 38.31
C LEU D 806 58.36 0.23 38.87
N SER D 807 57.12 -0.16 39.16
CA SER D 807 56.14 0.77 39.70
C SER D 807 55.30 0.05 40.75
N GLY D 808 54.71 0.83 41.64
CA GLY D 808 53.92 0.28 42.74
C GLY D 808 54.64 0.45 44.06
N ARG D 809 54.08 -0.17 45.08
CA ARG D 809 54.67 -0.10 46.42
C ARG D 809 55.93 -0.96 46.54
N ASN D 810 56.06 -2.00 45.71
CA ASN D 810 57.23 -2.85 45.69
C ASN D 810 58.20 -2.48 44.58
N ALA D 811 58.21 -1.21 44.17
CA ALA D 811 59.03 -0.80 43.05
C ALA D 811 60.51 -0.78 43.44
N VAL D 812 61.33 -1.32 42.54
CA VAL D 812 62.76 -1.46 42.80
C VAL D 812 63.43 -0.10 42.67
N PRO D 813 64.31 0.27 43.58
CA PRO D 813 65.11 1.50 43.41
C PRO D 813 66.27 1.23 42.45
N ASN D 814 67.08 2.28 42.26
CA ASN D 814 68.23 2.29 41.34
C ASN D 814 67.79 1.94 39.91
N GLN D 815 66.96 2.80 39.35
CA GLN D 815 66.46 2.66 38.00
C GLN D 815 67.17 3.67 37.10
N VAL D 816 67.59 3.22 35.93
CA VAL D 816 68.25 4.08 34.95
C VAL D 816 67.34 4.24 33.75
N THR D 817 67.22 5.46 33.25
CA THR D 817 66.38 5.75 32.11
C THR D 817 67.17 5.59 30.83
N GLU D 818 66.46 5.27 29.75
CA GLU D 818 67.08 5.17 28.44
C GLU D 818 66.19 5.86 27.43
N ARG D 819 66.79 6.68 26.56
CA ARG D 819 66.06 7.43 25.55
C ARG D 819 66.65 7.16 24.18
N LYS D 820 65.77 6.98 23.20
CA LYS D 820 66.16 6.95 21.79
C LYS D 820 64.94 7.31 20.96
N PHE D 821 65.15 7.39 19.64
CA PHE D 821 64.10 7.79 18.71
C PHE D 821 64.16 6.91 17.48
N LEU D 822 63.07 6.93 16.71
CA LEU D 822 63.02 6.25 15.43
C LEU D 822 62.45 7.18 14.38
N VAL D 823 63.14 7.31 13.26
CA VAL D 823 62.74 8.15 12.15
C VAL D 823 62.59 7.28 10.93
N ASP D 824 61.45 7.38 10.25
CA ASP D 824 61.17 6.58 9.07
C ASP D 824 60.84 7.49 7.90
N ARG D 825 61.19 7.02 6.71
CA ARG D 825 60.89 7.68 5.43
C ARG D 825 61.46 9.10 5.36
N TYR D 826 62.60 9.34 5.98
CA TYR D 826 63.15 10.70 6.04
C TYR D 826 64.65 10.65 5.84
N LEU D 827 65.11 11.08 4.68
CA LEU D 827 66.49 11.47 4.52
C LEU D 827 66.77 12.67 5.42
N TRP D 828 67.92 12.66 6.10
CA TRP D 828 68.32 13.85 6.81
C TRP D 828 68.69 14.94 5.81
N GLN D 829 68.75 16.18 6.28
CA GLN D 829 69.15 17.24 5.36
C GLN D 829 69.90 18.33 6.11
N ILE D 830 70.98 18.79 5.49
CA ILE D 830 71.76 19.93 5.94
C ILE D 830 71.83 20.89 4.77
N PRO D 831 71.05 21.97 4.76
CA PRO D 831 71.02 22.85 3.60
C PRO D 831 72.26 23.72 3.54
N PHE D 832 72.68 24.02 2.30
CA PHE D 832 73.86 24.83 2.08
C PHE D 832 73.44 26.30 2.04
N SER D 833 73.03 26.78 3.19
CA SER D 833 72.56 28.15 3.35
C SER D 833 73.28 28.79 4.52
N SER D 834 73.08 30.09 4.68
CA SER D 834 73.81 30.84 5.70
C SER D 834 73.21 30.64 7.08
N ASN D 835 71.88 30.77 7.18
CA ASN D 835 71.15 30.61 8.42
C ASN D 835 70.27 29.35 8.41
N PHE D 836 70.54 28.45 7.47
CA PHE D 836 69.85 27.16 7.30
C PHE D 836 68.36 27.30 7.03
N LEU D 837 67.91 28.45 6.56
CA LEU D 837 66.51 28.61 6.19
C LEU D 837 66.34 28.27 4.72
N ASN D 838 65.16 28.56 4.18
CA ASN D 838 64.89 28.44 2.75
C ASN D 838 64.48 29.84 2.27
N MET D 839 65.47 30.65 1.96
CA MET D 839 65.23 31.95 1.37
C MET D 839 65.25 31.89 -0.15
N GLY D 840 65.46 30.71 -0.72
CA GLY D 840 65.51 30.56 -2.16
C GLY D 840 65.93 29.17 -2.58
N THR D 841 65.52 28.75 -3.78
CA THR D 841 66.01 27.49 -4.34
C THR D 841 67.48 27.61 -4.70
N LEU D 842 67.82 28.57 -5.55
CA LEU D 842 69.20 29.01 -5.68
C LEU D 842 69.56 29.76 -4.42
N THR D 843 70.26 29.09 -3.52
CA THR D 843 70.50 29.61 -2.17
C THR D 843 71.52 30.76 -2.20
N ASP D 844 71.73 31.36 -1.04
CA ASP D 844 72.59 32.55 -0.99
C ASP D 844 74.06 32.18 -1.02
N LEU D 845 74.46 31.09 -0.36
CA LEU D 845 75.84 30.65 -0.47
C LEU D 845 76.13 29.96 -1.78
N GLY D 846 75.09 29.48 -2.48
CA GLY D 846 75.31 28.88 -3.79
C GLY D 846 75.66 29.91 -4.85
N GLN D 847 75.14 31.12 -4.71
CA GLN D 847 75.51 32.24 -5.59
C GLN D 847 76.48 33.19 -4.91
N ASN D 848 77.15 32.74 -3.86
CA ASN D 848 78.20 33.54 -3.24
C ASN D 848 79.41 33.59 -4.16
N VAL D 849 80.16 34.70 -4.06
CA VAL D 849 81.39 34.85 -4.84
C VAL D 849 82.55 34.08 -4.22
N MET D 850 82.38 33.56 -3.00
CA MET D 850 83.40 32.76 -2.38
C MET D 850 83.39 31.32 -2.89
N TYR D 851 82.20 30.73 -3.01
CA TYR D 851 82.09 29.32 -3.37
C TYR D 851 81.96 29.13 -4.88
N ALA D 852 81.23 30.02 -5.55
CA ALA D 852 81.45 30.17 -6.98
C ALA D 852 82.73 30.98 -7.21
N ASN D 853 83.17 31.03 -8.46
CA ASN D 853 84.41 31.66 -8.93
C ASN D 853 85.66 31.06 -8.27
N SER D 854 85.58 29.86 -7.72
CA SER D 854 86.69 29.20 -7.06
C SER D 854 86.47 27.70 -7.09
N SER D 855 87.43 26.96 -6.56
CA SER D 855 87.37 25.51 -6.59
C SER D 855 87.91 24.95 -5.28
N HIS D 856 87.07 24.25 -4.55
CA HIS D 856 87.41 23.65 -3.27
C HIS D 856 87.24 22.14 -3.36
N SER D 857 87.46 21.45 -2.25
CA SER D 857 87.40 19.99 -2.23
C SER D 857 87.08 19.57 -0.80
N LEU D 858 85.83 19.19 -0.55
CA LEU D 858 85.44 18.99 0.84
C LEU D 858 85.61 17.53 1.25
N ASN D 859 85.66 17.34 2.57
CA ASN D 859 85.78 16.02 3.18
C ASN D 859 84.73 15.90 4.26
N MET D 860 83.99 14.79 4.24
CA MET D 860 82.93 14.56 5.20
C MET D 860 83.21 13.27 5.94
N GLN D 861 83.18 13.34 7.28
CA GLN D 861 83.44 12.18 8.13
C GLN D 861 82.19 11.90 8.94
N PHE D 862 81.68 10.68 8.85
CA PHE D 862 80.48 10.30 9.59
C PHE D 862 80.83 9.34 10.70
N THR D 863 79.91 9.20 11.64
CA THR D 863 80.05 8.26 12.75
C THR D 863 78.72 7.55 12.90
N VAL D 864 78.73 6.22 12.73
CA VAL D 864 77.52 5.43 12.75
C VAL D 864 77.62 4.36 13.83
N ASP D 865 76.47 3.83 14.21
CA ASP D 865 76.45 2.71 15.13
C ASP D 865 76.95 1.45 14.44
N PRO D 866 77.71 0.62 15.12
CA PRO D 866 78.24 -0.58 14.47
C PRO D 866 77.18 -1.65 14.23
N MET D 867 76.77 -1.79 12.98
CA MET D 867 75.87 -2.85 12.58
C MET D 867 76.66 -4.08 12.15
N THR D 868 75.98 -5.22 12.18
CA THR D 868 76.60 -6.50 11.85
C THR D 868 76.40 -6.90 10.39
N GLU D 869 75.82 -6.02 9.58
CA GLU D 869 75.69 -6.26 8.14
C GLU D 869 76.46 -5.22 7.36
N PRO D 870 76.98 -5.57 6.18
CA PRO D 870 77.56 -4.55 5.30
C PRO D 870 76.46 -3.63 4.78
N THR D 871 76.67 -2.33 4.93
CA THR D 871 75.68 -1.33 4.59
C THR D 871 76.28 -0.26 3.70
N TYR D 872 75.43 0.37 2.90
CA TYR D 872 75.87 1.51 2.10
C TYR D 872 75.69 2.81 2.87
N LEU D 873 75.93 3.90 2.16
CA LEU D 873 75.68 5.25 2.62
C LEU D 873 75.13 6.06 1.45
N MET D 874 73.84 6.37 1.48
CA MET D 874 73.22 7.07 0.37
C MET D 874 73.37 8.57 0.60
N LEU D 875 74.38 9.16 0.00
CA LEU D 875 74.63 10.59 0.14
C LEU D 875 74.15 11.30 -1.12
N LEU D 876 73.35 12.35 -0.93
CA LEU D 876 72.80 13.14 -2.02
C LEU D 876 73.41 14.54 -2.00
N PHE D 877 73.81 15.02 -3.17
CA PHE D 877 74.30 16.37 -3.34
C PHE D 877 73.27 17.16 -4.13
N GLY D 878 72.66 18.16 -3.49
CA GLY D 878 71.63 18.95 -4.13
C GLY D 878 72.11 19.77 -5.33
N VAL D 879 71.63 19.41 -6.52
CA VAL D 879 72.03 20.08 -7.74
C VAL D 879 70.80 20.63 -8.43
N PHE D 880 70.99 21.29 -9.57
CA PHE D 880 69.89 21.83 -10.38
C PHE D 880 69.93 21.12 -11.72
N ASP D 881 69.25 19.97 -11.81
CA ASP D 881 69.22 19.21 -13.05
C ASP D 881 68.26 19.89 -14.01
N GLN D 882 68.77 20.33 -15.15
CA GLN D 882 68.02 21.19 -16.05
C GLN D 882 68.07 20.66 -17.48
N VAL D 883 66.98 20.87 -18.20
CA VAL D 883 66.79 20.47 -19.59
C VAL D 883 66.17 21.65 -20.32
N VAL D 884 66.59 21.92 -21.56
CA VAL D 884 65.79 22.69 -22.49
C VAL D 884 65.58 21.84 -23.74
N ILE D 885 64.43 22.00 -24.38
CA ILE D 885 64.05 21.17 -25.51
C ILE D 885 63.60 22.06 -26.65
N ASN D 886 64.29 21.97 -27.78
CA ASN D 886 64.07 22.83 -28.92
C ASN D 886 63.43 22.03 -30.05
N GLN D 887 62.39 22.59 -30.65
CA GLN D 887 61.71 21.97 -31.79
C GLN D 887 61.56 23.02 -32.89
N PRO D 888 62.58 23.20 -33.73
CA PRO D 888 62.54 24.29 -34.71
C PRO D 888 61.93 23.92 -36.06
N THR D 889 61.84 22.62 -36.35
CA THR D 889 61.50 22.14 -37.68
C THR D 889 60.58 20.93 -37.48
N ARG D 890 59.85 20.55 -38.54
CA ARG D 890 59.13 19.28 -38.56
C ARG D 890 60.05 18.11 -38.26
N SER D 891 59.62 17.26 -37.32
CA SER D 891 60.35 16.08 -36.86
C SER D 891 61.74 16.45 -36.36
N GLY D 892 61.86 17.62 -35.76
CA GLY D 892 63.16 18.13 -35.34
C GLY D 892 63.21 18.33 -33.85
N ILE D 893 64.21 17.72 -33.22
CA ILE D 893 64.37 17.79 -31.77
C ILE D 893 65.85 17.94 -31.44
N SER D 894 66.10 18.71 -30.39
CA SER D 894 67.45 18.90 -29.89
C SER D 894 67.34 19.33 -28.45
N VAL D 895 68.12 18.72 -27.57
CA VAL D 895 68.03 19.01 -26.15
C VAL D 895 69.34 19.58 -25.65
N ALA D 896 69.37 19.95 -24.38
CA ALA D 896 70.60 20.40 -23.74
C ALA D 896 70.48 20.08 -22.26
N TYR D 897 71.28 19.15 -21.77
CA TYR D 897 71.23 18.77 -20.37
C TYR D 897 72.39 19.42 -19.65
N LEU D 898 72.12 19.97 -18.47
CA LEU D 898 73.14 20.70 -17.72
C LEU D 898 72.72 20.75 -16.27
N ARG D 899 73.51 20.14 -15.39
CA ARG D 899 73.31 20.24 -13.96
C ARG D 899 74.51 20.91 -13.31
N LEU D 900 74.26 21.65 -12.24
CA LEU D 900 75.32 22.38 -11.56
C LEU D 900 75.29 22.03 -10.07
N PRO D 901 76.44 21.81 -9.44
CA PRO D 901 77.80 21.96 -9.96
C PRO D 901 78.45 20.67 -10.48
N PHE D 902 77.72 19.56 -10.49
CA PHE D 902 78.29 18.27 -10.88
C PHE D 902 78.04 17.98 -12.35
N ALA D 903 78.45 18.89 -13.22
CA ALA D 903 78.33 18.67 -14.66
C ALA D 903 79.40 17.69 -15.11
N SER D 904 78.96 16.50 -15.55
CA SER D 904 79.81 15.39 -15.97
C SER D 904 80.81 15.01 -14.88
N GLY D 905 80.35 14.98 -13.65
CA GLY D 905 81.20 14.72 -12.52
C GLY D 905 80.75 13.50 -11.75
N SER D 906 81.71 12.87 -11.09
CA SER D 906 81.47 11.72 -10.23
C SER D 906 82.00 12.01 -8.84
N ALA D 907 81.96 10.99 -7.99
CA ALA D 907 82.43 11.13 -6.62
C ALA D 907 83.96 11.21 -6.57
N GLU E 2 2.38 9.46 -108.84
CA GLU E 2 2.37 8.40 -107.82
C GLU E 2 1.69 8.72 -106.46
N PRO E 3 0.59 9.49 -106.44
CA PRO E 3 0.19 10.16 -105.19
C PRO E 3 -0.45 9.24 -104.16
N GLN E 4 -0.64 7.97 -104.51
CA GLN E 4 -1.36 7.01 -103.70
C GLN E 4 -0.44 6.13 -102.88
N ARG E 5 0.81 5.97 -103.30
CA ARG E 5 1.86 5.34 -102.51
C ARG E 5 2.51 6.29 -101.52
N GLU E 6 1.98 7.50 -101.36
CA GLU E 6 2.55 8.46 -100.42
C GLU E 6 1.59 8.90 -99.34
N PHE E 7 0.28 8.79 -99.57
CA PHE E 7 -0.67 8.94 -98.48
C PHE E 7 -0.51 7.80 -97.48
N PHE E 8 -0.42 6.58 -97.98
CA PHE E 8 0.06 5.44 -97.22
C PHE E 8 1.56 5.30 -97.49
N HIS E 9 2.36 5.42 -96.44
CA HIS E 9 3.78 5.72 -96.61
C HIS E 9 4.55 4.49 -97.10
N ILE E 10 4.36 4.21 -98.38
CA ILE E 10 5.13 3.17 -99.08
C ILE E 10 6.43 3.76 -99.58
N ALA E 11 6.35 4.93 -100.21
CA ALA E 11 7.50 5.66 -100.71
C ALA E 11 7.40 7.11 -100.27
N GLY E 12 8.40 7.91 -100.64
CA GLY E 12 8.34 9.32 -100.32
C GLY E 12 9.14 9.69 -99.08
N ARG E 13 8.57 10.58 -98.28
CA ARG E 13 9.30 11.19 -97.18
C ARG E 13 9.35 10.27 -95.98
N SER E 14 10.43 10.40 -95.20
CA SER E 14 10.60 9.61 -94.00
C SER E 14 9.80 10.21 -92.86
N ALA E 15 9.92 9.60 -91.68
CA ALA E 15 9.05 9.93 -90.56
C ALA E 15 9.31 11.31 -89.97
N LYS E 16 10.49 11.87 -90.19
CA LYS E 16 10.82 13.18 -89.66
C LYS E 16 10.44 14.31 -90.60
N GLU E 17 9.83 14.02 -91.74
CA GLU E 17 9.46 15.06 -92.69
C GLU E 17 7.95 15.33 -92.74
N TYR E 18 7.12 14.29 -92.84
CA TYR E 18 5.70 14.57 -92.99
C TYR E 18 5.03 14.92 -91.68
N LEU E 19 5.65 14.63 -90.54
CA LEU E 19 5.06 15.02 -89.28
C LEU E 19 5.24 16.51 -89.04
N SER E 20 4.46 17.03 -88.10
CA SER E 20 4.62 18.42 -87.69
C SER E 20 5.96 18.62 -87.01
N GLU E 21 6.51 19.83 -87.17
CA GLU E 21 7.77 20.15 -86.51
C GLU E 21 7.60 20.23 -85.00
N ASN E 22 6.41 20.61 -84.55
CA ASN E 22 6.14 20.66 -83.12
C ASN E 22 5.90 19.28 -82.53
N LEU E 23 5.57 18.28 -83.35
CA LEU E 23 5.37 16.93 -82.86
C LEU E 23 6.69 16.17 -82.76
N VAL E 24 7.60 16.40 -83.71
CA VAL E 24 8.90 15.73 -83.67
C VAL E 24 9.72 16.25 -82.50
N GLN E 25 9.57 17.53 -82.15
CA GLN E 25 10.22 18.06 -80.96
C GLN E 25 9.62 17.50 -79.68
N PHE E 26 8.39 16.99 -79.73
CA PHE E 26 7.81 16.33 -78.57
C PHE E 26 8.35 14.91 -78.42
N ILE E 27 8.22 14.11 -79.48
CA ILE E 27 8.55 12.69 -79.40
C ILE E 27 10.04 12.42 -79.32
N GLN E 28 10.88 13.43 -79.52
CA GLN E 28 12.28 13.30 -79.15
C GLN E 28 12.50 13.57 -77.68
N ALA E 29 11.70 14.46 -77.09
CA ALA E 29 11.85 14.76 -75.67
C ALA E 29 11.30 13.63 -74.83
N THR E 30 10.01 13.33 -74.94
CA THR E 30 9.38 12.25 -74.19
C THR E 30 9.62 10.95 -74.95
N GLN E 31 10.84 10.44 -74.85
CA GLN E 31 11.21 9.27 -75.62
C GLN E 31 11.66 8.14 -74.70
N ASN E 32 12.25 8.51 -73.56
CA ASN E 32 12.77 7.51 -72.64
C ASN E 32 11.69 6.88 -71.79
N TYR E 33 10.48 7.43 -71.78
CA TYR E 33 9.43 6.86 -70.95
C TYR E 33 8.09 6.74 -71.68
N PHE E 34 7.90 7.54 -72.73
CA PHE E 34 6.62 7.63 -73.42
C PHE E 34 6.89 7.59 -74.93
N ASN E 35 7.56 6.51 -75.35
CA ASN E 35 7.92 6.33 -76.76
C ASN E 35 6.68 6.30 -77.66
N ILE E 36 6.61 7.26 -78.58
CA ILE E 36 5.52 7.39 -79.54
C ILE E 36 5.99 7.16 -80.97
N GLY E 37 7.26 7.43 -81.27
CA GLY E 37 7.70 7.50 -82.66
C GLY E 37 7.82 6.16 -83.36
N GLU E 38 7.48 5.07 -82.69
CA GLU E 38 7.33 3.78 -83.35
C GLU E 38 5.89 3.52 -83.79
N LYS E 39 5.04 4.54 -83.72
CA LYS E 39 3.68 4.48 -84.24
C LYS E 39 3.57 5.19 -85.58
N PHE E 40 4.68 5.42 -86.26
CA PHE E 40 4.70 6.14 -87.52
C PHE E 40 5.61 5.41 -88.49
N ARG E 41 5.09 5.09 -89.67
CA ARG E 41 5.84 4.28 -90.62
C ARG E 41 6.93 5.10 -91.28
N ASP E 42 7.88 4.38 -91.87
CA ASP E 42 9.09 4.94 -92.45
C ASP E 42 9.41 4.16 -93.72
N PRO E 43 9.35 4.79 -94.89
CA PRO E 43 9.62 4.06 -96.12
C PRO E 43 11.09 3.73 -96.28
N TYR E 44 11.36 2.56 -96.86
CA TYR E 44 12.73 2.10 -97.12
C TYR E 44 12.74 1.56 -98.54
N VAL E 45 13.15 2.40 -99.48
CA VAL E 45 12.88 2.21 -100.90
C VAL E 45 14.18 1.85 -101.61
N ALA E 46 14.12 0.81 -102.44
CA ALA E 46 15.22 0.44 -103.31
C ALA E 46 15.45 1.54 -104.36
N PRO E 47 16.69 1.66 -104.90
CA PRO E 47 16.98 2.76 -105.84
C PRO E 47 16.19 2.75 -107.14
N SER E 48 16.18 1.63 -107.86
CA SER E 48 15.58 1.41 -109.17
C SER E 48 16.16 2.34 -110.25
N ALA E 49 17.29 2.96 -110.00
CA ALA E 49 18.09 3.65 -111.00
C ALA E 49 19.02 2.61 -111.63
N GLY E 50 20.07 3.04 -112.31
CA GLY E 50 21.01 2.06 -112.80
C GLY E 50 21.77 1.39 -111.67
N VAL E 51 21.31 0.20 -111.31
CA VAL E 51 21.97 -0.64 -110.32
C VAL E 51 21.97 -2.07 -110.86
N THR E 52 21.10 -2.34 -111.85
CA THR E 52 20.99 -3.67 -112.42
C THR E 52 20.58 -3.56 -113.88
N THR E 53 21.33 -4.23 -114.74
CA THR E 53 21.09 -4.18 -116.17
C THR E 53 19.88 -5.02 -116.56
N ASP E 54 19.51 -4.93 -117.83
CA ASP E 54 18.43 -5.72 -118.41
C ASP E 54 18.93 -6.52 -119.61
N ARG E 55 20.15 -7.04 -119.53
CA ARG E 55 20.74 -7.85 -120.59
C ARG E 55 20.91 -9.28 -120.11
N SER E 56 21.11 -10.18 -121.06
CA SER E 56 21.29 -11.60 -120.75
C SER E 56 22.66 -11.80 -120.11
N GLN E 57 22.66 -12.04 -118.81
CA GLN E 57 23.88 -12.04 -118.02
C GLN E 57 23.72 -13.14 -116.99
N LYS E 58 24.49 -14.22 -117.11
CA LYS E 58 24.39 -15.33 -116.18
C LYS E 58 24.83 -14.91 -114.78
N LEU E 59 24.14 -15.44 -113.77
CA LEU E 59 24.27 -15.00 -112.39
C LEU E 59 25.37 -15.74 -111.63
N GLN E 60 25.67 -16.98 -112.00
CA GLN E 60 26.64 -17.80 -111.26
C GLN E 60 27.21 -18.84 -112.22
N LEU E 61 28.50 -18.75 -112.51
CA LEU E 61 29.10 -19.45 -113.65
C LEU E 61 29.87 -20.68 -113.22
N ARG E 62 29.57 -21.82 -113.85
CA ARG E 62 30.34 -23.04 -113.74
C ARG E 62 31.36 -23.09 -114.87
N VAL E 63 32.64 -23.17 -114.54
CA VAL E 63 33.69 -23.33 -115.54
C VAL E 63 34.40 -24.65 -115.29
N VAL E 64 34.66 -25.39 -116.36
CA VAL E 64 35.34 -26.67 -116.30
C VAL E 64 36.83 -26.40 -116.44
N PRO E 65 37.71 -27.28 -115.95
CA PRO E 65 39.13 -27.06 -116.17
C PRO E 65 39.55 -27.44 -117.58
N ILE E 66 40.64 -26.83 -118.01
CA ILE E 66 41.18 -27.05 -119.35
C ILE E 66 42.30 -28.09 -119.33
N GLN E 67 43.25 -27.93 -118.42
CA GLN E 67 44.40 -28.82 -118.30
C GLN E 67 44.38 -29.46 -116.93
N THR E 68 44.24 -30.78 -116.89
CA THR E 68 44.15 -31.53 -115.64
C THR E 68 45.28 -32.55 -115.58
N GLU E 69 46.38 -32.16 -114.95
CA GLU E 69 47.47 -33.10 -114.70
C GLU E 69 47.15 -33.95 -113.48
N ASP E 70 47.35 -35.25 -113.59
CA ASP E 70 47.13 -36.18 -112.50
C ASP E 70 48.45 -36.85 -112.14
N ASN E 71 48.78 -36.83 -110.86
CA ASN E 71 49.99 -37.48 -110.37
C ASN E 71 49.61 -38.41 -109.23
N VAL E 72 50.61 -39.09 -108.66
CA VAL E 72 50.37 -39.84 -107.45
C VAL E 72 50.19 -38.90 -106.27
N ASN E 73 50.92 -37.77 -106.28
CA ASN E 73 50.89 -36.87 -105.15
C ASN E 73 49.86 -35.75 -105.28
N TYR E 74 49.60 -35.26 -106.49
CA TYR E 74 48.77 -34.06 -106.62
C TYR E 74 47.82 -34.19 -107.80
N TYR E 75 46.92 -33.21 -107.90
CA TYR E 75 45.98 -33.10 -109.00
C TYR E 75 45.89 -31.65 -109.40
N LYS E 76 46.35 -31.33 -110.61
CA LYS E 76 46.41 -29.96 -111.11
C LYS E 76 45.11 -29.60 -111.82
N ALA E 77 44.62 -28.39 -111.58
CA ALA E 77 43.46 -27.87 -112.28
C ALA E 77 43.81 -26.50 -112.84
N ARG E 78 43.39 -26.25 -114.07
CA ARG E 78 43.70 -25.00 -114.76
C ARG E 78 42.45 -24.46 -115.40
N PHE E 79 42.06 -23.23 -115.03
CA PHE E 79 40.83 -22.63 -115.47
C PHE E 79 41.12 -21.37 -116.28
N THR E 80 40.17 -21.00 -117.13
CA THR E 80 40.24 -19.76 -117.89
C THR E 80 38.99 -18.95 -117.56
N LEU E 81 39.15 -17.98 -116.66
CA LEU E 81 38.03 -17.18 -116.18
C LEU E 81 37.92 -15.95 -117.09
N ASN E 82 37.00 -16.01 -118.05
CA ASN E 82 36.79 -14.90 -118.97
C ASN E 82 35.83 -13.93 -118.30
N VAL E 83 36.38 -12.99 -117.53
CA VAL E 83 35.57 -11.89 -117.03
C VAL E 83 35.25 -11.01 -118.22
N GLY E 84 34.01 -11.09 -118.69
CA GLY E 84 33.64 -10.46 -119.94
C GLY E 84 33.55 -8.96 -119.81
N ASP E 85 33.17 -8.32 -120.90
CA ASP E 85 33.03 -6.89 -120.91
C ASP E 85 31.79 -6.49 -120.11
N ASN E 86 31.95 -5.45 -119.30
CA ASN E 86 30.90 -4.86 -118.46
C ASN E 86 30.34 -5.83 -117.44
N ARG E 87 31.19 -6.72 -116.93
CA ARG E 87 30.83 -7.67 -115.89
C ARG E 87 31.93 -7.64 -114.83
N LEU E 88 31.55 -7.52 -113.56
CA LEU E 88 32.50 -7.35 -112.47
C LEU E 88 32.41 -8.55 -111.53
N VAL E 89 33.55 -9.19 -111.30
CA VAL E 89 33.57 -10.39 -110.47
C VAL E 89 34.35 -10.07 -109.20
N ASP E 90 34.06 -10.85 -108.16
CA ASP E 90 34.73 -10.72 -106.88
C ASP E 90 35.12 -12.13 -106.44
N LEU E 91 36.40 -12.31 -106.12
CA LEU E 91 36.90 -13.64 -105.77
C LEU E 91 36.54 -14.07 -104.36
N GLY E 92 35.79 -13.26 -103.61
CA GLY E 92 35.21 -13.75 -102.37
C GLY E 92 34.14 -14.80 -102.63
N SER E 93 33.45 -14.70 -103.75
CA SER E 93 32.43 -15.67 -104.14
C SER E 93 33.02 -16.91 -104.80
N SER E 94 34.34 -16.97 -104.99
CA SER E 94 34.93 -18.06 -105.73
C SER E 94 35.26 -19.24 -104.84
N TYR E 95 35.03 -20.45 -105.36
CA TYR E 95 35.37 -21.69 -104.68
C TYR E 95 35.44 -22.81 -105.69
N PHE E 96 36.14 -23.87 -105.32
CA PHE E 96 36.24 -25.05 -106.17
C PHE E 96 35.16 -26.04 -105.77
N ASP E 97 34.35 -26.45 -106.74
CA ASP E 97 33.33 -27.48 -106.53
C ASP E 97 33.97 -28.83 -106.86
N ILE E 98 34.46 -29.51 -105.83
CA ILE E 98 35.22 -30.74 -105.99
C ILE E 98 34.31 -31.93 -105.76
N LYS E 99 34.29 -32.84 -106.72
CA LYS E 99 33.54 -34.08 -106.62
C LYS E 99 34.49 -35.25 -106.86
N GLY E 100 34.41 -36.26 -106.00
CA GLY E 100 35.25 -37.43 -106.17
C GLY E 100 34.84 -38.49 -105.18
N THR E 101 35.52 -39.63 -105.26
CA THR E 101 35.31 -40.70 -104.31
C THR E 101 36.51 -40.83 -103.39
N LEU E 102 36.27 -41.43 -102.22
CA LEU E 102 37.21 -41.46 -101.12
C LEU E 102 37.11 -42.79 -100.39
N ASP E 103 38.25 -43.41 -100.15
CA ASP E 103 38.33 -44.65 -99.39
C ASP E 103 39.01 -44.36 -98.07
N ARG E 104 38.39 -44.79 -96.97
CA ARG E 104 38.91 -44.50 -95.64
C ARG E 104 39.77 -45.61 -95.07
N GLY E 105 39.72 -46.80 -95.64
CA GLY E 105 40.57 -47.88 -95.19
C GLY E 105 40.01 -48.59 -93.99
N PRO E 106 40.65 -49.69 -93.58
CA PRO E 106 40.09 -50.53 -92.51
C PRO E 106 40.21 -49.94 -91.12
N SER E 107 40.90 -48.81 -90.96
CA SER E 107 41.07 -48.17 -89.66
C SER E 107 39.90 -47.27 -89.31
N PHE E 108 38.77 -47.40 -89.97
CA PHE E 108 37.64 -46.51 -89.78
C PHE E 108 36.54 -47.25 -89.03
N LYS E 109 36.03 -46.62 -87.98
CA LYS E 109 34.93 -47.17 -87.19
C LYS E 109 34.20 -45.99 -86.59
N PRO E 110 33.10 -45.56 -87.17
CA PRO E 110 32.49 -44.29 -86.72
C PRO E 110 31.52 -44.44 -85.56
N TYR E 111 31.85 -45.27 -84.58
CA TYR E 111 30.94 -45.52 -83.45
C TYR E 111 31.72 -46.25 -82.38
N GLY E 112 31.17 -46.26 -81.18
CA GLY E 112 31.76 -47.02 -80.10
C GLY E 112 31.00 -48.29 -79.83
N GLY E 113 31.65 -49.22 -79.12
CA GLY E 113 31.01 -50.48 -78.86
C GLY E 113 30.94 -51.35 -80.09
N THR E 114 29.87 -52.12 -80.20
CA THR E 114 29.64 -52.99 -81.34
C THR E 114 28.20 -52.87 -81.79
N ALA E 115 27.90 -53.49 -82.93
CA ALA E 115 26.55 -53.53 -83.45
C ALA E 115 26.01 -54.94 -83.56
N TYR E 116 26.75 -55.93 -83.05
CA TYR E 116 26.35 -57.32 -83.17
C TYR E 116 26.38 -57.95 -81.77
N ASN E 117 25.21 -58.44 -81.35
CA ASN E 117 24.96 -58.90 -79.99
C ASN E 117 25.43 -57.91 -78.93
N PRO E 118 24.91 -56.67 -78.92
CA PRO E 118 25.45 -55.67 -77.99
C PRO E 118 25.03 -55.89 -76.55
N LEU E 119 23.97 -56.66 -76.31
CA LEU E 119 23.52 -56.91 -74.95
C LEU E 119 24.28 -58.05 -74.28
N ALA E 120 25.04 -58.82 -75.04
CA ALA E 120 25.68 -60.01 -74.52
C ALA E 120 26.78 -59.64 -73.52
N PRO E 121 26.96 -60.45 -72.49
CA PRO E 121 28.18 -60.33 -71.69
C PRO E 121 29.40 -60.63 -72.56
N LYS E 122 30.48 -59.89 -72.31
CA LYS E 122 31.64 -59.96 -73.18
C LYS E 122 32.38 -61.30 -73.08
N SER E 123 32.13 -62.07 -72.02
CA SER E 123 32.71 -63.39 -71.86
C SER E 123 31.80 -64.52 -72.32
N ALA E 124 30.62 -64.21 -72.86
CA ALA E 124 29.65 -65.25 -73.17
C ALA E 124 29.95 -65.86 -74.54
N PRO E 125 30.04 -67.18 -74.65
CA PRO E 125 30.21 -67.80 -75.96
C PRO E 125 28.88 -68.15 -76.60
N ILE E 126 28.94 -68.36 -77.92
CA ILE E 126 27.79 -68.85 -78.68
C ILE E 126 27.70 -70.36 -78.50
N ASN E 127 26.60 -70.97 -78.93
CA ASN E 127 26.51 -72.42 -78.90
C ASN E 127 27.43 -72.98 -79.96
N SER E 128 28.52 -73.63 -79.54
CA SER E 128 29.62 -73.88 -80.44
C SER E 128 30.25 -75.23 -80.17
N ALA E 129 31.07 -75.66 -81.12
CA ALA E 129 31.85 -76.89 -81.02
C ALA E 129 33.32 -76.55 -81.20
N PHE E 130 34.17 -77.33 -80.54
CA PHE E 130 35.59 -77.02 -80.40
C PHE E 130 36.41 -78.16 -80.97
N THR E 131 37.74 -78.02 -80.92
CA THR E 131 38.64 -79.07 -81.39
C THR E 131 39.84 -79.28 -80.48
N VAL E 132 39.80 -78.82 -79.23
CA VAL E 132 41.03 -78.63 -78.47
C VAL E 132 41.58 -79.97 -78.00
N GLY E 133 42.77 -80.30 -78.52
CA GLY E 133 43.54 -81.47 -78.17
C GLY E 133 43.05 -82.74 -78.86
N ASN E 134 42.06 -83.38 -78.30
CA ASN E 134 41.36 -84.45 -78.99
C ASN E 134 39.86 -84.34 -78.86
N ASP E 135 39.35 -83.92 -77.70
CA ASP E 135 37.93 -83.94 -77.42
C ASP E 135 37.26 -82.71 -78.03
N THR E 136 36.38 -82.93 -79.00
CA THR E 136 35.57 -81.85 -79.53
C THR E 136 34.52 -81.46 -78.50
N HIS E 137 34.79 -80.38 -77.76
CA HIS E 137 33.90 -79.93 -76.72
C HIS E 137 32.65 -79.28 -77.30
N PHE E 138 31.50 -79.63 -76.74
CA PHE E 138 30.24 -79.02 -77.10
C PHE E 138 29.80 -78.14 -75.95
N VAL E 139 29.45 -76.90 -76.25
CA VAL E 139 28.83 -76.01 -75.28
C VAL E 139 27.61 -75.37 -75.94
N ALA E 140 26.46 -75.40 -75.27
CA ALA E 140 25.22 -75.00 -75.91
C ALA E 140 24.18 -74.53 -74.90
N GLN E 141 23.10 -73.98 -75.44
CA GLN E 141 21.92 -73.57 -74.69
C GLN E 141 20.71 -73.98 -75.52
N LEU E 142 19.81 -74.77 -74.93
CA LEU E 142 18.71 -75.39 -75.67
C LEU E 142 17.36 -74.88 -75.17
N PRO E 143 16.79 -73.87 -75.82
CA PRO E 143 15.50 -73.33 -75.36
C PRO E 143 14.31 -74.24 -75.57
N GLN E 144 14.13 -74.76 -76.79
CA GLN E 144 12.93 -75.54 -77.08
C GLN E 144 12.99 -76.92 -76.45
N THR E 145 11.87 -77.35 -75.87
CA THR E 145 11.70 -78.70 -75.34
C THR E 145 10.41 -79.27 -75.91
N TYR E 146 10.49 -80.48 -76.47
CA TYR E 146 9.37 -80.97 -77.29
C TYR E 146 8.67 -82.20 -76.73
N ALA E 147 9.35 -83.34 -76.57
CA ALA E 147 8.65 -84.62 -76.48
C ALA E 147 9.62 -85.67 -75.93
N ALA E 148 9.42 -86.93 -76.33
CA ALA E 148 10.25 -88.10 -76.05
C ALA E 148 10.23 -88.51 -74.58
N GLY E 149 9.07 -88.96 -74.11
CA GLY E 149 8.97 -89.52 -72.78
C GLY E 149 9.76 -90.80 -72.59
N GLY E 150 9.90 -91.59 -73.64
CA GLY E 150 10.62 -92.85 -73.57
C GLY E 150 12.10 -92.68 -73.86
N THR E 151 12.63 -93.56 -74.69
CA THR E 151 13.96 -93.38 -75.24
C THR E 151 13.90 -92.36 -76.37
N GLY E 152 14.71 -91.32 -76.30
CA GLY E 152 14.57 -90.19 -77.19
C GLY E 152 15.12 -90.35 -78.59
N VAL E 153 15.19 -91.57 -79.11
CA VAL E 153 15.71 -91.76 -80.46
C VAL E 153 14.62 -91.54 -81.49
N THR E 154 13.42 -92.08 -81.25
CA THR E 154 12.33 -92.01 -82.22
C THR E 154 11.71 -90.63 -82.34
N GLU E 155 12.04 -89.71 -81.43
CA GLU E 155 11.52 -88.34 -81.51
C GLU E 155 12.58 -87.34 -81.93
N ALA E 156 13.86 -87.70 -81.86
CA ALA E 156 14.91 -86.78 -82.28
C ALA E 156 15.11 -86.79 -83.78
N ILE E 157 14.71 -87.87 -84.46
CA ILE E 157 14.83 -87.94 -85.91
C ILE E 157 13.77 -87.08 -86.57
N GLN E 158 12.62 -86.92 -85.93
CA GLN E 158 11.45 -86.26 -86.52
C GLN E 158 11.50 -84.74 -86.46
N GLN E 159 12.68 -84.12 -86.31
CA GLN E 159 12.74 -82.68 -86.12
C GLN E 159 12.58 -81.90 -87.42
N GLN E 160 13.15 -82.41 -88.52
CA GLN E 160 13.06 -81.83 -89.87
C GLN E 160 13.61 -80.40 -89.90
N VAL E 161 14.92 -80.31 -89.66
CA VAL E 161 15.61 -79.04 -89.74
C VAL E 161 15.69 -78.57 -91.19
N SER E 162 15.49 -77.27 -91.41
CA SER E 162 15.63 -76.70 -92.74
C SER E 162 16.58 -75.51 -92.76
N GLY E 163 17.49 -75.42 -91.79
CA GLY E 163 18.42 -74.31 -91.71
C GLY E 163 17.93 -73.12 -90.92
N VAL E 164 16.63 -72.83 -90.99
CA VAL E 164 16.02 -71.75 -90.22
C VAL E 164 14.88 -72.24 -89.34
N ASP E 165 14.63 -73.55 -89.28
CA ASP E 165 13.48 -74.03 -88.52
C ASP E 165 13.74 -74.03 -87.01
N PRO E 166 14.92 -74.48 -86.49
CA PRO E 166 15.13 -74.11 -85.07
C PRO E 166 15.65 -72.69 -84.95
N ASN E 167 14.72 -71.74 -84.97
CA ASN E 167 15.04 -70.32 -84.97
C ASN E 167 15.65 -69.90 -83.64
N PRO E 168 16.87 -69.35 -83.61
CA PRO E 168 17.50 -68.97 -82.34
C PRO E 168 16.84 -67.81 -81.61
N GLN E 169 15.82 -67.17 -82.16
CA GLN E 169 15.05 -66.20 -81.40
C GLN E 169 13.84 -66.83 -80.74
N VAL E 170 13.36 -67.95 -81.26
CA VAL E 170 12.26 -68.68 -80.64
C VAL E 170 12.81 -69.43 -79.43
N GLY E 171 12.14 -69.29 -78.29
CA GLY E 171 12.53 -69.98 -77.08
C GLY E 171 11.35 -70.71 -76.45
N GLN E 172 11.37 -70.75 -75.13
CA GLN E 172 10.23 -71.26 -74.38
C GLN E 172 9.05 -70.29 -74.53
N PRO E 173 7.81 -70.78 -74.41
CA PRO E 173 6.65 -69.88 -74.49
C PRO E 173 6.64 -68.86 -73.35
N ASN E 174 5.94 -67.76 -73.62
CA ASN E 174 5.99 -66.59 -72.76
C ASN E 174 5.36 -66.85 -71.40
N TYR E 175 5.92 -66.17 -70.39
CA TYR E 175 5.52 -66.08 -69.00
C TYR E 175 5.72 -67.38 -68.22
N ALA E 176 6.14 -68.47 -68.87
CA ALA E 176 6.55 -69.65 -68.14
C ALA E 176 7.87 -69.36 -67.44
N GLY E 177 7.90 -69.56 -66.13
CA GLY E 177 9.05 -69.20 -65.34
C GLY E 177 10.25 -70.09 -65.53
N PRO E 178 11.25 -69.96 -64.66
CA PRO E 178 12.45 -70.80 -64.77
C PRO E 178 12.20 -72.23 -64.36
N VAL E 179 11.45 -72.96 -65.19
CA VAL E 179 11.13 -74.34 -64.88
C VAL E 179 12.37 -75.20 -65.09
N VAL E 180 12.67 -76.04 -64.10
CA VAL E 180 13.77 -76.98 -64.22
C VAL E 180 13.36 -78.03 -65.24
N VAL E 181 14.01 -78.02 -66.40
CA VAL E 181 13.66 -78.92 -67.50
C VAL E 181 14.09 -80.32 -67.11
N ASN E 182 13.13 -81.20 -66.87
CA ASN E 182 13.42 -82.60 -66.61
C ASN E 182 13.90 -83.24 -67.90
N THR E 183 15.15 -83.72 -67.91
CA THR E 183 15.72 -84.28 -69.13
C THR E 183 15.05 -85.61 -69.47
N THR E 184 14.66 -86.37 -68.45
CA THR E 184 13.68 -87.43 -68.67
C THR E 184 12.35 -86.78 -69.00
N ASN E 185 11.70 -87.28 -70.06
CA ASN E 185 10.41 -86.91 -70.66
C ASN E 185 10.47 -85.63 -71.50
N ASN E 186 11.59 -84.91 -71.51
CA ASN E 186 11.71 -83.70 -72.32
C ASN E 186 13.12 -83.59 -72.88
N ALA E 187 13.25 -83.49 -74.19
CA ALA E 187 14.53 -83.34 -74.84
C ALA E 187 14.65 -81.94 -75.45
N GLY E 188 15.88 -81.45 -75.54
CA GLY E 188 16.13 -80.10 -75.99
C GLY E 188 16.14 -79.97 -77.50
N LEU E 189 16.33 -78.72 -77.95
CA LEU E 189 16.34 -78.36 -79.37
C LEU E 189 17.00 -77.00 -79.51
N GLY E 190 17.84 -76.86 -80.52
CA GLY E 190 18.51 -75.58 -80.75
C GLY E 190 19.40 -75.57 -81.97
N ARG E 191 20.46 -74.77 -81.93
CA ARG E 191 21.44 -74.73 -83.00
C ARG E 191 22.83 -74.77 -82.40
N ILE E 192 23.81 -75.10 -83.25
CA ILE E 192 25.21 -75.07 -82.88
C ILE E 192 25.99 -74.82 -84.16
N VAL E 193 27.17 -74.22 -84.04
CA VAL E 193 28.08 -74.07 -85.17
C VAL E 193 29.10 -75.20 -85.13
N SER E 194 29.31 -75.84 -86.27
CA SER E 194 30.23 -76.96 -86.36
C SER E 194 31.67 -76.50 -86.19
N ALA E 195 32.56 -77.48 -85.99
CA ALA E 195 33.98 -77.20 -85.85
C ALA E 195 34.65 -76.86 -87.17
N ASP E 196 33.98 -77.10 -88.30
CA ASP E 196 34.52 -76.80 -89.62
C ASP E 196 33.99 -75.42 -90.02
N SER E 197 34.70 -74.38 -89.58
CA SER E 197 34.22 -73.03 -89.78
C SER E 197 35.31 -72.04 -90.20
N GLU E 198 36.51 -72.52 -90.54
CA GLU E 198 37.50 -71.83 -91.37
C GLU E 198 38.19 -70.64 -90.70
N GLY E 199 37.71 -70.18 -89.54
CA GLY E 199 38.18 -68.93 -88.98
C GLY E 199 38.46 -69.01 -87.51
N GLN E 200 39.19 -68.00 -87.02
CA GLN E 200 39.52 -67.89 -85.62
C GLN E 200 38.29 -67.44 -84.83
N GLN E 201 37.83 -68.28 -83.93
CA GLN E 201 36.55 -68.07 -83.28
C GLN E 201 36.65 -67.03 -82.16
N PHE E 202 35.58 -66.24 -82.01
CA PHE E 202 35.43 -65.04 -81.24
C PHE E 202 34.09 -65.17 -80.55
N PRO E 203 33.93 -64.67 -79.30
CA PRO E 203 32.68 -64.92 -78.56
C PRO E 203 31.47 -64.16 -79.08
N CYS E 204 30.36 -64.21 -78.33
CA CYS E 204 29.07 -63.76 -78.82
C CYS E 204 29.05 -62.25 -79.05
N TYR E 205 29.72 -61.49 -78.19
CA TYR E 205 29.71 -60.03 -78.27
C TYR E 205 30.53 -59.58 -79.46
N GLY E 206 29.88 -59.50 -80.63
CA GLY E 206 30.56 -59.02 -81.81
C GLY E 206 30.85 -60.11 -82.83
N ALA E 207 30.05 -61.18 -82.80
CA ALA E 207 30.19 -62.27 -83.76
C ALA E 207 29.20 -62.06 -84.89
N TYR E 208 29.70 -61.83 -86.09
CA TYR E 208 28.88 -61.65 -87.28
C TYR E 208 29.08 -62.82 -88.22
N ALA E 209 28.04 -63.14 -88.97
CA ALA E 209 28.08 -64.24 -89.91
C ALA E 209 27.12 -63.93 -91.04
N PRO E 210 27.61 -63.71 -92.26
CA PRO E 210 26.78 -63.11 -93.31
C PRO E 210 25.76 -64.10 -93.84
N PRO E 211 24.55 -63.65 -94.14
CA PRO E 211 23.49 -64.56 -94.58
C PRO E 211 23.72 -65.06 -96.01
N GLN E 212 22.88 -66.02 -96.40
CA GLN E 212 22.98 -66.66 -97.70
C GLN E 212 21.75 -66.48 -98.56
N SER E 213 20.56 -66.43 -97.96
CA SER E 213 19.32 -66.27 -98.70
C SER E 213 18.43 -65.27 -97.96
N ALA E 214 17.24 -65.04 -98.52
CA ALA E 214 16.31 -64.08 -97.95
C ALA E 214 15.61 -64.58 -96.70
N GLY E 215 15.67 -65.87 -96.42
CA GLY E 215 15.10 -66.39 -95.20
C GLY E 215 15.97 -66.21 -93.97
N GLY E 216 17.17 -65.69 -94.13
CA GLY E 216 18.06 -65.47 -93.01
C GLY E 216 18.95 -66.63 -92.66
N ASP E 217 19.07 -67.63 -93.51
CA ASP E 217 19.95 -68.74 -93.21
C ASP E 217 21.41 -68.34 -93.41
N VAL E 218 22.29 -68.96 -92.62
CA VAL E 218 23.71 -68.63 -92.64
C VAL E 218 24.55 -69.81 -93.14
N SER E 219 24.00 -71.02 -93.16
CA SER E 219 24.75 -72.22 -93.47
C SER E 219 25.19 -72.24 -94.93
N THR E 220 26.50 -72.23 -95.15
CA THR E 220 27.06 -72.27 -96.48
C THR E 220 27.19 -73.70 -97.02
N ALA E 221 26.86 -74.70 -96.21
CA ALA E 221 26.82 -76.08 -96.66
C ALA E 221 25.56 -76.72 -96.11
N ALA E 222 25.47 -78.05 -96.22
CA ALA E 222 24.28 -78.76 -95.80
C ALA E 222 24.17 -78.80 -94.27
N VAL E 223 22.94 -78.75 -93.80
CA VAL E 223 22.67 -78.77 -92.36
C VAL E 223 22.66 -80.22 -91.89
N THR E 224 23.17 -80.46 -90.68
CA THR E 224 23.38 -81.80 -90.17
C THR E 224 22.97 -81.79 -88.70
N LYS E 225 22.61 -82.95 -88.17
CA LYS E 225 22.18 -83.05 -86.77
C LYS E 225 23.33 -83.48 -85.86
N THR E 226 23.24 -83.07 -84.61
CA THR E 226 24.11 -83.52 -83.54
C THR E 226 23.19 -84.24 -82.55
N TYR E 227 23.75 -84.92 -81.52
CA TYR E 227 22.93 -85.50 -80.47
C TYR E 227 23.64 -85.40 -79.13
N ILE E 228 22.85 -85.21 -78.06
CA ILE E 228 23.37 -84.94 -76.73
C ILE E 228 22.75 -85.96 -75.76
N ASN E 229 23.53 -86.32 -74.74
CA ASN E 229 22.99 -87.00 -73.58
C ASN E 229 23.55 -86.37 -72.31
N THR E 230 22.66 -85.92 -71.43
CA THR E 230 23.03 -85.66 -70.03
C THR E 230 22.00 -86.39 -69.18
N THR E 231 22.18 -87.69 -69.04
CA THR E 231 21.37 -88.59 -68.20
C THR E 231 22.28 -89.73 -67.75
N ASN E 232 21.67 -90.83 -67.32
CA ASN E 232 22.37 -92.09 -67.11
C ASN E 232 21.71 -93.24 -67.87
N ASN E 233 20.96 -92.93 -68.95
CA ASN E 233 20.19 -93.96 -69.64
C ASN E 233 20.93 -94.60 -70.81
N ASN E 234 22.06 -94.03 -71.23
CA ASN E 234 23.04 -94.58 -72.19
C ASN E 234 22.50 -94.66 -73.63
N GLY E 235 21.24 -94.31 -73.85
CA GLY E 235 20.63 -94.29 -75.16
C GLY E 235 19.65 -93.14 -75.26
N ARG E 236 19.66 -92.30 -74.23
CA ARG E 236 18.79 -91.15 -74.15
C ARG E 236 19.37 -90.03 -74.99
N VAL E 237 18.52 -89.40 -75.79
CA VAL E 237 18.90 -88.22 -76.57
C VAL E 237 18.33 -87.00 -75.87
N SER E 238 19.21 -86.10 -75.45
CA SER E 238 18.77 -84.97 -74.65
C SER E 238 18.50 -83.75 -75.51
N GLY E 239 19.03 -83.72 -76.72
CA GLY E 239 18.84 -82.57 -77.59
C GLY E 239 19.49 -82.76 -78.94
N THR E 240 18.95 -82.12 -79.98
CA THR E 240 19.51 -82.32 -81.31
C THR E 240 20.54 -81.27 -81.67
N MET E 241 20.18 -79.98 -81.55
CA MET E 241 20.99 -78.80 -81.91
C MET E 241 21.64 -78.97 -83.30
N ALA E 242 20.78 -78.94 -84.31
CA ALA E 242 21.19 -79.23 -85.68
C ALA E 242 22.21 -78.22 -86.18
N THR E 243 23.37 -78.73 -86.63
CA THR E 243 24.59 -77.94 -86.66
C THR E 243 24.61 -76.99 -87.86
N ASP E 244 25.72 -76.29 -88.03
CA ASP E 244 25.81 -75.14 -88.91
C ASP E 244 27.29 -74.87 -89.19
N THR E 245 27.59 -74.41 -90.40
CA THR E 245 28.95 -74.02 -90.76
C THR E 245 28.97 -72.57 -91.20
N ILE E 246 30.04 -71.87 -90.84
CA ILE E 246 30.13 -70.41 -90.92
C ILE E 246 31.41 -70.04 -91.66
N THR E 247 31.31 -69.09 -92.59
CA THR E 247 32.49 -68.58 -93.28
C THR E 247 33.34 -67.65 -92.42
N TRP E 248 32.79 -67.23 -91.28
CA TRP E 248 33.50 -66.63 -90.16
C TRP E 248 34.19 -65.30 -90.50
N GLU E 249 33.37 -64.27 -90.53
CA GLU E 249 33.90 -62.93 -90.28
C GLU E 249 33.72 -62.56 -88.80
N ASN E 250 34.43 -61.52 -88.38
CA ASN E 250 34.14 -60.84 -87.11
C ASN E 250 34.49 -59.37 -87.24
N PRO E 251 33.58 -58.55 -87.74
CA PRO E 251 33.80 -57.10 -87.71
C PRO E 251 33.70 -56.59 -86.29
N ASP E 252 34.26 -55.38 -86.10
CA ASP E 252 34.47 -54.66 -84.82
C ASP E 252 34.79 -55.57 -83.63
N ALA E 253 35.73 -56.48 -83.86
CA ALA E 253 36.17 -57.47 -82.89
C ALA E 253 37.53 -57.05 -82.34
N HIS E 254 37.83 -57.46 -81.12
CA HIS E 254 39.06 -57.00 -80.49
C HIS E 254 39.94 -58.08 -79.90
N PHE E 255 39.37 -59.15 -79.33
CA PHE E 255 40.06 -60.10 -78.46
C PHE E 255 40.78 -59.37 -77.33
N ALA E 256 40.01 -58.78 -76.43
CA ALA E 256 40.55 -58.09 -75.25
C ALA E 256 41.34 -59.06 -74.37
N ASP E 257 40.88 -60.30 -74.29
CA ASP E 257 41.65 -61.40 -73.74
C ASP E 257 41.44 -62.60 -74.66
N PHE E 258 42.48 -63.41 -74.81
CA PHE E 258 42.36 -64.63 -75.60
C PHE E 258 43.37 -65.63 -75.09
N VAL E 259 42.89 -66.62 -74.37
CA VAL E 259 43.68 -67.75 -73.94
C VAL E 259 42.83 -69.02 -74.08
N ASP E 260 43.06 -69.78 -75.16
CA ASP E 260 42.39 -71.05 -75.39
C ASP E 260 40.86 -71.00 -75.47
N ASP E 261 40.35 -70.68 -76.67
CA ASP E 261 38.93 -70.45 -77.01
C ASP E 261 37.93 -71.31 -76.25
N ARG E 262 36.75 -70.71 -75.98
CA ARG E 262 35.81 -70.78 -74.85
C ARG E 262 36.29 -69.91 -73.70
N ARG E 263 37.54 -69.47 -73.71
CA ARG E 263 38.07 -68.62 -72.66
C ARG E 263 38.69 -67.39 -73.33
N ALA E 264 37.83 -66.43 -73.65
CA ALA E 264 38.23 -65.22 -74.35
C ALA E 264 37.10 -64.21 -74.22
N THR E 265 37.43 -63.01 -73.79
CA THR E 265 36.46 -61.92 -73.77
C THR E 265 36.55 -61.09 -75.03
N ALA E 266 35.61 -60.17 -75.15
CA ALA E 266 35.44 -59.35 -76.33
C ALA E 266 35.47 -57.88 -75.95
N ALA E 267 35.64 -57.04 -76.97
CA ALA E 267 35.59 -55.60 -76.77
C ALA E 267 35.23 -54.94 -78.08
N GLY E 268 34.55 -53.80 -77.99
CA GLY E 268 34.44 -52.95 -79.14
C GLY E 268 35.79 -52.33 -79.48
N ASN E 269 35.97 -52.02 -80.76
CA ASN E 269 37.21 -51.35 -81.11
C ASN E 269 37.15 -49.88 -80.71
N ARG E 270 38.31 -49.27 -80.69
CA ARG E 270 38.41 -47.85 -80.39
C ARG E 270 37.73 -47.06 -81.51
N PRO E 271 36.83 -46.13 -81.17
CA PRO E 271 36.11 -45.39 -82.22
C PRO E 271 37.03 -44.42 -82.93
N ASN E 272 37.05 -44.51 -84.25
CA ASN E 272 37.97 -43.76 -85.10
C ASN E 272 37.14 -43.02 -86.13
N TYR E 273 36.96 -41.72 -85.93
CA TYR E 273 36.26 -40.88 -86.89
C TYR E 273 37.25 -40.38 -87.92
N ILE E 274 36.92 -40.52 -89.21
CA ILE E 274 37.78 -40.04 -90.28
C ILE E 274 36.97 -39.14 -91.18
N GLY E 275 37.40 -37.89 -91.31
CA GLY E 275 36.79 -36.93 -92.20
C GLY E 275 37.82 -35.90 -92.62
N PHE E 276 37.35 -34.89 -93.36
CA PHE E 276 38.25 -33.84 -93.78
C PHE E 276 38.58 -32.92 -92.61
N ARG E 277 39.53 -32.02 -92.84
CA ARG E 277 39.93 -31.11 -91.78
C ARG E 277 38.94 -29.97 -91.63
N ASP E 278 39.14 -29.17 -90.58
CA ASP E 278 38.39 -27.93 -90.42
C ASP E 278 38.78 -26.97 -91.54
N ASN E 279 37.77 -26.39 -92.19
CA ASN E 279 37.93 -25.43 -93.30
C ASN E 279 38.69 -25.99 -94.49
N PHE E 280 38.73 -27.32 -94.61
CA PHE E 280 39.52 -28.05 -95.60
C PHE E 280 40.99 -27.63 -95.61
N ILE E 281 41.58 -27.63 -94.42
CA ILE E 281 43.02 -27.54 -94.29
C ILE E 281 43.65 -28.75 -94.94
N GLY E 282 44.69 -28.52 -95.74
CA GLY E 282 45.36 -29.65 -96.37
C GLY E 282 44.60 -30.24 -97.51
N MET E 283 43.80 -29.45 -98.21
CA MET E 283 43.28 -29.83 -99.51
C MET E 283 44.09 -29.19 -100.63
N MET E 284 44.73 -28.06 -100.33
CA MET E 284 45.26 -27.14 -101.31
C MET E 284 46.69 -26.78 -100.92
N TYR E 285 47.62 -26.91 -101.87
CA TYR E 285 49.02 -26.59 -101.63
C TYR E 285 49.17 -25.10 -101.42
N TYR E 286 49.27 -24.68 -100.16
CA TYR E 286 49.67 -23.32 -99.83
C TYR E 286 51.11 -23.34 -99.34
N ASN E 287 51.84 -22.29 -99.72
CA ASN E 287 53.21 -22.02 -99.27
C ASN E 287 54.19 -23.12 -99.64
N SER E 288 53.95 -23.80 -100.75
CA SER E 288 54.86 -24.82 -101.24
C SER E 288 55.85 -24.20 -102.22
N GLY E 289 56.94 -24.91 -102.43
CA GLY E 289 57.96 -24.44 -103.35
C GLY E 289 57.64 -24.74 -104.80
N SER E 290 57.53 -26.03 -105.13
CA SER E 290 57.37 -26.41 -106.53
C SER E 290 55.96 -26.16 -107.03
N ASN E 291 54.96 -26.54 -106.26
CA ASN E 291 53.57 -26.47 -106.69
C ASN E 291 52.89 -25.23 -106.13
N THR E 292 53.37 -24.08 -106.56
CA THR E 292 52.73 -22.81 -106.25
C THR E 292 51.60 -22.56 -107.23
N GLY E 293 50.41 -22.26 -106.71
CA GLY E 293 49.31 -21.93 -107.58
C GLY E 293 49.48 -20.59 -108.24
N SER E 294 48.67 -20.36 -109.27
CA SER E 294 48.88 -19.21 -110.15
C SER E 294 47.56 -18.51 -110.44
N PHE E 295 47.66 -17.19 -110.58
CA PHE E 295 46.57 -16.38 -111.12
C PHE E 295 47.21 -15.33 -112.01
N SER E 296 46.88 -15.36 -113.30
CA SER E 296 47.54 -14.48 -114.26
C SER E 296 46.61 -14.28 -115.43
N SER E 297 46.74 -13.14 -116.08
CA SER E 297 45.92 -12.87 -117.25
C SER E 297 46.53 -13.50 -118.49
N GLN E 298 45.66 -13.88 -119.43
CA GLN E 298 46.12 -14.50 -120.66
C GLN E 298 46.77 -13.45 -121.55
N THR E 299 47.83 -13.85 -122.26
CA THR E 299 48.79 -13.05 -123.03
C THR E 299 49.58 -12.07 -122.18
N GLN E 300 49.53 -12.21 -120.86
CA GLN E 300 50.39 -11.51 -119.94
C GLN E 300 50.77 -12.52 -118.85
N GLN E 301 51.33 -13.66 -119.27
CA GLN E 301 51.48 -14.81 -118.39
C GLN E 301 52.52 -14.59 -117.29
N LEU E 302 52.18 -13.73 -116.33
CA LEU E 302 53.05 -13.43 -115.20
C LEU E 302 52.25 -13.69 -113.94
N ASN E 303 52.71 -14.65 -113.14
CA ASN E 303 51.98 -15.04 -111.93
C ASN E 303 52.07 -13.94 -110.89
N ILE E 304 50.94 -13.67 -110.24
CA ILE E 304 50.88 -12.66 -109.18
C ILE E 304 50.70 -13.29 -107.81
N VAL E 305 50.70 -14.61 -107.73
CA VAL E 305 50.74 -15.30 -106.45
C VAL E 305 52.21 -15.61 -106.17
N LEU E 306 52.87 -14.72 -105.44
CA LEU E 306 54.26 -14.90 -105.05
C LEU E 306 54.24 -15.47 -103.64
N ASP E 307 54.15 -16.78 -103.55
CA ASP E 307 53.92 -17.47 -102.29
C ASP E 307 55.26 -17.89 -101.70
N LEU E 308 55.46 -17.59 -100.43
CA LEU E 308 56.72 -17.82 -99.74
C LEU E 308 56.63 -19.09 -98.89
N ASN E 309 57.67 -19.33 -98.09
CA ASN E 309 57.68 -20.47 -97.18
C ASN E 309 57.47 -20.08 -95.72
N ASP E 310 57.88 -18.87 -95.33
CA ASP E 310 57.73 -18.42 -93.96
C ASP E 310 56.30 -18.01 -93.63
N ARG E 311 55.45 -17.85 -94.63
CA ARG E 311 54.06 -17.49 -94.44
C ARG E 311 53.24 -18.72 -94.11
N ASN E 312 52.19 -18.53 -93.32
CA ASN E 312 51.21 -19.59 -93.04
C ASN E 312 49.84 -19.05 -93.44
N SER E 313 49.39 -19.41 -94.64
CA SER E 313 48.06 -19.02 -95.09
C SER E 313 46.98 -19.93 -94.53
N GLU E 314 47.34 -21.02 -93.87
CA GLU E 314 46.35 -21.87 -93.22
C GLU E 314 45.94 -21.28 -91.88
N LEU E 315 46.92 -20.94 -91.04
CA LEU E 315 46.61 -20.42 -89.71
C LEU E 315 46.09 -19.00 -89.78
N SER E 316 46.47 -18.25 -90.81
CA SER E 316 45.95 -16.90 -90.99
C SER E 316 44.46 -16.91 -91.27
N TYR E 317 43.96 -17.95 -91.94
CA TYR E 317 42.52 -18.07 -92.14
C TYR E 317 41.81 -18.62 -90.91
N GLN E 318 42.51 -19.36 -90.05
CA GLN E 318 41.89 -19.86 -88.84
C GLN E 318 41.71 -18.76 -87.82
N TYR E 319 42.71 -17.87 -87.68
CA TYR E 319 42.56 -16.72 -86.80
C TYR E 319 41.64 -15.67 -87.37
N LEU E 320 41.39 -15.70 -88.67
CA LEU E 320 40.48 -14.74 -89.27
C LEU E 320 39.03 -15.06 -88.96
N LEU E 321 38.68 -16.34 -88.88
CA LEU E 321 37.30 -16.70 -88.58
C LEU E 321 36.95 -16.48 -87.12
N ALA E 322 37.94 -16.55 -86.22
CA ALA E 322 37.68 -16.28 -84.82
C ALA E 322 37.46 -14.80 -84.57
N ASP E 323 37.99 -13.96 -85.45
CA ASP E 323 37.80 -12.52 -85.31
C ASP E 323 36.47 -12.08 -85.91
N LEU E 324 36.09 -12.64 -87.05
CA LEU E 324 34.85 -12.25 -87.70
C LEU E 324 33.64 -12.78 -86.96
N THR E 325 33.62 -14.07 -86.66
CA THR E 325 32.44 -14.71 -86.10
C THR E 325 32.85 -15.58 -84.92
N SER E 326 31.85 -16.21 -84.30
CA SER E 326 32.08 -17.18 -83.26
C SER E 326 32.23 -18.55 -83.86
N ARG E 327 33.04 -19.39 -83.21
CA ARG E 327 33.27 -20.75 -83.67
C ARG E 327 32.26 -21.72 -83.12
N TRP E 328 31.23 -21.23 -82.43
CA TRP E 328 30.23 -22.09 -81.81
C TRP E 328 29.32 -22.77 -82.83
N HIS E 329 29.17 -22.19 -84.02
CA HIS E 329 28.21 -22.68 -85.00
C HIS E 329 28.90 -23.49 -86.08
N TYR E 330 28.16 -24.42 -86.67
CA TYR E 330 28.67 -25.42 -87.59
C TYR E 330 28.15 -25.10 -88.99
N PHE E 331 28.95 -24.38 -89.77
CA PHE E 331 28.56 -23.98 -91.11
C PHE E 331 29.06 -25.04 -92.08
N ALA E 332 28.15 -25.83 -92.64
CA ALA E 332 28.50 -27.05 -93.34
C ALA E 332 29.05 -26.82 -94.75
N LEU E 333 29.03 -25.58 -95.27
CA LEU E 333 29.53 -25.39 -96.62
C LEU E 333 31.05 -25.46 -96.65
N TRP E 334 31.72 -24.60 -95.86
CA TRP E 334 33.16 -24.59 -95.83
C TRP E 334 33.74 -25.61 -94.87
N ASN E 335 32.94 -26.59 -94.42
CA ASN E 335 33.30 -27.57 -93.40
C ASN E 335 33.75 -26.85 -92.13
N GLN E 336 32.99 -25.81 -91.76
CA GLN E 336 33.37 -24.92 -90.68
C GLN E 336 32.86 -25.50 -89.38
N ALA E 337 33.66 -26.41 -88.81
CA ALA E 337 33.37 -27.03 -87.53
C ALA E 337 34.66 -27.06 -86.73
N VAL E 338 34.72 -26.29 -85.66
CA VAL E 338 35.97 -26.10 -84.92
C VAL E 338 36.28 -27.35 -84.11
N ASP E 339 37.56 -27.61 -83.91
CA ASP E 339 38.00 -28.68 -83.03
C ASP E 339 37.87 -28.23 -81.58
N ASP E 340 37.17 -29.02 -80.78
CA ASP E 340 37.11 -28.80 -79.35
C ASP E 340 37.23 -30.12 -78.60
N TYR E 341 37.77 -30.06 -77.40
CA TYR E 341 37.82 -31.21 -76.54
C TYR E 341 36.59 -31.21 -75.64
N ASP E 342 36.57 -32.10 -74.66
CA ASP E 342 35.53 -32.11 -73.64
C ASP E 342 36.14 -31.53 -72.37
N HIS E 343 35.49 -30.52 -71.80
CA HIS E 343 36.09 -29.78 -70.70
C HIS E 343 36.09 -30.59 -69.41
N HIS E 344 35.18 -31.56 -69.27
CA HIS E 344 35.18 -32.43 -68.12
C HIS E 344 36.07 -33.65 -68.29
N VAL E 345 36.81 -33.74 -69.39
CA VAL E 345 37.71 -34.85 -69.66
C VAL E 345 39.17 -34.43 -69.60
N ARG E 346 39.51 -33.32 -70.27
CA ARG E 346 40.84 -32.75 -70.22
C ARG E 346 41.21 -32.37 -68.80
N ILE E 347 40.50 -31.40 -68.24
CA ILE E 347 40.62 -31.05 -66.84
C ILE E 347 39.51 -31.79 -66.11
N LEU E 348 39.77 -33.04 -65.74
CA LEU E 348 38.75 -33.84 -65.10
C LEU E 348 38.72 -33.54 -63.61
N GLU E 349 37.52 -33.35 -63.09
CA GLU E 349 37.33 -33.07 -61.68
C GLU E 349 36.53 -34.22 -61.08
N ASN E 350 36.89 -34.60 -59.87
CA ASN E 350 36.44 -35.86 -59.28
C ASN E 350 35.57 -35.53 -58.07
N ASP E 351 34.26 -35.46 -58.30
CA ASP E 351 33.30 -35.29 -57.22
C ASP E 351 32.81 -36.60 -56.66
N GLY E 352 33.31 -37.73 -57.16
CA GLY E 352 32.70 -38.99 -56.81
C GLY E 352 31.34 -39.10 -57.47
N TYR E 353 30.37 -39.62 -56.72
CA TYR E 353 29.05 -39.88 -57.25
C TYR E 353 28.01 -39.50 -56.21
N GLU E 354 26.76 -39.40 -56.65
CA GLU E 354 25.66 -39.12 -55.75
C GLU E 354 25.07 -40.44 -55.28
N GLU E 355 25.35 -40.82 -54.05
CA GLU E 355 24.82 -42.06 -53.51
C GLU E 355 23.35 -41.89 -53.15
N GLY E 356 22.62 -43.00 -53.18
CA GLY E 356 21.21 -42.99 -52.89
C GLY E 356 20.71 -44.32 -52.36
N PRO E 357 19.45 -44.62 -52.60
CA PRO E 357 18.88 -45.91 -52.18
C PRO E 357 19.48 -47.05 -53.00
N PRO E 358 19.41 -48.29 -52.51
CA PRO E 358 19.98 -49.41 -53.27
C PRO E 358 19.23 -49.66 -54.56
N ASN E 359 19.99 -49.93 -55.61
CA ASN E 359 19.46 -50.12 -56.96
C ASN E 359 19.34 -51.61 -57.21
N LEU E 360 18.24 -52.18 -56.72
CA LEU E 360 18.04 -53.62 -56.75
C LEU E 360 17.53 -54.07 -58.11
N ALA E 361 17.92 -55.29 -58.50
CA ALA E 361 17.41 -55.96 -59.67
C ALA E 361 16.67 -57.22 -59.25
N PHE E 362 15.51 -57.45 -59.87
CA PHE E 362 14.61 -58.51 -59.45
C PHE E 362 14.36 -59.49 -60.59
N PRO E 363 14.10 -60.75 -60.28
CA PRO E 363 13.73 -61.70 -61.34
C PRO E 363 12.33 -61.40 -61.87
N PRO E 364 12.11 -61.54 -63.18
CA PRO E 364 10.85 -61.06 -63.77
C PRO E 364 9.64 -61.94 -63.49
N HIS E 365 9.83 -63.10 -62.89
CA HIS E 365 8.78 -64.08 -62.64
C HIS E 365 8.33 -64.07 -61.20
N VAL E 366 8.20 -62.87 -60.60
CA VAL E 366 8.68 -62.50 -59.27
C VAL E 366 8.55 -63.56 -58.16
N ILE E 367 7.55 -64.44 -58.25
CA ILE E 367 7.45 -65.50 -57.25
C ILE E 367 8.58 -66.52 -57.43
N SER E 368 9.37 -66.72 -56.37
CA SER E 368 10.51 -67.62 -56.37
C SER E 368 11.02 -67.79 -54.95
N ASN E 369 11.40 -69.02 -54.63
CA ASN E 369 12.32 -69.26 -53.54
C ASN E 369 13.71 -68.81 -53.96
N PRO E 370 14.58 -68.44 -53.00
CA PRO E 370 15.88 -67.87 -53.40
C PRO E 370 16.82 -68.86 -54.07
N PHE E 371 16.71 -70.15 -53.78
CA PHE E 371 17.56 -71.14 -54.43
C PHE E 371 16.74 -72.35 -54.87
N ALA E 372 15.51 -72.11 -55.29
CA ALA E 372 14.59 -73.17 -55.70
C ALA E 372 13.51 -72.52 -56.56
N PRO E 373 12.83 -73.30 -57.41
CA PRO E 373 11.67 -72.75 -58.13
C PRO E 373 10.52 -72.47 -57.18
N ALA E 374 9.52 -71.77 -57.70
CA ALA E 374 8.33 -71.44 -56.93
C ALA E 374 7.57 -72.73 -56.61
N ALA E 375 7.34 -72.97 -55.33
CA ALA E 375 6.83 -74.26 -54.89
C ALA E 375 5.35 -74.39 -55.20
N VAL E 376 4.97 -75.54 -55.78
CA VAL E 376 3.58 -75.82 -56.10
C VAL E 376 2.87 -76.29 -54.83
N GLY E 377 1.55 -76.34 -54.87
CA GLY E 377 0.78 -76.77 -53.72
C GLY E 377 -0.69 -76.65 -53.98
N THR E 378 -1.47 -76.97 -52.96
CA THR E 378 -2.93 -76.98 -53.04
C THR E 378 -3.51 -76.01 -52.02
N GLY E 379 -4.82 -75.81 -52.12
CA GLY E 379 -5.53 -75.02 -51.14
C GLY E 379 -6.08 -75.87 -50.02
N MET E 380 -6.36 -75.22 -48.89
CA MET E 380 -6.81 -75.91 -47.69
C MET E 380 -8.00 -75.20 -47.10
N THR E 381 -9.09 -75.94 -46.91
CA THR E 381 -10.26 -75.46 -46.18
C THR E 381 -10.18 -76.01 -44.76
N VAL E 382 -10.27 -75.13 -43.79
CA VAL E 382 -10.12 -75.51 -42.39
C VAL E 382 -11.48 -75.93 -41.84
N ASN E 383 -11.45 -76.83 -40.86
CA ASN E 383 -12.58 -77.08 -39.99
C ASN E 383 -12.26 -76.31 -38.71
N GLU E 384 -12.86 -75.14 -38.56
CA GLU E 384 -12.73 -74.40 -37.32
C GLU E 384 -13.47 -75.13 -36.20
N GLN E 385 -12.95 -74.97 -34.97
CA GLN E 385 -13.40 -75.49 -33.68
C GLN E 385 -13.49 -77.02 -33.59
N GLN E 386 -13.11 -77.72 -34.67
CA GLN E 386 -12.75 -79.13 -34.66
C GLN E 386 -11.53 -79.19 -35.59
N GLN E 387 -10.34 -78.99 -35.03
CA GLN E 387 -9.17 -78.58 -35.81
C GLN E 387 -8.67 -79.72 -36.68
N THR E 388 -9.03 -79.68 -37.95
CA THR E 388 -8.57 -80.66 -38.93
C THR E 388 -8.60 -79.99 -40.30
N ALA E 389 -7.45 -79.92 -40.96
CA ALA E 389 -7.35 -79.31 -42.28
C ALA E 389 -7.55 -80.37 -43.35
N ALA E 390 -8.38 -80.04 -44.34
CA ALA E 390 -8.65 -80.92 -45.47
C ALA E 390 -8.41 -80.17 -46.77
N VAL E 391 -8.00 -80.89 -47.80
CA VAL E 391 -7.70 -80.28 -49.08
C VAL E 391 -8.99 -79.91 -49.79
N THR E 392 -9.03 -78.73 -50.39
CA THR E 392 -10.17 -78.34 -51.19
C THR E 392 -10.09 -78.98 -52.57
N ALA E 393 -11.19 -78.88 -53.32
CA ALA E 393 -11.39 -79.75 -54.47
C ALA E 393 -10.56 -79.32 -55.67
N ASN E 394 -10.82 -78.14 -56.22
CA ASN E 394 -10.23 -77.71 -57.48
C ASN E 394 -9.36 -76.48 -57.21
N THR E 395 -8.11 -76.72 -56.84
CA THR E 395 -7.19 -75.64 -56.50
C THR E 395 -5.76 -76.14 -56.63
N VAL E 396 -4.94 -75.43 -57.38
CA VAL E 396 -3.49 -75.61 -57.33
C VAL E 396 -2.87 -74.24 -57.07
N ALA E 397 -1.78 -74.22 -56.32
CA ALA E 397 -1.17 -72.99 -55.83
C ALA E 397 0.27 -72.88 -56.29
N LEU E 398 0.76 -71.64 -56.34
CA LEU E 398 2.16 -71.34 -56.68
C LEU E 398 2.68 -70.42 -55.60
N ILE E 399 3.37 -70.97 -54.59
CA ILE E 399 3.74 -70.25 -53.40
C ILE E 399 5.26 -70.21 -53.27
N GLY E 400 5.80 -69.01 -53.06
CA GLY E 400 7.20 -68.85 -52.70
C GLY E 400 7.29 -68.07 -51.40
N TYR E 401 8.30 -68.39 -50.60
CA TYR E 401 8.40 -67.90 -49.24
C TYR E 401 9.54 -66.90 -49.11
N GLY E 402 9.57 -66.22 -47.97
CA GLY E 402 10.60 -65.25 -47.68
C GLY E 402 10.43 -63.98 -48.50
N ASN E 403 11.46 -63.14 -48.46
CA ASN E 403 11.47 -61.95 -49.29
C ASN E 403 11.73 -62.32 -50.74
N ILE E 404 11.58 -61.33 -51.60
CA ILE E 404 11.94 -61.51 -53.01
C ILE E 404 13.47 -61.53 -53.11
N PRO E 405 14.06 -62.52 -53.78
CA PRO E 405 15.52 -62.47 -53.98
C PRO E 405 15.90 -61.38 -54.95
N ALA E 406 17.06 -60.78 -54.72
CA ALA E 406 17.49 -59.64 -55.51
C ALA E 406 19.00 -59.54 -55.50
N VAL E 407 19.53 -58.81 -56.47
CA VAL E 407 20.93 -58.43 -56.52
C VAL E 407 21.01 -56.92 -56.55
N GLU E 408 22.16 -56.40 -56.11
CA GLU E 408 22.36 -54.98 -55.89
C GLU E 408 23.64 -54.51 -56.55
N MET E 409 23.58 -53.36 -57.22
CA MET E 409 24.79 -52.72 -57.71
C MET E 409 24.88 -51.29 -57.18
N ASN E 410 26.10 -50.76 -57.18
CA ASN E 410 26.30 -49.33 -56.97
C ASN E 410 26.20 -48.68 -58.33
N LEU E 411 25.00 -48.23 -58.66
CA LEU E 411 24.69 -47.72 -59.99
C LEU E 411 25.34 -46.38 -60.32
N PRO E 412 25.35 -45.33 -59.47
CA PRO E 412 26.05 -44.10 -59.88
C PRO E 412 27.55 -44.21 -59.91
N ALA E 413 28.15 -45.25 -59.32
CA ALA E 413 29.57 -45.48 -59.48
C ALA E 413 29.87 -46.26 -60.76
N ASN E 414 28.91 -47.03 -61.25
CA ASN E 414 29.11 -47.74 -62.51
C ASN E 414 29.00 -46.80 -63.70
N LEU E 415 28.17 -45.76 -63.61
CA LEU E 415 28.16 -44.73 -64.65
C LEU E 415 29.44 -43.91 -64.63
N LYS E 416 30.09 -43.81 -63.48
CA LYS E 416 31.30 -43.00 -63.38
C LYS E 416 32.53 -43.79 -63.81
N ARG E 417 32.57 -45.07 -63.48
CA ARG E 417 33.71 -45.90 -63.85
C ARG E 417 33.75 -46.14 -65.36
N THR E 418 32.59 -46.19 -66.00
CA THR E 418 32.53 -46.26 -67.46
C THR E 418 33.04 -44.95 -68.08
N PHE E 419 32.76 -43.82 -67.42
CA PHE E 419 33.19 -42.53 -67.92
C PHE E 419 34.70 -42.38 -67.87
N LEU E 420 35.32 -42.84 -66.77
CA LEU E 420 36.76 -42.69 -66.63
C LEU E 420 37.53 -43.67 -67.50
N TYR E 421 36.94 -44.81 -67.85
CA TYR E 421 37.66 -45.77 -68.67
C TYR E 421 37.67 -45.34 -70.12
N SER E 422 36.48 -45.13 -70.71
CA SER E 422 36.37 -44.90 -72.14
C SER E 422 36.84 -43.52 -72.57
N ASN E 423 36.92 -42.56 -71.64
CA ASN E 423 37.30 -41.21 -72.00
C ASN E 423 38.69 -40.81 -71.52
N VAL E 424 39.13 -41.28 -70.37
CA VAL E 424 40.41 -40.90 -69.80
C VAL E 424 41.39 -42.06 -69.83
N ALA E 425 40.99 -43.22 -69.34
CA ALA E 425 41.92 -44.34 -69.22
C ALA E 425 42.22 -44.98 -70.56
N MET E 426 41.33 -44.88 -71.54
CA MET E 426 41.62 -45.54 -72.81
C MET E 426 42.58 -44.73 -73.67
N TYR E 427 42.76 -43.45 -73.37
CA TYR E 427 43.60 -42.55 -74.16
C TYR E 427 44.91 -42.21 -73.46
N LEU E 428 45.46 -43.14 -72.68
CA LEU E 428 46.73 -42.93 -72.01
C LEU E 428 47.88 -42.97 -73.00
N PRO E 429 49.05 -42.43 -72.63
CA PRO E 429 50.24 -42.65 -73.45
C PRO E 429 50.66 -44.12 -73.46
N ASP E 430 51.51 -44.44 -74.43
CA ASP E 430 51.83 -45.84 -74.72
C ASP E 430 52.69 -46.49 -73.64
N THR E 431 53.41 -45.70 -72.85
CA THR E 431 54.24 -46.26 -71.79
C THR E 431 53.44 -46.75 -70.61
N TYR E 432 52.16 -46.41 -70.53
CA TYR E 432 51.28 -46.82 -69.44
C TYR E 432 50.23 -47.82 -69.88
N LYS E 433 50.41 -48.44 -71.04
CA LYS E 433 49.52 -49.49 -71.51
C LYS E 433 50.27 -50.81 -71.54
N PHE E 434 49.62 -51.83 -72.07
CA PHE E 434 50.21 -53.15 -72.20
C PHE E 434 49.50 -53.90 -73.31
N THR E 435 50.22 -54.80 -73.93
CA THR E 435 49.52 -55.74 -74.78
C THR E 435 48.98 -56.91 -73.94
N PRO E 436 47.78 -57.37 -74.22
CA PRO E 436 47.25 -58.53 -73.50
C PRO E 436 47.98 -59.81 -73.92
N ALA E 437 47.69 -60.87 -73.17
CA ALA E 437 48.42 -62.11 -73.38
C ALA E 437 47.93 -62.84 -74.62
N ASN E 438 48.87 -63.50 -75.30
CA ASN E 438 48.62 -64.47 -76.37
C ASN E 438 47.94 -63.85 -77.58
N VAL E 439 48.23 -62.58 -77.87
CA VAL E 439 47.77 -61.94 -79.09
C VAL E 439 48.97 -61.41 -79.85
N ASP E 440 48.82 -61.27 -81.16
CA ASP E 440 49.90 -60.86 -82.05
C ASP E 440 49.53 -59.53 -82.69
N LEU E 441 50.33 -58.51 -82.42
CA LEU E 441 50.14 -57.14 -82.86
C LEU E 441 51.04 -56.82 -84.04
N PRO E 442 50.69 -55.81 -84.84
CA PRO E 442 51.58 -55.40 -85.93
C PRO E 442 52.89 -54.81 -85.42
N GLU E 443 53.89 -54.82 -86.31
CA GLU E 443 55.26 -54.53 -85.91
C GLU E 443 55.45 -53.05 -85.62
N ASN E 444 54.94 -52.19 -86.49
CA ASN E 444 55.15 -50.77 -86.32
C ASN E 444 54.22 -50.18 -85.28
N HIS E 445 54.65 -49.07 -84.69
CA HIS E 445 53.76 -48.22 -83.94
C HIS E 445 52.96 -47.37 -84.91
N LEU E 446 52.06 -46.54 -84.38
CA LEU E 446 51.28 -45.53 -85.12
C LEU E 446 50.40 -46.13 -86.21
N SER E 447 50.04 -47.40 -86.10
CA SER E 447 49.08 -48.02 -86.99
C SER E 447 47.80 -48.27 -86.20
N TYR E 448 46.78 -48.80 -86.88
CA TYR E 448 45.52 -49.03 -86.17
C TYR E 448 45.60 -50.25 -85.29
N GLY E 449 46.04 -51.39 -85.85
CA GLY E 449 46.06 -52.65 -85.15
C GLY E 449 46.98 -52.70 -83.94
N TYR E 450 47.92 -51.77 -83.85
CA TYR E 450 48.73 -51.64 -82.64
C TYR E 450 47.98 -50.86 -81.57
N ILE E 451 47.47 -49.67 -81.93
CA ILE E 451 46.80 -48.81 -80.97
C ILE E 451 45.47 -49.43 -80.53
N ASN E 452 44.82 -50.17 -81.43
CA ASN E 452 43.59 -50.88 -81.07
C ASN E 452 43.88 -52.01 -80.09
N GLY E 453 45.05 -52.64 -80.22
CA GLY E 453 45.31 -53.87 -79.49
C GLY E 453 45.67 -53.68 -78.04
N ARG E 454 46.18 -52.51 -77.68
CA ARG E 454 46.70 -52.30 -76.33
C ARG E 454 45.61 -51.75 -75.41
N LEU E 455 45.61 -52.23 -74.20
CA LEU E 455 44.75 -51.97 -73.06
C LEU E 455 45.50 -51.21 -71.99
N PRO E 456 44.82 -50.39 -71.19
CA PRO E 456 45.52 -49.61 -70.16
C PRO E 456 45.68 -50.35 -68.83
N LEU E 457 46.68 -49.92 -68.08
CA LEU E 457 46.93 -50.46 -66.76
C LEU E 457 45.80 -50.08 -65.81
N PRO E 458 45.42 -50.98 -64.88
CA PRO E 458 44.20 -50.76 -64.08
C PRO E 458 44.21 -49.61 -63.09
N ASN E 459 45.19 -49.56 -62.19
CA ASN E 459 45.06 -48.72 -61.02
C ASN E 459 45.38 -47.25 -61.28
N ILE E 460 45.86 -46.89 -62.47
CA ILE E 460 46.40 -45.55 -62.63
C ILE E 460 45.34 -44.50 -62.95
N VAL E 461 44.16 -44.93 -63.44
CA VAL E 461 42.98 -44.07 -63.56
C VAL E 461 41.81 -44.87 -63.02
N ASP E 462 41.24 -44.43 -61.91
CA ASP E 462 40.15 -45.15 -61.27
C ASP E 462 39.20 -44.12 -60.66
N THR E 463 38.12 -44.59 -60.04
CA THR E 463 37.17 -43.66 -59.43
C THR E 463 37.65 -43.04 -58.13
N TRP E 464 38.85 -43.39 -57.65
CA TRP E 464 39.40 -42.78 -56.45
C TRP E 464 40.50 -41.76 -56.72
N THR E 465 41.01 -41.63 -57.94
CA THR E 465 42.26 -40.92 -58.14
C THR E 465 42.06 -39.41 -58.12
N ASP E 466 42.89 -38.74 -57.31
CA ASP E 466 42.81 -37.32 -57.00
C ASP E 466 41.41 -36.92 -56.56
N ILE E 467 40.92 -37.61 -55.53
CA ILE E 467 39.53 -37.52 -55.13
C ILE E 467 39.26 -36.15 -54.51
N GLY E 468 38.18 -35.51 -54.95
CA GLY E 468 37.87 -34.17 -54.51
C GLY E 468 38.56 -33.06 -55.26
N ALA E 469 39.55 -33.36 -56.08
CA ALA E 469 40.39 -32.34 -56.69
C ALA E 469 40.03 -32.13 -58.16
N ARG E 470 40.02 -30.86 -58.56
CA ARG E 470 39.93 -30.47 -59.97
C ARG E 470 41.34 -30.48 -60.52
N TRP E 471 41.71 -31.54 -61.22
CA TRP E 471 43.13 -31.73 -61.54
C TRP E 471 43.27 -32.63 -62.76
N SER E 472 43.81 -32.08 -63.84
CA SER E 472 44.20 -32.90 -64.98
C SER E 472 45.44 -33.70 -64.64
N LEU E 473 45.50 -34.93 -65.17
CA LEU E 473 46.59 -35.85 -64.86
C LEU E 473 47.92 -35.32 -65.37
N ASP E 474 48.98 -35.56 -64.58
CA ASP E 474 50.30 -35.02 -64.91
C ASP E 474 50.90 -35.67 -66.13
N VAL E 475 50.42 -36.84 -66.53
CA VAL E 475 50.89 -37.49 -67.75
C VAL E 475 49.93 -37.28 -68.92
N MET E 476 48.70 -36.83 -68.66
CA MET E 476 47.77 -36.43 -69.69
C MET E 476 47.82 -34.94 -69.98
N ASP E 477 48.84 -34.24 -69.44
CA ASP E 477 48.99 -32.83 -69.77
C ASP E 477 49.49 -32.64 -71.19
N THR E 478 50.34 -33.52 -71.66
CA THR E 478 50.99 -33.35 -72.96
C THR E 478 50.42 -34.28 -74.03
N VAL E 479 49.44 -35.09 -73.69
CA VAL E 479 48.69 -35.86 -74.68
C VAL E 479 47.72 -34.90 -75.35
N ASN E 480 47.65 -34.95 -76.70
CA ASN E 480 46.83 -34.08 -77.53
C ASN E 480 45.36 -34.27 -77.19
N PRO E 481 44.69 -33.25 -76.66
CA PRO E 481 43.28 -33.42 -76.26
C PRO E 481 42.30 -33.40 -77.41
N PHE E 482 42.75 -33.04 -78.61
CA PHE E 482 41.88 -33.02 -79.78
C PHE E 482 41.87 -34.34 -80.51
N ASN E 483 42.61 -35.33 -80.02
CA ASN E 483 42.52 -36.70 -80.50
C ASN E 483 41.60 -37.49 -79.57
N HIS E 484 40.35 -37.07 -79.55
CA HIS E 484 39.35 -37.57 -78.63
C HIS E 484 38.07 -37.79 -79.42
N HIS E 485 37.23 -38.71 -78.96
CA HIS E 485 36.00 -38.96 -79.71
C HIS E 485 34.84 -38.07 -79.28
N ARG E 486 35.07 -37.15 -78.33
CA ARG E 486 34.18 -36.02 -78.10
C ARG E 486 34.71 -34.78 -78.83
N ASN E 487 35.51 -34.99 -79.87
CA ASN E 487 35.80 -33.90 -80.77
C ASN E 487 34.57 -33.66 -81.61
N THR E 488 33.64 -32.84 -81.09
CA THR E 488 32.35 -32.64 -81.73
C THR E 488 32.45 -31.87 -83.04
N GLY E 489 33.60 -31.26 -83.33
CA GLY E 489 33.86 -30.85 -84.70
C GLY E 489 34.17 -32.03 -85.59
N LEU E 490 35.07 -32.91 -85.14
CA LEU E 490 35.44 -34.07 -85.95
C LEU E 490 34.33 -35.11 -86.02
N LYS E 491 33.52 -35.23 -84.96
CA LYS E 491 32.33 -36.06 -85.03
C LYS E 491 31.34 -35.48 -86.04
N TYR E 492 31.26 -34.16 -86.14
CA TYR E 492 30.40 -33.53 -87.13
C TYR E 492 30.98 -33.67 -88.53
N ARG E 493 32.30 -33.60 -88.66
CA ARG E 493 32.92 -33.66 -89.98
C ARG E 493 32.98 -35.08 -90.52
N SER E 494 33.01 -36.09 -89.66
CA SER E 494 33.09 -37.47 -90.14
C SER E 494 31.71 -38.00 -90.52
N GLN E 495 30.70 -37.69 -89.73
CA GLN E 495 29.35 -38.14 -90.00
C GLN E 495 28.69 -37.38 -91.14
N LEU E 496 29.28 -36.27 -91.56
CA LEU E 496 28.73 -35.47 -92.64
C LEU E 496 28.94 -36.11 -94.00
N LEU E 497 29.97 -36.95 -94.14
CA LEU E 497 30.24 -37.65 -95.38
C LEU E 497 29.50 -38.98 -95.49
N GLY E 498 29.31 -39.67 -94.38
CA GLY E 498 28.62 -40.94 -94.38
C GLY E 498 29.03 -41.77 -93.18
N ASN E 499 28.85 -43.09 -93.32
CA ASN E 499 29.27 -44.01 -92.27
C ASN E 499 30.09 -45.20 -92.76
N GLY E 500 30.10 -45.50 -94.05
CA GLY E 500 30.94 -46.55 -94.58
C GLY E 500 32.21 -45.99 -95.15
N ARG E 501 33.19 -46.87 -95.39
CA ARG E 501 34.50 -46.41 -95.82
C ARG E 501 34.61 -46.24 -97.32
N TYR E 502 33.63 -46.68 -98.10
CA TYR E 502 33.61 -46.46 -99.54
C TYR E 502 32.64 -45.34 -99.83
N CYS E 503 33.13 -44.11 -99.80
CA CYS E 503 32.28 -42.95 -99.96
C CYS E 503 32.66 -42.17 -101.20
N ASP E 504 31.71 -41.37 -101.69
CA ASP E 504 32.01 -40.29 -102.60
C ASP E 504 31.55 -38.97 -101.97
N PHE E 505 32.28 -37.92 -102.26
CA PHE E 505 32.06 -36.65 -101.60
C PHE E 505 31.75 -35.58 -102.63
N HIS E 506 31.27 -34.44 -102.14
CA HIS E 506 30.98 -33.29 -102.99
C HIS E 506 31.21 -32.08 -102.11
N ILE E 507 32.40 -31.49 -102.20
CA ILE E 507 32.83 -30.50 -101.24
C ILE E 507 33.05 -29.17 -101.96
N GLN E 508 33.20 -28.10 -101.16
CA GLN E 508 33.43 -26.74 -101.65
C GLN E 508 34.57 -26.16 -100.84
N VAL E 509 35.75 -26.06 -101.44
CA VAL E 509 36.91 -25.62 -100.69
C VAL E 509 37.10 -24.11 -100.89
N PRO E 510 37.57 -23.36 -99.89
CA PRO E 510 37.62 -21.91 -100.05
C PRO E 510 38.86 -21.49 -100.79
N GLN E 511 39.12 -20.19 -100.83
CA GLN E 511 40.41 -19.66 -101.26
C GLN E 511 41.04 -18.90 -100.09
N LYS E 512 42.18 -19.39 -99.61
CA LYS E 512 42.75 -18.87 -98.38
C LYS E 512 43.93 -17.93 -98.59
N PHE E 513 44.41 -17.77 -99.81
CA PHE E 513 45.56 -16.89 -100.04
C PHE E 513 45.07 -15.45 -100.04
N PHE E 514 45.65 -14.65 -99.15
CA PHE E 514 45.05 -13.39 -98.73
C PHE E 514 45.04 -12.32 -99.81
N ALA E 515 45.91 -12.43 -100.82
CA ALA E 515 45.94 -11.40 -101.86
C ALA E 515 44.79 -11.55 -102.84
N ILE E 516 44.38 -12.78 -103.14
CA ILE E 516 43.35 -13.02 -104.14
C ILE E 516 42.16 -13.77 -103.54
N LYS E 517 41.91 -13.58 -102.25
CA LYS E 517 40.75 -14.22 -101.65
C LYS E 517 39.49 -13.36 -101.68
N ASN E 518 39.63 -12.04 -101.72
CA ASN E 518 38.50 -11.14 -101.85
C ASN E 518 38.84 -9.98 -102.78
N LEU E 519 39.43 -10.30 -103.93
CA LEU E 519 39.84 -9.29 -104.90
C LEU E 519 38.71 -9.00 -105.86
N LEU E 520 38.60 -7.74 -106.27
CA LEU E 520 37.58 -7.31 -107.22
C LEU E 520 38.23 -7.19 -108.60
N LEU E 521 37.78 -7.98 -109.55
CA LEU E 521 38.38 -7.94 -110.87
C LEU E 521 37.62 -6.99 -111.79
N LEU E 522 38.32 -6.53 -112.80
CA LEU E 522 37.78 -5.69 -113.85
C LEU E 522 37.73 -6.60 -115.08
N PRO E 523 37.13 -6.19 -116.21
CA PRO E 523 37.12 -7.06 -117.39
C PRO E 523 38.50 -7.44 -117.91
N GLY E 524 38.57 -8.64 -118.48
CA GLY E 524 39.83 -9.24 -118.89
C GLY E 524 39.73 -10.74 -118.80
N THR E 525 40.68 -11.42 -119.44
CA THR E 525 40.71 -12.87 -119.47
C THR E 525 41.88 -13.37 -118.63
N TYR E 526 41.59 -14.25 -117.67
CA TYR E 526 42.54 -14.63 -116.64
C TYR E 526 42.68 -16.15 -116.58
N ASN E 527 43.91 -16.63 -116.43
CA ASN E 527 44.18 -18.02 -116.13
C ASN E 527 44.30 -18.20 -114.63
N TYR E 528 43.91 -19.38 -114.16
CA TYR E 528 43.79 -19.60 -112.73
C TYR E 528 44.13 -21.07 -112.45
N GLU E 529 45.42 -21.33 -112.18
CA GLU E 529 45.93 -22.66 -111.96
C GLU E 529 46.00 -22.93 -110.46
N TRP E 530 45.81 -24.19 -110.10
CA TRP E 530 45.94 -24.56 -108.70
C TRP E 530 46.24 -26.04 -108.58
N TYR E 531 47.07 -26.39 -107.58
CA TYR E 531 47.46 -27.75 -107.29
C TYR E 531 46.79 -28.23 -105.99
N PHE E 532 46.30 -29.47 -106.00
CA PHE E 532 45.54 -30.05 -104.89
C PHE E 532 46.32 -31.21 -104.28
N ARG E 533 45.84 -31.74 -103.17
CA ARG E 533 46.59 -32.78 -102.48
C ARG E 533 45.98 -34.16 -102.68
N LYS E 534 46.81 -35.19 -102.47
CA LYS E 534 46.34 -36.56 -102.39
C LYS E 534 46.89 -37.31 -101.20
N ASP E 535 47.67 -36.67 -100.34
CA ASP E 535 48.23 -37.27 -99.14
C ASP E 535 47.12 -37.51 -98.13
N PRO E 536 46.80 -38.77 -97.78
CA PRO E 536 45.68 -39.00 -96.86
C PRO E 536 45.97 -38.59 -95.44
N ASN E 537 47.25 -38.44 -95.05
CA ASN E 537 47.56 -37.95 -93.72
C ASN E 537 47.27 -36.46 -93.59
N MET E 538 47.32 -35.72 -94.70
CA MET E 538 47.08 -34.29 -94.67
C MET E 538 45.65 -33.94 -95.05
N VAL E 539 45.08 -34.65 -96.02
CA VAL E 539 43.71 -34.38 -96.44
C VAL E 539 42.73 -34.79 -95.34
N LEU E 540 42.89 -36.00 -94.81
CA LEU E 540 41.96 -36.54 -93.83
C LEU E 540 42.48 -36.33 -92.41
N GLN E 541 41.57 -36.45 -91.46
CA GLN E 541 41.86 -36.38 -90.04
C GLN E 541 41.42 -37.69 -89.40
N SER E 542 42.04 -38.05 -88.29
CA SER E 542 41.68 -39.27 -87.59
C SER E 542 41.60 -38.99 -86.10
N THR E 543 40.71 -39.72 -85.42
CA THR E 543 40.57 -39.57 -83.98
C THR E 543 41.78 -40.15 -83.25
N LEU E 544 42.19 -41.36 -83.63
CA LEU E 544 43.33 -41.97 -82.95
C LEU E 544 44.65 -41.37 -83.41
N GLY E 545 44.72 -40.84 -84.62
CA GLY E 545 45.94 -40.24 -85.10
C GLY E 545 46.93 -41.23 -85.68
N ASN E 546 46.45 -42.32 -86.26
CA ASN E 546 47.32 -43.34 -86.83
C ASN E 546 47.79 -42.93 -88.23
N ASP E 547 48.63 -43.78 -88.81
CA ASP E 547 49.03 -43.59 -90.19
C ASP E 547 47.88 -43.99 -91.11
N LEU E 548 47.58 -43.14 -92.08
CA LEU E 548 46.58 -43.47 -93.09
C LEU E 548 47.20 -43.91 -94.41
N ARG E 549 48.53 -43.88 -94.54
CA ARG E 549 49.16 -44.42 -95.73
C ARG E 549 49.34 -45.92 -95.61
N ALA E 550 49.75 -46.40 -94.43
CA ALA E 550 49.86 -47.83 -94.19
C ALA E 550 48.48 -48.48 -94.14
N ASP E 551 47.62 -48.01 -93.24
CA ASP E 551 46.22 -48.39 -93.23
C ASP E 551 45.55 -47.70 -94.39
N GLY E 552 45.55 -48.35 -95.56
CA GLY E 552 45.40 -47.70 -96.84
C GLY E 552 44.13 -46.90 -97.09
N ALA E 553 44.28 -45.58 -97.05
CA ALA E 553 43.21 -44.65 -97.37
C ALA E 553 43.66 -43.81 -98.55
N SER E 554 42.75 -43.57 -99.48
CA SER E 554 43.11 -42.86 -100.70
C SER E 554 41.97 -41.97 -101.13
N ILE E 555 42.32 -40.85 -101.75
CA ILE E 555 41.36 -39.92 -102.33
C ILE E 555 41.68 -39.78 -103.81
N THR E 556 40.64 -39.83 -104.65
CA THR E 556 40.78 -39.66 -106.08
C THR E 556 39.81 -38.60 -106.54
N TYR E 557 40.29 -37.68 -107.37
CA TYR E 557 39.46 -36.60 -107.87
C TYR E 557 38.97 -36.96 -109.26
N THR E 558 37.66 -37.08 -109.42
CA THR E 558 37.11 -37.43 -110.72
C THR E 558 36.60 -36.23 -111.49
N GLN E 559 36.42 -35.09 -110.83
CA GLN E 559 35.74 -33.95 -111.41
C GLN E 559 35.98 -32.76 -110.50
N ILE E 560 36.05 -31.57 -111.08
CA ILE E 560 36.36 -30.37 -110.33
C ILE E 560 35.82 -29.18 -111.12
N ASN E 561 35.44 -28.12 -110.41
CA ASN E 561 34.86 -26.94 -111.04
C ASN E 561 35.42 -25.70 -110.35
N LEU E 562 34.82 -24.55 -110.67
CA LEU E 562 35.21 -23.27 -110.10
C LEU E 562 34.05 -22.32 -110.31
N TYR E 563 33.45 -21.84 -109.23
CA TYR E 563 32.20 -21.09 -109.33
C TYR E 563 32.44 -19.66 -108.94
N VAL E 564 32.12 -18.73 -109.85
CA VAL E 564 32.24 -17.30 -109.59
C VAL E 564 30.87 -16.68 -109.83
N SER E 565 30.44 -15.82 -108.91
CA SER E 565 29.17 -15.10 -109.05
C SER E 565 29.45 -13.74 -109.66
N PHE E 566 28.80 -13.44 -110.76
CA PHE E 566 29.05 -12.19 -111.47
C PHE E 566 27.98 -11.22 -111.00
N PHE E 567 28.37 -10.03 -110.60
CA PHE E 567 27.35 -9.10 -110.13
C PHE E 567 26.70 -8.39 -111.31
N PRO E 568 25.39 -8.37 -111.40
CA PRO E 568 24.75 -7.79 -112.60
C PRO E 568 24.57 -6.28 -112.51
N MET E 569 25.68 -5.55 -112.54
CA MET E 569 25.64 -4.10 -112.46
C MET E 569 25.22 -3.54 -113.81
N ASN E 570 24.59 -2.36 -113.79
CA ASN E 570 24.23 -1.66 -115.02
C ASN E 570 25.49 -1.27 -115.78
N TYR E 571 25.38 -1.29 -117.11
CA TYR E 571 26.55 -1.10 -117.95
C TYR E 571 27.09 0.32 -117.90
N ASP E 572 26.26 1.29 -117.54
CA ASP E 572 26.73 2.64 -117.31
C ASP E 572 27.29 2.83 -115.91
N THR E 573 26.73 2.13 -114.93
CA THR E 573 27.30 2.19 -113.58
C THR E 573 28.62 1.42 -113.51
N GLN E 574 28.72 0.33 -114.26
CA GLN E 574 29.98 -0.42 -114.36
C GLN E 574 31.06 0.41 -115.03
N SER E 575 30.71 1.12 -116.10
CA SER E 575 31.68 1.90 -116.84
C SER E 575 32.15 3.13 -116.07
N GLU E 576 31.41 3.54 -115.04
CA GLU E 576 31.93 4.57 -114.15
C GLU E 576 32.79 3.97 -113.05
N LEU E 577 32.50 2.74 -112.62
CA LEU E 577 33.29 2.09 -111.58
C LEU E 577 34.54 1.44 -112.14
N GLU E 578 34.51 1.02 -113.40
CA GLU E 578 35.73 0.50 -114.02
C GLU E 578 36.77 1.60 -114.17
N LEU E 579 36.37 2.75 -114.70
CA LEU E 579 37.28 3.86 -114.91
C LEU E 579 37.78 4.50 -113.62
N MET E 580 37.15 4.23 -112.48
CA MET E 580 37.70 4.67 -111.21
C MET E 580 38.69 3.67 -110.63
N LEU E 581 38.64 2.41 -111.05
CA LEU E 581 39.59 1.42 -110.56
C LEU E 581 40.70 1.12 -111.57
N ARG E 582 40.62 1.66 -112.78
CA ARG E 582 41.79 1.70 -113.64
C ARG E 582 42.78 2.75 -113.19
N ASN E 583 42.37 3.65 -112.30
CA ASN E 583 43.21 4.74 -111.84
C ASN E 583 44.31 4.20 -110.94
N ALA E 584 45.51 4.77 -111.06
CA ALA E 584 46.67 4.23 -110.36
C ALA E 584 46.66 4.55 -108.87
N THR E 585 45.88 5.55 -108.44
CA THR E 585 45.80 5.84 -107.02
C THR E 585 44.79 4.97 -106.30
N ASN E 586 43.90 4.31 -107.04
CA ASN E 586 42.92 3.41 -106.45
C ASN E 586 43.40 1.96 -106.51
N ASP E 587 44.61 1.71 -106.01
CA ASP E 587 45.13 0.36 -105.92
C ASP E 587 44.52 -0.35 -104.73
N GLN E 588 44.13 -1.61 -104.93
CA GLN E 588 43.49 -2.37 -103.88
C GLN E 588 44.54 -2.88 -102.90
N ASN E 589 44.46 -2.42 -101.66
CA ASN E 589 45.39 -2.84 -100.63
C ASN E 589 44.84 -4.08 -99.93
N PHE E 590 45.74 -5.00 -99.59
CA PHE E 590 45.35 -6.18 -98.84
C PHE E 590 46.46 -6.49 -97.84
N SER E 591 46.10 -7.14 -96.75
CA SER E 591 47.10 -7.53 -95.77
C SER E 591 46.68 -8.83 -95.12
N ASP E 592 47.67 -9.69 -94.87
CA ASP E 592 47.43 -10.96 -94.20
C ASP E 592 47.06 -10.73 -92.75
N TYR E 593 46.05 -11.47 -92.27
CA TYR E 593 45.56 -11.23 -90.92
C TYR E 593 46.56 -11.67 -89.87
N LEU E 594 47.29 -12.75 -90.12
CA LEU E 594 48.28 -13.21 -89.15
C LEU E 594 49.44 -12.24 -89.06
N GLY E 595 50.11 -12.01 -90.18
CA GLY E 595 51.23 -11.10 -90.22
C GLY E 595 52.39 -11.62 -89.39
N ALA E 596 52.96 -12.74 -89.82
CA ALA E 596 53.98 -13.38 -89.01
C ALA E 596 54.93 -14.15 -89.92
N VAL E 597 56.07 -14.52 -89.34
CA VAL E 597 57.11 -15.25 -90.03
C VAL E 597 57.35 -16.54 -89.24
N ASN E 598 57.05 -17.67 -89.86
CA ASN E 598 57.26 -18.95 -89.20
C ASN E 598 58.74 -19.27 -89.10
N ASN E 599 59.16 -19.68 -87.92
CA ASN E 599 60.54 -20.13 -87.69
C ASN E 599 60.49 -21.25 -86.68
N LEU E 600 60.53 -22.49 -87.15
CA LEU E 600 60.43 -23.67 -86.30
C LEU E 600 61.82 -24.08 -85.84
N TYR E 601 62.05 -24.07 -84.54
CA TYR E 601 63.34 -24.42 -83.94
C TYR E 601 63.22 -25.74 -83.20
N GLN E 602 64.15 -26.64 -83.46
CA GLN E 602 64.09 -27.97 -82.86
C GLN E 602 64.51 -27.94 -81.41
N ILE E 603 63.80 -28.69 -80.58
CA ILE E 603 64.22 -29.01 -79.22
C ILE E 603 64.48 -30.50 -79.17
N PRO E 604 65.70 -30.94 -78.84
CA PRO E 604 65.96 -32.37 -78.72
C PRO E 604 65.22 -32.98 -77.55
N ALA E 605 65.08 -34.31 -77.60
CA ALA E 605 64.33 -35.03 -76.59
C ALA E 605 65.10 -35.04 -75.28
N GLY E 606 64.53 -34.43 -74.25
CA GLY E 606 65.18 -34.27 -72.98
C GLY E 606 65.84 -32.93 -72.77
N SER E 607 66.08 -32.17 -73.84
CA SER E 607 66.64 -30.85 -73.73
C SER E 607 65.60 -29.87 -73.22
N SER E 608 66.08 -28.75 -72.67
CA SER E 608 65.18 -27.81 -72.02
C SER E 608 65.52 -26.36 -72.33
N THR E 609 66.31 -26.09 -73.38
CA THR E 609 66.75 -24.74 -73.69
C THR E 609 67.05 -24.66 -75.18
N VAL E 610 66.58 -23.61 -75.84
CA VAL E 610 67.03 -23.25 -77.17
C VAL E 610 67.56 -21.83 -77.13
N VAL E 611 68.47 -21.52 -78.04
CA VAL E 611 68.95 -20.15 -78.23
C VAL E 611 68.75 -19.79 -79.69
N VAL E 612 67.67 -19.06 -79.97
CA VAL E 612 67.41 -18.52 -81.30
C VAL E 612 68.21 -17.25 -81.47
N ASN E 613 69.00 -17.18 -82.51
CA ASN E 613 69.87 -16.04 -82.79
C ASN E 613 69.53 -15.49 -84.17
N ILE E 614 69.42 -14.17 -84.27
CA ILE E 614 69.09 -13.48 -85.51
C ILE E 614 70.22 -12.51 -85.82
N PRO E 615 70.80 -12.53 -87.02
CA PRO E 615 71.92 -11.62 -87.32
C PRO E 615 71.52 -10.16 -87.46
N ASP E 616 72.47 -9.30 -87.83
CA ASP E 616 72.30 -7.86 -87.87
C ASP E 616 71.30 -7.48 -88.95
N ARG E 617 70.10 -7.05 -88.54
CA ARG E 617 69.03 -6.72 -89.47
C ARG E 617 68.39 -5.40 -89.05
N SER E 618 67.56 -4.86 -89.95
CA SER E 618 66.75 -3.69 -89.65
C SER E 618 65.41 -4.12 -89.08
N TRP E 619 65.02 -3.50 -87.98
CA TRP E 619 63.85 -3.91 -87.20
C TRP E 619 62.75 -2.86 -87.21
N GLY E 620 62.67 -2.05 -88.26
CA GLY E 620 61.63 -1.03 -88.32
C GLY E 620 60.27 -1.65 -88.58
N ALA E 621 59.25 -1.06 -87.93
CA ALA E 621 57.84 -1.51 -87.98
C ALA E 621 57.66 -2.94 -87.49
N PHE E 622 58.46 -3.35 -86.51
CA PHE E 622 58.30 -4.65 -85.87
C PHE E 622 57.14 -4.59 -84.88
N ARG E 623 56.45 -5.71 -84.70
CA ARG E 623 55.24 -5.71 -83.89
C ARG E 623 55.29 -6.56 -82.62
N GLY E 624 56.03 -7.66 -82.61
CA GLY E 624 56.15 -8.44 -81.40
C GLY E 624 56.39 -9.90 -81.70
N TRP E 625 56.36 -10.71 -80.64
CA TRP E 625 56.67 -12.12 -80.71
C TRP E 625 55.45 -12.96 -80.36
N SER E 626 55.51 -14.23 -80.73
CA SER E 626 54.49 -15.21 -80.38
C SER E 626 55.11 -16.59 -80.46
N PHE E 627 54.92 -17.41 -79.43
CA PHE E 627 55.68 -18.65 -79.37
C PHE E 627 54.92 -19.76 -78.64
N THR E 628 55.06 -20.99 -79.15
CA THR E 628 54.47 -22.20 -78.58
C THR E 628 55.21 -23.42 -79.15
N ARG E 629 55.45 -24.41 -78.29
CA ARG E 629 56.03 -25.66 -78.74
C ARG E 629 55.07 -26.44 -79.62
N LEU E 630 55.63 -27.30 -80.46
CA LEU E 630 54.89 -28.19 -81.33
C LEU E 630 55.64 -29.51 -81.37
N LYS E 631 54.91 -30.63 -81.34
CA LYS E 631 55.58 -31.91 -81.50
C LYS E 631 56.09 -32.06 -82.93
N VAL E 632 57.25 -32.73 -83.05
CA VAL E 632 57.85 -32.94 -84.37
C VAL E 632 57.04 -33.97 -85.15
N SER E 633 56.55 -35.00 -84.47
CA SER E 633 55.73 -36.01 -85.14
C SER E 633 54.37 -35.47 -85.54
N GLU E 634 53.89 -34.41 -84.88
CA GLU E 634 52.61 -33.80 -85.20
C GLU E 634 52.76 -32.55 -86.08
N THR E 635 53.91 -32.34 -86.68
CA THR E 635 54.14 -31.17 -87.52
C THR E 635 54.76 -31.58 -88.84
N PRO E 636 54.07 -31.41 -89.96
CA PRO E 636 54.66 -31.70 -91.26
C PRO E 636 55.58 -30.57 -91.69
N ARG E 637 56.27 -30.79 -92.79
CA ARG E 637 57.10 -29.75 -93.38
C ARG E 637 56.57 -29.51 -94.80
N ILE E 638 55.63 -28.57 -94.89
CA ILE E 638 55.02 -28.21 -96.16
C ILE E 638 56.03 -27.45 -97.01
N GLY E 639 56.16 -27.85 -98.26
CA GLY E 639 57.18 -27.27 -99.12
C GLY E 639 57.70 -28.31 -100.09
N ALA E 640 57.44 -29.56 -99.79
CA ALA E 640 57.68 -30.64 -100.74
C ALA E 640 56.37 -31.03 -101.40
N THR E 641 56.46 -31.90 -102.40
CA THR E 641 55.25 -32.45 -102.99
C THR E 641 54.61 -33.47 -102.07
N GLN E 642 55.43 -34.12 -101.23
CA GLN E 642 54.96 -35.11 -100.28
C GLN E 642 55.97 -35.18 -99.15
N ASP E 643 55.49 -35.34 -97.92
CA ASP E 643 56.37 -35.53 -96.77
C ASP E 643 56.40 -37.02 -96.45
N PRO E 644 57.46 -37.75 -96.80
CA PRO E 644 57.47 -39.20 -96.55
C PRO E 644 57.75 -39.58 -95.11
N ASN E 645 58.16 -38.63 -94.28
CA ASN E 645 58.42 -38.87 -92.86
C ASN E 645 57.30 -38.36 -91.98
N PHE E 646 56.07 -38.35 -92.49
CA PHE E 646 54.92 -37.81 -91.78
C PHE E 646 53.94 -38.94 -91.54
N GLN E 647 54.00 -39.52 -90.34
CA GLN E 647 53.26 -40.72 -89.99
C GLN E 647 52.04 -40.43 -89.12
N TYR E 648 51.57 -39.18 -89.10
CA TYR E 648 50.54 -38.75 -88.17
C TYR E 648 49.35 -38.20 -88.95
N SER E 649 48.15 -38.39 -88.41
CA SER E 649 46.96 -37.89 -89.08
C SER E 649 45.92 -37.32 -88.14
N GLY E 650 46.30 -36.92 -86.93
CA GLY E 650 45.37 -36.28 -86.01
C GLY E 650 45.22 -34.80 -86.32
N SER E 651 44.99 -34.01 -85.29
CA SER E 651 44.94 -32.57 -85.45
C SER E 651 46.36 -32.02 -85.47
N ILE E 652 46.67 -31.18 -86.45
CA ILE E 652 47.99 -30.60 -86.61
C ILE E 652 47.96 -29.20 -86.02
N PRO E 653 48.59 -28.95 -84.87
CA PRO E 653 48.51 -27.63 -84.24
C PRO E 653 49.24 -26.53 -85.00
N TYR E 654 50.04 -26.88 -86.01
CA TYR E 654 50.71 -25.86 -86.81
C TYR E 654 49.79 -25.24 -87.84
N LEU E 655 48.77 -25.96 -88.29
CA LEU E 655 47.89 -25.50 -89.35
C LEU E 655 46.63 -24.83 -88.81
N ASP E 656 45.83 -25.53 -88.04
CA ASP E 656 44.83 -24.86 -87.23
C ASP E 656 45.37 -24.67 -85.81
N GLY E 657 44.82 -23.69 -85.10
CA GLY E 657 45.42 -23.27 -83.86
C GLY E 657 45.14 -24.13 -82.65
N THR E 658 45.16 -25.45 -82.80
CA THR E 658 44.88 -26.35 -81.70
C THR E 658 46.13 -26.57 -80.84
N PHE E 659 46.62 -25.47 -80.27
CA PHE E 659 47.82 -25.54 -79.44
C PHE E 659 47.45 -26.03 -78.05
N TYR E 660 48.26 -26.93 -77.52
CA TYR E 660 48.02 -27.45 -76.19
C TYR E 660 49.27 -27.47 -75.33
N LEU E 661 50.45 -27.34 -75.92
CA LEU E 661 51.69 -27.16 -75.18
C LEU E 661 52.01 -25.68 -74.97
N SER E 662 51.00 -24.83 -74.92
CA SER E 662 51.20 -23.42 -74.59
C SER E 662 51.50 -23.20 -73.12
N HIS E 663 51.36 -24.22 -72.28
CA HIS E 663 52.04 -24.23 -70.99
C HIS E 663 53.47 -24.70 -71.22
N THR E 664 54.14 -25.18 -70.17
CA THR E 664 55.41 -25.91 -70.19
C THR E 664 56.60 -25.03 -70.63
N PHE E 665 56.36 -23.76 -70.93
CA PHE E 665 57.42 -22.77 -70.97
C PHE E 665 57.76 -22.31 -69.57
N GLN E 666 59.05 -22.25 -69.26
CA GLN E 666 59.49 -21.89 -67.92
C GLN E 666 59.92 -20.43 -67.83
N ARG E 667 60.83 -19.97 -68.68
CA ARG E 667 61.19 -18.56 -68.71
C ARG E 667 61.63 -18.18 -70.12
N CYS E 668 62.05 -16.93 -70.26
CA CYS E 668 62.27 -16.31 -71.56
C CYS E 668 63.08 -15.02 -71.41
N SER E 669 64.11 -14.85 -72.23
CA SER E 669 64.92 -13.65 -72.20
C SER E 669 65.14 -13.15 -73.62
N ILE E 670 65.06 -11.83 -73.78
CA ILE E 670 65.22 -11.17 -75.07
C ILE E 670 66.35 -10.17 -74.93
N GLN E 671 67.31 -10.22 -75.86
CA GLN E 671 68.59 -9.54 -75.63
C GLN E 671 69.04 -8.94 -76.95
N TRP E 672 69.42 -7.66 -76.94
CA TRP E 672 69.48 -6.93 -78.21
C TRP E 672 70.75 -7.16 -79.03
N ASP E 673 71.89 -6.71 -78.54
CA ASP E 673 73.03 -6.53 -79.42
C ASP E 673 74.31 -6.91 -78.71
N SER E 674 74.27 -8.03 -77.98
CA SER E 674 75.25 -8.39 -76.94
C SER E 674 75.48 -7.22 -75.99
N SER E 675 74.37 -6.60 -75.60
CA SER E 675 74.34 -5.32 -74.91
C SER E 675 73.10 -5.32 -74.02
N VAL E 676 72.62 -4.14 -73.69
CA VAL E 676 71.46 -3.87 -72.84
C VAL E 676 70.23 -4.65 -73.32
N PRO E 677 69.54 -5.40 -72.44
CA PRO E 677 68.42 -6.25 -72.87
C PRO E 677 67.12 -5.50 -73.07
N TRP E 678 66.05 -6.26 -73.29
CA TRP E 678 64.71 -5.71 -73.49
C TRP E 678 63.75 -6.33 -72.49
N PRO E 679 62.87 -5.53 -71.86
CA PRO E 679 62.78 -4.07 -71.89
C PRO E 679 63.84 -3.41 -71.03
N GLY E 680 64.25 -4.09 -69.95
CA GLY E 680 65.47 -3.76 -69.23
C GLY E 680 65.56 -2.42 -68.54
N ASN E 681 64.48 -1.65 -68.53
CA ASN E 681 64.45 -0.37 -67.84
C ASN E 681 63.82 -0.50 -66.47
N ASP E 682 64.10 -1.61 -65.79
CA ASP E 682 63.54 -1.97 -64.49
C ASP E 682 62.01 -2.00 -64.56
N ARG E 683 61.48 -2.58 -65.64
CA ARG E 683 60.04 -2.51 -65.87
C ARG E 683 59.28 -3.49 -65.00
N MET E 684 59.52 -4.78 -65.19
CA MET E 684 58.84 -5.82 -64.44
C MET E 684 59.62 -6.12 -63.16
N LEU E 685 59.08 -7.02 -62.33
CA LEU E 685 59.70 -7.28 -61.03
C LEU E 685 61.01 -8.05 -61.17
N THR E 686 61.11 -8.93 -62.16
CA THR E 686 62.38 -9.54 -62.53
C THR E 686 62.79 -8.92 -63.86
N PRO E 687 63.55 -7.82 -63.83
CA PRO E 687 63.61 -6.94 -65.01
C PRO E 687 64.45 -7.43 -66.17
N ASN E 688 65.16 -8.56 -66.03
CA ASN E 688 66.07 -8.98 -67.08
C ASN E 688 65.55 -10.14 -67.92
N TRP E 689 64.57 -10.89 -67.44
CA TRP E 689 64.00 -11.97 -68.22
C TRP E 689 62.55 -12.16 -67.81
N PHE E 690 61.74 -12.62 -68.75
CA PHE E 690 60.33 -12.92 -68.49
C PHE E 690 60.24 -14.25 -67.77
N GLU E 691 59.65 -14.25 -66.57
CA GLU E 691 59.40 -15.49 -65.85
C GLU E 691 57.99 -15.97 -66.19
N ILE E 692 57.88 -16.97 -67.04
CA ILE E 692 56.56 -17.45 -67.46
C ILE E 692 55.93 -18.30 -66.38
N LYS E 693 56.59 -19.37 -65.97
CA LYS E 693 56.17 -20.15 -64.81
C LYS E 693 57.21 -20.03 -63.71
N ARG E 694 56.80 -20.38 -62.50
CA ARG E 694 57.71 -20.55 -61.39
C ARG E 694 57.04 -21.45 -60.38
N PRO E 695 57.67 -22.55 -59.97
CA PRO E 695 56.98 -23.53 -59.13
C PRO E 695 56.82 -23.04 -57.69
N ILE E 696 55.59 -23.15 -57.19
CA ILE E 696 55.31 -22.93 -55.78
C ILE E 696 55.99 -24.04 -54.99
N ASN E 697 56.60 -23.67 -53.85
CA ASN E 697 57.70 -24.20 -53.02
C ASN E 697 59.07 -23.72 -53.51
N GLN E 698 59.07 -22.73 -54.41
CA GLN E 698 60.30 -22.03 -54.77
C GLN E 698 59.98 -20.56 -54.93
N ASP E 699 60.86 -19.70 -54.40
CA ASP E 699 60.69 -18.25 -54.36
C ASP E 699 59.41 -17.87 -53.64
N ALA E 700 59.45 -18.08 -52.31
CA ALA E 700 58.31 -17.84 -51.43
C ALA E 700 57.85 -16.38 -51.42
N GLU E 701 58.73 -15.43 -51.75
CA GLU E 701 58.29 -14.09 -52.10
C GLU E 701 57.39 -14.19 -53.33
N GLY E 702 56.15 -13.72 -53.19
CA GLY E 702 55.01 -14.26 -53.92
C GLY E 702 55.09 -14.33 -55.43
N ASN E 703 54.93 -13.19 -56.12
CA ASN E 703 55.05 -13.01 -57.58
C ASN E 703 54.46 -14.16 -58.39
N ASP E 704 53.20 -14.47 -58.09
CA ASP E 704 52.58 -15.70 -58.55
C ASP E 704 51.08 -15.49 -58.53
N THR E 705 50.41 -15.68 -59.67
CA THR E 705 49.05 -15.19 -59.82
C THR E 705 48.04 -16.31 -60.08
N MET E 706 46.79 -15.97 -59.75
CA MET E 706 45.58 -16.73 -60.11
C MET E 706 45.58 -18.17 -59.62
N GLN E 707 46.20 -18.42 -58.47
CA GLN E 707 46.29 -19.74 -57.84
C GLN E 707 46.92 -20.76 -58.78
N SER E 708 48.00 -20.37 -59.45
CA SER E 708 48.63 -21.22 -60.44
C SER E 708 50.12 -20.93 -60.46
N ASN E 709 50.83 -21.52 -61.41
CA ASN E 709 52.26 -21.27 -61.56
C ASN E 709 52.56 -19.93 -62.24
N LEU E 710 51.56 -19.25 -62.79
CA LEU E 710 51.81 -18.06 -63.59
C LEU E 710 52.20 -16.90 -62.69
N THR E 711 53.14 -16.08 -63.15
CA THR E 711 53.71 -15.03 -62.32
C THR E 711 52.91 -13.74 -62.44
N LYS E 712 53.16 -12.82 -61.51
CA LYS E 712 52.49 -11.53 -61.55
C LYS E 712 53.01 -10.68 -62.69
N ASP E 713 54.27 -10.88 -63.08
CA ASP E 713 54.87 -10.06 -64.11
C ASP E 713 54.33 -10.44 -65.48
N PHE E 714 54.32 -11.72 -65.78
CA PHE E 714 54.01 -12.20 -67.11
C PHE E 714 52.52 -12.29 -67.38
N PHE E 715 51.70 -12.36 -66.34
CA PHE E 715 50.27 -12.21 -66.50
C PHE E 715 49.88 -10.78 -66.87
N MET E 716 50.64 -9.79 -66.45
CA MET E 716 50.39 -8.40 -66.82
C MET E 716 50.62 -8.15 -68.30
N VAL E 717 51.67 -8.73 -68.88
CA VAL E 717 51.97 -8.47 -70.29
C VAL E 717 51.11 -9.30 -71.24
N GLN E 718 50.31 -10.23 -70.71
CA GLN E 718 49.35 -10.95 -71.54
C GLN E 718 47.97 -10.34 -71.51
N MET E 719 47.56 -9.76 -70.38
CA MET E 719 46.30 -9.04 -70.36
C MET E 719 46.41 -7.67 -71.01
N ALA E 720 47.60 -7.07 -70.97
CA ALA E 720 47.81 -5.79 -71.62
C ALA E 720 47.93 -5.94 -73.13
N ALA E 721 48.49 -7.05 -73.61
CA ALA E 721 48.57 -7.28 -75.04
C ALA E 721 47.21 -7.63 -75.62
N SER E 722 46.44 -8.45 -74.91
CA SER E 722 45.20 -8.98 -75.48
C SER E 722 44.03 -8.05 -75.23
N TYR E 723 43.91 -7.52 -74.02
CA TYR E 723 42.67 -6.86 -73.61
C TYR E 723 42.88 -5.44 -73.10
N ASN E 724 44.08 -4.88 -73.24
CA ASN E 724 44.39 -3.48 -72.98
C ASN E 724 44.10 -3.11 -71.52
N GLN E 725 44.59 -3.94 -70.60
CA GLN E 725 44.38 -3.77 -69.18
C GLN E 725 45.71 -3.78 -68.47
N GLY E 726 45.66 -3.83 -67.13
CA GLY E 726 46.85 -3.96 -66.29
C GLY E 726 47.13 -2.74 -65.45
N TYR E 727 46.96 -1.54 -66.01
CA TYR E 727 47.30 -0.32 -65.31
C TYR E 727 46.14 0.26 -64.54
N GLN E 728 44.93 -0.22 -64.76
CA GLN E 728 43.74 0.30 -64.10
C GLN E 728 42.89 -0.83 -63.56
N GLY E 729 43.52 -1.89 -63.10
CA GLY E 729 42.80 -3.02 -62.55
C GLY E 729 42.33 -3.98 -63.62
N PHE E 730 42.05 -5.21 -63.18
CA PHE E 730 41.62 -6.28 -64.07
C PHE E 730 40.14 -6.57 -63.87
N ASN E 731 39.54 -7.12 -64.92
CA ASN E 731 38.17 -7.60 -64.88
C ASN E 731 37.99 -8.61 -66.01
N TRP E 732 36.82 -9.19 -66.06
CA TRP E 732 36.48 -10.03 -67.20
C TRP E 732 36.19 -9.12 -68.38
N PRO E 733 36.93 -9.24 -69.49
CA PRO E 733 36.72 -8.33 -70.62
C PRO E 733 35.43 -8.65 -71.36
N ASN E 734 34.96 -7.66 -72.12
CA ASN E 734 33.67 -7.75 -72.76
C ASN E 734 33.68 -8.77 -73.91
N CYS E 735 34.53 -8.54 -74.90
CA CYS E 735 34.65 -9.44 -76.04
C CYS E 735 35.86 -10.33 -75.88
N THR E 736 35.62 -11.63 -75.79
CA THR E 736 36.68 -12.64 -75.69
C THR E 736 36.61 -13.52 -76.93
N LYS E 737 37.69 -13.52 -77.71
CA LYS E 737 37.72 -14.29 -78.94
C LYS E 737 37.94 -15.77 -78.63
N HIS E 738 37.96 -16.57 -79.69
CA HIS E 738 38.13 -18.01 -79.53
C HIS E 738 39.55 -18.36 -79.10
N TYR E 739 40.54 -17.72 -79.70
CA TYR E 739 41.93 -17.90 -79.29
C TYR E 739 42.35 -16.82 -78.27
N GLY E 740 41.51 -16.62 -77.25
CA GLY E 740 41.80 -15.61 -76.24
C GLY E 740 42.66 -16.15 -75.14
N PHE E 741 42.89 -15.33 -74.11
CA PHE E 741 43.72 -15.72 -72.97
C PHE E 741 42.89 -16.15 -71.77
N ILE E 742 42.09 -15.23 -71.22
CA ILE E 742 41.29 -15.54 -70.04
C ILE E 742 40.07 -16.36 -70.41
N ASN E 743 39.80 -16.50 -71.72
CA ASN E 743 38.80 -17.43 -72.21
C ASN E 743 39.14 -18.87 -71.80
N ASN E 744 40.41 -19.24 -71.87
CA ASN E 744 40.82 -20.62 -71.63
C ASN E 744 42.10 -20.69 -70.80
N PHE E 745 42.23 -19.83 -69.80
CA PHE E 745 43.21 -20.02 -68.74
C PHE E 745 42.52 -20.77 -67.61
N GLU E 746 43.11 -21.88 -67.18
CA GLU E 746 42.48 -22.75 -66.19
C GLU E 746 43.49 -23.16 -65.14
N PRO E 747 43.44 -22.57 -63.95
CA PRO E 747 44.30 -23.01 -62.86
C PRO E 747 43.70 -24.20 -62.13
N MET E 748 44.56 -24.92 -61.42
CA MET E 748 44.16 -26.14 -60.72
C MET E 748 45.16 -26.45 -59.62
N SER E 749 44.68 -27.18 -58.61
CA SER E 749 45.50 -27.45 -57.42
C SER E 749 45.06 -28.76 -56.77
N ARG E 750 45.99 -29.37 -56.03
CA ARG E 750 45.71 -30.56 -55.25
C ARG E 750 46.75 -30.66 -54.14
N GLN E 751 46.52 -31.60 -53.22
CA GLN E 751 47.52 -31.95 -52.21
C GLN E 751 47.91 -33.41 -52.33
N VAL E 752 49.10 -33.73 -51.83
CA VAL E 752 49.63 -35.09 -51.76
C VAL E 752 50.30 -35.26 -50.40
N PRO E 753 50.40 -36.47 -49.87
CA PRO E 753 51.16 -36.68 -48.63
C PRO E 753 52.66 -36.59 -48.90
N GLU E 754 53.44 -36.67 -47.83
CA GLU E 754 54.88 -36.51 -47.99
C GLU E 754 55.55 -37.74 -48.57
N TYR E 755 54.92 -38.92 -48.42
CA TYR E 755 55.41 -40.21 -48.93
C TYR E 755 56.81 -40.53 -48.41
N GLY E 756 56.95 -40.50 -47.10
CA GLY E 756 58.21 -40.82 -46.44
C GLY E 756 58.33 -42.29 -46.13
N ALA E 757 59.10 -42.58 -45.08
CA ALA E 757 59.22 -43.96 -44.62
C ALA E 757 58.01 -44.39 -43.79
N ASN E 758 57.34 -43.43 -43.12
CA ASN E 758 56.14 -43.76 -42.36
C ASN E 758 54.98 -44.04 -43.30
N TYR E 759 54.90 -43.30 -44.40
CA TYR E 759 53.80 -43.46 -45.36
C TYR E 759 54.36 -43.97 -46.68
N PRO E 760 54.30 -45.26 -46.96
CA PRO E 760 54.87 -45.78 -48.20
C PRO E 760 54.06 -45.39 -49.43
N ASN E 761 54.76 -45.25 -50.55
CA ASN E 761 54.15 -44.92 -51.83
C ASN E 761 53.79 -46.24 -52.51
N LEU E 762 52.54 -46.66 -52.38
CA LEU E 762 52.09 -47.85 -53.06
C LEU E 762 51.84 -47.62 -54.54
N MET E 763 51.79 -46.36 -54.97
CA MET E 763 51.57 -46.06 -56.37
C MET E 763 52.84 -46.26 -57.19
N ALA E 764 53.99 -45.85 -56.63
CA ALA E 764 55.25 -46.05 -57.34
C ALA E 764 55.69 -47.51 -57.29
N ALA E 765 55.29 -48.24 -56.25
CA ALA E 765 55.61 -49.66 -56.19
C ALA E 765 54.79 -50.44 -57.21
N TYR E 766 53.60 -49.96 -57.54
CA TYR E 766 52.77 -50.65 -58.54
C TYR E 766 53.34 -50.48 -59.94
N LEU E 767 53.79 -49.27 -60.27
CA LEU E 767 54.36 -49.03 -61.59
C LEU E 767 55.73 -49.65 -61.76
N ALA E 768 56.42 -49.97 -60.67
CA ALA E 768 57.69 -50.68 -60.76
C ALA E 768 57.48 -52.13 -61.21
N ASN E 769 56.63 -52.86 -60.50
CA ASN E 769 56.26 -54.22 -60.90
C ASN E 769 54.75 -54.43 -60.73
N PRO E 770 53.97 -54.39 -61.81
CA PRO E 770 52.53 -54.58 -61.69
C PRO E 770 52.09 -56.02 -61.44
N GLN E 771 53.00 -57.00 -61.48
CA GLN E 771 52.60 -58.39 -61.27
C GLN E 771 52.28 -58.65 -59.80
N THR E 772 52.79 -57.82 -58.89
CA THR E 772 52.31 -57.87 -57.52
C THR E 772 51.15 -56.89 -57.36
N MET E 773 50.52 -56.93 -56.20
CA MET E 773 49.32 -56.12 -55.92
C MET E 773 49.55 -55.30 -54.67
N PRO E 774 50.17 -54.12 -54.79
CA PRO E 774 50.31 -53.27 -53.60
C PRO E 774 49.05 -52.49 -53.28
N ILE E 775 48.20 -52.26 -54.26
CA ILE E 775 47.00 -51.43 -54.09
C ILE E 775 45.80 -52.35 -53.93
N TRP E 776 45.10 -52.23 -52.82
CA TRP E 776 43.88 -52.98 -52.55
C TRP E 776 42.74 -51.99 -52.44
N ASN E 777 41.88 -51.94 -53.45
CA ASN E 777 40.69 -51.11 -53.39
C ASN E 777 39.65 -51.83 -54.22
N ASN E 778 38.39 -51.82 -53.71
CA ASN E 778 37.22 -52.66 -54.02
C ASN E 778 37.61 -54.05 -54.48
N CYS E 779 38.46 -54.69 -53.68
CA CYS E 779 38.91 -56.04 -53.93
C CYS E 779 37.79 -57.02 -53.69
N GLY E 780 37.71 -58.05 -54.53
CA GLY E 780 36.65 -59.01 -54.48
C GLY E 780 35.44 -58.65 -55.31
N PHE E 781 35.24 -57.38 -55.60
CA PHE E 781 34.13 -56.93 -56.44
C PHE E 781 34.60 -56.53 -57.83
N GLN E 782 35.86 -56.78 -58.16
CA GLN E 782 36.37 -56.55 -59.50
C GLN E 782 37.48 -57.55 -59.77
N GLN E 783 38.27 -57.28 -60.82
CA GLN E 783 39.33 -58.17 -61.27
C GLN E 783 40.57 -57.99 -60.39
N LYS E 784 41.56 -58.88 -60.59
CA LYS E 784 42.96 -58.55 -60.35
C LYS E 784 43.31 -57.18 -60.90
N THR E 785 44.14 -56.46 -60.17
CA THR E 785 44.65 -55.19 -60.64
C THR E 785 45.89 -55.34 -61.52
N ALA E 786 46.11 -56.50 -62.11
CA ALA E 786 47.12 -56.67 -63.15
C ALA E 786 46.48 -57.23 -64.40
N THR E 787 46.73 -56.55 -65.53
CA THR E 787 46.67 -57.09 -66.90
C THR E 787 45.22 -57.31 -67.37
N ASN E 788 44.22 -57.14 -66.51
CA ASN E 788 42.98 -57.81 -66.82
C ASN E 788 41.70 -57.03 -66.52
N VAL E 789 41.74 -55.70 -66.39
CA VAL E 789 40.71 -54.90 -65.71
C VAL E 789 39.35 -54.92 -66.41
N LEU E 790 39.30 -55.45 -67.63
CA LEU E 790 38.10 -55.38 -68.45
C LEU E 790 37.20 -56.61 -68.31
N LEU E 791 37.58 -57.60 -67.51
CA LEU E 791 36.73 -58.79 -67.40
C LEU E 791 36.44 -59.15 -65.94
N GLU E 792 35.92 -60.38 -65.75
CA GLU E 792 35.08 -60.80 -64.63
C GLU E 792 35.72 -60.57 -63.26
N ARG E 793 34.86 -60.51 -62.24
CA ARG E 793 35.28 -60.33 -60.86
C ARG E 793 36.00 -61.56 -60.33
N CYS E 794 36.69 -61.37 -59.21
CA CYS E 794 37.46 -62.38 -58.49
C CYS E 794 37.91 -61.79 -57.16
N GLY E 795 38.05 -62.66 -56.17
CA GLY E 795 38.58 -62.28 -54.88
C GLY E 795 37.54 -62.36 -53.78
N HIS E 796 37.84 -61.71 -52.67
CA HIS E 796 36.95 -61.68 -51.52
C HIS E 796 36.85 -60.27 -50.97
N PRO E 797 35.69 -59.88 -50.42
CA PRO E 797 35.54 -58.53 -49.89
C PRO E 797 36.37 -58.33 -48.64
N TYR E 798 37.08 -57.20 -48.59
CA TYR E 798 38.15 -57.02 -47.62
C TYR E 798 38.45 -55.52 -47.55
N VAL E 799 39.16 -55.13 -46.49
CA VAL E 799 39.46 -53.74 -46.22
C VAL E 799 40.41 -53.19 -47.27
N ALA E 800 40.32 -51.90 -47.54
CA ALA E 800 41.15 -51.22 -48.52
C ALA E 800 42.31 -50.50 -47.84
N ASN E 801 43.40 -50.31 -48.60
CA ASN E 801 44.59 -49.68 -48.05
C ASN E 801 45.10 -48.51 -48.88
N TRP E 802 44.37 -48.07 -49.91
CA TRP E 802 44.93 -47.08 -50.78
C TRP E 802 43.76 -46.34 -51.44
N PRO E 803 43.82 -45.01 -51.57
CA PRO E 803 44.88 -44.07 -51.21
C PRO E 803 44.85 -43.62 -49.77
N TYR E 804 45.59 -42.57 -49.46
CA TYR E 804 45.48 -42.02 -48.12
C TYR E 804 44.33 -41.01 -48.07
N PRO E 805 43.62 -40.92 -46.95
CA PRO E 805 42.60 -39.86 -46.81
C PRO E 805 43.27 -38.50 -46.68
N LEU E 806 42.93 -37.59 -47.59
CA LEU E 806 43.47 -36.25 -47.53
C LEU E 806 42.54 -35.29 -46.79
N SER E 807 41.27 -35.67 -46.62
CA SER E 807 40.32 -34.85 -45.88
C SER E 807 39.65 -35.69 -44.82
N GLY E 808 38.63 -35.15 -44.18
CA GLY E 808 37.85 -35.92 -43.24
C GLY E 808 38.39 -35.88 -41.82
N ARG E 809 37.95 -36.87 -41.04
CA ARG E 809 38.21 -36.88 -39.61
C ARG E 809 39.63 -37.28 -39.27
N ASN E 810 40.23 -38.15 -40.07
CA ASN E 810 41.55 -38.70 -39.81
C ASN E 810 42.43 -38.58 -41.04
N ALA E 811 42.47 -37.38 -41.61
CA ALA E 811 43.33 -37.11 -42.75
C ALA E 811 44.79 -37.15 -42.35
N VAL E 812 45.64 -37.48 -43.31
CA VAL E 812 47.07 -37.56 -43.05
C VAL E 812 47.65 -36.16 -42.92
N PRO E 813 48.42 -35.88 -41.88
CA PRO E 813 49.06 -34.56 -41.76
C PRO E 813 50.30 -34.50 -42.66
N ASN E 814 50.98 -33.35 -42.60
CA ASN E 814 52.20 -33.06 -43.36
C ASN E 814 52.00 -33.23 -44.86
N GLN E 815 50.91 -32.69 -45.38
CA GLN E 815 50.62 -32.76 -46.81
C GLN E 815 50.95 -31.43 -47.47
N VAL E 816 51.40 -31.52 -48.72
CA VAL E 816 52.03 -30.40 -49.42
C VAL E 816 51.22 -30.07 -50.67
N THR E 817 51.12 -28.78 -50.99
CA THR E 817 50.25 -28.27 -52.04
C THR E 817 51.01 -28.17 -53.36
N GLU E 818 50.38 -28.64 -54.43
CA GLU E 818 50.96 -28.58 -55.77
C GLU E 818 50.02 -27.81 -56.69
N ARG E 819 50.58 -26.94 -57.52
CA ARG E 819 49.78 -26.09 -58.40
C ARG E 819 50.33 -26.13 -59.81
N LYS E 820 49.41 -26.01 -60.79
CA LYS E 820 49.78 -25.82 -62.18
C LYS E 820 48.60 -25.17 -62.90
N PHE E 821 48.77 -24.94 -64.20
CA PHE E 821 47.71 -24.40 -65.04
C PHE E 821 47.78 -25.06 -66.40
N LEU E 822 46.74 -24.84 -67.21
CA LEU E 822 46.71 -25.32 -68.58
C LEU E 822 46.07 -24.26 -69.45
N VAL E 823 46.84 -23.72 -70.39
CA VAL E 823 46.29 -22.92 -71.49
C VAL E 823 46.27 -23.77 -72.74
N ASP E 824 45.13 -23.76 -73.43
CA ASP E 824 45.00 -24.35 -74.74
C ASP E 824 44.74 -23.24 -75.74
N ARG E 825 45.22 -23.44 -76.97
CA ARG E 825 44.97 -22.60 -78.14
C ARG E 825 45.54 -21.19 -78.04
N TYR E 826 46.40 -20.90 -77.06
CA TYR E 826 46.60 -19.47 -76.78
C TYR E 826 47.73 -18.84 -77.60
N LEU E 827 48.90 -19.50 -77.69
CA LEU E 827 50.08 -18.95 -78.37
C LEU E 827 50.54 -17.64 -77.73
N TRP E 828 51.23 -17.75 -76.58
CA TRP E 828 51.79 -16.65 -75.77
C TRP E 828 52.35 -15.52 -76.63
N GLN E 829 51.93 -14.31 -76.34
CA GLN E 829 52.34 -13.17 -77.15
C GLN E 829 53.04 -12.14 -76.28
N ILE E 830 54.06 -11.51 -76.85
CA ILE E 830 54.84 -10.45 -76.23
C ILE E 830 54.77 -9.22 -77.13
N PRO E 831 54.03 -8.18 -76.77
CA PRO E 831 53.91 -7.02 -77.64
C PRO E 831 55.17 -6.18 -77.61
N PHE E 832 55.59 -5.71 -78.78
CA PHE E 832 56.80 -4.90 -78.89
C PHE E 832 56.39 -3.44 -78.71
N SER E 833 56.09 -3.09 -77.46
CA SER E 833 55.66 -1.74 -77.13
C SER E 833 56.29 -1.34 -75.82
N SER E 834 56.19 -0.05 -75.51
CA SER E 834 56.86 0.50 -74.33
C SER E 834 56.11 0.16 -73.04
N ASN E 835 54.78 0.25 -73.06
CA ASN E 835 53.96 -0.07 -71.90
C ASN E 835 53.16 -1.34 -72.10
N PHE E 836 53.50 -2.14 -73.11
CA PHE E 836 52.88 -3.42 -73.48
C PHE E 836 51.40 -3.28 -73.83
N LEU E 837 50.93 -2.08 -74.16
CA LEU E 837 49.53 -1.89 -74.51
C LEU E 837 49.38 -1.85 -76.03
N ASN E 838 48.13 -1.85 -76.47
CA ASN E 838 47.81 -1.71 -77.89
C ASN E 838 47.39 -0.26 -78.13
N MET E 839 48.39 0.62 -78.20
CA MET E 839 48.12 1.99 -78.60
C MET E 839 48.05 2.16 -80.12
N GLY E 840 48.36 1.10 -80.86
CA GLY E 840 48.27 1.15 -82.30
C GLY E 840 48.81 -0.13 -82.90
N THR E 841 48.42 -0.39 -84.15
CA THR E 841 48.95 -1.54 -84.86
C THR E 841 50.42 -1.32 -85.20
N LEU E 842 50.72 -0.20 -85.83
CA LEU E 842 52.11 0.25 -85.99
C LEU E 842 52.52 0.86 -84.67
N THR E 843 53.28 0.10 -83.89
CA THR E 843 53.60 0.45 -82.52
C THR E 843 54.61 1.61 -82.46
N ASP E 844 54.82 2.12 -81.24
CA ASP E 844 55.66 3.29 -81.08
C ASP E 844 57.14 2.94 -81.12
N LEU E 845 57.53 1.78 -80.63
CA LEU E 845 58.92 1.36 -80.74
C LEU E 845 59.28 0.85 -82.13
N GLY E 846 58.28 0.55 -82.97
CA GLY E 846 58.56 0.21 -84.35
C GLY E 846 58.82 1.41 -85.22
N GLN E 847 58.42 2.60 -84.78
CA GLN E 847 58.73 3.85 -85.45
C GLN E 847 59.66 4.72 -84.61
N ASN E 848 60.33 4.13 -83.63
CA ASN E 848 61.32 4.83 -82.83
C ASN E 848 62.56 5.11 -83.66
N VAL E 849 63.31 6.15 -83.27
CA VAL E 849 64.52 6.51 -83.99
C VAL E 849 65.63 5.49 -83.77
N MET E 850 65.58 4.74 -82.67
CA MET E 850 66.60 3.73 -82.39
C MET E 850 66.45 2.50 -83.27
N TYR E 851 65.22 2.11 -83.58
CA TYR E 851 64.97 0.84 -84.26
C TYR E 851 64.62 0.99 -85.73
N ALA E 852 64.11 2.14 -86.16
CA ALA E 852 63.83 2.32 -87.59
C ALA E 852 65.12 2.58 -88.37
N ASN E 853 66.00 3.43 -87.84
CA ASN E 853 67.18 3.83 -88.58
C ASN E 853 68.30 2.80 -88.46
N SER E 854 68.74 2.53 -87.24
CA SER E 854 69.88 1.65 -87.02
C SER E 854 69.48 0.18 -87.15
N SER E 855 70.45 -0.70 -87.01
CA SER E 855 70.25 -2.13 -87.17
C SER E 855 70.78 -2.88 -85.96
N HIS E 856 70.10 -3.96 -85.58
CA HIS E 856 70.45 -4.71 -84.38
C HIS E 856 70.42 -6.19 -84.70
N SER E 857 70.99 -6.99 -83.78
CA SER E 857 71.23 -8.42 -83.99
C SER E 857 70.68 -9.22 -82.82
N LEU E 858 69.38 -9.51 -82.86
CA LEU E 858 68.65 -10.08 -81.73
C LEU E 858 69.07 -11.52 -81.45
N ASN E 859 69.10 -11.89 -80.17
CA ASN E 859 69.07 -13.29 -79.80
C ASN E 859 68.21 -13.50 -78.56
N MET E 860 67.60 -14.67 -78.47
CA MET E 860 66.66 -14.99 -77.42
C MET E 860 66.94 -16.39 -76.87
N GLN E 861 66.88 -16.53 -75.55
CA GLN E 861 67.05 -17.81 -74.89
C GLN E 861 65.72 -18.20 -74.26
N PHE E 862 65.19 -19.34 -74.66
CA PHE E 862 63.96 -19.88 -74.10
C PHE E 862 64.30 -21.04 -73.19
N THR E 863 63.41 -21.30 -72.24
CA THR E 863 63.59 -22.42 -71.32
C THR E 863 62.27 -23.13 -71.17
N VAL E 864 62.22 -24.40 -71.56
CA VAL E 864 61.01 -25.19 -71.51
C VAL E 864 61.20 -26.30 -70.49
N ASP E 865 60.11 -26.97 -70.18
CA ASP E 865 60.24 -28.14 -69.33
C ASP E 865 60.65 -29.33 -70.18
N PRO E 866 61.47 -30.24 -69.63
CA PRO E 866 61.98 -31.34 -70.44
C PRO E 866 60.89 -32.34 -70.81
N MET E 867 60.96 -32.84 -72.03
CA MET E 867 60.04 -33.84 -72.53
C MET E 867 60.83 -34.94 -73.22
N THR E 868 60.19 -36.10 -73.37
CA THR E 868 60.86 -37.31 -73.80
C THR E 868 60.75 -37.58 -75.29
N GLU E 869 60.24 -36.64 -76.07
CA GLU E 869 60.24 -36.74 -77.52
C GLU E 869 60.66 -35.40 -78.09
N PRO E 870 61.25 -35.38 -79.29
CA PRO E 870 61.64 -34.09 -79.89
C PRO E 870 60.44 -33.26 -80.28
N THR E 871 60.50 -31.98 -79.92
CA THR E 871 59.46 -31.02 -80.20
C THR E 871 60.06 -29.84 -80.95
N TYR E 872 59.26 -29.20 -81.81
CA TYR E 872 59.66 -27.95 -82.40
C TYR E 872 59.43 -26.81 -81.43
N LEU E 873 59.65 -25.59 -81.91
CA LEU E 873 59.30 -24.37 -81.19
C LEU E 873 58.86 -23.36 -82.24
N MET E 874 57.55 -23.22 -82.39
CA MET E 874 57.00 -22.25 -83.32
C MET E 874 57.25 -20.85 -82.76
N LEU E 875 57.77 -19.96 -83.59
CA LEU E 875 58.11 -18.61 -83.17
C LEU E 875 57.64 -17.65 -84.25
N LEU E 876 56.77 -16.73 -83.87
CA LEU E 876 56.15 -15.82 -84.83
C LEU E 876 56.66 -14.42 -84.58
N PHE E 877 57.50 -13.92 -85.49
CA PHE E 877 57.86 -12.52 -85.48
C PHE E 877 56.72 -11.71 -86.08
N GLY E 878 56.16 -10.80 -85.31
CA GLY E 878 55.07 -9.98 -85.81
C GLY E 878 55.53 -8.99 -86.85
N VAL E 879 55.20 -9.24 -88.11
CA VAL E 879 55.56 -8.39 -89.23
C VAL E 879 54.28 -7.93 -89.90
N PHE E 880 54.39 -6.88 -90.71
CA PHE E 880 53.31 -6.57 -91.61
C PHE E 880 53.41 -7.46 -92.84
N ASP E 881 52.35 -7.50 -93.64
CA ASP E 881 52.43 -8.25 -94.90
C ASP E 881 51.47 -7.59 -95.88
N GLN E 882 51.97 -6.65 -96.67
CA GLN E 882 51.12 -5.80 -97.48
C GLN E 882 51.14 -6.22 -98.95
N VAL E 883 50.04 -5.94 -99.64
CA VAL E 883 49.88 -6.21 -101.07
C VAL E 883 49.22 -4.99 -101.68
N VAL E 884 49.84 -4.41 -102.71
CA VAL E 884 49.13 -3.49 -103.59
C VAL E 884 48.96 -4.20 -104.91
N ILE E 885 47.89 -3.86 -105.63
CA ILE E 885 47.62 -4.45 -106.92
C ILE E 885 46.87 -3.48 -107.83
N ASN E 886 47.43 -3.18 -108.98
CA ASN E 886 46.80 -2.34 -109.98
C ASN E 886 46.31 -3.18 -111.15
N GLN E 887 45.28 -2.68 -111.82
CA GLN E 887 44.79 -3.26 -113.06
C GLN E 887 44.60 -2.13 -114.06
N PRO E 888 45.70 -1.56 -114.59
CA PRO E 888 45.57 -0.34 -115.38
C PRO E 888 45.02 -0.56 -116.78
N THR E 889 45.38 -1.68 -117.39
CA THR E 889 44.90 -2.08 -118.70
C THR E 889 44.26 -3.44 -118.53
N ARG E 890 43.23 -3.73 -119.33
CA ARG E 890 42.63 -5.06 -119.25
C ARG E 890 43.61 -6.09 -119.77
N SER E 891 43.69 -7.22 -119.05
CA SER E 891 44.80 -8.18 -119.10
C SER E 891 46.14 -7.47 -118.89
N GLY E 892 46.21 -6.69 -117.82
CA GLY E 892 47.42 -5.97 -117.45
C GLY E 892 47.66 -5.92 -115.95
N ILE E 893 47.22 -6.96 -115.24
CA ILE E 893 47.27 -6.99 -113.79
C ILE E 893 48.71 -7.13 -113.31
N SER E 894 49.01 -6.55 -112.15
CA SER E 894 50.35 -6.57 -111.59
C SER E 894 50.26 -6.32 -110.09
N VAL E 895 51.23 -6.85 -109.34
CA VAL E 895 51.26 -6.74 -107.89
C VAL E 895 52.60 -6.19 -107.45
N ALA E 896 52.71 -5.96 -106.14
CA ALA E 896 53.97 -5.62 -105.50
C ALA E 896 53.83 -6.05 -104.04
N TYR E 897 54.52 -7.12 -103.66
CA TYR E 897 54.48 -7.58 -102.28
C TYR E 897 55.64 -6.95 -101.53
N LEU E 898 55.38 -6.52 -100.29
CA LEU E 898 56.42 -5.91 -99.48
C LEU E 898 56.01 -6.04 -98.03
N ARG E 899 56.98 -6.29 -97.16
CA ARG E 899 56.67 -6.51 -95.76
C ARG E 899 57.78 -5.98 -94.87
N LEU E 900 57.41 -5.44 -93.72
CA LEU E 900 58.38 -4.93 -92.77
C LEU E 900 58.24 -5.67 -91.45
N PRO E 901 59.35 -6.00 -90.78
CA PRO E 901 60.75 -5.77 -91.12
C PRO E 901 61.33 -6.76 -92.08
N PHE E 902 60.75 -7.95 -92.18
CA PHE E 902 61.45 -9.08 -92.78
C PHE E 902 61.17 -9.12 -94.28
N ALA E 903 61.76 -8.14 -94.99
CA ALA E 903 61.59 -8.03 -96.43
C ALA E 903 62.26 -9.19 -97.14
N SER E 904 61.64 -9.65 -98.21
CA SER E 904 62.05 -10.85 -98.92
C SER E 904 62.08 -10.62 -100.43
N GLY E 905 62.68 -9.51 -100.85
CA GLY E 905 62.67 -9.17 -102.26
C GLY E 905 63.93 -8.46 -102.67
N SER E 906 64.08 -8.33 -103.99
CA SER E 906 65.20 -7.67 -104.66
C SER E 906 66.56 -8.25 -104.27
N GLU F 2 61.35 5.66 -94.94
CA GLU F 2 60.17 6.52 -94.91
C GLU F 2 59.14 6.28 -96.04
N PRO F 3 59.49 6.44 -97.34
CA PRO F 3 58.40 6.55 -98.33
C PRO F 3 57.80 5.21 -98.72
N GLN F 4 58.36 4.10 -98.25
CA GLN F 4 57.78 2.80 -98.56
C GLN F 4 56.61 2.49 -97.64
N ARG F 5 56.54 3.17 -96.51
CA ARG F 5 55.44 2.94 -95.58
C ARG F 5 54.15 3.54 -96.10
N GLU F 6 54.20 4.76 -96.64
CA GLU F 6 52.98 5.40 -97.10
C GLU F 6 52.50 4.87 -98.44
N PHE F 7 53.27 4.02 -99.12
CA PHE F 7 52.80 3.39 -100.34
C PHE F 7 52.08 2.08 -100.08
N PHE F 8 52.58 1.27 -99.15
CA PHE F 8 51.93 0.03 -98.77
C PHE F 8 51.04 0.21 -97.56
N HIS F 9 50.90 1.45 -97.08
CA HIS F 9 49.95 1.86 -96.05
C HIS F 9 50.21 1.17 -94.71
N ILE F 10 51.47 1.25 -94.27
CA ILE F 10 51.79 0.99 -92.88
C ILE F 10 51.38 2.17 -92.02
N ALA F 11 51.87 3.34 -92.37
CA ALA F 11 51.46 4.62 -91.83
C ALA F 11 50.91 5.47 -92.98
N GLY F 12 50.61 6.72 -92.68
CA GLY F 12 50.17 7.62 -93.73
C GLY F 12 48.75 8.11 -93.57
N ARG F 13 48.00 8.08 -94.67
CA ARG F 13 46.66 8.65 -94.72
C ARG F 13 45.60 7.58 -94.63
N SER F 14 44.45 7.95 -94.07
CA SER F 14 43.33 7.03 -93.92
C SER F 14 42.69 6.76 -95.27
N ALA F 15 41.79 5.76 -95.28
CA ALA F 15 41.24 5.25 -96.53
C ALA F 15 40.33 6.26 -97.22
N LYS F 16 39.71 7.16 -96.46
CA LYS F 16 38.93 8.22 -97.08
C LYS F 16 39.83 9.27 -97.73
N GLU F 17 41.10 9.34 -97.32
CA GLU F 17 41.97 10.42 -97.76
C GLU F 17 42.73 10.10 -99.04
N TYR F 18 43.37 8.92 -99.13
CA TYR F 18 44.21 8.68 -100.30
C TYR F 18 43.44 8.19 -101.52
N LEU F 19 42.20 7.75 -101.36
CA LEU F 19 41.43 7.33 -102.51
C LEU F 19 40.95 8.54 -103.30
N SER F 20 40.47 8.26 -104.51
CA SER F 20 39.84 9.30 -105.32
C SER F 20 38.53 9.75 -104.68
N GLU F 21 38.17 11.01 -104.91
CA GLU F 21 36.97 11.54 -104.28
C GLU F 21 35.71 10.95 -104.87
N ASN F 22 35.71 10.64 -106.17
CA ASN F 22 34.55 10.00 -106.78
C ASN F 22 34.42 8.56 -106.33
N LEU F 23 35.51 7.92 -105.94
CA LEU F 23 35.46 6.54 -105.50
C LEU F 23 34.94 6.42 -104.07
N VAL F 24 35.21 7.43 -103.23
CA VAL F 24 34.68 7.42 -101.87
C VAL F 24 33.18 7.65 -101.88
N GLN F 25 32.70 8.50 -102.78
CA GLN F 25 31.27 8.73 -102.92
C GLN F 25 30.55 7.51 -103.48
N PHE F 26 31.26 6.66 -104.22
CA PHE F 26 30.65 5.42 -104.71
C PHE F 26 30.52 4.40 -103.60
N ILE F 27 31.60 4.19 -102.83
CA ILE F 27 31.61 3.10 -101.85
C ILE F 27 30.71 3.41 -100.66
N GLN F 28 30.41 4.68 -100.42
CA GLN F 28 29.45 5.03 -99.38
C GLN F 28 28.01 4.92 -99.89
N ALA F 29 27.80 5.10 -101.19
CA ALA F 29 26.47 4.90 -101.75
C ALA F 29 26.16 3.41 -101.85
N THR F 30 27.00 2.66 -102.57
CA THR F 30 26.84 1.22 -102.67
C THR F 30 27.47 0.57 -101.44
N GLN F 31 26.73 0.64 -100.35
CA GLN F 31 27.21 0.18 -99.05
C GLN F 31 26.45 -1.02 -98.51
N ASN F 32 25.13 -1.04 -98.68
CA ASN F 32 24.29 -2.04 -98.07
C ASN F 32 24.16 -3.32 -98.89
N TYR F 33 24.65 -3.33 -100.12
CA TYR F 33 24.50 -4.51 -100.96
C TYR F 33 25.75 -4.93 -101.71
N PHE F 34 26.71 -4.03 -101.94
CA PHE F 34 27.92 -4.38 -102.70
C PHE F 34 29.08 -3.63 -102.07
N ASN F 35 29.72 -4.26 -101.10
CA ASN F 35 30.69 -3.60 -100.24
C ASN F 35 32.07 -3.64 -100.88
N ILE F 36 32.69 -2.47 -101.00
CA ILE F 36 34.04 -2.35 -101.53
C ILE F 36 35.02 -1.84 -100.48
N GLY F 37 34.57 -1.04 -99.53
CA GLY F 37 35.41 -0.32 -98.57
C GLY F 37 36.24 -1.17 -97.63
N GLU F 38 36.14 -2.50 -97.69
CA GLU F 38 37.04 -3.37 -96.96
C GLU F 38 38.16 -3.92 -97.83
N LYS F 39 38.25 -3.46 -99.08
CA LYS F 39 39.33 -3.84 -99.98
C LYS F 39 40.47 -2.82 -99.97
N PHE F 40 40.52 -1.97 -98.95
CA PHE F 40 41.52 -0.92 -98.89
C PHE F 40 42.00 -0.81 -97.45
N ARG F 41 43.30 -1.04 -97.24
CA ARG F 41 43.85 -1.08 -95.90
C ARG F 41 43.94 0.31 -95.31
N ASP F 42 43.59 0.43 -94.03
CA ASP F 42 43.51 1.69 -93.33
C ASP F 42 44.53 1.69 -92.20
N PRO F 43 45.52 2.58 -92.21
CA PRO F 43 46.58 2.51 -91.19
C PRO F 43 46.13 2.99 -89.83
N TYR F 44 46.78 2.45 -88.81
CA TYR F 44 46.40 2.70 -87.41
C TYR F 44 47.69 2.73 -86.59
N VAL F 45 48.21 3.93 -86.33
CA VAL F 45 49.55 4.10 -85.80
C VAL F 45 49.48 4.51 -84.34
N ALA F 46 50.64 4.42 -83.67
CA ALA F 46 50.79 4.74 -82.27
C ALA F 46 50.97 6.25 -82.10
N PRO F 47 50.73 6.78 -80.88
CA PRO F 47 50.92 8.22 -80.67
C PRO F 47 52.36 8.74 -80.63
N SER F 48 53.35 7.90 -80.91
CA SER F 48 54.66 8.31 -81.44
C SER F 48 55.43 9.23 -80.49
N ALA F 49 55.95 8.62 -79.42
CA ALA F 49 57.04 9.21 -78.63
C ALA F 49 56.69 10.52 -77.94
N GLY F 50 56.00 10.45 -76.80
CA GLY F 50 55.38 11.60 -76.19
C GLY F 50 54.19 11.22 -75.34
N VAL F 51 53.92 9.92 -75.25
CA VAL F 51 53.00 9.39 -74.26
C VAL F 51 53.68 8.48 -73.25
N THR F 52 54.91 8.02 -73.48
CA THR F 52 55.57 7.09 -72.59
C THR F 52 57.04 7.47 -72.47
N THR F 53 57.54 7.50 -71.24
CA THR F 53 58.87 8.03 -70.96
C THR F 53 59.97 7.07 -71.41
N ASP F 54 61.20 7.60 -71.40
CA ASP F 54 62.40 6.86 -71.71
C ASP F 54 63.14 6.40 -70.46
N ARG F 55 63.01 7.12 -69.36
CA ARG F 55 63.80 6.88 -68.17
C ARG F 55 63.32 5.61 -67.46
N SER F 56 64.25 4.96 -66.77
CA SER F 56 64.00 3.64 -66.20
C SER F 56 63.17 3.76 -64.94
N GLN F 57 62.03 3.09 -64.91
CA GLN F 57 61.15 3.07 -63.75
C GLN F 57 60.29 1.82 -63.83
N LYS F 58 59.53 1.57 -62.77
CA LYS F 58 58.81 0.31 -62.64
C LYS F 58 57.38 0.44 -63.13
N LEU F 59 56.88 -0.66 -63.69
CA LEU F 59 55.49 -0.75 -64.11
C LEU F 59 54.60 -1.22 -62.97
N GLN F 60 55.00 -2.29 -62.30
CA GLN F 60 54.28 -2.82 -61.15
C GLN F 60 55.20 -2.76 -59.94
N LEU F 61 54.66 -2.28 -58.82
CA LEU F 61 55.47 -1.99 -57.65
C LEU F 61 54.93 -2.77 -56.46
N ARG F 62 55.84 -3.24 -55.61
CA ARG F 62 55.51 -4.04 -54.43
C ARG F 62 55.98 -3.32 -53.18
N VAL F 63 55.05 -3.04 -52.29
CA VAL F 63 55.40 -2.50 -50.98
C VAL F 63 55.29 -3.60 -49.95
N VAL F 64 56.19 -3.59 -48.98
CA VAL F 64 56.17 -4.50 -47.86
C VAL F 64 55.42 -3.78 -46.74
N PRO F 65 54.84 -4.46 -45.77
CA PRO F 65 54.20 -3.74 -44.66
C PRO F 65 55.23 -3.10 -43.75
N ILE F 66 54.91 -1.88 -43.31
CA ILE F 66 55.78 -1.18 -42.38
C ILE F 66 55.80 -1.87 -41.02
N GLN F 67 54.62 -2.22 -40.53
CA GLN F 67 54.49 -2.95 -39.28
C GLN F 67 53.18 -3.71 -39.28
N THR F 68 53.21 -4.93 -38.74
CA THR F 68 52.05 -5.80 -38.70
C THR F 68 51.69 -6.10 -37.25
N GLU F 69 50.40 -6.24 -36.99
CA GLU F 69 49.89 -6.68 -35.70
C GLU F 69 49.21 -8.02 -35.86
N ASP F 70 49.55 -8.96 -34.99
CA ASP F 70 48.94 -10.28 -34.97
C ASP F 70 48.00 -10.36 -33.78
N ASN F 71 46.78 -10.80 -34.03
CA ASN F 71 45.80 -10.94 -32.97
C ASN F 71 45.12 -12.29 -33.11
N VAL F 72 44.25 -12.62 -32.15
CA VAL F 72 43.44 -13.82 -32.29
C VAL F 72 42.31 -13.58 -33.30
N ASN F 73 41.76 -12.36 -33.31
CA ASN F 73 40.62 -12.09 -34.17
C ASN F 73 41.00 -11.52 -35.54
N TYR F 74 42.10 -10.79 -35.68
CA TYR F 74 42.35 -10.11 -36.95
C TYR F 74 43.85 -9.99 -37.19
N TYR F 75 44.20 -9.23 -38.23
CA TYR F 75 45.58 -9.01 -38.63
C TYR F 75 45.68 -7.61 -39.22
N LYS F 76 46.54 -6.76 -38.66
CA LYS F 76 46.78 -5.42 -39.19
C LYS F 76 47.96 -5.45 -40.15
N ALA F 77 47.85 -4.73 -41.27
CA ALA F 77 48.95 -4.55 -42.19
C ALA F 77 48.95 -3.09 -42.65
N ARG F 78 49.83 -2.28 -42.07
CA ARG F 78 49.95 -0.88 -42.42
C ARG F 78 51.06 -0.70 -43.44
N PHE F 79 50.77 0.01 -44.53
CA PHE F 79 51.68 0.17 -45.64
C PHE F 79 52.04 1.63 -45.82
N THR F 80 53.12 1.88 -46.56
CA THR F 80 53.50 3.22 -47.00
C THR F 80 53.59 3.20 -48.52
N LEU F 81 52.72 3.94 -49.18
CA LEU F 81 52.65 3.98 -50.63
C LEU F 81 53.36 5.26 -51.08
N ASN F 82 54.67 5.16 -51.24
CA ASN F 82 55.48 6.31 -51.64
C ASN F 82 55.25 6.54 -53.12
N VAL F 83 54.44 7.54 -53.45
CA VAL F 83 54.21 7.95 -54.83
C VAL F 83 55.07 9.20 -55.03
N GLY F 84 56.21 9.04 -55.68
CA GLY F 84 57.06 10.17 -55.96
C GLY F 84 56.48 11.04 -57.05
N ASP F 85 57.18 12.14 -57.32
CA ASP F 85 56.78 13.00 -58.42
C ASP F 85 57.00 12.28 -59.75
N ASN F 86 56.33 12.79 -60.79
CA ASN F 86 56.34 12.29 -62.16
C ASN F 86 55.75 10.90 -62.31
N ARG F 87 54.84 10.52 -61.42
CA ARG F 87 54.18 9.22 -61.44
C ARG F 87 52.69 9.42 -61.18
N LEU F 88 51.85 8.80 -62.00
CA LEU F 88 50.42 8.73 -61.71
C LEU F 88 50.08 7.35 -61.15
N VAL F 89 49.05 7.29 -60.32
CA VAL F 89 48.55 6.03 -59.78
C VAL F 89 47.03 6.01 -59.97
N ASP F 90 46.55 5.00 -60.68
CA ASP F 90 45.16 4.61 -60.52
C ASP F 90 45.11 3.56 -59.42
N LEU F 91 44.44 3.88 -58.33
CA LEU F 91 44.39 3.01 -57.18
C LEU F 91 43.39 1.86 -57.37
N GLY F 92 42.72 1.79 -58.51
CA GLY F 92 41.98 0.62 -58.91
C GLY F 92 42.83 -0.53 -59.38
N SER F 93 44.12 -0.30 -59.63
CA SER F 93 45.05 -1.38 -59.92
C SER F 93 45.60 -2.02 -58.66
N SER F 94 45.33 -1.44 -57.50
CA SER F 94 45.89 -1.94 -56.26
C SER F 94 45.11 -3.15 -55.77
N TYR F 95 45.84 -4.09 -55.17
CA TYR F 95 45.26 -5.25 -54.52
C TYR F 95 46.27 -5.80 -53.54
N PHE F 96 45.79 -6.53 -52.55
CA PHE F 96 46.68 -7.22 -51.64
C PHE F 96 47.03 -8.59 -52.19
N ASP F 97 48.17 -9.11 -51.76
CA ASP F 97 48.61 -10.45 -52.10
C ASP F 97 48.84 -11.16 -50.78
N ILE F 98 47.79 -11.69 -50.20
CA ILE F 98 47.89 -12.23 -48.86
C ILE F 98 48.15 -13.73 -48.99
N LYS F 99 48.98 -14.25 -48.09
CA LYS F 99 49.54 -15.59 -48.25
C LYS F 99 49.62 -16.25 -46.88
N GLY F 100 49.13 -17.47 -46.80
CA GLY F 100 49.19 -18.19 -45.54
C GLY F 100 48.72 -19.62 -45.70
N THR F 101 48.59 -20.29 -44.57
CA THR F 101 48.12 -21.67 -44.56
C THR F 101 46.71 -21.71 -44.00
N LEU F 102 46.02 -22.82 -44.29
CA LEU F 102 44.60 -22.94 -43.99
C LEU F 102 44.28 -24.35 -43.57
N ASP F 103 43.52 -24.47 -42.48
CA ASP F 103 43.00 -25.74 -41.98
C ASP F 103 41.49 -25.68 -42.05
N ARG F 104 40.89 -26.57 -42.82
CA ARG F 104 39.47 -26.52 -43.09
C ARG F 104 38.61 -27.24 -42.07
N GLY F 105 39.21 -27.95 -41.12
CA GLY F 105 38.45 -28.61 -40.08
C GLY F 105 37.93 -29.97 -40.53
N PRO F 106 37.51 -30.80 -39.57
CA PRO F 106 37.14 -32.19 -39.90
C PRO F 106 35.85 -32.34 -40.69
N SER F 107 35.10 -31.26 -40.90
CA SER F 107 33.85 -31.33 -41.64
C SER F 107 34.06 -31.29 -43.14
N PHE F 108 35.29 -31.30 -43.62
CA PHE F 108 35.58 -31.10 -45.03
C PHE F 108 35.61 -32.44 -45.74
N LYS F 109 34.74 -32.60 -46.73
CA LYS F 109 34.68 -33.82 -47.51
C LYS F 109 34.28 -33.42 -48.91
N PRO F 110 35.26 -33.13 -49.77
CA PRO F 110 34.95 -32.46 -51.04
C PRO F 110 34.55 -33.37 -52.18
N TYR F 111 33.72 -34.37 -51.92
CA TYR F 111 33.26 -35.28 -52.97
C TYR F 111 32.00 -35.96 -52.46
N GLY F 112 31.50 -36.90 -53.26
CA GLY F 112 30.29 -37.62 -52.93
C GLY F 112 30.56 -39.09 -52.77
N GLY F 113 29.78 -39.75 -51.93
CA GLY F 113 29.93 -41.18 -51.75
C GLY F 113 31.17 -41.50 -50.95
N THR F 114 31.97 -42.43 -51.45
CA THR F 114 33.17 -42.88 -50.77
C THR F 114 34.25 -43.18 -51.79
N ALA F 115 35.46 -43.38 -51.28
CA ALA F 115 36.62 -43.67 -52.11
C ALA F 115 37.22 -45.03 -51.84
N TYR F 116 36.75 -45.76 -50.83
CA TYR F 116 37.28 -47.05 -50.46
C TYR F 116 36.18 -48.08 -50.62
N ASN F 117 36.45 -49.11 -51.42
CA ASN F 117 35.48 -50.11 -51.83
C ASN F 117 34.17 -49.53 -52.37
N PRO F 118 34.22 -48.72 -53.45
CA PRO F 118 33.00 -48.00 -53.85
C PRO F 118 31.96 -48.89 -54.52
N LEU F 119 32.34 -50.02 -55.10
CA LEU F 119 31.39 -50.91 -55.75
C LEU F 119 30.76 -51.90 -54.80
N ALA F 120 31.15 -51.89 -53.53
CA ALA F 120 30.58 -52.82 -52.59
C ALA F 120 29.13 -52.45 -52.30
N PRO F 121 28.26 -53.44 -52.08
CA PRO F 121 26.94 -53.13 -51.52
C PRO F 121 27.10 -52.56 -50.12
N LYS F 122 26.16 -51.70 -49.74
CA LYS F 122 26.36 -50.90 -48.55
C LYS F 122 26.18 -51.67 -47.25
N SER F 123 25.66 -52.89 -47.31
CA SER F 123 25.53 -53.75 -46.14
C SER F 123 26.49 -54.93 -46.18
N ALA F 124 27.53 -54.85 -46.99
CA ALA F 124 28.42 -56.01 -47.20
C ALA F 124 29.47 -56.08 -46.10
N PRO F 125 29.59 -57.21 -45.41
CA PRO F 125 30.67 -57.36 -44.43
C PRO F 125 31.95 -57.83 -45.08
N ILE F 126 33.07 -57.33 -44.55
CA ILE F 126 34.38 -57.85 -44.92
C ILE F 126 34.57 -59.17 -44.20
N ASN F 127 35.56 -59.96 -44.62
CA ASN F 127 35.82 -61.23 -43.96
C ASN F 127 36.44 -60.96 -42.61
N SER F 128 35.69 -61.21 -41.54
CA SER F 128 36.05 -60.69 -40.23
C SER F 128 35.93 -61.79 -39.18
N ALA F 129 36.26 -61.41 -37.94
CA ALA F 129 36.21 -62.32 -36.79
C ALA F 129 35.88 -61.48 -35.57
N PHE F 130 34.60 -61.42 -35.23
CA PHE F 130 34.11 -60.62 -34.13
C PHE F 130 33.53 -61.52 -33.05
N THR F 131 33.20 -60.92 -31.91
CA THR F 131 32.67 -61.63 -30.76
C THR F 131 31.31 -61.06 -30.39
N VAL F 132 30.37 -61.94 -30.05
CA VAL F 132 29.07 -61.55 -29.50
C VAL F 132 28.92 -62.30 -28.18
N GLY F 133 29.16 -61.60 -27.07
CA GLY F 133 29.08 -62.25 -25.77
C GLY F 133 30.22 -63.23 -25.57
N ASN F 134 29.86 -64.43 -25.11
CA ASN F 134 30.83 -65.52 -25.03
C ASN F 134 31.18 -66.03 -26.42
N ASP F 135 30.23 -65.97 -27.35
CA ASP F 135 30.42 -66.52 -28.68
C ASP F 135 31.24 -65.58 -29.54
N THR F 136 32.20 -66.14 -30.28
CA THR F 136 32.87 -65.43 -31.36
C THR F 136 32.38 -65.97 -32.70
N HIS F 137 32.36 -65.11 -33.70
CA HIS F 137 31.77 -65.44 -34.98
C HIS F 137 32.75 -65.25 -36.11
N PHE F 138 32.62 -66.07 -37.15
CA PHE F 138 33.41 -65.94 -38.35
C PHE F 138 32.48 -65.78 -39.54
N VAL F 139 32.82 -64.85 -40.43
CA VAL F 139 32.11 -64.71 -41.68
C VAL F 139 33.14 -64.35 -42.73
N ALA F 140 33.11 -65.06 -43.86
CA ALA F 140 34.25 -65.01 -44.74
C ALA F 140 33.85 -65.44 -46.15
N GLN F 141 34.76 -65.20 -47.08
CA GLN F 141 34.78 -65.80 -48.40
C GLN F 141 36.11 -66.48 -48.61
N LEU F 142 36.10 -67.59 -49.34
CA LEU F 142 37.30 -68.36 -49.61
C LEU F 142 37.45 -68.50 -51.12
N PRO F 143 37.96 -67.47 -51.79
CA PRO F 143 38.06 -67.56 -53.26
C PRO F 143 39.24 -68.40 -53.71
N GLN F 144 40.36 -68.33 -53.02
CA GLN F 144 41.46 -69.26 -53.30
C GLN F 144 41.11 -70.62 -52.72
N THR F 145 41.31 -71.67 -53.52
CA THR F 145 41.11 -73.03 -53.08
C THR F 145 42.38 -73.84 -53.29
N TYR F 146 42.50 -74.91 -52.51
CA TYR F 146 43.55 -75.90 -52.70
C TYR F 146 42.94 -77.27 -52.49
N ALA F 147 43.64 -78.30 -52.94
CA ALA F 147 43.15 -79.67 -52.81
C ALA F 147 43.51 -80.22 -51.45
N ALA F 148 42.58 -80.95 -50.85
CA ALA F 148 42.82 -81.64 -49.58
C ALA F 148 42.65 -83.14 -49.78
N GLY F 149 43.07 -83.91 -48.77
CA GLY F 149 43.17 -85.35 -48.97
C GLY F 149 42.63 -86.23 -47.87
N GLY F 150 41.62 -85.77 -47.14
CA GLY F 150 41.00 -86.59 -46.12
C GLY F 150 41.50 -86.24 -44.73
N THR F 151 40.67 -85.52 -43.97
CA THR F 151 41.06 -84.79 -42.76
C THR F 151 42.34 -83.98 -43.03
N GLY F 152 42.20 -83.03 -43.95
CA GLY F 152 43.35 -82.35 -44.52
C GLY F 152 44.00 -81.33 -43.60
N VAL F 153 44.54 -81.82 -42.47
CA VAL F 153 45.26 -80.94 -41.55
C VAL F 153 46.75 -80.91 -41.84
N THR F 154 47.27 -81.87 -42.61
CA THR F 154 48.67 -81.86 -42.97
C THR F 154 48.94 -81.00 -44.20
N GLU F 155 47.91 -80.52 -44.88
CA GLU F 155 48.05 -79.60 -45.98
C GLU F 155 47.54 -78.21 -45.68
N ALA F 156 46.61 -78.09 -44.72
CA ALA F 156 46.24 -76.79 -44.19
C ALA F 156 47.39 -76.15 -43.43
N ILE F 157 48.28 -76.97 -42.85
CA ILE F 157 49.45 -76.44 -42.18
C ILE F 157 50.54 -76.06 -43.20
N GLN F 158 50.49 -76.61 -44.41
CA GLN F 158 51.49 -76.31 -45.43
C GLN F 158 51.01 -75.18 -46.35
N GLN F 159 50.75 -74.03 -45.74
CA GLN F 159 50.39 -72.82 -46.48
C GLN F 159 51.29 -71.70 -46.01
N GLN F 160 52.27 -71.34 -46.84
CA GLN F 160 53.17 -70.24 -46.54
C GLN F 160 52.39 -68.93 -46.61
N VAL F 161 52.12 -68.33 -45.44
CA VAL F 161 51.36 -67.09 -45.37
C VAL F 161 52.28 -65.98 -44.86
N SER F 162 51.91 -64.76 -45.17
CA SER F 162 52.70 -63.59 -44.80
C SER F 162 51.75 -62.40 -44.63
N GLY F 163 52.31 -61.20 -44.62
CA GLY F 163 51.48 -60.01 -44.52
C GLY F 163 50.77 -59.68 -45.82
N VAL F 164 51.37 -60.03 -46.96
CA VAL F 164 50.76 -59.79 -48.25
C VAL F 164 50.27 -61.07 -48.92
N ASP F 165 50.69 -62.23 -48.44
CA ASP F 165 50.25 -63.51 -48.99
C ASP F 165 49.54 -64.29 -47.90
N PRO F 166 48.37 -64.88 -48.16
CA PRO F 166 47.61 -64.94 -49.41
C PRO F 166 46.90 -63.63 -49.73
N ASN F 167 46.85 -63.34 -51.02
CA ASN F 167 46.37 -62.04 -51.47
C ASN F 167 44.84 -62.06 -51.51
N PRO F 168 44.19 -60.93 -51.28
CA PRO F 168 42.84 -60.73 -51.82
C PRO F 168 42.86 -60.45 -53.32
N GLN F 169 41.69 -60.16 -53.90
CA GLN F 169 41.46 -59.77 -55.30
C GLN F 169 42.10 -60.68 -56.34
N VAL F 170 42.41 -61.93 -55.98
CA VAL F 170 43.05 -62.85 -56.91
C VAL F 170 42.16 -64.03 -57.25
N GLY F 171 41.51 -64.65 -56.27
CA GLY F 171 40.35 -65.48 -56.52
C GLY F 171 40.63 -66.79 -57.24
N GLN F 172 39.61 -67.27 -57.94
CA GLN F 172 39.66 -68.45 -58.79
C GLN F 172 40.45 -68.11 -60.07
N PRO F 173 40.89 -69.09 -60.84
CA PRO F 173 41.35 -68.79 -62.20
C PRO F 173 40.20 -68.32 -63.07
N ASN F 174 40.55 -67.65 -64.16
CA ASN F 174 39.55 -67.05 -65.03
C ASN F 174 38.75 -68.11 -65.78
N TYR F 175 37.50 -67.74 -66.09
CA TYR F 175 36.52 -68.45 -66.91
C TYR F 175 36.01 -69.75 -66.28
N ALA F 176 36.40 -70.09 -65.06
CA ALA F 176 35.71 -71.12 -64.32
C ALA F 176 34.39 -70.57 -63.84
N GLY F 177 33.33 -71.36 -64.01
CA GLY F 177 32.00 -70.90 -63.72
C GLY F 177 31.65 -70.93 -62.25
N PRO F 178 30.41 -71.30 -61.94
CA PRO F 178 29.97 -71.34 -60.53
C PRO F 178 30.28 -72.65 -59.83
N VAL F 179 31.26 -73.40 -60.35
CA VAL F 179 31.55 -74.77 -59.92
C VAL F 179 31.81 -74.81 -58.41
N VAL F 180 31.09 -75.71 -57.75
CA VAL F 180 31.06 -75.71 -56.29
C VAL F 180 32.36 -76.27 -55.75
N VAL F 181 32.80 -75.73 -54.61
CA VAL F 181 34.00 -76.22 -53.96
C VAL F 181 33.62 -77.47 -53.18
N ASN F 182 34.04 -78.63 -53.68
CA ASN F 182 33.77 -79.89 -53.00
C ASN F 182 34.64 -79.94 -51.75
N THR F 183 34.03 -79.62 -50.60
CA THR F 183 34.79 -79.48 -49.36
C THR F 183 35.33 -80.80 -48.84
N THR F 184 34.78 -81.93 -49.30
CA THR F 184 35.39 -83.22 -49.01
C THR F 184 36.70 -83.38 -49.76
N ASN F 185 36.81 -82.80 -50.96
CA ASN F 185 38.02 -82.86 -51.75
C ASN F 185 38.87 -81.59 -51.63
N ASN F 186 38.27 -80.43 -51.81
CA ASN F 186 39.01 -79.18 -51.77
C ASN F 186 38.88 -78.51 -50.41
N ALA F 187 39.54 -77.37 -50.26
CA ALA F 187 39.47 -76.58 -49.03
C ALA F 187 39.77 -75.13 -49.39
N GLY F 188 39.24 -74.20 -48.59
CA GLY F 188 39.36 -72.80 -48.90
C GLY F 188 40.60 -72.14 -48.34
N LEU F 189 40.80 -70.89 -48.75
CA LEU F 189 42.02 -70.15 -48.45
C LEU F 189 41.74 -68.67 -48.66
N GLY F 190 41.95 -67.85 -47.63
CA GLY F 190 41.62 -66.45 -47.75
C GLY F 190 42.26 -65.53 -46.72
N ARG F 191 41.55 -64.50 -46.29
CA ARG F 191 42.05 -63.56 -45.29
C ARG F 191 40.95 -63.24 -44.29
N ILE F 192 41.34 -62.97 -43.05
CA ILE F 192 40.44 -62.67 -41.95
C ILE F 192 41.02 -61.51 -41.15
N VAL F 193 40.19 -60.57 -40.76
CA VAL F 193 40.59 -59.56 -39.79
C VAL F 193 40.05 -59.97 -38.42
N SER F 194 40.81 -59.67 -37.38
CA SER F 194 40.58 -60.28 -36.08
C SER F 194 40.22 -59.23 -35.03
N ALA F 195 40.04 -59.70 -33.79
CA ALA F 195 39.77 -58.82 -32.66
C ALA F 195 41.06 -58.12 -32.23
N ASP F 196 41.02 -56.80 -32.15
CA ASP F 196 42.22 -55.98 -32.15
C ASP F 196 41.88 -54.63 -31.51
N SER F 197 42.72 -53.62 -31.79
CA SER F 197 42.82 -52.39 -31.01
C SER F 197 41.50 -51.63 -30.92
N GLU F 198 40.98 -51.15 -32.05
CA GLU F 198 39.70 -50.46 -31.97
C GLU F 198 38.55 -51.45 -31.84
N GLY F 199 38.46 -52.41 -32.76
CA GLY F 199 37.37 -53.35 -32.73
C GLY F 199 36.05 -52.81 -33.20
N GLN F 200 36.02 -51.59 -33.77
CA GLN F 200 34.79 -51.06 -34.35
C GLN F 200 34.58 -51.76 -35.68
N GLN F 201 33.81 -52.85 -35.63
CA GLN F 201 33.53 -53.64 -36.81
C GLN F 201 32.68 -52.84 -37.78
N PHE F 202 33.15 -52.76 -39.02
CA PHE F 202 32.60 -51.84 -39.99
C PHE F 202 32.42 -52.59 -41.30
N PRO F 203 31.36 -52.31 -42.09
CA PRO F 203 31.15 -53.03 -43.35
C PRO F 203 32.16 -52.70 -44.43
N CYS F 204 31.96 -53.25 -45.62
CA CYS F 204 32.96 -53.13 -46.67
C CYS F 204 32.98 -51.74 -47.28
N TYR F 205 31.84 -51.05 -47.30
CA TYR F 205 31.61 -49.89 -48.16
C TYR F 205 32.51 -48.69 -47.84
N GLY F 206 33.13 -48.65 -46.67
CA GLY F 206 34.02 -47.55 -46.41
C GLY F 206 35.23 -47.91 -45.59
N ALA F 207 35.53 -49.21 -45.49
CA ALA F 207 36.54 -49.68 -44.56
C ALA F 207 37.94 -49.37 -45.07
N TYR F 208 38.77 -48.81 -44.20
CA TYR F 208 40.12 -48.44 -44.53
C TYR F 208 41.07 -48.84 -43.41
N ALA F 209 42.28 -49.21 -43.80
CA ALA F 209 43.35 -49.51 -42.88
C ALA F 209 44.65 -49.12 -43.58
N PRO F 210 45.49 -48.29 -42.96
CA PRO F 210 46.65 -47.78 -43.67
C PRO F 210 47.70 -48.87 -43.87
N PRO F 211 48.47 -48.81 -44.94
CA PRO F 211 49.51 -49.82 -45.16
C PRO F 211 50.67 -49.62 -44.22
N GLN F 212 51.39 -50.71 -43.96
CA GLN F 212 52.52 -50.68 -43.05
C GLN F 212 53.87 -50.63 -43.77
N SER F 213 54.02 -51.39 -44.85
CA SER F 213 55.25 -51.39 -45.63
C SER F 213 54.93 -51.11 -47.08
N ALA F 214 55.98 -51.03 -47.90
CA ALA F 214 55.83 -50.68 -49.31
C ALA F 214 55.25 -51.80 -50.15
N GLY F 215 55.19 -53.03 -49.63
CA GLY F 215 54.59 -54.12 -50.34
C GLY F 215 53.08 -54.17 -50.28
N GLY F 216 52.47 -53.35 -49.43
CA GLY F 216 51.02 -53.29 -49.35
C GLY F 216 50.42 -54.05 -48.19
N ASP F 217 51.21 -54.46 -47.21
CA ASP F 217 50.68 -55.22 -46.09
C ASP F 217 49.89 -54.31 -45.16
N VAL F 218 48.96 -54.93 -44.42
CA VAL F 218 48.07 -54.20 -43.53
C VAL F 218 48.39 -54.44 -42.05
N SER F 219 48.86 -55.64 -41.70
CA SER F 219 48.98 -56.07 -40.30
C SER F 219 50.04 -55.29 -39.55
N THR F 220 49.65 -54.69 -38.44
CA THR F 220 50.58 -54.06 -37.52
C THR F 220 51.17 -55.05 -36.52
N ALA F 221 50.85 -56.34 -36.63
CA ALA F 221 51.41 -57.38 -35.78
C ALA F 221 51.66 -58.60 -36.65
N ALA F 222 51.91 -59.74 -36.00
CA ALA F 222 52.24 -60.96 -36.72
C ALA F 222 50.99 -61.56 -37.36
N VAL F 223 51.21 -62.58 -38.19
CA VAL F 223 50.15 -63.23 -38.93
C VAL F 223 49.99 -64.65 -38.41
N THR F 224 48.79 -64.98 -37.95
CA THR F 224 48.43 -66.30 -37.48
C THR F 224 47.40 -66.86 -38.46
N LYS F 225 46.94 -68.10 -38.23
CA LYS F 225 45.98 -68.75 -39.11
C LYS F 225 44.79 -69.24 -38.28
N THR F 226 43.65 -69.42 -38.95
CA THR F 226 42.39 -69.72 -38.25
C THR F 226 41.65 -70.83 -39.00
N TYR F 227 41.85 -72.07 -38.57
CA TYR F 227 41.33 -73.21 -39.32
C TYR F 227 39.86 -73.44 -39.01
N ILE F 228 39.08 -73.68 -40.07
CA ILE F 228 37.62 -73.64 -40.04
C ILE F 228 37.08 -74.87 -40.73
N ASN F 229 36.01 -75.46 -40.16
CA ASN F 229 35.30 -76.57 -40.76
C ASN F 229 33.87 -76.17 -41.10
N THR F 230 33.34 -76.77 -42.17
CA THR F 230 31.91 -76.76 -42.47
C THR F 230 31.39 -78.14 -42.83
N THR F 231 32.22 -79.17 -42.76
CA THR F 231 31.81 -80.51 -43.14
C THR F 231 31.23 -81.24 -41.92
N ASN F 232 31.00 -82.53 -42.07
CA ASN F 232 30.47 -83.36 -40.99
C ASN F 232 31.51 -84.34 -40.47
N ASN F 233 32.79 -84.04 -40.65
CA ASN F 233 33.85 -84.98 -40.34
C ASN F 233 34.38 -84.85 -38.92
N ASN F 234 34.26 -83.66 -38.32
CA ASN F 234 34.63 -83.36 -36.93
C ASN F 234 36.11 -83.67 -36.68
N GLY F 235 36.95 -82.88 -37.34
CA GLY F 235 38.38 -83.11 -37.34
C GLY F 235 38.97 -82.90 -38.71
N ARG F 236 38.19 -82.33 -39.61
CA ARG F 236 38.65 -81.91 -40.93
C ARG F 236 38.71 -80.40 -40.99
N VAL F 237 39.79 -79.86 -41.55
CA VAL F 237 39.91 -78.42 -41.81
C VAL F 237 39.53 -78.16 -43.25
N SER F 238 38.60 -77.23 -43.47
CA SER F 238 38.15 -76.88 -44.80
C SER F 238 38.53 -75.47 -45.21
N GLY F 239 39.29 -74.75 -44.39
CA GLY F 239 39.77 -73.43 -44.74
C GLY F 239 40.75 -72.88 -43.74
N THR F 240 41.82 -72.23 -44.20
CA THR F 240 42.88 -71.76 -43.31
C THR F 240 42.78 -70.27 -43.04
N MET F 241 42.80 -69.45 -44.09
CA MET F 241 42.48 -68.01 -44.12
C MET F 241 43.18 -67.21 -43.01
N ALA F 242 44.50 -67.07 -43.22
CA ALA F 242 45.41 -66.42 -42.28
C ALA F 242 44.94 -65.03 -41.85
N THR F 243 45.15 -64.71 -40.58
CA THR F 243 44.47 -63.60 -39.93
C THR F 243 45.24 -62.29 -40.12
N ASP F 244 44.69 -61.22 -39.55
CA ASP F 244 45.17 -59.86 -39.78
C ASP F 244 44.65 -58.97 -38.64
N THR F 245 45.39 -57.89 -38.37
CA THR F 245 45.04 -56.94 -37.31
C THR F 245 44.96 -55.53 -37.87
N ILE F 246 43.91 -54.80 -37.46
CA ILE F 246 43.44 -53.58 -38.13
C ILE F 246 43.35 -52.48 -37.07
N THR F 247 43.35 -51.23 -37.53
CA THR F 247 43.01 -50.10 -36.68
C THR F 247 41.59 -49.59 -36.91
N TRP F 248 40.89 -50.09 -37.94
CA TRP F 248 39.44 -50.00 -38.10
C TRP F 248 38.94 -48.57 -38.29
N GLU F 249 39.54 -47.81 -39.20
CA GLU F 249 39.06 -46.46 -39.40
C GLU F 249 38.17 -46.37 -40.63
N ASN F 250 37.07 -45.63 -40.46
CA ASN F 250 36.09 -45.36 -41.51
C ASN F 250 36.16 -43.88 -41.87
N PRO F 251 36.95 -43.50 -42.88
CA PRO F 251 37.22 -42.07 -43.09
C PRO F 251 36.09 -41.28 -43.73
N ASP F 252 35.15 -41.92 -44.43
CA ASP F 252 34.10 -41.13 -45.04
C ASP F 252 32.70 -41.74 -45.10
N ALA F 253 32.39 -42.80 -44.36
CA ALA F 253 31.20 -43.61 -44.68
C ALA F 253 30.43 -44.05 -43.44
N HIS F 254 30.08 -43.09 -42.57
CA HIS F 254 29.85 -43.28 -41.14
C HIS F 254 29.01 -44.47 -40.66
N PHE F 255 27.68 -44.46 -40.80
CA PHE F 255 26.72 -45.49 -40.37
C PHE F 255 25.36 -45.11 -40.93
N ALA F 256 24.64 -46.07 -41.47
CA ALA F 256 23.23 -45.84 -41.79
C ALA F 256 22.30 -46.59 -40.86
N ASP F 257 22.65 -47.82 -40.49
CA ASP F 257 21.98 -48.60 -39.46
C ASP F 257 23.06 -49.35 -38.70
N PHE F 258 22.78 -49.62 -37.42
CA PHE F 258 23.77 -50.29 -36.58
C PHE F 258 23.03 -50.97 -35.43
N VAL F 259 23.03 -52.29 -35.42
CA VAL F 259 22.45 -53.05 -34.31
C VAL F 259 23.47 -54.07 -33.81
N ASP F 260 24.44 -54.42 -34.65
CA ASP F 260 25.35 -55.50 -34.34
C ASP F 260 26.62 -55.33 -35.16
N ASP F 261 27.67 -56.03 -34.75
CA ASP F 261 28.91 -56.02 -35.52
C ASP F 261 28.74 -56.73 -36.85
N ARG F 262 27.96 -57.82 -36.88
CA ARG F 262 27.68 -58.53 -38.12
C ARG F 262 26.92 -57.65 -39.09
N ARG F 263 25.77 -57.15 -38.66
CA ARG F 263 24.83 -56.51 -39.56
C ARG F 263 24.77 -55.01 -39.25
N ALA F 264 25.15 -54.22 -40.26
CA ALA F 264 25.15 -52.78 -40.23
C ALA F 264 25.36 -52.30 -41.66
N THR F 265 24.57 -51.33 -42.08
CA THR F 265 24.71 -50.78 -43.42
C THR F 265 25.35 -49.41 -43.33
N ALA F 266 26.16 -49.09 -44.33
CA ALA F 266 26.92 -47.85 -44.34
C ALA F 266 26.38 -46.91 -45.41
N ALA F 267 26.79 -45.66 -45.31
CA ALA F 267 26.48 -44.66 -46.31
C ALA F 267 27.56 -43.59 -46.22
N GLY F 268 28.03 -43.11 -47.36
CA GLY F 268 29.09 -42.12 -47.39
C GLY F 268 28.67 -40.82 -46.72
N ASN F 269 29.68 -40.03 -46.32
CA ASN F 269 29.40 -38.79 -45.62
C ASN F 269 28.72 -37.79 -46.54
N ARG F 270 27.84 -37.00 -45.95
CA ARG F 270 27.16 -35.92 -46.62
C ARG F 270 28.19 -34.92 -47.14
N PRO F 271 28.13 -34.54 -48.42
CA PRO F 271 29.23 -33.76 -49.01
C PRO F 271 29.27 -32.34 -48.48
N ASN F 272 30.49 -31.80 -48.40
CA ASN F 272 30.69 -30.51 -47.76
C ASN F 272 31.93 -29.87 -48.40
N TYR F 273 31.70 -28.96 -49.33
CA TYR F 273 32.76 -28.18 -49.94
C TYR F 273 33.01 -26.93 -49.08
N ILE F 274 34.25 -26.73 -48.69
CA ILE F 274 34.63 -25.58 -47.89
C ILE F 274 35.72 -24.82 -48.62
N GLY F 275 35.40 -23.60 -49.05
CA GLY F 275 36.39 -22.73 -49.68
C GLY F 275 36.18 -21.30 -49.26
N PHE F 276 36.79 -20.35 -49.97
CA PHE F 276 36.55 -18.95 -49.68
C PHE F 276 35.18 -18.53 -50.23
N ARG F 277 34.81 -17.28 -49.97
CA ARG F 277 33.57 -16.75 -50.50
C ARG F 277 33.76 -16.26 -51.92
N ASP F 278 32.63 -15.89 -52.54
CA ASP F 278 32.65 -15.12 -53.78
C ASP F 278 33.38 -13.81 -53.53
N ASN F 279 34.20 -13.38 -54.49
CA ASN F 279 34.89 -12.07 -54.51
C ASN F 279 35.79 -11.82 -53.29
N PHE F 280 36.09 -12.87 -52.52
CA PHE F 280 36.62 -12.78 -51.15
C PHE F 280 35.83 -11.79 -50.31
N ILE F 281 34.51 -11.95 -50.35
CA ILE F 281 33.63 -11.29 -49.39
C ILE F 281 33.91 -11.85 -48.01
N GLY F 282 33.94 -10.97 -47.01
CA GLY F 282 34.17 -11.41 -45.65
C GLY F 282 35.62 -11.70 -45.34
N MET F 283 36.54 -11.27 -46.20
CA MET F 283 37.95 -11.35 -45.87
C MET F 283 38.38 -10.15 -45.05
N MET F 284 37.83 -8.98 -45.34
CA MET F 284 38.35 -7.73 -44.82
C MET F 284 37.26 -6.93 -44.11
N TYR F 285 37.68 -6.17 -43.09
CA TYR F 285 36.77 -5.38 -42.28
C TYR F 285 36.23 -4.17 -43.02
N TYR F 286 35.10 -4.31 -43.71
CA TYR F 286 34.38 -3.16 -44.25
C TYR F 286 33.30 -2.74 -43.27
N ASN F 287 33.22 -1.44 -43.00
CA ASN F 287 32.16 -0.80 -42.22
C ASN F 287 32.09 -1.32 -40.78
N SER F 288 33.20 -1.80 -40.25
CA SER F 288 33.25 -2.15 -38.85
C SER F 288 33.39 -0.89 -38.00
N GLY F 289 33.11 -1.03 -36.71
CA GLY F 289 33.22 0.12 -35.85
C GLY F 289 34.65 0.43 -35.46
N SER F 290 35.26 -0.47 -34.68
CA SER F 290 36.59 -0.24 -34.14
C SER F 290 37.69 -0.50 -35.14
N ASN F 291 37.34 -0.89 -36.36
CA ASN F 291 38.28 -1.55 -37.26
C ASN F 291 38.25 -0.91 -38.65
N THR F 292 37.98 0.38 -38.72
CA THR F 292 38.06 1.08 -40.00
C THR F 292 39.51 1.21 -40.43
N GLY F 293 39.84 0.65 -41.57
CA GLY F 293 41.15 0.87 -42.14
C GLY F 293 41.31 2.28 -42.66
N SER F 294 42.55 2.66 -42.90
CA SER F 294 42.87 4.05 -43.15
C SER F 294 43.66 4.21 -44.44
N PHE F 295 43.27 5.20 -45.24
CA PHE F 295 44.11 5.70 -46.32
C PHE F 295 44.35 7.18 -46.05
N SER F 296 45.39 7.45 -45.27
CA SER F 296 45.77 8.80 -44.93
C SER F 296 47.08 9.16 -45.63
N SER F 297 47.30 10.45 -45.79
CA SER F 297 48.60 10.91 -46.24
C SER F 297 49.62 10.79 -45.13
N GLN F 298 50.90 10.77 -45.50
CA GLN F 298 51.89 11.13 -44.50
C GLN F 298 51.95 12.64 -44.39
N THR F 299 52.63 13.11 -43.32
CA THR F 299 52.79 14.47 -42.83
C THR F 299 51.49 15.02 -42.24
N GLN F 300 50.38 14.32 -42.45
CA GLN F 300 49.13 14.44 -41.75
C GLN F 300 48.78 13.04 -41.27
N GLN F 301 47.69 12.91 -40.53
CA GLN F 301 47.23 11.58 -40.19
C GLN F 301 45.72 11.48 -40.34
N LEU F 302 45.12 12.31 -41.18
CA LEU F 302 43.68 12.41 -41.26
C LEU F 302 43.13 11.26 -42.08
N ASN F 303 42.27 10.46 -41.46
CA ASN F 303 41.66 9.33 -42.13
C ASN F 303 40.64 9.82 -43.15
N ILE F 304 40.84 9.40 -44.41
CA ILE F 304 39.87 9.62 -45.47
C ILE F 304 38.68 8.68 -45.36
N VAL F 305 38.92 7.40 -45.09
CA VAL F 305 37.85 6.40 -45.01
C VAL F 305 37.05 6.67 -43.75
N LEU F 306 35.79 7.06 -43.93
CA LEU F 306 34.86 7.27 -42.84
C LEU F 306 33.71 6.30 -43.06
N ASP F 307 33.87 5.09 -42.52
CA ASP F 307 32.86 4.05 -42.65
C ASP F 307 31.64 4.38 -41.80
N LEU F 308 30.52 3.76 -42.16
CA LEU F 308 29.27 3.87 -41.42
C LEU F 308 28.65 2.49 -41.29
N ASN F 309 27.94 2.27 -40.19
CA ASN F 309 27.22 1.01 -40.04
C ASN F 309 26.02 0.92 -40.96
N ASP F 310 25.45 2.06 -41.36
CA ASP F 310 24.36 2.06 -42.32
C ASP F 310 24.83 1.65 -43.70
N ARG F 311 26.05 2.01 -44.06
CA ARG F 311 26.59 1.70 -45.37
C ARG F 311 26.97 0.23 -45.45
N ASN F 312 26.73 -0.38 -46.61
CA ASN F 312 27.11 -1.77 -46.86
C ASN F 312 28.08 -1.75 -48.04
N SER F 313 29.36 -1.97 -47.75
CA SER F 313 30.38 -1.89 -48.80
C SER F 313 30.53 -3.23 -49.50
N GLU F 314 30.21 -4.31 -48.82
CA GLU F 314 29.83 -5.53 -49.49
C GLU F 314 28.43 -5.34 -50.06
N LEU F 315 28.05 -6.19 -51.03
CA LEU F 315 26.73 -6.16 -51.70
C LEU F 315 26.50 -4.86 -52.51
N SER F 316 27.49 -3.97 -52.54
CA SER F 316 27.53 -2.82 -53.43
C SER F 316 28.55 -3.14 -54.49
N TYR F 317 29.51 -3.99 -54.15
CA TYR F 317 30.39 -4.57 -55.14
C TYR F 317 29.72 -5.71 -55.87
N GLN F 318 28.73 -6.36 -55.24
CA GLN F 318 27.98 -7.40 -55.92
C GLN F 318 27.05 -6.80 -56.97
N TYR F 319 26.39 -5.69 -56.63
CA TYR F 319 25.48 -5.07 -57.59
C TYR F 319 26.23 -4.36 -58.70
N LEU F 320 27.42 -3.83 -58.40
CA LEU F 320 28.20 -3.17 -59.44
C LEU F 320 28.72 -4.18 -60.45
N LEU F 321 29.14 -5.35 -59.99
CA LEU F 321 29.71 -6.36 -60.87
C LEU F 321 28.64 -7.06 -61.70
N ALA F 322 27.38 -7.06 -61.25
CA ALA F 322 26.29 -7.51 -62.12
C ALA F 322 26.06 -6.53 -63.25
N ASP F 323 26.22 -5.23 -62.98
CA ASP F 323 26.07 -4.22 -64.02
C ASP F 323 27.28 -4.19 -64.95
N LEU F 324 28.47 -4.47 -64.42
CA LEU F 324 29.69 -4.23 -65.17
C LEU F 324 30.00 -5.37 -66.14
N THR F 325 29.82 -6.61 -65.71
CA THR F 325 30.08 -7.77 -66.56
C THR F 325 28.85 -8.67 -66.60
N SER F 326 29.03 -9.83 -67.22
CA SER F 326 28.07 -10.91 -67.15
C SER F 326 28.35 -11.75 -65.91
N ARG F 327 27.76 -12.94 -65.84
CA ARG F 327 27.79 -13.68 -64.59
C ARG F 327 28.36 -15.09 -64.76
N TRP F 328 28.15 -15.69 -65.93
CA TRP F 328 28.51 -17.08 -66.16
C TRP F 328 30.02 -17.31 -66.22
N HIS F 329 30.83 -16.26 -66.25
CA HIS F 329 32.26 -16.39 -66.44
C HIS F 329 32.97 -16.42 -65.10
N TYR F 330 33.78 -17.46 -64.88
CA TYR F 330 34.52 -17.63 -63.64
C TYR F 330 35.91 -17.04 -63.82
N PHE F 331 36.24 -16.04 -63.02
CA PHE F 331 37.49 -15.33 -63.12
C PHE F 331 38.29 -15.62 -61.86
N ALA F 332 39.29 -16.49 -61.97
CA ALA F 332 39.94 -17.07 -60.80
C ALA F 332 40.81 -16.10 -60.03
N LEU F 333 41.07 -14.90 -60.54
CA LEU F 333 41.95 -13.98 -59.82
C LEU F 333 41.26 -13.40 -58.59
N TRP F 334 40.14 -12.70 -58.79
CA TRP F 334 39.40 -12.12 -57.69
C TRP F 334 38.50 -13.11 -56.98
N ASN F 335 38.63 -14.40 -57.29
CA ASN F 335 37.72 -15.46 -56.85
C ASN F 335 36.29 -15.10 -57.27
N GLN F 336 36.16 -14.72 -58.54
CA GLN F 336 34.89 -14.29 -59.10
C GLN F 336 34.13 -15.53 -59.58
N ALA F 337 33.67 -16.30 -58.60
CA ALA F 337 32.84 -17.47 -58.83
C ALA F 337 31.61 -17.34 -57.95
N VAL F 338 30.44 -17.44 -58.56
CA VAL F 338 29.22 -16.90 -57.98
C VAL F 338 28.28 -18.03 -57.60
N ASP F 339 27.69 -17.93 -56.41
CA ASP F 339 26.73 -18.89 -55.88
C ASP F 339 25.49 -19.00 -56.74
N ASP F 340 25.31 -20.14 -57.39
CA ASP F 340 24.08 -20.49 -58.07
C ASP F 340 23.44 -21.69 -57.36
N TYR F 341 22.26 -22.07 -57.86
CA TYR F 341 21.64 -23.31 -57.43
C TYR F 341 21.35 -24.15 -58.66
N ASP F 342 20.61 -25.24 -58.49
CA ASP F 342 20.27 -26.10 -59.61
C ASP F 342 18.82 -25.83 -60.01
N HIS F 343 18.60 -25.66 -61.32
CA HIS F 343 17.28 -25.34 -61.84
C HIS F 343 16.30 -26.49 -61.71
N HIS F 344 16.76 -27.70 -61.38
CA HIS F 344 15.88 -28.85 -61.24
C HIS F 344 15.89 -29.45 -59.83
N VAL F 345 16.61 -28.86 -58.89
CA VAL F 345 16.46 -29.27 -57.49
C VAL F 345 15.50 -28.35 -56.75
N ARG F 346 15.78 -27.05 -56.74
CA ARG F 346 14.76 -26.03 -56.70
C ARG F 346 14.10 -26.10 -58.07
N ILE F 347 12.95 -25.45 -58.26
CA ILE F 347 11.73 -26.07 -58.76
C ILE F 347 11.94 -27.35 -59.56
N LEU F 348 11.34 -28.44 -59.10
CA LEU F 348 11.60 -29.75 -59.68
C LEU F 348 10.43 -30.19 -60.54
N GLU F 349 10.75 -30.68 -61.74
CA GLU F 349 9.74 -31.12 -62.69
C GLU F 349 9.65 -32.63 -62.64
N ASN F 350 8.52 -33.15 -62.20
CA ASN F 350 8.32 -34.59 -62.08
C ASN F 350 7.74 -35.06 -63.41
N ASP F 351 8.61 -35.50 -64.31
CA ASP F 351 8.19 -36.10 -65.56
C ASP F 351 8.30 -37.61 -65.55
N GLY F 352 9.08 -38.17 -64.63
CA GLY F 352 8.99 -39.58 -64.31
C GLY F 352 9.45 -40.60 -65.33
N TYR F 353 10.77 -40.71 -65.56
CA TYR F 353 11.43 -41.88 -66.12
C TYR F 353 10.92 -42.32 -67.50
N GLU F 354 11.38 -41.65 -68.56
CA GLU F 354 11.19 -42.10 -69.94
C GLU F 354 11.49 -43.59 -70.10
N GLU F 355 10.46 -44.37 -70.43
CA GLU F 355 10.43 -45.80 -70.20
C GLU F 355 10.49 -46.58 -71.51
N GLY F 356 11.25 -47.68 -71.52
CA GLY F 356 11.49 -48.42 -72.74
C GLY F 356 11.49 -49.93 -72.61
N PRO F 357 12.40 -50.60 -73.30
CA PRO F 357 12.50 -52.06 -73.22
C PRO F 357 13.03 -52.49 -71.87
N PRO F 358 12.84 -53.76 -71.48
CA PRO F 358 13.33 -54.20 -70.17
C PRO F 358 14.85 -54.25 -70.10
N ASN F 359 15.39 -53.85 -68.96
CA ASN F 359 16.85 -53.77 -68.78
C ASN F 359 17.28 -54.99 -67.97
N LEU F 360 17.43 -56.10 -68.68
CA LEU F 360 17.76 -57.39 -68.07
C LEU F 360 19.24 -57.46 -67.73
N ALA F 361 19.55 -58.16 -66.65
CA ALA F 361 20.93 -58.46 -66.29
C ALA F 361 21.16 -59.97 -66.37
N PHE F 362 22.37 -60.35 -66.76
CA PHE F 362 22.73 -61.69 -67.21
C PHE F 362 23.95 -62.18 -66.45
N PRO F 363 24.07 -63.49 -66.19
CA PRO F 363 25.30 -64.00 -65.61
C PRO F 363 26.43 -63.91 -66.62
N PRO F 364 27.67 -63.78 -66.15
CA PRO F 364 28.78 -63.56 -67.11
C PRO F 364 29.05 -64.74 -68.02
N HIS F 365 29.09 -65.95 -67.49
CA HIS F 365 28.91 -67.16 -68.27
C HIS F 365 27.43 -67.22 -68.65
N VAL F 366 27.11 -67.71 -69.84
CA VAL F 366 25.72 -67.70 -70.26
C VAL F 366 25.11 -69.10 -70.25
N ILE F 367 25.92 -70.15 -70.32
CA ILE F 367 25.45 -71.52 -70.50
C ILE F 367 25.19 -72.23 -69.17
N SER F 368 24.00 -72.01 -68.60
CA SER F 368 23.74 -72.52 -67.26
C SER F 368 22.26 -72.80 -67.05
N ASN F 369 22.00 -73.79 -66.20
CA ASN F 369 20.66 -74.05 -65.70
C ASN F 369 20.22 -72.88 -64.81
N PRO F 370 18.90 -72.69 -64.63
CA PRO F 370 18.46 -71.59 -63.76
C PRO F 370 18.73 -71.80 -62.29
N PHE F 371 18.87 -73.05 -61.82
CA PHE F 371 19.12 -73.30 -60.41
C PHE F 371 20.24 -74.31 -60.18
N ALA F 372 21.06 -74.58 -61.18
CA ALA F 372 22.08 -75.61 -61.14
C ALA F 372 23.22 -75.19 -62.05
N PRO F 373 24.40 -75.76 -61.88
CA PRO F 373 25.46 -75.56 -62.87
C PRO F 373 25.15 -76.27 -64.18
N ALA F 374 26.03 -76.05 -65.15
CA ALA F 374 25.88 -76.63 -66.48
C ALA F 374 26.06 -78.14 -66.40
N ALA F 375 25.02 -78.86 -66.81
CA ALA F 375 24.99 -80.32 -66.70
C ALA F 375 25.93 -80.94 -67.72
N VAL F 376 26.98 -81.62 -67.25
CA VAL F 376 27.95 -82.22 -68.14
C VAL F 376 27.36 -83.45 -68.81
N GLY F 377 27.92 -83.81 -69.96
CA GLY F 377 27.40 -84.95 -70.71
C GLY F 377 28.28 -85.25 -71.89
N THR F 378 27.85 -86.21 -72.69
CA THR F 378 28.60 -86.68 -73.84
C THR F 378 27.72 -86.66 -75.09
N GLY F 379 28.31 -86.26 -76.20
CA GLY F 379 27.62 -86.32 -77.47
C GLY F 379 27.52 -87.74 -77.98
N MET F 380 26.61 -87.95 -78.94
CA MET F 380 26.41 -89.27 -79.49
C MET F 380 25.91 -89.20 -80.93
N THR F 381 25.85 -90.37 -81.56
CA THR F 381 25.35 -90.52 -82.92
C THR F 381 24.25 -91.57 -82.94
N VAL F 382 23.09 -91.21 -83.49
CA VAL F 382 22.07 -92.20 -83.77
C VAL F 382 22.41 -92.84 -85.10
N ASN F 383 21.75 -93.95 -85.43
CA ASN F 383 21.87 -94.51 -86.76
C ASN F 383 20.49 -94.69 -87.38
N GLU F 384 20.45 -94.62 -88.71
CA GLU F 384 19.21 -94.88 -89.42
C GLU F 384 19.00 -96.37 -89.60
N GLN F 385 17.74 -96.76 -89.78
CA GLN F 385 17.19 -98.12 -89.88
C GLN F 385 17.31 -98.92 -88.60
N GLN F 386 17.91 -98.36 -87.55
CA GLN F 386 17.84 -98.87 -86.19
C GLN F 386 17.39 -97.72 -85.31
N GLN F 387 17.07 -98.02 -84.06
CA GLN F 387 16.61 -97.00 -83.13
C GLN F 387 17.50 -96.94 -81.89
N THR F 388 18.79 -97.27 -82.06
CA THR F 388 19.74 -97.30 -80.96
C THR F 388 20.73 -96.16 -81.14
N ALA F 389 20.91 -95.37 -80.09
CA ALA F 389 21.83 -94.24 -80.08
C ALA F 389 23.00 -94.57 -79.17
N ALA F 390 24.07 -95.10 -79.72
CA ALA F 390 25.26 -95.40 -78.95
C ALA F 390 26.08 -94.13 -78.76
N VAL F 391 26.72 -94.01 -77.60
CA VAL F 391 27.53 -92.84 -77.31
C VAL F 391 28.81 -92.88 -78.14
N THR F 392 29.19 -91.75 -78.70
CA THR F 392 30.42 -91.66 -79.48
C THR F 392 31.56 -91.18 -78.60
N ALA F 393 32.78 -91.44 -79.05
CA ALA F 393 33.96 -91.16 -78.26
C ALA F 393 34.50 -89.77 -78.54
N ASN F 394 35.28 -89.25 -77.59
CA ASN F 394 35.95 -87.95 -77.65
C ASN F 394 34.99 -86.79 -77.83
N THR F 395 33.77 -86.91 -77.31
CA THR F 395 32.80 -85.81 -77.30
C THR F 395 32.31 -85.66 -75.88
N VAL F 396 32.67 -84.55 -75.24
CA VAL F 396 32.09 -84.14 -73.96
C VAL F 396 31.27 -82.88 -74.19
N ALA F 397 30.19 -82.74 -73.43
CA ALA F 397 29.24 -81.67 -73.68
C ALA F 397 28.69 -81.14 -72.36
N LEU F 398 28.25 -79.89 -72.39
CA LEU F 398 27.58 -79.30 -71.25
C LEU F 398 26.63 -78.22 -71.77
N ILE F 399 25.35 -78.36 -71.43
CA ILE F 399 24.29 -77.57 -72.04
C ILE F 399 23.44 -76.96 -70.93
N GLY F 400 22.39 -76.23 -71.33
CA GLY F 400 21.72 -75.33 -70.41
C GLY F 400 20.22 -75.49 -70.19
N TYR F 401 19.51 -76.06 -71.16
CA TYR F 401 18.09 -76.44 -71.07
C TYR F 401 17.18 -75.24 -70.75
N GLY F 402 17.09 -74.34 -71.71
CA GLY F 402 16.03 -73.36 -71.65
C GLY F 402 16.46 -71.92 -71.69
N ASN F 403 15.70 -71.07 -71.02
CA ASN F 403 15.99 -69.65 -70.98
C ASN F 403 17.21 -69.36 -70.14
N ILE F 404 17.99 -68.38 -70.58
CA ILE F 404 19.12 -67.91 -69.77
C ILE F 404 18.54 -67.20 -68.54
N PRO F 405 18.95 -67.58 -67.33
CA PRO F 405 18.34 -66.97 -66.14
C PRO F 405 18.77 -65.53 -65.97
N ALA F 406 17.82 -64.67 -65.62
CA ALA F 406 18.08 -63.24 -65.65
C ALA F 406 17.35 -62.53 -64.53
N VAL F 407 17.84 -61.34 -64.19
CA VAL F 407 17.17 -60.44 -63.27
C VAL F 407 16.94 -59.12 -64.00
N GLU F 408 15.95 -58.37 -63.52
CA GLU F 408 15.44 -57.21 -64.22
C GLU F 408 15.13 -56.09 -63.26
N MET F 409 15.78 -54.96 -63.43
CA MET F 409 15.31 -53.70 -62.85
C MET F 409 14.75 -52.84 -63.97
N ASN F 410 14.37 -51.61 -63.64
CA ASN F 410 14.19 -50.55 -64.63
C ASN F 410 15.21 -49.45 -64.36
N LEU F 411 16.15 -49.28 -65.30
CA LEU F 411 17.12 -48.21 -65.21
C LEU F 411 16.57 -46.79 -65.08
N PRO F 412 15.58 -46.31 -65.86
CA PRO F 412 15.22 -44.90 -65.75
C PRO F 412 14.53 -44.53 -64.45
N ALA F 413 13.85 -45.47 -63.79
CA ALA F 413 13.27 -45.16 -62.48
C ALA F 413 14.34 -45.10 -61.40
N ASN F 414 15.39 -45.90 -61.52
CA ASN F 414 16.44 -45.90 -60.51
C ASN F 414 17.35 -44.69 -60.64
N LEU F 415 17.56 -44.18 -61.85
CA LEU F 415 18.22 -42.88 -61.99
C LEU F 415 17.37 -41.76 -61.43
N LYS F 416 16.05 -41.88 -61.53
CA LYS F 416 15.15 -40.88 -60.95
C LYS F 416 15.10 -41.01 -59.44
N ARG F 417 15.15 -42.24 -58.93
CA ARG F 417 15.07 -42.48 -57.50
C ARG F 417 16.33 -42.03 -56.77
N THR F 418 17.48 -42.17 -57.41
CA THR F 418 18.73 -41.71 -56.81
C THR F 418 18.83 -40.19 -56.84
N PHE F 419 18.29 -39.58 -57.90
CA PHE F 419 18.39 -38.12 -58.04
C PHE F 419 17.54 -37.39 -57.02
N LEU F 420 16.36 -37.91 -56.70
CA LEU F 420 15.51 -37.26 -55.73
C LEU F 420 16.04 -37.39 -54.31
N TYR F 421 16.82 -38.44 -54.05
CA TYR F 421 17.27 -38.67 -52.68
C TYR F 421 18.46 -37.78 -52.33
N SER F 422 19.51 -37.81 -53.14
CA SER F 422 20.74 -37.10 -52.82
C SER F 422 20.64 -35.60 -53.03
N ASN F 423 19.61 -35.12 -53.72
CA ASN F 423 19.49 -33.69 -54.01
C ASN F 423 18.34 -33.03 -53.29
N VAL F 424 17.21 -33.71 -53.12
CA VAL F 424 16.03 -33.14 -52.49
C VAL F 424 15.81 -33.73 -51.10
N ALA F 425 15.87 -35.06 -50.98
CA ALA F 425 15.61 -35.69 -49.69
C ALA F 425 16.76 -35.47 -48.71
N MET F 426 17.98 -35.35 -49.21
CA MET F 426 19.12 -35.20 -48.32
C MET F 426 19.14 -33.83 -47.64
N TYR F 427 18.55 -32.81 -48.27
CA TYR F 427 18.63 -31.44 -47.78
C TYR F 427 17.30 -30.94 -47.21
N LEU F 428 16.54 -31.84 -46.58
CA LEU F 428 15.30 -31.46 -45.91
C LEU F 428 15.60 -30.74 -44.61
N PRO F 429 14.64 -29.99 -44.05
CA PRO F 429 14.85 -29.41 -42.72
C PRO F 429 14.87 -30.47 -41.64
N ASP F 430 15.37 -30.06 -40.47
CA ASP F 430 15.62 -30.98 -39.36
C ASP F 430 14.33 -31.48 -38.71
N THR F 431 13.19 -30.82 -38.95
CA THR F 431 11.93 -31.31 -38.43
C THR F 431 11.51 -32.61 -39.11
N TYR F 432 11.83 -32.76 -40.40
CA TYR F 432 11.43 -33.91 -41.18
C TYR F 432 12.53 -34.94 -41.32
N LYS F 433 13.39 -35.09 -40.32
CA LYS F 433 14.44 -36.09 -40.32
C LYS F 433 14.34 -36.91 -39.04
N PHE F 434 15.27 -37.85 -38.90
CA PHE F 434 15.31 -38.72 -37.72
C PHE F 434 16.73 -39.22 -37.53
N THR F 435 17.10 -39.44 -36.28
CA THR F 435 18.37 -40.16 -36.16
C THR F 435 18.14 -41.65 -36.33
N PRO F 436 19.09 -42.37 -36.93
CA PRO F 436 18.97 -43.83 -36.96
C PRO F 436 19.25 -44.43 -35.58
N ALA F 437 18.91 -45.70 -35.45
CA ALA F 437 18.93 -46.35 -34.16
C ALA F 437 20.35 -46.66 -33.71
N ASN F 438 20.57 -46.56 -32.40
CA ASN F 438 21.75 -47.04 -31.68
C ASN F 438 23.03 -46.33 -32.09
N VAL F 439 22.94 -45.13 -32.63
CA VAL F 439 24.11 -44.33 -32.96
C VAL F 439 24.01 -43.02 -32.17
N ASP F 440 25.17 -42.52 -31.74
CA ASP F 440 25.23 -41.34 -30.88
C ASP F 440 25.64 -40.13 -31.70
N LEU F 441 24.82 -39.14 -31.69
CA LEU F 441 25.10 -37.87 -32.33
C LEU F 441 25.61 -36.85 -31.30
N PRO F 442 26.43 -35.90 -31.72
CA PRO F 442 26.88 -34.86 -30.77
C PRO F 442 25.74 -33.94 -30.35
N GLU F 443 25.96 -33.26 -29.23
CA GLU F 443 24.92 -32.45 -28.63
C GLU F 443 24.69 -31.15 -29.41
N ASN F 444 25.72 -30.66 -30.10
CA ASN F 444 25.60 -29.44 -30.88
C ASN F 444 24.81 -29.74 -32.14
N HIS F 445 23.66 -29.07 -32.31
CA HIS F 445 22.84 -29.26 -33.49
C HIS F 445 23.38 -28.54 -34.72
N LEU F 446 24.41 -27.72 -34.54
CA LEU F 446 25.04 -27.01 -35.65
C LEU F 446 26.40 -27.58 -36.01
N SER F 447 26.82 -28.67 -35.39
CA SER F 447 28.10 -29.28 -35.72
C SER F 447 27.95 -30.17 -36.94
N TYR F 448 29.04 -30.79 -37.36
CA TYR F 448 28.97 -31.62 -38.56
C TYR F 448 28.45 -33.01 -38.25
N GLY F 449 28.78 -33.55 -37.07
CA GLY F 449 28.34 -34.88 -36.70
C GLY F 449 26.85 -35.02 -36.52
N TYR F 450 26.16 -33.92 -36.21
CA TYR F 450 24.71 -33.96 -36.13
C TYR F 450 24.07 -33.87 -37.51
N ILE F 451 24.64 -33.04 -38.39
CA ILE F 451 24.09 -32.89 -39.73
C ILE F 451 24.40 -34.14 -40.56
N ASN F 452 25.51 -34.79 -40.29
CA ASN F 452 25.88 -35.99 -41.04
C ASN F 452 25.00 -37.17 -40.68
N GLY F 453 24.86 -37.45 -39.39
CA GLY F 453 24.21 -38.68 -38.97
C GLY F 453 22.71 -38.58 -38.79
N ARG F 454 22.02 -37.89 -39.70
CA ARG F 454 20.56 -37.86 -39.70
C ARG F 454 20.05 -38.23 -41.08
N LEU F 455 18.97 -38.99 -41.10
CA LEU F 455 18.44 -39.50 -42.33
C LEU F 455 17.04 -38.94 -42.58
N PRO F 456 16.64 -38.77 -43.84
CA PRO F 456 15.29 -38.25 -44.10
C PRO F 456 14.23 -39.33 -44.03
N LEU F 457 13.02 -38.89 -43.68
CA LEU F 457 11.87 -39.77 -43.68
C LEU F 457 11.54 -40.23 -45.09
N PRO F 458 11.07 -41.47 -45.26
CA PRO F 458 10.86 -42.03 -46.61
C PRO F 458 9.81 -41.36 -47.48
N ASN F 459 8.57 -41.26 -47.01
CA ASN F 459 7.47 -41.01 -47.93
C ASN F 459 7.30 -39.55 -48.33
N ILE F 460 8.08 -38.62 -47.78
CA ILE F 460 7.72 -37.22 -47.97
C ILE F 460 8.21 -36.67 -49.31
N VAL F 461 9.25 -37.26 -49.90
CA VAL F 461 9.51 -37.16 -51.33
C VAL F 461 9.77 -38.56 -51.86
N ASP F 462 9.41 -38.79 -53.11
CA ASP F 462 9.56 -40.08 -53.77
C ASP F 462 9.47 -39.82 -55.27
N THR F 463 9.38 -40.87 -56.08
CA THR F 463 9.22 -40.68 -57.50
C THR F 463 7.77 -40.39 -57.90
N TRP F 464 6.82 -40.44 -56.96
CA TRP F 464 5.43 -40.16 -57.25
C TRP F 464 4.95 -38.79 -56.79
N THR F 465 5.76 -38.04 -56.04
CA THR F 465 5.23 -36.87 -55.33
C THR F 465 5.01 -35.69 -56.25
N ASP F 466 3.77 -35.17 -56.25
CA ASP F 466 3.33 -34.03 -57.04
C ASP F 466 3.61 -34.23 -58.52
N ILE F 467 3.29 -35.42 -59.01
CA ILE F 467 3.82 -35.90 -60.27
C ILE F 467 3.11 -35.21 -61.43
N GLY F 468 3.89 -34.77 -62.41
CA GLY F 468 3.37 -34.01 -63.52
C GLY F 468 3.25 -32.52 -63.28
N ALA F 469 3.89 -31.98 -62.25
CA ALA F 469 3.71 -30.59 -61.89
C ALA F 469 5.03 -29.95 -61.49
N ARG F 470 5.27 -28.73 -61.96
CA ARG F 470 6.37 -27.91 -61.48
C ARG F 470 5.99 -27.39 -60.11
N TRP F 471 6.65 -27.91 -59.06
CA TRP F 471 6.23 -27.59 -57.70
C TRP F 471 7.39 -27.90 -56.77
N SER F 472 7.91 -26.89 -56.09
CA SER F 472 8.87 -27.14 -55.02
C SER F 472 8.13 -27.68 -53.80
N LEU F 473 8.83 -28.51 -53.04
CA LEU F 473 8.23 -29.06 -51.83
C LEU F 473 8.07 -27.94 -50.80
N ASP F 474 6.99 -28.03 -50.02
CA ASP F 474 6.44 -26.88 -49.30
C ASP F 474 7.40 -26.33 -48.25
N VAL F 475 8.12 -27.21 -47.55
CA VAL F 475 9.10 -26.73 -46.60
C VAL F 475 10.46 -26.52 -47.23
N MET F 476 10.65 -26.95 -48.48
CA MET F 476 11.87 -26.66 -49.22
C MET F 476 11.82 -25.29 -49.89
N ASP F 477 10.74 -24.54 -49.72
CA ASP F 477 10.70 -23.16 -50.18
C ASP F 477 11.63 -22.29 -49.36
N THR F 478 11.59 -22.44 -48.05
CA THR F 478 12.25 -21.53 -47.13
C THR F 478 13.61 -22.01 -46.68
N VAL F 479 14.06 -23.17 -47.11
CA VAL F 479 15.42 -23.60 -46.84
C VAL F 479 16.31 -22.96 -47.89
N ASN F 480 17.57 -22.71 -47.53
CA ASN F 480 18.46 -21.94 -48.38
C ASN F 480 18.88 -22.79 -49.58
N PRO F 481 18.56 -22.38 -50.81
CA PRO F 481 18.92 -23.20 -51.98
C PRO F 481 20.38 -23.13 -52.37
N PHE F 482 21.14 -22.19 -51.80
CA PHE F 482 22.55 -22.06 -52.11
C PHE F 482 23.42 -22.89 -51.18
N ASN F 483 22.83 -23.57 -50.21
CA ASN F 483 23.54 -24.53 -49.38
C ASN F 483 23.33 -25.93 -49.95
N HIS F 484 23.86 -26.12 -51.15
CA HIS F 484 23.61 -27.31 -51.94
C HIS F 484 24.93 -27.74 -52.55
N HIS F 485 25.12 -29.04 -52.73
CA HIS F 485 26.40 -29.49 -53.24
C HIS F 485 26.53 -29.32 -54.75
N ARG F 486 25.44 -29.01 -55.45
CA ARG F 486 25.51 -28.65 -56.86
C ARG F 486 25.66 -27.14 -57.06
N ASN F 487 26.11 -26.43 -56.03
CA ASN F 487 26.54 -25.04 -56.14
C ASN F 487 27.81 -25.04 -56.97
N THR F 488 27.69 -24.69 -58.25
CA THR F 488 28.84 -24.67 -59.14
C THR F 488 29.81 -23.56 -58.77
N GLY F 489 29.32 -22.52 -58.11
CA GLY F 489 30.21 -21.48 -57.62
C GLY F 489 31.06 -21.96 -56.46
N LEU F 490 30.44 -22.58 -55.46
CA LEU F 490 31.18 -23.02 -54.28
C LEU F 490 32.07 -24.22 -54.58
N LYS F 491 31.63 -25.10 -55.48
CA LYS F 491 32.45 -26.23 -55.88
C LYS F 491 33.68 -25.77 -56.64
N TYR F 492 33.56 -24.68 -57.41
CA TYR F 492 34.73 -24.13 -58.08
C TYR F 492 35.67 -23.43 -57.11
N ARG F 493 35.14 -22.87 -56.03
CA ARG F 493 35.99 -22.16 -55.09
C ARG F 493 36.68 -23.12 -54.12
N SER F 494 36.05 -24.24 -53.79
CA SER F 494 36.68 -25.21 -52.90
C SER F 494 37.75 -26.01 -53.63
N GLN F 495 37.51 -26.38 -54.88
CA GLN F 495 38.48 -27.13 -55.66
C GLN F 495 39.61 -26.26 -56.19
N LEU F 496 39.49 -24.94 -56.09
CA LEU F 496 40.55 -24.06 -56.54
C LEU F 496 41.76 -24.09 -55.63
N LEU F 497 41.57 -24.47 -54.37
CA LEU F 497 42.66 -24.52 -53.39
C LEU F 497 43.26 -25.91 -53.27
N GLY F 498 42.43 -26.96 -53.29
CA GLY F 498 42.94 -28.32 -53.22
C GLY F 498 41.82 -29.29 -52.90
N ASN F 499 42.21 -30.44 -52.35
CA ASN F 499 41.28 -31.47 -51.94
C ASN F 499 41.58 -31.97 -50.53
N GLY F 500 42.34 -31.19 -49.75
CA GLY F 500 42.82 -31.65 -48.47
C GLY F 500 42.44 -30.72 -47.34
N ARG F 501 42.73 -31.16 -46.12
CA ARG F 501 42.53 -30.32 -44.93
C ARG F 501 43.50 -29.16 -44.93
N TYR F 502 44.79 -29.47 -44.86
CA TYR F 502 45.85 -28.49 -44.69
C TYR F 502 46.27 -28.03 -46.07
N CYS F 503 45.88 -26.81 -46.43
CA CYS F 503 46.20 -26.29 -47.75
C CYS F 503 46.87 -24.93 -47.62
N ASP F 504 47.86 -24.69 -48.45
CA ASP F 504 48.49 -23.39 -48.57
C ASP F 504 47.82 -22.61 -49.68
N PHE F 505 47.43 -21.38 -49.39
CA PHE F 505 46.75 -20.55 -50.35
C PHE F 505 47.59 -19.31 -50.64
N HIS F 506 47.36 -18.73 -51.80
CA HIS F 506 48.08 -17.53 -52.23
C HIS F 506 47.12 -16.74 -53.09
N ILE F 507 46.42 -15.79 -52.48
CA ILE F 507 45.24 -15.20 -53.10
C ILE F 507 45.44 -13.70 -53.26
N GLN F 508 44.50 -13.07 -53.97
CA GLN F 508 44.51 -11.64 -54.28
C GLN F 508 43.13 -11.10 -53.99
N VAL F 509 43.03 -10.26 -52.97
CA VAL F 509 41.75 -9.78 -52.44
C VAL F 509 41.52 -8.37 -52.94
N PRO F 510 40.31 -8.01 -53.36
CA PRO F 510 40.10 -6.68 -53.96
C PRO F 510 39.63 -5.64 -52.95
N GLN F 511 40.09 -4.40 -53.16
CA GLN F 511 39.64 -3.28 -52.34
C GLN F 511 38.29 -2.79 -52.85
N LYS F 512 37.29 -2.80 -51.98
CA LYS F 512 35.91 -2.58 -52.39
C LYS F 512 35.26 -1.33 -51.80
N PHE F 513 35.97 -0.54 -51.00
CA PHE F 513 35.40 0.71 -50.50
C PHE F 513 35.47 1.76 -51.59
N PHE F 514 34.34 2.39 -51.89
CA PHE F 514 34.12 3.10 -53.15
C PHE F 514 34.93 4.38 -53.29
N ALA F 515 35.45 4.93 -52.20
CA ALA F 515 36.33 6.10 -52.33
C ALA F 515 37.71 5.69 -52.80
N ILE F 516 38.28 4.65 -52.20
CA ILE F 516 39.59 4.16 -52.60
C ILE F 516 39.52 3.44 -53.94
N LYS F 517 38.34 2.88 -54.27
CA LYS F 517 38.19 1.75 -55.19
C LYS F 517 38.74 2.04 -56.58
N ASN F 518 38.56 3.25 -57.09
CA ASN F 518 39.24 3.67 -58.32
C ASN F 518 39.68 5.13 -58.25
N LEU F 519 40.24 5.54 -57.11
CA LEU F 519 40.79 6.89 -57.01
C LEU F 519 42.04 7.03 -57.87
N LEU F 520 42.15 8.15 -58.57
CA LEU F 520 43.34 8.48 -59.34
C LEU F 520 44.24 9.31 -58.44
N LEU F 521 45.41 8.77 -58.11
CA LEU F 521 46.20 9.25 -56.97
C LEU F 521 47.39 10.05 -57.47
N LEU F 522 47.39 11.34 -57.18
CA LEU F 522 48.44 12.27 -57.54
C LEU F 522 49.65 12.08 -56.62
N PRO F 523 50.84 12.59 -56.99
CA PRO F 523 52.04 12.34 -56.18
C PRO F 523 51.98 12.87 -54.74
N GLY F 524 52.74 12.20 -53.88
CA GLY F 524 52.74 12.41 -52.43
C GLY F 524 52.90 11.09 -51.71
N THR F 525 53.24 11.12 -50.42
CA THR F 525 53.40 9.91 -49.63
C THR F 525 52.14 9.63 -48.82
N TYR F 526 51.79 8.35 -48.69
CA TYR F 526 50.51 7.96 -48.14
C TYR F 526 50.66 6.73 -47.25
N ASN F 527 49.88 6.70 -46.16
CA ASN F 527 49.74 5.50 -45.33
C ASN F 527 48.46 4.78 -45.72
N TYR F 528 48.55 3.47 -45.88
CA TYR F 528 47.41 2.66 -46.30
C TYR F 528 47.27 1.51 -45.30
N GLU F 529 46.60 1.80 -44.19
CA GLU F 529 46.44 0.87 -43.08
C GLU F 529 45.10 0.16 -43.22
N TRP F 530 45.08 -1.14 -42.99
CA TRP F 530 43.87 -1.91 -43.25
C TRP F 530 43.92 -3.21 -42.46
N TYR F 531 42.75 -3.65 -41.98
CA TYR F 531 42.64 -4.85 -41.15
C TYR F 531 42.02 -6.00 -41.93
N PHE F 532 42.30 -7.22 -41.48
CA PHE F 532 41.83 -8.44 -42.13
C PHE F 532 40.96 -9.23 -41.16
N ARG F 533 40.64 -10.46 -41.52
CA ARG F 533 39.86 -11.33 -40.65
C ARG F 533 40.56 -12.67 -40.45
N LYS F 534 40.37 -13.22 -39.25
CA LYS F 534 40.73 -14.60 -38.95
C LYS F 534 39.51 -15.42 -38.54
N ASP F 535 38.31 -14.90 -38.78
CA ASP F 535 37.08 -15.59 -38.43
C ASP F 535 36.87 -16.77 -39.37
N PRO F 536 36.71 -17.99 -38.85
CA PRO F 536 36.50 -19.13 -39.76
C PRO F 536 35.12 -19.14 -40.40
N ASN F 537 34.08 -18.74 -39.67
CA ASN F 537 32.73 -18.75 -40.24
C ASN F 537 32.50 -17.63 -41.23
N MET F 538 33.29 -16.56 -41.17
CA MET F 538 33.09 -15.46 -42.09
C MET F 538 33.91 -15.60 -43.36
N VAL F 539 35.18 -15.96 -43.21
CA VAL F 539 36.07 -16.06 -44.37
C VAL F 539 35.70 -17.28 -45.22
N LEU F 540 35.50 -18.42 -44.57
CA LEU F 540 35.30 -19.68 -45.27
C LEU F 540 33.81 -19.99 -45.39
N GLN F 541 33.45 -20.66 -46.48
CA GLN F 541 32.06 -20.97 -46.79
C GLN F 541 31.89 -22.49 -46.86
N SER F 542 31.23 -23.07 -45.88
CA SER F 542 30.90 -24.47 -45.95
C SER F 542 29.67 -24.67 -46.82
N THR F 543 29.46 -25.91 -47.24
CA THR F 543 28.25 -26.23 -48.01
C THR F 543 27.04 -26.35 -47.11
N LEU F 544 27.14 -27.15 -46.05
CA LEU F 544 26.00 -27.43 -45.19
C LEU F 544 25.67 -26.27 -44.26
N GLY F 545 26.57 -25.31 -44.11
CA GLY F 545 26.30 -24.19 -43.23
C GLY F 545 26.45 -24.50 -41.77
N ASN F 546 27.42 -25.35 -41.40
CA ASN F 546 27.65 -25.70 -40.01
C ASN F 546 28.50 -24.64 -39.32
N ASP F 547 28.92 -24.94 -38.10
CA ASP F 547 29.74 -24.02 -37.32
C ASP F 547 31.20 -24.42 -37.51
N LEU F 548 31.94 -23.65 -38.32
CA LEU F 548 33.32 -24.03 -38.61
C LEU F 548 34.24 -23.75 -37.43
N ARG F 549 33.98 -22.70 -36.66
CA ARG F 549 34.83 -22.43 -35.51
C ARG F 549 34.55 -23.36 -34.34
N ALA F 550 33.46 -24.12 -34.39
CA ALA F 550 33.26 -25.24 -33.47
C ALA F 550 33.86 -26.53 -34.01
N ASP F 551 33.91 -26.68 -35.33
CA ASP F 551 34.54 -27.86 -35.92
C ASP F 551 36.05 -27.84 -35.74
N GLY F 552 36.67 -26.67 -35.90
CA GLY F 552 38.10 -26.56 -35.74
C GLY F 552 38.81 -25.99 -36.95
N ALA F 553 38.08 -25.22 -37.76
CA ALA F 553 38.70 -24.52 -38.87
C ALA F 553 39.55 -23.37 -38.35
N SER F 554 40.60 -23.04 -39.10
CA SER F 554 41.55 -22.03 -38.66
C SER F 554 42.25 -21.46 -39.88
N ILE F 555 42.66 -20.21 -39.78
CA ILE F 555 43.39 -19.54 -40.85
C ILE F 555 44.44 -18.62 -40.23
N THR F 556 45.67 -18.73 -40.72
CA THR F 556 46.76 -17.87 -40.30
C THR F 556 47.39 -17.20 -41.51
N TYR F 557 47.99 -16.05 -41.29
CA TYR F 557 48.51 -15.20 -42.36
C TYR F 557 50.02 -15.12 -42.23
N THR F 558 50.73 -15.52 -43.29
CA THR F 558 52.18 -15.60 -43.23
C THR F 558 52.86 -14.31 -43.68
N GLN F 559 52.64 -13.92 -44.93
CA GLN F 559 53.28 -12.74 -45.51
C GLN F 559 52.25 -12.05 -46.38
N ILE F 560 52.06 -10.75 -46.17
CA ILE F 560 51.01 -10.00 -46.85
C ILE F 560 51.62 -8.75 -47.46
N ASN F 561 51.44 -8.58 -48.76
CA ASN F 561 51.98 -7.46 -49.52
C ASN F 561 50.86 -6.74 -50.26
N LEU F 562 51.18 -5.56 -50.78
CA LEU F 562 50.27 -4.76 -51.59
C LEU F 562 50.94 -4.48 -52.93
N TYR F 563 50.23 -4.75 -54.02
CA TYR F 563 50.78 -4.54 -55.35
C TYR F 563 50.07 -3.37 -56.02
N VAL F 564 50.84 -2.41 -56.52
CA VAL F 564 50.30 -1.28 -57.26
C VAL F 564 50.96 -1.23 -58.63
N SER F 565 50.24 -0.64 -59.58
CA SER F 565 50.68 -0.56 -60.97
C SER F 565 50.68 0.89 -61.39
N PHE F 566 51.82 1.37 -61.86
CA PHE F 566 51.99 2.78 -62.20
C PHE F 566 52.08 2.90 -63.71
N PHE F 567 51.34 3.84 -64.29
CA PHE F 567 51.43 4.03 -65.72
C PHE F 567 52.70 4.80 -66.06
N PRO F 568 53.49 4.33 -67.04
CA PRO F 568 54.75 5.01 -67.37
C PRO F 568 54.55 6.23 -68.25
N MET F 569 53.91 7.25 -67.70
CA MET F 569 53.57 8.43 -68.47
C MET F 569 54.82 9.28 -68.70
N ASN F 570 54.86 9.94 -69.86
CA ASN F 570 55.90 10.92 -70.15
C ASN F 570 55.84 12.04 -69.13
N TYR F 571 57.02 12.56 -68.78
CA TYR F 571 57.11 13.46 -67.63
C TYR F 571 56.57 14.85 -67.94
N ASP F 572 56.49 15.22 -69.20
CA ASP F 572 55.87 16.49 -69.57
C ASP F 572 54.36 16.35 -69.75
N THR F 573 53.90 15.17 -70.17
CA THR F 573 52.47 14.90 -70.15
C THR F 573 51.98 14.72 -68.73
N GLN F 574 52.86 14.24 -67.84
CA GLN F 574 52.53 14.14 -66.42
C GLN F 574 52.37 15.51 -65.80
N SER F 575 53.30 16.42 -66.07
CA SER F 575 53.27 17.76 -65.48
C SER F 575 52.10 18.57 -66.00
N GLU F 576 51.62 18.27 -67.22
CA GLU F 576 50.40 18.90 -67.69
C GLU F 576 49.18 18.34 -66.97
N LEU F 577 49.18 17.03 -66.72
CA LEU F 577 48.01 16.37 -66.12
C LEU F 577 47.90 16.64 -64.63
N GLU F 578 49.03 16.68 -63.93
CA GLU F 578 49.01 16.90 -62.49
C GLU F 578 48.55 18.30 -62.14
N LEU F 579 48.98 19.29 -62.93
CA LEU F 579 48.58 20.66 -62.68
C LEU F 579 47.13 20.93 -63.06
N MET F 580 46.51 20.07 -63.88
CA MET F 580 45.09 20.19 -64.14
C MET F 580 44.24 19.49 -63.08
N LEU F 581 44.74 18.41 -62.48
CA LEU F 581 43.99 17.67 -61.49
C LEU F 581 44.19 18.18 -60.07
N ARG F 582 45.17 19.04 -59.83
CA ARG F 582 45.28 19.73 -58.56
C ARG F 582 44.51 21.04 -58.54
N ASN F 583 43.70 21.28 -59.55
CA ASN F 583 42.80 22.43 -59.56
C ASN F 583 41.58 22.11 -58.72
N ALA F 584 40.98 23.15 -58.16
CA ALA F 584 39.83 22.94 -57.28
C ALA F 584 38.56 22.61 -58.04
N THR F 585 38.48 23.00 -59.31
CA THR F 585 37.30 22.68 -60.11
C THR F 585 37.33 21.26 -60.67
N ASN F 586 38.51 20.65 -60.75
CA ASN F 586 38.67 19.30 -61.27
C ASN F 586 38.72 18.26 -60.16
N ASP F 587 38.00 18.47 -59.07
CA ASP F 587 37.93 17.49 -58.00
C ASP F 587 37.23 16.23 -58.47
N GLN F 588 37.75 15.08 -58.06
CA GLN F 588 37.16 13.82 -58.43
C GLN F 588 36.04 13.46 -57.48
N ASN F 589 34.91 13.06 -58.02
CA ASN F 589 33.74 12.71 -57.23
C ASN F 589 33.28 11.31 -57.59
N PHE F 590 32.97 10.51 -56.57
CA PHE F 590 32.53 9.14 -56.76
C PHE F 590 31.20 8.92 -56.06
N SER F 591 30.63 7.73 -56.23
CA SER F 591 29.36 7.40 -55.63
C SER F 591 29.29 5.90 -55.41
N ASP F 592 28.75 5.51 -54.25
CA ASP F 592 28.49 4.10 -53.98
C ASP F 592 27.37 3.62 -54.89
N TYR F 593 27.57 2.46 -55.52
CA TYR F 593 26.62 2.00 -56.52
C TYR F 593 25.30 1.55 -55.89
N LEU F 594 25.36 1.02 -54.67
CA LEU F 594 24.15 0.61 -53.98
C LEU F 594 23.29 1.82 -53.63
N GLY F 595 23.89 2.81 -52.99
CA GLY F 595 23.21 4.03 -52.61
C GLY F 595 22.10 3.77 -51.62
N ALA F 596 22.43 3.27 -50.43
CA ALA F 596 21.41 2.80 -49.52
C ALA F 596 21.80 3.11 -48.08
N VAL F 597 20.79 3.08 -47.22
CA VAL F 597 20.96 3.07 -45.79
C VAL F 597 20.40 1.76 -45.30
N ASN F 598 21.27 0.84 -44.92
CA ASN F 598 20.87 -0.52 -44.58
C ASN F 598 20.54 -0.58 -43.09
N ASN F 599 19.32 -1.03 -42.77
CA ASN F 599 18.93 -1.24 -41.40
C ASN F 599 18.03 -2.47 -41.31
N LEU F 600 18.18 -3.23 -40.23
CA LEU F 600 17.63 -4.58 -40.11
C LEU F 600 16.60 -4.62 -38.98
N TYR F 601 15.34 -4.40 -39.33
CA TYR F 601 14.27 -4.58 -38.37
C TYR F 601 14.04 -6.06 -38.14
N GLN F 602 13.93 -6.47 -36.89
CA GLN F 602 13.80 -7.89 -36.60
C GLN F 602 12.34 -8.29 -36.47
N ILE F 603 12.06 -9.53 -36.83
CA ILE F 603 10.74 -10.12 -36.74
C ILE F 603 10.86 -11.35 -35.85
N PRO F 604 10.09 -11.44 -34.76
CA PRO F 604 10.12 -12.65 -33.93
C PRO F 604 9.44 -13.82 -34.64
N ALA F 605 9.63 -15.00 -34.07
CA ALA F 605 9.15 -16.22 -34.71
C ALA F 605 7.63 -16.31 -34.60
N GLY F 606 6.98 -16.62 -35.73
CA GLY F 606 5.55 -16.76 -35.77
C GLY F 606 4.78 -15.46 -35.90
N SER F 607 5.46 -14.32 -35.92
CA SER F 607 4.79 -13.04 -36.04
C SER F 607 4.56 -12.69 -37.51
N SER F 608 3.39 -12.14 -37.80
CA SER F 608 3.03 -11.82 -39.17
C SER F 608 3.47 -10.41 -39.57
N THR F 609 3.20 -9.43 -38.73
CA THR F 609 3.45 -8.04 -39.08
C THR F 609 4.73 -7.53 -38.42
N VAL F 610 5.34 -6.54 -39.06
CA VAL F 610 6.42 -5.75 -38.49
C VAL F 610 6.18 -4.30 -38.86
N VAL F 611 6.25 -3.40 -37.88
CA VAL F 611 5.84 -2.02 -38.05
C VAL F 611 7.02 -1.14 -37.69
N VAL F 612 7.45 -0.30 -38.64
CA VAL F 612 8.63 0.53 -38.47
C VAL F 612 8.21 1.99 -38.36
N ASN F 613 9.16 2.82 -37.94
CA ASN F 613 8.97 4.26 -37.88
C ASN F 613 10.26 4.95 -38.27
N ILE F 614 10.12 6.08 -38.95
CA ILE F 614 11.20 7.04 -39.08
C ILE F 614 10.68 8.34 -38.47
N PRO F 615 11.42 8.98 -37.57
CA PRO F 615 10.94 10.25 -37.00
C PRO F 615 10.97 11.40 -38.01
N ASP F 616 10.53 12.57 -37.57
CA ASP F 616 10.33 13.70 -38.47
C ASP F 616 11.68 14.24 -38.93
N ARG F 617 11.93 14.17 -40.24
CA ARG F 617 13.16 14.69 -40.81
C ARG F 617 12.92 15.02 -42.28
N SER F 618 13.95 15.56 -42.92
CA SER F 618 13.84 16.04 -44.28
C SER F 618 14.05 14.90 -45.27
N TRP F 619 13.16 14.81 -46.26
CA TRP F 619 13.17 13.74 -47.24
C TRP F 619 13.54 14.23 -48.63
N GLY F 620 14.39 15.24 -48.72
CA GLY F 620 14.80 15.74 -50.02
C GLY F 620 15.78 14.78 -50.69
N ALA F 621 15.61 14.64 -52.01
CA ALA F 621 16.41 13.75 -52.87
C ALA F 621 16.36 12.30 -52.39
N PHE F 622 15.16 11.83 -52.05
CA PHE F 622 14.96 10.44 -51.70
C PHE F 622 14.77 9.62 -52.97
N ARG F 623 15.35 8.42 -52.99
CA ARG F 623 15.43 7.66 -54.23
C ARG F 623 14.46 6.48 -54.31
N GLY F 624 14.23 5.76 -53.22
CA GLY F 624 13.27 4.68 -53.24
C GLY F 624 13.47 3.72 -52.09
N TRP F 625 12.62 2.70 -52.07
CA TRP F 625 12.66 1.66 -51.05
C TRP F 625 13.09 0.33 -51.66
N SER F 626 13.57 -0.56 -50.79
CA SER F 626 13.83 -1.95 -51.14
C SER F 626 13.87 -2.79 -49.88
N PHE F 627 13.37 -4.03 -49.97
CA PHE F 627 13.23 -4.86 -48.78
C PHE F 627 13.17 -6.33 -49.12
N THR F 628 13.82 -7.14 -48.29
CA THR F 628 13.69 -8.60 -48.26
C THR F 628 13.65 -9.06 -46.81
N ARG F 629 13.73 -10.37 -46.62
CA ARG F 629 13.84 -10.97 -45.29
C ARG F 629 15.11 -11.79 -45.19
N LEU F 630 15.69 -11.80 -43.99
CA LEU F 630 16.91 -12.53 -43.73
C LEU F 630 16.75 -13.28 -42.42
N LYS F 631 17.20 -14.53 -42.37
CA LYS F 631 17.14 -15.28 -41.13
C LYS F 631 18.14 -14.71 -40.12
N VAL F 632 17.81 -14.86 -38.84
CA VAL F 632 18.68 -14.32 -37.78
C VAL F 632 19.94 -15.16 -37.66
N SER F 633 19.82 -16.48 -37.82
CA SER F 633 20.99 -17.35 -37.74
C SER F 633 21.92 -17.17 -38.93
N GLU F 634 21.42 -16.65 -40.06
CA GLU F 634 22.21 -16.53 -41.26
C GLU F 634 22.73 -15.12 -41.50
N THR F 635 22.59 -14.21 -40.54
CA THR F 635 23.03 -12.84 -40.71
C THR F 635 24.00 -12.45 -39.61
N PRO F 636 25.24 -12.10 -39.92
CA PRO F 636 26.19 -11.70 -38.90
C PRO F 636 26.05 -10.21 -38.59
N ARG F 637 26.89 -9.74 -37.68
CA ARG F 637 26.95 -8.32 -37.37
C ARG F 637 28.37 -7.84 -37.58
N ILE F 638 28.53 -6.83 -38.43
CA ILE F 638 29.85 -6.44 -38.92
C ILE F 638 30.45 -5.30 -38.09
N GLY F 639 29.63 -4.55 -37.36
CA GLY F 639 30.13 -3.48 -36.53
C GLY F 639 30.98 -3.94 -35.36
N ALA F 640 30.81 -5.18 -34.93
CA ALA F 640 31.69 -5.76 -33.93
C ALA F 640 33.00 -6.20 -34.57
N THR F 641 34.00 -6.42 -33.73
CA THR F 641 35.23 -7.07 -34.17
C THR F 641 35.09 -8.58 -34.23
N GLN F 642 34.04 -9.13 -33.62
CA GLN F 642 33.83 -10.56 -33.54
C GLN F 642 32.38 -10.80 -33.12
N ASP F 643 31.72 -11.74 -33.78
CA ASP F 643 30.31 -12.03 -33.47
C ASP F 643 30.24 -13.42 -32.84
N PRO F 644 30.17 -13.51 -31.51
CA PRO F 644 30.20 -14.83 -30.86
C PRO F 644 28.90 -15.61 -31.00
N ASN F 645 27.81 -14.98 -31.42
CA ASN F 645 26.54 -15.65 -31.61
C ASN F 645 26.29 -16.03 -33.05
N PHE F 646 27.30 -15.96 -33.91
CA PHE F 646 27.18 -16.26 -35.32
C PHE F 646 27.82 -17.62 -35.56
N GLN F 647 27.00 -18.66 -35.64
CA GLN F 647 27.50 -20.03 -35.73
C GLN F 647 27.03 -20.67 -37.03
N TYR F 648 27.20 -19.95 -38.14
CA TYR F 648 26.70 -20.36 -39.43
C TYR F 648 27.75 -20.07 -40.47
N SER F 649 27.86 -20.94 -41.48
CA SER F 649 28.90 -20.79 -42.48
C SER F 649 28.42 -21.11 -43.88
N GLY F 650 27.17 -20.84 -44.18
CA GLY F 650 26.65 -21.02 -45.52
C GLY F 650 26.77 -19.75 -46.34
N SER F 651 25.92 -19.65 -47.35
CA SER F 651 25.87 -18.43 -48.17
C SER F 651 25.09 -17.37 -47.39
N ILE F 652 25.79 -16.33 -46.95
CA ILE F 652 25.17 -15.25 -46.20
C ILE F 652 24.41 -14.33 -47.14
N PRO F 653 23.10 -14.21 -46.99
CA PRO F 653 22.33 -13.38 -47.94
C PRO F 653 22.47 -11.90 -47.70
N TYR F 654 23.01 -11.48 -46.55
CA TYR F 654 23.10 -10.05 -46.24
C TYR F 654 24.18 -9.38 -47.06
N LEU F 655 25.20 -10.12 -47.49
CA LEU F 655 26.33 -9.53 -48.20
C LEU F 655 26.85 -10.35 -49.38
N ASP F 656 26.17 -11.42 -49.78
CA ASP F 656 26.51 -12.08 -51.04
C ASP F 656 25.51 -11.77 -52.14
N GLY F 657 24.33 -11.26 -51.79
CA GLY F 657 23.30 -11.03 -52.77
C GLY F 657 22.55 -12.28 -53.17
N THR F 658 22.47 -13.26 -52.29
CA THR F 658 21.79 -14.52 -52.56
C THR F 658 20.54 -14.55 -51.70
N PHE F 659 19.47 -13.92 -52.18
CA PHE F 659 18.22 -13.82 -51.43
C PHE F 659 17.27 -14.93 -51.85
N TYR F 660 16.53 -15.45 -50.89
CA TYR F 660 15.57 -16.50 -51.17
C TYR F 660 14.27 -16.35 -50.40
N LEU F 661 14.11 -15.31 -49.60
CA LEU F 661 12.88 -15.05 -48.87
C LEU F 661 12.19 -13.81 -49.43
N SER F 662 12.25 -13.63 -50.74
CA SER F 662 11.54 -12.53 -51.37
C SER F 662 10.09 -12.88 -51.64
N HIS F 663 9.77 -14.17 -51.71
CA HIS F 663 8.40 -14.59 -52.01
C HIS F 663 7.50 -14.54 -50.80
N THR F 664 8.05 -14.55 -49.59
CA THR F 664 7.24 -14.67 -48.38
C THR F 664 6.77 -13.32 -47.83
N PHE F 665 6.20 -12.48 -48.68
CA PHE F 665 5.63 -11.21 -48.27
C PHE F 665 4.15 -11.19 -48.58
N GLN F 666 3.32 -10.89 -47.58
CA GLN F 666 1.90 -10.76 -47.86
C GLN F 666 1.57 -9.40 -48.44
N ARG F 667 1.86 -8.32 -47.71
CA ARG F 667 1.45 -7.00 -48.16
C ARG F 667 2.32 -5.94 -47.48
N CYS F 668 2.13 -4.69 -47.92
CA CYS F 668 2.95 -3.55 -47.53
C CYS F 668 2.05 -2.33 -47.38
N SER F 669 2.59 -1.28 -46.75
CA SER F 669 1.86 -0.03 -46.59
C SER F 669 2.87 1.07 -46.27
N ILE F 670 2.70 2.22 -46.91
CA ILE F 670 3.57 3.38 -46.70
C ILE F 670 2.68 4.58 -46.39
N GLN F 671 2.97 5.28 -45.30
CA GLN F 671 2.14 6.40 -44.89
C GLN F 671 3.01 7.52 -44.37
N TRP F 672 2.86 8.72 -44.93
CA TRP F 672 3.61 9.88 -44.51
C TRP F 672 2.91 10.53 -43.32
N ASP F 673 3.69 10.82 -42.28
CA ASP F 673 3.37 11.53 -41.01
C ASP F 673 1.96 11.28 -40.48
N SER F 674 1.55 10.01 -40.52
CA SER F 674 0.38 9.45 -39.84
C SER F 674 -0.95 10.02 -40.35
N SER F 675 -0.91 10.68 -41.51
CA SER F 675 -2.17 11.15 -42.10
C SER F 675 -2.25 10.93 -43.60
N VAL F 676 -1.11 10.81 -44.26
CA VAL F 676 -1.05 10.87 -45.72
C VAL F 676 -0.68 9.48 -46.24
N PRO F 677 -1.59 8.77 -46.88
CA PRO F 677 -1.19 7.52 -47.55
C PRO F 677 -0.42 7.81 -48.83
N TRP F 678 0.61 7.00 -49.06
CA TRP F 678 1.40 7.09 -50.26
C TRP F 678 1.24 5.80 -51.06
N PRO F 679 1.05 5.87 -52.39
CA PRO F 679 0.98 7.01 -53.29
C PRO F 679 -0.33 7.79 -53.18
N GLY F 680 -1.34 7.17 -52.59
CA GLY F 680 -2.66 7.76 -52.49
C GLY F 680 -3.24 8.00 -53.87
N ASN F 681 -4.12 9.00 -53.96
CA ASN F 681 -4.58 9.59 -55.23
C ASN F 681 -5.20 8.57 -56.17
N ASP F 682 -5.83 7.54 -55.58
CA ASP F 682 -6.41 6.33 -56.16
C ASP F 682 -5.69 5.81 -57.40
N ARG F 683 -4.37 5.64 -57.29
CA ARG F 683 -3.54 5.28 -58.44
C ARG F 683 -3.82 3.86 -58.93
N MET F 684 -3.69 2.89 -58.06
CA MET F 684 -3.78 1.49 -58.44
C MET F 684 -5.08 0.87 -57.91
N LEU F 685 -5.23 -0.43 -58.13
CA LEU F 685 -6.53 -1.08 -57.92
C LEU F 685 -6.87 -1.26 -56.45
N THR F 686 -5.87 -1.49 -55.60
CA THR F 686 -6.04 -1.40 -54.15
C THR F 686 -5.25 -0.18 -53.72
N PRO F 687 -5.87 1.00 -53.68
CA PRO F 687 -5.10 2.24 -53.72
C PRO F 687 -4.48 2.68 -52.42
N ASN F 688 -4.94 2.19 -51.27
CA ASN F 688 -4.43 2.69 -50.01
C ASN F 688 -3.18 1.98 -49.52
N TRP F 689 -2.91 0.78 -50.01
CA TRP F 689 -1.73 0.05 -49.56
C TRP F 689 -1.28 -0.92 -50.65
N PHE F 690 0.01 -1.20 -50.67
CA PHE F 690 0.61 -2.04 -51.68
C PHE F 690 0.24 -3.49 -51.45
N GLU F 691 -0.41 -4.10 -52.43
CA GLU F 691 -0.48 -5.56 -52.50
C GLU F 691 0.92 -6.09 -52.75
N ILE F 692 1.15 -7.34 -52.33
CA ILE F 692 2.33 -8.05 -52.82
C ILE F 692 1.89 -9.39 -53.37
N LYS F 693 1.13 -10.15 -52.58
CA LYS F 693 0.46 -11.33 -53.12
C LYS F 693 -0.83 -11.57 -52.34
N ARG F 694 -1.88 -11.91 -53.05
CA ARG F 694 -3.07 -12.39 -52.40
C ARG F 694 -3.26 -13.87 -52.74
N PRO F 695 -3.74 -14.66 -51.78
CA PRO F 695 -3.97 -16.08 -52.09
C PRO F 695 -5.20 -16.26 -52.96
N ILE F 696 -5.07 -17.13 -53.96
CA ILE F 696 -6.24 -17.49 -54.74
C ILE F 696 -7.15 -18.38 -53.90
N ASN F 697 -8.43 -18.40 -54.29
CA ASN F 697 -9.71 -18.75 -53.67
C ASN F 697 -10.21 -17.65 -52.74
N GLN F 698 -9.42 -16.61 -52.49
CA GLN F 698 -9.88 -15.39 -51.84
C GLN F 698 -9.68 -14.25 -52.83
N ASP F 699 -10.68 -13.37 -52.91
CA ASP F 699 -10.75 -12.25 -53.86
C ASP F 699 -10.61 -12.75 -55.30
N ALA F 700 -11.65 -13.50 -55.71
CA ALA F 700 -11.65 -14.24 -56.96
C ALA F 700 -12.15 -13.42 -58.13
N GLU F 701 -11.89 -12.12 -58.16
CA GLU F 701 -12.06 -11.31 -59.36
C GLU F 701 -10.75 -10.61 -59.68
N GLY F 702 -9.94 -11.24 -60.53
CA GLY F 702 -8.74 -10.61 -61.06
C GLY F 702 -7.63 -10.52 -60.03
N ASN F 703 -6.75 -9.54 -60.25
CA ASN F 703 -5.67 -9.16 -59.34
C ASN F 703 -4.68 -10.29 -59.09
N ASP F 704 -4.37 -11.04 -60.15
CA ASP F 704 -3.44 -12.17 -60.08
C ASP F 704 -2.74 -12.29 -61.43
N THR F 705 -1.45 -11.95 -61.47
CA THR F 705 -0.67 -12.03 -62.69
C THR F 705 -0.02 -13.40 -62.83
N MET F 706 0.54 -13.62 -64.02
CA MET F 706 1.58 -14.61 -64.32
C MET F 706 1.16 -16.04 -64.06
N GLN F 707 -0.14 -16.30 -63.91
CA GLN F 707 -0.69 -17.53 -63.33
C GLN F 707 -0.01 -17.85 -62.01
N SER F 708 -0.03 -16.89 -61.09
CA SER F 708 0.58 -17.04 -59.77
C SER F 708 -0.19 -16.18 -58.79
N ASN F 709 0.42 -15.91 -57.63
CA ASN F 709 -0.19 -15.08 -56.60
C ASN F 709 0.10 -13.59 -56.77
N LEU F 710 1.00 -13.21 -57.66
CA LEU F 710 1.43 -11.83 -57.75
C LEU F 710 0.35 -10.99 -58.40
N THR F 711 0.06 -9.83 -57.79
CA THR F 711 -1.11 -9.05 -58.15
C THR F 711 -0.85 -8.17 -59.36
N LYS F 712 -1.94 -7.63 -59.92
CA LYS F 712 -1.85 -6.78 -61.11
C LYS F 712 -1.23 -5.44 -60.78
N ASP F 713 -1.44 -4.95 -59.56
CA ASP F 713 -0.84 -3.69 -59.16
C ASP F 713 0.66 -3.83 -58.95
N PHE F 714 1.07 -4.91 -58.30
CA PHE F 714 2.43 -5.00 -57.82
C PHE F 714 3.37 -5.65 -58.82
N PHE F 715 2.86 -6.41 -59.79
CA PHE F 715 3.68 -6.81 -60.90
C PHE F 715 4.03 -5.61 -61.77
N MET F 716 3.13 -4.63 -61.84
CA MET F 716 3.32 -3.48 -62.71
C MET F 716 4.39 -2.54 -62.16
N VAL F 717 4.45 -2.38 -60.83
CA VAL F 717 5.44 -1.48 -60.26
C VAL F 717 6.83 -2.11 -60.30
N GLN F 718 6.92 -3.44 -60.28
CA GLN F 718 8.23 -4.07 -60.39
C GLN F 718 8.77 -4.00 -61.81
N MET F 719 7.88 -4.09 -62.82
CA MET F 719 8.33 -3.99 -64.19
C MET F 719 8.57 -2.55 -64.60
N ALA F 720 7.89 -1.60 -63.99
CA ALA F 720 8.10 -0.21 -64.33
C ALA F 720 9.33 0.37 -63.65
N ALA F 721 9.67 -0.11 -62.46
CA ALA F 721 10.87 0.37 -61.80
C ALA F 721 12.12 -0.20 -62.43
N SER F 722 12.07 -1.47 -62.83
CA SER F 722 13.27 -2.14 -63.32
C SER F 722 13.48 -1.91 -64.80
N TYR F 723 12.40 -1.93 -65.59
CA TYR F 723 12.55 -1.96 -67.04
C TYR F 723 11.68 -0.97 -67.79
N ASN F 724 10.92 -0.11 -67.09
CA ASN F 724 10.00 0.87 -67.67
C ASN F 724 8.94 0.21 -68.57
N GLN F 725 8.54 -1.02 -68.27
CA GLN F 725 7.65 -1.76 -69.15
C GLN F 725 6.20 -1.37 -69.01
N GLY F 726 5.86 -0.50 -68.07
CA GLY F 726 4.47 -0.09 -67.93
C GLY F 726 4.01 0.81 -69.05
N TYR F 727 2.68 0.94 -69.12
CA TYR F 727 1.92 1.94 -69.88
C TYR F 727 1.95 1.76 -71.40
N GLN F 728 2.78 0.86 -71.91
CA GLN F 728 2.83 0.64 -73.35
C GLN F 728 2.92 -0.84 -73.70
N GLY F 729 2.84 -1.73 -72.72
CA GLY F 729 2.87 -3.15 -73.00
C GLY F 729 4.04 -3.85 -72.35
N PHE F 730 3.77 -5.02 -71.76
CA PHE F 730 4.80 -5.83 -71.16
C PHE F 730 5.33 -6.83 -72.18
N ASN F 731 6.65 -7.01 -72.19
CA ASN F 731 7.28 -8.05 -72.98
C ASN F 731 8.55 -8.48 -72.27
N TRP F 732 9.27 -9.41 -72.87
CA TRP F 732 10.57 -9.77 -72.35
C TRP F 732 11.53 -8.62 -72.66
N PRO F 733 12.21 -8.08 -71.66
CA PRO F 733 13.03 -6.88 -71.89
C PRO F 733 14.31 -7.19 -72.66
N ASN F 734 15.06 -6.13 -72.94
CA ASN F 734 16.25 -6.27 -73.78
C ASN F 734 17.39 -6.93 -73.02
N CYS F 735 17.88 -6.28 -71.98
CA CYS F 735 18.96 -6.81 -71.17
C CYS F 735 18.45 -7.08 -69.76
N THR F 736 18.74 -8.28 -69.26
CA THR F 736 18.32 -8.72 -67.94
C THR F 736 19.56 -8.96 -67.10
N LYS F 737 19.69 -8.21 -66.02
CA LYS F 737 20.83 -8.38 -65.14
C LYS F 737 20.62 -9.60 -64.25
N HIS F 738 21.68 -9.97 -63.53
CA HIS F 738 21.66 -11.21 -62.76
C HIS F 738 20.79 -11.10 -61.52
N TYR F 739 20.58 -9.89 -61.03
CA TYR F 739 19.77 -9.63 -59.85
C TYR F 739 18.46 -8.94 -60.23
N GLY F 740 17.93 -9.29 -61.40
CA GLY F 740 16.74 -8.66 -61.92
C GLY F 740 15.49 -9.37 -61.47
N PHE F 741 14.36 -8.90 -61.99
CA PHE F 741 13.07 -9.45 -61.58
C PHE F 741 12.60 -10.56 -62.51
N ILE F 742 12.55 -10.30 -63.82
CA ILE F 742 11.83 -11.21 -64.69
C ILE F 742 12.65 -12.44 -65.06
N ASN F 743 13.97 -12.40 -64.99
CA ASN F 743 14.74 -13.62 -65.15
C ASN F 743 14.80 -14.46 -63.88
N ASN F 744 14.36 -13.92 -62.75
CA ASN F 744 14.35 -14.64 -61.49
C ASN F 744 12.95 -15.02 -61.04
N PHE F 745 11.92 -14.35 -61.53
CA PHE F 745 10.55 -14.71 -61.16
C PHE F 745 10.18 -16.04 -61.78
N GLU F 746 9.38 -16.82 -61.06
CA GLU F 746 9.03 -18.17 -61.49
C GLU F 746 7.70 -18.59 -60.90
N PRO F 747 6.64 -18.61 -61.69
CA PRO F 747 5.34 -19.09 -61.22
C PRO F 747 5.23 -20.60 -61.35
N MET F 748 4.19 -21.14 -60.70
CA MET F 748 3.96 -22.57 -60.66
C MET F 748 2.54 -22.83 -60.20
N SER F 749 2.10 -24.08 -60.36
CA SER F 749 0.74 -24.49 -60.03
C SER F 749 0.71 -25.98 -59.81
N ARG F 750 -0.24 -26.44 -59.00
CA ARG F 750 -0.52 -27.87 -58.87
C ARG F 750 -1.96 -28.05 -58.43
N GLN F 751 -2.44 -29.29 -58.54
CA GLN F 751 -3.74 -29.67 -58.02
C GLN F 751 -3.58 -30.71 -56.92
N VAL F 752 -4.56 -30.73 -56.02
CA VAL F 752 -4.52 -31.61 -54.87
C VAL F 752 -5.97 -31.91 -54.51
N PRO F 753 -6.32 -33.15 -54.14
CA PRO F 753 -7.73 -33.45 -53.87
C PRO F 753 -8.27 -32.82 -52.59
N GLU F 754 -9.56 -33.05 -52.32
CA GLU F 754 -10.25 -32.29 -51.30
C GLU F 754 -9.94 -32.80 -49.89
N TYR F 755 -9.67 -34.10 -49.74
CA TYR F 755 -9.37 -34.77 -48.48
C TYR F 755 -10.45 -34.53 -47.41
N GLY F 756 -11.65 -35.00 -47.71
CA GLY F 756 -12.76 -34.83 -46.78
C GLY F 756 -13.04 -36.06 -45.95
N ALA F 757 -14.32 -36.44 -45.85
CA ALA F 757 -14.68 -37.69 -45.19
C ALA F 757 -14.20 -38.88 -46.00
N ASN F 758 -14.50 -38.87 -47.29
CA ASN F 758 -13.80 -39.73 -48.23
C ASN F 758 -12.43 -39.15 -48.52
N TYR F 759 -11.57 -39.98 -49.12
CA TYR F 759 -10.17 -39.68 -49.45
C TYR F 759 -9.42 -39.31 -48.17
N PRO F 760 -9.11 -40.26 -47.29
CA PRO F 760 -8.84 -39.94 -45.88
C PRO F 760 -7.46 -39.36 -45.58
N ASN F 761 -6.69 -38.90 -46.57
CA ASN F 761 -5.42 -38.19 -46.38
C ASN F 761 -4.39 -39.04 -45.63
N LEU F 762 -3.93 -40.08 -46.33
CA LEU F 762 -2.94 -41.00 -45.78
C LEU F 762 -1.59 -40.33 -45.52
N MET F 763 -1.32 -39.18 -46.13
CA MET F 763 -0.04 -38.51 -45.95
C MET F 763 0.06 -37.86 -44.57
N ALA F 764 -0.99 -37.18 -44.14
CA ALA F 764 -0.96 -36.52 -42.83
C ALA F 764 -1.02 -37.53 -41.70
N ALA F 765 -1.57 -38.72 -41.95
CA ALA F 765 -1.51 -39.78 -40.96
C ALA F 765 -0.10 -40.35 -40.84
N TYR F 766 0.73 -40.20 -41.87
CA TYR F 766 2.09 -40.71 -41.81
C TYR F 766 3.00 -39.79 -41.02
N LEU F 767 2.79 -38.48 -41.11
CA LEU F 767 3.61 -37.55 -40.36
C LEU F 767 3.31 -37.58 -38.87
N ALA F 768 2.04 -37.84 -38.51
CA ALA F 768 1.70 -37.94 -37.10
C ALA F 768 2.23 -39.22 -36.49
N ASN F 769 2.24 -40.31 -37.26
CA ASN F 769 2.78 -41.57 -36.80
C ASN F 769 3.45 -42.26 -37.99
N PRO F 770 4.78 -42.32 -38.02
CA PRO F 770 5.44 -43.09 -39.09
C PRO F 770 5.23 -44.58 -38.99
N GLN F 771 4.83 -45.09 -37.82
CA GLN F 771 4.38 -46.45 -37.72
C GLN F 771 2.96 -46.57 -38.28
N THR F 772 2.51 -47.84 -38.37
CA THR F 772 1.33 -48.41 -39.03
C THR F 772 1.51 -48.44 -40.55
N MET F 773 2.51 -47.73 -41.09
CA MET F 773 2.79 -47.61 -42.51
C MET F 773 1.54 -47.35 -43.37
N PRO F 774 0.97 -46.15 -43.31
CA PRO F 774 -0.33 -45.94 -43.99
C PRO F 774 -0.22 -45.82 -45.49
N ILE F 775 0.99 -45.70 -46.03
CA ILE F 775 1.19 -45.53 -47.47
C ILE F 775 1.77 -46.83 -48.02
N TRP F 776 1.05 -47.46 -48.93
CA TRP F 776 1.51 -48.68 -49.58
C TRP F 776 1.77 -48.37 -51.04
N ASN F 777 3.04 -48.25 -51.40
CA ASN F 777 3.44 -48.07 -52.79
C ASN F 777 4.77 -48.78 -52.92
N ASN F 778 4.98 -49.40 -54.10
CA ASN F 778 6.04 -50.35 -54.50
C ASN F 778 6.52 -51.23 -53.34
N CYS F 779 5.57 -51.88 -52.69
CA CYS F 779 5.86 -52.77 -51.58
C CYS F 779 6.54 -54.02 -52.08
N GLY F 780 7.43 -54.57 -51.26
CA GLY F 780 8.16 -55.75 -51.62
C GLY F 780 9.41 -55.51 -52.43
N PHE F 781 9.55 -54.32 -53.03
CA PHE F 781 10.70 -53.99 -53.84
C PHE F 781 11.54 -52.89 -53.20
N GLN F 782 11.29 -52.56 -51.94
CA GLN F 782 12.10 -51.61 -51.19
C GLN F 782 11.92 -51.91 -49.72
N GLN F 783 12.62 -51.13 -48.88
CA GLN F 783 12.45 -51.23 -47.45
C GLN F 783 11.12 -50.59 -47.05
N LYS F 784 10.56 -51.08 -45.94
CA LYS F 784 9.33 -50.53 -45.39
C LYS F 784 9.50 -49.07 -45.00
N THR F 785 8.37 -48.35 -44.98
CA THR F 785 8.42 -46.90 -44.91
C THR F 785 8.63 -46.36 -43.51
N ALA F 786 8.85 -47.23 -42.51
CA ALA F 786 9.08 -46.72 -41.15
C ALA F 786 10.57 -46.54 -40.87
N THR F 787 11.41 -47.43 -41.40
CA THR F 787 12.79 -47.45 -40.96
C THR F 787 13.68 -46.53 -41.78
N ASN F 788 13.80 -46.81 -43.08
CA ASN F 788 14.76 -46.11 -43.93
C ASN F 788 14.45 -46.50 -45.37
N VAL F 789 15.21 -45.90 -46.30
CA VAL F 789 15.17 -46.33 -47.69
C VAL F 789 16.51 -46.82 -48.19
N LEU F 790 17.51 -46.94 -47.32
CA LEU F 790 18.86 -47.26 -47.76
C LEU F 790 19.24 -48.72 -47.61
N LEU F 791 18.35 -49.57 -47.10
CA LEU F 791 18.72 -50.95 -46.84
C LEU F 791 17.74 -51.90 -47.52
N GLU F 792 17.85 -53.18 -47.16
CA GLU F 792 17.20 -54.36 -47.73
C GLU F 792 15.72 -54.20 -48.07
N ARG F 793 15.31 -54.79 -49.19
CA ARG F 793 13.90 -54.88 -49.55
C ARG F 793 13.16 -55.75 -48.54
N CYS F 794 11.87 -55.46 -48.38
CA CYS F 794 11.01 -56.18 -47.45
C CYS F 794 9.60 -56.20 -47.97
N GLY F 795 8.92 -57.33 -47.81
CA GLY F 795 7.52 -57.45 -48.10
C GLY F 795 7.25 -58.28 -49.35
N HIS F 796 6.01 -58.23 -49.80
CA HIS F 796 5.55 -58.95 -50.97
C HIS F 796 4.90 -57.99 -51.95
N PRO F 797 4.83 -58.33 -53.24
CA PRO F 797 4.15 -57.45 -54.19
C PRO F 797 2.65 -57.39 -53.93
N TYR F 798 2.11 -56.18 -53.94
CA TYR F 798 0.73 -55.96 -53.58
C TYR F 798 0.28 -54.63 -54.17
N VAL F 799 -1.04 -54.47 -54.28
CA VAL F 799 -1.63 -53.32 -54.93
C VAL F 799 -1.37 -52.05 -54.11
N ALA F 800 -1.22 -50.93 -54.81
CA ALA F 800 -0.90 -49.66 -54.17
C ALA F 800 -2.19 -48.92 -53.78
N ASN F 801 -2.05 -47.99 -52.84
CA ASN F 801 -3.19 -47.23 -52.35
C ASN F 801 -2.93 -45.72 -52.28
N TRP F 802 -1.78 -45.25 -52.74
CA TRP F 802 -1.45 -43.85 -52.55
C TRP F 802 -0.45 -43.46 -53.61
N PRO F 803 -0.54 -42.26 -54.21
CA PRO F 803 -1.48 -41.15 -54.01
C PRO F 803 -2.80 -41.30 -54.75
N TYR F 804 -3.57 -40.23 -54.89
CA TYR F 804 -4.78 -40.37 -55.70
C TYR F 804 -4.50 -39.97 -57.14
N PRO F 805 -5.10 -40.66 -58.12
CA PRO F 805 -4.87 -40.30 -59.51
C PRO F 805 -5.56 -38.99 -59.85
N LEU F 806 -4.77 -38.00 -60.24
CA LEU F 806 -5.29 -36.70 -60.64
C LEU F 806 -5.51 -36.62 -62.14
N SER F 807 -5.35 -37.73 -62.85
CA SER F 807 -5.42 -37.75 -64.31
C SER F 807 -6.01 -39.08 -64.76
N GLY F 808 -6.17 -39.22 -66.06
CA GLY F 808 -6.65 -40.46 -66.62
C GLY F 808 -8.14 -40.65 -66.46
N ARG F 809 -8.58 -41.88 -66.72
CA ARG F 809 -10.00 -42.20 -66.67
C ARG F 809 -10.50 -42.30 -65.24
N ASN F 810 -9.64 -42.76 -64.32
CA ASN F 810 -10.02 -42.91 -62.92
C ASN F 810 -9.65 -41.70 -62.08
N ALA F 811 -9.67 -40.51 -62.67
CA ALA F 811 -9.24 -39.31 -61.96
C ALA F 811 -10.24 -38.91 -60.90
N VAL F 812 -9.73 -38.40 -59.79
CA VAL F 812 -10.58 -38.02 -58.67
C VAL F 812 -11.27 -36.69 -59.00
N PRO F 813 -12.55 -36.53 -58.70
CA PRO F 813 -13.20 -35.23 -58.87
C PRO F 813 -12.92 -34.35 -57.65
N ASN F 814 -13.35 -33.09 -57.76
CA ASN F 814 -13.17 -32.04 -56.76
C ASN F 814 -11.68 -31.84 -56.43
N GLN F 815 -10.94 -31.43 -57.46
CA GLN F 815 -9.53 -31.13 -57.35
C GLN F 815 -9.37 -29.63 -57.20
N VAL F 816 -8.75 -29.19 -56.11
CA VAL F 816 -8.54 -27.77 -55.85
C VAL F 816 -7.15 -27.39 -56.35
N THR F 817 -7.05 -26.22 -56.98
CA THR F 817 -5.78 -25.72 -57.50
C THR F 817 -5.18 -24.74 -56.50
N GLU F 818 -3.85 -24.63 -56.52
CA GLU F 818 -3.21 -23.59 -55.75
C GLU F 818 -1.96 -23.12 -56.46
N ARG F 819 -1.67 -21.83 -56.32
CA ARG F 819 -0.57 -21.17 -57.02
C ARG F 819 0.39 -20.57 -56.00
N LYS F 820 1.65 -20.51 -56.38
CA LYS F 820 2.64 -19.75 -55.65
C LYS F 820 3.76 -19.37 -56.62
N PHE F 821 4.71 -18.60 -56.12
CA PHE F 821 5.84 -18.17 -56.94
C PHE F 821 7.08 -18.13 -56.06
N LEU F 822 8.24 -18.25 -56.69
CA LEU F 822 9.50 -18.12 -55.98
C LEU F 822 10.37 -17.11 -56.70
N VAL F 823 10.87 -16.13 -55.96
CA VAL F 823 11.74 -15.10 -56.49
C VAL F 823 13.06 -15.18 -55.74
N ASP F 824 14.15 -15.38 -56.46
CA ASP F 824 15.46 -15.49 -55.87
C ASP F 824 16.34 -14.32 -56.28
N ARG F 825 17.28 -13.98 -55.39
CA ARG F 825 18.35 -13.00 -55.64
C ARG F 825 17.80 -11.60 -55.96
N TYR F 826 16.62 -11.26 -55.46
CA TYR F 826 15.96 -10.04 -55.90
C TYR F 826 15.35 -9.31 -54.71
N LEU F 827 15.88 -8.14 -54.40
CA LEU F 827 15.19 -7.22 -53.51
C LEU F 827 13.93 -6.72 -54.21
N TRP F 828 12.81 -6.69 -53.49
CA TRP F 828 11.65 -5.98 -54.00
C TRP F 828 11.95 -4.49 -54.02
N GLN F 829 11.19 -3.74 -54.82
CA GLN F 829 11.45 -2.32 -54.87
C GLN F 829 10.18 -1.54 -55.18
N ILE F 830 10.03 -0.41 -54.52
CA ILE F 830 9.01 0.57 -54.87
C ILE F 830 9.73 1.90 -55.05
N PRO F 831 9.78 2.43 -56.26
CA PRO F 831 10.51 3.69 -56.47
C PRO F 831 9.71 4.88 -55.97
N PHE F 832 10.43 5.87 -55.46
CA PHE F 832 9.81 7.10 -55.00
C PHE F 832 9.69 8.06 -56.17
N SER F 833 8.75 7.74 -57.05
CA SER F 833 8.52 8.50 -58.26
C SER F 833 7.02 8.69 -58.44
N SER F 834 6.66 9.50 -59.44
CA SER F 834 5.27 9.89 -59.62
C SER F 834 4.47 8.81 -60.33
N ASN F 835 5.04 8.24 -61.40
CA ASN F 835 4.39 7.20 -62.18
C ASN F 835 5.09 5.85 -62.02
N PHE F 836 5.81 5.66 -60.92
CA PHE F 836 6.50 4.43 -60.53
C PHE F 836 7.51 3.94 -61.56
N LEU F 837 8.06 4.83 -62.39
CA LEU F 837 9.09 4.42 -63.32
C LEU F 837 10.24 5.40 -63.29
N ASN F 838 11.31 5.04 -63.99
CA ASN F 838 12.58 5.75 -63.90
C ASN F 838 12.65 6.78 -65.03
N MET F 839 12.36 8.02 -64.71
CA MET F 839 12.66 9.13 -65.59
C MET F 839 13.96 9.83 -65.24
N GLY F 840 14.56 9.48 -64.10
CA GLY F 840 15.78 10.11 -63.65
C GLY F 840 16.28 9.50 -62.36
N THR F 841 17.59 9.58 -62.12
CA THR F 841 18.15 9.08 -60.86
C THR F 841 17.71 9.95 -59.70
N LEU F 842 17.86 11.27 -59.84
CA LEU F 842 17.22 12.23 -58.95
C LEU F 842 15.77 12.35 -59.40
N THR F 843 14.87 11.71 -58.68
CA THR F 843 13.49 11.57 -59.10
C THR F 843 12.76 12.91 -59.03
N ASP F 844 11.71 13.03 -59.85
CA ASP F 844 10.95 14.28 -59.89
C ASP F 844 10.10 14.47 -58.64
N LEU F 845 9.75 13.39 -57.96
CA LEU F 845 9.02 13.49 -56.71
C LEU F 845 9.93 13.77 -55.54
N GLY F 846 11.23 13.46 -55.67
CA GLY F 846 12.19 13.79 -54.62
C GLY F 846 12.68 15.22 -54.65
N GLN F 847 12.60 15.89 -55.80
CA GLN F 847 12.89 17.31 -55.90
C GLN F 847 11.62 18.15 -55.95
N ASN F 848 10.56 17.65 -55.32
CA ASN F 848 9.29 18.36 -55.24
C ASN F 848 9.37 19.43 -54.15
N VAL F 849 8.40 20.36 -54.19
CA VAL F 849 8.39 21.45 -53.22
C VAL F 849 8.03 20.95 -51.83
N MET F 850 7.03 20.08 -51.75
CA MET F 850 6.53 19.60 -50.47
C MET F 850 7.36 18.48 -49.88
N TYR F 851 8.43 18.04 -50.53
CA TYR F 851 9.33 17.06 -49.93
C TYR F 851 10.72 17.60 -49.64
N ALA F 852 11.24 18.49 -50.48
CA ALA F 852 12.54 19.10 -50.19
C ALA F 852 12.40 20.18 -49.13
N ASN F 853 11.51 21.14 -49.33
CA ASN F 853 11.37 22.26 -48.43
C ASN F 853 10.30 22.02 -47.36
N SER F 854 10.38 20.88 -46.68
CA SER F 854 9.45 20.52 -45.62
C SER F 854 10.08 19.42 -44.78
N SER F 855 9.28 18.77 -43.94
CA SER F 855 9.74 17.68 -43.11
C SER F 855 8.57 16.77 -42.79
N HIS F 856 8.79 15.45 -42.86
CA HIS F 856 7.72 14.49 -42.65
C HIS F 856 8.20 13.31 -41.83
N SER F 857 7.25 12.59 -41.27
CA SER F 857 7.50 11.32 -40.61
C SER F 857 7.18 10.20 -41.58
N LEU F 858 7.35 8.95 -41.14
CA LEU F 858 7.07 7.80 -41.99
C LEU F 858 6.84 6.59 -41.09
N ASN F 859 5.77 5.85 -41.34
CA ASN F 859 5.52 4.58 -40.67
C ASN F 859 5.11 3.52 -41.68
N MET F 860 6.10 2.81 -42.20
CA MET F 860 5.81 1.66 -43.04
C MET F 860 5.34 0.51 -42.17
N GLN F 861 4.62 -0.42 -42.78
CA GLN F 861 3.95 -1.48 -42.02
C GLN F 861 3.76 -2.68 -42.92
N PHE F 862 4.39 -3.80 -42.59
CA PHE F 862 4.43 -4.95 -43.47
C PHE F 862 3.60 -6.09 -42.91
N THR F 863 3.50 -7.15 -43.71
CA THR F 863 2.92 -8.41 -43.28
C THR F 863 3.60 -9.52 -44.06
N VAL F 864 4.17 -10.49 -43.35
CA VAL F 864 4.87 -11.60 -43.98
C VAL F 864 4.20 -12.90 -43.54
N ASP F 865 4.59 -13.98 -44.20
CA ASP F 865 4.13 -15.29 -43.80
C ASP F 865 4.79 -15.70 -42.48
N PRO F 866 4.06 -16.34 -41.58
CA PRO F 866 4.65 -16.74 -40.29
C PRO F 866 5.66 -17.87 -40.47
N MET F 867 6.84 -17.67 -39.91
CA MET F 867 7.91 -18.66 -39.91
C MET F 867 8.26 -19.04 -38.48
N THR F 868 8.66 -20.31 -38.31
CA THR F 868 8.91 -20.82 -36.97
C THR F 868 10.28 -20.43 -36.41
N GLU F 869 11.10 -19.70 -37.17
CA GLU F 869 12.36 -19.17 -36.69
C GLU F 869 12.39 -17.65 -36.87
N PRO F 870 13.10 -16.91 -36.02
CA PRO F 870 13.10 -15.45 -36.14
C PRO F 870 13.88 -15.00 -37.37
N THR F 871 13.36 -13.95 -38.01
CA THR F 871 13.96 -13.39 -39.21
C THR F 871 14.15 -11.89 -39.04
N TYR F 872 14.89 -11.30 -39.97
CA TYR F 872 15.06 -9.86 -40.04
C TYR F 872 14.17 -9.27 -41.11
N LEU F 873 14.40 -8.00 -41.41
CA LEU F 873 13.77 -7.29 -42.51
C LEU F 873 14.83 -6.37 -43.10
N MET F 874 15.48 -6.81 -44.17
CA MET F 874 16.55 -6.01 -44.77
C MET F 874 15.92 -4.90 -45.59
N LEU F 875 15.45 -3.87 -44.90
CA LEU F 875 14.89 -2.71 -45.57
C LEU F 875 16.02 -1.74 -45.83
N LEU F 876 15.95 -1.03 -46.95
CA LEU F 876 17.02 -0.09 -47.28
C LEU F 876 16.45 1.08 -48.07
N PHE F 877 16.79 2.28 -47.62
CA PHE F 877 16.29 3.52 -48.21
C PHE F 877 17.26 3.99 -49.27
N GLY F 878 16.75 4.38 -50.42
CA GLY F 878 17.60 4.85 -51.50
C GLY F 878 18.15 6.23 -51.21
N VAL F 879 19.47 6.38 -51.20
CA VAL F 879 20.12 7.66 -50.94
C VAL F 879 21.14 7.94 -52.04
N PHE F 880 21.89 9.04 -51.89
CA PHE F 880 22.94 9.43 -52.83
C PHE F 880 24.26 9.53 -52.05
N ASP F 881 24.98 8.42 -51.91
CA ASP F 881 26.31 8.47 -51.32
C ASP F 881 27.26 9.22 -52.26
N GLN F 882 27.91 10.27 -51.76
CA GLN F 882 28.73 11.14 -52.58
C GLN F 882 30.00 11.50 -51.85
N VAL F 883 31.10 11.55 -52.61
CA VAL F 883 32.40 12.02 -52.13
C VAL F 883 32.83 13.09 -53.12
N VAL F 884 33.65 14.04 -52.68
CA VAL F 884 34.57 14.76 -53.55
C VAL F 884 35.95 14.64 -52.94
N ILE F 885 36.96 14.45 -53.78
CA ILE F 885 38.33 14.35 -53.31
C ILE F 885 39.10 15.55 -53.84
N ASN F 886 39.68 16.32 -52.94
CA ASN F 886 40.48 17.48 -53.32
C ASN F 886 41.92 17.21 -52.92
N GLN F 887 42.83 17.29 -53.88
CA GLN F 887 44.26 17.05 -53.68
C GLN F 887 45.01 18.28 -54.17
N PRO F 888 45.05 19.35 -53.38
CA PRO F 888 45.59 20.62 -53.91
C PRO F 888 47.10 20.75 -53.83
N THR F 889 47.72 20.05 -52.88
CA THR F 889 49.13 20.22 -52.57
C THR F 889 49.72 18.85 -52.28
N ARG F 890 50.99 18.67 -52.59
CA ARG F 890 51.69 17.43 -52.29
C ARG F 890 51.69 17.15 -50.79
N SER F 891 51.39 15.90 -50.43
CA SER F 891 51.14 15.47 -49.05
C SER F 891 50.02 16.29 -48.41
N GLY F 892 48.97 16.52 -49.18
CA GLY F 892 47.78 17.19 -48.70
C GLY F 892 46.58 16.66 -49.44
N ILE F 893 45.56 16.20 -48.72
CA ILE F 893 44.43 15.53 -49.33
C ILE F 893 43.21 15.75 -48.44
N SER F 894 42.04 15.88 -49.06
CA SER F 894 40.85 16.23 -48.31
C SER F 894 39.61 15.69 -49.01
N VAL F 895 38.71 15.11 -48.23
CA VAL F 895 37.47 14.56 -48.74
C VAL F 895 36.30 15.18 -48.00
N ALA F 896 35.11 14.93 -48.53
CA ALA F 896 33.87 15.41 -47.92
C ALA F 896 32.77 14.44 -48.30
N TYR F 897 32.32 13.62 -47.36
CA TYR F 897 31.25 12.67 -47.62
C TYR F 897 29.93 13.36 -47.34
N LEU F 898 28.91 13.05 -48.14
CA LEU F 898 27.59 13.64 -47.97
C LEU F 898 26.57 12.77 -48.67
N ARG F 899 25.45 12.53 -48.01
CA ARG F 899 24.36 11.77 -48.61
C ARG F 899 23.02 12.42 -48.27
N LEU F 900 22.13 12.45 -49.26
CA LEU F 900 20.76 12.88 -49.05
C LEU F 900 19.83 11.69 -49.19
N PRO F 901 18.79 11.59 -48.35
CA PRO F 901 18.40 12.51 -47.28
C PRO F 901 18.97 12.18 -45.92
N PHE F 902 19.55 10.99 -45.74
CA PHE F 902 19.95 10.54 -44.41
C PHE F 902 21.40 10.96 -44.16
N ALA F 903 21.58 12.27 -43.98
CA ALA F 903 22.90 12.85 -43.79
C ALA F 903 23.52 12.40 -42.47
N SER F 904 24.82 12.18 -42.47
CA SER F 904 25.53 11.61 -41.34
C SER F 904 26.54 12.61 -40.81
N GLY F 905 26.22 13.23 -39.68
CA GLY F 905 27.14 14.08 -38.98
C GLY F 905 26.82 15.55 -39.19
N SER F 906 26.13 16.14 -38.22
CA SER F 906 25.74 17.55 -38.21
C SER F 906 25.27 18.01 -36.84
N ALA F 907 25.31 19.32 -36.61
CA ALA F 907 24.79 19.93 -35.40
C ALA F 907 24.37 21.36 -35.67
N GLU G 2 19.95 25.30 -54.46
CA GLU G 2 20.79 24.59 -53.51
C GLU G 2 22.16 24.31 -54.10
N PRO G 3 23.18 25.05 -53.66
CA PRO G 3 24.54 24.77 -54.10
C PRO G 3 25.16 23.56 -53.43
N GLN G 4 24.50 22.97 -52.43
CA GLN G 4 25.02 21.77 -51.81
C GLN G 4 24.84 20.56 -52.73
N ARG G 5 23.70 20.49 -53.42
CA ARG G 5 23.52 19.46 -54.44
C ARG G 5 24.40 19.73 -55.66
N GLU G 6 24.69 21.00 -55.93
CA GLU G 6 25.56 21.35 -57.05
C GLU G 6 27.00 20.99 -56.77
N PHE G 7 27.41 20.99 -55.50
CA PHE G 7 28.79 20.74 -55.14
C PHE G 7 29.15 19.26 -55.21
N PHE G 8 28.18 18.38 -54.98
CA PHE G 8 28.41 16.94 -55.04
C PHE G 8 27.85 16.32 -56.31
N HIS G 9 27.25 17.13 -57.18
CA HIS G 9 26.80 16.75 -58.51
C HIS G 9 25.72 15.67 -58.45
N ILE G 10 24.75 15.89 -57.57
CA ILE G 10 23.48 15.19 -57.65
C ILE G 10 22.64 15.80 -58.76
N ALA G 11 22.62 17.13 -58.83
CA ALA G 11 21.99 17.87 -59.90
C ALA G 11 22.99 18.89 -60.44
N GLY G 12 22.67 19.50 -61.57
CA GLY G 12 23.52 20.53 -62.12
C GLY G 12 24.15 20.19 -63.45
N ARG G 13 25.41 20.53 -63.62
CA ARG G 13 26.09 20.44 -64.91
C ARG G 13 26.71 19.07 -65.11
N SER G 14 26.71 18.63 -66.37
CA SER G 14 27.31 17.36 -66.73
C SER G 14 28.82 17.48 -66.74
N ALA G 15 29.49 16.32 -66.74
CA ALA G 15 30.96 16.26 -66.62
C ALA G 15 31.68 16.85 -67.82
N LYS G 16 31.00 16.96 -68.96
CA LYS G 16 31.56 17.68 -70.10
C LYS G 16 31.70 19.16 -69.82
N GLU G 17 30.86 19.71 -68.93
CA GLU G 17 30.75 21.16 -68.81
C GLU G 17 30.94 21.72 -67.41
N TYR G 18 31.47 20.95 -66.45
CA TYR G 18 32.02 21.60 -65.25
C TYR G 18 33.50 21.37 -65.06
N LEU G 19 34.10 20.42 -65.76
CA LEU G 19 35.54 20.26 -65.70
C LEU G 19 36.22 21.39 -66.46
N SER G 20 37.51 21.57 -66.20
CA SER G 20 38.29 22.54 -66.95
C SER G 20 38.40 22.09 -68.40
N GLU G 21 38.31 23.06 -69.31
CA GLU G 21 38.25 22.75 -70.74
C GLU G 21 39.54 22.18 -71.30
N ASN G 22 40.65 22.28 -70.56
CA ASN G 22 41.84 21.56 -70.94
C ASN G 22 41.84 20.14 -70.41
N LEU G 23 41.18 19.91 -69.27
CA LEU G 23 41.09 18.57 -68.71
C LEU G 23 40.06 17.73 -69.44
N VAL G 24 39.10 18.37 -70.10
CA VAL G 24 38.19 17.62 -70.96
C VAL G 24 38.91 17.20 -72.24
N GLN G 25 39.65 18.11 -72.86
CA GLN G 25 40.37 17.79 -74.10
C GLN G 25 41.54 16.84 -73.87
N PHE G 26 41.98 16.64 -72.63
CA PHE G 26 43.01 15.64 -72.37
C PHE G 26 42.44 14.23 -72.43
N ILE G 27 41.29 14.02 -71.79
CA ILE G 27 40.78 12.66 -71.64
C ILE G 27 40.09 12.16 -72.90
N GLN G 28 39.80 13.02 -73.88
CA GLN G 28 39.41 12.48 -75.18
C GLN G 28 40.61 11.89 -75.91
N ALA G 29 41.80 12.45 -75.69
CA ALA G 29 42.99 11.94 -76.34
C ALA G 29 43.39 10.59 -75.78
N THR G 30 43.08 10.32 -74.52
CA THR G 30 43.45 9.08 -73.84
C THR G 30 42.23 8.24 -73.49
N GLN G 31 41.26 8.15 -74.40
CA GLN G 31 40.10 7.30 -74.14
C GLN G 31 40.44 5.83 -74.16
N ASN G 32 41.52 5.43 -74.81
CA ASN G 32 41.78 4.03 -75.06
C ASN G 32 42.74 3.43 -74.05
N TYR G 33 43.91 4.04 -73.86
CA TYR G 33 44.94 3.42 -73.06
C TYR G 33 44.98 3.90 -71.61
N PHE G 34 44.41 5.05 -71.30
CA PHE G 34 44.46 5.54 -69.92
C PHE G 34 43.18 6.31 -69.64
N ASN G 35 42.16 5.59 -69.17
CA ASN G 35 40.81 6.11 -69.06
C ASN G 35 40.63 6.83 -67.72
N ILE G 36 40.17 8.07 -67.76
CA ILE G 36 39.99 8.89 -66.57
C ILE G 36 38.52 9.28 -66.47
N GLY G 37 37.85 9.36 -67.61
CA GLY G 37 36.52 9.94 -67.75
C GLY G 37 35.39 9.32 -66.94
N GLU G 38 35.62 8.17 -66.29
CA GLU G 38 34.63 7.61 -65.37
C GLU G 38 34.97 7.88 -63.91
N LYS G 39 35.96 8.72 -63.64
CA LYS G 39 36.28 9.14 -62.28
C LYS G 39 35.47 10.37 -61.87
N PHE G 40 34.56 10.82 -62.72
CA PHE G 40 33.82 12.06 -62.49
C PHE G 40 32.33 11.77 -62.61
N ARG G 41 31.58 12.15 -61.57
CA ARG G 41 30.17 11.81 -61.49
C ARG G 41 29.34 12.72 -62.38
N ASP G 42 28.34 12.14 -63.02
CA ASP G 42 27.50 12.85 -63.98
C ASP G 42 26.07 12.89 -63.46
N PRO G 43 25.48 14.05 -63.24
CA PRO G 43 24.11 14.11 -62.72
C PRO G 43 23.08 13.75 -63.77
N TYR G 44 21.96 13.23 -63.30
CA TYR G 44 20.90 12.72 -64.18
C TYR G 44 19.57 13.02 -63.49
N VAL G 45 18.93 14.10 -63.93
CA VAL G 45 17.82 14.71 -63.21
C VAL G 45 16.53 14.46 -63.97
N ALA G 46 15.49 14.04 -63.26
CA ALA G 46 14.19 13.82 -63.85
C ALA G 46 13.51 15.14 -64.17
N PRO G 47 12.56 15.15 -65.12
CA PRO G 47 11.82 16.39 -65.40
C PRO G 47 10.84 16.78 -64.31
N SER G 48 11.34 17.61 -63.39
CA SER G 48 10.66 18.07 -62.17
C SER G 48 9.18 18.41 -62.29
N ALA G 49 8.80 19.14 -63.33
CA ALA G 49 7.41 19.54 -63.46
C ALA G 49 7.02 19.54 -64.93
N GLY G 50 5.71 19.41 -65.16
CA GLY G 50 5.19 19.43 -66.51
C GLY G 50 5.00 18.07 -67.15
N VAL G 51 5.20 16.99 -66.41
CA VAL G 51 5.09 15.63 -66.95
C VAL G 51 3.93 14.88 -66.31
N THR G 52 3.90 14.83 -64.98
CA THR G 52 2.91 14.05 -64.26
C THR G 52 2.00 14.98 -63.47
N THR G 53 0.70 14.74 -63.56
CA THR G 53 -0.30 15.57 -62.91
C THR G 53 -0.34 15.32 -61.40
N ASP G 54 -1.02 16.22 -60.70
CA ASP G 54 -1.28 16.10 -59.28
C ASP G 54 -2.66 15.56 -58.98
N ARG G 55 -3.56 15.56 -59.95
CA ARG G 55 -4.94 15.20 -59.70
C ARG G 55 -5.09 13.70 -59.50
N SER G 56 -6.12 13.32 -58.75
CA SER G 56 -6.33 11.93 -58.37
C SER G 56 -6.97 11.18 -59.52
N GLN G 57 -6.27 10.19 -60.07
CA GLN G 57 -6.84 9.35 -61.11
C GLN G 57 -6.20 7.97 -61.05
N LYS G 58 -6.76 7.07 -61.85
CA LYS G 58 -6.45 5.64 -61.78
C LYS G 58 -5.40 5.28 -62.83
N LEU G 59 -4.49 4.38 -62.46
CA LEU G 59 -3.43 3.98 -63.39
C LEU G 59 -3.78 2.75 -64.21
N GLN G 60 -4.57 1.81 -63.68
CA GLN G 60 -5.03 0.65 -64.45
C GLN G 60 -6.53 0.50 -64.24
N LEU G 61 -7.30 0.50 -65.32
CA LEU G 61 -8.71 0.23 -65.18
C LEU G 61 -8.99 -1.27 -65.25
N ARG G 62 -10.09 -1.66 -64.62
CA ARG G 62 -10.69 -2.98 -64.78
C ARG G 62 -12.07 -2.71 -65.33
N VAL G 63 -12.20 -2.68 -66.65
CA VAL G 63 -13.50 -2.47 -67.27
C VAL G 63 -14.15 -3.83 -67.52
N VAL G 64 -15.41 -3.95 -67.10
CA VAL G 64 -16.15 -5.21 -67.14
C VAL G 64 -17.03 -5.18 -68.39
N PRO G 65 -17.46 -6.32 -68.92
CA PRO G 65 -18.29 -6.29 -70.13
C PRO G 65 -19.71 -5.85 -69.84
N ILE G 66 -20.38 -5.40 -70.90
CA ILE G 66 -21.79 -5.00 -70.81
C ILE G 66 -22.64 -6.19 -71.19
N GLN G 67 -22.43 -6.73 -72.39
CA GLN G 67 -23.20 -7.85 -72.89
C GLN G 67 -22.28 -9.06 -73.03
N THR G 68 -22.73 -10.20 -72.53
CA THR G 68 -22.00 -11.46 -72.62
C THR G 68 -22.94 -12.50 -73.24
N GLU G 69 -22.67 -12.87 -74.48
CA GLU G 69 -23.48 -13.89 -75.15
C GLU G 69 -22.80 -15.25 -75.01
N ASP G 70 -23.61 -16.26 -74.72
CA ASP G 70 -23.15 -17.64 -74.58
C ASP G 70 -23.62 -18.47 -75.75
N ASN G 71 -22.69 -19.11 -76.45
CA ASN G 71 -23.01 -20.15 -77.39
C ASN G 71 -22.21 -21.37 -76.98
N VAL G 72 -22.46 -22.49 -77.66
CA VAL G 72 -21.61 -23.65 -77.44
C VAL G 72 -20.25 -23.43 -78.08
N ASN G 73 -20.21 -22.68 -79.18
CA ASN G 73 -18.97 -22.51 -79.93
C ASN G 73 -18.16 -21.30 -79.52
N TYR G 74 -18.81 -20.18 -79.17
CA TYR G 74 -18.07 -18.95 -78.91
C TYR G 74 -18.57 -18.28 -77.63
N TYR G 75 -17.93 -17.15 -77.30
CA TYR G 75 -18.27 -16.33 -76.14
C TYR G 75 -18.05 -14.87 -76.49
N LYS G 76 -19.11 -14.08 -76.51
CA LYS G 76 -19.01 -12.64 -76.81
C LYS G 76 -18.78 -11.85 -75.53
N ALA G 77 -17.93 -10.83 -75.62
CA ALA G 77 -17.75 -9.89 -74.53
C ALA G 77 -17.44 -8.53 -75.13
N ARG G 78 -18.33 -7.57 -74.95
CA ARG G 78 -18.13 -6.24 -75.48
C ARG G 78 -17.98 -5.22 -74.36
N PHE G 79 -17.24 -4.16 -74.63
CA PHE G 79 -16.74 -3.27 -73.60
C PHE G 79 -16.96 -1.82 -74.01
N THR G 80 -17.12 -0.95 -73.01
CA THR G 80 -17.16 0.49 -73.21
C THR G 80 -15.93 1.09 -72.54
N LEU G 81 -15.04 1.65 -73.35
CA LEU G 81 -13.80 2.22 -72.86
C LEU G 81 -13.96 3.74 -72.87
N ASN G 82 -14.40 4.29 -71.74
CA ASN G 82 -14.60 5.73 -71.60
C ASN G 82 -13.26 6.35 -71.23
N VAL G 83 -12.54 6.84 -72.24
CA VAL G 83 -11.34 7.62 -72.01
C VAL G 83 -11.78 9.08 -71.96
N GLY G 84 -11.78 9.65 -70.77
CA GLY G 84 -12.23 11.01 -70.61
C GLY G 84 -11.23 12.00 -71.16
N ASP G 85 -11.60 13.27 -71.11
CA ASP G 85 -10.68 14.32 -71.51
C ASP G 85 -9.51 14.38 -70.53
N ASN G 86 -8.40 14.94 -71.03
CA ASN G 86 -7.13 15.07 -70.32
C ASN G 86 -6.55 13.71 -69.94
N ARG G 87 -6.72 12.72 -70.83
CA ARG G 87 -6.19 11.37 -70.64
C ARG G 87 -5.75 10.77 -71.96
N LEU G 88 -4.72 9.93 -71.90
CA LEU G 88 -4.25 9.13 -73.02
C LEU G 88 -4.23 7.67 -72.61
N VAL G 89 -4.32 6.78 -73.59
CA VAL G 89 -4.06 5.36 -73.35
C VAL G 89 -3.49 4.75 -74.62
N ASP G 90 -2.47 3.91 -74.46
CA ASP G 90 -1.92 3.13 -75.54
C ASP G 90 -2.56 1.74 -75.49
N LEU G 91 -3.00 1.26 -76.65
CA LEU G 91 -3.60 -0.07 -76.72
C LEU G 91 -2.56 -1.18 -76.65
N GLY G 92 -1.27 -0.85 -76.69
CA GLY G 92 -0.25 -1.85 -76.52
C GLY G 92 -0.20 -2.45 -75.14
N SER G 93 -0.72 -1.74 -74.15
CA SER G 93 -0.77 -2.22 -72.78
C SER G 93 -2.12 -2.82 -72.41
N SER G 94 -3.04 -2.92 -73.36
CA SER G 94 -4.35 -3.47 -73.10
C SER G 94 -4.34 -4.97 -73.29
N TYR G 95 -5.06 -5.67 -72.40
CA TYR G 95 -5.16 -7.11 -72.45
C TYR G 95 -6.38 -7.55 -71.66
N PHE G 96 -6.83 -8.76 -71.91
CA PHE G 96 -7.90 -9.37 -71.15
C PHE G 96 -7.30 -10.18 -70.01
N ASP G 97 -8.06 -10.34 -68.94
CA ASP G 97 -7.83 -11.43 -68.00
C ASP G 97 -9.04 -12.33 -68.02
N ILE G 98 -8.81 -13.64 -68.12
CA ILE G 98 -9.87 -14.61 -68.33
C ILE G 98 -9.80 -15.63 -67.21
N LYS G 99 -10.89 -15.75 -66.46
CA LYS G 99 -11.00 -16.77 -65.42
C LYS G 99 -12.03 -17.80 -65.85
N GLY G 100 -11.81 -19.05 -65.49
CA GLY G 100 -12.74 -20.10 -65.84
C GLY G 100 -12.16 -21.44 -65.45
N THR G 101 -13.00 -22.45 -65.54
CA THR G 101 -12.58 -23.82 -65.27
C THR G 101 -12.19 -24.51 -66.58
N LEU G 102 -11.57 -25.68 -66.44
CA LEU G 102 -11.05 -26.39 -67.60
C LEU G 102 -11.09 -27.88 -67.31
N ASP G 103 -11.64 -28.64 -68.24
CA ASP G 103 -11.61 -30.09 -68.19
C ASP G 103 -10.71 -30.56 -69.32
N ARG G 104 -9.60 -31.19 -68.97
CA ARG G 104 -8.66 -31.64 -69.98
C ARG G 104 -9.07 -32.96 -70.61
N GLY G 105 -9.89 -33.75 -69.93
CA GLY G 105 -10.37 -34.99 -70.49
C GLY G 105 -9.66 -36.19 -69.88
N PRO G 106 -10.08 -37.39 -70.27
CA PRO G 106 -9.43 -38.60 -69.77
C PRO G 106 -8.12 -38.91 -70.46
N SER G 107 -7.78 -38.20 -71.53
CA SER G 107 -6.56 -38.45 -72.29
C SER G 107 -5.38 -37.63 -71.81
N PHE G 108 -5.39 -37.20 -70.56
CA PHE G 108 -4.34 -36.35 -70.02
C PHE G 108 -3.47 -37.18 -69.09
N LYS G 109 -2.17 -37.19 -69.37
CA LYS G 109 -1.19 -37.90 -68.55
C LYS G 109 0.10 -37.10 -68.63
N PRO G 110 0.37 -36.24 -67.65
CA PRO G 110 1.53 -35.35 -67.76
C PRO G 110 2.84 -35.93 -67.26
N TYR G 111 3.11 -37.20 -67.56
CA TYR G 111 4.36 -37.87 -67.21
C TYR G 111 4.41 -39.21 -67.93
N GLY G 112 5.60 -39.81 -67.90
CA GLY G 112 5.79 -41.14 -68.44
C GLY G 112 5.83 -42.18 -67.33
N GLY G 113 5.80 -43.45 -67.73
CA GLY G 113 5.85 -44.52 -66.76
C GLY G 113 4.58 -44.61 -65.94
N THR G 114 4.72 -44.96 -64.67
CA THR G 114 3.59 -44.99 -63.76
C THR G 114 4.03 -44.43 -62.41
N ALA G 115 3.04 -44.17 -61.55
CA ALA G 115 3.28 -43.64 -60.22
C ALA G 115 2.90 -44.63 -59.13
N TYR G 116 2.36 -45.79 -59.48
CA TYR G 116 1.98 -46.82 -58.53
C TYR G 116 2.81 -48.05 -58.81
N ASN G 117 3.54 -48.52 -57.79
CA ASN G 117 4.50 -49.61 -57.89
C ASN G 117 5.53 -49.43 -59.03
N PRO G 118 6.32 -48.36 -59.03
CA PRO G 118 7.17 -48.09 -60.20
C PRO G 118 8.39 -48.98 -60.31
N LEU G 119 8.89 -49.53 -59.21
CA LEU G 119 10.11 -50.34 -59.23
C LEU G 119 9.86 -51.80 -59.58
N ALA G 120 8.64 -52.16 -59.87
CA ALA G 120 8.30 -53.55 -60.10
C ALA G 120 8.55 -53.94 -61.56
N PRO G 121 8.97 -55.17 -61.80
CA PRO G 121 9.02 -55.66 -63.18
C PRO G 121 7.62 -55.88 -63.73
N LYS G 122 7.49 -55.69 -65.04
CA LYS G 122 6.16 -55.56 -65.65
C LYS G 122 5.49 -56.90 -65.87
N SER G 123 6.25 -57.98 -66.05
CA SER G 123 5.66 -59.29 -66.22
C SER G 123 5.08 -59.85 -64.94
N ALA G 124 5.45 -59.30 -63.80
CA ALA G 124 5.14 -59.87 -62.50
C ALA G 124 3.71 -59.52 -62.08
N PRO G 125 3.04 -60.44 -61.39
CA PRO G 125 1.71 -60.12 -60.85
C PRO G 125 1.77 -59.60 -59.43
N ILE G 126 0.60 -59.34 -58.86
CA ILE G 126 0.48 -59.18 -57.42
C ILE G 126 0.07 -60.53 -56.84
N ASN G 127 0.11 -60.64 -55.52
CA ASN G 127 -0.40 -61.84 -54.88
C ASN G 127 -1.92 -61.83 -55.02
N SER G 128 -2.42 -62.65 -55.93
CA SER G 128 -3.84 -62.63 -56.24
C SER G 128 -4.36 -64.04 -56.41
N ALA G 129 -5.68 -64.15 -56.48
CA ALA G 129 -6.38 -65.39 -56.74
C ALA G 129 -7.28 -65.20 -57.96
N PHE G 130 -7.21 -66.13 -58.89
CA PHE G 130 -7.96 -66.01 -60.13
C PHE G 130 -8.44 -67.38 -60.55
N THR G 131 -9.47 -67.40 -61.39
CA THR G 131 -10.13 -68.63 -61.81
C THR G 131 -9.88 -68.86 -63.29
N VAL G 132 -9.32 -70.02 -63.62
CA VAL G 132 -9.18 -70.45 -65.00
C VAL G 132 -10.21 -71.55 -65.22
N GLY G 133 -11.36 -71.20 -65.78
CA GLY G 133 -12.41 -72.17 -65.95
C GLY G 133 -13.08 -72.53 -64.64
N ASN G 134 -12.81 -73.74 -64.14
CA ASN G 134 -13.45 -74.23 -62.92
C ASN G 134 -12.60 -74.01 -61.67
N ASP G 135 -11.32 -74.36 -61.71
CA ASP G 135 -10.50 -74.25 -60.52
C ASP G 135 -10.04 -72.82 -60.29
N THR G 136 -9.41 -72.59 -59.15
CA THR G 136 -8.80 -71.31 -58.81
C THR G 136 -7.30 -71.50 -58.60
N HIS G 137 -6.58 -70.39 -58.61
CA HIS G 137 -5.12 -70.41 -58.52
C HIS G 137 -4.68 -69.38 -57.49
N PHE G 138 -4.16 -69.85 -56.37
CA PHE G 138 -3.64 -68.96 -55.34
C PHE G 138 -2.14 -68.79 -55.54
N VAL G 139 -1.74 -67.64 -56.04
CA VAL G 139 -0.34 -67.31 -56.21
C VAL G 139 0.01 -66.20 -55.23
N ALA G 140 0.98 -66.47 -54.36
CA ALA G 140 1.32 -65.49 -53.36
C ALA G 140 2.80 -65.59 -52.96
N GLN G 141 3.31 -64.47 -52.46
CA GLN G 141 4.55 -64.44 -51.70
C GLN G 141 4.22 -64.25 -50.23
N LEU G 142 4.94 -64.98 -49.37
CA LEU G 142 4.68 -64.98 -47.94
C LEU G 142 5.96 -64.52 -47.25
N PRO G 143 6.18 -63.22 -47.14
CA PRO G 143 7.46 -62.73 -46.65
C PRO G 143 7.58 -62.84 -45.14
N GLN G 144 6.46 -62.77 -44.43
CA GLN G 144 6.46 -63.05 -43.01
C GLN G 144 6.46 -64.55 -42.79
N THR G 145 7.03 -64.98 -41.67
CA THR G 145 6.99 -66.36 -41.25
C THR G 145 6.61 -66.43 -39.78
N TYR G 146 6.22 -67.62 -39.35
CA TYR G 146 5.99 -67.90 -37.94
C TYR G 146 6.18 -69.39 -37.70
N ALA G 147 6.51 -69.75 -36.47
CA ALA G 147 6.75 -71.14 -36.14
C ALA G 147 5.43 -71.89 -35.99
N ALA G 148 5.29 -72.98 -36.74
CA ALA G 148 4.08 -73.79 -36.70
C ALA G 148 4.50 -75.26 -36.76
N GLY G 149 4.10 -76.03 -35.75
CA GLY G 149 4.47 -77.42 -35.67
C GLY G 149 3.73 -78.29 -36.68
N GLY G 150 3.87 -79.61 -36.49
CA GLY G 150 3.21 -80.60 -37.32
C GLY G 150 1.71 -80.50 -37.27
N THR G 151 1.08 -80.49 -38.45
CA THR G 151 -0.31 -80.10 -38.66
C THR G 151 -0.56 -78.72 -38.02
N GLY G 152 0.10 -77.73 -38.62
CA GLY G 152 0.04 -76.38 -38.09
C GLY G 152 -1.30 -75.72 -38.31
N VAL G 153 -2.32 -76.19 -37.60
CA VAL G 153 -3.67 -75.68 -37.74
C VAL G 153 -4.12 -74.91 -36.51
N THR G 154 -3.56 -75.18 -35.32
CA THR G 154 -3.82 -74.34 -34.17
C THR G 154 -3.10 -73.01 -34.31
N GLU G 155 -1.84 -73.03 -34.76
CA GLU G 155 -1.12 -71.80 -35.06
C GLU G 155 -1.70 -71.07 -36.27
N ALA G 156 -2.43 -71.77 -37.12
CA ALA G 156 -3.06 -71.14 -38.27
C ALA G 156 -4.22 -70.25 -37.85
N ILE G 157 -5.03 -70.70 -36.90
CA ILE G 157 -6.21 -69.95 -36.50
C ILE G 157 -5.84 -68.77 -35.59
N GLN G 158 -4.75 -68.90 -34.84
CA GLN G 158 -4.37 -67.86 -33.89
C GLN G 158 -3.83 -66.61 -34.57
N GLN G 159 -3.48 -66.67 -35.85
CA GLN G 159 -3.01 -65.48 -36.56
C GLN G 159 -4.18 -64.53 -36.78
N GLN G 160 -4.02 -63.29 -36.34
CA GLN G 160 -5.07 -62.29 -36.40
C GLN G 160 -4.82 -61.36 -37.59
N VAL G 161 -5.80 -61.28 -38.48
CA VAL G 161 -5.68 -60.44 -39.66
C VAL G 161 -6.83 -59.43 -39.67
N SER G 162 -6.58 -58.31 -40.34
CA SER G 162 -7.58 -57.28 -40.53
C SER G 162 -7.21 -56.50 -41.80
N GLY G 163 -7.81 -55.33 -41.96
CA GLY G 163 -7.52 -54.52 -43.12
C GLY G 163 -6.16 -53.84 -43.10
N VAL G 164 -5.42 -53.93 -41.99
CA VAL G 164 -4.14 -53.25 -41.90
C VAL G 164 -3.04 -54.26 -41.54
N ASP G 165 -3.41 -55.37 -40.91
CA ASP G 165 -2.38 -56.37 -40.65
C ASP G 165 -2.74 -57.71 -41.29
N PRO G 166 -1.76 -58.47 -41.83
CA PRO G 166 -0.32 -58.21 -41.90
C PRO G 166 0.05 -57.15 -42.92
N ASN G 167 1.07 -56.37 -42.61
CA ASN G 167 1.47 -55.27 -43.48
C ASN G 167 2.18 -55.85 -44.70
N PRO G 168 1.80 -55.48 -45.92
CA PRO G 168 2.43 -56.06 -47.11
C PRO G 168 3.84 -55.54 -47.43
N GLN G 169 4.49 -54.81 -46.52
CA GLN G 169 5.84 -54.38 -46.81
C GLN G 169 6.81 -54.56 -45.65
N VAL G 170 6.44 -55.26 -44.59
CA VAL G 170 7.37 -55.42 -43.47
C VAL G 170 8.27 -56.63 -43.64
N GLY G 171 7.73 -57.75 -44.16
CA GLY G 171 8.52 -58.89 -44.58
C GLY G 171 9.28 -59.61 -43.48
N GLN G 172 10.47 -60.09 -43.83
CA GLN G 172 11.39 -60.72 -42.91
C GLN G 172 11.99 -59.68 -41.97
N PRO G 173 12.77 -60.11 -40.96
CA PRO G 173 13.71 -59.19 -40.32
C PRO G 173 14.73 -58.66 -41.32
N ASN G 174 15.38 -57.55 -40.93
CA ASN G 174 16.11 -56.70 -41.88
C ASN G 174 17.32 -57.40 -42.48
N TYR G 175 18.07 -58.14 -41.66
CA TYR G 175 19.36 -58.65 -42.09
C TYR G 175 19.43 -60.17 -42.11
N ALA G 176 18.31 -60.85 -41.91
CA ALA G 176 18.24 -62.26 -42.25
C ALA G 176 18.33 -62.38 -43.77
N GLY G 177 19.32 -63.13 -44.25
CA GLY G 177 19.62 -63.13 -45.67
C GLY G 177 18.67 -63.99 -46.48
N PRO G 178 19.21 -64.73 -47.44
CA PRO G 178 18.37 -65.56 -48.32
C PRO G 178 18.03 -66.90 -47.68
N VAL G 179 17.46 -66.85 -46.49
CA VAL G 179 17.23 -68.05 -45.70
C VAL G 179 16.08 -68.84 -46.29
N VAL G 180 16.28 -70.12 -46.47
CA VAL G 180 15.20 -71.01 -46.85
C VAL G 180 14.39 -71.34 -45.60
N VAL G 181 13.10 -71.40 -45.75
CA VAL G 181 12.26 -71.70 -44.61
C VAL G 181 12.08 -73.19 -44.50
N ASN G 182 11.93 -73.68 -43.27
CA ASN G 182 11.58 -75.08 -43.05
C ASN G 182 10.07 -75.12 -43.03
N THR G 183 9.48 -75.51 -44.16
CA THR G 183 8.02 -75.57 -44.28
C THR G 183 7.40 -76.66 -43.43
N THR G 184 8.19 -77.59 -42.91
CA THR G 184 7.72 -78.45 -41.83
C THR G 184 7.51 -77.65 -40.55
N ASN G 185 8.47 -76.81 -40.18
CA ASN G 185 8.45 -76.12 -38.90
C ASN G 185 7.96 -74.68 -38.97
N ASN G 186 7.97 -74.06 -40.15
CA ASN G 186 7.47 -72.71 -40.31
C ASN G 186 6.36 -72.71 -41.36
N ALA G 187 5.48 -71.72 -41.28
CA ALA G 187 4.29 -71.68 -42.12
C ALA G 187 4.30 -70.51 -43.09
N GLY G 188 4.43 -69.29 -42.60
CA GLY G 188 4.39 -68.16 -43.50
C GLY G 188 3.09 -67.39 -43.40
N LEU G 189 3.16 -66.11 -43.74
CA LEU G 189 2.00 -65.22 -43.65
C LEU G 189 2.15 -64.08 -44.63
N GLY G 190 1.08 -63.79 -45.35
CA GLY G 190 1.09 -62.70 -46.32
C GLY G 190 -0.32 -62.21 -46.56
N ARG G 191 -0.56 -61.71 -47.76
CA ARG G 191 -1.87 -61.23 -48.16
C ARG G 191 -2.22 -61.77 -49.53
N ILE G 192 -3.50 -61.65 -49.88
CA ILE G 192 -4.02 -62.15 -51.15
C ILE G 192 -5.29 -61.36 -51.41
N VAL G 193 -5.76 -61.39 -52.66
CA VAL G 193 -7.02 -60.77 -53.02
C VAL G 193 -7.90 -61.80 -53.70
N SER G 194 -9.13 -61.94 -53.20
CA SER G 194 -10.06 -62.94 -53.67
C SER G 194 -10.44 -62.71 -55.12
N ALA G 195 -10.79 -63.80 -55.80
CA ALA G 195 -11.28 -63.71 -57.16
C ALA G 195 -12.68 -63.11 -57.22
N ASP G 196 -13.43 -63.16 -56.13
CA ASP G 196 -14.76 -62.56 -56.05
C ASP G 196 -14.61 -61.05 -55.80
N SER G 197 -14.19 -60.37 -56.86
CA SER G 197 -13.91 -58.93 -56.81
C SER G 197 -14.17 -58.33 -58.17
N GLU G 198 -14.93 -57.24 -58.20
CA GLU G 198 -15.27 -56.60 -59.46
C GLU G 198 -14.06 -55.91 -60.06
N GLY G 199 -14.06 -55.78 -61.38
CA GLY G 199 -12.99 -55.13 -62.10
C GLY G 199 -12.10 -56.13 -62.83
N GLN G 200 -11.21 -55.57 -63.65
CA GLN G 200 -10.26 -56.36 -64.41
C GLN G 200 -8.98 -56.56 -63.61
N GLN G 201 -8.52 -57.81 -63.52
CA GLN G 201 -7.26 -58.08 -62.84
C GLN G 201 -6.09 -57.56 -63.65
N PHE G 202 -5.17 -56.89 -62.98
CA PHE G 202 -4.07 -56.16 -63.58
C PHE G 202 -2.76 -56.59 -62.93
N PRO G 203 -1.63 -56.58 -63.67
CA PRO G 203 -0.34 -56.93 -63.06
C PRO G 203 0.16 -55.95 -62.02
N CYS G 204 1.34 -56.23 -61.46
CA CYS G 204 1.82 -55.42 -60.35
C CYS G 204 2.51 -54.15 -60.79
N TYR G 205 2.63 -53.87 -62.09
CA TYR G 205 3.40 -52.71 -62.49
C TYR G 205 2.64 -51.41 -62.26
N GLY G 206 1.32 -51.41 -62.38
CA GLY G 206 0.60 -50.17 -62.21
C GLY G 206 -0.72 -50.31 -61.50
N ALA G 207 -0.86 -51.35 -60.68
CA ALA G 207 -2.13 -51.66 -60.05
C ALA G 207 -2.43 -50.67 -58.95
N TYR G 208 -3.72 -50.38 -58.77
CA TYR G 208 -4.14 -49.38 -57.80
C TYR G 208 -5.53 -49.70 -57.28
N ALA G 209 -5.75 -49.41 -56.01
CA ALA G 209 -7.06 -49.57 -55.44
C ALA G 209 -7.20 -48.48 -54.38
N PRO G 210 -8.30 -47.72 -54.41
CA PRO G 210 -8.43 -46.59 -53.48
C PRO G 210 -8.64 -47.07 -52.06
N PRO G 211 -8.07 -46.38 -51.08
CA PRO G 211 -8.22 -46.81 -49.68
C PRO G 211 -9.60 -46.47 -49.15
N GLN G 212 -9.88 -46.99 -47.95
CA GLN G 212 -11.16 -46.78 -47.30
C GLN G 212 -11.07 -45.91 -46.07
N SER G 213 -10.18 -46.21 -45.14
CA SER G 213 -10.04 -45.44 -43.92
C SER G 213 -8.67 -44.77 -43.89
N ALA G 214 -8.42 -44.04 -42.80
CA ALA G 214 -7.16 -43.32 -42.65
C ALA G 214 -6.02 -44.21 -42.18
N GLY G 215 -6.30 -45.47 -41.83
CA GLY G 215 -5.24 -46.39 -41.50
C GLY G 215 -4.59 -47.06 -42.69
N GLY G 216 -5.17 -46.93 -43.87
CA GLY G 216 -4.58 -47.52 -45.06
C GLY G 216 -5.18 -48.83 -45.50
N ASP G 217 -6.38 -49.17 -45.03
CA ASP G 217 -7.03 -50.39 -45.48
C ASP G 217 -7.50 -50.25 -46.92
N VAL G 218 -7.43 -51.34 -47.67
CA VAL G 218 -7.63 -51.29 -49.11
C VAL G 218 -8.87 -52.11 -49.46
N SER G 219 -9.16 -53.12 -48.64
CA SER G 219 -10.34 -53.94 -48.85
C SER G 219 -11.61 -53.16 -48.51
N THR G 220 -12.68 -53.42 -49.25
CA THR G 220 -13.94 -52.74 -49.06
C THR G 220 -14.96 -53.55 -48.28
N ALA G 221 -14.69 -54.82 -48.01
CA ALA G 221 -15.57 -55.61 -47.15
C ALA G 221 -14.72 -56.38 -46.14
N ALA G 222 -15.32 -57.36 -45.46
CA ALA G 222 -14.67 -58.08 -44.39
C ALA G 222 -13.49 -58.90 -44.88
N VAL G 223 -12.57 -59.19 -43.96
CA VAL G 223 -11.30 -59.83 -44.29
C VAL G 223 -11.34 -61.26 -43.77
N THR G 224 -11.18 -62.22 -44.67
CA THR G 224 -11.24 -63.64 -44.36
C THR G 224 -9.83 -64.21 -44.51
N LYS G 225 -9.55 -65.28 -43.78
CA LYS G 225 -8.26 -65.95 -43.85
C LYS G 225 -8.31 -67.03 -44.93
N THR G 226 -7.29 -67.06 -45.79
CA THR G 226 -7.19 -68.03 -46.86
C THR G 226 -5.99 -68.92 -46.62
N TYR G 227 -6.19 -70.23 -46.64
CA TYR G 227 -5.19 -71.20 -46.22
C TYR G 227 -4.71 -72.00 -47.41
N ILE G 228 -3.41 -72.28 -47.44
CA ILE G 228 -2.79 -73.08 -48.50
C ILE G 228 -1.87 -74.12 -47.88
N ASN G 229 -1.22 -74.89 -48.75
CA ASN G 229 -0.29 -75.92 -48.33
C ASN G 229 0.79 -76.07 -49.39
N THR G 230 1.96 -76.47 -48.94
CA THR G 230 3.11 -76.71 -49.80
C THR G 230 3.68 -78.11 -49.62
N THR G 231 3.73 -78.60 -48.39
CA THR G 231 4.44 -79.82 -48.05
C THR G 231 3.68 -81.05 -48.55
N ASN G 232 4.27 -82.22 -48.30
CA ASN G 232 3.64 -83.49 -48.67
C ASN G 232 2.65 -83.97 -47.63
N ASN G 233 2.52 -83.27 -46.51
CA ASN G 233 1.53 -83.63 -45.50
C ASN G 233 0.14 -83.30 -46.02
N ASN G 234 -0.83 -84.15 -45.67
CA ASN G 234 -2.21 -83.90 -46.05
C ASN G 234 -2.83 -82.82 -45.18
N GLY G 235 -2.74 -82.97 -43.86
CA GLY G 235 -3.20 -81.91 -42.98
C GLY G 235 -2.07 -81.00 -42.57
N ARG G 236 -1.95 -79.86 -43.25
CA ARG G 236 -0.86 -78.92 -43.00
C ARG G 236 -1.27 -77.59 -43.60
N VAL G 237 -1.19 -76.53 -42.80
CA VAL G 237 -1.52 -75.19 -43.26
C VAL G 237 -0.22 -74.39 -43.21
N SER G 238 0.50 -74.37 -44.32
CA SER G 238 1.76 -73.65 -44.40
C SER G 238 1.54 -72.28 -45.04
N GLY G 239 0.65 -71.51 -44.43
CA GLY G 239 0.36 -70.17 -44.90
C GLY G 239 -1.08 -69.76 -44.71
N THR G 240 -1.30 -68.59 -44.09
CA THR G 240 -2.61 -68.15 -43.63
C THR G 240 -2.89 -66.74 -44.11
N MET G 241 -2.71 -66.50 -45.40
CA MET G 241 -2.82 -65.17 -45.97
C MET G 241 -4.24 -64.62 -45.89
N ALA G 242 -4.33 -63.31 -45.66
CA ALA G 242 -5.62 -62.63 -45.56
C ALA G 242 -6.10 -62.21 -46.93
N THR G 243 -7.43 -62.28 -47.14
CA THR G 243 -8.00 -62.01 -48.45
C THR G 243 -8.65 -60.63 -48.43
N ASP G 244 -8.67 -59.98 -49.59
CA ASP G 244 -9.34 -58.70 -49.75
C ASP G 244 -10.33 -58.76 -50.89
N THR G 245 -11.20 -57.76 -50.97
CA THR G 245 -12.02 -57.54 -52.16
C THR G 245 -11.77 -56.14 -52.69
N ILE G 246 -11.52 -56.06 -53.99
CA ILE G 246 -10.84 -54.93 -54.61
C ILE G 246 -11.63 -54.53 -55.85
N THR G 247 -11.80 -53.21 -56.03
CA THR G 247 -12.50 -52.72 -57.20
C THR G 247 -11.69 -52.84 -58.49
N TRP G 248 -10.37 -53.07 -58.40
CA TRP G 248 -9.48 -53.42 -59.52
C TRP G 248 -9.49 -52.37 -60.62
N GLU G 249 -9.00 -51.18 -60.30
CA GLU G 249 -8.82 -50.17 -61.34
C GLU G 249 -7.34 -50.07 -61.71
N ASN G 250 -7.08 -49.83 -62.99
CA ASN G 250 -5.72 -49.63 -63.50
C ASN G 250 -5.62 -48.23 -64.08
N PRO G 251 -5.35 -47.22 -63.26
CA PRO G 251 -5.06 -45.90 -63.82
C PRO G 251 -3.65 -45.90 -64.36
N ASP G 252 -3.42 -44.98 -65.29
CA ASP G 252 -2.09 -44.58 -65.75
C ASP G 252 -1.32 -45.72 -66.45
N ALA G 253 -1.98 -46.80 -66.85
CA ALA G 253 -1.28 -47.93 -67.46
C ALA G 253 -2.25 -48.78 -68.26
N HIS G 254 -1.69 -49.56 -69.19
CA HIS G 254 -2.48 -50.41 -70.06
C HIS G 254 -1.74 -51.72 -70.31
N PHE G 255 -2.39 -52.62 -71.03
CA PHE G 255 -1.84 -53.95 -71.30
C PHE G 255 -0.98 -53.90 -72.55
N ALA G 256 0.33 -54.10 -72.37
CA ALA G 256 1.21 -54.26 -73.51
C ALA G 256 1.05 -55.62 -74.16
N ASP G 257 0.73 -56.64 -73.37
CA ASP G 257 0.46 -57.97 -73.88
C ASP G 257 -0.44 -58.68 -72.88
N PHE G 258 -1.45 -59.37 -73.40
CA PHE G 258 -2.46 -59.97 -72.54
C PHE G 258 -2.92 -61.29 -73.14
N VAL G 259 -2.72 -62.38 -72.42
CA VAL G 259 -3.34 -63.66 -72.75
C VAL G 259 -4.10 -64.27 -71.57
N ASP G 260 -3.83 -63.83 -70.35
CA ASP G 260 -4.50 -64.32 -69.16
C ASP G 260 -4.36 -63.23 -68.11
N ASP G 261 -5.22 -63.30 -67.09
CA ASP G 261 -5.15 -62.36 -65.97
C ASP G 261 -3.82 -62.49 -65.22
N ARG G 262 -3.23 -63.68 -65.22
CA ARG G 262 -1.89 -63.85 -64.72
C ARG G 262 -0.85 -63.51 -65.78
N ARG G 263 -0.94 -64.16 -66.93
CA ARG G 263 0.10 -64.11 -67.96
C ARG G 263 -0.09 -62.84 -68.79
N ALA G 264 0.38 -61.73 -68.23
CA ALA G 264 0.22 -60.44 -68.89
C ALA G 264 1.29 -59.48 -68.40
N THR G 265 1.85 -58.71 -69.32
CA THR G 265 2.69 -57.57 -68.98
C THR G 265 1.86 -56.29 -68.95
N ALA G 266 2.37 -55.31 -68.23
CA ALA G 266 1.79 -53.99 -68.20
C ALA G 266 2.76 -53.01 -68.84
N ALA G 267 2.24 -51.82 -69.14
CA ALA G 267 3.08 -50.74 -69.66
C ALA G 267 2.43 -49.43 -69.27
N GLY G 268 3.28 -48.44 -68.98
CA GLY G 268 2.78 -47.10 -68.74
C GLY G 268 2.20 -46.51 -70.01
N ASN G 269 1.18 -45.67 -69.85
CA ASN G 269 0.57 -45.05 -71.01
C ASN G 269 1.49 -43.98 -71.58
N ARG G 270 1.21 -43.59 -72.82
CA ARG G 270 2.00 -42.57 -73.48
C ARG G 270 1.76 -41.22 -72.83
N PRO G 271 2.81 -40.41 -72.64
CA PRO G 271 2.62 -39.10 -72.02
C PRO G 271 1.85 -38.17 -72.94
N ASN G 272 0.96 -37.38 -72.37
CA ASN G 272 0.11 -36.48 -73.15
C ASN G 272 -0.03 -35.18 -72.36
N TYR G 273 0.86 -34.23 -72.64
CA TYR G 273 0.78 -32.92 -72.03
C TYR G 273 -0.26 -32.09 -72.77
N ILE G 274 -1.23 -31.57 -72.04
CA ILE G 274 -2.33 -30.80 -72.63
C ILE G 274 -2.36 -29.43 -71.97
N GLY G 275 -2.09 -28.39 -72.75
CA GLY G 275 -2.15 -27.03 -72.26
C GLY G 275 -2.56 -26.07 -73.36
N PHE G 276 -2.46 -24.77 -73.10
CA PHE G 276 -2.81 -23.80 -74.13
C PHE G 276 -1.69 -23.71 -75.16
N ARG G 277 -1.97 -23.00 -76.25
CA ARG G 277 -0.95 -22.71 -77.25
C ARG G 277 0.00 -21.63 -76.73
N ASP G 278 1.12 -21.46 -77.42
CA ASP G 278 1.97 -20.33 -77.13
C ASP G 278 1.32 -19.06 -77.65
N ASN G 279 1.49 -17.97 -76.90
CA ASN G 279 0.87 -16.65 -77.16
C ASN G 279 -0.65 -16.69 -77.18
N PHE G 280 -1.24 -17.76 -76.65
CA PHE G 280 -2.68 -18.07 -76.69
C PHE G 280 -3.24 -17.98 -78.10
N ILE G 281 -2.65 -18.78 -78.98
CA ILE G 281 -3.19 -18.98 -80.32
C ILE G 281 -4.50 -19.75 -80.22
N GLY G 282 -5.52 -19.26 -80.92
CA GLY G 282 -6.79 -19.93 -80.89
C GLY G 282 -7.63 -19.64 -79.69
N MET G 283 -7.29 -18.62 -78.91
CA MET G 283 -8.22 -18.15 -77.89
C MET G 283 -9.20 -17.16 -78.49
N MET G 284 -8.78 -16.47 -79.54
CA MET G 284 -9.44 -15.30 -80.06
C MET G 284 -9.65 -15.47 -81.56
N TYR G 285 -10.86 -15.17 -82.03
CA TYR G 285 -11.19 -15.32 -83.44
C TYR G 285 -10.50 -14.21 -84.22
N TYR G 286 -9.33 -14.51 -84.77
CA TYR G 286 -8.67 -13.65 -85.74
C TYR G 286 -8.91 -14.21 -87.13
N ASN G 287 -9.15 -13.31 -88.09
CA ASN G 287 -9.32 -13.60 -89.50
C ASN G 287 -10.48 -14.53 -89.78
N SER G 288 -11.50 -14.53 -88.93
CA SER G 288 -12.68 -15.33 -89.18
C SER G 288 -13.65 -14.58 -90.09
N GLY G 289 -14.66 -15.30 -90.55
CA GLY G 289 -15.62 -14.69 -91.45
C GLY G 289 -16.67 -13.85 -90.73
N SER G 290 -17.50 -14.50 -89.92
CA SER G 290 -18.59 -13.84 -89.24
C SER G 290 -18.30 -13.58 -87.77
N ASN G 291 -17.04 -13.71 -87.35
CA ASN G 291 -16.65 -13.46 -85.97
C ASN G 291 -15.66 -12.31 -85.87
N THR G 292 -15.68 -11.39 -86.82
CA THR G 292 -14.77 -10.26 -86.80
C THR G 292 -15.14 -9.32 -85.67
N GLY G 293 -14.25 -9.20 -84.70
CA GLY G 293 -14.48 -8.30 -83.59
C GLY G 293 -14.39 -6.85 -84.02
N SER G 294 -14.90 -5.98 -83.16
CA SER G 294 -15.07 -4.58 -83.50
C SER G 294 -14.25 -3.70 -82.57
N PHE G 295 -13.82 -2.56 -83.10
CA PHE G 295 -13.34 -1.47 -82.26
C PHE G 295 -13.75 -0.16 -82.94
N SER G 296 -14.81 0.45 -82.41
CA SER G 296 -15.36 1.68 -82.97
C SER G 296 -15.82 2.56 -81.82
N SER G 297 -16.27 3.77 -82.16
CA SER G 297 -16.89 4.63 -81.18
C SER G 297 -18.37 4.27 -81.06
N GLN G 298 -19.09 4.98 -80.21
CA GLN G 298 -20.51 4.73 -80.04
C GLN G 298 -21.38 5.58 -80.95
N THR G 299 -20.78 6.28 -81.91
CA THR G 299 -21.50 7.03 -82.95
C THR G 299 -21.94 6.09 -84.07
N GLN G 300 -22.25 6.65 -85.24
CA GLN G 300 -22.43 5.87 -86.47
C GLN G 300 -21.26 4.91 -86.66
N GLN G 301 -21.56 3.62 -86.64
CA GLN G 301 -20.57 2.60 -86.34
C GLN G 301 -19.63 2.40 -87.53
N LEU G 302 -18.51 3.10 -87.50
CA LEU G 302 -17.41 2.87 -88.42
C LEU G 302 -16.44 1.93 -87.71
N ASN G 303 -16.54 0.64 -88.01
CA ASN G 303 -15.65 -0.34 -87.43
C ASN G 303 -14.25 -0.19 -88.00
N ILE G 304 -13.24 -0.21 -87.12
CA ILE G 304 -11.86 -0.16 -87.58
C ILE G 304 -11.43 -1.51 -88.12
N VAL G 305 -11.70 -2.57 -87.38
CA VAL G 305 -11.14 -3.89 -87.70
C VAL G 305 -11.97 -4.47 -88.86
N LEU G 306 -11.46 -4.30 -90.06
CA LEU G 306 -11.99 -4.94 -91.26
C LEU G 306 -11.04 -6.10 -91.58
N ASP G 307 -11.40 -7.29 -91.12
CA ASP G 307 -10.50 -8.43 -91.12
C ASP G 307 -10.90 -9.39 -92.23
N LEU G 308 -9.90 -9.96 -92.90
CA LEU G 308 -10.11 -10.79 -94.07
C LEU G 308 -9.56 -12.19 -93.85
N ASN G 309 -10.02 -13.13 -94.67
CA ASN G 309 -9.49 -14.49 -94.62
C ASN G 309 -8.10 -14.58 -95.24
N ASP G 310 -7.74 -13.64 -96.12
CA ASP G 310 -6.47 -13.70 -96.81
C ASP G 310 -5.31 -13.32 -95.89
N ARG G 311 -5.59 -12.58 -94.83
CA ARG G 311 -4.57 -12.24 -93.85
C ARG G 311 -4.46 -13.34 -92.82
N ASN G 312 -3.28 -13.49 -92.24
CA ASN G 312 -3.08 -14.32 -91.06
C ASN G 312 -2.52 -13.39 -89.99
N SER G 313 -3.41 -12.88 -89.14
CA SER G 313 -2.99 -12.01 -88.04
C SER G 313 -2.33 -12.77 -86.91
N GLU G 314 -2.29 -14.10 -86.98
CA GLU G 314 -1.68 -14.90 -85.94
C GLU G 314 -0.22 -15.21 -86.25
N LEU G 315 0.07 -15.62 -87.48
CA LEU G 315 1.46 -15.84 -87.89
C LEU G 315 2.24 -14.54 -87.97
N SER G 316 1.54 -13.42 -88.24
CA SER G 316 2.21 -12.12 -88.26
C SER G 316 2.71 -11.72 -86.88
N TYR G 317 2.08 -12.21 -85.82
CA TYR G 317 2.56 -11.97 -84.47
C TYR G 317 3.70 -12.89 -84.08
N GLN G 318 3.78 -14.07 -84.68
CA GLN G 318 4.85 -14.99 -84.34
C GLN G 318 6.18 -14.55 -84.94
N TYR G 319 6.16 -13.98 -86.14
CA TYR G 319 7.39 -13.49 -86.73
C TYR G 319 7.81 -12.15 -86.16
N LEU G 320 6.83 -11.36 -85.70
CA LEU G 320 7.16 -10.10 -85.05
C LEU G 320 7.82 -10.35 -83.70
N LEU G 321 7.31 -11.31 -82.94
CA LEU G 321 7.85 -11.58 -81.62
C LEU G 321 9.19 -12.30 -81.68
N ALA G 322 9.44 -13.05 -82.75
CA ALA G 322 10.74 -13.68 -82.94
C ALA G 322 11.77 -12.73 -83.55
N ASP G 323 11.37 -11.53 -83.91
CA ASP G 323 12.28 -10.52 -84.43
C ASP G 323 12.71 -9.52 -83.37
N LEU G 324 11.81 -9.18 -82.44
CA LEU G 324 12.16 -8.27 -81.37
C LEU G 324 13.08 -8.95 -80.35
N THR G 325 12.60 -10.02 -79.74
CA THR G 325 13.33 -10.72 -78.70
C THR G 325 13.76 -12.10 -79.20
N SER G 326 14.67 -12.71 -78.45
CA SER G 326 14.98 -14.10 -78.69
C SER G 326 13.86 -14.98 -78.15
N ARG G 327 13.70 -16.15 -78.75
CA ARG G 327 12.64 -17.07 -78.37
C ARG G 327 13.07 -18.05 -77.30
N TRP G 328 14.30 -17.94 -76.79
CA TRP G 328 14.79 -18.88 -75.80
C TRP G 328 14.18 -18.65 -74.42
N HIS G 329 13.75 -17.42 -74.14
CA HIS G 329 13.29 -17.06 -72.80
C HIS G 329 11.81 -17.38 -72.65
N TYR G 330 11.46 -17.99 -71.52
CA TYR G 330 10.08 -18.39 -71.23
C TYR G 330 9.43 -17.29 -70.40
N PHE G 331 8.47 -16.59 -70.98
CA PHE G 331 7.81 -15.47 -70.32
C PHE G 331 6.37 -15.87 -70.06
N ALA G 332 6.04 -16.08 -68.79
CA ALA G 332 4.82 -16.76 -68.41
C ALA G 332 3.57 -15.88 -68.47
N LEU G 333 3.70 -14.58 -68.74
CA LEU G 333 2.50 -13.77 -68.82
C LEU G 333 1.75 -14.04 -70.12
N TRP G 334 2.42 -13.81 -71.24
CA TRP G 334 1.79 -14.01 -72.54
C TRP G 334 1.88 -15.45 -73.01
N ASN G 335 2.36 -16.36 -72.16
CA ASN G 335 2.54 -17.78 -72.47
C ASN G 335 3.47 -17.94 -73.67
N GLN G 336 4.72 -17.56 -73.46
CA GLN G 336 5.69 -17.32 -74.52
C GLN G 336 6.73 -18.45 -74.55
N ALA G 337 6.26 -19.68 -74.39
CA ALA G 337 7.14 -20.85 -74.43
C ALA G 337 7.06 -21.48 -75.82
N VAL G 338 8.21 -21.66 -76.45
CA VAL G 338 8.23 -22.03 -77.86
C VAL G 338 8.17 -23.54 -78.01
N ASP G 339 7.51 -23.99 -79.07
CA ASP G 339 7.50 -25.41 -79.39
C ASP G 339 8.78 -25.77 -80.13
N ASP G 340 9.55 -26.69 -79.55
CA ASP G 340 10.80 -27.15 -80.15
C ASP G 340 10.89 -28.66 -80.07
N TYR G 341 11.58 -29.24 -81.04
CA TYR G 341 11.88 -30.67 -81.01
C TYR G 341 13.17 -30.91 -80.25
N ASP G 342 13.51 -32.17 -80.08
CA ASP G 342 14.78 -32.54 -79.48
C ASP G 342 15.79 -32.72 -80.61
N HIS G 343 16.99 -32.17 -80.42
CA HIS G 343 18.03 -32.17 -81.43
C HIS G 343 18.58 -33.57 -81.71
N HIS G 344 18.30 -34.57 -80.87
CA HIS G 344 18.77 -35.92 -81.11
C HIS G 344 17.68 -36.93 -81.35
N VAL G 345 16.40 -36.54 -81.34
CA VAL G 345 15.33 -37.46 -81.74
C VAL G 345 15.03 -37.29 -83.21
N ARG G 346 14.58 -36.10 -83.60
CA ARG G 346 14.86 -35.53 -84.90
C ARG G 346 16.38 -35.31 -84.92
N ILE G 347 16.96 -35.11 -86.11
CA ILE G 347 18.06 -35.90 -86.66
C ILE G 347 18.92 -36.58 -85.61
N LEU G 348 19.02 -37.91 -85.69
CA LEU G 348 19.63 -38.68 -84.61
C LEU G 348 21.06 -39.08 -84.99
N GLU G 349 21.91 -39.16 -83.98
CA GLU G 349 23.32 -39.50 -84.14
C GLU G 349 23.58 -40.82 -83.44
N ASN G 350 23.60 -41.90 -84.21
CA ASN G 350 23.83 -43.24 -83.66
C ASN G 350 25.33 -43.44 -83.55
N ASP G 351 25.90 -43.00 -82.43
CA ASP G 351 27.31 -43.20 -82.14
C ASP G 351 27.60 -44.51 -81.43
N GLY G 352 26.61 -45.39 -81.31
CA GLY G 352 26.79 -46.58 -80.51
C GLY G 352 26.73 -46.22 -79.04
N TYR G 353 27.76 -46.59 -78.29
CA TYR G 353 27.84 -46.25 -76.88
C TYR G 353 29.30 -46.27 -76.46
N GLU G 354 29.54 -45.93 -75.20
CA GLU G 354 30.88 -45.92 -74.64
C GLU G 354 31.04 -47.17 -73.78
N GLU G 355 31.74 -48.17 -74.31
CA GLU G 355 31.94 -49.40 -73.57
C GLU G 355 32.99 -49.20 -72.49
N GLY G 356 32.94 -50.05 -71.46
CA GLY G 356 33.86 -49.94 -70.36
C GLY G 356 34.02 -51.25 -69.60
N PRO G 357 34.36 -51.16 -68.31
CA PRO G 357 34.47 -52.36 -67.48
C PRO G 357 33.11 -52.98 -67.24
N PRO G 358 33.04 -54.26 -66.84
CA PRO G 358 31.74 -54.89 -66.62
C PRO G 358 30.97 -54.28 -65.46
N ASN G 359 29.70 -54.01 -65.69
CA ASN G 359 28.84 -53.32 -64.73
C ASN G 359 28.06 -54.38 -63.96
N LEU G 360 28.73 -54.96 -62.97
CA LEU G 360 28.23 -56.13 -62.28
C LEU G 360 27.20 -55.76 -61.22
N ALA G 361 26.29 -56.69 -60.96
CA ALA G 361 25.39 -56.61 -59.82
C ALA G 361 25.67 -57.77 -58.87
N PHE G 362 25.49 -57.51 -57.59
CA PHE G 362 25.96 -58.35 -56.51
C PHE G 362 24.82 -58.65 -55.54
N PRO G 363 24.77 -59.85 -54.97
CA PRO G 363 23.76 -60.13 -53.94
C PRO G 363 24.10 -59.39 -52.66
N PRO G 364 23.10 -58.76 -52.03
CA PRO G 364 23.38 -57.87 -50.89
C PRO G 364 23.81 -58.59 -49.63
N HIS G 365 23.68 -59.92 -49.58
CA HIS G 365 23.99 -60.72 -48.41
C HIS G 365 25.38 -61.34 -48.51
N VAL G 366 26.34 -60.60 -49.08
CA VAL G 366 27.36 -61.05 -50.04
C VAL G 366 27.87 -62.48 -49.85
N ILE G 367 28.10 -62.88 -48.60
CA ILE G 367 28.57 -64.23 -48.30
C ILE G 367 27.52 -65.26 -48.69
N SER G 368 27.90 -66.17 -49.60
CA SER G 368 27.01 -67.15 -50.22
C SER G 368 27.84 -68.12 -51.05
N ASN G 369 27.34 -69.36 -51.12
CA ASN G 369 27.64 -70.23 -52.25
C ASN G 369 26.87 -69.71 -53.47
N PRO G 370 27.30 -70.08 -54.69
CA PRO G 370 26.51 -69.71 -55.86
C PRO G 370 25.17 -70.42 -55.98
N PHE G 371 24.90 -71.46 -55.19
CA PHE G 371 23.61 -72.13 -55.27
C PHE G 371 23.04 -72.52 -53.91
N ALA G 372 23.61 -72.04 -52.81
CA ALA G 372 23.16 -72.41 -51.47
C ALA G 372 23.70 -71.38 -50.49
N PRO G 373 23.31 -71.45 -49.22
CA PRO G 373 24.15 -70.86 -48.17
C PRO G 373 25.08 -71.91 -47.59
N ALA G 374 25.98 -71.52 -46.69
CA ALA G 374 26.87 -72.50 -46.06
C ALA G 374 27.11 -72.08 -44.62
N ALA G 375 26.54 -72.83 -43.67
CA ALA G 375 26.68 -72.47 -42.25
C ALA G 375 26.71 -73.76 -41.44
N VAL G 376 27.91 -74.26 -41.20
CA VAL G 376 28.18 -75.26 -40.18
C VAL G 376 29.31 -74.67 -39.34
N GLY G 377 28.95 -74.05 -38.23
CA GLY G 377 29.93 -73.28 -37.49
C GLY G 377 30.86 -74.10 -36.62
N THR G 378 32.10 -74.25 -37.06
CA THR G 378 33.13 -74.87 -36.24
C THR G 378 34.47 -74.32 -36.68
N GLY G 379 35.26 -73.85 -35.72
CA GLY G 379 36.61 -73.40 -35.98
C GLY G 379 37.60 -74.39 -35.43
N MET G 380 38.31 -75.09 -36.31
CA MET G 380 39.20 -76.15 -35.90
C MET G 380 40.46 -75.58 -35.28
N THR G 381 40.81 -76.08 -34.09
CA THR G 381 42.05 -75.74 -33.41
C THR G 381 42.98 -76.94 -33.57
N VAL G 382 44.03 -76.77 -34.37
CA VAL G 382 44.89 -77.88 -34.73
C VAL G 382 46.11 -77.88 -33.83
N ASN G 383 46.74 -79.04 -33.73
CA ASN G 383 48.08 -79.16 -33.18
C ASN G 383 49.07 -79.17 -34.34
N GLU G 384 50.19 -78.47 -34.15
CA GLU G 384 51.19 -78.43 -35.20
C GLU G 384 52.31 -79.43 -34.99
N GLN G 385 52.46 -79.96 -33.77
CA GLN G 385 53.39 -81.06 -33.55
C GLN G 385 52.82 -82.35 -34.09
N GLN G 386 51.59 -82.70 -33.68
CA GLN G 386 50.86 -83.81 -34.24
C GLN G 386 50.01 -83.29 -35.40
N GLN G 387 49.04 -84.08 -35.86
CA GLN G 387 48.09 -83.64 -36.90
C GLN G 387 46.68 -83.95 -36.39
N THR G 388 46.11 -83.03 -35.61
CA THR G 388 44.79 -83.19 -35.02
C THR G 388 43.97 -81.93 -35.30
N ALA G 389 42.77 -81.89 -34.72
CA ALA G 389 41.88 -80.75 -34.86
C ALA G 389 40.88 -80.76 -33.71
N ALA G 390 40.94 -79.73 -32.84
CA ALA G 390 40.06 -79.67 -31.68
C ALA G 390 38.68 -79.12 -32.04
N VAL G 391 37.90 -78.75 -31.03
CA VAL G 391 36.51 -78.36 -31.23
C VAL G 391 36.35 -76.84 -31.28
N THR G 392 36.83 -76.13 -30.25
CA THR G 392 36.61 -74.70 -30.01
C THR G 392 35.12 -74.39 -29.95
N ALA G 393 34.51 -74.86 -28.85
CA ALA G 393 33.05 -75.00 -28.75
C ALA G 393 32.26 -73.70 -28.86
N ASN G 394 32.89 -72.54 -28.68
CA ASN G 394 32.20 -71.26 -28.80
C ASN G 394 32.60 -70.60 -30.11
N THR G 395 31.95 -71.00 -31.21
CA THR G 395 32.19 -70.39 -32.50
C THR G 395 31.02 -70.66 -33.45
N VAL G 396 30.87 -69.76 -34.42
CA VAL G 396 29.96 -69.89 -35.56
C VAL G 396 30.70 -69.36 -36.79
N ALA G 397 30.64 -70.10 -37.90
CA ALA G 397 31.31 -69.73 -39.13
C ALA G 397 30.31 -69.62 -40.28
N LEU G 398 30.49 -68.58 -41.11
CA LEU G 398 29.68 -68.33 -42.30
C LEU G 398 30.63 -68.11 -43.47
N ILE G 399 31.09 -69.18 -44.10
CA ILE G 399 32.09 -69.06 -45.14
C ILE G 399 31.51 -69.52 -46.47
N GLY G 400 32.12 -69.04 -47.55
CA GLY G 400 31.45 -68.97 -48.84
C GLY G 400 32.00 -69.78 -50.00
N TYR G 401 33.28 -70.14 -49.97
CA TYR G 401 33.91 -71.10 -50.89
C TYR G 401 33.81 -70.65 -52.36
N GLY G 402 34.53 -69.60 -52.67
CA GLY G 402 34.70 -69.23 -54.06
C GLY G 402 34.50 -67.75 -54.26
N ASN G 403 34.37 -67.36 -55.52
CA ASN G 403 34.11 -65.96 -55.83
C ASN G 403 32.69 -65.59 -55.46
N ILE G 404 32.45 -64.30 -55.36
CA ILE G 404 31.10 -63.78 -55.15
C ILE G 404 30.29 -64.04 -56.41
N PRO G 405 29.09 -64.61 -56.33
CA PRO G 405 28.23 -64.72 -57.51
C PRO G 405 27.80 -63.35 -57.99
N ALA G 406 27.55 -63.25 -59.30
CA ALA G 406 27.30 -61.93 -59.87
C ALA G 406 26.51 -62.09 -61.16
N VAL G 407 25.91 -60.99 -61.59
CA VAL G 407 25.31 -60.88 -62.91
C VAL G 407 25.84 -59.63 -63.60
N GLU G 408 26.04 -59.74 -64.91
CA GLU G 408 26.67 -58.69 -65.71
C GLU G 408 25.68 -58.17 -66.75
N MET G 409 25.51 -56.85 -66.79
CA MET G 409 24.67 -56.24 -67.80
C MET G 409 25.45 -55.18 -68.57
N ASN G 410 25.07 -54.99 -69.82
CA ASN G 410 25.68 -53.92 -70.62
C ASN G 410 24.96 -52.64 -70.26
N LEU G 411 25.56 -51.87 -69.34
CA LEU G 411 24.90 -50.69 -68.80
C LEU G 411 24.76 -49.54 -69.82
N PRO G 412 25.81 -49.12 -70.57
CA PRO G 412 25.59 -47.97 -71.47
C PRO G 412 24.72 -48.29 -72.67
N ALA G 413 24.62 -49.55 -73.09
CA ALA G 413 23.72 -49.90 -74.18
C ALA G 413 22.27 -49.87 -73.73
N ASN G 414 22.02 -50.21 -72.46
CA ASN G 414 20.65 -50.25 -71.96
C ASN G 414 20.10 -48.86 -71.69
N LEU G 415 20.96 -47.91 -71.30
CA LEU G 415 20.51 -46.52 -71.21
C LEU G 415 20.28 -45.92 -72.58
N LYS G 416 20.97 -46.44 -73.59
CA LYS G 416 20.83 -45.98 -74.96
C LYS G 416 19.69 -46.66 -75.68
N ARG G 417 19.37 -47.90 -75.31
CA ARG G 417 18.27 -48.61 -75.94
C ARG G 417 16.92 -48.10 -75.48
N THR G 418 16.82 -47.65 -74.23
CA THR G 418 15.59 -47.03 -73.77
C THR G 418 15.44 -45.60 -74.26
N PHE G 419 16.51 -45.00 -74.75
CA PHE G 419 16.40 -43.69 -75.40
C PHE G 419 15.89 -43.84 -76.82
N LEU G 420 16.43 -44.80 -77.58
CA LEU G 420 16.02 -44.98 -78.97
C LEU G 420 14.63 -45.58 -79.10
N TYR G 421 14.08 -46.13 -78.02
CA TYR G 421 12.74 -46.70 -78.10
C TYR G 421 11.66 -45.72 -77.71
N SER G 422 11.79 -45.09 -76.54
CA SER G 422 10.74 -44.23 -76.03
C SER G 422 10.63 -42.93 -76.81
N ASN G 423 11.73 -42.46 -77.38
CA ASN G 423 11.74 -41.18 -78.07
C ASN G 423 11.56 -41.31 -79.58
N VAL G 424 12.17 -42.32 -80.19
CA VAL G 424 12.13 -42.49 -81.63
C VAL G 424 11.17 -43.61 -82.03
N ALA G 425 11.34 -44.80 -81.48
CA ALA G 425 10.57 -45.95 -81.93
C ALA G 425 9.14 -45.92 -81.41
N MET G 426 8.86 -45.14 -80.38
CA MET G 426 7.50 -45.05 -79.88
C MET G 426 6.63 -44.18 -80.76
N TYR G 427 7.21 -43.18 -81.41
CA TYR G 427 6.47 -42.18 -82.17
C TYR G 427 6.44 -42.50 -83.66
N LEU G 428 6.38 -43.77 -84.04
CA LEU G 428 6.29 -44.16 -85.44
C LEU G 428 4.93 -43.79 -86.02
N PRO G 429 4.80 -43.74 -87.35
CA PRO G 429 3.46 -43.69 -87.95
C PRO G 429 2.69 -44.98 -87.71
N ASP G 430 1.40 -44.92 -88.03
CA ASP G 430 0.47 -46.00 -87.71
C ASP G 430 0.71 -47.26 -88.55
N THR G 431 1.43 -47.13 -89.67
CA THR G 431 1.68 -48.28 -90.52
C THR G 431 2.67 -49.25 -89.87
N TYR G 432 3.68 -48.71 -89.18
CA TYR G 432 4.75 -49.52 -88.60
C TYR G 432 4.47 -49.93 -87.17
N LYS G 433 3.20 -50.04 -86.79
CA LYS G 433 2.80 -50.50 -85.47
C LYS G 433 1.81 -51.65 -85.62
N PHE G 434 1.40 -52.21 -84.49
CA PHE G 434 0.46 -53.32 -84.49
C PHE G 434 -0.31 -53.32 -83.18
N THR G 435 -1.49 -53.92 -83.21
CA THR G 435 -2.11 -54.08 -81.90
C THR G 435 -1.75 -55.45 -81.33
N PRO G 436 -1.57 -55.57 -80.02
CA PRO G 436 -1.35 -56.89 -79.43
C PRO G 436 -2.63 -57.71 -79.42
N ALA G 437 -2.46 -59.01 -79.30
CA ALA G 437 -3.60 -59.92 -79.40
C ALA G 437 -4.40 -59.92 -78.11
N ASN G 438 -5.65 -60.38 -78.22
CA ASN G 438 -6.61 -60.56 -77.13
C ASN G 438 -6.94 -59.27 -76.39
N VAL G 439 -6.76 -58.12 -77.02
CA VAL G 439 -7.17 -56.84 -76.45
C VAL G 439 -7.78 -56.01 -77.57
N ASP G 440 -8.82 -55.25 -77.24
CA ASP G 440 -9.61 -54.52 -78.23
C ASP G 440 -9.38 -53.02 -78.07
N LEU G 441 -9.37 -52.32 -79.20
CA LEU G 441 -9.11 -50.91 -79.26
C LEU G 441 -10.38 -50.14 -79.62
N PRO G 442 -10.42 -48.84 -79.40
CA PRO G 442 -11.51 -48.03 -79.96
C PRO G 442 -11.51 -48.02 -81.47
N GLU G 443 -12.66 -47.65 -82.03
CA GLU G 443 -12.88 -47.84 -83.47
C GLU G 443 -12.13 -46.79 -84.29
N ASN G 444 -12.20 -45.53 -83.88
CA ASN G 444 -11.58 -44.47 -84.65
C ASN G 444 -10.06 -44.46 -84.47
N HIS G 445 -9.37 -43.98 -85.51
CA HIS G 445 -7.91 -43.97 -85.52
C HIS G 445 -7.34 -42.69 -84.94
N LEU G 446 -8.15 -41.89 -84.27
CA LEU G 446 -7.74 -40.58 -83.80
C LEU G 446 -7.93 -40.36 -82.31
N SER G 447 -8.57 -41.28 -81.60
CA SER G 447 -8.78 -41.10 -80.18
C SER G 447 -7.51 -41.48 -79.41
N TYR G 448 -7.59 -41.38 -78.07
CA TYR G 448 -6.42 -41.69 -77.26
C TYR G 448 -6.20 -43.19 -77.17
N GLY G 449 -7.26 -43.96 -76.91
CA GLY G 449 -7.15 -45.38 -76.67
C GLY G 449 -6.66 -46.19 -77.86
N TYR G 450 -6.73 -45.64 -79.07
CA TYR G 450 -6.13 -46.28 -80.22
C TYR G 450 -4.66 -45.90 -80.38
N ILE G 451 -4.33 -44.63 -80.16
CA ILE G 451 -2.94 -44.20 -80.20
C ILE G 451 -2.17 -44.80 -79.03
N ASN G 452 -2.84 -45.00 -77.90
CA ASN G 452 -2.19 -45.58 -76.72
C ASN G 452 -1.91 -47.06 -76.93
N GLY G 453 -2.93 -47.82 -77.31
CA GLY G 453 -2.86 -49.27 -77.29
C GLY G 453 -2.10 -49.95 -78.40
N ARG G 454 -1.38 -49.22 -79.24
CA ARG G 454 -0.62 -49.82 -80.32
C ARG G 454 0.87 -49.83 -79.97
N LEU G 455 1.53 -50.93 -80.26
CA LEU G 455 2.93 -51.09 -79.98
C LEU G 455 3.73 -51.11 -81.27
N PRO G 456 4.95 -50.59 -81.28
CA PRO G 456 5.73 -50.56 -82.52
C PRO G 456 6.38 -51.89 -82.85
N LEU G 457 6.72 -52.03 -84.13
CA LEU G 457 7.44 -53.20 -84.61
C LEU G 457 8.85 -53.24 -84.00
N PRO G 458 9.37 -54.45 -83.71
CA PRO G 458 10.59 -54.58 -82.90
C PRO G 458 11.86 -53.95 -83.43
N ASN G 459 12.36 -54.35 -84.60
CA ASN G 459 13.73 -53.99 -84.93
C ASN G 459 13.88 -53.13 -86.19
N ILE G 460 12.99 -52.17 -86.40
CA ILE G 460 13.22 -51.18 -87.44
C ILE G 460 13.87 -49.92 -86.86
N VAL G 461 13.76 -49.70 -85.56
CA VAL G 461 14.57 -48.73 -84.83
C VAL G 461 15.16 -49.46 -83.64
N ASP G 462 16.48 -49.66 -83.67
CA ASP G 462 17.16 -50.46 -82.67
C ASP G 462 18.48 -49.76 -82.35
N THR G 463 19.34 -50.40 -81.59
CA THR G 463 20.63 -49.81 -81.27
C THR G 463 21.65 -49.97 -82.40
N TRP G 464 21.31 -50.66 -83.48
CA TRP G 464 22.23 -50.85 -84.59
C TRP G 464 21.88 -50.05 -85.84
N THR G 465 20.70 -49.42 -85.90
CA THR G 465 20.23 -48.88 -87.17
C THR G 465 20.98 -47.62 -87.57
N ASP G 466 21.66 -47.71 -88.72
CA ASP G 466 22.55 -46.68 -89.27
C ASP G 466 23.62 -46.30 -88.25
N ILE G 467 24.47 -47.27 -87.93
CA ILE G 467 25.59 -47.05 -87.03
C ILE G 467 26.55 -46.03 -87.60
N GLY G 468 26.89 -45.03 -86.79
CA GLY G 468 27.83 -44.00 -87.19
C GLY G 468 27.28 -42.94 -88.13
N ALA G 469 25.98 -42.94 -88.39
CA ALA G 469 25.39 -42.05 -89.38
C ALA G 469 24.49 -41.05 -88.67
N ARG G 470 24.80 -39.77 -88.81
CA ARG G 470 23.87 -38.72 -88.43
C ARG G 470 22.76 -38.72 -89.47
N TRP G 471 21.65 -39.39 -89.16
CA TRP G 471 20.65 -39.69 -90.18
C TRP G 471 19.33 -39.98 -89.49
N SER G 472 18.34 -39.10 -89.69
CA SER G 472 17.01 -39.43 -89.20
C SER G 472 16.34 -40.41 -90.15
N LEU G 473 15.33 -41.10 -89.63
CA LEU G 473 14.63 -42.14 -90.39
C LEU G 473 13.93 -41.55 -91.59
N ASP G 474 13.86 -42.33 -92.67
CA ASP G 474 13.22 -41.87 -93.90
C ASP G 474 11.72 -41.75 -93.74
N VAL G 475 11.14 -42.50 -92.80
CA VAL G 475 9.71 -42.44 -92.57
C VAL G 475 9.34 -41.47 -91.44
N MET G 476 10.32 -41.04 -90.64
CA MET G 476 10.09 -40.05 -89.59
C MET G 476 10.33 -38.63 -90.07
N ASP G 477 10.40 -38.41 -91.38
CA ASP G 477 10.57 -37.07 -91.92
C ASP G 477 9.25 -36.44 -92.36
N THR G 478 8.18 -37.23 -92.42
CA THR G 478 6.84 -36.69 -92.60
C THR G 478 6.06 -36.59 -91.30
N VAL G 479 6.59 -37.15 -90.22
CA VAL G 479 5.96 -37.07 -88.91
C VAL G 479 6.30 -35.72 -88.29
N ASN G 480 5.31 -35.06 -87.72
CA ASN G 480 5.46 -33.77 -87.05
C ASN G 480 6.37 -33.91 -85.84
N PRO G 481 7.54 -33.29 -85.81
CA PRO G 481 8.48 -33.49 -84.70
C PRO G 481 8.12 -32.72 -83.44
N PHE G 482 7.15 -31.82 -83.53
CA PHE G 482 6.74 -30.98 -82.43
C PHE G 482 5.66 -31.64 -81.60
N ASN G 483 5.21 -32.83 -82.02
CA ASN G 483 4.32 -33.66 -81.23
C ASN G 483 5.17 -34.67 -80.48
N HIS G 484 5.87 -34.17 -79.47
CA HIS G 484 6.89 -34.93 -78.77
C HIS G 484 6.77 -34.59 -77.29
N HIS G 485 7.35 -35.42 -76.43
CA HIS G 485 7.29 -35.09 -75.01
C HIS G 485 8.55 -34.41 -74.50
N ARG G 486 9.56 -34.27 -75.33
CA ARG G 486 10.70 -33.39 -75.08
C ARG G 486 10.40 -31.99 -75.63
N ASN G 487 9.17 -31.76 -76.09
CA ASN G 487 8.71 -30.44 -76.49
C ASN G 487 8.62 -29.59 -75.23
N THR G 488 9.71 -28.88 -74.93
CA THR G 488 9.89 -28.22 -73.65
C THR G 488 8.92 -27.07 -73.46
N GLY G 489 8.47 -26.45 -74.55
CA GLY G 489 7.46 -25.40 -74.41
C GLY G 489 6.10 -25.95 -74.04
N LEU G 490 5.64 -26.99 -74.76
CA LEU G 490 4.36 -27.61 -74.45
C LEU G 490 4.38 -28.27 -73.07
N LYS G 491 5.52 -28.83 -72.68
CA LYS G 491 5.67 -29.32 -71.32
C LYS G 491 5.63 -28.19 -70.31
N TYR G 492 6.12 -27.00 -70.68
CA TYR G 492 6.02 -25.85 -69.81
C TYR G 492 4.62 -25.25 -69.84
N ARG G 493 3.96 -25.27 -70.99
CA ARG G 493 2.62 -24.71 -71.06
C ARG G 493 1.58 -25.61 -70.42
N SER G 494 1.88 -26.89 -70.24
CA SER G 494 0.95 -27.81 -69.61
C SER G 494 1.11 -27.88 -68.10
N GLN G 495 2.34 -27.75 -67.62
CA GLN G 495 2.62 -27.78 -66.19
C GLN G 495 2.48 -26.42 -65.54
N LEU G 496 2.24 -25.37 -66.32
CA LEU G 496 1.99 -24.06 -65.76
C LEU G 496 0.56 -23.93 -65.26
N LEU G 497 -0.33 -24.81 -65.71
CA LEU G 497 -1.69 -24.88 -65.21
C LEU G 497 -1.87 -25.95 -64.13
N GLY G 498 -0.90 -26.85 -63.97
CA GLY G 498 -0.97 -27.88 -62.96
C GLY G 498 -0.99 -29.27 -63.57
N ASN G 499 -1.09 -30.26 -62.68
CA ASN G 499 -1.05 -31.66 -63.07
C ASN G 499 -2.42 -32.33 -63.10
N GLY G 500 -3.44 -31.69 -62.56
CA GLY G 500 -4.74 -32.32 -62.48
C GLY G 500 -5.48 -32.35 -63.78
N ARG G 501 -6.65 -32.98 -63.74
CA ARG G 501 -7.56 -33.04 -64.88
C ARG G 501 -8.54 -31.88 -64.87
N TYR G 502 -9.03 -31.50 -63.70
CA TYR G 502 -9.95 -30.38 -63.54
C TYR G 502 -9.18 -29.21 -62.94
N CYS G 503 -8.88 -28.22 -63.76
CA CYS G 503 -8.06 -27.09 -63.32
C CYS G 503 -8.77 -25.78 -63.60
N ASP G 504 -8.49 -24.80 -62.76
CA ASP G 504 -8.92 -23.42 -62.97
C ASP G 504 -7.76 -22.61 -63.50
N PHE G 505 -8.03 -21.74 -64.46
CA PHE G 505 -7.00 -20.95 -65.09
C PHE G 505 -7.30 -19.46 -64.93
N HIS G 506 -6.26 -18.66 -64.98
CA HIS G 506 -6.36 -17.21 -64.94
C HIS G 506 -5.30 -16.68 -65.89
N ILE G 507 -5.67 -16.47 -67.14
CA ILE G 507 -4.72 -16.20 -68.21
C ILE G 507 -4.83 -14.72 -68.59
N GLN G 508 -3.89 -14.29 -69.44
CA GLN G 508 -3.88 -12.95 -70.00
C GLN G 508 -3.61 -13.05 -71.49
N VAL G 509 -4.56 -12.61 -72.32
CA VAL G 509 -4.39 -12.75 -73.76
C VAL G 509 -4.13 -11.38 -74.37
N PRO G 510 -3.24 -11.28 -75.35
CA PRO G 510 -2.96 -9.98 -75.95
C PRO G 510 -3.93 -9.58 -77.04
N GLN G 511 -3.62 -8.53 -77.76
CA GLN G 511 -4.31 -8.19 -79.00
C GLN G 511 -3.31 -8.23 -80.15
N LYS G 512 -3.63 -9.00 -81.19
CA LYS G 512 -2.67 -9.28 -82.24
C LYS G 512 -3.00 -8.64 -83.58
N PHE G 513 -4.17 -8.00 -83.72
CA PHE G 513 -4.50 -7.32 -84.96
C PHE G 513 -3.70 -6.04 -85.05
N PHE G 514 -3.07 -5.81 -86.20
CA PHE G 514 -1.97 -4.84 -86.30
C PHE G 514 -2.42 -3.40 -86.19
N ALA G 515 -3.68 -3.09 -86.53
CA ALA G 515 -4.13 -1.71 -86.45
C ALA G 515 -4.36 -1.25 -85.02
N ILE G 516 -4.96 -2.12 -84.20
CA ILE G 516 -5.22 -1.80 -82.80
C ILE G 516 -4.26 -2.54 -81.88
N LYS G 517 -3.11 -2.97 -82.38
CA LYS G 517 -2.13 -3.65 -81.54
C LYS G 517 -1.51 -2.69 -80.54
N ASN G 518 -0.90 -1.60 -81.03
CA ASN G 518 -0.42 -0.52 -80.17
C ASN G 518 -0.89 0.81 -80.77
N LEU G 519 -2.13 1.18 -80.44
CA LEU G 519 -2.76 2.40 -80.92
C LEU G 519 -2.81 3.40 -79.78
N LEU G 520 -2.37 4.61 -80.03
CA LEU G 520 -2.52 5.70 -79.07
C LEU G 520 -3.78 6.48 -79.43
N LEU G 521 -4.79 6.37 -78.59
CA LEU G 521 -6.05 7.06 -78.86
C LEU G 521 -6.23 8.26 -77.95
N LEU G 522 -6.88 9.27 -78.50
CA LEU G 522 -7.19 10.50 -77.83
C LEU G 522 -8.49 10.31 -77.05
N PRO G 523 -8.91 11.28 -76.21
CA PRO G 523 -10.19 11.15 -75.50
C PRO G 523 -11.41 10.86 -76.37
N GLY G 524 -12.35 10.12 -75.80
CA GLY G 524 -13.53 9.67 -76.51
C GLY G 524 -14.11 8.46 -75.82
N THR G 525 -15.25 8.02 -76.34
CA THR G 525 -15.95 6.85 -75.82
C THR G 525 -15.98 5.78 -76.91
N TYR G 526 -15.51 4.58 -76.59
CA TYR G 526 -15.27 3.56 -77.60
C TYR G 526 -15.93 2.26 -77.25
N ASN G 527 -16.36 1.51 -78.27
CA ASN G 527 -16.78 0.14 -78.11
C ASN G 527 -15.65 -0.80 -78.49
N TYR G 528 -15.61 -1.95 -77.84
CA TYR G 528 -14.56 -2.93 -78.10
C TYR G 528 -15.17 -4.32 -77.90
N GLU G 529 -15.69 -4.87 -78.99
CA GLU G 529 -16.44 -6.12 -78.99
C GLU G 529 -15.58 -7.21 -79.61
N TRP G 530 -15.58 -8.39 -78.99
CA TRP G 530 -14.67 -9.43 -79.43
C TRP G 530 -15.20 -10.79 -79.00
N TYR G 531 -14.92 -11.82 -79.83
CA TYR G 531 -15.39 -13.18 -79.59
C TYR G 531 -14.24 -14.10 -79.20
N PHE G 532 -14.53 -15.04 -78.30
CA PHE G 532 -13.56 -16.01 -77.79
C PHE G 532 -13.96 -17.41 -78.22
N ARG G 533 -12.98 -18.28 -78.41
CA ARG G 533 -13.26 -19.65 -78.86
C ARG G 533 -13.54 -20.57 -77.69
N LYS G 534 -14.39 -21.58 -77.94
CA LYS G 534 -14.61 -22.68 -77.02
C LYS G 534 -14.26 -24.03 -77.63
N ASP G 535 -13.60 -24.05 -78.78
CA ASP G 535 -13.23 -25.29 -79.44
C ASP G 535 -12.04 -25.92 -78.73
N PRO G 536 -12.18 -27.10 -78.14
CA PRO G 536 -11.04 -27.68 -77.39
C PRO G 536 -9.90 -28.15 -78.27
N ASN G 537 -10.12 -28.38 -79.56
CA ASN G 537 -9.01 -28.72 -80.44
C ASN G 537 -8.14 -27.50 -80.72
N MET G 538 -8.76 -26.33 -80.81
CA MET G 538 -8.04 -25.11 -81.18
C MET G 538 -7.46 -24.39 -79.97
N VAL G 539 -8.23 -24.31 -78.89
CA VAL G 539 -7.76 -23.62 -77.69
C VAL G 539 -6.64 -24.40 -77.02
N LEU G 540 -6.77 -25.71 -76.93
CA LEU G 540 -5.85 -26.56 -76.20
C LEU G 540 -4.95 -27.32 -77.17
N GLN G 541 -3.77 -27.70 -76.70
CA GLN G 541 -2.80 -28.43 -77.50
C GLN G 541 -2.36 -29.69 -76.76
N SER G 542 -2.50 -30.83 -77.41
CA SER G 542 -2.08 -32.10 -76.83
C SER G 542 -0.77 -32.55 -77.44
N THR G 543 -0.10 -33.46 -76.73
CA THR G 543 1.18 -33.97 -77.20
C THR G 543 1.01 -34.93 -78.36
N LEU G 544 0.11 -35.89 -78.24
CA LEU G 544 -0.06 -36.89 -79.29
C LEU G 544 -0.81 -36.33 -80.48
N GLY G 545 -1.69 -35.36 -80.26
CA GLY G 545 -2.49 -34.83 -81.34
C GLY G 545 -3.80 -35.55 -81.56
N ASN G 546 -4.36 -36.14 -80.51
CA ASN G 546 -5.65 -36.80 -80.60
C ASN G 546 -6.78 -35.77 -80.64
N ASP G 547 -7.96 -36.24 -81.03
CA ASP G 547 -9.15 -35.39 -81.03
C ASP G 547 -9.65 -35.20 -79.61
N LEU G 548 -9.67 -33.96 -79.15
CA LEU G 548 -10.11 -33.66 -77.78
C LEU G 548 -11.62 -33.59 -77.64
N ARG G 549 -12.35 -33.51 -78.74
CA ARG G 549 -13.81 -33.57 -78.66
C ARG G 549 -14.26 -34.99 -78.36
N ALA G 550 -13.66 -35.97 -79.02
CA ALA G 550 -13.98 -37.37 -78.75
C ALA G 550 -13.49 -37.81 -77.38
N ASP G 551 -12.46 -37.16 -76.85
CA ASP G 551 -12.00 -37.50 -75.50
C ASP G 551 -12.98 -36.97 -74.46
N GLY G 552 -13.35 -35.70 -74.57
CA GLY G 552 -14.26 -35.11 -73.62
C GLY G 552 -13.70 -33.86 -72.97
N ALA G 553 -12.77 -33.22 -73.65
CA ALA G 553 -12.17 -31.99 -73.14
C ALA G 553 -13.14 -30.83 -73.33
N SER G 554 -13.41 -30.12 -72.24
CA SER G 554 -14.34 -29.00 -72.25
C SER G 554 -13.63 -27.75 -71.75
N ILE G 555 -14.26 -26.60 -71.99
CA ILE G 555 -13.77 -25.33 -71.47
C ILE G 555 -14.97 -24.45 -71.17
N THR G 556 -14.87 -23.68 -70.08
CA THR G 556 -15.98 -22.85 -69.62
C THR G 556 -15.44 -21.50 -69.19
N TYR G 557 -15.99 -20.44 -69.75
CA TYR G 557 -15.61 -19.07 -69.39
C TYR G 557 -16.60 -18.54 -68.37
N THR G 558 -16.09 -18.01 -67.26
CA THR G 558 -16.93 -17.52 -66.19
C THR G 558 -16.85 -16.01 -66.00
N GLN G 559 -15.68 -15.41 -66.23
CA GLN G 559 -15.47 -14.03 -65.81
C GLN G 559 -14.30 -13.49 -66.62
N ILE G 560 -14.56 -12.50 -67.47
CA ILE G 560 -13.57 -11.96 -68.40
C ILE G 560 -13.66 -10.44 -68.37
N ASN G 561 -12.56 -9.78 -68.03
CA ASN G 561 -12.49 -8.32 -68.06
C ASN G 561 -11.44 -7.87 -69.07
N LEU G 562 -11.35 -6.56 -69.21
CA LEU G 562 -10.34 -5.90 -70.05
C LEU G 562 -9.57 -4.92 -69.20
N TYR G 563 -8.26 -4.86 -69.40
CA TYR G 563 -7.45 -3.91 -68.67
C TYR G 563 -6.87 -2.90 -69.64
N VAL G 564 -6.67 -1.67 -69.17
CA VAL G 564 -5.90 -0.67 -69.87
C VAL G 564 -4.94 -0.04 -68.88
N SER G 565 -4.20 0.97 -69.33
CA SER G 565 -3.29 1.67 -68.45
C SER G 565 -3.19 3.11 -68.89
N PHE G 566 -3.63 4.02 -68.02
CA PHE G 566 -3.62 5.44 -68.30
C PHE G 566 -2.29 6.01 -67.84
N PHE G 567 -1.56 6.63 -68.75
CA PHE G 567 -0.35 7.33 -68.34
C PHE G 567 -0.74 8.62 -67.64
N PRO G 568 -0.32 8.85 -66.40
CA PRO G 568 -0.76 10.03 -65.66
C PRO G 568 -0.08 11.31 -66.15
N MET G 569 -0.48 11.79 -67.32
CA MET G 569 0.15 12.94 -67.93
C MET G 569 -0.42 14.22 -67.33
N ASN G 570 0.42 15.26 -67.26
CA ASN G 570 -0.02 16.59 -66.84
C ASN G 570 -1.07 17.09 -67.82
N TYR G 571 -2.07 17.81 -67.28
CA TYR G 571 -3.23 18.16 -68.08
C TYR G 571 -2.96 19.28 -69.07
N ASP G 572 -1.81 19.93 -68.99
CA ASP G 572 -1.41 20.92 -69.98
C ASP G 572 -0.43 20.37 -71.00
N THR G 573 0.41 19.41 -70.59
CA THR G 573 1.19 18.64 -71.55
C THR G 573 0.28 17.78 -72.41
N GLN G 574 -0.83 17.32 -71.84
CA GLN G 574 -1.82 16.54 -72.58
C GLN G 574 -2.45 17.39 -73.68
N SER G 575 -2.90 18.60 -73.33
CA SER G 575 -3.63 19.44 -74.28
C SER G 575 -2.75 19.93 -75.42
N GLU G 576 -1.43 19.95 -75.24
CA GLU G 576 -0.55 20.20 -76.37
C GLU G 576 -0.41 18.95 -77.23
N LEU G 577 -0.28 17.78 -76.60
CA LEU G 577 -0.14 16.53 -77.35
C LEU G 577 -1.47 16.11 -77.95
N GLU G 578 -2.60 16.49 -77.34
CA GLU G 578 -3.87 16.19 -77.95
C GLU G 578 -4.11 17.06 -79.17
N LEU G 579 -3.62 18.29 -79.16
CA LEU G 579 -3.82 19.20 -80.28
C LEU G 579 -3.01 18.79 -81.50
N MET G 580 -1.84 18.18 -81.28
CA MET G 580 -0.99 17.78 -82.39
C MET G 580 -1.51 16.56 -83.11
N LEU G 581 -2.13 15.62 -82.40
CA LEU G 581 -2.57 14.36 -82.98
C LEU G 581 -3.98 14.42 -83.54
N ARG G 582 -4.73 15.50 -83.30
CA ARG G 582 -5.97 15.71 -84.02
C ARG G 582 -5.73 16.20 -85.44
N ASN G 583 -4.52 16.66 -85.73
CA ASN G 583 -4.19 17.23 -87.03
C ASN G 583 -4.16 16.13 -88.09
N ALA G 584 -4.53 16.51 -89.31
CA ALA G 584 -4.68 15.52 -90.37
C ALA G 584 -3.34 15.01 -90.89
N THR G 585 -2.26 15.76 -90.69
CA THR G 585 -0.94 15.32 -91.13
C THR G 585 -0.25 14.45 -90.11
N ASN G 586 -0.77 14.35 -88.89
CA ASN G 586 -0.16 13.56 -87.83
C ASN G 586 -0.96 12.31 -87.52
N ASP G 587 -1.66 11.77 -88.51
CA ASP G 587 -2.41 10.54 -88.31
C ASP G 587 -1.45 9.37 -88.21
N GLN G 588 -1.50 8.63 -87.11
CA GLN G 588 -0.57 7.53 -86.94
C GLN G 588 -0.95 6.37 -87.85
N ASN G 589 0.05 5.75 -88.43
CA ASN G 589 -0.13 4.68 -89.40
C ASN G 589 0.61 3.43 -88.95
N PHE G 590 0.18 2.28 -89.45
CA PHE G 590 0.74 1.01 -89.03
C PHE G 590 0.88 0.10 -90.23
N SER G 591 1.51 -1.06 -90.01
CA SER G 591 1.69 -2.03 -91.07
C SER G 591 1.80 -3.41 -90.46
N ASP G 592 1.16 -4.38 -91.11
CA ASP G 592 1.28 -5.78 -90.69
C ASP G 592 2.70 -6.25 -90.93
N TYR G 593 3.26 -6.95 -89.92
CA TYR G 593 4.66 -7.34 -90.00
C TYR G 593 4.89 -8.42 -91.05
N LEU G 594 3.93 -9.32 -91.24
CA LEU G 594 4.09 -10.38 -92.21
C LEU G 594 4.05 -9.82 -93.63
N GLY G 595 3.07 -8.97 -93.91
CA GLY G 595 2.93 -8.36 -95.21
C GLY G 595 2.64 -9.35 -96.32
N ALA G 596 1.83 -10.36 -96.03
CA ALA G 596 1.61 -11.45 -96.96
C ALA G 596 0.12 -11.74 -97.08
N VAL G 597 -0.22 -12.49 -98.12
CA VAL G 597 -1.58 -12.93 -98.40
C VAL G 597 -1.60 -14.45 -98.42
N ASN G 598 -2.43 -15.04 -97.57
CA ASN G 598 -2.42 -16.48 -97.29
C ASN G 598 -3.33 -17.21 -98.26
N ASN G 599 -2.74 -17.76 -99.32
CA ASN G 599 -3.46 -18.57 -100.28
C ASN G 599 -3.10 -20.03 -100.10
N LEU G 600 -4.10 -20.91 -100.11
CA LEU G 600 -3.91 -22.33 -99.93
C LEU G 600 -4.44 -23.07 -101.15
N TYR G 601 -3.71 -24.08 -101.59
CA TYR G 601 -4.04 -24.83 -102.79
C TYR G 601 -3.94 -26.32 -102.51
N GLN G 602 -4.98 -27.06 -102.89
CA GLN G 602 -5.03 -28.48 -102.54
C GLN G 602 -4.07 -29.28 -103.41
N ILE G 603 -3.30 -30.15 -102.77
CA ILE G 603 -2.46 -31.12 -103.45
C ILE G 603 -2.94 -32.51 -103.02
N PRO G 604 -3.57 -33.29 -103.90
CA PRO G 604 -4.16 -34.55 -103.48
C PRO G 604 -3.14 -35.64 -103.17
N ALA G 605 -3.63 -36.81 -102.75
CA ALA G 605 -2.75 -37.88 -102.30
C ALA G 605 -2.04 -38.51 -103.47
N GLY G 606 -0.72 -38.67 -103.35
CA GLY G 606 0.06 -39.28 -104.40
C GLY G 606 0.32 -38.43 -105.62
N SER G 607 -0.07 -37.16 -105.59
CA SER G 607 0.14 -36.26 -106.71
C SER G 607 1.39 -35.44 -106.49
N SER G 608 2.05 -35.08 -107.58
CA SER G 608 3.34 -34.43 -107.53
C SER G 608 3.36 -33.02 -108.08
N THR G 609 2.28 -32.56 -108.70
CA THR G 609 2.26 -31.23 -109.31
C THR G 609 1.10 -30.42 -108.76
N VAL G 610 1.28 -29.09 -108.77
CA VAL G 610 0.22 -28.15 -108.43
C VAL G 610 0.45 -26.87 -109.24
N VAL G 611 -0.64 -26.32 -109.77
CA VAL G 611 -0.58 -25.16 -110.64
C VAL G 611 -1.48 -24.08 -110.05
N VAL G 612 -0.93 -22.90 -109.81
CA VAL G 612 -1.73 -21.77 -109.36
C VAL G 612 -1.84 -20.79 -110.51
N ASN G 613 -2.97 -20.08 -110.57
CA ASN G 613 -3.29 -19.25 -111.71
C ASN G 613 -3.99 -18.00 -111.17
N ILE G 614 -3.29 -16.88 -111.16
CA ILE G 614 -3.86 -15.59 -110.80
C ILE G 614 -4.21 -14.86 -112.09
N PRO G 615 -5.44 -14.37 -112.25
CA PRO G 615 -5.84 -13.72 -113.51
C PRO G 615 -5.24 -12.32 -113.63
N ASP G 616 -5.65 -11.64 -114.70
CA ASP G 616 -5.14 -10.33 -115.11
C ASP G 616 -5.29 -9.26 -114.03
N ARG G 617 -4.18 -8.78 -113.48
CA ARG G 617 -4.24 -7.73 -112.47
C ARG G 617 -2.94 -6.96 -112.45
N SER G 618 -2.95 -5.86 -111.70
CA SER G 618 -1.81 -4.97 -111.59
C SER G 618 -0.89 -5.42 -110.47
N TRP G 619 0.41 -5.49 -110.76
CA TRP G 619 1.40 -6.02 -109.84
C TRP G 619 2.33 -4.92 -109.33
N GLY G 620 1.78 -3.74 -109.05
CA GLY G 620 2.59 -2.63 -108.57
C GLY G 620 2.97 -2.83 -107.13
N ALA G 621 4.27 -2.70 -106.85
CA ALA G 621 4.88 -2.88 -105.52
C ALA G 621 4.62 -4.26 -104.94
N PHE G 622 4.88 -5.29 -105.74
CA PHE G 622 4.90 -6.66 -105.25
C PHE G 622 6.21 -6.91 -104.52
N ARG G 623 6.15 -7.71 -103.46
CA ARG G 623 7.30 -7.88 -102.57
C ARG G 623 8.01 -9.21 -102.72
N GLY G 624 7.30 -10.30 -102.94
CA GLY G 624 7.96 -11.58 -103.17
C GLY G 624 7.07 -12.75 -102.79
N TRP G 625 7.53 -13.94 -103.13
CA TRP G 625 6.80 -15.17 -102.86
C TRP G 625 7.32 -15.85 -101.61
N SER G 626 6.56 -16.83 -101.13
CA SER G 626 6.91 -17.65 -99.98
C SER G 626 5.99 -18.87 -99.94
N PHE G 627 6.56 -20.05 -99.69
CA PHE G 627 5.75 -21.26 -99.84
C PHE G 627 6.29 -22.40 -98.98
N THR G 628 5.38 -23.25 -98.50
CA THR G 628 5.65 -24.45 -97.69
C THR G 628 4.40 -25.31 -97.68
N ARG G 629 4.57 -26.62 -97.84
CA ARG G 629 3.47 -27.57 -97.73
C ARG G 629 2.90 -27.62 -96.31
N LEU G 630 1.62 -27.97 -96.22
CA LEU G 630 0.91 -28.19 -94.97
C LEU G 630 -0.05 -29.35 -95.18
N LYS G 631 -0.23 -30.18 -94.14
CA LYS G 631 -1.17 -31.27 -94.27
C LYS G 631 -2.61 -30.74 -94.17
N VAL G 632 -3.54 -31.55 -94.68
CA VAL G 632 -4.96 -31.19 -94.62
C VAL G 632 -5.51 -31.40 -93.22
N SER G 633 -5.13 -32.51 -92.57
CA SER G 633 -5.60 -32.78 -91.23
C SER G 633 -5.01 -31.83 -90.20
N GLU G 634 -3.83 -31.29 -90.46
CA GLU G 634 -3.16 -30.40 -89.53
C GLU G 634 -3.42 -28.94 -89.84
N THR G 635 -4.51 -28.62 -90.53
CA THR G 635 -4.82 -27.23 -90.85
C THR G 635 -6.32 -27.01 -90.85
N PRO G 636 -6.82 -26.08 -90.03
CA PRO G 636 -8.26 -25.88 -89.92
C PRO G 636 -8.78 -24.94 -91.00
N ARG G 637 -10.09 -24.72 -90.98
CA ARG G 637 -10.73 -23.72 -91.81
C ARG G 637 -11.08 -22.53 -90.95
N ILE G 638 -10.09 -21.65 -90.74
CA ILE G 638 -10.35 -20.39 -90.08
C ILE G 638 -11.16 -19.50 -91.00
N GLY G 639 -12.29 -19.01 -90.50
CA GLY G 639 -13.28 -18.39 -91.34
C GLY G 639 -14.60 -19.08 -91.07
N ALA G 640 -14.65 -19.77 -89.94
CA ALA G 640 -15.85 -20.47 -89.49
C ALA G 640 -15.87 -20.45 -87.98
N THR G 641 -17.07 -20.52 -87.41
CA THR G 641 -17.20 -20.53 -85.95
C THR G 641 -16.79 -21.88 -85.38
N GLN G 642 -16.84 -22.92 -86.20
CA GLN G 642 -16.79 -24.30 -85.75
C GLN G 642 -16.41 -25.15 -86.95
N ASP G 643 -15.24 -25.79 -86.88
CA ASP G 643 -14.77 -26.58 -88.01
C ASP G 643 -15.09 -28.03 -87.74
N PRO G 644 -15.96 -28.66 -88.53
CA PRO G 644 -16.38 -30.03 -88.21
C PRO G 644 -15.38 -31.08 -88.67
N ASN G 645 -14.62 -30.78 -89.72
CA ASN G 645 -13.63 -31.71 -90.23
C ASN G 645 -12.34 -31.71 -89.42
N PHE G 646 -12.15 -30.73 -88.54
CA PHE G 646 -10.89 -30.53 -87.83
C PHE G 646 -10.86 -31.47 -86.63
N GLN G 647 -10.18 -32.61 -86.79
CA GLN G 647 -10.15 -33.67 -85.80
C GLN G 647 -8.74 -33.85 -85.27
N TYR G 648 -8.04 -32.76 -84.99
CA TYR G 648 -6.62 -32.77 -84.68
C TYR G 648 -6.32 -31.72 -83.63
N SER G 649 -5.34 -31.99 -82.78
CA SER G 649 -5.04 -31.03 -81.72
C SER G 649 -3.56 -30.85 -81.44
N GLY G 650 -2.70 -31.17 -82.38
CA GLY G 650 -1.27 -30.97 -82.20
C GLY G 650 -0.86 -29.54 -82.51
N SER G 651 0.39 -29.37 -82.89
CA SER G 651 0.86 -28.06 -83.33
C SER G 651 0.36 -27.81 -84.73
N ILE G 652 -0.22 -26.64 -84.96
CA ILE G 652 -0.78 -26.28 -86.26
C ILE G 652 0.20 -25.33 -86.95
N PRO G 653 1.00 -25.80 -87.92
CA PRO G 653 2.03 -24.93 -88.50
C PRO G 653 1.51 -23.78 -89.33
N TYR G 654 0.21 -23.74 -89.62
CA TYR G 654 -0.36 -22.60 -90.30
C TYR G 654 -0.44 -21.36 -89.42
N LEU G 655 -0.37 -21.50 -88.10
CA LEU G 655 -0.61 -20.36 -87.24
C LEU G 655 0.60 -19.92 -86.45
N ASP G 656 1.46 -20.82 -85.98
CA ASP G 656 2.67 -20.42 -85.27
C ASP G 656 3.93 -20.65 -86.08
N GLY G 657 3.82 -21.10 -87.32
CA GLY G 657 4.98 -21.19 -88.18
C GLY G 657 5.94 -22.30 -87.82
N THR G 658 5.45 -23.38 -87.23
CA THR G 658 6.28 -24.51 -86.82
C THR G 658 6.41 -25.55 -87.93
N PHE G 659 6.80 -25.09 -89.11
CA PHE G 659 6.77 -25.88 -90.33
C PHE G 659 7.82 -26.99 -90.32
N TYR G 660 7.51 -28.07 -91.02
CA TYR G 660 8.45 -29.18 -91.12
C TYR G 660 8.48 -29.86 -92.48
N LEU G 661 7.72 -29.37 -93.46
CA LEU G 661 7.65 -30.01 -94.77
C LEU G 661 8.27 -29.14 -95.86
N SER G 662 9.20 -28.27 -95.49
CA SER G 662 9.85 -27.42 -96.48
C SER G 662 10.83 -28.18 -97.34
N HIS G 663 11.26 -29.37 -96.92
CA HIS G 663 12.27 -30.11 -97.66
C HIS G 663 11.70 -30.90 -98.83
N THR G 664 10.38 -30.95 -98.99
CA THR G 664 9.76 -31.71 -100.07
C THR G 664 9.30 -30.76 -101.16
N PHE G 665 10.26 -30.27 -101.94
CA PHE G 665 9.99 -29.43 -103.10
C PHE G 665 11.11 -29.67 -104.10
N GLN G 666 10.75 -29.86 -105.37
CA GLN G 666 11.77 -29.98 -106.41
C GLN G 666 11.87 -28.75 -107.31
N ARG G 667 10.76 -28.11 -107.65
CA ARG G 667 10.72 -27.22 -108.79
C ARG G 667 9.81 -26.04 -108.51
N CYS G 668 10.12 -24.91 -109.15
CA CYS G 668 9.30 -23.70 -109.10
C CYS G 668 9.51 -22.95 -110.39
N SER G 669 8.46 -22.78 -111.20
CA SER G 669 8.57 -22.11 -112.48
C SER G 669 7.53 -20.99 -112.56
N ILE G 670 8.01 -19.76 -112.69
CA ILE G 670 7.15 -18.58 -112.69
C ILE G 670 7.19 -17.95 -114.08
N GLN G 671 6.02 -17.73 -114.67
CA GLN G 671 5.91 -17.16 -116.00
C GLN G 671 4.84 -16.08 -115.99
N TRP G 672 5.05 -15.00 -116.76
CA TRP G 672 4.20 -13.83 -116.60
C TRP G 672 2.89 -13.95 -117.36
N ASP G 673 2.92 -13.96 -118.68
CA ASP G 673 1.69 -14.20 -119.42
C ASP G 673 1.97 -15.38 -120.33
N SER G 674 2.03 -16.57 -119.72
CA SER G 674 2.17 -17.89 -120.36
C SER G 674 3.42 -18.08 -121.23
N SER G 675 4.23 -17.04 -121.41
CA SER G 675 5.42 -17.13 -122.24
C SER G 675 6.63 -16.51 -121.58
N VAL G 676 6.41 -15.38 -120.90
CA VAL G 676 7.50 -14.54 -120.41
C VAL G 676 8.00 -15.07 -119.08
N PRO G 677 9.22 -15.60 -119.00
CA PRO G 677 9.66 -16.24 -117.76
C PRO G 677 10.13 -15.22 -116.74
N TRP G 678 10.08 -15.64 -115.48
CA TRP G 678 10.71 -14.87 -114.42
C TRP G 678 11.68 -15.78 -113.68
N PRO G 679 12.90 -15.32 -113.37
CA PRO G 679 13.55 -14.02 -113.57
C PRO G 679 13.92 -13.77 -115.02
N GLY G 680 13.86 -14.81 -115.84
CA GLY G 680 14.18 -14.70 -117.25
C GLY G 680 15.65 -14.37 -117.43
N ASN G 681 15.95 -13.78 -118.58
CA ASN G 681 17.22 -13.17 -118.94
C ASN G 681 18.41 -14.13 -118.87
N ASP G 682 18.15 -15.44 -118.81
CA ASP G 682 19.16 -16.50 -118.65
C ASP G 682 20.05 -16.24 -117.43
N ARG G 683 19.41 -16.02 -116.28
CA ARG G 683 20.12 -15.71 -115.04
C ARG G 683 20.60 -16.96 -114.32
N MET G 684 19.66 -17.87 -114.02
CA MET G 684 19.88 -18.98 -113.11
C MET G 684 20.85 -20.02 -113.70
N LEU G 685 21.21 -20.99 -112.87
CA LEU G 685 21.99 -22.13 -113.37
C LEU G 685 21.18 -22.94 -114.35
N THR G 686 19.90 -23.11 -114.08
CA THR G 686 18.93 -23.62 -115.05
C THR G 686 17.89 -22.53 -115.25
N PRO G 687 17.88 -21.84 -116.39
CA PRO G 687 17.24 -20.53 -116.48
C PRO G 687 15.73 -20.55 -116.65
N ASN G 688 15.06 -21.71 -116.58
CA ASN G 688 13.63 -21.75 -116.79
C ASN G 688 12.82 -22.06 -115.54
N TRP G 689 13.44 -22.55 -114.48
CA TRP G 689 12.73 -22.84 -113.24
C TRP G 689 13.70 -22.66 -112.07
N PHE G 690 13.30 -23.16 -110.90
CA PHE G 690 14.12 -23.11 -109.70
C PHE G 690 14.31 -24.53 -109.19
N GLU G 691 15.51 -25.08 -109.34
CA GLU G 691 15.82 -26.40 -108.81
C GLU G 691 15.96 -26.32 -107.30
N ILE G 692 14.91 -26.73 -106.58
CA ILE G 692 14.96 -26.67 -105.13
C ILE G 692 15.76 -27.83 -104.55
N LYS G 693 15.53 -29.04 -105.05
CA LYS G 693 16.40 -30.15 -104.69
C LYS G 693 16.49 -31.11 -105.86
N ARG G 694 17.58 -31.87 -105.91
CA ARG G 694 17.79 -32.93 -106.87
C ARG G 694 18.47 -34.09 -106.17
N PRO G 695 18.06 -35.32 -106.46
CA PRO G 695 18.77 -36.48 -105.91
C PRO G 695 20.15 -36.62 -106.52
N ILE G 696 21.06 -37.23 -105.76
CA ILE G 696 22.46 -37.22 -106.17
C ILE G 696 22.77 -38.25 -107.27
N ASN G 697 21.94 -39.28 -107.42
CA ASN G 697 22.16 -40.21 -108.52
C ASN G 697 21.77 -39.58 -109.86
N GLN G 698 20.78 -38.70 -109.86
CA GLN G 698 20.42 -37.95 -111.05
C GLN G 698 21.29 -36.72 -111.26
N ASP G 699 22.27 -36.48 -110.39
CA ASP G 699 23.03 -35.24 -110.41
C ASP G 699 24.33 -35.41 -111.20
N ALA G 700 24.25 -35.08 -112.48
CA ALA G 700 25.48 -34.77 -113.19
C ALA G 700 25.87 -33.33 -112.90
N GLU G 701 27.11 -32.99 -113.29
CA GLU G 701 27.73 -31.65 -113.29
C GLU G 701 27.65 -30.88 -111.97
N GLY G 702 27.34 -31.56 -110.87
CA GLY G 702 27.49 -31.07 -109.52
C GLY G 702 26.80 -29.78 -109.11
N ASN G 703 25.47 -29.73 -109.21
CA ASN G 703 24.71 -28.60 -108.70
C ASN G 703 24.07 -29.01 -107.37
N ASP G 704 24.90 -29.09 -106.34
CA ASP G 704 24.47 -29.47 -105.00
C ASP G 704 25.29 -28.70 -103.98
N THR G 705 24.63 -27.98 -103.08
CA THR G 705 25.33 -27.30 -102.01
C THR G 705 25.33 -28.13 -100.75
N MET G 706 26.17 -27.72 -99.79
CA MET G 706 26.08 -28.04 -98.37
C MET G 706 26.23 -29.52 -98.06
N GLN G 707 26.69 -30.32 -99.02
CA GLN G 707 26.68 -31.78 -99.00
C GLN G 707 25.26 -32.30 -98.72
N SER G 708 24.34 -31.93 -99.60
CA SER G 708 22.93 -32.31 -99.47
C SER G 708 22.30 -32.28 -100.86
N ASN G 709 20.97 -32.30 -100.90
CA ASN G 709 20.26 -32.20 -102.17
C ASN G 709 20.09 -30.77 -102.65
N LEU G 710 20.28 -29.78 -101.78
CA LEU G 710 19.97 -28.40 -102.10
C LEU G 710 20.94 -27.87 -103.15
N THR G 711 20.40 -27.24 -104.19
CA THR G 711 21.17 -26.95 -105.39
C THR G 711 21.97 -25.66 -105.26
N LYS G 712 22.93 -25.52 -106.18
CA LYS G 712 23.69 -24.28 -106.32
C LYS G 712 22.81 -23.14 -106.79
N ASP G 713 21.74 -23.47 -107.53
CA ASP G 713 20.83 -22.47 -108.06
C ASP G 713 20.05 -21.79 -106.95
N PHE G 714 19.65 -22.54 -105.92
CA PHE G 714 18.61 -22.10 -105.02
C PHE G 714 19.10 -21.86 -103.60
N PHE G 715 20.28 -22.37 -103.23
CA PHE G 715 20.89 -21.95 -101.97
C PHE G 715 21.36 -20.51 -102.04
N MET G 716 21.71 -20.02 -103.22
CA MET G 716 22.11 -18.64 -103.39
C MET G 716 20.92 -17.70 -103.27
N VAL G 717 19.73 -18.15 -103.65
CA VAL G 717 18.55 -17.30 -103.53
C VAL G 717 18.17 -17.13 -102.07
N GLN G 718 18.34 -18.18 -101.26
CA GLN G 718 17.97 -18.12 -99.86
C GLN G 718 18.95 -17.29 -99.04
N MET G 719 20.24 -17.36 -99.36
CA MET G 719 21.23 -16.57 -98.65
C MET G 719 21.25 -15.12 -99.08
N ALA G 720 20.83 -14.83 -100.32
CA ALA G 720 20.75 -13.44 -100.75
C ALA G 720 19.50 -12.76 -100.23
N ALA G 721 18.40 -13.51 -100.09
CA ALA G 721 17.17 -12.91 -99.57
C ALA G 721 17.29 -12.68 -98.07
N SER G 722 17.73 -13.69 -97.33
CA SER G 722 17.68 -13.61 -95.88
C SER G 722 18.83 -12.80 -95.30
N TYR G 723 20.00 -12.86 -95.92
CA TYR G 723 21.20 -12.29 -95.30
C TYR G 723 22.02 -11.38 -96.19
N ASN G 724 21.57 -11.10 -97.42
CA ASN G 724 22.26 -10.24 -98.40
C ASN G 724 23.68 -10.74 -98.68
N GLN G 725 23.80 -12.03 -98.93
CA GLN G 725 25.07 -12.60 -99.32
C GLN G 725 24.97 -13.06 -100.77
N GLY G 726 26.03 -13.70 -101.25
CA GLY G 726 26.16 -13.88 -102.67
C GLY G 726 27.01 -12.75 -103.19
N TYR G 727 27.79 -13.04 -104.24
CA TYR G 727 28.72 -12.16 -104.97
C TYR G 727 29.97 -11.85 -104.13
N GLN G 728 29.97 -12.24 -102.86
CA GLN G 728 31.09 -12.15 -101.95
C GLN G 728 31.10 -13.45 -101.15
N GLY G 729 31.83 -13.50 -100.06
CA GLY G 729 31.99 -14.75 -99.35
C GLY G 729 30.73 -15.16 -98.60
N PHE G 730 30.35 -16.41 -98.78
CA PHE G 730 29.38 -17.02 -97.87
C PHE G 730 30.05 -17.26 -96.54
N ASN G 731 29.51 -16.66 -95.49
CA ASN G 731 30.02 -16.86 -94.16
C ASN G 731 28.84 -17.11 -93.23
N TRP G 732 29.14 -17.48 -92.00
CA TRP G 732 28.10 -17.54 -91.00
C TRP G 732 27.68 -16.11 -90.69
N PRO G 733 26.42 -15.75 -90.89
CA PRO G 733 26.00 -14.36 -90.71
C PRO G 733 25.94 -13.98 -89.25
N ASN G 734 25.83 -12.67 -89.03
CA ASN G 734 25.88 -12.13 -87.67
C ASN G 734 24.58 -12.40 -86.91
N CYS G 735 23.47 -11.90 -87.42
CA CYS G 735 22.22 -11.88 -86.69
C CYS G 735 21.26 -12.86 -87.35
N THR G 736 21.11 -14.03 -86.73
CA THR G 736 20.28 -15.12 -87.25
C THR G 736 19.02 -15.21 -86.40
N LYS G 737 17.87 -15.11 -87.05
CA LYS G 737 16.59 -15.12 -86.37
C LYS G 737 16.13 -16.55 -86.10
N HIS G 738 15.00 -16.68 -85.42
CA HIS G 738 14.49 -18.00 -85.04
C HIS G 738 13.95 -18.74 -86.24
N TYR G 739 13.23 -18.05 -87.11
CA TYR G 739 12.64 -18.67 -88.30
C TYR G 739 13.51 -18.46 -89.53
N GLY G 740 14.82 -18.34 -89.34
CA GLY G 740 15.74 -18.13 -90.44
C GLY G 740 16.09 -19.42 -91.14
N PHE G 741 17.02 -19.31 -92.08
CA PHE G 741 17.38 -20.45 -92.90
C PHE G 741 18.63 -21.17 -92.43
N ILE G 742 19.69 -20.45 -92.10
CA ILE G 742 20.97 -21.12 -91.95
C ILE G 742 21.10 -21.80 -90.58
N ASN G 743 20.38 -21.35 -89.56
CA ASN G 743 20.43 -22.06 -88.28
C ASN G 743 19.46 -23.23 -88.23
N ASN G 744 18.54 -23.34 -89.19
CA ASN G 744 17.59 -24.43 -89.25
C ASN G 744 17.94 -25.48 -90.29
N PHE G 745 18.82 -25.16 -91.23
CA PHE G 745 19.22 -26.10 -92.28
C PHE G 745 20.16 -27.14 -91.69
N GLU G 746 19.82 -28.41 -91.88
CA GLU G 746 20.62 -29.51 -91.34
C GLU G 746 20.85 -30.58 -92.39
N PRO G 747 22.01 -30.59 -93.06
CA PRO G 747 22.30 -31.61 -94.05
C PRO G 747 22.86 -32.87 -93.41
N MET G 748 22.69 -33.99 -94.11
CA MET G 748 23.07 -35.28 -93.53
C MET G 748 23.26 -36.30 -94.65
N SER G 749 23.92 -37.41 -94.30
CA SER G 749 24.29 -38.43 -95.28
C SER G 749 24.44 -39.78 -94.62
N ARG G 750 23.86 -40.82 -95.22
CA ARG G 750 24.09 -42.21 -94.83
C ARG G 750 24.56 -42.97 -96.06
N GLN G 751 24.99 -44.21 -95.86
CA GLN G 751 25.45 -45.07 -96.94
C GLN G 751 24.83 -46.46 -96.76
N VAL G 752 23.98 -46.83 -97.70
CA VAL G 752 23.26 -48.10 -97.67
C VAL G 752 23.99 -49.04 -98.64
N PRO G 753 24.04 -50.35 -98.39
CA PRO G 753 24.66 -51.25 -99.38
C PRO G 753 23.89 -51.40 -100.68
N GLU G 754 24.44 -52.19 -101.60
CA GLU G 754 23.88 -52.28 -102.94
C GLU G 754 22.59 -53.12 -102.95
N TYR G 755 22.53 -54.16 -102.11
CA TYR G 755 21.36 -55.04 -101.96
C TYR G 755 21.00 -55.73 -103.27
N GLY G 756 21.99 -56.36 -103.88
CA GLY G 756 21.79 -57.05 -105.14
C GLY G 756 21.24 -58.45 -104.99
N ALA G 757 21.80 -59.39 -105.75
CA ALA G 757 21.36 -60.77 -105.67
C ALA G 757 21.98 -61.49 -104.50
N ASN G 758 23.26 -61.25 -104.23
CA ASN G 758 23.96 -61.91 -103.13
C ASN G 758 23.68 -61.26 -101.78
N TYR G 759 23.05 -60.10 -101.76
CA TYR G 759 22.78 -59.38 -100.52
C TYR G 759 21.27 -59.34 -100.31
N PRO G 760 20.71 -60.23 -99.47
CA PRO G 760 19.25 -60.47 -99.52
C PRO G 760 18.37 -59.34 -99.00
N ASN G 761 18.90 -58.33 -98.30
CA ASN G 761 18.13 -57.20 -97.75
C ASN G 761 17.04 -57.70 -96.80
N LEU G 762 17.50 -58.22 -95.65
CA LEU G 762 16.64 -58.94 -94.72
C LEU G 762 15.56 -58.05 -94.11
N MET G 763 15.79 -56.74 -94.07
CA MET G 763 14.78 -55.83 -93.57
C MET G 763 13.58 -55.74 -94.51
N ALA G 764 13.83 -55.79 -95.83
CA ALA G 764 12.73 -55.74 -96.79
C ALA G 764 11.86 -56.99 -96.72
N ALA G 765 12.47 -58.14 -96.40
CA ALA G 765 11.69 -59.33 -96.12
C ALA G 765 11.00 -59.27 -94.76
N TYR G 766 11.50 -58.44 -93.85
CA TYR G 766 10.90 -58.37 -92.53
C TYR G 766 9.63 -57.54 -92.52
N LEU G 767 9.60 -56.45 -93.27
CA LEU G 767 8.40 -55.60 -93.27
C LEU G 767 7.25 -56.24 -94.01
N ALA G 768 7.52 -57.14 -94.95
CA ALA G 768 6.44 -57.84 -95.63
C ALA G 768 5.80 -58.87 -94.71
N ASN G 769 6.61 -59.60 -93.96
CA ASN G 769 6.11 -60.56 -92.99
C ASN G 769 6.97 -60.48 -91.74
N PRO G 770 6.47 -59.88 -90.65
CA PRO G 770 7.26 -59.86 -89.42
C PRO G 770 7.42 -61.22 -88.79
N GLN G 771 6.50 -62.15 -89.07
CA GLN G 771 6.71 -63.53 -88.71
C GLN G 771 7.70 -64.17 -89.67
N THR G 772 8.24 -65.32 -89.25
CA THR G 772 9.34 -66.14 -89.81
C THR G 772 10.70 -65.49 -89.58
N MET G 773 10.71 -64.24 -89.12
CA MET G 773 11.78 -63.66 -88.30
C MET G 773 13.18 -63.71 -88.92
N PRO G 774 13.44 -62.92 -89.97
CA PRO G 774 14.72 -63.09 -90.69
C PRO G 774 15.91 -62.52 -89.95
N ILE G 775 15.74 -61.38 -89.31
CA ILE G 775 16.87 -60.65 -88.73
C ILE G 775 17.24 -61.30 -87.40
N TRP G 776 18.51 -61.68 -87.27
CA TRP G 776 19.04 -62.27 -86.05
C TRP G 776 20.06 -61.30 -85.47
N ASN G 777 19.71 -60.65 -84.36
CA ASN G 777 20.65 -59.81 -83.63
C ASN G 777 20.28 -59.89 -82.17
N ASN G 778 21.31 -59.84 -81.31
CA ASN G 778 21.35 -60.12 -79.87
C ASN G 778 20.34 -61.17 -79.44
N CYS G 779 20.40 -62.32 -80.11
CA CYS G 779 19.47 -63.40 -79.86
C CYS G 779 19.74 -64.03 -78.51
N GLY G 780 18.67 -64.38 -77.81
CA GLY G 780 18.80 -64.95 -76.49
C GLY G 780 18.88 -63.97 -75.36
N PHE G 781 18.85 -62.67 -75.66
CA PHE G 781 18.88 -61.66 -74.62
C PHE G 781 17.76 -60.64 -74.80
N GLN G 782 16.78 -60.93 -75.64
CA GLN G 782 15.58 -60.12 -75.77
C GLN G 782 14.46 -61.01 -76.30
N GLN G 783 13.29 -60.42 -76.47
CA GLN G 783 12.12 -61.11 -76.98
C GLN G 783 12.32 -61.47 -78.45
N LYS G 784 11.59 -62.50 -78.88
CA LYS G 784 11.22 -62.72 -80.27
C LYS G 784 10.85 -61.43 -80.98
N THR G 785 11.32 -61.27 -82.21
CA THR G 785 10.95 -60.11 -83.02
C THR G 785 9.64 -60.31 -83.77
N ALA G 786 8.83 -61.29 -83.39
CA ALA G 786 7.48 -61.45 -83.88
C ALA G 786 6.44 -61.07 -82.83
N THR G 787 6.88 -60.48 -81.73
CA THR G 787 6.00 -60.10 -80.62
C THR G 787 6.49 -58.71 -80.19
N ASN G 788 6.15 -58.28 -78.98
CA ASN G 788 6.58 -56.98 -78.48
C ASN G 788 8.10 -56.96 -78.22
N VAL G 789 8.57 -55.82 -77.71
CA VAL G 789 9.94 -55.72 -77.25
C VAL G 789 10.03 -55.68 -75.73
N LEU G 790 8.88 -55.59 -75.06
CA LEU G 790 8.81 -55.12 -73.68
C LEU G 790 8.90 -56.24 -72.64
N LEU G 791 9.40 -57.43 -73.00
CA LEU G 791 9.29 -58.54 -72.08
C LEU G 791 10.26 -59.67 -72.43
N GLU G 792 10.84 -60.30 -71.40
CA GLU G 792 11.06 -61.74 -71.37
C GLU G 792 11.91 -62.36 -72.49
N ARG G 793 13.23 -62.21 -72.42
CA ARG G 793 14.20 -62.89 -73.30
C ARG G 793 13.86 -64.37 -73.54
N CYS G 794 14.08 -64.82 -74.78
CA CYS G 794 13.57 -66.10 -75.23
C CYS G 794 14.65 -67.08 -75.68
N GLY G 795 15.51 -66.69 -76.61
CA GLY G 795 16.29 -67.66 -77.37
C GLY G 795 17.55 -68.16 -76.68
N HIS G 796 18.54 -68.51 -77.49
CA HIS G 796 19.87 -68.89 -77.06
C HIS G 796 20.91 -67.98 -77.71
N PRO G 797 22.08 -67.78 -77.08
CA PRO G 797 23.10 -66.93 -77.71
C PRO G 797 23.67 -67.55 -78.97
N TYR G 798 23.80 -66.73 -80.01
CA TYR G 798 24.12 -67.19 -81.35
C TYR G 798 24.59 -65.99 -82.15
N VAL G 799 25.22 -66.26 -83.30
CA VAL G 799 25.81 -65.20 -84.12
C VAL G 799 24.72 -64.35 -84.75
N ALA G 800 25.12 -63.18 -85.20
CA ALA G 800 24.23 -62.24 -85.86
C ALA G 800 24.49 -62.21 -87.36
N ASN G 801 23.45 -61.86 -88.10
CA ASN G 801 23.53 -61.83 -89.56
C ASN G 801 23.10 -60.49 -90.15
N TRP G 802 22.88 -59.48 -89.32
CA TRP G 802 22.30 -58.25 -89.82
C TRP G 802 22.64 -57.14 -88.85
N PRO G 803 23.02 -55.95 -89.32
CA PRO G 803 23.12 -55.43 -90.69
C PRO G 803 24.42 -55.79 -91.38
N TYR G 804 24.73 -55.10 -92.48
CA TYR G 804 26.04 -55.41 -93.05
C TYR G 804 27.10 -54.51 -92.46
N PRO G 805 28.32 -55.01 -92.28
CA PRO G 805 29.41 -54.16 -91.80
C PRO G 805 29.84 -53.19 -92.90
N LEU G 806 29.76 -51.90 -92.59
CA LEU G 806 30.18 -50.85 -93.51
C LEU G 806 31.58 -50.37 -93.22
N SER G 807 32.20 -50.85 -92.16
CA SER G 807 33.49 -50.35 -91.71
C SER G 807 34.34 -51.51 -91.21
N GLY G 808 35.65 -51.33 -91.24
CA GLY G 808 36.57 -52.32 -90.75
C GLY G 808 37.21 -53.13 -91.85
N ARG G 809 37.86 -54.22 -91.44
CA ARG G 809 38.53 -55.08 -92.40
C ARG G 809 37.52 -55.89 -93.21
N ASN G 810 36.42 -56.31 -92.57
CA ASN G 810 35.39 -57.10 -93.21
C ASN G 810 34.24 -56.25 -93.73
N ALA G 811 34.53 -55.00 -94.11
CA ALA G 811 33.49 -54.11 -94.60
C ALA G 811 33.02 -54.54 -95.98
N VAL G 812 31.75 -54.25 -96.26
CA VAL G 812 31.13 -54.68 -97.51
C VAL G 812 31.55 -53.70 -98.62
N PRO G 813 31.83 -54.17 -99.83
CA PRO G 813 32.01 -53.26 -100.95
C PRO G 813 30.65 -52.90 -101.54
N ASN G 814 30.69 -52.04 -102.57
CA ASN G 814 29.51 -51.56 -103.31
C ASN G 814 28.52 -50.86 -102.38
N GLN G 815 28.99 -49.75 -101.81
CA GLN G 815 28.23 -48.95 -100.86
C GLN G 815 27.75 -47.69 -101.56
N VAL G 816 26.47 -47.67 -101.92
CA VAL G 816 25.90 -46.49 -102.56
C VAL G 816 25.56 -45.45 -101.49
N THR G 817 25.75 -44.19 -101.81
CA THR G 817 25.59 -43.11 -100.84
C THR G 817 24.31 -42.36 -101.11
N GLU G 818 23.79 -41.74 -100.06
CA GLU G 818 22.56 -40.97 -100.15
C GLU G 818 22.72 -39.67 -99.37
N ARG G 819 22.11 -38.60 -99.88
CA ARG G 819 22.13 -37.30 -99.24
C ARG G 819 20.72 -36.76 -99.17
N LYS G 820 20.43 -36.05 -98.09
CA LYS G 820 19.20 -35.27 -97.98
C LYS G 820 19.41 -34.17 -96.97
N PHE G 821 18.38 -33.36 -96.77
CA PHE G 821 18.43 -32.24 -95.83
C PHE G 821 17.07 -32.10 -95.18
N LEU G 822 17.06 -31.53 -93.98
CA LEU G 822 15.82 -31.27 -93.26
C LEU G 822 15.80 -29.80 -92.84
N VAL G 823 14.74 -29.09 -93.21
CA VAL G 823 14.59 -27.68 -92.91
C VAL G 823 13.31 -27.51 -92.12
N ASP G 824 13.43 -27.08 -90.87
CA ASP G 824 12.29 -26.88 -89.99
C ASP G 824 12.08 -25.39 -89.75
N ARG G 825 10.83 -25.04 -89.48
CA ARG G 825 10.42 -23.70 -89.06
C ARG G 825 10.78 -22.62 -90.09
N TYR G 826 10.77 -22.97 -91.36
CA TYR G 826 11.24 -22.04 -92.38
C TYR G 826 10.36 -22.11 -93.61
N LEU G 827 9.70 -21.00 -93.91
CA LEU G 827 9.11 -20.80 -95.22
C LEU G 827 10.22 -20.54 -96.22
N TRP G 828 10.18 -21.22 -97.36
CA TRP G 828 11.07 -20.84 -98.44
C TRP G 828 10.68 -19.46 -98.96
N GLN G 829 11.63 -18.75 -99.55
CA GLN G 829 11.30 -17.43 -100.05
C GLN G 829 12.06 -17.14 -101.33
N ILE G 830 11.37 -16.50 -102.27
CA ILE G 830 11.94 -16.05 -103.53
C ILE G 830 11.60 -14.57 -103.64
N PRO G 831 12.53 -13.65 -103.37
CA PRO G 831 12.18 -12.24 -103.38
C PRO G 831 12.03 -11.70 -104.78
N PHE G 832 11.09 -10.77 -104.95
CA PHE G 832 10.81 -10.17 -106.25
C PHE G 832 11.74 -8.98 -106.46
N SER G 833 13.01 -9.29 -106.66
CA SER G 833 14.04 -8.29 -106.81
C SER G 833 14.88 -8.61 -108.04
N SER G 834 15.75 -7.68 -108.39
CA SER G 834 16.53 -7.82 -109.62
C SER G 834 17.66 -8.82 -109.44
N ASN G 835 18.43 -8.68 -108.38
CA ASN G 835 19.54 -9.58 -108.06
C ASN G 835 19.31 -10.33 -106.76
N PHE G 836 18.05 -10.43 -106.32
CA PHE G 836 17.60 -11.16 -105.13
C PHE G 836 18.21 -10.63 -103.83
N LEU G 837 18.71 -9.40 -103.82
CA LEU G 837 19.20 -8.80 -102.59
C LEU G 837 18.10 -7.99 -101.94
N ASN G 838 18.38 -7.53 -100.72
CA ASN G 838 17.48 -6.62 -100.02
C ASN G 838 18.10 -5.22 -100.13
N MET G 839 17.86 -4.58 -101.26
CA MET G 839 18.22 -3.18 -101.43
C MET G 839 17.12 -2.24 -100.95
N GLY G 840 16.04 -2.78 -100.41
CA GLY G 840 14.93 -1.98 -99.95
C GLY G 840 13.72 -2.83 -99.69
N THR G 841 12.84 -2.31 -98.82
CA THR G 841 11.55 -2.96 -98.61
C THR G 841 10.67 -2.81 -99.83
N LEU G 842 10.47 -1.58 -100.28
CA LEU G 842 9.88 -1.32 -101.60
C LEU G 842 10.94 -1.63 -102.63
N THR G 843 10.87 -2.82 -103.22
CA THR G 843 11.91 -3.33 -104.10
C THR G 843 11.93 -2.56 -105.43
N ASP G 844 13.01 -2.76 -106.18
CA ASP G 844 13.19 -1.99 -107.41
C ASP G 844 12.28 -2.47 -108.53
N LEU G 845 12.02 -3.77 -108.62
CA LEU G 845 11.04 -4.26 -109.57
C LEU G 845 9.61 -4.00 -109.12
N GLY G 846 9.39 -3.58 -107.87
CA GLY G 846 8.06 -3.22 -107.43
C GLY G 846 7.62 -1.86 -107.91
N GLN G 847 8.54 -0.91 -108.01
CA GLN G 847 8.26 0.42 -108.53
C GLN G 847 8.61 0.54 -110.01
N ASN G 848 8.46 -0.54 -110.76
CA ASN G 848 8.59 -0.53 -112.21
C ASN G 848 7.29 -0.06 -112.83
N VAL G 849 7.40 0.65 -113.95
CA VAL G 849 6.23 1.15 -114.67
C VAL G 849 5.66 0.08 -115.58
N MET G 850 6.39 -1.00 -115.82
CA MET G 850 5.84 -2.10 -116.60
C MET G 850 4.88 -2.96 -115.78
N TYR G 851 5.23 -3.25 -114.53
CA TYR G 851 4.41 -4.15 -113.72
C TYR G 851 3.22 -3.44 -113.12
N ALA G 852 3.40 -2.20 -112.71
CA ALA G 852 2.24 -1.33 -112.49
C ALA G 852 1.76 -0.82 -113.84
N ASN G 853 0.64 -0.10 -113.84
CA ASN G 853 0.01 0.52 -115.02
C ASN G 853 -0.32 -0.48 -116.14
N SER G 854 -0.35 -1.77 -115.85
CA SER G 854 -0.62 -2.80 -116.83
C SER G 854 -1.04 -4.06 -116.09
N SER G 855 -1.72 -4.94 -116.79
CA SER G 855 -2.24 -6.17 -116.20
C SER G 855 -1.38 -7.34 -116.62
N HIS G 856 -1.00 -8.16 -115.66
CA HIS G 856 -0.31 -9.41 -115.91
C HIS G 856 -1.05 -10.52 -115.18
N SER G 857 -0.75 -11.77 -115.52
CA SER G 857 -1.51 -12.87 -114.94
C SER G 857 -0.59 -14.08 -114.82
N LEU G 858 0.09 -14.19 -113.68
CA LEU G 858 1.21 -15.12 -113.62
C LEU G 858 0.73 -16.55 -113.43
N ASN G 859 1.61 -17.47 -113.77
CA ASN G 859 1.35 -18.90 -113.71
C ASN G 859 2.53 -19.57 -113.04
N MET G 860 2.27 -20.32 -111.98
CA MET G 860 3.32 -20.99 -111.23
C MET G 860 3.05 -22.48 -111.20
N GLN G 861 4.11 -23.27 -111.32
CA GLN G 861 4.02 -24.72 -111.28
C GLN G 861 5.05 -25.26 -110.31
N PHE G 862 4.62 -26.14 -109.43
CA PHE G 862 5.50 -26.73 -108.43
C PHE G 862 5.59 -28.23 -108.66
N THR G 863 6.71 -28.80 -108.23
CA THR G 863 6.90 -30.24 -108.20
C THR G 863 7.31 -30.62 -106.78
N VAL G 864 6.54 -31.51 -106.17
CA VAL G 864 6.69 -31.86 -104.76
C VAL G 864 6.98 -33.35 -104.65
N ASP G 865 7.37 -33.76 -103.46
CA ASP G 865 7.51 -35.19 -103.19
C ASP G 865 6.12 -35.81 -103.00
N PRO G 866 5.83 -36.92 -103.67
CA PRO G 866 4.51 -37.54 -103.51
C PRO G 866 4.31 -38.16 -102.14
N MET G 867 3.43 -37.54 -101.35
CA MET G 867 3.11 -38.03 -100.01
C MET G 867 1.87 -38.92 -100.06
N THR G 868 1.74 -39.76 -99.03
CA THR G 868 0.61 -40.68 -98.96
C THR G 868 -0.64 -40.03 -98.38
N GLU G 869 -0.56 -38.80 -97.92
CA GLU G 869 -1.69 -38.06 -97.38
C GLU G 869 -2.02 -36.86 -98.26
N PRO G 870 -3.27 -36.38 -98.25
CA PRO G 870 -3.57 -35.13 -98.93
C PRO G 870 -2.98 -33.95 -98.17
N THR G 871 -2.40 -33.02 -98.92
CA THR G 871 -1.76 -31.86 -98.31
C THR G 871 -2.28 -30.55 -98.88
N TYR G 872 -1.61 -29.46 -98.54
CA TYR G 872 -1.93 -28.12 -98.99
C TYR G 872 -0.70 -27.51 -99.65
N LEU G 873 -0.80 -26.21 -99.89
CA LEU G 873 0.30 -25.43 -100.42
C LEU G 873 0.11 -24.02 -99.88
N MET G 874 0.80 -23.70 -98.79
CA MET G 874 0.65 -22.40 -98.16
C MET G 874 1.54 -21.42 -98.92
N LEU G 875 0.96 -20.72 -99.88
CA LEU G 875 1.72 -19.75 -100.65
C LEU G 875 1.44 -18.37 -100.07
N LEU G 876 2.48 -17.54 -100.01
CA LEU G 876 2.38 -16.18 -99.50
C LEU G 876 2.88 -15.21 -100.56
N PHE G 877 1.99 -14.34 -101.03
CA PHE G 877 2.39 -13.23 -101.88
C PHE G 877 2.73 -12.06 -100.98
N GLY G 878 3.95 -11.55 -101.08
CA GLY G 878 4.34 -10.41 -100.28
C GLY G 878 3.65 -9.15 -100.76
N VAL G 879 2.99 -8.45 -99.84
CA VAL G 879 2.29 -7.21 -100.14
C VAL G 879 2.74 -6.14 -99.15
N PHE G 880 2.12 -4.98 -99.24
CA PHE G 880 2.33 -3.87 -98.31
C PHE G 880 1.01 -3.59 -97.61
N ASP G 881 0.75 -4.30 -96.52
CA ASP G 881 -0.50 -4.10 -95.80
C ASP G 881 -0.38 -2.86 -94.92
N GLN G 882 -1.25 -1.87 -95.14
CA GLN G 882 -1.13 -0.58 -94.49
C GLN G 882 -2.48 -0.14 -93.92
N VAL G 883 -2.41 0.90 -93.10
CA VAL G 883 -3.57 1.53 -92.48
C VAL G 883 -3.13 2.91 -92.00
N VAL G 884 -3.96 3.94 -92.24
CA VAL G 884 -3.82 5.19 -91.51
C VAL G 884 -5.04 5.34 -90.63
N ILE G 885 -4.85 5.98 -89.48
CA ILE G 885 -5.90 6.07 -88.46
C ILE G 885 -6.10 7.54 -88.12
N ASN G 886 -7.27 8.07 -88.48
CA ASN G 886 -7.59 9.48 -88.28
C ASN G 886 -8.49 9.63 -87.06
N GLN G 887 -8.19 10.62 -86.24
CA GLN G 887 -8.97 10.95 -85.05
C GLN G 887 -9.21 12.45 -85.03
N PRO G 888 -10.22 12.93 -85.74
CA PRO G 888 -10.39 14.39 -85.87
C PRO G 888 -11.02 15.05 -84.65
N THR G 889 -11.99 14.39 -84.03
CA THR G 889 -12.76 14.95 -82.92
C THR G 889 -13.00 13.80 -81.94
N ARG G 890 -13.24 14.14 -80.67
CA ARG G 890 -13.41 13.14 -79.63
C ARG G 890 -14.66 12.31 -79.87
N SER G 891 -14.58 11.04 -79.45
CA SER G 891 -15.50 9.97 -79.85
C SER G 891 -15.63 9.89 -81.37
N GLY G 892 -14.50 10.02 -82.06
CA GLY G 892 -14.50 9.96 -83.50
C GLY G 892 -13.23 9.37 -84.04
N ILE G 893 -13.37 8.36 -84.90
CA ILE G 893 -12.24 7.64 -85.50
C ILE G 893 -12.61 7.27 -86.92
N SER G 894 -11.61 7.24 -87.79
CA SER G 894 -11.79 6.87 -89.19
C SER G 894 -10.50 6.24 -89.68
N VAL G 895 -10.60 5.09 -90.30
CA VAL G 895 -9.45 4.43 -90.90
C VAL G 895 -9.66 4.33 -92.39
N ALA G 896 -8.55 4.07 -93.09
CA ALA G 896 -8.58 3.72 -94.49
C ALA G 896 -7.57 2.59 -94.66
N TYR G 897 -8.04 1.41 -95.04
CA TYR G 897 -7.11 0.32 -95.27
C TYR G 897 -6.60 0.38 -96.69
N LEU G 898 -5.36 -0.08 -96.87
CA LEU G 898 -4.78 -0.21 -98.20
C LEU G 898 -3.71 -1.27 -98.14
N ARG G 899 -3.88 -2.32 -98.94
CA ARG G 899 -2.79 -3.21 -99.26
C ARG G 899 -2.73 -3.35 -100.77
N LEU G 900 -1.52 -3.24 -101.31
CA LEU G 900 -1.36 -3.43 -102.74
C LEU G 900 -0.12 -4.27 -102.95
N PRO G 901 -0.10 -5.13 -103.99
CA PRO G 901 -0.97 -5.27 -105.16
C PRO G 901 -2.31 -5.98 -105.02
N PHE G 902 -2.75 -6.41 -103.84
CA PHE G 902 -3.99 -7.17 -103.72
C PHE G 902 -5.07 -6.36 -103.03
N ALA G 903 -5.91 -5.67 -103.80
CA ALA G 903 -7.03 -4.95 -103.20
C ALA G 903 -8.25 -5.05 -104.12
N SER G 904 -9.41 -4.71 -103.57
CA SER G 904 -10.68 -4.63 -104.30
C SER G 904 -11.65 -3.79 -103.50
N GLY G 905 -12.89 -3.69 -104.00
CA GLY G 905 -13.93 -2.95 -103.32
C GLY G 905 -14.01 -1.49 -103.69
N SER G 906 -13.77 -1.14 -104.95
CA SER G 906 -13.64 0.24 -105.36
C SER G 906 -15.00 0.89 -105.52
N ALA G 907 -14.97 2.20 -105.80
CA ALA G 907 -16.19 2.97 -106.02
C ALA G 907 -16.50 3.08 -107.51
N MET H 1 -41.81 56.64 -0.79
CA MET H 1 -42.06 55.27 -1.20
C MET H 1 -42.04 55.16 -2.73
N GLU H 2 -42.48 56.21 -3.38
CA GLU H 2 -42.52 56.23 -4.84
C GLU H 2 -41.14 56.37 -5.50
N PRO H 3 -40.19 57.17 -4.99
CA PRO H 3 -38.81 56.99 -5.47
C PRO H 3 -38.10 55.78 -4.88
N GLN H 4 -38.66 55.17 -3.83
CA GLN H 4 -38.07 53.97 -3.27
C GLN H 4 -38.34 52.75 -4.15
N ARG H 5 -39.43 52.78 -4.92
CA ARG H 5 -39.72 51.71 -5.86
C ARG H 5 -38.70 51.67 -6.98
N GLU H 6 -38.26 52.85 -7.45
CA GLU H 6 -37.32 52.90 -8.54
C GLU H 6 -35.89 52.57 -8.12
N PHE H 7 -35.62 52.56 -6.82
CA PHE H 7 -34.28 52.19 -6.36
C PHE H 7 -34.12 50.68 -6.28
N PHE H 8 -35.14 49.98 -5.79
CA PHE H 8 -35.13 48.53 -5.75
C PHE H 8 -35.77 47.90 -6.98
N HIS H 9 -36.14 48.73 -7.96
CA HIS H 9 -36.66 48.31 -9.25
C HIS H 9 -37.95 47.51 -9.13
N ILE H 10 -38.84 47.98 -8.26
CA ILE H 10 -40.24 47.58 -8.35
C ILE H 10 -40.84 48.12 -9.63
N ALA H 11 -40.59 49.40 -9.91
CA ALA H 11 -40.95 50.06 -11.15
C ALA H 11 -39.73 50.83 -11.63
N GLY H 12 -39.90 51.59 -12.70
CA GLY H 12 -38.80 52.41 -13.19
C GLY H 12 -38.19 51.93 -14.48
N ARG H 13 -36.88 52.07 -14.61
CA ARG H 13 -36.21 51.78 -15.87
C ARG H 13 -35.82 50.31 -15.96
N SER H 14 -35.74 49.81 -17.19
CA SER H 14 -35.32 48.46 -17.45
C SER H 14 -33.80 48.35 -17.40
N ALA H 15 -33.29 47.12 -17.45
CA ALA H 15 -31.87 46.87 -17.25
C ALA H 15 -31.01 47.38 -18.39
N LYS H 16 -31.59 47.63 -19.56
CA LYS H 16 -30.85 48.26 -20.65
C LYS H 16 -30.64 49.76 -20.42
N GLU H 17 -31.27 50.34 -19.40
CA GLU H 17 -31.30 51.78 -19.25
C GLU H 17 -30.61 52.29 -18.00
N TYR H 18 -30.70 51.61 -16.87
CA TYR H 18 -30.04 52.13 -15.67
C TYR H 18 -28.62 51.63 -15.49
N LEU H 19 -28.22 50.59 -16.22
CA LEU H 19 -26.84 50.17 -16.15
C LEU H 19 -25.94 51.16 -16.90
N SER H 20 -24.65 51.08 -16.61
CA SER H 20 -23.68 51.88 -17.33
C SER H 20 -23.58 51.39 -18.78
N GLU H 21 -23.33 52.34 -19.68
CA GLU H 21 -23.28 52.02 -21.10
C GLU H 21 -22.08 51.13 -21.43
N ASN H 22 -21.00 51.26 -20.67
CA ASN H 22 -19.85 50.39 -20.88
C ASN H 22 -20.13 48.96 -20.44
N LEU H 23 -21.04 48.76 -19.49
CA LEU H 23 -21.35 47.42 -19.00
C LEU H 23 -22.37 46.71 -19.88
N VAL H 24 -23.29 47.45 -20.49
CA VAL H 24 -24.27 46.83 -21.38
C VAL H 24 -23.59 46.31 -22.64
N GLN H 25 -22.58 47.04 -23.14
CA GLN H 25 -21.81 46.55 -24.26
C GLN H 25 -20.89 45.39 -23.88
N PHE H 26 -20.63 45.19 -22.59
CA PHE H 26 -19.86 44.02 -22.16
C PHE H 26 -20.74 42.77 -22.12
N ILE H 27 -21.93 42.87 -21.52
CA ILE H 27 -22.74 41.68 -21.30
C ILE H 27 -23.39 41.19 -22.59
N GLN H 28 -23.45 42.03 -23.63
CA GLN H 28 -23.92 41.56 -24.92
C GLN H 28 -22.83 40.76 -25.63
N ALA H 29 -21.58 41.17 -25.49
CA ALA H 29 -20.48 40.45 -26.13
C ALA H 29 -20.20 39.14 -25.41
N THR H 30 -19.84 39.23 -24.13
CA THR H 30 -19.59 38.04 -23.31
C THR H 30 -20.92 37.54 -22.75
N GLN H 31 -21.65 36.84 -23.60
CA GLN H 31 -22.96 36.31 -23.22
C GLN H 31 -23.08 34.82 -23.47
N ASN H 32 -22.48 34.31 -24.55
CA ASN H 32 -22.63 32.91 -24.91
C ASN H 32 -21.80 31.98 -24.04
N TYR H 33 -20.90 32.50 -23.22
CA TYR H 33 -20.12 31.62 -22.36
C TYR H 33 -20.11 32.08 -20.90
N PHE H 34 -20.25 33.38 -20.65
CA PHE H 34 -20.18 33.91 -19.28
C PHE H 34 -21.33 34.90 -19.11
N ASN H 35 -22.49 34.40 -18.72
CA ASN H 35 -23.70 35.19 -18.69
C ASN H 35 -23.77 36.01 -17.41
N ILE H 36 -24.04 37.30 -17.55
CA ILE H 36 -24.17 38.20 -16.42
C ILE H 36 -25.53 38.86 -16.33
N GLY H 37 -26.22 39.07 -17.46
CA GLY H 37 -27.41 39.90 -17.53
C GLY H 37 -28.64 39.37 -16.81
N GLU H 38 -28.56 38.19 -16.20
CA GLU H 38 -29.63 37.69 -15.37
C GLU H 38 -29.45 38.04 -13.90
N LYS H 39 -28.47 38.89 -13.59
CA LYS H 39 -28.20 39.32 -12.23
C LYS H 39 -28.72 40.72 -11.95
N PHE H 40 -29.56 41.26 -12.83
CA PHE H 40 -30.07 42.61 -12.71
C PHE H 40 -31.57 42.56 -12.92
N ARG H 41 -32.32 43.08 -11.96
CA ARG H 41 -33.77 42.94 -11.97
C ARG H 41 -34.40 43.90 -12.97
N ASP H 42 -35.44 43.41 -13.65
CA ASP H 42 -36.13 44.16 -14.69
C ASP H 42 -37.58 44.36 -14.25
N PRO H 43 -38.07 45.58 -14.11
CA PRO H 43 -39.46 45.79 -13.72
C PRO H 43 -40.42 45.49 -14.86
N TYR H 44 -41.67 45.25 -14.48
CA TYR H 44 -42.73 44.91 -15.45
C TYR H 44 -44.04 45.33 -14.82
N VAL H 45 -44.54 46.51 -15.21
CA VAL H 45 -45.64 47.15 -14.51
C VAL H 45 -46.89 47.18 -15.37
N ALA H 46 -48.03 47.27 -14.71
CA ALA H 46 -49.35 47.38 -15.28
C ALA H 46 -49.68 48.84 -15.55
N PRO H 47 -50.58 49.12 -16.53
CA PRO H 47 -50.92 50.53 -16.81
C PRO H 47 -51.64 51.25 -15.67
N SER H 48 -52.75 50.70 -15.19
CA SER H 48 -53.59 51.27 -14.12
C SER H 48 -54.09 52.68 -14.46
N ALA H 49 -54.35 52.94 -15.74
CA ALA H 49 -54.89 54.23 -16.16
C ALA H 49 -55.65 54.01 -17.46
N GLY H 50 -56.97 53.87 -17.34
CA GLY H 50 -57.79 53.75 -18.54
C GLY H 50 -57.93 52.35 -19.09
N VAL H 51 -57.82 51.32 -18.26
CA VAL H 51 -58.07 49.95 -18.71
C VAL H 51 -59.21 49.29 -17.96
N THR H 52 -59.61 49.80 -16.79
CA THR H 52 -60.72 49.20 -16.06
C THR H 52 -61.53 50.32 -15.41
N THR H 53 -62.85 50.25 -15.57
CA THR H 53 -63.73 51.28 -15.05
C THR H 53 -63.85 51.21 -13.54
N ASP H 54 -64.46 52.26 -12.98
CA ASP H 54 -64.79 52.33 -11.57
C ASP H 54 -66.20 51.82 -11.27
N ARG H 55 -67.08 51.84 -12.26
CA ARG H 55 -68.48 51.50 -12.07
C ARG H 55 -68.65 50.00 -11.91
N SER H 56 -69.87 49.60 -11.55
CA SER H 56 -70.17 48.22 -11.20
C SER H 56 -70.80 47.51 -12.39
N GLN H 57 -70.13 46.48 -12.88
CA GLN H 57 -70.74 45.60 -13.87
C GLN H 57 -70.17 44.21 -13.70
N LYS H 58 -70.98 43.21 -14.07
CA LYS H 58 -70.61 41.83 -13.81
C LYS H 58 -69.53 41.35 -14.75
N LEU H 59 -68.88 40.25 -14.37
CA LEU H 59 -67.90 39.59 -15.21
C LEU H 59 -68.47 38.39 -15.94
N GLN H 60 -69.51 37.76 -15.40
CA GLN H 60 -70.22 36.68 -16.07
C GLN H 60 -71.70 36.93 -15.93
N LEU H 61 -72.41 36.94 -17.06
CA LEU H 61 -73.78 37.42 -17.11
C LEU H 61 -74.70 36.29 -17.51
N ARG H 62 -75.59 35.90 -16.61
CA ARG H 62 -76.57 34.85 -16.84
C ARG H 62 -77.80 35.42 -17.50
N VAL H 63 -78.24 34.81 -18.61
CA VAL H 63 -79.53 35.10 -19.20
C VAL H 63 -80.38 33.85 -19.18
N VAL H 64 -81.66 34.03 -18.91
CA VAL H 64 -82.64 32.96 -18.96
C VAL H 64 -83.25 32.99 -20.37
N PRO H 65 -83.76 31.88 -20.88
CA PRO H 65 -84.45 31.95 -22.18
C PRO H 65 -85.81 32.61 -22.01
N ILE H 66 -86.20 33.38 -23.03
CA ILE H 66 -87.47 34.09 -22.99
C ILE H 66 -88.63 33.09 -23.10
N GLN H 67 -88.60 32.26 -24.13
CA GLN H 67 -89.59 31.21 -24.26
C GLN H 67 -88.99 30.04 -25.02
N THR H 68 -89.27 28.84 -24.56
CA THR H 68 -88.69 27.61 -25.09
C THR H 68 -89.80 26.75 -25.67
N GLU H 69 -89.56 26.20 -26.85
CA GLU H 69 -90.47 25.24 -27.46
C GLU H 69 -89.90 23.85 -27.32
N ASP H 70 -90.73 22.92 -26.86
CA ASP H 70 -90.33 21.53 -26.65
C ASP H 70 -90.99 20.67 -27.71
N ASN H 71 -90.18 19.87 -28.40
CA ASN H 71 -90.67 18.90 -29.36
C ASN H 71 -90.04 17.56 -29.03
N VAL H 72 -90.54 16.49 -29.66
CA VAL H 72 -89.94 15.17 -29.51
C VAL H 72 -88.55 15.16 -30.12
N ASN H 73 -88.39 15.80 -31.27
CA ASN H 73 -87.10 15.76 -31.95
C ASN H 73 -86.12 16.80 -31.42
N TYR H 74 -86.58 17.99 -31.08
CA TYR H 74 -85.66 19.06 -30.72
C TYR H 74 -86.16 19.84 -29.52
N TYR H 75 -85.32 20.77 -29.07
CA TYR H 75 -85.63 21.69 -27.98
C TYR H 75 -85.12 23.06 -28.37
N LYS H 76 -86.04 23.99 -28.65
CA LYS H 76 -85.67 25.36 -28.99
C LYS H 76 -85.48 26.18 -27.72
N ALA H 77 -84.42 26.99 -27.70
CA ALA H 77 -84.20 27.96 -26.63
C ALA H 77 -83.88 29.30 -27.26
N ARG H 78 -84.73 30.29 -27.03
CA ARG H 78 -84.54 31.63 -27.59
C ARG H 78 -84.13 32.58 -26.48
N PHE H 79 -83.03 33.28 -26.68
CA PHE H 79 -82.45 34.19 -25.70
C PHE H 79 -82.49 35.61 -26.21
N THR H 80 -82.34 36.55 -25.28
CA THR H 80 -82.21 37.96 -25.61
C THR H 80 -80.90 38.44 -24.99
N LEU H 81 -79.86 38.55 -25.80
CA LEU H 81 -78.55 38.96 -25.33
C LEU H 81 -78.51 40.48 -25.32
N ASN H 82 -78.65 41.06 -24.14
CA ASN H 82 -78.74 42.51 -23.98
C ASN H 82 -77.36 43.03 -23.56
N VAL H 83 -76.70 43.73 -24.47
CA VAL H 83 -75.41 44.33 -24.19
C VAL H 83 -75.65 45.82 -23.96
N GLY H 84 -75.48 46.27 -22.72
CA GLY H 84 -75.87 47.60 -22.35
C GLY H 84 -74.94 48.68 -22.85
N ASP H 85 -75.13 49.88 -22.32
CA ASP H 85 -74.29 51.02 -22.64
C ASP H 85 -72.86 50.79 -22.17
N ASN H 86 -71.92 50.85 -23.13
CA ASN H 86 -70.47 50.80 -22.93
C ASN H 86 -70.01 49.45 -22.40
N ARG H 87 -70.38 48.37 -23.09
CA ARG H 87 -69.90 47.03 -22.77
C ARG H 87 -69.30 46.39 -24.01
N LEU H 88 -68.32 45.53 -23.81
CA LEU H 88 -67.73 44.72 -24.88
C LEU H 88 -67.94 43.25 -24.57
N VAL H 89 -68.39 42.50 -25.56
CA VAL H 89 -68.57 41.05 -25.44
C VAL H 89 -67.75 40.39 -26.53
N ASP H 90 -66.97 39.39 -26.15
CA ASP H 90 -66.46 38.44 -27.14
C ASP H 90 -67.32 37.19 -27.05
N LEU H 91 -67.86 36.77 -28.19
CA LEU H 91 -68.67 35.57 -28.21
C LEU H 91 -67.86 34.28 -28.12
N GLY H 92 -66.53 34.37 -28.11
CA GLY H 92 -65.72 33.22 -27.78
C GLY H 92 -65.88 32.79 -26.34
N SER H 93 -66.21 33.73 -25.46
CA SER H 93 -66.50 33.43 -24.06
C SER H 93 -67.92 32.95 -23.84
N SER H 94 -68.73 32.86 -24.88
CA SER H 94 -70.12 32.46 -24.74
C SER H 94 -70.25 30.95 -24.80
N TYR H 95 -71.13 30.41 -23.95
CA TYR H 95 -71.43 28.98 -23.96
C TYR H 95 -72.80 28.76 -23.33
N PHE H 96 -73.45 27.68 -23.75
CA PHE H 96 -74.69 27.24 -23.13
C PHE H 96 -74.36 26.33 -21.96
N ASP H 97 -74.87 26.66 -20.78
CA ASP H 97 -74.72 25.83 -19.60
C ASP H 97 -76.04 25.09 -19.38
N ILE H 98 -76.18 23.98 -20.08
CA ILE H 98 -77.45 23.27 -20.09
C ILE H 98 -77.43 22.25 -18.96
N LYS H 99 -78.62 21.76 -18.62
CA LYS H 99 -78.78 20.92 -17.45
C LYS H 99 -80.03 20.07 -17.60
N GLY H 100 -79.92 18.80 -17.29
CA GLY H 100 -81.06 17.91 -17.39
C GLY H 100 -80.70 16.55 -16.82
N THR H 101 -81.61 15.60 -17.02
CA THR H 101 -81.40 14.23 -16.59
C THR H 101 -81.25 13.33 -17.82
N LEU H 102 -80.76 12.12 -17.59
CA LEU H 102 -80.34 11.26 -18.69
C LEU H 102 -80.60 9.80 -18.37
N ASP H 103 -81.15 9.08 -19.33
CA ASP H 103 -81.28 7.64 -19.26
C ASP H 103 -80.35 7.02 -20.29
N ARG H 104 -79.80 5.86 -19.98
CA ARG H 104 -78.83 5.21 -20.85
C ARG H 104 -79.29 3.87 -21.35
N GLY H 105 -80.46 3.41 -20.95
CA GLY H 105 -81.00 2.17 -21.44
C GLY H 105 -80.39 0.95 -20.78
N PRO H 106 -80.94 -0.23 -21.06
CA PRO H 106 -80.36 -1.46 -20.50
C PRO H 106 -79.08 -1.90 -21.19
N SER H 107 -78.66 -1.21 -22.25
CA SER H 107 -77.45 -1.55 -22.99
C SER H 107 -76.18 -0.99 -22.38
N PHE H 108 -76.25 -0.46 -21.16
CA PHE H 108 -75.12 0.22 -20.56
C PHE H 108 -74.49 -0.68 -19.50
N LYS H 109 -73.19 -0.97 -19.67
CA LYS H 109 -72.40 -1.70 -18.67
C LYS H 109 -71.00 -1.13 -18.71
N PRO H 110 -70.64 -0.29 -17.75
CA PRO H 110 -69.39 0.45 -17.88
C PRO H 110 -68.14 -0.25 -17.38
N TYR H 111 -67.98 -1.54 -17.65
CA TYR H 111 -66.82 -2.32 -17.19
C TYR H 111 -66.88 -3.71 -17.80
N GLY H 112 -65.77 -4.42 -17.69
CA GLY H 112 -65.68 -5.79 -18.15
C GLY H 112 -65.80 -6.76 -17.00
N GLY H 113 -66.16 -8.01 -17.35
CA GLY H 113 -66.35 -8.99 -16.31
C GLY H 113 -67.66 -8.79 -15.59
N THR H 114 -67.67 -9.15 -14.31
CA THR H 114 -68.85 -9.01 -13.48
C THR H 114 -68.45 -8.51 -12.11
N ALA H 115 -69.46 -8.20 -11.30
CA ALA H 115 -69.24 -7.67 -9.97
C ALA H 115 -69.75 -8.59 -8.87
N TYR H 116 -70.32 -9.73 -9.22
CA TYR H 116 -70.91 -10.64 -8.25
C TYR H 116 -70.28 -12.01 -8.44
N ASN H 117 -69.69 -12.52 -7.36
CA ASN H 117 -68.85 -13.72 -7.36
C ASN H 117 -67.78 -13.73 -8.46
N PRO H 118 -66.87 -12.74 -8.49
CA PRO H 118 -65.96 -12.62 -9.64
C PRO H 118 -64.87 -13.65 -9.68
N LEU H 119 -64.59 -14.34 -8.57
CA LEU H 119 -63.50 -15.31 -8.53
C LEU H 119 -63.95 -16.72 -8.89
N ALA H 120 -65.24 -16.92 -9.10
CA ALA H 120 -65.73 -18.25 -9.38
C ALA H 120 -65.36 -18.70 -10.79
N PRO H 121 -65.15 -19.99 -11.01
CA PRO H 121 -65.12 -20.49 -12.38
C PRO H 121 -66.48 -20.38 -13.02
N LYS H 122 -66.49 -20.22 -14.34
CA LYS H 122 -67.70 -19.86 -15.05
C LYS H 122 -68.68 -21.02 -15.19
N SER H 123 -68.23 -22.26 -15.00
CA SER H 123 -69.09 -23.43 -15.09
C SER H 123 -69.62 -23.87 -13.74
N ALA H 124 -69.34 -23.13 -12.68
CA ALA H 124 -69.64 -23.57 -11.32
C ALA H 124 -71.10 -23.31 -10.98
N PRO H 125 -71.82 -24.27 -10.43
CA PRO H 125 -73.14 -23.99 -9.88
C PRO H 125 -73.08 -23.71 -8.39
N ILE H 126 -74.01 -22.86 -7.94
CA ILE H 126 -74.20 -22.64 -6.51
C ILE H 126 -75.00 -23.81 -5.94
N ASN H 127 -75.07 -23.89 -4.61
CA ASN H 127 -75.81 -24.97 -3.95
C ASN H 127 -77.30 -24.75 -4.20
N SER H 128 -77.89 -25.59 -5.04
CA SER H 128 -79.24 -25.35 -5.52
C SER H 128 -80.02 -26.65 -5.49
N ALA H 129 -81.33 -26.52 -5.74
CA ALA H 129 -82.22 -27.65 -5.97
C ALA H 129 -82.99 -27.36 -7.24
N PHE H 130 -82.79 -28.19 -8.25
CA PHE H 130 -83.38 -27.95 -9.56
C PHE H 130 -84.12 -29.21 -10.01
N THR H 131 -85.29 -29.02 -10.60
CA THR H 131 -86.16 -30.13 -10.99
C THR H 131 -85.93 -30.44 -12.46
N VAL H 132 -85.62 -31.69 -12.76
CA VAL H 132 -85.52 -32.13 -14.14
C VAL H 132 -86.68 -33.08 -14.42
N GLY H 133 -87.77 -32.53 -14.95
CA GLY H 133 -88.89 -33.34 -15.40
C GLY H 133 -89.75 -33.90 -14.27
N ASN H 134 -89.21 -34.88 -13.56
CA ASN H 134 -90.00 -35.60 -12.55
C ASN H 134 -89.79 -35.01 -11.15
N ASP H 135 -88.55 -35.06 -10.65
CA ASP H 135 -88.28 -34.68 -9.28
C ASP H 135 -86.92 -34.01 -9.23
N THR H 136 -86.66 -33.30 -8.13
CA THR H 136 -85.51 -32.42 -8.03
C THR H 136 -84.19 -33.18 -7.90
N HIS H 137 -83.13 -32.52 -8.32
CA HIS H 137 -81.76 -32.97 -8.11
C HIS H 137 -81.07 -31.96 -7.21
N PHE H 138 -80.56 -32.43 -6.09
CA PHE H 138 -79.81 -31.55 -5.20
C PHE H 138 -78.34 -31.55 -5.62
N VAL H 139 -77.74 -30.37 -5.58
CA VAL H 139 -76.30 -30.22 -5.72
C VAL H 139 -75.87 -29.19 -4.69
N ALA H 140 -74.85 -29.52 -3.89
CA ALA H 140 -74.56 -28.73 -2.71
C ALA H 140 -73.10 -28.84 -2.31
N GLN H 141 -72.73 -28.02 -1.34
CA GLN H 141 -71.41 -28.03 -0.73
C GLN H 141 -71.61 -27.65 0.73
N LEU H 142 -71.15 -28.50 1.65
CA LEU H 142 -71.43 -28.33 3.08
C LEU H 142 -70.13 -28.05 3.82
N PRO H 143 -69.72 -26.79 3.92
CA PRO H 143 -68.39 -26.50 4.45
C PRO H 143 -68.32 -26.56 5.97
N GLN H 144 -69.41 -26.19 6.64
CA GLN H 144 -69.44 -26.15 8.10
C GLN H 144 -70.10 -27.41 8.62
N THR H 145 -69.44 -28.08 9.56
CA THR H 145 -69.91 -29.34 10.09
C THR H 145 -70.26 -29.20 11.57
N TYR H 146 -70.95 -30.21 12.08
CA TYR H 146 -71.27 -30.31 13.50
C TYR H 146 -71.13 -31.77 13.92
N ALA H 147 -71.55 -32.07 15.14
CA ALA H 147 -71.37 -33.39 15.72
C ALA H 147 -72.62 -34.24 15.52
N ALA H 148 -72.43 -35.43 14.95
CA ALA H 148 -73.47 -36.44 14.86
C ALA H 148 -72.99 -37.71 15.55
N GLY H 149 -73.93 -38.54 15.96
CA GLY H 149 -73.58 -39.75 16.68
C GLY H 149 -74.24 -41.01 16.14
N GLY H 150 -74.47 -41.05 14.84
CA GLY H 150 -75.14 -42.18 14.22
C GLY H 150 -76.64 -42.06 14.35
N THR H 151 -77.35 -42.20 13.23
CA THR H 151 -78.75 -41.81 13.07
C THR H 151 -79.00 -40.42 13.63
N GLY H 152 -78.21 -39.47 13.13
CA GLY H 152 -78.20 -38.12 13.66
C GLY H 152 -79.41 -37.30 13.24
N VAL H 153 -80.58 -37.67 13.77
CA VAL H 153 -81.80 -36.91 13.52
C VAL H 153 -82.18 -36.04 14.70
N THR H 154 -81.65 -36.29 15.89
CA THR H 154 -81.92 -35.45 17.04
C THR H 154 -80.92 -34.32 17.19
N GLU H 155 -79.80 -34.36 16.46
CA GLU H 155 -78.89 -33.23 16.40
C GLU H 155 -79.17 -32.36 15.19
N ALA H 156 -79.66 -32.94 14.10
CA ALA H 156 -80.05 -32.15 12.93
C ALA H 156 -81.33 -31.37 13.17
N ILE H 157 -82.17 -31.81 14.10
CA ILE H 157 -83.46 -31.15 14.31
C ILE H 157 -83.31 -29.87 15.14
N GLN H 158 -82.19 -29.70 15.84
CA GLN H 158 -82.02 -28.58 16.75
C GLN H 158 -81.08 -27.50 16.23
N GLN H 159 -80.57 -27.64 15.01
CA GLN H 159 -79.76 -26.59 14.40
C GLN H 159 -80.69 -25.46 14.00
N GLN H 160 -80.61 -24.33 14.70
CA GLN H 160 -81.50 -23.21 14.42
C GLN H 160 -81.09 -22.52 13.12
N VAL H 161 -82.06 -22.27 12.26
CA VAL H 161 -81.80 -21.66 10.96
C VAL H 161 -82.57 -20.36 10.85
N SER H 162 -82.03 -19.43 10.07
CA SER H 162 -82.66 -18.15 9.83
C SER H 162 -82.20 -17.64 8.47
N GLY H 163 -82.39 -16.35 8.22
CA GLY H 163 -81.92 -15.76 6.98
C GLY H 163 -80.46 -15.35 6.99
N VAL H 164 -79.88 -15.17 8.18
CA VAL H 164 -78.49 -14.76 8.32
C VAL H 164 -77.68 -15.78 9.12
N ASP H 165 -78.25 -16.96 9.37
CA ASP H 165 -77.65 -18.02 10.18
C ASP H 165 -78.29 -19.33 9.73
N PRO H 166 -77.53 -20.30 9.20
CA PRO H 166 -76.07 -20.35 8.98
C PRO H 166 -75.54 -19.49 7.85
N ASN H 167 -74.48 -18.76 8.14
CA ASN H 167 -73.90 -17.84 7.18
C ASN H 167 -73.10 -18.63 6.15
N PRO H 168 -73.27 -18.36 4.85
CA PRO H 168 -72.45 -19.03 3.83
C PRO H 168 -70.99 -18.62 3.78
N GLN H 169 -70.48 -17.88 4.75
CA GLN H 169 -69.06 -17.56 4.81
C GLN H 169 -68.34 -18.22 5.97
N VAL H 170 -69.04 -18.97 6.83
CA VAL H 170 -68.38 -19.51 8.02
C VAL H 170 -67.45 -20.65 7.65
N GLY H 171 -68.01 -21.74 7.13
CA GLY H 171 -67.19 -22.87 6.71
C GLY H 171 -66.51 -23.56 7.87
N GLN H 172 -65.41 -24.22 7.55
CA GLN H 172 -64.53 -24.87 8.51
C GLN H 172 -63.64 -23.80 9.12
N PRO H 173 -63.39 -23.86 10.43
CA PRO H 173 -62.34 -23.01 11.01
C PRO H 173 -60.99 -23.39 10.42
N ASN H 174 -60.18 -22.36 10.17
CA ASN H 174 -58.99 -22.49 9.35
C ASN H 174 -57.93 -23.38 9.98
N TYR H 175 -57.00 -23.84 9.14
CA TYR H 175 -55.85 -24.69 9.40
C TYR H 175 -56.25 -26.10 9.79
N ALA H 176 -57.51 -26.51 9.60
CA ALA H 176 -57.83 -27.92 9.68
C ALA H 176 -57.21 -28.67 8.51
N GLY H 177 -57.14 -28.04 7.35
CA GLY H 177 -56.45 -28.59 6.21
C GLY H 177 -57.38 -29.24 5.21
N PRO H 178 -56.87 -30.28 4.53
CA PRO H 178 -57.66 -30.96 3.50
C PRO H 178 -58.51 -32.10 4.05
N VAL H 179 -58.82 -32.06 5.35
CA VAL H 179 -59.35 -33.22 6.07
C VAL H 179 -60.69 -33.68 5.50
N VAL H 180 -60.83 -34.99 5.38
CA VAL H 180 -62.06 -35.60 4.88
C VAL H 180 -63.06 -35.65 6.03
N VAL H 181 -64.23 -35.06 5.81
CA VAL H 181 -65.28 -35.08 6.82
C VAL H 181 -65.84 -36.50 6.90
N ASN H 182 -65.83 -37.06 8.11
CA ASN H 182 -66.36 -38.40 8.33
C ASN H 182 -67.87 -38.35 8.17
N THR H 183 -68.39 -39.03 7.14
CA THR H 183 -69.81 -38.99 6.84
C THR H 183 -70.64 -39.91 7.73
N THR H 184 -70.04 -40.53 8.74
CA THR H 184 -70.78 -41.30 9.73
C THR H 184 -70.83 -40.59 11.08
N ASN H 185 -69.70 -40.11 11.58
CA ASN H 185 -69.63 -39.45 12.87
C ASN H 185 -69.77 -37.94 12.80
N ASN H 186 -70.00 -37.38 11.61
CA ASN H 186 -70.20 -35.95 11.49
C ASN H 186 -71.30 -35.68 10.46
N ALA H 187 -71.71 -34.43 10.39
CA ALA H 187 -72.75 -33.99 9.46
C ALA H 187 -72.52 -32.52 9.16
N GLY H 188 -72.74 -32.13 7.90
CA GLY H 188 -72.50 -30.78 7.46
C GLY H 188 -73.74 -29.90 7.58
N LEU H 189 -73.58 -28.65 7.12
CA LEU H 189 -74.67 -27.70 7.01
C LEU H 189 -74.29 -26.63 6.00
N GLY H 190 -75.28 -25.85 5.58
CA GLY H 190 -75.05 -24.84 4.58
C GLY H 190 -76.36 -24.26 4.10
N ARG H 191 -76.30 -23.57 2.97
CA ARG H 191 -77.46 -22.93 2.37
C ARG H 191 -77.80 -23.58 1.03
N ILE H 192 -79.10 -23.70 0.77
CA ILE H 192 -79.63 -24.15 -0.51
C ILE H 192 -80.57 -23.05 -0.99
N VAL H 193 -80.67 -22.86 -2.29
CA VAL H 193 -81.78 -22.09 -2.85
C VAL H 193 -82.83 -23.08 -3.34
N SER H 194 -84.09 -22.77 -3.07
CA SER H 194 -85.14 -23.76 -3.26
C SER H 194 -85.53 -23.86 -4.74
N ALA H 195 -86.20 -24.96 -5.07
CA ALA H 195 -86.69 -25.14 -6.43
C ALA H 195 -87.86 -24.20 -6.72
N ASP H 196 -88.62 -23.84 -5.69
CA ASP H 196 -89.73 -22.89 -5.83
C ASP H 196 -89.14 -21.48 -5.80
N SER H 197 -88.58 -21.08 -6.94
CA SER H 197 -87.87 -19.81 -7.05
C SER H 197 -88.04 -19.31 -8.48
N GLU H 198 -88.68 -18.16 -8.63
CA GLU H 198 -88.95 -17.64 -9.95
C GLU H 198 -87.70 -17.04 -10.58
N GLY H 199 -87.64 -17.10 -11.90
CA GLY H 199 -86.48 -16.68 -12.66
C GLY H 199 -85.73 -17.86 -13.23
N GLN H 200 -84.63 -17.55 -13.91
CA GLN H 200 -83.78 -18.56 -14.53
C GLN H 200 -82.66 -18.92 -13.59
N GLN H 201 -82.49 -20.22 -13.32
CA GLN H 201 -81.42 -20.67 -12.44
C GLN H 201 -80.09 -20.53 -13.19
N PHE H 202 -79.28 -19.65 -12.71
CA PHE H 202 -78.03 -19.11 -13.22
C PHE H 202 -76.84 -19.74 -12.49
N PRO H 203 -75.65 -19.83 -13.11
CA PRO H 203 -74.47 -20.35 -12.40
C PRO H 203 -73.94 -19.45 -11.31
N CYS H 204 -72.81 -19.84 -10.73
CA CYS H 204 -72.24 -19.08 -9.63
C CYS H 204 -71.63 -17.77 -10.09
N TYR H 205 -71.18 -17.72 -11.36
CA TYR H 205 -70.21 -16.71 -11.80
C TYR H 205 -70.76 -15.29 -11.79
N GLY H 206 -72.07 -15.11 -11.89
CA GLY H 206 -72.60 -13.76 -11.88
C GLY H 206 -73.95 -13.62 -11.22
N ALA H 207 -74.32 -14.59 -10.38
CA ALA H 207 -75.65 -14.61 -9.82
C ALA H 207 -75.82 -13.55 -8.75
N TYR H 208 -77.06 -13.09 -8.58
CA TYR H 208 -77.37 -11.99 -7.67
C TYR H 208 -78.79 -12.14 -7.17
N ALA H 209 -78.97 -11.81 -5.88
CA ALA H 209 -80.27 -11.82 -5.25
C ALA H 209 -80.28 -10.63 -4.32
N PRO H 210 -81.27 -9.74 -4.42
CA PRO H 210 -81.25 -8.50 -3.63
C PRO H 210 -81.54 -8.79 -2.17
N PRO H 211 -80.86 -8.07 -1.27
CA PRO H 211 -81.08 -8.31 0.16
C PRO H 211 -82.41 -7.73 0.62
N GLN H 212 -82.85 -8.21 1.78
CA GLN H 212 -84.14 -7.83 2.32
C GLN H 212 -84.04 -7.00 3.59
N SER H 213 -83.23 -7.44 4.55
CA SER H 213 -83.06 -6.74 5.81
C SER H 213 -81.66 -6.16 5.89
N ALA H 214 -81.41 -5.42 6.98
CA ALA H 214 -80.06 -4.91 7.23
C ALA H 214 -79.11 -5.99 7.70
N GLY H 215 -79.62 -7.15 8.14
CA GLY H 215 -78.77 -8.28 8.41
C GLY H 215 -78.18 -8.93 7.18
N GLY H 216 -78.81 -8.73 6.02
CA GLY H 216 -78.26 -9.21 4.77
C GLY H 216 -78.77 -10.57 4.34
N ASP H 217 -80.06 -10.81 4.50
CA ASP H 217 -80.67 -12.04 4.05
C ASP H 217 -81.34 -11.85 2.70
N VAL H 218 -81.38 -12.93 1.91
CA VAL H 218 -81.91 -12.88 0.55
C VAL H 218 -83.20 -13.66 0.39
N SER H 219 -83.58 -14.49 1.36
CA SER H 219 -84.82 -15.24 1.25
C SER H 219 -86.02 -14.32 1.45
N THR H 220 -86.92 -14.31 0.48
CA THR H 220 -88.11 -13.46 0.52
C THR H 220 -89.29 -14.15 1.20
N ALA H 221 -89.08 -15.29 1.83
CA ALA H 221 -90.13 -15.96 2.60
C ALA H 221 -89.44 -16.68 3.77
N ALA H 222 -90.16 -17.62 4.38
CA ALA H 222 -89.64 -18.33 5.53
C ALA H 222 -88.52 -19.29 5.14
N VAL H 223 -87.66 -19.58 6.10
CA VAL H 223 -86.47 -20.40 5.88
C VAL H 223 -86.73 -21.76 6.51
N THR H 224 -87.02 -22.76 5.67
CA THR H 224 -87.22 -24.12 6.12
C THR H 224 -85.94 -24.92 5.93
N LYS H 225 -86.03 -26.23 6.10
CA LYS H 225 -84.85 -27.10 6.05
C LYS H 225 -85.04 -28.18 5.00
N THR H 226 -83.93 -28.83 4.65
CA THR H 226 -83.94 -29.93 3.69
C THR H 226 -82.79 -30.87 4.04
N TYR H 227 -83.12 -32.04 4.55
CA TYR H 227 -82.13 -32.95 5.09
C TYR H 227 -81.55 -33.84 3.99
N ILE H 228 -80.41 -34.45 4.29
CA ILE H 228 -79.60 -35.13 3.28
C ILE H 228 -78.94 -36.35 3.90
N ASN H 229 -78.52 -37.28 3.05
CA ASN H 229 -77.75 -38.45 3.47
C ASN H 229 -76.98 -39.01 2.28
N THR H 230 -75.68 -39.24 2.47
CA THR H 230 -74.84 -40.01 1.54
C THR H 230 -74.08 -41.06 2.34
N THR H 231 -74.74 -42.17 2.64
CA THR H 231 -74.12 -43.31 3.32
C THR H 231 -74.72 -44.59 2.74
N ASN H 232 -74.31 -45.72 3.33
CA ASN H 232 -75.01 -46.97 3.10
C ASN H 232 -76.19 -47.15 4.05
N ASN H 233 -76.40 -46.21 4.96
CA ASN H 233 -77.43 -46.31 5.98
C ASN H 233 -78.78 -45.87 5.40
N ASN H 234 -79.85 -46.33 6.04
CA ASN H 234 -81.22 -46.05 5.61
C ASN H 234 -81.89 -44.96 6.43
N GLY H 235 -81.41 -44.71 7.65
CA GLY H 235 -82.12 -43.84 8.57
C GLY H 235 -81.27 -42.82 9.29
N ARG H 236 -80.24 -42.30 8.63
CA ARG H 236 -79.44 -41.24 9.22
C ARG H 236 -79.48 -40.00 8.33
N VAL H 237 -79.04 -38.87 8.90
CA VAL H 237 -79.08 -37.58 8.23
C VAL H 237 -77.69 -36.97 8.28
N SER H 238 -77.19 -36.52 7.12
CA SER H 238 -75.85 -35.97 7.00
C SER H 238 -75.81 -34.45 6.88
N GLY H 239 -76.96 -33.77 6.94
CA GLY H 239 -76.94 -32.33 6.80
C GLY H 239 -78.29 -31.69 7.03
N THR H 240 -78.25 -30.40 7.36
CA THR H 240 -79.46 -29.63 7.63
C THR H 240 -79.92 -28.79 6.45
N MET H 241 -79.03 -27.97 5.87
CA MET H 241 -79.24 -27.26 4.61
C MET H 241 -80.44 -26.30 4.68
N ALA H 242 -80.25 -25.23 5.45
CA ALA H 242 -81.20 -24.12 5.48
C ALA H 242 -81.50 -23.55 4.10
N THR H 243 -82.73 -23.69 3.63
CA THR H 243 -83.06 -23.34 2.26
C THR H 243 -83.63 -21.94 2.16
N ASP H 244 -83.47 -21.34 0.98
CA ASP H 244 -83.92 -19.98 0.70
C ASP H 244 -84.73 -19.96 -0.59
N THR H 245 -85.58 -18.95 -0.71
CA THR H 245 -86.30 -18.71 -1.96
C THR H 245 -85.86 -17.38 -2.56
N ILE H 246 -85.65 -17.38 -3.87
CA ILE H 246 -84.94 -16.32 -4.59
C ILE H 246 -85.78 -15.91 -5.79
N THR H 247 -85.82 -14.61 -6.08
CA THR H 247 -86.11 -14.15 -7.43
C THR H 247 -84.78 -14.00 -8.17
N TRP H 248 -84.59 -14.80 -9.21
CA TRP H 248 -83.30 -14.89 -9.87
C TRP H 248 -83.08 -13.72 -10.81
N GLU H 249 -81.83 -13.25 -10.85
CA GLU H 249 -81.44 -12.23 -11.83
C GLU H 249 -79.92 -12.25 -12.00
N ASN H 250 -79.50 -12.06 -13.25
CA ASN H 250 -78.10 -11.87 -13.62
C ASN H 250 -77.94 -10.46 -14.16
N PRO H 251 -77.41 -9.53 -13.36
CA PRO H 251 -77.37 -8.14 -13.86
C PRO H 251 -76.26 -7.89 -14.86
N ASP H 252 -75.26 -8.77 -14.91
CA ASP H 252 -73.99 -8.47 -15.56
C ASP H 252 -73.48 -9.59 -16.45
N ALA H 253 -74.17 -10.72 -16.52
CA ALA H 253 -73.65 -11.86 -17.24
C ALA H 253 -74.74 -12.57 -18.01
N HIS H 254 -74.33 -13.33 -19.02
CA HIS H 254 -75.22 -14.03 -19.91
C HIS H 254 -74.73 -15.46 -20.08
N PHE H 255 -75.52 -16.27 -20.77
CA PHE H 255 -75.19 -17.67 -20.99
C PHE H 255 -74.29 -17.80 -22.22
N ALA H 256 -73.08 -18.33 -22.03
CA ALA H 256 -72.24 -18.66 -23.17
C ALA H 256 -72.49 -20.07 -23.65
N ASP H 257 -73.12 -20.90 -22.81
CA ASP H 257 -73.58 -22.23 -23.20
C ASP H 257 -74.69 -22.62 -22.23
N PHE H 258 -75.68 -23.34 -22.75
CA PHE H 258 -76.83 -23.72 -21.93
C PHE H 258 -77.39 -25.03 -22.45
N VAL H 259 -77.43 -26.03 -21.56
CA VAL H 259 -78.06 -27.31 -21.87
C VAL H 259 -79.19 -27.53 -20.88
N ASP H 260 -78.84 -27.56 -19.60
CA ASP H 260 -79.78 -27.69 -18.50
C ASP H 260 -79.52 -26.52 -17.56
N ASP H 261 -80.28 -26.42 -16.46
CA ASP H 261 -80.05 -25.37 -15.47
C ASP H 261 -78.70 -25.54 -14.79
N ARG H 262 -78.37 -26.76 -14.37
CA ARG H 262 -77.05 -27.03 -13.81
C ARG H 262 -76.00 -27.12 -14.92
N ARG H 263 -76.30 -27.87 -15.97
CA ARG H 263 -75.40 -28.04 -17.10
C ARG H 263 -75.44 -26.78 -17.96
N ALA H 264 -74.75 -25.75 -17.47
CA ALA H 264 -74.69 -24.46 -18.16
C ALA H 264 -73.51 -23.67 -17.62
N THR H 265 -72.83 -22.94 -18.51
CA THR H 265 -71.77 -22.04 -18.10
C THR H 265 -72.22 -20.59 -18.31
N ALA H 266 -71.44 -19.67 -17.78
CA ALA H 266 -71.78 -18.26 -17.82
C ALA H 266 -70.61 -17.45 -18.38
N ALA H 267 -70.91 -16.21 -18.76
CA ALA H 267 -69.91 -15.28 -19.24
C ALA H 267 -70.43 -13.88 -19.02
N GLY H 268 -69.54 -12.99 -18.59
CA GLY H 268 -69.93 -11.61 -18.36
C GLY H 268 -70.29 -10.90 -19.65
N ASN H 269 -71.16 -9.89 -19.52
CA ASN H 269 -71.59 -9.13 -20.68
C ASN H 269 -70.45 -8.29 -21.25
N ARG H 270 -70.62 -7.86 -22.49
CA ARG H 270 -69.63 -7.03 -23.13
C ARG H 270 -69.65 -5.63 -22.51
N PRO H 271 -68.49 -5.00 -22.34
CA PRO H 271 -68.48 -3.63 -21.83
C PRO H 271 -69.00 -2.65 -22.86
N ASN H 272 -69.76 -1.67 -22.39
CA ASN H 272 -70.42 -0.72 -23.28
C ASN H 272 -70.42 0.64 -22.57
N TYR H 273 -69.45 1.48 -22.91
CA TYR H 273 -69.40 2.83 -22.38
C TYR H 273 -70.34 3.73 -23.18
N ILE H 274 -71.32 4.31 -22.51
CA ILE H 274 -72.25 5.23 -23.17
C ILE H 274 -72.12 6.60 -22.51
N GLY H 275 -71.55 7.55 -23.24
CA GLY H 275 -71.47 8.92 -22.77
C GLY H 275 -71.67 9.89 -23.92
N PHE H 276 -71.37 11.17 -23.72
CA PHE H 276 -71.53 12.12 -24.82
C PHE H 276 -70.38 11.99 -25.80
N ARG H 277 -70.44 12.77 -26.88
CA ARG H 277 -69.39 12.77 -27.88
C ARG H 277 -68.24 13.65 -27.44
N ASP H 278 -67.17 13.62 -28.25
CA ASP H 278 -66.12 14.63 -28.15
C ASP H 278 -66.74 16.00 -28.45
N ASN H 279 -66.30 17.01 -27.71
CA ASN H 279 -66.63 18.43 -27.89
C ASN H 279 -68.13 18.73 -27.84
N PHE H 280 -68.94 17.78 -27.35
CA PHE H 280 -70.39 17.74 -27.54
C PHE H 280 -70.77 17.95 -29.01
N ILE H 281 -70.08 17.19 -29.87
CA ILE H 281 -70.44 17.08 -31.28
C ILE H 281 -71.80 16.40 -31.38
N GLY H 282 -72.71 16.99 -32.12
CA GLY H 282 -74.02 16.41 -32.32
C GLY H 282 -75.03 16.76 -31.25
N MET H 283 -74.66 17.58 -30.28
CA MET H 283 -75.65 18.10 -29.33
C MET H 283 -76.58 19.08 -30.01
N MET H 284 -76.08 19.81 -31.00
CA MET H 284 -76.73 20.99 -31.53
C MET H 284 -76.83 20.91 -33.03
N TYR H 285 -77.91 21.46 -33.58
CA TYR H 285 -78.13 21.43 -35.02
C TYR H 285 -77.24 22.43 -35.74
N TYR H 286 -76.02 22.02 -36.04
CA TYR H 286 -75.15 22.78 -36.93
C TYR H 286 -75.39 22.31 -38.35
N ASN H 287 -75.59 23.27 -39.25
CA ASN H 287 -75.68 23.05 -40.70
C ASN H 287 -76.86 22.16 -41.09
N SER H 288 -77.91 22.16 -40.29
CA SER H 288 -79.14 21.52 -40.73
C SER H 288 -79.93 22.46 -41.61
N GLY H 289 -80.79 21.90 -42.45
CA GLY H 289 -81.57 22.71 -43.36
C GLY H 289 -82.69 23.45 -42.68
N SER H 290 -83.62 22.70 -42.09
CA SER H 290 -84.80 23.27 -41.47
C SER H 290 -84.58 23.68 -40.03
N ASN H 291 -83.35 23.64 -39.54
CA ASN H 291 -83.06 23.86 -38.14
C ASN H 291 -81.90 24.84 -37.96
N THR H 292 -81.89 25.88 -38.78
CA THR H 292 -80.87 26.91 -38.65
C THR H 292 -81.16 27.79 -37.44
N GLY H 293 -80.17 27.98 -36.60
CA GLY H 293 -80.30 28.89 -35.48
C GLY H 293 -80.25 30.33 -35.94
N SER H 294 -80.56 31.23 -35.01
CA SER H 294 -80.70 32.64 -35.33
C SER H 294 -79.83 33.50 -34.44
N PHE H 295 -79.29 34.57 -35.02
CA PHE H 295 -78.65 35.62 -34.26
C PHE H 295 -78.83 36.92 -35.03
N SER H 296 -79.80 37.73 -34.61
CA SER H 296 -80.21 38.90 -35.35
C SER H 296 -80.33 40.07 -34.39
N SER H 297 -80.93 41.16 -34.87
CA SER H 297 -80.98 42.41 -34.13
C SER H 297 -82.29 43.12 -34.48
N GLN H 298 -82.37 44.39 -34.13
CA GLN H 298 -83.29 45.30 -34.79
C GLN H 298 -82.61 45.80 -36.06
N THR H 299 -83.34 46.63 -36.85
CA THR H 299 -82.84 47.24 -38.08
C THR H 299 -82.39 46.20 -39.10
N GLN H 300 -83.34 45.65 -39.88
CA GLN H 300 -83.27 44.42 -40.69
C GLN H 300 -83.22 43.16 -39.83
N GLN H 301 -84.40 42.78 -39.33
CA GLN H 301 -84.66 41.59 -38.51
C GLN H 301 -84.11 40.27 -39.04
N LEU H 302 -83.73 40.18 -40.32
CA LEU H 302 -83.39 38.92 -40.96
C LEU H 302 -82.16 38.26 -40.33
N ASN H 303 -82.09 36.94 -40.50
CA ASN H 303 -81.15 36.06 -39.85
C ASN H 303 -79.74 36.26 -40.39
N ILE H 304 -78.76 35.83 -39.62
CA ILE H 304 -77.36 35.96 -39.99
C ILE H 304 -76.70 34.60 -40.16
N VAL H 305 -77.15 33.62 -39.38
CA VAL H 305 -76.57 32.29 -39.47
C VAL H 305 -77.17 31.61 -40.70
N LEU H 306 -76.48 31.73 -41.83
CA LEU H 306 -76.94 31.10 -43.06
C LEU H 306 -76.20 29.79 -43.21
N ASP H 307 -76.75 28.75 -42.57
CA ASP H 307 -76.17 27.43 -42.65
C ASP H 307 -76.40 26.81 -44.02
N LEU H 308 -75.53 25.88 -44.39
CA LEU H 308 -75.61 25.18 -45.66
C LEU H 308 -75.53 23.68 -45.43
N ASN H 309 -76.02 22.92 -46.41
CA ASN H 309 -75.87 21.48 -46.34
C ASN H 309 -74.45 21.03 -46.70
N ASP H 310 -73.70 21.88 -47.41
CA ASP H 310 -72.35 21.51 -47.83
C ASP H 310 -71.34 21.70 -46.70
N ARG H 311 -71.51 22.73 -45.89
CA ARG H 311 -70.54 23.05 -44.85
C ARG H 311 -70.63 22.07 -43.70
N ASN H 312 -69.48 21.66 -43.17
CA ASN H 312 -69.40 20.79 -42.00
C ASN H 312 -68.70 21.59 -40.91
N SER H 313 -69.48 22.08 -39.95
CA SER H 313 -68.92 22.90 -38.88
C SER H 313 -68.42 22.04 -37.73
N GLU H 314 -68.85 20.78 -37.69
CA GLU H 314 -68.36 19.88 -36.67
C GLU H 314 -66.92 19.47 -36.95
N LEU H 315 -66.64 19.06 -38.19
CA LEU H 315 -65.30 18.57 -38.51
C LEU H 315 -64.32 19.71 -38.67
N SER H 316 -64.82 20.91 -38.97
CA SER H 316 -63.92 22.06 -39.06
C SER H 316 -63.45 22.49 -37.68
N TYR H 317 -64.26 22.22 -36.66
CA TYR H 317 -63.84 22.51 -35.29
C TYR H 317 -62.82 21.48 -34.81
N GLN H 318 -62.86 20.28 -35.37
CA GLN H 318 -61.89 19.26 -35.01
C GLN H 318 -60.51 19.59 -35.56
N TYR H 319 -60.46 20.11 -36.79
CA TYR H 319 -59.16 20.44 -37.38
C TYR H 319 -58.63 21.76 -36.83
N LEU H 320 -59.53 22.67 -36.46
CA LEU H 320 -59.09 23.93 -35.85
C LEU H 320 -58.50 23.69 -34.48
N LEU H 321 -59.05 22.76 -33.73
CA LEU H 321 -58.53 22.48 -32.41
C LEU H 321 -57.30 21.59 -32.45
N ALA H 322 -57.03 20.94 -33.59
CA ALA H 322 -55.94 19.98 -33.64
C ALA H 322 -54.57 20.63 -33.84
N ASP H 323 -54.51 21.85 -34.36
CA ASP H 323 -53.22 22.53 -34.49
C ASP H 323 -52.99 23.62 -33.46
N LEU H 324 -54.04 24.10 -32.78
CA LEU H 324 -53.84 25.01 -31.66
C LEU H 324 -53.18 24.29 -30.49
N THR H 325 -53.83 23.25 -30.00
CA THR H 325 -53.32 22.48 -28.88
C THR H 325 -53.07 21.04 -29.32
N SER H 326 -52.34 20.30 -28.50
CA SER H 326 -52.20 18.88 -28.72
C SER H 326 -53.46 18.17 -28.25
N ARG H 327 -53.55 16.88 -28.60
CA ARG H 327 -54.71 16.08 -28.25
C ARG H 327 -54.38 15.00 -27.23
N TRP H 328 -53.30 15.17 -26.47
CA TRP H 328 -52.99 14.25 -25.38
C TRP H 328 -53.58 14.71 -24.06
N HIS H 329 -54.27 15.85 -24.02
CA HIS H 329 -54.72 16.45 -22.78
C HIS H 329 -56.24 16.43 -22.71
N TYR H 330 -56.76 16.00 -21.57
CA TYR H 330 -58.20 15.83 -21.35
C TYR H 330 -58.72 17.03 -20.59
N PHE H 331 -59.41 17.91 -21.29
CA PHE H 331 -59.95 19.13 -20.73
C PHE H 331 -61.44 18.90 -20.50
N ALA H 332 -61.82 18.68 -19.24
CA ALA H 332 -63.16 18.19 -18.94
C ALA H 332 -64.25 19.24 -19.05
N LEU H 333 -63.94 20.49 -19.39
CA LEU H 333 -65.01 21.47 -19.52
C LEU H 333 -65.76 21.27 -20.82
N TRP H 334 -65.06 21.33 -21.96
CA TRP H 334 -65.71 21.18 -23.25
C TRP H 334 -65.90 19.74 -23.66
N ASN H 335 -65.77 18.79 -22.71
CA ASN H 335 -65.80 17.34 -22.96
C ASN H 335 -64.74 16.99 -23.99
N GLN H 336 -63.55 17.54 -23.79
CA GLN H 336 -62.50 17.56 -24.80
C GLN H 336 -61.64 16.32 -24.56
N ALA H 337 -62.10 15.18 -25.06
CA ALA H 337 -61.41 13.91 -24.92
C ALA H 337 -61.38 13.21 -26.27
N VAL H 338 -60.31 12.48 -26.56
CA VAL H 338 -59.97 12.06 -27.90
C VAL H 338 -60.20 10.56 -28.05
N ASP H 339 -60.94 10.17 -29.08
CA ASP H 339 -61.03 8.77 -29.48
C ASP H 339 -59.67 8.32 -30.02
N ASP H 340 -58.99 7.44 -29.29
CA ASP H 340 -57.75 6.85 -29.77
C ASP H 340 -57.78 5.35 -29.56
N TYR H 341 -57.65 4.59 -30.64
CA TYR H 341 -57.57 3.15 -30.53
C TYR H 341 -56.26 2.74 -29.88
N ASP H 342 -56.26 1.55 -29.29
CA ASP H 342 -55.02 1.00 -28.75
C ASP H 342 -54.14 0.59 -29.92
N HIS H 343 -52.87 0.98 -29.86
CA HIS H 343 -51.99 0.80 -31.00
C HIS H 343 -51.64 -0.66 -31.23
N HIS H 344 -51.67 -1.48 -30.19
CA HIS H 344 -51.36 -2.90 -30.30
C HIS H 344 -52.61 -3.75 -30.45
N VAL H 345 -53.67 -3.18 -31.01
CA VAL H 345 -54.91 -3.89 -31.32
C VAL H 345 -55.22 -3.86 -32.81
N ARG H 346 -55.06 -2.71 -33.45
CA ARG H 346 -55.11 -2.70 -34.91
C ARG H 346 -53.85 -3.29 -35.50
N ILE H 347 -52.69 -2.76 -35.14
CA ILE H 347 -51.43 -2.98 -35.84
C ILE H 347 -50.83 -4.35 -35.48
N LEU H 348 -51.45 -5.03 -34.50
CA LEU H 348 -50.88 -6.01 -33.58
C LEU H 348 -49.74 -6.89 -34.09
N GLU H 349 -48.65 -6.97 -33.35
CA GLU H 349 -47.57 -7.89 -33.66
C GLU H 349 -47.73 -9.13 -32.82
N ASN H 350 -47.44 -10.29 -33.41
CA ASN H 350 -47.53 -11.55 -32.67
C ASN H 350 -46.14 -11.96 -32.21
N ASP H 351 -45.56 -11.11 -31.37
CA ASP H 351 -44.42 -11.52 -30.58
C ASP H 351 -44.88 -12.58 -29.59
N GLY H 352 -44.07 -13.61 -29.41
CA GLY H 352 -44.41 -14.66 -28.48
C GLY H 352 -44.28 -14.19 -27.04
N TYR H 353 -44.81 -15.01 -26.14
CA TYR H 353 -44.71 -14.73 -24.71
C TYR H 353 -43.28 -14.92 -24.23
N GLU H 354 -42.92 -14.19 -23.18
CA GLU H 354 -41.60 -14.32 -22.58
C GLU H 354 -41.51 -15.65 -21.85
N GLU H 355 -40.73 -16.57 -22.39
CA GLU H 355 -40.64 -17.92 -21.85
C GLU H 355 -39.72 -17.95 -20.63
N GLY H 356 -40.18 -18.62 -19.57
CA GLY H 356 -39.40 -18.70 -18.36
C GLY H 356 -39.51 -20.05 -17.66
N PRO H 357 -39.16 -20.07 -16.37
CA PRO H 357 -39.29 -21.29 -15.57
C PRO H 357 -40.75 -21.64 -15.35
N PRO H 358 -41.08 -22.90 -15.04
CA PRO H 358 -42.49 -23.27 -14.87
C PRO H 358 -43.10 -22.65 -13.64
N ASN H 359 -44.35 -22.21 -13.79
CA ASN H 359 -45.06 -21.44 -12.77
C ASN H 359 -46.01 -22.39 -12.06
N LEU H 360 -45.52 -23.02 -10.99
CA LEU H 360 -46.24 -24.08 -10.31
C LEU H 360 -47.22 -23.51 -9.30
N ALA H 361 -48.32 -24.22 -9.11
CA ALA H 361 -49.30 -23.93 -8.06
C ALA H 361 -49.24 -25.03 -7.01
N PHE H 362 -49.39 -24.63 -5.76
CA PHE H 362 -49.10 -25.43 -4.57
C PHE H 362 -50.33 -25.51 -3.69
N PRO H 363 -50.57 -26.64 -3.02
CA PRO H 363 -51.68 -26.70 -2.07
C PRO H 363 -51.36 -25.86 -0.85
N PRO H 364 -52.37 -25.26 -0.20
CA PRO H 364 -52.09 -24.36 0.93
C PRO H 364 -51.54 -25.07 2.15
N HIS H 365 -52.10 -26.23 2.51
CA HIS H 365 -51.38 -27.19 3.32
C HIS H 365 -50.24 -27.73 2.44
N VAL H 366 -49.03 -27.80 3.00
CA VAL H 366 -47.87 -28.10 2.17
C VAL H 366 -47.36 -29.53 2.37
N ILE H 367 -47.95 -30.28 3.30
CA ILE H 367 -47.35 -31.49 3.84
C ILE H 367 -48.10 -32.75 3.41
N SER H 368 -48.65 -32.74 2.22
CA SER H 368 -49.58 -33.80 1.85
C SER H 368 -48.93 -34.87 0.97
N ASN H 369 -49.63 -35.95 0.88
CA ASN H 369 -49.57 -37.13 0.03
C ASN H 369 -50.37 -36.83 -1.24
N PRO H 370 -49.84 -37.06 -2.46
CA PRO H 370 -50.54 -36.56 -3.67
C PRO H 370 -51.85 -37.25 -4.00
N PHE H 371 -52.26 -38.31 -3.29
CA PHE H 371 -53.58 -38.89 -3.54
C PHE H 371 -54.27 -39.29 -2.25
N ALA H 372 -53.92 -38.66 -1.14
CA ALA H 372 -54.40 -39.05 0.18
C ALA H 372 -54.19 -37.87 1.11
N PRO H 373 -54.86 -37.86 2.27
CA PRO H 373 -54.46 -36.94 3.32
C PRO H 373 -53.12 -37.32 3.93
N ALA H 374 -52.60 -36.42 4.75
CA ALA H 374 -51.28 -36.61 5.36
C ALA H 374 -51.31 -37.75 6.36
N ALA H 375 -50.34 -38.65 6.23
CA ALA H 375 -50.30 -39.83 7.08
C ALA H 375 -49.86 -39.47 8.49
N VAL H 376 -50.70 -39.81 9.46
CA VAL H 376 -50.49 -39.44 10.86
C VAL H 376 -49.93 -40.66 11.59
N GLY H 377 -49.06 -40.40 12.56
CA GLY H 377 -48.42 -41.48 13.29
C GLY H 377 -47.65 -40.94 14.48
N THR H 378 -46.90 -41.85 15.11
CA THR H 378 -46.10 -41.49 16.26
C THR H 378 -44.62 -41.54 15.94
N GLY H 379 -43.84 -40.75 16.67
CA GLY H 379 -42.40 -40.82 16.57
C GLY H 379 -41.85 -41.71 17.65
N MET H 380 -40.65 -42.27 17.47
CA MET H 380 -40.08 -43.14 18.49
C MET H 380 -38.56 -43.13 18.45
N THR H 381 -37.98 -43.74 19.48
CA THR H 381 -36.53 -43.77 19.66
C THR H 381 -36.03 -45.21 19.61
N VAL H 382 -34.85 -45.39 19.02
CA VAL H 382 -34.25 -46.71 18.90
C VAL H 382 -33.20 -46.91 19.98
N ASN H 383 -32.82 -48.17 20.19
CA ASN H 383 -31.77 -48.48 21.15
C ASN H 383 -30.40 -48.17 20.57
N GLU H 384 -30.22 -48.41 19.27
CA GLU H 384 -29.04 -48.21 18.40
C GLU H 384 -27.95 -49.25 18.69
N GLN H 385 -28.05 -50.01 19.79
CA GLN H 385 -27.17 -51.14 20.03
C GLN H 385 -27.85 -52.46 19.73
N GLN H 386 -29.17 -52.52 19.88
CA GLN H 386 -29.98 -53.59 19.35
C GLN H 386 -31.07 -52.94 18.51
N GLN H 387 -31.46 -53.62 17.42
CA GLN H 387 -32.40 -53.04 16.46
C GLN H 387 -33.83 -53.15 16.99
N THR H 388 -34.14 -52.28 17.95
CA THR H 388 -35.44 -52.26 18.60
C THR H 388 -35.96 -50.84 18.66
N ALA H 389 -37.19 -50.64 18.16
CA ALA H 389 -37.80 -49.31 18.08
C ALA H 389 -39.18 -49.36 18.74
N ALA H 390 -39.23 -49.08 20.03
CA ALA H 390 -40.49 -48.99 20.75
C ALA H 390 -40.95 -47.55 20.81
N VAL H 391 -42.27 -47.36 20.85
CA VAL H 391 -42.87 -46.03 20.74
C VAL H 391 -42.63 -45.23 22.02
N THR H 392 -42.31 -43.95 21.85
CA THR H 392 -42.15 -43.05 22.98
C THR H 392 -43.42 -42.25 23.21
N ALA H 393 -43.59 -41.77 24.43
CA ALA H 393 -44.83 -41.14 24.84
C ALA H 393 -44.86 -39.68 24.41
N ASN H 394 -46.08 -39.20 24.16
CA ASN H 394 -46.38 -37.79 23.85
C ASN H 394 -45.63 -37.32 22.61
N THR H 395 -45.68 -38.13 21.55
CA THR H 395 -45.18 -37.77 20.23
C THR H 395 -46.20 -38.24 19.21
N VAL H 396 -46.92 -37.30 18.60
CA VAL H 396 -47.72 -37.60 17.42
C VAL H 396 -47.18 -36.77 16.27
N ALA H 397 -47.33 -37.29 15.06
CA ALA H 397 -46.67 -36.69 13.92
C ALA H 397 -47.40 -37.01 12.64
N LEU H 398 -47.45 -36.03 11.73
CA LEU H 398 -48.05 -36.21 10.42
C LEU H 398 -47.02 -35.81 9.37
N ILE H 399 -46.69 -36.74 8.48
CA ILE H 399 -45.62 -36.57 7.51
C ILE H 399 -46.15 -36.88 6.11
N GLY H 400 -45.33 -36.63 5.10
CA GLY H 400 -45.82 -36.50 3.75
C GLY H 400 -45.43 -37.54 2.70
N TYR H 401 -44.20 -38.05 2.76
CA TYR H 401 -43.64 -39.07 1.87
C TYR H 401 -43.65 -38.63 0.40
N GLY H 402 -42.83 -37.65 0.10
CA GLY H 402 -42.53 -37.36 -1.28
C GLY H 402 -42.39 -35.89 -1.53
N ASN H 403 -42.58 -35.52 -2.78
CA ASN H 403 -42.51 -34.12 -3.17
C ASN H 403 -43.82 -33.41 -2.81
N ILE H 404 -43.83 -32.10 -2.98
CA ILE H 404 -45.07 -31.34 -2.83
C ILE H 404 -45.89 -31.50 -4.10
N PRO H 405 -47.15 -31.96 -4.01
CA PRO H 405 -47.94 -32.18 -5.22
C PRO H 405 -48.37 -30.90 -5.90
N ALA H 406 -47.73 -30.56 -7.01
CA ALA H 406 -47.95 -29.29 -7.68
C ALA H 406 -48.67 -29.48 -9.00
N VAL H 407 -49.27 -28.38 -9.48
CA VAL H 407 -49.85 -28.30 -10.81
C VAL H 407 -49.26 -27.07 -11.49
N GLU H 408 -49.21 -27.12 -12.82
CA GLU H 408 -48.46 -26.16 -13.63
C GLU H 408 -49.40 -25.49 -14.62
N MET H 409 -49.12 -24.22 -14.91
CA MET H 409 -49.82 -23.53 -15.98
C MET H 409 -48.84 -22.60 -16.68
N ASN H 410 -48.92 -22.57 -18.01
CA ASN H 410 -48.07 -21.67 -18.78
C ASN H 410 -48.57 -20.26 -18.55
N LEU H 411 -47.87 -19.54 -17.67
CA LEU H 411 -48.35 -18.24 -17.22
C LEU H 411 -48.31 -17.17 -18.31
N PRO H 412 -47.18 -16.89 -19.00
CA PRO H 412 -47.20 -15.76 -19.95
C PRO H 412 -47.98 -16.03 -21.21
N ALA H 413 -48.31 -17.28 -21.51
CA ALA H 413 -49.18 -17.59 -22.64
C ALA H 413 -50.64 -17.48 -22.26
N ASN H 414 -50.99 -17.65 -20.98
CA ASN H 414 -52.35 -17.44 -20.54
C ASN H 414 -52.70 -15.97 -20.40
N LEU H 415 -51.72 -15.11 -20.14
CA LEU H 415 -51.96 -13.68 -20.27
C LEU H 415 -52.08 -13.26 -21.72
N LYS H 416 -51.52 -14.05 -22.64
CA LYS H 416 -51.57 -13.74 -24.05
C LYS H 416 -52.92 -14.10 -24.66
N ARG H 417 -53.54 -15.19 -24.18
CA ARG H 417 -54.82 -15.62 -24.73
C ARG H 417 -55.94 -14.68 -24.33
N THR H 418 -55.93 -14.19 -23.09
CA THR H 418 -56.97 -13.28 -22.65
C THR H 418 -56.77 -11.88 -23.20
N PHE H 419 -55.61 -11.56 -23.74
CA PHE H 419 -55.43 -10.32 -24.47
C PHE H 419 -55.94 -10.44 -25.90
N LEU H 420 -55.71 -11.59 -26.54
CA LEU H 420 -56.16 -11.77 -27.92
C LEU H 420 -57.65 -12.04 -28.00
N TYR H 421 -58.24 -12.60 -26.95
CA TYR H 421 -59.66 -12.91 -27.01
C TYR H 421 -60.51 -11.67 -26.80
N SER H 422 -60.31 -10.97 -25.69
CA SER H 422 -61.17 -9.86 -25.31
C SER H 422 -60.96 -8.61 -26.14
N ASN H 423 -59.89 -8.54 -26.94
CA ASN H 423 -59.60 -7.36 -27.73
C ASN H 423 -59.72 -7.58 -29.23
N VAL H 424 -59.44 -8.78 -29.71
CA VAL H 424 -59.44 -9.07 -31.14
C VAL H 424 -60.58 -10.01 -31.50
N ALA H 425 -60.71 -11.14 -30.78
CA ALA H 425 -61.78 -12.08 -31.07
C ALA H 425 -63.14 -11.54 -30.66
N MET H 426 -63.16 -10.67 -29.66
CA MET H 426 -64.42 -10.14 -29.16
C MET H 426 -65.04 -9.15 -30.14
N TYR H 427 -64.22 -8.53 -30.99
CA TYR H 427 -64.66 -7.46 -31.88
C TYR H 427 -64.64 -7.88 -33.35
N LEU H 428 -65.03 -9.10 -33.64
CA LEU H 428 -65.11 -9.59 -35.01
C LEU H 428 -66.34 -9.02 -35.71
N PRO H 429 -66.41 -9.11 -37.04
CA PRO H 429 -67.69 -8.94 -37.72
C PRO H 429 -68.62 -10.11 -37.43
N ASP H 430 -69.90 -9.89 -37.76
CA ASP H 430 -70.95 -10.86 -37.45
C ASP H 430 -70.83 -12.14 -38.29
N THR H 431 -70.07 -12.11 -39.38
CA THR H 431 -69.88 -13.31 -40.19
C THR H 431 -69.06 -14.35 -39.45
N TYR H 432 -68.06 -13.93 -38.69
CA TYR H 432 -67.15 -14.84 -38.00
C TYR H 432 -67.57 -15.12 -36.57
N LYS H 433 -68.85 -15.00 -36.25
CA LYS H 433 -69.35 -15.31 -34.93
C LYS H 433 -70.49 -16.31 -35.03
N PHE H 434 -70.77 -16.99 -33.92
CA PHE H 434 -71.85 -17.95 -33.86
C PHE H 434 -72.68 -17.70 -32.62
N THR H 435 -73.86 -18.21 -32.62
CA THR H 435 -74.64 -18.16 -31.41
C THR H 435 -74.60 -19.51 -30.70
N PRO H 436 -74.68 -19.55 -29.39
CA PRO H 436 -74.71 -20.83 -28.69
C PRO H 436 -76.04 -21.53 -28.90
N ALA H 437 -76.04 -22.82 -28.60
CA ALA H 437 -77.26 -23.62 -28.72
C ALA H 437 -78.15 -23.39 -27.51
N ASN H 438 -79.47 -23.57 -27.73
CA ASN H 438 -80.51 -23.47 -26.70
C ASN H 438 -80.54 -22.09 -26.03
N VAL H 439 -80.29 -21.05 -26.82
CA VAL H 439 -80.44 -19.67 -26.35
C VAL H 439 -80.93 -18.83 -27.51
N ASP H 440 -81.86 -17.92 -27.24
CA ASP H 440 -82.55 -17.15 -28.26
C ASP H 440 -82.13 -15.69 -28.16
N LEU H 441 -81.78 -15.12 -29.27
CA LEU H 441 -81.36 -13.75 -29.50
C LEU H 441 -82.51 -12.92 -30.05
N PRO H 442 -82.53 -11.61 -29.79
CA PRO H 442 -83.53 -10.77 -30.43
C PRO H 442 -83.29 -10.62 -31.92
N GLU H 443 -84.37 -10.29 -32.64
CA GLU H 443 -84.32 -10.25 -34.10
C GLU H 443 -83.64 -9.01 -34.64
N ASN H 444 -83.51 -7.96 -33.83
CA ASN H 444 -82.81 -6.75 -34.25
C ASN H 444 -81.31 -7.04 -34.24
N HIS H 445 -80.70 -7.05 -35.41
CA HIS H 445 -79.26 -7.32 -35.50
C HIS H 445 -78.41 -6.14 -35.09
N LEU H 446 -79.01 -4.98 -34.80
CA LEU H 446 -78.28 -3.81 -34.33
C LEU H 446 -78.60 -3.47 -32.88
N SER H 447 -79.26 -4.36 -32.16
CA SER H 447 -79.56 -4.12 -30.76
C SER H 447 -78.44 -4.67 -29.88
N TYR H 448 -78.56 -4.42 -28.59
CA TYR H 448 -77.53 -4.89 -27.66
C TYR H 448 -77.67 -6.38 -27.37
N GLY H 449 -78.89 -6.89 -27.30
CA GLY H 449 -79.11 -8.29 -26.99
C GLY H 449 -78.61 -9.25 -28.05
N TYR H 450 -78.45 -8.77 -29.28
CA TYR H 450 -77.87 -9.60 -30.33
C TYR H 450 -76.35 -9.53 -30.35
N ILE H 451 -75.78 -8.34 -30.17
CA ILE H 451 -74.32 -8.19 -30.19
C ILE H 451 -73.70 -8.84 -28.96
N ASN H 452 -74.44 -8.89 -27.85
CA ASN H 452 -73.94 -9.50 -26.63
C ASN H 452 -73.88 -11.02 -26.76
N GLY H 453 -74.81 -11.62 -27.49
CA GLY H 453 -74.95 -13.06 -27.51
C GLY H 453 -74.14 -13.81 -28.55
N ARG H 454 -73.61 -13.12 -29.55
CA ARG H 454 -72.81 -13.77 -30.58
C ARG H 454 -71.42 -14.07 -30.03
N LEU H 455 -71.07 -15.33 -30.00
CA LEU H 455 -69.74 -15.72 -29.54
C LEU H 455 -68.81 -15.96 -30.73
N PRO H 456 -67.53 -15.63 -30.61
CA PRO H 456 -66.63 -15.72 -31.76
C PRO H 456 -66.12 -17.13 -32.05
N LEU H 457 -65.82 -17.35 -33.33
CA LEU H 457 -65.24 -18.62 -33.76
C LEU H 457 -63.81 -18.76 -33.22
N PRO H 458 -63.42 -19.97 -32.79
CA PRO H 458 -62.12 -20.16 -32.14
C PRO H 458 -60.86 -19.91 -32.97
N ASN H 459 -60.69 -20.63 -34.07
CA ASN H 459 -59.36 -20.79 -34.65
C ASN H 459 -58.90 -19.60 -35.48
N ILE H 460 -59.71 -18.55 -35.64
CA ILE H 460 -59.29 -17.50 -36.55
C ILE H 460 -58.21 -16.62 -35.92
N VAL H 461 -58.26 -16.41 -34.61
CA VAL H 461 -57.18 -15.78 -33.86
C VAL H 461 -56.86 -16.63 -32.65
N ASP H 462 -55.58 -16.66 -32.29
CA ASP H 462 -55.05 -17.47 -31.20
C ASP H 462 -53.69 -16.88 -30.86
N THR H 463 -52.90 -17.59 -30.06
CA THR H 463 -51.57 -17.09 -29.73
C THR H 463 -50.53 -17.45 -30.78
N TRP H 464 -50.95 -17.97 -31.94
CA TRP H 464 -50.04 -18.33 -33.02
C TRP H 464 -50.31 -17.62 -34.34
N THR H 465 -51.38 -16.83 -34.43
CA THR H 465 -51.88 -16.40 -35.74
C THR H 465 -50.97 -15.34 -36.36
N ASP H 466 -50.34 -15.73 -37.48
CA ASP H 466 -49.32 -14.96 -38.19
C ASP H 466 -48.21 -14.53 -37.22
N ILE H 467 -47.53 -15.52 -36.67
CA ILE H 467 -46.66 -15.30 -35.53
C ILE H 467 -45.34 -14.74 -36.02
N GLY H 468 -44.83 -13.75 -35.28
CA GLY H 468 -43.62 -13.05 -35.69
C GLY H 468 -43.90 -11.73 -36.37
N ALA H 469 -44.95 -11.67 -37.19
CA ALA H 469 -45.18 -10.52 -38.05
C ALA H 469 -46.03 -9.46 -37.35
N ARG H 470 -45.83 -8.22 -37.77
CA ARG H 470 -46.68 -7.10 -37.37
C ARG H 470 -47.70 -6.90 -38.47
N TRP H 471 -48.91 -7.38 -38.23
CA TRP H 471 -49.88 -7.57 -39.31
C TRP H 471 -51.29 -7.46 -38.75
N SER H 472 -52.04 -6.47 -39.22
CA SER H 472 -53.45 -6.37 -38.88
C SER H 472 -54.21 -7.52 -39.51
N LEU H 473 -55.26 -7.97 -38.82
CA LEU H 473 -56.13 -9.01 -39.36
C LEU H 473 -56.83 -8.49 -40.61
N ASP H 474 -56.86 -9.33 -41.66
CA ASP H 474 -57.37 -8.91 -42.96
C ASP H 474 -58.86 -8.60 -42.94
N VAL H 475 -59.61 -9.13 -41.98
CA VAL H 475 -61.01 -8.81 -41.83
C VAL H 475 -61.26 -7.77 -40.75
N MET H 476 -60.22 -7.35 -40.04
CA MET H 476 -60.32 -6.27 -39.07
C MET H 476 -59.84 -4.94 -39.64
N ASP H 477 -59.92 -4.77 -40.96
CA ASP H 477 -59.59 -3.49 -41.59
C ASP H 477 -60.82 -2.63 -41.80
N THR H 478 -61.94 -3.25 -42.15
CA THR H 478 -63.20 -2.54 -42.29
C THR H 478 -63.87 -2.23 -40.97
N VAL H 479 -63.45 -2.88 -39.89
CA VAL H 479 -64.07 -2.66 -38.58
C VAL H 479 -63.52 -1.36 -38.00
N ASN H 480 -64.43 -0.52 -37.51
CA ASN H 480 -64.11 0.75 -36.89
C ASN H 480 -63.26 0.53 -35.65
N PRO H 481 -62.05 1.08 -35.58
CA PRO H 481 -61.20 0.88 -34.40
C PRO H 481 -61.70 1.61 -33.16
N PHE H 482 -62.54 2.61 -33.32
CA PHE H 482 -62.95 3.42 -32.19
C PHE H 482 -64.26 2.91 -31.59
N ASN H 483 -64.75 1.78 -32.08
CA ASN H 483 -65.82 1.04 -31.41
C ASN H 483 -65.23 -0.06 -30.55
N HIS H 484 -64.38 0.33 -29.63
CA HIS H 484 -63.57 -0.59 -28.86
C HIS H 484 -63.53 -0.11 -27.42
N HIS H 485 -63.42 -1.04 -26.48
CA HIS H 485 -63.47 -0.62 -25.07
C HIS H 485 -62.13 -0.11 -24.55
N ARG H 486 -61.12 0.06 -25.40
CA ARG H 486 -59.82 0.55 -24.97
C ARG H 486 -59.48 1.88 -25.62
N ASN H 487 -60.48 2.69 -25.96
CA ASN H 487 -60.24 4.09 -26.27
C ASN H 487 -60.38 4.91 -24.99
N THR H 488 -59.32 5.63 -24.66
CA THR H 488 -59.27 6.38 -23.41
C THR H 488 -60.03 7.70 -23.48
N GLY H 489 -60.75 7.95 -24.57
CA GLY H 489 -61.60 9.11 -24.66
C GLY H 489 -63.01 8.78 -24.23
N LEU H 490 -63.59 7.75 -24.84
CA LEU H 490 -64.94 7.33 -24.47
C LEU H 490 -64.97 6.72 -23.07
N LYS H 491 -63.88 6.07 -22.66
CA LYS H 491 -63.74 5.64 -21.28
C LYS H 491 -63.67 6.82 -20.32
N TYR H 492 -63.10 7.94 -20.79
CA TYR H 492 -63.07 9.15 -19.98
C TYR H 492 -64.41 9.88 -20.04
N ARG H 493 -65.05 9.91 -21.20
CA ARG H 493 -66.29 10.66 -21.34
C ARG H 493 -67.47 9.96 -20.70
N SER H 494 -67.48 8.63 -20.65
CA SER H 494 -68.59 7.93 -20.03
C SER H 494 -68.48 7.92 -18.52
N GLN H 495 -67.27 7.87 -17.98
CA GLN H 495 -67.06 7.88 -16.54
C GLN H 495 -67.09 9.29 -15.97
N LEU H 496 -67.11 10.31 -16.82
CA LEU H 496 -67.13 11.68 -16.35
C LEU H 496 -68.50 12.06 -15.81
N LEU H 497 -69.55 11.38 -16.28
CA LEU H 497 -70.91 11.66 -15.83
C LEU H 497 -71.32 10.81 -14.64
N GLY H 498 -70.90 9.54 -14.63
CA GLY H 498 -71.26 8.67 -13.53
C GLY H 498 -71.01 7.22 -13.91
N ASN H 499 -71.71 6.32 -13.22
CA ASN H 499 -71.64 4.91 -13.56
C ASN H 499 -73.01 4.27 -13.69
N GLY H 500 -74.08 5.04 -13.60
CA GLY H 500 -75.40 4.45 -13.54
C GLY H 500 -76.24 4.64 -14.78
N ARG H 501 -77.33 3.88 -14.86
CA ARG H 501 -78.26 3.99 -15.98
C ARG H 501 -79.02 5.30 -15.93
N TYR H 502 -79.41 5.73 -14.74
CA TYR H 502 -80.06 7.02 -14.51
C TYR H 502 -79.04 7.97 -13.93
N CYS H 503 -78.86 9.13 -14.55
CA CYS H 503 -77.90 10.08 -14.04
C CYS H 503 -78.27 11.49 -14.46
N ASP H 504 -78.08 12.44 -13.56
CA ASP H 504 -78.12 13.85 -13.94
C ASP H 504 -76.82 14.25 -14.58
N PHE H 505 -76.82 15.43 -15.20
CA PHE H 505 -75.64 15.96 -15.85
C PHE H 505 -75.74 17.47 -15.90
N HIS H 506 -74.58 18.12 -15.95
CA HIS H 506 -74.50 19.57 -15.93
C HIS H 506 -73.29 19.94 -16.80
N ILE H 507 -73.55 20.20 -18.08
CA ILE H 507 -72.49 20.31 -19.05
C ILE H 507 -72.46 21.72 -19.62
N GLN H 508 -71.44 22.00 -20.44
CA GLN H 508 -71.25 23.29 -21.10
C GLN H 508 -70.88 23.04 -22.55
N VAL H 509 -71.71 23.50 -23.47
CA VAL H 509 -71.47 23.25 -24.89
C VAL H 509 -71.01 24.55 -25.56
N PRO H 510 -70.16 24.49 -26.58
CA PRO H 510 -69.64 25.71 -27.18
C PRO H 510 -70.52 26.27 -28.29
N GLN H 511 -70.03 27.28 -28.99
CA GLN H 511 -70.59 27.68 -30.28
C GLN H 511 -69.53 27.46 -31.36
N LYS H 512 -69.84 26.61 -32.33
CA LYS H 512 -68.84 26.16 -33.29
C LYS H 512 -69.05 26.71 -34.70
N PHE H 513 -70.09 27.50 -34.94
CA PHE H 513 -70.26 28.14 -36.24
C PHE H 513 -69.33 29.34 -36.31
N PHE H 514 -68.59 29.45 -37.41
CA PHE H 514 -67.39 30.28 -37.44
C PHE H 514 -67.68 31.78 -37.46
N ALA H 515 -68.91 32.19 -37.76
CA ALA H 515 -69.21 33.62 -37.73
C ALA H 515 -69.39 34.13 -36.31
N ILE H 516 -70.05 33.35 -35.45
CA ILE H 516 -70.30 33.79 -34.09
C ILE H 516 -69.07 33.51 -33.21
N LYS H 517 -68.41 32.37 -33.48
CA LYS H 517 -67.37 31.71 -32.68
C LYS H 517 -66.31 32.63 -32.07
N ASN H 518 -65.94 33.70 -32.77
CA ASN H 518 -65.00 34.66 -32.22
C ASN H 518 -65.46 36.09 -32.44
N LEU H 519 -66.77 36.32 -32.52
CA LEU H 519 -67.28 37.64 -32.87
C LEU H 519 -67.18 38.58 -31.68
N LEU H 520 -66.32 39.58 -31.78
CA LEU H 520 -66.31 40.68 -30.84
C LEU H 520 -67.55 41.53 -31.08
N LEU H 521 -68.22 41.91 -30.00
CA LEU H 521 -69.60 42.38 -30.06
C LEU H 521 -69.71 43.77 -29.44
N LEU H 522 -70.43 44.66 -30.11
CA LEU H 522 -70.68 46.04 -29.75
C LEU H 522 -72.10 46.17 -29.19
N PRO H 523 -72.41 47.24 -28.43
CA PRO H 523 -73.69 47.27 -27.68
C PRO H 523 -74.96 47.21 -28.53
N GLY H 524 -75.99 46.67 -27.93
CA GLY H 524 -77.27 46.48 -28.60
C GLY H 524 -78.01 45.30 -28.02
N THR H 525 -79.28 45.20 -28.37
CA THR H 525 -80.12 44.09 -27.94
C THR H 525 -80.21 43.07 -29.06
N TYR H 526 -79.80 41.85 -28.77
CA TYR H 526 -79.57 40.83 -29.78
C TYR H 526 -80.42 39.61 -29.49
N ASN H 527 -80.87 38.95 -30.55
CA ASN H 527 -81.81 37.83 -30.45
C ASN H 527 -81.08 36.56 -30.87
N TYR H 528 -80.49 35.88 -29.89
CA TYR H 528 -79.69 34.70 -30.11
C TYR H 528 -80.52 33.47 -29.80
N GLU H 529 -80.83 32.69 -30.84
CA GLU H 529 -81.82 31.64 -30.79
C GLU H 529 -81.25 30.40 -31.47
N TRP H 530 -81.39 29.25 -30.83
CA TRP H 530 -80.61 28.10 -31.26
C TRP H 530 -81.29 26.81 -30.81
N TYR H 531 -81.22 25.78 -31.67
CA TYR H 531 -81.89 24.50 -31.45
C TYR H 531 -80.96 23.47 -30.86
N PHE H 532 -81.53 22.44 -30.26
CA PHE H 532 -80.83 21.39 -29.53
C PHE H 532 -81.36 20.03 -29.94
N ARG H 533 -80.51 19.02 -29.99
CA ARG H 533 -80.97 17.70 -30.42
C ARG H 533 -81.42 16.86 -29.24
N LYS H 534 -82.31 15.90 -29.53
CA LYS H 534 -82.71 14.89 -28.55
C LYS H 534 -82.49 13.47 -29.04
N ASP H 535 -81.87 13.29 -30.19
CA ASP H 535 -81.62 11.97 -30.76
C ASP H 535 -80.57 11.24 -29.93
N PRO H 536 -80.88 10.06 -29.37
CA PRO H 536 -79.87 9.36 -28.57
C PRO H 536 -78.73 8.81 -29.41
N ASN H 537 -79.01 8.35 -30.63
CA ASN H 537 -77.97 7.87 -31.52
C ASN H 537 -77.01 8.96 -31.97
N MET H 538 -77.42 10.22 -31.90
CA MET H 538 -76.56 11.32 -32.30
C MET H 538 -75.86 11.99 -31.14
N VAL H 539 -76.59 12.24 -30.06
CA VAL H 539 -76.01 12.95 -28.91
C VAL H 539 -75.08 12.03 -28.14
N LEU H 540 -75.50 10.79 -27.88
CA LEU H 540 -74.78 9.86 -27.05
C LEU H 540 -73.94 8.92 -27.91
N GLN H 541 -72.85 8.42 -27.34
CA GLN H 541 -71.92 7.54 -28.04
C GLN H 541 -71.74 6.25 -27.25
N SER H 542 -72.09 5.13 -27.87
CA SER H 542 -71.89 3.83 -27.25
C SER H 542 -70.61 3.20 -27.76
N THR H 543 -70.15 2.17 -27.04
CA THR H 543 -68.94 1.48 -27.46
C THR H 543 -69.22 0.52 -28.60
N LEU H 544 -70.24 -0.31 -28.48
CA LEU H 544 -70.53 -1.29 -29.52
C LEU H 544 -71.17 -0.68 -30.76
N GLY H 545 -71.74 0.51 -30.64
CA GLY H 545 -72.41 1.09 -31.79
C GLY H 545 -73.74 0.45 -32.09
N ASN H 546 -74.54 0.20 -31.06
CA ASN H 546 -75.87 -0.38 -31.23
C ASN H 546 -76.88 0.71 -31.53
N ASP H 547 -78.17 0.36 -31.44
CA ASP H 547 -79.25 1.29 -31.74
C ASP H 547 -79.78 1.81 -30.39
N LEU H 548 -79.39 3.02 -30.02
CA LEU H 548 -79.74 3.54 -28.71
C LEU H 548 -81.21 3.95 -28.63
N ARG H 549 -81.79 4.42 -29.73
CA ARG H 549 -83.21 4.77 -29.68
C ARG H 549 -84.10 3.54 -29.64
N ALA H 550 -83.57 2.38 -30.00
CA ALA H 550 -84.29 1.12 -29.85
C ALA H 550 -84.01 0.46 -28.52
N ASP H 551 -82.86 0.74 -27.89
CA ASP H 551 -82.57 0.19 -26.58
C ASP H 551 -83.36 0.90 -25.49
N GLY H 552 -83.49 2.21 -25.58
CA GLY H 552 -84.25 2.96 -24.59
C GLY H 552 -83.49 4.08 -23.94
N ALA H 553 -82.45 4.58 -24.61
CA ALA H 553 -81.78 5.78 -24.13
C ALA H 553 -82.65 7.00 -24.38
N SER H 554 -82.53 7.99 -23.49
CA SER H 554 -83.39 9.17 -23.57
C SER H 554 -82.73 10.32 -22.83
N ILE H 555 -82.68 11.48 -23.48
CA ILE H 555 -82.19 12.70 -22.87
C ILE H 555 -83.33 13.71 -22.79
N THR H 556 -83.47 14.38 -21.65
CA THR H 556 -84.46 15.43 -21.47
C THR H 556 -83.77 16.65 -20.88
N TYR H 557 -84.11 17.83 -21.39
CA TYR H 557 -83.49 19.07 -20.96
C TYR H 557 -84.39 19.74 -19.93
N THR H 558 -83.80 20.19 -18.82
CA THR H 558 -84.56 20.77 -17.72
C THR H 558 -84.50 22.29 -17.72
N GLN H 559 -83.31 22.86 -17.62
CA GLN H 559 -83.14 24.30 -17.74
C GLN H 559 -81.85 24.56 -18.49
N ILE H 560 -81.86 25.59 -19.34
CA ILE H 560 -80.76 25.89 -20.25
C ILE H 560 -80.48 27.38 -20.19
N ASN H 561 -79.24 27.74 -19.91
CA ASN H 561 -78.86 29.14 -19.76
C ASN H 561 -77.62 29.45 -20.58
N LEU H 562 -77.57 30.66 -21.12
CA LEU H 562 -76.43 31.17 -21.85
C LEU H 562 -75.60 32.07 -20.95
N TYR H 563 -74.28 31.89 -20.99
CA TYR H 563 -73.35 32.70 -20.21
C TYR H 563 -72.42 33.44 -21.14
N VAL H 564 -72.29 34.75 -20.92
CA VAL H 564 -71.31 35.56 -21.62
C VAL H 564 -70.35 36.12 -20.59
N SER H 565 -69.33 36.83 -21.07
CA SER H 565 -68.33 37.42 -20.19
C SER H 565 -68.01 38.82 -20.66
N PHE H 566 -68.34 39.81 -19.84
CA PHE H 566 -68.03 41.19 -20.14
C PHE H 566 -66.58 41.47 -19.77
N PHE H 567 -65.93 42.30 -20.57
CA PHE H 567 -64.62 42.81 -20.19
C PHE H 567 -64.79 44.17 -19.53
N PRO H 568 -64.36 44.36 -18.29
CA PRO H 568 -64.56 45.64 -17.63
C PRO H 568 -63.62 46.71 -18.13
N MET H 569 -63.97 47.35 -19.24
CA MET H 569 -63.13 48.36 -19.85
C MET H 569 -63.56 49.75 -19.39
N ASN H 570 -62.60 50.66 -19.27
CA ASN H 570 -62.90 52.04 -18.93
C ASN H 570 -63.70 52.69 -20.04
N TYR H 571 -64.68 53.52 -19.66
CA TYR H 571 -65.66 54.00 -20.61
C TYR H 571 -65.14 55.09 -21.53
N ASP H 572 -63.93 55.60 -21.29
CA ASP H 572 -63.28 56.47 -22.25
C ASP H 572 -62.47 55.67 -23.25
N THR H 573 -61.79 54.62 -22.80
CA THR H 573 -61.15 53.68 -23.70
C THR H 573 -62.19 52.91 -24.50
N GLN H 574 -63.34 52.64 -23.90
CA GLN H 574 -64.43 51.95 -24.58
C GLN H 574 -64.96 52.79 -25.73
N SER H 575 -65.20 54.08 -25.49
CA SER H 575 -65.87 54.94 -26.46
C SER H 575 -65.00 55.27 -27.67
N GLU H 576 -63.70 54.99 -27.62
CA GLU H 576 -62.88 55.08 -28.82
C GLU H 576 -62.92 53.77 -29.60
N LEU H 577 -62.90 52.64 -28.89
CA LEU H 577 -62.99 51.35 -29.55
C LEU H 577 -64.38 51.09 -30.11
N GLU H 578 -65.42 51.57 -29.42
CA GLU H 578 -66.77 51.50 -29.94
C GLU H 578 -66.96 52.41 -31.14
N LEU H 579 -66.15 53.44 -31.28
CA LEU H 579 -66.28 54.37 -32.39
C LEU H 579 -65.48 53.95 -33.60
N MET H 580 -64.37 53.24 -33.40
CA MET H 580 -63.53 52.82 -34.52
C MET H 580 -64.05 51.55 -35.18
N LEU H 581 -64.70 50.67 -34.43
CA LEU H 581 -65.18 49.41 -34.97
C LEU H 581 -66.52 49.52 -35.66
N ARG H 582 -67.10 50.71 -35.72
CA ARG H 582 -68.33 50.92 -36.47
C ARG H 582 -68.08 51.53 -37.84
N ASN H 583 -66.83 51.89 -38.14
CA ASN H 583 -66.46 52.32 -39.47
C ASN H 583 -66.44 51.10 -40.39
N ALA H 584 -66.77 51.32 -41.66
CA ALA H 584 -66.81 50.21 -42.61
C ALA H 584 -65.44 49.71 -43.01
N THR H 585 -64.38 50.47 -42.72
CA THR H 585 -63.03 49.97 -42.98
C THR H 585 -62.65 48.90 -41.96
N ASN H 586 -63.15 49.02 -40.74
CA ASN H 586 -62.81 48.10 -39.66
C ASN H 586 -63.84 46.98 -39.54
N ASP H 587 -64.12 46.30 -40.64
CA ASP H 587 -65.04 45.17 -40.61
C ASP H 587 -64.31 43.93 -40.11
N GLN H 588 -64.90 43.27 -39.13
CA GLN H 588 -64.34 42.02 -38.62
C GLN H 588 -64.68 40.91 -39.60
N ASN H 589 -63.67 40.36 -40.24
CA ASN H 589 -63.86 39.24 -41.15
C ASN H 589 -63.19 38.00 -40.60
N PHE H 590 -63.88 36.87 -40.74
CA PHE H 590 -63.49 35.58 -40.21
C PHE H 590 -63.32 34.62 -41.38
N SER H 591 -62.86 33.42 -41.06
CA SER H 591 -62.71 32.40 -42.09
C SER H 591 -62.88 31.04 -41.46
N ASP H 592 -63.49 30.13 -42.18
CA ASP H 592 -63.57 28.75 -41.75
C ASP H 592 -62.17 28.15 -41.83
N TYR H 593 -61.81 27.34 -40.82
CA TYR H 593 -60.49 26.73 -40.83
C TYR H 593 -60.40 25.66 -41.91
N LEU H 594 -61.41 24.80 -41.98
CA LEU H 594 -61.44 23.80 -43.05
C LEU H 594 -61.68 24.46 -44.40
N GLY H 595 -62.78 25.18 -44.53
CA GLY H 595 -63.11 25.89 -45.75
C GLY H 595 -63.34 24.93 -46.89
N ALA H 596 -64.42 24.15 -46.83
CA ALA H 596 -64.57 23.07 -47.78
C ALA H 596 -66.04 22.90 -48.12
N VAL H 597 -66.28 22.19 -49.22
CA VAL H 597 -67.62 21.87 -49.69
C VAL H 597 -67.72 20.35 -49.67
N ASN H 598 -68.38 19.80 -48.65
CA ASN H 598 -68.43 18.37 -48.46
C ASN H 598 -69.49 17.74 -49.34
N ASN H 599 -69.12 16.65 -50.01
CA ASN H 599 -70.01 15.97 -50.93
C ASN H 599 -69.93 14.47 -50.70
N LEU H 600 -71.09 13.84 -50.57
CA LEU H 600 -71.17 12.42 -50.27
C LEU H 600 -71.78 11.72 -51.49
N TYR H 601 -70.93 11.04 -52.25
CA TYR H 601 -71.35 10.32 -53.45
C TYR H 601 -71.34 8.83 -53.15
N GLN H 602 -72.46 8.17 -53.36
CA GLN H 602 -72.64 6.81 -52.88
C GLN H 602 -71.95 5.82 -53.80
N ILE H 603 -71.10 4.98 -53.22
CA ILE H 603 -70.56 3.81 -53.90
C ILE H 603 -71.47 2.63 -53.57
N PRO H 604 -72.05 1.94 -54.55
CA PRO H 604 -72.90 0.80 -54.24
C PRO H 604 -72.09 -0.38 -53.74
N ALA H 605 -72.78 -1.30 -53.08
CA ALA H 605 -72.13 -2.43 -52.43
C ALA H 605 -71.61 -3.41 -53.48
N GLY H 606 -70.31 -3.66 -53.45
CA GLY H 606 -69.68 -4.58 -54.37
C GLY H 606 -68.94 -3.92 -55.52
N SER H 607 -69.29 -2.68 -55.85
CA SER H 607 -68.65 -2.01 -56.97
C SER H 607 -67.27 -1.51 -56.57
N SER H 608 -66.43 -1.25 -57.58
CA SER H 608 -65.07 -0.81 -57.37
C SER H 608 -64.81 0.61 -57.81
N THR H 609 -65.65 1.18 -58.67
CA THR H 609 -65.42 2.51 -59.21
C THR H 609 -66.59 3.43 -58.90
N VAL H 610 -66.33 4.73 -58.98
CA VAL H 610 -67.33 5.76 -58.83
C VAL H 610 -66.86 6.98 -59.61
N VAL H 611 -67.80 7.66 -60.28
CA VAL H 611 -67.49 8.78 -61.15
C VAL H 611 -68.20 10.01 -60.60
N VAL H 612 -67.44 11.06 -60.30
CA VAL H 612 -68.02 12.33 -59.95
C VAL H 612 -68.11 13.17 -61.22
N ASN H 613 -68.93 14.21 -61.19
CA ASN H 613 -69.10 15.03 -62.38
C ASN H 613 -69.45 16.44 -61.93
N ILE H 614 -68.66 17.42 -62.36
CA ILE H 614 -68.90 18.82 -62.05
C ILE H 614 -69.12 19.56 -63.36
N PRO H 615 -70.25 20.25 -63.53
CA PRO H 615 -70.46 21.07 -64.72
C PRO H 615 -69.52 22.28 -64.72
N ASP H 616 -69.43 22.92 -65.88
CA ASP H 616 -68.37 23.89 -66.12
C ASP H 616 -68.54 25.17 -65.32
N ARG H 617 -67.42 25.65 -64.76
CA ARG H 617 -67.41 26.85 -63.94
C ARG H 617 -65.97 27.33 -63.82
N SER H 618 -65.81 28.52 -63.23
CA SER H 618 -64.50 29.11 -63.02
C SER H 618 -63.92 28.58 -61.72
N TRP H 619 -62.69 28.08 -61.78
CA TRP H 619 -62.03 27.45 -60.63
C TRP H 619 -61.00 28.38 -60.00
N GLY H 620 -61.28 29.67 -59.93
CA GLY H 620 -60.37 30.58 -59.27
C GLY H 620 -60.42 30.42 -57.76
N ALA H 621 -59.26 30.57 -57.13
CA ALA H 621 -59.04 30.35 -55.69
C ALA H 621 -59.48 28.96 -55.26
N PHE H 622 -59.06 27.95 -56.00
CA PHE H 622 -59.33 26.57 -55.67
C PHE H 622 -58.10 25.99 -54.98
N ARG H 623 -58.29 25.50 -53.75
CA ARG H 623 -57.16 25.02 -52.97
C ARG H 623 -56.73 23.60 -53.35
N GLY H 624 -57.68 22.70 -53.55
CA GLY H 624 -57.33 21.33 -53.89
C GLY H 624 -58.46 20.38 -53.55
N TRP H 625 -58.13 19.09 -53.57
CA TRP H 625 -59.07 18.04 -53.27
C TRP H 625 -58.65 17.30 -52.01
N SER H 626 -59.61 16.66 -51.37
CA SER H 626 -59.33 15.72 -50.28
C SER H 626 -60.50 14.78 -50.10
N PHE H 627 -60.22 13.51 -49.82
CA PHE H 627 -61.24 12.48 -49.95
C PHE H 627 -60.92 11.28 -49.08
N THR H 628 -61.97 10.54 -48.70
CA THR H 628 -61.95 9.33 -47.87
C THR H 628 -63.32 8.67 -47.95
N ARG H 629 -63.35 7.34 -48.07
CA ARG H 629 -64.60 6.60 -48.04
C ARG H 629 -65.21 6.60 -46.63
N LEU H 630 -66.53 6.53 -46.59
CA LEU H 630 -67.28 6.40 -45.35
C LEU H 630 -68.37 5.37 -45.54
N LYS H 631 -68.69 4.64 -44.47
CA LYS H 631 -69.81 3.70 -44.54
C LYS H 631 -71.14 4.45 -44.54
N VAL H 632 -72.13 3.86 -45.21
CA VAL H 632 -73.46 4.46 -45.24
C VAL H 632 -74.16 4.31 -43.91
N SER H 633 -73.98 3.16 -43.25
CA SER H 633 -74.64 2.91 -41.98
C SER H 633 -74.06 3.74 -40.84
N GLU H 634 -72.88 4.33 -41.03
CA GLU H 634 -72.23 5.14 -40.01
C GLU H 634 -72.20 6.62 -40.39
N THR H 635 -73.02 7.04 -41.36
CA THR H 635 -73.05 8.43 -41.80
C THR H 635 -74.48 8.92 -41.79
N PRO H 636 -74.81 9.94 -41.00
CA PRO H 636 -76.21 10.37 -40.90
C PRO H 636 -76.59 11.40 -41.95
N ARG H 637 -77.81 11.90 -41.87
CA ARG H 637 -78.28 13.00 -42.70
C ARG H 637 -78.52 14.20 -41.80
N ILE H 638 -77.60 15.15 -41.82
CA ILE H 638 -77.70 16.31 -40.95
C ILE H 638 -78.77 17.27 -41.45
N GLY H 639 -79.02 17.30 -42.77
CA GLY H 639 -79.96 18.24 -43.36
C GLY H 639 -81.40 18.03 -42.96
N ALA H 640 -81.76 16.85 -42.49
CA ALA H 640 -83.09 16.62 -41.96
C ALA H 640 -83.10 16.86 -40.45
N THR H 641 -84.30 17.06 -39.91
CA THR H 641 -84.44 17.22 -38.47
C THR H 641 -84.26 15.91 -37.73
N GLN H 642 -84.35 14.78 -38.42
CA GLN H 642 -84.24 13.46 -37.80
C GLN H 642 -83.96 12.47 -38.92
N ASP H 643 -82.91 11.67 -38.78
CA ASP H 643 -82.58 10.66 -39.76
C ASP H 643 -83.12 9.32 -39.28
N PRO H 644 -84.20 8.79 -39.86
CA PRO H 644 -84.75 7.53 -39.36
C PRO H 644 -83.97 6.31 -39.80
N ASN H 645 -83.19 6.40 -40.88
CA ASN H 645 -82.38 5.30 -41.37
C ASN H 645 -81.03 5.20 -40.68
N PHE H 646 -80.83 5.93 -39.60
CA PHE H 646 -79.55 6.00 -38.90
C PHE H 646 -79.70 5.30 -37.55
N GLN H 647 -79.33 4.03 -37.51
CA GLN H 647 -79.47 3.18 -36.34
C GLN H 647 -78.11 2.78 -35.80
N TYR H 648 -77.20 3.74 -35.76
CA TYR H 648 -75.83 3.54 -35.32
C TYR H 648 -75.52 4.55 -34.23
N SER H 649 -74.63 4.18 -33.32
CA SER H 649 -74.33 5.07 -32.20
C SER H 649 -72.86 5.19 -31.85
N GLY H 650 -71.96 4.56 -32.59
CA GLY H 650 -70.53 4.64 -32.31
C GLY H 650 -69.92 5.92 -32.80
N SER H 651 -68.63 5.87 -33.11
CA SER H 651 -67.95 7.04 -33.63
C SER H 651 -68.37 7.29 -35.07
N ILE H 652 -68.86 8.50 -35.34
CA ILE H 652 -69.26 8.90 -36.69
C ILE H 652 -68.06 9.58 -37.35
N PRO H 653 -67.44 8.97 -38.36
CA PRO H 653 -66.26 9.58 -38.98
C PRO H 653 -66.57 10.78 -39.85
N TYR H 654 -67.84 11.05 -40.16
CA TYR H 654 -68.16 12.20 -41.00
C TYR H 654 -68.04 13.51 -40.23
N LEU H 655 -68.17 13.48 -38.91
CA LEU H 655 -68.11 14.69 -38.11
C LEU H 655 -67.31 14.52 -36.83
N ASP H 656 -66.34 13.60 -36.85
CA ASP H 656 -65.36 13.47 -35.77
C ASP H 656 -63.93 13.46 -36.26
N GLY H 657 -63.70 13.21 -37.55
CA GLY H 657 -62.37 13.07 -38.06
C GLY H 657 -61.76 11.70 -37.87
N THR H 658 -62.51 10.75 -37.31
CA THR H 658 -62.00 9.42 -37.02
C THR H 658 -62.11 8.54 -38.26
N PHE H 659 -61.30 8.88 -39.26
CA PHE H 659 -61.35 8.17 -40.53
C PHE H 659 -60.51 6.91 -40.47
N TYR H 660 -61.02 5.84 -41.06
CA TYR H 660 -60.33 4.56 -41.04
C TYR H 660 -60.40 3.81 -42.37
N LEU H 661 -61.01 4.38 -43.40
CA LEU H 661 -61.11 3.76 -44.71
C LEU H 661 -60.41 4.61 -45.75
N SER H 662 -59.24 5.13 -45.41
CA SER H 662 -58.42 5.80 -46.40
C SER H 662 -57.48 4.84 -47.11
N HIS H 663 -57.22 3.67 -46.53
CA HIS H 663 -56.28 2.70 -47.06
C HIS H 663 -56.87 1.81 -48.14
N THR H 664 -58.04 2.15 -48.67
CA THR H 664 -58.78 1.25 -49.54
C THR H 664 -59.06 1.87 -50.90
N PHE H 665 -58.24 2.84 -51.32
CA PHE H 665 -58.35 3.44 -52.64
C PHE H 665 -57.35 2.79 -53.59
N GLN H 666 -57.74 2.62 -54.84
CA GLN H 666 -56.83 2.07 -55.84
C GLN H 666 -56.14 3.16 -56.64
N ARG H 667 -56.91 4.01 -57.31
CA ARG H 667 -56.31 5.09 -58.09
C ARG H 667 -57.27 6.28 -58.14
N CYS H 668 -56.88 7.30 -58.90
CA CYS H 668 -57.55 8.60 -58.89
C CYS H 668 -57.24 9.30 -60.21
N SER H 669 -58.24 9.43 -61.08
CA SER H 669 -58.08 10.00 -62.40
C SER H 669 -58.84 11.32 -62.48
N ILE H 670 -58.16 12.39 -62.89
CA ILE H 670 -58.75 13.72 -62.96
C ILE H 670 -58.63 14.22 -64.38
N GLN H 671 -59.74 14.68 -64.95
CA GLN H 671 -59.79 15.21 -66.30
C GLN H 671 -60.37 16.62 -66.28
N TRP H 672 -59.72 17.55 -66.98
CA TRP H 672 -60.31 18.85 -67.22
C TRP H 672 -61.03 18.83 -68.56
N ASP H 673 -62.14 19.57 -68.62
CA ASP H 673 -63.10 19.82 -69.71
C ASP H 673 -63.28 18.65 -70.67
N SER H 674 -63.44 17.45 -70.10
CA SER H 674 -63.71 16.16 -70.72
C SER H 674 -62.57 15.61 -71.57
N SER H 675 -61.48 16.34 -71.74
CA SER H 675 -60.44 15.83 -72.62
C SER H 675 -59.06 15.83 -71.99
N VAL H 676 -58.72 16.84 -71.20
CA VAL H 676 -57.34 17.11 -70.80
C VAL H 676 -57.10 16.47 -69.44
N PRO H 677 -56.14 15.58 -69.29
CA PRO H 677 -55.80 15.05 -67.97
C PRO H 677 -55.06 16.06 -67.13
N TRP H 678 -55.09 15.84 -65.82
CA TRP H 678 -54.40 16.69 -64.89
C TRP H 678 -53.44 15.86 -64.04
N PRO H 679 -52.19 16.32 -63.84
CA PRO H 679 -51.52 17.54 -64.29
C PRO H 679 -51.16 17.54 -65.76
N GLY H 680 -51.09 16.34 -66.34
CA GLY H 680 -50.54 16.25 -67.67
C GLY H 680 -49.05 16.52 -67.59
N ASN H 681 -48.48 16.91 -68.74
CA ASN H 681 -47.12 17.45 -68.86
C ASN H 681 -46.06 16.50 -68.32
N ASP H 682 -46.35 15.19 -68.40
CA ASP H 682 -45.67 14.01 -67.84
C ASP H 682 -44.96 14.28 -66.51
N ARG H 683 -45.70 14.84 -65.55
CA ARG H 683 -45.12 15.24 -64.27
C ARG H 683 -44.70 14.04 -63.45
N MET H 684 -45.62 13.13 -63.17
CA MET H 684 -45.34 11.94 -62.39
C MET H 684 -45.10 10.74 -63.32
N LEU H 685 -44.72 9.61 -62.73
CA LEU H 685 -44.26 8.46 -63.50
C LEU H 685 -45.39 7.69 -64.16
N THR H 686 -46.65 7.95 -63.79
CA THR H 686 -47.82 7.43 -64.50
C THR H 686 -48.66 8.64 -64.87
N PRO H 687 -48.40 9.25 -66.02
CA PRO H 687 -48.83 10.64 -66.27
C PRO H 687 -50.31 10.84 -66.53
N ASN H 688 -51.16 9.85 -66.33
CA ASN H 688 -52.58 9.99 -66.63
C ASN H 688 -53.47 9.97 -65.41
N TRP H 689 -53.06 9.31 -64.34
CA TRP H 689 -53.85 9.29 -63.10
C TRP H 689 -52.90 9.18 -61.92
N PHE H 690 -53.47 9.11 -60.73
CA PHE H 690 -52.72 9.01 -59.48
C PHE H 690 -52.89 7.61 -58.93
N GLU H 691 -51.89 6.75 -59.13
CA GLU H 691 -51.91 5.41 -58.55
C GLU H 691 -51.76 5.53 -57.04
N ILE H 692 -52.87 5.39 -56.31
CA ILE H 692 -52.84 5.56 -54.87
C ILE H 692 -52.14 4.38 -54.20
N LYS H 693 -52.58 3.16 -54.49
CA LYS H 693 -51.79 2.00 -54.11
C LYS H 693 -51.82 0.98 -55.23
N ARG H 694 -50.72 0.28 -55.39
CA ARG H 694 -50.55 -0.67 -56.47
C ARG H 694 -49.90 -1.92 -55.90
N PRO H 695 -50.64 -3.01 -55.79
CA PRO H 695 -50.17 -4.14 -54.97
C PRO H 695 -49.03 -4.88 -55.62
N ILE H 696 -48.14 -5.41 -54.76
CA ILE H 696 -47.02 -6.18 -55.27
C ILE H 696 -47.52 -7.56 -55.71
N ASN H 697 -46.65 -8.27 -56.44
CA ASN H 697 -46.75 -9.39 -57.39
C ASN H 697 -47.18 -8.88 -58.76
N GLN H 698 -47.54 -7.60 -58.83
CA GLN H 698 -47.42 -6.75 -59.99
C GLN H 698 -46.07 -6.05 -59.89
N ASP H 699 -45.89 -4.94 -60.61
CA ASP H 699 -44.74 -4.02 -60.50
C ASP H 699 -43.40 -4.66 -60.82
N ALA H 700 -43.16 -5.04 -62.08
CA ALA H 700 -41.82 -5.41 -62.53
C ALA H 700 -40.86 -4.25 -62.30
N GLU H 701 -41.32 -3.03 -62.59
CA GLU H 701 -40.69 -1.83 -62.06
C GLU H 701 -41.40 -1.44 -60.77
N GLY H 702 -40.62 -1.15 -59.73
CA GLY H 702 -41.13 -1.11 -58.36
C GLY H 702 -42.23 -0.13 -58.02
N ASN H 703 -41.90 1.16 -57.93
CA ASN H 703 -42.84 2.25 -57.64
C ASN H 703 -43.66 1.99 -56.38
N ASP H 704 -42.97 1.66 -55.28
CA ASP H 704 -43.60 1.34 -54.00
C ASP H 704 -42.74 1.90 -52.87
N THR H 705 -43.14 3.03 -52.31
CA THR H 705 -42.41 3.56 -51.15
C THR H 705 -42.72 2.76 -49.90
N MET H 706 -41.95 3.05 -48.86
CA MET H 706 -42.24 2.77 -47.46
C MET H 706 -42.35 1.29 -47.12
N GLN H 707 -41.91 0.41 -48.02
CA GLN H 707 -42.10 -1.04 -47.95
C GLN H 707 -43.58 -1.40 -47.76
N SER H 708 -44.41 -0.90 -48.67
CA SER H 708 -45.84 -1.09 -48.59
C SER H 708 -46.41 -1.07 -50.01
N ASN H 709 -47.73 -0.86 -50.13
CA ASN H 709 -48.38 -0.72 -51.42
C ASN H 709 -48.34 0.70 -51.97
N LEU H 710 -47.96 1.67 -51.15
CA LEU H 710 -48.12 3.07 -51.52
C LEU H 710 -47.09 3.47 -52.58
N THR H 711 -47.57 4.04 -53.68
CA THR H 711 -46.73 4.28 -54.84
C THR H 711 -45.87 5.51 -54.63
N LYS H 712 -44.87 5.66 -55.50
CA LYS H 712 -43.93 6.76 -55.35
C LYS H 712 -44.43 8.05 -55.97
N ASP H 713 -45.33 7.97 -56.94
CA ASP H 713 -45.95 9.19 -57.47
C ASP H 713 -46.90 9.79 -56.46
N PHE H 714 -47.42 8.97 -55.55
CA PHE H 714 -48.45 9.40 -54.64
C PHE H 714 -47.98 9.57 -53.21
N PHE H 715 -46.85 8.96 -52.84
CA PHE H 715 -46.22 9.30 -51.57
C PHE H 715 -45.61 10.69 -51.62
N MET H 716 -45.18 11.13 -52.81
CA MET H 716 -44.57 12.45 -52.94
C MET H 716 -45.61 13.55 -52.77
N VAL H 717 -46.80 13.36 -53.33
CA VAL H 717 -47.81 14.40 -53.27
C VAL H 717 -48.41 14.49 -51.87
N GLN H 718 -48.40 13.40 -51.11
CA GLN H 718 -48.90 13.47 -49.74
C GLN H 718 -47.88 14.08 -48.80
N MET H 719 -46.60 13.94 -49.10
CA MET H 719 -45.56 14.51 -48.26
C MET H 719 -45.25 15.95 -48.63
N ALA H 720 -45.31 16.30 -49.92
CA ALA H 720 -45.03 17.67 -50.32
C ALA H 720 -46.18 18.61 -50.02
N ALA H 721 -47.42 18.11 -49.97
CA ALA H 721 -48.53 18.97 -49.62
C ALA H 721 -48.56 19.26 -48.12
N SER H 722 -48.44 18.22 -47.31
CA SER H 722 -48.57 18.38 -45.87
C SER H 722 -47.34 19.01 -45.23
N TYR H 723 -46.17 18.89 -45.85
CA TYR H 723 -44.94 19.26 -45.16
C TYR H 723 -43.95 20.06 -45.99
N ASN H 724 -44.25 20.39 -47.24
CA ASN H 724 -43.35 21.08 -48.18
C ASN H 724 -42.02 20.35 -48.30
N GLN H 725 -42.09 19.05 -48.49
CA GLN H 725 -40.97 18.16 -48.27
C GLN H 725 -40.70 17.32 -49.51
N GLY H 726 -40.62 18.00 -50.66
CA GLY H 726 -40.18 17.40 -51.88
C GLY H 726 -38.82 17.97 -52.28
N TYR H 727 -38.16 17.26 -53.19
CA TYR H 727 -37.02 17.73 -53.96
C TYR H 727 -35.73 17.95 -53.18
N GLN H 728 -35.77 17.83 -51.85
CA GLN H 728 -34.57 17.95 -51.02
C GLN H 728 -34.57 16.86 -49.97
N GLY H 729 -34.95 15.66 -50.35
CA GLY H 729 -34.87 14.53 -49.45
C GLY H 729 -36.02 14.43 -48.47
N PHE H 730 -36.35 13.20 -48.09
CA PHE H 730 -37.39 12.95 -47.10
C PHE H 730 -36.75 12.65 -45.76
N ASN H 731 -37.17 13.39 -44.74
CA ASN H 731 -36.77 13.12 -43.37
C ASN H 731 -38.01 13.19 -42.49
N TRP H 732 -37.83 12.98 -41.21
CA TRP H 732 -38.94 13.20 -40.29
C TRP H 732 -39.13 14.70 -40.12
N PRO H 733 -40.35 15.20 -40.23
CA PRO H 733 -40.56 16.65 -40.20
C PRO H 733 -40.42 17.26 -38.82
N ASN H 734 -40.52 18.58 -38.73
CA ASN H 734 -40.39 19.25 -37.44
C ASN H 734 -41.65 19.07 -36.61
N CYS H 735 -42.76 19.59 -37.08
CA CYS H 735 -44.03 19.52 -36.35
C CYS H 735 -44.99 18.61 -37.10
N THR H 736 -45.62 17.70 -36.36
CA THR H 736 -46.63 16.80 -36.88
C THR H 736 -47.93 17.05 -36.13
N LYS H 737 -49.05 16.98 -36.86
CA LYS H 737 -50.34 17.24 -36.28
C LYS H 737 -51.07 15.93 -36.02
N HIS H 738 -52.25 16.04 -35.41
CA HIS H 738 -53.01 14.85 -35.03
C HIS H 738 -53.61 14.15 -36.24
N TYR H 739 -53.96 14.91 -37.27
CA TYR H 739 -54.55 14.36 -38.49
C TYR H 739 -53.55 14.39 -39.63
N GLY H 740 -52.27 14.30 -39.31
CA GLY H 740 -51.23 14.35 -40.32
C GLY H 740 -51.06 13.04 -41.04
N PHE H 741 -50.07 13.01 -41.92
CA PHE H 741 -49.85 11.80 -42.71
C PHE H 741 -48.80 10.89 -42.11
N ILE H 742 -47.63 11.42 -41.76
CA ILE H 742 -46.50 10.56 -41.46
C ILE H 742 -46.57 9.95 -40.06
N ASN H 743 -47.26 10.58 -39.12
CA ASN H 743 -47.48 9.98 -37.81
C ASN H 743 -48.66 9.03 -37.78
N ASN H 744 -49.37 8.87 -38.90
CA ASN H 744 -50.54 8.00 -38.99
C ASN H 744 -50.38 6.91 -40.03
N PHE H 745 -49.18 6.72 -40.57
CA PHE H 745 -48.92 5.76 -41.62
C PHE H 745 -48.16 4.57 -41.03
N GLU H 746 -48.71 3.38 -41.18
CA GLU H 746 -48.11 2.16 -40.62
C GLU H 746 -48.02 1.10 -41.71
N PRO H 747 -46.85 0.93 -42.32
CA PRO H 747 -46.69 -0.16 -43.30
C PRO H 747 -46.47 -1.49 -42.61
N MET H 748 -47.00 -2.54 -43.22
CA MET H 748 -46.96 -3.88 -42.66
C MET H 748 -46.58 -4.88 -43.75
N SER H 749 -46.17 -6.06 -43.31
CA SER H 749 -45.70 -7.09 -44.23
C SER H 749 -45.72 -8.44 -43.53
N ARG H 750 -46.03 -9.49 -44.28
CA ARG H 750 -45.95 -10.85 -43.77
C ARG H 750 -45.65 -11.79 -44.92
N GLN H 751 -45.26 -13.01 -44.57
CA GLN H 751 -45.14 -14.10 -45.52
C GLN H 751 -46.18 -15.16 -45.22
N VAL H 752 -46.53 -15.91 -46.26
CA VAL H 752 -47.60 -16.89 -46.18
C VAL H 752 -47.24 -18.01 -47.15
N PRO H 753 -47.54 -19.28 -46.83
CA PRO H 753 -47.23 -20.37 -47.78
C PRO H 753 -47.99 -20.33 -49.09
N GLU H 754 -47.66 -21.26 -49.99
CA GLU H 754 -48.22 -21.24 -51.34
C GLU H 754 -49.58 -21.91 -51.43
N TYR H 755 -49.86 -22.88 -50.55
CA TYR H 755 -51.15 -23.58 -50.43
C TYR H 755 -51.57 -24.25 -51.74
N GLY H 756 -50.78 -25.22 -52.17
CA GLY H 756 -51.05 -25.94 -53.41
C GLY H 756 -51.63 -27.31 -53.14
N ALA H 757 -51.23 -28.27 -53.99
CA ALA H 757 -51.64 -29.66 -53.77
C ALA H 757 -50.96 -30.23 -52.54
N ASN H 758 -49.63 -30.17 -52.49
CA ASN H 758 -48.94 -30.29 -51.22
C ASN H 758 -49.15 -29.01 -50.42
N TYR H 759 -48.98 -29.14 -49.10
CA TYR H 759 -49.27 -28.13 -48.09
C TYR H 759 -50.70 -27.59 -48.22
N PRO H 760 -51.73 -28.36 -47.81
CA PRO H 760 -53.11 -27.89 -47.98
C PRO H 760 -53.44 -26.73 -47.04
N ASN H 761 -54.59 -26.12 -47.31
CA ASN H 761 -55.09 -25.00 -46.52
C ASN H 761 -56.12 -25.55 -45.54
N LEU H 762 -55.74 -25.64 -44.27
CA LEU H 762 -56.62 -26.14 -43.25
C LEU H 762 -57.49 -25.07 -42.61
N MET H 763 -57.12 -23.79 -42.76
CA MET H 763 -57.95 -22.72 -42.24
C MET H 763 -59.19 -22.51 -43.11
N ALA H 764 -59.03 -22.60 -44.43
CA ALA H 764 -60.19 -22.47 -45.31
C ALA H 764 -61.12 -23.66 -45.20
N ALA H 765 -60.60 -24.83 -44.80
CA ALA H 765 -61.46 -25.95 -44.49
C ALA H 765 -62.18 -25.76 -43.17
N TYR H 766 -61.66 -24.91 -42.28
CA TYR H 766 -62.31 -24.68 -41.00
C TYR H 766 -63.47 -23.71 -41.13
N LEU H 767 -63.32 -22.68 -41.97
CA LEU H 767 -64.38 -21.70 -42.12
C LEU H 767 -65.53 -22.25 -42.95
N ALA H 768 -65.26 -23.23 -43.81
CA ALA H 768 -66.33 -23.88 -44.56
C ALA H 768 -67.13 -24.80 -43.66
N ASN H 769 -66.46 -25.56 -42.80
CA ASN H 769 -67.12 -26.44 -41.86
C ASN H 769 -66.33 -26.39 -40.55
N PRO H 770 -66.88 -25.80 -39.48
CA PRO H 770 -66.16 -25.81 -38.21
C PRO H 770 -66.07 -27.18 -37.58
N GLN H 771 -67.08 -28.02 -37.75
CA GLN H 771 -66.97 -29.40 -37.32
C GLN H 771 -66.07 -30.17 -38.30
N THR H 772 -65.37 -31.18 -37.76
CA THR H 772 -64.23 -31.86 -38.39
C THR H 772 -63.23 -30.77 -38.75
N MET H 773 -62.59 -30.21 -37.71
CA MET H 773 -62.07 -28.84 -37.69
C MET H 773 -61.10 -28.49 -38.82
N PRO H 774 -60.06 -29.26 -39.14
CA PRO H 774 -59.24 -30.31 -38.53
C PRO H 774 -58.00 -29.69 -37.91
N ILE H 775 -58.03 -28.37 -37.69
CA ILE H 775 -56.88 -27.70 -37.10
C ILE H 775 -56.64 -28.22 -35.69
N TRP H 776 -55.49 -28.85 -35.49
CA TRP H 776 -55.12 -29.47 -34.23
C TRP H 776 -53.98 -28.66 -33.63
N ASN H 777 -54.30 -27.79 -32.68
CA ASN H 777 -53.28 -27.13 -31.90
C ASN H 777 -53.76 -27.14 -30.47
N ASN H 778 -52.81 -27.24 -29.53
CA ASN H 778 -52.90 -27.48 -28.08
C ASN H 778 -54.09 -28.36 -27.70
N CYS H 779 -54.20 -29.50 -28.38
CA CYS H 779 -55.30 -30.43 -28.15
C CYS H 779 -55.15 -31.10 -26.80
N GLY H 780 -56.28 -31.27 -26.12
CA GLY H 780 -56.31 -31.85 -24.80
C GLY H 780 -56.18 -30.87 -23.67
N PHE H 781 -55.62 -29.68 -23.93
CA PHE H 781 -55.41 -28.68 -22.91
C PHE H 781 -56.42 -27.54 -22.99
N GLN H 782 -57.34 -27.60 -23.95
CA GLN H 782 -58.46 -26.68 -24.03
C GLN H 782 -59.57 -27.35 -24.86
N GLN H 783 -60.65 -26.60 -25.08
CA GLN H 783 -61.85 -27.13 -25.68
C GLN H 783 -61.64 -27.47 -27.15
N LYS H 784 -62.41 -28.44 -27.65
CA LYS H 784 -62.51 -28.65 -29.09
C LYS H 784 -62.99 -27.37 -29.77
N THR H 785 -62.44 -27.11 -30.94
CA THR H 785 -62.65 -25.83 -31.60
C THR H 785 -63.85 -25.83 -32.54
N ALA H 786 -64.81 -26.71 -32.34
CA ALA H 786 -66.13 -26.55 -32.94
C ALA H 786 -67.15 -26.00 -31.96
N THR H 787 -66.71 -25.59 -30.77
CA THR H 787 -67.62 -25.06 -29.77
C THR H 787 -66.93 -23.78 -29.27
N ASN H 788 -67.41 -23.18 -28.19
CA ASN H 788 -66.83 -21.97 -27.64
C ASN H 788 -65.53 -22.33 -26.94
N VAL H 789 -64.63 -21.35 -26.80
CA VAL H 789 -63.37 -21.58 -26.10
C VAL H 789 -63.44 -21.01 -24.68
N LEU H 790 -64.65 -20.89 -24.16
CA LEU H 790 -64.88 -20.28 -22.85
C LEU H 790 -65.17 -21.33 -21.78
N LEU H 791 -65.08 -22.61 -22.13
CA LEU H 791 -65.54 -23.67 -21.25
C LEU H 791 -64.49 -24.78 -21.25
N GLU H 792 -64.89 -25.97 -20.79
CA GLU H 792 -64.00 -27.02 -20.29
C GLU H 792 -63.00 -27.50 -21.34
N ARG H 793 -61.85 -27.96 -20.87
CA ARG H 793 -60.90 -28.67 -21.70
C ARG H 793 -61.45 -30.04 -22.10
N CYS H 794 -61.01 -30.50 -23.27
CA CYS H 794 -61.43 -31.78 -23.79
C CYS H 794 -60.31 -32.35 -24.66
N GLY H 795 -60.18 -33.67 -24.63
CA GLY H 795 -59.28 -34.38 -25.52
C GLY H 795 -58.05 -34.89 -24.81
N HIS H 796 -57.07 -35.27 -25.60
CA HIS H 796 -55.80 -35.81 -25.12
C HIS H 796 -54.65 -35.06 -25.77
N PRO H 797 -53.48 -35.03 -25.14
CA PRO H 797 -52.33 -34.35 -25.77
C PRO H 797 -51.83 -35.11 -26.98
N TYR H 798 -51.57 -34.38 -28.05
CA TYR H 798 -51.22 -34.99 -29.33
C TYR H 798 -50.48 -33.94 -30.16
N VAL H 799 -49.75 -34.44 -31.17
CA VAL H 799 -48.91 -33.59 -32.01
C VAL H 799 -49.77 -32.63 -32.84
N ALA H 800 -49.24 -31.43 -33.08
CA ALA H 800 -49.97 -30.40 -33.80
C ALA H 800 -49.67 -30.46 -35.29
N ASN H 801 -50.57 -29.84 -36.07
CA ASN H 801 -50.44 -29.84 -37.52
C ASN H 801 -50.67 -28.48 -38.17
N TRP H 802 -50.81 -27.41 -37.37
CA TRP H 802 -51.15 -26.14 -37.97
C TRP H 802 -50.66 -25.05 -37.03
N PRO H 803 -50.07 -23.97 -37.54
CA PRO H 803 -49.82 -23.56 -38.93
C PRO H 803 -48.58 -24.20 -39.54
N TYR H 804 -48.16 -23.71 -40.71
CA TYR H 804 -46.90 -24.21 -41.24
C TYR H 804 -45.75 -23.35 -40.70
N PRO H 805 -44.62 -23.96 -40.37
CA PRO H 805 -43.49 -23.18 -39.85
C PRO H 805 -42.83 -22.38 -40.96
N LEU H 806 -42.69 -21.08 -40.72
CA LEU H 806 -42.05 -20.18 -41.67
C LEU H 806 -40.61 -19.89 -41.29
N SER H 807 -40.14 -20.41 -40.16
CA SER H 807 -38.80 -20.13 -39.67
C SER H 807 -38.16 -21.43 -39.22
N GLY H 808 -36.94 -21.32 -38.69
CA GLY H 808 -36.26 -22.49 -38.19
C GLY H 808 -35.70 -23.36 -39.30
N ARG H 809 -35.18 -24.52 -38.88
CA ARG H 809 -34.61 -25.47 -39.83
C ARG H 809 -35.68 -26.11 -40.70
N ASN H 810 -36.87 -26.32 -40.15
CA ASN H 810 -37.96 -26.97 -40.87
C ASN H 810 -38.91 -25.96 -41.51
N ALA H 811 -38.39 -24.80 -41.92
CA ALA H 811 -39.21 -23.80 -42.56
C ALA H 811 -39.67 -24.29 -43.93
N VAL H 812 -40.91 -23.94 -44.29
CA VAL H 812 -41.48 -24.34 -45.56
C VAL H 812 -40.86 -23.46 -46.65
N PRO H 813 -40.49 -24.00 -47.80
CA PRO H 813 -40.08 -23.16 -48.92
C PRO H 813 -41.31 -22.63 -49.66
N ASN H 814 -41.05 -21.87 -50.72
CA ASN H 814 -42.07 -21.24 -51.56
C ASN H 814 -42.99 -20.33 -50.74
N GLN H 815 -42.39 -19.45 -49.95
CA GLN H 815 -43.12 -18.50 -49.13
C GLN H 815 -43.36 -17.24 -49.96
N VAL H 816 -44.62 -16.95 -50.24
CA VAL H 816 -44.97 -15.74 -50.97
C VAL H 816 -45.22 -14.63 -49.96
N THR H 817 -44.70 -13.44 -50.25
CA THR H 817 -44.86 -12.29 -49.38
C THR H 817 -45.98 -11.39 -49.89
N GLU H 818 -46.52 -10.58 -48.98
CA GLU H 818 -47.49 -9.56 -49.36
C GLU H 818 -47.43 -8.42 -48.36
N ARG H 819 -47.78 -7.23 -48.84
CA ARG H 819 -47.65 -6.00 -48.07
C ARG H 819 -48.96 -5.24 -48.09
N LYS H 820 -49.11 -4.33 -47.14
CA LYS H 820 -50.27 -3.46 -47.04
C LYS H 820 -49.87 -2.26 -46.20
N PHE H 821 -50.83 -1.37 -45.97
CA PHE H 821 -50.63 -0.26 -45.04
C PHE H 821 -51.98 0.10 -44.43
N LEU H 822 -51.92 0.87 -43.35
CA LEU H 822 -53.12 1.41 -42.73
C LEU H 822 -52.87 2.85 -42.36
N VAL H 823 -53.74 3.74 -42.82
CA VAL H 823 -53.77 5.13 -42.37
C VAL H 823 -55.09 5.35 -41.63
N ASP H 824 -54.98 5.94 -40.45
CA ASP H 824 -56.15 6.27 -39.65
C ASP H 824 -56.12 7.76 -39.35
N ARG H 825 -57.33 8.34 -39.24
CA ARG H 825 -57.55 9.76 -38.98
C ARG H 825 -56.88 10.63 -40.03
N TYR H 826 -56.97 10.23 -41.30
CA TYR H 826 -56.28 10.97 -42.35
C TYR H 826 -57.11 10.99 -43.61
N LEU H 827 -57.47 12.18 -44.07
CA LEU H 827 -57.96 12.37 -45.42
C LEU H 827 -56.78 12.40 -46.37
N TRP H 828 -56.85 11.62 -47.45
CA TRP H 828 -55.88 11.81 -48.53
C TRP H 828 -56.09 13.19 -49.13
N GLN H 829 -55.03 13.80 -49.62
CA GLN H 829 -55.18 15.13 -50.18
C GLN H 829 -54.37 15.29 -51.45
N ILE H 830 -54.93 16.06 -52.38
CA ILE H 830 -54.28 16.44 -53.65
C ILE H 830 -54.34 17.95 -53.74
N PRO H 831 -53.22 18.66 -53.59
CA PRO H 831 -53.28 20.13 -53.68
C PRO H 831 -53.38 20.59 -55.12
N PHE H 832 -54.01 21.75 -55.29
CA PHE H 832 -54.13 22.36 -56.61
C PHE H 832 -53.02 23.38 -56.79
N SER H 833 -51.80 22.86 -56.87
CA SER H 833 -50.60 23.66 -56.98
C SER H 833 -49.76 23.13 -58.12
N SER H 834 -48.75 23.91 -58.50
CA SER H 834 -47.93 23.57 -59.66
C SER H 834 -46.91 22.48 -59.32
N ASN H 835 -46.16 22.68 -58.23
CA ASN H 835 -45.17 21.73 -57.77
C ASN H 835 -45.65 20.92 -56.58
N PHE H 836 -46.96 20.89 -56.34
CA PHE H 836 -47.63 20.12 -55.29
C PHE H 836 -47.15 20.46 -53.88
N LEU H 837 -46.72 21.69 -53.64
CA LEU H 837 -46.35 22.09 -52.31
C LEU H 837 -46.88 23.47 -51.99
N ASN H 838 -46.98 23.77 -50.70
CA ASN H 838 -47.62 24.99 -50.23
C ASN H 838 -46.66 26.16 -50.42
N MET H 839 -46.93 26.98 -51.41
CA MET H 839 -46.30 28.29 -51.53
C MET H 839 -47.24 29.41 -51.14
N GLY H 840 -48.47 29.10 -50.76
CA GLY H 840 -49.45 30.10 -50.42
C GLY H 840 -50.84 29.52 -50.26
N THR H 841 -51.72 30.23 -49.58
CA THR H 841 -53.10 29.77 -49.47
C THR H 841 -53.84 29.95 -50.79
N LEU H 842 -53.75 31.14 -51.38
CA LEU H 842 -54.20 31.38 -52.75
C LEU H 842 -53.14 30.82 -53.68
N THR H 843 -53.36 29.60 -54.16
CA THR H 843 -52.32 28.85 -54.87
C THR H 843 -52.04 29.45 -56.25
N ASP H 844 -50.93 29.00 -56.84
CA ASP H 844 -50.49 29.61 -58.10
C ASP H 844 -51.24 29.07 -59.30
N LEU H 845 -51.72 27.84 -59.27
CA LEU H 845 -52.59 27.39 -60.35
C LEU H 845 -54.00 27.91 -60.23
N GLY H 846 -54.35 28.57 -59.12
CA GLY H 846 -55.64 29.20 -58.98
C GLY H 846 -55.68 30.58 -59.59
N GLN H 847 -54.70 30.89 -60.45
CA GLN H 847 -54.65 32.15 -61.19
C GLN H 847 -54.32 31.98 -62.66
N ASN H 848 -53.89 30.80 -63.12
CA ASN H 848 -53.57 30.62 -64.54
C ASN H 848 -54.11 29.35 -65.19
N VAL H 849 -54.65 28.38 -64.46
CA VAL H 849 -55.49 27.36 -65.10
C VAL H 849 -56.86 27.93 -65.38
N MET H 850 -57.52 28.43 -64.34
CA MET H 850 -58.59 29.40 -64.54
C MET H 850 -57.93 30.65 -65.07
N TYR H 851 -57.96 30.82 -66.39
CA TYR H 851 -57.23 31.90 -67.03
C TYR H 851 -58.17 32.69 -67.94
N ALA H 852 -58.00 34.01 -67.91
CA ALA H 852 -58.85 34.99 -68.62
C ALA H 852 -60.32 34.85 -68.22
N ASN H 853 -60.55 34.49 -66.95
CA ASN H 853 -61.89 34.28 -66.36
C ASN H 853 -62.71 33.28 -67.16
N SER H 854 -62.16 32.08 -67.34
CA SER H 854 -62.81 31.07 -68.16
C SER H 854 -63.43 29.99 -67.29
N SER H 855 -64.08 29.02 -67.94
CA SER H 855 -64.77 27.94 -67.26
C SER H 855 -64.25 26.60 -67.76
N HIS H 856 -64.19 25.63 -66.85
CA HIS H 856 -63.71 24.29 -67.18
C HIS H 856 -64.57 23.27 -66.46
N SER H 857 -65.16 22.35 -67.20
CA SER H 857 -65.85 21.26 -66.54
C SER H 857 -64.83 20.25 -66.04
N LEU H 858 -65.27 19.39 -65.14
CA LEU H 858 -64.39 18.46 -64.46
C LEU H 858 -65.13 17.17 -64.19
N ASN H 859 -64.43 16.05 -64.31
CA ASN H 859 -64.94 14.80 -63.78
C ASN H 859 -63.79 13.96 -63.24
N MET H 860 -64.05 13.25 -62.15
CA MET H 860 -63.05 12.38 -61.55
C MET H 860 -63.61 10.97 -61.45
N GLN H 861 -62.70 10.01 -61.39
CA GLN H 861 -63.07 8.60 -61.42
C GLN H 861 -62.22 7.88 -60.39
N PHE H 862 -62.79 7.66 -59.21
CA PHE H 862 -62.05 7.04 -58.11
C PHE H 862 -62.31 5.55 -58.12
N THR H 863 -61.24 4.77 -58.16
CA THR H 863 -61.34 3.33 -58.09
C THR H 863 -61.01 2.89 -56.67
N VAL H 864 -61.91 2.13 -56.05
CA VAL H 864 -61.76 1.70 -54.67
C VAL H 864 -61.76 0.17 -54.63
N ASP H 865 -61.49 -0.38 -53.45
CA ASP H 865 -61.60 -1.81 -53.30
C ASP H 865 -63.06 -2.21 -53.13
N PRO H 866 -63.47 -3.34 -53.70
CA PRO H 866 -64.86 -3.78 -53.53
C PRO H 866 -65.12 -4.26 -52.12
N MET H 867 -66.21 -3.80 -51.53
CA MET H 867 -66.60 -4.15 -50.17
C MET H 867 -68.04 -4.64 -50.16
N THR H 868 -68.41 -5.32 -49.08
CA THR H 868 -69.68 -6.03 -49.00
C THR H 868 -70.80 -5.19 -48.39
N GLU H 869 -70.56 -3.91 -48.15
CA GLU H 869 -71.61 -3.02 -47.66
C GLU H 869 -71.59 -1.73 -48.46
N PRO H 870 -72.72 -1.05 -48.59
CA PRO H 870 -72.73 0.24 -49.31
C PRO H 870 -71.98 1.30 -48.53
N THR H 871 -71.14 2.05 -49.24
CA THR H 871 -70.29 3.06 -48.65
C THR H 871 -70.43 4.38 -49.40
N TYR H 872 -70.23 5.48 -48.68
CA TYR H 872 -70.15 6.78 -49.32
C TYR H 872 -68.73 7.06 -49.77
N LEU H 873 -68.56 8.23 -50.37
CA LEU H 873 -67.26 8.77 -50.76
C LEU H 873 -67.25 10.22 -50.28
N MET H 874 -66.64 10.48 -49.13
CA MET H 874 -66.61 11.83 -48.60
C MET H 874 -65.55 12.60 -49.36
N LEU H 875 -65.96 13.31 -50.41
CA LEU H 875 -65.09 14.23 -51.11
C LEU H 875 -65.37 15.63 -50.59
N LEU H 876 -64.32 16.44 -50.48
CA LEU H 876 -64.46 17.81 -50.05
C LEU H 876 -63.46 18.69 -50.78
N PHE H 877 -63.98 19.63 -51.58
CA PHE H 877 -63.14 20.52 -52.35
C PHE H 877 -62.47 21.55 -51.46
N GLY H 878 -61.36 22.10 -51.93
CA GLY H 878 -60.69 23.14 -51.19
C GLY H 878 -61.11 24.52 -51.66
N VAL H 879 -62.04 25.13 -50.96
CA VAL H 879 -62.57 26.43 -51.31
C VAL H 879 -62.11 27.44 -50.27
N PHE H 880 -62.42 28.71 -50.50
CA PHE H 880 -62.30 29.70 -49.45
C PHE H 880 -63.63 29.89 -48.76
N ASP H 881 -63.62 30.63 -47.66
CA ASP H 881 -64.86 30.93 -46.93
C ASP H 881 -64.59 32.16 -46.07
N GLN H 882 -65.33 33.24 -46.32
CA GLN H 882 -65.08 34.51 -45.66
C GLN H 882 -66.39 35.11 -45.21
N VAL H 883 -66.33 35.99 -44.22
CA VAL H 883 -67.49 36.79 -43.83
C VAL H 883 -67.08 38.27 -43.82
N ILE H 885 -68.74 41.28 -41.49
CA ILE H 885 -69.54 41.64 -40.34
C ILE H 885 -69.30 43.08 -39.91
N ASN H 886 -70.33 43.91 -39.89
CA ASN H 886 -70.18 45.27 -39.40
C ASN H 886 -71.30 45.60 -38.41
N GLN H 887 -71.01 46.55 -37.54
CA GLN H 887 -71.93 47.09 -36.56
C GLN H 887 -72.21 48.55 -36.91
N PRO H 888 -73.10 48.84 -37.85
CA PRO H 888 -73.24 50.24 -38.27
C PRO H 888 -73.94 51.11 -37.24
N THR H 889 -74.94 50.59 -36.54
CA THR H 889 -75.71 51.33 -35.55
C THR H 889 -75.84 50.43 -34.32
N ARG H 890 -76.09 51.04 -33.16
CA ARG H 890 -76.45 50.27 -31.98
C ARG H 890 -77.70 49.46 -32.25
N SER H 891 -77.71 48.21 -31.76
CA SER H 891 -78.76 47.21 -31.95
C SER H 891 -78.96 46.88 -33.42
N GLY H 892 -77.91 46.97 -34.22
CA GLY H 892 -77.99 46.57 -35.60
C GLY H 892 -76.69 46.03 -36.15
N ILE H 893 -76.69 44.81 -36.68
CA ILE H 893 -75.53 44.23 -37.34
C ILE H 893 -75.98 43.58 -38.64
N SER H 894 -75.06 43.46 -39.58
CA SER H 894 -75.37 42.84 -40.86
C SER H 894 -74.09 42.20 -41.40
N VAL H 895 -74.26 41.13 -42.18
CA VAL H 895 -73.10 40.37 -42.63
C VAL H 895 -73.06 40.29 -44.14
N ALA H 896 -72.04 39.63 -44.66
CA ALA H 896 -71.96 39.33 -46.08
C ALA H 896 -71.11 38.07 -46.23
N TYR H 897 -71.74 36.94 -46.51
CA TYR H 897 -71.02 35.70 -46.68
C TYR H 897 -70.55 35.60 -48.12
N LEU H 898 -69.37 35.03 -48.31
CA LEU H 898 -68.82 34.86 -49.65
C LEU H 898 -67.79 33.73 -49.60
N ARG H 899 -68.09 32.63 -50.27
CA ARG H 899 -67.16 31.53 -50.40
C ARG H 899 -66.88 31.34 -51.88
N LEU H 900 -65.65 30.96 -52.24
CA LEU H 900 -65.26 30.82 -53.64
C LEU H 900 -64.47 29.54 -53.83
N PRO H 901 -64.67 28.80 -54.93
CA PRO H 901 -65.45 29.06 -56.15
C PRO H 901 -66.97 28.86 -56.08
N PHE H 902 -67.49 28.05 -55.15
CA PHE H 902 -68.88 27.66 -55.25
C PHE H 902 -69.79 28.74 -54.67
N ALA H 903 -71.11 28.56 -54.73
CA ALA H 903 -72.01 29.65 -54.38
C ALA H 903 -73.20 29.14 -53.57
N SER H 904 -73.85 30.06 -52.86
CA SER H 904 -75.07 29.80 -52.12
C SER H 904 -75.78 31.12 -51.84
N GLY H 905 -76.79 31.08 -50.98
CA GLY H 905 -77.49 32.28 -50.56
C GLY H 905 -76.67 33.12 -49.61
N SER H 906 -76.52 34.41 -49.91
CA SER H 906 -75.55 35.24 -49.22
C SER H 906 -76.14 36.61 -48.92
N ALA H 907 -75.49 37.31 -47.97
CA ALA H 907 -75.83 38.67 -47.53
C ALA H 907 -77.29 38.83 -47.09
N GLU I 2 -4.35 32.84 -42.70
CA GLU I 2 -3.86 32.73 -44.07
C GLU I 2 -4.92 32.12 -44.98
N PRO I 3 -4.92 32.49 -46.25
CA PRO I 3 -5.71 31.74 -47.23
C PRO I 3 -5.10 30.36 -47.41
N GLN I 4 -5.99 29.40 -47.74
CA GLN I 4 -6.06 27.94 -47.46
C GLN I 4 -6.74 27.71 -46.12
N ARG I 5 -7.10 28.78 -45.41
CA ARG I 5 -8.02 28.62 -44.28
C ARG I 5 -9.25 29.49 -44.47
N GLU I 6 -9.07 30.65 -45.12
CA GLU I 6 -10.22 31.46 -45.48
C GLU I 6 -10.82 31.00 -46.81
N PHE I 7 -10.08 30.18 -47.56
CA PHE I 7 -10.59 29.70 -48.84
C PHE I 7 -11.54 28.53 -48.64
N PHE I 8 -11.23 27.64 -47.70
CA PHE I 8 -12.09 26.52 -47.39
C PHE I 8 -13.06 26.83 -46.26
N HIS I 9 -13.05 28.10 -45.80
CA HIS I 9 -14.06 28.67 -44.93
C HIS I 9 -14.08 28.00 -43.56
N ILE I 10 -12.88 27.79 -43.02
CA ILE I 10 -12.74 27.48 -41.60
C ILE I 10 -12.84 28.77 -40.79
N ALA I 11 -12.16 29.80 -41.24
CA ALA I 11 -12.28 31.15 -40.73
C ALA I 11 -12.76 32.07 -41.85
N GLY I 12 -12.75 33.37 -41.60
CA GLY I 12 -13.03 34.32 -42.67
C GLY I 12 -14.39 34.95 -42.62
N ARG I 13 -15.01 35.12 -43.78
CA ARG I 13 -16.28 35.83 -43.90
C ARG I 13 -17.45 34.85 -43.83
N SER I 14 -18.56 35.33 -43.29
CA SER I 14 -19.76 34.51 -43.20
C SER I 14 -20.42 34.39 -44.57
N ALA I 15 -21.43 33.52 -44.64
CA ALA I 15 -22.03 33.15 -45.93
C ALA I 15 -22.79 34.31 -46.56
N LYS I 16 -23.24 35.27 -45.76
CA LYS I 16 -23.84 36.48 -46.31
C LYS I 16 -22.80 37.35 -47.02
N GLU I 17 -21.53 37.22 -46.66
CA GLU I 17 -20.51 38.17 -47.09
C GLU I 17 -19.73 37.74 -48.32
N TYR I 18 -19.23 36.50 -48.38
CA TYR I 18 -18.40 36.12 -49.51
C TYR I 18 -19.19 35.72 -50.75
N LEU I 19 -20.50 35.50 -50.63
CA LEU I 19 -21.28 35.24 -51.82
C LEU I 19 -21.51 36.52 -52.60
N SER I 20 -21.90 36.37 -53.85
CA SER I 20 -22.22 37.52 -54.68
C SER I 20 -23.52 38.18 -54.19
N GLU I 21 -23.69 39.44 -54.56
CA GLU I 21 -24.75 40.25 -53.97
C GLU I 21 -26.12 39.86 -54.51
N ASN I 22 -26.19 39.40 -55.76
CA ASN I 22 -27.45 38.97 -56.35
C ASN I 22 -27.78 37.51 -56.07
N LEU I 23 -26.86 36.76 -55.47
CA LEU I 23 -27.19 35.39 -55.06
C LEU I 23 -27.82 35.37 -53.67
N VAL I 24 -27.34 36.23 -52.78
CA VAL I 24 -27.92 36.32 -51.44
C VAL I 24 -29.36 36.84 -51.51
N GLN I 25 -29.62 37.78 -52.42
CA GLN I 25 -30.98 38.24 -52.63
C GLN I 25 -31.87 37.19 -53.27
N PHE I 26 -31.29 36.23 -54.00
CA PHE I 26 -32.08 35.13 -54.52
C PHE I 26 -32.45 34.16 -53.41
N ILE I 27 -31.45 33.72 -52.63
CA ILE I 27 -31.67 32.66 -51.66
C ILE I 27 -32.33 33.13 -50.38
N GLN I 28 -32.66 34.42 -50.27
CA GLN I 28 -33.54 34.89 -49.22
C GLN I 28 -34.98 35.06 -49.69
N ALA I 29 -35.18 35.35 -50.96
CA ALA I 29 -36.53 35.41 -51.52
C ALA I 29 -37.09 34.01 -51.72
N THR I 30 -36.37 33.17 -52.47
CA THR I 30 -36.78 31.79 -52.69
C THR I 30 -36.26 30.93 -51.54
N GLN I 31 -36.86 31.13 -50.38
CA GLN I 31 -36.39 30.56 -49.13
C GLN I 31 -37.31 29.49 -48.58
N ASN I 32 -38.62 29.69 -48.68
CA ASN I 32 -39.58 28.82 -48.00
C ASN I 32 -39.93 27.58 -48.79
N TYR I 33 -39.48 27.45 -50.04
CA TYR I 33 -39.84 26.27 -50.81
C TYR I 33 -38.64 25.59 -51.45
N PHE I 34 -37.59 26.35 -51.75
CA PHE I 34 -36.41 25.79 -52.42
C PHE I 34 -35.18 26.33 -51.69
N ASN I 35 -34.76 25.60 -50.65
CA ASN I 35 -33.75 26.10 -49.73
C ASN I 35 -32.36 25.89 -50.31
N ILE I 36 -31.57 26.97 -50.33
CA ILE I 36 -30.21 26.92 -50.84
C ILE I 36 -29.17 27.28 -49.77
N GLY I 37 -29.52 28.07 -48.77
CA GLY I 37 -28.59 28.61 -47.79
C GLY I 37 -27.88 27.59 -46.91
N GLU I 38 -28.26 26.31 -46.99
CA GLU I 38 -27.52 25.25 -46.31
C GLU I 38 -26.48 24.59 -47.21
N LYS I 39 -26.40 24.99 -48.48
CA LYS I 39 -25.32 24.54 -49.36
C LYS I 39 -24.04 25.33 -49.15
N PHE I 40 -24.02 26.29 -48.24
CA PHE I 40 -22.88 27.20 -48.11
C PHE I 40 -22.44 27.24 -46.65
N ARG I 41 -21.13 27.17 -46.44
CA ARG I 41 -20.57 26.96 -45.12
C ARG I 41 -20.31 28.29 -44.41
N ASP I 42 -20.66 28.34 -43.14
CA ASP I 42 -20.54 29.54 -42.31
C ASP I 42 -19.48 29.29 -41.24
N PRO I 43 -18.41 30.08 -41.19
CA PRO I 43 -17.41 29.90 -40.13
C PRO I 43 -17.92 30.40 -38.79
N TYR I 44 -17.25 29.96 -37.73
CA TYR I 44 -17.65 30.27 -36.37
C TYR I 44 -16.39 30.20 -35.51
N VAL I 45 -15.83 31.36 -35.18
CA VAL I 45 -14.46 31.48 -34.71
C VAL I 45 -14.47 32.00 -33.28
N ALA I 46 -13.68 31.36 -32.41
CA ALA I 46 -13.49 31.82 -31.05
C ALA I 46 -12.74 33.15 -31.03
N PRO I 47 -12.85 33.92 -29.94
CA PRO I 47 -12.13 35.21 -29.89
C PRO I 47 -10.61 35.07 -29.87
N SER I 48 -10.06 34.27 -28.96
CA SER I 48 -8.63 33.98 -28.80
C SER I 48 -7.77 35.22 -28.53
N ALA I 49 -8.37 36.29 -28.01
CA ALA I 49 -7.62 37.48 -27.67
C ALA I 49 -8.41 38.23 -26.59
N GLY I 50 -7.99 38.09 -25.34
CA GLY I 50 -8.59 38.82 -24.26
C GLY I 50 -9.72 38.14 -23.54
N VAL I 51 -9.95 36.85 -23.78
CA VAL I 51 -11.00 36.13 -23.06
C VAL I 51 -10.45 35.11 -22.07
N THR I 52 -9.20 34.68 -22.22
CA THR I 52 -8.63 33.73 -21.27
C THR I 52 -7.14 34.01 -21.11
N THR I 53 -6.69 34.09 -19.87
CA THR I 53 -5.28 34.34 -19.58
C THR I 53 -4.45 33.09 -19.86
N ASP I 54 -3.14 33.28 -19.89
CA ASP I 54 -2.19 32.18 -20.10
C ASP I 54 -1.34 31.92 -18.87
N ARG I 55 -1.78 32.38 -17.71
CA ARG I 55 -1.03 32.24 -16.48
C ARG I 55 -1.58 31.10 -15.64
N SER I 56 -0.83 30.73 -14.61
CA SER I 56 -1.24 29.63 -13.74
C SER I 56 -2.36 30.08 -12.82
N GLN I 57 -3.50 29.39 -12.91
CA GLN I 57 -4.73 29.83 -12.25
C GLN I 57 -5.68 28.65 -12.21
N LYS I 58 -6.24 28.34 -11.04
CA LYS I 58 -7.03 27.12 -10.90
C LYS I 58 -8.45 27.32 -11.40
N LEU I 59 -9.06 26.22 -11.87
CA LEU I 59 -10.47 26.25 -12.25
C LEU I 59 -11.37 26.09 -11.04
N GLN I 60 -11.28 24.96 -10.36
CA GLN I 60 -12.05 24.71 -9.15
C GLN I 60 -11.15 24.85 -7.93
N LEU I 61 -11.73 25.39 -6.85
CA LEU I 61 -10.99 25.64 -5.62
C LEU I 61 -11.63 24.84 -4.49
N ARG I 62 -11.02 23.70 -4.19
CA ARG I 62 -11.37 22.94 -2.99
C ARG I 62 -10.93 23.72 -1.75
N VAL I 63 -11.88 24.22 -0.99
CA VAL I 63 -11.56 24.93 0.25
C VAL I 63 -12.16 24.15 1.42
N VAL I 64 -11.40 24.06 2.50
CA VAL I 64 -11.73 23.22 3.65
C VAL I 64 -12.11 24.13 4.81
N PRO I 65 -12.90 23.68 5.78
CA PRO I 65 -13.41 24.59 6.81
C PRO I 65 -12.34 25.06 7.79
N ILE I 66 -12.57 26.25 8.32
CA ILE I 66 -11.74 26.81 9.39
C ILE I 66 -12.06 26.14 10.72
N GLN I 67 -13.34 25.95 11.00
CA GLN I 67 -13.82 25.87 12.38
C GLN I 67 -15.13 25.09 12.37
N THR I 68 -15.10 23.88 12.92
CA THR I 68 -16.26 22.99 12.88
C THR I 68 -16.77 22.72 14.29
N GLU I 69 -18.09 22.85 14.47
CA GLU I 69 -18.76 22.49 15.70
C GLU I 69 -19.66 21.29 15.43
N ASP I 70 -19.66 20.32 16.34
CA ASP I 70 -20.48 19.13 16.21
C ASP I 70 -21.16 18.87 17.55
N ASN I 71 -22.48 18.75 17.53
CA ASN I 71 -23.25 18.41 18.72
C ASN I 71 -24.43 17.55 18.28
N VAL I 72 -25.42 17.42 19.16
CA VAL I 72 -26.56 16.56 18.89
C VAL I 72 -27.45 17.14 17.80
N ASN I 73 -27.64 18.46 17.81
CA ASN I 73 -28.64 19.06 16.95
C ASN I 73 -28.13 19.43 15.55
N TYR I 74 -26.95 20.02 15.43
CA TYR I 74 -26.53 20.59 14.16
C TYR I 74 -25.06 20.32 13.92
N TYR I 75 -24.50 20.99 12.91
CA TYR I 75 -23.10 20.87 12.55
C TYR I 75 -22.67 22.13 11.81
N LYS I 76 -21.81 22.93 12.42
CA LYS I 76 -21.29 24.15 11.82
C LYS I 76 -20.01 23.85 11.04
N ALA I 77 -19.84 24.52 9.91
CA ALA I 77 -18.52 24.77 9.37
C ALA I 77 -18.40 26.24 9.04
N ARG I 78 -17.17 26.70 8.96
CA ARG I 78 -16.89 28.09 8.65
C ARG I 78 -15.74 28.12 7.66
N PHE I 79 -15.91 28.84 6.57
CA PHE I 79 -14.99 28.79 5.47
C PHE I 79 -14.40 30.17 5.23
N THR I 80 -13.25 30.20 4.55
CA THR I 80 -12.63 31.46 4.15
C THR I 80 -12.43 31.39 2.65
N LEU I 81 -13.42 31.88 1.91
CA LEU I 81 -13.31 32.01 0.47
C LEU I 81 -12.41 33.19 0.15
N ASN I 82 -11.23 32.92 -0.38
CA ASN I 82 -10.22 33.95 -0.63
C ASN I 82 -10.23 34.24 -2.12
N VAL I 83 -11.07 35.19 -2.53
CA VAL I 83 -11.17 35.59 -3.92
C VAL I 83 -10.12 36.68 -4.12
N GLY I 84 -8.94 36.29 -4.57
CA GLY I 84 -7.88 37.25 -4.77
C GLY I 84 -8.16 38.18 -5.93
N ASP I 85 -7.30 39.18 -6.08
CA ASP I 85 -7.42 40.13 -7.17
C ASP I 85 -7.14 39.44 -8.50
N ASN I 86 -7.67 40.04 -9.57
CA ASN I 86 -7.63 39.53 -10.94
C ASN I 86 -8.31 38.18 -11.10
N ARG I 87 -9.24 37.84 -10.21
CA ARG I 87 -10.03 36.63 -10.29
C ARG I 87 -11.49 36.97 -10.01
N LEU I 88 -12.40 36.16 -10.53
CA LEU I 88 -13.82 36.36 -10.35
C LEU I 88 -14.47 35.04 -10.04
N VAL I 89 -15.52 35.07 -9.22
CA VAL I 89 -16.28 33.87 -8.92
C VAL I 89 -17.76 34.21 -8.94
N ASP I 90 -18.56 33.33 -9.54
CA ASP I 90 -20.00 33.38 -9.44
C ASP I 90 -20.41 32.36 -8.39
N LEU I 91 -21.23 32.79 -7.44
CA LEU I 91 -21.65 31.90 -6.37
C LEU I 91 -22.72 30.91 -6.81
N GLY I 92 -23.19 30.98 -8.05
CA GLY I 92 -24.00 29.90 -8.59
C GLY I 92 -23.24 28.61 -8.73
N SER I 93 -21.92 28.70 -8.94
CA SER I 93 -21.08 27.52 -9.00
C SER I 93 -20.76 26.93 -7.63
N SER I 94 -21.11 27.62 -6.55
CA SER I 94 -20.80 27.12 -5.22
C SER I 94 -21.74 26.00 -4.84
N TYR I 95 -21.19 24.97 -4.20
CA TYR I 95 -21.99 23.90 -3.62
C TYR I 95 -21.16 23.23 -2.53
N PHE I 96 -21.81 22.88 -1.44
CA PHE I 96 -21.14 22.11 -0.41
C PHE I 96 -21.00 20.66 -0.84
N ASP I 97 -19.87 20.04 -0.50
CA ASP I 97 -19.58 18.65 -0.86
C ASP I 97 -19.47 17.86 0.43
N ILE I 98 -20.54 17.17 0.79
CA ILE I 98 -20.67 16.50 2.07
C ILE I 98 -20.27 15.04 1.91
N LYS I 99 -19.39 14.57 2.79
CA LYS I 99 -19.14 13.14 2.95
C LYS I 99 -19.57 12.75 4.36
N GLY I 100 -20.17 11.58 4.49
CA GLY I 100 -20.62 11.12 5.79
C GLY I 100 -21.18 9.72 5.72
N THR I 101 -21.65 9.24 6.86
CA THR I 101 -22.29 7.94 6.94
C THR I 101 -23.67 8.09 7.58
N LEU I 102 -24.49 7.05 7.38
CA LEU I 102 -25.91 7.16 7.68
C LEU I 102 -26.40 5.84 8.28
N ASP I 103 -27.33 5.97 9.23
CA ASP I 103 -28.02 4.82 9.81
C ASP I 103 -29.51 5.03 9.56
N ARG I 104 -30.10 4.17 8.75
CA ARG I 104 -31.52 4.31 8.42
C ARG I 104 -32.44 3.72 9.47
N GLY I 105 -31.92 2.93 10.40
CA GLY I 105 -32.74 2.36 11.44
C GLY I 105 -33.43 1.09 11.01
N PRO I 106 -34.08 0.39 11.94
CA PRO I 106 -34.72 -0.89 11.60
C PRO I 106 -36.02 -0.74 10.83
N SER I 107 -36.50 0.48 10.60
CA SER I 107 -37.74 0.73 9.89
C SER I 107 -37.54 0.85 8.38
N PHE I 108 -36.49 0.25 7.84
CA PHE I 108 -36.15 0.40 6.44
C PHE I 108 -36.33 -0.94 5.73
N LYS I 109 -37.01 -0.91 4.59
CA LYS I 109 -37.28 -2.07 3.77
C LYS I 109 -37.54 -1.59 2.35
N PRO I 110 -36.54 -1.57 1.49
CA PRO I 110 -36.72 -0.93 0.19
C PRO I 110 -37.30 -1.81 -0.89
N TYR I 111 -38.31 -2.62 -0.55
CA TYR I 111 -38.95 -3.54 -1.47
C TYR I 111 -40.21 -4.10 -0.82
N GLY I 112 -41.08 -4.64 -1.66
CA GLY I 112 -42.28 -5.31 -1.18
C GLY I 112 -42.09 -6.80 -1.15
N GLY I 113 -42.94 -7.48 -0.39
CA GLY I 113 -42.82 -8.92 -0.28
C GLY I 113 -41.65 -9.31 0.59
N THR I 114 -41.13 -10.51 0.36
CA THR I 114 -40.00 -11.02 1.12
C THR I 114 -38.91 -11.47 0.16
N ALA I 115 -37.76 -11.78 0.72
CA ALA I 115 -36.63 -12.27 -0.07
C ALA I 115 -36.26 -13.70 0.27
N TYR I 116 -36.96 -14.35 1.19
CA TYR I 116 -36.63 -15.69 1.64
C TYR I 116 -37.85 -16.57 1.47
N ASN I 117 -37.67 -17.69 0.75
CA ASN I 117 -38.74 -18.58 0.33
C ASN I 117 -39.93 -17.87 -0.33
N PRO I 118 -39.71 -17.07 -1.38
CA PRO I 118 -40.80 -16.21 -1.87
C PRO I 118 -41.87 -16.94 -2.64
N LEU I 119 -41.61 -18.15 -3.12
CA LEU I 119 -42.59 -18.93 -3.85
C LEU I 119 -43.45 -19.79 -2.93
N ALA I 120 -43.16 -19.78 -1.64
CA ALA I 120 -43.93 -20.60 -0.71
C ALA I 120 -45.30 -19.98 -0.48
N PRO I 121 -46.31 -20.80 -0.22
CA PRO I 121 -47.58 -20.26 0.26
C PRO I 121 -47.42 -19.68 1.65
N LYS I 122 -48.23 -18.68 1.94
CA LYS I 122 -48.08 -17.94 3.19
C LYS I 122 -48.52 -18.73 4.41
N SER I 123 -49.28 -19.80 4.22
CA SER I 123 -49.72 -20.63 5.32
C SER I 123 -48.82 -21.83 5.57
N ALA I 124 -47.81 -22.03 4.76
CA ALA I 124 -47.06 -23.28 4.77
C ALA I 124 -46.06 -23.30 5.93
N PRO I 125 -45.98 -24.39 6.68
CA PRO I 125 -44.90 -24.55 7.66
C PRO I 125 -43.72 -25.32 7.06
N ILE I 126 -42.56 -25.09 7.66
CA ILE I 126 -41.38 -25.91 7.35
C ILE I 126 -41.49 -27.19 8.17
N ASN I 127 -40.60 -28.16 7.88
CA ASN I 127 -40.53 -29.36 8.70
C ASN I 127 -39.96 -28.99 10.05
N SER I 128 -40.74 -29.21 11.11
CA SER I 128 -40.38 -28.67 12.41
C SER I 128 -40.91 -29.56 13.52
N ALA I 129 -40.66 -29.13 14.76
CA ALA I 129 -41.19 -29.74 15.96
C ALA I 129 -41.84 -28.65 16.80
N PHE I 130 -42.77 -29.04 17.66
CA PHE I 130 -43.49 -28.09 18.50
C PHE I 130 -43.54 -28.60 19.92
N THR I 131 -44.03 -27.76 20.82
CA THR I 131 -44.11 -28.08 22.26
C THR I 131 -45.45 -27.67 22.84
N VAL I 132 -46.54 -28.03 22.18
CA VAL I 132 -47.87 -27.71 22.70
C VAL I 132 -48.18 -28.61 23.89
N GLY I 133 -48.34 -28.00 25.06
CA GLY I 133 -48.50 -28.75 26.30
C GLY I 133 -47.23 -29.49 26.68
N ASN I 134 -47.40 -30.63 27.32
CA ASN I 134 -46.30 -31.56 27.50
C ASN I 134 -46.07 -32.42 26.26
N ASP I 135 -47.04 -32.45 25.36
CA ASP I 135 -46.92 -33.12 24.07
C ASP I 135 -45.92 -32.38 23.18
N THR I 136 -45.33 -33.10 22.24
CA THR I 136 -44.53 -32.52 21.18
C THR I 136 -45.01 -33.05 19.84
N HIS I 137 -45.20 -32.14 18.89
CA HIS I 137 -45.75 -32.49 17.58
C HIS I 137 -44.69 -32.28 16.51
N PHE I 138 -44.53 -33.29 15.66
CA PHE I 138 -43.68 -33.18 14.50
C PHE I 138 -44.54 -32.99 13.26
N VAL I 139 -44.16 -32.04 12.42
CA VAL I 139 -44.71 -31.90 11.08
C VAL I 139 -43.55 -31.95 10.11
N ALA I 140 -43.71 -32.72 9.03
CA ALA I 140 -42.59 -32.92 8.13
C ALA I 140 -43.08 -33.27 6.72
N GLN I 141 -42.19 -33.06 5.75
CA GLN I 141 -42.35 -33.52 4.37
C GLN I 141 -41.08 -34.26 4.00
N LEU I 142 -41.21 -35.52 3.59
CA LEU I 142 -40.05 -36.41 3.40
C LEU I 142 -39.93 -36.80 1.93
N PRO I 143 -39.13 -36.09 1.15
CA PRO I 143 -38.99 -36.42 -0.28
C PRO I 143 -38.23 -37.71 -0.53
N GLN I 144 -37.04 -37.83 0.06
CA GLN I 144 -36.12 -38.91 -0.29
C GLN I 144 -36.52 -40.21 0.39
N THR I 145 -36.34 -41.31 -0.32
CA THR I 145 -36.60 -42.64 0.20
C THR I 145 -35.31 -43.47 0.12
N TYR I 146 -35.14 -44.37 1.09
CA TYR I 146 -33.91 -45.16 1.14
C TYR I 146 -34.15 -46.66 1.24
N ALA I 147 -35.38 -47.12 0.98
CA ALA I 147 -35.74 -48.54 0.78
C ALA I 147 -35.44 -49.38 2.03
N ALA I 148 -36.18 -49.09 3.09
CA ALA I 148 -36.07 -49.84 4.34
C ALA I 148 -36.96 -51.07 4.28
N GLY I 149 -36.38 -52.24 4.54
CA GLY I 149 -37.11 -53.49 4.53
C GLY I 149 -37.25 -54.08 5.93
N GLY I 150 -38.35 -54.79 6.15
CA GLY I 150 -38.62 -55.34 7.46
C GLY I 150 -38.93 -54.24 8.46
N THR I 151 -38.51 -54.46 9.71
CA THR I 151 -38.43 -53.36 10.66
C THR I 151 -37.21 -52.51 10.31
N GLY I 152 -37.43 -51.38 9.65
CA GLY I 152 -36.33 -50.62 9.11
C GLY I 152 -35.49 -49.85 10.12
N VAL I 153 -34.91 -50.55 11.08
CA VAL I 153 -34.07 -49.93 12.10
C VAL I 153 -32.60 -50.05 11.75
N THR I 154 -32.17 -51.22 11.26
CA THR I 154 -30.78 -51.45 10.88
C THR I 154 -30.35 -50.68 9.65
N GLU I 155 -31.28 -50.07 8.92
CA GLU I 155 -30.94 -49.19 7.82
C GLU I 155 -31.20 -47.73 8.15
N ALA I 156 -31.84 -47.45 9.29
CA ALA I 156 -31.94 -46.09 9.77
C ALA I 156 -30.72 -45.67 10.58
N ILE I 157 -30.05 -46.64 11.22
CA ILE I 157 -28.79 -46.33 11.88
C ILE I 157 -27.70 -46.11 10.85
N GLN I 158 -27.82 -46.75 9.69
CA GLN I 158 -26.95 -46.48 8.55
C GLN I 158 -27.37 -45.18 7.88
N GLN I 159 -26.75 -44.89 6.73
CA GLN I 159 -26.81 -43.63 5.97
C GLN I 159 -26.69 -42.42 6.90
N GLN I 160 -25.50 -42.29 7.49
CA GLN I 160 -25.19 -41.27 8.48
C GLN I 160 -25.34 -39.87 7.90
N VAL I 161 -25.63 -38.91 8.77
CA VAL I 161 -26.10 -37.58 8.38
C VAL I 161 -25.20 -36.52 8.99
N SER I 162 -25.26 -35.33 8.40
CA SER I 162 -24.44 -34.21 8.82
C SER I 162 -25.27 -32.94 8.70
N GLY I 163 -24.60 -31.79 8.75
CA GLY I 163 -25.30 -30.52 8.59
C GLY I 163 -25.72 -30.26 7.16
N VAL I 164 -25.04 -30.85 6.18
CA VAL I 164 -25.37 -30.70 4.77
C VAL I 164 -25.59 -32.01 4.06
N ASP I 165 -25.41 -33.16 4.74
CA ASP I 165 -25.45 -34.44 4.04
C ASP I 165 -26.87 -34.87 3.67
N PRO I 166 -27.92 -34.60 4.46
CA PRO I 166 -29.24 -34.51 3.85
C PRO I 166 -29.48 -33.09 3.34
N ASN I 167 -30.08 -33.01 2.16
CA ASN I 167 -30.22 -31.75 1.46
C ASN I 167 -31.68 -31.40 1.33
N PRO I 168 -32.11 -30.20 1.74
CA PRO I 168 -33.50 -29.79 1.48
C PRO I 168 -33.79 -29.51 0.02
N GLN I 169 -32.78 -29.46 -0.85
CA GLN I 169 -33.04 -29.28 -2.26
C GLN I 169 -33.12 -30.59 -3.02
N VAL I 170 -32.33 -31.59 -2.66
CA VAL I 170 -32.37 -32.87 -3.34
C VAL I 170 -33.59 -33.64 -2.86
N GLY I 171 -34.47 -34.00 -3.79
CA GLY I 171 -35.64 -34.78 -3.46
C GLY I 171 -35.70 -36.06 -4.25
N GLN I 172 -36.90 -36.45 -4.67
CA GLN I 172 -37.06 -37.57 -5.58
C GLN I 172 -36.43 -37.22 -6.94
N PRO I 173 -35.94 -38.22 -7.68
CA PRO I 173 -35.33 -37.93 -8.98
C PRO I 173 -36.35 -37.41 -9.99
N ASN I 174 -35.81 -36.83 -11.06
CA ASN I 174 -36.64 -36.25 -12.10
C ASN I 174 -37.46 -37.32 -12.80
N TYR I 175 -38.70 -36.98 -13.11
CA TYR I 175 -39.69 -37.85 -13.78
C TYR I 175 -40.00 -39.09 -12.97
N ALA I 176 -39.97 -38.98 -11.64
CA ALA I 176 -40.57 -40.02 -10.83
C ALA I 176 -42.09 -39.96 -10.86
N GLY I 177 -42.64 -38.81 -11.25
CA GLY I 177 -44.07 -38.64 -11.30
C GLY I 177 -44.66 -38.51 -9.92
N PRO I 178 -45.97 -38.69 -9.80
CA PRO I 178 -46.61 -38.69 -8.47
C PRO I 178 -46.53 -40.07 -7.83
N VAL I 179 -45.31 -40.44 -7.44
CA VAL I 179 -45.07 -41.78 -6.91
C VAL I 179 -45.65 -41.90 -5.51
N VAL I 180 -46.37 -42.98 -5.26
CA VAL I 180 -46.93 -43.26 -3.95
C VAL I 180 -45.89 -44.06 -3.18
N VAL I 181 -45.29 -43.44 -2.16
CA VAL I 181 -44.23 -44.09 -1.40
C VAL I 181 -44.84 -45.15 -0.51
N ASN I 182 -44.49 -46.41 -0.79
CA ASN I 182 -44.97 -47.53 0.02
C ASN I 182 -44.19 -47.52 1.33
N THR I 183 -44.86 -47.12 2.40
CA THR I 183 -44.21 -47.00 3.71
C THR I 183 -43.85 -48.38 4.26
N THR I 184 -44.60 -49.42 3.89
CA THR I 184 -44.24 -50.79 4.22
C THR I 184 -43.00 -51.23 3.45
N ASN I 185 -42.69 -50.58 2.33
CA ASN I 185 -41.55 -50.94 1.50
C ASN I 185 -40.40 -49.93 1.56
N ASN I 186 -40.67 -48.66 1.87
CA ASN I 186 -39.67 -47.60 1.84
C ASN I 186 -39.75 -46.80 3.14
N ALA I 187 -38.93 -45.74 3.24
CA ALA I 187 -38.90 -44.91 4.44
C ALA I 187 -38.36 -43.54 4.08
N GLY I 188 -38.93 -42.50 4.71
CA GLY I 188 -38.60 -41.14 4.36
C GLY I 188 -37.24 -40.70 4.83
N LEU I 189 -36.78 -39.59 4.24
CA LEU I 189 -35.43 -39.06 4.51
C LEU I 189 -35.44 -37.57 4.22
N GLY I 190 -35.29 -36.78 5.26
CA GLY I 190 -35.28 -35.33 5.11
C GLY I 190 -34.62 -34.67 6.29
N ARG I 191 -35.01 -33.43 6.57
CA ARG I 191 -34.49 -32.65 7.67
C ARG I 191 -35.63 -32.01 8.44
N ILE I 192 -35.46 -31.92 9.76
CA ILE I 192 -36.35 -31.17 10.62
C ILE I 192 -35.50 -30.29 11.52
N VAL I 193 -36.18 -29.49 12.34
CA VAL I 193 -35.53 -28.63 13.33
C VAL I 193 -36.06 -28.98 14.71
N SER I 194 -35.13 -29.20 15.64
CA SER I 194 -35.46 -29.54 17.01
C SER I 194 -36.23 -28.41 17.69
N ALA I 195 -37.00 -28.78 18.71
CA ALA I 195 -37.60 -27.76 19.54
C ALA I 195 -36.57 -27.16 20.49
N ASP I 196 -36.99 -26.11 21.20
CA ASP I 196 -36.17 -25.33 22.12
C ASP I 196 -34.93 -24.77 21.42
N SER I 197 -35.20 -23.89 20.46
CA SER I 197 -34.16 -23.30 19.64
C SER I 197 -34.32 -21.79 19.51
N GLU I 198 -34.58 -21.13 20.65
CA GLU I 198 -34.49 -19.67 20.89
C GLU I 198 -35.17 -18.80 19.81
N GLY I 199 -36.48 -18.97 19.68
CA GLY I 199 -37.22 -18.05 18.84
C GLY I 199 -38.63 -18.53 18.55
N GLN I 200 -39.30 -17.76 17.71
CA GLN I 200 -40.65 -18.07 17.24
C GLN I 200 -40.58 -19.04 16.07
N GLN I 201 -41.45 -20.05 16.09
CA GLN I 201 -41.50 -21.00 14.99
C GLN I 201 -42.24 -20.37 13.81
N PHE I 202 -41.52 -19.56 13.05
CA PHE I 202 -42.04 -18.79 11.93
C PHE I 202 -42.36 -19.73 10.77
N PRO I 203 -43.38 -19.41 9.96
CA PRO I 203 -43.71 -20.26 8.81
C PRO I 203 -42.65 -20.24 7.71
N CYS I 204 -42.94 -20.97 6.64
CA CYS I 204 -41.96 -21.15 5.57
C CYS I 204 -41.71 -19.86 4.81
N TYR I 205 -42.74 -19.06 4.59
CA TYR I 205 -42.65 -17.84 3.82
C TYR I 205 -41.91 -16.78 4.63
N GLY I 206 -40.58 -16.77 4.52
CA GLY I 206 -39.79 -15.73 5.13
C GLY I 206 -38.84 -16.18 6.22
N ALA I 207 -38.75 -17.48 6.49
CA ALA I 207 -37.93 -17.98 7.58
C ALA I 207 -36.48 -17.95 7.17
N TYR I 208 -35.67 -17.16 7.86
CA TYR I 208 -34.26 -17.06 7.61
C TYR I 208 -33.48 -17.62 8.79
N ALA I 209 -32.31 -18.18 8.50
CA ALA I 209 -31.46 -18.77 9.48
C ALA I 209 -30.02 -18.63 8.99
N PRO I 210 -29.14 -17.98 9.74
CA PRO I 210 -27.81 -17.65 9.22
C PRO I 210 -26.93 -18.88 9.12
N PRO I 211 -26.07 -18.96 8.12
CA PRO I 211 -25.23 -20.14 7.92
C PRO I 211 -24.07 -20.16 8.90
N GLN I 212 -23.29 -21.23 8.84
CA GLN I 212 -22.12 -21.40 9.68
C GLN I 212 -20.83 -21.51 8.90
N SER I 213 -20.78 -22.41 7.92
CA SER I 213 -19.58 -22.60 7.10
C SER I 213 -19.91 -22.34 5.63
N ALA I 214 -18.89 -22.46 4.80
CA ALA I 214 -19.06 -22.25 3.36
C ALA I 214 -19.76 -23.42 2.69
N GLY I 215 -19.90 -24.55 3.36
CA GLY I 215 -20.68 -25.65 2.82
C GLY I 215 -22.18 -25.44 2.89
N GLY I 216 -22.63 -24.43 3.61
CA GLY I 216 -24.04 -24.11 3.67
C GLY I 216 -24.77 -24.64 4.88
N ASP I 217 -24.06 -25.17 5.87
CA ASP I 217 -24.73 -25.72 7.05
C ASP I 217 -25.28 -24.60 7.92
N VAL I 218 -26.31 -24.93 8.69
CA VAL I 218 -27.01 -23.96 9.52
C VAL I 218 -26.84 -24.27 11.01
N SER I 219 -26.65 -25.55 11.37
CA SER I 219 -26.67 -26.00 12.76
C SER I 219 -25.55 -25.40 13.58
N THR I 220 -25.92 -24.70 14.65
CA THR I 220 -24.94 -24.13 15.56
C THR I 220 -24.46 -25.14 16.59
N ALA I 221 -25.05 -26.33 16.64
CA ALA I 221 -24.60 -27.38 17.53
C ALA I 221 -24.59 -28.69 16.75
N ALA I 222 -24.46 -29.81 17.46
CA ALA I 222 -24.33 -31.12 16.84
C ALA I 222 -25.66 -31.55 16.21
N VAL I 223 -25.56 -32.55 15.34
CA VAL I 223 -26.70 -33.05 14.58
C VAL I 223 -27.09 -34.42 15.11
N THR I 224 -28.40 -34.70 15.13
CA THR I 224 -28.94 -35.93 15.70
C THR I 224 -30.06 -36.38 14.75
N LYS I 225 -30.49 -37.64 14.87
CA LYS I 225 -31.58 -38.17 14.08
C LYS I 225 -32.84 -38.31 14.93
N THR I 226 -34.00 -38.17 14.30
CA THR I 226 -35.27 -38.17 15.01
C THR I 226 -36.31 -38.93 14.20
N TYR I 227 -36.76 -40.07 14.73
CA TYR I 227 -37.46 -41.07 13.93
C TYR I 227 -38.97 -40.95 14.11
N ILE I 228 -39.72 -41.34 13.08
CA ILE I 228 -41.17 -41.23 13.04
C ILE I 228 -41.73 -42.47 12.34
N ASN I 229 -42.75 -43.07 12.94
CA ASN I 229 -43.47 -44.20 12.35
C ASN I 229 -44.85 -43.74 11.90
N THR I 230 -45.24 -44.11 10.68
CA THR I 230 -46.64 -44.09 10.24
C THR I 230 -46.92 -45.43 9.57
N THR I 231 -47.17 -46.46 10.36
CA THR I 231 -47.52 -47.81 9.90
C THR I 231 -48.47 -48.42 10.93
N ASN I 232 -48.60 -49.74 10.89
CA ASN I 232 -49.21 -50.51 11.96
C ASN I 232 -48.24 -51.54 12.53
N ASN I 233 -46.95 -51.45 12.21
CA ASN I 233 -45.99 -52.51 12.50
C ASN I 233 -45.32 -52.38 13.87
N ASN I 234 -45.43 -51.21 14.52
CA ASN I 234 -45.03 -50.93 15.90
C ASN I 234 -43.51 -50.97 16.12
N GLY I 235 -42.73 -51.30 15.10
CA GLY I 235 -41.29 -51.34 15.22
C GLY I 235 -40.56 -50.80 14.01
N ARG I 236 -41.31 -50.46 12.97
CA ARG I 236 -40.70 -50.02 11.72
C ARG I 236 -40.43 -48.53 11.72
N VAL I 237 -39.16 -48.16 11.64
CA VAL I 237 -38.76 -46.77 11.49
C VAL I 237 -39.01 -46.36 10.05
N SER I 238 -39.82 -45.33 9.85
CA SER I 238 -40.20 -44.91 8.51
C SER I 238 -39.68 -43.53 8.14
N GLY I 239 -38.84 -42.93 8.96
CA GLY I 239 -38.23 -41.65 8.64
C GLY I 239 -37.06 -41.40 9.55
N THR I 240 -36.07 -40.67 9.06
CA THR I 240 -34.84 -40.48 9.83
C THR I 240 -34.65 -39.05 10.32
N MET I 241 -34.71 -38.05 9.43
CA MET I 241 -34.92 -36.64 9.80
C MET I 241 -33.81 -36.10 10.70
N ALA I 242 -32.65 -35.88 10.07
CA ALA I 242 -31.51 -35.24 10.73
C ALA I 242 -31.90 -33.90 11.33
N THR I 243 -31.94 -33.82 12.65
CA THR I 243 -32.52 -32.66 13.31
C THR I 243 -31.53 -31.50 13.32
N ASP I 244 -32.03 -30.33 13.69
CA ASP I 244 -31.29 -29.11 13.48
C ASP I 244 -31.64 -28.11 14.58
N THR I 245 -30.66 -27.29 14.94
CA THR I 245 -30.86 -26.21 15.90
C THR I 245 -30.62 -24.86 15.22
N ILE I 246 -31.55 -23.93 15.42
CA ILE I 246 -31.70 -22.70 14.67
C ILE I 246 -31.73 -21.58 15.71
N THR I 247 -31.55 -20.34 15.26
CA THR I 247 -31.83 -19.18 16.09
C THR I 247 -33.12 -18.46 15.72
N TRP I 248 -33.76 -18.84 14.60
CA TRP I 248 -35.09 -18.41 14.17
C TRP I 248 -35.19 -16.89 14.00
N GLU I 249 -34.46 -16.39 13.02
CA GLU I 249 -34.67 -15.01 12.62
C GLU I 249 -35.84 -14.92 11.65
N ASN I 250 -36.61 -13.84 11.77
CA ASN I 250 -37.63 -13.50 10.78
C ASN I 250 -37.44 -12.05 10.32
N PRO I 251 -36.53 -11.83 9.36
CA PRO I 251 -36.47 -10.50 8.74
C PRO I 251 -37.59 -10.38 7.73
N ASP I 252 -37.84 -9.13 7.32
CA ASP I 252 -38.71 -8.62 6.24
C ASP I 252 -40.10 -9.27 6.12
N ALA I 253 -40.64 -9.85 7.20
CA ALA I 253 -41.96 -10.43 7.24
C ALA I 253 -42.34 -10.62 8.70
N HIS I 254 -43.59 -10.32 9.05
CA HIS I 254 -43.89 -10.40 10.47
C HIS I 254 -44.92 -11.47 10.85
N PHE I 255 -46.18 -11.33 10.43
CA PHE I 255 -47.35 -12.12 10.85
C PHE I 255 -48.53 -11.60 10.06
N ALA I 256 -49.61 -12.37 9.98
CA ALA I 256 -50.89 -11.81 9.57
C ALA I 256 -52.00 -12.41 10.42
N ASP I 257 -51.71 -13.54 11.04
CA ASP I 257 -52.63 -14.22 11.93
C ASP I 257 -51.82 -15.09 12.88
N PHE I 258 -52.11 -15.00 14.18
CA PHE I 258 -51.43 -15.85 15.14
C PHE I 258 -52.46 -16.58 16.00
N VAL I 259 -52.78 -17.79 15.58
CA VAL I 259 -53.31 -18.85 16.41
C VAL I 259 -52.15 -19.84 16.47
N ASP I 260 -52.36 -21.06 17.00
CA ASP I 260 -51.34 -22.01 17.50
C ASP I 260 -50.07 -22.17 16.67
N ASP I 261 -48.97 -22.56 17.33
CA ASP I 261 -47.58 -22.43 16.85
C ASP I 261 -47.31 -23.00 15.46
N ARG I 262 -48.08 -23.97 14.98
CA ARG I 262 -48.02 -24.42 13.60
C ARG I 262 -48.95 -23.63 12.70
N ARG I 263 -50.06 -23.14 13.23
CA ARG I 263 -51.17 -22.60 12.46
C ARG I 263 -51.06 -21.11 12.24
N ALA I 264 -49.86 -20.56 12.14
CA ALA I 264 -49.74 -19.15 11.86
C ALA I 264 -49.50 -18.92 10.37
N THR I 265 -49.64 -17.67 9.95
CA THR I 265 -49.35 -17.29 8.57
C THR I 265 -48.39 -16.10 8.58
N ALA I 266 -47.83 -15.82 7.41
CA ALA I 266 -46.78 -14.83 7.27
C ALA I 266 -47.08 -13.90 6.11
N ALA I 267 -47.03 -12.61 6.36
CA ALA I 267 -47.08 -11.60 5.31
C ALA I 267 -45.80 -10.78 5.38
N GLY I 268 -45.32 -10.34 4.22
CA GLY I 268 -44.16 -9.48 4.18
C GLY I 268 -44.45 -8.12 4.80
N ASN I 269 -43.39 -7.48 5.28
CA ASN I 269 -43.56 -6.18 5.89
C ASN I 269 -43.86 -5.12 4.83
N ARG I 270 -44.32 -3.97 5.28
CA ARG I 270 -44.65 -2.89 4.37
C ARG I 270 -43.37 -2.30 3.78
N PRO I 271 -43.35 -1.98 2.49
CA PRO I 271 -42.14 -1.40 1.89
C PRO I 271 -41.93 0.02 2.38
N ASN I 272 -40.72 0.30 2.86
CA ASN I 272 -40.40 1.60 3.43
C ASN I 272 -39.08 2.06 2.81
N TYR I 273 -39.16 3.04 1.92
CA TYR I 273 -37.98 3.64 1.32
C TYR I 273 -37.56 4.85 2.15
N ILE I 274 -36.29 4.89 2.53
CA ILE I 274 -35.75 6.00 3.30
C ILE I 274 -34.58 6.61 2.54
N GLY I 275 -34.73 7.87 2.15
CA GLY I 275 -33.69 8.59 1.45
C GLY I 275 -33.80 10.07 1.76
N PHE I 276 -32.94 10.86 1.14
CA PHE I 276 -32.96 12.29 1.34
C PHE I 276 -34.15 12.91 0.60
N ARG I 277 -34.40 14.18 0.88
CA ARG I 277 -35.52 14.88 0.27
C ARG I 277 -35.21 15.26 -1.17
N ASP I 278 -36.24 15.73 -1.87
CA ASP I 278 -36.06 16.38 -3.15
C ASP I 278 -35.26 17.66 -2.95
N ASN I 279 -34.28 17.89 -3.84
CA ASN I 279 -33.43 19.08 -3.86
C ASN I 279 -32.67 19.33 -2.56
N PHE I 280 -32.48 18.27 -1.76
CA PHE I 280 -31.89 18.33 -0.42
C PHE I 280 -32.59 19.36 0.47
N ILE I 281 -33.92 19.32 0.47
CA ILE I 281 -34.69 20.11 1.42
C ILE I 281 -34.44 19.59 2.82
N GLY I 282 -34.23 20.49 3.77
CA GLY I 282 -34.05 20.08 5.14
C GLY I 282 -32.68 19.60 5.50
N MET I 283 -31.70 19.80 4.63
CA MET I 283 -30.32 19.58 5.02
C MET I 283 -29.75 20.79 5.74
N MET I 284 -30.29 21.97 5.44
CA MET I 284 -29.66 23.23 5.71
C MET I 284 -30.67 24.17 6.35
N TYR I 285 -30.24 24.86 7.41
CA TYR I 285 -31.16 25.72 8.15
C TYR I 285 -31.48 27.00 7.37
N TYR I 286 -32.45 26.94 6.48
CA TYR I 286 -32.96 28.13 5.82
C TYR I 286 -34.12 28.69 6.62
N ASN I 287 -34.11 30.01 6.81
CA ASN I 287 -35.17 30.78 7.47
C ASN I 287 -35.40 30.34 8.91
N SER I 288 -34.39 29.78 9.55
CA SER I 288 -34.35 29.59 11.00
C SER I 288 -33.52 30.71 11.55
N GLY I 289 -34.18 31.68 12.20
CA GLY I 289 -33.46 32.84 12.71
C GLY I 289 -32.52 32.51 13.84
N SER I 290 -32.83 31.48 14.63
CA SER I 290 -32.03 31.18 15.82
C SER I 290 -30.64 30.67 15.47
N ASN I 291 -30.47 30.07 14.30
CA ASN I 291 -29.16 29.63 13.83
C ASN I 291 -29.04 29.90 12.33
N THR I 292 -28.60 31.10 11.99
CA THR I 292 -28.44 31.53 10.61
C THR I 292 -27.01 31.35 10.15
N GLY I 293 -26.85 31.08 8.86
CA GLY I 293 -25.56 31.13 8.24
C GLY I 293 -25.14 32.56 7.98
N SER I 294 -23.89 32.72 7.56
CA SER I 294 -23.34 34.06 7.42
C SER I 294 -22.38 34.12 6.25
N PHE I 295 -22.68 34.96 5.28
CA PHE I 295 -21.71 35.37 4.28
C PHE I 295 -21.27 36.78 4.62
N SER I 296 -19.95 36.96 4.77
CA SER I 296 -19.41 38.24 5.19
C SER I 296 -17.96 38.30 4.74
N SER I 297 -17.46 39.52 4.57
CA SER I 297 -16.04 39.67 4.31
C SER I 297 -15.25 39.48 5.59
N GLN I 298 -13.93 39.39 5.49
CA GLN I 298 -13.18 39.63 6.70
C GLN I 298 -13.17 41.13 6.97
N THR I 299 -12.94 41.49 8.24
CA THR I 299 -13.62 42.59 8.94
C THR I 299 -15.13 42.34 8.91
N GLN I 300 -15.50 41.32 9.69
CA GLN I 300 -16.74 40.56 9.53
C GLN I 300 -17.89 41.10 10.35
N GLN I 301 -17.95 42.39 10.60
CA GLN I 301 -19.11 42.90 11.35
C GLN I 301 -20.40 42.96 10.51
N LEU I 302 -20.44 42.36 9.30
CA LEU I 302 -21.49 42.61 8.34
C LEU I 302 -22.02 41.26 7.85
N ASN I 303 -22.93 40.67 8.60
CA ASN I 303 -23.69 39.54 8.07
C ASN I 303 -24.70 40.10 7.08
N ILE I 304 -24.60 39.67 5.82
CA ILE I 304 -25.50 40.15 4.80
C ILE I 304 -26.55 39.13 4.41
N VAL I 305 -26.53 37.96 5.03
CA VAL I 305 -27.60 36.97 4.89
C VAL I 305 -28.51 37.13 6.09
N LEU I 306 -29.71 37.65 5.87
CA LEU I 306 -30.66 37.96 6.93
C LEU I 306 -31.91 37.11 6.69
N ASP I 307 -31.99 35.98 7.36
CA ASP I 307 -33.13 35.09 7.21
C ASP I 307 -34.29 35.56 8.06
N LEU I 308 -35.51 35.41 7.53
CA LEU I 308 -36.72 35.78 8.23
C LEU I 308 -37.68 34.60 8.22
N ASN I 309 -38.43 34.42 9.31
CA ASN I 309 -39.37 33.30 9.38
C ASN I 309 -40.60 33.52 8.52
N ASP I 310 -40.86 34.77 8.10
CA ASP I 310 -41.94 35.03 7.16
C ASP I 310 -41.60 34.56 5.75
N ARG I 311 -40.32 34.32 5.48
CA ARG I 311 -39.85 33.86 4.19
C ARG I 311 -39.68 32.35 4.21
N ASN I 312 -39.91 31.71 3.07
CA ASN I 312 -39.64 30.28 2.87
C ASN I 312 -38.67 30.16 1.70
N SER I 313 -37.42 29.84 1.98
CA SER I 313 -36.45 29.64 0.91
C SER I 313 -36.47 28.23 0.35
N GLU I 314 -37.24 27.34 0.95
CA GLU I 314 -37.35 25.98 0.42
C GLU I 314 -38.38 25.92 -0.71
N LEU I 315 -39.58 26.45 -0.46
CA LEU I 315 -40.63 26.44 -1.46
C LEU I 315 -40.33 27.45 -2.57
N SER I 316 -39.56 28.49 -2.26
CA SER I 316 -39.14 29.44 -3.29
C SER I 316 -38.18 28.79 -4.29
N TYR I 317 -37.45 27.77 -3.87
CA TYR I 317 -36.58 27.06 -4.80
C TYR I 317 -37.36 26.01 -5.59
N GLN I 318 -38.46 25.51 -5.04
CA GLN I 318 -39.25 24.51 -5.76
C GLN I 318 -40.06 25.16 -6.87
N TYR I 319 -40.70 26.29 -6.58
CA TYR I 319 -41.46 26.98 -7.62
C TYR I 319 -40.55 27.64 -8.64
N LEU I 320 -39.31 27.97 -8.27
CA LEU I 320 -38.36 28.49 -9.24
C LEU I 320 -37.93 27.43 -10.23
N LEU I 321 -37.64 26.24 -9.74
CA LEU I 321 -37.10 25.18 -10.58
C LEU I 321 -38.15 24.57 -11.49
N ALA I 322 -39.43 24.69 -11.15
CA ALA I 322 -40.48 24.19 -12.02
C ALA I 322 -40.76 25.11 -13.20
N ASP I 323 -40.18 26.31 -13.20
CA ASP I 323 -40.34 27.27 -14.27
C ASP I 323 -39.08 27.48 -15.10
N LEU I 324 -37.91 27.23 -14.53
CA LEU I 324 -36.70 27.16 -15.34
C LEU I 324 -36.73 25.95 -16.25
N THR I 325 -36.90 24.76 -15.69
CA THR I 325 -36.79 23.55 -16.47
C THR I 325 -37.95 22.59 -16.23
N SER I 326 -37.85 21.39 -16.78
CA SER I 326 -38.87 20.38 -16.59
C SER I 326 -38.73 19.74 -15.22
N ARG I 327 -39.68 18.87 -14.89
CA ARG I 327 -39.60 18.07 -13.67
C ARG I 327 -39.70 16.57 -13.91
N TRP I 328 -39.93 16.12 -15.15
CA TRP I 328 -39.93 14.70 -15.45
C TRP I 328 -38.54 14.11 -15.57
N HIS I 329 -37.49 14.94 -15.52
CA HIS I 329 -36.12 14.47 -15.66
C HIS I 329 -35.47 14.35 -14.29
N TYR I 330 -34.83 13.20 -14.05
CA TYR I 330 -34.19 12.92 -12.77
C TYR I 330 -32.72 13.27 -12.86
N PHE I 331 -32.31 14.31 -12.15
CA PHE I 331 -30.95 14.82 -12.17
C PHE I 331 -30.32 14.44 -10.86
N ALA I 332 -29.42 13.45 -10.89
CA ALA I 332 -28.94 12.78 -9.69
C ALA I 332 -27.97 13.61 -8.87
N LEU I 333 -27.57 14.81 -9.30
CA LEU I 333 -26.60 15.55 -8.52
C LEU I 333 -27.26 16.21 -7.32
N TRP I 334 -28.41 16.87 -7.54
CA TRP I 334 -29.09 17.59 -6.47
C TRP I 334 -30.20 16.77 -5.83
N ASN I 335 -30.26 15.46 -6.10
CA ASN I 335 -31.45 14.63 -5.89
C ASN I 335 -32.69 15.31 -6.48
N GLN I 336 -32.53 15.78 -7.71
CA GLN I 336 -33.59 16.51 -8.40
C GLN I 336 -34.56 15.48 -8.97
N ALA I 337 -35.43 14.99 -8.10
CA ALA I 337 -36.43 13.99 -8.46
C ALA I 337 -37.73 14.38 -7.79
N VAL I 338 -38.74 14.72 -8.60
CA VAL I 338 -39.98 15.25 -8.06
C VAL I 338 -40.78 14.14 -7.40
N ASP I 339 -41.47 14.49 -6.32
CA ASP I 339 -42.36 13.55 -5.65
C ASP I 339 -43.68 13.50 -6.40
N ASP I 340 -44.07 12.31 -6.85
CA ASP I 340 -45.33 12.14 -7.54
C ASP I 340 -46.11 10.98 -6.91
N TYR I 341 -47.33 10.80 -7.39
CA TYR I 341 -48.12 9.64 -7.06
C TYR I 341 -48.41 8.88 -8.35
N ASP I 342 -49.07 7.74 -8.22
CA ASP I 342 -49.57 7.01 -9.37
C ASP I 342 -50.97 7.52 -9.66
N HIS I 343 -51.21 7.92 -10.90
CA HIS I 343 -52.45 8.56 -11.29
C HIS I 343 -53.66 7.63 -11.19
N HIS I 344 -53.45 6.32 -11.29
CA HIS I 344 -54.54 5.36 -11.19
C HIS I 344 -54.66 4.77 -9.79
N VAL I 345 -53.93 5.30 -8.82
CA VAL I 345 -54.00 4.84 -7.44
C VAL I 345 -54.67 5.87 -6.54
N ARG I 346 -54.36 7.15 -6.75
CA ARG I 346 -55.05 8.22 -6.03
C ARG I 346 -56.52 8.28 -6.43
N ILE I 347 -56.79 8.51 -7.71
CA ILE I 347 -58.14 8.48 -8.25
C ILE I 347 -58.27 7.11 -8.89
N LEU I 348 -58.72 6.13 -8.12
CA LEU I 348 -58.79 4.77 -8.62
C LEU I 348 -59.93 4.63 -9.62
N GLU I 349 -59.61 4.09 -10.78
CA GLU I 349 -60.48 4.09 -11.95
C GLU I 349 -60.90 2.64 -12.18
N ASN I 350 -62.08 2.29 -11.67
CA ASN I 350 -62.50 0.90 -11.63
C ASN I 350 -63.02 0.49 -13.01
N ASP I 351 -62.51 -0.63 -13.50
CA ASP I 351 -62.82 -1.07 -14.85
C ASP I 351 -63.19 -2.55 -14.89
N GLY I 352 -63.13 -3.24 -13.77
CA GLY I 352 -63.30 -4.68 -13.82
C GLY I 352 -62.05 -5.29 -14.40
N TYR I 353 -62.22 -6.15 -15.39
CA TYR I 353 -61.08 -6.87 -15.95
C TYR I 353 -61.44 -7.36 -17.34
N GLU I 354 -60.41 -7.76 -18.08
CA GLU I 354 -60.61 -8.34 -19.41
C GLU I 354 -60.76 -9.84 -19.26
N GLU I 355 -62.00 -10.31 -19.32
CA GLU I 355 -62.25 -11.74 -19.23
C GLU I 355 -61.88 -12.41 -20.56
N GLY I 356 -61.54 -13.70 -20.47
CA GLY I 356 -61.17 -14.45 -21.64
C GLY I 356 -61.43 -15.93 -21.49
N PRO I 357 -60.60 -16.75 -22.11
CA PRO I 357 -60.69 -18.21 -21.93
C PRO I 357 -60.28 -18.58 -20.51
N PRO I 358 -60.71 -19.73 -20.01
CA PRO I 358 -60.33 -20.12 -18.65
C PRO I 358 -58.85 -20.42 -18.55
N ASN I 359 -58.23 -19.90 -17.49
CA ASN I 359 -56.80 -20.03 -17.28
C ASN I 359 -56.59 -21.32 -16.48
N LEU I 360 -56.51 -22.43 -17.21
CA LEU I 360 -56.43 -23.73 -16.58
C LEU I 360 -55.01 -24.06 -16.16
N ALA I 361 -54.88 -24.77 -15.04
CA ALA I 361 -53.60 -25.29 -14.57
C ALA I 361 -53.64 -26.81 -14.62
N PHE I 362 -52.50 -27.39 -14.94
CA PHE I 362 -52.36 -28.78 -15.35
C PHE I 362 -51.29 -29.47 -14.51
N PRO I 363 -51.45 -30.76 -14.23
CA PRO I 363 -50.37 -31.50 -13.55
C PRO I 363 -49.20 -31.71 -14.49
N PRO I 364 -47.97 -31.55 -14.01
CA PRO I 364 -46.80 -31.63 -14.89
C PRO I 364 -46.46 -33.04 -15.35
N HIS I 365 -47.11 -34.05 -14.79
CA HIS I 365 -46.88 -35.45 -15.13
C HIS I 365 -47.96 -35.98 -16.05
N VAL I 366 -48.38 -35.17 -17.02
CA VAL I 366 -49.77 -34.91 -17.44
C VAL I 366 -50.70 -36.14 -17.44
N ILE I 367 -50.16 -37.34 -17.72
CA ILE I 367 -51.00 -38.53 -17.65
C ILE I 367 -51.34 -38.86 -16.20
N SER I 368 -52.63 -38.99 -15.91
CA SER I 368 -53.14 -39.33 -14.59
C SER I 368 -54.62 -39.63 -14.69
N ASN I 369 -55.07 -40.53 -13.82
CA ASN I 369 -56.47 -40.54 -13.42
C ASN I 369 -56.72 -39.34 -12.52
N PRO I 370 -57.94 -38.81 -12.50
CA PRO I 370 -58.19 -37.58 -11.71
C PRO I 370 -58.11 -37.76 -10.21
N PHE I 371 -58.17 -39.00 -9.69
CA PHE I 371 -58.04 -39.21 -8.25
C PHE I 371 -57.17 -40.42 -7.95
N ALA I 372 -56.28 -40.78 -8.87
CA ALA I 372 -55.47 -41.98 -8.76
C ALA I 372 -54.24 -41.81 -9.63
N PRO I 373 -53.16 -42.54 -9.36
CA PRO I 373 -52.01 -42.52 -10.28
C PRO I 373 -52.36 -43.18 -11.62
N ALA I 374 -51.45 -42.99 -12.58
CA ALA I 374 -51.64 -43.50 -13.92
C ALA I 374 -51.62 -45.02 -13.91
N ALA I 375 -52.68 -45.62 -14.45
CA ALA I 375 -52.89 -47.05 -14.30
C ALA I 375 -51.95 -47.84 -15.21
N VAL I 376 -51.12 -48.69 -14.60
CA VAL I 376 -50.24 -49.55 -15.38
C VAL I 376 -51.04 -50.64 -16.06
N GLY I 377 -50.45 -51.23 -17.08
CA GLY I 377 -51.13 -52.28 -17.82
C GLY I 377 -50.21 -52.89 -18.86
N THR I 378 -50.81 -53.69 -19.73
CA THR I 378 -50.06 -54.44 -20.73
C THR I 378 -50.84 -54.42 -22.03
N GLY I 379 -50.12 -54.23 -23.14
CA GLY I 379 -50.75 -54.25 -24.44
C GLY I 379 -51.29 -55.62 -24.81
N MET I 380 -52.20 -55.64 -25.78
CA MET I 380 -52.86 -56.86 -26.19
C MET I 380 -52.90 -56.95 -27.71
N THR I 381 -52.66 -58.15 -28.23
CA THR I 381 -52.87 -58.43 -29.65
C THR I 381 -54.20 -59.17 -29.77
N VAL I 382 -54.90 -58.93 -30.87
CA VAL I 382 -56.25 -59.46 -31.02
C VAL I 382 -56.25 -60.57 -32.07
N ASN I 383 -57.14 -61.54 -31.89
CA ASN I 383 -57.32 -62.64 -32.83
C ASN I 383 -58.56 -62.39 -33.67
N GLU I 384 -58.39 -62.46 -34.99
CA GLU I 384 -59.52 -62.41 -35.89
C GLU I 384 -60.19 -63.78 -35.96
N GLN I 385 -61.50 -63.78 -36.26
CA GLN I 385 -62.42 -64.91 -36.47
C GLN I 385 -62.80 -65.60 -35.16
N GLN I 386 -62.14 -65.26 -34.07
CA GLN I 386 -62.46 -65.70 -32.73
C GLN I 386 -62.18 -64.53 -31.80
N GLN I 387 -63.23 -63.92 -31.25
CA GLN I 387 -63.10 -62.70 -30.46
C GLN I 387 -62.49 -63.04 -29.10
N THR I 388 -61.18 -63.26 -29.13
CA THR I 388 -60.40 -63.60 -27.94
C THR I 388 -59.02 -63.00 -28.12
N ALA I 389 -58.80 -61.84 -27.51
CA ALA I 389 -57.52 -61.15 -27.60
C ALA I 389 -56.63 -61.67 -26.48
N ALA I 390 -55.42 -62.09 -26.84
CA ALA I 390 -54.46 -62.57 -25.87
C ALA I 390 -53.63 -61.39 -25.37
N VAL I 391 -52.56 -61.69 -24.64
CA VAL I 391 -51.63 -60.68 -24.14
C VAL I 391 -50.31 -60.82 -24.89
N THR I 392 -49.69 -59.69 -25.22
CA THR I 392 -48.41 -59.70 -25.90
C THR I 392 -47.26 -59.64 -24.89
N ALA I 393 -46.07 -60.02 -25.36
CA ALA I 393 -45.00 -60.41 -24.44
C ALA I 393 -44.23 -59.23 -23.89
N ASN I 394 -43.53 -58.49 -24.74
CA ASN I 394 -42.59 -57.46 -24.29
C ASN I 394 -43.26 -56.10 -24.39
N THR I 395 -44.17 -55.83 -23.45
CA THR I 395 -44.97 -54.62 -23.48
C THR I 395 -45.41 -54.29 -22.06
N VAL I 396 -45.29 -53.02 -21.68
CA VAL I 396 -45.96 -52.47 -20.50
C VAL I 396 -46.52 -51.11 -20.89
N ALA I 397 -47.71 -50.79 -20.38
CA ALA I 397 -48.45 -49.61 -20.80
C ALA I 397 -48.86 -48.80 -19.58
N LEU I 398 -48.44 -47.54 -19.54
CA LEU I 398 -48.76 -46.62 -18.46
C LEU I 398 -49.87 -45.70 -18.96
N ILE I 399 -51.12 -46.04 -18.66
CA ILE I 399 -52.29 -45.45 -19.31
C ILE I 399 -53.12 -44.71 -18.27
N GLY I 400 -53.54 -43.49 -18.61
CA GLY I 400 -54.49 -42.73 -17.83
C GLY I 400 -55.81 -42.57 -18.55
N TYR I 401 -56.90 -42.37 -17.80
CA TYR I 401 -58.24 -42.38 -18.35
C TYR I 401 -58.92 -41.04 -18.15
N GLY I 402 -59.99 -40.83 -18.91
CA GLY I 402 -60.76 -39.60 -18.82
C GLY I 402 -60.00 -38.43 -19.43
N ASN I 403 -60.45 -37.23 -19.08
CA ASN I 403 -59.73 -36.05 -19.51
C ASN I 403 -58.53 -35.79 -18.62
N ILE I 404 -57.75 -34.78 -19.01
CA ILE I 404 -56.69 -34.31 -18.12
C ILE I 404 -57.34 -33.55 -16.97
N PRO I 405 -57.01 -33.86 -15.71
CA PRO I 405 -57.56 -33.08 -14.60
C PRO I 405 -56.96 -31.67 -14.58
N ALA I 406 -57.76 -30.73 -14.09
CA ALA I 406 -57.35 -29.33 -14.19
C ALA I 406 -58.05 -28.52 -13.12
N VAL I 407 -57.48 -27.35 -12.84
CA VAL I 407 -58.10 -26.35 -11.97
C VAL I 407 -58.14 -25.03 -12.72
N GLU I 408 -59.16 -24.22 -12.43
CA GLU I 408 -59.39 -22.94 -13.06
C GLU I 408 -58.98 -21.83 -12.11
N MET I 409 -58.45 -20.74 -12.66
CA MET I 409 -57.86 -19.68 -11.84
C MET I 409 -58.64 -18.38 -11.83
N ASN I 410 -59.18 -17.95 -12.98
CA ASN I 410 -59.66 -16.59 -13.23
C ASN I 410 -58.55 -15.57 -12.91
N LEU I 411 -57.52 -15.63 -13.74
CA LEU I 411 -56.33 -14.81 -13.57
C LEU I 411 -56.54 -13.29 -13.57
N PRO I 412 -57.32 -12.66 -14.47
CA PRO I 412 -57.42 -11.19 -14.40
C PRO I 412 -58.20 -10.68 -13.20
N ALA I 413 -58.99 -11.53 -12.55
CA ALA I 413 -59.61 -11.12 -11.30
C ALA I 413 -58.61 -11.12 -10.17
N ASN I 414 -57.76 -12.16 -10.09
CA ASN I 414 -56.71 -12.21 -9.09
C ASN I 414 -55.61 -11.20 -9.33
N LEU I 415 -55.43 -10.77 -10.58
CA LEU I 415 -54.40 -9.78 -10.89
C LEU I 415 -54.81 -8.39 -10.42
N LYS I 416 -56.10 -8.08 -10.47
CA LYS I 416 -56.56 -6.78 -9.99
C LYS I 416 -56.75 -6.78 -8.48
N ARG I 417 -57.18 -7.92 -7.93
CA ARG I 417 -57.42 -8.04 -6.49
C ARG I 417 -56.14 -7.86 -5.69
N THR I 418 -55.00 -8.22 -6.26
CA THR I 418 -53.71 -7.93 -5.63
C THR I 418 -53.37 -6.45 -5.76
N PHE I 419 -53.74 -5.85 -6.90
CA PHE I 419 -53.42 -4.44 -7.14
C PHE I 419 -54.20 -3.52 -6.19
N LEU I 420 -55.46 -3.84 -5.93
CA LEU I 420 -56.25 -3.01 -5.05
C LEU I 420 -55.95 -3.24 -3.57
N TYR I 421 -55.25 -4.31 -3.24
CA TYR I 421 -54.89 -4.52 -1.84
C TYR I 421 -53.63 -3.75 -1.47
N SER I 422 -52.55 -3.98 -2.22
CA SER I 422 -51.26 -3.43 -1.84
C SER I 422 -51.13 -1.94 -2.11
N ASN I 423 -52.00 -1.36 -2.92
CA ASN I 423 -51.90 0.04 -3.27
C ASN I 423 -52.99 0.91 -2.66
N VAL I 424 -54.17 0.36 -2.41
CA VAL I 424 -55.29 1.12 -1.86
C VAL I 424 -55.67 0.66 -0.46
N ALA I 425 -55.73 -0.66 -0.25
CA ALA I 425 -56.20 -1.16 1.03
C ALA I 425 -55.16 -1.01 2.14
N MET I 426 -53.88 -1.13 1.80
CA MET I 426 -52.84 -1.02 2.81
C MET I 426 -52.57 0.41 3.24
N TYR I 427 -53.11 1.40 2.56
CA TYR I 427 -52.85 2.80 2.86
C TYR I 427 -54.08 3.51 3.41
N LEU I 428 -54.90 2.79 4.17
CA LEU I 428 -56.05 3.38 4.83
C LEU I 428 -55.61 4.22 6.01
N PRO I 429 -56.49 5.06 6.55
CA PRO I 429 -56.27 5.58 7.90
C PRO I 429 -56.39 4.47 8.93
N ASP I 430 -55.91 4.79 10.14
CA ASP I 430 -55.84 3.80 11.21
C ASP I 430 -57.21 3.39 11.74
N THR I 431 -58.24 4.21 11.51
CA THR I 431 -59.57 3.90 12.01
C THR I 431 -60.25 2.76 11.24
N TYR I 432 -59.74 2.39 10.07
CA TYR I 432 -60.32 1.32 9.28
C TYR I 432 -59.46 0.06 9.26
N LYS I 433 -58.50 -0.04 10.17
CA LYS I 433 -57.66 -1.22 10.26
C LYS I 433 -57.86 -1.89 11.61
N PHE I 434 -57.45 -3.16 11.68
CA PHE I 434 -57.57 -3.92 12.91
C PHE I 434 -56.27 -4.66 13.17
N THR I 435 -55.89 -4.76 14.41
CA THR I 435 -54.74 -5.60 14.71
C THR I 435 -55.16 -7.08 14.66
N PRO I 436 -54.25 -7.97 14.28
CA PRO I 436 -54.55 -9.41 14.33
C PRO I 436 -54.66 -9.89 15.77
N ALA I 437 -55.21 -11.09 15.91
CA ALA I 437 -55.37 -11.68 17.23
C ALA I 437 -54.04 -12.23 17.73
N ASN I 438 -53.80 -12.04 19.03
CA ASN I 438 -52.66 -12.60 19.76
C ASN I 438 -51.31 -12.13 19.22
N VAL I 439 -51.25 -10.91 18.70
CA VAL I 439 -50.00 -10.25 18.38
C VAL I 439 -49.91 -8.97 19.20
N ASP I 440 -48.70 -8.57 19.54
CA ASP I 440 -48.47 -7.47 20.46
C ASP I 440 -47.77 -6.34 19.72
N LEU I 441 -48.51 -5.28 19.44
CA LEU I 441 -47.97 -4.11 18.78
C LEU I 441 -47.25 -3.22 19.79
N PRO I 442 -46.38 -2.32 19.33
CA PRO I 442 -45.87 -1.27 20.21
C PRO I 442 -46.98 -0.33 20.66
N GLU I 443 -46.71 0.37 21.76
CA GLU I 443 -47.75 1.13 22.44
C GLU I 443 -48.13 2.40 21.69
N ASN I 444 -47.14 3.14 21.18
CA ASN I 444 -47.44 4.40 20.55
C ASN I 444 -47.91 4.21 19.11
N HIS I 445 -48.60 5.23 18.61
CA HIS I 445 -48.83 5.37 17.18
C HIS I 445 -47.56 5.93 16.54
N LEU I 446 -47.61 6.09 15.21
CA LEU I 446 -46.59 6.78 14.40
C LEU I 446 -45.21 6.12 14.48
N SER I 447 -45.13 4.86 14.86
CA SER I 447 -43.89 4.09 14.81
C SER I 447 -44.01 3.04 13.71
N TYR I 448 -42.91 2.33 13.46
CA TYR I 448 -42.95 1.37 12.38
C TYR I 448 -43.68 0.09 12.78
N GLY I 449 -43.37 -0.44 13.97
CA GLY I 449 -43.94 -1.71 14.41
C GLY I 449 -45.43 -1.68 14.64
N TYR I 450 -46.02 -0.49 14.76
CA TYR I 450 -47.47 -0.36 14.84
C TYR I 450 -48.10 -0.31 13.44
N ILE I 451 -47.52 0.46 12.52
CA ILE I 451 -48.04 0.54 11.16
C ILE I 451 -47.79 -0.77 10.42
N ASN I 452 -46.75 -1.50 10.81
CA ASN I 452 -46.44 -2.77 10.17
C ASN I 452 -47.50 -3.82 10.49
N GLY I 453 -47.78 -4.02 11.77
CA GLY I 453 -48.66 -5.10 12.18
C GLY I 453 -50.13 -4.74 12.30
N ARG I 454 -50.66 -4.01 11.32
CA ARG I 454 -52.09 -3.73 11.24
C ARG I 454 -52.55 -3.98 9.81
N LEU I 455 -53.67 -4.70 9.66
CA LEU I 455 -54.13 -5.10 8.36
C LEU I 455 -55.54 -4.59 8.12
N PRO I 456 -55.89 -4.22 6.89
CA PRO I 456 -57.16 -3.53 6.66
C PRO I 456 -58.38 -4.46 6.73
N LEU I 457 -59.53 -3.83 6.92
CA LEU I 457 -60.80 -4.52 6.86
C LEU I 457 -61.08 -4.98 5.43
N PRO I 458 -61.74 -6.13 5.26
CA PRO I 458 -61.91 -6.70 3.91
C PRO I 458 -62.79 -5.91 2.95
N ASN I 459 -64.01 -5.54 3.33
CA ASN I 459 -65.00 -5.09 2.37
C ASN I 459 -64.96 -3.59 2.09
N ILE I 460 -63.87 -2.91 2.41
CA ILE I 460 -63.84 -1.49 2.04
C ILE I 460 -63.45 -1.33 0.57
N VAL I 461 -62.56 -2.18 0.06
CA VAL I 461 -62.26 -2.23 -1.37
C VAL I 461 -62.26 -3.68 -1.82
N ASP I 462 -62.66 -3.87 -3.07
CA ASP I 462 -62.59 -5.14 -3.79
C ASP I 462 -62.73 -4.78 -5.27
N THR I 463 -62.97 -5.76 -6.12
CA THR I 463 -63.20 -5.48 -7.54
C THR I 463 -64.66 -5.15 -7.84
N TRP I 464 -65.45 -4.74 -6.84
CA TRP I 464 -66.81 -4.25 -7.06
C TRP I 464 -67.06 -2.83 -6.59
N THR I 465 -66.13 -2.22 -5.85
CA THR I 465 -66.44 -0.96 -5.18
C THR I 465 -66.45 0.21 -6.16
N ASP I 466 -67.62 0.86 -6.26
CA ASP I 466 -67.94 1.86 -7.28
C ASP I 466 -67.59 1.36 -8.68
N ILE I 467 -68.19 0.23 -9.02
CA ILE I 467 -67.79 -0.52 -10.21
C ILE I 467 -68.23 0.25 -11.45
N GLY I 468 -67.31 0.38 -12.41
CA GLY I 468 -67.53 1.17 -13.60
C GLY I 468 -67.30 2.66 -13.44
N ALA I 469 -67.21 3.15 -12.22
CA ALA I 469 -67.08 4.57 -11.96
C ALA I 469 -65.61 5.00 -11.95
N ARG I 470 -65.41 6.30 -11.94
CA ARG I 470 -64.09 6.90 -11.79
C ARG I 470 -64.18 7.79 -10.57
N TRP I 471 -63.74 7.30 -9.42
CA TRP I 471 -64.07 7.93 -8.15
C TRP I 471 -63.03 7.53 -7.12
N SER I 472 -62.26 8.50 -6.64
CA SER I 472 -61.38 8.25 -5.52
C SER I 472 -62.21 8.08 -4.25
N LEU I 473 -61.70 7.26 -3.34
CA LEU I 473 -62.42 6.95 -2.10
C LEU I 473 -62.57 8.19 -1.24
N ASP I 474 -63.72 8.30 -0.58
CA ASP I 474 -64.02 9.48 0.22
C ASP I 474 -63.17 9.58 1.47
N VAL I 475 -62.56 8.48 1.90
CA VAL I 475 -61.65 8.51 3.03
C VAL I 475 -60.19 8.53 2.62
N MET I 476 -59.88 8.27 1.36
CA MET I 476 -58.54 8.42 0.83
C MET I 476 -58.29 9.80 0.24
N ASP I 477 -59.25 10.72 0.37
CA ASP I 477 -59.06 12.07 -0.16
C ASP I 477 -58.11 12.87 0.70
N THR I 478 -58.19 12.72 2.01
CA THR I 478 -57.38 13.50 2.92
C THR I 478 -56.12 12.78 3.39
N VAL I 479 -55.92 11.54 2.94
CA VAL I 479 -54.67 10.82 3.20
C VAL I 479 -53.65 11.29 2.17
N ASN I 480 -52.43 11.56 2.63
CA ASN I 480 -51.35 12.07 1.79
C ASN I 480 -51.00 11.08 0.68
N PRO I 481 -51.18 11.44 -0.59
CA PRO I 481 -50.90 10.50 -1.68
C PRO I 481 -49.43 10.31 -1.96
N PHE I 482 -48.56 11.13 -1.38
CA PHE I 482 -47.13 11.02 -1.63
C PHE I 482 -46.45 10.07 -0.66
N ASN I 483 -47.12 9.71 0.43
CA ASN I 483 -46.64 8.67 1.33
C ASN I 483 -47.14 7.34 0.79
N HIS I 484 -46.47 6.88 -0.26
CA HIS I 484 -46.91 5.71 -1.01
C HIS I 484 -45.69 5.13 -1.69
N HIS I 485 -45.66 3.82 -1.85
CA HIS I 485 -44.46 3.18 -2.38
C HIS I 485 -44.37 3.26 -3.90
N ARG I 486 -45.31 3.92 -4.57
CA ARG I 486 -45.17 4.25 -5.99
C ARG I 486 -44.72 5.68 -6.19
N ASN I 487 -44.28 6.36 -5.14
CA ASN I 487 -43.63 7.66 -5.27
C ASN I 487 -42.27 7.43 -5.89
N THR I 488 -42.22 7.56 -7.22
CA THR I 488 -41.03 7.20 -7.98
C THR I 488 -39.86 8.13 -7.67
N GLY I 489 -40.13 9.36 -7.26
CA GLY I 489 -39.06 10.25 -6.84
C GLY I 489 -38.37 9.79 -5.58
N LEU I 490 -39.15 9.41 -4.56
CA LEU I 490 -38.55 8.90 -3.33
C LEU I 490 -37.98 7.49 -3.53
N LYS I 491 -38.60 6.72 -4.41
CA LYS I 491 -38.07 5.41 -4.79
C LYS I 491 -36.74 5.55 -5.51
N TYR I 492 -36.54 6.65 -6.24
CA TYR I 492 -35.26 6.92 -6.89
C TYR I 492 -34.23 7.42 -5.88
N ARG I 493 -34.65 8.28 -4.95
CA ARG I 493 -33.70 8.87 -4.01
C ARG I 493 -33.30 7.89 -2.92
N SER I 494 -34.06 6.82 -2.71
CA SER I 494 -33.66 5.81 -1.73
C SER I 494 -32.72 4.78 -2.32
N GLN I 495 -32.97 4.37 -3.56
CA GLN I 495 -32.11 3.42 -4.26
C GLN I 495 -30.81 4.05 -4.74
N LEU I 496 -30.73 5.37 -4.77
CA LEU I 496 -29.52 6.05 -5.20
C LEU I 496 -28.43 6.03 -4.14
N LEU I 497 -28.81 5.84 -2.87
CA LEU I 497 -27.84 5.70 -1.79
C LEU I 497 -27.41 4.26 -1.56
N GLY I 498 -28.31 3.31 -1.75
CA GLY I 498 -28.00 1.91 -1.55
C GLY I 498 -29.25 1.14 -1.18
N ASN I 499 -29.03 -0.08 -0.68
CA ASN I 499 -30.10 -1.00 -0.30
C ASN I 499 -30.08 -1.43 1.15
N GLY I 500 -28.95 -1.31 1.85
CA GLY I 500 -28.85 -1.75 3.22
C GLY I 500 -29.14 -0.64 4.21
N ARG I 501 -28.96 -0.95 5.49
CA ARG I 501 -29.21 0.04 6.52
C ARG I 501 -28.04 1.00 6.65
N TYR I 502 -26.85 0.48 6.93
CA TYR I 502 -25.66 1.31 7.07
C TYR I 502 -25.13 1.66 5.69
N CYS I 503 -25.06 2.96 5.38
CA CYS I 503 -24.58 3.39 4.07
C CYS I 503 -23.71 4.63 4.23
N ASP I 504 -22.76 4.78 3.31
CA ASP I 504 -21.94 5.98 3.20
C ASP I 504 -22.50 6.83 2.08
N PHE I 505 -22.83 8.08 2.40
CA PHE I 505 -23.36 9.00 1.42
C PHE I 505 -22.30 10.04 1.09
N HIS I 506 -22.27 10.47 -0.17
CA HIS I 506 -21.37 11.52 -0.64
C HIS I 506 -22.21 12.41 -1.54
N ILE I 507 -22.78 13.46 -0.96
CA ILE I 507 -23.80 14.26 -1.61
C ILE I 507 -23.25 15.65 -1.91
N GLN I 508 -24.04 16.45 -2.64
CA GLN I 508 -23.71 17.83 -2.96
C GLN I 508 -24.97 18.67 -2.76
N VAL I 509 -24.96 19.56 -1.77
CA VAL I 509 -26.16 20.34 -1.48
C VAL I 509 -26.02 21.74 -2.06
N PRO I 510 -27.10 22.36 -2.51
CA PRO I 510 -27.00 23.69 -3.12
C PRO I 510 -26.97 24.82 -2.12
N GLN I 511 -27.08 26.06 -2.62
CA GLN I 511 -27.32 27.23 -1.80
C GLN I 511 -28.60 27.89 -2.28
N LYS I 512 -29.68 27.78 -1.50
CA LYS I 512 -30.99 28.17 -1.96
C LYS I 512 -31.44 29.53 -1.46
N PHE I 513 -30.62 30.23 -0.67
CA PHE I 513 -30.97 31.58 -0.26
C PHE I 513 -30.68 32.53 -1.42
N PHE I 514 -31.67 33.35 -1.76
CA PHE I 514 -31.71 33.99 -3.06
C PHE I 514 -30.73 35.13 -3.23
N ALA I 515 -30.26 35.74 -2.14
CA ALA I 515 -29.33 36.86 -2.29
C ALA I 515 -27.91 36.39 -2.58
N ILE I 516 -27.51 35.24 -2.07
CA ILE I 516 -26.18 34.70 -2.30
C ILE I 516 -26.23 33.47 -3.19
N LYS I 517 -27.36 33.27 -3.89
CA LYS I 517 -27.53 32.08 -4.70
C LYS I 517 -26.64 32.14 -5.95
N ASN I 518 -26.76 33.20 -6.73
CA ASN I 518 -25.94 33.42 -7.91
C ASN I 518 -25.42 34.85 -7.94
N LEU I 519 -24.90 35.30 -6.80
CA LEU I 519 -24.20 36.56 -6.72
C LEU I 519 -22.84 36.48 -7.40
N LEU I 520 -22.59 37.39 -8.34
CA LEU I 520 -21.25 37.53 -8.89
C LEU I 520 -20.38 38.27 -7.88
N LEU I 521 -19.29 37.65 -7.47
CA LEU I 521 -18.51 38.11 -6.32
C LEU I 521 -17.22 38.74 -6.79
N LEU I 522 -17.05 40.02 -6.48
CA LEU I 522 -15.85 40.78 -6.80
C LEU I 522 -14.71 40.37 -5.87
N PRO I 523 -13.45 40.67 -6.22
CA PRO I 523 -12.34 40.23 -5.37
C PRO I 523 -12.35 40.85 -3.97
N GLY I 524 -12.10 39.99 -2.98
CA GLY I 524 -12.03 40.40 -1.60
C GLY I 524 -11.46 39.31 -0.72
N THR I 525 -12.02 39.13 0.47
CA THR I 525 -11.66 38.00 1.34
C THR I 525 -12.87 37.74 2.22
N TYR I 526 -13.56 36.63 2.00
CA TYR I 526 -14.90 36.44 2.52
C TYR I 526 -14.97 35.25 3.46
N ASN I 527 -15.78 35.39 4.51
CA ASN I 527 -16.11 34.30 5.42
C ASN I 527 -17.51 33.79 5.12
N TYR I 528 -17.66 32.48 5.04
CA TYR I 528 -18.94 31.89 4.61
C TYR I 528 -19.24 30.68 5.48
N GLU I 529 -19.91 30.91 6.61
CA GLU I 529 -20.29 29.85 7.53
C GLU I 529 -21.76 29.53 7.37
N TRP I 530 -22.12 28.30 7.75
CA TRP I 530 -23.47 27.79 7.59
C TRP I 530 -23.63 26.57 8.49
N TYR I 531 -24.84 26.34 9.00
CA TYR I 531 -25.14 25.19 9.85
C TYR I 531 -25.96 24.16 9.09
N PHE I 532 -25.56 22.90 9.19
CA PHE I 532 -26.32 21.79 8.62
C PHE I 532 -27.15 21.11 9.69
N ARG I 533 -28.21 20.44 9.27
CA ARG I 533 -29.05 19.75 10.25
C ARG I 533 -28.52 18.36 10.54
N LYS I 534 -29.05 17.77 11.61
CA LYS I 534 -28.75 16.40 11.99
C LYS I 534 -30.03 15.68 12.43
N ASP I 535 -31.17 16.36 12.39
CA ASP I 535 -32.44 15.77 12.81
C ASP I 535 -32.89 14.72 11.80
N PRO I 536 -33.25 13.51 12.25
CA PRO I 536 -33.53 12.44 11.28
C PRO I 536 -34.87 12.60 10.58
N ASN I 537 -35.84 13.26 11.20
CA ASN I 537 -37.13 13.44 10.56
C ASN I 537 -37.06 14.46 9.44
N MET I 538 -36.28 15.52 9.62
CA MET I 538 -36.23 16.57 8.61
C MET I 538 -35.34 16.18 7.44
N VAL I 539 -34.19 15.57 7.73
CA VAL I 539 -33.21 15.27 6.68
C VAL I 539 -33.69 14.11 5.81
N LEU I 540 -34.23 13.06 6.42
CA LEU I 540 -34.62 11.86 5.71
C LEU I 540 -36.14 11.84 5.49
N GLN I 541 -36.56 11.13 4.44
CA GLN I 541 -37.97 10.98 4.09
C GLN I 541 -38.34 9.51 4.03
N SER I 542 -39.49 9.17 4.60
CA SER I 542 -39.96 7.80 4.63
C SER I 542 -41.30 7.70 3.91
N THR I 543 -41.56 6.54 3.30
CA THR I 543 -42.82 6.34 2.60
C THR I 543 -43.99 6.12 3.55
N LEU I 544 -43.73 5.70 4.78
CA LEU I 544 -44.80 5.48 5.74
C LEU I 544 -45.08 6.70 6.59
N GLY I 545 -44.12 7.61 6.74
CA GLY I 545 -44.32 8.76 7.60
C GLY I 545 -44.22 8.42 9.07
N ASN I 546 -43.47 7.38 9.42
CA ASN I 546 -43.29 7.01 10.80
C ASN I 546 -42.30 7.94 11.50
N ASP I 547 -42.14 7.74 12.80
CA ASP I 547 -41.14 8.50 13.54
C ASP I 547 -39.76 7.94 13.24
N LEU I 548 -38.83 8.82 12.90
CA LEU I 548 -37.44 8.42 12.80
C LEU I 548 -36.62 8.78 14.03
N ARG I 549 -37.14 9.63 14.92
CA ARG I 549 -36.50 9.79 16.21
C ARG I 549 -36.73 8.61 17.13
N ALA I 550 -37.76 7.80 16.86
CA ALA I 550 -38.09 6.70 17.74
C ALA I 550 -37.11 5.54 17.59
N ASP I 551 -36.86 5.13 16.35
CA ASP I 551 -35.95 4.04 16.08
C ASP I 551 -34.51 4.54 16.05
N GLY I 552 -33.60 3.72 15.55
CA GLY I 552 -32.20 4.08 15.51
C GLY I 552 -31.78 4.82 14.27
N ALA I 553 -32.68 5.61 13.70
CA ALA I 553 -32.34 6.42 12.54
C ALA I 553 -31.49 7.61 12.98
N SER I 554 -30.33 7.76 12.34
CA SER I 554 -29.40 8.82 12.72
C SER I 554 -28.49 9.12 11.55
N ILE I 555 -28.06 10.37 11.47
CA ILE I 555 -27.11 10.84 10.46
C ILE I 555 -25.93 11.48 11.20
N THR I 556 -24.73 11.30 10.66
CA THR I 556 -23.57 11.98 11.20
C THR I 556 -22.63 12.33 10.06
N TYR I 557 -21.84 13.38 10.28
CA TYR I 557 -20.99 13.93 9.25
C TYR I 557 -19.53 13.76 9.63
N THR I 558 -18.69 13.52 8.62
CA THR I 558 -17.26 13.37 8.86
C THR I 558 -16.41 14.49 8.28
N GLN I 559 -16.72 15.01 7.09
CA GLN I 559 -16.06 16.20 6.56
C GLN I 559 -16.94 16.81 5.49
N ILE I 560 -16.98 18.13 5.45
CA ILE I 560 -17.71 18.86 4.43
C ILE I 560 -16.79 19.94 3.87
N ASN I 561 -17.02 20.29 2.60
CA ASN I 561 -16.19 21.20 1.85
C ASN I 561 -17.07 21.90 0.84
N LEU I 562 -16.66 23.09 0.40
CA LEU I 562 -17.37 23.76 -0.68
C LEU I 562 -16.44 23.99 -1.84
N TYR I 563 -17.00 23.93 -3.05
CA TYR I 563 -16.23 24.09 -4.27
C TYR I 563 -16.75 25.32 -5.01
N VAL I 564 -15.84 26.21 -5.38
CA VAL I 564 -16.17 27.32 -6.24
C VAL I 564 -15.47 27.13 -7.58
N SER I 565 -15.81 27.98 -8.54
CA SER I 565 -15.26 27.88 -9.90
C SER I 565 -14.87 29.27 -10.37
N PHE I 566 -13.57 29.53 -10.41
CA PHE I 566 -13.05 30.80 -10.89
C PHE I 566 -12.93 30.76 -12.41
N PHE I 567 -13.55 31.72 -13.08
CA PHE I 567 -13.43 31.77 -14.53
C PHE I 567 -12.06 32.36 -14.89
N PRO I 568 -11.30 31.72 -15.77
CA PRO I 568 -9.95 32.18 -16.08
C PRO I 568 -9.92 33.35 -17.05
N MET I 569 -10.50 34.48 -16.61
CA MET I 569 -10.59 35.65 -17.46
C MET I 569 -9.23 36.33 -17.57
N ASN I 570 -9.00 36.98 -18.72
CA ASN I 570 -7.79 37.77 -18.92
C ASN I 570 -7.74 38.91 -17.92
N TYR I 571 -6.53 39.24 -17.47
CA TYR I 571 -6.40 40.22 -16.42
C TYR I 571 -6.64 41.64 -16.91
N ASP I 572 -6.50 41.86 -18.22
CA ASP I 572 -6.93 43.12 -18.82
C ASP I 572 -8.45 43.20 -18.86
N THR I 573 -9.10 42.08 -19.18
CA THR I 573 -10.56 42.05 -19.28
C THR I 573 -11.21 42.09 -17.90
N GLN I 574 -10.59 41.44 -16.91
CA GLN I 574 -11.11 41.48 -15.55
C GLN I 574 -10.99 42.87 -14.95
N SER I 575 -9.90 43.57 -15.24
CA SER I 575 -9.69 44.89 -14.66
C SER I 575 -10.66 45.92 -15.22
N GLU I 576 -11.14 45.72 -16.45
CA GLU I 576 -12.22 46.54 -16.95
C GLU I 576 -13.54 46.17 -16.31
N LEU I 577 -13.77 44.88 -16.12
CA LEU I 577 -15.03 44.40 -15.55
C LEU I 577 -15.10 44.60 -14.05
N GLU I 578 -13.96 44.67 -13.36
CA GLU I 578 -14.00 45.00 -11.95
C GLU I 578 -14.40 46.45 -11.73
N LEU I 579 -13.81 47.37 -12.50
CA LEU I 579 -14.09 48.79 -12.31
C LEU I 579 -15.50 49.17 -12.72
N MET I 580 -16.13 48.40 -13.61
CA MET I 580 -17.50 48.68 -13.96
C MET I 580 -18.47 48.21 -12.89
N LEU I 581 -18.08 47.22 -12.09
CA LEU I 581 -18.95 46.70 -11.05
C LEU I 581 -18.69 47.30 -9.67
N ARG I 582 -17.56 47.99 -9.48
CA ARG I 582 -17.37 48.76 -8.26
C ARG I 582 -18.23 50.02 -8.26
N ASN I 583 -18.75 50.42 -9.41
CA ASN I 583 -19.56 51.63 -9.55
C ASN I 583 -20.89 51.44 -8.83
N ALA I 584 -21.46 52.55 -8.37
CA ALA I 584 -22.67 52.48 -7.56
C ALA I 584 -23.92 52.23 -8.39
N THR I 585 -23.91 52.60 -9.66
CA THR I 585 -25.08 52.41 -10.51
C THR I 585 -25.17 51.01 -11.09
N ASN I 586 -24.23 50.13 -10.78
CA ASN I 586 -24.20 48.78 -11.32
C ASN I 586 -24.25 47.74 -10.21
N ASP I 587 -25.10 47.97 -9.21
CA ASP I 587 -25.23 47.00 -8.14
C ASP I 587 -26.08 45.81 -8.59
N GLN I 588 -25.71 44.62 -8.11
CA GLN I 588 -26.47 43.43 -8.45
C GLN I 588 -27.83 43.45 -7.77
N ASN I 589 -28.88 43.25 -8.55
CA ASN I 589 -30.24 43.22 -8.04
C ASN I 589 -30.73 41.78 -8.05
N PHE I 590 -31.30 41.34 -6.94
CA PHE I 590 -31.84 40.00 -6.86
C PHE I 590 -33.23 40.05 -6.23
N SER I 591 -34.13 39.23 -6.74
CA SER I 591 -35.48 39.15 -6.22
C SER I 591 -35.80 37.72 -5.87
N ASP I 592 -36.52 37.53 -4.77
CA ASP I 592 -37.02 36.20 -4.41
C ASP I 592 -38.08 35.80 -5.43
N TYR I 593 -38.05 34.53 -5.84
CA TYR I 593 -38.98 34.12 -6.88
C TYR I 593 -40.39 33.96 -6.35
N LEU I 594 -40.51 33.45 -5.12
CA LEU I 594 -41.83 33.22 -4.55
C LEU I 594 -42.52 34.54 -4.25
N GLY I 595 -41.82 35.44 -3.56
CA GLY I 595 -42.36 36.74 -3.22
C GLY I 595 -43.56 36.64 -2.30
N ALA I 596 -43.42 35.89 -1.22
CA ALA I 596 -44.54 35.63 -0.33
C ALA I 596 -44.13 35.82 1.12
N VAL I 597 -45.12 36.04 1.95
CA VAL I 597 -44.97 36.13 3.39
C VAL I 597 -45.76 34.99 3.99
N ASN I 598 -45.07 34.01 4.55
CA ASN I 598 -45.70 32.82 5.08
C ASN I 598 -46.46 33.12 6.36
N ASN I 599 -47.67 32.58 6.47
CA ASN I 599 -48.47 32.68 7.68
C ASN I 599 -49.22 31.38 7.89
N LEU I 600 -49.18 30.87 9.11
CA LEU I 600 -49.81 29.60 9.45
C LEU I 600 -50.84 29.87 10.56
N TYR I 601 -52.11 29.91 10.17
CA TYR I 601 -53.18 30.12 11.13
C TYR I 601 -53.85 28.79 11.48
N GLN I 602 -54.01 28.54 12.77
CA GLN I 602 -54.40 27.23 13.26
C GLN I 602 -55.90 27.02 13.13
N ILE I 603 -56.28 25.85 12.61
CA ILE I 603 -57.67 25.40 12.61
C ILE I 603 -57.81 24.36 13.71
N PRO I 604 -58.67 24.55 14.69
CA PRO I 604 -58.93 23.49 15.68
C PRO I 604 -59.67 22.33 15.05
N ALA I 605 -59.55 21.18 15.69
CA ALA I 605 -60.08 19.94 15.14
C ALA I 605 -61.60 19.95 15.15
N GLY I 606 -62.20 19.65 14.00
CA GLY I 606 -63.64 19.60 13.88
C GLY I 606 -64.29 20.92 13.54
N SER I 607 -63.61 22.04 13.75
CA SER I 607 -64.18 23.34 13.43
C SER I 607 -64.02 23.62 11.94
N SER I 608 -64.53 24.78 11.51
CA SER I 608 -64.64 25.08 10.10
C SER I 608 -64.19 26.47 9.70
N THR I 609 -64.01 27.39 10.64
CA THR I 609 -63.85 28.81 10.32
C THR I 609 -62.52 29.32 10.84
N VAL I 610 -61.80 30.05 9.99
CA VAL I 610 -60.62 30.80 10.37
C VAL I 610 -61.00 32.27 10.26
N VAL I 611 -60.51 33.10 11.18
CA VAL I 611 -60.61 34.54 11.04
C VAL I 611 -59.21 35.11 11.18
N VAL I 612 -58.66 35.60 10.07
CA VAL I 612 -57.38 36.28 10.07
C VAL I 612 -57.61 37.78 9.91
N ASN I 613 -57.13 38.55 10.89
CA ASN I 613 -57.39 39.98 10.97
C ASN I 613 -56.06 40.70 10.94
N ILE I 614 -55.63 41.11 9.76
CA ILE I 614 -54.45 41.97 9.64
C ILE I 614 -54.81 43.37 10.13
N PRO I 615 -54.02 43.99 11.00
CA PRO I 615 -54.32 45.36 11.42
C PRO I 615 -54.01 46.39 10.35
N ASP I 616 -54.11 47.67 10.71
CA ASP I 616 -53.99 48.76 9.74
C ASP I 616 -52.58 48.86 9.18
N ARG I 617 -52.47 48.93 7.86
CA ARG I 617 -51.17 48.85 7.19
C ARG I 617 -51.30 49.55 5.84
N SER I 618 -50.14 49.96 5.28
CA SER I 618 -50.07 50.71 4.03
C SER I 618 -50.65 49.96 2.85
N TRP I 619 -50.25 48.69 2.66
CA TRP I 619 -50.68 47.82 1.54
C TRP I 619 -50.30 48.40 0.18
N GLY I 620 -49.07 48.89 0.04
CA GLY I 620 -48.63 49.49 -1.20
C GLY I 620 -47.88 48.49 -2.06
N ALA I 621 -48.25 48.43 -3.35
CA ALA I 621 -47.70 47.51 -4.35
C ALA I 621 -47.86 46.05 -3.93
N PHE I 622 -49.01 45.74 -3.34
CA PHE I 622 -49.38 44.37 -2.99
C PHE I 622 -49.67 43.58 -4.27
N ARG I 623 -49.54 42.26 -4.20
CA ARG I 623 -49.64 41.46 -5.42
C ARG I 623 -50.78 40.46 -5.43
N GLY I 624 -51.01 39.72 -4.35
CA GLY I 624 -52.11 38.76 -4.34
C GLY I 624 -52.04 37.83 -3.15
N TRP I 625 -52.98 36.88 -3.14
CA TRP I 625 -53.11 35.92 -2.06
C TRP I 625 -52.89 34.50 -2.55
N SER I 626 -52.63 33.60 -1.60
CA SER I 626 -52.47 32.18 -1.88
C SER I 626 -52.67 31.41 -0.58
N PHE I 627 -53.36 30.26 -0.66
CA PHE I 627 -53.70 29.55 0.57
C PHE I 627 -53.96 28.07 0.33
N THR I 628 -53.47 27.24 1.25
CA THR I 628 -53.85 25.83 1.40
C THR I 628 -54.14 25.51 2.86
N ARG I 629 -54.41 24.24 3.11
CA ARG I 629 -54.48 23.66 4.44
C ARG I 629 -53.33 22.68 4.62
N LEU I 630 -52.67 22.76 5.76
CA LEU I 630 -51.57 21.87 6.08
C LEU I 630 -51.86 21.25 7.44
N LYS I 631 -51.63 19.95 7.56
CA LYS I 631 -51.83 19.28 8.84
C LYS I 631 -50.79 19.76 9.85
N VAL I 632 -51.21 19.81 11.11
CA VAL I 632 -50.31 20.26 12.18
C VAL I 632 -49.20 19.24 12.40
N SER I 633 -49.54 17.95 12.34
CA SER I 633 -48.54 16.91 12.51
C SER I 633 -47.58 16.82 11.33
N GLU I 634 -47.98 17.31 10.15
CA GLU I 634 -47.16 17.26 8.96
C GLU I 634 -46.46 18.58 8.64
N THR I 635 -46.38 19.49 9.60
CA THR I 635 -45.75 20.79 9.38
C THR I 635 -44.88 21.16 10.56
N PRO I 636 -43.57 21.27 10.37
CA PRO I 636 -42.67 21.58 11.49
C PRO I 636 -42.66 23.07 11.77
N ARG I 637 -41.95 23.43 12.83
CA ARG I 637 -41.63 24.82 13.13
C ARG I 637 -40.15 25.02 12.79
N ILE I 638 -39.89 25.82 11.77
CA ILE I 638 -38.52 25.94 11.25
C ILE I 638 -37.68 26.84 12.14
N GLY I 639 -38.29 27.84 12.78
CA GLY I 639 -37.54 28.85 13.51
C GLY I 639 -36.81 28.32 14.74
N ALA I 640 -37.26 27.21 15.29
CA ALA I 640 -36.53 26.59 16.38
C ALA I 640 -35.37 25.77 15.81
N THR I 641 -34.36 25.54 16.67
CA THR I 641 -33.23 24.71 16.26
C THR I 641 -33.58 23.23 16.22
N GLN I 642 -34.68 22.83 16.87
CA GLN I 642 -35.22 21.50 16.75
C GLN I 642 -36.68 21.55 17.17
N ASP I 643 -37.54 20.85 16.44
CA ASP I 643 -38.95 20.78 16.77
C ASP I 643 -39.21 19.49 17.51
N PRO I 644 -39.46 19.51 18.82
CA PRO I 644 -39.64 18.26 19.58
C PRO I 644 -41.01 17.64 19.40
N ASN I 645 -41.99 18.37 18.87
CA ASN I 645 -43.32 17.85 18.61
C ASN I 645 -43.47 17.33 17.19
N PHE I 646 -42.38 17.18 16.46
CA PHE I 646 -42.44 16.81 15.04
C PHE I 646 -42.18 15.32 14.93
N GLN I 647 -43.25 14.53 14.99
CA GLN I 647 -43.18 13.08 15.02
C GLN I 647 -43.37 12.46 13.64
N TYR I 648 -43.17 13.22 12.58
CA TYR I 648 -43.52 12.82 11.23
C TYR I 648 -42.28 12.85 10.35
N SER I 649 -42.24 11.98 9.34
CA SER I 649 -41.08 11.95 8.46
C SER I 649 -41.43 11.75 6.99
N GLY I 650 -42.68 11.93 6.60
CA GLY I 650 -43.07 11.81 5.20
C GLY I 650 -42.75 13.06 4.42
N SER I 651 -43.49 13.26 3.34
CA SER I 651 -43.32 14.46 2.53
C SER I 651 -43.96 15.64 3.26
N ILE I 652 -43.14 16.65 3.56
CA ILE I 652 -43.63 17.86 4.21
C ILE I 652 -44.20 18.79 3.16
N PRO I 653 -45.51 19.06 3.20
CA PRO I 653 -46.10 19.92 2.17
C PRO I 653 -45.73 21.39 2.32
N TYR I 654 -45.29 21.81 3.50
CA TYR I 654 -44.88 23.19 3.69
C TYR I 654 -43.54 23.50 3.05
N LEU I 655 -42.66 22.50 2.94
CA LEU I 655 -41.35 22.67 2.34
C LEU I 655 -41.26 22.14 0.92
N ASP I 656 -41.92 21.01 0.63
CA ASP I 656 -42.12 20.56 -0.73
C ASP I 656 -43.24 21.39 -1.36
N GLY I 657 -43.57 21.08 -2.60
CA GLY I 657 -44.75 21.66 -3.19
C GLY I 657 -45.90 20.67 -3.17
N THR I 658 -45.76 19.63 -2.35
CA THR I 658 -46.69 18.51 -2.37
C THR I 658 -47.94 18.82 -1.54
N PHE I 659 -48.74 19.74 -2.05
CA PHE I 659 -50.01 20.07 -1.42
C PHE I 659 -51.07 19.10 -1.89
N TYR I 660 -51.93 18.68 -0.97
CA TYR I 660 -53.02 17.79 -1.33
C TYR I 660 -54.36 18.13 -0.70
N LEU I 661 -54.39 19.02 0.29
CA LEU I 661 -55.64 19.51 0.86
C LEU I 661 -56.06 20.83 0.23
N SER I 662 -55.77 21.01 -1.06
CA SER I 662 -56.18 22.22 -1.75
C SER I 662 -57.66 22.25 -2.08
N HIS I 663 -58.37 21.14 -1.92
CA HIS I 663 -59.83 21.23 -1.90
C HIS I 663 -60.24 21.49 -0.46
N THR I 664 -61.54 21.33 -0.15
CA THR I 664 -62.13 21.62 1.18
C THR I 664 -61.88 23.07 1.61
N PHE I 665 -62.41 24.01 0.84
CA PHE I 665 -62.35 25.41 1.26
C PHE I 665 -63.69 26.11 1.33
N GLN I 666 -64.49 26.01 0.27
CA GLN I 666 -65.90 26.41 0.15
C GLN I 666 -66.21 27.90 0.18
N ARG I 667 -65.34 28.75 0.72
CA ARG I 667 -65.64 30.16 0.90
C ARG I 667 -64.36 30.96 1.08
N CYS I 668 -64.43 32.23 0.73
CA CYS I 668 -63.37 33.21 0.99
C CYS I 668 -64.02 34.59 0.93
N SER I 669 -64.20 35.23 2.08
CA SER I 669 -64.89 36.52 2.13
C SER I 669 -63.90 37.58 2.58
N ILE I 670 -63.19 38.16 1.63
CA ILE I 670 -62.23 39.22 1.91
C ILE I 670 -63.02 40.51 2.16
N GLN I 671 -62.99 40.99 3.41
CA GLN I 671 -63.73 42.18 3.81
C GLN I 671 -62.71 43.21 4.24
N TRP I 672 -62.65 44.33 3.53
CA TRP I 672 -61.38 45.06 3.43
C TRP I 672 -61.12 45.98 4.64
N ASP I 673 -61.91 47.03 4.81
CA ASP I 673 -61.57 48.09 5.75
C ASP I 673 -62.60 48.19 6.87
N SER I 674 -63.09 47.03 7.33
CA SER I 674 -64.13 46.83 8.34
C SER I 674 -65.48 47.44 7.94
N SER I 675 -65.62 47.91 6.72
CA SER I 675 -66.85 48.39 6.09
C SER I 675 -67.03 47.84 4.69
N VAL I 676 -65.96 47.67 3.93
CA VAL I 676 -66.00 47.48 2.48
C VAL I 676 -65.65 46.03 2.18
N PRO I 677 -66.47 45.30 1.44
CA PRO I 677 -66.03 44.00 0.93
C PRO I 677 -65.23 44.16 -0.35
N TRP I 678 -64.29 43.25 -0.56
CA TRP I 678 -63.49 43.21 -1.77
C TRP I 678 -63.79 41.94 -2.53
N PRO I 679 -64.00 42.00 -3.87
CA PRO I 679 -64.03 43.18 -4.75
C PRO I 679 -65.30 44.00 -4.59
N GLY I 680 -66.41 43.33 -4.27
CA GLY I 680 -67.67 43.95 -3.89
C GLY I 680 -68.28 44.94 -4.85
N ASN I 681 -67.80 44.93 -6.09
CA ASN I 681 -68.16 45.92 -7.09
C ASN I 681 -69.10 45.29 -8.12
N ASP I 682 -69.91 44.33 -7.65
CA ASP I 682 -70.77 43.47 -8.46
C ASP I 682 -69.98 42.80 -9.58
N ARG I 683 -68.99 42.00 -9.18
CA ARG I 683 -68.10 41.36 -10.13
C ARG I 683 -68.28 39.85 -10.20
N MET I 684 -69.04 39.26 -9.28
CA MET I 684 -69.24 37.83 -9.24
C MET I 684 -70.72 37.53 -9.47
N LEU I 685 -71.10 36.26 -9.44
CA LEU I 685 -72.52 35.96 -9.41
C LEU I 685 -73.07 36.06 -8.00
N THR I 686 -72.25 35.70 -7.01
CA THR I 686 -72.48 36.03 -5.60
C THR I 686 -71.45 37.09 -5.25
N PRO I 687 -71.80 38.38 -5.35
CA PRO I 687 -70.76 39.42 -5.38
C PRO I 687 -70.22 39.84 -4.02
N ASN I 688 -70.44 39.04 -2.98
CA ASN I 688 -69.99 39.41 -1.65
C ASN I 688 -68.86 38.55 -1.13
N TRP I 689 -68.61 37.38 -1.71
CA TRP I 689 -67.53 36.52 -1.26
C TRP I 689 -67.08 35.64 -2.41
N PHE I 690 -65.82 35.21 -2.35
CA PHE I 690 -65.28 34.22 -3.28
C PHE I 690 -65.75 32.86 -2.81
N GLU I 691 -66.84 32.37 -3.37
CA GLU I 691 -67.32 31.05 -3.02
C GLU I 691 -66.58 30.01 -3.85
N ILE I 692 -65.93 29.07 -3.18
CA ILE I 692 -65.06 28.11 -3.84
C ILE I 692 -65.79 26.83 -4.20
N LYS I 693 -66.50 26.22 -3.26
CA LYS I 693 -67.34 25.08 -3.56
C LYS I 693 -68.80 25.38 -3.22
N ARG I 694 -69.69 24.83 -4.03
CA ARG I 694 -71.12 24.78 -3.79
C ARG I 694 -71.57 23.36 -4.04
N PRO I 695 -72.12 22.67 -3.03
CA PRO I 695 -72.46 21.25 -3.21
C PRO I 695 -73.61 21.06 -4.17
N ILE I 696 -73.47 20.06 -5.05
CA ILE I 696 -74.52 19.74 -5.99
C ILE I 696 -75.58 18.92 -5.27
N ASN I 697 -76.85 19.23 -5.56
CA ASN I 697 -78.16 19.01 -4.91
C ASN I 697 -78.45 20.07 -3.85
N GLN I 698 -77.51 20.98 -3.63
CA GLN I 698 -77.78 22.26 -2.99
C GLN I 698 -77.74 23.39 -4.01
N ASP I 699 -77.15 23.13 -5.18
CA ASP I 699 -77.01 24.10 -6.24
C ASP I 699 -78.26 24.03 -7.13
N ALA I 700 -78.95 25.16 -7.25
CA ALA I 700 -80.18 25.21 -8.04
C ALA I 700 -79.92 25.56 -9.49
N GLU I 701 -79.27 26.70 -9.74
CA GLU I 701 -78.94 27.11 -11.10
C GLU I 701 -77.44 27.30 -11.21
N GLY I 702 -76.91 26.97 -12.39
CA GLY I 702 -75.54 27.13 -12.88
C GLY I 702 -74.48 26.75 -11.87
N ASN I 703 -73.41 27.55 -11.85
CA ASN I 703 -72.43 27.61 -10.76
C ASN I 703 -71.66 26.31 -10.56
N ASP I 704 -71.42 25.57 -11.65
CA ASP I 704 -70.64 24.35 -11.62
C ASP I 704 -69.80 24.27 -12.88
N THR I 705 -68.48 24.28 -12.74
CA THR I 705 -67.60 24.10 -13.89
C THR I 705 -67.01 22.69 -13.91
N MET I 706 -66.83 22.20 -15.13
CA MET I 706 -66.12 20.95 -15.43
C MET I 706 -66.76 19.73 -14.78
N GLN I 707 -68.07 19.80 -14.54
CA GLN I 707 -68.88 18.76 -13.91
C GLN I 707 -68.33 18.39 -12.52
N SER I 708 -68.28 19.38 -11.65
CA SER I 708 -67.71 19.18 -10.31
C SER I 708 -68.34 20.21 -9.36
N ASN I 709 -67.82 20.24 -8.14
CA ASN I 709 -68.29 21.20 -7.13
C ASN I 709 -67.84 22.63 -7.40
N LEU I 710 -66.79 22.82 -8.21
CA LEU I 710 -66.16 24.12 -8.34
C LEU I 710 -67.08 25.11 -9.05
N THR I 711 -67.27 26.28 -8.44
CA THR I 711 -68.22 27.26 -8.93
C THR I 711 -67.69 28.01 -10.14
N LYS I 712 -68.61 28.61 -10.90
CA LYS I 712 -68.23 29.39 -12.05
C LYS I 712 -67.65 30.74 -11.67
N ASP I 713 -67.95 31.19 -10.46
CA ASP I 713 -67.36 32.41 -9.93
C ASP I 713 -65.86 32.24 -9.75
N PHE I 714 -65.44 31.10 -9.22
CA PHE I 714 -64.08 30.93 -8.76
C PHE I 714 -63.23 30.14 -9.73
N PHE I 715 -63.84 29.44 -10.67
CA PHE I 715 -63.09 28.83 -11.75
C PHE I 715 -62.51 29.88 -12.69
N MET I 716 -63.21 30.99 -12.87
CA MET I 716 -62.73 32.04 -13.76
C MET I 716 -61.51 32.73 -13.19
N VAL I 717 -61.53 33.07 -11.89
CA VAL I 717 -60.42 33.80 -11.29
C VAL I 717 -59.21 32.93 -11.00
N GLN I 718 -59.29 31.64 -11.28
CA GLN I 718 -58.10 30.79 -11.27
C GLN I 718 -57.51 30.62 -12.66
N MET I 719 -58.37 30.58 -13.67
CA MET I 719 -57.88 30.51 -15.04
C MET I 719 -57.36 31.87 -15.50
N ALA I 720 -57.90 32.95 -14.95
CA ALA I 720 -57.42 34.28 -15.29
C ALA I 720 -56.21 34.72 -14.50
N ALA I 721 -55.99 34.14 -13.32
CA ALA I 721 -54.83 34.50 -12.53
C ALA I 721 -53.56 33.90 -13.09
N SER I 722 -53.62 32.65 -13.56
CA SER I 722 -52.43 31.92 -13.95
C SER I 722 -52.29 31.74 -15.45
N TYR I 723 -53.39 31.70 -16.20
CA TYR I 723 -53.32 31.43 -17.63
C TYR I 723 -53.89 32.55 -18.48
N ASN I 724 -54.35 33.64 -17.87
CA ASN I 724 -54.73 34.89 -18.55
C ASN I 724 -55.89 34.65 -19.52
N GLN I 725 -56.82 33.78 -19.11
CA GLN I 725 -57.95 33.41 -19.94
C GLN I 725 -59.25 33.67 -19.18
N GLY I 726 -60.34 33.78 -19.91
CA GLY I 726 -61.63 33.90 -19.27
C GLY I 726 -62.56 34.91 -19.91
N TYR I 727 -61.99 35.98 -20.47
CA TYR I 727 -62.79 36.99 -21.12
C TYR I 727 -62.97 36.74 -22.61
N GLN I 728 -62.20 35.83 -23.19
CA GLN I 728 -62.30 35.52 -24.61
C GLN I 728 -62.33 34.01 -24.84
N GLY I 729 -62.90 33.27 -23.91
CA GLY I 729 -63.04 31.84 -24.10
C GLY I 729 -61.99 31.05 -23.34
N PHE I 730 -62.34 29.82 -22.99
CA PHE I 730 -61.45 28.90 -22.30
C PHE I 730 -60.97 27.83 -23.27
N ASN I 731 -59.71 27.46 -23.12
CA ASN I 731 -59.15 26.34 -23.87
C ASN I 731 -57.99 25.76 -23.06
N TRP I 732 -57.38 24.72 -23.58
CA TRP I 732 -56.18 24.18 -22.98
C TRP I 732 -55.03 25.14 -23.23
N PRO I 733 -54.34 25.62 -22.20
CA PRO I 733 -53.27 26.60 -22.42
C PRO I 733 -52.03 25.97 -23.02
N ASN I 734 -51.21 26.82 -23.62
CA ASN I 734 -50.02 26.35 -24.33
C ASN I 734 -48.96 25.86 -23.35
N CYS I 735 -48.46 26.74 -22.49
CA CYS I 735 -47.38 26.43 -21.58
C CYS I 735 -47.98 26.15 -20.20
N THR I 736 -47.94 24.88 -19.80
CA THR I 736 -48.49 24.43 -18.53
C THR I 736 -47.35 23.99 -17.63
N LYS I 737 -47.29 24.54 -16.43
CA LYS I 737 -46.19 24.25 -15.52
C LYS I 737 -46.55 23.07 -14.62
N HIS I 738 -45.69 22.78 -13.64
CA HIS I 738 -45.89 21.64 -12.77
C HIS I 738 -46.93 21.94 -11.70
N TYR I 739 -46.82 23.09 -11.06
CA TYR I 739 -47.80 23.51 -10.06
C TYR I 739 -48.87 24.39 -10.69
N GLY I 740 -49.45 23.91 -11.79
CA GLY I 740 -50.48 24.65 -12.50
C GLY I 740 -51.86 24.26 -12.02
N PHE I 741 -52.88 24.83 -12.67
CA PHE I 741 -54.26 24.56 -12.30
C PHE I 741 -54.87 23.43 -13.11
N ILE I 742 -54.88 23.59 -14.44
CA ILE I 742 -55.60 22.64 -15.29
C ILE I 742 -54.81 21.37 -15.52
N ASN I 743 -53.57 21.31 -15.02
CA ASN I 743 -52.80 20.08 -15.10
C ASN I 743 -53.36 19.01 -14.17
N ASN I 744 -53.83 19.42 -13.00
CA ASN I 744 -54.11 18.49 -11.91
C ASN I 744 -55.49 18.71 -11.28
N PHE I 745 -56.28 19.63 -11.82
CA PHE I 745 -57.70 19.69 -11.50
C PHE I 745 -58.37 18.51 -12.17
N GLU I 746 -58.93 17.60 -11.39
CA GLU I 746 -59.61 16.43 -11.94
C GLU I 746 -60.98 16.25 -11.31
N PRO I 747 -62.06 16.36 -12.07
CA PRO I 747 -63.38 16.07 -11.54
C PRO I 747 -63.69 14.59 -11.59
N MET I 748 -64.76 14.20 -10.91
CA MET I 748 -65.15 12.80 -10.79
C MET I 748 -66.61 12.72 -10.35
N SER I 749 -67.24 11.59 -10.62
CA SER I 749 -68.67 11.44 -10.42
C SER I 749 -69.04 9.98 -10.20
N ARG I 750 -70.14 9.76 -9.49
CA ARG I 750 -70.68 8.41 -9.31
C ARG I 750 -72.16 8.50 -8.99
N GLN I 751 -72.80 7.34 -8.94
CA GLN I 751 -74.19 7.20 -8.54
C GLN I 751 -74.26 6.35 -7.29
N VAL I 752 -75.20 6.66 -6.41
CA VAL I 752 -75.47 5.81 -5.24
C VAL I 752 -76.94 5.44 -5.27
N PRO I 753 -77.32 4.28 -4.74
CA PRO I 753 -78.75 4.00 -4.59
C PRO I 753 -79.33 4.86 -3.49
N GLU I 754 -80.65 5.06 -3.55
CA GLU I 754 -81.32 5.80 -2.47
C GLU I 754 -81.47 4.84 -1.29
N TYR I 755 -80.68 5.12 -0.26
CA TYR I 755 -80.63 4.23 0.89
C TYR I 755 -81.77 4.52 1.84
N GLY I 756 -82.47 3.47 2.26
CA GLY I 756 -83.59 3.65 3.15
C GLY I 756 -84.38 2.37 3.26
N ALA I 757 -85.70 2.54 3.39
CA ALA I 757 -86.59 1.40 3.47
C ALA I 757 -86.65 0.68 2.13
N ASN I 758 -86.59 -0.65 2.19
CA ASN I 758 -86.58 -1.66 1.12
C ASN I 758 -85.28 -1.71 0.36
N TYR I 759 -84.36 -0.75 0.57
CA TYR I 759 -83.01 -0.77 0.04
C TYR I 759 -82.05 -0.64 1.23
N PRO I 760 -81.80 -1.72 1.97
CA PRO I 760 -80.94 -1.60 3.14
C PRO I 760 -79.49 -1.38 2.78
N ASN I 761 -78.83 -0.51 3.55
CA ASN I 761 -77.41 -0.21 3.35
C ASN I 761 -76.61 -1.23 4.16
N LEU I 762 -76.10 -2.25 3.48
CA LEU I 762 -75.35 -3.29 4.16
C LEU I 762 -73.92 -2.86 4.50
N MET I 763 -73.39 -1.86 3.80
CA MET I 763 -72.03 -1.41 4.05
C MET I 763 -71.95 -0.60 5.33
N ALA I 764 -72.97 0.21 5.62
CA ALA I 764 -73.00 0.93 6.88
C ALA I 764 -73.27 -0.01 8.05
N ALA I 765 -73.98 -1.11 7.81
CA ALA I 765 -74.14 -2.13 8.84
C ALA I 765 -72.89 -2.98 9.00
N TYR I 766 -72.03 -3.02 7.98
CA TYR I 766 -70.78 -3.77 8.10
C TYR I 766 -69.80 -3.05 9.01
N LEU I 767 -69.75 -1.72 8.92
CA LEU I 767 -68.84 -0.96 9.76
C LEU I 767 -69.36 -0.79 11.19
N ALA I 768 -70.64 -1.10 11.44
CA ALA I 768 -71.14 -1.11 12.80
C ALA I 768 -70.53 -2.26 13.60
N ASN I 769 -70.52 -3.45 13.02
CA ASN I 769 -69.82 -4.61 13.60
C ASN I 769 -69.38 -5.53 12.47
N PRO I 770 -68.08 -5.62 12.19
CA PRO I 770 -67.65 -6.49 11.08
C PRO I 770 -67.66 -7.97 11.42
N GLN I 771 -67.82 -8.34 12.69
CA GLN I 771 -67.81 -9.76 13.05
C GLN I 771 -69.10 -10.45 12.61
N THR I 772 -70.19 -9.70 12.47
CA THR I 772 -71.35 -10.18 11.73
C THR I 772 -71.22 -9.68 10.30
N MET I 773 -71.45 -10.57 9.34
CA MET I 773 -71.05 -10.31 7.96
C MET I 773 -72.27 -10.23 7.06
N PRO I 774 -72.72 -9.05 6.68
CA PRO I 774 -73.86 -8.95 5.76
C PRO I 774 -73.45 -9.13 4.32
N ILE I 775 -72.23 -8.76 3.99
CA ILE I 775 -71.77 -8.70 2.62
C ILE I 775 -71.45 -10.14 2.17
N TRP I 776 -72.21 -10.65 1.23
CA TRP I 776 -71.98 -11.98 0.66
C TRP I 776 -71.51 -11.78 -0.77
N ASN I 777 -70.21 -11.69 -0.95
CA ASN I 777 -69.62 -11.59 -2.28
C ASN I 777 -68.48 -12.59 -2.32
N ASN I 778 -68.44 -13.36 -3.44
CA ASN I 778 -67.57 -14.51 -3.76
C ASN I 778 -67.19 -15.36 -2.55
N CYS I 779 -68.21 -15.75 -1.79
CA CYS I 779 -68.01 -16.65 -0.67
C CYS I 779 -67.71 -18.06 -1.16
N GLY I 780 -66.86 -18.77 -0.43
CA GLY I 780 -66.28 -19.99 -0.92
C GLY I 780 -65.05 -19.78 -1.76
N PHE I 781 -64.67 -18.54 -1.99
CA PHE I 781 -63.57 -18.19 -2.86
C PHE I 781 -62.64 -17.20 -2.19
N GLN I 782 -62.91 -16.84 -0.93
CA GLN I 782 -62.05 -16.01 -0.11
C GLN I 782 -62.35 -16.32 1.34
N GLN I 783 -61.49 -15.82 2.23
CA GLN I 783 -61.75 -15.91 3.65
C GLN I 783 -62.96 -15.05 4.01
N LYS I 784 -63.66 -15.44 5.07
CA LYS I 784 -64.79 -14.67 5.58
C LYS I 784 -64.36 -13.26 5.98
N THR I 785 -65.30 -12.32 5.86
CA THR I 785 -64.99 -10.91 5.97
C THR I 785 -65.03 -10.41 7.41
N ALA I 786 -65.00 -11.30 8.39
CA ALA I 786 -64.79 -10.89 9.77
C ALA I 786 -63.31 -10.89 10.13
N THR I 787 -62.58 -11.89 9.68
CA THR I 787 -61.16 -12.01 9.94
C THR I 787 -60.35 -11.40 8.80
N ASN I 788 -59.05 -11.70 8.78
CA ASN I 788 -58.14 -11.20 7.77
C ASN I 788 -58.50 -11.75 6.39
N VAL I 789 -58.42 -10.88 5.37
CA VAL I 789 -58.69 -11.30 4.01
C VAL I 789 -57.53 -12.06 3.41
N LEU I 790 -56.36 -12.00 4.03
CA LEU I 790 -55.15 -12.61 3.52
C LEU I 790 -55.11 -14.12 3.75
N LEU I 791 -56.07 -14.66 4.50
CA LEU I 791 -56.10 -16.07 4.85
C LEU I 791 -56.76 -16.89 3.74
N GLU I 792 -57.02 -18.16 4.05
CA GLU I 792 -57.52 -19.08 3.04
C GLU I 792 -59.04 -19.03 2.96
N ARG I 793 -59.58 -19.49 1.84
CA ARG I 793 -61.02 -19.58 1.64
C ARG I 793 -61.64 -20.62 2.58
N CYS I 794 -62.91 -20.41 2.92
CA CYS I 794 -63.57 -21.33 3.83
C CYS I 794 -65.02 -21.68 3.49
N GLY I 795 -65.74 -20.84 2.74
CA GLY I 795 -67.17 -20.98 2.60
C GLY I 795 -67.61 -22.01 1.58
N HIS I 796 -68.78 -21.77 1.00
CA HIS I 796 -69.33 -22.52 -0.12
C HIS I 796 -69.84 -21.54 -1.15
N PRO I 797 -69.95 -21.95 -2.42
CA PRO I 797 -70.48 -21.03 -3.44
C PRO I 797 -71.95 -20.72 -3.21
N TYR I 798 -72.30 -19.45 -3.30
CA TYR I 798 -73.66 -19.01 -3.01
C TYR I 798 -73.92 -17.69 -3.71
N VAL I 799 -75.20 -17.37 -3.88
CA VAL I 799 -75.63 -16.19 -4.62
C VAL I 799 -75.24 -14.93 -3.85
N ALA I 800 -74.90 -13.88 -4.58
CA ALA I 800 -74.43 -12.65 -3.97
C ALA I 800 -75.57 -11.69 -3.66
N ASN I 801 -75.29 -10.71 -2.81
CA ASN I 801 -76.29 -9.73 -2.41
C ASN I 801 -75.80 -8.29 -2.35
N TRP I 802 -74.54 -8.02 -2.68
CA TRP I 802 -74.02 -6.68 -2.57
C TRP I 802 -72.90 -6.51 -3.59
N PRO I 803 -72.81 -5.35 -4.27
CA PRO I 803 -73.60 -4.12 -4.20
C PRO I 803 -74.90 -4.15 -4.98
N TYR I 804 -75.59 -3.01 -5.06
CA TYR I 804 -76.78 -2.92 -5.87
C TYR I 804 -76.39 -2.63 -7.32
N PRO I 805 -77.05 -3.26 -8.29
CA PRO I 805 -76.70 -2.99 -9.69
C PRO I 805 -77.14 -1.62 -10.13
N LEU I 806 -76.18 -0.79 -10.50
CA LEU I 806 -76.45 0.57 -10.92
C LEU I 806 -76.65 0.70 -12.43
N SER I 807 -76.21 -0.29 -13.20
CA SER I 807 -76.37 -0.31 -14.64
C SER I 807 -76.92 -1.67 -15.06
N GLY I 808 -77.12 -1.84 -16.36
CA GLY I 808 -77.58 -3.10 -16.89
C GLY I 808 -79.08 -3.14 -17.11
N ARG I 809 -79.59 -4.36 -17.17
CA ARG I 809 -80.99 -4.57 -17.54
C ARG I 809 -81.94 -4.24 -16.40
N ASN I 810 -81.56 -4.57 -15.17
CA ASN I 810 -82.43 -4.34 -14.02
C ASN I 810 -81.76 -3.43 -12.99
N ALA I 811 -81.22 -2.30 -13.46
CA ALA I 811 -80.61 -1.33 -12.57
C ALA I 811 -81.63 -0.70 -11.65
N VAL I 812 -81.17 -0.31 -10.47
CA VAL I 812 -82.06 0.25 -9.45
C VAL I 812 -82.48 1.66 -9.87
N PRO I 813 -83.76 2.01 -9.76
CA PRO I 813 -84.20 3.35 -10.16
C PRO I 813 -84.00 4.37 -9.05
N ASN I 814 -84.24 5.64 -9.42
CA ASN I 814 -84.26 6.80 -8.52
C ASN I 814 -82.91 7.00 -7.80
N GLN I 815 -81.82 6.64 -8.46
CA GLN I 815 -80.49 6.85 -7.91
C GLN I 815 -80.07 8.31 -8.08
N VAL I 816 -79.16 8.76 -7.24
CA VAL I 816 -78.84 10.17 -7.14
C VAL I 816 -77.35 10.38 -7.34
N THR I 817 -77.00 11.52 -7.93
CA THR I 817 -75.65 11.80 -8.42
C THR I 817 -74.83 12.53 -7.35
N GLU I 818 -73.56 12.18 -7.27
CA GLU I 818 -72.63 12.81 -6.34
C GLU I 818 -71.36 13.18 -7.09
N ARG I 819 -70.90 14.43 -6.92
CA ARG I 819 -69.72 14.91 -7.64
C ARG I 819 -68.74 15.59 -6.68
N LYS I 820 -67.46 15.53 -7.02
CA LYS I 820 -66.41 16.24 -6.31
C LYS I 820 -65.21 16.38 -7.24
N PHE I 821 -64.17 17.05 -6.75
CA PHE I 821 -62.93 17.20 -7.49
C PHE I 821 -61.75 16.99 -6.55
N LEU I 822 -60.56 16.90 -7.14
CA LEU I 822 -59.33 16.79 -6.36
C LEU I 822 -58.24 17.58 -7.07
N VAL I 823 -57.83 18.71 -6.49
CA VAL I 823 -56.61 19.39 -6.88
C VAL I 823 -55.50 18.97 -5.92
N ASP I 824 -54.35 18.63 -6.49
CA ASP I 824 -53.14 18.41 -5.72
C ASP I 824 -52.08 19.37 -6.22
N ARG I 825 -51.21 19.81 -5.29
CA ARG I 825 -50.06 20.67 -5.55
C ARG I 825 -50.43 22.03 -6.13
N TYR I 826 -51.62 22.57 -5.86
CA TYR I 826 -52.02 23.76 -6.59
C TYR I 826 -51.85 25.07 -5.83
N LEU I 827 -52.30 25.15 -4.56
CA LEU I 827 -52.25 26.37 -3.76
C LEU I 827 -53.04 27.52 -4.40
N TRP I 828 -54.37 27.49 -4.25
CA TRP I 828 -55.35 28.44 -4.79
C TRP I 828 -54.91 29.89 -4.69
N GLN I 829 -55.26 30.73 -5.66
CA GLN I 829 -54.80 32.11 -5.64
C GLN I 829 -55.91 33.06 -6.08
N ILE I 830 -55.93 34.22 -5.43
CA ILE I 830 -56.75 35.35 -5.85
C ILE I 830 -55.81 36.51 -6.15
N PRO I 831 -55.74 36.98 -7.38
CA PRO I 831 -54.85 38.10 -7.68
C PRO I 831 -55.45 39.41 -7.24
N PHE I 832 -54.58 40.34 -6.87
CA PHE I 832 -55.01 41.66 -6.39
C PHE I 832 -55.06 42.61 -7.58
N SER I 833 -55.98 42.32 -8.50
CA SER I 833 -56.12 43.09 -9.72
C SER I 833 -57.59 43.42 -9.94
N SER I 834 -57.84 44.28 -10.92
CA SER I 834 -59.18 44.78 -11.15
C SER I 834 -60.02 43.78 -11.94
N ASN I 835 -59.45 43.22 -12.99
CA ASN I 835 -60.11 42.24 -13.84
C ASN I 835 -59.53 40.84 -13.68
N PHE I 836 -58.80 40.60 -12.58
CA PHE I 836 -58.18 39.33 -12.23
C PHE I 836 -57.20 38.81 -13.28
N LEU I 837 -56.65 39.68 -14.12
CA LEU I 837 -55.72 39.26 -15.14
C LEU I 837 -54.29 39.57 -14.73
N ASN I 838 -53.36 39.16 -15.59
CA ASN I 838 -51.94 39.41 -15.38
C ASN I 838 -51.50 40.42 -16.43
N MET I 839 -51.66 41.70 -16.11
CA MET I 839 -51.20 42.76 -16.99
C MET I 839 -49.80 43.23 -16.63
N GLY I 840 -49.34 42.93 -15.42
CA GLY I 840 -47.99 43.27 -15.01
C GLY I 840 -47.67 42.55 -13.72
N THR I 841 -46.38 42.51 -13.40
CA THR I 841 -45.96 41.96 -12.12
C THR I 841 -46.35 42.90 -10.99
N LEU I 842 -45.99 44.17 -11.11
CA LEU I 842 -46.64 45.21 -10.33
C LEU I 842 -48.06 45.36 -10.86
N THR I 843 -49.04 45.00 -10.05
CA THR I 843 -50.42 44.99 -10.51
C THR I 843 -50.97 46.41 -10.60
N ASP I 844 -52.20 46.52 -11.13
CA ASP I 844 -52.78 47.83 -11.34
C ASP I 844 -53.32 48.44 -10.05
N LEU I 845 -53.87 47.64 -9.16
CA LEU I 845 -54.34 48.16 -7.88
C LEU I 845 -53.22 48.40 -6.88
N GLY I 846 -52.02 47.91 -7.16
CA GLY I 846 -50.90 48.17 -6.27
C GLY I 846 -50.35 49.58 -6.41
N GLN I 847 -50.38 50.14 -7.61
CA GLN I 847 -49.98 51.52 -7.84
C GLN I 847 -51.18 52.46 -7.88
N ASN I 848 -52.33 52.01 -7.38
CA ASN I 848 -53.50 52.87 -7.28
C ASN I 848 -53.28 53.91 -6.18
N VAL I 849 -53.93 55.06 -6.34
CA VAL I 849 -53.80 56.10 -5.33
C VAL I 849 -54.60 55.77 -4.07
N MET I 850 -55.61 54.91 -4.18
CA MET I 850 -56.39 54.54 -3.01
C MET I 850 -55.62 53.62 -2.08
N TYR I 851 -54.81 52.72 -2.64
CA TYR I 851 -54.13 51.71 -1.83
C TYR I 851 -52.70 52.05 -1.49
N ALA I 852 -51.99 52.80 -2.34
CA ALA I 852 -50.60 53.11 -2.04
C ALA I 852 -50.49 54.20 -0.98
N ASN I 853 -51.09 55.36 -1.26
CA ASN I 853 -50.95 56.53 -0.38
C ASN I 853 -52.05 56.59 0.67
N SER I 854 -52.23 55.51 1.41
CA SER I 854 -53.23 55.43 2.47
C SER I 854 -52.81 54.33 3.45
N SER I 855 -53.73 53.93 4.32
CA SER I 855 -53.47 52.83 5.23
C SER I 855 -54.79 52.12 5.52
N HIS I 856 -54.82 50.81 5.31
CA HIS I 856 -56.03 50.02 5.44
C HIS I 856 -55.78 48.81 6.32
N SER I 857 -56.88 48.28 6.87
CA SER I 857 -56.86 47.03 7.59
C SER I 857 -57.24 45.90 6.64
N LEU I 858 -57.46 44.71 7.19
CA LEU I 858 -57.87 43.55 6.40
C LEU I 858 -58.48 42.52 7.32
N ASN I 859 -59.63 41.98 6.95
CA ASN I 859 -60.31 40.96 7.73
C ASN I 859 -60.99 40.00 6.77
N MET I 860 -60.35 38.90 6.44
CA MET I 860 -60.99 37.87 5.67
C MET I 860 -61.25 36.65 6.54
N GLN I 861 -62.22 35.84 6.14
CA GLN I 861 -62.56 34.64 6.89
C GLN I 861 -62.99 33.54 5.94
N PHE I 862 -62.65 32.31 6.31
CA PHE I 862 -62.88 31.13 5.48
C PHE I 862 -63.91 30.25 6.17
N THR I 863 -64.49 29.32 5.41
CA THR I 863 -65.39 28.32 6.00
C THR I 863 -65.08 26.98 5.32
N VAL I 864 -64.13 26.25 5.86
CA VAL I 864 -63.58 25.08 5.22
C VAL I 864 -64.31 23.84 5.73
N ASP I 865 -64.11 22.71 5.04
CA ASP I 865 -64.73 21.46 5.48
C ASP I 865 -64.10 20.98 6.78
N PRO I 866 -64.91 20.51 7.73
CA PRO I 866 -64.38 20.04 9.02
C PRO I 866 -63.67 18.70 8.85
N MET I 867 -62.40 18.67 9.21
CA MET I 867 -61.65 17.42 9.26
C MET I 867 -61.76 16.83 10.67
N THR I 868 -60.94 15.82 10.95
CA THR I 868 -60.97 15.14 12.23
C THR I 868 -59.71 15.37 13.07
N GLU I 869 -58.76 16.15 12.56
CA GLU I 869 -57.54 16.44 13.29
C GLU I 869 -57.11 17.85 12.91
N PRO I 870 -56.45 18.59 13.82
CA PRO I 870 -56.22 20.02 13.58
C PRO I 870 -55.23 20.27 12.46
N THR I 871 -55.49 21.33 11.70
CA THR I 871 -54.70 21.71 10.54
C THR I 871 -54.32 23.18 10.64
N TYR I 872 -53.41 23.60 9.76
CA TYR I 872 -53.05 25.00 9.62
C TYR I 872 -53.82 25.62 8.47
N LEU I 873 -53.41 26.84 8.13
CA LEU I 873 -53.90 27.56 6.94
C LEU I 873 -52.70 28.32 6.39
N MET I 874 -52.05 27.77 5.38
CA MET I 874 -50.83 28.37 4.85
C MET I 874 -51.22 29.53 3.95
N LEU I 875 -51.46 30.69 4.55
CA LEU I 875 -51.83 31.87 3.80
C LEU I 875 -50.58 32.58 3.33
N LEU I 876 -50.54 32.90 2.04
CA LEU I 876 -49.42 33.64 1.45
C LEU I 876 -49.90 34.99 0.97
N PHE I 877 -49.07 36.00 1.16
CA PHE I 877 -49.33 37.35 0.65
C PHE I 877 -48.32 37.66 -0.44
N GLY I 878 -48.81 37.99 -1.62
CA GLY I 878 -47.93 38.36 -2.70
C GLY I 878 -47.21 39.67 -2.44
N VAL I 879 -45.92 39.61 -2.17
CA VAL I 879 -45.11 40.79 -1.97
C VAL I 879 -43.97 40.75 -2.97
N PHE I 880 -43.28 41.88 -3.10
CA PHE I 880 -41.97 41.87 -3.72
C PHE I 880 -40.93 41.60 -2.65
N ASP I 881 -39.75 41.18 -3.07
CA ASP I 881 -38.70 40.89 -2.09
C ASP I 881 -37.37 41.17 -2.80
N GLN I 882 -36.86 42.38 -2.63
CA GLN I 882 -35.75 42.88 -3.42
C GLN I 882 -34.49 42.99 -2.58
N VAL I 883 -33.34 42.84 -3.25
CA VAL I 883 -32.02 42.99 -2.65
C VAL I 883 -31.18 43.81 -3.61
N VAL I 884 -30.56 44.88 -3.10
CA VAL I 884 -29.45 45.50 -3.80
C VAL I 884 -28.19 45.14 -3.02
N ILE I 885 -27.07 45.02 -3.74
CA ILE I 885 -25.80 44.70 -3.12
C ILE I 885 -24.68 45.30 -3.94
N ASN I 886 -23.80 46.06 -3.29
CA ASN I 886 -22.72 46.74 -3.96
C ASN I 886 -21.39 46.52 -3.25
N GLN I 887 -20.32 46.40 -4.04
CA GLN I 887 -18.96 46.37 -3.51
C GLN I 887 -18.29 47.66 -3.96
N PRO I 888 -18.24 48.69 -3.13
CA PRO I 888 -17.55 49.91 -3.54
C PRO I 888 -16.05 49.83 -3.36
N THR I 889 -15.61 49.00 -2.41
CA THR I 889 -14.20 48.90 -2.04
C THR I 889 -13.92 47.42 -1.81
N ARG I 890 -12.65 47.03 -1.93
CA ARG I 890 -12.25 45.66 -1.63
C ARG I 890 -12.54 45.33 -0.16
N SER I 891 -13.27 44.23 0.05
CA SER I 891 -13.83 43.84 1.34
C SER I 891 -14.67 44.98 1.93
N GLY I 892 -15.65 45.42 1.16
CA GLY I 892 -16.54 46.49 1.57
C GLY I 892 -17.98 46.19 1.21
N ILE I 893 -18.36 44.90 1.30
CA ILE I 893 -19.66 44.46 0.81
C ILE I 893 -20.77 44.97 1.70
N SER I 894 -21.94 45.25 1.11
CA SER I 894 -23.04 45.89 1.80
C SER I 894 -24.33 45.61 1.06
N VAL I 895 -25.38 45.30 1.80
CA VAL I 895 -26.67 45.04 1.19
C VAL I 895 -27.71 46.02 1.73
N ALA I 896 -28.92 45.93 1.18
CA ALA I 896 -30.06 46.68 1.69
C ALA I 896 -31.30 45.89 1.25
N TYR I 897 -31.90 45.17 2.18
CA TYR I 897 -33.08 44.38 1.86
C TYR I 897 -34.30 45.27 1.95
N LEU I 898 -35.26 45.05 1.06
CA LEU I 898 -36.53 45.77 1.10
C LEU I 898 -37.56 44.87 0.46
N ARG I 899 -38.46 44.34 1.26
CA ARG I 899 -39.63 43.66 0.73
C ARG I 899 -40.85 44.57 0.90
N LEU I 900 -41.80 44.41 0.01
CA LEU I 900 -42.82 45.43 -0.17
C LEU I 900 -44.12 44.79 -0.61
N PRO I 901 -45.25 45.05 0.06
CA PRO I 901 -45.54 45.99 1.16
C PRO I 901 -45.11 45.58 2.57
N PHE I 902 -44.85 44.31 2.82
CA PHE I 902 -44.68 43.85 4.20
C PHE I 902 -43.23 44.02 4.65
N ALA I 903 -42.80 45.28 4.70
CA ALA I 903 -41.44 45.65 5.06
C ALA I 903 -41.12 45.25 6.50
N SER I 904 -39.84 45.06 6.77
CA SER I 904 -39.37 44.47 8.02
C SER I 904 -38.22 45.28 8.59
N GLY I 905 -38.34 46.60 8.58
CA GLY I 905 -37.21 47.41 8.99
C GLY I 905 -37.47 48.69 9.74
N SER I 906 -38.66 48.83 10.35
CA SER I 906 -39.12 50.09 10.92
C SER I 906 -38.28 50.65 12.06
N ALA I 907 -38.61 51.85 12.52
CA ALA I 907 -37.84 52.54 13.54
C ALA I 907 -38.23 52.12 14.95
N MET J 1 -64.16 37.44 -58.70
CA MET J 1 -63.44 38.35 -59.60
C MET J 1 -62.94 39.57 -58.85
N GLU J 2 -62.20 40.43 -59.56
CA GLU J 2 -61.25 41.44 -59.10
C GLU J 2 -61.67 42.29 -57.89
N PRO J 3 -62.88 42.89 -57.79
CA PRO J 3 -63.15 43.68 -56.59
C PRO J 3 -63.70 42.87 -55.43
N GLN J 4 -64.37 41.74 -55.70
CA GLN J 4 -64.93 40.94 -54.62
C GLN J 4 -63.85 40.12 -53.93
N ARG J 5 -62.72 39.91 -54.59
CA ARG J 5 -61.64 39.12 -54.00
C ARG J 5 -60.72 39.99 -53.17
N GLU J 6 -61.06 41.26 -53.00
CA GLU J 6 -60.24 42.18 -52.24
C GLU J 6 -61.06 42.80 -51.12
N PHE J 7 -62.38 42.71 -51.23
CA PHE J 7 -63.23 43.15 -50.13
C PHE J 7 -63.28 42.11 -49.02
N PHE J 8 -63.36 40.84 -49.40
CA PHE J 8 -63.39 39.75 -48.43
C PHE J 8 -62.00 39.27 -48.06
N HIS J 9 -60.96 39.95 -48.55
CA HIS J 9 -59.56 39.76 -48.17
C HIS J 9 -59.08 38.36 -48.50
N ILE J 10 -59.38 37.93 -49.72
CA ILE J 10 -58.74 36.78 -50.32
C ILE J 10 -57.36 37.16 -50.85
N ALA J 11 -57.27 38.28 -51.56
CA ALA J 11 -56.01 38.86 -51.95
C ALA J 11 -56.02 40.34 -51.58
N GLY J 12 -54.86 40.97 -51.66
CA GLY J 12 -54.78 42.39 -51.40
C GLY J 12 -53.94 42.78 -50.20
N ARG J 13 -54.41 43.76 -49.44
CA ARG J 13 -53.63 44.36 -48.38
C ARG J 13 -53.64 43.49 -47.12
N SER J 14 -52.51 43.44 -46.43
CA SER J 14 -52.38 42.67 -45.22
C SER J 14 -53.08 43.38 -44.06
N ALA J 15 -53.15 42.69 -42.92
CA ALA J 15 -54.03 43.10 -41.83
C ALA J 15 -53.60 44.40 -41.16
N LYS J 16 -52.32 44.74 -41.26
CA LYS J 16 -51.84 45.99 -40.69
C LYS J 16 -52.20 47.19 -41.56
N GLU J 17 -52.43 46.97 -42.86
CA GLU J 17 -52.50 48.09 -43.80
C GLU J 17 -53.85 48.22 -44.49
N TYR J 18 -54.91 47.60 -43.98
CA TYR J 18 -56.25 48.04 -44.36
C TYR J 18 -57.08 48.52 -43.19
N LEU J 19 -56.59 48.41 -41.96
CA LEU J 19 -57.32 48.94 -40.83
C LEU J 19 -57.04 50.43 -40.69
N SER J 20 -57.59 51.04 -39.64
CA SER J 20 -57.67 52.49 -39.56
C SER J 20 -56.38 53.14 -39.06
N GLU J 21 -55.34 52.36 -38.77
CA GLU J 21 -54.02 52.74 -38.24
C GLU J 21 -54.04 53.63 -37.00
N ASN J 22 -55.19 53.72 -36.34
CA ASN J 22 -55.30 53.96 -34.91
C ASN J 22 -55.92 52.78 -34.21
N LEU J 23 -56.69 51.97 -34.93
CA LEU J 23 -57.14 50.68 -34.43
C LEU J 23 -55.99 49.70 -34.35
N VAL J 24 -54.99 49.85 -35.24
CA VAL J 24 -53.81 49.01 -35.18
C VAL J 24 -52.96 49.38 -33.97
N GLN J 25 -52.79 50.68 -33.71
CA GLN J 25 -52.05 51.12 -32.53
C GLN J 25 -52.83 50.90 -31.25
N PHE J 26 -54.15 50.69 -31.34
CA PHE J 26 -54.90 50.29 -30.16
C PHE J 26 -54.68 48.82 -29.82
N ILE J 27 -54.70 47.95 -30.84
CA ILE J 27 -54.62 46.52 -30.55
C ILE J 27 -53.20 46.11 -30.19
N GLN J 28 -52.19 46.83 -30.67
CA GLN J 28 -50.81 46.51 -30.30
C GLN J 28 -50.52 46.81 -28.84
N ALA J 29 -51.27 47.74 -28.25
CA ALA J 29 -51.16 47.97 -26.82
C ALA J 29 -51.74 46.81 -26.04
N THR J 30 -52.97 46.41 -26.37
CA THR J 30 -53.67 45.36 -25.66
C THR J 30 -53.48 44.00 -26.33
N GLN J 31 -52.25 43.60 -26.61
CA GLN J 31 -52.03 42.27 -27.15
C GLN J 31 -52.00 41.20 -26.08
N ASN J 32 -51.84 41.57 -24.82
CA ASN J 32 -51.54 40.60 -23.77
C ASN J 32 -52.74 40.21 -22.94
N TYR J 33 -53.81 41.02 -22.91
CA TYR J 33 -54.91 40.69 -22.03
C TYR J 33 -56.27 40.75 -22.72
N PHE J 34 -56.40 41.57 -23.76
CA PHE J 34 -57.64 41.66 -24.51
C PHE J 34 -57.29 41.62 -25.99
N ASN J 35 -57.16 40.41 -26.53
CA ASN J 35 -56.56 40.21 -27.85
C ASN J 35 -57.63 40.32 -28.92
N ILE J 36 -57.41 41.20 -29.89
CA ILE J 36 -58.37 41.44 -30.97
C ILE J 36 -57.79 41.07 -32.34
N GLY J 37 -56.48 41.08 -32.53
CA GLY J 37 -55.85 40.97 -33.83
C GLY J 37 -56.03 39.65 -34.57
N GLU J 38 -56.72 38.67 -33.98
CA GLU J 38 -57.12 37.48 -34.71
C GLU J 38 -58.53 37.58 -35.26
N LYS J 39 -59.21 38.71 -35.06
CA LYS J 39 -60.55 38.90 -35.59
C LYS J 39 -60.53 39.45 -37.00
N PHE J 40 -59.35 39.68 -37.56
CA PHE J 40 -59.19 40.30 -38.87
C PHE J 40 -58.38 39.38 -39.75
N ARG J 41 -58.87 39.13 -40.96
CA ARG J 41 -58.26 38.14 -41.84
C ARG J 41 -57.06 38.75 -42.55
N ASP J 42 -56.00 37.94 -42.70
CA ASP J 42 -54.78 38.34 -43.36
C ASP J 42 -54.60 37.46 -44.59
N PRO J 43 -54.51 38.01 -45.80
CA PRO J 43 -54.28 37.17 -46.98
C PRO J 43 -52.87 36.60 -47.01
N TYR J 44 -52.73 35.53 -47.79
CA TYR J 44 -51.45 34.82 -47.90
C TYR J 44 -51.41 34.22 -49.30
N VAL J 45 -50.74 34.92 -50.22
CA VAL J 45 -50.88 34.70 -51.65
C VAL J 45 -49.57 34.15 -52.21
N ALA J 46 -49.65 33.06 -52.96
CA ALA J 46 -48.52 32.49 -53.66
C ALA J 46 -48.04 33.44 -54.75
N PRO J 47 -46.76 33.34 -55.17
CA PRO J 47 -46.26 34.31 -56.17
C PRO J 47 -46.91 34.21 -57.54
N SER J 48 -46.99 33.01 -58.11
CA SER J 48 -47.61 32.72 -59.41
C SER J 48 -46.98 33.52 -60.56
N ALA J 49 -45.68 33.79 -60.46
CA ALA J 49 -44.96 34.50 -61.51
C ALA J 49 -43.48 34.19 -61.35
N GLY J 50 -42.90 33.55 -62.35
CA GLY J 50 -41.48 33.29 -62.32
C GLY J 50 -41.02 32.21 -61.37
N VAL J 51 -41.90 31.26 -61.05
CA VAL J 51 -41.57 30.16 -60.16
C VAL J 51 -41.59 28.83 -60.89
N THR J 52 -42.73 28.46 -61.47
CA THR J 52 -42.89 27.15 -62.08
C THR J 52 -43.30 27.31 -63.53
N THR J 53 -42.61 26.60 -64.42
CA THR J 53 -42.78 26.74 -65.85
C THR J 53 -44.05 26.06 -66.35
N ASP J 54 -44.27 26.13 -67.66
CA ASP J 54 -45.39 25.50 -68.32
C ASP J 54 -44.98 24.26 -69.10
N ARG J 55 -43.69 24.06 -69.32
CA ARG J 55 -43.21 23.03 -70.22
C ARG J 55 -43.38 21.64 -69.64
N SER J 56 -43.49 20.66 -70.52
CA SER J 56 -43.75 19.27 -70.15
C SER J 56 -42.43 18.63 -69.71
N GLN J 57 -42.17 18.64 -68.41
CA GLN J 57 -41.04 17.94 -67.83
C GLN J 57 -41.50 17.19 -66.59
N LYS J 58 -40.64 16.30 -66.10
CA LYS J 58 -41.04 15.30 -65.13
C LYS J 58 -40.60 15.71 -63.73
N LEU J 59 -41.44 15.44 -62.75
CA LEU J 59 -41.13 15.82 -61.38
C LEU J 59 -40.14 14.85 -60.75
N GLN J 60 -40.52 13.57 -60.67
CA GLN J 60 -39.61 12.52 -60.25
C GLN J 60 -38.68 12.15 -61.41
N LEU J 61 -37.89 11.10 -61.22
CA LEU J 61 -37.09 10.57 -62.31
C LEU J 61 -36.74 9.12 -61.97
N ARG J 62 -36.63 8.30 -63.00
CA ARG J 62 -36.27 6.90 -62.87
C ARG J 62 -35.23 6.57 -63.92
N VAL J 63 -34.02 6.23 -63.48
CA VAL J 63 -32.95 5.84 -64.39
C VAL J 63 -32.49 4.43 -64.01
N VAL J 64 -32.46 3.55 -64.99
CA VAL J 64 -32.03 2.17 -64.82
C VAL J 64 -30.52 2.13 -65.04
N PRO J 65 -29.78 1.15 -64.50
CA PRO J 65 -28.32 1.20 -64.64
C PRO J 65 -27.87 0.81 -66.03
N ILE J 66 -26.76 1.44 -66.45
CA ILE J 66 -26.14 1.10 -67.72
C ILE J 66 -25.40 -0.22 -67.61
N GLN J 67 -24.56 -0.36 -66.59
CA GLN J 67 -23.78 -1.56 -66.36
C GLN J 67 -24.07 -2.08 -64.96
N THR J 68 -24.15 -3.40 -64.84
CA THR J 68 -24.16 -4.07 -63.55
C THR J 68 -23.01 -5.07 -63.51
N GLU J 69 -22.70 -5.54 -62.31
CA GLU J 69 -21.66 -6.55 -62.13
C GLU J 69 -21.99 -7.37 -60.90
N ASP J 70 -21.83 -8.68 -61.01
CA ASP J 70 -22.06 -9.58 -59.88
C ASP J 70 -20.73 -10.05 -59.31
N ASN J 71 -20.74 -10.34 -58.02
CA ASN J 71 -19.63 -11.01 -57.36
C ASN J 71 -20.20 -11.87 -56.24
N VAL J 72 -19.32 -12.68 -55.63
CA VAL J 72 -19.66 -13.33 -54.37
C VAL J 72 -19.92 -12.29 -53.29
N ASN J 73 -19.19 -11.16 -53.33
CA ASN J 73 -19.20 -10.24 -52.21
C ASN J 73 -19.55 -8.78 -52.54
N TYR J 74 -19.79 -8.42 -53.80
CA TYR J 74 -20.31 -7.08 -54.07
C TYR J 74 -21.20 -7.07 -55.31
N TYR J 75 -21.71 -5.88 -55.63
CA TYR J 75 -22.60 -5.66 -56.76
C TYR J 75 -22.43 -4.24 -57.24
N LYS J 76 -21.97 -4.06 -58.49
CA LYS J 76 -21.77 -2.74 -59.06
C LYS J 76 -23.04 -2.27 -59.76
N ALA J 77 -23.35 -0.99 -59.61
CA ALA J 77 -24.39 -0.34 -60.40
C ALA J 77 -23.85 0.99 -60.90
N ARG J 78 -23.79 1.16 -62.22
CA ARG J 78 -23.33 2.41 -62.81
C ARG J 78 -24.47 3.05 -63.59
N PHE J 79 -24.73 4.32 -63.29
CA PHE J 79 -25.88 5.04 -63.82
C PHE J 79 -25.40 6.16 -64.72
N THR J 80 -26.36 6.83 -65.38
CA THR J 80 -26.06 7.99 -66.21
C THR J 80 -27.13 9.03 -65.91
N LEU J 81 -26.77 10.01 -65.09
CA LEU J 81 -27.70 11.05 -64.65
C LEU J 81 -27.64 12.19 -65.66
N ASN J 82 -28.65 12.26 -66.53
CA ASN J 82 -28.72 13.28 -67.57
C ASN J 82 -29.57 14.43 -67.06
N VAL J 83 -28.98 15.61 -66.97
CA VAL J 83 -29.68 16.82 -66.57
C VAL J 83 -29.65 17.77 -67.75
N GLY J 84 -30.80 17.92 -68.42
CA GLY J 84 -30.86 18.71 -69.62
C GLY J 84 -30.72 20.19 -69.35
N ASP J 85 -30.75 20.96 -70.43
CA ASP J 85 -30.71 22.41 -70.32
C ASP J 85 -32.00 22.90 -69.67
N ASN J 86 -31.84 23.92 -68.82
CA ASN J 86 -32.91 24.57 -68.05
C ASN J 86 -33.55 23.61 -67.03
N ARG J 87 -32.73 22.75 -66.43
CA ARG J 87 -33.17 21.88 -65.34
C ARG J 87 -32.19 21.97 -64.18
N LEU J 88 -32.72 21.76 -62.97
CA LEU J 88 -31.92 21.65 -61.76
C LEU J 88 -32.31 20.37 -61.04
N VAL J 89 -31.35 19.81 -60.30
CA VAL J 89 -31.66 18.71 -59.38
C VAL J 89 -30.73 18.81 -58.18
N ASP J 90 -31.32 18.71 -56.99
CA ASP J 90 -30.56 18.56 -55.76
C ASP J 90 -30.36 17.07 -55.50
N LEU J 91 -29.14 16.69 -55.14
CA LEU J 91 -28.87 15.29 -54.87
C LEU J 91 -29.32 14.86 -53.48
N GLY J 92 -29.92 15.76 -52.69
CA GLY J 92 -30.49 15.35 -51.43
C GLY J 92 -31.69 14.44 -51.60
N SER J 93 -32.39 14.58 -52.71
CA SER J 93 -33.54 13.73 -53.03
C SER J 93 -33.15 12.45 -53.73
N SER J 94 -31.87 12.24 -54.01
CA SER J 94 -31.43 11.04 -54.71
C SER J 94 -31.38 9.85 -53.76
N TYR J 95 -31.89 8.72 -54.21
CA TYR J 95 -31.79 7.48 -53.46
C TYR J 95 -31.82 6.31 -54.43
N PHE J 96 -31.57 5.12 -53.88
CA PHE J 96 -31.60 3.89 -54.66
C PHE J 96 -32.89 3.14 -54.37
N ASP J 97 -33.28 2.29 -55.31
CA ASP J 97 -34.51 1.50 -55.22
C ASP J 97 -34.13 0.05 -55.45
N ILE J 98 -33.73 -0.62 -54.37
CA ILE J 98 -33.30 -2.00 -54.45
C ILE J 98 -34.52 -2.91 -54.40
N LYS J 99 -34.59 -3.85 -55.35
CA LYS J 99 -35.50 -4.98 -55.25
C LYS J 99 -34.66 -6.25 -55.28
N GLY J 100 -34.90 -7.12 -54.31
CA GLY J 100 -34.19 -8.38 -54.27
C GLY J 100 -34.94 -9.40 -53.46
N THR J 101 -34.24 -10.47 -53.12
CA THR J 101 -34.79 -11.49 -52.24
C THR J 101 -33.75 -11.84 -51.20
N LEU J 102 -34.20 -12.45 -50.11
CA LEU J 102 -33.38 -12.57 -48.92
C LEU J 102 -33.56 -13.94 -48.30
N ASP J 103 -32.46 -14.49 -47.81
CA ASP J 103 -32.45 -15.76 -47.09
C ASP J 103 -31.85 -15.51 -45.72
N ARG J 104 -32.53 -15.96 -44.68
CA ARG J 104 -32.15 -15.65 -43.31
C ARG J 104 -31.56 -16.84 -42.56
N GLY J 105 -31.61 -18.03 -43.13
CA GLY J 105 -30.96 -19.17 -42.55
C GLY J 105 -31.78 -19.78 -41.45
N PRO J 106 -31.27 -20.86 -40.84
CA PRO J 106 -32.02 -21.54 -39.79
C PRO J 106 -32.14 -20.75 -38.50
N SER J 107 -31.29 -19.74 -38.29
CA SER J 107 -31.22 -19.05 -37.01
C SER J 107 -32.35 -18.06 -36.78
N PHE J 108 -33.19 -17.81 -37.79
CA PHE J 108 -34.22 -16.79 -37.66
C PHE J 108 -35.40 -17.34 -36.88
N LYS J 109 -35.89 -16.55 -35.93
CA LYS J 109 -36.97 -16.94 -35.04
C LYS J 109 -37.60 -15.68 -34.45
N PRO J 110 -38.60 -15.11 -35.11
CA PRO J 110 -39.05 -13.77 -34.72
C PRO J 110 -40.10 -13.70 -33.62
N TYR J 111 -40.00 -14.53 -32.58
CA TYR J 111 -40.94 -14.50 -31.47
C TYR J 111 -40.33 -15.22 -30.29
N GLY J 112 -41.16 -15.56 -29.30
CA GLY J 112 -40.70 -16.28 -28.15
C GLY J 112 -41.63 -17.43 -27.84
N GLY J 113 -41.12 -18.37 -27.04
CA GLY J 113 -41.90 -19.54 -26.72
C GLY J 113 -42.04 -20.44 -27.93
N THR J 114 -43.27 -20.93 -28.15
CA THR J 114 -43.54 -21.78 -29.28
C THR J 114 -44.95 -21.51 -29.79
N ALA J 115 -45.24 -22.03 -30.98
CA ALA J 115 -46.55 -21.90 -31.58
C ALA J 115 -47.31 -23.22 -31.63
N TYR J 116 -46.73 -24.30 -31.12
CA TYR J 116 -47.33 -25.62 -31.18
C TYR J 116 -47.46 -26.16 -29.77
N ASN J 117 -48.69 -26.49 -29.39
CA ASN J 117 -49.06 -26.84 -28.02
C ASN J 117 -48.54 -25.85 -26.97
N PRO J 118 -48.91 -24.56 -27.06
CA PRO J 118 -48.28 -23.58 -26.17
C PRO J 118 -48.76 -23.66 -24.73
N LEU J 119 -49.93 -24.23 -24.49
CA LEU J 119 -50.47 -24.34 -23.14
C LEU J 119 -50.00 -25.60 -22.43
N ALA J 120 -49.28 -26.47 -23.12
CA ALA J 120 -48.84 -27.71 -22.51
C ALA J 120 -47.72 -27.46 -21.52
N PRO J 121 -47.63 -28.27 -20.47
CA PRO J 121 -46.41 -28.25 -19.65
C PRO J 121 -45.23 -28.75 -20.45
N LYS J 122 -44.04 -28.23 -20.11
CA LYS J 122 -42.84 -28.61 -20.83
C LYS J 122 -42.43 -30.04 -20.55
N SER J 123 -42.83 -30.58 -19.40
CA SER J 123 -42.56 -31.96 -19.04
C SER J 123 -43.53 -32.95 -19.66
N ALA J 124 -44.53 -32.49 -20.39
CA ALA J 124 -45.63 -33.35 -20.81
C ALA J 124 -45.26 -34.10 -22.09
N PRO J 125 -45.44 -35.42 -22.13
CA PRO J 125 -45.28 -36.15 -23.39
C PRO J 125 -46.58 -36.22 -24.17
N ILE J 126 -46.52 -36.74 -25.39
CA ILE J 126 -47.72 -37.02 -26.16
C ILE J 126 -48.06 -38.50 -26.01
N ASN J 127 -49.24 -38.88 -26.47
CA ASN J 127 -49.64 -40.28 -26.43
C ASN J 127 -48.86 -41.02 -27.50
N SER J 128 -47.78 -41.69 -27.11
CA SER J 128 -46.84 -42.23 -28.07
C SER J 128 -46.50 -43.66 -27.67
N ALA J 129 -45.48 -44.21 -28.33
CA ALA J 129 -45.00 -45.56 -28.06
C ALA J 129 -43.53 -45.61 -28.39
N PHE J 130 -42.70 -45.94 -27.40
CA PHE J 130 -41.26 -45.94 -27.55
C PHE J 130 -40.69 -47.28 -27.14
N THR J 131 -39.56 -47.63 -27.76
CA THR J 131 -38.92 -48.93 -27.59
C THR J 131 -37.66 -48.86 -26.74
N VAL J 132 -37.66 -48.03 -25.69
CA VAL J 132 -36.50 -47.96 -24.81
C VAL J 132 -36.45 -49.22 -23.95
N GLY J 133 -35.35 -49.96 -24.06
CA GLY J 133 -35.27 -51.30 -23.56
C GLY J 133 -35.48 -52.32 -24.67
N ASN J 134 -35.57 -53.58 -24.27
CA ASN J 134 -35.87 -54.66 -25.21
C ASN J 134 -37.36 -54.93 -25.33
N ASP J 135 -38.20 -54.08 -24.76
CA ASP J 135 -39.63 -54.14 -24.90
C ASP J 135 -40.12 -52.91 -25.64
N THR J 136 -41.44 -52.77 -25.75
CA THR J 136 -42.06 -51.54 -26.20
C THR J 136 -42.91 -51.00 -25.06
N HIS J 137 -43.12 -49.69 -25.08
CA HIS J 137 -43.88 -49.02 -24.04
C HIS J 137 -45.06 -48.29 -24.66
N PHE J 138 -46.06 -48.02 -23.85
CA PHE J 138 -47.21 -47.25 -24.30
C PHE J 138 -47.60 -46.24 -23.24
N VAL J 139 -47.92 -45.04 -23.69
CA VAL J 139 -48.40 -43.96 -22.85
C VAL J 139 -49.57 -43.32 -23.57
N ALA J 140 -50.68 -43.09 -22.86
CA ALA J 140 -51.86 -42.59 -23.54
C ALA J 140 -52.77 -41.89 -22.54
N GLN J 141 -53.58 -40.98 -23.07
CA GLN J 141 -54.85 -40.61 -22.45
C GLN J 141 -55.96 -41.11 -23.36
N LEU J 142 -57.04 -41.59 -22.75
CA LEU J 142 -58.20 -42.10 -23.46
C LEU J 142 -59.40 -41.23 -23.08
N PRO J 143 -59.52 -40.05 -23.69
CA PRO J 143 -60.53 -39.09 -23.24
C PRO J 143 -61.92 -39.48 -23.72
N GLN J 144 -62.02 -40.16 -24.86
CA GLN J 144 -63.28 -40.74 -25.27
C GLN J 144 -63.51 -42.03 -24.49
N THR J 145 -64.78 -42.35 -24.25
CA THR J 145 -65.17 -43.62 -23.68
C THR J 145 -66.33 -44.18 -24.49
N TYR J 146 -66.54 -45.49 -24.37
CA TYR J 146 -67.66 -46.14 -25.01
C TYR J 146 -68.04 -47.37 -24.20
N ALA J 147 -69.20 -47.94 -24.52
CA ALA J 147 -69.70 -49.08 -23.78
C ALA J 147 -68.97 -50.35 -24.21
N ALA J 148 -68.49 -51.12 -23.23
CA ALA J 148 -67.80 -52.38 -23.49
C ALA J 148 -67.99 -53.27 -22.28
N GLY J 149 -68.61 -54.43 -22.47
CA GLY J 149 -68.90 -55.34 -21.38
C GLY J 149 -67.69 -56.14 -20.95
N GLY J 150 -67.97 -57.21 -20.22
CA GLY J 150 -66.93 -58.14 -19.80
C GLY J 150 -66.38 -58.87 -21.00
N THR J 151 -65.07 -58.78 -21.22
CA THR J 151 -64.39 -59.11 -22.48
C THR J 151 -65.07 -58.38 -23.64
N GLY J 152 -64.93 -57.06 -23.60
CA GLY J 152 -65.47 -56.21 -24.63
C GLY J 152 -64.59 -56.10 -25.86
N VAL J 153 -64.18 -57.25 -26.40
CA VAL J 153 -63.34 -57.28 -27.59
C VAL J 153 -64.20 -57.23 -28.86
N THR J 154 -65.48 -57.59 -28.76
CA THR J 154 -66.37 -57.45 -29.91
C THR J 154 -66.63 -55.97 -30.22
N GLU J 155 -66.88 -55.17 -29.19
CA GLU J 155 -67.08 -53.74 -29.37
C GLU J 155 -65.78 -53.00 -29.68
N ALA J 156 -64.63 -53.62 -29.41
CA ALA J 156 -63.36 -53.00 -29.75
C ALA J 156 -63.05 -53.08 -31.24
N ILE J 157 -63.45 -54.17 -31.90
CA ILE J 157 -63.15 -54.34 -33.31
C ILE J 157 -64.05 -53.46 -34.17
N GLN J 158 -65.28 -53.21 -33.75
CA GLN J 158 -66.23 -52.44 -34.54
C GLN J 158 -65.92 -50.95 -34.59
N GLN J 159 -64.94 -50.47 -33.81
CA GLN J 159 -64.52 -49.08 -33.91
C GLN J 159 -63.69 -48.89 -35.17
N GLN J 160 -64.25 -48.18 -36.15
CA GLN J 160 -63.53 -47.85 -37.36
C GLN J 160 -62.88 -46.49 -37.20
N VAL J 161 -61.66 -46.35 -37.72
CA VAL J 161 -60.88 -45.15 -37.45
C VAL J 161 -60.51 -44.37 -38.71
N SER J 162 -59.67 -44.95 -39.58
CA SER J 162 -59.28 -44.38 -40.87
C SER J 162 -58.68 -42.97 -40.75
N GLY J 163 -57.84 -42.76 -39.75
CA GLY J 163 -57.03 -41.56 -39.71
C GLY J 163 -57.63 -40.32 -39.09
N VAL J 164 -58.69 -39.78 -39.70
CA VAL J 164 -59.13 -38.42 -39.34
C VAL J 164 -59.90 -38.43 -38.02
N ASP J 165 -60.57 -39.53 -37.69
CA ASP J 165 -61.19 -39.61 -36.38
C ASP J 165 -60.80 -40.92 -35.68
N PRO J 166 -60.74 -40.97 -34.33
CA PRO J 166 -61.07 -40.06 -33.23
C PRO J 166 -60.27 -38.76 -33.20
N ASN J 167 -60.99 -37.65 -33.08
CA ASN J 167 -60.35 -36.34 -33.00
C ASN J 167 -59.61 -36.23 -31.67
N PRO J 168 -58.37 -35.74 -31.67
CA PRO J 168 -57.63 -35.62 -30.39
C PRO J 168 -58.13 -34.55 -29.43
N GLN J 169 -59.24 -33.87 -29.72
CA GLN J 169 -59.68 -32.76 -28.88
C GLN J 169 -61.14 -32.86 -28.47
N VAL J 170 -61.87 -33.87 -28.91
CA VAL J 170 -63.30 -33.92 -28.60
C VAL J 170 -63.55 -34.47 -27.19
N GLY J 171 -62.86 -35.54 -26.82
CA GLY J 171 -62.83 -36.04 -25.44
C GLY J 171 -64.16 -36.52 -24.88
N GLN J 172 -64.33 -36.24 -23.58
CA GLN J 172 -65.57 -36.52 -22.87
C GLN J 172 -66.69 -35.60 -23.34
N PRO J 173 -67.93 -35.85 -22.94
CA PRO J 173 -68.94 -34.79 -22.99
C PRO J 173 -68.58 -33.62 -22.08
N ASN J 174 -69.29 -32.51 -22.29
CA ASN J 174 -68.84 -31.20 -21.80
C ASN J 174 -68.90 -31.09 -20.29
N TYR J 175 -70.09 -31.26 -19.71
CA TYR J 175 -70.32 -30.89 -18.32
C TYR J 175 -70.30 -32.08 -17.39
N ALA J 176 -69.79 -33.22 -17.84
CA ALA J 176 -69.48 -34.31 -16.94
C ALA J 176 -68.22 -33.97 -16.15
N GLY J 177 -68.27 -34.18 -14.84
CA GLY J 177 -67.21 -33.76 -13.97
C GLY J 177 -65.98 -34.64 -14.02
N PRO J 178 -65.27 -34.75 -12.90
CA PRO J 178 -64.06 -35.58 -12.83
C PRO J 178 -64.39 -37.05 -12.58
N VAL J 179 -65.21 -37.62 -13.44
CA VAL J 179 -65.75 -38.95 -13.23
C VAL J 179 -64.69 -39.99 -13.51
N VAL J 180 -64.56 -40.97 -12.61
CA VAL J 180 -63.72 -42.13 -12.87
C VAL J 180 -64.52 -43.09 -13.75
N VAL J 181 -63.82 -43.75 -14.65
CA VAL J 181 -64.51 -44.65 -15.58
C VAL J 181 -64.46 -46.06 -15.04
N ASN J 182 -65.57 -46.78 -15.21
CA ASN J 182 -65.59 -48.20 -14.90
C ASN J 182 -64.81 -48.91 -16.00
N THR J 183 -63.55 -49.27 -15.69
CA THR J 183 -62.71 -49.92 -16.68
C THR J 183 -63.24 -51.31 -17.04
N THR J 184 -63.93 -51.95 -16.10
CA THR J 184 -64.64 -53.19 -16.40
C THR J 184 -65.81 -52.95 -17.37
N ASN J 185 -66.39 -51.75 -17.34
CA ASN J 185 -67.57 -51.46 -18.16
C ASN J 185 -67.33 -50.43 -19.26
N ASN J 186 -66.16 -49.80 -19.32
CA ASN J 186 -65.84 -48.86 -20.38
C ASN J 186 -64.39 -49.03 -20.78
N ALA J 187 -64.12 -49.01 -22.09
CA ALA J 187 -62.77 -49.23 -22.61
C ALA J 187 -62.03 -47.92 -22.88
N GLY J 188 -62.53 -47.12 -23.80
CA GLY J 188 -61.85 -45.88 -24.13
C GLY J 188 -61.21 -45.92 -25.52
N LEU J 189 -60.92 -44.74 -26.03
CA LEU J 189 -60.45 -44.58 -27.41
C LEU J 189 -59.68 -43.28 -27.55
N GLY J 190 -58.49 -43.36 -28.16
CA GLY J 190 -57.63 -42.22 -28.36
C GLY J 190 -56.80 -42.40 -29.61
N ARG J 191 -55.58 -41.85 -29.60
CA ARG J 191 -54.64 -41.99 -30.70
C ARG J 191 -53.23 -42.16 -30.16
N ILE J 192 -52.45 -43.02 -30.83
CA ILE J 192 -51.05 -43.26 -30.54
C ILE J 192 -50.27 -42.90 -31.79
N VAL J 193 -49.00 -42.58 -31.64
CA VAL J 193 -48.05 -42.65 -32.74
C VAL J 193 -47.12 -43.85 -32.52
N SER J 194 -47.02 -44.71 -33.54
CA SER J 194 -46.24 -45.92 -33.42
C SER J 194 -44.75 -45.61 -33.34
N ALA J 195 -43.99 -46.60 -32.89
CA ALA J 195 -42.55 -46.45 -32.76
C ALA J 195 -41.84 -46.52 -34.10
N ASP J 196 -42.44 -47.20 -35.08
CA ASP J 196 -41.88 -47.30 -36.43
C ASP J 196 -42.14 -45.99 -37.15
N SER J 197 -41.36 -44.97 -36.80
CA SER J 197 -41.51 -43.62 -37.32
C SER J 197 -40.17 -42.93 -37.30
N GLU J 198 -39.79 -42.32 -38.42
CA GLU J 198 -38.51 -41.65 -38.53
C GLU J 198 -38.51 -40.36 -37.70
N GLY J 199 -37.33 -40.02 -37.20
CA GLY J 199 -37.15 -38.80 -36.44
C GLY J 199 -37.07 -39.03 -34.94
N GLN J 200 -36.58 -38.01 -34.25
CA GLN J 200 -36.44 -38.06 -32.80
C GLN J 200 -37.79 -37.84 -32.14
N GLN J 201 -38.09 -38.66 -31.14
CA GLN J 201 -39.30 -38.47 -30.36
C GLN J 201 -39.18 -37.21 -29.52
N PHE J 202 -40.26 -36.44 -29.46
CA PHE J 202 -40.27 -35.13 -28.85
C PHE J 202 -41.45 -34.99 -27.91
N PRO J 203 -41.35 -34.16 -26.84
CA PRO J 203 -42.50 -33.94 -25.96
C PRO J 203 -43.66 -33.18 -26.58
N CYS J 204 -44.67 -32.86 -25.76
CA CYS J 204 -45.86 -32.21 -26.29
C CYS J 204 -45.59 -30.76 -26.65
N TYR J 205 -44.82 -30.05 -25.81
CA TYR J 205 -44.58 -28.63 -25.98
C TYR J 205 -43.68 -28.35 -27.18
N GLY J 206 -44.29 -28.08 -28.32
CA GLY J 206 -43.55 -27.78 -29.53
C GLY J 206 -43.52 -28.86 -30.57
N ALA J 207 -44.34 -29.90 -30.44
CA ALA J 207 -44.35 -31.00 -31.38
C ALA J 207 -45.17 -30.62 -32.60
N TYR J 208 -44.67 -30.99 -33.78
CA TYR J 208 -45.33 -30.65 -35.03
C TYR J 208 -45.17 -31.80 -36.02
N ALA J 209 -46.19 -31.99 -36.85
CA ALA J 209 -46.17 -32.97 -37.88
C ALA J 209 -47.03 -32.42 -39.02
N PRO J 210 -46.52 -32.42 -40.26
CA PRO J 210 -47.23 -31.73 -41.36
C PRO J 210 -48.48 -32.49 -41.75
N PRO J 211 -49.57 -31.79 -42.04
CA PRO J 211 -50.80 -32.46 -42.46
C PRO J 211 -50.67 -32.99 -43.87
N GLN J 212 -51.33 -34.12 -44.13
CA GLN J 212 -51.18 -34.78 -45.41
C GLN J 212 -52.23 -34.36 -46.42
N SER J 213 -53.50 -34.39 -46.04
CA SER J 213 -54.57 -33.95 -46.93
C SER J 213 -55.29 -32.76 -46.32
N ALA J 214 -56.24 -32.20 -47.08
CA ALA J 214 -57.02 -31.08 -46.61
C ALA J 214 -58.01 -31.46 -45.53
N GLY J 215 -58.31 -32.76 -45.38
CA GLY J 215 -59.12 -33.23 -44.28
C GLY J 215 -58.40 -33.27 -42.94
N GLY J 216 -57.09 -33.01 -42.93
CA GLY J 216 -56.35 -32.87 -41.71
C GLY J 216 -55.73 -34.13 -41.17
N ASP J 217 -55.62 -35.18 -41.97
CA ASP J 217 -54.96 -36.39 -41.49
C ASP J 217 -53.45 -36.16 -41.39
N VAL J 218 -52.84 -36.80 -40.39
CA VAL J 218 -51.45 -36.53 -40.07
C VAL J 218 -50.54 -37.72 -40.34
N SER J 219 -51.00 -38.95 -40.14
CA SER J 219 -50.23 -40.13 -40.49
C SER J 219 -50.05 -40.24 -41.99
N THR J 220 -48.86 -40.62 -42.43
CA THR J 220 -48.58 -40.72 -43.86
C THR J 220 -48.83 -42.11 -44.42
N ALA J 221 -48.79 -43.16 -43.61
CA ALA J 221 -49.14 -44.50 -44.04
C ALA J 221 -50.52 -44.86 -43.49
N ALA J 222 -50.88 -46.14 -43.60
CA ALA J 222 -52.18 -46.62 -43.15
C ALA J 222 -52.26 -46.60 -41.62
N VAL J 223 -53.46 -46.80 -41.10
CA VAL J 223 -53.77 -46.63 -39.68
C VAL J 223 -54.09 -47.98 -39.07
N THR J 224 -53.42 -48.32 -37.98
CA THR J 224 -53.56 -49.60 -37.31
C THR J 224 -54.05 -49.35 -35.88
N LYS J 225 -54.85 -50.26 -35.36
CA LYS J 225 -55.30 -50.15 -33.97
C LYS J 225 -54.35 -50.91 -33.05
N THR J 226 -54.34 -50.50 -31.78
CA THR J 226 -53.36 -51.04 -30.82
C THR J 226 -54.05 -51.24 -29.47
N TYR J 227 -54.39 -52.48 -29.15
CA TYR J 227 -55.22 -52.77 -27.99
C TYR J 227 -54.35 -52.94 -26.75
N ILE J 228 -54.93 -52.62 -25.59
CA ILE J 228 -54.23 -52.67 -24.30
C ILE J 228 -55.16 -53.23 -23.24
N ASN J 229 -54.65 -53.31 -22.01
CA ASN J 229 -55.36 -53.86 -20.87
C ASN J 229 -54.99 -53.08 -19.64
N THR J 230 -55.90 -53.03 -18.69
CA THR J 230 -55.60 -52.48 -17.38
C THR J 230 -56.03 -53.41 -16.25
N THR J 231 -57.16 -54.08 -16.40
CA THR J 231 -57.78 -54.83 -15.31
C THR J 231 -57.02 -56.14 -15.07
N ASN J 232 -57.53 -56.92 -14.10
CA ASN J 232 -56.95 -58.21 -13.80
C ASN J 232 -57.39 -59.29 -14.77
N ASN J 233 -58.33 -59.01 -15.66
CA ASN J 233 -58.71 -59.95 -16.69
C ASN J 233 -57.60 -60.03 -17.73
N ASN J 234 -57.15 -61.25 -18.01
CA ASN J 234 -56.04 -61.43 -18.94
C ASN J 234 -56.45 -61.22 -20.38
N GLY J 235 -57.72 -61.42 -20.69
CA GLY J 235 -58.16 -61.34 -22.08
C GLY J 235 -59.22 -60.31 -22.36
N ARG J 236 -59.14 -59.12 -21.75
CA ARG J 236 -60.12 -58.07 -21.95
C ARG J 236 -59.46 -56.80 -22.45
N VAL J 237 -59.86 -56.33 -23.61
CA VAL J 237 -59.36 -55.09 -24.18
C VAL J 237 -60.06 -53.92 -23.51
N SER J 238 -59.28 -52.99 -22.96
CA SER J 238 -59.84 -51.79 -22.35
C SER J 238 -59.23 -50.54 -22.97
N GLY J 239 -59.19 -50.51 -24.30
CA GLY J 239 -58.67 -49.37 -25.03
C GLY J 239 -58.18 -49.77 -26.41
N THR J 240 -58.49 -48.97 -27.42
CA THR J 240 -58.24 -49.33 -28.83
C THR J 240 -57.19 -48.45 -29.50
N MET J 241 -57.37 -47.13 -29.47
CA MET J 241 -56.34 -46.08 -29.68
C MET J 241 -55.48 -46.30 -30.94
N ALA J 242 -56.12 -46.09 -32.08
CA ALA J 242 -55.50 -46.28 -33.39
C ALA J 242 -54.20 -45.50 -33.56
N THR J 243 -53.21 -46.13 -34.20
CA THR J 243 -51.85 -45.61 -34.22
C THR J 243 -51.55 -44.90 -35.55
N ASP J 244 -50.42 -44.20 -35.57
CA ASP J 244 -50.01 -43.38 -36.71
C ASP J 244 -48.57 -43.65 -37.12
N THR J 245 -48.05 -42.85 -38.05
CA THR J 245 -46.62 -42.76 -38.30
C THR J 245 -46.28 -41.33 -38.69
N ILE J 246 -45.21 -40.80 -38.12
CA ILE J 246 -44.93 -39.37 -38.07
C ILE J 246 -43.48 -39.16 -38.45
N THR J 247 -43.20 -38.07 -39.19
CA THR J 247 -41.83 -37.73 -39.53
C THR J 247 -41.05 -37.08 -38.38
N TRP J 248 -41.73 -36.67 -37.30
CA TRP J 248 -41.16 -36.26 -36.02
C TRP J 248 -40.20 -35.07 -36.16
N GLU J 249 -40.74 -33.93 -36.53
CA GLU J 249 -39.96 -32.71 -36.53
C GLU J 249 -40.42 -31.79 -35.40
N ASN J 250 -39.46 -31.05 -34.84
CA ASN J 250 -39.72 -30.02 -33.84
C ASN J 250 -39.25 -28.67 -34.39
N PRO J 251 -40.05 -28.02 -35.23
CA PRO J 251 -39.74 -26.62 -35.53
C PRO J 251 -40.03 -25.79 -34.30
N ASP J 252 -39.09 -24.90 -33.98
CA ASP J 252 -39.21 -23.88 -32.94
C ASP J 252 -39.31 -24.49 -31.53
N ALA J 253 -38.32 -25.31 -31.18
CA ALA J 253 -38.09 -25.79 -29.81
C ALA J 253 -36.74 -26.49 -29.77
N HIS J 254 -36.30 -26.82 -28.56
CA HIS J 254 -35.11 -27.61 -28.35
C HIS J 254 -35.24 -28.33 -27.02
N PHE J 255 -34.25 -29.17 -26.70
CA PHE J 255 -34.26 -29.94 -25.46
C PHE J 255 -33.57 -29.15 -24.36
N ALA J 256 -34.28 -28.91 -23.26
CA ALA J 256 -33.68 -28.31 -22.09
C ALA J 256 -33.06 -29.34 -21.16
N ASP J 257 -33.58 -30.55 -21.14
CA ASP J 257 -33.00 -31.65 -20.37
C ASP J 257 -33.43 -32.93 -21.04
N PHE J 258 -32.50 -33.62 -21.68
CA PHE J 258 -32.79 -34.85 -22.40
C PHE J 258 -32.02 -35.98 -21.74
N VAL J 259 -32.76 -36.86 -21.06
CA VAL J 259 -32.18 -38.09 -20.55
C VAL J 259 -32.78 -39.33 -21.20
N ASP J 260 -33.98 -39.23 -21.78
CA ASP J 260 -34.63 -40.35 -22.45
C ASP J 260 -35.63 -39.77 -23.43
N ASP J 261 -36.10 -40.61 -24.36
CA ASP J 261 -37.11 -40.19 -25.31
C ASP J 261 -38.43 -39.86 -24.62
N ARG J 262 -38.78 -40.64 -23.60
CA ARG J 262 -39.90 -40.28 -22.74
C ARG J 262 -39.53 -39.13 -21.80
N ARG J 263 -38.41 -39.29 -21.09
CA ARG J 263 -38.03 -38.41 -20.00
C ARG J 263 -37.23 -37.24 -20.56
N ALA J 264 -37.96 -36.22 -21.02
CA ALA J 264 -37.34 -35.06 -21.64
C ALA J 264 -38.27 -33.88 -21.55
N THR J 265 -37.71 -32.71 -21.24
CA THR J 265 -38.45 -31.45 -21.33
C THR J 265 -38.35 -30.88 -22.72
N ALA J 266 -38.89 -29.68 -22.87
CA ALA J 266 -38.71 -28.89 -24.08
C ALA J 266 -38.59 -27.43 -23.66
N ALA J 267 -38.00 -26.64 -24.55
CA ALA J 267 -37.93 -25.21 -24.37
C ALA J 267 -37.90 -24.57 -25.74
N GLY J 268 -38.66 -23.48 -25.90
CA GLY J 268 -38.64 -22.75 -27.14
C GLY J 268 -37.28 -22.11 -27.37
N ASN J 269 -36.95 -21.90 -28.64
CA ASN J 269 -35.62 -21.40 -28.96
C ASN J 269 -35.51 -19.93 -28.59
N ARG J 270 -34.28 -19.43 -28.59
CA ARG J 270 -34.06 -18.04 -28.24
C ARG J 270 -34.56 -17.14 -29.36
N PRO J 271 -35.18 -16.01 -29.03
CA PRO J 271 -35.62 -15.07 -30.07
C PRO J 271 -34.44 -14.47 -30.81
N ASN J 272 -34.55 -14.44 -32.13
CA ASN J 272 -33.47 -13.96 -32.98
C ASN J 272 -34.12 -13.21 -34.13
N TYR J 273 -34.28 -11.89 -33.96
CA TYR J 273 -34.81 -11.05 -35.02
C TYR J 273 -33.69 -10.67 -35.97
N ILE J 274 -33.88 -10.97 -37.25
CA ILE J 274 -32.86 -10.69 -38.26
C ILE J 274 -33.45 -9.75 -39.31
N GLY J 275 -32.91 -8.55 -39.39
CA GLY J 275 -33.33 -7.58 -40.39
C GLY J 275 -32.19 -6.68 -40.79
N PHE J 276 -32.46 -5.64 -41.55
CA PHE J 276 -31.39 -4.72 -41.90
C PHE J 276 -31.04 -3.83 -40.71
N ARG J 277 -29.92 -3.13 -40.84
CA ARG J 277 -29.52 -2.20 -39.80
C ARG J 277 -30.27 -0.89 -39.96
N ASP J 278 -30.13 0.00 -38.97
CA ASP J 278 -30.75 1.31 -39.09
C ASP J 278 -30.04 2.15 -40.14
N ASN J 279 -30.82 2.90 -40.90
CA ASN J 279 -30.38 3.77 -42.00
C ASN J 279 -29.64 3.00 -43.10
N PHE J 280 -29.86 1.69 -43.17
CA PHE J 280 -29.18 0.75 -44.08
C PHE J 280 -27.67 0.89 -44.00
N ILE J 281 -27.16 0.96 -42.77
CA ILE J 281 -25.73 0.96 -42.53
C ILE J 281 -25.16 -0.40 -42.88
N GLY J 282 -24.09 -0.41 -43.67
CA GLY J 282 -23.51 -1.64 -44.15
C GLY J 282 -24.08 -2.12 -45.46
N MET J 283 -24.99 -1.38 -46.07
CA MET J 283 -25.45 -1.74 -47.41
C MET J 283 -24.42 -1.39 -48.47
N MET J 284 -23.67 -0.31 -48.23
CA MET J 284 -22.88 0.34 -49.26
C MET J 284 -21.45 0.52 -48.79
N TYR J 285 -20.53 0.52 -49.74
CA TYR J 285 -19.10 0.64 -49.42
C TYR J 285 -18.74 2.11 -49.24
N TYR J 286 -18.90 2.60 -48.02
CA TYR J 286 -18.29 3.86 -47.63
C TYR J 286 -16.93 3.57 -47.02
N ASN J 287 -15.96 4.44 -47.31
CA ASN J 287 -14.59 4.40 -46.79
C ASN J 287 -13.84 3.14 -47.18
N SER J 288 -14.27 2.44 -48.21
CA SER J 288 -13.57 1.24 -48.65
C SER J 288 -12.37 1.61 -49.49
N GLY J 289 -11.37 0.74 -49.49
CA GLY J 289 -10.17 1.00 -50.24
C GLY J 289 -10.33 0.80 -51.74
N SER J 290 -10.50 -0.45 -52.15
CA SER J 290 -10.61 -0.75 -53.57
C SER J 290 -12.01 -0.48 -54.09
N ASN J 291 -13.01 -0.61 -53.23
CA ASN J 291 -14.41 -0.49 -53.63
C ASN J 291 -14.95 0.92 -53.44
N THR J 292 -14.25 1.92 -53.95
CA THR J 292 -14.75 3.27 -53.88
C THR J 292 -15.85 3.48 -54.91
N GLY J 293 -16.68 4.48 -54.65
CA GLY J 293 -17.70 4.86 -55.61
C GLY J 293 -17.15 5.83 -56.64
N SER J 294 -18.07 6.41 -57.41
CA SER J 294 -17.68 7.32 -58.47
C SER J 294 -18.82 8.26 -58.77
N PHE J 295 -18.58 9.56 -58.67
CA PHE J 295 -19.47 10.56 -59.23
C PHE J 295 -18.66 11.51 -60.10
N SER J 296 -18.75 11.32 -61.40
CA SER J 296 -18.02 12.15 -62.35
C SER J 296 -18.98 12.55 -63.46
N SER J 297 -18.49 13.35 -64.38
CA SER J 297 -19.28 13.73 -65.54
C SER J 297 -18.99 12.76 -66.68
N GLN J 298 -19.65 12.99 -67.82
CA GLN J 298 -19.15 12.41 -69.06
C GLN J 298 -18.22 13.42 -69.71
N THR J 299 -17.50 12.95 -70.73
CA THR J 299 -16.43 13.67 -71.43
C THR J 299 -15.32 14.15 -70.50
N GLN J 300 -15.17 13.48 -69.36
CA GLN J 300 -14.27 13.80 -68.27
C GLN J 300 -14.46 12.66 -67.29
N GLN J 301 -13.45 12.31 -66.50
CA GLN J 301 -13.65 11.20 -65.58
C GLN J 301 -13.04 11.51 -64.21
N LEU J 302 -13.04 12.78 -63.82
CA LEU J 302 -12.50 13.13 -62.51
C LEU J 302 -13.48 12.71 -61.43
N ASN J 303 -13.07 11.73 -60.63
CA ASN J 303 -13.90 11.24 -59.54
C ASN J 303 -13.95 12.28 -58.43
N ILE J 304 -15.16 12.72 -58.09
CA ILE J 304 -15.33 13.64 -56.97
C ILE J 304 -15.08 12.92 -55.65
N VAL J 305 -15.62 11.72 -55.50
CA VAL J 305 -15.55 11.01 -54.23
C VAL J 305 -14.13 10.46 -54.07
N LEU J 306 -13.30 11.20 -53.36
CA LEU J 306 -11.95 10.75 -53.00
C LEU J 306 -12.03 10.28 -51.57
N ASP J 307 -12.21 8.97 -51.41
CA ASP J 307 -12.63 8.39 -50.13
C ASP J 307 -11.43 7.78 -49.42
N LEU J 308 -11.38 7.99 -48.11
CA LEU J 308 -10.23 7.61 -47.29
C LEU J 308 -10.64 6.55 -46.27
N ASN J 309 -9.67 6.06 -45.51
CA ASN J 309 -9.94 5.11 -44.44
C ASN J 309 -10.07 5.78 -43.08
N ASP J 310 -9.57 7.01 -42.93
CA ASP J 310 -9.65 7.74 -41.68
C ASP J 310 -11.02 8.36 -41.43
N ARG J 311 -11.86 8.43 -42.45
CA ARG J 311 -13.19 9.01 -42.34
C ARG J 311 -14.17 7.93 -41.89
N ASN J 312 -15.26 8.35 -41.26
CA ASN J 312 -16.35 7.45 -40.88
C ASN J 312 -17.65 8.09 -41.38
N SER J 313 -18.04 7.75 -42.60
CA SER J 313 -19.21 8.37 -43.22
C SER J 313 -20.52 7.78 -42.74
N GLU J 314 -20.48 6.58 -42.15
CA GLU J 314 -21.69 5.97 -41.64
C GLU J 314 -21.95 6.27 -40.18
N LEU J 315 -20.96 6.79 -39.46
CA LEU J 315 -21.21 7.36 -38.14
C LEU J 315 -21.51 8.84 -38.23
N SER J 316 -20.96 9.53 -39.24
CA SER J 316 -21.27 10.93 -39.49
C SER J 316 -22.76 11.13 -39.78
N TYR J 317 -23.38 10.18 -40.46
CA TYR J 317 -24.82 10.25 -40.70
C TYR J 317 -25.62 9.94 -39.46
N GLN J 318 -25.07 9.18 -38.52
CA GLN J 318 -25.80 8.87 -37.30
C GLN J 318 -25.84 10.06 -36.35
N TYR J 319 -24.77 10.84 -36.30
CA TYR J 319 -24.78 12.01 -35.43
C TYR J 319 -25.49 13.18 -36.08
N LEU J 320 -25.49 13.25 -37.41
CA LEU J 320 -26.22 14.32 -38.09
C LEU J 320 -27.72 14.12 -37.98
N LEU J 321 -28.18 12.88 -38.13
CA LEU J 321 -29.60 12.60 -38.05
C LEU J 321 -30.12 12.70 -36.63
N ALA J 322 -29.26 12.51 -35.62
CA ALA J 322 -29.67 12.72 -34.24
C ALA J 322 -29.62 14.18 -33.83
N ASP J 323 -28.98 15.03 -34.62
CA ASP J 323 -28.94 16.46 -34.34
C ASP J 323 -30.06 17.22 -35.04
N LEU J 324 -30.45 16.80 -36.24
CA LEU J 324 -31.55 17.46 -36.94
C LEU J 324 -32.88 17.14 -36.27
N THR J 325 -33.18 15.86 -36.11
CA THR J 325 -34.46 15.41 -35.58
C THR J 325 -34.26 14.76 -34.23
N SER J 326 -35.35 14.25 -33.68
CA SER J 326 -35.32 13.42 -32.49
C SER J 326 -35.38 11.95 -32.91
N ARG J 327 -34.77 11.09 -32.11
CA ARG J 327 -34.64 9.69 -32.45
C ARG J 327 -35.78 8.84 -31.91
N TRP J 328 -36.80 9.45 -31.29
CA TRP J 328 -37.92 8.68 -30.78
C TRP J 328 -38.80 8.14 -31.90
N HIS J 329 -38.81 8.78 -33.07
CA HIS J 329 -39.76 8.47 -34.12
C HIS J 329 -39.22 7.39 -35.04
N TYR J 330 -40.12 6.52 -35.49
CA TYR J 330 -39.78 5.42 -36.40
C TYR J 330 -40.20 5.84 -37.81
N PHE J 331 -39.23 6.07 -38.67
CA PHE J 331 -39.49 6.50 -40.04
C PHE J 331 -39.13 5.33 -40.95
N ALA J 332 -40.13 4.74 -41.59
CA ALA J 332 -39.97 3.46 -42.26
C ALA J 332 -39.33 3.57 -43.64
N LEU J 333 -39.13 4.76 -44.18
CA LEU J 333 -38.56 4.86 -45.52
C LEU J 333 -37.08 4.52 -45.50
N TRP J 334 -36.30 5.29 -44.72
CA TRP J 334 -34.87 5.08 -44.64
C TRP J 334 -34.49 4.01 -43.65
N ASN J 335 -35.45 3.18 -43.21
CA ASN J 335 -35.27 2.20 -42.13
C ASN J 335 -34.76 2.90 -40.87
N GLN J 336 -35.33 4.06 -40.58
CA GLN J 336 -34.87 4.94 -39.52
C GLN J 336 -35.54 4.48 -38.23
N ALA J 337 -34.85 3.65 -37.47
CA ALA J 337 -35.37 3.10 -36.23
C ALA J 337 -34.20 2.71 -35.35
N VAL J 338 -34.15 3.25 -34.13
CA VAL J 338 -32.92 3.27 -33.36
C VAL J 338 -32.59 1.91 -32.78
N ASP J 339 -31.36 1.77 -32.29
CA ASP J 339 -31.00 0.68 -31.41
C ASP J 339 -31.09 1.20 -29.98
N ASP J 340 -32.04 0.70 -29.22
CA ASP J 340 -32.18 1.03 -27.81
C ASP J 340 -32.20 -0.25 -26.99
N TYR J 341 -32.18 -0.07 -25.67
CA TYR J 341 -32.31 -1.18 -24.74
C TYR J 341 -33.49 -0.86 -23.83
N ASP J 342 -33.68 -1.64 -22.77
CA ASP J 342 -34.73 -1.37 -21.81
C ASP J 342 -34.11 -0.87 -20.52
N HIS J 343 -34.72 0.17 -19.94
CA HIS J 343 -34.27 0.76 -18.70
C HIS J 343 -34.38 -0.18 -17.50
N HIS J 344 -35.09 -1.31 -17.63
CA HIS J 344 -35.20 -2.28 -16.55
C HIS J 344 -34.66 -3.65 -16.95
N VAL J 345 -33.80 -3.71 -17.96
CA VAL J 345 -33.00 -4.90 -18.28
C VAL J 345 -31.52 -4.63 -18.05
N ARG J 346 -31.00 -3.55 -18.61
CA ARG J 346 -30.00 -2.78 -17.88
C ARG J 346 -30.69 -2.08 -16.73
N ILE J 347 -29.91 -1.29 -15.98
CA ILE J 347 -29.89 -1.30 -14.52
C ILE J 347 -31.25 -1.56 -13.89
N LEU J 348 -31.34 -2.62 -13.10
CA LEU J 348 -32.63 -3.20 -12.74
C LEU J 348 -33.00 -2.80 -11.32
N GLU J 349 -34.24 -2.37 -11.15
CA GLU J 349 -34.74 -1.98 -9.83
C GLU J 349 -35.38 -3.24 -9.23
N ASN J 350 -34.54 -4.06 -8.59
CA ASN J 350 -35.04 -5.25 -7.92
C ASN J 350 -35.79 -4.82 -6.67
N ASP J 351 -37.13 -4.90 -6.73
CA ASP J 351 -37.98 -4.41 -5.66
C ASP J 351 -38.95 -5.48 -5.19
N GLY J 352 -38.62 -6.75 -5.42
CA GLY J 352 -39.50 -7.83 -5.05
C GLY J 352 -40.77 -7.85 -5.88
N TYR J 353 -41.90 -7.66 -5.23
CA TYR J 353 -43.22 -7.76 -5.84
C TYR J 353 -44.23 -7.19 -4.87
N GLU J 354 -45.36 -6.75 -5.41
CA GLU J 354 -46.45 -6.26 -4.57
C GLU J 354 -47.32 -7.45 -4.17
N GLU J 355 -47.16 -7.89 -2.93
CA GLU J 355 -47.93 -9.02 -2.44
C GLU J 355 -49.36 -8.60 -2.10
N GLY J 356 -50.21 -9.58 -1.85
CA GLY J 356 -51.60 -9.31 -1.54
C GLY J 356 -52.34 -10.51 -1.00
N PRO J 357 -53.61 -10.63 -1.39
CA PRO J 357 -54.41 -11.80 -0.98
C PRO J 357 -53.93 -13.04 -1.70
N PRO J 358 -54.25 -14.24 -1.21
CA PRO J 358 -53.79 -15.46 -1.89
C PRO J 358 -54.46 -15.65 -3.23
N ASN J 359 -53.65 -15.99 -4.23
CA ASN J 359 -54.10 -16.11 -5.61
C ASN J 359 -54.36 -17.59 -5.88
N LEU J 360 -55.57 -18.02 -5.56
CA LEU J 360 -55.96 -19.42 -5.56
C LEU J 360 -56.44 -19.85 -6.95
N ALA J 361 -56.45 -21.16 -7.16
CA ALA J 361 -57.01 -21.75 -8.36
C ALA J 361 -57.80 -22.98 -7.96
N PHE J 362 -59.02 -23.09 -8.48
CA PHE J 362 -60.01 -24.06 -8.02
C PHE J 362 -60.43 -24.96 -9.17
N PRO J 363 -60.84 -26.20 -8.89
CA PRO J 363 -61.31 -27.06 -9.96
C PRO J 363 -62.68 -26.62 -10.47
N PRO J 364 -62.94 -26.75 -11.76
CA PRO J 364 -64.13 -26.12 -12.35
C PRO J 364 -65.44 -26.87 -12.11
N HIS J 365 -65.43 -27.97 -11.37
CA HIS J 365 -66.64 -28.74 -11.06
C HIS J 365 -67.10 -28.50 -9.63
N VAL J 366 -67.03 -27.25 -9.19
CA VAL J 366 -66.53 -26.80 -7.88
C VAL J 366 -66.90 -27.68 -6.68
N ILE J 367 -68.06 -28.33 -6.69
CA ILE J 367 -68.44 -29.16 -5.56
C ILE J 367 -67.76 -30.52 -5.68
N SER J 368 -67.08 -30.94 -4.61
CA SER J 368 -66.35 -32.20 -4.53
C SER J 368 -65.85 -32.40 -3.11
N ASN J 369 -65.74 -33.67 -2.72
CA ASN J 369 -64.79 -34.04 -1.67
C ASN J 369 -63.37 -33.78 -2.19
N PRO J 370 -62.41 -33.52 -1.31
CA PRO J 370 -61.04 -33.27 -1.78
C PRO J 370 -60.34 -34.48 -2.38
N PHE J 371 -60.91 -35.68 -2.31
CA PHE J 371 -60.29 -36.83 -2.95
C PHE J 371 -61.28 -37.76 -3.65
N ALA J 372 -62.54 -37.37 -3.79
CA ALA J 372 -63.54 -38.17 -4.49
C ALA J 372 -64.70 -37.26 -4.86
N PRO J 373 -65.64 -37.73 -5.66
CA PRO J 373 -66.97 -37.11 -5.68
C PRO J 373 -67.89 -37.80 -4.69
N ALA J 374 -69.08 -37.26 -4.44
CA ALA J 374 -70.03 -37.96 -3.57
C ALA J 374 -71.40 -37.93 -4.26
N ALA J 375 -71.65 -38.93 -5.09
CA ALA J 375 -72.89 -39.02 -5.86
C ALA J 375 -73.79 -40.10 -5.26
N VAL J 376 -74.37 -39.79 -4.11
CA VAL J 376 -75.36 -40.65 -3.47
C VAL J 376 -76.61 -39.81 -3.27
N GLY J 377 -77.73 -40.27 -3.81
CA GLY J 377 -78.91 -39.45 -3.82
C GLY J 377 -80.02 -39.87 -2.88
N THR J 378 -80.18 -39.15 -1.77
CA THR J 378 -81.32 -39.36 -0.90
C THR J 378 -81.69 -38.02 -0.26
N GLY J 379 -82.98 -37.74 -0.20
CA GLY J 379 -83.52 -36.45 0.18
C GLY J 379 -84.32 -36.48 1.46
N MET J 380 -83.73 -37.10 2.50
CA MET J 380 -84.33 -37.53 3.76
C MET J 380 -85.39 -36.59 4.32
N THR J 381 -86.57 -37.15 4.60
CA THR J 381 -87.69 -36.45 5.22
C THR J 381 -87.87 -37.02 6.62
N VAL J 382 -87.75 -36.17 7.63
CA VAL J 382 -87.78 -36.63 9.00
C VAL J 382 -89.11 -36.29 9.63
N ASN J 383 -89.45 -37.01 10.70
CA ASN J 383 -90.56 -36.67 11.56
C ASN J 383 -90.06 -35.91 12.77
N GLU J 384 -90.96 -35.19 13.43
CA GLU J 384 -90.62 -34.44 14.62
C GLU J 384 -91.25 -35.00 15.88
N GLN J 385 -92.39 -35.67 15.77
CA GLN J 385 -92.92 -36.43 16.90
C GLN J 385 -92.05 -37.67 17.15
N GLN J 386 -91.99 -38.55 16.16
CA GLN J 386 -91.02 -39.63 16.16
C GLN J 386 -89.72 -39.13 15.56
N GLN J 387 -88.70 -39.98 15.55
CA GLN J 387 -87.39 -39.62 14.99
C GLN J 387 -87.04 -40.66 13.94
N THR J 388 -87.54 -40.45 12.72
CA THR J 388 -87.30 -41.33 11.59
C THR J 388 -86.69 -40.53 10.44
N ALA J 389 -86.57 -41.19 9.28
CA ALA J 389 -86.01 -40.54 8.10
C ALA J 389 -86.61 -41.24 6.87
N ALA J 390 -87.61 -40.60 6.27
CA ALA J 390 -88.20 -41.12 5.04
C ALA J 390 -87.24 -40.92 3.87
N VAL J 391 -87.52 -41.61 2.76
CA VAL J 391 -86.53 -41.72 1.71
C VAL J 391 -86.57 -40.52 0.77
N THR J 392 -87.77 -40.12 0.32
CA THR J 392 -88.00 -39.19 -0.79
C THR J 392 -87.27 -39.69 -2.05
N ALA J 393 -87.81 -40.79 -2.57
CA ALA J 393 -87.05 -41.75 -3.36
C ALA J 393 -86.53 -41.19 -4.69
N ASN J 394 -87.22 -40.21 -5.27
CA ASN J 394 -86.96 -39.82 -6.65
C ASN J 394 -85.96 -38.68 -6.78
N THR J 395 -85.11 -38.45 -5.79
CA THR J 395 -84.14 -37.36 -5.87
C THR J 395 -82.71 -37.90 -5.89
N VAL J 396 -81.81 -37.05 -6.40
CA VAL J 396 -80.38 -37.35 -6.52
C VAL J 396 -79.61 -36.18 -5.92
N ALA J 397 -78.57 -36.47 -5.15
CA ALA J 397 -77.79 -35.46 -4.45
C ALA J 397 -76.33 -35.53 -4.85
N LEU J 398 -75.70 -34.36 -4.95
CA LEU J 398 -74.27 -34.22 -5.25
C LEU J 398 -73.70 -33.24 -4.24
N ILE J 399 -73.25 -33.72 -3.09
CA ILE J 399 -72.84 -32.84 -2.01
C ILE J 399 -71.35 -33.03 -1.74
N GLY J 400 -70.76 -32.04 -1.07
CA GLY J 400 -69.32 -31.86 -1.09
C GLY J 400 -68.51 -32.08 0.18
N TYR J 401 -69.11 -31.87 1.35
CA TYR J 401 -68.53 -32.15 2.67
C TYR J 401 -67.22 -31.40 2.91
N GLY J 402 -67.34 -30.08 3.02
CA GLY J 402 -66.21 -29.33 3.53
C GLY J 402 -65.73 -28.21 2.64
N ASN J 403 -64.44 -27.92 2.71
CA ASN J 403 -63.89 -26.84 1.91
C ASN J 403 -63.73 -27.30 0.46
N ILE J 404 -63.73 -26.31 -0.43
CA ILE J 404 -63.43 -26.58 -1.83
C ILE J 404 -61.94 -26.90 -1.95
N PRO J 405 -61.54 -27.94 -2.69
CA PRO J 405 -60.11 -28.20 -2.89
C PRO J 405 -59.43 -27.06 -3.63
N ALA J 406 -58.14 -26.91 -3.37
CA ALA J 406 -57.47 -25.67 -3.72
C ALA J 406 -56.01 -25.92 -4.06
N VAL J 407 -55.48 -25.05 -4.92
CA VAL J 407 -54.04 -24.86 -5.07
C VAL J 407 -53.78 -23.36 -5.01
N GLU J 408 -52.53 -23.01 -4.77
CA GLU J 408 -52.14 -21.62 -4.54
C GLU J 408 -50.77 -21.37 -5.13
N MET J 409 -50.63 -20.28 -5.89
CA MET J 409 -49.32 -19.83 -6.34
C MET J 409 -49.11 -18.39 -5.90
N ASN J 410 -47.84 -18.03 -5.69
CA ASN J 410 -47.48 -16.63 -5.47
C ASN J 410 -47.41 -15.99 -6.84
N LEU J 411 -48.55 -15.46 -7.29
CA LEU J 411 -48.71 -14.95 -8.64
C LEU J 411 -47.86 -13.70 -8.94
N PRO J 412 -47.77 -12.64 -8.10
CA PRO J 412 -46.91 -11.52 -8.48
C PRO J 412 -45.42 -11.82 -8.40
N ALA J 413 -45.02 -12.89 -7.72
CA ALA J 413 -43.62 -13.31 -7.76
C ALA J 413 -43.31 -14.11 -9.00
N ASN J 414 -44.30 -14.86 -9.51
CA ASN J 414 -44.09 -15.64 -10.72
C ASN J 414 -43.96 -14.78 -11.96
N LEU J 415 -44.60 -13.60 -11.97
CA LEU J 415 -44.37 -12.65 -13.06
C LEU J 415 -42.97 -12.08 -13.00
N LYS J 416 -42.46 -11.81 -11.81
CA LYS J 416 -41.13 -11.26 -11.65
C LYS J 416 -40.05 -12.33 -11.84
N ARG J 417 -40.37 -13.58 -11.52
CA ARG J 417 -39.43 -14.67 -11.75
C ARG J 417 -39.27 -14.97 -13.23
N THR J 418 -40.32 -14.78 -14.02
CA THR J 418 -40.24 -14.99 -15.46
C THR J 418 -39.55 -13.82 -16.14
N PHE J 419 -39.75 -12.61 -15.62
CA PHE J 419 -39.09 -11.43 -16.17
C PHE J 419 -37.59 -11.49 -15.95
N LEU J 420 -37.16 -11.84 -14.74
CA LEU J 420 -35.74 -11.89 -14.42
C LEU J 420 -35.02 -13.03 -15.12
N TYR J 421 -35.72 -14.06 -15.55
CA TYR J 421 -35.06 -15.15 -16.24
C TYR J 421 -34.95 -14.92 -17.73
N SER J 422 -36.04 -14.47 -18.36
CA SER J 422 -36.07 -14.35 -19.81
C SER J 422 -35.30 -13.14 -20.32
N ASN J 423 -35.00 -12.18 -19.45
CA ASN J 423 -34.39 -10.92 -19.87
C ASN J 423 -33.01 -10.68 -19.33
N VAL J 424 -32.68 -11.21 -18.16
CA VAL J 424 -31.37 -11.03 -17.56
C VAL J 424 -30.54 -12.30 -17.64
N ALA J 425 -31.04 -13.40 -17.08
CA ALA J 425 -30.27 -14.63 -17.01
C ALA J 425 -30.17 -15.33 -18.35
N MET J 426 -31.05 -15.02 -19.29
CA MET J 426 -30.95 -15.60 -20.62
C MET J 426 -29.81 -15.00 -21.42
N TYR J 427 -29.40 -13.76 -21.12
CA TYR J 427 -28.40 -13.05 -21.89
C TYR J 427 -27.06 -12.95 -21.16
N LEU J 428 -26.70 -13.96 -20.39
CA LEU J 428 -25.42 -13.99 -19.69
C LEU J 428 -24.28 -14.23 -20.66
N PRO J 429 -23.03 -13.98 -20.24
CA PRO J 429 -21.89 -14.49 -21.00
C PRO J 429 -21.80 -16.01 -20.96
N ASP J 430 -20.96 -16.54 -21.85
CA ASP J 430 -20.84 -17.98 -22.01
C ASP J 430 -20.13 -18.65 -20.84
N THR J 431 -19.41 -17.87 -20.03
CA THR J 431 -18.70 -18.43 -18.90
C THR J 431 -19.67 -18.90 -17.81
N TYR J 432 -20.76 -18.16 -17.61
CA TYR J 432 -21.73 -18.48 -16.57
C TYR J 432 -22.87 -19.35 -17.06
N LYS J 433 -22.77 -19.92 -18.24
CA LYS J 433 -23.76 -20.85 -18.74
C LYS J 433 -23.17 -22.25 -18.77
N PHE J 434 -24.02 -23.23 -19.12
CA PHE J 434 -23.58 -24.60 -19.24
C PHE J 434 -24.43 -25.31 -20.28
N THR J 435 -23.92 -26.44 -20.76
CA THR J 435 -24.76 -27.23 -21.64
C THR J 435 -25.51 -28.29 -20.84
N PRO J 436 -26.74 -28.64 -21.24
CA PRO J 436 -27.47 -29.70 -20.54
C PRO J 436 -26.83 -31.06 -20.76
N ALA J 437 -27.26 -32.01 -19.96
CA ALA J 437 -26.74 -33.37 -20.06
C ALA J 437 -27.30 -34.07 -21.29
N ASN J 438 -26.42 -34.76 -22.00
CA ASN J 438 -26.75 -35.65 -23.12
C ASN J 438 -27.40 -34.89 -24.29
N VAL J 439 -26.85 -33.74 -24.62
CA VAL J 439 -27.24 -32.98 -25.79
C VAL J 439 -25.96 -32.54 -26.51
N ASP J 440 -25.98 -32.58 -27.84
CA ASP J 440 -24.80 -32.31 -28.63
C ASP J 440 -24.90 -30.91 -29.24
N LEU J 441 -23.82 -30.16 -29.15
CA LEU J 441 -23.73 -28.82 -29.66
C LEU J 441 -22.80 -28.77 -30.87
N PRO J 442 -22.94 -27.78 -31.75
CA PRO J 442 -21.99 -27.61 -32.85
C PRO J 442 -20.60 -27.23 -32.36
N GLU J 443 -19.65 -27.26 -33.30
CA GLU J 443 -18.24 -27.15 -32.95
C GLU J 443 -17.88 -25.72 -32.55
N ASN J 444 -18.14 -24.75 -33.41
CA ASN J 444 -17.76 -23.38 -33.14
C ASN J 444 -18.69 -22.75 -32.10
N HIS J 445 -18.14 -21.80 -31.36
CA HIS J 445 -18.83 -21.17 -30.24
C HIS J 445 -19.64 -19.96 -30.67
N LEU J 446 -19.81 -19.74 -31.96
CA LEU J 446 -20.45 -18.54 -32.48
C LEU J 446 -21.59 -18.84 -33.42
N SER J 447 -21.96 -20.09 -33.61
CA SER J 447 -23.10 -20.41 -34.46
C SER J 447 -24.39 -20.29 -33.66
N TYR J 448 -25.51 -20.61 -34.28
CA TYR J 448 -26.78 -20.51 -33.59
C TYR J 448 -26.99 -21.67 -32.63
N GLY J 449 -26.60 -22.88 -33.05
CA GLY J 449 -26.86 -24.08 -32.26
C GLY J 449 -26.09 -24.15 -30.96
N TYR J 450 -24.98 -23.42 -30.85
CA TYR J 450 -24.26 -23.36 -29.59
C TYR J 450 -24.82 -22.30 -28.64
N ILE J 451 -25.21 -21.13 -29.17
CA ILE J 451 -25.79 -20.10 -28.33
C ILE J 451 -27.17 -20.50 -27.87
N ASN J 452 -27.89 -21.25 -28.70
CA ASN J 452 -29.24 -21.68 -28.34
C ASN J 452 -29.22 -22.77 -27.30
N GLY J 453 -28.39 -23.79 -27.50
CA GLY J 453 -28.42 -24.97 -26.66
C GLY J 453 -27.68 -24.88 -25.34
N ARG J 454 -27.53 -23.68 -24.79
CA ARG J 454 -26.90 -23.50 -23.50
C ARG J 454 -27.83 -22.77 -22.54
N LEU J 455 -27.87 -23.22 -21.30
CA LEU J 455 -28.78 -22.72 -20.30
C LEU J 455 -27.99 -22.13 -19.15
N PRO J 456 -28.51 -21.08 -18.50
CA PRO J 456 -27.75 -20.41 -17.45
C PRO J 456 -27.76 -21.17 -16.13
N LEU J 457 -26.77 -20.85 -15.31
CA LEU J 457 -26.73 -21.31 -13.93
C LEU J 457 -27.93 -20.75 -13.16
N PRO J 458 -28.53 -21.54 -12.27
CA PRO J 458 -29.85 -21.19 -11.72
C PRO J 458 -29.91 -20.00 -10.78
N ASN J 459 -29.00 -19.91 -9.80
CA ASN J 459 -29.20 -18.88 -8.78
C ASN J 459 -28.10 -17.84 -8.73
N ILE J 460 -27.63 -17.39 -9.89
CA ILE J 460 -26.79 -16.20 -9.93
C ILE J 460 -27.61 -14.95 -10.23
N VAL J 461 -28.75 -15.09 -10.90
CA VAL J 461 -29.77 -14.05 -11.01
C VAL J 461 -31.09 -14.68 -10.61
N ASP J 462 -31.71 -14.16 -9.56
CA ASP J 462 -32.92 -14.75 -9.02
C ASP J 462 -33.78 -13.61 -8.48
N THR J 463 -34.85 -13.93 -7.78
CA THR J 463 -35.72 -12.92 -7.21
C THR J 463 -35.21 -12.39 -5.87
N TRP J 464 -34.01 -12.78 -5.43
CA TRP J 464 -33.43 -12.24 -4.22
C TRP J 464 -32.21 -11.35 -4.46
N THR J 465 -31.65 -11.32 -5.66
CA THR J 465 -30.32 -10.74 -5.84
C THR J 465 -30.38 -9.21 -5.84
N ASP J 466 -29.66 -8.63 -4.88
CA ASP J 466 -29.62 -7.19 -4.60
C ASP J 466 -31.02 -6.63 -4.40
N ILE J 467 -31.67 -7.10 -3.33
CA ILE J 467 -33.00 -6.63 -2.97
C ILE J 467 -32.96 -5.15 -2.61
N GLY J 468 -33.85 -4.38 -3.22
CA GLY J 468 -33.92 -2.96 -2.99
C GLY J 468 -32.91 -2.12 -3.74
N ALA J 469 -31.97 -2.76 -4.44
CA ALA J 469 -30.85 -2.04 -5.04
C ALA J 469 -31.10 -1.82 -6.52
N ARG J 470 -31.05 -0.56 -6.94
CA ARG J 470 -30.97 -0.22 -8.35
C ARG J 470 -29.52 -0.43 -8.76
N TRP J 471 -29.25 -1.59 -9.36
CA TRP J 471 -27.87 -2.04 -9.54
C TRP J 471 -27.86 -3.07 -10.65
N SER J 472 -27.24 -2.73 -11.78
CA SER J 472 -27.03 -3.73 -12.81
C SER J 472 -25.96 -4.72 -12.36
N LEU J 473 -25.98 -5.90 -12.96
CA LEU J 473 -25.08 -6.98 -12.57
C LEU J 473 -23.63 -6.62 -12.90
N ASP J 474 -22.72 -7.07 -12.03
CA ASP J 474 -21.32 -6.70 -12.17
C ASP J 474 -20.66 -7.34 -13.38
N VAL J 475 -21.21 -8.44 -13.90
CA VAL J 475 -20.68 -9.09 -15.09
C VAL J 475 -21.47 -8.74 -16.34
N MET J 476 -22.58 -8.04 -16.22
CA MET J 476 -23.38 -7.62 -17.37
C MET J 476 -23.02 -6.22 -17.84
N ASP J 477 -21.79 -5.77 -17.59
CA ASP J 477 -21.30 -4.51 -18.15
C ASP J 477 -20.37 -4.72 -19.32
N THR J 478 -19.72 -5.88 -19.40
CA THR J 478 -18.95 -6.25 -20.58
C THR J 478 -19.82 -6.80 -21.70
N VAL J 479 -21.09 -7.06 -21.44
CA VAL J 479 -21.97 -7.61 -22.46
C VAL J 479 -22.51 -6.47 -23.31
N ASN J 480 -22.86 -6.77 -24.57
CA ASN J 480 -23.48 -5.79 -25.44
C ASN J 480 -24.97 -5.79 -25.17
N PRO J 481 -25.55 -4.71 -24.65
CA PRO J 481 -26.96 -4.71 -24.28
C PRO J 481 -27.93 -4.41 -25.41
N PHE J 482 -27.41 -4.06 -26.58
CA PHE J 482 -28.23 -3.82 -27.75
C PHE J 482 -28.46 -5.10 -28.53
N ASN J 483 -27.86 -6.20 -28.08
CA ASN J 483 -28.15 -7.53 -28.61
C ASN J 483 -29.16 -8.19 -27.68
N HIS J 484 -30.41 -7.79 -27.84
CA HIS J 484 -31.46 -8.17 -26.91
C HIS J 484 -32.78 -8.15 -27.67
N HIS J 485 -33.76 -8.91 -27.19
CA HIS J 485 -35.02 -8.95 -27.91
C HIS J 485 -36.00 -7.87 -27.48
N ARG J 486 -35.66 -7.08 -26.47
CA ARG J 486 -36.41 -5.89 -26.13
C ARG J 486 -35.87 -4.68 -26.91
N ASN J 487 -34.91 -4.90 -27.80
CA ASN J 487 -34.48 -3.88 -28.75
C ASN J 487 -35.65 -3.63 -29.69
N THR J 488 -36.42 -2.59 -29.41
CA THR J 488 -37.67 -2.36 -30.10
C THR J 488 -37.43 -1.94 -31.54
N GLY J 489 -36.30 -1.28 -31.81
CA GLY J 489 -35.98 -0.91 -33.17
C GLY J 489 -35.60 -2.10 -34.03
N LEU J 490 -34.78 -3.01 -33.48
CA LEU J 490 -34.46 -4.24 -34.20
C LEU J 490 -35.68 -5.15 -34.30
N LYS J 491 -36.54 -5.12 -33.29
CA LYS J 491 -37.82 -5.82 -33.39
C LYS J 491 -38.70 -5.19 -34.47
N TYR J 492 -38.54 -3.90 -34.71
CA TYR J 492 -39.27 -3.18 -35.74
C TYR J 492 -38.63 -3.38 -37.12
N ARG J 493 -37.31 -3.33 -37.22
CA ARG J 493 -36.64 -3.48 -38.51
C ARG J 493 -36.74 -4.89 -39.06
N SER J 494 -37.01 -5.89 -38.22
CA SER J 494 -37.19 -7.25 -38.70
C SER J 494 -38.62 -7.53 -39.13
N GLN J 495 -39.59 -6.84 -38.53
CA GLN J 495 -40.99 -7.04 -38.86
C GLN J 495 -41.49 -6.16 -39.99
N LEU J 496 -40.68 -5.19 -40.44
CA LEU J 496 -40.97 -4.52 -41.71
C LEU J 496 -40.82 -5.46 -42.90
N LEU J 497 -40.02 -6.51 -42.77
CA LEU J 497 -39.80 -7.40 -43.91
C LEU J 497 -40.66 -8.65 -43.85
N GLY J 498 -41.26 -8.94 -42.71
CA GLY J 498 -42.16 -10.06 -42.57
C GLY J 498 -41.70 -11.00 -41.48
N ASN J 499 -42.26 -12.20 -41.48
CA ASN J 499 -41.98 -13.19 -40.46
C ASN J 499 -41.35 -14.46 -41.01
N GLY J 500 -41.17 -14.58 -42.31
CA GLY J 500 -40.67 -15.81 -42.89
C GLY J 500 -39.17 -15.81 -43.05
N ARG J 501 -38.66 -17.00 -43.40
CA ARG J 501 -37.24 -17.16 -43.64
C ARG J 501 -36.85 -16.62 -45.01
N TYR J 502 -37.63 -16.94 -46.03
CA TYR J 502 -37.42 -16.44 -47.37
C TYR J 502 -38.36 -15.26 -47.61
N CYS J 503 -37.83 -14.17 -48.13
CA CYS J 503 -38.64 -12.97 -48.28
C CYS J 503 -38.13 -12.12 -49.42
N ASP J 504 -39.05 -11.40 -50.06
CA ASP J 504 -38.70 -10.35 -51.00
C ASP J 504 -38.71 -9.01 -50.28
N PHE J 505 -37.83 -8.12 -50.68
CA PHE J 505 -37.69 -6.82 -50.03
C PHE J 505 -37.55 -5.73 -51.08
N HIS J 506 -38.12 -4.58 -50.77
CA HIS J 506 -38.12 -3.42 -51.67
C HIS J 506 -37.77 -2.23 -50.80
N ILE J 507 -36.48 -1.87 -50.77
CA ILE J 507 -35.97 -0.91 -49.82
C ILE J 507 -35.48 0.34 -50.57
N GLN J 508 -35.15 1.37 -49.81
CA GLN J 508 -34.64 2.64 -50.33
C GLN J 508 -33.46 3.08 -49.47
N VAL J 509 -32.27 3.11 -50.05
CA VAL J 509 -31.08 3.41 -49.24
C VAL J 509 -30.63 4.85 -49.52
N PRO J 510 -30.04 5.55 -48.54
CA PRO J 510 -29.71 6.96 -48.76
C PRO J 510 -28.38 7.14 -49.46
N GLN J 511 -27.87 8.38 -49.51
CA GLN J 511 -26.50 8.67 -49.89
C GLN J 511 -25.83 9.39 -48.74
N LYS J 512 -24.96 8.69 -48.02
CA LYS J 512 -24.43 9.19 -46.76
C LYS J 512 -23.07 9.87 -46.90
N PHE J 513 -22.48 9.90 -48.09
CA PHE J 513 -21.21 10.61 -48.26
C PHE J 513 -21.50 12.09 -48.41
N PHE J 514 -20.78 12.90 -47.63
CA PHE J 514 -21.23 14.26 -47.32
C PHE J 514 -21.02 15.23 -48.47
N ALA J 515 -20.04 14.97 -49.35
CA ALA J 515 -19.80 15.90 -50.45
C ALA J 515 -20.90 15.83 -51.49
N ILE J 516 -21.41 14.62 -51.75
CA ILE J 516 -22.49 14.44 -52.71
C ILE J 516 -23.81 14.13 -52.02
N LYS J 517 -23.92 14.44 -50.73
CA LYS J 517 -25.15 14.14 -49.99
C LYS J 517 -26.29 15.03 -50.46
N ASN J 518 -26.12 16.35 -50.35
CA ASN J 518 -27.07 17.30 -50.89
C ASN J 518 -26.30 18.31 -51.73
N LEU J 519 -26.05 17.95 -52.98
CA LEU J 519 -25.29 18.76 -53.91
C LEU J 519 -26.22 19.23 -55.02
N LEU J 520 -26.44 20.54 -55.10
CA LEU J 520 -27.24 21.13 -56.15
C LEU J 520 -26.39 21.26 -57.40
N LEU J 521 -26.66 20.46 -58.42
CA LEU J 521 -25.83 20.43 -59.60
C LEU J 521 -26.53 21.07 -60.79
N LEU J 522 -25.78 21.85 -61.54
CA LEU J 522 -26.20 22.57 -62.72
C LEU J 522 -26.35 21.59 -63.89
N PRO J 523 -26.91 22.02 -65.04
CA PRO J 523 -27.04 21.12 -66.19
C PRO J 523 -25.73 20.53 -66.69
N GLY J 524 -25.82 19.28 -67.13
CA GLY J 524 -24.66 18.50 -67.52
C GLY J 524 -25.10 17.05 -67.68
N THR J 525 -24.13 16.20 -67.94
CA THR J 525 -24.37 14.76 -68.07
C THR J 525 -23.38 14.01 -67.21
N TYR J 526 -23.86 13.44 -66.10
CA TYR J 526 -23.01 12.96 -65.04
C TYR J 526 -23.13 11.45 -64.89
N ASN J 527 -22.00 10.79 -64.68
CA ASN J 527 -21.97 9.37 -64.32
C ASN J 527 -22.12 9.22 -62.82
N TYR J 528 -22.64 8.07 -62.40
CA TYR J 528 -22.87 7.85 -60.97
C TYR J 528 -22.74 6.35 -60.70
N GLU J 529 -21.54 5.94 -60.32
CA GLU J 529 -21.17 4.54 -60.14
C GLU J 529 -20.92 4.28 -58.67
N TRP J 530 -21.48 3.18 -58.16
CA TRP J 530 -21.47 2.96 -56.73
C TRP J 530 -21.67 1.48 -56.44
N TYR J 531 -20.93 0.96 -55.46
CA TYR J 531 -20.94 -0.47 -55.14
C TYR J 531 -21.83 -0.76 -53.94
N PHE J 532 -22.26 -2.02 -53.85
CA PHE J 532 -23.17 -2.51 -52.83
C PHE J 532 -22.58 -3.78 -52.22
N ARG J 533 -22.93 -4.08 -50.97
CA ARG J 533 -22.37 -5.27 -50.34
C ARG J 533 -23.28 -6.47 -50.51
N LYS J 534 -22.70 -7.65 -50.33
CA LYS J 534 -23.44 -8.90 -50.24
C LYS J 534 -23.06 -9.70 -48.99
N ASP J 535 -22.50 -9.03 -48.00
CA ASP J 535 -22.04 -9.71 -46.79
C ASP J 535 -23.22 -9.86 -45.83
N PRO J 536 -23.59 -11.09 -45.46
CA PRO J 536 -24.72 -11.25 -44.52
C PRO J 536 -24.41 -10.76 -43.12
N ASN J 537 -23.14 -10.75 -42.72
CA ASN J 537 -22.80 -10.23 -41.40
C ASN J 537 -22.89 -8.71 -41.35
N MET J 538 -22.58 -8.03 -42.45
CA MET J 538 -22.56 -6.58 -42.45
C MET J 538 -23.92 -5.99 -42.80
N VAL J 539 -24.58 -6.54 -43.82
CA VAL J 539 -25.85 -5.99 -44.27
C VAL J 539 -26.96 -6.27 -43.27
N LEU J 540 -27.02 -7.50 -42.76
CA LEU J 540 -28.10 -7.93 -41.89
C LEU J 540 -27.65 -7.90 -40.44
N GLN J 541 -28.59 -7.61 -39.54
CA GLN J 541 -28.32 -7.54 -38.11
C GLN J 541 -29.21 -8.54 -37.38
N SER J 542 -28.59 -9.37 -36.56
CA SER J 542 -29.33 -10.38 -35.79
C SER J 542 -29.36 -9.98 -34.32
N THR J 543 -30.26 -10.63 -33.58
CA THR J 543 -30.40 -10.34 -32.17
C THR J 543 -29.28 -10.96 -31.35
N LEU J 544 -28.96 -12.22 -31.61
CA LEU J 544 -27.94 -12.92 -30.83
C LEU J 544 -26.52 -12.64 -31.31
N GLY J 545 -26.36 -12.06 -32.50
CA GLY J 545 -25.03 -11.73 -32.97
C GLY J 545 -24.23 -12.90 -33.48
N ASN J 546 -24.87 -13.99 -33.87
CA ASN J 546 -24.19 -15.13 -34.44
C ASN J 546 -23.70 -14.82 -35.86
N ASP J 547 -22.78 -15.64 -36.34
CA ASP J 547 -22.26 -15.48 -37.70
C ASP J 547 -23.29 -15.97 -38.71
N LEU J 548 -23.89 -15.03 -39.44
CA LEU J 548 -24.86 -15.40 -40.46
C LEU J 548 -24.20 -15.99 -41.70
N ARG J 549 -22.89 -15.81 -41.86
CA ARG J 549 -22.21 -16.36 -43.03
C ARG J 549 -22.14 -17.88 -42.95
N ALA J 550 -21.83 -18.43 -41.79
CA ALA J 550 -21.84 -19.88 -41.60
C ALA J 550 -23.23 -20.42 -41.31
N ASP J 551 -24.21 -19.54 -41.07
CA ASP J 551 -25.58 -19.96 -40.80
C ASP J 551 -26.49 -19.78 -42.00
N GLY J 552 -25.96 -19.95 -43.21
CA GLY J 552 -26.77 -20.07 -44.41
C GLY J 552 -27.50 -18.83 -44.87
N ALA J 553 -27.18 -17.66 -44.34
CA ALA J 553 -27.85 -16.46 -44.81
C ALA J 553 -27.30 -16.03 -46.16
N SER J 554 -28.13 -15.32 -46.91
CA SER J 554 -27.79 -14.91 -48.26
C SER J 554 -28.66 -13.73 -48.65
N ILE J 555 -28.10 -12.86 -49.49
CA ILE J 555 -28.83 -11.73 -50.05
C ILE J 555 -28.39 -11.57 -51.50
N THR J 556 -29.34 -11.31 -52.38
CA THR J 556 -29.03 -11.06 -53.78
C THR J 556 -29.92 -9.96 -54.31
N TYR J 557 -29.44 -9.28 -55.35
CA TYR J 557 -30.09 -8.11 -55.89
C TYR J 557 -30.59 -8.43 -57.29
N THR J 558 -31.84 -8.03 -57.57
CA THR J 558 -32.44 -8.28 -58.88
C THR J 558 -32.36 -7.06 -59.78
N GLN J 559 -32.93 -5.93 -59.34
CA GLN J 559 -32.79 -4.69 -60.07
C GLN J 559 -32.66 -3.54 -59.08
N ILE J 560 -31.86 -2.55 -59.45
CA ILE J 560 -31.52 -1.41 -58.58
C ILE J 560 -31.57 -0.16 -59.43
N ASN J 561 -32.39 0.81 -59.05
CA ASN J 561 -32.58 2.03 -59.83
C ASN J 561 -32.15 3.23 -59.00
N LEU J 562 -32.12 4.40 -59.64
CA LEU J 562 -31.73 5.65 -59.02
C LEU J 562 -32.83 6.67 -59.23
N TYR J 563 -33.31 7.28 -58.14
CA TYR J 563 -34.45 8.18 -58.21
C TYR J 563 -34.03 9.57 -57.76
N VAL J 564 -33.91 10.49 -58.72
CA VAL J 564 -33.73 11.89 -58.42
C VAL J 564 -35.04 12.61 -58.74
N SER J 565 -35.11 13.89 -58.37
CA SER J 565 -36.32 14.67 -58.58
C SER J 565 -35.94 16.07 -59.04
N PHE J 566 -36.45 16.46 -60.21
CA PHE J 566 -36.17 17.77 -60.79
C PHE J 566 -37.24 18.76 -60.34
N PHE J 567 -36.81 19.82 -59.68
CA PHE J 567 -37.73 20.87 -59.27
C PHE J 567 -38.13 21.69 -60.48
N PRO J 568 -39.41 21.81 -60.81
CA PRO J 568 -39.82 22.52 -62.03
C PRO J 568 -39.69 24.03 -61.92
N MET J 569 -38.46 24.52 -62.02
CA MET J 569 -38.22 25.95 -61.95
C MET J 569 -38.53 26.59 -63.31
N ASN J 570 -38.98 27.84 -63.27
CA ASN J 570 -39.16 28.62 -64.49
C ASN J 570 -37.83 28.81 -65.18
N TYR J 571 -37.86 28.85 -66.52
CA TYR J 571 -36.61 28.81 -67.28
C TYR J 571 -35.88 30.14 -67.23
N ASP J 572 -36.60 31.24 -67.01
CA ASP J 572 -35.93 32.52 -66.85
C ASP J 572 -35.37 32.69 -65.44
N THR J 573 -36.03 32.11 -64.44
CA THR J 573 -35.48 32.05 -63.09
C THR J 573 -34.33 31.04 -63.04
N GLN J 574 -34.36 30.03 -63.92
CA GLN J 574 -33.28 29.06 -63.98
C GLN J 574 -32.00 29.70 -64.50
N SER J 575 -32.09 30.42 -65.62
CA SER J 575 -30.91 30.96 -66.28
C SER J 575 -30.26 32.09 -65.49
N GLU J 576 -30.99 32.71 -64.56
CA GLU J 576 -30.34 33.62 -63.62
C GLU J 576 -29.64 32.86 -62.51
N LEU J 577 -30.22 31.75 -62.07
CA LEU J 577 -29.66 30.99 -60.96
C LEU J 577 -28.45 30.19 -61.37
N GLU J 578 -28.43 29.64 -62.58
CA GLU J 578 -27.25 28.89 -62.98
C GLU J 578 -26.09 29.82 -63.32
N LEU J 579 -26.39 31.01 -63.84
CA LEU J 579 -25.35 31.96 -64.20
C LEU J 579 -24.63 32.50 -62.97
N MET J 580 -25.31 32.53 -61.83
CA MET J 580 -24.65 32.91 -60.59
C MET J 580 -23.85 31.76 -60.00
N LEU J 581 -24.26 30.52 -60.24
CA LEU J 581 -23.58 29.38 -59.67
C LEU J 581 -22.49 28.80 -60.56
N ARG J 582 -22.40 29.23 -61.82
CA ARG J 582 -21.21 28.92 -62.61
C ARG J 582 -20.03 29.77 -62.18
N ASN J 583 -20.27 30.86 -61.45
CA ASN J 583 -19.23 31.79 -61.07
C ASN J 583 -18.33 31.17 -59.99
N ALA J 584 -17.05 31.53 -60.03
CA ALA J 584 -16.07 30.89 -59.16
C ALA J 584 -16.14 31.39 -57.73
N THR J 585 -16.75 32.55 -57.49
CA THR J 585 -16.89 33.06 -56.13
C THR J 585 -18.10 32.48 -55.42
N ASN J 586 -18.93 31.71 -56.11
CA ASN J 586 -20.13 31.11 -55.54
C ASN J 586 -20.02 29.59 -55.50
N ASP J 587 -18.86 29.08 -55.16
CA ASP J 587 -18.66 27.63 -55.09
C ASP J 587 -19.37 27.06 -53.88
N GLN J 588 -20.13 26.00 -54.10
CA GLN J 588 -20.84 25.34 -53.02
C GLN J 588 -19.85 24.56 -52.16
N ASN J 589 -19.86 24.82 -50.86
CA ASN J 589 -18.93 24.17 -49.95
C ASN J 589 -19.69 23.43 -48.85
N PHE J 590 -19.11 22.33 -48.39
CA PHE J 590 -19.76 21.45 -47.43
C PHE J 590 -18.78 21.05 -46.36
N SER J 591 -19.28 20.39 -45.31
CA SER J 591 -18.42 19.99 -44.21
C SER J 591 -18.99 18.75 -43.56
N ASP J 592 -18.08 17.86 -43.13
CA ASP J 592 -18.46 16.66 -42.43
C ASP J 592 -18.98 17.01 -41.04
N TYR J 593 -20.12 16.43 -40.65
CA TYR J 593 -20.66 16.72 -39.33
C TYR J 593 -19.84 16.06 -38.24
N LEU J 594 -19.33 14.86 -38.51
CA LEU J 594 -18.55 14.15 -37.50
C LEU J 594 -17.19 14.82 -37.31
N GLY J 595 -16.47 15.06 -38.40
CA GLY J 595 -15.25 15.82 -38.40
C GLY J 595 -14.16 15.26 -37.53
N ALA J 596 -13.72 14.04 -37.80
CA ALA J 596 -12.71 13.41 -36.97
C ALA J 596 -11.96 12.37 -37.78
N VAL J 597 -10.84 11.94 -37.23
CA VAL J 597 -9.95 10.96 -37.86
C VAL J 597 -9.95 9.71 -36.99
N ASN J 598 -10.41 8.60 -37.56
CA ASN J 598 -10.47 7.35 -36.83
C ASN J 598 -9.07 6.77 -36.65
N ASN J 599 -8.74 6.40 -35.42
CA ASN J 599 -7.50 5.70 -35.13
C ASN J 599 -7.80 4.64 -34.08
N LEU J 600 -7.79 3.38 -34.48
CA LEU J 600 -8.20 2.27 -33.64
C LEU J 600 -6.94 1.57 -33.12
N TYR J 601 -6.65 1.73 -31.84
CA TYR J 601 -5.43 1.22 -31.24
C TYR J 601 -5.71 -0.10 -30.55
N GLN J 602 -4.87 -1.09 -30.83
CA GLN J 602 -5.08 -2.44 -30.31
C GLN J 602 -4.73 -2.51 -28.83
N ILE J 603 -5.65 -3.01 -28.02
CA ILE J 603 -5.41 -3.30 -26.62
C ILE J 603 -5.54 -4.81 -26.43
N PRO J 604 -4.51 -5.51 -25.98
CA PRO J 604 -4.62 -6.96 -25.79
C PRO J 604 -5.45 -7.29 -24.56
N ALA J 605 -5.87 -8.55 -24.48
CA ALA J 605 -6.76 -8.98 -23.42
C ALA J 605 -6.03 -9.03 -22.09
N GLY J 606 -6.66 -8.46 -21.07
CA GLY J 606 -6.06 -8.40 -19.75
C GLY J 606 -5.08 -7.25 -19.55
N SER J 607 -4.90 -6.40 -20.54
CA SER J 607 -4.00 -5.27 -20.42
C SER J 607 -4.71 -4.10 -19.76
N SER J 608 -3.95 -3.28 -19.05
CA SER J 608 -4.50 -2.15 -18.31
C SER J 608 -4.24 -0.81 -18.96
N THR J 609 -3.11 -0.63 -19.63
CA THR J 609 -2.76 0.66 -20.22
C THR J 609 -2.57 0.52 -21.72
N VAL J 610 -2.79 1.62 -22.43
CA VAL J 610 -2.44 1.74 -23.83
C VAL J 610 -1.80 3.10 -24.03
N VAL J 611 -0.71 3.13 -24.79
CA VAL J 611 0.07 4.35 -25.00
C VAL J 611 0.12 4.64 -26.48
N VAL J 612 -0.40 5.78 -26.88
CA VAL J 612 -0.42 6.16 -28.28
C VAL J 612 0.51 7.35 -28.48
N ASN J 613 1.00 7.49 -29.70
CA ASN J 613 1.87 8.59 -30.06
C ASN J 613 1.50 9.11 -31.44
N ILE J 614 1.61 10.41 -31.60
CA ILE J 614 1.60 11.06 -32.90
C ILE J 614 2.95 11.74 -33.04
N PRO J 615 3.70 11.53 -34.11
CA PRO J 615 4.97 12.24 -34.29
C PRO J 615 4.78 13.73 -34.60
N ASP J 616 5.89 14.42 -34.86
CA ASP J 616 5.91 15.89 -34.93
C ASP J 616 5.02 16.41 -36.04
N ARG J 617 4.07 17.26 -35.67
CA ARG J 617 2.97 17.56 -36.56
C ARG J 617 2.49 18.99 -36.29
N SER J 618 2.11 19.70 -37.34
CA SER J 618 1.44 20.98 -37.15
C SER J 618 0.01 20.73 -36.72
N TRP J 619 -0.32 21.17 -35.50
CA TRP J 619 -1.65 20.97 -34.92
C TRP J 619 -2.53 22.19 -35.07
N GLY J 620 -2.39 22.91 -36.18
CA GLY J 620 -3.17 24.13 -36.36
C GLY J 620 -4.63 23.82 -36.60
N ALA J 621 -5.50 24.54 -35.89
CA ALA J 621 -6.96 24.38 -35.93
C ALA J 621 -7.40 22.96 -35.53
N PHE J 622 -6.75 22.42 -34.50
CA PHE J 622 -7.20 21.19 -33.88
C PHE J 622 -8.37 21.48 -32.96
N ARG J 623 -9.29 20.53 -32.84
CA ARG J 623 -10.53 20.78 -32.10
C ARG J 623 -10.72 19.94 -30.84
N GLY J 624 -10.07 18.79 -30.71
CA GLY J 624 -10.21 18.03 -29.48
C GLY J 624 -10.34 16.54 -29.66
N TRP J 625 -10.23 15.80 -28.57
CA TRP J 625 -10.23 14.34 -28.61
C TRP J 625 -11.61 13.79 -28.32
N SER J 626 -11.81 12.53 -28.72
CA SER J 626 -13.02 11.81 -28.40
C SER J 626 -12.69 10.32 -28.41
N PHE J 627 -12.79 9.68 -27.26
CA PHE J 627 -12.29 8.32 -27.10
C PHE J 627 -13.32 7.41 -26.47
N THR J 628 -13.27 6.13 -26.85
CA THR J 628 -14.14 5.10 -26.29
C THR J 628 -13.47 3.75 -26.51
N ARG J 629 -14.09 2.69 -26.01
CA ARG J 629 -13.63 1.33 -26.22
C ARG J 629 -14.56 0.58 -27.17
N LEU J 630 -13.99 -0.38 -27.89
CA LEU J 630 -14.74 -1.24 -28.78
C LEU J 630 -14.42 -2.69 -28.45
N LYS J 631 -14.78 -3.62 -29.31
CA LYS J 631 -14.31 -5.00 -29.19
C LYS J 631 -13.80 -5.47 -30.53
N VAL J 632 -12.76 -6.31 -30.48
CA VAL J 632 -12.18 -6.84 -31.71
C VAL J 632 -13.13 -7.84 -32.36
N SER J 633 -13.91 -8.57 -31.57
CA SER J 633 -14.88 -9.49 -32.13
C SER J 633 -16.06 -8.76 -32.76
N GLU J 634 -16.31 -7.51 -32.41
CA GLU J 634 -17.46 -6.79 -32.91
C GLU J 634 -17.13 -5.77 -33.99
N THR J 635 -15.87 -5.33 -34.09
CA THR J 635 -15.51 -4.27 -35.02
C THR J 635 -14.96 -4.86 -36.31
N PRO J 636 -15.53 -4.54 -37.47
CA PRO J 636 -15.01 -5.07 -38.73
C PRO J 636 -13.84 -4.25 -39.25
N ARG J 637 -13.39 -4.57 -40.45
CA ARG J 637 -12.27 -3.88 -41.08
C ARG J 637 -12.75 -3.38 -42.43
N ILE J 638 -13.35 -2.19 -42.44
CA ILE J 638 -13.83 -1.60 -43.68
C ILE J 638 -12.65 -1.07 -44.46
N GLY J 639 -12.54 -1.48 -45.72
CA GLY J 639 -11.41 -1.07 -46.53
C GLY J 639 -11.00 -2.18 -47.48
N ALA J 640 -11.33 -3.41 -47.13
CA ALA J 640 -11.15 -4.53 -48.04
C ALA J 640 -12.44 -4.80 -48.78
N THR J 641 -12.39 -5.76 -49.71
CA THR J 641 -13.60 -6.23 -50.33
C THR J 641 -14.37 -7.17 -49.40
N GLN J 642 -13.68 -7.75 -48.43
CA GLN J 642 -14.24 -8.79 -47.58
C GLN J 642 -13.45 -8.84 -46.29
N ASP J 643 -14.16 -9.03 -45.18
CA ASP J 643 -13.50 -9.23 -43.89
C ASP J 643 -13.70 -10.69 -43.49
N PRO J 644 -12.74 -11.58 -43.74
CA PRO J 644 -12.96 -13.00 -43.46
C PRO J 644 -12.84 -13.37 -41.99
N ASN J 645 -12.37 -12.45 -41.14
CA ASN J 645 -12.27 -12.70 -39.72
C ASN J 645 -13.37 -11.97 -38.94
N PHE J 646 -14.55 -11.86 -39.53
CA PHE J 646 -15.65 -11.10 -38.93
C PHE J 646 -16.80 -12.08 -38.67
N GLN J 647 -16.73 -12.74 -37.53
CA GLN J 647 -17.71 -13.76 -37.13
C GLN J 647 -18.75 -13.17 -36.19
N TYR J 648 -19.44 -12.14 -36.65
CA TYR J 648 -20.35 -11.40 -35.78
C TYR J 648 -21.38 -10.66 -36.62
N SER J 649 -22.58 -10.50 -36.07
CA SER J 649 -23.62 -9.79 -36.80
C SER J 649 -24.49 -8.89 -35.93
N GLY J 650 -24.16 -8.68 -34.67
CA GLY J 650 -24.97 -7.86 -33.79
C GLY J 650 -24.79 -6.39 -34.04
N SER J 651 -25.07 -5.59 -33.01
CA SER J 651 -24.90 -4.16 -33.12
C SER J 651 -23.43 -3.82 -33.11
N ILE J 652 -22.98 -3.11 -34.14
CA ILE J 652 -21.57 -2.75 -34.30
C ILE J 652 -21.39 -1.32 -33.84
N PRO J 653 -20.83 -1.06 -32.65
CA PRO J 653 -20.75 0.32 -32.15
C PRO J 653 -19.85 1.24 -32.96
N TYR J 654 -18.97 0.69 -33.79
CA TYR J 654 -18.10 1.54 -34.59
C TYR J 654 -18.85 2.22 -35.72
N LEU J 655 -19.94 1.62 -36.20
CA LEU J 655 -20.62 2.13 -37.38
C LEU J 655 -21.84 3.00 -37.07
N ASP J 656 -22.67 2.61 -36.08
CA ASP J 656 -23.82 3.42 -35.73
C ASP J 656 -23.75 4.00 -34.32
N GLY J 657 -22.57 3.95 -33.69
CA GLY J 657 -22.35 4.72 -32.48
C GLY J 657 -23.07 4.23 -31.26
N THR J 658 -23.45 2.96 -31.21
CA THR J 658 -24.23 2.43 -30.10
C THR J 658 -23.30 1.92 -28.99
N PHE J 659 -22.47 2.84 -28.49
CA PHE J 659 -21.37 2.49 -27.60
C PHE J 659 -21.85 2.11 -26.20
N TYR J 660 -21.12 1.19 -25.58
CA TYR J 660 -21.49 0.72 -24.25
C TYR J 660 -20.30 0.47 -23.33
N LEU J 661 -19.08 0.72 -23.77
CA LEU J 661 -17.89 0.54 -22.94
C LEU J 661 -17.22 1.87 -22.66
N SER J 662 -18.01 2.91 -22.42
CA SER J 662 -17.43 4.19 -22.07
C SER J 662 -17.18 4.31 -20.58
N HIS J 663 -17.86 3.50 -19.78
CA HIS J 663 -17.71 3.59 -18.33
C HIS J 663 -16.40 3.00 -17.84
N THR J 664 -15.73 2.19 -18.66
CA THR J 664 -14.57 1.44 -18.22
C THR J 664 -13.26 2.14 -18.62
N PHE J 665 -13.07 3.32 -18.04
CA PHE J 665 -11.82 4.05 -18.16
C PHE J 665 -11.35 4.48 -16.77
N GLN J 666 -10.05 4.34 -16.52
CA GLN J 666 -9.50 4.83 -15.26
C GLN J 666 -9.06 6.29 -15.36
N ARG J 667 -8.13 6.60 -16.26
CA ARG J 667 -7.58 7.94 -16.35
C ARG J 667 -6.96 8.15 -17.72
N CYS J 668 -6.31 9.30 -17.89
CA CYS J 668 -5.89 9.81 -19.20
C CYS J 668 -4.91 10.96 -19.04
N SER J 669 -3.83 10.97 -19.82
CA SER J 669 -2.87 12.06 -19.73
C SER J 669 -2.43 12.46 -21.13
N ILE J 670 -2.18 13.77 -21.29
CA ILE J 670 -1.87 14.36 -22.59
C ILE J 670 -0.54 15.10 -22.46
N GLN J 671 0.37 14.87 -23.41
CA GLN J 671 1.75 15.29 -23.33
C GLN J 671 2.24 15.62 -24.73
N TRP J 672 2.94 16.75 -24.88
CA TRP J 672 3.24 17.29 -26.20
C TRP J 672 4.66 17.06 -26.68
N ASP J 673 5.65 17.32 -25.86
CA ASP J 673 7.04 17.23 -26.32
C ASP J 673 7.85 16.39 -25.35
N SER J 674 7.16 15.52 -24.61
CA SER J 674 7.65 14.88 -23.38
C SER J 674 8.11 15.89 -22.34
N SER J 675 7.54 17.10 -22.39
CA SER J 675 7.82 18.16 -21.43
C SER J 675 6.58 18.86 -20.92
N VAL J 676 5.57 19.06 -21.75
CA VAL J 676 4.43 19.91 -21.41
C VAL J 676 3.22 19.02 -21.16
N PRO J 677 2.68 18.98 -19.95
CA PRO J 677 1.36 18.40 -19.76
C PRO J 677 0.30 19.38 -20.24
N TRP J 678 -0.89 18.85 -20.53
CA TRP J 678 -1.99 19.70 -20.93
C TRP J 678 -3.18 19.35 -20.04
N PRO J 679 -3.89 20.35 -19.49
CA PRO J 679 -3.77 21.81 -19.61
C PRO J 679 -2.58 22.40 -18.87
N GLY J 680 -1.97 21.59 -17.99
CA GLY J 680 -0.88 22.09 -17.17
C GLY J 680 -1.40 23.14 -16.23
N ASN J 681 -0.54 24.12 -15.94
CA ASN J 681 -0.88 25.43 -15.39
C ASN J 681 -1.61 25.40 -14.06
N ASP J 682 -1.64 24.24 -13.37
CA ASP J 682 -2.48 23.96 -12.21
C ASP J 682 -3.94 24.33 -12.51
N ARG J 683 -4.52 23.60 -13.47
CA ARG J 683 -5.90 23.85 -13.88
C ARG J 683 -6.91 22.90 -13.23
N MET J 684 -6.61 21.60 -13.18
CA MET J 684 -7.50 20.63 -12.56
C MET J 684 -7.25 20.58 -11.04
N LEU J 685 -7.99 19.71 -10.35
CA LEU J 685 -7.57 19.34 -9.01
C LEU J 685 -6.39 18.39 -9.06
N THR J 686 -6.38 17.47 -10.03
CA THR J 686 -5.25 16.64 -10.37
C THR J 686 -4.69 17.16 -11.68
N PRO J 687 -3.72 18.09 -11.65
CA PRO J 687 -3.42 18.90 -12.84
C PRO J 687 -2.69 18.15 -13.94
N ASN J 688 -2.02 17.04 -13.63
CA ASN J 688 -1.13 16.42 -14.60
C ASN J 688 -1.81 15.33 -15.43
N TRP J 689 -2.99 14.87 -15.05
CA TRP J 689 -3.71 13.90 -15.86
C TRP J 689 -5.20 14.01 -15.61
N PHE J 690 -5.98 13.77 -16.66
CA PHE J 690 -7.43 13.70 -16.57
C PHE J 690 -7.80 12.39 -15.91
N GLU J 691 -8.10 12.42 -14.62
CA GLU J 691 -8.56 11.22 -13.95
C GLU J 691 -10.07 11.11 -14.12
N ILE J 692 -10.51 10.06 -14.81
CA ILE J 692 -11.91 9.92 -15.15
C ILE J 692 -12.72 9.42 -13.97
N LYS J 693 -12.30 8.31 -13.36
CA LYS J 693 -13.02 7.81 -12.20
C LYS J 693 -12.03 7.23 -11.19
N ARG J 694 -12.41 7.29 -9.93
CA ARG J 694 -11.61 6.76 -8.84
C ARG J 694 -12.52 5.92 -7.96
N PRO J 695 -12.11 4.70 -7.59
CA PRO J 695 -12.94 3.88 -6.69
C PRO J 695 -13.01 4.49 -5.30
N ILE J 696 -14.15 4.26 -4.65
CA ILE J 696 -14.47 5.03 -3.44
C ILE J 696 -13.72 4.55 -2.20
N ASN J 697 -13.12 3.36 -2.23
CA ASN J 697 -12.32 2.93 -1.09
C ASN J 697 -11.00 3.68 -1.03
N GLN J 698 -10.36 3.88 -2.17
CA GLN J 698 -9.14 4.69 -2.21
C GLN J 698 -9.44 6.17 -2.29
N ASP J 699 -10.68 6.57 -2.57
CA ASP J 699 -11.01 7.98 -2.70
C ASP J 699 -11.16 8.60 -1.33
N ALA J 700 -10.04 9.06 -0.79
CA ALA J 700 -10.10 10.08 0.23
C ALA J 700 -10.31 11.44 -0.43
N GLU J 701 -10.53 12.46 0.39
CA GLU J 701 -10.77 13.87 0.04
C GLU J 701 -11.85 14.08 -1.03
N GLY J 702 -12.78 13.13 -1.17
CA GLY J 702 -14.06 13.26 -1.84
C GLY J 702 -14.17 13.88 -3.22
N ASN J 703 -13.38 13.41 -4.19
CA ASN J 703 -13.47 13.91 -5.55
C ASN J 703 -14.31 12.95 -6.41
N ASP J 704 -15.60 12.88 -6.08
CA ASP J 704 -16.55 12.02 -6.78
C ASP J 704 -17.85 12.78 -6.96
N THR J 705 -18.35 12.86 -8.19
CA THR J 705 -19.61 13.54 -8.46
C THR J 705 -20.76 12.54 -8.47
N MET J 706 -21.97 13.10 -8.48
CA MET J 706 -23.19 12.44 -8.93
C MET J 706 -23.58 11.23 -8.11
N GLN J 707 -23.00 11.08 -6.91
CA GLN J 707 -23.01 9.84 -6.13
C GLN J 707 -22.56 8.66 -6.98
N SER J 708 -21.37 8.77 -7.56
CA SER J 708 -20.83 7.75 -8.44
C SER J 708 -19.30 7.81 -8.33
N ASN J 709 -18.62 7.19 -9.29
CA ASN J 709 -17.16 7.23 -9.34
C ASN J 709 -16.61 8.43 -10.09
N LEU J 710 -17.44 9.14 -10.85
CA LEU J 710 -16.95 10.18 -11.75
C LEU J 710 -16.47 11.39 -10.96
N THR J 711 -15.29 11.89 -11.33
CA THR J 711 -14.56 12.83 -10.49
C THR J 711 -15.06 14.26 -10.68
N LYS J 712 -14.67 15.12 -9.73
CA LYS J 712 -15.03 16.53 -9.79
C LYS J 712 -14.33 17.22 -10.95
N ASP J 713 -13.14 16.74 -11.33
CA ASP J 713 -12.41 17.32 -12.45
C ASP J 713 -13.10 17.03 -13.77
N PHE J 714 -13.51 15.78 -13.97
CA PHE J 714 -13.87 15.32 -15.30
C PHE J 714 -15.35 15.41 -15.57
N PHE J 715 -16.19 15.47 -14.54
CA PHE J 715 -17.58 15.83 -14.77
C PHE J 715 -17.73 17.29 -15.16
N MET J 716 -16.81 18.14 -14.70
CA MET J 716 -16.82 19.54 -15.08
C MET J 716 -16.40 19.71 -16.54
N VAL J 717 -15.54 18.82 -17.04
CA VAL J 717 -15.11 18.90 -18.44
C VAL J 717 -16.25 18.51 -19.37
N GLN J 718 -17.00 17.47 -19.01
CA GLN J 718 -18.05 16.96 -19.90
C GLN J 718 -19.24 17.89 -19.95
N MET J 719 -19.58 18.54 -18.84
CA MET J 719 -20.69 19.49 -18.86
C MET J 719 -20.31 20.80 -19.52
N ALA J 720 -19.02 21.15 -19.56
CA ALA J 720 -18.58 22.34 -20.24
C ALA J 720 -18.36 22.12 -21.73
N ALA J 721 -18.00 20.89 -22.12
CA ALA J 721 -17.83 20.60 -23.54
C ALA J 721 -19.16 20.50 -24.25
N SER J 722 -20.15 19.90 -23.58
CA SER J 722 -21.42 19.61 -24.22
C SER J 722 -22.42 20.74 -24.09
N TYR J 723 -22.49 21.39 -22.92
CA TYR J 723 -23.59 22.30 -22.65
C TYR J 723 -23.14 23.69 -22.19
N ASN J 724 -21.83 23.98 -22.24
CA ASN J 724 -21.24 25.25 -21.80
C ASN J 724 -21.61 25.59 -20.35
N GLN J 725 -21.73 24.56 -19.52
CA GLN J 725 -21.96 24.78 -18.11
C GLN J 725 -20.64 24.71 -17.36
N GLY J 726 -20.71 24.78 -16.05
CA GLY J 726 -19.49 25.11 -15.34
C GLY J 726 -19.31 26.61 -15.25
N TYR J 727 -18.72 27.04 -14.13
CA TYR J 727 -18.45 28.41 -13.69
C TYR J 727 -19.72 29.14 -13.27
N GLN J 728 -20.88 28.54 -13.52
CA GLN J 728 -22.17 28.95 -12.99
C GLN J 728 -22.86 27.68 -12.53
N GLY J 729 -24.15 27.77 -12.21
CA GLY J 729 -24.84 26.62 -11.63
C GLY J 729 -25.06 25.52 -12.65
N PHE J 730 -24.70 24.29 -12.26
CA PHE J 730 -25.14 23.14 -13.03
C PHE J 730 -26.64 22.98 -12.92
N ASN J 731 -27.27 22.56 -14.01
CA ASN J 731 -28.69 22.30 -14.04
C ASN J 731 -28.97 21.31 -15.16
N TRP J 732 -30.20 20.86 -15.23
CA TRP J 732 -30.62 20.06 -16.36
C TRP J 732 -30.74 20.97 -17.56
N PRO J 733 -30.02 20.73 -18.64
CA PRO J 733 -30.07 21.62 -19.80
C PRO J 733 -31.37 21.48 -20.56
N ASN J 734 -31.71 22.53 -21.30
CA ASN J 734 -32.99 22.58 -22.00
C ASN J 734 -33.03 21.60 -23.17
N CYS J 735 -31.91 21.43 -23.87
CA CYS J 735 -31.88 20.70 -25.13
C CYS J 735 -30.83 19.60 -25.03
N THR J 736 -31.28 18.37 -24.87
CA THR J 736 -30.42 17.21 -24.74
C THR J 736 -30.58 16.33 -25.98
N LYS J 737 -29.46 15.99 -26.62
CA LYS J 737 -29.51 15.19 -27.82
C LYS J 737 -29.47 13.70 -27.46
N HIS J 738 -29.47 12.87 -28.50
CA HIS J 738 -29.51 11.42 -28.29
C HIS J 738 -28.17 10.88 -27.82
N TYR J 739 -27.09 11.28 -28.47
CA TYR J 739 -25.75 10.85 -28.07
C TYR J 739 -25.13 11.86 -27.12
N GLY J 740 -25.88 12.22 -26.07
CA GLY J 740 -25.45 13.22 -25.11
C GLY J 740 -24.91 12.59 -23.84
N PHE J 741 -24.51 13.46 -22.92
CA PHE J 741 -23.91 12.99 -21.68
C PHE J 741 -24.91 12.87 -20.55
N ILE J 742 -25.67 13.94 -20.28
CA ILE J 742 -26.42 14.00 -19.04
C ILE J 742 -27.71 13.17 -19.09
N ASN J 743 -28.24 12.86 -20.27
CA ASN J 743 -29.40 11.99 -20.34
C ASN J 743 -29.03 10.52 -20.37
N ASN J 744 -27.77 10.19 -20.66
CA ASN J 744 -27.30 8.81 -20.70
C ASN J 744 -26.54 8.40 -19.45
N PHE J 745 -26.01 9.35 -18.69
CA PHE J 745 -25.30 9.06 -17.46
C PHE J 745 -26.28 8.59 -16.39
N GLU J 746 -26.07 7.39 -15.87
CA GLU J 746 -26.97 6.80 -14.88
C GLU J 746 -26.17 6.24 -13.72
N PRO J 747 -26.03 6.97 -12.62
CA PRO J 747 -25.29 6.47 -11.46
C PRO J 747 -26.15 5.55 -10.62
N MET J 748 -25.47 4.76 -9.78
CA MET J 748 -26.15 3.75 -8.97
C MET J 748 -25.22 3.32 -7.84
N SER J 749 -25.79 2.65 -6.85
CA SER J 749 -25.05 2.22 -5.66
C SER J 749 -25.73 1.01 -5.04
N ARG J 750 -24.96 0.30 -4.21
CA ARG J 750 -25.50 -0.80 -3.41
C ARG J 750 -24.61 -0.98 -2.18
N GLN J 751 -25.07 -1.84 -1.26
CA GLN J 751 -24.26 -2.30 -0.16
C GLN J 751 -24.08 -3.81 -0.22
N VAL J 752 -23.02 -4.28 0.42
CA VAL J 752 -22.65 -5.69 0.41
C VAL J 752 -21.91 -5.99 1.72
N PRO J 753 -22.09 -7.17 2.33
CA PRO J 753 -21.37 -7.46 3.58
C PRO J 753 -19.87 -7.67 3.42
N GLU J 754 -19.17 -7.90 4.53
CA GLU J 754 -17.72 -8.02 4.49
C GLU J 754 -17.26 -9.34 3.89
N TYR J 755 -18.02 -10.42 4.12
CA TYR J 755 -17.72 -11.78 3.66
C TYR J 755 -16.35 -12.25 4.17
N GLY J 756 -16.24 -12.33 5.49
CA GLY J 756 -14.98 -12.70 6.11
C GLY J 756 -14.98 -14.08 6.72
N ALA J 757 -14.69 -14.16 8.02
CA ALA J 757 -14.62 -15.44 8.72
C ALA J 757 -15.97 -15.86 9.30
N ASN J 758 -16.70 -14.93 9.91
CA ASN J 758 -18.03 -15.21 10.41
C ASN J 758 -19.09 -15.17 9.31
N TYR J 759 -18.74 -14.68 8.12
CA TYR J 759 -19.65 -14.64 6.98
C TYR J 759 -18.94 -15.33 5.82
N PRO J 760 -19.26 -16.60 5.54
CA PRO J 760 -18.38 -17.42 4.69
C PRO J 760 -18.52 -17.22 3.19
N ASN J 761 -19.40 -16.34 2.72
CA ASN J 761 -19.60 -16.01 1.31
C ASN J 761 -19.97 -17.26 0.49
N LEU J 762 -21.19 -17.73 0.75
CA LEU J 762 -21.74 -18.91 0.07
C LEU J 762 -21.87 -18.73 -1.43
N MET J 763 -21.89 -17.49 -1.92
CA MET J 763 -21.99 -17.24 -3.36
C MET J 763 -20.70 -17.63 -4.07
N ALA J 764 -19.55 -17.32 -3.49
CA ALA J 764 -18.29 -17.66 -4.14
C ALA J 764 -17.98 -19.15 -4.01
N ALA J 765 -18.52 -19.81 -2.98
CA ALA J 765 -18.36 -21.25 -2.88
C ALA J 765 -19.26 -21.99 -3.86
N TYR J 766 -20.32 -21.34 -4.34
CA TYR J 766 -21.20 -21.98 -5.32
C TYR J 766 -20.52 -22.05 -6.69
N LEU J 767 -19.89 -20.97 -7.12
CA LEU J 767 -19.30 -20.93 -8.46
C LEU J 767 -18.05 -21.79 -8.58
N ALA J 768 -17.42 -22.14 -7.46
CA ALA J 768 -16.32 -23.09 -7.51
C ALA J 768 -16.84 -24.49 -7.80
N ASN J 769 -17.76 -24.97 -6.96
CA ASN J 769 -18.35 -26.29 -7.14
C ASN J 769 -19.87 -26.14 -7.08
N PRO J 770 -20.56 -26.08 -8.21
CA PRO J 770 -22.03 -26.00 -8.17
C PRO J 770 -22.71 -27.31 -7.78
N GLN J 771 -21.97 -28.42 -7.72
CA GLN J 771 -22.58 -29.70 -7.38
C GLN J 771 -22.94 -29.76 -5.90
N THR J 772 -22.02 -29.36 -5.03
CA THR J 772 -22.43 -29.03 -3.67
C THR J 772 -23.24 -27.75 -3.74
N MET J 773 -24.31 -27.69 -2.94
CA MET J 773 -25.29 -26.62 -3.10
C MET J 773 -25.46 -25.88 -1.78
N PRO J 774 -24.68 -24.83 -1.52
CA PRO J 774 -24.82 -24.12 -0.24
C PRO J 774 -26.03 -23.21 -0.20
N ILE J 775 -26.43 -22.67 -1.35
CA ILE J 775 -27.51 -21.69 -1.40
C ILE J 775 -28.83 -22.43 -1.22
N TRP J 776 -29.53 -22.17 -0.12
CA TRP J 776 -30.84 -22.73 0.14
C TRP J 776 -31.83 -21.57 0.16
N ASN J 777 -32.48 -21.33 -0.97
CA ASN J 777 -33.52 -20.31 -1.05
C ASN J 777 -34.65 -20.94 -1.86
N ASN J 778 -35.89 -20.75 -1.37
CA ASN J 778 -37.15 -21.40 -1.74
C ASN J 778 -36.99 -22.84 -2.19
N CYS J 779 -36.24 -23.61 -1.40
CA CYS J 779 -36.09 -25.04 -1.63
C CYS J 779 -37.40 -25.76 -1.35
N GLY J 780 -37.66 -26.79 -2.13
CA GLY J 780 -38.91 -27.50 -2.07
C GLY J 780 -39.94 -27.03 -3.05
N PHE J 781 -39.76 -25.86 -3.66
CA PHE J 781 -40.72 -25.34 -4.61
C PHE J 781 -40.06 -25.03 -5.96
N GLN J 782 -38.87 -25.57 -6.20
CA GLN J 782 -38.21 -25.46 -7.49
C GLN J 782 -37.24 -26.63 -7.63
N GLN J 783 -36.54 -26.67 -8.75
CA GLN J 783 -35.53 -27.68 -9.00
C GLN J 783 -34.30 -27.38 -8.15
N LYS J 784 -33.49 -28.43 -7.94
CA LYS J 784 -32.15 -28.31 -7.38
C LYS J 784 -31.33 -27.25 -8.11
N THR J 785 -30.43 -26.62 -7.38
CA THR J 785 -29.57 -25.60 -7.97
C THR J 785 -28.32 -26.17 -8.60
N ALA J 786 -28.28 -27.48 -8.86
CA ALA J 786 -27.22 -28.09 -9.65
C ALA J 786 -27.64 -28.29 -11.09
N THR J 787 -28.87 -28.70 -11.33
CA THR J 787 -29.42 -28.87 -12.67
C THR J 787 -30.09 -27.54 -13.06
N ASN J 788 -30.95 -27.56 -14.08
CA ASN J 788 -31.60 -26.38 -14.61
C ASN J 788 -32.55 -25.74 -13.61
N VAL J 789 -33.17 -24.64 -14.03
CA VAL J 789 -34.29 -24.06 -13.31
C VAL J 789 -35.62 -24.35 -14.01
N LEU J 790 -35.58 -24.78 -15.27
CA LEU J 790 -36.78 -25.05 -16.04
C LEU J 790 -37.47 -26.36 -15.66
N LEU J 791 -36.90 -27.13 -14.74
CA LEU J 791 -37.43 -28.43 -14.37
C LEU J 791 -38.44 -28.28 -13.23
N GLU J 792 -38.83 -29.39 -12.61
CA GLU J 792 -39.92 -29.38 -11.64
C GLU J 792 -39.39 -29.28 -10.21
N ARG J 793 -40.32 -29.19 -9.26
CA ARG J 793 -39.96 -29.09 -7.85
C ARG J 793 -39.31 -30.38 -7.35
N CYS J 794 -38.38 -30.25 -6.40
CA CYS J 794 -37.66 -31.40 -5.86
C CYS J 794 -37.81 -31.58 -4.36
N GLY J 795 -37.49 -30.57 -3.55
CA GLY J 795 -37.22 -30.85 -2.15
C GLY J 795 -38.38 -30.82 -1.19
N HIS J 796 -38.13 -30.33 0.02
CA HIS J 796 -39.11 -30.11 1.07
C HIS J 796 -38.97 -28.69 1.59
N PRO J 797 -40.00 -28.12 2.22
CA PRO J 797 -39.86 -26.78 2.77
C PRO J 797 -38.91 -26.74 3.96
N TYR J 798 -38.12 -25.68 4.01
CA TYR J 798 -37.06 -25.53 5.00
C TYR J 798 -36.66 -24.07 5.01
N VAL J 799 -35.93 -23.67 6.06
CA VAL J 799 -35.51 -22.28 6.21
C VAL J 799 -34.48 -21.92 5.14
N ALA J 800 -34.29 -20.62 4.95
CA ALA J 800 -33.32 -20.10 4.01
C ALA J 800 -32.05 -19.68 4.74
N ASN J 801 -30.95 -19.64 3.99
CA ASN J 801 -29.65 -19.26 4.55
C ASN J 801 -28.93 -18.21 3.72
N TRP J 802 -29.56 -17.69 2.66
CA TRP J 802 -28.85 -16.80 1.77
C TRP J 802 -29.89 -15.98 1.04
N PRO J 803 -29.68 -14.67 0.83
CA PRO J 803 -28.55 -13.81 1.20
C PRO J 803 -28.59 -13.30 2.63
N TYR J 804 -27.70 -12.42 2.97
CA TYR J 804 -27.82 -11.87 4.31
C TYR J 804 -28.80 -10.71 4.31
N PRO J 805 -29.55 -10.51 5.40
CA PRO J 805 -30.45 -9.35 5.46
C PRO J 805 -29.69 -8.05 5.60
N LEU J 806 -29.67 -7.26 4.53
CA LEU J 806 -29.01 -5.97 4.58
C LEU J 806 -29.83 -4.93 5.32
N SER J 807 -31.13 -5.14 5.42
CA SER J 807 -32.00 -4.22 6.14
C SER J 807 -33.00 -5.01 6.97
N GLY J 808 -33.58 -4.32 7.96
CA GLY J 808 -34.51 -4.91 8.87
C GLY J 808 -34.03 -4.85 10.31
N ARG J 809 -34.80 -5.48 11.18
CA ARG J 809 -34.40 -5.53 12.59
C ARG J 809 -33.23 -6.48 12.80
N ASN J 810 -33.16 -7.55 12.02
CA ASN J 810 -32.06 -8.50 12.09
C ASN J 810 -31.00 -8.24 11.03
N ALA J 811 -30.79 -6.97 10.70
CA ALA J 811 -29.86 -6.60 9.64
C ALA J 811 -28.42 -6.84 10.07
N VAL J 812 -27.59 -7.16 9.09
CA VAL J 812 -26.19 -7.51 9.34
C VAL J 812 -25.38 -6.23 9.53
N PRO J 813 -24.50 -6.17 10.51
CA PRO J 813 -23.60 -5.02 10.64
C PRO J 813 -22.41 -5.20 9.70
N ASN J 814 -21.55 -4.18 9.67
CA ASN J 814 -20.33 -4.13 8.87
C ASN J 814 -20.62 -4.30 7.38
N GLN J 815 -21.32 -3.31 6.84
CA GLN J 815 -21.63 -3.26 5.42
C GLN J 815 -20.71 -2.26 4.74
N VAL J 816 -20.29 -2.59 3.52
CA VAL J 816 -19.44 -1.70 2.73
C VAL J 816 -20.20 -1.31 1.46
N THR J 817 -20.04 -0.06 1.05
CA THR J 817 -20.78 0.46 -0.09
C THR J 817 -19.95 0.31 -1.36
N GLU J 818 -20.65 0.22 -2.48
CA GLU J 818 -20.02 0.20 -3.80
C GLU J 818 -20.75 1.17 -4.70
N ARG J 819 -19.99 1.92 -5.50
CA ARG J 819 -20.56 2.92 -6.40
C ARG J 819 -19.93 2.75 -7.76
N LYS J 820 -20.76 2.74 -8.81
CA LYS J 820 -20.26 2.83 -10.17
C LYS J 820 -21.36 3.39 -11.06
N PHE J 821 -20.94 3.86 -12.23
CA PHE J 821 -21.82 4.50 -13.20
C PHE J 821 -21.77 3.74 -14.51
N LEU J 822 -22.85 3.83 -15.28
CA LEU J 822 -22.93 3.21 -16.59
C LEU J 822 -23.33 4.26 -17.62
N VAL J 823 -22.49 4.45 -18.62
CA VAL J 823 -22.72 5.43 -19.68
C VAL J 823 -22.85 4.68 -20.99
N ASP J 824 -23.94 4.90 -21.70
CA ASP J 824 -24.17 4.26 -22.98
C ASP J 824 -24.30 5.33 -24.07
N ARG J 825 -23.95 4.93 -25.29
CA ARG J 825 -24.10 5.75 -26.51
C ARG J 825 -23.36 7.08 -26.42
N TYR J 826 -22.20 7.11 -25.79
CA TYR J 826 -21.52 8.37 -25.55
C TYR J 826 -20.01 8.20 -25.66
N LEU J 827 -19.43 8.82 -26.68
CA LEU J 827 -18.00 9.05 -26.71
C LEU J 827 -17.63 10.03 -25.61
N TRP J 828 -16.56 9.76 -24.86
CA TRP J 828 -16.04 10.78 -23.98
C TRP J 828 -15.44 11.90 -24.81
N GLN J 829 -15.31 13.08 -24.23
CA GLN J 829 -14.74 14.17 -25.00
C GLN J 829 -13.95 15.10 -24.10
N ILE J 830 -12.82 15.57 -24.63
CA ILE J 830 -11.96 16.55 -23.98
C ILE J 830 -11.76 17.67 -25.00
N PRO J 831 -12.41 18.82 -24.86
CA PRO J 831 -12.31 19.85 -25.89
C PRO J 831 -10.97 20.56 -25.83
N PHE J 832 -10.42 20.85 -27.01
CA PHE J 832 -9.12 21.52 -27.10
C PHE J 832 -9.34 23.03 -27.02
N SER J 833 -9.61 23.49 -25.81
CA SER J 833 -9.84 24.89 -25.55
C SER J 833 -9.20 25.26 -24.23
N SER J 834 -9.16 26.57 -23.96
CA SER J 834 -8.47 27.06 -22.77
C SER J 834 -9.30 26.89 -21.50
N ASN J 835 -10.62 27.04 -21.61
CA ASN J 835 -11.52 26.90 -20.47
C ASN J 835 -12.57 25.83 -20.69
N PHE J 836 -12.32 24.92 -21.63
CA PHE J 836 -13.17 23.77 -21.96
C PHE J 836 -14.57 24.16 -22.41
N LEU J 837 -14.75 25.38 -22.90
CA LEU J 837 -16.06 25.83 -23.34
C LEU J 837 -16.14 25.81 -24.87
N ASN J 838 -17.35 26.03 -25.37
CA ASN J 838 -17.59 26.18 -26.80
C ASN J 838 -17.74 27.67 -27.08
N MET J 839 -16.61 28.36 -27.20
CA MET J 839 -16.62 29.74 -27.66
C MET J 839 -16.47 29.84 -29.17
N GLY J 840 -16.39 28.72 -29.87
CA GLY J 840 -16.22 28.72 -31.30
C GLY J 840 -15.84 27.35 -31.85
N THR J 841 -16.25 27.07 -33.09
CA THR J 841 -15.84 25.83 -33.73
C THR J 841 -14.36 25.84 -34.03
N LEU J 842 -13.89 26.91 -34.66
CA LEU J 842 -12.46 27.22 -34.69
C LEU J 842 -12.08 27.73 -33.31
N THR J 843 -11.55 26.84 -32.48
CA THR J 843 -11.33 27.13 -31.07
C THR J 843 -10.19 28.13 -30.88
N ASP J 844 -10.04 28.60 -29.64
CA ASP J 844 -9.08 29.67 -29.37
C ASP J 844 -7.65 29.16 -29.39
N LEU J 845 -7.41 27.96 -28.86
CA LEU J 845 -6.08 27.38 -28.96
C LEU J 845 -5.79 26.84 -30.36
N GLY J 846 -6.81 26.66 -31.19
CA GLY J 846 -6.59 26.20 -32.54
C GLY J 846 -5.92 27.24 -33.42
N GLN J 847 -6.12 28.52 -33.10
CA GLN J 847 -5.48 29.62 -33.81
C GLN J 847 -4.48 30.34 -32.93
N ASN J 848 -3.88 29.62 -31.99
CA ASN J 848 -2.85 30.18 -31.12
C ASN J 848 -1.55 30.36 -31.91
N VAL J 849 -0.65 31.19 -31.36
CA VAL J 849 0.65 31.40 -31.98
C VAL J 849 1.53 30.17 -31.85
N MET J 850 1.33 29.36 -30.82
CA MET J 850 2.17 28.21 -30.55
C MET J 850 1.87 27.03 -31.49
N TYR J 851 0.72 27.01 -32.13
CA TYR J 851 0.35 25.88 -32.97
C TYR J 851 0.48 26.18 -34.45
N ALA J 852 -0.10 27.29 -34.89
CA ALA J 852 0.18 27.80 -36.22
C ALA J 852 1.64 28.23 -36.30
N ASN J 853 2.30 27.84 -37.40
CA ASN J 853 3.71 28.08 -37.69
C ASN J 853 4.63 27.41 -36.67
N SER J 854 4.22 26.29 -36.09
CA SER J 854 5.09 25.45 -35.26
C SER J 854 4.59 24.01 -35.35
N SER J 855 5.21 23.11 -34.58
CA SER J 855 4.84 21.71 -34.64
C SER J 855 5.17 21.03 -33.32
N HIS J 856 4.37 20.01 -32.99
CA HIS J 856 4.49 19.29 -31.72
C HIS J 856 4.20 17.81 -31.96
N SER J 857 4.57 16.97 -30.99
CA SER J 857 4.61 15.52 -31.17
C SER J 857 3.91 14.79 -30.02
N LEU J 858 2.59 14.64 -30.14
CA LEU J 858 1.72 14.30 -29.02
C LEU J 858 2.00 12.91 -28.43
N ASN J 859 1.99 12.83 -27.10
CA ASN J 859 2.09 11.57 -26.36
C ASN J 859 0.86 11.45 -25.47
N MET J 860 0.11 10.36 -25.60
CA MET J 860 -1.07 10.15 -24.78
C MET J 860 -1.01 8.76 -24.17
N GLN J 861 -1.38 8.67 -22.89
CA GLN J 861 -1.39 7.40 -22.17
C GLN J 861 -2.73 7.22 -21.49
N PHE J 862 -3.36 6.06 -21.69
CA PHE J 862 -4.63 5.78 -21.07
C PHE J 862 -4.48 4.70 -20.02
N THR J 863 -5.56 4.47 -19.27
CA THR J 863 -5.62 3.37 -18.32
C THR J 863 -7.07 2.92 -18.25
N VAL J 864 -7.31 1.62 -18.40
CA VAL J 864 -8.66 1.09 -18.42
C VAL J 864 -8.79 -0.01 -17.38
N ASP J 865 -10.03 -0.33 -17.06
CA ASP J 865 -10.33 -1.56 -16.34
C ASP J 865 -10.03 -2.71 -17.28
N PRO J 866 -9.15 -3.65 -16.92
CA PRO J 866 -8.81 -4.74 -17.82
C PRO J 866 -9.98 -5.70 -18.03
N MET J 867 -10.13 -6.16 -19.26
CA MET J 867 -11.19 -7.07 -19.68
C MET J 867 -10.59 -8.39 -20.11
N THR J 868 -11.45 -9.38 -20.27
CA THR J 868 -11.04 -10.71 -20.70
C THR J 868 -11.04 -10.88 -22.21
N GLU J 869 -11.34 -9.84 -22.97
CA GLU J 869 -11.41 -9.93 -24.41
C GLU J 869 -10.50 -8.88 -25.03
N PRO J 870 -9.96 -9.15 -26.22
CA PRO J 870 -9.19 -8.11 -26.93
C PRO J 870 -10.11 -7.00 -27.39
N THR J 871 -9.69 -5.76 -27.14
CA THR J 871 -10.50 -4.59 -27.43
C THR J 871 -9.69 -3.56 -28.20
N TYR J 872 -10.40 -2.73 -28.94
CA TYR J 872 -9.76 -1.61 -29.63
C TYR J 872 -9.80 -0.37 -28.74
N LEU J 873 -9.51 0.77 -29.35
CA LEU J 873 -9.59 2.07 -28.69
C LEU J 873 -9.93 3.07 -29.78
N MET J 874 -11.20 3.41 -29.89
CA MET J 874 -11.64 4.33 -30.93
C MET J 874 -11.36 5.75 -30.46
N LEU J 875 -10.26 6.32 -30.92
CA LEU J 875 -9.91 7.69 -30.59
C LEU J 875 -10.21 8.56 -31.80
N LEU J 876 -10.74 9.76 -31.56
CA LEU J 876 -11.16 10.67 -32.62
C LEU J 876 -10.48 12.01 -32.45
N PHE J 877 -9.48 12.27 -33.29
CA PHE J 877 -8.90 13.60 -33.35
C PHE J 877 -9.87 14.52 -34.06
N GLY J 878 -10.47 15.47 -33.34
CA GLY J 878 -11.39 16.39 -33.96
C GLY J 878 -10.72 17.34 -34.92
N VAL J 879 -10.94 17.13 -36.21
CA VAL J 879 -10.36 17.96 -37.25
C VAL J 879 -11.49 18.63 -38.02
N PHE J 880 -11.14 19.63 -38.82
CA PHE J 880 -12.10 20.12 -39.78
C PHE J 880 -12.12 19.22 -41.00
N ASP J 881 -13.11 19.41 -41.86
CA ASP J 881 -13.21 18.59 -43.07
C ASP J 881 -13.98 19.39 -44.10
N GLN J 882 -13.28 19.98 -45.06
CA GLN J 882 -13.88 20.95 -45.96
C GLN J 882 -13.78 20.48 -47.40
N VAL J 883 -14.85 20.74 -48.16
CA VAL J 883 -14.94 20.45 -49.59
C VAL J 883 -15.39 21.74 -50.25
N VAL J 884 -14.81 22.08 -51.40
CA VAL J 884 -15.40 23.07 -52.30
C VAL J 884 -15.65 22.40 -53.63
N ILE J 885 -16.76 22.75 -54.28
CA ILE J 885 -17.20 22.05 -55.48
C ILE J 885 -17.45 23.09 -56.56
N ASN J 886 -16.59 23.10 -57.57
CA ASN J 886 -16.62 24.09 -58.64
C ASN J 886 -17.33 23.51 -59.85
N GLN J 887 -18.21 24.30 -60.46
CA GLN J 887 -18.91 23.92 -61.69
C GLN J 887 -18.90 25.10 -62.65
N PRO J 888 -17.80 25.30 -63.38
CA PRO J 888 -17.75 26.45 -64.30
C PRO J 888 -18.32 26.18 -65.67
N THR J 889 -18.46 24.91 -66.06
CA THR J 889 -18.86 24.53 -67.41
C THR J 889 -19.78 23.32 -67.27
N ARG J 890 -20.71 23.16 -68.20
CA ARG J 890 -21.54 21.95 -68.20
C ARG J 890 -20.66 20.74 -68.47
N SER J 891 -20.87 19.69 -67.67
CA SER J 891 -19.97 18.54 -67.55
C SER J 891 -18.54 19.00 -67.23
N GLY J 892 -18.44 19.88 -66.23
CA GLY J 892 -17.16 20.46 -65.87
C GLY J 892 -16.90 20.52 -64.38
N ILE J 893 -17.38 19.52 -63.63
CA ILE J 893 -17.23 19.51 -62.19
C ILE J 893 -15.77 19.38 -61.77
N SER J 894 -15.44 19.95 -60.62
CA SER J 894 -14.10 19.93 -60.04
C SER J 894 -14.22 20.17 -58.55
N VAL J 895 -13.51 19.38 -57.76
CA VAL J 895 -13.53 19.53 -56.30
C VAL J 895 -12.13 19.80 -55.79
N ALA J 896 -12.07 20.10 -54.49
CA ALA J 896 -10.81 20.28 -53.79
C ALA J 896 -11.06 19.92 -52.34
N TYR J 897 -10.71 18.70 -51.95
CA TYR J 897 -10.84 18.29 -50.55
C TYR J 897 -9.67 18.85 -49.76
N LEU J 898 -9.97 19.37 -48.58
CA LEU J 898 -8.91 19.86 -47.69
C LEU J 898 -9.42 19.75 -46.27
N ARG J 899 -8.76 18.92 -45.47
CA ARG J 899 -9.13 18.76 -44.08
C ARG J 899 -7.88 18.98 -43.24
N LEU J 900 -7.98 19.81 -42.22
CA LEU J 900 -6.80 20.12 -41.42
C LEU J 900 -7.17 20.16 -39.95
N PRO J 901 -6.24 19.85 -39.04
CA PRO J 901 -4.79 19.60 -39.05
C PRO J 901 -4.25 18.37 -39.80
N PHE J 902 -4.99 17.27 -39.87
CA PHE J 902 -4.42 16.08 -40.49
C PHE J 902 -4.59 16.15 -42.00
N ALA J 903 -3.76 16.95 -42.66
CA ALA J 903 -3.89 17.18 -44.10
C ALA J 903 -3.54 15.97 -44.94
N SER J 904 -4.51 15.10 -45.20
CA SER J 904 -4.32 13.82 -45.90
C SER J 904 -3.89 14.09 -47.33
N GLY J 905 -4.41 15.12 -47.99
CA GLY J 905 -4.06 15.33 -49.38
C GLY J 905 -2.64 15.85 -49.54
N SER J 906 -2.04 15.45 -50.66
CA SER J 906 -0.73 15.95 -51.03
C SER J 906 -0.89 17.18 -51.91
N MET K 1 -12.77 89.91 78.27
CA MET K 1 -12.86 91.14 77.50
C MET K 1 -13.69 90.91 76.23
N GLU K 2 -13.22 89.98 75.41
CA GLU K 2 -14.03 89.44 74.34
C GLU K 2 -15.28 88.78 74.95
N PRO K 3 -16.45 88.99 74.36
CA PRO K 3 -17.70 88.50 74.99
C PRO K 3 -17.80 86.98 75.03
N GLN K 4 -18.71 86.50 75.87
CA GLN K 4 -18.75 85.09 76.23
C GLN K 4 -19.22 84.23 75.05
N ARG K 5 -20.11 84.76 74.22
CA ARG K 5 -20.56 84.01 73.05
C ARG K 5 -19.47 83.93 72.00
N GLU K 6 -18.59 84.93 71.95
CA GLU K 6 -17.59 84.99 70.89
C GLU K 6 -16.29 84.31 71.30
N PHE K 7 -15.95 84.35 72.59
CA PHE K 7 -14.65 83.83 73.02
C PHE K 7 -14.65 82.31 73.04
N PHE K 8 -15.74 81.69 73.45
CA PHE K 8 -15.82 80.24 73.53
C PHE K 8 -16.44 79.61 72.30
N HIS K 9 -16.70 80.43 71.26
CA HIS K 9 -17.16 79.99 69.94
C HIS K 9 -18.49 79.24 70.02
N ILE K 10 -19.38 79.77 70.84
CA ILE K 10 -20.79 79.38 70.80
C ILE K 10 -21.46 79.98 69.57
N ALA K 11 -21.23 81.26 69.32
CA ALA K 11 -21.69 81.92 68.12
C ALA K 11 -20.60 82.86 67.64
N GLY K 12 -20.60 83.13 66.34
CA GLY K 12 -19.61 84.03 65.78
C GLY K 12 -18.95 83.51 64.53
N ARG K 13 -17.63 83.43 64.54
CA ARG K 13 -16.87 83.05 63.37
C ARG K 13 -16.68 81.54 63.31
N SER K 14 -16.74 81.01 62.10
CA SER K 14 -16.55 79.59 61.86
C SER K 14 -15.05 79.27 61.83
N ALA K 15 -14.74 77.97 61.89
CA ALA K 15 -13.36 77.50 62.01
C ALA K 15 -12.51 77.84 60.80
N LYS K 16 -13.13 78.09 59.65
CA LYS K 16 -12.41 78.59 58.49
C LYS K 16 -11.92 80.02 58.73
N GLU K 17 -12.59 80.77 59.60
CA GLU K 17 -12.38 82.21 59.66
C GLU K 17 -12.10 82.76 61.05
N TYR K 18 -11.69 81.93 62.02
CA TYR K 18 -11.02 82.47 63.18
C TYR K 18 -9.63 81.86 63.39
N LEU K 19 -9.20 80.96 62.52
CA LEU K 19 -7.85 80.42 62.61
C LEU K 19 -6.91 81.33 61.82
N SER K 20 -5.69 80.86 61.60
CA SER K 20 -4.60 81.78 61.29
C SER K 20 -4.40 81.95 59.78
N GLU K 21 -5.11 81.15 58.96
CA GLU K 21 -5.08 81.05 57.50
C GLU K 21 -3.79 80.35 57.02
N ASN K 22 -2.82 80.18 57.92
CA ASN K 22 -1.70 79.31 57.68
C ASN K 22 -1.81 78.05 58.52
N LEU K 23 -2.75 78.03 59.46
CA LEU K 23 -3.15 76.82 60.15
C LEU K 23 -4.24 76.11 59.36
N VAL K 24 -5.11 76.88 58.70
CA VAL K 24 -6.15 76.29 57.84
C VAL K 24 -5.51 75.59 56.65
N GLN K 25 -4.54 76.26 56.01
CA GLN K 25 -3.83 75.63 54.91
C GLN K 25 -2.90 74.52 55.37
N PHE K 26 -2.59 74.47 56.66
CA PHE K 26 -1.84 73.33 57.19
C PHE K 26 -2.75 72.15 57.46
N ILE K 27 -3.93 72.39 58.03
CA ILE K 27 -4.77 71.26 58.41
C ILE K 27 -5.44 70.66 57.18
N GLN K 28 -5.71 71.45 56.15
CA GLN K 28 -6.29 70.90 54.94
C GLN K 28 -5.28 70.10 54.14
N ALA K 29 -3.98 70.31 54.37
CA ALA K 29 -2.97 69.54 53.66
C ALA K 29 -2.97 68.09 54.13
N THR K 30 -2.81 67.88 55.43
CA THR K 30 -2.71 66.52 55.96
C THR K 30 -3.99 65.72 55.83
N GLN K 31 -4.97 65.98 56.70
CA GLN K 31 -6.35 65.48 56.66
C GLN K 31 -6.54 63.96 56.71
N ASN K 32 -5.48 63.18 56.51
CA ASN K 32 -5.58 61.73 56.41
C ASN K 32 -4.67 61.02 57.38
N TYR K 33 -3.39 61.37 57.40
CA TYR K 33 -2.44 60.68 58.24
C TYR K 33 -2.32 61.31 59.62
N PHE K 34 -2.45 62.63 59.71
CA PHE K 34 -2.39 63.32 61.00
C PHE K 34 -3.43 64.43 60.96
N ASN K 35 -4.64 64.11 61.40
CA ASN K 35 -5.78 65.00 61.32
C ASN K 35 -5.83 65.85 62.59
N ILE K 36 -5.65 67.17 62.44
CA ILE K 36 -5.99 68.05 63.54
C ILE K 36 -7.50 68.16 63.55
N GLY K 37 -8.06 68.81 62.52
CA GLY K 37 -9.49 68.79 62.28
C GLY K 37 -10.36 69.30 63.41
N GLU K 38 -10.96 68.36 64.11
CA GLU K 38 -11.94 68.42 65.19
C GLU K 38 -11.38 68.94 66.49
N LYS K 39 -10.17 69.49 66.59
CA LYS K 39 -9.74 70.15 67.80
C LYS K 39 -10.19 71.61 67.87
N PHE K 40 -11.16 72.00 67.06
CA PHE K 40 -11.65 73.38 67.01
C PHE K 40 -13.15 73.34 66.78
N ARG K 41 -13.88 74.17 67.50
CA ARG K 41 -15.33 74.15 67.42
C ARG K 41 -15.82 75.05 66.28
N ASP K 42 -16.97 74.67 65.74
CA ASP K 42 -17.59 75.37 64.62
C ASP K 42 -19.00 75.76 65.03
N PRO K 43 -19.32 77.05 65.13
CA PRO K 43 -20.68 77.44 65.55
C PRO K 43 -21.69 77.16 64.45
N TYR K 44 -22.80 76.54 64.84
CA TYR K 44 -23.87 76.17 63.93
C TYR K 44 -25.15 76.81 64.45
N VAL K 45 -25.58 77.88 63.79
CA VAL K 45 -26.46 78.89 64.38
C VAL K 45 -27.78 78.92 63.61
N ALA K 46 -28.89 78.83 64.33
CA ALA K 46 -30.21 78.95 63.73
C ALA K 46 -30.46 80.38 63.30
N PRO K 47 -31.24 80.59 62.22
CA PRO K 47 -31.42 81.96 61.69
C PRO K 47 -32.24 82.88 62.56
N SER K 48 -33.21 82.35 63.32
CA SER K 48 -33.89 83.05 64.43
C SER K 48 -34.73 84.27 64.07
N ALA K 49 -34.85 84.60 62.78
CA ALA K 49 -35.65 85.75 62.38
C ALA K 49 -36.07 85.56 60.93
N GLY K 50 -37.35 85.76 60.66
CA GLY K 50 -37.87 85.64 59.33
C GLY K 50 -38.26 84.24 58.92
N VAL K 51 -38.08 83.25 59.80
CA VAL K 51 -38.41 81.87 59.45
C VAL K 51 -39.72 81.46 60.10
N THR K 52 -39.76 81.48 61.43
CA THR K 52 -40.93 81.01 62.16
C THR K 52 -41.67 82.20 62.75
N THR K 53 -42.99 82.23 62.55
CA THR K 53 -43.81 83.31 63.06
C THR K 53 -43.92 83.22 64.58
N ASP K 54 -44.35 84.34 65.18
CA ASP K 54 -44.53 84.42 66.62
C ASP K 54 -45.98 84.27 67.03
N ARG K 55 -46.92 84.58 66.14
CA ARG K 55 -48.33 84.60 66.47
C ARG K 55 -48.87 83.17 66.53
N SER K 56 -49.97 83.02 67.27
CA SER K 56 -50.45 81.70 67.70
C SER K 56 -51.15 80.94 66.59
N GLN K 57 -50.80 79.67 66.43
CA GLN K 57 -51.47 78.77 65.49
C GLN K 57 -51.20 77.33 65.87
N LYS K 58 -52.12 76.46 65.46
CA LYS K 58 -52.02 75.04 65.72
C LYS K 58 -51.03 74.40 64.75
N LEU K 59 -50.32 73.37 65.23
CA LEU K 59 -49.38 72.64 64.39
C LEU K 59 -49.97 71.39 63.74
N GLN K 60 -51.07 70.86 64.28
CA GLN K 60 -51.78 69.75 63.68
C GLN K 60 -53.28 69.97 63.86
N LEU K 61 -53.98 70.33 62.79
CA LEU K 61 -55.42 70.48 62.96
C LEU K 61 -56.12 69.13 62.98
N ARG K 62 -57.42 69.20 63.22
CA ARG K 62 -58.33 68.06 63.11
C ARG K 62 -59.63 68.57 62.52
N VAL K 63 -60.02 68.02 61.37
CA VAL K 63 -61.30 68.36 60.77
C VAL K 63 -62.21 67.16 60.90
N VAL K 64 -63.41 67.39 61.42
CA VAL K 64 -64.43 66.35 61.57
C VAL K 64 -65.08 66.13 60.22
N PRO K 65 -65.68 64.97 59.95
CA PRO K 65 -66.40 64.80 58.69
C PRO K 65 -67.69 65.62 58.68
N ILE K 66 -67.94 66.28 57.55
CA ILE K 66 -69.16 67.06 57.40
C ILE K 66 -70.36 66.14 57.28
N GLN K 67 -70.33 65.23 56.32
CA GLN K 67 -71.38 64.24 56.16
C GLN K 67 -70.75 62.89 55.86
N THR K 68 -71.39 61.84 56.37
CA THR K 68 -70.97 60.47 56.12
C THR K 68 -72.16 59.67 55.63
N GLU K 69 -71.88 58.45 55.18
CA GLU K 69 -72.93 57.55 54.75
C GLU K 69 -72.52 56.11 55.04
N ASP K 70 -73.44 55.35 55.61
CA ASP K 70 -73.19 53.97 56.02
C ASP K 70 -73.91 53.06 55.03
N ASN K 71 -73.14 52.38 54.19
CA ASN K 71 -73.68 51.40 53.27
C ASN K 71 -73.12 50.03 53.63
N VAL K 72 -73.73 48.98 53.08
CA VAL K 72 -73.25 47.63 53.27
C VAL K 72 -71.86 47.47 52.65
N ASN K 73 -71.63 48.12 51.52
CA ASN K 73 -70.39 47.93 50.78
C ASN K 73 -69.32 48.96 51.06
N TYR K 74 -69.68 50.17 51.51
CA TYR K 74 -68.68 51.18 51.73
C TYR K 74 -69.10 52.08 52.89
N TYR K 75 -68.23 53.04 53.20
CA TYR K 75 -68.48 54.07 54.20
C TYR K 75 -67.72 55.31 53.76
N LYS K 76 -68.41 56.42 53.57
CA LYS K 76 -67.77 57.61 53.04
C LYS K 76 -67.50 58.64 54.13
N ALA K 77 -66.71 59.64 53.77
CA ALA K 77 -66.39 60.75 54.64
C ALA K 77 -66.13 61.98 53.79
N ARG K 78 -66.68 63.11 54.21
CA ARG K 78 -66.53 64.37 53.49
C ARG K 78 -66.02 65.42 54.44
N PHE K 79 -64.85 65.97 54.13
CA PHE K 79 -64.18 66.95 54.97
C PHE K 79 -64.12 68.30 54.29
N THR K 80 -64.10 69.35 55.09
CA THR K 80 -63.88 70.71 54.61
C THR K 80 -62.51 71.12 55.15
N LEU K 81 -61.48 70.88 54.37
CA LEU K 81 -60.11 71.23 54.75
C LEU K 81 -59.97 72.74 54.65
N ASN K 82 -60.19 73.43 55.76
CA ASN K 82 -60.18 74.89 55.80
C ASN K 82 -58.75 75.33 56.12
N VAL K 83 -58.06 75.82 55.12
CA VAL K 83 -56.71 76.37 55.27
C VAL K 83 -56.86 77.88 55.27
N GLY K 84 -56.59 78.51 56.41
CA GLY K 84 -56.72 79.93 56.54
C GLY K 84 -55.64 80.68 55.77
N ASP K 85 -55.74 82.00 55.81
CA ASP K 85 -54.73 82.83 55.16
C ASP K 85 -53.41 82.73 55.90
N ASN K 86 -52.33 82.94 55.16
CA ASN K 86 -50.94 82.90 55.65
C ASN K 86 -50.58 81.53 56.22
N ARG K 87 -51.07 80.47 55.57
CA ARG K 87 -50.84 79.10 56.03
C ARG K 87 -50.29 78.26 54.89
N LEU K 88 -49.49 77.26 55.23
CA LEU K 88 -49.06 76.24 54.28
C LEU K 88 -49.26 74.88 54.89
N VAL K 89 -49.69 73.92 54.09
CA VAL K 89 -49.77 72.53 54.52
C VAL K 89 -49.35 71.63 53.36
N ASP K 90 -48.45 70.69 53.66
CA ASP K 90 -48.06 69.66 52.71
C ASP K 90 -48.97 68.46 52.92
N LEU K 91 -49.44 67.88 51.83
CA LEU K 91 -50.34 66.74 51.93
C LEU K 91 -49.64 65.44 52.28
N GLY K 92 -48.30 65.42 52.29
CA GLY K 92 -47.60 64.24 52.74
C GLY K 92 -47.80 63.97 54.22
N SER K 93 -48.02 65.03 55.00
CA SER K 93 -48.31 64.90 56.41
C SER K 93 -49.75 64.50 56.70
N SER K 94 -50.60 64.42 55.69
CA SER K 94 -52.01 64.16 55.92
C SER K 94 -52.28 62.66 56.00
N TYR K 95 -53.19 62.29 56.90
CA TYR K 95 -53.63 60.91 57.04
C TYR K 95 -55.00 60.91 57.69
N PHE K 96 -55.65 59.74 57.66
CA PHE K 96 -56.95 59.55 58.30
C PHE K 96 -56.73 58.85 59.63
N ASP K 97 -57.46 59.28 60.64
CA ASP K 97 -57.44 58.63 61.95
C ASP K 97 -58.73 57.82 62.05
N ILE K 98 -58.61 56.51 61.86
CA ILE K 98 -59.77 55.64 61.84
C ILE K 98 -59.86 54.87 63.15
N LYS K 99 -60.96 55.05 63.86
CA LYS K 99 -61.32 54.19 64.97
C LYS K 99 -62.44 53.25 64.54
N GLY K 100 -62.72 52.26 65.38
CA GLY K 100 -63.80 51.35 65.09
C GLY K 100 -63.58 50.03 65.79
N THR K 101 -64.38 49.04 65.41
CA THR K 101 -64.23 47.69 65.93
C THR K 101 -64.16 46.71 64.77
N LEU K 102 -63.55 45.57 65.03
CA LEU K 102 -63.28 44.58 64.00
C LEU K 102 -63.60 43.19 64.51
N ASP K 103 -64.45 42.48 63.78
CA ASP K 103 -64.72 41.07 64.01
C ASP K 103 -63.90 40.27 63.00
N ARG K 104 -63.26 39.21 63.47
CA ARG K 104 -62.46 38.37 62.59
C ARG K 104 -63.12 37.06 62.21
N GLY K 105 -64.09 36.60 62.99
CA GLY K 105 -64.80 35.39 62.66
C GLY K 105 -64.19 34.17 63.32
N PRO K 106 -64.80 33.00 63.11
CA PRO K 106 -64.31 31.78 63.77
C PRO K 106 -63.06 31.20 63.12
N SER K 107 -62.61 31.74 61.99
CA SER K 107 -61.45 31.22 61.27
C SER K 107 -60.15 31.82 61.75
N PHE K 108 -60.10 32.30 62.99
CA PHE K 108 -58.94 33.00 63.51
C PHE K 108 -58.32 32.20 64.63
N LYS K 109 -57.04 31.88 64.47
CA LYS K 109 -56.29 31.10 65.46
C LYS K 109 -54.86 31.58 65.40
N PRO K 110 -54.52 32.61 66.18
CA PRO K 110 -53.23 33.27 65.98
C PRO K 110 -52.06 32.63 66.69
N TYR K 111 -51.96 31.31 66.69
CA TYR K 111 -50.81 30.62 67.27
C TYR K 111 -50.73 29.24 66.66
N GLY K 112 -49.93 28.37 67.28
CA GLY K 112 -49.76 27.01 66.84
C GLY K 112 -49.85 26.05 68.01
N GLY K 113 -50.09 24.79 67.67
CA GLY K 113 -50.28 23.79 68.71
C GLY K 113 -51.62 23.99 69.38
N THR K 114 -51.66 23.79 70.71
CA THR K 114 -52.85 24.04 71.49
C THR K 114 -52.46 24.68 72.81
N ALA K 115 -53.48 25.16 73.53
CA ALA K 115 -53.26 25.82 74.80
C ALA K 115 -53.84 25.06 75.98
N TYR K 116 -54.63 24.03 75.74
CA TYR K 116 -55.28 23.26 76.79
C TYR K 116 -54.76 21.84 76.73
N ASN K 117 -54.14 21.40 77.83
CA ASN K 117 -53.37 20.17 77.97
C ASN K 117 -52.33 20.06 76.85
N PRO K 118 -51.35 20.98 76.76
CA PRO K 118 -50.47 20.97 75.59
C PRO K 118 -49.43 19.86 75.60
N LEU K 119 -49.19 19.25 76.76
CA LEU K 119 -48.16 18.22 76.88
C LEU K 119 -48.71 16.81 76.74
N ALA K 120 -50.03 16.65 76.64
CA ALA K 120 -50.62 15.34 76.53
C ALA K 120 -50.30 14.71 75.18
N PRO K 121 -50.15 13.39 75.12
CA PRO K 121 -50.15 12.73 73.82
C PRO K 121 -51.51 12.86 73.16
N LYS K 122 -51.49 12.93 71.82
CA LYS K 122 -52.69 13.25 71.07
C LYS K 122 -53.71 12.11 71.08
N SER K 123 -53.31 10.92 71.48
CA SER K 123 -54.22 9.78 71.57
C SER K 123 -54.81 9.59 72.95
N ALA K 124 -54.45 10.44 73.90
CA ALA K 124 -54.82 10.21 75.29
C ALA K 124 -56.27 10.64 75.52
N PRO K 125 -57.09 9.79 76.13
CA PRO K 125 -58.39 10.24 76.61
C PRO K 125 -58.26 10.82 78.02
N ILE K 126 -59.36 11.39 78.49
CA ILE K 126 -59.47 11.78 79.88
C ILE K 126 -60.31 10.73 80.60
N ASN K 127 -60.34 10.80 81.93
CA ASN K 127 -61.14 9.88 82.72
C ASN K 127 -62.61 10.22 82.50
N SER K 128 -63.29 9.40 81.69
CA SER K 128 -64.65 9.70 81.29
C SER K 128 -65.46 8.41 81.31
N ALA K 129 -66.69 8.52 80.81
CA ALA K 129 -67.56 7.38 80.60
C ALA K 129 -68.23 7.53 79.25
N PHE K 130 -68.38 6.42 78.53
CA PHE K 130 -68.98 6.45 77.21
C PHE K 130 -69.69 5.13 76.96
N THR K 131 -70.83 5.21 76.28
CA THR K 131 -71.73 4.08 76.11
C THR K 131 -71.67 3.60 74.67
N VAL K 132 -70.75 2.68 74.40
CA VAL K 132 -70.73 1.99 73.11
C VAL K 132 -71.82 0.92 73.13
N GLY K 133 -72.84 1.10 72.28
CA GLY K 133 -73.95 0.18 72.27
C GLY K 133 -74.83 0.32 73.49
N ASN K 134 -74.77 -0.66 74.37
CA ASN K 134 -75.61 -0.67 75.57
C ASN K 134 -74.82 -0.58 76.86
N ASP K 135 -73.67 -1.22 76.94
CA ASP K 135 -72.84 -1.14 78.14
C ASP K 135 -71.98 0.13 78.12
N THR K 136 -71.67 0.64 79.30
CA THR K 136 -70.76 1.77 79.39
C THR K 136 -69.35 1.29 79.73
N HIS K 137 -68.38 2.10 79.35
CA HIS K 137 -66.98 1.84 79.65
C HIS K 137 -66.46 2.98 80.50
N PHE K 138 -65.65 2.65 81.50
CA PHE K 138 -65.04 3.66 82.36
C PHE K 138 -63.54 3.68 82.13
N VAL K 139 -63.09 4.55 81.23
CA VAL K 139 -61.70 4.90 81.14
C VAL K 139 -61.32 5.73 82.36
N ALA K 140 -60.27 5.30 83.06
CA ALA K 140 -59.98 5.91 84.35
C ALA K 140 -58.50 5.81 84.70
N GLN K 141 -58.00 6.86 85.34
CA GLN K 141 -56.71 6.87 86.01
C GLN K 141 -56.94 7.38 87.42
N LEU K 142 -56.54 6.59 88.42
CA LEU K 142 -56.81 6.90 89.82
C LEU K 142 -55.50 7.16 90.54
N PRO K 143 -55.02 8.40 90.57
CA PRO K 143 -53.71 8.67 91.17
C PRO K 143 -53.72 8.71 92.69
N GLN K 144 -54.81 9.20 93.29
CA GLN K 144 -54.91 9.22 94.74
C GLN K 144 -55.30 7.84 95.24
N THR K 145 -54.61 7.40 96.28
CA THR K 145 -54.95 6.16 96.97
C THR K 145 -55.17 6.45 98.44
N TYR K 146 -56.17 5.78 99.02
CA TYR K 146 -56.45 5.89 100.45
C TYR K 146 -56.52 4.49 101.04
N ALA K 147 -56.46 4.44 102.36
CA ALA K 147 -56.50 3.16 103.07
C ALA K 147 -57.91 2.59 103.03
N ALA K 148 -58.03 1.37 102.51
CA ALA K 148 -59.32 0.67 102.47
C ALA K 148 -59.01 -0.83 102.46
N GLY K 149 -59.30 -1.49 103.57
CA GLY K 149 -58.98 -2.90 103.72
C GLY K 149 -59.94 -3.83 103.02
N GLY K 150 -60.26 -4.96 103.65
CA GLY K 150 -61.20 -5.89 103.06
C GLY K 150 -62.61 -5.32 103.10
N THR K 151 -63.27 -5.32 101.94
CA THR K 151 -64.59 -4.74 101.72
C THR K 151 -64.59 -3.25 102.09
N GLY K 152 -63.84 -2.50 101.29
CA GLY K 152 -63.64 -1.08 101.52
C GLY K 152 -64.80 -0.17 101.13
N VAL K 153 -66.03 -0.68 101.22
CA VAL K 153 -67.20 0.14 100.97
C VAL K 153 -67.46 1.09 102.13
N THR K 154 -66.95 0.79 103.32
CA THR K 154 -67.09 1.69 104.44
C THR K 154 -66.23 2.94 104.26
N GLU K 155 -64.98 2.75 103.84
CA GLU K 155 -64.09 3.87 103.60
C GLU K 155 -64.36 4.58 102.28
N ALA K 156 -65.15 3.97 101.39
CA ALA K 156 -65.48 4.65 100.13
C ALA K 156 -66.60 5.67 100.33
N ILE K 157 -67.54 5.40 101.24
CA ILE K 157 -68.63 6.34 101.49
C ILE K 157 -68.12 7.57 102.22
N GLN K 158 -67.14 7.39 103.12
CA GLN K 158 -66.62 8.49 103.92
C GLN K 158 -65.78 9.48 103.13
N GLN K 159 -65.39 9.15 101.91
CA GLN K 159 -64.68 10.10 101.05
C GLN K 159 -65.66 11.16 100.57
N GLN K 160 -65.63 12.32 101.22
CA GLN K 160 -66.48 13.43 100.80
C GLN K 160 -65.98 14.00 99.48
N VAL K 161 -66.91 14.25 98.56
CA VAL K 161 -66.55 14.64 97.21
C VAL K 161 -66.90 16.08 96.88
N SER K 162 -67.80 16.71 97.64
CA SER K 162 -67.92 18.15 97.91
C SER K 162 -67.52 19.11 96.79
N GLY K 163 -67.95 18.84 95.56
CA GLY K 163 -67.63 19.73 94.48
C GLY K 163 -66.21 19.62 93.94
N VAL K 164 -65.36 20.59 94.32
CA VAL K 164 -64.08 20.77 93.65
C VAL K 164 -63.05 19.72 94.09
N ASP K 165 -63.20 19.14 95.31
CA ASP K 165 -62.20 18.13 95.62
C ASP K 165 -62.64 16.76 95.07
N PRO K 166 -61.73 15.83 94.76
CA PRO K 166 -60.27 15.83 94.80
C PRO K 166 -59.65 16.65 93.67
N ASN K 167 -58.39 16.72 93.69
CA ASN K 167 -57.64 17.51 92.74
C ASN K 167 -57.18 16.60 91.60
N PRO K 168 -57.39 16.97 90.33
CA PRO K 168 -56.87 16.14 89.24
C PRO K 168 -55.36 16.16 89.05
N GLN K 169 -54.60 16.83 89.92
CA GLN K 169 -53.18 16.98 89.64
C GLN K 169 -52.26 16.83 90.85
N VAL K 170 -52.70 16.24 91.95
CA VAL K 170 -51.84 16.08 93.12
C VAL K 170 -51.20 14.69 93.17
N GLY K 171 -51.94 13.64 92.82
CA GLY K 171 -51.37 12.31 92.64
C GLY K 171 -50.79 11.69 93.90
N GLN K 172 -49.73 10.92 93.70
CA GLN K 172 -48.99 10.29 94.79
C GLN K 172 -48.22 11.36 95.56
N PRO K 173 -47.82 11.08 96.83
CA PRO K 173 -47.09 12.10 97.60
C PRO K 173 -45.65 12.36 97.19
N ASN K 174 -45.44 12.67 95.91
CA ASN K 174 -44.34 13.45 95.35
C ASN K 174 -42.98 12.75 95.33
N TYR K 175 -42.81 11.65 96.06
CA TYR K 175 -41.52 10.95 96.03
C TYR K 175 -41.67 9.45 96.11
N ALA K 176 -42.87 8.93 95.84
CA ALA K 176 -42.98 7.49 95.66
C ALA K 176 -42.38 7.10 94.31
N GLY K 177 -41.98 5.84 94.21
CA GLY K 177 -41.40 5.37 92.98
C GLY K 177 -42.46 5.01 91.95
N PRO K 178 -42.20 3.97 91.18
CA PRO K 178 -43.22 3.40 90.28
C PRO K 178 -44.03 2.33 91.00
N VAL K 179 -44.57 2.68 92.16
CA VAL K 179 -45.01 1.68 93.12
C VAL K 179 -46.29 1.00 92.64
N VAL K 180 -46.30 -0.32 92.69
CA VAL K 180 -47.52 -1.08 92.43
C VAL K 180 -48.40 -1.03 93.66
N VAL K 181 -49.61 -0.54 93.51
CA VAL K 181 -50.50 -0.40 94.65
C VAL K 181 -51.16 -1.75 94.94
N ASN K 182 -51.51 -1.96 96.20
CA ASN K 182 -52.26 -3.14 96.60
C ASN K 182 -53.73 -2.82 96.47
N THR K 183 -54.38 -3.38 95.45
CA THR K 183 -55.81 -3.20 95.27
C THR K 183 -56.59 -3.91 96.38
N THR K 184 -56.00 -4.96 96.95
CA THR K 184 -56.57 -5.61 98.13
C THR K 184 -56.52 -4.69 99.35
N ASN K 185 -55.46 -3.90 99.48
CA ASN K 185 -55.26 -3.06 100.66
C ASN K 185 -55.56 -1.58 100.44
N ASN K 186 -55.65 -1.12 99.20
CA ASN K 186 -55.96 0.27 98.91
C ASN K 186 -56.98 0.33 97.79
N ALA K 187 -57.84 1.34 97.82
CA ALA K 187 -58.93 1.43 96.86
C ALA K 187 -58.56 2.26 95.64
N GLY K 188 -58.24 3.52 95.86
CA GLY K 188 -58.05 4.43 94.75
C GLY K 188 -59.09 5.53 94.75
N LEU K 189 -58.72 6.67 94.19
CA LEU K 189 -59.51 7.89 94.33
C LEU K 189 -59.10 8.86 93.23
N GLY K 190 -60.09 9.52 92.63
CA GLY K 190 -59.84 10.41 91.51
C GLY K 190 -61.08 11.13 91.04
N ARG K 191 -61.13 11.49 89.75
CA ARG K 191 -62.30 12.15 89.18
C ARG K 191 -62.62 11.55 87.83
N ILE K 192 -63.85 11.81 87.36
CA ILE K 192 -64.36 11.25 86.12
C ILE K 192 -65.48 12.17 85.66
N VAL K 193 -65.89 12.03 84.41
CA VAL K 193 -67.05 12.73 83.88
C VAL K 193 -68.02 11.72 83.28
N SER K 194 -69.29 11.81 83.68
CA SER K 194 -70.32 10.87 83.25
C SER K 194 -70.61 11.00 81.77
N ALA K 195 -71.26 9.97 81.24
CA ALA K 195 -71.61 9.95 79.82
C ALA K 195 -72.79 10.85 79.50
N ASP K 196 -73.69 11.06 80.46
CA ASP K 196 -74.87 11.90 80.27
C ASP K 196 -74.43 13.36 80.33
N SER K 197 -73.88 13.83 79.21
CA SER K 197 -73.38 15.19 79.09
C SER K 197 -73.47 15.61 77.64
N GLU K 198 -73.88 16.85 77.42
CA GLU K 198 -74.08 17.35 76.06
C GLU K 198 -72.74 17.60 75.38
N GLY K 199 -72.77 17.56 74.05
CA GLY K 199 -71.57 17.73 73.26
C GLY K 199 -70.94 16.40 72.88
N GLN K 200 -69.88 16.50 72.10
CA GLN K 200 -69.13 15.34 71.63
C GLN K 200 -67.93 15.11 72.52
N GLN K 201 -67.70 13.87 72.92
CA GLN K 201 -66.55 13.53 73.74
C GLN K 201 -65.27 13.70 72.94
N PHE K 202 -64.26 14.29 73.57
CA PHE K 202 -63.02 14.71 72.95
C PHE K 202 -61.85 14.14 73.74
N PRO K 203 -60.69 13.91 73.09
CA PRO K 203 -59.52 13.43 73.84
C PRO K 203 -58.91 14.45 74.79
N CYS K 204 -57.78 14.08 75.41
CA CYS K 204 -57.17 14.97 76.38
C CYS K 204 -56.51 16.18 75.73
N TYR K 205 -56.02 16.02 74.50
CA TYR K 205 -55.04 16.93 73.89
C TYR K 205 -55.54 18.36 73.72
N GLY K 206 -56.84 18.59 73.64
CA GLY K 206 -57.31 19.95 73.51
C GLY K 206 -58.62 20.24 74.20
N ALA K 207 -58.99 19.39 75.15
CA ALA K 207 -60.31 19.47 75.76
C ALA K 207 -60.41 20.67 76.70
N TYR K 208 -61.61 21.23 76.77
CA TYR K 208 -61.86 22.42 77.55
C TYR K 208 -63.31 22.45 77.99
N ALA K 209 -63.56 23.02 79.17
CA ALA K 209 -64.88 23.33 79.64
C ALA K 209 -64.77 24.56 80.51
N PRO K 210 -65.68 25.52 80.39
CA PRO K 210 -65.59 26.75 81.17
C PRO K 210 -65.93 26.49 82.63
N PRO K 211 -65.23 27.15 83.55
CA PRO K 211 -65.54 26.97 84.98
C PRO K 211 -66.85 27.67 85.34
N GLN K 212 -67.33 27.38 86.54
CA GLN K 212 -68.58 27.94 87.02
C GLN K 212 -68.43 28.89 88.19
N SER K 213 -67.37 28.76 88.98
CA SER K 213 -67.13 29.67 90.09
C SER K 213 -65.65 29.97 90.19
N ALA K 214 -65.31 30.88 91.10
CA ALA K 214 -63.92 31.26 91.31
C ALA K 214 -63.12 30.18 92.03
N GLY K 215 -63.78 29.21 92.65
CA GLY K 215 -63.10 28.06 93.23
C GLY K 215 -62.58 27.07 92.22
N GLY K 216 -62.95 27.21 90.96
CA GLY K 216 -62.42 26.36 89.91
C GLY K 216 -63.23 25.12 89.61
N ASP K 217 -64.46 25.03 90.09
CA ASP K 217 -65.30 23.90 89.75
C ASP K 217 -65.70 23.96 88.27
N VAL K 218 -65.84 22.78 87.66
CA VAL K 218 -66.09 22.70 86.24
C VAL K 218 -67.49 22.18 85.92
N SER K 219 -68.01 21.25 86.72
CA SER K 219 -69.33 20.70 86.51
C SER K 219 -70.43 21.73 86.74
N THR K 220 -71.55 21.52 86.07
CA THR K 220 -72.69 22.43 86.17
C THR K 220 -73.85 21.86 86.97
N ALA K 221 -73.79 20.59 87.38
CA ALA K 221 -74.81 20.00 88.24
C ALA K 221 -74.17 19.37 89.46
N ALA K 222 -74.95 18.58 90.20
CA ALA K 222 -74.47 17.93 91.42
C ALA K 222 -73.38 16.91 91.10
N VAL K 223 -72.62 16.56 92.13
CA VAL K 223 -71.44 15.71 91.98
C VAL K 223 -71.75 14.35 92.59
N THR K 224 -71.79 13.33 91.75
CA THR K 224 -72.17 11.98 92.13
C THR K 224 -70.92 11.08 92.12
N LYS K 225 -70.95 10.04 92.93
CA LYS K 225 -69.86 9.07 93.01
C LYS K 225 -70.19 7.85 92.15
N THR K 226 -69.16 7.24 91.57
CA THR K 226 -69.35 6.15 90.61
C THR K 226 -68.36 5.04 90.91
N TYR K 227 -68.80 4.06 91.70
CA TYR K 227 -67.90 3.05 92.25
C TYR K 227 -67.56 1.99 91.21
N ILE K 228 -66.37 1.41 91.34
CA ILE K 228 -65.87 0.38 90.43
C ILE K 228 -65.16 -0.71 91.20
N ASN K 229 -64.75 -1.74 90.46
CA ASN K 229 -64.16 -2.95 91.01
C ASN K 229 -63.05 -3.40 90.08
N THR K 230 -62.03 -4.02 90.63
CA THR K 230 -61.04 -4.69 89.79
C THR K 230 -60.79 -6.11 90.21
N THR K 231 -60.76 -6.37 91.53
CA THR K 231 -60.42 -7.67 92.06
C THR K 231 -61.56 -8.67 91.84
N ASN K 232 -61.29 -9.92 92.18
CA ASN K 232 -62.30 -10.97 92.08
C ASN K 232 -63.28 -10.95 93.24
N ASN K 233 -63.00 -10.18 94.29
CA ASN K 233 -63.94 -10.00 95.38
C ASN K 233 -65.12 -9.17 94.90
N ASN K 234 -66.32 -9.78 94.91
CA ASN K 234 -67.49 -9.09 94.37
C ASN K 234 -67.96 -7.97 95.27
N GLY K 235 -67.70 -8.06 96.57
CA GLY K 235 -68.11 -7.01 97.48
C GLY K 235 -67.11 -5.90 97.68
N ARG K 236 -66.12 -5.77 96.80
CA ARG K 236 -65.03 -4.82 97.00
C ARG K 236 -65.24 -3.59 96.11
N VAL K 237 -65.08 -2.42 96.71
CA VAL K 237 -65.14 -1.15 95.99
C VAL K 237 -63.74 -0.57 96.00
N SER K 238 -63.01 -0.75 94.91
CA SER K 238 -61.65 -0.24 94.79
C SER K 238 -61.62 1.07 93.99
N GLY K 239 -62.38 2.05 94.45
CA GLY K 239 -62.39 3.35 93.79
C GLY K 239 -63.72 4.06 93.84
N THR K 240 -63.68 5.39 93.97
CA THR K 240 -64.91 6.18 94.07
C THR K 240 -65.10 7.10 92.86
N MET K 241 -64.13 7.97 92.58
CA MET K 241 -64.01 8.84 91.38
C MET K 241 -65.30 9.59 91.05
N ALA K 242 -65.56 10.60 91.89
CA ALA K 242 -66.67 11.56 91.75
C ALA K 242 -66.83 12.06 90.32
N THR K 243 -68.08 12.07 89.84
CA THR K 243 -68.36 12.34 88.45
C THR K 243 -68.81 13.79 88.25
N ASP K 244 -68.80 14.21 86.98
CA ASP K 244 -69.16 15.56 86.59
C ASP K 244 -70.08 15.51 85.38
N THR K 245 -70.60 16.68 84.99
CA THR K 245 -71.28 16.83 83.72
C THR K 245 -70.75 18.09 83.04
N ILE K 246 -70.49 17.97 81.74
CA ILE K 246 -69.62 18.88 81.00
C ILE K 246 -70.33 19.27 79.70
N THR K 247 -70.15 20.52 79.27
CA THR K 247 -70.73 20.95 78.01
C THR K 247 -69.95 20.45 76.80
N TRP K 248 -68.70 20.01 76.99
CA TRP K 248 -67.86 19.31 76.01
C TRP K 248 -67.64 20.13 74.74
N GLU K 249 -66.93 21.24 74.90
CA GLU K 249 -66.47 22.00 73.76
C GLU K 249 -64.99 21.74 73.52
N ASN K 250 -64.59 21.73 72.24
CA ASN K 250 -63.19 21.58 71.83
C ASN K 250 -62.77 22.83 71.08
N PRO K 251 -62.35 23.88 71.77
CA PRO K 251 -61.71 24.98 71.06
C PRO K 251 -60.33 24.54 70.62
N ASP K 252 -59.89 25.14 69.51
CA ASP K 252 -58.52 25.11 68.99
C ASP K 252 -58.10 23.76 68.39
N ALA K 253 -58.90 22.70 68.55
CA ALA K 253 -58.42 21.41 68.09
C ALA K 253 -59.55 20.67 67.39
N HIS K 254 -59.16 19.80 66.46
CA HIS K 254 -60.10 19.02 65.67
C HIS K 254 -59.67 17.56 65.73
N PHE K 255 -60.41 16.71 65.01
CA PHE K 255 -60.09 15.29 64.96
C PHE K 255 -59.19 15.02 63.76
N ALA K 256 -58.02 14.45 64.01
CA ALA K 256 -57.14 14.01 62.94
C ALA K 256 -57.46 12.59 62.49
N ASP K 257 -58.07 11.80 63.35
CA ASP K 257 -58.53 10.45 63.03
C ASP K 257 -59.61 10.11 64.03
N PHE K 258 -60.68 9.46 63.57
CA PHE K 258 -61.85 9.27 64.43
C PHE K 258 -62.54 7.97 64.06
N VAL K 259 -62.60 7.04 64.99
CA VAL K 259 -63.45 5.86 64.85
C VAL K 259 -64.30 5.60 66.09
N ASP K 260 -63.98 6.17 67.25
CA ASP K 260 -64.74 5.96 68.47
C ASP K 260 -64.52 7.19 69.35
N ASP K 261 -65.37 7.32 70.37
CA ASP K 261 -65.17 8.40 71.34
C ASP K 261 -63.90 8.19 72.14
N ARG K 262 -63.59 6.94 72.49
CA ARG K 262 -62.28 6.63 73.08
C ARG K 262 -61.17 6.78 72.05
N ARG K 263 -61.41 6.29 70.83
CA ARG K 263 -60.37 6.10 69.84
C ARG K 263 -60.39 7.27 68.87
N ALA K 264 -59.66 8.33 69.22
CA ALA K 264 -59.57 9.52 68.39
C ALA K 264 -58.29 10.26 68.73
N THR K 265 -57.60 10.75 67.71
CA THR K 265 -56.44 11.61 67.88
C THR K 265 -56.82 13.05 67.60
N ALA K 266 -56.30 13.95 68.41
CA ALA K 266 -56.60 15.36 68.31
C ALA K 266 -55.37 16.09 67.78
N ALA K 267 -55.50 16.73 66.63
CA ALA K 267 -54.53 17.69 66.17
C ALA K 267 -55.12 19.08 66.30
N GLY K 268 -54.32 20.02 66.79
CA GLY K 268 -54.78 21.38 66.93
C GLY K 268 -55.00 22.04 65.58
N ASN K 269 -55.75 23.15 65.60
CA ASN K 269 -56.12 23.80 64.36
C ASN K 269 -54.93 24.48 63.71
N ARG K 270 -55.09 24.81 62.44
CA ARG K 270 -54.00 25.41 61.69
C ARG K 270 -53.85 26.87 62.07
N PRO K 271 -52.62 27.40 62.07
CA PRO K 271 -52.42 28.83 62.36
C PRO K 271 -53.02 29.70 61.25
N ASN K 272 -53.83 30.67 61.65
CA ASN K 272 -54.49 31.56 60.70
C ASN K 272 -54.43 32.97 61.29
N TYR K 273 -53.37 33.70 60.97
CA TYR K 273 -53.25 35.09 61.38
C TYR K 273 -54.10 35.94 60.45
N ILE K 274 -54.96 36.79 61.02
CA ILE K 274 -55.83 37.65 60.25
C ILE K 274 -55.59 39.09 60.68
N GLY K 275 -55.10 39.92 59.77
CA GLY K 275 -54.87 41.31 60.06
C GLY K 275 -55.02 42.13 58.80
N PHE K 276 -54.72 43.42 58.92
CA PHE K 276 -54.78 44.30 57.77
C PHE K 276 -53.58 44.07 56.85
N ARG K 277 -53.69 44.55 55.62
CA ARG K 277 -52.58 44.48 54.69
C ARG K 277 -51.52 45.52 55.05
N ASP K 278 -50.37 45.44 54.38
CA ASP K 278 -49.33 46.42 54.61
C ASP K 278 -49.68 47.71 53.90
N ASN K 279 -49.48 48.81 54.59
CA ASN K 279 -49.87 50.17 54.20
C ASN K 279 -51.36 50.30 53.94
N PHE K 280 -52.15 49.39 54.54
CA PHE K 280 -53.60 49.32 54.42
C PHE K 280 -54.06 49.28 52.97
N ILE K 281 -53.49 48.35 52.22
CA ILE K 281 -53.90 48.11 50.85
C ILE K 281 -55.23 47.38 50.87
N GLY K 282 -56.22 47.96 50.21
CA GLY K 282 -57.57 47.46 50.27
C GLY K 282 -58.46 48.14 51.28
N MET K 283 -57.99 49.21 51.93
CA MET K 283 -58.85 49.98 52.80
C MET K 283 -59.63 51.03 52.03
N MET K 284 -59.02 51.57 50.98
CA MET K 284 -59.47 52.78 50.31
C MET K 284 -59.66 52.50 48.82
N TYR K 285 -60.77 52.99 48.27
CA TYR K 285 -61.10 52.72 46.87
C TYR K 285 -60.17 53.52 45.98
N TYR K 286 -59.05 52.91 45.59
CA TYR K 286 -58.22 53.42 44.52
C TYR K 286 -58.60 52.71 43.24
N ASN K 287 -58.60 53.46 42.13
CA ASN K 287 -58.78 53.03 40.75
C ASN K 287 -60.17 52.51 40.43
N SER K 288 -61.10 52.49 41.39
CA SER K 288 -62.47 52.14 41.11
C SER K 288 -63.17 53.33 40.49
N GLY K 289 -63.78 53.13 39.32
CA GLY K 289 -64.41 54.23 38.61
C GLY K 289 -65.70 54.71 39.26
N SER K 290 -66.45 53.79 39.88
CA SER K 290 -67.70 54.16 40.51
C SER K 290 -67.54 54.75 41.90
N ASN K 291 -66.34 54.70 42.46
CA ASN K 291 -66.10 55.16 43.83
C ASN K 291 -64.91 56.11 43.87
N THR K 292 -64.85 57.05 42.94
CA THR K 292 -63.77 58.00 42.90
C THR K 292 -63.96 59.04 44.00
N GLY K 293 -63.02 59.12 44.91
CA GLY K 293 -63.01 60.21 45.87
C GLY K 293 -62.59 61.51 45.23
N SER K 294 -62.96 62.61 45.87
CA SER K 294 -62.77 63.92 45.28
C SER K 294 -61.97 64.84 46.18
N PHE K 295 -61.12 65.66 45.55
CA PHE K 295 -60.46 66.79 46.22
C PHE K 295 -60.67 68.02 45.32
N SER K 296 -61.82 68.66 45.50
CA SER K 296 -62.17 69.86 44.75
C SER K 296 -61.86 71.09 45.58
N SER K 297 -62.33 72.25 45.13
CA SER K 297 -62.10 73.50 45.83
C SER K 297 -63.32 74.39 45.63
N GLN K 298 -63.25 75.62 46.15
CA GLN K 298 -64.34 76.55 45.91
C GLN K 298 -64.27 77.13 44.51
N THR K 299 -65.40 77.71 44.09
CA THR K 299 -65.65 78.47 42.85
C THR K 299 -65.58 77.61 41.59
N GLN K 300 -65.16 76.34 41.71
CA GLN K 300 -65.12 75.40 40.59
C GLN K 300 -65.62 74.07 41.13
N GLN K 301 -66.69 73.56 40.53
CA GLN K 301 -67.25 72.29 40.98
C GLN K 301 -66.51 71.08 40.43
N LEU K 302 -65.45 71.30 39.67
CA LEU K 302 -64.77 70.20 38.98
C LEU K 302 -63.95 69.37 39.95
N ASN K 303 -64.04 68.06 39.79
CA ASN K 303 -63.20 67.14 40.54
C ASN K 303 -61.79 67.17 39.97
N ILE K 304 -60.83 66.80 40.81
CA ILE K 304 -59.42 66.82 40.44
C ILE K 304 -58.83 65.42 40.38
N VAL K 305 -59.19 64.55 41.31
CA VAL K 305 -58.73 63.17 41.23
C VAL K 305 -59.54 62.47 40.14
N LEU K 306 -58.96 62.41 38.94
CA LEU K 306 -59.58 61.77 37.79
C LEU K 306 -58.89 60.42 37.65
N ASP K 307 -59.51 59.39 38.20
CA ASP K 307 -58.87 58.11 38.43
C ASP K 307 -59.34 57.10 37.40
N LEU K 308 -58.44 56.21 36.99
CA LEU K 308 -58.69 55.26 35.91
C LEU K 308 -58.58 53.84 36.42
N ASN K 309 -59.02 52.89 35.59
CA ASN K 309 -58.86 51.48 35.88
C ASN K 309 -57.54 50.92 35.37
N ASP K 310 -56.93 51.57 34.37
CA ASP K 310 -55.66 51.11 33.83
C ASP K 310 -54.49 51.44 34.74
N ARG K 311 -54.67 52.33 35.71
CA ARG K 311 -53.64 52.70 36.66
C ARG K 311 -53.68 51.76 37.86
N ASN K 312 -52.53 51.60 38.51
CA ASN K 312 -52.46 50.87 39.78
C ASN K 312 -51.78 51.78 40.78
N SER K 313 -52.53 52.30 41.74
CA SER K 313 -51.99 53.22 42.74
C SER K 313 -51.56 52.52 44.02
N GLU K 314 -52.12 51.34 44.31
CA GLU K 314 -51.72 50.61 45.50
C GLU K 314 -50.46 49.79 45.26
N LEU K 315 -50.09 49.53 44.02
CA LEU K 315 -48.80 48.92 43.72
C LEU K 315 -47.73 49.97 43.46
N SER K 316 -48.13 51.14 42.95
CA SER K 316 -47.20 52.25 42.76
C SER K 316 -46.60 52.71 44.08
N TYR K 317 -47.38 52.65 45.15
CA TYR K 317 -46.85 52.98 46.47
C TYR K 317 -45.95 51.89 47.00
N GLN K 318 -46.13 50.64 46.56
CA GLN K 318 -45.26 49.57 47.03
C GLN K 318 -43.89 49.64 46.37
N TYR K 319 -43.84 50.04 45.10
CA TYR K 319 -42.55 50.17 44.44
C TYR K 319 -41.83 51.44 44.86
N LEU K 320 -42.57 52.51 45.14
CA LEU K 320 -41.96 53.75 45.58
C LEU K 320 -41.37 53.62 46.96
N LEU K 321 -42.08 52.94 47.86
CA LEU K 321 -41.59 52.77 49.22
C LEU K 321 -40.43 51.78 49.29
N ALA K 322 -40.31 50.87 48.33
CA ALA K 322 -39.17 49.97 48.29
C ALA K 322 -37.95 50.63 47.67
N ASP K 323 -38.12 51.77 47.00
CA ASP K 323 -37.00 52.50 46.43
C ASP K 323 -36.44 53.56 47.36
N LEU K 324 -37.29 54.14 48.20
CA LEU K 324 -36.83 55.15 49.14
C LEU K 324 -36.07 54.51 50.30
N THR K 325 -36.70 53.57 50.98
CA THR K 325 -36.11 52.88 52.13
C THR K 325 -35.98 51.39 51.82
N SER K 326 -35.58 50.64 52.83
CA SER K 326 -35.52 49.19 52.75
C SER K 326 -36.70 48.58 53.49
N ARG K 327 -37.19 47.45 52.98
CA ARG K 327 -38.37 46.81 53.54
C ARG K 327 -38.07 45.95 54.75
N TRP K 328 -36.81 45.84 55.16
CA TRP K 328 -36.46 45.00 56.30
C TRP K 328 -36.95 45.59 57.62
N HIS K 329 -37.12 46.90 57.69
CA HIS K 329 -37.49 47.56 58.93
C HIS K 329 -39.00 47.62 59.08
N TYR K 330 -39.45 47.56 60.32
CA TYR K 330 -40.87 47.60 60.64
C TYR K 330 -41.23 48.96 61.22
N PHE K 331 -42.39 49.48 60.80
CA PHE K 331 -42.79 50.84 61.12
C PHE K 331 -44.29 50.77 61.36
N ALA K 332 -44.69 50.76 62.64
CA ALA K 332 -46.05 50.45 63.01
C ALA K 332 -47.04 51.58 62.79
N LEU K 333 -46.59 52.75 62.31
CA LEU K 333 -47.55 53.83 62.04
C LEU K 333 -48.41 53.49 60.84
N TRP K 334 -47.78 53.29 59.69
CA TRP K 334 -48.50 52.99 58.47
C TRP K 334 -48.84 51.52 58.32
N ASN K 335 -48.62 50.71 59.36
CA ASN K 335 -48.70 49.25 59.32
C ASN K 335 -47.79 48.72 58.21
N GLN K 336 -46.53 49.14 58.30
CA GLN K 336 -45.52 48.84 57.29
C GLN K 336 -44.79 47.58 57.73
N ALA K 337 -45.36 46.43 57.38
CA ALA K 337 -44.78 45.14 57.74
C ALA K 337 -44.91 44.23 56.52
N VAL K 338 -43.81 43.64 56.13
CA VAL K 338 -43.66 43.17 54.76
C VAL K 338 -43.92 41.68 54.63
N ASP K 339 -44.48 41.31 53.49
CA ASP K 339 -44.74 39.91 53.16
C ASP K 339 -43.46 39.28 52.66
N ASP K 340 -42.72 38.65 53.55
CA ASP K 340 -41.60 37.82 53.14
C ASP K 340 -42.04 36.36 53.15
N TYR K 341 -41.08 35.45 53.03
CA TYR K 341 -41.31 34.03 53.24
C TYR K 341 -40.08 33.48 53.93
N ASP K 342 -40.15 32.21 54.33
CA ASP K 342 -38.99 31.60 54.95
C ASP K 342 -38.07 31.08 53.86
N HIS K 343 -36.80 31.45 53.95
CA HIS K 343 -35.81 31.12 52.92
C HIS K 343 -35.54 29.62 52.84
N HIS K 344 -35.77 28.88 53.92
CA HIS K 344 -35.54 27.44 53.93
C HIS K 344 -36.79 26.61 53.78
N VAL K 345 -37.97 27.23 53.82
CA VAL K 345 -39.20 26.48 53.54
C VAL K 345 -39.46 26.43 52.05
N ARG K 346 -39.32 27.56 51.35
CA ARG K 346 -39.55 27.62 49.92
C ARG K 346 -38.48 26.82 49.19
N ILE K 347 -37.22 27.25 49.29
CA ILE K 347 -36.13 26.51 48.69
C ILE K 347 -35.41 25.74 49.78
N LEU K 348 -35.78 24.47 49.95
CA LEU K 348 -35.35 23.69 51.11
C LEU K 348 -34.05 22.96 50.83
N GLU K 349 -33.14 23.03 51.79
CA GLU K 349 -31.88 22.29 51.75
C GLU K 349 -32.05 21.05 52.62
N ASN K 350 -32.14 19.89 52.00
CA ASN K 350 -32.32 18.64 52.72
C ASN K 350 -30.95 18.03 52.96
N ASP K 351 -30.31 18.42 54.07
CA ASP K 351 -29.00 17.93 54.44
C ASP K 351 -29.08 16.85 55.51
N GLY K 352 -30.25 16.27 55.71
CA GLY K 352 -30.43 15.29 56.76
C GLY K 352 -30.40 15.93 58.13
N TYR K 353 -29.40 15.57 58.94
CA TYR K 353 -29.30 16.04 60.31
C TYR K 353 -27.89 15.78 60.80
N GLU K 354 -27.53 16.43 61.90
CA GLU K 354 -26.25 16.17 62.56
C GLU K 354 -26.46 15.05 63.57
N GLU K 355 -25.92 13.87 63.28
CA GLU K 355 -26.02 12.76 64.22
C GLU K 355 -25.04 12.95 65.37
N GLY K 356 -25.18 12.11 66.40
CA GLY K 356 -24.30 12.18 67.53
C GLY K 356 -24.41 10.98 68.45
N PRO K 357 -24.19 11.20 69.75
CA PRO K 357 -24.40 10.14 70.73
C PRO K 357 -25.88 9.84 70.89
N PRO K 358 -26.25 8.66 71.40
CA PRO K 358 -27.67 8.32 71.50
C PRO K 358 -28.37 9.17 72.55
N ASN K 359 -29.53 9.71 72.17
CA ASN K 359 -30.27 10.64 73.03
C ASN K 359 -31.27 9.82 73.84
N LEU K 360 -30.81 9.35 74.99
CA LEU K 360 -31.55 8.42 75.81
C LEU K 360 -32.46 9.15 76.79
N ALA K 361 -33.58 8.52 77.12
CA ALA K 361 -34.47 8.99 78.18
C ALA K 361 -34.46 7.99 79.32
N PHE K 362 -34.70 8.49 80.53
CA PHE K 362 -34.39 7.81 81.78
C PHE K 362 -35.56 7.91 82.75
N PRO K 363 -35.88 6.84 83.48
CA PRO K 363 -36.91 6.92 84.51
C PRO K 363 -36.41 7.66 85.72
N PRO K 364 -37.21 8.55 86.30
CA PRO K 364 -36.72 9.42 87.37
C PRO K 364 -36.57 8.75 88.73
N HIS K 365 -36.98 7.48 88.86
CA HIS K 365 -36.85 6.71 90.10
C HIS K 365 -35.61 5.84 90.07
N VAL K 366 -34.53 6.38 89.52
CA VAL K 366 -33.55 5.74 88.63
C VAL K 366 -33.20 4.28 88.94
N ILE K 367 -33.18 3.89 90.21
CA ILE K 367 -32.83 2.52 90.57
C ILE K 367 -34.08 1.64 90.40
N SER K 368 -33.94 0.57 89.61
CA SER K 368 -35.06 -0.29 89.24
C SER K 368 -34.54 -1.52 88.55
N ASN K 369 -35.28 -2.62 88.69
CA ASN K 369 -35.24 -3.69 87.73
C ASN K 369 -35.90 -3.21 86.44
N PRO K 370 -35.59 -3.81 85.28
CA PRO K 370 -36.27 -3.42 84.05
C PRO K 370 -37.74 -3.80 83.98
N PHE K 371 -38.24 -4.64 84.89
CA PHE K 371 -39.66 -5.01 84.85
C PHE K 371 -40.31 -5.05 86.23
N ALA K 372 -39.64 -4.59 87.27
CA ALA K 372 -40.18 -4.61 88.62
C ALA K 372 -39.40 -3.62 89.47
N PRO K 373 -39.83 -3.37 90.70
CA PRO K 373 -38.90 -2.84 91.71
C PRO K 373 -38.30 -3.97 92.54
N ALA K 374 -37.31 -3.68 93.38
CA ALA K 374 -36.67 -4.70 94.24
C ALA K 374 -36.38 -4.08 95.60
N ALA K 375 -37.26 -4.35 96.56
CA ALA K 375 -37.15 -3.80 97.91
C ALA K 375 -37.28 -4.94 98.91
N VAL K 376 -36.16 -5.56 99.24
CA VAL K 376 -36.09 -6.56 100.30
C VAL K 376 -35.08 -6.08 101.31
N GLY K 377 -35.56 -5.71 102.49
CA GLY K 377 -34.75 -5.00 103.46
C GLY K 377 -33.83 -5.85 104.31
N THR K 378 -32.70 -6.27 103.75
CA THR K 378 -31.71 -7.02 104.51
C THR K 378 -30.32 -6.65 104.03
N GLY K 379 -29.46 -6.21 104.94
CA GLY K 379 -28.06 -5.98 104.65
C GLY K 379 -27.18 -6.96 105.38
N MET K 380 -26.46 -7.79 104.62
CA MET K 380 -25.78 -8.94 105.18
C MET K 380 -24.48 -8.54 105.88
N THR K 381 -23.94 -9.50 106.65
CA THR K 381 -22.67 -9.36 107.36
C THR K 381 -22.10 -10.76 107.50
N VAL K 382 -20.88 -10.97 107.01
CA VAL K 382 -20.30 -12.30 106.94
C VAL K 382 -19.07 -12.36 107.84
N ASN K 383 -18.50 -13.55 107.93
CA ASN K 383 -17.25 -13.80 108.65
C ASN K 383 -16.25 -14.47 107.72
N GLU K 384 -14.97 -14.33 108.07
CA GLU K 384 -13.92 -14.96 107.28
C GLU K 384 -13.51 -16.33 107.82
N GLN K 385 -13.75 -16.59 109.09
CA GLN K 385 -13.45 -17.92 109.64
C GLN K 385 -14.45 -18.95 109.13
N GLN K 386 -15.73 -18.74 109.40
CA GLN K 386 -16.80 -19.56 108.86
C GLN K 386 -17.51 -18.80 107.77
N GLN K 387 -17.88 -19.51 106.70
CA GLN K 387 -18.56 -18.91 105.56
C GLN K 387 -20.06 -18.90 105.80
N THR K 388 -20.46 -18.11 106.79
CA THR K 388 -21.85 -17.96 107.18
C THR K 388 -22.35 -16.57 106.82
N ALA K 389 -23.64 -16.34 107.07
CA ALA K 389 -24.28 -15.07 106.73
C ALA K 389 -25.33 -14.76 107.78
N ALA K 390 -24.98 -13.90 108.74
CA ALA K 390 -25.96 -13.32 109.63
C ALA K 390 -26.47 -12.03 109.01
N VAL K 391 -27.41 -11.35 109.66
CA VAL K 391 -27.97 -10.10 109.17
C VAL K 391 -27.30 -8.90 109.84
N THR K 392 -27.49 -8.76 111.15
CA THR K 392 -27.00 -7.66 111.99
C THR K 392 -27.35 -6.29 111.37
N ALA K 393 -28.65 -6.04 111.28
CA ALA K 393 -29.14 -4.85 110.59
C ALA K 393 -30.56 -4.55 111.04
N ASN K 394 -30.98 -3.32 110.76
CA ASN K 394 -32.38 -2.92 110.75
C ASN K 394 -32.66 -2.13 109.49
N THR K 395 -31.94 -2.45 108.41
CA THR K 395 -31.87 -1.62 107.21
C THR K 395 -32.86 -2.08 106.15
N VAL K 396 -33.03 -1.22 105.14
CA VAL K 396 -33.88 -1.49 103.99
C VAL K 396 -33.00 -1.35 102.75
N ALA K 397 -33.02 -2.37 101.89
CA ALA K 397 -32.16 -2.43 100.71
C ALA K 397 -32.99 -2.16 99.45
N LEU K 398 -32.52 -1.24 98.63
CA LEU K 398 -33.13 -0.90 97.35
C LEU K 398 -32.05 -1.07 96.27
N ILE K 399 -31.94 -2.26 95.70
CA ILE K 399 -30.90 -2.51 94.72
C ILE K 399 -31.52 -2.88 93.39
N GLY K 400 -30.77 -2.63 92.31
CA GLY K 400 -31.36 -2.55 90.99
C GLY K 400 -31.05 -3.65 89.99
N TYR K 401 -29.92 -4.35 90.18
CA TYR K 401 -29.51 -5.52 89.39
C TYR K 401 -29.39 -5.22 87.90
N GLY K 402 -28.41 -4.41 87.55
CA GLY K 402 -28.03 -4.33 86.16
C GLY K 402 -27.92 -2.89 85.72
N ASN K 403 -28.29 -2.67 84.46
CA ASN K 403 -28.23 -1.33 83.92
C ASN K 403 -29.50 -0.56 84.27
N ILE K 404 -29.39 0.76 84.18
CA ILE K 404 -30.59 1.60 84.23
C ILE K 404 -31.38 1.37 82.95
N PRO K 405 -32.65 1.02 83.02
CA PRO K 405 -33.43 0.86 81.79
C PRO K 405 -33.65 2.20 81.11
N ALA K 406 -33.76 2.17 79.79
CA ALA K 406 -33.83 3.42 79.05
C ALA K 406 -34.49 3.20 77.70
N VAL K 407 -34.98 4.30 77.12
CA VAL K 407 -35.47 4.31 75.76
C VAL K 407 -34.62 5.29 74.97
N GLU K 408 -34.72 5.20 73.64
CA GLU K 408 -33.82 5.93 72.74
C GLU K 408 -34.63 6.51 71.60
N MET K 409 -34.36 7.75 71.23
CA MET K 409 -34.93 8.35 70.05
C MET K 409 -33.82 8.93 69.18
N ASN K 410 -34.07 8.97 67.88
CA ASN K 410 -33.20 9.72 66.98
C ASN K 410 -33.67 11.17 67.08
N LEU K 411 -33.05 11.89 68.02
CA LEU K 411 -33.51 13.24 68.35
C LEU K 411 -33.29 14.29 67.25
N PRO K 412 -32.13 14.41 66.58
CA PRO K 412 -32.04 15.42 65.52
C PRO K 412 -32.86 15.12 64.29
N ALA K 413 -33.26 13.86 64.08
CA ALA K 413 -34.20 13.57 63.02
C ALA K 413 -35.60 14.03 63.36
N ASN K 414 -35.96 14.01 64.65
CA ASN K 414 -37.30 14.41 65.05
C ASN K 414 -37.49 15.92 65.02
N LEU K 415 -36.41 16.69 65.22
CA LEU K 415 -36.50 18.13 64.97
C LEU K 415 -36.68 18.42 63.49
N LYS K 416 -36.10 17.60 62.63
CA LYS K 416 -36.23 17.80 61.19
C LYS K 416 -37.52 17.19 60.66
N ARG K 417 -38.05 16.17 61.34
CA ARG K 417 -39.32 15.58 60.93
C ARG K 417 -40.48 16.50 61.22
N THR K 418 -40.42 17.27 62.31
CA THR K 418 -41.47 18.23 62.64
C THR K 418 -41.38 19.46 61.75
N PHE K 419 -40.15 19.90 61.43
CA PHE K 419 -39.96 21.06 60.57
C PHE K 419 -40.44 20.77 59.15
N LEU K 420 -40.10 19.61 58.61
CA LEU K 420 -40.51 19.26 57.25
C LEU K 420 -41.97 18.90 57.15
N TYR K 421 -42.67 18.71 58.26
CA TYR K 421 -44.09 18.41 58.20
C TYR K 421 -44.95 19.67 58.36
N SER K 422 -44.66 20.47 59.37
CA SER K 422 -45.51 21.62 59.69
C SER K 422 -45.34 22.77 58.72
N ASN K 423 -44.30 22.75 57.89
CA ASN K 423 -43.99 23.87 57.00
C ASN K 423 -44.08 23.52 55.53
N VAL K 424 -43.62 22.35 55.13
CA VAL K 424 -43.65 21.94 53.74
C VAL K 424 -44.79 20.98 53.46
N ALA K 425 -44.93 19.94 54.29
CA ALA K 425 -45.95 18.92 54.04
C ALA K 425 -47.34 19.36 54.46
N MET K 426 -47.45 20.42 55.26
CA MET K 426 -48.76 20.89 55.68
C MET K 426 -49.44 21.69 54.58
N TYR K 427 -48.68 22.45 53.81
CA TYR K 427 -49.20 23.43 52.87
C TYR K 427 -49.29 22.89 51.45
N LEU K 428 -49.59 21.61 51.29
CA LEU K 428 -49.71 20.98 49.99
C LEU K 428 -50.94 21.48 49.25
N PRO K 429 -51.04 21.25 47.92
CA PRO K 429 -52.32 21.51 47.23
C PRO K 429 -53.45 20.59 47.64
N ASP K 430 -54.60 20.77 46.98
CA ASP K 430 -55.79 19.98 47.28
C ASP K 430 -55.66 18.53 46.84
N THR K 431 -54.82 18.26 45.85
CA THR K 431 -54.72 16.92 45.27
C THR K 431 -54.02 15.95 46.21
N TYR K 432 -52.97 16.40 46.88
CA TYR K 432 -52.13 15.55 47.71
C TYR K 432 -52.61 15.45 49.16
N LYS K 433 -53.85 15.80 49.42
CA LYS K 433 -54.45 15.68 50.74
C LYS K 433 -55.62 14.70 50.68
N PHE K 434 -56.22 14.46 51.84
CA PHE K 434 -57.39 13.58 51.91
C PHE K 434 -58.16 13.93 53.17
N THR K 435 -59.38 13.46 53.22
CA THR K 435 -60.12 13.64 54.45
C THR K 435 -60.05 12.39 55.31
N PRO K 436 -60.03 12.53 56.64
CA PRO K 436 -60.06 11.35 57.50
C PRO K 436 -61.41 10.65 57.46
N ALA K 437 -61.42 9.43 57.98
CA ALA K 437 -62.65 8.65 58.02
C ALA K 437 -63.56 9.15 59.13
N ASN K 438 -64.87 8.97 58.90
CA ASN K 438 -65.93 9.22 59.89
C ASN K 438 -65.99 10.67 60.36
N VAL K 439 -65.61 11.61 59.49
CA VAL K 439 -65.67 13.03 59.82
C VAL K 439 -66.17 13.76 58.57
N ASP K 440 -66.97 14.80 58.76
CA ASP K 440 -67.61 15.51 57.67
C ASP K 440 -67.03 16.91 57.54
N LEU K 441 -66.93 17.37 56.31
CA LEU K 441 -66.37 18.67 55.98
C LEU K 441 -67.43 19.57 55.36
N PRO K 442 -67.25 20.90 55.41
CA PRO K 442 -68.16 21.80 54.70
C PRO K 442 -68.09 21.62 53.20
N GLU K 443 -69.11 22.18 52.53
CA GLU K 443 -69.33 21.88 51.12
C GLU K 443 -68.32 22.60 50.23
N ASN K 444 -68.14 23.90 50.45
CA ASN K 444 -67.22 24.65 49.62
C ASN K 444 -65.77 24.35 50.00
N HIS K 445 -64.88 24.48 49.01
CA HIS K 445 -63.48 24.18 49.18
C HIS K 445 -62.68 25.39 49.66
N LEU K 446 -63.35 26.47 50.02
CA LEU K 446 -62.69 27.72 50.33
C LEU K 446 -63.04 28.26 51.71
N SER K 447 -63.67 27.47 52.57
CA SER K 447 -63.95 27.89 53.93
C SER K 447 -62.83 27.42 54.84
N TYR K 448 -62.98 27.69 56.14
CA TYR K 448 -61.95 27.27 57.08
C TYR K 448 -62.11 25.83 57.53
N GLY K 449 -63.36 25.36 57.68
CA GLY K 449 -63.60 24.00 58.13
C GLY K 449 -63.18 22.92 57.14
N TYR K 450 -63.02 23.29 55.87
CA TYR K 450 -62.51 22.34 54.88
C TYR K 450 -61.00 22.33 54.81
N ILE K 451 -60.36 23.49 54.92
CA ILE K 451 -58.90 23.54 54.90
C ILE K 451 -58.34 22.95 56.18
N ASN K 452 -59.05 23.11 57.29
CA ASN K 452 -58.58 22.59 58.57
C ASN K 452 -58.70 21.08 58.62
N GLY K 453 -59.79 20.54 58.07
CA GLY K 453 -60.08 19.12 58.23
C GLY K 453 -59.25 18.19 57.37
N ARG K 454 -58.53 18.72 56.38
CA ARG K 454 -57.79 17.86 55.47
C ARG K 454 -56.36 17.65 55.98
N LEU K 455 -55.85 16.44 55.74
CA LEU K 455 -54.54 16.03 56.18
C LEU K 455 -53.72 15.50 55.01
N PRO K 456 -52.42 15.69 55.00
CA PRO K 456 -51.62 15.34 53.82
C PRO K 456 -51.32 13.86 53.71
N LEU K 457 -51.04 13.45 52.47
CA LEU K 457 -50.54 12.11 52.20
C LEU K 457 -49.14 11.95 52.78
N PRO K 458 -48.84 10.82 53.43
CA PRO K 458 -47.64 10.72 54.28
C PRO K 458 -46.27 10.88 53.60
N ASN K 459 -45.88 9.96 52.72
CA ASN K 459 -44.48 9.92 52.27
C ASN K 459 -44.32 10.53 50.88
N ILE K 460 -44.59 11.82 50.78
CA ILE K 460 -44.13 12.61 49.64
C ILE K 460 -43.25 13.79 50.08
N VAL K 461 -43.38 14.26 51.30
CA VAL K 461 -42.40 15.14 51.94
C VAL K 461 -42.01 14.46 53.24
N ASP K 462 -40.78 13.98 53.33
CA ASP K 462 -40.34 13.18 54.46
C ASP K 462 -38.89 13.58 54.75
N THR K 463 -38.25 12.89 55.69
CA THR K 463 -36.87 13.18 56.04
C THR K 463 -35.86 12.62 55.06
N TRP K 464 -36.29 11.99 53.97
CA TRP K 464 -35.39 11.42 52.99
C TRP K 464 -35.48 12.07 51.62
N THR K 465 -36.50 12.88 51.34
CA THR K 465 -36.79 13.28 49.96
C THR K 465 -35.78 14.30 49.44
N ASP K 466 -35.11 13.91 48.36
CA ASP K 466 -34.05 14.68 47.70
C ASP K 466 -32.93 15.04 48.68
N ILE K 467 -32.24 13.99 49.16
CA ILE K 467 -31.13 14.19 50.08
C ILE K 467 -30.01 14.98 49.42
N GLY K 468 -29.51 15.98 50.13
CA GLY K 468 -28.41 16.78 49.63
C GLY K 468 -28.74 17.71 48.49
N ALA K 469 -30.01 17.92 48.19
CA ALA K 469 -30.41 18.73 47.05
C ALA K 469 -31.13 19.98 47.56
N ARG K 470 -30.54 21.14 47.30
CA ARG K 470 -31.24 22.40 47.46
C ARG K 470 -32.28 22.45 46.36
N TRP K 471 -33.53 22.10 46.70
CA TRP K 471 -34.51 21.78 45.66
C TRP K 471 -35.90 21.91 46.25
N SER K 472 -36.68 22.86 45.74
CA SER K 472 -38.08 22.95 46.14
C SER K 472 -38.86 21.82 45.48
N LEU K 473 -40.01 21.50 46.07
CA LEU K 473 -40.86 20.47 45.51
C LEU K 473 -41.43 20.90 44.17
N ASP K 474 -41.67 19.93 43.29
CA ASP K 474 -42.22 20.23 41.98
C ASP K 474 -43.65 20.72 42.06
N VAL K 475 -44.38 20.32 43.11
CA VAL K 475 -45.76 20.73 43.27
C VAL K 475 -45.93 21.96 44.15
N MET K 476 -44.85 22.43 44.78
CA MET K 476 -44.90 23.61 45.61
C MET K 476 -44.37 24.86 44.88
N ASP K 477 -44.56 24.92 43.57
CA ASP K 477 -44.22 26.13 42.82
C ASP K 477 -45.45 27.00 42.60
N THR K 478 -46.55 26.38 42.17
CA THR K 478 -47.81 27.09 42.00
C THR K 478 -48.46 27.48 43.32
N VAL K 479 -48.04 26.89 44.44
CA VAL K 479 -48.55 27.27 45.74
C VAL K 479 -47.90 28.60 46.14
N ASN K 480 -48.73 29.53 46.61
CA ASN K 480 -48.27 30.84 47.01
C ASN K 480 -47.40 30.73 48.26
N PRO K 481 -46.13 31.10 48.22
CA PRO K 481 -45.26 30.95 49.39
C PRO K 481 -45.48 32.00 50.45
N PHE K 482 -46.29 33.00 50.18
CA PHE K 482 -46.57 34.08 51.11
C PHE K 482 -47.80 33.82 51.94
N ASN K 483 -48.49 32.71 51.68
CA ASN K 483 -49.56 32.24 52.55
C ASN K 483 -49.03 31.21 53.53
N HIS K 484 -48.02 31.63 54.26
CA HIS K 484 -47.35 30.79 55.21
C HIS K 484 -47.62 31.38 56.59
N HIS K 485 -47.33 30.62 57.64
CA HIS K 485 -47.43 31.17 58.98
C HIS K 485 -46.08 31.66 59.49
N ARG K 486 -45.11 31.85 58.59
CA ARG K 486 -43.80 32.32 58.98
C ARG K 486 -43.55 33.76 58.55
N ASN K 487 -44.38 34.29 57.65
CA ASN K 487 -44.14 35.61 57.09
C ASN K 487 -44.29 36.69 58.14
N THR K 488 -43.18 37.28 58.53
CA THR K 488 -43.12 38.18 59.66
C THR K 488 -43.71 39.56 59.38
N GLY K 489 -44.48 39.74 58.29
CA GLY K 489 -45.39 40.84 58.22
C GLY K 489 -46.74 40.40 58.72
N LEU K 490 -47.29 39.34 58.11
CA LEU K 490 -48.60 38.85 58.50
C LEU K 490 -48.59 38.23 59.89
N LYS K 491 -47.48 37.59 60.25
CA LYS K 491 -47.23 37.13 61.62
C LYS K 491 -47.09 38.29 62.59
N TYR K 492 -46.88 39.51 62.09
CA TYR K 492 -46.73 40.71 62.90
C TYR K 492 -47.90 41.68 62.75
N ARG K 493 -48.52 41.76 61.57
CA ARG K 493 -49.70 42.61 61.37
C ARG K 493 -50.91 42.10 62.13
N SER K 494 -50.94 40.83 62.50
CA SER K 494 -52.02 40.30 63.31
C SER K 494 -51.78 40.53 64.80
N GLN K 495 -50.52 40.67 65.22
CA GLN K 495 -50.24 40.89 66.63
C GLN K 495 -50.42 42.34 67.05
N LEU K 496 -50.35 43.29 66.11
CA LEU K 496 -50.59 44.70 66.43
C LEU K 496 -52.02 44.98 66.85
N LEU K 497 -52.96 44.11 66.50
CA LEU K 497 -54.34 44.29 66.90
C LEU K 497 -54.73 43.44 68.09
N GLY K 498 -53.96 42.42 68.40
CA GLY K 498 -54.17 41.62 69.59
C GLY K 498 -54.32 40.15 69.22
N ASN K 499 -54.78 39.38 70.21
CA ASN K 499 -54.97 37.95 70.03
C ASN K 499 -56.42 37.52 69.97
N GLY K 500 -57.35 38.34 70.46
CA GLY K 500 -58.74 37.97 70.52
C GLY K 500 -59.44 38.03 69.18
N ARG K 501 -60.70 37.60 69.19
CA ARG K 501 -61.52 37.63 67.99
C ARG K 501 -62.11 39.01 67.76
N TYR K 502 -62.67 39.60 68.80
CA TYR K 502 -63.25 40.93 68.74
C TYR K 502 -62.22 41.95 69.22
N CYS K 503 -62.00 43.00 68.43
CA CYS K 503 -60.95 43.95 68.75
C CYS K 503 -61.36 45.36 68.34
N ASP K 504 -60.85 46.34 69.07
CA ASP K 504 -61.04 47.74 68.74
C ASP K 504 -59.72 48.28 68.18
N PHE K 505 -59.71 48.53 66.88
CA PHE K 505 -58.50 49.01 66.22
C PHE K 505 -58.48 50.53 66.19
N HIS K 506 -57.30 51.08 65.98
CA HIS K 506 -57.11 52.53 65.92
C HIS K 506 -55.93 52.76 64.96
N ILE K 507 -56.26 52.97 63.68
CA ILE K 507 -55.28 52.86 62.62
C ILE K 507 -55.11 54.22 61.94
N GLN K 508 -54.08 54.32 61.10
CA GLN K 508 -53.77 55.51 60.32
C GLN K 508 -53.48 55.07 58.89
N VAL K 509 -54.33 55.44 57.95
CA VAL K 509 -54.17 55.00 56.57
C VAL K 509 -53.54 56.13 55.76
N PRO K 510 -52.76 55.83 54.72
CA PRO K 510 -52.09 56.92 54.00
C PRO K 510 -52.93 57.45 52.86
N GLN K 511 -52.41 58.45 52.15
CA GLN K 511 -52.94 58.86 50.87
C GLN K 511 -51.97 58.45 49.77
N LYS K 512 -52.43 57.58 48.87
CA LYS K 512 -51.52 56.94 47.93
C LYS K 512 -51.75 57.34 46.48
N PHE K 513 -52.73 58.20 46.19
CA PHE K 513 -52.90 58.71 44.84
C PHE K 513 -51.82 59.74 44.58
N PHE K 514 -51.18 59.66 43.41
CA PHE K 514 -49.90 60.32 43.20
C PHE K 514 -50.01 61.83 43.10
N ALA K 515 -51.15 62.35 42.65
CA ALA K 515 -51.28 63.80 42.50
C ALA K 515 -51.49 64.50 43.84
N ILE K 516 -52.10 63.83 44.81
CA ILE K 516 -52.32 64.42 46.12
C ILE K 516 -51.58 63.64 47.20
N LYS K 517 -50.56 62.88 46.83
CA LYS K 517 -49.75 62.18 47.81
C LYS K 517 -48.92 63.16 48.62
N ASN K 518 -48.17 64.03 47.93
CA ASN K 518 -47.40 65.07 48.56
C ASN K 518 -47.58 66.39 47.83
N LEU K 519 -48.83 66.74 47.54
CA LEU K 519 -49.14 68.08 47.05
C LEU K 519 -48.91 69.09 48.16
N LEU K 520 -48.54 70.30 47.77
CA LEU K 520 -48.43 71.42 48.71
C LEU K 520 -49.34 72.53 48.24
N LEU K 521 -50.35 72.84 49.05
CA LEU K 521 -51.39 73.78 48.65
C LEU K 521 -51.23 75.12 49.36
N LEU K 522 -51.56 76.18 48.64
CA LEU K 522 -51.59 77.54 49.14
C LEU K 522 -52.92 77.75 49.87
N PRO K 523 -53.11 78.88 50.59
CA PRO K 523 -54.36 79.07 51.35
C PRO K 523 -55.63 79.03 50.52
N GLY K 524 -56.72 78.62 51.17
CA GLY K 524 -58.00 78.44 50.51
C GLY K 524 -58.80 77.39 51.24
N THR K 525 -60.06 77.27 50.81
CA THR K 525 -60.98 76.30 51.39
C THR K 525 -61.18 75.14 50.42
N TYR K 526 -60.99 73.92 50.89
CA TYR K 526 -60.97 72.76 50.03
C TYR K 526 -61.99 71.72 50.49
N ASN K 527 -62.47 70.94 49.53
CA ASN K 527 -63.49 69.93 49.74
C ASN K 527 -62.84 68.57 49.49
N TYR K 528 -62.60 67.82 50.55
CA TYR K 528 -61.86 66.56 50.48
C TYR K 528 -62.78 65.43 50.91
N GLU K 529 -63.05 64.52 49.97
CA GLU K 529 -64.10 63.51 50.11
C GLU K 529 -63.59 62.19 49.57
N TRP K 530 -63.83 61.11 50.30
CA TRP K 530 -63.21 59.84 49.94
C TRP K 530 -64.04 58.68 50.50
N TYR K 531 -64.02 57.53 49.80
CA TYR K 531 -64.81 56.36 50.16
C TYR K 531 -63.92 55.25 50.70
N PHE K 532 -64.39 54.58 51.76
CA PHE K 532 -63.66 53.52 52.43
C PHE K 532 -64.31 52.16 52.19
N ARG K 533 -63.51 51.10 52.18
CA ARG K 533 -64.02 49.77 51.90
C ARG K 533 -64.52 49.09 53.17
N LYS K 534 -65.38 48.09 52.96
CA LYS K 534 -65.87 47.23 54.03
C LYS K 534 -65.81 45.75 53.69
N ASP K 535 -65.17 45.41 52.57
CA ASP K 535 -65.07 44.02 52.14
C ASP K 535 -64.14 43.26 53.06
N PRO K 536 -64.59 42.20 53.73
CA PRO K 536 -63.69 41.48 54.65
C PRO K 536 -62.56 40.76 53.94
N ASN K 537 -62.75 40.37 52.68
CA ASN K 537 -61.65 39.79 51.92
C ASN K 537 -60.64 40.85 51.51
N MET K 538 -61.13 42.02 51.10
CA MET K 538 -60.23 43.04 50.57
C MET K 538 -59.51 43.79 51.68
N VAL K 539 -60.21 44.12 52.76
CA VAL K 539 -59.58 44.89 53.83
C VAL K 539 -58.64 44.03 54.65
N LEU K 540 -59.06 42.82 55.01
CA LEU K 540 -58.33 41.95 55.93
C LEU K 540 -57.63 40.84 55.16
N GLN K 541 -56.41 40.53 55.58
CA GLN K 541 -55.61 39.45 54.99
C GLN K 541 -55.49 38.30 55.97
N SER K 542 -55.75 37.08 55.50
CA SER K 542 -55.62 35.89 56.31
C SER K 542 -54.36 35.13 55.93
N THR K 543 -54.09 34.06 56.68
CA THR K 543 -52.91 33.25 56.41
C THR K 543 -53.21 32.16 55.39
N LEU K 544 -54.22 31.34 55.65
CA LEU K 544 -54.54 30.24 54.75
C LEU K 544 -55.14 30.72 53.44
N GLY K 545 -55.88 31.82 53.47
CA GLY K 545 -56.47 32.35 52.26
C GLY K 545 -57.84 31.77 51.99
N ASN K 546 -58.67 31.71 53.02
CA ASN K 546 -60.04 31.25 52.89
C ASN K 546 -60.94 32.43 52.56
N ASP K 547 -62.25 32.23 52.64
CA ASP K 547 -63.23 33.29 52.42
C ASP K 547 -63.63 33.85 53.77
N LEU K 548 -63.17 35.06 54.08
CA LEU K 548 -63.61 35.75 55.29
C LEU K 548 -65.05 36.22 55.20
N ARG K 549 -65.61 36.33 54.00
CA ARG K 549 -67.00 36.73 53.88
C ARG K 549 -67.93 35.61 54.30
N ALA K 550 -67.60 34.37 53.94
CA ALA K 550 -68.44 33.24 54.31
C ALA K 550 -68.16 32.76 55.72
N ASP K 551 -66.95 33.01 56.23
CA ASP K 551 -66.65 32.64 57.62
C ASP K 551 -67.35 33.56 58.60
N GLY K 552 -67.42 34.85 58.30
CA GLY K 552 -68.13 35.76 59.17
C GLY K 552 -67.28 36.89 59.72
N ALA K 553 -66.28 37.31 58.97
CA ALA K 553 -65.57 38.52 59.34
C ALA K 553 -66.43 39.74 59.05
N SER K 554 -66.18 40.80 59.82
CA SER K 554 -67.00 42.01 59.72
C SER K 554 -66.20 43.19 60.27
N ILE K 555 -66.28 44.32 59.57
CA ILE K 555 -65.64 45.55 59.99
C ILE K 555 -66.66 46.67 59.97
N THR K 556 -66.68 47.49 61.02
CA THR K 556 -67.53 48.66 61.10
C THR K 556 -66.69 49.86 61.49
N TYR K 557 -67.06 51.03 60.97
CA TYR K 557 -66.36 52.27 61.26
C TYR K 557 -67.21 53.10 62.21
N THR K 558 -66.61 53.60 63.28
CA THR K 558 -67.32 54.44 64.25
C THR K 558 -67.08 55.92 63.99
N GLN K 559 -65.83 56.36 63.99
CA GLN K 559 -65.53 57.74 63.67
C GLN K 559 -64.19 57.82 62.93
N ILE K 560 -64.10 58.75 62.00
CA ILE K 560 -62.96 58.91 61.09
C ILE K 560 -62.74 60.39 60.88
N ASN K 561 -61.52 60.87 61.13
CA ASN K 561 -61.25 62.29 60.93
C ASN K 561 -59.84 62.52 60.39
N LEU K 562 -59.70 63.57 59.59
CA LEU K 562 -58.49 63.87 58.86
C LEU K 562 -57.55 64.74 59.68
N TYR K 563 -56.27 64.41 59.65
CA TYR K 563 -55.25 65.21 60.30
C TYR K 563 -54.34 65.82 59.25
N VAL K 564 -53.93 67.06 59.48
CA VAL K 564 -52.95 67.73 58.64
C VAL K 564 -51.85 68.28 59.55
N SER K 565 -50.91 69.00 58.95
CA SER K 565 -49.83 69.59 59.73
C SER K 565 -49.37 70.87 59.04
N PHE K 566 -49.50 71.99 59.74
CA PHE K 566 -49.13 73.29 59.20
C PHE K 566 -47.73 73.67 59.65
N PHE K 567 -46.85 73.96 58.69
CA PHE K 567 -45.50 74.42 59.05
C PHE K 567 -45.56 75.88 59.47
N PRO K 568 -45.10 76.22 60.66
CA PRO K 568 -45.19 77.62 61.13
C PRO K 568 -44.17 78.53 60.46
N MET K 569 -44.52 79.02 59.28
CA MET K 569 -43.67 79.93 58.53
C MET K 569 -44.01 81.36 58.90
N ASN K 570 -43.00 82.23 58.95
CA ASN K 570 -43.23 83.64 59.18
C ASN K 570 -44.00 84.24 58.01
N TYR K 571 -44.87 85.20 58.31
CA TYR K 571 -45.83 85.66 57.31
C TYR K 571 -45.17 86.53 56.25
N ASP K 572 -44.03 87.13 56.56
CA ASP K 572 -43.28 87.86 55.54
C ASP K 572 -42.63 86.90 54.56
N THR K 573 -42.04 85.81 55.06
CA THR K 573 -41.50 84.78 54.19
C THR K 573 -42.60 84.03 53.47
N GLN K 574 -43.76 83.88 54.13
CA GLN K 574 -44.92 83.22 53.54
C GLN K 574 -45.46 84.02 52.36
N SER K 575 -45.47 85.35 52.46
CA SER K 575 -46.05 86.18 51.42
C SER K 575 -45.21 86.19 50.15
N GLU K 576 -43.94 85.83 50.23
CA GLU K 576 -43.12 85.68 49.04
C GLU K 576 -43.23 84.28 48.45
N LEU K 577 -43.29 83.25 49.30
CA LEU K 577 -43.39 81.88 48.81
C LEU K 577 -44.76 81.61 48.20
N GLU K 578 -45.81 82.22 48.76
CA GLU K 578 -47.13 82.05 48.18
C GLU K 578 -47.22 82.75 46.83
N LEU K 579 -46.67 83.95 46.73
CA LEU K 579 -46.79 84.77 45.54
C LEU K 579 -46.02 84.20 44.36
N MET K 580 -44.96 83.42 44.61
CA MET K 580 -44.23 82.79 43.53
C MET K 580 -44.92 81.53 43.02
N LEU K 581 -45.62 80.82 43.90
CA LEU K 581 -46.28 79.57 43.51
C LEU K 581 -47.67 79.78 42.94
N ARG K 582 -48.22 80.99 43.01
CA ARG K 582 -49.43 81.28 42.28
C ARG K 582 -49.20 81.42 40.79
N ASN K 583 -47.97 81.69 40.37
CA ASN K 583 -47.67 81.93 38.98
C ASN K 583 -47.66 80.62 38.21
N ALA K 584 -48.02 80.68 36.93
CA ALA K 584 -48.17 79.47 36.14
C ALA K 584 -46.84 78.86 35.73
N THR K 585 -45.75 79.64 35.74
CA THR K 585 -44.45 79.08 35.44
C THR K 585 -43.86 78.29 36.60
N ASN K 586 -44.44 78.40 37.79
CA ASN K 586 -44.01 77.66 38.97
C ASN K 586 -45.04 76.63 39.41
N ASP K 587 -45.82 76.12 38.45
CA ASP K 587 -46.80 75.08 38.75
C ASP K 587 -46.07 73.80 39.10
N GLN K 588 -46.34 73.26 40.27
CA GLN K 588 -45.68 72.05 40.72
C GLN K 588 -46.25 70.84 40.00
N ASN K 589 -45.36 69.91 39.65
CA ASN K 589 -45.73 68.75 38.86
C ASN K 589 -45.21 67.48 39.49
N PHE K 590 -45.94 66.39 39.28
CA PHE K 590 -45.62 65.10 39.88
C PHE K 590 -45.68 64.02 38.81
N SER K 591 -45.29 62.81 39.18
CA SER K 591 -45.29 61.69 38.26
C SER K 591 -45.51 60.41 39.02
N ASP K 592 -46.19 59.46 38.38
CA ASP K 592 -46.39 58.15 38.97
C ASP K 592 -45.08 57.38 38.95
N TYR K 593 -44.76 56.72 40.07
CA TYR K 593 -43.54 55.94 40.12
C TYR K 593 -43.68 54.62 39.38
N LEU K 594 -44.88 54.05 39.36
CA LEU K 594 -45.10 52.82 38.60
C LEU K 594 -45.03 53.10 37.11
N GLY K 595 -45.77 54.11 36.64
CA GLY K 595 -45.66 54.59 35.28
C GLY K 595 -46.03 53.58 34.23
N ALA K 596 -47.12 52.84 34.41
CA ALA K 596 -47.47 51.82 33.45
C ALA K 596 -48.98 51.65 33.41
N VAL K 597 -49.43 50.90 32.41
CA VAL K 597 -50.83 50.62 32.16
C VAL K 597 -51.09 49.16 32.43
N ASN K 598 -52.03 48.87 33.32
CA ASN K 598 -52.39 47.49 33.65
C ASN K 598 -53.21 46.89 32.52
N ASN K 599 -52.84 45.69 32.10
CA ASN K 599 -53.62 44.92 31.14
C ASN K 599 -53.60 43.47 31.58
N LEU K 600 -54.77 42.93 31.90
CA LEU K 600 -54.89 41.59 32.47
C LEU K 600 -55.62 40.73 31.44
N TYR K 601 -54.88 39.84 30.80
CA TYR K 601 -55.37 39.07 29.68
C TYR K 601 -55.58 37.62 30.10
N GLN K 602 -56.70 37.04 29.67
CA GLN K 602 -57.13 35.75 30.20
C GLN K 602 -56.32 34.62 29.58
N ILE K 603 -55.80 33.74 30.43
CA ILE K 603 -55.16 32.51 30.00
C ILE K 603 -55.90 31.33 30.62
N PRO K 604 -56.64 30.55 29.84
CA PRO K 604 -57.51 29.53 30.42
C PRO K 604 -56.73 28.35 30.96
N ALA K 605 -57.45 27.45 31.64
CA ALA K 605 -56.85 26.32 32.31
C ALA K 605 -56.36 25.29 31.29
N GLY K 606 -55.11 24.86 31.44
CA GLY K 606 -54.52 23.91 30.53
C GLY K 606 -53.96 24.48 29.26
N SER K 607 -54.19 25.76 28.98
CA SER K 607 -53.64 26.37 27.77
C SER K 607 -52.19 26.74 27.96
N SER K 608 -51.45 26.76 26.85
CA SER K 608 -50.02 27.02 26.88
C SER K 608 -49.61 28.32 26.23
N THR K 609 -50.50 28.98 25.48
CA THR K 609 -50.17 30.21 24.79
C THR K 609 -51.19 31.29 25.10
N VAL K 610 -50.81 32.53 24.79
CA VAL K 610 -51.72 33.66 24.79
C VAL K 610 -51.23 34.64 23.74
N VAL K 611 -52.17 35.28 23.04
CA VAL K 611 -51.89 36.23 21.99
C VAL K 611 -52.56 37.55 22.37
N VAL K 612 -51.75 38.57 22.61
CA VAL K 612 -52.29 39.88 22.93
C VAL K 612 -52.42 40.65 21.62
N ASN K 613 -53.25 41.69 21.62
CA ASN K 613 -53.45 42.49 20.42
C ASN K 613 -53.68 43.94 20.82
N ILE K 614 -52.83 44.82 20.34
CA ILE K 614 -53.00 46.27 20.50
C ILE K 614 -53.21 46.85 19.12
N PRO K 615 -54.27 47.60 18.88
CA PRO K 615 -54.53 48.09 17.52
C PRO K 615 -53.64 49.24 17.10
N ASP K 616 -53.96 49.81 15.93
CA ASP K 616 -53.12 50.80 15.27
C ASP K 616 -53.08 52.10 16.06
N ARG K 617 -51.89 52.50 16.50
CA ARG K 617 -51.75 53.72 17.29
C ARG K 617 -50.29 54.19 17.25
N SER K 618 -50.03 55.32 17.90
CA SER K 618 -48.71 55.88 18.01
C SER K 618 -48.01 55.37 19.27
N TRP K 619 -46.69 55.22 19.19
CA TRP K 619 -45.92 54.61 20.26
C TRP K 619 -44.76 55.50 20.68
N GLY K 620 -44.93 56.81 20.59
CA GLY K 620 -43.89 57.72 21.01
C GLY K 620 -43.79 57.78 22.52
N ALA K 621 -42.56 57.95 23.01
CA ALA K 621 -42.20 57.98 24.43
C ALA K 621 -42.63 56.71 25.18
N PHE K 622 -42.63 55.58 24.48
CA PHE K 622 -42.87 54.31 25.12
C PHE K 622 -41.64 53.93 25.94
N ARG K 623 -41.87 53.25 27.05
CA ARG K 623 -40.77 53.03 28.00
C ARG K 623 -40.34 51.58 28.10
N GLY K 624 -41.27 50.63 28.09
CA GLY K 624 -40.88 49.23 28.13
C GLY K 624 -42.05 48.34 28.51
N TRP K 625 -41.74 47.06 28.67
CA TRP K 625 -42.72 46.04 29.03
C TRP K 625 -42.40 45.45 30.39
N SER K 626 -43.39 44.77 30.97
CA SER K 626 -43.25 44.04 32.22
C SER K 626 -44.37 43.03 32.32
N PHE K 627 -44.06 41.79 32.68
CA PHE K 627 -45.10 40.76 32.67
C PHE K 627 -44.83 39.67 33.70
N THR K 628 -45.93 39.17 34.29
CA THR K 628 -45.91 38.08 35.27
C THR K 628 -47.32 37.52 35.36
N ARG K 629 -47.43 36.18 35.37
CA ARG K 629 -48.73 35.52 35.53
C ARG K 629 -49.34 35.80 36.90
N LEU K 630 -50.66 35.69 36.96
CA LEU K 630 -51.45 35.83 38.18
C LEU K 630 -52.62 34.87 38.08
N LYS K 631 -52.97 34.21 39.18
CA LYS K 631 -54.12 33.33 39.14
C LYS K 631 -55.40 34.15 39.22
N VAL K 632 -56.50 33.56 38.74
CA VAL K 632 -57.77 34.27 38.70
C VAL K 632 -58.36 34.42 40.10
N SER K 633 -58.26 33.36 40.90
CA SER K 633 -58.78 33.42 42.26
C SER K 633 -57.94 34.31 43.16
N GLU K 634 -56.68 34.54 42.82
CA GLU K 634 -55.83 35.43 43.61
C GLU K 634 -56.17 36.90 43.39
N THR K 635 -56.53 37.26 42.16
CA THR K 635 -56.63 38.65 41.75
C THR K 635 -58.08 39.10 41.64
N PRO K 636 -58.45 40.22 42.27
CA PRO K 636 -59.83 40.70 42.18
C PRO K 636 -60.09 41.46 40.90
N ARG K 637 -61.29 42.04 40.78
CA ARG K 637 -61.65 42.93 39.69
C ARG K 637 -61.95 44.28 40.31
N ILE K 638 -60.94 45.14 40.36
CA ILE K 638 -61.10 46.48 40.92
C ILE K 638 -61.75 47.37 39.86
N GLY K 639 -62.81 48.06 40.26
CA GLY K 639 -63.56 48.88 39.33
C GLY K 639 -65.04 48.86 39.65
N ALA K 640 -65.41 47.99 40.58
CA ALA K 640 -66.78 47.90 41.08
C ALA K 640 -66.83 48.31 42.54
N THR K 641 -68.04 48.51 43.04
CA THR K 641 -68.22 48.78 44.46
C THR K 641 -67.97 47.53 45.28
N GLN K 642 -68.38 46.38 44.76
CA GLN K 642 -68.29 45.10 45.44
C GLN K 642 -67.97 44.02 44.43
N ASP K 643 -67.06 43.13 44.79
CA ASP K 643 -66.70 42.03 43.90
C ASP K 643 -67.35 40.75 44.42
N PRO K 644 -68.39 40.23 43.76
CA PRO K 644 -69.08 39.04 44.28
C PRO K 644 -68.39 37.74 43.96
N ASN K 645 -67.47 37.73 43.00
CA ASN K 645 -66.77 36.52 42.59
C ASN K 645 -65.34 36.51 43.12
N PHE K 646 -65.14 37.03 44.32
CA PHE K 646 -63.82 37.12 44.93
C PHE K 646 -63.88 36.39 46.26
N GLN K 647 -63.54 35.10 46.23
CA GLN K 647 -63.72 34.18 47.35
C GLN K 647 -62.41 33.88 48.05
N TYR K 648 -61.51 34.86 48.14
CA TYR K 648 -60.13 34.63 48.57
C TYR K 648 -59.68 35.80 49.43
N SER K 649 -58.77 35.52 50.36
CA SER K 649 -58.34 36.57 51.27
C SER K 649 -56.85 36.57 51.58
N GLY K 650 -56.04 35.80 50.88
CA GLY K 650 -54.63 35.75 51.14
C GLY K 650 -53.88 36.93 50.53
N SER K 651 -52.60 36.72 50.28
CA SER K 651 -51.78 37.76 49.68
C SER K 651 -52.11 37.89 48.21
N ILE K 652 -52.43 39.10 47.77
CA ILE K 652 -52.85 39.37 46.40
C ILE K 652 -51.65 39.98 45.67
N PRO K 653 -50.99 39.25 44.77
CA PRO K 653 -49.79 39.80 44.13
C PRO K 653 -50.06 40.92 43.15
N TYR K 654 -51.31 41.16 42.78
CA TYR K 654 -51.63 42.27 41.91
C TYR K 654 -51.62 43.60 42.64
N LEU K 655 -51.87 43.60 43.94
CA LEU K 655 -52.02 44.84 44.70
C LEU K 655 -50.75 45.26 45.42
N ASP K 656 -50.06 44.35 46.12
CA ASP K 656 -48.84 44.71 46.82
C ASP K 656 -47.58 44.14 46.19
N GLY K 657 -47.70 43.46 45.03
CA GLY K 657 -46.55 43.01 44.30
C GLY K 657 -45.76 41.92 44.99
N THR K 658 -46.41 40.80 45.26
CA THR K 658 -45.77 39.71 45.98
C THR K 658 -45.76 38.48 45.08
N PHE K 659 -45.33 38.70 43.83
CA PHE K 659 -45.46 37.72 42.74
C PHE K 659 -44.65 36.46 43.00
N TYR K 660 -45.13 35.35 42.45
CA TYR K 660 -44.46 34.07 42.57
C TYR K 660 -44.53 33.23 41.30
N LEU K 661 -45.11 33.74 40.23
CA LEU K 661 -45.26 32.99 38.98
C LEU K 661 -44.48 33.65 37.85
N SER K 662 -43.25 34.07 38.14
CA SER K 662 -42.38 34.57 37.09
C SER K 662 -41.58 33.46 36.44
N HIS K 663 -41.42 32.33 37.11
CA HIS K 663 -40.56 31.25 36.65
C HIS K 663 -41.24 30.31 35.66
N THR K 664 -42.33 30.74 35.03
CA THR K 664 -43.17 29.85 34.22
C THR K 664 -43.47 30.48 32.87
N PHE K 665 -42.47 31.15 32.29
CA PHE K 665 -42.57 31.68 30.94
C PHE K 665 -41.49 31.04 30.08
N GLN K 666 -41.84 30.70 28.84
CA GLN K 666 -40.85 30.20 27.89
C GLN K 666 -40.49 31.20 26.80
N ARG K 667 -41.45 31.94 26.27
CA ARG K 667 -41.26 32.63 25.00
C ARG K 667 -41.96 33.97 25.03
N CYS K 668 -41.35 34.96 24.36
CA CYS K 668 -41.91 36.31 24.24
C CYS K 668 -41.62 36.80 22.83
N SER K 669 -42.58 36.63 21.93
CA SER K 669 -42.40 36.98 20.52
C SER K 669 -43.16 38.27 20.23
N ILE K 670 -42.44 39.32 19.91
CA ILE K 670 -43.00 40.65 19.69
C ILE K 670 -42.83 41.00 18.22
N GLN K 671 -43.91 41.49 17.60
CA GLN K 671 -43.95 41.72 16.17
C GLN K 671 -44.67 43.04 15.93
N TRP K 672 -44.01 43.97 15.22
CA TRP K 672 -44.44 45.36 15.23
C TRP K 672 -45.68 45.61 14.39
N ASP K 673 -45.59 45.43 13.08
CA ASP K 673 -46.70 45.74 12.18
C ASP K 673 -47.27 44.48 11.55
N SER K 674 -47.24 43.38 12.31
CA SER K 674 -47.41 42.00 11.85
C SER K 674 -46.42 41.60 10.76
N SER K 675 -45.30 42.31 10.66
CA SER K 675 -44.22 41.93 9.74
C SER K 675 -42.82 42.11 10.32
N VAL K 676 -42.62 42.95 11.33
CA VAL K 676 -41.30 43.35 11.78
C VAL K 676 -41.10 42.82 13.19
N PRO K 677 -40.13 41.95 13.43
CA PRO K 677 -39.88 41.47 14.79
C PRO K 677 -39.14 42.50 15.63
N TRP K 678 -39.03 42.20 16.92
CA TRP K 678 -38.28 43.03 17.85
C TRP K 678 -37.35 42.16 18.67
N PRO K 679 -36.08 42.58 18.87
CA PRO K 679 -35.41 43.79 18.40
C PRO K 679 -34.97 43.72 16.95
N GLY K 680 -35.16 42.57 16.32
CA GLY K 680 -34.75 42.40 14.96
C GLY K 680 -33.24 42.42 14.85
N ASN K 681 -32.75 42.69 13.64
CA ASN K 681 -31.36 43.04 13.32
C ASN K 681 -30.35 41.96 13.74
N ASP K 682 -30.82 40.74 13.99
CA ASP K 682 -30.04 39.62 14.50
C ASP K 682 -29.27 39.97 15.77
N ARG K 683 -29.98 40.52 16.76
CA ARG K 683 -29.33 40.92 18.00
C ARG K 683 -29.03 39.73 18.90
N MET K 684 -30.06 39.01 19.33
CA MET K 684 -29.90 37.91 20.28
C MET K 684 -29.27 36.70 19.58
N LEU K 685 -28.95 35.69 20.39
CA LEU K 685 -28.59 34.39 19.83
C LEU K 685 -29.82 33.71 19.21
N THR K 686 -31.00 33.99 19.74
CA THR K 686 -32.27 33.64 19.11
C THR K 686 -32.97 34.96 18.80
N PRO K 687 -32.75 35.53 17.61
CA PRO K 687 -33.13 36.93 17.38
C PRO K 687 -34.61 37.18 17.25
N ASN K 688 -35.42 36.17 16.94
CA ASN K 688 -36.81 36.44 16.58
C ASN K 688 -37.71 36.61 17.80
N TRP K 689 -37.42 35.90 18.88
CA TRP K 689 -38.21 36.00 20.10
C TRP K 689 -37.26 36.18 21.29
N PHE K 690 -37.83 36.08 22.48
CA PHE K 690 -37.07 36.07 23.72
C PHE K 690 -37.29 34.73 24.39
N GLU K 691 -36.31 33.84 24.28
CA GLU K 691 -36.44 32.49 24.81
C GLU K 691 -36.01 32.54 26.27
N ILE K 692 -36.97 32.40 27.18
CA ILE K 692 -36.73 32.68 28.59
C ILE K 692 -36.13 31.49 29.30
N LYS K 693 -36.85 30.37 29.33
CA LYS K 693 -36.31 29.15 29.91
C LYS K 693 -36.30 28.04 28.87
N ARG K 694 -35.32 27.15 29.01
CA ARG K 694 -35.17 25.98 28.16
C ARG K 694 -34.93 24.77 29.04
N PRO K 695 -35.58 23.64 28.77
CA PRO K 695 -35.20 22.39 29.44
C PRO K 695 -33.81 21.96 28.97
N ILE K 696 -33.06 21.33 29.88
CA ILE K 696 -31.63 21.13 29.63
C ILE K 696 -31.40 19.98 28.66
N ASN K 697 -32.38 19.10 28.48
CA ASN K 697 -32.24 18.05 27.48
C ASN K 697 -32.34 18.61 26.07
N GLN K 698 -33.08 19.71 25.89
CA GLN K 698 -33.15 20.36 24.59
C GLN K 698 -31.98 21.31 24.40
N ASP K 699 -31.17 21.51 25.44
CA ASP K 699 -29.93 22.27 25.31
C ASP K 699 -28.79 21.29 25.03
N ALA K 700 -28.36 21.28 23.78
CA ALA K 700 -27.09 20.68 23.40
C ALA K 700 -26.08 21.73 22.97
N GLU K 701 -26.50 22.98 22.84
CA GLU K 701 -25.66 24.07 22.36
C GLU K 701 -25.22 25.01 23.48
N GLY K 702 -25.72 24.82 24.69
CA GLY K 702 -25.19 25.52 25.84
C GLY K 702 -25.64 26.97 25.99
N ASN K 703 -26.92 27.24 25.76
CA ASN K 703 -27.46 28.59 26.01
C ASN K 703 -28.26 28.61 27.31
N ASP K 704 -27.54 28.40 28.42
CA ASP K 704 -28.14 28.46 29.75
C ASP K 704 -27.20 29.18 30.69
N THR K 705 -27.68 30.23 31.35
CA THR K 705 -26.91 30.93 32.37
C THR K 705 -27.16 30.33 33.74
N MET K 706 -26.34 30.75 34.69
CA MET K 706 -26.56 30.67 36.14
C MET K 706 -26.69 29.25 36.67
N GLN K 707 -26.27 28.25 35.87
CA GLN K 707 -26.48 26.82 36.14
C GLN K 707 -27.95 26.52 36.38
N SER K 708 -28.80 26.99 35.47
CA SER K 708 -30.24 26.81 35.57
C SER K 708 -30.82 26.81 34.16
N ASN K 709 -32.12 27.01 34.04
CA ASN K 709 -32.79 27.03 32.74
C ASN K 709 -32.74 28.39 32.05
N LEU K 710 -32.32 29.44 32.74
CA LEU K 710 -32.40 30.77 32.18
C LEU K 710 -31.32 30.97 31.13
N THR K 711 -31.71 31.57 30.00
CA THR K 711 -30.89 31.54 28.80
C THR K 711 -29.87 32.68 28.76
N LYS K 712 -28.93 32.56 27.82
CA LYS K 712 -27.88 33.55 27.65
C LYS K 712 -28.43 34.85 27.09
N ASP K 713 -29.44 34.77 26.22
CA ASP K 713 -30.04 35.96 25.66
C ASP K 713 -30.82 36.73 26.71
N PHE K 714 -31.60 36.03 27.51
CA PHE K 714 -32.58 36.69 28.35
C PHE K 714 -32.08 37.01 29.74
N PHE K 715 -31.01 36.35 30.19
CA PHE K 715 -30.36 36.80 31.42
C PHE K 715 -29.63 38.12 31.20
N MET K 716 -29.19 38.37 29.96
CA MET K 716 -28.44 39.58 29.67
C MET K 716 -29.35 40.81 29.66
N VAL K 717 -30.57 40.67 29.15
CA VAL K 717 -31.48 41.82 29.10
C VAL K 717 -32.02 42.13 30.50
N GLN K 718 -32.22 41.11 31.34
CA GLN K 718 -32.70 41.35 32.69
C GLN K 718 -31.63 41.98 33.56
N MET K 719 -30.36 41.70 33.28
CA MET K 719 -29.29 42.32 34.02
C MET K 719 -28.99 43.72 33.49
N ALA K 720 -29.14 43.93 32.18
CA ALA K 720 -28.91 45.24 31.60
C ALA K 720 -30.07 46.21 31.79
N ALA K 721 -31.25 45.72 32.15
CA ALA K 721 -32.35 46.63 32.42
C ALA K 721 -32.32 47.15 33.84
N SER K 722 -31.97 46.29 34.79
CA SER K 722 -32.01 46.66 36.20
C SER K 722 -30.73 47.33 36.66
N TYR K 723 -29.58 46.89 36.17
CA TYR K 723 -28.30 47.33 36.70
C TYR K 723 -27.31 47.73 35.62
N ASN K 724 -27.79 47.94 34.39
CA ASN K 724 -27.12 48.25 33.12
C ASN K 724 -25.74 47.62 32.97
N GLN K 725 -25.64 46.34 33.29
CA GLN K 725 -24.44 45.57 33.06
C GLN K 725 -24.51 44.97 31.65
N GLY K 726 -23.60 44.08 31.33
CA GLY K 726 -23.47 43.65 29.96
C GLY K 726 -22.49 44.54 29.23
N TYR K 727 -21.76 43.93 28.29
CA TYR K 727 -20.65 44.45 27.48
C TYR K 727 -19.39 44.68 28.31
N GLN K 728 -19.50 44.51 29.64
CA GLN K 728 -18.39 44.51 30.57
C GLN K 728 -18.69 43.36 31.54
N GLY K 729 -17.99 43.33 32.67
CA GLY K 729 -18.12 42.20 33.57
C GLY K 729 -19.47 42.21 34.29
N PHE K 730 -20.09 41.03 34.34
CA PHE K 730 -21.16 40.80 35.28
C PHE K 730 -20.56 40.63 36.67
N ASN K 731 -21.21 41.23 37.67
CA ASN K 731 -20.77 41.11 39.04
C ASN K 731 -21.98 41.30 39.94
N TRP K 732 -21.77 41.15 41.23
CA TRP K 732 -22.80 41.49 42.18
C TRP K 732 -22.92 42.99 42.20
N PRO K 733 -24.09 43.56 41.91
CA PRO K 733 -24.22 45.02 41.85
C PRO K 733 -24.16 45.64 43.24
N ASN K 734 -23.88 46.94 43.25
CA ASN K 734 -23.64 47.65 44.50
C ASN K 734 -24.92 47.81 45.29
N CYS K 735 -25.91 48.49 44.71
CA CYS K 735 -27.14 48.84 45.40
C CYS K 735 -28.27 47.99 44.82
N THR K 736 -28.68 46.98 45.57
CA THR K 736 -29.76 46.07 45.18
C THR K 736 -31.03 46.45 45.92
N LYS K 737 -32.17 46.32 45.24
CA LYS K 737 -33.44 46.70 45.81
C LYS K 737 -34.22 45.45 46.26
N HIS K 738 -35.40 45.68 46.82
CA HIS K 738 -36.18 44.58 47.39
C HIS K 738 -36.94 43.81 46.32
N TYR K 739 -37.34 44.50 45.25
CA TYR K 739 -38.07 43.91 44.14
C TYR K 739 -37.18 43.70 42.93
N GLY K 740 -35.88 43.57 43.14
CA GLY K 740 -34.93 43.44 42.06
C GLY K 740 -34.86 42.03 41.53
N PHE K 741 -33.88 41.81 40.66
CA PHE K 741 -33.72 40.51 40.01
C PHE K 741 -32.69 39.62 40.69
N ILE K 742 -31.51 40.15 41.00
CA ILE K 742 -30.41 39.28 41.35
C ILE K 742 -30.45 38.81 42.80
N ASN K 743 -31.11 39.54 43.70
CA ASN K 743 -31.26 39.06 45.06
C ASN K 743 -32.44 38.11 45.25
N ASN K 744 -33.29 37.98 44.23
CA ASN K 744 -34.45 37.09 44.29
C ASN K 744 -34.30 35.87 43.41
N PHE K 745 -33.32 35.85 42.51
CA PHE K 745 -33.12 34.74 41.59
C PHE K 745 -32.43 33.60 42.33
N GLU K 746 -33.05 32.43 42.32
CA GLU K 746 -32.52 31.26 43.03
C GLU K 746 -32.36 30.08 42.09
N PRO K 747 -31.17 29.87 41.53
CA PRO K 747 -30.95 28.69 40.68
C PRO K 747 -30.59 27.47 41.52
N MET K 748 -30.99 26.31 41.02
CA MET K 748 -30.82 25.07 41.77
C MET K 748 -30.93 23.88 40.84
N SER K 749 -30.47 22.73 41.33
CA SER K 749 -30.37 21.52 40.50
C SER K 749 -30.48 20.28 41.37
N ARG K 750 -30.80 19.16 40.72
CA ARG K 750 -30.82 17.86 41.37
C ARG K 750 -30.61 16.79 40.32
N GLN K 751 -30.16 15.61 40.76
CA GLN K 751 -30.18 14.41 39.94
C GLN K 751 -31.30 13.48 40.37
N VAL K 752 -31.70 12.62 39.45
CA VAL K 752 -32.84 11.72 39.64
C VAL K 752 -32.54 10.49 38.79
N PRO K 753 -32.92 9.27 39.23
CA PRO K 753 -32.63 8.09 38.41
C PRO K 753 -33.39 8.01 37.10
N GLU K 754 -33.09 6.96 36.31
CA GLU K 754 -33.72 6.78 35.01
C GLU K 754 -35.19 6.41 35.14
N TYR K 755 -35.53 5.62 36.18
CA TYR K 755 -36.88 5.14 36.47
C TYR K 755 -37.45 4.33 35.30
N GLY K 756 -36.61 3.51 34.68
CA GLY K 756 -37.03 2.71 33.55
C GLY K 756 -37.67 1.40 33.94
N ALA K 757 -37.37 0.34 33.19
CA ALA K 757 -37.96 -0.97 33.47
C ALA K 757 -37.23 -1.69 34.59
N ASN K 758 -35.94 -1.41 34.78
CA ASN K 758 -35.19 -2.04 35.86
C ASN K 758 -35.40 -1.32 37.19
N TYR K 759 -35.78 -0.05 37.15
CA TYR K 759 -36.05 0.72 38.36
C TYR K 759 -37.50 1.18 38.36
N PRO K 760 -38.38 0.56 39.16
CA PRO K 760 -39.82 0.65 38.89
C PRO K 760 -40.50 1.97 39.24
N ASN K 761 -39.80 2.95 39.82
CA ASN K 761 -40.34 4.26 40.21
C ASN K 761 -41.52 4.11 41.18
N LEU K 762 -41.17 3.65 42.38
CA LEU K 762 -42.16 3.28 43.40
C LEU K 762 -43.00 4.45 43.89
N MET K 763 -42.54 5.68 43.71
CA MET K 763 -43.36 6.83 44.07
C MET K 763 -44.55 6.98 43.15
N ALA K 764 -44.35 6.75 41.84
CA ALA K 764 -45.46 6.85 40.89
C ALA K 764 -46.47 5.73 41.07
N ALA K 765 -46.08 4.61 41.69
CA ALA K 765 -47.04 3.58 42.05
C ALA K 765 -47.74 3.90 43.36
N TYR K 766 -47.16 4.79 44.18
CA TYR K 766 -47.82 5.20 45.42
C TYR K 766 -48.97 6.16 45.14
N LEU K 767 -48.74 7.13 44.26
CA LEU K 767 -49.73 8.16 43.97
C LEU K 767 -50.96 7.62 43.23
N ALA K 768 -50.84 6.47 42.57
CA ALA K 768 -52.01 5.85 41.94
C ALA K 768 -52.93 5.27 43.00
N ASN K 769 -52.43 4.31 43.78
CA ASN K 769 -53.21 3.67 44.83
C ASN K 769 -52.36 3.67 46.09
N PRO K 770 -52.63 4.56 47.06
CA PRO K 770 -51.84 4.53 48.30
C PRO K 770 -52.23 3.41 49.25
N GLN K 771 -53.27 2.64 48.93
CA GLN K 771 -53.68 1.55 49.80
C GLN K 771 -52.70 0.39 49.72
N THR K 772 -52.30 0.00 48.51
CA THR K 772 -51.29 -1.04 48.32
C THR K 772 -49.92 -0.38 48.38
N MET K 773 -49.43 -0.22 49.61
CA MET K 773 -48.29 0.64 49.93
C MET K 773 -46.98 0.06 49.41
N PRO K 774 -46.31 0.71 48.46
CA PRO K 774 -45.09 0.14 47.91
C PRO K 774 -43.82 0.58 48.62
N ILE K 775 -43.88 1.69 49.35
CA ILE K 775 -42.69 2.33 49.90
C ILE K 775 -42.47 1.84 51.31
N TRP K 776 -41.32 1.22 51.56
CA TRP K 776 -40.96 0.72 52.87
C TRP K 776 -39.81 1.57 53.38
N ASN K 777 -40.12 2.49 54.27
CA ASN K 777 -39.11 3.29 54.95
C ASN K 777 -39.54 3.37 56.41
N ASN K 778 -38.55 3.25 57.31
CA ASN K 778 -38.59 3.16 58.77
C ASN K 778 -39.83 2.45 59.30
N CYS K 779 -40.03 1.22 58.81
CA CYS K 779 -41.16 0.40 59.21
C CYS K 779 -41.05 0.03 60.69
N GLY K 780 -42.19 0.02 61.37
CA GLY K 780 -42.18 -0.20 62.80
C GLY K 780 -41.75 1.00 63.61
N PHE K 781 -41.76 2.18 63.02
CA PHE K 781 -41.46 3.39 63.76
C PHE K 781 -42.41 4.52 63.40
N GLN K 782 -43.39 4.28 62.54
CA GLN K 782 -44.44 5.23 62.23
C GLN K 782 -45.66 4.46 61.75
N GLN K 783 -46.70 5.19 61.40
CA GLN K 783 -47.93 4.59 60.91
C GLN K 783 -47.74 4.12 59.47
N LYS K 784 -48.62 3.21 59.03
CA LYS K 784 -48.79 2.87 57.62
C LYS K 784 -48.94 4.13 56.77
N THR K 785 -48.44 4.08 55.55
CA THR K 785 -48.55 5.22 54.66
C THR K 785 -49.82 5.16 53.82
N ALA K 786 -50.94 4.84 54.47
CA ALA K 786 -52.25 4.94 53.86
C ALA K 786 -53.14 5.77 54.77
N THR K 787 -52.89 5.70 56.07
CA THR K 787 -53.61 6.47 57.06
C THR K 787 -52.73 7.67 57.42
N ASN K 788 -53.10 8.40 58.47
CA ASN K 788 -52.42 9.61 58.89
C ASN K 788 -51.02 9.31 59.41
N VAL K 789 -50.10 10.24 59.14
CA VAL K 789 -48.77 10.15 59.72
C VAL K 789 -48.78 10.55 61.20
N LEU K 790 -49.84 11.21 61.66
CA LEU K 790 -49.97 11.62 63.05
C LEU K 790 -50.25 10.47 64.01
N LEU K 791 -50.47 9.26 63.51
CA LEU K 791 -50.79 8.12 64.36
C LEU K 791 -49.48 7.47 64.87
N GLU K 792 -49.59 6.30 65.48
CA GLU K 792 -48.50 5.71 66.22
C GLU K 792 -47.72 4.72 65.35
N ARG K 793 -46.69 4.11 65.94
CA ARG K 793 -45.93 3.06 65.24
C ARG K 793 -46.82 1.84 64.99
N CYS K 794 -46.53 1.13 63.90
CA CYS K 794 -47.49 0.15 63.40
C CYS K 794 -46.88 -1.14 62.86
N GLY K 795 -45.57 -1.32 62.90
CA GLY K 795 -45.04 -2.53 62.27
C GLY K 795 -43.87 -3.19 62.96
N HIS K 796 -43.00 -3.82 62.17
CA HIS K 796 -41.76 -4.41 62.64
C HIS K 796 -40.57 -3.80 61.90
N PRO K 797 -39.41 -3.70 62.53
CA PRO K 797 -38.24 -3.14 61.84
C PRO K 797 -37.74 -4.06 60.74
N TYR K 798 -37.38 -3.45 59.61
CA TYR K 798 -37.12 -4.19 58.38
C TYR K 798 -36.36 -3.27 57.45
N VAL K 799 -35.75 -3.87 56.41
CA VAL K 799 -34.92 -3.12 55.47
C VAL K 799 -35.78 -2.18 54.64
N ALA K 800 -35.13 -1.19 54.05
CA ALA K 800 -35.80 -0.19 53.24
C ALA K 800 -35.48 -0.39 51.77
N ASN K 801 -36.39 0.08 50.91
CA ASN K 801 -36.25 -0.06 49.48
C ASN K 801 -36.34 1.25 48.71
N TRP K 802 -36.46 2.37 49.40
CA TRP K 802 -36.79 3.60 48.71
C TRP K 802 -36.30 4.77 49.57
N PRO K 803 -35.60 5.76 49.00
CA PRO K 803 -35.29 6.04 47.60
C PRO K 803 -34.11 5.24 47.07
N TYR K 804 -33.63 5.59 45.89
CA TYR K 804 -32.41 4.94 45.44
C TYR K 804 -31.20 5.71 45.97
N PRO K 805 -30.11 5.02 46.24
CA PRO K 805 -28.88 5.73 46.59
C PRO K 805 -28.30 6.46 45.40
N LEU K 806 -28.42 7.78 45.39
CA LEU K 806 -27.81 8.58 44.34
C LEU K 806 -26.32 8.81 44.60
N SER K 807 -25.83 8.47 45.78
CA SER K 807 -24.45 8.72 46.12
C SER K 807 -23.93 7.60 46.99
N GLY K 808 -22.63 7.41 46.95
CA GLY K 808 -21.97 6.38 47.73
C GLY K 808 -21.37 5.31 46.84
N ARG K 809 -20.91 4.24 47.49
CA ARG K 809 -20.30 3.14 46.76
C ARG K 809 -21.34 2.33 45.99
N ASN K 810 -22.57 2.25 46.52
CA ASN K 810 -23.66 1.55 45.86
C ASN K 810 -24.56 2.50 45.08
N ALA K 811 -23.99 3.56 44.52
CA ALA K 811 -24.77 4.56 43.81
C ALA K 811 -25.34 3.99 42.52
N VAL K 812 -26.54 4.42 42.17
CA VAL K 812 -27.24 3.94 41.00
C VAL K 812 -26.59 4.56 39.76
N PRO K 813 -26.37 3.80 38.70
CA PRO K 813 -25.94 4.39 37.43
C PRO K 813 -27.13 4.98 36.69
N ASN K 814 -26.82 5.67 35.60
CA ASN K 814 -27.78 6.31 34.69
C ASN K 814 -28.66 7.33 35.44
N GLN K 815 -28.00 8.36 35.95
CA GLN K 815 -28.67 9.47 36.60
C GLN K 815 -28.82 10.61 35.60
N VAL K 816 -29.96 11.30 35.65
CA VAL K 816 -30.24 12.42 34.76
C VAL K 816 -30.46 13.66 35.60
N THR K 817 -29.90 14.79 35.13
CA THR K 817 -29.94 16.04 35.87
C THR K 817 -31.19 16.82 35.50
N GLU K 818 -31.67 17.62 36.45
CA GLU K 818 -32.80 18.51 36.20
C GLU K 818 -32.49 19.87 36.82
N ARG K 819 -32.67 20.92 36.04
CA ARG K 819 -32.38 22.27 36.48
C ARG K 819 -33.62 23.13 36.39
N LYS K 820 -33.74 24.09 37.31
CA LYS K 820 -34.84 25.04 37.32
C LYS K 820 -34.42 26.25 38.14
N PHE K 821 -35.32 27.23 38.23
CA PHE K 821 -35.04 28.44 38.99
C PHE K 821 -36.34 28.98 39.56
N LEU K 822 -36.24 29.66 40.69
CA LEU K 822 -37.38 30.29 41.33
C LEU K 822 -37.14 31.79 41.42
N VAL K 823 -38.07 32.57 40.88
CA VAL K 823 -38.00 34.02 40.92
C VAL K 823 -39.25 34.52 41.64
N ASP K 824 -39.04 35.24 42.75
CA ASP K 824 -40.15 35.78 43.52
C ASP K 824 -40.04 37.30 43.55
N ARG K 825 -41.20 37.95 43.66
CA ARG K 825 -41.33 39.39 43.82
C ARG K 825 -40.71 40.18 42.67
N TYR K 826 -40.77 39.65 41.45
CA TYR K 826 -40.08 40.29 40.34
C TYR K 826 -40.91 40.17 39.07
N LEU K 827 -41.11 41.30 38.39
CA LEU K 827 -41.71 41.32 37.07
C LEU K 827 -40.61 41.21 36.03
N TRP K 828 -40.79 40.33 35.04
CA TRP K 828 -39.85 40.25 33.94
C TRP K 828 -39.94 41.51 33.10
N GLN K 829 -38.92 42.36 33.17
CA GLN K 829 -38.93 43.61 32.43
C GLN K 829 -38.06 43.48 31.19
N ILE K 830 -38.54 44.03 30.09
CA ILE K 830 -37.82 44.07 28.83
C ILE K 830 -37.87 45.50 28.34
N PRO K 831 -36.79 46.27 28.42
CA PRO K 831 -36.88 47.71 28.14
C PRO K 831 -36.89 47.99 26.64
N PHE K 832 -37.50 49.12 26.30
CA PHE K 832 -37.70 49.52 24.90
C PHE K 832 -36.59 50.49 24.50
N SER K 833 -35.41 49.92 24.27
CA SER K 833 -34.24 50.69 23.88
C SER K 833 -33.36 49.82 22.99
N SER K 834 -32.25 50.40 22.55
CA SER K 834 -31.43 49.74 21.53
C SER K 834 -30.59 48.62 22.11
N ASN K 835 -29.66 48.95 23.00
CA ASN K 835 -28.75 48.00 23.60
C ASN K 835 -29.26 47.47 24.93
N PHE K 836 -30.54 47.70 25.23
CA PHE K 836 -31.23 47.28 26.46
C PHE K 836 -30.58 47.86 27.72
N LEU K 837 -29.90 48.99 27.62
CA LEU K 837 -29.36 49.66 28.79
C LEU K 837 -30.35 50.72 29.26
N ASN K 838 -29.92 51.54 30.21
CA ASN K 838 -30.69 52.68 30.68
C ASN K 838 -29.84 53.92 30.42
N MET K 839 -29.94 54.46 29.21
CA MET K 839 -29.30 55.73 28.88
C MET K 839 -30.24 56.90 29.01
N GLY K 840 -31.45 56.69 29.52
CA GLY K 840 -32.42 57.75 29.66
C GLY K 840 -33.79 57.23 30.03
N THR K 841 -34.57 58.05 30.73
CA THR K 841 -35.96 57.70 30.99
C THR K 841 -36.77 57.78 29.70
N LEU K 842 -36.73 58.92 29.03
CA LEU K 842 -37.21 59.03 27.66
C LEU K 842 -36.15 58.42 26.74
N THR K 843 -36.40 57.20 26.28
CA THR K 843 -35.35 56.36 25.73
C THR K 843 -34.96 56.78 24.31
N ASP K 844 -34.07 55.98 23.72
CA ASP K 844 -33.67 56.18 22.33
C ASP K 844 -34.84 55.92 21.40
N LEU K 845 -35.41 54.71 21.48
CA LEU K 845 -36.48 54.34 20.56
C LEU K 845 -37.79 55.04 20.90
N GLY K 846 -37.90 55.63 22.09
CA GLY K 846 -39.07 56.43 22.39
C GLY K 846 -39.14 57.71 21.56
N GLN K 847 -37.99 58.14 21.05
CA GLN K 847 -37.98 59.33 20.19
C GLN K 847 -37.91 58.94 18.72
N ASN K 848 -37.56 57.70 18.41
CA ASN K 848 -37.36 57.32 17.02
C ASN K 848 -38.62 56.75 16.39
N VAL K 849 -39.57 56.28 17.20
CA VAL K 849 -40.85 55.79 16.68
C VAL K 849 -41.66 56.97 16.17
N MET K 850 -41.42 58.15 16.75
CA MET K 850 -42.09 59.38 16.32
C MET K 850 -41.64 59.91 14.96
N TYR K 851 -40.77 59.20 14.24
CA TYR K 851 -40.41 59.59 12.88
C TYR K 851 -41.63 59.49 11.98
N ALA K 852 -42.00 60.61 11.37
CA ALA K 852 -43.10 60.80 10.42
C ALA K 852 -44.47 60.53 11.00
N ASN K 853 -44.58 60.19 12.30
CA ASN K 853 -45.82 60.12 13.07
C ASN K 853 -46.81 59.13 12.47
N SER K 854 -46.34 57.93 12.11
CA SER K 854 -47.25 57.12 11.29
C SER K 854 -48.24 56.34 12.15
N SER K 855 -47.82 55.16 12.64
CA SER K 855 -48.48 54.28 13.60
C SER K 855 -47.70 52.97 13.71
N HIS K 856 -48.01 52.16 14.72
CA HIS K 856 -47.64 50.75 14.78
C HIS K 856 -48.72 49.99 15.53
N SER K 857 -48.77 48.66 15.39
CA SER K 857 -49.87 47.89 15.99
C SER K 857 -49.36 46.49 16.32
N LEU K 858 -48.87 46.30 17.54
CA LEU K 858 -48.09 45.11 17.82
C LEU K 858 -48.95 43.99 18.39
N ASN K 859 -48.41 42.77 18.30
CA ASN K 859 -48.92 41.63 19.06
C ASN K 859 -47.78 40.96 19.78
N MET K 860 -48.09 40.29 20.89
CA MET K 860 -47.08 39.64 21.72
C MET K 860 -47.56 38.24 22.02
N GLN K 861 -47.00 37.25 21.34
CA GLN K 861 -47.33 35.85 21.57
C GLN K 861 -46.44 35.30 22.66
N PHE K 862 -47.06 34.73 23.70
CA PHE K 862 -46.35 34.14 24.81
C PHE K 862 -46.49 32.63 24.80
N THR K 863 -45.66 31.97 25.58
CA THR K 863 -45.74 30.53 25.77
C THR K 863 -45.45 30.23 27.23
N VAL K 864 -46.44 29.68 27.92
CA VAL K 864 -46.38 29.47 29.35
C VAL K 864 -46.46 27.98 29.63
N ASP K 865 -46.07 27.61 30.85
CA ASP K 865 -46.26 26.24 31.29
C ASP K 865 -47.74 25.99 31.56
N PRO K 866 -48.27 24.83 31.17
CA PRO K 866 -49.71 24.58 31.38
C PRO K 866 -50.05 24.33 32.84
N MET K 867 -50.71 25.31 33.45
CA MET K 867 -51.14 25.20 34.83
C MET K 867 -52.56 24.64 34.89
N THR K 868 -52.86 23.99 36.01
CA THR K 868 -54.18 23.38 36.19
C THR K 868 -55.25 24.39 36.56
N GLU K 869 -54.89 25.62 36.88
CA GLU K 869 -55.85 26.64 37.26
C GLU K 869 -55.96 27.70 36.17
N PRO K 870 -57.11 28.35 36.03
CA PRO K 870 -57.19 29.52 35.14
C PRO K 870 -56.38 30.67 35.70
N THR K 871 -55.64 31.35 34.83
CA THR K 871 -54.74 32.41 35.25
C THR K 871 -54.94 33.66 34.40
N TYR K 872 -54.62 34.80 34.99
CA TYR K 872 -54.54 36.06 34.28
C TYR K 872 -53.16 36.21 33.66
N LEU K 873 -52.87 37.41 33.18
CA LEU K 873 -51.54 37.76 32.69
C LEU K 873 -51.38 39.26 32.90
N MET K 874 -50.69 39.64 33.96
CA MET K 874 -50.45 41.05 34.21
C MET K 874 -49.39 41.55 33.25
N LEU K 875 -49.75 42.51 32.41
CA LEU K 875 -48.83 43.08 31.43
C LEU K 875 -48.82 44.57 31.61
N LEU K 876 -47.63 45.15 31.75
CA LEU K 876 -47.48 46.58 32.01
C LEU K 876 -46.73 47.23 30.86
N PHE K 877 -47.42 48.11 30.15
CA PHE K 877 -46.79 48.94 29.13
C PHE K 877 -46.26 50.20 29.80
N GLY K 878 -44.94 50.38 29.77
CA GLY K 878 -44.32 51.50 30.46
C GLY K 878 -44.66 52.81 29.79
N VAL K 879 -45.32 53.70 30.52
CA VAL K 879 -45.71 55.00 29.99
C VAL K 879 -45.11 56.08 30.86
N PHE K 880 -45.38 57.34 30.53
CA PHE K 880 -45.02 58.47 31.38
C PHE K 880 -46.29 59.12 31.90
N ASP K 881 -46.62 58.85 33.14
CA ASP K 881 -47.83 59.41 33.75
C ASP K 881 -47.45 60.70 34.45
N GLN K 882 -48.07 61.80 34.04
CA GLN K 882 -47.71 63.12 34.54
C GLN K 882 -48.95 63.84 35.06
N VAL K 883 -48.71 64.96 35.75
CA VAL K 883 -49.74 65.85 36.27
C VAL K 883 -49.10 67.22 36.51
N VAL K 884 -49.74 68.29 36.06
CA VAL K 884 -49.36 69.63 36.50
C VAL K 884 -50.51 70.18 37.30
N ILE K 885 -50.20 71.05 38.25
CA ILE K 885 -51.16 71.55 39.23
C ILE K 885 -51.07 73.07 39.25
N ASN K 886 -52.13 73.74 38.80
CA ASN K 886 -52.17 75.18 38.76
C ASN K 886 -52.99 75.70 39.95
N GLN K 887 -52.46 76.70 40.63
CA GLN K 887 -53.12 77.30 41.80
C GLN K 887 -53.16 78.80 41.62
N PRO K 888 -54.10 79.31 40.82
CA PRO K 888 -54.08 80.74 40.46
C PRO K 888 -54.55 81.67 41.58
N THR K 889 -55.63 81.31 42.26
CA THR K 889 -56.28 82.18 43.25
C THR K 889 -56.52 81.32 44.48
N ARG K 890 -56.67 81.97 45.63
CA ARG K 890 -57.03 81.25 46.85
C ARG K 890 -58.42 80.64 46.69
N SER K 891 -58.59 79.47 47.31
CA SER K 891 -59.75 78.58 47.26
C SER K 891 -60.03 78.03 45.87
N GLY K 892 -59.13 78.22 44.91
CA GLY K 892 -59.33 77.67 43.58
C GLY K 892 -58.09 77.05 42.99
N ILE K 893 -58.12 75.75 42.73
CA ILE K 893 -56.99 75.04 42.15
C ILE K 893 -57.49 74.21 40.98
N SER K 894 -56.59 73.94 40.04
CA SER K 894 -56.94 73.24 38.81
C SER K 894 -55.75 72.43 38.34
N VAL K 895 -56.01 71.27 37.74
CA VAL K 895 -54.96 70.38 37.30
C VAL K 895 -55.12 70.08 35.82
N ALA K 896 -54.17 69.31 35.30
CA ALA K 896 -54.23 68.76 33.96
C ALA K 896 -53.38 67.51 33.93
N TYR K 897 -54.02 66.36 33.68
CA TYR K 897 -53.33 65.08 33.62
C TYR K 897 -52.90 64.86 32.18
N LEU K 898 -51.74 64.22 31.99
CA LEU K 898 -51.29 63.82 30.67
C LEU K 898 -50.36 62.63 30.83
N ARG K 899 -50.89 61.44 30.60
CA ARG K 899 -50.07 60.27 30.35
C ARG K 899 -50.08 60.03 28.85
N LEU K 900 -48.96 59.56 28.32
CA LEU K 900 -48.86 59.13 26.94
C LEU K 900 -47.81 58.04 26.84
N PRO K 901 -47.91 57.11 25.87
CA PRO K 901 -48.73 56.90 24.66
C PRO K 901 -50.25 56.79 24.79
N PHE K 902 -50.77 56.37 25.93
CA PHE K 902 -52.20 56.08 26.06
C PHE K 902 -52.93 57.37 26.45
N ALA K 903 -54.23 57.31 26.69
CA ALA K 903 -55.02 58.51 26.93
C ALA K 903 -56.34 58.16 27.61
N SER K 904 -56.93 59.16 28.25
CA SER K 904 -58.29 59.13 28.78
C SER K 904 -58.74 60.56 29.03
N GLY K 905 -59.81 60.73 29.80
CA GLY K 905 -60.28 62.07 30.12
C GLY K 905 -59.38 62.74 31.14
N SER K 906 -59.13 64.03 30.94
CA SER K 906 -58.15 64.74 31.76
C SER K 906 -58.37 66.25 31.67
N ALA K 907 -58.68 66.86 32.80
CA ALA K 907 -58.89 68.30 32.88
C ALA K 907 -58.64 68.82 34.29
N MET L 1 10.72 54.24 26.60
CA MET L 1 10.41 53.44 27.78
C MET L 1 10.86 54.13 29.04
N GLU L 2 12.11 54.59 29.05
CA GLU L 2 12.60 55.41 30.15
C GLU L 2 11.92 56.77 30.12
N PRO L 3 11.73 57.44 31.28
CA PRO L 3 12.21 57.20 32.64
C PRO L 3 11.45 56.18 33.51
N GLN L 4 10.66 55.27 32.96
CA GLN L 4 10.23 54.01 33.59
C GLN L 4 9.39 54.15 34.86
N ARG L 5 9.15 55.36 35.34
CA ARG L 5 8.21 55.57 36.43
C ARG L 5 7.04 56.45 35.99
N GLU L 6 7.25 57.34 35.04
CA GLU L 6 6.18 58.07 34.39
C GLU L 6 5.63 57.36 33.17
N PHE L 7 6.34 56.36 32.65
CA PHE L 7 5.81 55.61 31.52
C PHE L 7 4.84 54.53 31.98
N PHE L 8 5.14 53.85 33.07
CA PHE L 8 4.24 52.83 33.61
C PHE L 8 3.35 53.39 34.72
N HIS L 9 3.45 54.69 34.98
CA HIS L 9 2.56 55.44 35.89
C HIS L 9 2.61 54.90 37.31
N ILE L 10 3.81 54.56 37.76
CA ILE L 10 4.08 54.41 39.18
C ILE L 10 3.85 55.74 39.89
N ALA L 11 4.34 56.82 39.28
CA ALA L 11 4.15 58.18 39.76
C ALA L 11 3.92 59.07 38.55
N GLY L 12 3.84 60.38 38.78
CA GLY L 12 3.75 61.33 37.68
C GLY L 12 2.34 61.89 37.53
N ARG L 13 1.82 61.85 36.32
CA ARG L 13 0.57 62.50 35.99
C ARG L 13 -0.62 61.60 36.28
N SER L 14 -1.72 62.22 36.69
CA SER L 14 -2.94 61.48 36.97
C SER L 14 -3.62 61.10 35.66
N ALA L 15 -4.68 60.29 35.78
CA ALA L 15 -5.35 59.72 34.61
C ALA L 15 -6.06 60.77 33.76
N LYS L 16 -6.42 61.91 34.34
CA LYS L 16 -7.04 62.99 33.60
C LYS L 16 -6.02 63.88 32.90
N GLU L 17 -4.75 63.54 32.94
CA GLU L 17 -3.70 64.44 32.46
C GLU L 17 -2.87 63.87 31.33
N TYR L 18 -2.49 62.60 31.38
CA TYR L 18 -1.65 62.05 30.32
C TYR L 18 -2.45 61.54 29.13
N LEU L 19 -3.76 61.76 29.11
CA LEU L 19 -4.58 61.32 28.00
C LEU L 19 -4.80 62.45 27.00
N SER L 20 -5.35 62.08 25.86
CA SER L 20 -5.80 63.05 24.88
C SER L 20 -6.97 63.87 25.43
N GLU L 21 -7.01 65.14 25.06
CA GLU L 21 -8.14 65.99 25.44
C GLU L 21 -9.43 65.50 24.81
N ASN L 22 -9.34 64.95 23.59
CA ASN L 22 -10.51 64.37 22.94
C ASN L 22 -10.99 63.11 23.64
N LEU L 23 -10.10 62.37 24.29
CA LEU L 23 -10.54 61.15 24.94
C LEU L 23 -11.09 61.40 26.34
N VAL L 24 -10.57 62.41 27.04
CA VAL L 24 -11.12 62.78 28.34
C VAL L 24 -12.53 63.34 28.18
N GLN L 25 -12.77 64.10 27.11
CA GLN L 25 -14.12 64.55 26.82
C GLN L 25 -15.02 63.41 26.36
N PHE L 26 -14.46 62.28 25.93
CA PHE L 26 -15.28 61.14 25.58
C PHE L 26 -15.66 60.33 26.81
N ILE L 27 -14.69 60.05 27.68
CA ILE L 27 -14.96 59.17 28.83
C ILE L 27 -15.78 59.85 29.90
N GLN L 28 -15.94 61.17 29.84
CA GLN L 28 -16.88 61.86 30.71
C GLN L 28 -18.29 61.85 30.17
N ALA L 29 -18.44 61.91 28.85
CA ALA L 29 -19.77 61.87 28.26
C ALA L 29 -20.34 60.46 28.29
N THR L 30 -19.66 59.52 27.64
CA THR L 30 -20.11 58.13 27.63
C THR L 30 -19.51 57.44 28.84
N GLN L 31 -20.13 57.68 29.99
CA GLN L 31 -19.66 57.12 31.25
C GLN L 31 -20.73 56.31 31.96
N ASN L 32 -21.97 56.75 31.92
CA ASN L 32 -23.06 56.11 32.65
C ASN L 32 -23.56 54.83 31.98
N TYR L 33 -23.05 54.50 30.80
CA TYR L 33 -23.39 53.23 30.17
C TYR L 33 -22.22 52.47 29.59
N PHE L 34 -21.09 53.11 29.27
CA PHE L 34 -19.97 52.43 28.63
C PHE L 34 -18.69 52.94 29.28
N ASN L 35 -18.29 52.28 30.37
CA ASN L 35 -17.23 52.79 31.22
C ASN L 35 -15.88 52.46 30.63
N ILE L 36 -15.05 53.48 30.43
CA ILE L 36 -13.69 53.29 29.94
C ILE L 36 -12.64 53.67 30.97
N GLY L 37 -12.88 54.72 31.75
CA GLY L 37 -11.90 55.33 32.66
C GLY L 37 -11.33 54.46 33.75
N GLU L 38 -11.83 53.24 33.94
CA GLU L 38 -11.19 52.29 34.84
C GLU L 38 -10.06 51.51 34.17
N LYS L 39 -9.77 51.79 32.89
CA LYS L 39 -8.73 51.11 32.15
C LYS L 39 -7.45 51.93 32.08
N PHE L 40 -7.29 52.90 32.98
CA PHE L 40 -6.11 53.76 32.98
C PHE L 40 -5.65 53.94 34.41
N ARG L 41 -4.37 53.68 34.64
CA ARG L 41 -3.83 53.68 35.99
C ARG L 41 -3.63 55.10 36.49
N ASP L 42 -4.01 55.34 37.74
CA ASP L 42 -3.91 56.65 38.37
C ASP L 42 -2.97 56.53 39.55
N PRO L 43 -1.83 57.23 39.57
CA PRO L 43 -0.90 57.09 40.68
C PRO L 43 -1.39 57.81 41.94
N TYR L 44 -0.79 57.45 43.06
CA TYR L 44 -1.16 58.00 44.36
C TYR L 44 0.07 57.92 45.25
N VAL L 45 0.81 59.02 45.33
CA VAL L 45 2.14 59.00 45.91
C VAL L 45 2.13 59.63 47.31
N ALA L 46 3.07 59.19 48.14
CA ALA L 46 3.30 59.79 49.43
C ALA L 46 4.03 61.12 49.25
N PRO L 47 4.00 62.01 50.27
CA PRO L 47 4.79 63.24 50.18
C PRO L 47 6.29 63.03 50.08
N SER L 48 6.87 62.36 51.09
CA SER L 48 8.32 62.16 51.23
C SER L 48 9.11 63.47 51.20
N ALA L 49 8.51 64.52 51.78
CA ALA L 49 9.17 65.82 51.84
C ALA L 49 8.63 66.53 53.09
N GLY L 50 9.38 66.44 54.18
CA GLY L 50 9.01 67.15 55.39
C GLY L 50 7.79 66.62 56.11
N VAL L 51 7.63 65.31 56.17
CA VAL L 51 6.56 64.71 56.97
C VAL L 51 7.07 63.74 58.02
N THR L 52 8.26 63.16 57.87
CA THR L 52 8.81 62.28 58.88
C THR L 52 10.32 62.44 58.90
N THR L 53 10.89 62.53 60.10
CA THR L 53 12.28 62.89 60.26
C THR L 53 13.20 61.66 60.31
N ASP L 54 14.51 61.93 60.15
CA ASP L 54 15.54 60.93 60.36
C ASP L 54 15.86 60.74 61.83
N ARG L 55 15.58 61.75 62.65
CA ARG L 55 16.01 61.77 64.03
C ARG L 55 15.30 60.70 64.85
N SER L 56 16.05 59.99 65.68
CA SER L 56 15.54 58.81 66.34
C SER L 56 14.66 59.18 67.52
N GLN L 57 13.43 58.72 67.51
CA GLN L 57 12.53 58.87 68.65
C GLN L 57 11.51 57.74 68.60
N LYS L 58 10.76 57.59 69.70
CA LYS L 58 9.87 56.46 69.85
C LYS L 58 8.47 56.78 69.37
N LEU L 59 7.81 55.76 68.83
CA LEU L 59 6.41 55.91 68.41
C LEU L 59 5.49 55.85 69.62
N GLN L 60 5.47 54.71 70.31
CA GLN L 60 4.76 54.57 71.57
C GLN L 60 5.74 54.71 72.72
N LEU L 61 5.25 55.24 73.84
CA LEU L 61 6.12 55.71 74.91
C LEU L 61 5.52 55.31 76.25
N ARG L 62 6.09 54.26 76.85
CA ARG L 62 5.73 53.85 78.20
C ARG L 62 6.23 54.90 79.19
N VAL L 63 5.45 55.13 80.26
CA VAL L 63 5.94 55.80 81.45
C VAL L 63 5.55 54.98 82.67
N VAL L 64 6.36 55.10 83.71
CA VAL L 64 6.13 54.43 84.98
C VAL L 64 5.58 55.47 85.95
N PRO L 65 4.81 55.09 86.97
CA PRO L 65 4.30 56.11 87.90
C PRO L 65 5.39 56.60 88.83
N ILE L 66 5.28 57.88 89.20
CA ILE L 66 6.28 58.49 90.08
C ILE L 66 6.15 57.93 91.49
N GLN L 67 5.00 58.14 92.11
CA GLN L 67 4.73 57.53 93.41
C GLN L 67 3.24 57.26 93.54
N THR L 68 2.92 56.09 94.08
CA THR L 68 1.56 55.58 94.14
C THR L 68 1.10 55.48 95.59
N GLU L 69 -0.22 55.47 95.77
CA GLU L 69 -0.83 55.33 97.09
C GLU L 69 -1.94 54.29 97.01
N ASP L 70 -2.00 53.42 98.01
CA ASP L 70 -3.03 52.39 98.09
C ASP L 70 -3.90 52.68 99.30
N ASN L 71 -5.20 52.82 99.08
CA ASN L 71 -6.18 52.94 100.14
C ASN L 71 -7.11 51.73 100.06
N VAL L 72 -7.97 51.59 101.07
CA VAL L 72 -9.00 50.57 101.04
C VAL L 72 -10.00 50.85 99.91
N ASN L 73 -10.26 52.13 99.63
CA ASN L 73 -11.25 52.50 98.63
C ASN L 73 -10.67 52.75 97.25
N TYR L 74 -9.47 53.30 97.14
CA TYR L 74 -8.95 53.69 95.84
C TYR L 74 -7.47 53.33 95.72
N TYR L 75 -6.91 53.60 94.54
CA TYR L 75 -5.49 53.42 94.26
C TYR L 75 -5.03 54.62 93.45
N LYS L 76 -3.98 55.29 93.90
CA LYS L 76 -3.48 56.50 93.25
C LYS L 76 -2.40 56.16 92.23
N ALA L 77 -2.53 56.67 91.01
CA ALA L 77 -1.48 56.65 90.02
C ALA L 77 -1.09 58.09 89.69
N ARG L 78 0.21 58.34 89.60
CA ARG L 78 0.73 59.69 89.39
C ARG L 78 1.87 59.64 88.39
N PHE L 79 1.70 60.32 87.26
CA PHE L 79 2.64 60.23 86.15
C PHE L 79 3.21 61.60 85.82
N THR L 80 4.44 61.60 85.34
CA THR L 80 5.09 62.81 84.83
C THR L 80 5.34 62.60 83.34
N LEU L 81 4.57 63.30 82.51
CA LEU L 81 4.68 63.17 81.07
C LEU L 81 5.70 64.17 80.55
N ASN L 82 6.60 63.71 79.69
CA ASN L 82 7.64 64.56 79.14
C ASN L 82 7.48 64.60 77.63
N VAL L 83 7.22 65.80 77.11
CA VAL L 83 7.12 66.02 75.67
C VAL L 83 8.32 66.86 75.30
N GLY L 84 9.33 66.24 74.68
CA GLY L 84 10.59 66.88 74.44
C GLY L 84 10.52 68.00 73.43
N ASP L 85 11.67 68.64 73.21
CA ASP L 85 11.76 69.73 72.24
C ASP L 85 11.58 69.17 70.83
N ASN L 86 10.72 69.83 70.05
CA ASN L 86 10.28 69.41 68.72
C ASN L 86 9.59 68.06 68.72
N ARG L 87 8.83 67.75 69.78
CA ARG L 87 7.95 66.60 69.80
C ARG L 87 6.50 67.09 69.80
N LEU L 88 5.56 66.14 69.70
CA LEU L 88 4.16 66.50 69.56
C LEU L 88 3.31 65.30 70.00
N VAL L 89 2.34 65.54 70.88
CA VAL L 89 1.51 64.49 71.44
C VAL L 89 0.05 64.85 71.20
N ASP L 90 -0.72 63.90 70.66
CA ASP L 90 -2.17 63.95 70.74
C ASP L 90 -2.57 63.04 71.90
N LEU L 91 -3.32 63.61 72.85
CA LEU L 91 -3.71 62.83 74.04
C LEU L 91 -4.88 61.90 73.79
N GLY L 92 -5.40 61.83 72.58
CA GLY L 92 -6.41 60.83 72.27
C GLY L 92 -5.85 59.42 72.26
N SER L 93 -4.56 59.28 72.00
CA SER L 93 -3.88 58.00 72.04
C SER L 93 -3.47 57.58 73.43
N SER L 94 -3.75 58.39 74.45
CA SER L 94 -3.35 58.08 75.81
C SER L 94 -4.32 57.11 76.46
N TYR L 95 -3.77 56.09 77.10
CA TYR L 95 -4.57 55.13 77.85
C TYR L 95 -3.72 54.53 78.96
N PHE L 96 -4.39 54.08 80.01
CA PHE L 96 -3.71 53.46 81.14
C PHE L 96 -3.60 51.97 80.90
N ASP L 97 -2.39 51.44 81.09
CA ASP L 97 -2.15 50.00 81.00
C ASP L 97 -2.15 49.44 82.42
N ILE L 98 -3.33 49.24 82.96
CA ILE L 98 -3.44 48.80 84.35
C ILE L 98 -3.44 47.27 84.37
N LYS L 99 -2.92 46.71 85.44
CA LYS L 99 -2.67 45.27 85.49
C LYS L 99 -2.69 44.81 86.93
N GLY L 100 -3.43 43.75 87.20
CA GLY L 100 -3.47 43.20 88.53
C GLY L 100 -4.22 41.89 88.57
N THR L 101 -4.51 41.43 89.78
CA THR L 101 -5.27 40.21 89.98
C THR L 101 -6.67 40.55 90.50
N LEU L 102 -7.58 39.60 90.35
CA LEU L 102 -8.99 39.82 90.62
C LEU L 102 -9.61 38.61 91.29
N ASP L 103 -10.44 38.86 92.29
CA ASP L 103 -11.24 37.83 92.94
C ASP L 103 -12.69 38.16 92.67
N ARG L 104 -13.39 37.24 92.00
CA ARG L 104 -14.79 37.49 91.66
C ARG L 104 -15.75 37.12 92.77
N GLY L 105 -15.33 36.35 93.76
CA GLY L 105 -16.19 35.96 94.85
C GLY L 105 -16.94 34.68 94.54
N PRO L 106 -17.56 34.08 95.57
CA PRO L 106 -18.25 32.80 95.37
C PRO L 106 -19.60 32.90 94.68
N SER L 107 -20.02 34.10 94.28
CA SER L 107 -21.27 34.30 93.57
C SER L 107 -21.11 34.16 92.06
N PHE L 108 -20.00 33.61 91.59
CA PHE L 108 -19.67 33.57 90.18
C PHE L 108 -19.90 32.18 89.63
N LYS L 109 -20.70 32.08 88.57
CA LYS L 109 -20.95 30.82 87.88
C LYS L 109 -21.16 31.14 86.41
N PRO L 110 -20.14 30.97 85.57
CA PRO L 110 -20.23 31.49 84.21
C PRO L 110 -20.90 30.58 83.20
N TYR L 111 -21.99 29.91 83.57
CA TYR L 111 -22.71 28.99 82.69
C TYR L 111 -23.99 28.55 83.37
N GLY L 112 -24.99 28.24 82.56
CA GLY L 112 -26.20 27.64 83.07
C GLY L 112 -26.07 26.13 83.19
N GLY L 113 -26.92 25.56 84.04
CA GLY L 113 -26.85 24.13 84.22
C GLY L 113 -25.66 23.73 85.08
N THR L 114 -25.39 22.42 85.08
CA THR L 114 -24.31 21.86 85.88
C THR L 114 -23.28 21.20 84.98
N ALA L 115 -22.20 20.72 85.59
CA ALA L 115 -21.12 20.09 84.86
C ALA L 115 -20.75 18.72 85.39
N TYR L 116 -21.39 18.24 86.46
CA TYR L 116 -21.04 16.96 87.08
C TYR L 116 -22.29 16.09 87.07
N ASN L 117 -22.21 14.98 86.33
CA ASN L 117 -23.31 14.10 85.92
C ASN L 117 -24.46 14.91 85.32
N PRO L 118 -24.28 15.55 84.15
CA PRO L 118 -25.35 16.42 83.65
C PRO L 118 -26.53 15.65 83.06
N LEU L 119 -26.31 14.44 82.58
CA LEU L 119 -27.40 13.67 81.96
C LEU L 119 -28.31 13.00 82.96
N ALA L 120 -28.03 13.10 84.24
CA ALA L 120 -28.88 12.46 85.25
C ALA L 120 -30.19 13.22 85.39
N PRO L 121 -31.29 12.51 85.65
CA PRO L 121 -32.51 13.20 86.07
C PRO L 121 -32.31 13.84 87.44
N LYS L 122 -33.05 14.92 87.67
CA LYS L 122 -32.74 15.82 88.79
C LYS L 122 -33.11 15.22 90.14
N SER L 123 -34.04 14.27 90.18
CA SER L 123 -34.44 13.64 91.42
C SER L 123 -33.75 12.30 91.65
N ALA L 124 -32.70 12.01 90.90
CA ALA L 124 -32.08 10.70 90.96
C ALA L 124 -31.15 10.59 92.16
N PRO L 125 -31.29 9.57 92.99
CA PRO L 125 -30.31 9.31 94.05
C PRO L 125 -29.10 8.60 93.46
N ILE L 126 -28.14 8.30 94.32
CA ILE L 126 -26.96 7.54 93.92
C ILE L 126 -26.87 6.29 94.76
N ASN L 127 -25.82 5.52 94.52
CA ASN L 127 -25.43 4.41 95.38
C ASN L 127 -24.99 4.97 96.72
N SER L 128 -25.85 4.85 97.74
CA SER L 128 -25.55 5.51 99.00
C SER L 128 -26.24 4.78 100.14
N ALA L 129 -25.84 5.13 101.36
CA ALA L 129 -26.45 4.61 102.58
C ALA L 129 -26.74 5.79 103.49
N PHE L 130 -28.01 6.01 103.78
CA PHE L 130 -28.45 7.18 104.54
C PHE L 130 -29.19 6.73 105.78
N THR L 131 -28.89 7.36 106.91
CA THR L 131 -29.42 6.95 108.20
C THR L 131 -30.65 7.78 108.54
N VAL L 132 -31.79 7.12 108.66
CA VAL L 132 -33.01 7.76 109.14
C VAL L 132 -33.18 7.34 110.59
N GLY L 133 -32.61 8.12 111.50
CA GLY L 133 -32.86 7.96 112.91
C GLY L 133 -32.25 6.74 113.55
N ASN L 134 -32.77 5.56 113.22
CA ASN L 134 -32.38 4.32 113.89
C ASN L 134 -31.25 3.62 113.15
N ASP L 135 -31.50 3.22 111.90
CA ASP L 135 -30.50 2.49 111.12
C ASP L 135 -30.50 3.04 109.70
N THR L 136 -29.44 2.74 108.97
CA THR L 136 -29.26 3.24 107.62
C THR L 136 -30.21 2.56 106.64
N HIS L 137 -30.22 3.06 105.41
CA HIS L 137 -30.99 2.47 104.32
C HIS L 137 -30.10 2.41 103.10
N PHE L 138 -29.83 1.22 102.60
CA PHE L 138 -29.04 1.05 101.40
C PHE L 138 -29.92 1.23 100.18
N VAL L 139 -29.52 2.11 99.28
CA VAL L 139 -30.11 2.22 97.96
C VAL L 139 -28.99 2.13 96.95
N ALA L 140 -29.16 1.26 95.95
CA ALA L 140 -28.05 0.93 95.07
C ALA L 140 -28.55 0.45 93.71
N GLN L 141 -27.60 0.08 92.86
CA GLN L 141 -27.81 -0.34 91.48
C GLN L 141 -26.53 -1.05 91.07
N LEU L 142 -26.62 -2.35 90.78
CA LEU L 142 -25.43 -3.20 90.61
C LEU L 142 -25.33 -3.69 89.18
N PRO L 143 -24.55 -3.01 88.33
CA PRO L 143 -24.49 -3.41 86.92
C PRO L 143 -23.57 -4.59 86.63
N GLN L 144 -22.43 -4.68 87.32
CA GLN L 144 -21.47 -5.74 87.06
C GLN L 144 -21.83 -6.94 87.94
N THR L 145 -22.27 -8.02 87.31
CA THR L 145 -22.67 -9.22 88.04
C THR L 145 -21.65 -10.32 87.81
N TYR L 146 -21.21 -10.94 88.90
CA TYR L 146 -20.40 -12.14 88.86
C TYR L 146 -21.29 -13.35 89.12
N ALA L 147 -20.79 -14.52 88.72
CA ALA L 147 -21.52 -15.75 88.93
C ALA L 147 -21.42 -16.19 90.39
N ALA L 148 -22.55 -16.49 90.99
CA ALA L 148 -22.61 -17.00 92.36
C ALA L 148 -23.68 -18.09 92.39
N GLY L 149 -23.26 -19.34 92.29
CA GLY L 149 -24.18 -20.43 91.98
C GLY L 149 -25.18 -20.73 93.08
N GLY L 150 -24.73 -20.72 94.33
CA GLY L 150 -25.65 -20.93 95.44
C GLY L 150 -25.01 -20.68 96.78
N THR L 151 -25.70 -19.88 97.61
CA THR L 151 -25.21 -19.38 98.90
C THR L 151 -23.83 -18.75 98.77
N GLY L 152 -23.72 -17.81 97.83
CA GLY L 152 -22.44 -17.31 97.39
C GLY L 152 -21.71 -16.42 98.37
N VAL L 153 -21.27 -17.01 99.48
CA VAL L 153 -20.46 -16.29 100.45
C VAL L 153 -18.97 -16.55 100.27
N THR L 154 -18.60 -17.64 99.61
CA THR L 154 -17.20 -17.93 99.33
C THR L 154 -16.73 -17.31 98.03
N GLU L 155 -17.64 -16.81 97.20
CA GLU L 155 -17.31 -16.09 95.99
C GLU L 155 -17.55 -14.60 96.09
N ALA L 156 -18.23 -14.15 97.15
CA ALA L 156 -18.32 -12.74 97.46
C ALA L 156 -17.13 -12.24 98.25
N ILE L 157 -16.30 -13.14 98.77
CA ILE L 157 -15.15 -12.74 99.57
C ILE L 157 -13.89 -12.60 98.72
N GLN L 158 -13.81 -13.26 97.56
CA GLN L 158 -12.67 -13.16 96.68
C GLN L 158 -12.78 -12.01 95.70
N GLN L 159 -13.88 -11.26 95.73
CA GLN L 159 -14.03 -10.07 94.89
C GLN L 159 -13.21 -8.95 95.51
N GLN L 160 -11.95 -8.85 95.07
CA GLN L 160 -11.05 -7.84 95.61
C GLN L 160 -11.39 -6.46 95.05
N VAL L 161 -11.43 -5.47 95.92
CA VAL L 161 -11.80 -4.11 95.56
C VAL L 161 -10.65 -3.18 95.91
N SER L 162 -10.71 -1.97 95.37
CA SER L 162 -9.72 -0.93 95.64
C SER L 162 -10.38 0.42 95.41
N GLY L 163 -9.55 1.45 95.29
CA GLY L 163 -10.07 2.80 95.10
C GLY L 163 -10.68 3.02 93.73
N VAL L 164 -10.19 2.29 92.72
CA VAL L 164 -10.71 2.40 91.36
C VAL L 164 -11.35 1.11 90.89
N ASP L 165 -11.30 0.06 91.70
CA ASP L 165 -11.89 -1.22 91.39
C ASP L 165 -13.00 -1.49 92.38
N PRO L 166 -14.26 -1.64 91.95
CA PRO L 166 -14.78 -1.58 90.58
C PRO L 166 -14.99 -0.19 90.00
N ASN L 167 -14.89 -0.11 88.69
CA ASN L 167 -15.26 1.09 87.96
C ASN L 167 -16.77 1.27 88.02
N PRO L 168 -17.29 2.48 88.35
CA PRO L 168 -18.73 2.69 88.21
C PRO L 168 -19.16 3.10 86.81
N GLN L 169 -18.52 2.52 85.80
CA GLN L 169 -19.11 2.47 84.46
C GLN L 169 -18.70 1.20 83.72
N VAL L 170 -18.43 0.10 84.43
CA VAL L 170 -17.68 -1.01 83.85
C VAL L 170 -18.54 -1.82 82.87
N GLY L 171 -19.83 -1.92 83.12
CA GLY L 171 -20.73 -2.49 82.15
C GLY L 171 -21.42 -3.77 82.60
N GLN L 172 -22.53 -4.06 81.91
CA GLN L 172 -23.24 -5.32 82.10
C GLN L 172 -22.49 -6.56 81.59
N PRO L 173 -21.87 -6.57 80.38
CA PRO L 173 -21.55 -5.65 79.29
C PRO L 173 -22.66 -5.40 78.28
N ASN L 174 -22.31 -4.68 77.22
CA ASN L 174 -23.29 -4.13 76.28
C ASN L 174 -23.92 -5.21 75.41
N TYR L 175 -24.97 -4.78 74.68
CA TYR L 175 -25.81 -5.55 73.75
C TYR L 175 -26.57 -6.69 74.42
N ALA L 176 -26.68 -6.69 75.75
CA ALA L 176 -27.43 -7.74 76.41
C ALA L 176 -28.93 -7.45 76.39
N GLY L 177 -29.29 -6.18 76.32
CA GLY L 177 -30.68 -5.79 76.28
C GLY L 177 -31.24 -5.57 77.66
N PRO L 178 -32.38 -6.20 77.95
CA PRO L 178 -33.06 -5.94 79.23
C PRO L 178 -32.44 -6.65 80.42
N VAL L 179 -31.59 -7.66 80.17
CA VAL L 179 -31.58 -8.95 80.89
C VAL L 179 -31.81 -8.89 82.39
N VAL L 180 -32.78 -9.67 82.85
CA VAL L 180 -33.12 -9.74 84.27
C VAL L 180 -32.07 -10.59 84.96
N VAL L 181 -31.42 -10.02 85.96
CA VAL L 181 -30.37 -10.73 86.69
C VAL L 181 -31.01 -11.81 87.55
N ASN L 182 -30.59 -13.06 87.34
CA ASN L 182 -31.05 -14.17 88.13
C ASN L 182 -30.53 -14.02 89.56
N THR L 183 -31.41 -13.69 90.49
CA THR L 183 -30.99 -13.52 91.88
C THR L 183 -30.72 -14.84 92.58
N THR L 184 -30.95 -15.98 91.93
CA THR L 184 -30.55 -17.26 92.49
C THR L 184 -29.10 -17.58 92.13
N ASN L 185 -28.72 -17.38 90.87
CA ASN L 185 -27.43 -17.82 90.36
C ASN L 185 -26.46 -16.69 90.06
N ASN L 186 -26.82 -15.44 90.31
CA ASN L 186 -25.94 -14.32 90.04
C ASN L 186 -25.98 -13.32 91.19
N ALA L 187 -24.91 -12.55 91.32
CA ALA L 187 -24.81 -11.49 92.31
C ALA L 187 -24.04 -10.33 91.71
N GLY L 188 -24.53 -9.11 91.92
CA GLY L 188 -23.92 -7.93 91.36
C GLY L 188 -22.86 -7.32 92.26
N LEU L 189 -22.27 -6.23 91.77
CA LEU L 189 -21.31 -5.44 92.54
C LEU L 189 -21.23 -4.04 91.95
N GLY L 190 -20.76 -3.11 92.77
CA GLY L 190 -20.64 -1.72 92.38
C GLY L 190 -20.24 -0.88 93.56
N ARG L 191 -19.80 0.34 93.26
CA ARG L 191 -19.33 1.24 94.30
C ARG L 191 -20.50 1.77 95.12
N ILE L 192 -20.24 2.08 96.40
CA ILE L 192 -21.19 2.65 97.35
C ILE L 192 -20.46 3.77 98.07
N VAL L 193 -21.20 4.77 98.53
CA VAL L 193 -20.67 5.70 99.54
C VAL L 193 -21.36 5.39 100.86
N SER L 194 -20.62 5.57 101.95
CA SER L 194 -21.12 5.19 103.26
C SER L 194 -21.78 6.37 103.96
N ALA L 195 -22.46 6.05 105.06
CA ALA L 195 -23.09 7.07 105.89
C ALA L 195 -22.09 7.85 106.73
N ASP L 196 -20.93 7.26 107.02
CA ASP L 196 -19.88 7.95 107.78
C ASP L 196 -19.09 8.81 106.81
N SER L 197 -19.69 9.93 106.43
CA SER L 197 -19.13 10.82 105.42
C SER L 197 -19.59 12.23 105.74
N GLU L 198 -18.64 13.15 105.86
CA GLU L 198 -18.99 14.52 106.18
C GLU L 198 -19.51 15.24 104.94
N GLY L 199 -20.35 16.24 105.18
CA GLY L 199 -20.96 17.01 104.12
C GLY L 199 -22.42 16.63 103.92
N GLN L 200 -23.16 17.55 103.31
CA GLN L 200 -24.57 17.36 103.04
C GLN L 200 -24.75 16.38 101.89
N GLN L 201 -25.47 15.29 102.14
CA GLN L 201 -25.67 14.27 101.13
C GLN L 201 -26.54 14.83 100.00
N PHE L 202 -26.11 14.62 98.77
CA PHE L 202 -26.62 15.34 97.62
C PHE L 202 -27.00 14.35 96.52
N PRO L 203 -28.03 14.65 95.71
CA PRO L 203 -28.41 13.73 94.62
C PRO L 203 -27.41 13.63 93.48
N CYS L 204 -27.80 12.89 92.44
CA CYS L 204 -26.88 12.57 91.36
C CYS L 204 -26.59 13.76 90.46
N TYR L 205 -27.48 14.75 90.42
CA TYR L 205 -27.47 15.78 89.38
C TYR L 205 -26.25 16.70 89.43
N GLY L 206 -25.62 16.85 90.59
CA GLY L 206 -24.47 17.72 90.66
C GLY L 206 -23.38 17.31 91.64
N ALA L 207 -23.36 16.05 92.04
CA ALA L 207 -22.48 15.61 93.11
C ALA L 207 -21.03 15.53 92.65
N TYR L 208 -20.12 16.01 93.51
CA TYR L 208 -18.70 16.06 93.19
C TYR L 208 -17.87 15.65 94.38
N ALA L 209 -16.82 14.86 94.11
CA ALA L 209 -15.84 14.47 95.09
C ALA L 209 -14.47 14.64 94.42
N PRO L 210 -13.54 15.36 95.05
CA PRO L 210 -12.25 15.59 94.41
C PRO L 210 -11.42 14.32 94.38
N PRO L 211 -10.64 14.10 93.33
CA PRO L 211 -9.85 12.88 93.24
C PRO L 211 -8.64 12.92 94.15
N GLN L 212 -8.16 11.73 94.51
CA GLN L 212 -7.04 11.59 95.42
C GLN L 212 -5.77 11.16 94.69
N SER L 213 -5.81 10.06 93.96
CA SER L 213 -4.66 9.58 93.21
C SER L 213 -4.86 9.80 91.72
N ALA L 214 -3.80 9.54 90.97
CA ALA L 214 -3.86 9.69 89.52
C ALA L 214 -4.68 8.59 88.84
N GLY L 215 -4.90 7.48 89.53
CA GLY L 215 -5.76 6.44 88.99
C GLY L 215 -7.23 6.83 88.95
N GLY L 216 -7.67 7.66 89.88
CA GLY L 216 -9.03 8.17 89.83
C GLY L 216 -9.91 7.76 90.99
N ASP L 217 -9.31 7.48 92.15
CA ASP L 217 -10.11 7.19 93.32
C ASP L 217 -10.64 8.49 93.94
N VAL L 218 -11.65 8.34 94.80
CA VAL L 218 -12.24 9.48 95.49
C VAL L 218 -12.23 9.23 96.99
N SER L 219 -11.97 7.99 97.39
CA SER L 219 -12.03 7.62 98.79
C SER L 219 -10.82 8.18 99.54
N THR L 220 -11.08 9.07 100.50
CA THR L 220 -10.02 9.64 101.31
C THR L 220 -9.48 8.67 102.35
N ALA L 221 -10.16 7.55 102.60
CA ALA L 221 -9.64 6.51 103.47
C ALA L 221 -9.66 5.18 102.73
N ALA L 222 -9.42 4.09 103.45
CA ALA L 222 -9.39 2.78 102.83
C ALA L 222 -10.79 2.33 102.43
N VAL L 223 -10.84 1.37 101.52
CA VAL L 223 -12.09 0.88 100.94
C VAL L 223 -12.42 -0.46 101.57
N THR L 224 -13.58 -0.55 102.19
CA THR L 224 -14.09 -1.80 102.76
C THR L 224 -15.30 -2.26 101.95
N LYS L 225 -15.80 -3.45 102.29
CA LYS L 225 -16.87 -4.08 101.55
C LYS L 225 -18.15 -4.13 102.39
N THR L 226 -19.29 -4.15 101.70
CA THR L 226 -20.60 -4.17 102.31
C THR L 226 -21.44 -5.27 101.66
N TYR L 227 -22.00 -6.17 102.45
CA TYR L 227 -22.67 -7.33 101.90
C TYR L 227 -24.18 -7.15 101.98
N ILE L 228 -24.87 -7.61 100.93
CA ILE L 228 -26.28 -7.33 100.73
C ILE L 228 -26.98 -8.60 100.26
N ASN L 229 -28.31 -8.61 100.42
CA ASN L 229 -29.14 -9.70 99.91
C ASN L 229 -30.56 -9.19 99.71
N THR L 230 -31.11 -9.42 98.53
CA THR L 230 -32.54 -9.28 98.26
C THR L 230 -33.00 -10.55 97.58
N THR L 231 -33.26 -11.59 98.37
CA THR L 231 -33.77 -12.87 97.90
C THR L 231 -34.72 -13.41 98.95
N ASN L 232 -35.07 -14.69 98.82
CA ASN L 232 -35.77 -15.40 99.88
C ASN L 232 -34.84 -16.21 100.76
N ASN L 233 -33.59 -16.39 100.33
CA ASN L 233 -32.64 -17.18 101.11
C ASN L 233 -32.13 -16.38 102.29
N ASN L 234 -31.72 -17.08 103.34
CA ASN L 234 -31.14 -16.45 104.51
C ASN L 234 -29.61 -16.43 104.43
N GLY L 235 -29.01 -17.55 104.04
CA GLY L 235 -27.57 -17.63 103.98
C GLY L 235 -26.99 -17.36 102.61
N ARG L 236 -27.40 -16.26 101.97
CA ARG L 236 -26.88 -15.91 100.66
C ARG L 236 -26.58 -14.41 100.64
N VAL L 237 -25.52 -14.04 99.93
CA VAL L 237 -25.12 -12.65 99.75
C VAL L 237 -25.24 -12.32 98.26
N SER L 238 -25.85 -11.18 97.95
CA SER L 238 -26.07 -10.78 96.56
C SER L 238 -25.29 -9.53 96.19
N GLY L 239 -24.18 -9.25 96.86
CA GLY L 239 -23.40 -8.09 96.52
C GLY L 239 -22.16 -7.85 97.37
N THR L 240 -21.11 -7.28 96.77
CA THR L 240 -19.87 -7.02 97.50
C THR L 240 -19.68 -5.56 97.88
N MET L 241 -20.03 -4.63 96.99
CA MET L 241 -20.33 -3.22 97.31
C MET L 241 -19.19 -2.50 98.02
N ALA L 242 -18.11 -2.23 97.27
CA ALA L 242 -17.00 -1.42 97.75
C ALA L 242 -17.46 -0.04 98.19
N THR L 243 -17.35 0.26 99.48
CA THR L 243 -17.85 1.51 100.04
C THR L 243 -16.70 2.48 100.30
N ASP L 244 -17.05 3.76 100.42
CA ASP L 244 -16.08 4.84 100.51
C ASP L 244 -16.40 5.74 101.70
N THR L 245 -15.62 6.81 101.85
CA THR L 245 -15.99 7.94 102.67
C THR L 245 -15.63 9.23 101.93
N ILE L 246 -16.59 10.14 101.84
CA ILE L 246 -16.55 11.25 100.90
C ILE L 246 -16.86 12.54 101.64
N THR L 247 -16.08 13.58 101.39
CA THR L 247 -16.52 14.93 101.72
C THR L 247 -17.45 15.42 100.61
N TRP L 248 -18.70 15.69 100.96
CA TRP L 248 -19.70 16.01 99.96
C TRP L 248 -19.57 17.44 99.50
N GLU L 249 -19.66 17.66 98.18
CA GLU L 249 -19.63 18.99 97.61
C GLU L 249 -20.69 19.10 96.53
N ASN L 250 -21.34 20.26 96.48
CA ASN L 250 -22.28 20.62 95.41
C ASN L 250 -21.83 21.94 94.79
N PRO L 251 -20.80 21.92 93.94
CA PRO L 251 -20.23 23.19 93.47
C PRO L 251 -21.04 23.89 92.40
N ASP L 252 -22.12 23.28 91.90
CA ASP L 252 -22.87 23.85 90.80
C ASP L 252 -24.35 23.97 91.10
N ALA L 253 -24.87 23.07 91.94
CA ALA L 253 -26.30 22.93 92.09
C ALA L 253 -26.71 23.06 93.55
N HIS L 254 -27.94 23.53 93.75
CA HIS L 254 -28.56 23.70 95.05
C HIS L 254 -29.77 22.77 95.15
N PHE L 255 -30.51 22.89 96.26
CA PHE L 255 -31.76 22.15 96.42
C PHE L 255 -32.90 22.99 95.90
N ALA L 256 -33.77 22.39 95.09
CA ALA L 256 -35.02 23.03 94.71
C ALA L 256 -36.20 22.52 95.54
N ASP L 257 -36.10 21.31 96.09
CA ASP L 257 -37.06 20.80 97.05
C ASP L 257 -36.37 19.74 97.90
N PHE L 258 -36.48 19.88 99.21
CA PHE L 258 -35.79 19.00 100.14
C PHE L 258 -36.76 18.50 101.19
N VAL L 259 -36.85 17.18 101.34
CA VAL L 259 -37.66 16.54 102.36
C VAL L 259 -36.81 15.65 103.27
N ASP L 260 -36.12 14.68 102.67
CA ASP L 260 -35.21 13.79 103.37
C ASP L 260 -33.90 13.81 102.59
N ASP L 261 -32.85 13.22 103.17
CA ASP L 261 -31.56 13.14 102.48
C ASP L 261 -31.63 12.26 101.23
N ARG L 262 -32.55 11.29 101.20
CA ARG L 262 -32.71 10.49 100.00
C ARG L 262 -33.48 11.26 98.93
N ARG L 263 -34.75 11.56 99.21
CA ARG L 263 -35.62 12.16 98.21
C ARG L 263 -35.47 13.68 98.27
N ALA L 264 -34.92 14.24 97.19
CA ALA L 264 -34.68 15.67 97.01
C ALA L 264 -34.32 15.88 95.56
N THR L 265 -34.88 16.93 94.96
CA THR L 265 -34.50 17.29 93.62
C THR L 265 -33.37 18.30 93.67
N ALA L 266 -32.63 18.39 92.57
CA ALA L 266 -31.54 19.33 92.47
C ALA L 266 -31.72 20.18 91.22
N ALA L 267 -31.19 21.40 91.29
CA ALA L 267 -31.18 22.28 90.14
C ALA L 267 -29.90 23.09 90.21
N GLY L 268 -29.28 23.30 89.05
CA GLY L 268 -28.06 24.08 88.98
C GLY L 268 -28.29 25.52 89.37
N ASN L 269 -27.23 26.16 89.85
CA ASN L 269 -27.33 27.55 90.27
C ASN L 269 -27.53 28.45 89.05
N ARG L 270 -28.10 29.61 89.30
CA ARG L 270 -28.39 30.57 88.25
C ARG L 270 -27.07 31.08 87.65
N PRO L 271 -26.99 31.25 86.33
CA PRO L 271 -25.76 31.75 85.73
C PRO L 271 -25.55 33.22 86.08
N ASN L 272 -24.36 33.50 86.61
CA ASN L 272 -24.02 34.83 87.14
C ASN L 272 -22.70 35.25 86.49
N TYR L 273 -22.80 35.87 85.32
CA TYR L 273 -21.63 36.39 84.64
C TYR L 273 -21.12 37.62 85.37
N ILE L 274 -19.88 37.60 85.81
CA ILE L 274 -19.27 38.75 86.47
C ILE L 274 -18.05 39.17 85.68
N GLY L 275 -18.10 40.38 85.13
CA GLY L 275 -16.96 40.94 84.42
C GLY L 275 -16.92 42.45 84.57
N PHE L 276 -16.05 43.12 83.82
CA PHE L 276 -16.00 44.57 83.88
C PHE L 276 -17.19 45.17 83.12
N ARG L 277 -17.31 46.49 83.21
CA ARG L 277 -18.39 47.18 82.54
C ARG L 277 -18.09 47.36 81.05
N ASP L 278 -19.12 47.77 80.32
CA ASP L 278 -18.91 48.34 78.99
C ASP L 278 -18.01 49.55 79.11
N ASN L 279 -17.00 49.64 78.25
CA ASN L 279 -16.06 50.77 78.14
C ASN L 279 -15.27 51.04 79.43
N PHE L 280 -15.20 50.04 80.31
CA PHE L 280 -14.64 50.13 81.66
C PHE L 280 -15.15 51.35 82.42
N ILE L 281 -16.48 51.45 82.51
CA ILE L 281 -17.10 52.46 83.36
C ILE L 281 -16.90 52.07 84.81
N GLY L 282 -16.65 53.04 85.67
CA GLY L 282 -16.53 52.80 87.08
C GLY L 282 -15.15 52.39 87.52
N MET L 283 -14.21 52.25 86.59
CA MET L 283 -12.82 52.04 86.98
C MET L 283 -12.24 53.31 87.58
N MET L 284 -12.70 54.46 87.13
CA MET L 284 -12.04 55.74 87.37
C MET L 284 -13.00 56.75 87.98
N TYR L 285 -12.47 57.59 88.86
CA TYR L 285 -13.27 58.63 89.50
C TYR L 285 -13.47 59.80 88.55
N TYR L 286 -14.57 59.80 87.84
CA TYR L 286 -15.03 61.02 87.18
C TYR L 286 -16.05 61.71 88.06
N ASN L 287 -16.24 63.01 87.80
CA ASN L 287 -17.28 63.85 88.41
C ASN L 287 -17.14 63.90 89.93
N SER L 288 -15.99 64.36 90.38
CA SER L 288 -15.70 64.33 91.80
C SER L 288 -14.96 65.59 92.21
N GLY L 289 -15.32 66.11 93.38
CA GLY L 289 -14.49 67.07 94.07
C GLY L 289 -13.70 66.35 95.14
N SER L 290 -14.16 65.14 95.47
CA SER L 290 -13.49 64.33 96.49
C SER L 290 -12.25 63.66 95.93
N ASN L 291 -12.39 63.00 94.79
CA ASN L 291 -11.30 62.27 94.15
C ASN L 291 -11.14 62.86 92.75
N THR L 292 -10.42 63.96 92.66
CA THR L 292 -10.26 64.70 91.42
C THR L 292 -8.85 64.50 90.90
N GLY L 293 -8.73 63.77 89.81
CA GLY L 293 -7.46 63.66 89.14
C GLY L 293 -7.08 64.94 88.43
N SER L 294 -5.79 65.11 88.19
CA SER L 294 -5.26 66.37 87.69
C SER L 294 -4.35 66.15 86.50
N PHE L 295 -4.48 67.01 85.51
CA PHE L 295 -3.48 67.17 84.46
C PHE L 295 -2.96 68.60 84.58
N SER L 296 -1.98 68.78 85.45
CA SER L 296 -1.40 70.09 85.71
C SER L 296 0.00 70.14 85.11
N SER L 297 0.34 71.30 84.56
CA SER L 297 1.70 71.50 84.10
C SER L 297 2.63 71.69 85.28
N GLN L 298 3.90 71.39 85.06
CA GLN L 298 4.93 71.73 86.03
C GLN L 298 5.42 73.13 85.74
N THR L 299 5.76 73.88 86.80
CA THR L 299 6.26 75.26 86.72
C THR L 299 5.23 76.17 86.06
N GLN L 300 4.27 76.70 86.86
CA GLN L 300 2.83 76.87 86.66
C GLN L 300 2.12 75.55 86.91
N GLN L 301 2.07 75.16 88.19
CA GLN L 301 1.46 74.02 88.88
C GLN L 301 -0.07 74.02 88.84
N LEU L 302 -0.75 74.92 88.11
CA LEU L 302 -2.20 75.04 88.19
C LEU L 302 -2.90 73.86 87.55
N ASN L 303 -3.97 73.40 88.20
CA ASN L 303 -4.74 72.26 87.71
C ASN L 303 -5.62 72.67 86.54
N ILE L 304 -5.81 71.75 85.61
CA ILE L 304 -6.72 71.96 84.50
C ILE L 304 -8.09 71.34 84.78
N VAL L 305 -8.11 70.09 85.22
CA VAL L 305 -9.36 69.34 85.35
C VAL L 305 -10.14 69.86 86.55
N LEU L 306 -11.12 70.71 86.28
CA LEU L 306 -12.08 71.17 87.29
C LEU L 306 -13.39 70.48 86.94
N ASP L 307 -13.56 69.27 87.45
CA ASP L 307 -14.71 68.46 87.11
C ASP L 307 -15.83 68.74 88.11
N LEU L 308 -17.06 68.73 87.61
CA LEU L 308 -18.22 69.15 88.37
C LEU L 308 -19.19 67.99 88.52
N ASN L 309 -19.95 68.00 89.61
CA ASN L 309 -20.89 66.91 89.87
C ASN L 309 -22.10 66.97 88.94
N ASP L 310 -22.44 68.16 88.45
CA ASP L 310 -23.54 68.31 87.50
C ASP L 310 -23.21 67.69 86.16
N ARG L 311 -21.94 67.76 85.75
CA ARG L 311 -21.50 67.14 84.52
C ARG L 311 -21.53 65.62 84.66
N ASN L 312 -21.74 64.93 83.53
CA ASN L 312 -21.62 63.48 83.49
C ASN L 312 -20.53 63.16 82.45
N SER L 313 -19.35 62.81 82.94
CA SER L 313 -18.27 62.44 82.03
C SER L 313 -18.51 61.07 81.43
N GLU L 314 -19.14 60.18 82.20
CA GLU L 314 -19.74 58.98 81.63
C GLU L 314 -21.03 59.38 80.95
N LEU L 315 -21.55 58.48 80.09
CA LEU L 315 -22.84 58.58 79.39
C LEU L 315 -22.83 59.68 78.32
N SER L 316 -21.83 60.54 78.30
CA SER L 316 -21.46 61.36 77.16
C SER L 316 -20.50 60.64 76.23
N TYR L 317 -19.68 59.75 76.78
CA TYR L 317 -18.88 58.87 75.95
C TYR L 317 -19.75 57.77 75.36
N GLN L 318 -20.83 57.41 76.05
CA GLN L 318 -21.73 56.41 75.51
C GLN L 318 -22.51 56.95 74.31
N TYR L 319 -22.86 58.22 74.35
CA TYR L 319 -23.59 58.80 73.23
C TYR L 319 -22.66 59.26 72.12
N LEU L 320 -21.42 59.61 72.46
CA LEU L 320 -20.43 59.95 71.44
C LEU L 320 -20.09 58.75 70.58
N LEU L 321 -20.00 57.57 71.21
CA LEU L 321 -19.60 56.38 70.48
C LEU L 321 -20.73 55.86 69.60
N ALA L 322 -21.98 56.06 70.02
CA ALA L 322 -23.11 55.69 69.16
C ALA L 322 -23.24 56.60 67.95
N ASP L 323 -22.71 57.83 68.04
CA ASP L 323 -22.69 58.71 66.87
C ASP L 323 -21.64 58.26 65.87
N LEU L 324 -20.46 57.84 66.35
CA LEU L 324 -19.37 57.50 65.46
C LEU L 324 -19.60 56.17 64.77
N THR L 325 -19.65 55.09 65.54
CA THR L 325 -19.73 53.75 65.00
C THR L 325 -21.03 53.08 65.42
N SER L 326 -21.23 51.88 64.92
CA SER L 326 -22.37 51.07 65.34
C SER L 326 -22.06 50.37 66.66
N ARG L 327 -23.11 49.81 67.25
CA ARG L 327 -23.00 49.11 68.52
C ARG L 327 -23.34 47.64 68.34
N TRP L 328 -22.86 47.05 67.24
CA TRP L 328 -22.96 45.62 66.99
C TRP L 328 -21.62 44.92 67.00
N HIS L 329 -20.53 45.67 67.01
CA HIS L 329 -19.20 45.10 66.92
C HIS L 329 -18.55 45.07 68.30
N TYR L 330 -17.77 44.03 68.56
CA TYR L 330 -17.20 43.76 69.88
C TYR L 330 -15.71 44.04 69.80
N PHE L 331 -15.32 45.26 70.11
CA PHE L 331 -13.93 45.69 70.04
C PHE L 331 -13.30 45.47 71.42
N ALA L 332 -12.42 44.48 71.52
CA ALA L 332 -11.98 43.97 72.81
C ALA L 332 -10.92 44.82 73.48
N LEU L 333 -10.44 45.90 72.86
CA LEU L 333 -9.43 46.72 73.53
C LEU L 333 -10.07 47.56 74.63
N TRP L 334 -11.06 48.37 74.27
CA TRP L 334 -11.73 49.23 75.23
C TRP L 334 -12.84 48.53 75.98
N ASN L 335 -12.94 47.19 75.85
CA ASN L 335 -14.08 46.39 76.33
C ASN L 335 -15.38 46.95 75.76
N GLN L 336 -15.34 47.28 74.47
CA GLN L 336 -16.45 47.87 73.73
C GLN L 336 -17.43 46.75 73.39
N ALA L 337 -18.23 46.36 74.38
CA ALA L 337 -19.22 45.31 74.23
C ALA L 337 -20.55 45.79 74.75
N VAL L 338 -21.60 45.64 73.94
CA VAL L 338 -22.83 46.40 74.09
C VAL L 338 -23.84 45.59 74.87
N ASP L 339 -24.42 46.20 75.91
CA ASP L 339 -25.50 45.58 76.67
C ASP L 339 -26.76 45.53 75.82
N ASP L 340 -27.34 44.34 75.67
CA ASP L 340 -28.61 44.21 74.97
C ASP L 340 -29.41 43.06 75.55
N TYR L 341 -30.72 43.27 75.66
CA TYR L 341 -31.60 42.18 76.04
C TYR L 341 -31.89 41.31 74.84
N ASP L 342 -32.32 40.08 75.11
CA ASP L 342 -32.80 39.21 74.05
C ASP L 342 -34.18 39.68 73.64
N HIS L 343 -34.39 39.85 72.33
CA HIS L 343 -35.56 40.56 71.85
C HIS L 343 -36.84 39.75 72.03
N HIS L 344 -36.75 38.43 71.97
CA HIS L 344 -37.92 37.58 72.15
C HIS L 344 -38.13 37.18 73.60
N VAL L 345 -37.37 37.76 74.53
CA VAL L 345 -37.61 37.54 75.94
C VAL L 345 -38.31 38.72 76.60
N ARG L 346 -38.02 39.94 76.16
CA ARG L 346 -38.72 41.10 76.71
C ARG L 346 -40.14 41.14 76.17
N ILE L 347 -40.29 41.13 74.84
CA ILE L 347 -41.61 41.29 74.24
C ILE L 347 -42.37 39.97 74.28
N LEU L 348 -41.70 38.87 73.93
CA LEU L 348 -42.19 37.49 74.04
C LEU L 348 -43.48 37.21 73.29
N GLU L 349 -43.40 37.13 71.96
CA GLU L 349 -44.48 36.54 71.19
C GLU L 349 -44.74 35.10 71.65
N ASN L 350 -46.01 34.68 71.58
CA ASN L 350 -46.46 33.42 72.16
C ASN L 350 -47.16 32.61 71.06
N ASP L 351 -46.47 32.46 69.93
CA ASP L 351 -47.07 31.82 68.77
C ASP L 351 -47.22 30.32 68.93
N GLY L 352 -46.68 29.74 70.00
CA GLY L 352 -46.93 28.35 70.26
C GLY L 352 -46.08 27.40 69.43
N TYR L 353 -45.93 26.18 69.93
CA TYR L 353 -45.16 25.14 69.26
C TYR L 353 -45.79 24.70 67.95
N GLU L 354 -44.96 24.30 66.99
CA GLU L 354 -45.42 23.70 65.75
C GLU L 354 -45.77 22.24 66.01
N GLU L 355 -46.64 21.68 65.18
CA GLU L 355 -47.11 20.32 65.33
C GLU L 355 -46.51 19.43 64.25
N GLY L 356 -46.05 18.25 64.64
CA GLY L 356 -45.57 17.27 63.70
C GLY L 356 -46.09 15.89 64.04
N PRO L 357 -45.44 14.87 63.50
CA PRO L 357 -45.75 13.49 63.89
C PRO L 357 -45.35 13.25 65.34
N PRO L 358 -45.93 12.24 66.00
CA PRO L 358 -45.58 12.00 67.41
C PRO L 358 -44.15 11.51 67.55
N ASN L 359 -43.40 12.18 68.42
CA ASN L 359 -41.96 11.98 68.53
C ASN L 359 -41.72 10.82 69.50
N LEU L 360 -41.82 9.62 68.96
CA LEU L 360 -41.74 8.41 69.78
C LEU L 360 -40.30 8.09 70.13
N ALA L 361 -40.13 7.45 71.29
CA ALA L 361 -38.84 6.92 71.73
C ALA L 361 -38.98 5.42 71.93
N PHE L 362 -37.90 4.70 71.68
CA PHE L 362 -37.93 3.25 71.60
C PHE L 362 -36.80 2.64 72.42
N PRO L 363 -36.97 1.43 72.96
CA PRO L 363 -35.84 0.75 73.59
C PRO L 363 -34.82 0.34 72.55
N PRO L 364 -33.54 0.30 72.90
CA PRO L 364 -32.51 -0.07 71.91
C PRO L 364 -32.60 -1.52 71.47
N HIS L 365 -33.05 -2.42 72.33
CA HIS L 365 -33.50 -3.73 71.90
C HIS L 365 -34.89 -3.56 71.28
N VAL L 366 -34.90 -3.63 69.94
CA VAL L 366 -36.10 -3.26 69.20
C VAL L 366 -37.15 -4.37 69.18
N ILE L 367 -36.79 -5.58 69.60
CA ILE L 367 -37.59 -6.77 69.38
C ILE L 367 -38.38 -7.16 70.62
N SER L 368 -38.70 -6.18 71.46
CA SER L 368 -39.11 -6.49 72.82
C SER L 368 -40.60 -6.83 72.92
N ASN L 369 -40.96 -7.32 74.09
CA ASN L 369 -42.29 -7.56 74.62
C ASN L 369 -42.55 -6.47 75.64
N PRO L 370 -43.68 -5.75 75.59
CA PRO L 370 -43.84 -4.56 76.45
C PRO L 370 -43.92 -4.82 77.96
N PHE L 371 -44.04 -6.08 78.41
CA PHE L 371 -44.02 -6.30 79.85
C PHE L 371 -43.22 -7.53 80.24
N ALA L 372 -42.32 -7.98 79.39
CA ALA L 372 -41.55 -9.19 79.59
C ALA L 372 -40.32 -9.12 78.71
N PRO L 373 -39.30 -9.95 78.97
CA PRO L 373 -38.26 -10.14 77.96
C PRO L 373 -38.80 -10.89 76.75
N ALA L 374 -38.01 -10.87 75.68
CA ALA L 374 -38.38 -11.55 74.45
C ALA L 374 -38.40 -13.05 74.67
N ALA L 375 -39.54 -13.67 74.36
CA ALA L 375 -39.74 -15.09 74.64
C ALA L 375 -38.88 -15.93 73.71
N VAL L 376 -37.98 -16.71 74.30
CA VAL L 376 -37.06 -17.54 73.53
C VAL L 376 -37.74 -18.85 73.18
N GLY L 377 -37.47 -19.35 71.99
CA GLY L 377 -38.09 -20.58 71.52
C GLY L 377 -37.35 -21.13 70.33
N THR L 378 -38.01 -22.05 69.63
CA THR L 378 -37.44 -22.76 68.50
C THR L 378 -38.34 -22.64 67.28
N GLY L 379 -37.85 -23.15 66.16
CA GLY L 379 -38.63 -23.21 64.94
C GLY L 379 -38.85 -24.64 64.49
N MET L 380 -39.90 -24.90 63.73
CA MET L 380 -40.26 -26.26 63.35
C MET L 380 -40.23 -26.41 61.84
N THR L 381 -40.50 -27.63 61.40
CA THR L 381 -40.79 -27.94 60.01
C THR L 381 -42.11 -28.68 59.96
N VAL L 382 -43.08 -28.14 59.23
CA VAL L 382 -44.40 -28.76 59.15
C VAL L 382 -44.36 -30.00 58.27
N ASN L 383 -45.43 -30.80 58.31
CA ASN L 383 -45.41 -32.12 57.71
C ASN L 383 -45.90 -32.14 56.27
N GLU L 384 -46.31 -30.98 55.73
CA GLU L 384 -46.53 -30.76 54.29
C GLU L 384 -47.56 -31.72 53.69
N GLN L 385 -48.84 -31.41 53.92
CA GLN L 385 -50.10 -32.15 53.65
C GLN L 385 -50.40 -33.17 54.75
N GLN L 386 -49.69 -33.11 55.86
CA GLN L 386 -50.20 -33.57 57.14
C GLN L 386 -50.05 -32.42 58.12
N GLN L 387 -50.92 -32.39 59.13
CA GLN L 387 -50.94 -31.28 60.08
C GLN L 387 -50.13 -31.66 61.31
N THR L 388 -48.81 -31.63 61.15
CA THR L 388 -47.89 -32.01 62.21
C THR L 388 -46.64 -31.15 62.11
N ALA L 389 -46.22 -30.57 63.23
CA ALA L 389 -45.01 -29.75 63.30
C ALA L 389 -44.08 -30.35 64.34
N ALA L 390 -42.87 -30.72 63.92
CA ALA L 390 -41.85 -31.24 64.81
C ALA L 390 -40.68 -30.29 64.85
N VAL L 391 -40.06 -30.19 66.03
CA VAL L 391 -38.98 -29.24 66.25
C VAL L 391 -37.72 -29.72 65.54
N THR L 392 -37.00 -28.78 64.91
CA THR L 392 -35.74 -29.06 64.26
C THR L 392 -34.58 -28.64 65.15
N ALA L 393 -33.42 -29.20 64.87
CA ALA L 393 -32.23 -28.97 65.68
C ALA L 393 -31.50 -27.71 65.23
N ASN L 394 -30.68 -27.18 66.15
CA ASN L 394 -29.81 -26.02 65.92
C ASN L 394 -30.58 -24.78 65.50
N THR L 395 -31.75 -24.57 66.09
CA THR L 395 -32.54 -23.36 65.87
C THR L 395 -33.05 -22.86 67.22
N VAL L 396 -32.53 -21.73 67.67
CA VAL L 396 -33.12 -21.00 68.79
C VAL L 396 -33.61 -19.66 68.27
N ALA L 397 -34.61 -19.09 68.95
CA ALA L 397 -35.34 -17.97 68.38
C ALA L 397 -36.07 -17.21 69.47
N LEU L 398 -35.89 -15.88 69.49
CA LEU L 398 -36.54 -15.03 70.46
C LEU L 398 -37.26 -13.90 69.74
N ILE L 399 -38.56 -13.75 70.03
CA ILE L 399 -39.45 -12.86 69.30
C ILE L 399 -40.29 -12.06 70.29
N GLY L 400 -41.13 -11.18 69.75
CA GLY L 400 -41.72 -10.12 70.55
C GLY L 400 -43.23 -10.01 70.64
N TYR L 401 -43.95 -10.47 69.61
CA TYR L 401 -45.41 -10.55 69.56
C TYR L 401 -46.09 -9.18 69.73
N GLY L 402 -45.91 -8.33 68.73
CA GLY L 402 -46.73 -7.14 68.64
C GLY L 402 -45.95 -5.98 68.08
N ASN L 403 -46.46 -4.78 68.34
CA ASN L 403 -45.72 -3.59 67.96
C ASN L 403 -44.67 -3.28 69.02
N ILE L 404 -43.72 -2.42 68.65
CA ILE L 404 -42.62 -2.09 69.56
C ILE L 404 -43.16 -1.12 70.62
N PRO L 405 -42.95 -1.41 71.91
CA PRO L 405 -43.45 -0.49 72.95
C PRO L 405 -42.73 0.84 72.98
N ALA L 406 -43.46 1.91 72.70
CA ALA L 406 -42.90 3.24 72.57
C ALA L 406 -43.43 4.15 73.67
N VAL L 407 -42.67 5.21 73.94
CA VAL L 407 -43.13 6.31 74.77
C VAL L 407 -43.14 7.56 73.90
N GLU L 408 -44.04 8.47 74.21
CA GLU L 408 -44.27 9.65 73.38
C GLU L 408 -44.02 10.90 74.19
N MET L 409 -43.46 11.90 73.53
CA MET L 409 -43.42 13.26 74.05
C MET L 409 -43.57 14.19 72.87
N ASN L 410 -44.24 15.32 73.06
CA ASN L 410 -44.24 16.33 72.02
C ASN L 410 -42.94 17.14 72.12
N LEU L 411 -42.15 17.07 71.05
CA LEU L 411 -40.85 17.74 71.03
C LEU L 411 -40.95 19.27 71.11
N PRO L 412 -41.69 19.99 70.23
CA PRO L 412 -41.54 21.45 70.23
C PRO L 412 -42.21 22.14 71.42
N ALA L 413 -43.11 21.46 72.13
CA ALA L 413 -43.70 22.09 73.31
C ALA L 413 -42.73 22.10 74.49
N ASN L 414 -41.91 21.06 74.61
CA ASN L 414 -40.93 21.03 75.68
C ASN L 414 -39.73 21.92 75.40
N LEU L 415 -39.44 22.18 74.12
CA LEU L 415 -38.49 23.24 73.80
C LEU L 415 -39.06 24.61 74.16
N LYS L 416 -40.38 24.77 74.08
CA LYS L 416 -41.02 26.03 74.41
C LYS L 416 -41.10 26.24 75.92
N ARG L 417 -41.36 25.18 76.67
CA ARG L 417 -41.52 25.29 78.11
C ARG L 417 -40.18 25.51 78.81
N THR L 418 -39.11 24.91 78.31
CA THR L 418 -37.77 25.18 78.82
C THR L 418 -37.37 26.62 78.52
N PHE L 419 -37.81 27.15 77.38
CA PHE L 419 -37.50 28.53 77.01
C PHE L 419 -38.24 29.51 77.91
N LEU L 420 -39.51 29.24 78.22
CA LEU L 420 -40.27 30.17 79.06
C LEU L 420 -39.81 30.14 80.51
N TYR L 421 -39.32 29.00 80.99
CA TYR L 421 -38.97 28.90 82.40
C TYR L 421 -37.62 29.55 82.69
N SER L 422 -36.60 29.25 81.89
CA SER L 422 -35.26 29.73 82.18
C SER L 422 -35.05 31.19 81.84
N ASN L 423 -35.88 31.76 80.96
CA ASN L 423 -35.69 33.12 80.50
C ASN L 423 -36.67 34.10 81.10
N VAL L 424 -37.90 33.67 81.37
CA VAL L 424 -38.95 34.56 81.85
C VAL L 424 -39.34 34.25 83.28
N ALA L 425 -39.57 32.97 83.60
CA ALA L 425 -40.00 32.61 84.95
C ALA L 425 -38.86 32.71 85.94
N MET L 426 -37.63 32.56 85.46
CA MET L 426 -36.47 32.60 86.33
C MET L 426 -36.15 34.02 86.77
N TYR L 427 -36.59 35.02 86.00
CA TYR L 427 -36.23 36.41 86.22
C TYR L 427 -37.38 37.24 86.79
N LEU L 428 -38.25 36.62 87.58
CA LEU L 428 -39.36 37.35 88.19
C LEU L 428 -38.88 38.28 89.29
N PRO L 429 -39.68 39.25 89.70
CA PRO L 429 -39.42 39.96 90.96
C PRO L 429 -39.63 39.05 92.16
N ASP L 430 -39.20 39.55 93.31
CA ASP L 430 -39.19 38.76 94.54
C ASP L 430 -40.60 38.51 95.08
N THR L 431 -41.58 39.29 94.64
CA THR L 431 -42.95 39.12 95.13
C THR L 431 -43.57 37.82 94.63
N TYR L 432 -43.29 37.47 93.37
CA TYR L 432 -43.93 36.32 92.74
C TYR L 432 -43.07 35.06 92.80
N LYS L 433 -42.28 34.89 93.85
CA LYS L 433 -41.51 33.69 94.07
C LYS L 433 -41.85 33.13 95.44
N PHE L 434 -41.17 32.05 95.81
CA PHE L 434 -41.33 31.46 97.14
C PHE L 434 -40.04 30.78 97.54
N THR L 435 -39.83 30.66 98.84
CA THR L 435 -38.72 29.78 99.20
C THR L 435 -39.23 28.37 99.41
N PRO L 436 -38.45 27.34 99.08
CA PRO L 436 -38.91 25.97 99.31
C PRO L 436 -38.88 25.61 100.78
N ALA L 437 -39.50 24.49 101.09
CA ALA L 437 -39.51 24.01 102.46
C ALA L 437 -38.19 23.32 102.80
N ASN L 438 -37.85 23.36 104.10
CA ASN L 438 -36.68 22.69 104.67
C ASN L 438 -35.36 23.15 104.06
N VAL L 439 -35.29 24.44 103.72
CA VAL L 439 -34.06 25.05 103.23
C VAL L 439 -34.00 26.47 103.77
N ASP L 440 -32.81 26.89 104.20
CA ASP L 440 -32.63 28.16 104.88
C ASP L 440 -31.80 29.10 104.02
N LEU L 441 -32.33 30.26 103.77
CA LEU L 441 -31.72 31.31 102.97
C LEU L 441 -31.10 32.37 103.86
N PRO L 442 -30.05 33.06 103.41
CA PRO L 442 -29.47 34.14 104.22
C PRO L 442 -30.41 35.34 104.31
N GLU L 443 -30.18 36.15 105.34
CA GLU L 443 -31.09 37.24 105.67
C GLU L 443 -31.02 38.40 104.70
N ASN L 444 -29.92 38.55 103.97
CA ASN L 444 -29.79 39.64 103.02
C ASN L 444 -30.55 39.29 101.74
N HIS L 445 -31.47 40.17 101.35
CA HIS L 445 -32.21 39.97 100.11
C HIS L 445 -31.39 40.29 98.88
N LEU L 446 -30.22 40.91 99.04
CA LEU L 446 -29.36 41.28 97.93
C LEU L 446 -28.14 40.39 97.82
N SER L 447 -28.07 39.32 98.61
CA SER L 447 -26.96 38.39 98.52
C SER L 447 -27.19 37.44 97.36
N TYR L 448 -26.21 36.57 97.11
CA TYR L 448 -26.37 35.60 96.04
C TYR L 448 -27.25 34.43 96.47
N GLY L 449 -27.03 33.92 97.67
CA GLY L 449 -27.72 32.74 98.17
C GLY L 449 -29.21 32.91 98.38
N TYR L 450 -29.70 34.15 98.41
CA TYR L 450 -31.13 34.39 98.51
C TYR L 450 -31.79 34.35 97.14
N ILE L 451 -31.22 35.05 96.17
CA ILE L 451 -31.73 35.06 94.81
C ILE L 451 -31.58 33.68 94.18
N ASN L 452 -30.55 32.94 94.58
CA ASN L 452 -30.35 31.57 94.10
C ASN L 452 -31.43 30.64 94.64
N GLY L 453 -31.86 30.86 95.89
CA GLY L 453 -32.74 29.89 96.53
C GLY L 453 -34.21 30.04 96.23
N ARG L 454 -34.63 31.23 95.79
CA ARG L 454 -36.05 31.45 95.53
C ARG L 454 -36.48 30.77 94.23
N LEU L 455 -37.66 30.17 94.26
CA LEU L 455 -38.22 29.49 93.09
C LEU L 455 -39.51 30.19 92.66
N PRO L 456 -39.77 30.26 91.37
CA PRO L 456 -40.95 31.00 90.90
C PRO L 456 -42.25 30.22 91.06
N LEU L 457 -43.34 30.97 91.14
CA LEU L 457 -44.67 30.36 91.14
C LEU L 457 -44.98 29.82 89.75
N PRO L 458 -45.60 28.64 89.66
CA PRO L 458 -45.83 28.00 88.36
C PRO L 458 -46.76 28.72 87.38
N ASN L 459 -47.99 29.03 87.77
CA ASN L 459 -49.01 29.36 86.79
C ASN L 459 -48.95 30.79 86.27
N ILE L 460 -47.92 31.57 86.61
CA ILE L 460 -47.93 32.94 86.09
C ILE L 460 -47.50 32.97 84.62
N VAL L 461 -46.58 32.08 84.22
CA VAL L 461 -46.22 31.92 82.81
C VAL L 461 -46.21 30.43 82.47
N ASP L 462 -46.54 30.14 81.22
CA ASP L 462 -46.51 28.80 80.65
C ASP L 462 -46.55 29.00 79.14
N THR L 463 -46.82 27.94 78.38
CA THR L 463 -46.96 28.06 76.93
C THR L 463 -48.34 28.52 76.50
N TRP L 464 -49.17 29.02 77.42
CA TRP L 464 -50.50 29.53 77.09
C TRP L 464 -50.75 30.97 77.49
N THR L 465 -49.85 31.61 78.22
CA THR L 465 -50.16 32.88 78.89
C THR L 465 -50.25 34.02 77.88
N ASP L 466 -51.48 34.52 77.69
CA ASP L 466 -51.84 35.53 76.70
C ASP L 466 -51.39 35.09 75.31
N ILE L 467 -51.91 33.95 74.90
CA ILE L 467 -51.35 33.22 73.77
C ILE L 467 -51.76 33.89 72.47
N GLY L 468 -50.82 33.95 71.53
CA GLY L 468 -51.05 34.63 70.27
C GLY L 468 -50.89 36.14 70.31
N ALA L 469 -50.31 36.69 71.38
CA ALA L 469 -50.23 38.13 71.55
C ALA L 469 -48.80 38.52 71.92
N ARG L 470 -48.21 39.40 71.13
CA ARG L 470 -46.91 39.99 71.47
C ARG L 470 -47.13 40.92 72.65
N TRP L 471 -46.73 40.49 73.83
CA TRP L 471 -47.14 41.15 75.06
C TRP L 471 -46.14 40.85 76.15
N SER L 472 -45.42 41.87 76.61
CA SER L 472 -44.57 41.72 77.77
C SER L 472 -45.43 41.53 79.00
N LEU L 473 -44.91 40.78 79.97
CA LEU L 473 -45.60 40.61 81.24
C LEU L 473 -45.68 41.93 81.97
N ASP L 474 -46.88 42.26 82.48
CA ASP L 474 -47.11 43.54 83.11
C ASP L 474 -46.35 43.71 84.43
N VAL L 475 -45.90 42.60 85.02
CA VAL L 475 -45.06 42.67 86.21
C VAL L 475 -43.58 42.49 85.88
N MET L 476 -43.25 41.98 84.69
CA MET L 476 -41.91 42.08 84.14
C MET L 476 -41.70 43.36 83.37
N ASP L 477 -42.63 44.31 83.49
CA ASP L 477 -42.56 45.54 82.72
C ASP L 477 -41.48 46.46 83.26
N THR L 478 -41.29 46.48 84.58
CA THR L 478 -40.33 47.37 85.22
C THR L 478 -39.11 46.64 85.76
N VAL L 479 -39.00 45.35 85.50
CA VAL L 479 -37.79 44.61 85.85
C VAL L 479 -36.73 44.92 84.79
N ASN L 480 -35.49 45.08 85.24
CA ASN L 480 -34.37 45.46 84.39
C ASN L 480 -34.08 44.37 83.35
N PRO L 481 -34.23 44.65 82.05
CA PRO L 481 -34.00 43.62 81.04
C PRO L 481 -32.54 43.33 80.77
N PHE L 482 -31.63 44.16 81.26
CA PHE L 482 -30.21 43.97 81.05
C PHE L 482 -29.57 43.14 82.14
N ASN L 483 -30.34 42.79 83.17
CA ASN L 483 -29.92 41.78 84.14
C ASN L 483 -30.44 40.44 83.64
N HIS L 484 -29.62 39.82 82.79
CA HIS L 484 -30.08 38.71 81.98
C HIS L 484 -28.87 37.90 81.55
N HIS L 485 -29.03 36.59 81.46
CA HIS L 485 -27.87 35.77 81.10
C HIS L 485 -27.63 35.71 79.61
N ARG L 486 -28.65 35.94 78.78
CA ARG L 486 -28.47 36.04 77.34
C ARG L 486 -28.13 37.45 76.89
N ASN L 487 -27.77 38.34 77.83
CA ASN L 487 -27.14 39.60 77.51
C ASN L 487 -25.79 39.27 76.88
N THR L 488 -25.70 39.43 75.56
CA THR L 488 -24.51 38.99 74.82
C THR L 488 -23.31 39.87 75.12
N GLY L 489 -23.55 41.11 75.53
CA GLY L 489 -22.44 41.96 75.93
C GLY L 489 -21.84 41.54 77.25
N LEU L 490 -22.67 41.30 78.26
CA LEU L 490 -22.15 40.89 79.56
C LEU L 490 -21.64 39.45 79.52
N LYS L 491 -22.22 38.62 78.65
CA LYS L 491 -21.64 37.31 78.40
C LYS L 491 -20.25 37.43 77.80
N TYR L 492 -20.06 38.37 76.87
CA TYR L 492 -18.76 38.53 76.21
C TYR L 492 -17.75 39.20 77.13
N ARG L 493 -18.18 40.09 78.02
CA ARG L 493 -17.23 40.77 78.90
C ARG L 493 -16.73 39.87 80.03
N SER L 494 -17.41 38.75 80.29
CA SER L 494 -16.90 37.79 81.25
C SER L 494 -15.98 36.77 80.60
N GLN L 495 -16.09 36.55 79.29
CA GLN L 495 -15.26 35.57 78.62
C GLN L 495 -13.85 36.08 78.35
N LEU L 496 -13.66 37.40 78.27
CA LEU L 496 -12.34 37.97 78.06
C LEU L 496 -11.42 37.77 79.25
N LEU L 497 -11.98 37.54 80.43
CA LEU L 497 -11.18 37.41 81.63
C LEU L 497 -10.94 35.96 82.03
N GLY L 498 -11.80 35.04 81.59
CA GLY L 498 -11.66 33.62 81.86
C GLY L 498 -12.93 33.04 82.42
N ASN L 499 -12.82 31.83 82.95
CA ASN L 499 -13.94 31.15 83.57
C ASN L 499 -13.77 30.92 85.07
N GLY L 500 -12.58 31.11 85.60
CA GLY L 500 -12.33 30.82 87.00
C GLY L 500 -12.81 31.92 87.92
N ARG L 501 -12.60 31.67 89.21
CA ARG L 501 -12.88 32.66 90.25
C ARG L 501 -11.71 33.62 90.42
N TYR L 502 -10.50 33.08 90.59
CA TYR L 502 -9.28 33.86 90.62
C TYR L 502 -8.77 34.07 89.21
N CYS L 503 -8.64 35.31 88.79
CA CYS L 503 -8.18 35.61 87.43
C CYS L 503 -7.19 36.75 87.45
N ASP L 504 -6.19 36.67 86.57
CA ASP L 504 -5.24 37.76 86.35
C ASP L 504 -5.66 38.51 85.10
N PHE L 505 -5.95 39.79 85.25
CA PHE L 505 -6.42 40.62 84.16
C PHE L 505 -5.32 41.58 83.71
N HIS L 506 -5.44 42.04 82.48
CA HIS L 506 -4.49 42.99 81.91
C HIS L 506 -5.25 43.79 80.87
N ILE L 507 -5.75 44.96 81.27
CA ILE L 507 -6.71 45.69 80.45
C ILE L 507 -6.17 47.07 80.14
N GLN L 508 -6.91 47.81 79.33
CA GLN L 508 -6.53 49.14 78.88
C GLN L 508 -7.72 50.07 79.05
N VAL L 509 -7.63 51.02 79.97
CA VAL L 509 -8.76 51.92 80.23
C VAL L 509 -8.46 53.29 79.63
N PRO L 510 -9.47 54.00 79.11
CA PRO L 510 -9.21 55.30 78.45
C PRO L 510 -9.14 56.48 79.40
N GLN L 511 -9.14 57.69 78.82
CA GLN L 511 -9.46 58.91 79.55
C GLN L 511 -10.64 59.58 78.86
N LYS L 512 -11.73 59.78 79.60
CA LYS L 512 -12.99 60.19 78.99
C LYS L 512 -13.41 61.59 79.38
N PHE L 513 -12.58 62.34 80.09
CA PHE L 513 -12.86 63.74 80.34
C PHE L 513 -12.51 64.53 79.08
N PHE L 514 -13.41 65.41 78.67
CA PHE L 514 -13.40 65.93 77.31
C PHE L 514 -12.30 66.97 77.04
N ALA L 515 -11.69 67.54 78.08
CA ALA L 515 -10.59 68.47 77.87
C ALA L 515 -9.24 67.77 77.72
N ILE L 516 -9.20 66.45 77.90
CA ILE L 516 -8.01 65.65 77.70
C ILE L 516 -8.20 64.64 76.57
N LYS L 517 -9.46 64.28 76.30
CA LYS L 517 -9.82 63.18 75.41
C LYS L 517 -9.35 63.42 73.97
N ASN L 518 -9.21 64.68 73.55
CA ASN L 518 -8.68 64.96 72.22
C ASN L 518 -7.70 66.11 72.24
N LEU L 519 -7.01 66.34 73.36
CA LEU L 519 -6.10 67.47 73.45
C LEU L 519 -4.80 67.18 72.69
N LEU L 520 -4.38 68.14 71.87
CA LEU L 520 -3.13 68.05 71.13
C LEU L 520 -2.08 68.81 71.91
N LEU L 521 -1.14 68.09 72.51
CA LEU L 521 -0.27 68.62 73.54
C LEU L 521 1.04 69.08 72.95
N LEU L 522 1.39 70.34 73.20
CA LEU L 522 2.64 70.94 72.75
C LEU L 522 3.77 70.54 73.71
N PRO L 523 5.04 70.79 73.34
CA PRO L 523 6.14 70.42 74.25
C PRO L 523 6.11 71.11 75.61
N GLY L 524 6.70 70.44 76.58
CA GLY L 524 6.69 70.84 77.97
C GLY L 524 6.54 69.62 78.85
N THR L 525 6.89 69.77 80.12
CA THR L 525 6.77 68.70 81.09
C THR L 525 5.46 68.84 81.84
N TYR L 526 4.70 67.76 81.91
CA TYR L 526 3.36 67.78 82.48
C TYR L 526 3.22 66.68 83.51
N ASN L 527 2.43 66.95 84.54
CA ASN L 527 2.17 66.01 85.62
C ASN L 527 0.71 65.58 85.54
N TYR L 528 0.49 64.28 85.41
CA TYR L 528 -0.82 63.73 85.09
C TYR L 528 -1.18 62.65 86.10
N GLU L 529 -1.94 63.06 87.10
CA GLU L 529 -2.32 62.24 88.26
C GLU L 529 -3.82 61.94 88.16
N TRP L 530 -4.20 60.71 88.50
CA TRP L 530 -5.57 60.29 88.31
C TRP L 530 -5.87 59.11 89.23
N TYR L 531 -7.06 59.09 89.82
CA TYR L 531 -7.45 58.09 90.80
C TYR L 531 -8.26 56.97 90.16
N PHE L 532 -8.17 55.78 90.77
CA PHE L 532 -8.81 54.57 90.27
C PHE L 532 -9.68 53.96 91.36
N ARG L 533 -10.82 53.38 90.99
CA ARG L 533 -11.74 52.82 91.98
C ARG L 533 -11.37 51.37 92.29
N LYS L 534 -11.61 50.98 93.55
CA LYS L 534 -11.49 49.60 93.99
C LYS L 534 -12.81 49.06 94.52
N ASP L 535 -13.91 49.71 94.21
CA ASP L 535 -15.23 49.29 94.66
C ASP L 535 -15.71 48.14 93.78
N PRO L 536 -16.03 46.96 94.35
CA PRO L 536 -16.44 45.84 93.50
C PRO L 536 -17.81 46.02 92.87
N ASN L 537 -18.75 46.69 93.55
CA ASN L 537 -20.06 46.92 92.97
C ASN L 537 -20.02 47.93 91.84
N MET L 538 -19.05 48.83 91.84
CA MET L 538 -18.98 49.82 90.78
C MET L 538 -18.12 49.36 89.61
N VAL L 539 -16.99 48.71 89.90
CA VAL L 539 -16.10 48.25 88.84
C VAL L 539 -16.70 47.04 88.13
N LEU L 540 -17.02 46.00 88.89
CA LEU L 540 -17.52 44.77 88.29
C LEU L 540 -19.01 44.89 87.98
N GLN L 541 -19.50 43.93 87.19
CA GLN L 541 -20.90 43.89 86.79
C GLN L 541 -21.38 42.44 86.83
N SER L 542 -22.32 42.15 87.69
CA SER L 542 -22.89 40.82 87.78
C SER L 542 -24.17 40.74 86.97
N THR L 543 -24.60 39.51 86.69
CA THR L 543 -25.84 39.31 85.96
C THR L 543 -27.04 39.57 86.85
N LEU L 544 -27.08 38.92 88.01
CA LEU L 544 -28.25 39.03 88.89
C LEU L 544 -28.31 40.37 89.60
N GLY L 545 -27.23 41.13 89.63
CA GLY L 545 -27.24 42.40 90.32
C GLY L 545 -27.22 42.30 91.82
N ASN L 546 -26.43 41.36 92.36
CA ASN L 546 -26.34 41.16 93.79
C ASN L 546 -25.37 42.16 94.41
N ASP L 547 -24.99 41.92 95.66
CA ASP L 547 -24.04 42.76 96.38
C ASP L 547 -22.68 42.07 96.33
N LEU L 548 -21.76 42.62 95.55
CA LEU L 548 -20.45 41.99 95.41
C LEU L 548 -19.48 42.37 96.52
N ARG L 549 -19.64 43.55 97.14
CA ARG L 549 -18.76 43.87 98.26
C ARG L 549 -19.14 43.10 99.52
N ALA L 550 -20.30 42.44 99.52
CA ALA L 550 -20.64 41.47 100.55
C ALA L 550 -20.25 40.06 100.13
N ASP L 551 -20.35 39.74 98.84
CA ASP L 551 -20.08 38.39 98.35
C ASP L 551 -18.63 38.21 97.92
N GLY L 552 -17.70 38.59 98.79
CA GLY L 552 -16.30 38.22 98.63
C GLY L 552 -15.51 38.76 97.45
N ALA L 553 -16.13 39.60 96.63
CA ALA L 553 -15.44 40.12 95.46
C ALA L 553 -14.44 41.19 95.87
N SER L 554 -13.27 41.18 95.24
CA SER L 554 -12.21 42.09 95.59
C SER L 554 -11.31 42.29 94.37
N ILE L 555 -10.71 43.48 94.29
CA ILE L 555 -9.83 43.83 93.18
C ILE L 555 -8.62 44.57 93.76
N THR L 556 -7.45 44.31 93.19
CA THR L 556 -6.24 45.03 93.56
C THR L 556 -5.37 45.20 92.33
N TYR L 557 -4.46 46.16 92.40
CA TYR L 557 -3.67 46.58 91.25
C TYR L 557 -2.20 46.27 91.49
N THR L 558 -1.55 45.66 90.51
CA THR L 558 -0.15 45.29 90.66
C THR L 558 0.78 46.39 90.17
N GLN L 559 0.69 46.73 88.88
CA GLN L 559 1.44 47.83 88.31
C GLN L 559 0.58 48.51 87.25
N ILE L 560 0.78 49.80 87.09
CA ILE L 560 -0.04 50.62 86.21
C ILE L 560 0.87 51.55 85.41
N ASN L 561 0.75 51.49 84.08
CA ASN L 561 1.52 52.34 83.20
C ASN L 561 0.59 53.18 82.33
N LEU L 562 1.12 54.29 81.84
CA LEU L 562 0.45 55.14 80.87
C LEU L 562 1.19 55.09 79.55
N TYR L 563 0.44 54.94 78.46
CA TYR L 563 1.01 54.88 77.13
C TYR L 563 0.57 56.10 76.33
N VAL L 564 1.52 56.78 75.70
CA VAL L 564 1.21 57.84 74.75
C VAL L 564 1.86 57.48 73.42
N SER L 565 1.43 58.18 72.38
CA SER L 565 1.92 57.94 71.03
C SER L 565 2.43 59.22 70.41
N PHE L 566 3.67 59.19 69.93
CA PHE L 566 4.31 60.35 69.33
C PHE L 566 4.15 60.26 67.82
N PHE L 567 3.64 61.30 67.21
CA PHE L 567 3.71 61.29 65.76
C PHE L 567 5.09 61.77 65.32
N PRO L 568 5.83 61.00 64.52
CA PRO L 568 7.21 61.39 64.17
C PRO L 568 7.26 62.46 63.09
N MET L 569 6.84 63.67 63.44
CA MET L 569 6.80 64.75 62.47
C MET L 569 8.19 65.33 62.30
N ASN L 570 8.50 65.74 61.07
CA ASN L 570 9.79 66.35 60.77
C ASN L 570 9.92 67.68 61.51
N TYR L 571 11.13 67.91 62.05
CA TYR L 571 11.31 69.03 62.98
C TYR L 571 11.23 70.38 62.29
N ASP L 572 11.43 70.43 60.98
CA ASP L 572 11.21 71.68 60.25
C ASP L 572 9.72 71.96 60.10
N THR L 573 8.94 70.93 59.76
CA THR L 573 7.51 71.10 59.60
C THR L 573 6.81 71.24 60.95
N GLN L 574 7.34 70.55 61.97
CA GLN L 574 6.79 70.63 63.30
C GLN L 574 6.96 72.03 63.88
N SER L 575 8.10 72.68 63.59
CA SER L 575 8.39 73.98 64.17
C SER L 575 7.50 75.08 63.60
N GLU L 576 6.94 74.90 62.42
CA GLU L 576 5.93 75.83 61.93
C GLU L 576 4.61 75.61 62.65
N LEU L 577 4.24 74.35 62.88
CA LEU L 577 2.99 74.05 63.57
C LEU L 577 3.06 74.43 65.04
N GLU L 578 4.22 74.19 65.67
CA GLU L 578 4.42 74.53 67.07
C GLU L 578 4.43 76.03 67.28
N LEU L 579 4.76 76.81 66.25
CA LEU L 579 4.75 78.25 66.40
C LEU L 579 3.35 78.83 66.23
N MET L 580 2.50 78.19 65.42
CA MET L 580 1.15 78.68 65.18
C MET L 580 0.15 78.25 66.24
N LEU L 581 0.40 77.14 66.94
CA LEU L 581 -0.52 76.69 67.96
C LEU L 581 -0.25 77.31 69.33
N ARG L 582 0.78 78.14 69.46
CA ARG L 582 1.03 78.87 70.68
C ARG L 582 0.40 80.25 70.66
N ASN L 583 -0.60 80.47 69.81
CA ASN L 583 -1.29 81.74 69.73
C ASN L 583 -2.46 81.76 70.72
N ALA L 584 -3.03 82.95 70.91
CA ALA L 584 -4.30 83.09 71.60
C ALA L 584 -5.48 83.09 70.63
N THR L 585 -5.21 83.05 69.33
CA THR L 585 -6.24 82.93 68.32
C THR L 585 -6.44 81.48 67.89
N ASN L 586 -5.41 80.65 68.03
CA ASN L 586 -5.46 79.24 67.68
C ASN L 586 -5.70 78.37 68.91
N ASP L 587 -6.51 78.85 69.85
CA ASP L 587 -6.81 78.08 71.04
C ASP L 587 -7.66 76.88 70.69
N GLN L 588 -7.27 75.71 71.18
CA GLN L 588 -8.01 74.48 70.95
C GLN L 588 -9.17 74.42 71.93
N ASN L 589 -10.38 74.54 71.43
CA ASN L 589 -11.58 74.42 72.23
C ASN L 589 -12.30 73.12 71.90
N PHE L 590 -13.04 72.60 72.88
CA PHE L 590 -13.69 71.31 72.77
C PHE L 590 -15.09 71.43 73.32
N SER L 591 -15.85 70.34 73.26
CA SER L 591 -17.21 70.35 73.77
C SER L 591 -17.58 68.95 74.21
N ASP L 592 -18.22 68.85 75.37
CA ASP L 592 -18.81 67.60 75.80
C ASP L 592 -19.95 67.24 74.85
N TYR L 593 -19.99 65.98 74.42
CA TYR L 593 -20.95 65.59 73.38
C TYR L 593 -22.37 65.59 73.90
N LEU L 594 -22.58 65.22 75.17
CA LEU L 594 -23.91 65.25 75.73
C LEU L 594 -24.40 66.67 75.91
N GLY L 595 -23.56 67.53 76.49
CA GLY L 595 -23.90 68.91 76.74
C GLY L 595 -25.08 69.04 77.68
N ALA L 596 -24.90 68.65 78.93
CA ALA L 596 -26.04 68.57 79.82
C ALA L 596 -25.62 68.81 81.26
N VAL L 597 -26.59 69.25 82.05
CA VAL L 597 -26.46 69.35 83.50
C VAL L 597 -27.44 68.35 84.09
N ASN L 598 -26.92 67.37 84.80
CA ASN L 598 -27.68 66.19 85.22
C ASN L 598 -28.15 66.36 86.65
N ASN L 599 -29.46 66.36 86.85
CA ASN L 599 -30.07 66.57 88.16
C ASN L 599 -30.98 65.40 88.47
N LEU L 600 -30.75 64.77 89.62
CA LEU L 600 -31.54 63.63 90.07
C LEU L 600 -32.51 64.10 91.13
N TYR L 601 -33.80 63.99 90.83
CA TYR L 601 -34.86 64.51 91.68
C TYR L 601 -35.63 63.35 92.29
N GLN L 602 -35.89 63.43 93.58
CA GLN L 602 -36.43 62.31 94.33
C GLN L 602 -37.93 62.15 94.06
N ILE L 603 -38.33 60.92 93.75
CA ILE L 603 -39.73 60.55 93.65
C ILE L 603 -39.97 59.45 94.67
N PRO L 604 -40.78 59.68 95.70
CA PRO L 604 -40.98 58.66 96.74
C PRO L 604 -41.87 57.53 96.24
N ALA L 605 -41.97 56.50 97.08
CA ALA L 605 -42.68 55.29 96.70
C ALA L 605 -44.18 55.52 96.73
N GLY L 606 -44.86 55.10 95.65
CA GLY L 606 -46.30 55.23 95.55
C GLY L 606 -46.80 56.57 95.07
N SER L 607 -45.96 57.60 95.08
CA SER L 607 -46.38 58.92 94.62
C SER L 607 -46.35 58.98 93.10
N SER L 608 -47.22 59.82 92.55
CA SER L 608 -47.39 59.91 91.11
C SER L 608 -46.79 61.16 90.50
N THR L 609 -46.67 62.24 91.27
CA THR L 609 -46.20 63.52 90.74
C THR L 609 -44.88 63.92 91.37
N VAL L 610 -44.13 64.74 90.65
CA VAL L 610 -42.92 65.39 91.15
C VAL L 610 -42.88 66.79 90.57
N VAL L 611 -42.47 67.75 91.40
CA VAL L 611 -42.42 69.16 91.03
C VAL L 611 -40.99 69.63 91.15
N VAL L 612 -40.40 70.03 90.02
CA VAL L 612 -39.05 70.57 90.01
C VAL L 612 -39.14 72.07 90.20
N ASN L 613 -38.02 72.70 90.54
CA ASN L 613 -38.02 74.14 90.71
C ASN L 613 -36.64 74.68 90.41
N ILE L 614 -36.57 75.63 89.49
CA ILE L 614 -35.34 76.35 89.17
C ILE L 614 -35.64 77.84 89.33
N PRO L 615 -34.92 78.56 90.18
CA PRO L 615 -35.16 80.01 90.31
C PRO L 615 -34.55 80.81 89.16
N ASP L 616 -34.57 82.14 89.27
CA ASP L 616 -34.22 83.01 88.14
C ASP L 616 -32.74 82.90 87.79
N ARG L 617 -32.46 82.51 86.54
CA ARG L 617 -31.10 82.40 86.02
C ARG L 617 -31.05 83.08 84.66
N SER L 618 -29.87 83.10 84.06
CA SER L 618 -29.69 83.60 82.71
C SER L 618 -29.77 82.41 81.77
N TRP L 619 -30.80 82.39 80.92
CA TRP L 619 -31.10 81.25 80.08
C TRP L 619 -30.63 81.45 78.64
N GLY L 620 -29.53 82.16 78.45
CA GLY L 620 -28.97 82.29 77.12
C GLY L 620 -28.37 80.97 76.67
N ALA L 621 -28.54 80.68 75.38
CA ALA L 621 -28.04 79.46 74.71
C ALA L 621 -28.58 78.19 75.37
N PHE L 622 -29.87 78.18 75.67
CA PHE L 622 -30.51 76.97 76.16
C PHE L 622 -30.88 76.07 74.98
N ARG L 623 -30.82 74.77 75.19
CA ARG L 623 -30.93 73.84 74.07
C ARG L 623 -32.14 72.93 74.15
N GLY L 624 -32.46 72.37 75.30
CA GLY L 624 -33.63 71.51 75.39
C GLY L 624 -33.66 70.73 76.70
N TRP L 625 -34.64 69.83 76.77
CA TRP L 625 -34.82 68.97 77.93
C TRP L 625 -34.67 67.51 77.53
N SER L 626 -34.46 66.67 78.55
CA SER L 626 -34.47 65.21 78.39
C SER L 626 -34.70 64.60 79.76
N PHE L 627 -35.56 63.57 79.82
CA PHE L 627 -35.95 63.04 81.12
C PHE L 627 -36.34 61.58 81.03
N THR L 628 -35.96 60.81 82.05
CA THR L 628 -36.27 59.39 82.19
C THR L 628 -36.10 59.01 83.65
N ARG L 629 -37.05 58.24 84.19
CA ARG L 629 -36.97 57.78 85.56
C ARG L 629 -35.81 56.80 85.74
N LEU L 630 -35.27 56.77 86.96
CA LEU L 630 -34.24 55.82 87.35
C LEU L 630 -34.52 55.38 88.78
N LYS L 631 -34.32 54.10 89.07
CA LYS L 631 -34.59 53.62 90.41
C LYS L 631 -33.44 53.94 91.35
N VAL L 632 -33.78 54.14 92.63
CA VAL L 632 -32.79 54.57 93.62
C VAL L 632 -31.81 53.45 93.93
N SER L 633 -32.30 52.21 94.02
CA SER L 633 -31.44 51.08 94.34
C SER L 633 -30.46 50.75 93.23
N GLU L 634 -30.72 51.21 92.00
CA GLU L 634 -29.82 50.97 90.89
C GLU L 634 -28.94 52.17 90.55
N THR L 635 -29.29 53.35 91.03
CA THR L 635 -28.51 54.55 90.70
C THR L 635 -27.64 54.93 91.89
N PRO L 636 -26.33 54.95 91.74
CA PRO L 636 -25.46 55.34 92.85
C PRO L 636 -25.35 56.84 92.92
N ARG L 637 -24.48 57.31 93.80
CA ARG L 637 -24.09 58.70 93.84
C ARG L 637 -22.58 58.73 93.57
N ILE L 638 -22.17 59.49 92.55
CA ILE L 638 -20.90 59.22 91.88
C ILE L 638 -19.72 59.69 92.73
N GLY L 639 -19.65 61.00 93.00
CA GLY L 639 -18.42 61.64 93.41
C GLY L 639 -17.89 61.29 94.79
N ALA L 640 -18.63 60.52 95.58
CA ALA L 640 -18.11 60.04 96.84
C ALA L 640 -17.08 58.94 96.61
N THR L 641 -16.20 58.74 97.60
CA THR L 641 -15.15 57.74 97.45
C THR L 641 -15.69 56.33 97.59
N GLN L 642 -16.83 56.15 98.25
CA GLN L 642 -17.44 54.85 98.47
C GLN L 642 -18.87 55.08 98.89
N ASP L 643 -19.81 54.39 98.25
CA ASP L 643 -21.23 54.55 98.57
C ASP L 643 -21.71 53.32 99.33
N PRO L 644 -21.86 53.39 100.66
CA PRO L 644 -22.29 52.22 101.41
C PRO L 644 -23.77 51.91 101.27
N ASN L 645 -24.57 52.88 100.83
CA ASN L 645 -25.99 52.64 100.61
C ASN L 645 -26.28 52.09 99.22
N PHE L 646 -25.26 51.84 98.41
CA PHE L 646 -25.41 51.34 97.05
C PHE L 646 -24.98 49.88 97.02
N GLN L 647 -25.95 48.98 97.14
CA GLN L 647 -25.70 47.54 97.12
C GLN L 647 -26.36 46.97 95.88
N TYR L 648 -25.65 47.05 94.75
CA TYR L 648 -26.17 46.66 93.45
C TYR L 648 -25.03 46.55 92.47
N SER L 649 -24.97 45.44 91.72
CA SER L 649 -23.89 45.23 90.76
C SER L 649 -24.44 44.78 89.42
N GLY L 650 -25.63 45.22 89.06
CA GLY L 650 -26.16 44.91 87.76
C GLY L 650 -25.79 46.01 86.78
N SER L 651 -26.67 46.28 85.83
CA SER L 651 -26.48 47.39 84.92
C SER L 651 -26.94 48.68 85.60
N ILE L 652 -26.09 49.70 85.55
CA ILE L 652 -26.43 51.01 86.11
C ILE L 652 -26.85 51.92 84.97
N PRO L 653 -28.12 52.27 84.83
CA PRO L 653 -28.57 53.06 83.68
C PRO L 653 -28.26 54.54 83.78
N TYR L 654 -27.68 55.03 84.88
CA TYR L 654 -27.39 56.45 84.98
C TYR L 654 -26.17 56.85 84.16
N LEU L 655 -25.19 55.95 84.07
CA LEU L 655 -23.94 56.20 83.38
C LEU L 655 -23.69 55.26 82.19
N ASP L 656 -24.71 54.55 81.71
CA ASP L 656 -24.51 53.57 80.65
C ASP L 656 -25.45 53.77 79.47
N GLY L 657 -26.69 54.15 79.72
CA GLY L 657 -27.66 54.22 78.64
C GLY L 657 -28.41 52.91 78.54
N THR L 658 -28.80 52.35 79.67
CA THR L 658 -29.63 51.17 79.66
C THR L 658 -30.98 51.54 80.24
N PHE L 659 -31.50 52.69 79.81
CA PHE L 659 -32.77 53.19 80.28
C PHE L 659 -33.90 52.29 79.82
N TYR L 660 -34.82 52.01 80.72
CA TYR L 660 -36.00 51.23 80.36
C TYR L 660 -37.27 51.72 81.03
N LEU L 661 -37.22 52.78 81.82
CA LEU L 661 -38.39 53.36 82.45
C LEU L 661 -38.84 54.63 81.76
N SER L 662 -38.65 54.70 80.45
CA SER L 662 -39.17 55.83 79.70
C SER L 662 -40.65 55.71 79.43
N HIS L 663 -41.19 54.50 79.50
CA HIS L 663 -42.58 54.26 79.13
C HIS L 663 -43.56 54.56 80.24
N THR L 664 -43.12 55.16 81.34
CA THR L 664 -43.99 55.50 82.47
C THR L 664 -43.93 57.00 82.73
N PHE L 665 -44.73 57.76 81.98
CA PHE L 665 -44.92 59.19 82.16
C PHE L 665 -46.29 59.50 81.59
N GLN L 666 -47.19 60.06 82.39
CA GLN L 666 -48.46 60.49 81.82
C GLN L 666 -48.33 61.82 81.10
N ARG L 667 -47.98 62.89 81.82
CA ARG L 667 -47.97 64.20 81.20
C ARG L 667 -46.87 65.05 81.81
N CYS L 668 -46.47 66.06 81.02
CA CYS L 668 -45.39 66.98 81.36
C CYS L 668 -45.90 68.41 81.23
N SER L 669 -45.84 69.15 82.33
CA SER L 669 -46.26 70.55 82.34
C SER L 669 -45.04 71.43 82.52
N ILE L 670 -44.83 72.38 81.61
CA ILE L 670 -43.68 73.28 81.66
C ILE L 670 -44.21 74.71 81.70
N GLN L 671 -43.64 75.53 82.59
CA GLN L 671 -44.17 76.87 82.81
C GLN L 671 -43.03 77.83 83.14
N TRP L 672 -42.82 78.84 82.29
CA TRP L 672 -41.81 79.86 82.54
C TRP L 672 -42.32 80.90 83.53
N ASP L 673 -41.35 81.49 84.26
CA ASP L 673 -41.39 82.60 85.22
C ASP L 673 -42.68 82.70 86.05
N SER L 674 -43.18 81.54 86.47
CA SER L 674 -44.37 81.29 87.28
C SER L 674 -45.68 81.69 86.61
N SER L 675 -45.66 82.23 85.39
CA SER L 675 -46.88 82.71 84.74
C SER L 675 -47.17 81.99 83.43
N VAL L 676 -46.22 81.98 82.50
CA VAL L 676 -46.51 81.63 81.11
C VAL L 676 -46.25 80.14 80.93
N PRO L 677 -47.25 79.37 80.50
CA PRO L 677 -46.99 77.97 80.15
C PRO L 677 -46.26 77.87 78.81
N TRP L 678 -45.34 76.93 78.73
CA TRP L 678 -44.57 76.66 77.53
C TRP L 678 -45.10 75.39 76.85
N PRO L 679 -45.23 75.33 75.51
CA PRO L 679 -44.89 76.31 74.48
C PRO L 679 -45.87 77.46 74.38
N GLY L 680 -47.09 77.26 74.87
CA GLY L 680 -48.12 78.24 74.66
C GLY L 680 -48.50 78.29 73.19
N ASN L 681 -49.15 79.40 72.81
CA ASN L 681 -49.45 79.76 71.42
C ASN L 681 -50.26 78.68 70.69
N ASP L 682 -51.06 77.92 71.46
CA ASP L 682 -51.86 76.73 71.15
C ASP L 682 -51.25 75.87 70.04
N ARG L 683 -50.00 75.46 70.24
CA ARG L 683 -49.26 74.74 69.20
C ARG L 683 -49.82 73.34 68.97
N MET L 684 -50.18 72.63 70.04
CA MET L 684 -50.61 71.25 69.93
C MET L 684 -52.02 71.10 70.48
N LEU L 685 -52.58 69.90 70.30
CA LEU L 685 -54.00 69.67 70.54
C LEU L 685 -54.35 69.71 72.02
N THR L 686 -53.39 69.42 72.90
CA THR L 686 -53.52 69.66 74.33
C THR L 686 -52.58 70.80 74.68
N PRO L 687 -53.02 72.05 74.55
CA PRO L 687 -52.06 73.16 74.45
C PRO L 687 -51.52 73.67 75.77
N ASN L 688 -51.64 72.92 76.86
CA ASN L 688 -51.16 73.38 78.15
C ASN L 688 -50.19 72.42 78.82
N TRP L 689 -50.06 71.19 78.34
CA TRP L 689 -49.10 70.25 78.92
C TRP L 689 -48.74 69.20 77.88
N PHE L 690 -47.48 68.79 77.90
CA PHE L 690 -46.98 67.71 77.05
C PHE L 690 -47.48 66.39 77.63
N GLU L 691 -48.57 65.88 77.09
CA GLU L 691 -49.14 64.61 77.55
C GLU L 691 -48.40 63.49 76.83
N ILE L 692 -47.59 62.74 77.58
CA ILE L 692 -46.75 61.71 76.97
C ILE L 692 -47.61 60.52 76.54
N LYS L 693 -48.28 59.88 77.50
CA LYS L 693 -49.20 58.79 77.20
C LYS L 693 -50.58 59.14 77.70
N ARG L 694 -51.56 58.44 77.18
CA ARG L 694 -52.96 58.64 77.49
C ARG L 694 -53.69 57.34 77.23
N PRO L 695 -54.21 56.68 78.26
CA PRO L 695 -54.67 55.31 78.10
C PRO L 695 -56.00 55.25 77.36
N ILE L 696 -56.13 54.22 76.53
CA ILE L 696 -57.41 53.99 75.89
C ILE L 696 -58.35 53.33 76.89
N ASN L 697 -59.63 53.27 76.51
CA ASN L 697 -60.92 53.16 77.22
C ASN L 697 -61.33 54.53 77.76
N GLN L 698 -60.42 55.50 77.65
CA GLN L 698 -60.74 56.90 77.51
C GLN L 698 -60.74 57.21 76.01
N ASP L 699 -60.63 58.49 75.67
CA ASP L 699 -60.37 59.00 74.32
C ASP L 699 -61.42 58.63 73.27
N ALA L 700 -62.66 59.12 73.40
CA ALA L 700 -63.52 59.20 72.23
C ALA L 700 -62.83 60.13 71.24
N GLU L 701 -62.40 61.29 71.74
CA GLU L 701 -61.41 62.08 71.04
C GLU L 701 -60.07 61.37 71.07
N GLY L 702 -59.67 60.79 69.92
CA GLY L 702 -58.65 59.74 69.88
C GLY L 702 -57.25 60.08 70.36
N ASN L 703 -56.50 60.85 69.58
CA ASN L 703 -55.19 61.41 69.94
C ASN L 703 -54.18 60.33 70.38
N ASP L 704 -54.07 59.27 69.58
CA ASP L 704 -53.17 58.17 69.89
C ASP L 704 -52.49 57.68 68.62
N THR L 705 -51.16 57.63 68.65
CA THR L 705 -50.37 57.14 67.53
C THR L 705 -50.03 55.67 67.72
N MET L 706 -49.55 55.06 66.62
CA MET L 706 -48.71 53.87 66.62
C MET L 706 -49.43 52.62 67.14
N GLN L 707 -50.76 52.70 67.23
CA GLN L 707 -51.63 51.70 67.85
C GLN L 707 -51.17 51.39 69.28
N SER L 708 -51.06 52.44 70.07
CA SER L 708 -50.52 52.35 71.43
C SER L 708 -51.06 53.54 72.23
N ASN L 709 -50.47 53.78 73.39
CA ASN L 709 -50.89 54.86 74.29
C ASN L 709 -50.24 56.18 73.98
N LEU L 710 -49.26 56.23 73.07
CA LEU L 710 -48.50 57.45 72.84
C LEU L 710 -49.34 58.46 72.08
N THR L 711 -49.41 59.69 72.59
CA THR L 711 -50.30 60.69 72.05
C THR L 711 -49.74 61.28 70.75
N LYS L 712 -50.60 61.95 70.00
CA LYS L 712 -50.17 62.50 68.73
C LYS L 712 -49.49 63.84 68.89
N ASP L 713 -49.75 64.57 69.97
CA ASP L 713 -49.03 65.80 70.22
C ASP L 713 -47.59 65.52 70.63
N PHE L 714 -47.33 64.32 71.14
CA PHE L 714 -46.02 64.01 71.70
C PHE L 714 -45.22 63.02 70.85
N PHE L 715 -45.88 62.23 70.01
CA PHE L 715 -45.14 61.45 69.02
C PHE L 715 -44.50 62.36 67.99
N MET L 716 -45.12 63.51 67.71
CA MET L 716 -44.59 64.41 66.70
C MET L 716 -43.35 65.15 67.21
N VAL L 717 -43.32 65.52 68.49
CA VAL L 717 -42.18 66.26 69.00
C VAL L 717 -40.98 65.34 69.18
N GLN L 718 -41.20 64.05 69.44
CA GLN L 718 -40.09 63.13 69.59
C GLN L 718 -39.49 62.76 68.25
N MET L 719 -40.29 62.82 67.19
CA MET L 719 -39.80 62.48 65.87
C MET L 719 -39.22 63.69 65.15
N ALA L 720 -39.77 64.88 65.39
CA ALA L 720 -39.20 66.09 64.78
C ALA L 720 -37.87 66.48 65.43
N ALA L 721 -37.68 66.16 66.71
CA ALA L 721 -36.42 66.47 67.37
C ALA L 721 -35.33 65.52 66.93
N SER L 722 -35.67 64.25 66.74
CA SER L 722 -34.67 63.24 66.43
C SER L 722 -34.37 63.18 64.94
N TYR L 723 -35.40 63.25 64.09
CA TYR L 723 -35.22 62.97 62.68
C TYR L 723 -35.83 64.00 61.74
N ASN L 724 -36.37 65.11 62.26
CA ASN L 724 -36.94 66.22 61.48
C ASN L 724 -38.10 65.78 60.60
N GLN L 725 -38.79 64.70 60.97
CA GLN L 725 -39.80 64.09 60.11
C GLN L 725 -41.17 64.75 60.24
N GLY L 726 -41.27 65.85 60.96
CA GLY L 726 -42.55 66.54 61.03
C GLY L 726 -42.88 67.27 59.74
N TYR L 727 -44.16 67.64 59.64
CA TYR L 727 -44.72 68.60 58.69
C TYR L 727 -44.75 68.14 57.23
N GLN L 728 -44.12 67.01 56.90
CA GLN L 728 -44.10 66.54 55.53
C GLN L 728 -44.30 65.03 55.45
N GLY L 729 -44.82 64.41 56.49
CA GLY L 729 -45.05 62.99 56.47
C GLY L 729 -43.95 62.23 57.19
N PHE L 730 -44.35 61.17 57.87
CA PHE L 730 -43.42 60.33 58.62
C PHE L 730 -43.05 59.10 57.81
N ASN L 731 -41.80 58.69 57.90
CA ASN L 731 -41.34 57.44 57.32
C ASN L 731 -40.15 56.95 58.12
N TRP L 732 -39.70 55.75 57.79
CA TRP L 732 -38.51 55.20 58.43
C TRP L 732 -37.29 55.98 57.98
N PRO L 733 -36.56 56.62 58.88
CA PRO L 733 -35.46 57.50 58.47
C PRO L 733 -34.26 56.71 57.97
N ASN L 734 -33.30 57.46 57.43
CA ASN L 734 -32.14 56.83 56.79
C ASN L 734 -31.18 56.28 57.83
N CYS L 735 -30.62 57.15 58.66
CA CYS L 735 -29.65 56.75 59.67
C CYS L 735 -30.32 56.74 61.04
N THR L 736 -30.39 55.55 61.63
CA THR L 736 -30.99 55.34 62.95
C THR L 736 -29.89 54.92 63.91
N LYS L 737 -29.64 55.75 64.92
CA LYS L 737 -28.56 55.47 65.84
C LYS L 737 -29.03 54.49 66.92
N HIS L 738 -28.13 54.16 67.83
CA HIS L 738 -28.41 53.15 68.84
C HIS L 738 -29.36 53.67 69.90
N TYR L 739 -29.15 54.91 70.37
CA TYR L 739 -30.03 55.52 71.35
C TYR L 739 -31.12 56.35 70.67
N GLY L 740 -31.81 55.73 69.71
CA GLY L 740 -32.80 56.41 68.92
C GLY L 740 -34.20 56.15 69.43
N PHE L 741 -35.16 56.75 68.74
CA PHE L 741 -36.56 56.60 69.12
C PHE L 741 -37.25 55.50 68.33
N ILE L 742 -37.21 55.58 67.01
CA ILE L 742 -38.09 54.73 66.20
C ILE L 742 -37.56 53.30 66.11
N ASN L 743 -36.25 53.08 66.27
CA ASN L 743 -35.75 51.71 66.28
C ASN L 743 -35.86 51.06 67.65
N ASN L 744 -36.17 51.82 68.69
CA ASN L 744 -36.37 51.28 70.02
C ASN L 744 -37.83 51.26 70.46
N PHE L 745 -38.69 52.01 69.78
CA PHE L 745 -40.11 52.02 70.11
C PHE L 745 -40.75 50.71 69.69
N GLU L 746 -41.67 50.21 70.51
CA GLU L 746 -42.33 48.93 70.25
C GLU L 746 -43.72 48.93 70.86
N PRO L 747 -44.76 49.08 70.04
CA PRO L 747 -46.12 49.00 70.58
C PRO L 747 -46.61 47.57 70.68
N MET L 748 -47.49 47.34 71.65
CA MET L 748 -48.02 46.00 71.91
C MET L 748 -49.52 46.08 72.14
N SER L 749 -50.20 44.95 71.99
CA SER L 749 -51.65 44.91 72.11
C SER L 749 -52.08 43.50 72.52
N ARG L 750 -53.18 43.43 73.25
CA ARG L 750 -53.82 42.15 73.57
C ARG L 750 -55.28 42.41 73.87
N GLN L 751 -56.04 41.32 73.95
CA GLN L 751 -57.42 41.34 74.43
C GLN L 751 -57.51 40.53 75.70
N VAL L 752 -58.41 40.95 76.59
CA VAL L 752 -58.57 40.31 77.88
C VAL L 752 -60.08 40.21 78.13
N PRO L 753 -60.58 39.14 78.73
CA PRO L 753 -62.01 39.05 79.00
C PRO L 753 -62.47 40.03 80.07
N GLU L 754 -63.79 40.07 80.28
CA GLU L 754 -64.37 41.07 81.15
C GLU L 754 -64.17 40.74 82.63
N TYR L 755 -64.12 39.45 82.98
CA TYR L 755 -63.94 38.94 84.35
C TYR L 755 -64.97 39.52 85.32
N GLY L 756 -66.25 39.43 84.93
CA GLY L 756 -67.31 39.93 85.77
C GLY L 756 -67.83 38.88 86.73
N ALA L 757 -69.14 38.87 86.98
CA ALA L 757 -69.74 37.81 87.77
C ALA L 757 -69.71 36.49 87.00
N ASN L 758 -70.23 36.49 85.78
CA ASN L 758 -69.93 35.43 84.84
C ASN L 758 -68.48 35.55 84.38
N TYR L 759 -67.92 34.41 83.94
CA TYR L 759 -66.51 34.21 83.61
C TYR L 759 -65.60 34.66 84.75
N PRO L 760 -65.49 33.90 85.84
CA PRO L 760 -64.70 34.34 86.98
C PRO L 760 -63.21 34.36 86.68
N ASN L 761 -62.47 35.02 87.56
CA ASN L 761 -61.02 35.18 87.42
C ASN L 761 -60.35 34.10 88.27
N LEU L 762 -59.69 33.16 87.61
CA LEU L 762 -58.97 32.10 88.31
C LEU L 762 -57.51 32.44 88.55
N MET L 763 -56.99 33.47 87.87
CA MET L 763 -55.61 33.88 88.07
C MET L 763 -55.45 34.70 89.34
N ALA L 764 -56.37 35.63 89.60
CA ALA L 764 -56.31 36.41 90.83
C ALA L 764 -56.61 35.55 92.06
N ALA L 765 -57.35 34.46 91.87
CA ALA L 765 -57.51 33.50 92.96
C ALA L 765 -56.23 32.71 93.20
N TYR L 766 -55.41 32.55 92.17
CA TYR L 766 -54.16 31.80 92.33
C TYR L 766 -53.10 32.63 93.04
N LEU L 767 -52.97 33.91 92.70
CA LEU L 767 -51.95 34.75 93.33
C LEU L 767 -52.30 35.06 94.79
N ALA L 768 -53.58 35.10 95.12
CA ALA L 768 -53.97 35.29 96.52
C ALA L 768 -53.81 34.01 97.33
N ASN L 769 -54.00 32.86 96.68
CA ASN L 769 -53.90 31.58 97.37
C ASN L 769 -53.51 30.51 96.35
N PRO L 770 -52.28 29.98 96.42
CA PRO L 770 -51.93 28.85 95.54
C PRO L 770 -52.68 27.57 95.89
N GLN L 771 -53.08 27.38 97.14
CA GLN L 771 -53.88 26.23 97.50
C GLN L 771 -55.32 26.43 97.04
N THR L 772 -56.04 25.30 96.88
CA THR L 772 -57.32 25.23 96.17
C THR L 772 -57.16 25.86 94.78
N MET L 773 -56.38 25.15 93.94
CA MET L 773 -55.39 25.62 92.98
C MET L 773 -55.72 26.93 92.28
N PRO L 774 -56.85 27.11 91.55
CA PRO L 774 -57.94 26.35 90.96
C PRO L 774 -57.67 26.04 89.50
N ILE L 775 -56.51 26.52 88.99
CA ILE L 775 -56.20 26.39 87.58
C ILE L 775 -55.87 24.94 87.25
N TRP L 776 -56.66 24.35 86.38
CA TRP L 776 -56.48 22.95 85.95
C TRP L 776 -56.07 22.95 84.49
N ASN L 777 -54.77 23.05 84.24
CA ASN L 777 -54.24 22.87 82.90
C ASN L 777 -53.14 21.82 82.96
N ASN L 778 -53.07 21.02 81.89
CA ASN L 778 -52.27 19.80 81.66
C ASN L 778 -52.03 18.99 82.94
N CYS L 779 -53.13 18.66 83.62
CA CYS L 779 -53.07 17.90 84.86
C CYS L 779 -52.65 16.46 84.56
N GLY L 780 -51.83 15.90 85.45
CA GLY L 780 -51.34 14.57 85.26
C GLY L 780 -50.06 14.47 84.46
N PHE L 781 -49.61 15.57 83.87
CA PHE L 781 -48.38 15.58 83.09
C PHE L 781 -47.36 16.53 83.67
N GLN L 782 -47.62 17.10 84.85
CA GLN L 782 -46.65 17.92 85.56
C GLN L 782 -46.99 17.87 87.04
N GLN L 783 -46.19 18.57 87.83
CA GLN L 783 -46.40 18.68 89.27
C GLN L 783 -47.64 19.53 89.53
N LYS L 784 -48.26 19.31 90.70
CA LYS L 784 -49.34 20.17 91.18
C LYS L 784 -48.86 21.61 91.29
N THR L 785 -49.79 22.54 91.09
CA THR L 785 -49.42 23.94 90.94
C THR L 785 -49.12 24.63 92.27
N ALA L 786 -49.30 23.92 93.39
CA ALA L 786 -48.90 24.50 94.67
C ALA L 786 -47.38 24.49 94.82
N THR L 787 -46.74 23.40 94.40
CA THR L 787 -45.29 23.30 94.48
C THR L 787 -44.74 23.62 93.09
N ASN L 788 -43.41 23.72 92.95
CA ASN L 788 -42.77 24.19 91.73
C ASN L 788 -42.87 23.17 90.60
N VAL L 789 -42.55 23.62 89.38
CA VAL L 789 -42.64 22.77 88.20
C VAL L 789 -41.43 21.89 88.00
N LEU L 790 -40.42 21.99 88.87
CA LEU L 790 -39.21 21.20 88.68
C LEU L 790 -39.35 19.77 89.18
N LEU L 791 -40.48 19.42 89.79
CA LEU L 791 -40.68 18.08 90.34
C LEU L 791 -41.35 17.16 89.31
N GLU L 792 -41.81 16.01 89.77
CA GLU L 792 -42.29 14.98 88.88
C GLU L 792 -43.74 15.20 88.49
N ARG L 793 -44.25 14.33 87.63
CA ARG L 793 -45.65 14.40 87.24
C ARG L 793 -46.55 13.96 88.39
N CYS L 794 -47.75 14.51 88.44
CA CYS L 794 -48.72 14.25 89.50
C CYS L 794 -50.13 14.37 88.96
N GLY L 795 -50.95 13.36 89.19
CA GLY L 795 -52.37 13.42 88.91
C GLY L 795 -52.76 12.53 87.74
N HIS L 796 -53.97 12.78 87.25
CA HIS L 796 -54.56 12.06 86.14
C HIS L 796 -54.94 13.05 85.04
N PRO L 797 -55.13 12.58 83.80
CA PRO L 797 -55.60 13.48 82.75
C PRO L 797 -57.06 13.88 82.98
N TYR L 798 -57.36 15.14 82.66
CA TYR L 798 -58.68 15.69 82.92
C TYR L 798 -58.85 16.94 82.06
N VAL L 799 -60.10 17.33 81.84
CA VAL L 799 -60.43 18.46 80.99
C VAL L 799 -59.94 19.75 81.62
N ALA L 800 -59.51 20.68 80.77
CA ALA L 800 -58.95 21.94 81.23
C ALA L 800 -60.06 22.95 81.53
N ASN L 801 -59.70 24.01 82.25
CA ASN L 801 -60.65 25.07 82.57
C ASN L 801 -60.06 26.47 82.49
N TRP L 802 -58.83 26.63 82.04
CA TRP L 802 -58.21 27.95 82.11
C TRP L 802 -57.13 28.01 81.05
N PRO L 803 -57.01 29.11 80.29
CA PRO L 803 -57.76 30.37 80.35
C PRO L 803 -59.05 30.34 79.57
N TYR L 804 -59.64 31.50 79.29
CA TYR L 804 -60.81 31.50 78.42
C TYR L 804 -60.36 31.65 76.96
N PRO L 805 -60.98 30.91 76.04
CA PRO L 805 -60.56 31.02 74.63
C PRO L 805 -61.01 32.34 74.03
N LEU L 806 -60.04 33.09 73.50
CA LEU L 806 -60.31 34.34 72.83
C LEU L 806 -60.45 34.20 71.32
N SER L 807 -60.23 32.99 70.79
CA SER L 807 -60.24 32.77 69.36
C SER L 807 -60.88 31.42 69.07
N GLY L 808 -61.54 31.32 67.93
CA GLY L 808 -62.19 30.09 67.53
C GLY L 808 -63.69 30.19 67.56
N ARG L 809 -64.33 29.02 67.43
CA ARG L 809 -65.78 28.96 67.41
C ARG L 809 -66.37 29.21 68.79
N ASN L 810 -65.64 28.85 69.84
CA ASN L 810 -66.09 29.02 71.22
C ASN L 810 -65.45 30.23 71.88
N ALA L 811 -65.20 31.29 71.10
CA ALA L 811 -64.55 32.47 71.66
C ALA L 811 -65.52 33.24 72.53
N VAL L 812 -65.00 33.78 73.64
CA VAL L 812 -65.85 34.50 74.59
C VAL L 812 -66.16 35.88 74.03
N PRO L 813 -67.38 36.38 74.16
CA PRO L 813 -67.66 37.77 73.79
C PRO L 813 -67.24 38.71 74.91
N ASN L 814 -67.42 40.00 74.66
CA ASN L 814 -67.04 41.10 75.56
C ASN L 814 -65.55 41.05 75.89
N GLN L 815 -64.73 41.16 74.85
CA GLN L 815 -63.28 41.13 74.97
C GLN L 815 -62.78 42.57 74.93
N VAL L 816 -62.48 43.12 76.10
CA VAL L 816 -61.92 44.46 76.14
C VAL L 816 -60.43 44.38 75.77
N THR L 817 -60.00 45.27 74.89
CA THR L 817 -58.62 45.34 74.47
C THR L 817 -57.93 46.54 75.10
N GLU L 818 -56.60 46.44 75.25
CA GLU L 818 -55.83 47.49 75.90
C GLU L 818 -54.38 47.42 75.45
N ARG L 819 -53.78 48.59 75.28
CA ARG L 819 -52.49 48.76 74.62
C ARG L 819 -51.44 49.26 75.59
N LYS L 820 -50.18 49.20 75.15
CA LYS L 820 -49.05 49.75 75.87
C LYS L 820 -47.89 49.89 74.87
N PHE L 821 -46.76 50.37 75.37
CA PHE L 821 -45.56 50.43 74.55
C PHE L 821 -44.34 50.33 75.45
N LEU L 822 -43.22 49.91 74.85
CA LEU L 822 -41.94 49.82 75.56
C LEU L 822 -40.91 50.62 74.79
N VAL L 823 -40.28 51.57 75.46
CA VAL L 823 -39.19 52.36 74.90
C VAL L 823 -37.97 52.13 75.77
N ASP L 824 -36.95 51.49 75.21
CA ASP L 824 -35.72 51.21 75.94
C ASP L 824 -34.58 52.02 75.35
N ARG L 825 -33.60 52.33 76.21
CA ARG L 825 -32.36 53.04 75.86
C ARG L 825 -32.63 54.41 75.24
N TYR L 826 -33.61 55.14 75.77
CA TYR L 826 -34.00 56.39 75.15
C TYR L 826 -34.47 57.39 76.20
N LEU L 827 -34.02 58.64 76.04
CA LEU L 827 -34.44 59.75 76.88
C LEU L 827 -35.49 60.56 76.13
N TRP L 828 -36.59 60.89 76.81
CA TRP L 828 -37.64 61.68 76.17
C TRP L 828 -37.12 63.10 75.96
N GLN L 829 -36.69 63.42 74.76
CA GLN L 829 -36.14 64.74 74.49
C GLN L 829 -37.25 65.72 74.13
N ILE L 830 -37.13 66.93 74.67
CA ILE L 830 -38.02 68.05 74.36
C ILE L 830 -37.14 69.20 73.86
N PRO L 831 -37.14 69.51 72.57
CA PRO L 831 -36.28 70.58 72.09
C PRO L 831 -36.86 71.95 72.43
N PHE L 832 -35.97 72.90 72.71
CA PHE L 832 -36.37 74.27 73.01
C PHE L 832 -36.19 75.09 71.75
N SER L 833 -37.14 74.95 70.84
CA SER L 833 -37.18 75.73 69.62
C SER L 833 -38.63 76.00 69.26
N SER L 834 -38.84 76.89 68.29
CA SER L 834 -40.18 77.39 67.98
C SER L 834 -41.03 76.31 67.33
N ASN L 835 -40.63 75.85 66.15
CA ASN L 835 -41.02 74.52 65.72
C ASN L 835 -40.12 73.51 66.42
N PHE L 836 -40.59 72.29 66.56
CA PHE L 836 -39.92 71.34 67.43
C PHE L 836 -38.84 70.54 66.72
N LEU L 837 -38.25 71.09 65.67
CA LEU L 837 -37.20 70.43 64.92
C LEU L 837 -35.88 71.18 65.07
N ASN L 838 -34.86 70.70 64.35
CA ASN L 838 -33.50 71.16 64.52
C ASN L 838 -33.11 72.02 63.31
N MET L 839 -33.08 73.33 63.50
CA MET L 839 -32.53 74.23 62.52
C MET L 839 -31.10 74.65 62.84
N GLY L 840 -30.66 74.48 64.08
CA GLY L 840 -29.33 74.85 64.47
C GLY L 840 -29.02 74.35 65.86
N THR L 841 -27.73 74.28 66.17
CA THR L 841 -27.30 73.90 67.51
C THR L 841 -27.70 74.97 68.52
N LEU L 842 -27.46 76.23 68.18
CA LEU L 842 -27.91 77.37 68.97
C LEU L 842 -29.29 77.75 68.48
N THR L 843 -30.32 77.35 69.21
CA THR L 843 -31.69 77.40 68.74
C THR L 843 -32.21 78.83 68.67
N ASP L 844 -33.35 79.00 68.01
CA ASP L 844 -33.89 80.34 67.80
C ASP L 844 -34.52 80.93 69.06
N LEU L 845 -35.21 80.12 69.85
CA LEU L 845 -35.70 80.62 71.13
C LEU L 845 -34.60 80.73 72.16
N GLY L 846 -33.51 79.97 72.00
CA GLY L 846 -32.37 80.10 72.91
C GLY L 846 -31.59 81.39 72.73
N GLN L 847 -31.69 82.01 71.56
CA GLN L 847 -30.98 83.27 71.35
C GLN L 847 -31.74 84.44 71.94
N ASN L 848 -33.05 84.37 72.02
CA ASN L 848 -33.82 85.48 72.59
C ASN L 848 -33.91 85.40 74.10
N VAL L 849 -32.80 85.12 74.79
CA VAL L 849 -32.63 85.42 76.20
C VAL L 849 -31.29 86.15 76.30
N MET L 850 -31.30 87.45 76.01
CA MET L 850 -30.14 88.32 76.21
C MET L 850 -30.56 89.70 76.70
N TYR L 851 -31.80 90.08 76.41
CA TYR L 851 -32.20 91.48 76.40
C TYR L 851 -32.65 91.94 77.79
N ALA L 852 -32.08 93.06 78.25
CA ALA L 852 -32.35 93.68 79.56
C ALA L 852 -32.13 92.70 80.71
N ASN L 853 -30.99 91.99 80.64
CA ASN L 853 -30.38 91.11 81.65
C ASN L 853 -31.12 89.78 81.82
N SER L 854 -32.32 89.68 81.25
CA SER L 854 -33.06 88.47 80.88
C SER L 854 -33.05 87.31 81.88
N SER L 855 -33.59 87.51 83.06
CA SER L 855 -33.58 86.46 84.08
C SER L 855 -34.95 85.77 84.10
N HIS L 856 -34.94 84.44 83.97
CA HIS L 856 -36.17 83.65 83.97
C HIS L 856 -36.04 82.50 84.94
N SER L 857 -37.18 82.13 85.54
CA SER L 857 -37.30 80.93 86.35
C SER L 857 -38.29 80.01 85.65
N LEU L 858 -38.35 78.75 86.08
CA LEU L 858 -39.38 77.83 85.59
C LEU L 858 -39.58 76.72 86.60
N ASN L 859 -40.75 76.09 86.56
CA ASN L 859 -41.02 74.86 87.28
C ASN L 859 -41.71 73.86 86.36
N MET L 860 -41.52 72.59 86.65
CA MET L 860 -42.12 71.52 85.87
C MET L 860 -42.78 70.52 86.79
N GLN L 861 -43.96 70.07 86.41
CA GLN L 861 -44.76 69.13 87.20
C GLN L 861 -44.96 67.88 86.37
N PHE L 862 -44.15 66.86 86.61
CA PHE L 862 -44.25 65.60 85.89
C PHE L 862 -45.28 64.72 86.57
N THR L 863 -45.76 63.71 85.85
CA THR L 863 -46.73 62.78 86.40
C THR L 863 -46.37 61.38 85.92
N VAL L 864 -46.00 60.51 86.86
CA VAL L 864 -45.54 59.16 86.52
C VAL L 864 -46.48 58.14 87.14
N ASP L 865 -46.32 56.90 86.70
CA ASP L 865 -47.07 55.80 87.30
C ASP L 865 -46.59 55.56 88.72
N PRO L 866 -47.48 55.19 89.62
CA PRO L 866 -47.04 54.83 90.98
C PRO L 866 -46.37 53.47 91.02
N MET L 867 -45.06 53.45 91.23
CA MET L 867 -44.33 52.20 91.38
C MET L 867 -44.38 51.74 92.84
N THR L 868 -43.59 50.72 93.16
CA THR L 868 -43.60 50.13 94.49
C THR L 868 -42.37 50.46 95.31
N GLU L 869 -41.36 51.08 94.73
CA GLU L 869 -40.12 51.41 95.41
C GLU L 869 -39.64 52.76 94.91
N PRO L 870 -38.90 53.52 95.73
CA PRO L 870 -38.58 54.91 95.34
C PRO L 870 -37.61 54.98 94.17
N THR L 871 -37.86 55.95 93.30
CA THR L 871 -37.09 56.17 92.08
C THR L 871 -36.60 57.61 92.04
N TYR L 872 -35.55 57.84 91.26
CA TYR L 872 -35.09 59.19 90.98
C TYR L 872 -35.82 59.74 89.76
N LEU L 873 -35.30 60.83 89.20
CA LEU L 873 -35.78 61.42 87.97
C LEU L 873 -34.59 62.06 87.27
N MET L 874 -34.03 61.38 86.28
CA MET L 874 -32.86 61.91 85.59
C MET L 874 -33.34 62.99 84.63
N LEU L 875 -33.32 64.24 85.08
CA LEU L 875 -33.70 65.38 84.27
C LEU L 875 -32.42 66.13 83.90
N LEU L 876 -32.11 66.16 82.61
CA LEU L 876 -30.87 66.74 82.11
C LEU L 876 -31.16 67.90 81.18
N PHE L 877 -30.79 69.11 81.61
CA PHE L 877 -31.01 70.30 80.82
C PHE L 877 -29.97 70.42 79.74
N GLY L 878 -30.41 70.58 78.49
CA GLY L 878 -29.49 70.76 77.39
C GLY L 878 -28.75 72.07 77.45
N VAL L 879 -27.47 72.01 77.78
CA VAL L 879 -26.63 73.19 77.91
C VAL L 879 -25.48 73.06 76.92
N PHE L 880 -24.74 74.14 76.73
CA PHE L 880 -23.49 74.02 76.01
C PHE L 880 -22.38 73.72 77.00
N ASP L 881 -21.18 73.45 76.48
CA ASP L 881 -20.04 73.13 77.34
C ASP L 881 -18.79 73.38 76.51
N GLN L 882 -17.94 74.29 76.97
CA GLN L 882 -16.79 74.72 76.19
C GLN L 882 -15.54 74.76 77.07
N VAL L 883 -14.38 74.66 76.42
CA VAL L 883 -13.10 74.93 77.07
C VAL L 883 -12.32 75.95 76.25
N ILE L 885 -8.17 76.35 75.91
CA ILE L 885 -6.88 75.74 76.17
C ILE L 885 -5.78 76.36 75.32
N ASN L 886 -4.75 76.92 75.96
CA ASN L 886 -3.62 77.48 75.23
C ASN L 886 -2.30 77.12 75.90
N GLN L 887 -1.26 76.96 75.08
CA GLN L 887 0.10 76.76 75.55
C GLN L 887 0.93 77.96 75.13
N PRO L 888 0.97 79.03 75.90
CA PRO L 888 1.73 80.22 75.48
C PRO L 888 3.23 80.03 75.61
N THR L 889 3.65 79.16 76.53
CA THR L 889 5.05 78.91 76.83
C THR L 889 5.13 77.43 77.17
N ARG L 890 6.32 76.82 76.97
CA ARG L 890 6.51 75.42 77.30
C ARG L 890 6.28 75.18 78.79
N SER L 891 5.79 73.97 79.10
CA SER L 891 5.40 73.55 80.44
C SER L 891 4.37 74.49 81.05
N GLY L 892 3.43 74.96 80.24
CA GLY L 892 2.39 75.80 80.76
C GLY L 892 1.10 75.77 79.97
N ILE L 893 -0.01 75.47 80.64
CA ILE L 893 -1.35 75.51 80.04
C ILE L 893 -2.26 76.28 80.98
N SER L 894 -2.98 77.26 80.45
CA SER L 894 -4.09 77.87 81.13
C SER L 894 -5.38 77.48 80.42
N VAL L 895 -6.43 77.21 81.21
CA VAL L 895 -7.69 76.79 80.64
C VAL L 895 -8.79 77.72 81.14
N ALA L 896 -9.91 77.70 80.42
CA ALA L 896 -11.06 78.51 80.78
C ALA L 896 -12.30 77.67 80.52
N TYR L 897 -12.95 77.22 81.58
CA TYR L 897 -14.17 76.43 81.45
C TYR L 897 -15.38 77.36 81.43
N LEU L 898 -16.35 77.03 80.59
CA LEU L 898 -17.56 77.82 80.47
C LEU L 898 -18.68 76.92 79.98
N ARG L 899 -19.87 77.17 80.47
CA ARG L 899 -21.05 76.47 79.98
C ARG L 899 -22.26 77.37 80.15
N LEU L 900 -23.15 77.33 79.15
CA LEU L 900 -24.34 78.16 79.16
C LEU L 900 -25.55 77.27 78.91
N PRO L 901 -26.69 77.53 79.58
CA PRO L 901 -27.04 78.60 80.51
C PRO L 901 -26.47 78.49 81.91
N PHE L 902 -26.31 77.26 82.40
CA PHE L 902 -25.97 77.08 83.81
C PHE L 902 -24.50 77.40 84.06
N ALA L 903 -24.18 78.68 84.14
CA ALA L 903 -22.79 79.12 84.24
C ALA L 903 -22.20 78.76 85.60
N SER L 904 -21.03 78.13 85.57
CA SER L 904 -20.31 77.75 86.77
C SER L 904 -19.43 78.92 87.18
N GLY L 905 -20.06 79.99 87.66
CA GLY L 905 -19.35 81.20 88.02
C GLY L 905 -20.07 82.47 87.60
N VAL M 4 5.71 -4.49 -15.84
CA VAL M 4 4.48 -4.82 -15.11
C VAL M 4 3.36 -3.86 -15.47
N GLU M 5 3.64 -2.97 -16.42
CA GLU M 5 2.66 -1.98 -16.85
C GLU M 5 2.53 -1.87 -18.38
N GLU M 6 3.53 -2.33 -19.14
CA GLU M 6 3.49 -2.54 -20.60
C GLU M 6 3.22 -1.24 -21.36
N LEU M 7 4.22 -0.35 -21.29
CA LEU M 7 4.16 0.95 -21.95
C LEU M 7 4.76 0.94 -23.35
N TYR M 8 4.73 -0.19 -24.04
CA TYR M 8 5.18 -0.21 -25.43
C TYR M 8 4.20 0.57 -26.28
N VAL M 9 4.73 1.32 -27.24
CA VAL M 9 3.84 2.15 -28.06
C VAL M 9 3.18 1.29 -29.11
N ILE M 10 2.15 1.83 -29.74
CA ILE M 10 1.33 1.07 -30.66
C ILE M 10 0.96 1.96 -31.84
N ASN M 11 0.96 1.40 -33.02
CA ASN M 11 0.43 2.14 -34.17
C ASN M 11 -0.97 1.66 -34.51
N PRO M 12 -1.82 2.50 -35.09
CA PRO M 12 -3.20 2.07 -35.36
C PRO M 12 -3.26 1.05 -36.48
N ILE M 13 -4.34 0.26 -36.46
CA ILE M 13 -4.55 -0.74 -37.49
C ILE M 13 -4.91 -0.04 -38.80
N ASN M 14 -4.51 -0.64 -39.92
CA ASN M 14 -4.55 0.04 -41.21
C ASN M 14 -5.72 -0.43 -42.06
N GLN M 15 -6.83 -0.85 -41.43
CA GLN M 15 -8.07 -1.30 -42.09
C GLN M 15 -7.82 -2.47 -43.06
N TRP M 16 -6.81 -3.28 -42.75
CA TRP M 16 -6.51 -4.47 -43.51
C TRP M 16 -7.45 -5.60 -43.15
N PRO M 17 -7.61 -6.61 -44.02
CA PRO M 17 -8.10 -7.89 -43.54
C PRO M 17 -7.04 -8.54 -42.66
N ALA M 18 -7.42 -8.88 -41.44
CA ALA M 18 -6.46 -9.38 -40.46
C ALA M 18 -5.98 -10.78 -40.86
N PRO M 19 -4.71 -11.10 -40.59
CA PRO M 19 -4.23 -12.46 -40.86
C PRO M 19 -4.81 -13.47 -39.88
N GLY M 20 -4.75 -14.74 -40.29
CA GLY M 20 -5.40 -15.80 -39.55
C GLY M 20 -4.77 -16.15 -38.22
N SER M 21 -5.46 -15.85 -37.13
CA SER M 21 -5.01 -16.17 -35.79
C SER M 21 -5.81 -17.34 -35.25
N PHE M 22 -5.11 -18.38 -34.79
CA PHE M 22 -5.74 -19.58 -34.28
C PHE M 22 -5.19 -19.89 -32.88
N SER M 23 -6.04 -20.49 -32.05
CA SER M 23 -5.66 -20.84 -30.69
C SER M 23 -5.96 -22.31 -30.41
N SER M 24 -5.56 -23.20 -31.30
CA SER M 24 -5.82 -24.62 -31.13
C SER M 24 -4.78 -25.25 -30.19
N GLN M 25 -4.89 -26.57 -30.04
CA GLN M 25 -4.00 -27.40 -29.21
C GLN M 25 -4.00 -26.96 -27.74
N LYS M 26 -5.17 -26.56 -27.25
CA LYS M 26 -5.28 -26.13 -25.86
C LYS M 26 -5.28 -27.31 -24.89
N PRO M 27 -5.88 -28.47 -25.18
CA PRO M 27 -5.50 -29.68 -24.44
C PRO M 27 -4.34 -30.39 -25.13
N PRO M 28 -3.26 -30.68 -24.41
CA PRO M 28 -2.23 -31.56 -24.96
C PRO M 28 -2.74 -32.98 -25.11
N GLY M 29 -3.29 -33.56 -24.03
CA GLY M 29 -3.95 -34.84 -24.10
C GLY M 29 -5.12 -34.95 -23.12
N THR M 30 -5.47 -33.85 -22.47
CA THR M 30 -6.42 -33.90 -21.37
C THR M 30 -7.86 -33.95 -21.87
N LEU M 31 -8.80 -33.93 -20.93
CA LEU M 31 -10.22 -33.97 -21.22
C LEU M 31 -10.95 -33.14 -20.18
N LEU M 32 -11.46 -31.99 -20.60
CA LEU M 32 -12.13 -31.05 -19.71
C LEU M 32 -13.55 -31.55 -19.38
N PRO M 33 -14.12 -31.08 -18.28
CA PRO M 33 -15.54 -31.35 -18.03
C PRO M 33 -16.43 -30.66 -19.05
N GLY M 34 -17.55 -31.30 -19.36
CA GLY M 34 -18.48 -30.75 -20.32
C GLY M 34 -17.99 -30.82 -21.75
N GLU M 35 -17.10 -31.76 -22.05
CA GLU M 35 -16.58 -31.95 -23.40
C GLU M 35 -16.91 -33.37 -23.84
N ASP M 36 -17.26 -33.52 -25.11
CA ASP M 36 -17.66 -34.82 -25.66
C ASP M 36 -16.49 -35.79 -25.70
N PRO M 37 -16.54 -36.91 -24.98
CA PRO M 37 -15.35 -37.78 -24.91
C PRO M 37 -15.14 -38.64 -26.12
N GLU M 38 -16.13 -38.79 -27.00
CA GLU M 38 -16.00 -39.68 -28.13
C GLU M 38 -15.05 -39.13 -29.19
N ALA M 39 -14.93 -37.81 -29.27
CA ALA M 39 -14.00 -37.20 -30.19
C ALA M 39 -12.59 -37.08 -29.64
N VAL M 40 -12.42 -37.30 -28.33
CA VAL M 40 -11.10 -37.24 -27.72
C VAL M 40 -10.49 -38.63 -27.62
N PHE M 41 -11.30 -39.64 -27.32
CA PHE M 41 -10.83 -41.02 -27.29
C PHE M 41 -10.46 -41.53 -28.68
N LYS M 42 -11.02 -40.94 -29.73
CA LYS M 42 -10.64 -41.32 -31.08
C LYS M 42 -9.25 -40.81 -31.45
N GLN M 43 -8.87 -39.64 -30.92
CA GLN M 43 -7.64 -38.98 -31.36
C GLN M 43 -6.41 -39.46 -30.61
N TYR M 44 -6.49 -39.61 -29.29
CA TYR M 44 -5.31 -39.88 -28.48
C TYR M 44 -5.25 -41.34 -28.06
N HIS M 45 -4.11 -41.72 -27.51
CA HIS M 45 -3.90 -43.04 -26.93
C HIS M 45 -3.97 -43.02 -25.42
N VAL M 46 -3.50 -41.96 -24.78
CA VAL M 46 -3.55 -41.80 -23.33
C VAL M 46 -4.30 -40.52 -23.03
N VAL M 47 -5.39 -40.63 -22.30
CA VAL M 47 -6.27 -39.50 -22.01
C VAL M 47 -6.21 -39.24 -20.50
N TYR M 48 -5.63 -38.10 -20.12
CA TYR M 48 -5.67 -37.67 -18.74
C TYR M 48 -7.02 -37.03 -18.44
N LEU M 49 -7.36 -36.98 -17.17
CA LEU M 49 -8.57 -36.29 -16.73
C LEU M 49 -8.19 -35.20 -15.74
N VAL M 50 -9.09 -34.25 -15.57
CA VAL M 50 -8.85 -33.13 -14.65
C VAL M 50 -8.90 -33.64 -13.22
N PRO M 51 -7.90 -33.34 -12.38
CA PRO M 51 -7.84 -33.91 -11.03
C PRO M 51 -8.95 -33.39 -10.15
N GLY M 52 -9.75 -34.31 -9.61
CA GLY M 52 -10.85 -33.94 -8.75
C GLY M 52 -12.00 -33.27 -9.46
N ALA M 53 -12.25 -33.66 -10.71
CA ALA M 53 -13.31 -33.03 -11.50
C ALA M 53 -14.65 -33.65 -11.16
N GLN M 54 -15.66 -33.35 -11.97
CA GLN M 54 -17.01 -33.88 -11.79
C GLN M 54 -17.62 -34.03 -13.18
N TYR M 55 -17.64 -35.26 -13.68
CA TYR M 55 -18.02 -35.53 -15.06
C TYR M 55 -19.47 -35.98 -15.13
N HIS M 56 -19.93 -36.22 -16.37
CA HIS M 56 -21.25 -36.78 -16.60
C HIS M 56 -21.19 -37.49 -17.95
N TRP M 57 -21.07 -38.81 -17.92
CA TRP M 57 -20.94 -39.59 -19.14
C TRP M 57 -22.12 -40.53 -19.29
N LYS M 58 -22.40 -40.89 -20.54
CA LYS M 58 -23.49 -41.82 -20.85
C LYS M 58 -23.23 -42.39 -22.24
N ASN M 59 -23.06 -43.72 -22.30
CA ASN M 59 -22.93 -44.50 -23.54
C ASN M 59 -21.74 -44.02 -24.37
N ILE M 60 -20.59 -43.91 -23.70
CA ILE M 60 -19.36 -43.48 -24.36
C ILE M 60 -18.82 -44.68 -25.14
N LEU M 61 -18.94 -44.62 -26.47
CA LEU M 61 -18.47 -45.71 -27.32
C LEU M 61 -16.98 -45.60 -27.51
N ILE M 62 -16.25 -46.66 -27.19
CA ILE M 62 -14.80 -46.73 -27.38
C ILE M 62 -14.51 -47.88 -28.32
N GLU M 63 -13.80 -47.59 -29.40
CA GLU M 63 -13.40 -48.60 -30.37
C GLU M 63 -11.91 -48.89 -30.34
N LYS M 64 -11.08 -47.87 -30.28
CA LYS M 64 -9.65 -48.13 -30.18
C LYS M 64 -9.21 -48.16 -28.72
N PRO M 65 -8.26 -49.03 -28.37
CA PRO M 65 -7.84 -49.15 -26.96
C PRO M 65 -7.07 -47.94 -26.49
N VAL M 66 -7.61 -47.27 -25.47
CA VAL M 66 -6.98 -46.09 -24.88
C VAL M 66 -6.76 -46.35 -23.40
N TRP M 67 -5.96 -45.49 -22.78
CA TRP M 67 -5.77 -45.50 -21.34
C TRP M 67 -6.38 -44.25 -20.74
N ILE M 68 -7.07 -44.39 -19.62
CA ILE M 68 -7.75 -43.28 -18.98
C ILE M 68 -7.18 -43.14 -17.58
N TYR M 69 -6.27 -42.19 -17.40
CA TYR M 69 -5.80 -41.82 -16.06
C TYR M 69 -6.82 -40.88 -15.45
N GLY M 70 -7.48 -41.33 -14.38
CA GLY M 70 -8.59 -40.57 -13.85
C GLY M 70 -8.20 -39.43 -12.95
N ASN M 71 -7.10 -39.59 -12.22
CA ASN M 71 -6.56 -38.59 -11.29
C ASN M 71 -7.59 -38.14 -10.25
N GLY M 72 -8.39 -39.06 -9.77
CA GLY M 72 -9.41 -38.74 -8.79
C GLY M 72 -10.66 -38.12 -9.35
N ALA M 73 -10.97 -38.37 -10.61
CA ALA M 73 -12.17 -37.82 -11.20
C ALA M 73 -13.41 -38.54 -10.70
N THR M 74 -14.57 -37.97 -11.01
CA THR M 74 -15.85 -38.53 -10.60
C THR M 74 -16.78 -38.51 -11.79
N VAL M 75 -17.16 -39.69 -12.26
CA VAL M 75 -18.04 -39.82 -13.42
C VAL M 75 -19.40 -40.26 -12.91
N ARG M 76 -20.39 -39.38 -13.06
CA ARG M 76 -21.77 -39.69 -12.76
C ARG M 76 -22.51 -39.97 -14.07
N THR M 77 -23.75 -40.44 -13.94
CA THR M 77 -24.55 -40.76 -15.11
C THR M 77 -26.02 -40.63 -14.77
N SER M 78 -26.84 -40.67 -15.81
CA SER M 78 -28.29 -40.70 -15.69
C SER M 78 -28.84 -41.23 -17.00
N GLY M 79 -29.71 -42.22 -16.93
CA GLY M 79 -30.32 -42.79 -18.11
C GLY M 79 -30.25 -44.29 -18.12
N THR M 80 -30.80 -44.88 -19.18
CA THR M 80 -30.87 -46.33 -19.31
C THR M 80 -29.62 -46.95 -19.91
N GLY M 81 -28.72 -46.13 -20.45
CA GLY M 81 -27.54 -46.66 -21.09
C GLY M 81 -26.44 -46.96 -20.09
N PRO M 82 -25.51 -47.83 -20.47
CA PRO M 82 -24.30 -48.00 -19.67
C PRO M 82 -23.40 -46.80 -19.78
N ILE M 83 -22.50 -46.67 -18.83
CA ILE M 83 -21.34 -45.81 -19.02
C ILE M 83 -20.33 -46.61 -19.84
N LEU M 84 -19.62 -45.93 -20.73
CA LEU M 84 -18.28 -46.33 -21.17
C LEU M 84 -18.29 -47.68 -21.91
N ARG M 85 -19.04 -47.74 -23.00
CA ARG M 85 -19.13 -48.96 -23.79
C ARG M 85 -17.84 -49.20 -24.56
N ILE M 86 -17.22 -50.36 -24.33
CA ILE M 86 -15.95 -50.70 -24.94
C ILE M 86 -16.18 -51.83 -25.93
N VAL M 87 -16.17 -51.51 -27.22
CA VAL M 87 -16.36 -52.47 -28.30
C VAL M 87 -15.04 -52.59 -29.05
N GLY M 88 -14.55 -53.82 -29.20
CA GLY M 88 -13.29 -54.05 -29.85
C GLY M 88 -13.42 -54.89 -31.10
N ASN M 89 -12.27 -55.19 -31.68
CA ASN M 89 -12.12 -56.22 -32.70
C ASN M 89 -11.14 -57.25 -32.19
N ARG M 90 -10.84 -58.22 -33.04
CA ARG M 90 -9.84 -59.21 -32.66
C ARG M 90 -8.42 -58.69 -32.80
N THR M 91 -8.20 -57.69 -33.65
CA THR M 91 -6.86 -57.23 -34.01
C THR M 91 -6.58 -55.90 -33.34
N GLU M 92 -6.12 -55.96 -32.08
CA GLU M 92 -5.64 -54.77 -31.38
C GLU M 92 -4.43 -55.17 -30.57
N LYS M 93 -3.29 -54.53 -30.84
CA LYS M 93 -2.07 -54.84 -30.11
C LYS M 93 -1.96 -54.09 -28.80
N ARG M 94 -2.60 -52.92 -28.70
CA ARG M 94 -2.58 -52.15 -27.48
C ARG M 94 -3.58 -52.71 -26.48
N ASP M 95 -3.58 -52.12 -25.28
CA ASP M 95 -4.44 -52.56 -24.19
C ASP M 95 -5.21 -51.36 -23.63
N VAL M 96 -6.17 -51.67 -22.75
CA VAL M 96 -7.01 -50.67 -22.11
C VAL M 96 -6.68 -50.68 -20.62
N ARG M 97 -6.46 -49.49 -20.04
CA ARG M 97 -6.29 -49.37 -18.60
C ARG M 97 -7.14 -48.22 -18.09
N ILE M 98 -8.20 -48.56 -17.37
CA ILE M 98 -9.08 -47.59 -16.73
C ILE M 98 -8.65 -47.51 -15.27
N GLN M 99 -8.32 -46.31 -14.81
CA GLN M 99 -7.60 -46.17 -13.56
C GLN M 99 -8.03 -44.91 -12.82
N ASP M 100 -8.21 -45.04 -11.51
CA ASP M 100 -8.36 -43.93 -10.55
C ASP M 100 -9.62 -43.10 -10.81
N ILE M 101 -10.73 -43.76 -11.15
CA ILE M 101 -11.98 -43.05 -11.39
C ILE M 101 -13.02 -43.59 -10.42
N SER M 102 -13.89 -42.71 -9.92
CA SER M 102 -14.97 -43.08 -9.02
C SER M 102 -16.29 -43.04 -9.77
N PHE M 103 -16.70 -44.19 -10.32
CA PHE M 103 -17.96 -44.29 -11.03
C PHE M 103 -19.13 -44.32 -10.07
N PHE M 104 -20.09 -43.41 -10.28
CA PHE M 104 -21.31 -43.38 -9.49
C PHE M 104 -22.47 -43.77 -10.38
N GLY M 105 -23.64 -43.99 -9.76
CA GLY M 105 -24.82 -44.39 -10.48
C GLY M 105 -25.95 -43.37 -10.40
N GLU M 106 -27.08 -43.76 -10.97
CA GLU M 106 -28.29 -42.94 -10.91
C GLU M 106 -29.15 -43.35 -9.72
N ASP M 107 -28.52 -43.36 -8.55
CA ASP M 107 -29.14 -43.83 -7.31
C ASP M 107 -28.46 -43.18 -6.13
N CYS M 108 -29.06 -43.37 -4.96
CA CYS M 108 -28.45 -43.06 -3.67
C CYS M 108 -29.17 -43.88 -2.62
N THR M 109 -28.41 -44.73 -1.90
CA THR M 109 -28.90 -45.76 -0.98
C THR M 109 -29.90 -46.63 -1.75
N PRO M 110 -29.41 -47.56 -2.57
CA PRO M 110 -30.19 -48.06 -3.71
C PRO M 110 -31.40 -48.89 -3.30
N ASN M 111 -32.32 -49.01 -4.25
CA ASN M 111 -33.58 -49.71 -4.03
C ASN M 111 -33.31 -51.21 -3.97
N ARG M 112 -33.00 -51.71 -2.79
CA ARG M 112 -32.65 -53.12 -2.65
C ARG M 112 -33.87 -54.02 -2.53
N MET M 113 -35.08 -53.47 -2.49
CA MET M 113 -36.28 -54.28 -2.48
C MET M 113 -36.89 -54.47 -3.86
N GLU M 114 -36.41 -53.73 -4.85
CA GLU M 114 -36.93 -53.86 -6.21
C GLU M 114 -36.39 -55.13 -6.85
N PRO M 115 -37.22 -55.95 -7.46
CA PRO M 115 -36.73 -57.20 -8.05
C PRO M 115 -35.98 -56.96 -9.36
N MET M 116 -35.06 -57.87 -9.65
CA MET M 116 -34.27 -57.80 -10.88
C MET M 116 -35.15 -58.14 -12.08
N SER M 117 -35.02 -57.35 -13.14
CA SER M 117 -35.82 -57.55 -14.33
C SER M 117 -35.03 -57.10 -15.55
N GLU M 118 -35.70 -57.08 -16.70
CA GLU M 118 -35.07 -56.69 -17.95
C GLU M 118 -34.77 -55.19 -18.00
N LYS M 119 -35.49 -54.39 -17.21
CA LYS M 119 -35.30 -52.95 -17.21
C LYS M 119 -33.95 -52.56 -16.63
N LEU M 120 -33.48 -53.30 -15.64
CA LEU M 120 -32.28 -52.94 -14.90
C LEU M 120 -31.01 -53.58 -15.44
N VAL M 121 -31.10 -54.33 -16.55
CA VAL M 121 -29.95 -55.13 -16.97
C VAL M 121 -28.88 -54.27 -17.65
N TYR M 122 -29.23 -53.07 -18.13
CA TYR M 122 -28.28 -52.21 -18.81
C TYR M 122 -27.73 -51.11 -17.92
N GLN M 123 -27.85 -51.26 -16.60
CA GLN M 123 -27.38 -50.27 -15.65
C GLN M 123 -25.97 -50.58 -15.16
N MET M 124 -25.03 -50.82 -16.05
CA MET M 124 -23.65 -51.07 -15.67
C MET M 124 -22.78 -49.86 -16.02
N ALA M 125 -21.51 -49.94 -15.66
CA ALA M 125 -20.59 -48.83 -15.84
C ALA M 125 -19.45 -49.13 -16.80
N ILE M 126 -19.09 -50.40 -16.97
CA ILE M 126 -18.10 -50.83 -17.94
C ILE M 126 -18.62 -52.10 -18.59
N TRP M 127 -18.83 -52.07 -19.90
CA TRP M 127 -19.32 -53.22 -20.63
C TRP M 127 -18.39 -53.45 -21.83
N VAL M 128 -17.43 -54.34 -21.64
CA VAL M 128 -16.45 -54.70 -22.67
C VAL M 128 -17.03 -55.79 -23.56
N THR M 129 -17.11 -55.50 -24.86
CA THR M 129 -17.74 -56.48 -25.76
C THR M 129 -16.78 -57.60 -26.17
N ASP M 130 -15.73 -57.27 -26.91
CA ASP M 130 -14.68 -58.24 -27.19
C ASP M 130 -13.31 -57.57 -27.24
N MET M 131 -13.05 -56.66 -26.31
CA MET M 131 -11.72 -56.04 -26.21
C MET M 131 -10.86 -56.85 -25.25
N LYS M 132 -9.65 -57.18 -25.68
CA LYS M 132 -8.73 -57.96 -24.87
C LYS M 132 -7.84 -57.05 -24.03
N ARG M 133 -7.36 -57.61 -22.92
CA ARG M 133 -6.34 -57.00 -22.05
C ARG M 133 -6.81 -55.67 -21.44
N VAL M 134 -8.03 -55.66 -20.91
CA VAL M 134 -8.48 -54.50 -20.17
C VAL M 134 -7.96 -54.58 -18.74
N THR M 135 -7.95 -53.44 -18.06
CA THR M 135 -7.45 -53.36 -16.69
C THR M 135 -8.24 -52.33 -15.94
N ILE M 136 -8.85 -52.73 -14.83
CA ILE M 136 -9.62 -51.83 -13.98
C ILE M 136 -8.92 -51.80 -12.63
N LYS M 137 -8.30 -50.67 -12.32
CA LYS M 137 -7.32 -50.58 -11.24
C LYS M 137 -7.62 -49.37 -10.39
N GLY M 138 -7.99 -49.60 -9.13
CA GLY M 138 -8.17 -48.52 -8.18
C GLY M 138 -9.40 -47.67 -8.44
N CYS M 139 -10.56 -48.29 -8.58
CA CYS M 139 -11.80 -47.58 -8.85
C CYS M 139 -12.78 -47.74 -7.70
N ASN M 140 -13.86 -46.98 -7.77
CA ASN M 140 -14.88 -46.97 -6.73
C ASN M 140 -16.24 -46.97 -7.41
N PHE M 141 -16.97 -48.09 -7.34
CA PHE M 141 -18.24 -48.23 -8.03
C PHE M 141 -19.34 -48.23 -6.97
N THR M 142 -20.24 -47.25 -7.03
CA THR M 142 -21.32 -47.16 -6.06
C THR M 142 -22.67 -47.18 -6.76
N ASN M 143 -23.64 -47.86 -6.14
CA ASN M 143 -25.08 -47.64 -6.36
C ASN M 143 -25.51 -47.97 -7.80
N PHE M 144 -25.26 -49.21 -8.22
CA PHE M 144 -25.64 -49.67 -9.55
C PHE M 144 -26.78 -50.65 -9.44
N ALA M 145 -27.88 -50.37 -10.16
CA ALA M 145 -29.03 -51.26 -10.11
C ALA M 145 -28.81 -52.53 -10.89
N GLY M 146 -27.89 -52.54 -11.86
CA GLY M 146 -27.56 -53.74 -12.58
C GLY M 146 -26.21 -54.27 -12.18
N ALA M 147 -25.39 -54.64 -13.16
CA ALA M 147 -24.04 -55.07 -12.85
C ALA M 147 -23.14 -53.85 -12.60
N ALA M 148 -21.91 -54.13 -12.18
CA ALA M 148 -20.88 -53.10 -12.09
C ALA M 148 -19.99 -53.12 -13.32
N VAL M 149 -19.41 -54.27 -13.63
CA VAL M 149 -18.77 -54.53 -14.91
C VAL M 149 -19.43 -55.76 -15.51
N PHE M 150 -19.25 -55.91 -16.83
CA PHE M 150 -19.74 -57.10 -17.51
C PHE M 150 -18.83 -57.35 -18.71
N PHE M 151 -18.09 -58.46 -18.66
CA PHE M 151 -17.12 -58.82 -19.69
C PHE M 151 -17.74 -59.86 -20.61
N GLU M 152 -18.36 -59.38 -21.68
CA GLU M 152 -18.89 -60.25 -22.72
C GLU M 152 -17.72 -60.79 -23.54
N GLU M 153 -17.98 -61.87 -24.29
CA GLU M 153 -17.03 -62.35 -25.28
C GLU M 153 -17.78 -63.14 -26.33
N THR M 154 -17.53 -62.84 -27.60
CA THR M 154 -18.16 -63.56 -28.70
C THR M 154 -17.43 -64.87 -28.95
N ALA M 155 -17.89 -65.60 -29.97
CA ALA M 155 -17.38 -66.94 -30.25
C ALA M 155 -16.02 -66.86 -30.93
N TYR M 156 -14.98 -67.30 -30.24
CA TYR M 156 -13.64 -67.39 -30.78
C TYR M 156 -13.24 -68.85 -30.93
N ASN M 157 -12.22 -69.09 -31.74
CA ASN M 157 -11.77 -70.45 -32.04
C ASN M 157 -10.26 -70.52 -32.02
N GLY M 158 -9.75 -71.75 -32.00
CA GLY M 158 -8.33 -71.98 -32.12
C GLY M 158 -7.55 -71.97 -30.83
N PHE M 159 -8.22 -72.23 -29.70
CA PHE M 159 -7.62 -72.26 -28.36
C PHE M 159 -6.91 -70.94 -28.04
N PHE M 160 -7.51 -69.83 -28.45
CA PHE M 160 -6.93 -68.52 -28.22
C PHE M 160 -7.55 -67.93 -26.95
N TRP M 161 -7.07 -68.44 -25.82
CA TRP M 161 -7.73 -68.22 -24.54
C TRP M 161 -7.31 -66.90 -23.90
N SER M 162 -6.63 -66.02 -24.64
CA SER M 162 -5.69 -65.05 -24.08
C SER M 162 -6.35 -64.03 -23.16
N MET M 163 -7.03 -63.02 -23.72
CA MET M 163 -7.98 -62.05 -23.10
C MET M 163 -7.67 -61.72 -21.63
N GLN M 164 -6.41 -61.44 -21.34
CA GLN M 164 -5.95 -61.39 -19.96
C GLN M 164 -6.35 -60.08 -19.28
N HIS M 165 -7.43 -60.16 -18.50
CA HIS M 165 -7.99 -59.00 -17.83
C HIS M 165 -7.56 -58.97 -16.37
N LEU M 166 -7.51 -57.77 -15.81
CA LEU M 166 -7.24 -57.58 -14.38
C LEU M 166 -8.27 -56.64 -13.79
N ILE M 167 -8.83 -57.01 -12.65
CA ILE M 167 -9.74 -56.15 -11.90
C ILE M 167 -9.22 -56.17 -10.47
N THR M 168 -8.48 -55.14 -10.07
CA THR M 168 -7.86 -55.13 -8.77
C THR M 168 -8.13 -53.81 -8.05
N GLU M 169 -8.09 -53.88 -6.72
CA GLU M 169 -8.07 -52.72 -5.82
C GLU M 169 -9.32 -51.86 -5.94
N CYS M 170 -10.46 -52.47 -6.20
CA CYS M 170 -11.70 -51.73 -6.38
C CYS M 170 -12.58 -51.82 -5.15
N ARG M 171 -13.53 -50.89 -5.06
CA ARG M 171 -14.46 -50.80 -3.94
C ARG M 171 -15.86 -50.76 -4.49
N PHE M 172 -16.67 -51.76 -4.17
CA PHE M 172 -18.03 -51.88 -4.71
C PHE M 172 -18.99 -51.72 -3.54
N THR M 173 -19.84 -50.71 -3.59
CA THR M 173 -20.85 -50.47 -2.55
C THR M 173 -22.22 -50.35 -3.19
N GLY M 174 -23.17 -51.15 -2.71
CA GLY M 174 -24.55 -51.01 -3.11
C GLY M 174 -24.90 -51.52 -4.49
N CYS M 175 -23.95 -52.05 -5.23
CA CYS M 175 -24.25 -52.61 -6.54
C CYS M 175 -25.03 -53.90 -6.38
N ARG M 176 -26.03 -54.10 -7.25
CA ARG M 176 -26.82 -55.32 -7.17
C ARG M 176 -26.00 -56.53 -7.59
N ILE M 177 -25.25 -56.39 -8.68
CA ILE M 177 -24.33 -57.42 -9.14
C ILE M 177 -22.95 -56.78 -9.26
N GLY M 178 -21.93 -57.45 -8.72
CA GLY M 178 -20.59 -56.92 -8.76
C GLY M 178 -19.92 -57.23 -10.08
N ILE M 179 -18.79 -57.92 -10.05
CA ILE M 179 -18.13 -58.31 -11.30
C ILE M 179 -18.97 -59.38 -11.98
N ALA M 180 -19.63 -59.01 -13.07
CA ALA M 180 -20.29 -59.97 -13.94
C ALA M 180 -19.38 -60.26 -15.12
N ASN M 181 -19.56 -61.44 -15.70
CA ASN M 181 -18.78 -61.86 -16.86
C ASN M 181 -19.60 -62.77 -17.74
N GLY M 182 -19.48 -62.59 -19.05
CA GLY M 182 -20.19 -63.41 -20.00
C GLY M 182 -19.53 -64.75 -20.17
N GLY M 183 -20.13 -65.56 -21.05
CA GLY M 183 -19.52 -66.81 -21.43
C GLY M 183 -18.26 -66.59 -22.25
N ARG M 184 -17.39 -67.59 -22.21
CA ARG M 184 -16.11 -67.64 -22.91
C ARG M 184 -15.18 -66.49 -22.55
N SER M 185 -15.35 -65.89 -21.37
CA SER M 185 -14.47 -64.83 -20.90
C SER M 185 -13.47 -65.47 -19.94
N GLU M 186 -12.51 -66.16 -20.52
CA GLU M 186 -11.70 -67.15 -19.81
C GLU M 186 -10.35 -66.56 -19.42
N TYR M 187 -9.81 -67.08 -18.31
CA TYR M 187 -8.42 -66.89 -17.87
C TYR M 187 -8.09 -65.41 -17.62
N SER M 188 -8.73 -64.86 -16.60
CA SER M 188 -8.44 -63.53 -16.12
C SER M 188 -8.53 -63.52 -14.61
N THR M 189 -8.00 -62.47 -14.00
CA THR M 189 -7.98 -62.40 -12.54
C THR M 189 -8.83 -61.24 -12.04
N ALA M 190 -9.33 -61.39 -10.82
CA ALA M 190 -10.15 -60.36 -10.18
C ALA M 190 -9.94 -60.53 -8.69
N SER M 191 -9.04 -59.75 -8.10
CA SER M 191 -8.64 -59.96 -6.73
C SER M 191 -8.55 -58.63 -6.00
N PHE M 192 -8.66 -58.72 -4.67
CA PHE M 192 -8.55 -57.60 -3.74
C PHE M 192 -9.56 -56.51 -4.04
N ASN M 193 -10.78 -56.92 -4.36
CA ASN M 193 -11.89 -56.00 -4.53
C ASN M 193 -12.76 -56.09 -3.30
N ASN M 194 -12.91 -54.97 -2.59
CA ASN M 194 -13.56 -54.98 -1.28
C ASN M 194 -15.04 -54.70 -1.49
N PHE M 195 -15.82 -55.78 -1.53
CA PHE M 195 -17.26 -55.68 -1.71
C PHE M 195 -17.92 -55.21 -0.42
N PHE M 196 -19.07 -54.55 -0.55
CA PHE M 196 -19.87 -54.15 0.59
C PHE M 196 -21.29 -53.89 0.12
N ASP M 197 -22.27 -54.47 0.84
CA ASP M 197 -23.70 -54.22 0.64
C ASP M 197 -24.15 -54.56 -0.78
N CYS M 198 -23.64 -55.67 -1.31
CA CYS M 198 -24.00 -56.12 -2.64
C CYS M 198 -24.87 -57.36 -2.56
N GLN M 199 -25.72 -57.55 -3.56
CA GLN M 199 -26.54 -58.75 -3.53
C GLN M 199 -25.76 -59.95 -4.05
N ILE M 200 -25.07 -59.81 -5.18
CA ILE M 200 -24.23 -60.85 -5.75
C ILE M 200 -22.89 -60.23 -6.10
N CYS M 201 -21.81 -60.80 -5.55
CA CYS M 201 -20.49 -60.26 -5.84
C CYS M 201 -19.96 -60.74 -7.17
N PHE M 202 -20.26 -61.98 -7.55
CA PHE M 202 -19.76 -62.56 -8.80
C PHE M 202 -20.89 -63.34 -9.48
N ASN M 203 -21.38 -62.80 -10.60
CA ASN M 203 -22.35 -63.52 -11.43
C ASN M 203 -21.56 -64.31 -12.48
N VAL M 204 -21.05 -65.45 -12.05
CA VAL M 204 -20.05 -66.18 -12.82
C VAL M 204 -20.72 -66.98 -13.93
N VAL M 205 -20.37 -66.64 -15.17
CA VAL M 205 -20.70 -67.47 -16.34
C VAL M 205 -19.41 -68.04 -16.96
N GLY M 206 -18.46 -67.20 -17.29
CA GLY M 206 -17.20 -67.69 -17.80
C GLY M 206 -16.35 -68.27 -16.69
N GLY M 207 -15.60 -69.32 -17.04
CA GLY M 207 -14.80 -70.04 -16.07
C GLY M 207 -13.33 -69.66 -16.13
N ASN M 208 -12.53 -70.47 -15.41
CA ASN M 208 -11.06 -70.37 -15.36
C ASN M 208 -10.57 -69.00 -14.85
N TRP M 209 -11.37 -68.33 -14.03
CA TRP M 209 -10.95 -67.08 -13.42
C TRP M 209 -10.07 -67.35 -12.21
N ASN M 210 -9.64 -66.28 -11.54
CA ASN M 210 -8.78 -66.43 -10.37
C ASN M 210 -9.13 -65.30 -9.41
N ARG M 211 -9.63 -65.66 -8.24
CA ARG M 211 -10.12 -64.70 -7.25
C ARG M 211 -9.34 -64.94 -5.96
N CYS M 212 -8.42 -64.03 -5.63
CA CYS M 212 -7.32 -64.33 -4.71
C CYS M 212 -7.16 -63.20 -3.68
N GLY M 213 -8.24 -62.88 -2.97
CA GLY M 213 -8.09 -61.86 -1.94
C GLY M 213 -9.27 -60.95 -1.72
N ASN M 214 -10.36 -61.19 -2.44
CA ASN M 214 -11.55 -60.35 -2.35
C ASN M 214 -12.21 -60.45 -0.99
N ILE M 215 -12.75 -59.34 -0.51
CA ILE M 215 -13.48 -59.28 0.75
C ILE M 215 -14.93 -58.93 0.45
N ALA M 216 -15.86 -59.73 0.96
CA ALA M 216 -17.29 -59.52 0.75
C ALA M 216 -17.97 -59.44 2.11
N ALA M 217 -18.08 -58.23 2.64
CA ALA M 217 -18.76 -58.00 3.91
C ALA M 217 -20.18 -57.52 3.66
N ASN M 218 -21.12 -58.08 4.41
CA ASN M 218 -22.54 -57.74 4.37
C ASN M 218 -23.13 -57.91 2.97
N CYS M 219 -22.77 -59.00 2.31
CA CYS M 219 -23.28 -59.32 0.99
C CYS M 219 -24.08 -60.60 1.03
N ARG M 220 -25.19 -60.64 0.28
CA ARG M 220 -26.07 -61.80 0.32
C ARG M 220 -25.43 -63.00 -0.37
N CYS M 221 -25.01 -62.83 -1.62
CA CYS M 221 -24.37 -63.88 -2.38
C CYS M 221 -23.01 -63.41 -2.84
N VAL M 222 -22.09 -64.36 -2.98
CA VAL M 222 -20.74 -64.09 -3.46
C VAL M 222 -20.47 -64.82 -4.76
N TYR M 223 -20.80 -66.11 -4.82
CA TYR M 223 -20.57 -66.93 -6.00
C TYR M 223 -21.90 -67.50 -6.47
N LEU M 224 -22.42 -66.97 -7.56
CA LEU M 224 -23.64 -67.47 -8.18
C LEU M 224 -23.28 -68.22 -9.44
N HIS M 225 -23.79 -69.45 -9.57
CA HIS M 225 -23.69 -70.16 -10.85
C HIS M 225 -24.86 -71.12 -10.98
N THR M 226 -25.77 -70.80 -11.89
CA THR M 226 -26.95 -71.62 -12.18
C THR M 226 -26.98 -71.92 -13.66
N THR M 227 -28.11 -72.38 -14.15
CA THR M 227 -28.41 -72.35 -15.57
C THR M 227 -29.33 -71.18 -15.86
N ASN M 228 -29.04 -70.45 -16.95
CA ASN M 228 -29.79 -69.31 -17.45
C ASN M 228 -29.86 -68.18 -16.41
N MET M 229 -28.69 -67.60 -16.11
CA MET M 229 -28.64 -66.40 -15.31
C MET M 229 -28.98 -65.17 -16.13
N TRP M 230 -28.86 -64.02 -15.46
CA TRP M 230 -28.67 -62.77 -16.17
C TRP M 230 -27.21 -62.64 -16.59
N TYR M 231 -26.96 -61.73 -17.52
CA TYR M 231 -25.62 -61.33 -17.96
C TYR M 231 -24.82 -62.51 -18.52
N GLU M 232 -25.32 -63.06 -19.63
CA GLU M 232 -24.59 -64.08 -20.37
C GLU M 232 -24.00 -63.55 -21.67
N GLY M 233 -24.74 -62.70 -22.37
CA GLY M 233 -24.26 -62.13 -23.61
C GLY M 233 -24.27 -63.13 -24.75
N ALA M 234 -23.73 -62.68 -25.88
CA ALA M 234 -23.54 -63.56 -27.02
C ALA M 234 -22.45 -64.57 -26.71
N GLY M 235 -22.65 -65.81 -27.14
CA GLY M 235 -21.75 -66.88 -26.73
C GLY M 235 -21.94 -67.18 -25.26
N GLY M 236 -23.07 -67.78 -24.91
CA GLY M 236 -23.50 -67.83 -23.52
C GLY M 236 -22.85 -68.90 -22.66
N ASN M 237 -23.70 -69.65 -21.94
CA ASN M 237 -23.25 -70.54 -20.88
C ASN M 237 -22.58 -71.77 -21.50
N PHE M 238 -21.26 -71.65 -21.71
CA PHE M 238 -20.47 -72.70 -22.34
C PHE M 238 -19.10 -72.75 -21.70
N ASN M 239 -18.67 -73.97 -21.32
CA ASN M 239 -17.38 -74.25 -20.66
C ASN M 239 -17.21 -73.39 -19.41
N ALA M 240 -18.09 -73.65 -18.44
CA ALA M 240 -18.35 -72.71 -17.37
C ALA M 240 -17.80 -73.21 -16.03
N ALA M 241 -17.52 -72.24 -15.15
CA ALA M 241 -17.27 -72.44 -13.72
C ALA M 241 -16.07 -73.37 -13.46
N HIS M 242 -14.89 -72.90 -13.87
CA HIS M 242 -13.67 -73.65 -13.69
C HIS M 242 -12.62 -72.88 -12.90
N GLY M 243 -13.00 -71.77 -12.28
CA GLY M 243 -12.04 -70.83 -11.76
C GLY M 243 -11.39 -71.28 -10.46
N SER M 244 -10.61 -70.36 -9.90
CA SER M 244 -10.03 -70.51 -8.58
C SER M 244 -10.74 -69.56 -7.62
N PHE M 245 -10.73 -69.92 -6.34
CA PHE M 245 -11.35 -69.06 -5.33
C PHE M 245 -10.57 -69.28 -4.03
N THR M 246 -9.57 -68.43 -3.81
CA THR M 246 -8.54 -68.68 -2.81
C THR M 246 -8.40 -67.50 -1.87
N GLY M 247 -8.52 -67.74 -0.57
CA GLY M 247 -8.18 -66.75 0.42
C GLY M 247 -9.11 -65.56 0.50
N ASN M 248 -10.37 -65.75 0.17
CA ASN M 248 -11.33 -64.65 0.16
C ASN M 248 -12.06 -64.56 1.49
N THR M 249 -12.96 -63.59 1.57
CA THR M 249 -13.69 -63.30 2.80
C THR M 249 -15.15 -63.04 2.46
N MET M 250 -16.04 -63.84 3.03
CA MET M 250 -17.47 -63.73 2.78
C MET M 250 -18.26 -63.78 4.08
N ASN M 251 -17.85 -62.96 5.04
CA ASN M 251 -18.53 -62.94 6.33
C ASN M 251 -19.87 -62.22 6.24
N HIS M 252 -20.80 -62.66 7.10
CA HIS M 252 -22.13 -62.08 7.28
C HIS M 252 -22.95 -62.09 5.99
N CYS M 253 -23.25 -63.30 5.51
CA CYS M 253 -24.08 -63.48 4.33
C CYS M 253 -25.53 -63.85 4.68
N ASP M 254 -25.77 -64.45 5.84
CA ASP M 254 -27.11 -64.83 6.22
C ASP M 254 -27.58 -64.17 7.51
N TYR M 255 -26.68 -63.99 8.47
CA TYR M 255 -27.02 -63.39 9.75
C TYR M 255 -26.08 -62.23 10.02
N GLY M 256 -26.56 -61.24 10.75
CA GLY M 256 -25.73 -60.11 11.11
C GLY M 256 -26.18 -58.81 10.48
N GLY M 257 -25.38 -58.29 9.55
CA GLY M 257 -25.71 -57.01 8.95
C GLY M 257 -26.04 -57.09 7.48
N ASN M 258 -26.77 -58.12 7.09
CA ASN M 258 -27.16 -58.30 5.70
C ASN M 258 -28.52 -57.64 5.46
N LEU M 259 -28.68 -57.04 4.29
CA LEU M 259 -29.83 -56.21 4.00
C LEU M 259 -30.59 -56.59 2.74
N TRP M 260 -30.00 -57.34 1.83
CA TRP M 260 -30.67 -57.72 0.60
C TRP M 260 -31.60 -58.91 0.85
N PRO M 261 -32.69 -59.02 0.11
CA PRO M 261 -33.57 -60.19 0.24
C PRO M 261 -32.94 -61.43 -0.36
N THR M 262 -33.62 -62.56 -0.15
CA THR M 262 -33.08 -63.85 -0.56
C THR M 262 -33.49 -64.23 -1.98
N ALA M 263 -34.66 -63.81 -2.43
CA ALA M 263 -35.10 -64.11 -3.79
C ALA M 263 -34.34 -63.23 -4.78
N PHE M 264 -34.13 -63.74 -5.99
CA PHE M 264 -33.36 -63.00 -6.98
C PHE M 264 -34.07 -62.79 -8.32
N GLN M 265 -35.00 -63.67 -8.70
CA GLN M 265 -35.79 -63.58 -9.93
C GLN M 265 -34.90 -63.58 -11.18
N LEU M 266 -34.33 -64.76 -11.43
CA LEU M 266 -33.68 -65.10 -12.70
C LEU M 266 -34.66 -64.94 -13.88
N PRO M 267 -34.16 -64.87 -15.13
CA PRO M 267 -35.07 -64.76 -16.28
C PRO M 267 -35.99 -65.95 -16.48
N ASP M 268 -35.66 -67.12 -15.93
CA ASP M 268 -36.51 -68.30 -16.06
C ASP M 268 -37.34 -68.57 -14.81
N ARG M 269 -36.79 -68.31 -13.63
CA ARG M 269 -37.42 -68.73 -12.39
C ARG M 269 -36.95 -67.79 -11.27
N GLU M 270 -37.32 -68.13 -10.04
CA GLU M 270 -36.79 -67.45 -8.86
C GLU M 270 -36.10 -68.48 -7.98
N ILE M 271 -35.03 -68.05 -7.30
CA ILE M 271 -34.20 -68.93 -6.50
C ILE M 271 -33.86 -68.25 -5.18
N GLN M 272 -33.52 -69.06 -4.19
CA GLN M 272 -33.13 -68.59 -2.87
C GLN M 272 -31.62 -68.47 -2.82
N LEU M 273 -31.12 -67.25 -2.63
CA LEU M 273 -29.68 -67.02 -2.65
C LEU M 273 -29.02 -67.57 -1.39
N ALA M 274 -27.73 -67.88 -1.51
CA ALA M 274 -26.88 -68.26 -0.41
C ALA M 274 -25.53 -67.61 -0.62
N GLY M 275 -24.61 -67.79 0.34
CA GLY M 275 -23.27 -67.24 0.18
C GLY M 275 -22.45 -67.96 -0.87
N PHE M 276 -22.83 -69.18 -1.24
CA PHE M 276 -22.18 -69.93 -2.31
C PHE M 276 -23.26 -70.79 -2.96
N TYR M 277 -23.86 -70.28 -4.04
CA TYR M 277 -24.97 -70.95 -4.70
C TYR M 277 -24.46 -71.53 -6.02
N PHE M 278 -24.65 -72.83 -6.21
CA PHE M 278 -24.09 -73.51 -7.37
C PHE M 278 -25.05 -74.61 -7.81
N ASP M 279 -25.54 -74.51 -9.05
CA ASP M 279 -26.46 -75.50 -9.59
C ASP M 279 -26.28 -75.56 -11.11
N ASN M 280 -25.41 -76.47 -11.55
CA ASN M 280 -25.22 -76.67 -12.99
C ASN M 280 -24.68 -78.07 -13.20
N ALA M 281 -25.45 -78.91 -13.90
CA ALA M 281 -25.07 -80.30 -14.12
C ALA M 281 -23.93 -80.46 -15.11
N ARG M 282 -23.60 -79.43 -15.88
CA ARG M 282 -22.56 -79.53 -16.89
C ARG M 282 -21.25 -78.91 -16.47
N ALA M 283 -21.21 -78.20 -15.34
CA ALA M 283 -20.02 -77.48 -14.91
C ALA M 283 -19.41 -78.13 -13.68
N ARG M 284 -18.10 -77.98 -13.53
CA ARG M 284 -17.38 -78.52 -12.41
C ARG M 284 -17.24 -77.46 -11.33
N CYS M 285 -16.54 -77.79 -10.25
CA CYS M 285 -16.51 -76.89 -9.12
C CYS M 285 -15.16 -76.19 -9.01
N PRO M 286 -15.12 -74.94 -8.54
CA PRO M 286 -13.85 -74.24 -8.38
C PRO M 286 -13.07 -74.75 -7.18
N THR M 287 -11.78 -74.41 -7.16
CA THR M 287 -10.96 -74.71 -6.00
C THR M 287 -11.35 -73.78 -4.86
N TRP M 288 -11.24 -74.30 -3.64
CA TRP M 288 -11.83 -73.65 -2.47
C TRP M 288 -10.85 -73.74 -1.31
N THR M 289 -9.97 -72.74 -1.17
CA THR M 289 -8.97 -72.73 -0.12
C THR M 289 -8.94 -71.39 0.59
N GLY M 290 -8.69 -71.43 1.90
CA GLY M 290 -8.38 -70.25 2.68
C GLY M 290 -9.49 -69.24 2.86
N ASN M 291 -10.73 -69.61 2.56
CA ASN M 291 -11.84 -68.67 2.62
C ASN M 291 -12.39 -68.59 4.03
N THR M 292 -12.74 -67.38 4.46
CA THR M 292 -13.37 -67.19 5.75
C THR M 292 -14.88 -67.04 5.55
N GLN M 293 -15.65 -67.82 6.29
CA GLN M 293 -17.11 -67.67 6.32
C GLN M 293 -17.54 -67.46 7.75
N TYR M 294 -18.12 -66.30 8.03
CA TYR M 294 -18.91 -66.10 9.24
C TYR M 294 -20.35 -65.93 8.81
N TYR M 295 -21.20 -66.88 9.20
CA TYR M 295 -22.64 -66.86 8.96
C TYR M 295 -22.97 -66.84 7.48
N GLY M 296 -22.14 -67.51 6.68
CA GLY M 296 -22.34 -67.56 5.25
C GLY M 296 -22.79 -68.92 4.77
N ASP M 297 -23.96 -68.97 4.13
CA ASP M 297 -24.53 -70.22 3.67
C ASP M 297 -23.76 -70.77 2.48
N MET M 298 -23.93 -72.07 2.23
CA MET M 298 -23.42 -72.72 1.03
C MET M 298 -24.46 -73.69 0.51
N LYS M 299 -24.76 -73.64 -0.78
CA LYS M 299 -25.72 -74.54 -1.40
C LYS M 299 -25.05 -75.23 -2.58
N ILE M 300 -24.66 -76.49 -2.38
CA ILE M 300 -24.11 -77.33 -3.43
C ILE M 300 -25.26 -78.17 -3.97
N LEU M 301 -25.81 -77.74 -5.10
CA LEU M 301 -27.01 -78.42 -5.61
C LEU M 301 -26.67 -79.47 -6.66
N ASN M 302 -25.89 -79.11 -7.67
CA ASN M 302 -25.61 -80.04 -8.76
C ASN M 302 -24.33 -79.64 -9.48
N PHE M 303 -23.45 -80.61 -9.69
CA PHE M 303 -22.29 -80.46 -10.56
C PHE M 303 -22.10 -81.74 -11.36
N ASN M 304 -20.90 -81.90 -11.93
CA ASN M 304 -20.62 -82.99 -12.85
C ASN M 304 -19.96 -84.17 -12.13
N GLN M 305 -20.74 -84.89 -11.32
CA GLN M 305 -20.20 -86.04 -10.62
C GLN M 305 -20.56 -87.35 -11.32
N ALA M 306 -21.03 -87.26 -12.58
CA ALA M 306 -21.75 -88.30 -13.33
C ALA M 306 -20.91 -89.59 -13.44
N ASN M 307 -19.66 -89.53 -13.87
CA ASN M 307 -18.85 -90.73 -14.01
C ASN M 307 -17.60 -90.61 -13.14
N ASP M 308 -17.83 -90.19 -11.89
CA ASP M 308 -16.80 -89.84 -10.91
C ASP M 308 -15.87 -88.78 -11.48
N ALA M 309 -16.46 -87.71 -12.03
CA ALA M 309 -15.73 -86.72 -12.78
C ALA M 309 -15.38 -85.47 -11.97
N ALA M 310 -16.03 -85.25 -10.84
CA ALA M 310 -15.73 -84.08 -10.03
C ALA M 310 -16.06 -84.39 -8.57
N ILE M 311 -15.25 -83.87 -7.67
CA ILE M 311 -15.45 -83.98 -6.24
C ILE M 311 -15.23 -82.59 -5.64
N PHE M 312 -16.20 -82.10 -4.89
CA PHE M 312 -16.12 -80.77 -4.28
C PHE M 312 -15.47 -80.90 -2.92
N VAL M 313 -14.32 -80.24 -2.73
CA VAL M 313 -13.53 -80.35 -1.52
C VAL M 313 -13.33 -78.97 -0.92
N ILE M 314 -13.77 -78.78 0.31
CA ILE M 314 -13.48 -77.57 1.08
C ILE M 314 -12.21 -77.81 1.89
N ASP M 315 -11.24 -76.93 1.73
CA ASP M 315 -9.92 -77.10 2.33
C ASP M 315 -9.48 -75.81 3.01
N GLY M 316 -9.11 -75.90 4.28
CA GLY M 316 -8.52 -74.78 4.99
C GLY M 316 -9.41 -73.59 5.19
N CYS M 317 -10.70 -73.80 5.41
CA CYS M 317 -11.66 -72.71 5.47
C CYS M 317 -12.37 -72.65 6.82
N ALA M 318 -12.95 -71.49 7.11
CA ALA M 318 -13.72 -71.27 8.31
C ALA M 318 -15.20 -71.40 8.00
N LEU M 319 -15.97 -71.95 8.94
CA LEU M 319 -17.40 -72.12 8.72
C LEU M 319 -18.25 -71.30 9.70
N TYR M 320 -18.13 -71.56 11.01
CA TYR M 320 -18.56 -70.70 12.13
C TYR M 320 -19.97 -70.14 12.01
N GLY M 321 -20.95 -71.04 11.99
CA GLY M 321 -22.31 -70.56 12.19
C GLY M 321 -23.04 -71.24 13.33
N GLN M 322 -23.21 -70.54 14.44
CA GLN M 322 -23.90 -71.13 15.59
C GLN M 322 -25.43 -71.04 15.58
N PRO M 323 -26.08 -69.82 15.46
CA PRO M 323 -27.51 -69.75 15.80
C PRO M 323 -28.44 -70.39 14.77
N GLY M 324 -28.98 -71.55 15.11
CA GLY M 324 -29.96 -72.18 14.23
C GLY M 324 -29.31 -72.75 12.99
N ASP M 325 -29.73 -72.25 11.83
CA ASP M 325 -29.24 -72.71 10.54
C ASP M 325 -28.52 -71.61 9.78
N THR M 326 -28.03 -70.60 10.48
CA THR M 326 -27.30 -69.52 9.84
C THR M 326 -25.87 -69.98 9.53
N GLY M 327 -25.43 -69.72 8.31
CA GLY M 327 -24.14 -70.18 7.85
C GLY M 327 -24.08 -71.65 7.48
N SER M 328 -25.23 -72.30 7.36
CA SER M 328 -25.28 -73.74 7.15
C SER M 328 -24.87 -74.11 5.74
N ILE M 329 -24.35 -75.32 5.59
CA ILE M 329 -23.93 -75.87 4.31
C ILE M 329 -24.99 -76.88 3.86
N GLU M 330 -25.56 -76.65 2.68
CA GLU M 330 -26.63 -77.47 2.16
C GLU M 330 -26.17 -78.20 0.92
N THR M 331 -26.33 -79.51 0.90
CA THR M 331 -26.05 -80.33 -0.27
C THR M 331 -27.27 -81.16 -0.61
N THR M 332 -27.34 -81.57 -1.87
CA THR M 332 -28.39 -82.47 -2.32
C THR M 332 -28.07 -83.88 -1.83
N ALA M 333 -29.11 -84.64 -1.47
CA ALA M 333 -28.93 -86.00 -0.95
C ALA M 333 -28.33 -86.95 -1.96
N ALA M 334 -28.41 -86.65 -3.26
CA ALA M 334 -27.72 -87.43 -4.27
C ALA M 334 -26.26 -87.02 -4.44
N LEU M 335 -25.78 -86.05 -3.67
CA LEU M 335 -24.42 -85.54 -3.80
C LEU M 335 -23.64 -85.68 -2.51
N THR M 336 -24.05 -86.60 -1.63
CA THR M 336 -23.39 -86.73 -0.34
C THR M 336 -22.01 -87.36 -0.46
N ASP M 337 -21.82 -88.22 -1.46
CA ASP M 337 -20.56 -88.94 -1.61
C ASP M 337 -19.47 -88.12 -2.27
N LYS M 338 -19.79 -86.92 -2.75
CA LYS M 338 -18.85 -86.14 -3.54
C LYS M 338 -18.49 -84.80 -2.90
N VAL M 339 -19.11 -84.44 -1.78
CA VAL M 339 -18.81 -83.21 -1.08
C VAL M 339 -17.97 -83.54 0.14
N PHE M 340 -16.70 -83.15 0.11
CA PHE M 340 -15.75 -83.46 1.17
C PHE M 340 -15.30 -82.15 1.82
N ILE M 341 -14.97 -82.22 3.10
CA ILE M 341 -14.46 -81.05 3.83
C ILE M 341 -13.21 -81.57 4.61
N GLN M 342 -12.04 -81.39 4.00
CA GLN M 342 -10.79 -81.85 4.60
C GLN M 342 -9.94 -80.64 4.98
N GLY M 343 -9.89 -80.34 6.27
CA GLY M 343 -9.14 -79.19 6.74
C GLY M 343 -10.04 -77.99 6.87
N CYS M 344 -10.45 -77.67 8.10
CA CYS M 344 -11.53 -76.73 8.33
C CYS M 344 -11.60 -76.37 9.81
N GLN M 345 -12.16 -75.20 10.10
CA GLN M 345 -12.47 -74.81 11.46
C GLN M 345 -13.89 -74.25 11.51
N GLY M 346 -14.65 -74.64 12.52
CA GLY M 346 -16.03 -74.22 12.63
C GLY M 346 -16.49 -74.15 14.06
N ASN M 347 -17.54 -73.36 14.29
CA ASN M 347 -18.05 -73.19 15.64
C ASN M 347 -18.89 -74.40 16.05
N LYS M 348 -20.10 -74.47 15.54
CA LYS M 348 -20.91 -75.68 15.48
C LYS M 348 -21.96 -75.44 14.40
N VAL M 349 -21.68 -75.87 13.18
CA VAL M 349 -22.43 -75.39 12.04
C VAL M 349 -23.28 -76.53 11.48
N THR M 350 -24.46 -76.20 10.98
CA THR M 350 -25.38 -77.20 10.47
C THR M 350 -24.90 -77.67 9.10
N LEU M 351 -24.66 -78.97 8.96
CA LEU M 351 -24.30 -79.58 7.69
C LEU M 351 -25.50 -80.38 7.21
N PHE M 352 -26.11 -79.95 6.11
CA PHE M 352 -27.23 -80.66 5.52
C PHE M 352 -26.70 -81.68 4.51
N ASN M 353 -26.95 -82.96 4.78
CA ASN M 353 -26.67 -84.08 3.88
C ASN M 353 -25.18 -84.19 3.55
N ILE M 354 -24.36 -84.24 4.60
CA ILE M 354 -22.93 -84.50 4.48
C ILE M 354 -22.56 -85.57 5.50
N LYS M 355 -21.92 -86.63 5.04
CA LYS M 355 -21.59 -87.75 5.91
C LYS M 355 -20.48 -87.38 6.89
N ALA M 356 -20.41 -88.13 8.00
CA ALA M 356 -19.45 -87.83 9.05
C ALA M 356 -18.04 -88.23 8.67
N ALA M 357 -17.88 -89.33 7.93
CA ALA M 357 -16.56 -89.78 7.54
C ALA M 357 -15.94 -88.90 6.47
N ASN M 358 -16.75 -88.13 5.75
CA ASN M 358 -16.26 -87.30 4.66
C ASN M 358 -15.72 -85.96 5.13
N VAL M 359 -15.83 -85.64 6.42
CA VAL M 359 -15.34 -84.37 6.95
C VAL M 359 -14.28 -84.65 8.02
N VAL M 360 -13.09 -84.10 7.81
CA VAL M 360 -12.02 -84.14 8.80
C VAL M 360 -11.47 -82.73 8.99
N PRO M 361 -11.37 -82.22 10.23
CA PRO M 361 -11.75 -82.87 11.49
C PRO M 361 -13.25 -82.81 11.78
N ALA M 362 -13.68 -83.55 12.80
CA ALA M 362 -15.10 -83.67 13.12
C ALA M 362 -15.59 -82.38 13.77
N ILE M 363 -16.20 -81.50 12.96
CA ILE M 363 -16.82 -80.29 13.45
C ILE M 363 -18.28 -80.28 12.99
N GLY M 364 -19.04 -79.36 13.57
CA GLY M 364 -20.36 -79.04 13.07
C GLY M 364 -21.42 -80.06 13.43
N THR M 365 -22.67 -79.65 13.23
CA THR M 365 -23.83 -80.50 13.45
C THR M 365 -24.28 -81.06 12.10
N ILE M 366 -24.48 -82.37 12.03
CA ILE M 366 -24.88 -83.05 10.82
C ILE M 366 -26.37 -83.32 10.87
N LYS M 367 -27.11 -82.73 9.94
CA LYS M 367 -28.54 -82.94 9.81
C LYS M 367 -28.85 -83.41 8.40
N GLN M 368 -30.13 -83.69 8.14
CA GLN M 368 -30.59 -84.14 6.84
C GLN M 368 -31.76 -83.28 6.41
N LYS M 369 -31.74 -82.83 5.16
CA LYS M 369 -32.78 -81.99 4.59
C LYS M 369 -33.40 -82.73 3.40
N PRO M 370 -34.44 -83.54 3.63
CA PRO M 370 -35.11 -84.24 2.53
C PRO M 370 -35.99 -83.30 1.71
N VAL N 4 75.96 -28.68 -69.35
CA VAL N 4 74.84 -29.23 -68.59
C VAL N 4 73.57 -28.44 -68.86
N GLU N 5 73.65 -27.48 -69.79
CA GLU N 5 72.51 -26.65 -70.14
C GLU N 5 72.30 -26.51 -71.63
N GLU N 6 73.32 -26.78 -72.47
CA GLU N 6 73.23 -26.94 -73.91
C GLU N 6 72.73 -25.67 -74.61
N LEU N 7 73.58 -24.64 -74.55
CA LEU N 7 73.28 -23.34 -75.16
C LEU N 7 73.80 -23.21 -76.57
N TYR N 8 73.93 -24.30 -77.32
CA TYR N 8 74.30 -24.21 -78.71
C TYR N 8 73.17 -23.56 -79.50
N VAL N 9 73.53 -22.70 -80.45
CA VAL N 9 72.49 -21.99 -81.19
C VAL N 9 71.92 -22.91 -82.26
N ILE N 10 70.78 -22.53 -82.81
CA ILE N 10 70.05 -23.38 -83.73
C ILE N 10 69.49 -22.51 -84.85
N ASN N 11 69.52 -23.02 -86.06
CA ASN N 11 68.84 -22.34 -87.15
C ASN N 11 67.51 -23.03 -87.45
N PRO N 12 66.50 -22.32 -87.96
CA PRO N 12 65.20 -22.95 -88.19
C PRO N 12 65.25 -23.92 -89.35
N ILE N 13 64.33 -24.89 -89.31
CA ILE N 13 64.23 -25.87 -90.39
C ILE N 13 63.68 -25.20 -91.64
N ASN N 14 64.13 -25.67 -92.80
CA ASN N 14 63.92 -24.98 -94.06
C ASN N 14 62.80 -25.59 -94.89
N GLN N 15 61.80 -26.20 -94.23
CA GLN N 15 60.63 -26.83 -94.85
C GLN N 15 61.00 -27.90 -95.87
N TRP N 16 62.14 -28.55 -95.64
CA TRP N 16 62.59 -29.65 -96.46
C TRP N 16 61.85 -30.93 -96.11
N PRO N 17 61.82 -31.91 -97.01
CA PRO N 17 61.56 -33.28 -96.57
C PRO N 17 62.76 -33.77 -95.77
N ALA N 18 62.50 -34.21 -94.54
CA ALA N 18 63.57 -34.60 -93.64
C ALA N 18 64.25 -35.88 -94.10
N PRO N 19 65.56 -36.00 -93.89
CA PRO N 19 66.24 -37.26 -94.25
C PRO N 19 65.87 -38.38 -93.29
N GLY N 20 66.12 -39.60 -93.75
CA GLY N 20 65.68 -40.79 -93.04
C GLY N 20 66.43 -41.07 -91.75
N SER N 21 65.74 -40.92 -90.62
CA SER N 21 66.31 -41.22 -89.31
C SER N 21 65.72 -42.53 -88.79
N PHE N 22 66.60 -43.44 -88.40
CA PHE N 22 66.19 -44.76 -87.91
C PHE N 22 66.85 -45.02 -86.56
N SER N 23 66.15 -45.78 -85.72
CA SER N 23 66.64 -46.11 -84.39
C SER N 23 66.59 -47.61 -84.15
N SER N 24 67.10 -48.40 -85.10
CA SER N 24 67.08 -49.84 -84.99
C SER N 24 68.23 -50.32 -84.11
N GLN N 25 68.36 -51.66 -84.02
CA GLN N 25 69.40 -52.37 -83.26
C GLN N 25 69.39 -51.98 -81.79
N LYS N 26 68.20 -51.79 -81.22
CA LYS N 26 68.10 -51.43 -79.81
C LYS N 26 68.32 -52.64 -78.89
N PRO N 27 67.90 -53.87 -79.21
CA PRO N 27 68.51 -55.02 -78.53
C PRO N 27 69.73 -55.51 -79.30
N PRO N 28 70.87 -55.65 -78.63
CA PRO N 28 72.00 -56.34 -79.27
C PRO N 28 71.73 -57.82 -79.45
N GLY N 29 71.32 -58.50 -78.38
CA GLY N 29 70.86 -59.87 -78.47
C GLY N 29 69.78 -60.21 -77.46
N THR N 30 69.29 -59.20 -76.74
CA THR N 30 68.42 -59.44 -75.60
C THR N 30 66.98 -59.70 -76.05
N LEU N 31 66.10 -59.87 -75.07
CA LEU N 31 64.68 -60.13 -75.30
C LEU N 31 63.88 -59.45 -74.20
N LEU N 32 63.18 -58.39 -74.55
CA LEU N 32 62.41 -57.61 -73.59
C LEU N 32 61.12 -58.34 -73.22
N PRO N 33 60.52 -58.00 -72.08
CA PRO N 33 59.18 -58.51 -71.78
C PRO N 33 58.15 -57.94 -72.74
N GLY N 34 57.12 -58.74 -73.03
CA GLY N 34 56.08 -58.31 -73.93
C GLY N 34 56.49 -58.25 -75.38
N GLU N 35 57.51 -59.02 -75.76
CA GLU N 35 57.99 -59.07 -77.13
C GLU N 35 57.87 -60.51 -77.62
N ASP N 36 57.48 -60.68 -78.88
CA ASP N 36 57.27 -61.99 -79.47
C ASP N 36 58.59 -62.76 -79.59
N PRO N 37 58.75 -63.91 -78.92
CA PRO N 37 60.06 -64.58 -78.93
C PRO N 37 60.35 -65.36 -80.19
N GLU N 38 59.35 -65.62 -81.03
CA GLU N 38 59.56 -66.45 -82.21
C GLU N 38 60.36 -65.72 -83.27
N ALA N 39 60.27 -64.39 -83.31
CA ALA N 39 61.05 -63.60 -84.25
C ALA N 39 62.44 -63.28 -83.73
N VAL N 40 62.71 -63.52 -82.45
CA VAL N 40 64.03 -63.26 -81.89
C VAL N 40 64.86 -64.54 -81.88
N PHE N 41 64.24 -65.67 -81.59
CA PHE N 41 64.92 -66.96 -81.64
C PHE N 41 65.30 -67.36 -83.05
N LYS N 42 64.60 -66.82 -84.06
CA LYS N 42 64.97 -67.10 -85.45
C LYS N 42 66.24 -66.35 -85.84
N GLN N 43 66.46 -65.17 -85.29
CA GLN N 43 67.54 -64.30 -85.75
C GLN N 43 68.87 -64.60 -85.07
N TYR N 44 68.88 -64.81 -83.76
CA TYR N 44 70.12 -64.91 -83.01
C TYR N 44 70.43 -66.35 -82.64
N HIS N 45 71.66 -66.56 -82.16
CA HIS N 45 72.10 -67.85 -81.65
C HIS N 45 72.10 -67.91 -80.13
N VAL N 46 72.41 -66.80 -79.48
CA VAL N 46 72.41 -66.70 -78.02
C VAL N 46 71.48 -65.57 -77.64
N VAL N 47 70.46 -65.87 -76.86
CA VAL N 47 69.44 -64.91 -76.48
C VAL N 47 69.51 -64.70 -74.98
N TYR N 48 69.93 -63.51 -74.57
CA TYR N 48 69.88 -63.13 -73.18
C TYR N 48 68.47 -62.72 -72.80
N LEU N 49 68.18 -62.77 -71.51
CA LEU N 49 66.91 -62.31 -70.99
C LEU N 49 67.15 -61.21 -69.97
N VAL N 50 66.11 -60.42 -69.72
CA VAL N 50 66.22 -59.31 -68.77
C VAL N 50 66.33 -59.87 -67.36
N PRO N 51 67.30 -59.45 -66.56
CA PRO N 51 67.52 -60.04 -65.23
C PRO N 51 66.37 -59.74 -64.27
N GLY N 52 65.76 -60.79 -63.74
CA GLY N 52 64.65 -60.64 -62.83
C GLY N 52 63.39 -60.14 -63.46
N ALA N 53 63.13 -60.52 -64.71
CA ALA N 53 61.96 -60.03 -65.43
C ALA N 53 60.74 -60.88 -65.07
N GLN N 54 59.67 -60.71 -65.83
CA GLN N 54 58.43 -61.46 -65.61
C GLN N 54 57.79 -61.66 -66.97
N TYR N 55 57.95 -62.86 -67.53
CA TYR N 55 57.54 -63.13 -68.89
C TYR N 55 56.17 -63.81 -68.93
N HIS N 56 55.70 -64.07 -70.15
CA HIS N 56 54.48 -64.84 -70.35
C HIS N 56 54.58 -65.47 -71.74
N TRP N 57 54.92 -66.76 -71.77
CA TRP N 57 55.12 -67.47 -73.02
C TRP N 57 54.09 -68.58 -73.16
N LYS N 58 53.81 -68.93 -74.41
CA LYS N 58 52.87 -70.02 -74.73
C LYS N 58 53.15 -70.49 -76.14
N ASN N 59 53.53 -71.78 -76.26
CA ASN N 59 53.71 -72.48 -77.54
C ASN N 59 54.78 -71.78 -78.40
N ILE N 60 55.93 -71.50 -77.78
CA ILE N 60 57.04 -70.87 -78.47
C ILE N 60 57.73 -71.93 -79.32
N LEU N 61 57.54 -71.85 -80.63
CA LEU N 61 58.12 -72.82 -81.54
C LEU N 61 59.59 -72.46 -81.80
N ILE N 62 60.48 -73.40 -81.55
CA ILE N 62 61.90 -73.23 -81.80
C ILE N 62 62.34 -74.29 -82.80
N GLU N 63 62.94 -73.85 -83.90
CA GLU N 63 63.44 -74.75 -84.92
C GLU N 63 64.96 -74.80 -84.97
N LYS N 64 65.62 -73.65 -84.89
CA LYS N 64 67.08 -73.69 -84.87
C LYS N 64 67.58 -73.70 -83.43
N PRO N 65 68.67 -74.42 -83.15
CA PRO N 65 69.17 -74.52 -81.77
C PRO N 65 69.77 -73.21 -81.28
N VAL N 66 69.19 -72.67 -80.21
CA VAL N 66 69.63 -71.43 -79.60
C VAL N 66 69.97 -71.70 -78.15
N TRP N 67 70.65 -70.74 -77.53
CA TRP N 67 70.91 -70.78 -76.09
C TRP N 67 70.14 -69.66 -75.43
N ILE N 68 69.54 -69.95 -74.28
CA ILE N 68 68.71 -68.98 -73.56
C ILE N 68 69.33 -68.81 -72.18
N TYR N 69 70.08 -67.73 -72.00
CA TYR N 69 70.55 -67.34 -70.67
C TYR N 69 69.42 -66.60 -69.97
N GLY N 70 68.89 -67.18 -68.90
CA GLY N 70 67.70 -66.63 -68.29
C GLY N 70 67.95 -65.47 -67.37
N ASN N 71 69.09 -65.48 -66.68
CA ASN N 71 69.51 -64.45 -65.74
C ASN N 71 68.47 -64.20 -64.64
N GLY N 72 67.85 -65.25 -64.17
CA GLY N 72 66.84 -65.14 -63.13
C GLY N 72 65.48 -64.70 -63.61
N ALA N 73 65.16 -64.95 -64.87
CA ALA N 73 63.85 -64.58 -65.39
C ALA N 73 62.77 -65.51 -64.86
N THR N 74 61.52 -65.13 -65.10
CA THR N 74 60.37 -65.90 -64.66
C THR N 74 59.39 -65.99 -65.81
N VAL N 75 59.18 -67.19 -66.32
CA VAL N 75 58.28 -67.42 -67.44
C VAL N 75 57.03 -68.09 -66.90
N ARG N 76 55.91 -67.39 -66.96
CA ARG N 76 54.61 -67.93 -66.64
C ARG N 76 53.86 -68.28 -67.91
N THR N 77 52.73 -68.95 -67.75
CA THR N 77 51.93 -69.34 -68.90
C THR N 77 50.47 -69.45 -68.49
N SER N 78 49.63 -69.59 -69.50
CA SER N 78 48.21 -69.86 -69.32
C SER N 78 47.68 -70.42 -70.63
N GLY N 79 46.99 -71.55 -70.56
CA GLY N 79 46.42 -72.16 -71.74
C GLY N 79 46.73 -73.65 -71.81
N THR N 80 46.24 -74.27 -72.88
CA THR N 80 46.39 -75.70 -73.06
C THR N 80 47.68 -76.08 -73.75
N GLY N 81 48.42 -75.12 -74.29
CA GLY N 81 49.64 -75.42 -74.99
C GLY N 81 50.81 -75.59 -74.05
N PRO N 82 51.85 -76.28 -74.51
CA PRO N 82 53.11 -76.28 -73.76
C PRO N 82 53.80 -74.94 -73.87
N ILE N 83 54.71 -74.71 -72.95
CA ILE N 83 55.71 -73.68 -73.15
C ILE N 83 56.80 -74.27 -74.04
N LEU N 84 57.35 -73.45 -74.94
CA LEU N 84 58.71 -73.62 -75.45
C LEU N 84 58.89 -74.92 -76.23
N ARG N 85 58.10 -75.06 -77.30
CA ARG N 85 58.16 -76.25 -78.14
C ARG N 85 59.44 -76.26 -78.96
N ILE N 86 60.25 -77.30 -78.81
CA ILE N 86 61.54 -77.42 -79.49
C ILE N 86 61.42 -78.54 -80.51
N VAL N 87 61.32 -78.17 -81.79
CA VAL N 87 61.24 -79.11 -82.89
C VAL N 87 62.52 -78.99 -83.70
N GLY N 88 63.19 -80.11 -83.93
CA GLY N 88 64.46 -80.12 -84.65
C GLY N 88 64.39 -80.92 -85.92
N ASN N 89 65.54 -81.02 -86.56
CA ASN N 89 65.80 -81.97 -87.63
C ASN N 89 66.96 -82.86 -87.20
N ARG N 90 67.38 -83.72 -88.11
CA ARG N 90 68.53 -84.55 -87.81
C ARG N 90 69.84 -83.81 -87.99
N THR N 91 69.86 -82.76 -88.80
CA THR N 91 71.10 -82.08 -89.19
C THR N 91 71.19 -80.75 -88.48
N GLU N 92 71.70 -80.77 -87.25
CA GLU N 92 72.02 -79.55 -86.52
C GLU N 92 73.33 -79.78 -85.77
N LYS N 93 74.33 -78.95 -86.06
CA LYS N 93 75.63 -79.09 -85.41
C LYS N 93 75.68 -78.38 -84.07
N ARG N 94 74.87 -77.33 -83.89
CA ARG N 94 74.83 -76.61 -82.63
C ARG N 94 73.97 -77.35 -81.62
N ASP N 95 73.93 -76.82 -80.39
CA ASP N 95 73.20 -77.42 -79.29
C ASP N 95 72.28 -76.40 -78.64
N VAL N 96 71.44 -76.88 -77.75
CA VAL N 96 70.47 -76.06 -77.03
C VAL N 96 70.86 -76.05 -75.56
N ARG N 97 70.92 -74.87 -74.95
CA ARG N 97 71.14 -74.77 -73.51
C ARG N 97 70.14 -73.79 -72.91
N ILE N 98 69.19 -74.33 -72.17
CA ILE N 98 68.20 -73.53 -71.44
C ILE N 98 68.67 -73.44 -70.00
N GLN N 99 68.83 -72.22 -69.50
CA GLN N 99 69.59 -72.01 -68.28
C GLN N 99 69.00 -70.85 -67.48
N ASP N 100 68.90 -71.07 -66.15
CA ASP N 100 68.62 -70.03 -65.16
C ASP N 100 67.23 -69.40 -65.33
N ILE N 101 66.23 -70.20 -65.65
CA ILE N 101 64.87 -69.71 -65.81
C ILE N 101 63.97 -70.44 -64.81
N SER N 102 63.00 -69.73 -64.24
CA SER N 102 62.05 -70.30 -63.31
C SER N 102 60.69 -70.45 -64.01
N PHE N 103 60.44 -71.63 -64.58
CA PHE N 103 59.18 -71.91 -65.25
C PHE N 103 58.08 -72.15 -64.24
N PHE N 104 56.98 -71.41 -64.38
CA PHE N 104 55.81 -71.60 -63.54
C PHE N 104 54.68 -72.14 -64.39
N GLY N 105 53.59 -72.56 -63.73
CA GLY N 105 52.46 -73.13 -64.41
C GLY N 105 51.19 -72.31 -64.24
N GLU N 106 50.11 -72.85 -64.79
CA GLU N 106 48.78 -72.25 -64.65
C GLU N 106 48.06 -72.82 -63.44
N ASP N 107 48.74 -72.78 -62.29
CA ASP N 107 48.26 -73.39 -61.06
C ASP N 107 48.89 -72.66 -59.88
N CYS N 108 48.39 -73.00 -58.69
CA CYS N 108 48.99 -72.63 -57.43
C CYS N 108 48.47 -73.60 -56.38
N THR N 109 49.39 -74.34 -55.72
CA THR N 109 49.10 -75.47 -54.83
C THR N 109 48.22 -76.45 -55.59
N PRO N 110 48.81 -77.27 -56.47
CA PRO N 110 48.08 -77.85 -57.59
C PRO N 110 47.02 -78.87 -57.17
N ASN N 111 46.09 -79.10 -58.09
CA ASN N 111 44.98 -80.01 -57.84
C ASN N 111 45.47 -81.45 -57.86
N ARG N 112 45.93 -81.93 -56.71
CA ARG N 112 46.49 -83.27 -56.64
C ARG N 112 45.45 -84.36 -56.52
N MET N 113 44.17 -84.01 -56.40
CA MET N 113 43.11 -85.01 -56.38
C MET N 113 42.48 -85.23 -57.74
N GLU N 114 42.78 -84.40 -58.72
CA GLU N 114 42.23 -84.57 -60.06
C GLU N 114 42.95 -85.71 -60.78
N PRO N 115 42.21 -86.64 -61.38
CA PRO N 115 42.87 -87.77 -62.05
C PRO N 115 43.51 -87.36 -63.36
N MET N 116 44.55 -88.09 -63.73
CA MET N 116 45.25 -87.86 -64.99
C MET N 116 44.39 -88.30 -66.16
N SER N 117 44.34 -87.45 -67.19
CA SER N 117 43.52 -87.74 -68.36
C SER N 117 44.18 -87.12 -69.59
N GLU N 118 43.46 -87.17 -70.71
CA GLU N 118 43.96 -86.64 -71.97
C GLU N 118 44.01 -85.12 -71.97
N LYS N 119 43.21 -84.48 -71.12
CA LYS N 119 43.17 -83.02 -71.07
C LYS N 119 44.47 -82.43 -70.52
N LEU N 120 45.09 -83.13 -69.58
CA LEU N 120 46.26 -82.61 -68.88
C LEU N 120 47.58 -83.02 -69.50
N VAL N 121 47.56 -83.73 -70.64
CA VAL N 121 48.80 -84.31 -71.14
C VAL N 121 49.69 -83.27 -71.83
N TYR N 122 49.13 -82.12 -72.24
CA TYR N 122 49.89 -81.10 -72.93
C TYR N 122 50.31 -79.96 -72.00
N GLN N 123 50.27 -80.18 -70.69
CA GLN N 123 50.63 -79.15 -69.72
C GLN N 123 52.08 -79.26 -69.29
N MET N 124 53.01 -79.31 -70.25
CA MET N 124 54.43 -79.35 -69.94
C MET N 124 55.08 -78.00 -70.26
N ALA N 125 56.36 -77.88 -69.95
CA ALA N 125 57.09 -76.64 -70.13
C ALA N 125 58.21 -76.72 -71.15
N ILE N 126 58.76 -77.90 -71.39
CA ILE N 126 59.76 -78.13 -72.42
C ILE N 126 59.43 -79.45 -73.09
N TRP N 127 59.15 -79.40 -74.40
CA TRP N 127 58.81 -80.60 -75.16
C TRP N 127 59.71 -80.62 -76.39
N VAL N 128 60.80 -81.36 -76.29
CA VAL N 128 61.78 -81.53 -77.37
C VAL N 128 61.34 -82.66 -78.28
N THR N 129 61.15 -82.35 -79.57
CA THR N 129 60.64 -83.37 -80.47
C THR N 129 61.74 -84.31 -80.97
N ASP N 130 62.69 -83.79 -81.74
CA ASP N 130 63.87 -84.57 -82.10
C ASP N 130 65.11 -83.69 -82.18
N MET N 131 65.27 -82.78 -81.23
CA MET N 131 66.48 -81.97 -81.16
C MET N 131 67.50 -82.65 -80.27
N LYS N 132 68.73 -82.77 -80.76
CA LYS N 132 69.80 -83.42 -80.02
C LYS N 132 70.57 -82.41 -79.19
N ARG N 133 71.20 -82.92 -78.12
CA ARG N 133 72.14 -82.18 -77.27
C ARG N 133 71.50 -80.98 -76.58
N VAL N 134 70.32 -81.19 -76.01
CA VAL N 134 69.72 -80.13 -75.19
C VAL N 134 70.31 -80.18 -73.79
N THR N 135 70.18 -79.08 -73.06
CA THR N 135 70.72 -78.97 -71.72
C THR N 135 69.81 -78.09 -70.89
N ILE N 136 69.33 -78.63 -69.78
CA ILE N 136 68.47 -77.89 -68.86
C ILE N 136 69.21 -77.80 -67.54
N LYS N 137 69.67 -76.60 -67.20
CA LYS N 137 70.67 -76.40 -66.17
C LYS N 137 70.22 -75.27 -65.24
N GLY N 138 69.95 -75.61 -63.98
CA GLY N 138 69.64 -74.60 -62.99
C GLY N 138 68.29 -73.95 -63.15
N CYS N 139 67.24 -74.75 -63.28
CA CYS N 139 65.89 -74.24 -63.47
C CYS N 139 65.00 -74.59 -62.29
N ASN N 140 63.81 -74.01 -62.27
CA ASN N 140 62.85 -74.20 -61.20
C ASN N 140 61.47 -74.40 -61.82
N PHE N 141 60.95 -75.63 -61.77
CA PHE N 141 59.67 -75.95 -62.41
C PHE N 141 58.64 -76.16 -61.30
N THR N 142 57.60 -75.33 -61.29
CA THR N 142 56.56 -75.46 -60.26
C THR N 142 55.20 -75.66 -60.92
N ASN N 143 54.39 -76.51 -60.29
CA ASN N 143 52.93 -76.53 -60.44
C ASN N 143 52.48 -76.86 -61.86
N PHE N 144 52.90 -78.03 -62.35
CA PHE N 144 52.55 -78.50 -63.68
C PHE N 144 51.56 -79.65 -63.56
N ALA N 145 50.42 -79.53 -64.23
CA ALA N 145 49.42 -80.59 -64.17
C ALA N 145 49.80 -81.79 -65.01
N GLY N 146 50.66 -81.61 -66.01
CA GLY N 146 51.14 -82.72 -66.80
C GLY N 146 52.58 -83.04 -66.47
N ALA N 147 53.41 -83.23 -67.50
CA ALA N 147 54.82 -83.44 -67.28
C ALA N 147 55.52 -82.12 -67.01
N ALA N 148 56.81 -82.21 -66.65
CA ALA N 148 57.65 -81.03 -66.56
C ALA N 148 58.48 -80.86 -67.83
N VAL N 149 59.22 -81.89 -68.20
CA VAL N 149 59.83 -82.00 -69.53
C VAL N 149 59.35 -83.29 -70.15
N PHE N 150 59.47 -83.37 -71.47
CA PHE N 150 59.16 -84.59 -72.19
C PHE N 150 60.04 -84.67 -73.43
N PHE N 151 60.95 -85.63 -73.46
CA PHE N 151 61.92 -85.79 -74.54
C PHE N 151 61.42 -86.88 -75.48
N GLU N 152 60.69 -86.48 -76.50
CA GLU N 152 60.25 -87.39 -77.54
C GLU N 152 61.44 -87.70 -78.45
N GLU N 153 61.33 -88.77 -79.22
CA GLU N 153 62.30 -89.07 -80.27
C GLU N 153 61.63 -89.94 -81.33
N THR N 154 61.78 -89.55 -82.59
CA THR N 154 61.22 -90.32 -83.69
C THR N 154 62.12 -91.50 -84.03
N ALA N 155 61.75 -92.25 -85.05
CA ALA N 155 62.45 -93.49 -85.41
C ALA N 155 63.74 -93.15 -86.14
N TYR N 156 64.87 -93.45 -85.52
CA TYR N 156 66.18 -93.31 -86.12
C TYR N 156 66.80 -94.68 -86.35
N ASN N 157 67.81 -94.72 -87.21
CA ASN N 157 68.44 -95.98 -87.58
C ASN N 157 69.95 -95.80 -87.63
N GLY N 158 70.65 -96.94 -87.68
CA GLY N 158 72.07 -96.93 -87.87
C GLY N 158 72.90 -96.84 -86.61
N PHE N 159 72.35 -97.25 -85.47
CA PHE N 159 73.00 -97.21 -84.15
C PHE N 159 73.52 -95.82 -83.80
N PHE N 160 72.73 -94.81 -84.15
CA PHE N 160 73.11 -93.42 -83.89
C PHE N 160 72.46 -92.99 -82.58
N TRP N 161 73.07 -93.46 -81.48
CA TRP N 161 72.43 -93.38 -80.17
C TRP N 161 72.68 -92.04 -79.49
N SER N 162 73.16 -91.04 -80.23
CA SER N 162 73.96 -89.95 -79.66
C SER N 162 73.19 -89.08 -78.67
N MET N 163 72.34 -88.17 -79.15
CA MET N 163 71.29 -87.40 -78.45
C MET N 163 71.59 -87.07 -76.99
N GLN N 164 72.81 -86.61 -76.74
CA GLN N 164 73.32 -86.53 -75.37
C GLN N 164 72.75 -85.32 -74.64
N HIS N 165 71.74 -85.60 -73.81
CA HIS N 165 71.03 -84.57 -73.07
C HIS N 165 71.52 -84.52 -71.63
N LEU N 166 71.41 -83.34 -71.01
CA LEU N 166 71.71 -83.17 -69.60
C LEU N 166 70.57 -82.42 -68.94
N ILE N 167 70.13 -82.92 -67.78
CA ILE N 167 69.14 -82.25 -66.95
C ILE N 167 69.73 -82.24 -65.55
N THR N 168 70.31 -81.12 -65.15
CA THR N 168 70.98 -81.05 -63.86
C THR N 168 70.53 -79.82 -63.09
N GLU N 169 70.65 -79.93 -61.76
CA GLU N 169 70.53 -78.82 -60.81
C GLU N 169 69.16 -78.16 -60.85
N CYS N 170 68.11 -78.94 -61.08
CA CYS N 170 66.75 -78.40 -61.18
C CYS N 170 65.97 -78.67 -59.92
N ARG N 171 64.89 -77.91 -59.75
CA ARG N 171 64.02 -78.02 -58.59
C ARG N 171 62.59 -78.18 -59.08
N PHE N 172 61.97 -79.31 -58.77
CA PHE N 172 60.63 -79.62 -59.25
C PHE N 172 59.71 -79.66 -58.04
N THR N 173 58.70 -78.79 -58.01
CA THR N 173 57.73 -78.76 -56.93
C THR N 173 56.32 -78.84 -57.50
N GLY N 174 55.54 -79.80 -57.02
CA GLY N 174 54.13 -79.86 -57.35
C GLY N 174 53.80 -80.39 -58.73
N CYS N 175 54.79 -80.73 -59.55
CA CYS N 175 54.52 -81.29 -60.87
C CYS N 175 53.96 -82.68 -60.72
N ARG N 176 52.97 -83.02 -61.55
CA ARG N 176 52.38 -84.35 -61.50
C ARG N 176 53.37 -85.39 -62.00
N ILE N 177 54.03 -85.11 -63.11
CA ILE N 177 55.09 -85.94 -63.65
C ILE N 177 56.33 -85.09 -63.80
N GLY N 178 57.47 -85.61 -63.33
CA GLY N 178 58.71 -84.86 -63.40
C GLY N 178 59.35 -85.02 -64.77
N ILE N 179 60.59 -85.52 -64.82
CA ILE N 179 61.24 -85.75 -66.10
C ILE N 179 60.55 -86.92 -66.79
N ALA N 180 59.78 -86.63 -67.84
CA ALA N 180 59.24 -87.65 -68.71
C ALA N 180 60.12 -87.75 -69.95
N ASN N 181 60.10 -88.92 -70.57
CA ASN N 181 60.90 -89.16 -71.77
C ASN N 181 60.19 -90.16 -72.66
N GLY N 182 60.23 -89.91 -73.96
CA GLY N 182 59.59 -90.80 -74.91
C GLY N 182 60.45 -92.02 -75.18
N GLY N 183 59.95 -92.87 -76.06
CA GLY N 183 60.73 -94.00 -76.51
C GLY N 183 61.89 -93.56 -77.38
N ARG N 184 62.92 -94.42 -77.41
CA ARG N 184 64.16 -94.22 -78.17
C ARG N 184 64.91 -92.95 -77.80
N SER N 185 64.70 -92.42 -76.59
CA SER N 185 65.42 -91.25 -76.11
C SER N 185 66.56 -91.77 -75.22
N GLU N 186 67.58 -92.28 -75.87
CA GLU N 186 68.57 -93.14 -75.23
C GLU N 186 69.83 -92.36 -74.88
N TYR N 187 70.50 -92.81 -73.81
CA TYR N 187 71.86 -92.41 -73.42
C TYR N 187 71.97 -90.92 -73.13
N SER N 188 71.29 -90.52 -72.06
CA SER N 188 71.38 -89.17 -71.54
C SER N 188 71.37 -89.23 -70.03
N THR N 189 71.77 -88.14 -69.38
CA THR N 189 71.83 -88.11 -67.94
C THR N 189 70.84 -87.12 -67.36
N ALA N 190 70.42 -87.39 -66.13
CA ALA N 190 69.49 -86.53 -65.41
C ALA N 190 69.78 -86.72 -63.92
N SER N 191 70.58 -85.82 -63.35
CA SER N 191 71.08 -86.01 -62.01
C SER N 191 70.99 -84.71 -61.22
N PHE N 192 70.96 -84.87 -59.90
CA PHE N 192 70.93 -83.78 -58.92
C PHE N 192 69.74 -82.85 -59.14
N ASN N 193 68.59 -83.44 -59.41
CA ASN N 193 67.35 -82.70 -59.51
C ASN N 193 66.55 -82.97 -58.24
N ASN N 194 66.27 -81.93 -57.48
CA ASN N 194 65.69 -82.09 -56.15
C ASN N 194 64.18 -82.04 -56.29
N PHE N 195 63.57 -83.22 -56.34
CA PHE N 195 62.12 -83.35 -56.44
C PHE N 195 61.47 -83.04 -55.12
N PHE N 196 60.22 -82.57 -55.18
CA PHE N 196 59.42 -82.35 -53.98
C PHE N 196 57.96 -82.31 -54.38
N ASP N 197 57.12 -83.05 -53.66
CA ASP N 197 55.66 -83.03 -53.78
C ASP N 197 55.20 -83.38 -55.20
N CYS N 198 55.86 -84.38 -55.80
CA CYS N 198 55.52 -84.84 -57.12
C CYS N 198 54.85 -86.20 -57.06
N GLN N 199 54.00 -86.50 -58.04
CA GLN N 199 53.38 -87.81 -58.02
C GLN N 199 54.32 -88.86 -58.62
N ILE N 200 54.92 -88.55 -59.76
CA ILE N 200 55.89 -89.44 -60.41
C ILE N 200 57.10 -88.60 -60.79
N CYS N 201 58.27 -89.00 -60.32
CA CYS N 201 59.47 -88.24 -60.63
C CYS N 201 60.01 -88.58 -62.01
N PHE N 202 59.90 -89.84 -62.43
CA PHE N 202 60.42 -90.30 -63.72
C PHE N 202 59.41 -91.22 -64.38
N ASN N 203 58.78 -90.73 -65.45
CA ASN N 203 57.90 -91.57 -66.27
C ASN N 203 58.76 -92.17 -67.38
N VAL N 204 59.46 -93.24 -67.04
CA VAL N 204 60.53 -93.77 -67.87
C VAL N 204 59.94 -94.62 -68.99
N VAL N 205 60.17 -94.19 -70.23
CA VAL N 205 59.92 -95.01 -71.41
C VAL N 205 61.26 -95.35 -72.11
N GLY N 206 62.03 -94.37 -72.44
CA GLY N 206 63.34 -94.63 -73.04
C GLY N 206 64.32 -95.10 -71.98
N GLY N 207 65.21 -96.01 -72.39
CA GLY N 207 66.15 -96.63 -71.50
C GLY N 207 67.55 -96.00 -71.60
N ASN N 208 68.50 -96.70 -70.95
CA ASN N 208 69.93 -96.36 -70.96
C ASN N 208 70.22 -94.97 -70.41
N TRP N 209 69.37 -94.45 -69.54
CA TRP N 209 69.61 -93.17 -68.88
C TRP N 209 70.58 -93.34 -67.72
N ASN N 210 70.87 -92.24 -67.03
CA ASN N 210 71.80 -92.29 -65.90
C ASN N 210 71.32 -91.26 -64.88
N ARG N 211 70.93 -91.74 -63.71
CA ARG N 211 70.35 -90.91 -62.66
C ARG N 211 71.22 -91.07 -61.42
N CYS N 212 72.00 -90.03 -61.08
CA CYS N 212 73.16 -90.18 -60.23
C CYS N 212 73.20 -89.08 -59.15
N GLY N 213 72.12 -88.96 -58.39
CA GLY N 213 72.14 -87.98 -57.32
C GLY N 213 70.85 -87.27 -57.01
N ASN N 214 69.78 -87.65 -57.70
CA ASN N 214 68.48 -87.02 -57.53
C ASN N 214 67.91 -87.28 -56.14
N ILE N 215 67.22 -86.27 -55.59
CA ILE N 215 66.55 -86.39 -54.30
C ILE N 215 65.05 -86.26 -54.54
N ALA N 216 64.28 -87.22 -54.02
CA ALA N 216 62.84 -87.23 -54.16
C ALA N 216 62.21 -87.31 -52.77
N ALA N 217 61.94 -86.16 -52.18
CA ALA N 217 61.29 -86.09 -50.87
C ALA N 217 59.81 -85.83 -51.06
N ASN N 218 59.00 -86.56 -50.28
CA ASN N 218 57.54 -86.44 -50.25
C ASN N 218 56.92 -86.67 -51.64
N CYS N 219 57.42 -87.66 -52.35
CA CYS N 219 56.91 -88.00 -53.67
C CYS N 219 56.33 -89.40 -53.65
N ARG N 220 55.20 -89.59 -54.34
CA ARG N 220 54.51 -90.88 -54.32
C ARG N 220 55.30 -91.93 -55.08
N CYS N 221 55.62 -91.65 -56.35
CA CYS N 221 56.39 -92.56 -57.18
C CYS N 221 57.64 -91.87 -57.68
N VAL N 222 58.68 -92.65 -57.89
CA VAL N 222 59.94 -92.15 -58.41
C VAL N 222 60.27 -92.78 -59.76
N TYR N 223 60.14 -94.10 -59.85
CA TYR N 223 60.45 -94.82 -61.08
C TYR N 223 59.21 -95.59 -61.51
N LEU N 224 58.56 -95.11 -62.55
CA LEU N 224 57.41 -95.79 -63.14
C LEU N 224 57.81 -96.43 -64.45
N HIS N 225 57.51 -97.71 -64.61
CA HIS N 225 57.66 -98.35 -65.92
C HIS N 225 56.65 -99.48 -66.04
N THR N 226 55.66 -99.28 -66.90
CA THR N 226 54.61 -100.26 -67.17
C THR N 226 54.56 -100.52 -68.67
N THR N 227 53.49 -101.15 -69.13
CA THR N 227 53.13 -101.11 -70.53
C THR N 227 52.02 -100.09 -70.74
N ASN N 228 52.15 -99.29 -71.80
CA ASN N 228 51.19 -98.25 -72.23
C ASN N 228 50.99 -97.19 -71.13
N MET N 229 52.07 -96.45 -70.87
CA MET N 229 51.97 -95.29 -70.01
C MET N 229 51.40 -94.09 -70.77
N TRP N 230 51.36 -92.97 -70.06
CA TRP N 230 51.32 -91.67 -70.71
C TRP N 230 52.71 -91.31 -71.19
N TYR N 231 52.78 -90.33 -72.10
CA TYR N 231 54.01 -89.71 -72.57
C TYR N 231 54.96 -90.71 -73.21
N GLU N 232 54.50 -91.30 -74.32
CA GLU N 232 55.35 -92.16 -75.13
C GLU N 232 55.78 -91.50 -76.43
N GLY N 233 54.89 -90.76 -77.06
CA GLY N 233 55.20 -90.07 -78.30
C GLY N 233 55.31 -91.02 -79.48
N ALA N 234 55.72 -90.45 -80.61
CA ALA N 234 55.98 -91.25 -81.79
C ALA N 234 57.24 -92.08 -81.57
N GLY N 235 57.21 -93.32 -82.05
CA GLY N 235 58.29 -94.24 -81.72
C GLY N 235 58.23 -94.62 -80.25
N GLY N 236 57.23 -95.41 -79.88
CA GLY N 236 56.87 -95.58 -78.49
C GLY N 236 57.72 -96.56 -77.69
N ASN N 237 57.04 -97.46 -76.98
CA ASN N 237 57.68 -98.31 -75.96
C ASN N 237 58.50 -99.38 -76.68
N PHE N 238 59.77 -99.05 -76.93
CA PHE N 238 60.69 -99.94 -77.64
C PHE N 238 62.08 -99.78 -77.06
N ASN N 239 62.71 -100.93 -76.74
CA ASN N 239 64.06 -101.02 -76.16
C ASN N 239 64.15 -100.20 -74.87
N ALA N 240 63.38 -100.62 -73.88
CA ALA N 240 63.03 -99.78 -72.76
C ALA N 240 63.71 -100.23 -71.47
N ALA N 241 63.87 -99.26 -70.56
CA ALA N 241 64.22 -99.47 -69.15
C ALA N 241 65.56 -100.19 -68.98
N HIS N 242 66.62 -99.53 -69.41
CA HIS N 242 67.96 -100.08 -69.33
C HIS N 242 68.91 -99.19 -68.54
N GLY N 243 68.38 -98.17 -67.86
CA GLY N 243 69.22 -97.11 -67.34
C GLY N 243 69.98 -97.48 -66.10
N SER N 244 70.62 -96.47 -65.53
CA SER N 244 71.29 -96.57 -64.23
C SER N 244 70.49 -95.79 -63.21
N PHE N 245 70.61 -96.19 -61.94
CA PHE N 245 69.91 -95.48 -60.88
C PHE N 245 70.79 -95.61 -59.63
N THR N 246 71.64 -94.61 -59.40
CA THR N 246 72.74 -94.74 -58.46
C THR N 246 72.74 -93.57 -57.48
N GLY N 247 72.73 -93.89 -56.18
CA GLY N 247 72.95 -92.88 -55.16
C GLY N 247 71.85 -91.87 -55.01
N ASN N 248 70.62 -92.24 -55.28
CA ASN N 248 69.50 -91.32 -55.21
C ASN N 248 68.83 -91.39 -53.85
N THR N 249 67.78 -90.58 -53.69
CA THR N 249 67.08 -90.46 -52.42
C THR N 249 65.58 -90.42 -52.69
N MET N 250 64.85 -91.37 -52.12
CA MET N 250 63.41 -91.48 -52.30
C MET N 250 62.71 -91.71 -50.98
N ASN N 251 63.03 -90.86 -50.00
CA ASN N 251 62.42 -91.00 -48.68
C ASN N 251 60.98 -90.51 -48.69
N HIS N 252 60.17 -91.12 -47.81
CA HIS N 252 58.77 -90.77 -47.55
C HIS N 252 57.90 -90.86 -48.81
N CYS N 253 57.79 -92.09 -49.32
CA CYS N 253 56.92 -92.36 -50.46
C CYS N 253 55.58 -92.96 -50.08
N ASP N 254 55.49 -93.63 -48.94
CA ASP N 254 54.24 -94.25 -48.51
C ASP N 254 53.75 -93.72 -47.18
N TYR N 255 54.65 -93.43 -46.25
CA TYR N 255 54.27 -92.93 -44.94
C TYR N 255 55.05 -91.65 -44.66
N GLY N 256 54.44 -90.77 -43.86
CA GLY N 256 55.10 -89.54 -43.50
C GLY N 256 54.41 -88.32 -44.05
N GLY N 257 55.06 -87.63 -44.98
CA GLY N 257 54.52 -86.39 -45.52
C GLY N 257 54.13 -86.48 -46.98
N ASN N 258 53.56 -87.60 -47.38
CA ASN N 258 53.13 -87.79 -48.76
C ASN N 258 51.68 -87.36 -48.92
N LEU N 259 51.38 -86.74 -50.06
CA LEU N 259 50.08 -86.09 -50.26
C LEU N 259 49.33 -86.56 -51.50
N TRP N 260 50.00 -87.16 -52.47
CA TRP N 260 49.34 -87.61 -53.68
C TRP N 260 48.63 -88.94 -53.44
N PRO N 261 47.52 -89.19 -54.14
CA PRO N 261 46.86 -90.49 -54.02
C PRO N 261 47.64 -91.59 -54.70
N THR N 262 47.18 -92.83 -54.50
CA THR N 262 47.88 -94.00 -55.00
C THR N 262 47.48 -94.38 -56.41
N ALA N 263 46.23 -94.15 -56.80
CA ALA N 263 45.79 -94.47 -58.15
C ALA N 263 46.34 -93.44 -59.13
N PHE N 264 46.57 -93.87 -60.37
CA PHE N 264 47.16 -92.98 -61.36
C PHE N 264 46.37 -92.84 -62.65
N GLN N 265 45.57 -93.84 -63.04
CA GLN N 265 44.71 -93.84 -64.23
C GLN N 265 45.54 -93.64 -65.51
N LEU N 266 46.28 -94.72 -65.84
CA LEU N 266 46.91 -94.89 -67.15
C LEU N 266 45.86 -94.86 -68.27
N PRO N 267 46.29 -94.66 -69.53
CA PRO N 267 45.31 -94.66 -70.65
C PRO N 267 44.60 -95.98 -70.85
N ASP N 268 45.13 -97.10 -70.37
CA ASP N 268 44.47 -98.40 -70.52
C ASP N 268 43.75 -98.84 -69.25
N ARG N 269 44.31 -98.54 -68.08
CA ARG N 269 43.82 -99.10 -66.82
C ARG N 269 44.17 -98.14 -65.69
N GLU N 270 43.93 -98.57 -64.47
CA GLU N 270 44.39 -97.86 -63.28
C GLU N 270 45.29 -98.79 -62.47
N ILE N 271 46.31 -98.22 -61.82
CA ILE N 271 47.30 -98.97 -61.09
C ILE N 271 47.59 -98.30 -59.77
N GLN N 272 48.11 -99.08 -58.82
CA GLN N 272 48.47 -98.60 -57.50
C GLN N 272 49.95 -98.24 -57.52
N LEU N 273 50.26 -96.97 -57.29
CA LEU N 273 51.64 -96.50 -57.36
C LEU N 273 52.45 -96.99 -56.16
N ALA N 274 53.74 -97.07 -56.34
CA ALA N 274 54.71 -97.36 -55.29
C ALA N 274 55.94 -96.49 -55.53
N GLY N 275 56.90 -96.55 -54.62
CA GLY N 275 58.13 -95.79 -54.81
C GLY N 275 59.01 -96.32 -55.92
N PHE N 276 58.81 -97.58 -56.33
CA PHE N 276 59.52 -98.18 -57.45
C PHE N 276 58.56 -99.17 -58.09
N TYR N 277 57.84 -98.74 -59.12
CA TYR N 277 56.82 -99.55 -59.76
C TYR N 277 57.35 -99.99 -61.12
N PHE N 278 57.35 -101.29 -61.37
CA PHE N 278 57.96 -101.84 -62.57
C PHE N 278 57.17 -103.07 -63.02
N ASP N 279 56.62 -103.00 -64.23
CA ASP N 279 55.83 -104.11 -64.77
C ASP N 279 55.96 -104.09 -66.31
N ASN N 280 56.94 -104.82 -66.82
CA ASN N 280 57.09 -104.94 -68.27
C ASN N 280 57.84 -106.23 -68.56
N ALA N 281 57.17 -107.16 -69.26
CA ALA N 281 57.75 -108.46 -69.56
C ALA N 281 58.86 -108.40 -70.60
N ARG N 282 58.99 -107.31 -71.34
CA ARG N 282 59.97 -107.20 -72.40
C ARG N 282 61.20 -106.39 -72.00
N ALA N 283 61.17 -105.73 -70.85
CA ALA N 283 62.25 -104.84 -70.44
C ALA N 283 63.01 -105.43 -69.26
N ARG N 284 64.28 -105.07 -69.17
CA ARG N 284 65.14 -105.53 -68.09
C ARG N 284 65.16 -104.49 -66.97
N CYS N 285 65.96 -104.75 -65.95
CA CYS N 285 65.90 -103.89 -64.77
C CYS N 285 67.12 -102.99 -64.69
N PRO N 286 66.98 -101.77 -64.18
CA PRO N 286 68.14 -100.88 -64.04
C PRO N 286 69.04 -101.30 -62.89
N THR N 287 70.25 -100.76 -62.92
CA THR N 287 71.16 -100.96 -61.79
C THR N 287 70.69 -100.15 -60.60
N TRP N 288 70.94 -100.68 -59.41
CA TRP N 288 70.31 -100.18 -58.20
C TRP N 288 71.35 -100.16 -57.08
N THR N 289 72.05 -99.03 -56.94
CA THR N 289 73.09 -98.89 -55.93
C THR N 289 72.94 -97.58 -55.16
N GLY N 290 73.26 -97.63 -53.88
CA GLY N 290 73.42 -96.45 -53.05
C GLY N 290 72.17 -95.64 -52.79
N ASN N 291 70.99 -96.19 -53.05
CA ASN N 291 69.75 -95.45 -52.91
C ASN N 291 69.25 -95.51 -51.47
N THR N 292 68.75 -94.39 -50.97
CA THR N 292 68.14 -94.35 -49.65
C THR N 292 66.63 -94.44 -49.79
N GLN N 293 66.02 -95.34 -49.04
CA GLN N 293 64.58 -95.44 -48.96
C GLN N 293 64.19 -95.35 -47.50
N TYR N 294 63.44 -94.32 -47.14
CA TYR N 294 62.69 -94.29 -45.89
C TYR N 294 61.21 -94.32 -46.25
N TYR N 295 60.55 -95.42 -45.87
CA TYR N 295 59.11 -95.62 -46.04
C TYR N 295 58.72 -95.60 -47.52
N GLY N 296 59.60 -96.10 -48.38
CA GLY N 296 59.34 -96.13 -49.81
C GLY N 296 59.09 -97.53 -50.32
N ASP N 297 57.92 -97.74 -50.91
CA ASP N 297 57.53 -99.06 -51.40
C ASP N 297 58.32 -99.43 -52.64
N MET N 298 58.35 -100.73 -52.94
CA MET N 298 58.90 -101.24 -54.19
C MET N 298 58.00 -102.36 -54.69
N LYS N 299 57.64 -102.30 -55.97
CA LYS N 299 56.81 -103.33 -56.59
C LYS N 299 57.53 -103.87 -57.83
N ILE N 300 58.11 -105.06 -57.69
CA ILE N 300 58.74 -105.76 -58.79
C ILE N 300 57.71 -106.74 -59.33
N LEU N 301 57.04 -106.38 -60.42
CA LEU N 301 55.95 -107.21 -60.90
C LEU N 301 56.40 -108.16 -62.01
N ASN N 302 57.07 -107.64 -63.04
CA ASN N 302 57.43 -108.48 -64.18
C ASN N 302 58.60 -107.85 -64.93
N PHE N 303 59.62 -108.66 -65.22
CA PHE N 303 60.69 -108.29 -66.13
C PHE N 303 61.06 -109.49 -66.99
N ASN N 304 62.23 -109.44 -67.61
CA ASN N 304 62.62 -110.45 -68.60
C ASN N 304 63.51 -111.52 -67.95
N GLN N 305 62.88 -112.38 -67.14
CA GLN N 305 63.63 -113.46 -66.50
C GLN N 305 63.46 -114.79 -67.25
N ALA N 306 62.92 -114.73 -68.48
CA ALA N 306 62.35 -115.85 -69.25
C ALA N 306 63.36 -116.97 -69.45
N ASN N 307 64.57 -116.70 -69.93
CA ASN N 307 65.55 -117.76 -70.14
C ASN N 307 66.80 -117.45 -69.32
N ASP N 308 66.57 -117.12 -68.05
CA ASP N 308 67.58 -116.65 -67.09
C ASP N 308 68.31 -115.42 -67.66
N ALA N 309 67.52 -114.46 -68.14
CA ALA N 309 68.05 -113.33 -68.88
C ALA N 309 68.23 -112.08 -68.03
N ALA N 310 67.61 -112.00 -66.87
CA ALA N 310 67.77 -110.83 -66.01
C ALA N 310 67.55 -111.24 -64.57
N ILE N 311 68.32 -110.63 -63.68
CA ILE N 311 68.21 -110.81 -62.24
C ILE N 311 68.23 -109.43 -61.60
N PHE N 312 67.23 -109.14 -60.78
CA PHE N 312 67.13 -107.84 -60.13
C PHE N 312 67.85 -107.90 -58.80
N VAL N 313 68.88 -107.07 -58.63
CA VAL N 313 69.74 -107.10 -57.45
C VAL N 313 69.75 -105.71 -56.82
N ILE N 314 69.35 -105.64 -55.55
CA ILE N 314 69.47 -104.43 -54.75
C ILE N 314 70.79 -104.50 -54.00
N ASP N 315 71.61 -103.47 -54.17
CA ASP N 315 72.97 -103.44 -53.63
C ASP N 315 73.23 -102.13 -52.92
N GLY N 316 73.67 -102.20 -51.67
CA GLY N 316 74.11 -101.03 -50.93
C GLY N 316 73.04 -100.00 -50.65
N CYS N 317 71.82 -100.43 -50.37
CA CYS N 317 70.70 -99.50 -50.24
C CYS N 317 70.06 -99.61 -48.86
N ALA N 318 69.32 -98.56 -48.50
CA ALA N 318 68.58 -98.51 -47.25
C ALA N 318 67.12 -98.86 -47.51
N LEU N 319 66.50 -99.57 -46.57
CA LEU N 319 65.10 -99.95 -46.72
C LEU N 319 64.19 -99.32 -45.69
N TYR N 320 64.41 -99.61 -44.39
CA TYR N 320 63.91 -98.87 -43.22
C TYR N 320 62.41 -98.54 -43.26
N GLY N 321 61.58 -99.58 -43.27
CA GLY N 321 60.18 -99.33 -43.00
C GLY N 321 59.62 -100.16 -41.86
N GLN N 322 59.40 -99.53 -40.70
CA GLN N 322 58.87 -100.27 -39.55
C GLN N 322 57.35 -100.42 -39.51
N PRO N 323 56.50 -99.32 -39.55
CA PRO N 323 55.09 -99.50 -39.15
C PRO N 323 54.23 -100.24 -40.15
N GLY N 324 53.90 -101.49 -39.85
CA GLY N 324 52.98 -102.23 -40.71
C GLY N 324 53.66 -102.65 -42.00
N ASP N 325 53.12 -102.18 -43.12
CA ASP N 325 53.61 -102.51 -44.44
C ASP N 325 54.11 -101.28 -45.20
N THR N 326 54.47 -100.23 -44.46
CA THR N 326 54.99 -99.02 -45.09
C THR N 326 56.45 -99.24 -45.49
N GLY N 327 56.79 -98.86 -46.72
CA GLY N 327 58.12 -99.10 -47.23
C GLY N 327 58.38 -100.52 -47.67
N SER N 328 57.34 -101.35 -47.77
CA SER N 328 57.52 -102.77 -48.03
C SER N 328 57.91 -103.02 -49.48
N ILE N 329 58.62 -104.12 -49.70
CA ILE N 329 59.05 -104.56 -51.02
C ILE N 329 58.15 -105.69 -51.46
N GLU N 330 57.49 -105.53 -52.60
CA GLU N 330 56.53 -106.49 -53.12
C GLU N 330 57.05 -107.09 -54.41
N THR N 331 57.10 -108.41 -54.47
CA THR N 331 57.46 -109.13 -55.69
C THR N 331 56.37 -110.14 -56.02
N THR N 332 56.30 -110.50 -57.29
CA THR N 332 55.38 -111.55 -57.73
C THR N 332 55.95 -112.90 -57.31
N ALA N 333 55.06 -113.83 -56.95
CA ALA N 333 55.48 -115.16 -56.49
C ALA N 333 56.18 -115.97 -57.57
N ALA N 334 55.99 -115.64 -58.84
CA ALA N 334 56.74 -116.26 -59.92
C ALA N 334 58.11 -115.62 -60.14
N LEU N 335 58.47 -114.61 -59.35
CA LEU N 335 59.72 -113.89 -59.51
C LEU N 335 60.58 -113.94 -58.25
N THR N 336 60.36 -114.94 -57.40
CA THR N 336 61.09 -115.02 -56.14
C THR N 336 62.55 -115.42 -56.35
N ASP N 337 62.83 -116.19 -57.39
CA ASP N 337 64.18 -116.70 -57.62
C ASP N 337 65.09 -115.69 -58.29
N LYS N 338 64.56 -114.54 -58.71
CA LYS N 338 65.32 -113.59 -59.50
C LYS N 338 65.49 -112.24 -58.82
N VAL N 339 64.88 -112.02 -57.66
CA VAL N 339 65.01 -110.78 -56.93
C VAL N 339 65.95 -111.01 -55.76
N PHE N 340 67.14 -110.43 -55.82
CA PHE N 340 68.18 -110.61 -54.81
C PHE N 340 68.45 -109.28 -54.13
N ILE N 341 68.83 -109.33 -52.86
CA ILE N 341 69.20 -108.13 -52.11
C ILE N 341 70.55 -108.46 -51.40
N GLN N 342 71.64 -108.07 -52.05
CA GLN N 342 72.97 -108.35 -51.52
C GLN N 342 73.63 -107.04 -51.14
N GLY N 343 73.70 -106.77 -49.84
CA GLY N 343 74.28 -105.53 -49.35
C GLY N 343 73.21 -104.50 -49.13
N CYS N 344 72.81 -104.30 -47.87
CA CYS N 344 71.61 -103.54 -47.56
C CYS N 344 71.55 -103.26 -46.07
N GLN N 345 70.84 -102.20 -45.71
CA GLN N 345 70.52 -101.91 -44.32
C GLN N 345 69.04 -101.59 -44.19
N GLY N 346 68.40 -102.13 -43.16
CA GLY N 346 66.98 -101.94 -42.98
C GLY N 346 66.58 -102.00 -41.52
N ASN N 347 65.43 -101.41 -41.22
CA ASN N 347 64.97 -101.36 -39.83
C ASN N 347 64.35 -102.70 -39.45
N LYS N 348 63.13 -102.96 -39.92
CA LYS N 348 62.53 -104.27 -39.99
C LYS N 348 61.41 -104.17 -41.01
N VAL N 349 61.70 -104.51 -42.26
CA VAL N 349 60.82 -104.11 -43.34
C VAL N 349 60.14 -105.35 -43.92
N THR N 350 58.90 -105.19 -44.36
CA THR N 350 58.14 -106.31 -44.87
C THR N 350 58.61 -106.65 -46.27
N LEU N 351 59.05 -107.89 -46.48
CA LEU N 351 59.44 -108.39 -47.79
C LEU N 351 58.36 -109.37 -48.25
N PHE N 352 57.64 -108.99 -49.30
CA PHE N 352 56.62 -109.86 -49.88
C PHE N 352 57.25 -110.73 -50.95
N ASN N 353 57.23 -112.05 -50.73
CA ASN N 353 57.63 -113.07 -51.68
C ASN N 353 59.10 -112.94 -52.08
N ILE N 354 59.97 -112.89 -51.07
CA ILE N 354 61.42 -112.91 -51.27
C ILE N 354 62.00 -113.93 -50.30
N LYS N 355 62.78 -114.87 -50.83
CA LYS N 355 63.33 -115.95 -50.01
C LYS N 355 64.41 -115.44 -49.07
N ALA N 356 64.64 -116.21 -48.01
CA ALA N 356 65.59 -115.79 -46.98
C ALA N 356 67.04 -115.95 -47.44
N ALA N 357 67.33 -116.99 -48.22
CA ALA N 357 68.69 -117.20 -48.69
C ALA N 357 69.10 -116.19 -49.76
N ASN N 358 68.14 -115.54 -50.40
CA ASN N 358 68.46 -114.61 -51.47
C ASN N 358 68.80 -113.21 -50.96
N VAL N 359 68.69 -112.96 -49.67
CA VAL N 359 69.00 -111.65 -49.10
C VAL N 359 70.15 -111.80 -48.09
N VAL N 360 71.22 -111.05 -48.33
CA VAL N 360 72.33 -110.95 -47.38
C VAL N 360 72.65 -109.47 -47.15
N PRO N 361 72.73 -109.01 -45.90
CA PRO N 361 72.52 -109.76 -44.65
C PRO N 361 71.04 -109.94 -44.29
N ALA N 362 70.79 -110.77 -43.29
CA ALA N 362 69.42 -111.13 -42.92
C ALA N 362 68.76 -109.96 -42.20
N ILE N 363 67.99 -109.17 -42.95
CA ILE N 363 67.19 -108.08 -42.38
C ILE N 363 65.74 -108.29 -42.78
N GLY N 364 64.87 -107.53 -42.13
CA GLY N 364 63.49 -107.41 -42.56
C GLY N 364 62.63 -108.60 -42.20
N THR N 365 61.32 -108.39 -42.32
CA THR N 365 60.32 -109.43 -42.11
C THR N 365 59.90 -110.00 -43.45
N ILE N 366 59.92 -111.32 -43.56
CA ILE N 366 59.57 -112.01 -44.79
C ILE N 366 58.15 -112.53 -44.69
N LYS N 367 57.28 -112.04 -45.56
CA LYS N 367 55.89 -112.46 -45.64
C LYS N 367 55.59 -112.92 -47.05
N GLN N 368 54.37 -113.39 -47.26
CA GLN N 368 53.92 -113.88 -48.57
C GLN N 368 52.61 -113.20 -48.91
N LYS N 369 52.50 -112.71 -50.15
CA LYS N 369 51.30 -112.02 -50.64
C LYS N 369 50.76 -112.81 -51.82
N PRO N 370 49.88 -113.78 -51.59
CA PRO N 370 49.27 -114.54 -52.68
C PRO N 370 48.22 -113.73 -53.42
N VAL O 4 14.80 -11.98 -30.31
CA VAL O 4 15.71 -12.53 -29.32
C VAL O 4 16.49 -11.43 -28.62
N GLU O 5 16.16 -10.18 -28.94
CA GLU O 5 16.83 -9.03 -28.34
C GLU O 5 15.87 -7.96 -27.85
N GLU O 6 14.62 -7.94 -28.33
CA GLU O 6 13.50 -7.15 -27.79
C GLU O 6 13.77 -5.64 -27.86
N LEU O 7 13.82 -5.15 -29.10
CA LEU O 7 14.07 -3.73 -29.36
C LEU O 7 12.79 -2.92 -29.49
N TYR O 8 11.72 -3.31 -28.82
CA TYR O 8 10.52 -2.50 -28.82
C TYR O 8 10.78 -1.22 -28.03
N VAL O 9 10.26 -0.10 -28.51
CA VAL O 9 10.53 1.16 -27.84
C VAL O 9 9.63 1.28 -26.61
N ILE O 10 9.96 2.22 -25.75
CA ILE O 10 9.28 2.35 -24.47
C ILE O 10 9.11 3.84 -24.16
N ASN O 11 7.96 4.18 -23.60
CA ASN O 11 7.78 5.54 -23.12
C ASN O 11 7.95 5.57 -21.60
N PRO O 12 8.38 6.70 -21.03
CA PRO O 12 8.60 6.73 -19.57
C PRO O 12 7.29 6.70 -18.80
N ILE O 13 7.40 6.22 -17.56
CA ILE O 13 6.23 6.16 -16.69
C ILE O 13 5.84 7.58 -16.26
N ASN O 14 4.55 7.80 -16.07
CA ASN O 14 4.01 9.15 -15.93
C ASN O 14 3.70 9.51 -14.49
N GLN O 15 4.44 8.92 -13.54
CA GLN O 15 4.32 9.17 -12.08
C GLN O 15 2.90 8.88 -11.57
N TRP O 16 2.22 7.94 -12.21
CA TRP O 16 0.91 7.49 -11.79
C TRP O 16 1.01 6.54 -10.63
N PRO O 17 -0.06 6.37 -9.85
CA PRO O 17 -0.18 5.15 -9.05
C PRO O 17 -0.39 3.96 -9.98
N ALA O 18 0.47 2.96 -9.86
CA ALA O 18 0.45 1.83 -10.77
C ALA O 18 -0.80 0.96 -10.53
N PRO O 19 -1.37 0.39 -11.59
CA PRO O 19 -2.50 -0.52 -11.40
C PRO O 19 -2.07 -1.83 -10.78
N GLY O 20 -3.06 -2.53 -10.22
CA GLY O 20 -2.80 -3.72 -9.44
C GLY O 20 -2.33 -4.93 -10.24
N SER O 21 -1.08 -5.31 -10.05
CA SER O 21 -0.51 -6.49 -10.71
C SER O 21 -0.37 -7.61 -9.69
N PHE O 22 -0.91 -8.78 -10.02
CA PHE O 22 -0.90 -9.93 -9.15
C PHE O 22 -0.33 -11.13 -9.89
N SER O 23 0.33 -12.01 -9.15
CA SER O 23 0.94 -13.21 -9.73
C SER O 23 0.51 -14.45 -8.97
N SER O 24 -0.79 -14.60 -8.73
CA SER O 24 -1.31 -15.74 -7.99
C SER O 24 -1.45 -16.96 -8.92
N GLN O 25 -2.00 -18.04 -8.35
CA GLN O 25 -2.26 -19.31 -9.03
C GLN O 25 -0.98 -19.92 -9.62
N LYS O 26 0.12 -19.79 -8.89
CA LYS O 26 1.39 -20.36 -9.36
C LYS O 26 1.45 -21.87 -9.17
N PRO O 27 0.91 -22.47 -8.10
CA PRO O 27 0.61 -23.91 -8.17
C PRO O 27 -0.78 -24.15 -8.71
N PRO O 28 -0.93 -24.98 -9.74
CA PRO O 28 -2.27 -25.41 -10.14
C PRO O 28 -2.90 -26.33 -9.09
N GLY O 29 -2.18 -27.38 -8.71
CA GLY O 29 -2.59 -28.21 -7.59
C GLY O 29 -1.42 -28.78 -6.81
N THR O 30 -0.20 -28.33 -7.11
CA THR O 30 0.99 -28.96 -6.57
C THR O 30 1.28 -28.49 -5.16
N LEU O 31 2.40 -28.97 -4.61
CA LEU O 31 2.84 -28.63 -3.26
C LEU O 31 4.36 -28.57 -3.25
N LEU O 32 4.90 -27.37 -3.14
CA LEU O 32 6.34 -27.15 -3.16
C LEU O 32 6.97 -27.56 -1.83
N PRO O 33 8.27 -27.85 -1.82
CA PRO O 33 8.97 -28.02 -0.54
C PRO O 33 9.03 -26.74 0.24
N GLY O 34 8.99 -26.88 1.57
CA GLY O 34 9.03 -25.71 2.43
C GLY O 34 7.76 -24.91 2.45
N GLU O 35 6.63 -25.53 2.11
CA GLU O 35 5.33 -24.87 2.12
C GLU O 35 4.42 -25.61 3.09
N ASP O 36 3.60 -24.86 3.81
CA ASP O 36 2.72 -25.42 4.84
C ASP O 36 1.62 -26.27 4.19
N PRO O 37 1.57 -27.58 4.47
CA PRO O 37 0.61 -28.43 3.77
C PRO O 37 -0.82 -28.33 4.27
N GLU O 38 -1.04 -27.74 5.43
CA GLU O 38 -2.39 -27.71 6.00
C GLU O 38 -3.28 -26.73 5.25
N ALA O 39 -2.70 -25.70 4.64
CA ALA O 39 -3.47 -24.75 3.85
C ALA O 39 -3.66 -25.22 2.41
N VAL O 40 -2.94 -26.24 1.98
CA VAL O 40 -3.09 -26.77 0.62
C VAL O 40 -4.04 -27.95 0.61
N PHE O 41 -3.98 -28.80 1.62
CA PHE O 41 -4.91 -29.92 1.76
C PHE O 41 -6.34 -29.45 2.03
N LYS O 42 -6.51 -28.25 2.57
CA LYS O 42 -7.85 -27.71 2.78
C LYS O 42 -8.47 -27.27 1.47
N GLN O 43 -7.67 -26.79 0.53
CA GLN O 43 -8.21 -26.16 -0.68
C GLN O 43 -8.50 -27.17 -1.79
N TYR O 44 -7.62 -28.12 -2.03
CA TYR O 44 -7.73 -28.99 -3.18
C TYR O 44 -8.23 -30.38 -2.78
N HIS O 45 -8.58 -31.17 -3.80
CA HIS O 45 -8.96 -32.56 -3.62
C HIS O 45 -7.85 -33.53 -4.00
N VAL O 46 -7.05 -33.18 -5.00
CA VAL O 46 -5.92 -34.00 -5.43
C VAL O 46 -4.68 -33.13 -5.36
N VAL O 47 -3.71 -33.55 -4.57
CA VAL O 47 -2.49 -32.78 -4.34
C VAL O 47 -1.31 -33.55 -4.91
N TYR O 48 -0.72 -33.03 -5.96
CA TYR O 48 0.51 -33.59 -6.50
C TYR O 48 1.69 -33.13 -5.65
N LEU O 49 2.78 -33.87 -5.74
CA LEU O 49 4.01 -33.48 -5.08
C LEU O 49 5.11 -33.34 -6.11
N VAL O 50 6.17 -32.62 -5.74
CA VAL O 50 7.29 -32.40 -6.65
C VAL O 50 8.06 -33.71 -6.82
N PRO O 51 8.34 -34.15 -8.04
CA PRO O 51 8.97 -35.46 -8.26
C PRO O 51 10.40 -35.50 -7.74
N GLY O 52 10.66 -36.44 -6.83
CA GLY O 52 11.98 -36.58 -6.26
C GLY O 52 12.36 -35.47 -5.31
N ALA O 53 11.40 -34.92 -4.59
CA ALA O 53 11.66 -33.80 -3.69
C ALA O 53 12.20 -34.31 -2.37
N GLN O 54 12.26 -33.43 -1.37
CA GLN O 54 12.73 -33.77 -0.03
C GLN O 54 11.94 -32.91 0.95
N TYR O 55 10.95 -33.50 1.59
CA TYR O 55 10.01 -32.77 2.43
C TYR O 55 10.40 -32.87 3.90
N HIS O 56 9.63 -32.20 4.74
CA HIS O 56 9.77 -32.31 6.18
C HIS O 56 8.41 -31.96 6.79
N TRP O 57 7.67 -32.99 7.19
CA TRP O 57 6.33 -32.81 7.72
C TRP O 57 6.28 -33.28 9.18
N LYS O 58 5.35 -32.69 9.92
CA LYS O 58 5.13 -33.05 11.32
C LYS O 58 3.73 -32.62 11.71
N ASN O 59 2.91 -33.60 12.10
CA ASN O 59 1.56 -33.40 12.65
C ASN O 59 0.67 -32.66 11.65
N ILE O 60 0.66 -33.15 10.41
CA ILE O 60 -0.16 -32.57 9.36
C ILE O 60 -1.60 -33.02 9.57
N LEU O 61 -2.45 -32.11 10.03
CA LEU O 61 -3.84 -32.45 10.29
C LEU O 61 -4.63 -32.43 8.99
N ILE O 62 -5.30 -33.53 8.68
CA ILE O 62 -6.13 -33.64 7.50
C ILE O 62 -7.55 -33.94 7.96
N GLU O 63 -8.50 -33.12 7.52
CA GLU O 63 -9.90 -33.30 7.85
C GLU O 63 -10.73 -33.73 6.66
N LYS O 64 -10.54 -33.11 5.51
CA LYS O 64 -11.27 -33.55 4.34
C LYS O 64 -10.46 -34.57 3.56
N PRO O 65 -11.11 -35.57 2.96
CA PRO O 65 -10.37 -36.63 2.25
C PRO O 65 -9.76 -36.12 0.96
N VAL O 66 -8.44 -36.21 0.87
CA VAL O 66 -7.68 -35.78 -0.29
C VAL O 66 -6.87 -36.96 -0.82
N TRP O 67 -6.35 -36.82 -2.02
CA TRP O 67 -5.43 -37.79 -2.59
C TRP O 67 -4.06 -37.15 -2.72
N ILE O 68 -3.02 -37.89 -2.39
CA ILE O 68 -1.65 -37.39 -2.40
C ILE O 68 -0.86 -38.26 -3.36
N TYR O 69 -0.65 -37.78 -4.58
CA TYR O 69 0.27 -38.43 -5.51
C TYR O 69 1.68 -37.99 -5.16
N GLY O 70 2.51 -38.93 -4.70
CA GLY O 70 3.80 -38.55 -4.18
C GLY O 70 4.86 -38.33 -5.23
N ASN O 71 4.78 -39.06 -6.34
CA ASN O 71 5.71 -38.98 -7.47
C ASN O 71 7.17 -39.19 -7.04
N GLY O 72 7.40 -40.08 -6.10
CA GLY O 72 8.74 -40.34 -5.62
C GLY O 72 9.26 -39.36 -4.62
N ALA O 73 8.37 -38.69 -3.88
CA ALA O 73 8.80 -37.73 -2.89
C ALA O 73 9.37 -38.44 -1.67
N THR O 74 9.98 -37.66 -0.79
CA THR O 74 10.57 -38.18 0.44
C THR O 74 10.18 -37.28 1.58
N VAL O 75 9.39 -37.81 2.52
CA VAL O 75 8.92 -37.05 3.66
C VAL O 75 9.68 -37.53 4.89
N ARG O 76 10.50 -36.64 5.44
CA ARG O 76 11.19 -36.89 6.69
C ARG O 76 10.46 -36.18 7.83
N THR O 77 10.88 -36.46 9.05
CA THR O 77 10.26 -35.82 10.21
C THR O 77 11.27 -35.76 11.34
N SER O 78 10.88 -35.01 12.37
CA SER O 78 11.62 -34.93 13.62
C SER O 78 10.68 -34.40 14.67
N GLY O 79 10.60 -35.09 15.81
CA GLY O 79 9.76 -34.67 16.91
C GLY O 79 8.93 -35.81 17.43
N THR O 80 8.12 -35.49 18.44
CA THR O 80 7.29 -36.49 19.11
C THR O 80 5.95 -36.72 18.43
N GLY O 81 5.58 -35.88 17.47
CA GLY O 81 4.30 -36.01 16.83
C GLY O 81 4.34 -37.03 15.71
N PRO O 82 3.18 -37.56 15.34
CA PRO O 82 3.08 -38.36 14.13
C PRO O 82 3.22 -37.49 12.89
N ILE O 83 3.54 -38.13 11.79
CA ILE O 83 3.31 -37.51 10.49
C ILE O 83 1.85 -37.73 10.15
N LEU O 84 1.24 -36.72 9.51
CA LEU O 84 0.09 -36.91 8.63
C LEU O 84 -1.14 -37.45 9.37
N ARG O 85 -1.59 -36.69 10.36
CA ARG O 85 -2.75 -37.08 11.14
C ARG O 85 -4.03 -36.94 10.33
N ILE O 86 -4.77 -38.03 10.17
CA ILE O 86 -5.99 -38.06 9.36
C ILE O 86 -7.17 -38.25 10.31
N VAL O 87 -7.91 -37.16 10.53
CA VAL O 87 -9.10 -37.17 11.38
C VAL O 87 -10.31 -36.93 10.49
N GLY O 88 -11.30 -37.83 10.58
CA GLY O 88 -12.48 -37.74 9.74
C GLY O 88 -13.74 -37.55 10.55
N ASN O 89 -14.84 -37.55 9.83
CA ASN O 89 -16.18 -37.68 10.39
C ASN O 89 -16.83 -38.92 9.79
N ARG O 90 -18.09 -39.14 10.14
CA ARG O 90 -18.80 -40.26 9.55
C ARG O 90 -19.29 -39.95 8.15
N THR O 91 -19.46 -38.67 7.81
CA THR O 91 -20.11 -38.28 6.56
C THR O 91 -19.06 -37.75 5.59
N GLU O 92 -18.41 -38.65 4.87
CA GLU O 92 -17.51 -38.29 3.78
C GLU O 92 -17.72 -39.27 2.64
N LYS O 93 -18.10 -38.76 1.47
CA LYS O 93 -18.32 -39.61 0.32
C LYS O 93 -17.04 -39.91 -0.44
N ARG O 94 -16.06 -39.02 -0.37
CA ARG O 94 -14.79 -39.23 -1.04
C ARG O 94 -13.90 -40.17 -0.22
N ASP O 95 -12.75 -40.50 -0.80
CA ASP O 95 -11.81 -41.41 -0.18
C ASP O 95 -10.42 -40.79 -0.13
N VAL O 96 -9.51 -41.46 0.57
CA VAL O 96 -8.13 -41.02 0.74
C VAL O 96 -7.23 -42.02 0.04
N ARG O 97 -6.30 -41.54 -0.79
CA ARG O 97 -5.29 -42.39 -1.39
C ARG O 97 -3.93 -41.75 -1.25
N ILE O 98 -3.10 -42.34 -0.39
CA ILE O 98 -1.72 -41.92 -0.19
C ILE O 98 -0.85 -42.85 -1.00
N GLN O 99 -0.04 -42.29 -1.89
CA GLN O 99 0.59 -43.09 -2.94
C GLN O 99 1.97 -42.55 -3.27
N ASP O 100 2.92 -43.48 -3.42
CA ASP O 100 4.26 -43.24 -4.00
C ASP O 100 5.09 -42.30 -3.15
N ILE O 101 5.03 -42.42 -1.83
CA ILE O 101 5.81 -41.58 -0.94
C ILE O 101 6.71 -42.48 -0.09
N SER O 102 7.92 -42.02 0.18
CA SER O 102 8.87 -42.75 1.00
C SER O 102 8.97 -42.05 2.36
N PHE O 103 8.18 -42.52 3.33
CA PHE O 103 8.20 -41.96 4.68
C PHE O 103 9.42 -42.46 5.44
N PHE O 104 10.19 -41.52 5.98
CA PHE O 104 11.34 -41.85 6.81
C PHE O 104 11.06 -41.41 8.24
N GLY O 105 11.92 -41.82 9.16
CA GLY O 105 11.75 -41.52 10.57
C GLY O 105 12.87 -40.66 11.13
N GLU O 106 12.79 -40.43 12.43
CA GLU O 106 13.82 -39.70 13.15
C GLU O 106 14.86 -40.66 13.72
N ASP O 107 15.39 -41.52 12.85
CA ASP O 107 16.30 -42.59 13.22
C ASP O 107 17.17 -42.95 12.03
N CYS O 108 18.17 -43.78 12.30
CA CYS O 108 18.98 -44.44 11.28
C CYS O 108 19.61 -45.65 11.94
N THR O 109 19.32 -46.86 11.40
CA THR O 109 19.66 -48.16 11.98
C THR O 109 19.12 -48.19 13.41
N PRO O 110 17.82 -48.43 13.58
CA PRO O 110 17.11 -47.96 14.78
C PRO O 110 17.53 -48.68 16.05
N ASN O 111 17.22 -48.05 17.17
CA ASN O 111 17.59 -48.56 18.49
C ASN O 111 16.72 -49.76 18.83
N ARG O 112 17.14 -50.95 18.42
CA ARG O 112 16.34 -52.13 18.63
C ARG O 112 16.51 -52.74 20.02
N MET O 113 17.40 -52.19 20.84
CA MET O 113 17.54 -52.65 22.21
C MET O 113 16.74 -51.81 23.20
N GLU O 114 16.21 -50.68 22.78
CA GLU O 114 15.42 -49.84 23.66
C GLU O 114 14.04 -50.45 23.86
N PRO O 115 13.56 -50.57 25.10
CA PRO O 115 12.25 -51.19 25.33
C PRO O 115 11.11 -50.26 24.94
N MET O 116 9.99 -50.88 24.57
CA MET O 116 8.79 -50.12 24.21
C MET O 116 8.17 -49.49 25.44
N SER O 117 7.78 -48.23 25.33
CA SER O 117 7.20 -47.51 26.45
C SER O 117 6.21 -46.49 25.91
N GLU O 118 5.71 -45.64 26.83
CA GLU O 118 4.73 -44.61 26.47
C GLU O 118 5.35 -43.50 25.63
N LYS O 119 6.67 -43.32 25.74
CA LYS O 119 7.35 -42.25 25.00
C LYS O 119 7.33 -42.50 23.50
N LEU O 120 7.42 -43.77 23.10
CA LEU O 120 7.58 -44.13 21.70
C LEU O 120 6.25 -44.43 21.00
N VAL O 121 5.12 -44.26 21.68
CA VAL O 121 3.86 -44.73 21.10
C VAL O 121 3.34 -43.78 20.03
N TYR O 122 3.80 -42.54 20.00
CA TYR O 122 3.32 -41.56 19.02
C TYR O 122 4.28 -41.39 17.85
N GLN O 123 5.19 -42.33 17.65
CA GLN O 123 6.18 -42.27 16.57
C GLN O 123 5.70 -43.01 15.33
N MET O 124 4.49 -42.72 14.85
CA MET O 124 3.99 -43.33 13.63
C MET O 124 3.98 -42.31 12.50
N ALA O 125 3.60 -42.77 11.31
CA ALA O 125 3.62 -41.94 10.11
C ALA O 125 2.25 -41.69 9.52
N ILE O 126 1.30 -42.58 9.75
CA ILE O 126 -0.08 -42.39 9.32
C ILE O 126 -0.97 -42.87 10.46
N TRP O 127 -1.79 -41.97 11.00
CA TRP O 127 -2.69 -42.31 12.09
C TRP O 127 -4.08 -41.82 11.70
N VAL O 128 -4.88 -42.74 11.17
CA VAL O 128 -6.25 -42.48 10.74
C VAL O 128 -7.19 -42.64 11.93
N THR O 129 -7.93 -41.57 12.26
CA THR O 129 -8.78 -41.65 13.44
C THR O 129 -10.10 -42.35 13.15
N ASP O 130 -10.95 -41.75 12.32
CA ASP O 130 -12.16 -42.44 11.86
C ASP O 130 -12.48 -42.07 10.41
N MET O 131 -11.46 -42.02 9.55
CA MET O 131 -11.67 -41.80 8.13
C MET O 131 -11.83 -43.14 7.42
N LYS O 132 -12.87 -43.26 6.62
CA LYS O 132 -13.14 -44.49 5.89
C LYS O 132 -12.48 -44.47 4.53
N ARG O 133 -12.21 -45.67 3.99
CA ARG O 133 -11.75 -45.90 2.63
C ARG O 133 -10.39 -45.24 2.34
N VAL O 134 -9.46 -45.42 3.26
CA VAL O 134 -8.10 -44.95 2.98
C VAL O 134 -7.37 -46.02 2.16
N THR O 135 -6.29 -45.60 1.51
CA THR O 135 -5.51 -46.49 0.65
C THR O 135 -4.06 -46.10 0.72
N ILE O 136 -3.20 -47.03 1.10
CA ILE O 136 -1.77 -46.80 1.18
C ILE O 136 -1.13 -47.74 0.17
N LYS O 137 -0.59 -47.18 -0.91
CA LYS O 137 -0.24 -47.94 -2.09
C LYS O 137 1.16 -47.54 -2.57
N GLY O 138 2.09 -48.47 -2.50
CA GLY O 138 3.42 -48.26 -3.02
C GLY O 138 4.26 -47.29 -2.22
N CYS O 139 4.37 -47.52 -0.92
CA CYS O 139 5.13 -46.65 -0.04
C CYS O 139 6.33 -47.38 0.55
N ASN O 140 7.18 -46.62 1.22
CA ASN O 140 8.41 -47.16 1.82
C ASN O 140 8.54 -46.55 3.21
N PHE O 141 8.34 -47.34 4.25
CA PHE O 141 8.38 -46.83 5.62
C PHE O 141 9.64 -47.38 6.28
N THR O 142 10.54 -46.49 6.70
CA THR O 142 11.78 -46.91 7.33
C THR O 142 11.91 -46.29 8.72
N ASN O 143 12.44 -47.08 9.66
CA ASN O 143 13.06 -46.59 10.89
C ASN O 143 12.07 -45.85 11.80
N PHE O 144 11.01 -46.54 12.19
CA PHE O 144 10.00 -45.98 13.08
C PHE O 144 10.09 -46.65 14.45
N ALA O 145 10.23 -45.83 15.48
CA ALA O 145 10.35 -46.37 16.83
C ALA O 145 9.00 -46.86 17.37
N GLY O 146 7.89 -46.35 16.84
CA GLY O 146 6.59 -46.84 17.23
C GLY O 146 5.96 -47.67 16.14
N ALA O 147 4.70 -47.42 15.84
CA ALA O 147 4.05 -48.11 14.74
C ALA O 147 4.45 -47.48 13.41
N ALA O 148 4.03 -48.12 12.32
CA ALA O 148 4.16 -47.54 11.00
C ALA O 148 2.86 -46.86 10.57
N VAL O 149 1.75 -47.61 10.60
CA VAL O 149 0.42 -47.05 10.50
C VAL O 149 -0.36 -47.51 11.73
N PHE O 150 -1.44 -46.80 12.02
CA PHE O 150 -2.34 -47.19 13.10
C PHE O 150 -3.74 -46.72 12.74
N PHE O 151 -4.64 -47.67 12.52
CA PHE O 151 -6.01 -47.40 12.10
C PHE O 151 -6.92 -47.51 13.32
N GLU O 152 -7.13 -46.38 13.97
CA GLU O 152 -8.08 -46.30 15.06
C GLU O 152 -9.49 -46.31 14.50
N GLU O 153 -10.48 -46.61 15.35
CA GLU O 153 -11.88 -46.46 14.99
C GLU O 153 -12.70 -46.28 16.26
N THR O 154 -13.55 -45.27 16.27
CA THR O 154 -14.41 -45.01 17.42
C THR O 154 -15.63 -45.93 17.38
N ALA O 155 -16.52 -45.77 18.35
CA ALA O 155 -17.67 -46.66 18.51
C ALA O 155 -18.73 -46.32 17.48
N TYR O 156 -18.96 -47.25 16.55
CA TYR O 156 -20.03 -47.13 15.56
C TYR O 156 -21.09 -48.19 15.83
N ASN O 157 -22.27 -47.97 15.26
CA ASN O 157 -23.40 -48.86 15.50
C ASN O 157 -24.13 -49.12 14.19
N GLY O 158 -25.01 -50.13 14.22
CA GLY O 158 -25.89 -50.41 13.11
C GLY O 158 -25.33 -51.33 12.06
N PHE O 159 -24.34 -52.17 12.42
CA PHE O 159 -23.68 -53.13 11.52
C PHE O 159 -23.10 -52.44 10.29
N PHE O 160 -22.53 -51.26 10.49
CA PHE O 160 -21.95 -50.49 9.40
C PHE O 160 -20.45 -50.81 9.37
N TRP O 161 -20.14 -51.98 8.82
CA TRP O 161 -18.80 -52.54 8.95
C TRP O 161 -17.85 -52.04 7.88
N SER O 162 -18.23 -50.97 7.16
CA SER O 162 -17.75 -50.72 5.80
C SER O 162 -16.25 -50.47 5.71
N MET O 163 -15.79 -49.26 6.07
CA MET O 163 -14.40 -48.81 6.34
C MET O 163 -13.32 -49.55 5.53
N GLN O 164 -13.56 -49.69 4.22
CA GLN O 164 -12.77 -50.61 3.42
C GLN O 164 -11.41 -50.01 3.06
N HIS O 165 -10.40 -50.43 3.80
CA HIS O 165 -9.05 -49.91 3.66
C HIS O 165 -8.20 -50.89 2.85
N LEU O 166 -7.18 -50.37 2.18
CA LEU O 166 -6.21 -51.18 1.47
C LEU O 166 -4.81 -50.71 1.84
N ILE O 167 -3.93 -51.66 2.14
CA ILE O 167 -2.52 -51.39 2.39
C ILE O 167 -1.76 -52.40 1.53
N THR O 168 -1.28 -51.97 0.37
CA THR O 168 -0.63 -52.89 -0.55
C THR O 168 0.69 -52.32 -1.02
N GLU O 169 1.58 -53.24 -1.42
CA GLU O 169 2.82 -52.95 -2.14
C GLU O 169 3.78 -52.06 -1.35
N CYS O 170 3.80 -52.21 -0.04
CA CYS O 170 4.64 -51.37 0.81
C CYS O 170 5.89 -52.13 1.26
N ARG O 171 6.88 -51.36 1.70
CA ARG O 171 8.15 -51.90 2.16
C ARG O 171 8.44 -51.33 3.53
N PHE O 172 8.51 -52.19 4.54
CA PHE O 172 8.70 -51.75 5.93
C PHE O 172 10.06 -52.27 6.38
N THR O 173 10.96 -51.36 6.73
CA THR O 173 12.30 -51.73 7.23
C THR O 173 12.55 -51.05 8.56
N GLY O 174 12.90 -51.83 9.58
CA GLY O 174 13.34 -51.30 10.83
C GLY O 174 12.26 -50.75 11.74
N CYS O 175 11.00 -50.78 11.32
CA CYS O 175 9.92 -50.32 12.18
C CYS O 175 9.72 -51.29 13.33
N ARG O 176 9.48 -50.76 14.52
CA ARG O 176 9.25 -51.63 15.67
C ARG O 176 7.92 -52.36 15.55
N ILE O 177 6.87 -51.65 15.14
CA ILE O 177 5.57 -52.25 14.87
C ILE O 177 5.19 -51.86 13.44
N GLY O 178 4.73 -52.85 12.67
CA GLY O 178 4.36 -52.60 11.29
C GLY O 178 2.95 -52.06 11.20
N ILE O 179 2.07 -52.74 10.47
CA ILE O 179 0.68 -52.32 10.40
C ILE O 179 0.02 -52.58 11.76
N ALA O 180 -0.25 -51.51 12.50
CA ALA O 180 -1.06 -51.58 13.70
C ALA O 180 -2.47 -51.16 13.36
N ASN O 181 -3.43 -51.64 14.14
CA ASN O 181 -4.83 -51.31 13.94
C ASN O 181 -5.56 -51.31 15.28
N GLY O 182 -6.45 -50.35 15.46
CA GLY O 182 -7.22 -50.27 16.67
C GLY O 182 -8.36 -51.24 16.68
N GLY O 183 -9.13 -51.20 17.77
CA GLY O 183 -10.34 -51.98 17.83
C GLY O 183 -11.40 -51.45 16.89
N ARG O 184 -12.31 -52.35 16.50
CA ARG O 184 -13.43 -52.09 15.60
C ARG O 184 -13.00 -51.57 14.22
N SER O 185 -11.76 -51.86 13.81
CA SER O 185 -11.27 -51.48 12.49
C SER O 185 -11.40 -52.72 11.60
N GLU O 186 -12.63 -52.99 11.19
CA GLU O 186 -13.02 -54.29 10.67
C GLU O 186 -13.06 -54.27 9.14
N TYR O 187 -12.81 -55.45 8.56
CA TYR O 187 -13.05 -55.77 7.15
C TYR O 187 -12.25 -54.87 6.20
N SER O 188 -10.93 -55.03 6.26
CA SER O 188 -10.03 -54.36 5.35
C SER O 188 -8.90 -55.33 5.00
N THR O 189 -8.16 -55.02 3.94
CA THR O 189 -7.11 -55.90 3.49
C THR O 189 -5.74 -55.24 3.63
N ALA O 190 -4.72 -56.07 3.80
CA ALA O 190 -3.34 -55.60 3.91
C ALA O 190 -2.47 -56.73 3.38
N SER O 191 -2.07 -56.63 2.11
CA SER O 191 -1.39 -57.73 1.46
C SER O 191 -0.21 -57.22 0.65
N PHE O 192 0.73 -58.13 0.41
CA PHE O 192 1.94 -57.90 -0.39
C PHE O 192 2.77 -56.75 0.15
N ASN O 193 2.91 -56.70 1.47
CA ASN O 193 3.79 -55.75 2.12
C ASN O 193 5.02 -56.51 2.57
N ASN O 194 6.17 -56.11 2.07
CA ASN O 194 7.40 -56.88 2.27
C ASN O 194 8.09 -56.34 3.51
N PHE O 195 7.86 -57.01 4.63
CA PHE O 195 8.47 -56.65 5.90
C PHE O 195 9.93 -57.04 5.93
N PHE O 196 10.73 -56.30 6.70
CA PHE O 196 12.12 -56.65 6.93
C PHE O 196 12.58 -55.97 8.21
N ASP O 197 13.24 -56.74 9.08
CA ASP O 197 13.91 -56.24 10.29
C ASP O 197 12.93 -55.52 11.22
N CYS O 198 11.72 -56.07 11.35
CA CYS O 198 10.70 -55.51 12.22
C CYS O 198 10.53 -56.38 13.45
N GLN O 199 10.10 -55.77 14.56
CA GLN O 199 9.87 -56.59 15.75
C GLN O 199 8.51 -57.26 15.69
N ILE O 200 7.47 -56.50 15.33
CA ILE O 200 6.12 -57.03 15.18
C ILE O 200 5.57 -56.51 13.86
N CYS O 201 5.16 -57.43 12.98
CA CYS O 201 4.62 -57.01 11.69
C CYS O 201 3.18 -56.58 11.80
N PHE O 202 2.39 -57.22 12.65
CA PHE O 202 0.96 -56.92 12.80
C PHE O 202 0.59 -56.92 14.28
N ASN O 203 0.32 -55.73 14.82
CA ASN O 203 -0.20 -55.61 16.18
C ASN O 203 -1.72 -55.63 16.10
N VAL O 204 -2.27 -56.82 15.98
CA VAL O 204 -3.67 -57.01 15.60
C VAL O 204 -4.57 -56.80 16.82
N VAL O 205 -5.42 -55.78 16.73
CA VAL O 205 -6.53 -55.61 17.68
C VAL O 205 -7.88 -55.81 16.95
N GLY O 206 -8.11 -55.09 15.90
CA GLY O 206 -9.33 -55.29 15.12
C GLY O 206 -9.24 -56.55 14.30
N GLY O 207 -10.40 -57.22 14.15
CA GLY O 207 -10.47 -58.49 13.46
C GLY O 207 -10.98 -58.35 12.03
N ASN O 208 -11.28 -59.53 11.45
CA ASN O 208 -11.88 -59.67 10.11
C ASN O 208 -11.03 -59.04 9.01
N TRP O 209 -9.72 -58.96 9.21
CA TRP O 209 -8.81 -58.47 8.18
C TRP O 209 -8.52 -59.56 7.16
N ASN O 210 -7.68 -59.26 6.19
CA ASN O 210 -7.32 -60.22 5.15
C ASN O 210 -5.89 -59.95 4.74
N ARG O 211 -5.01 -60.92 4.99
CA ARG O 211 -3.57 -60.78 4.76
C ARG O 211 -3.15 -61.89 3.81
N CYS O 212 -2.87 -61.53 2.56
CA CYS O 212 -2.88 -62.49 1.45
C CYS O 212 -1.64 -62.34 0.58
N GLY O 213 -0.46 -62.41 1.19
CA GLY O 213 0.74 -62.34 0.38
C GLY O 213 1.93 -61.64 0.99
N ASN O 214 1.81 -61.20 2.23
CA ASN O 214 2.87 -60.48 2.91
C ASN O 214 4.09 -61.36 3.15
N ILE O 215 5.27 -60.76 3.05
CA ILE O 215 6.53 -61.44 3.31
C ILE O 215 7.18 -60.78 4.52
N ALA O 216 7.55 -61.60 5.50
CA ALA O 216 8.19 -61.12 6.73
C ALA O 216 9.50 -61.86 6.91
N ALA O 217 10.57 -61.28 6.39
CA ALA O 217 11.91 -61.84 6.53
C ALA O 217 12.65 -61.12 7.65
N ASN O 218 13.34 -61.91 8.49
CA ASN O 218 14.15 -61.44 9.61
C ASN O 218 13.33 -60.59 10.59
N CYS O 219 12.13 -61.04 10.89
CA CYS O 219 11.26 -60.35 11.82
C CYS O 219 10.98 -61.24 13.02
N ARG O 220 10.96 -60.64 14.21
CA ARG O 220 10.78 -61.43 15.44
C ARG O 220 9.36 -61.97 15.54
N CYS O 221 8.37 -61.08 15.46
CA CYS O 221 6.97 -61.47 15.54
C CYS O 221 6.24 -60.99 14.29
N VAL O 222 5.22 -61.73 13.89
CA VAL O 222 4.39 -61.39 12.75
C VAL O 222 2.96 -61.14 13.17
N TYR O 223 2.39 -62.03 13.98
CA TYR O 223 1.01 -61.91 14.42
C TYR O 223 1.00 -61.87 15.94
N LEU O 224 0.75 -60.69 16.50
CA LEU O 224 0.62 -60.52 17.95
C LEU O 224 -0.84 -60.31 18.29
N HIS O 225 -1.34 -61.08 19.25
CA HIS O 225 -2.67 -60.81 19.80
C HIS O 225 -2.73 -61.29 21.24
N THR O 226 -2.78 -60.35 22.17
CA THR O 226 -2.86 -60.62 23.60
C THR O 226 -4.06 -59.89 24.17
N THR O 227 -4.13 -59.77 25.49
CA THR O 227 -4.98 -58.79 26.13
C THR O 227 -4.13 -57.60 26.56
N ASN O 228 -4.66 -56.40 26.32
CA ASN O 228 -4.05 -55.11 26.68
C ASN O 228 -2.68 -54.93 26.00
N MET O 229 -2.72 -54.83 24.67
CA MET O 229 -1.53 -54.46 23.91
C MET O 229 -1.30 -52.95 23.96
N TRP O 230 -0.28 -52.53 23.22
CA TRP O 230 -0.20 -51.16 22.76
C TRP O 230 -1.12 -51.00 21.55
N TYR O 231 -1.42 -49.73 21.23
CA TYR O 231 -2.14 -49.32 20.03
C TYR O 231 -3.53 -49.94 19.96
N GLU O 232 -4.37 -49.59 20.92
CA GLU O 232 -5.78 -49.96 20.90
C GLU O 232 -6.69 -48.80 20.55
N GLY O 233 -6.40 -47.61 21.06
CA GLY O 233 -7.20 -46.44 20.76
C GLY O 233 -8.54 -46.45 21.48
N ALA O 234 -9.35 -45.46 21.16
CA ALA O 234 -10.71 -45.41 21.66
C ALA O 234 -11.54 -46.51 21.01
N GLY O 235 -12.40 -47.14 21.80
CA GLY O 235 -13.09 -48.32 21.32
C GLY O 235 -12.12 -49.48 21.17
N GLY O 236 -11.67 -50.01 22.30
CA GLY O 236 -10.51 -50.88 22.31
C GLY O 236 -10.76 -52.32 21.92
N ASN O 237 -10.27 -53.25 22.74
CA ASN O 237 -10.19 -54.66 22.40
C ASN O 237 -11.59 -55.27 22.48
N PHE O 238 -12.29 -55.22 21.35
CA PHE O 238 -13.66 -55.70 21.25
C PHE O 238 -13.88 -56.33 19.88
N ASN O 239 -14.45 -57.54 19.88
CA ASN O 239 -14.74 -58.35 18.68
C ASN O 239 -13.47 -58.53 17.83
N ALA O 240 -12.52 -59.24 18.42
CA ALA O 240 -11.13 -59.21 17.97
C ALA O 240 -10.71 -60.51 17.31
N ALA O 241 -9.70 -60.38 16.44
CA ALA O 241 -8.92 -61.49 15.89
C ALA O 241 -9.78 -62.50 15.14
N HIS O 242 -10.37 -62.05 14.04
CA HIS O 242 -11.22 -62.88 13.21
C HIS O 242 -10.73 -62.96 11.77
N GLY O 243 -9.53 -62.47 11.49
CA GLY O 243 -9.11 -62.23 10.13
C GLY O 243 -8.73 -63.47 9.37
N SER O 244 -8.21 -63.25 8.18
CA SER O 244 -7.63 -64.29 7.35
C SER O 244 -6.12 -64.11 7.31
N PHE O 245 -5.41 -65.21 7.10
CA PHE O 245 -3.95 -65.14 7.01
C PHE O 245 -3.52 -66.24 6.05
N THR O 246 -3.35 -65.87 4.78
CA THR O 246 -3.27 -66.84 3.69
C THR O 246 -2.04 -66.57 2.84
N GLY O 247 -1.20 -67.58 2.67
CA GLY O 247 -0.12 -67.53 1.70
C GLY O 247 0.99 -66.55 2.02
N ASN O 248 1.25 -66.32 3.29
CA ASN O 248 2.26 -65.37 3.70
C ASN O 248 3.60 -66.06 3.93
N THR O 249 4.60 -65.28 4.32
CA THR O 249 5.96 -65.76 4.49
C THR O 249 6.53 -65.15 5.76
N MET O 250 6.93 -66.00 6.71
CA MET O 250 7.48 -65.58 7.98
C MET O 250 8.75 -66.35 8.31
N ASN O 251 9.67 -66.40 7.36
CA ASN O 251 10.91 -67.14 7.58
C ASN O 251 11.85 -66.37 8.50
N HIS O 252 12.67 -67.14 9.25
CA HIS O 252 13.72 -66.64 10.14
C HIS O 252 13.17 -65.71 11.23
N CYS O 253 12.34 -66.28 12.09
CA CYS O 253 11.80 -65.55 13.23
C CYS O 253 12.52 -65.85 14.54
N ASP O 254 13.14 -67.02 14.65
CA ASP O 254 13.84 -67.39 15.87
C ASP O 254 15.32 -67.67 15.65
N TYR O 255 15.68 -68.27 14.53
CA TYR O 255 17.06 -68.60 14.23
C TYR O 255 17.42 -68.03 12.86
N GLY O 256 18.68 -67.69 12.69
CA GLY O 256 19.15 -67.17 11.42
C GLY O 256 19.60 -65.74 11.49
N GLY O 257 18.86 -64.85 10.84
CA GLY O 257 19.25 -63.45 10.79
C GLY O 257 18.32 -62.51 11.54
N ASN O 258 17.85 -62.94 12.69
CA ASN O 258 16.95 -62.13 13.49
C ASN O 258 17.76 -61.32 14.49
N LEU O 259 17.31 -60.07 14.72
CA LEU O 259 18.10 -59.11 15.50
C LEU O 259 17.36 -58.50 16.67
N TRP O 260 16.04 -58.54 16.70
CA TRP O 260 15.28 -57.95 17.78
C TRP O 260 15.26 -58.89 18.99
N PRO O 261 15.20 -58.34 20.20
CA PRO O 261 15.09 -59.20 21.39
C PRO O 261 13.70 -59.82 21.50
N THR O 262 13.57 -60.73 22.47
CA THR O 262 12.34 -61.50 22.63
C THR O 262 11.32 -60.81 23.54
N ALA O 263 11.77 -60.06 24.53
CA ALA O 263 10.85 -59.34 25.40
C ALA O 263 10.26 -58.14 24.67
N PHE O 264 9.04 -57.77 25.05
CA PHE O 264 8.37 -56.68 24.35
C PHE O 264 7.86 -55.56 25.27
N GLN O 265 7.56 -55.85 26.54
CA GLN O 265 7.11 -54.89 27.55
C GLN O 265 5.81 -54.20 27.12
N LEU O 266 4.73 -55.00 27.15
CA LEU O 266 3.36 -54.51 27.08
C LEU O 266 3.06 -53.51 28.20
N PRO O 267 1.98 -52.71 28.08
CA PRO O 267 1.65 -51.76 29.18
C PRO O 267 1.30 -52.42 30.50
N ASP O 268 0.92 -53.70 30.52
CA ASP O 268 0.61 -54.39 31.75
C ASP O 268 1.74 -55.29 32.24
N ARG O 269 2.46 -55.93 31.33
CA ARG O 269 3.41 -56.98 31.69
C ARG O 269 4.47 -57.05 30.60
N GLU O 270 5.34 -58.04 30.70
CA GLU O 270 6.28 -58.37 29.64
C GLU O 270 6.03 -59.80 29.18
N ILE O 271 6.26 -60.05 27.89
CA ILE O 271 5.97 -61.33 27.28
C ILE O 271 7.11 -61.72 26.34
N GLN O 272 7.22 -63.02 26.09
CA GLN O 272 8.23 -63.56 25.19
C GLN O 272 7.61 -63.70 23.80
N LEU O 273 8.15 -62.97 22.84
CA LEU O 273 7.59 -62.97 21.49
C LEU O 273 7.89 -64.28 20.77
N ALA O 274 7.03 -64.60 19.80
CA ALA O 274 7.21 -65.72 18.89
C ALA O 274 6.78 -65.26 17.50
N GLY O 275 6.94 -66.12 16.50
CA GLY O 275 6.49 -65.79 15.17
C GLY O 275 4.98 -65.76 15.02
N PHE O 276 4.25 -66.39 15.95
CA PHE O 276 2.80 -66.35 15.98
C PHE O 276 2.38 -66.42 17.44
N TYR O 277 2.17 -65.28 18.06
CA TYR O 277 1.86 -65.21 19.49
C TYR O 277 0.39 -64.85 19.64
N PHE O 278 -0.34 -65.68 20.38
CA PHE O 278 -1.80 -65.53 20.48
C PHE O 278 -2.23 -65.94 21.87
N ASP O 279 -2.83 -65.01 22.62
CA ASP O 279 -3.31 -65.27 23.98
C ASP O 279 -4.51 -64.36 24.27
N ASN O 280 -5.71 -64.87 23.98
CA ASN O 280 -6.92 -64.12 24.31
C ASN O 280 -8.07 -65.10 24.44
N ALA O 281 -8.64 -65.19 25.64
CA ALA O 281 -9.71 -66.14 25.92
C ALA O 281 -11.03 -65.78 25.27
N ARG O 282 -11.19 -64.54 24.80
CA ARG O 282 -12.44 -64.09 24.22
C ARG O 282 -12.43 -64.06 22.69
N ALA O 283 -11.27 -64.26 22.06
CA ALA O 283 -11.14 -64.15 20.62
C ALA O 283 -10.88 -65.51 20.00
N ARG O 284 -11.33 -65.66 18.75
CA ARG O 284 -11.15 -66.90 18.01
C ARG O 284 -9.88 -66.81 17.16
N CYS O 285 -9.62 -67.85 16.38
CA CYS O 285 -8.36 -67.91 15.67
C CYS O 285 -8.55 -67.62 14.19
N PRO O 286 -7.57 -66.99 13.54
CA PRO O 286 -7.69 -66.73 12.10
C PRO O 286 -7.46 -67.99 11.27
N THR O 287 -7.88 -67.91 10.01
CA THR O 287 -7.58 -69.00 9.08
C THR O 287 -6.10 -68.99 8.73
N TRP O 288 -5.57 -70.18 8.50
CA TRP O 288 -4.12 -70.37 8.43
C TRP O 288 -3.80 -71.32 7.27
N THR O 289 -3.59 -70.76 6.09
CA THR O 289 -3.30 -71.57 4.90
C THR O 289 -2.10 -71.02 4.14
N GLY O 290 -1.32 -71.93 3.57
CA GLY O 290 -0.29 -71.59 2.61
C GLY O 290 0.89 -70.81 3.14
N ASN O 291 1.06 -70.72 4.45
CA ASN O 291 2.12 -69.91 5.04
C ASN O 291 3.43 -70.69 5.10
N THR O 292 4.53 -70.03 4.79
CA THR O 292 5.85 -70.64 4.91
C THR O 292 6.47 -70.20 6.22
N GLN O 293 6.96 -71.16 6.99
CA GLN O 293 7.73 -70.87 8.20
C GLN O 293 9.07 -71.59 8.09
N TYR O 294 10.14 -70.83 8.06
CA TYR O 294 11.47 -71.35 8.34
C TYR O 294 11.93 -70.75 9.65
N TYR O 295 12.11 -71.62 10.65
CA TYR O 295 12.62 -71.27 11.98
C TYR O 295 11.73 -70.24 12.68
N GLY O 296 10.43 -70.34 12.45
CA GLY O 296 9.48 -69.43 13.04
C GLY O 296 8.62 -70.08 14.12
N ASP O 297 8.69 -69.55 15.33
CA ASP O 297 7.97 -70.13 16.46
C ASP O 297 6.47 -69.87 16.33
N MET O 298 5.69 -70.66 17.07
CA MET O 298 4.26 -70.43 17.20
C MET O 298 3.87 -70.71 18.66
N LYS O 299 3.12 -69.79 19.25
CA LYS O 299 2.65 -69.95 20.63
C LYS O 299 1.13 -69.79 20.64
N ILE O 300 0.43 -70.92 20.75
CA ILE O 300 -1.02 -70.95 20.89
C ILE O 300 -1.31 -71.07 22.38
N LEU O 301 -1.62 -69.95 23.02
CA LEU O 301 -1.78 -69.98 24.46
C LEU O 301 -3.24 -70.13 24.89
N ASN O 302 -4.14 -69.31 24.34
CA ASN O 302 -5.53 -69.33 24.78
C ASN O 302 -6.42 -68.74 23.70
N PHE O 303 -7.50 -69.45 23.37
CA PHE O 303 -8.57 -68.92 22.54
C PHE O 303 -9.91 -69.39 23.10
N ASN O 304 -10.96 -69.29 22.27
CA ASN O 304 -12.32 -69.56 22.74
C ASN O 304 -12.74 -70.99 22.41
N GLN O 305 -12.17 -71.95 23.15
CA GLN O 305 -12.54 -73.35 22.93
C GLN O 305 -13.57 -73.83 23.96
N ALA O 306 -14.18 -72.89 24.68
CA ALA O 306 -14.94 -73.09 25.94
C ALA O 306 -16.07 -74.10 25.75
N ASN O 307 -16.94 -73.93 24.75
CA ASN O 307 -18.06 -74.86 24.55
C ASN O 307 -17.95 -75.49 23.16
N ASP O 308 -16.74 -75.95 22.84
CA ASP O 308 -16.34 -76.45 21.52
C ASP O 308 -16.62 -75.40 20.46
N ALA O 309 -16.17 -74.17 20.71
CA ALA O 309 -16.52 -73.03 19.89
C ALA O 309 -15.45 -72.66 18.87
N ALA O 310 -14.22 -73.15 19.03
CA ALA O 310 -13.18 -72.83 18.08
C ALA O 310 -12.16 -73.96 18.09
N ILE O 311 -11.62 -74.26 16.90
CA ILE O 311 -10.56 -75.24 16.72
C ILE O 311 -9.51 -74.61 15.82
N PHE O 312 -8.26 -74.61 16.26
CA PHE O 312 -7.18 -74.01 15.49
C PHE O 312 -6.57 -75.07 14.58
N VAL O 313 -6.62 -74.83 13.28
CA VAL O 313 -6.19 -75.81 12.28
C VAL O 313 -5.14 -75.17 11.39
N ILE O 314 -3.96 -75.78 11.35
CA ILE O 314 -2.91 -75.40 10.41
C ILE O 314 -3.04 -76.26 9.17
N ASP O 315 -3.17 -75.63 8.01
CA ASP O 315 -3.44 -76.32 6.76
C ASP O 315 -2.48 -75.84 5.68
N GLY O 316 -1.80 -76.78 5.02
CA GLY O 316 -0.98 -76.47 3.86
C GLY O 316 0.21 -75.59 4.12
N CYS O 317 0.86 -75.72 5.27
CA CYS O 317 1.92 -74.82 5.66
C CYS O 317 3.24 -75.56 5.87
N ALA O 318 4.33 -74.79 5.84
CA ALA O 318 5.66 -75.31 6.09
C ALA O 318 6.06 -75.01 7.53
N LEU O 319 6.80 -75.93 8.15
CA LEU O 319 7.22 -75.73 9.53
C LEU O 319 8.74 -75.65 9.68
N TYR O 320 9.48 -76.69 9.31
CA TYR O 320 10.92 -76.73 9.01
C TYR O 320 11.80 -76.05 10.08
N GLY O 321 11.76 -76.58 11.29
CA GLY O 321 12.80 -76.17 12.23
C GLY O 321 13.59 -77.33 12.81
N GLN O 322 14.82 -77.51 12.37
CA GLN O 322 15.65 -78.60 12.88
C GLN O 322 16.40 -78.32 14.18
N PRO O 323 17.26 -77.24 14.31
CA PRO O 323 18.21 -77.23 15.45
C PRO O 323 17.58 -76.93 16.79
N GLY O 324 17.45 -77.95 17.63
CA GLY O 324 16.96 -77.72 18.98
C GLY O 324 15.47 -77.44 19.00
N ASP O 325 15.12 -76.26 19.49
CA ASP O 325 13.72 -75.84 19.61
C ASP O 325 13.43 -74.60 18.76
N THR O 326 14.23 -74.37 17.73
CA THR O 326 14.00 -73.23 16.84
C THR O 326 12.87 -73.56 15.88
N GLY O 327 11.95 -72.62 15.73
CA GLY O 327 10.78 -72.86 14.91
C GLY O 327 9.71 -73.72 15.54
N SER O 328 9.82 -73.99 16.85
CA SER O 328 8.93 -74.93 17.50
C SER O 328 7.54 -74.35 17.69
N ILE O 329 6.55 -75.23 17.75
CA ILE O 329 5.16 -74.86 17.97
C ILE O 329 4.81 -75.19 19.41
N GLU O 330 4.36 -74.19 20.15
CA GLU O 330 4.06 -74.33 21.57
C GLU O 330 2.57 -74.13 21.80
N THR O 331 1.94 -75.10 22.47
CA THR O 331 0.54 -74.99 22.86
C THR O 331 0.43 -75.24 24.36
N THR O 332 -0.64 -74.71 24.94
CA THR O 332 -0.94 -74.98 26.34
C THR O 332 -1.49 -76.39 26.47
N ALA O 333 -1.16 -77.06 27.58
CA ALA O 333 -1.58 -78.43 27.81
C ALA O 333 -3.10 -78.58 27.95
N ALA O 334 -3.81 -77.50 28.26
CA ALA O 334 -5.26 -77.53 28.25
C ALA O 334 -5.85 -77.30 26.87
N LEU O 335 -5.02 -77.12 25.85
CA LEU O 335 -5.48 -76.83 24.50
C LEU O 335 -5.00 -77.88 23.50
N THR O 336 -4.67 -79.08 23.97
CA THR O 336 -4.13 -80.11 23.07
C THR O 336 -5.20 -80.67 22.15
N ASP O 337 -6.45 -80.70 22.60
CA ASP O 337 -7.52 -81.31 21.82
C ASP O 337 -8.07 -80.40 20.74
N LYS O 338 -7.63 -79.15 20.69
CA LYS O 338 -8.21 -78.17 19.78
C LYS O 338 -7.21 -77.62 18.76
N VAL O 339 -5.94 -78.00 18.84
CA VAL O 339 -4.93 -77.56 17.89
C VAL O 339 -4.64 -78.71 16.95
N PHE O 340 -5.05 -78.56 15.69
CA PHE O 340 -4.90 -79.60 14.68
C PHE O 340 -3.96 -79.09 13.59
N ILE O 341 -3.24 -80.02 12.97
CA ILE O 341 -2.35 -79.67 11.85
C ILE O 341 -2.65 -80.73 10.74
N GLN O 342 -3.53 -80.34 9.83
CA GLN O 342 -3.94 -81.25 8.74
C GLN O 342 -3.42 -80.69 7.42
N GLY O 343 -2.38 -81.30 6.89
CA GLY O 343 -1.79 -80.83 5.64
C GLY O 343 -0.63 -79.91 5.92
N CYS O 344 0.59 -80.41 5.82
CA CYS O 344 1.77 -79.71 6.31
C CYS O 344 3.03 -80.38 5.83
N GLN O 345 4.11 -79.62 5.76
CA GLN O 345 5.43 -80.16 5.50
C GLN O 345 6.42 -79.59 6.51
N GLY O 346 7.29 -80.45 7.03
CA GLY O 346 8.23 -80.02 8.05
C GLY O 346 9.51 -80.83 8.03
N ASN O 347 10.58 -80.26 8.57
CA ASN O 347 11.86 -80.93 8.56
C ASN O 347 11.89 -82.00 9.65
N LYS O 348 12.07 -81.56 10.90
CA LYS O 348 11.76 -82.33 12.10
C LYS O 348 11.62 -81.32 13.22
N VAL O 349 10.40 -80.90 13.48
CA VAL O 349 10.20 -79.70 14.28
C VAL O 349 9.59 -80.08 15.63
N THR O 350 9.96 -79.35 16.67
CA THR O 350 9.49 -79.66 18.01
C THR O 350 8.06 -79.19 18.17
N LEU O 351 7.16 -80.12 18.50
CA LEU O 351 5.76 -79.79 18.79
C LEU O 351 5.56 -79.93 20.29
N PHE O 352 5.30 -78.82 20.96
CA PHE O 352 5.02 -78.83 22.39
C PHE O 352 3.53 -79.00 22.62
N ASN O 353 3.16 -80.11 23.26
CA ASN O 353 1.79 -80.41 23.71
C ASN O 353 0.80 -80.48 22.55
N ILE O 354 1.13 -81.30 21.56
CA ILE O 354 0.24 -81.59 20.44
C ILE O 354 0.23 -83.10 20.25
N LYS O 355 -0.96 -83.69 20.23
CA LYS O 355 -1.08 -85.14 20.13
C LYS O 355 -0.71 -85.64 18.74
N ALA O 356 -0.36 -86.92 18.67
CA ALA O 356 0.10 -87.50 17.41
C ALA O 356 -1.05 -87.74 16.43
N ALA O 357 -2.22 -88.12 16.94
CA ALA O 357 -3.35 -88.37 16.07
C ALA O 357 -3.94 -87.09 15.49
N ASN O 358 -3.66 -85.94 16.11
CA ASN O 358 -4.22 -84.67 15.65
C ASN O 358 -3.44 -84.05 14.51
N VAL O 359 -2.30 -84.62 14.13
CA VAL O 359 -1.48 -84.08 13.05
C VAL O 359 -1.37 -85.11 11.92
N VAL O 360 -1.78 -84.72 10.73
CA VAL O 360 -1.59 -85.52 9.52
C VAL O 360 -0.97 -84.66 8.44
N PRO O 361 0.12 -85.09 7.80
CA PRO O 361 0.86 -86.34 8.03
C PRO O 361 1.79 -86.29 9.23
N ALA O 362 2.33 -87.45 9.61
CA ALA O 362 3.16 -87.56 10.81
C ALA O 362 4.52 -86.94 10.55
N ILE O 363 4.69 -85.69 10.96
CA ILE O 363 5.98 -85.01 10.89
C ILE O 363 6.34 -84.51 12.29
N GLY O 364 7.58 -84.10 12.43
CA GLY O 364 8.02 -83.37 13.60
C GLY O 364 8.23 -84.24 14.83
N THR O 365 8.90 -83.64 15.82
CA THR O 365 9.13 -84.27 17.12
C THR O 365 8.09 -83.76 18.11
N ILE O 366 7.45 -84.69 18.81
CA ILE O 366 6.41 -84.35 19.77
C ILE O 366 7.01 -84.40 21.18
N LYS O 367 7.01 -83.26 21.85
CA LYS O 367 7.46 -83.15 23.22
C LYS O 367 6.37 -82.55 24.08
N GLN O 368 6.64 -82.43 25.38
CA GLN O 368 5.69 -81.87 26.33
C GLN O 368 6.39 -80.79 27.14
N LYS O 369 5.73 -79.64 27.30
CA LYS O 369 6.25 -78.51 28.04
C LYS O 369 5.31 -78.21 29.20
N PRO O 370 5.53 -78.84 30.37
CA PRO O 370 4.69 -78.57 31.54
C PRO O 370 5.02 -77.22 32.17
N VAL P 4 -3.79 -9.42 -31.21
CA VAL P 4 -3.80 -10.60 -32.06
C VAL P 4 -3.08 -10.32 -33.38
N GLU P 5 -2.49 -9.13 -33.49
CA GLU P 5 -1.78 -8.74 -34.70
C GLU P 5 -0.40 -8.13 -34.43
N GLU P 6 -0.16 -7.64 -33.20
CA GLU P 6 1.16 -7.25 -32.68
C GLU P 6 1.78 -6.11 -33.49
N LEU P 7 1.14 -4.94 -33.38
CA LEU P 7 1.58 -3.74 -34.08
C LEU P 7 2.51 -2.87 -33.24
N TYR P 8 3.28 -3.47 -32.33
CA TYR P 8 4.28 -2.70 -31.60
C TYR P 8 5.39 -2.28 -32.56
N VAL P 9 5.89 -1.06 -32.40
CA VAL P 9 6.90 -0.58 -33.33
C VAL P 9 8.26 -1.17 -32.94
N ILE P 10 9.22 -1.05 -33.84
CA ILE P 10 10.51 -1.69 -33.67
C ILE P 10 11.59 -0.75 -34.18
N ASN P 11 12.70 -0.71 -33.47
CA ASN P 11 13.84 0.03 -33.98
C ASN P 11 14.86 -0.95 -34.57
N PRO P 12 15.67 -0.53 -35.55
CA PRO P 12 16.60 -1.48 -36.17
C PRO P 12 17.75 -1.83 -35.23
N ILE P 13 18.34 -3.01 -35.48
CA ILE P 13 19.46 -3.45 -34.69
C ILE P 13 20.69 -2.61 -35.03
N ASN P 14 21.55 -2.41 -34.03
CA ASN P 14 22.61 -1.41 -34.13
C ASN P 14 23.97 -2.03 -34.41
N GLN P 15 23.99 -3.18 -35.10
CA GLN P 15 25.20 -3.92 -35.49
C GLN P 15 26.08 -4.29 -34.30
N TRP P 16 25.44 -4.48 -33.15
CA TRP P 16 26.12 -4.92 -31.94
C TRP P 16 26.39 -6.42 -31.99
N PRO P 17 27.36 -6.90 -31.20
CA PRO P 17 27.33 -8.32 -30.85
C PRO P 17 26.15 -8.58 -29.93
N ALA P 18 25.30 -9.53 -30.32
CA ALA P 18 24.06 -9.78 -29.61
C ALA P 18 24.36 -10.43 -28.25
N PRO P 19 23.56 -10.11 -27.23
CA PRO P 19 23.75 -10.77 -25.92
C PRO P 19 23.31 -12.22 -25.96
N GLY P 20 23.80 -12.97 -24.98
CA GLY P 20 23.60 -14.41 -24.96
C GLY P 20 22.18 -14.86 -24.66
N SER P 21 21.52 -15.44 -25.66
CA SER P 21 20.17 -15.96 -25.52
C SER P 21 20.23 -17.49 -25.49
N PHE P 22 19.64 -18.08 -24.45
CA PHE P 22 19.64 -19.52 -24.27
C PHE P 22 18.21 -20.02 -24.08
N SER P 23 17.96 -21.24 -24.53
CA SER P 23 16.63 -21.84 -24.42
C SER P 23 16.71 -23.21 -23.77
N SER P 24 17.42 -23.31 -22.64
CA SER P 24 17.57 -24.59 -21.96
C SER P 24 16.35 -24.88 -21.09
N GLN P 25 16.43 -26.00 -20.35
CA GLN P 25 15.40 -26.48 -19.42
C GLN P 25 14.07 -26.73 -20.13
N LYS P 26 14.13 -27.24 -21.36
CA LYS P 26 12.92 -27.52 -22.11
C LYS P 26 12.22 -28.80 -21.62
N PRO P 27 12.91 -29.88 -21.22
CA PRO P 27 12.24 -30.86 -20.38
C PRO P 27 12.39 -30.52 -18.90
N PRO P 28 11.29 -30.45 -18.17
CA PRO P 28 11.40 -30.35 -16.70
C PRO P 28 11.95 -31.64 -16.09
N GLY P 29 11.34 -32.77 -16.42
CA GLY P 29 11.86 -34.07 -16.05
C GLY P 29 11.59 -35.16 -17.06
N THR P 30 11.05 -34.77 -18.23
CA THR P 30 10.53 -35.75 -19.18
C THR P 30 11.65 -36.34 -20.02
N LEU P 31 11.26 -37.20 -20.96
CA LEU P 31 12.21 -37.87 -21.86
C LEU P 31 11.53 -38.03 -23.21
N LEU P 32 11.99 -37.27 -24.20
CA LEU P 32 11.42 -37.28 -25.53
C LEU P 32 11.84 -38.52 -26.30
N PRO P 33 11.09 -38.91 -27.33
CA PRO P 33 11.58 -39.97 -28.23
C PRO P 33 12.80 -39.51 -29.01
N GLY P 34 13.68 -40.46 -29.29
CA GLY P 34 14.89 -40.15 -30.04
C GLY P 34 15.93 -39.39 -29.24
N GLU P 35 15.88 -39.50 -27.92
CA GLU P 35 16.83 -38.83 -27.04
C GLU P 35 17.56 -39.90 -26.23
N ASP P 36 18.86 -39.70 -26.01
CA ASP P 36 19.69 -40.67 -25.30
C ASP P 36 19.29 -40.76 -23.83
N PRO P 37 18.84 -41.92 -23.35
CA PRO P 37 18.32 -41.98 -21.97
C PRO P 37 19.40 -42.03 -20.91
N GLU P 38 20.65 -42.32 -21.28
CA GLU P 38 21.69 -42.47 -20.27
C GLU P 38 22.09 -41.14 -19.66
N ALA P 39 21.94 -40.05 -20.39
CA ALA P 39 22.23 -38.73 -19.87
C ALA P 39 21.05 -38.12 -19.11
N VAL P 40 19.87 -38.72 -19.22
CA VAL P 40 18.70 -38.22 -18.51
C VAL P 40 18.50 -38.97 -17.19
N PHE P 41 18.76 -40.29 -17.21
CA PHE P 41 18.69 -41.09 -15.99
C PHE P 41 19.79 -40.73 -15.01
N LYS P 42 20.90 -40.16 -15.48
CA LYS P 42 21.96 -39.71 -14.58
C LYS P 42 21.56 -38.45 -13.83
N GLN P 43 20.76 -37.57 -14.46
CA GLN P 43 20.48 -36.27 -13.89
C GLN P 43 19.30 -36.27 -12.93
N TYR P 44 18.22 -36.94 -13.26
CA TYR P 44 16.99 -36.84 -12.49
C TYR P 44 16.77 -38.08 -11.62
N HIS P 45 15.80 -37.97 -10.72
CA HIS P 45 15.37 -39.08 -9.89
C HIS P 45 14.08 -39.70 -10.37
N VAL P 46 13.17 -38.91 -10.92
CA VAL P 46 11.91 -39.39 -11.47
C VAL P 46 11.84 -38.94 -12.92
N VAL P 47 11.72 -39.90 -13.83
CA VAL P 47 11.72 -39.62 -15.26
C VAL P 47 10.37 -39.99 -15.82
N TYR P 48 9.61 -38.98 -16.25
CA TYR P 48 8.37 -39.22 -16.96
C TYR P 48 8.66 -39.57 -18.41
N LEU P 49 7.70 -40.21 -19.06
CA LEU P 49 7.80 -40.51 -20.47
C LEU P 49 6.62 -39.88 -21.20
N VAL P 50 6.78 -39.71 -22.49
CA VAL P 50 5.72 -39.11 -23.32
C VAL P 50 4.55 -40.08 -23.42
N PRO P 51 3.31 -39.66 -23.15
CA PRO P 51 2.18 -40.59 -23.14
C PRO P 51 1.87 -41.13 -24.51
N GLY P 52 1.89 -42.46 -24.63
CA GLY P 52 1.60 -43.11 -25.89
C GLY P 52 2.68 -42.93 -26.93
N ALA P 53 3.94 -42.87 -26.51
CA ALA P 53 5.04 -42.63 -27.43
C ALA P 53 5.46 -43.94 -28.08
N GLN P 54 6.62 -43.92 -28.75
CA GLN P 54 7.15 -45.10 -29.41
C GLN P 54 8.68 -44.99 -29.34
N TYR P 55 9.28 -45.73 -28.42
CA TYR P 55 10.69 -45.59 -28.12
C TYR P 55 11.50 -46.67 -28.83
N HIS P 56 12.82 -46.60 -28.67
CA HIS P 56 13.71 -47.63 -29.16
C HIS P 56 14.96 -47.60 -28.27
N TRP P 57 15.05 -48.53 -27.34
CA TRP P 57 16.15 -48.57 -26.38
C TRP P 57 16.96 -49.84 -26.58
N LYS P 58 18.23 -49.76 -26.18
CA LYS P 58 19.13 -50.91 -26.26
C LYS P 58 20.29 -50.66 -25.32
N ASN P 59 20.44 -51.54 -24.32
CA ASN P 59 21.56 -51.57 -23.37
C ASN P 59 21.65 -50.26 -22.59
N ILE P 60 20.52 -49.82 -22.05
CA ILE P 60 20.46 -48.59 -21.26
C ILE P 60 21.05 -48.90 -19.88
N LEU P 61 22.24 -48.40 -19.63
CA LEU P 61 22.91 -48.63 -18.36
C LEU P 61 22.37 -47.68 -17.31
N ILE P 62 21.87 -48.22 -16.20
CA ILE P 62 21.37 -47.44 -15.09
C ILE P 62 22.20 -47.78 -13.85
N GLU P 63 22.77 -46.76 -13.23
CA GLU P 63 23.56 -46.92 -12.02
C GLU P 63 22.88 -46.36 -10.78
N LYS P 64 22.30 -45.18 -10.88
CA LYS P 64 21.57 -44.67 -9.74
C LYS P 64 20.09 -45.04 -9.82
N PRO P 65 19.45 -45.32 -8.69
CA PRO P 65 18.04 -45.75 -8.72
C PRO P 65 17.10 -44.62 -9.09
N VAL P 66 16.38 -44.80 -10.19
CA VAL P 66 15.43 -43.82 -10.68
C VAL P 66 14.06 -44.47 -10.78
N TRP P 67 13.04 -43.65 -10.95
CA TRP P 67 11.69 -44.13 -11.22
C TRP P 67 11.30 -43.74 -12.63
N ILE P 68 10.66 -44.66 -13.35
CA ILE P 68 10.28 -44.45 -14.74
C ILE P 68 8.77 -44.59 -14.82
N TYR P 69 8.06 -43.46 -14.83
CA TYR P 69 6.63 -43.47 -15.13
C TYR P 69 6.44 -43.54 -16.63
N GLY P 70 5.89 -44.65 -17.12
CA GLY P 70 5.85 -44.88 -18.55
C GLY P 70 4.74 -44.17 -19.26
N ASN P 71 3.59 -44.00 -18.59
CA ASN P 71 2.39 -43.33 -19.12
C ASN P 71 1.92 -43.94 -20.43
N GLY P 72 2.00 -45.25 -20.55
CA GLY P 72 1.58 -45.94 -21.75
C GLY P 72 2.57 -45.91 -22.89
N ALA P 73 3.86 -45.76 -22.57
CA ALA P 73 4.86 -45.75 -23.61
C ALA P 73 5.10 -47.14 -24.17
N THR P 74 5.85 -47.20 -25.27
CA THR P 74 6.16 -48.46 -25.92
C THR P 74 7.64 -48.47 -26.27
N VAL P 75 8.39 -49.36 -25.63
CA VAL P 75 9.82 -49.47 -25.84
C VAL P 75 10.09 -50.72 -26.66
N ARG P 76 10.56 -50.52 -27.88
CA ARG P 76 11.00 -51.61 -28.74
C ARG P 76 12.52 -51.70 -28.71
N THR P 77 13.04 -52.75 -29.31
CA THR P 77 14.49 -52.95 -29.34
C THR P 77 14.86 -53.75 -30.57
N SER P 78 16.17 -53.81 -30.82
CA SER P 78 16.75 -54.65 -31.85
C SER P 78 18.22 -54.82 -31.54
N GLY P 79 18.69 -56.05 -31.52
CA GLY P 79 20.08 -56.34 -31.26
C GLY P 79 20.25 -57.43 -30.23
N THR P 80 21.51 -57.73 -29.93
CA THR P 80 21.84 -58.81 -29.01
C THR P 80 21.86 -58.37 -27.56
N GLY P 81 21.80 -57.07 -27.29
CA GLY P 81 21.87 -56.59 -25.93
C GLY P 81 20.52 -56.64 -25.24
N PRO P 82 20.52 -56.65 -23.92
CA PRO P 82 19.28 -56.46 -23.18
C PRO P 82 18.80 -55.02 -23.29
N ILE P 83 17.53 -54.84 -23.01
CA ILE P 83 17.04 -53.51 -22.68
C ILE P 83 17.38 -53.25 -21.23
N LEU P 84 17.73 -52.00 -20.91
CA LEU P 84 17.54 -51.42 -19.57
C LEU P 84 18.36 -52.16 -18.49
N ARG P 85 19.67 -52.16 -18.67
CA ARG P 85 20.57 -52.81 -17.73
C ARG P 85 20.66 -52.01 -16.43
N ILE P 86 20.32 -52.65 -15.32
CA ILE P 86 20.29 -51.99 -14.01
C ILE P 86 21.41 -52.57 -13.17
N VAL P 87 22.49 -51.81 -13.00
CA VAL P 87 23.65 -52.21 -12.20
C VAL P 87 23.70 -51.31 -10.98
N GLY P 88 23.76 -51.91 -9.80
CA GLY P 88 23.76 -51.15 -8.57
C GLY P 88 25.02 -51.37 -7.76
N ASN P 89 25.03 -50.75 -6.58
CA ASN P 89 25.97 -51.04 -5.53
C ASN P 89 25.20 -51.50 -4.30
N ARG P 90 25.93 -51.74 -3.22
CA ARG P 90 25.25 -52.10 -1.99
C ARG P 90 24.64 -50.91 -1.28
N THR P 91 25.14 -49.70 -1.53
CA THR P 91 24.78 -48.51 -0.78
C THR P 91 23.88 -47.62 -1.63
N GLU P 92 22.58 -47.93 -1.63
CA GLU P 92 21.59 -47.06 -2.26
C GLU P 92 20.35 -47.04 -1.37
N LYS P 93 19.98 -45.85 -0.91
CA LYS P 93 18.81 -45.73 -0.05
C LYS P 93 17.51 -45.63 -0.84
N ARG P 94 17.58 -45.12 -2.07
CA ARG P 94 16.40 -45.02 -2.91
C ARG P 94 16.07 -46.36 -3.54
N ASP P 95 14.94 -46.39 -4.26
CA ASP P 95 14.46 -47.61 -4.90
C ASP P 95 14.17 -47.34 -6.38
N VAL P 96 13.90 -48.42 -7.10
CA VAL P 96 13.60 -48.37 -8.53
C VAL P 96 12.15 -48.78 -8.72
N ARG P 97 11.40 -48.01 -9.49
CA ARG P 97 10.04 -48.39 -9.87
C ARG P 97 9.85 -48.19 -11.36
N ILE P 98 9.77 -49.28 -12.09
CA ILE P 98 9.48 -49.27 -13.52
C ILE P 98 8.01 -49.57 -13.69
N GLN P 99 7.29 -48.67 -14.37
CA GLN P 99 5.84 -48.67 -14.31
C GLN P 99 5.24 -48.24 -15.63
N ASP P 100 4.20 -48.96 -16.06
CA ASP P 100 3.30 -48.59 -17.15
C ASP P 100 4.01 -48.53 -18.50
N ILE P 101 4.91 -49.46 -18.77
CA ILE P 101 5.61 -49.50 -20.04
C ILE P 101 5.32 -50.84 -20.71
N SER P 102 5.19 -50.83 -22.03
CA SER P 102 4.95 -52.04 -22.81
C SER P 102 6.23 -52.41 -23.55
N PHE P 103 7.05 -53.28 -22.95
CA PHE P 103 8.28 -53.73 -23.57
C PHE P 103 7.99 -54.75 -24.66
N PHE P 104 8.51 -54.49 -25.85
CA PHE P 104 8.39 -55.42 -26.97
C PHE P 104 9.77 -55.98 -27.29
N GLY P 105 9.80 -57.01 -28.15
CA GLY P 105 11.04 -57.65 -28.51
C GLY P 105 11.37 -57.51 -29.99
N GLU P 106 12.45 -58.18 -30.38
CA GLU P 106 12.87 -58.22 -31.78
C GLU P 106 12.27 -59.45 -32.47
N ASP P 107 10.96 -59.59 -32.34
CA ASP P 107 10.24 -60.76 -32.83
C ASP P 107 8.79 -60.37 -33.11
N CYS P 108 8.08 -61.30 -33.74
CA CYS P 108 6.63 -61.24 -33.89
C CYS P 108 6.16 -62.66 -34.16
N THR P 109 5.28 -63.19 -33.28
CA THR P 109 4.85 -64.59 -33.22
C THR P 109 6.11 -65.47 -33.15
N PRO P 110 6.70 -65.58 -31.97
CA PRO P 110 8.13 -65.92 -31.87
C PRO P 110 8.45 -67.33 -32.31
N ASN P 111 9.73 -67.54 -32.61
CA ASN P 111 10.21 -68.82 -33.10
C ASN P 111 10.24 -69.83 -31.96
N ARG P 112 9.12 -70.52 -31.75
CA ARG P 112 9.01 -71.44 -30.64
C ARG P 112 9.60 -72.81 -30.96
N MET P 113 10.06 -73.05 -32.17
CA MET P 113 10.72 -74.29 -32.50
C MET P 113 12.23 -74.21 -32.41
N GLU P 114 12.79 -73.01 -32.27
CA GLU P 114 14.23 -72.85 -32.16
C GLU P 114 14.70 -73.25 -30.77
N PRO P 115 15.73 -74.08 -30.66
CA PRO P 115 16.18 -74.53 -29.33
C PRO P 115 16.92 -73.43 -28.59
N MET P 116 16.86 -73.50 -27.26
CA MET P 116 17.56 -72.56 -26.41
C MET P 116 19.06 -72.80 -26.47
N SER P 117 19.82 -71.72 -26.58
CA SER P 117 21.27 -71.83 -26.67
C SER P 117 21.90 -70.59 -26.07
N GLU P 118 23.22 -70.47 -26.21
CA GLU P 118 23.97 -69.34 -25.66
C GLU P 118 23.68 -68.05 -26.41
N LYS P 119 23.23 -68.14 -27.66
CA LYS P 119 22.95 -66.95 -28.46
C LYS P 119 21.75 -66.18 -27.92
N LEU P 120 20.77 -66.88 -27.39
CA LEU P 120 19.51 -66.26 -26.99
C LEU P 120 19.47 -65.87 -25.52
N VAL P 121 20.57 -66.03 -24.78
CA VAL P 121 20.50 -65.85 -23.34
C VAL P 121 20.48 -64.38 -22.95
N TYR P 122 20.90 -63.48 -23.83
CA TYR P 122 20.95 -62.06 -23.52
C TYR P 122 19.76 -61.29 -24.09
N GLN P 123 18.70 -62.00 -24.46
CA GLN P 123 17.51 -61.36 -25.04
C GLN P 123 16.46 -61.07 -23.98
N MET P 124 16.83 -60.38 -22.90
CA MET P 124 15.88 -60.00 -21.87
C MET P 124 15.62 -58.49 -21.94
N ALA P 125 14.71 -58.02 -21.10
CA ALA P 125 14.29 -56.63 -21.11
C ALA P 125 14.64 -55.88 -19.84
N ILE P 126 14.79 -56.57 -18.72
CA ILE P 126 15.22 -55.98 -17.46
C ILE P 126 16.18 -56.96 -16.82
N TRP P 127 17.42 -56.53 -16.61
CA TRP P 127 18.45 -57.37 -16.00
C TRP P 127 19.07 -56.57 -14.86
N VAL P 128 18.58 -56.82 -13.65
CA VAL P 128 19.06 -56.16 -12.43
C VAL P 128 20.25 -56.93 -11.88
N THR P 129 21.39 -56.24 -11.75
CA THR P 129 22.59 -56.95 -11.32
C THR P 129 22.64 -57.12 -9.80
N ASP P 130 22.75 -56.03 -9.05
CA ASP P 130 22.62 -56.10 -7.60
C ASP P 130 21.94 -54.85 -7.05
N MET P 131 20.89 -54.39 -7.72
CA MET P 131 20.09 -53.27 -7.21
C MET P 131 18.96 -53.81 -6.36
N LYS P 132 18.80 -53.23 -5.16
CA LYS P 132 17.77 -53.67 -4.24
C LYS P 132 16.50 -52.85 -4.44
N ARG P 133 15.37 -53.44 -4.05
CA ARG P 133 14.06 -52.79 -3.99
C ARG P 133 13.57 -52.29 -5.34
N VAL P 134 13.69 -53.13 -6.36
CA VAL P 134 13.09 -52.79 -7.64
C VAL P 134 11.62 -53.15 -7.64
N THR P 135 10.88 -52.55 -8.56
CA THR P 135 9.43 -52.77 -8.64
C THR P 135 9.02 -52.70 -10.10
N ILE P 136 8.39 -53.77 -10.59
CA ILE P 136 7.90 -53.84 -11.95
C ILE P 136 6.39 -53.97 -11.86
N LYS P 137 5.67 -52.92 -12.24
CA LYS P 137 4.26 -52.77 -11.92
C LYS P 137 3.49 -52.35 -13.16
N GLY P 138 2.61 -53.22 -13.63
CA GLY P 138 1.73 -52.88 -14.74
C GLY P 138 2.42 -52.78 -16.08
N CYS P 139 3.16 -53.81 -16.45
CA CYS P 139 3.90 -53.82 -17.70
C CYS P 139 3.37 -54.90 -18.62
N ASN P 140 3.84 -54.88 -19.87
CA ASN P 140 3.42 -55.82 -20.90
C ASN P 140 4.66 -56.28 -21.64
N PHE P 141 5.08 -57.52 -21.45
CA PHE P 141 6.30 -58.03 -22.08
C PHE P 141 5.89 -59.04 -23.15
N THR P 142 6.24 -58.75 -24.40
CA THR P 142 5.89 -59.63 -25.51
C THR P 142 7.14 -60.07 -26.26
N ASN P 143 7.14 -61.34 -26.68
CA ASN P 143 7.99 -61.85 -27.76
C ASN P 143 9.47 -61.76 -27.45
N PHE P 144 9.89 -62.39 -26.35
CA PHE P 144 11.29 -62.41 -25.94
C PHE P 144 11.85 -63.81 -26.15
N ALA P 145 12.96 -63.88 -26.88
CA ALA P 145 13.58 -65.18 -27.15
C ALA P 145 14.32 -65.71 -25.94
N GLY P 146 14.74 -64.85 -25.02
CA GLY P 146 15.37 -65.29 -23.80
C GLY P 146 14.45 -65.13 -22.62
N ALA P 147 14.96 -64.59 -21.52
CA ALA P 147 14.12 -64.32 -20.37
C ALA P 147 13.31 -63.03 -20.59
N ALA P 148 12.41 -62.76 -19.66
CA ALA P 148 11.70 -61.48 -19.63
C ALA P 148 12.37 -60.53 -18.64
N VAL P 149 12.51 -60.97 -17.38
CA VAL P 149 13.36 -60.32 -16.41
C VAL P 149 14.35 -61.35 -15.90
N PHE P 150 15.44 -60.86 -15.31
CA PHE P 150 16.42 -61.73 -14.68
C PHE P 150 17.06 -60.97 -13.54
N PHE P 151 16.82 -61.44 -12.31
CA PHE P 151 17.31 -60.78 -11.09
C PHE P 151 18.54 -61.53 -10.60
N GLU P 152 19.70 -61.08 -11.05
CA GLU P 152 20.96 -61.60 -10.56
C GLU P 152 21.21 -61.06 -9.15
N GLU P 153 22.12 -61.71 -8.42
CA GLU P 153 22.59 -61.18 -7.15
C GLU P 153 23.97 -61.76 -6.87
N THR P 154 24.92 -60.89 -6.52
CA THR P 154 26.26 -61.34 -6.19
C THR P 154 26.32 -61.85 -4.75
N ALA P 155 27.51 -62.23 -4.31
CA ALA P 155 27.69 -62.86 -3.00
C ALA P 155 27.62 -61.80 -1.91
N TYR P 156 26.59 -61.86 -1.09
CA TYR P 156 26.45 -61.01 0.08
C TYR P 156 26.58 -61.84 1.35
N ASN P 157 26.84 -61.16 2.46
CA ASN P 157 27.06 -61.83 3.74
C ASN P 157 26.34 -61.09 4.85
N GLY P 158 26.23 -61.75 6.00
CA GLY P 158 25.71 -61.13 7.19
C GLY P 158 24.21 -61.22 7.36
N PHE P 159 23.57 -62.22 6.73
CA PHE P 159 22.12 -62.43 6.78
C PHE P 159 21.34 -61.21 6.35
N PHE P 160 21.84 -60.52 5.33
CA PHE P 160 21.19 -59.32 4.83
C PHE P 160 20.31 -59.72 3.65
N TRP P 161 19.15 -60.28 3.99
CA TRP P 161 18.32 -60.97 3.00
C TRP P 161 17.39 -60.02 2.27
N SER P 162 17.62 -58.71 2.39
CA SER P 162 16.56 -57.70 2.26
C SER P 162 15.94 -57.65 0.88
N MET P 163 16.61 -57.02 -0.10
CA MET P 163 16.39 -57.05 -1.56
C MET P 163 14.92 -57.22 -2.00
N GLN P 164 14.04 -56.45 -1.35
CA GLN P 164 12.61 -56.72 -1.47
C GLN P 164 12.04 -56.21 -2.79
N HIS P 165 11.87 -57.14 -3.72
CA HIS P 165 11.41 -56.83 -5.06
C HIS P 165 9.92 -57.16 -5.19
N LEU P 166 9.25 -56.46 -6.10
CA LEU P 166 7.87 -56.74 -6.43
C LEU P 166 7.71 -56.81 -7.95
N ILE P 167 7.02 -57.83 -8.42
CA ILE P 167 6.67 -57.96 -9.83
C ILE P 167 5.19 -58.27 -9.86
N THR P 168 4.37 -57.26 -10.12
CA THR P 168 2.93 -57.45 -10.07
C THR P 168 2.27 -56.88 -11.31
N GLU P 169 1.09 -57.43 -11.62
CA GLU P 169 0.15 -56.91 -12.61
C GLU P 169 0.74 -56.86 -14.02
N CYS P 170 1.58 -57.83 -14.36
CA CYS P 170 2.23 -57.85 -15.67
C CYS P 170 1.57 -58.88 -16.58
N ARG P 171 1.82 -58.71 -17.88
CA ARG P 171 1.27 -59.59 -18.91
C ARG P 171 2.41 -60.08 -19.78
N PHE P 172 2.65 -61.38 -19.79
CA PHE P 172 3.77 -61.97 -20.52
C PHE P 172 3.18 -62.82 -21.64
N THR P 173 3.49 -62.49 -22.88
CA THR P 173 3.03 -63.26 -24.04
C THR P 173 4.22 -63.64 -24.91
N GLY P 174 4.35 -64.93 -25.19
CA GLY P 174 5.33 -65.39 -26.15
C GLY P 174 6.76 -65.43 -25.67
N CYS P 175 7.03 -65.02 -24.44
CA CYS P 175 8.39 -65.08 -23.91
C CYS P 175 8.79 -66.53 -23.67
N ARG P 176 10.03 -66.87 -24.01
CA ARG P 176 10.49 -68.23 -23.81
C ARG P 176 10.63 -68.54 -22.32
N ILE P 177 11.20 -67.61 -21.56
CA ILE P 177 11.31 -67.71 -20.11
C ILE P 177 10.68 -66.45 -19.52
N GLY P 178 9.82 -66.63 -18.53
CA GLY P 178 9.15 -65.51 -17.90
C GLY P 178 10.03 -64.88 -16.86
N ILE P 179 9.56 -64.80 -15.62
CA ILE P 179 10.38 -64.26 -14.54
C ILE P 179 11.52 -65.23 -14.25
N ALA P 180 12.73 -64.88 -14.63
CA ALA P 180 13.93 -65.60 -14.24
C ALA P 180 14.57 -64.88 -13.07
N ASN P 181 15.32 -65.63 -12.28
CA ASN P 181 16.00 -65.06 -11.12
C ASN P 181 17.29 -65.83 -10.86
N GLY P 182 18.33 -65.11 -10.51
CA GLY P 182 19.61 -65.74 -10.21
C GLY P 182 19.63 -66.33 -8.82
N GLY P 183 20.77 -66.90 -8.48
CA GLY P 183 20.98 -67.36 -7.13
C GLY P 183 21.08 -66.22 -6.14
N ARG P 184 20.76 -66.53 -4.89
CA ARG P 184 20.78 -65.61 -3.75
C ARG P 184 19.87 -64.39 -3.95
N SER P 185 18.85 -64.50 -4.80
CA SER P 185 17.88 -63.42 -4.99
C SER P 185 16.66 -63.76 -4.15
N GLU P 186 16.81 -63.55 -2.85
CA GLU P 186 15.92 -64.14 -1.85
C GLU P 186 14.88 -63.15 -1.38
N TYR P 187 13.72 -63.68 -0.98
CA TYR P 187 12.66 -62.97 -0.24
C TYR P 187 12.09 -61.79 -1.04
N SER P 188 11.44 -62.13 -2.14
CA SER P 188 10.71 -61.15 -2.94
C SER P 188 9.43 -61.79 -3.44
N THR P 189 8.51 -60.97 -3.91
CA THR P 189 7.22 -61.48 -4.37
C THR P 189 7.04 -61.25 -5.86
N ALA P 190 6.23 -62.11 -6.47
CA ALA P 190 5.92 -62.02 -7.89
C ALA P 190 4.54 -62.64 -8.07
N SER P 191 3.51 -61.79 -8.10
CA SER P 191 2.15 -62.29 -8.07
C SER P 191 1.30 -61.54 -9.07
N PHE P 192 0.20 -62.18 -9.48
CA PHE P 192 -0.81 -61.65 -10.40
C PHE P 192 -0.20 -61.25 -11.74
N ASN P 193 0.69 -62.08 -12.24
CA ASN P 193 1.25 -61.90 -13.56
C ASN P 193 0.59 -62.91 -14.48
N ASN P 194 -0.10 -62.44 -15.50
CA ASN P 194 -0.93 -63.29 -16.33
C ASN P 194 -0.09 -63.79 -17.49
N PHE P 195 0.46 -64.99 -17.35
CA PHE P 195 1.27 -65.61 -18.38
C PHE P 195 0.39 -66.12 -19.52
N PHE P 196 0.97 -66.17 -20.72
CA PHE P 196 0.30 -66.75 -21.87
C PHE P 196 1.35 -67.12 -22.90
N ASP P 197 1.25 -68.35 -23.42
CA ASP P 197 2.07 -68.84 -24.54
C ASP P 197 3.56 -68.77 -24.23
N CYS P 198 3.92 -69.12 -23.00
CA CYS P 198 5.31 -69.12 -22.57
C CYS P 198 5.81 -70.55 -22.43
N GLN P 199 7.12 -70.75 -22.61
CA GLN P 199 7.63 -72.10 -22.42
C GLN P 199 7.87 -72.39 -20.95
N ILE P 200 8.50 -71.46 -20.23
CA ILE P 200 8.75 -71.58 -18.80
C ILE P 200 8.34 -70.27 -18.15
N CYS P 201 7.43 -70.34 -17.18
CA CYS P 201 6.98 -69.12 -16.52
C CYS P 201 7.96 -68.68 -15.44
N PHE P 202 8.60 -69.62 -14.74
CA PHE P 202 9.52 -69.30 -13.66
C PHE P 202 10.75 -70.21 -13.76
N ASN P 203 11.89 -69.63 -14.13
CA ASN P 203 13.16 -70.34 -14.11
C ASN P 203 13.80 -70.11 -12.75
N VAL P 204 13.34 -70.87 -11.77
CA VAL P 204 13.63 -70.59 -10.37
C VAL P 204 15.02 -71.09 -10.00
N VAL P 205 15.89 -70.16 -9.62
CA VAL P 205 17.18 -70.50 -8.99
C VAL P 205 17.17 -70.00 -7.53
N GLY P 206 16.92 -68.74 -7.31
CA GLY P 206 16.84 -68.24 -5.95
C GLY P 206 15.54 -68.68 -5.30
N GLY P 207 15.62 -68.94 -3.98
CA GLY P 207 14.50 -69.43 -3.23
C GLY P 207 13.80 -68.35 -2.43
N ASN P 208 12.91 -68.80 -1.55
CA ASN P 208 12.16 -67.98 -0.59
C ASN P 208 11.30 -66.90 -1.26
N TRP P 209 10.88 -67.14 -2.50
CA TRP P 209 9.99 -66.22 -3.19
C TRP P 209 8.55 -66.44 -2.73
N ASN P 210 7.62 -65.67 -3.31
CA ASN P 210 6.22 -65.79 -2.94
C ASN P 210 5.39 -65.50 -4.19
N ARG P 211 4.67 -66.51 -4.66
CA ARG P 211 3.90 -66.43 -5.90
C ARG P 211 2.44 -66.71 -5.57
N CYS P 212 1.61 -65.67 -5.60
CA CYS P 212 0.33 -65.67 -4.89
C CYS P 212 -0.80 -65.16 -5.80
N GLY P 213 -0.96 -65.75 -6.97
CA GLY P 213 -2.05 -65.33 -7.82
C GLY P 213 -1.80 -65.35 -9.32
N ASN P 214 -0.62 -65.82 -9.72
CA ASN P 214 -0.26 -65.85 -11.13
C ASN P 214 -1.12 -66.82 -11.93
N ILE P 215 -1.43 -66.45 -13.16
CA ILE P 215 -2.19 -67.30 -14.07
C ILE P 215 -1.29 -67.67 -15.24
N ALA P 216 -1.19 -68.97 -15.53
CA ALA P 216 -0.36 -69.49 -16.61
C ALA P 216 -1.25 -70.32 -17.53
N ALA P 217 -1.81 -69.68 -18.54
CA ALA P 217 -2.63 -70.37 -19.53
C ALA P 217 -1.80 -70.65 -20.78
N ASN P 218 -1.95 -71.88 -21.31
CA ASN P 218 -1.28 -72.35 -22.52
C ASN P 218 0.24 -72.24 -22.42
N CYS P 219 0.78 -72.60 -21.26
CA CYS P 219 2.22 -72.58 -21.04
C CYS P 219 2.72 -73.99 -20.79
N ARG P 220 3.90 -74.31 -21.34
CA ARG P 220 4.43 -75.66 -21.22
C ARG P 220 4.89 -75.95 -19.79
N CYS P 221 5.76 -75.11 -19.26
CA CYS P 221 6.26 -75.27 -17.90
C CYS P 221 5.97 -74.01 -17.11
N VAL P 222 5.77 -74.18 -15.81
CA VAL P 222 5.52 -73.07 -14.89
C VAL P 222 6.63 -72.97 -13.85
N TYR P 223 7.00 -74.09 -13.24
CA TYR P 223 8.02 -74.11 -12.21
C TYR P 223 9.13 -75.06 -12.64
N LEU P 224 10.26 -74.51 -13.04
CA LEU P 224 11.43 -75.29 -13.40
C LEU P 224 12.47 -75.17 -12.31
N HIS P 225 12.98 -76.30 -11.83
CA HIS P 225 14.13 -76.28 -10.94
C HIS P 225 14.92 -77.56 -11.10
N THR P 226 16.11 -77.44 -11.69
CA THR P 226 17.01 -78.56 -11.92
C THR P 226 18.37 -78.22 -11.31
N THR P 227 19.39 -78.98 -11.67
CA THR P 227 20.77 -78.55 -11.50
C THR P 227 21.30 -78.04 -12.83
N ASN P 228 22.02 -76.91 -12.78
CA ASN P 228 22.66 -76.25 -13.92
C ASN P 228 21.64 -75.85 -14.99
N MET P 229 20.76 -74.92 -14.61
CA MET P 229 19.88 -74.30 -15.59
C MET P 229 20.60 -73.23 -16.40
N TRP P 230 19.82 -72.56 -17.24
CA TRP P 230 20.17 -71.24 -17.72
C TRP P 230 19.84 -70.22 -16.64
N TYR P 231 20.42 -69.02 -16.79
CA TYR P 231 20.12 -67.85 -15.98
C TYR P 231 20.39 -68.08 -14.49
N GLU P 232 21.66 -68.32 -14.17
CA GLU P 232 22.09 -68.41 -12.78
C GLU P 232 22.88 -67.20 -12.34
N GLY P 233 23.73 -66.67 -13.20
CA GLY P 233 24.52 -65.49 -12.88
C GLY P 233 25.64 -65.80 -11.91
N ALA P 234 26.32 -64.72 -11.51
CA ALA P 234 27.33 -64.84 -10.47
C ALA P 234 26.68 -65.14 -9.13
N GLY P 235 27.31 -66.02 -8.35
CA GLY P 235 26.67 -66.51 -7.15
C GLY P 235 25.51 -67.41 -7.50
N GLY P 236 25.81 -68.60 -8.01
CA GLY P 236 24.82 -69.42 -8.68
C GLY P 236 23.89 -70.21 -7.78
N ASN P 237 23.75 -71.50 -8.09
CA ASN P 237 22.73 -72.36 -7.50
C ASN P 237 23.12 -72.68 -6.06
N PHE P 238 22.67 -71.82 -5.15
CA PHE P 238 22.98 -71.94 -3.73
C PHE P 238 21.78 -71.50 -2.90
N ASN P 239 21.40 -72.34 -1.93
CA ASN P 239 20.26 -72.14 -1.02
C ASN P 239 18.98 -71.91 -1.81
N ALA P 240 18.58 -72.94 -2.54
CA ALA P 240 17.64 -72.79 -3.64
C ALA P 240 16.28 -73.40 -3.32
N ALA P 241 15.25 -72.88 -4.00
CA ALA P 241 13.90 -73.46 -4.09
C ALA P 241 13.24 -73.62 -2.72
N HIS P 242 12.98 -72.49 -2.08
CA HIS P 242 12.35 -72.49 -0.78
C HIS P 242 11.06 -71.67 -0.76
N GLY P 243 10.56 -71.28 -1.93
CA GLY P 243 9.53 -70.27 -2.01
C GLY P 243 8.16 -70.77 -1.62
N SER P 244 7.18 -69.90 -1.84
CA SER P 244 5.78 -70.22 -1.71
C SER P 244 5.14 -70.27 -3.08
N PHE P 245 4.07 -71.04 -3.22
CA PHE P 245 3.37 -71.12 -4.50
C PHE P 245 1.90 -71.38 -4.17
N THR P 246 1.12 -70.30 -4.09
CA THR P 246 -0.20 -70.35 -3.48
C THR P 246 -1.24 -69.75 -4.42
N GLY P 247 -2.29 -70.52 -4.72
CA GLY P 247 -3.45 -69.98 -5.39
C GLY P 247 -3.23 -69.60 -6.84
N ASN P 248 -2.31 -70.28 -7.53
CA ASN P 248 -2.00 -69.96 -8.90
C ASN P 248 -2.82 -70.80 -9.86
N THR P 249 -2.60 -70.59 -11.15
CA THR P 249 -3.36 -71.24 -12.21
C THR P 249 -2.41 -71.68 -13.31
N MET P 250 -2.39 -72.98 -13.59
CA MET P 250 -1.51 -73.54 -14.60
C MET P 250 -2.28 -74.51 -15.49
N ASN P 251 -3.40 -74.06 -16.01
CA ASN P 251 -4.22 -74.92 -16.87
C ASN P 251 -3.60 -75.06 -18.26
N HIS P 252 -3.86 -76.22 -18.88
CA HIS P 252 -3.45 -76.55 -20.25
C HIS P 252 -1.93 -76.48 -20.45
N CYS P 253 -1.23 -77.36 -19.74
CA CYS P 253 0.21 -77.47 -19.88
C CYS P 253 0.64 -78.64 -20.76
N ASP P 254 -0.17 -79.68 -20.87
CA ASP P 254 0.17 -80.83 -21.68
C ASP P 254 -0.82 -81.09 -22.81
N TYR P 255 -2.11 -80.87 -22.57
CA TYR P 255 -3.14 -81.10 -23.57
C TYR P 255 -3.98 -79.83 -23.71
N GLY P 256 -4.51 -79.63 -24.91
CA GLY P 256 -5.36 -78.47 -25.15
C GLY P 256 -4.76 -77.50 -26.14
N GLY P 257 -4.40 -76.32 -25.66
CA GLY P 257 -3.88 -75.29 -26.53
C GLY P 257 -2.43 -74.93 -26.29
N ASN P 258 -1.61 -75.94 -26.03
CA ASN P 258 -0.20 -75.74 -25.80
C ASN P 258 0.57 -75.87 -27.11
N LEU P 259 1.59 -75.03 -27.27
CA LEU P 259 2.29 -74.91 -28.55
C LEU P 259 3.78 -75.11 -28.48
N TRP P 260 4.40 -74.98 -27.32
CA TRP P 260 5.83 -75.14 -27.19
C TRP P 260 6.21 -76.62 -27.15
N PRO P 261 7.39 -76.98 -27.64
CA PRO P 261 7.82 -78.38 -27.55
C PRO P 261 8.22 -78.74 -26.13
N THR P 262 8.49 -80.04 -25.93
CA THR P 262 8.77 -80.56 -24.60
C THR P 262 10.25 -80.49 -24.23
N ALA P 263 11.15 -80.63 -25.20
CA ALA P 263 12.57 -80.53 -24.93
C ALA P 263 12.97 -79.09 -24.68
N PHE P 264 13.99 -78.88 -23.86
CA PHE P 264 14.40 -77.53 -23.51
C PHE P 264 15.87 -77.21 -23.76
N GLN P 265 16.75 -78.22 -23.74
CA GLN P 265 18.19 -78.08 -24.01
C GLN P 265 18.86 -77.11 -23.02
N LEU P 266 18.97 -77.60 -21.78
CA LEU P 266 19.80 -77.01 -20.75
C LEU P 266 21.28 -76.94 -21.20
N PRO P 267 22.11 -76.13 -20.54
CA PRO P 267 23.54 -76.08 -20.92
C PRO P 267 24.31 -77.38 -20.73
N ASP P 268 23.81 -78.30 -19.91
CA ASP P 268 24.48 -79.58 -19.71
C ASP P 268 23.82 -80.72 -20.48
N ARG P 269 22.50 -80.71 -20.59
CA ARG P 269 21.76 -81.84 -21.13
C ARG P 269 20.45 -81.34 -21.72
N GLU P 270 19.59 -82.26 -22.12
CA GLU P 270 18.22 -81.95 -22.52
C GLU P 270 17.27 -82.69 -21.61
N ILE P 271 16.11 -82.08 -21.33
CA ILE P 271 15.13 -82.62 -20.41
C ILE P 271 13.73 -82.45 -20.99
N GLN P 272 12.81 -83.28 -20.50
CA GLN P 272 11.41 -83.24 -20.91
C GLN P 272 10.65 -82.36 -19.92
N LEU P 273 10.10 -81.26 -20.42
CA LEU P 273 9.40 -80.32 -19.55
C LEU P 273 8.06 -80.88 -19.08
N ALA P 274 7.60 -80.38 -17.94
CA ALA P 274 6.28 -80.66 -17.41
C ALA P 274 5.75 -79.36 -16.80
N GLY P 275 4.50 -79.40 -16.32
CA GLY P 275 3.95 -78.22 -15.68
C GLY P 275 4.56 -77.90 -14.33
N PHE P 276 5.22 -78.88 -13.71
CA PHE P 276 5.95 -78.68 -12.46
C PHE P 276 7.14 -79.63 -12.48
N TYR P 277 8.29 -79.14 -12.92
CA TYR P 277 9.48 -79.97 -13.08
C TYR P 277 10.46 -79.62 -11.97
N PHE P 278 10.88 -80.61 -11.22
CA PHE P 278 11.72 -80.38 -10.04
C PHE P 278 12.69 -81.54 -9.88
N ASP P 279 13.99 -81.23 -9.95
CA ASP P 279 15.04 -82.25 -9.80
C ASP P 279 16.28 -81.60 -9.19
N ASN P 280 16.37 -81.64 -7.87
CA ASN P 280 17.57 -81.13 -7.19
C ASN P 280 17.68 -81.81 -5.84
N ALA P 281 18.75 -82.57 -5.65
CA ALA P 281 18.95 -83.33 -4.41
C ALA P 281 19.29 -82.46 -3.22
N ARG P 282 19.69 -81.21 -3.43
CA ARG P 282 20.09 -80.34 -2.34
C ARG P 282 19.02 -79.33 -1.94
N ALA P 283 17.93 -79.23 -2.69
CA ALA P 283 16.90 -78.23 -2.44
C ALA P 283 15.61 -78.89 -1.95
N ARG P 284 14.86 -78.14 -1.16
CA ARG P 284 13.60 -78.61 -0.62
C ARG P 284 12.45 -78.16 -1.52
N CYS P 285 11.23 -78.48 -1.12
CA CYS P 285 10.11 -78.22 -2.00
C CYS P 285 9.28 -77.03 -1.52
N PRO P 286 8.71 -76.25 -2.44
CA PRO P 286 7.87 -75.12 -2.04
C PRO P 286 6.53 -75.57 -1.51
N THR P 287 5.86 -74.64 -0.81
CA THR P 287 4.50 -74.89 -0.39
C THR P 287 3.56 -74.85 -1.58
N TRP P 288 2.51 -75.67 -1.52
CA TRP P 288 1.69 -75.95 -2.69
C TRP P 288 0.22 -75.96 -2.27
N THR P 289 -0.43 -74.80 -2.34
CA THR P 289 -1.82 -74.68 -1.94
C THR P 289 -2.64 -73.94 -3.00
N GLY P 290 -3.89 -74.35 -3.15
CA GLY P 290 -4.87 -73.61 -3.92
C GLY P 290 -4.64 -73.51 -5.41
N ASN P 291 -3.73 -74.32 -5.96
CA ASN P 291 -3.39 -74.22 -7.37
C ASN P 291 -4.37 -75.02 -8.22
N THR P 292 -4.74 -74.46 -9.37
CA THR P 292 -5.59 -75.17 -10.32
C THR P 292 -4.73 -75.76 -11.41
N GLN P 293 -4.92 -77.04 -11.68
CA GLN P 293 -4.26 -77.71 -12.80
C GLN P 293 -5.34 -78.35 -13.65
N TYR P 294 -5.46 -77.90 -14.89
CA TYR P 294 -6.17 -78.65 -15.93
C TYR P 294 -5.14 -79.10 -16.94
N TYR P 295 -4.96 -80.42 -17.04
CA TYR P 295 -4.08 -81.08 -18.00
C TYR P 295 -2.63 -80.64 -17.82
N GLY P 296 -2.23 -80.40 -16.57
CA GLY P 296 -0.88 -79.97 -16.27
C GLY P 296 -0.07 -81.05 -15.57
N ASP P 297 1.05 -81.44 -16.18
CA ASP P 297 1.87 -82.51 -15.64
C ASP P 297 2.62 -82.04 -14.40
N MET P 298 3.08 -83.01 -13.61
CA MET P 298 3.98 -82.74 -12.49
C MET P 298 5.04 -83.83 -12.44
N LYS P 299 6.30 -83.44 -12.32
CA LYS P 299 7.41 -84.37 -12.24
C LYS P 299 8.21 -84.07 -10.97
N ILE P 300 8.01 -84.90 -9.95
CA ILE P 300 8.78 -84.82 -8.71
C ILE P 300 9.90 -85.84 -8.83
N LEU P 301 11.10 -85.37 -9.18
CA LEU P 301 12.19 -86.30 -9.43
C LEU P 301 13.08 -86.50 -8.22
N ASN P 302 13.55 -85.41 -7.60
CA ASN P 302 14.50 -85.54 -6.49
C ASN P 302 14.46 -84.29 -5.64
N PHE P 303 14.36 -84.46 -4.33
CA PHE P 303 14.55 -83.39 -3.37
C PHE P 303 15.32 -83.93 -2.16
N ASN P 304 15.27 -83.19 -1.05
CA ASN P 304 16.10 -83.52 0.11
C ASN P 304 15.30 -84.33 1.14
N GLN P 305 15.06 -85.60 0.81
CA GLN P 305 14.34 -86.47 1.74
C GLN P 305 15.29 -87.35 2.54
N ALA P 306 16.59 -87.04 2.50
CA ALA P 306 17.72 -87.90 2.89
C ALA P 306 17.59 -88.39 4.33
N ASN P 307 17.37 -87.51 5.31
CA ASN P 307 17.26 -87.93 6.70
C ASN P 307 15.89 -87.52 7.25
N ASP P 308 14.86 -87.83 6.45
CA ASP P 308 13.48 -87.40 6.68
C ASP P 308 13.39 -85.88 6.82
N ALA P 309 14.02 -85.19 5.87
CA ALA P 309 14.20 -83.75 5.95
C ALA P 309 13.17 -82.95 5.18
N ALA P 310 12.46 -83.58 4.24
CA ALA P 310 11.46 -82.86 3.47
C ALA P 310 10.40 -83.85 3.01
N ILE P 311 9.15 -83.38 3.00
CA ILE P 311 8.00 -84.14 2.51
C ILE P 311 7.21 -83.21 1.60
N PHE P 312 6.94 -83.66 0.38
CA PHE P 312 6.20 -82.85 -0.59
C PHE P 312 4.72 -83.15 -0.44
N VAL P 313 3.94 -82.11 -0.11
CA VAL P 313 2.52 -82.26 0.17
C VAL P 313 1.73 -81.35 -0.76
N ILE P 314 0.83 -81.93 -1.54
CA ILE P 314 -0.13 -81.17 -2.34
C ILE P 314 -1.39 -81.00 -1.52
N ASP P 315 -1.84 -79.76 -1.35
CA ASP P 315 -2.96 -79.44 -0.48
C ASP P 315 -3.92 -78.50 -1.20
N GLY P 316 -5.20 -78.87 -1.25
CA GLY P 316 -6.24 -78.00 -1.75
C GLY P 316 -6.15 -77.65 -3.22
N CYS P 317 -5.70 -78.59 -4.05
CA CYS P 317 -5.44 -78.29 -5.45
C CYS P 317 -6.29 -79.16 -6.38
N ALA P 318 -6.43 -78.70 -7.61
CA ALA P 318 -7.14 -79.42 -8.65
C ALA P 318 -6.15 -80.17 -9.53
N LEU P 319 -6.54 -81.37 -9.98
CA LEU P 319 -5.66 -82.16 -10.83
C LEU P 319 -6.20 -82.39 -12.23
N TYR P 320 -7.38 -83.04 -12.36
CA TYR P 320 -8.27 -83.05 -13.53
C TYR P 320 -7.57 -83.34 -14.86
N GLY P 321 -6.97 -84.52 -14.97
CA GLY P 321 -6.57 -84.95 -16.29
C GLY P 321 -7.13 -86.30 -16.70
N GLN P 322 -8.12 -86.31 -17.58
CA GLN P 322 -8.72 -87.57 -18.01
C GLN P 322 -8.00 -88.30 -19.16
N PRO P 323 -7.74 -87.68 -20.37
CA PRO P 323 -7.38 -88.53 -21.52
C PRO P 323 -5.96 -89.09 -21.47
N GLY P 324 -5.84 -90.38 -21.21
CA GLY P 324 -4.54 -91.02 -21.24
C GLY P 324 -3.69 -90.62 -20.05
N ASP P 325 -2.54 -90.01 -20.34
CA ASP P 325 -1.59 -89.58 -19.32
C ASP P 325 -1.40 -88.07 -19.32
N THR P 326 -2.38 -87.33 -19.82
CA THR P 326 -2.31 -85.87 -19.82
C THR P 326 -2.64 -85.35 -18.42
N GLY P 327 -1.81 -84.43 -17.93
CA GLY P 327 -1.97 -83.93 -16.58
C GLY P 327 -1.48 -84.85 -15.50
N SER P 328 -0.76 -85.90 -15.85
CA SER P 328 -0.37 -86.92 -14.90
C SER P 328 0.72 -86.43 -13.95
N ILE P 329 0.76 -87.01 -12.76
CA ILE P 329 1.76 -86.69 -11.75
C ILE P 329 2.77 -87.83 -11.72
N GLU P 330 4.04 -87.49 -11.93
CA GLU P 330 5.11 -88.47 -12.01
C GLU P 330 6.07 -88.28 -10.85
N THR P 331 6.33 -89.35 -10.12
CA THR P 331 7.32 -89.35 -9.05
C THR P 331 8.30 -90.49 -9.27
N THR P 332 9.49 -90.32 -8.70
CA THR P 332 10.48 -91.38 -8.73
C THR P 332 10.08 -92.47 -7.74
N ALA P 333 10.37 -93.73 -8.09
CA ALA P 333 10.00 -94.86 -7.23
C ALA P 333 10.73 -94.86 -5.90
N ALA P 334 11.85 -94.16 -5.78
CA ALA P 334 12.51 -93.99 -4.50
C ALA P 334 11.93 -92.84 -3.68
N LEU P 335 10.91 -92.16 -4.19
CA LEU P 335 10.31 -91.01 -3.51
C LEU P 335 8.83 -91.21 -3.25
N THR P 336 8.37 -92.46 -3.18
CA THR P 336 6.95 -92.74 -3.01
C THR P 336 6.49 -92.43 -1.59
N ASP P 337 7.39 -92.57 -0.61
CA ASP P 337 7.00 -92.40 0.78
C ASP P 337 6.97 -90.94 1.21
N LYS P 338 7.39 -90.02 0.35
CA LYS P 338 7.54 -88.61 0.73
C LYS P 338 6.63 -87.68 -0.07
N VAL P 339 5.90 -88.18 -1.05
CA VAL P 339 4.98 -87.36 -1.84
C VAL P 339 3.57 -87.65 -1.38
N PHE P 340 2.95 -86.68 -0.72
CA PHE P 340 1.61 -86.83 -0.16
C PHE P 340 0.67 -85.86 -0.86
N ILE P 341 -0.60 -86.26 -0.97
CA ILE P 341 -1.63 -85.39 -1.55
C ILE P 341 -2.82 -85.43 -0.57
N GLN P 342 -2.86 -84.44 0.32
CA GLN P 342 -3.92 -84.36 1.33
C GLN P 342 -4.80 -83.16 1.03
N GLY P 343 -5.99 -83.41 0.51
CA GLY P 343 -6.90 -82.33 0.16
C GLY P 343 -6.76 -81.96 -1.29
N CYS P 344 -7.67 -82.44 -2.13
CA CYS P 344 -7.48 -82.37 -3.58
C CYS P 344 -8.78 -82.73 -4.28
N GLN P 345 -8.92 -82.26 -5.51
CA GLN P 345 -10.02 -82.66 -6.38
C GLN P 345 -9.46 -83.01 -7.76
N GLY P 346 -9.95 -84.10 -8.34
CA GLY P 346 -9.44 -84.57 -9.61
C GLY P 346 -10.48 -85.32 -10.39
N ASN P 347 -10.29 -85.38 -11.71
CA ASN P 347 -11.25 -86.06 -12.57
C ASN P 347 -11.06 -87.56 -12.49
N LYS P 348 -10.02 -88.06 -13.17
CA LYS P 348 -9.44 -89.38 -12.93
C LYS P 348 -8.03 -89.31 -13.52
N VAL P 349 -7.05 -89.01 -12.69
CA VAL P 349 -5.76 -88.59 -13.21
C VAL P 349 -4.73 -89.67 -12.91
N THR P 350 -3.78 -89.84 -13.82
CA THR P 350 -2.78 -90.89 -13.66
C THR P 350 -1.74 -90.46 -12.64
N LEU P 351 -1.57 -91.24 -11.59
CA LEU P 351 -0.54 -91.00 -10.58
C LEU P 351 0.55 -92.06 -10.76
N PHE P 352 1.73 -91.62 -11.17
CA PHE P 352 2.87 -92.51 -11.32
C PHE P 352 3.63 -92.59 -10.01
N ASN P 353 3.67 -93.79 -9.44
CA ASN P 353 4.47 -94.13 -8.25
C ASN P 353 4.08 -93.31 -7.03
N ILE P 354 2.78 -93.32 -6.71
CA ILE P 354 2.25 -92.72 -5.50
C ILE P 354 1.32 -93.72 -4.84
N LYS P 355 1.55 -94.01 -3.57
CA LYS P 355 0.78 -95.02 -2.86
C LYS P 355 -0.65 -94.54 -2.60
N ALA P 356 -1.54 -95.51 -2.38
CA ALA P 356 -2.95 -95.19 -2.20
C ALA P 356 -3.24 -94.59 -0.83
N ALA P 357 -2.52 -95.04 0.21
CA ALA P 357 -2.75 -94.53 1.55
C ALA P 357 -2.21 -93.11 1.71
N ASN P 358 -1.31 -92.68 0.85
CA ASN P 358 -0.69 -91.36 0.97
C ASN P 358 -1.54 -90.26 0.36
N VAL P 359 -2.64 -90.59 -0.30
CA VAL P 359 -3.50 -89.59 -0.92
C VAL P 359 -4.89 -89.66 -0.30
N VAL P 360 -5.35 -88.54 0.24
CA VAL P 360 -6.71 -88.39 0.73
C VAL P 360 -7.32 -87.11 0.15
N PRO P 361 -8.51 -87.18 -0.46
CA PRO P 361 -9.35 -88.36 -0.66
C PRO P 361 -8.91 -89.22 -1.84
N ALA P 362 -9.50 -90.40 -1.97
CA ALA P 362 -9.09 -91.38 -2.99
C ALA P 362 -9.59 -90.92 -4.35
N ILE P 363 -8.71 -90.26 -5.11
CA ILE P 363 -9.00 -89.86 -6.48
C ILE P 363 -7.92 -90.44 -7.38
N GLY P 364 -8.19 -90.39 -8.68
CA GLY P 364 -7.16 -90.65 -9.68
C GLY P 364 -6.85 -92.12 -9.87
N THR P 365 -6.14 -92.39 -10.96
CA THR P 365 -5.67 -93.72 -11.29
C THR P 365 -4.21 -93.86 -10.87
N ILE P 366 -3.90 -94.92 -10.14
CA ILE P 366 -2.55 -95.16 -9.63
C ILE P 366 -1.87 -96.17 -10.52
N LYS P 367 -0.78 -95.75 -11.16
CA LYS P 367 0.03 -96.61 -12.01
C LYS P 367 1.48 -96.57 -11.51
N GLN P 368 2.33 -97.36 -12.16
CA GLN P 368 3.74 -97.43 -11.83
C GLN P 368 4.56 -97.22 -13.09
N LYS P 369 5.58 -96.38 -13.00
CA LYS P 369 6.47 -96.07 -14.13
C LYS P 369 7.89 -96.48 -13.75
N PRO P 370 8.28 -97.73 -14.02
CA PRO P 370 9.64 -98.17 -13.73
C PRO P 370 10.65 -97.62 -14.72
N ASP Q 2 114.50 47.99 -17.13
CA ASP Q 2 114.41 47.98 -18.59
C ASP Q 2 113.55 46.84 -19.12
N ALA Q 3 112.70 46.29 -18.25
CA ALA Q 3 111.84 45.18 -18.60
C ALA Q 3 110.38 45.60 -18.51
N PRO Q 4 109.57 45.38 -19.53
CA PRO Q 4 108.14 45.67 -19.44
C PRO Q 4 107.42 44.61 -18.61
N VAL Q 5 106.20 44.93 -18.23
CA VAL Q 5 105.42 44.06 -17.37
C VAL Q 5 104.57 43.12 -18.22
N THR Q 6 104.19 42.00 -17.63
CA THR Q 6 103.31 41.02 -18.25
C THR Q 6 101.86 41.45 -18.10
N PRO Q 7 101.05 41.32 -19.15
CA PRO Q 7 99.68 41.82 -19.07
C PRO Q 7 98.77 40.90 -18.28
N TYR Q 8 97.85 41.50 -17.54
CA TYR Q 8 96.90 40.75 -16.74
C TYR Q 8 95.80 40.23 -17.65
N ILE Q 9 95.58 38.91 -17.63
CA ILE Q 9 94.59 38.25 -18.47
C ILE Q 9 93.35 38.03 -17.65
N TRP Q 10 92.18 38.05 -18.28
CA TRP Q 10 90.94 37.97 -17.53
C TRP Q 10 90.47 36.53 -17.39
N GLN Q 11 89.59 36.31 -16.43
CA GLN Q 11 88.98 35.02 -16.15
C GLN Q 11 87.49 35.12 -16.36
N TYR Q 12 86.96 34.34 -17.31
CA TYR Q 12 85.53 34.34 -17.60
C TYR Q 12 84.88 33.18 -16.88
N GLN Q 13 83.82 33.47 -16.14
CA GLN Q 13 83.07 32.44 -15.45
C GLN Q 13 81.90 32.05 -16.32
N PRO Q 14 81.79 30.79 -16.75
CA PRO Q 14 80.76 30.44 -17.75
C PRO Q 14 79.34 30.53 -17.24
N GLN Q 15 79.08 30.14 -16.00
CA GLN Q 15 77.80 30.46 -15.38
C GLN Q 15 77.88 31.89 -14.84
N THR Q 16 76.76 32.62 -14.96
CA THR Q 16 76.51 34.02 -14.61
C THR Q 16 77.21 35.03 -15.52
N GLY Q 17 78.14 34.58 -16.36
CA GLY Q 17 78.79 35.48 -17.30
C GLY Q 17 79.70 36.55 -16.73
N LYS Q 18 79.88 36.60 -15.41
CA LYS Q 18 80.72 37.63 -14.82
C LYS Q 18 82.19 37.30 -15.01
N ALA Q 19 83.05 38.25 -14.64
CA ALA Q 19 84.49 38.08 -14.69
C ALA Q 19 84.99 37.69 -13.32
N ALA Q 20 85.70 36.56 -13.24
CA ALA Q 20 86.21 36.06 -11.97
C ALA Q 20 87.67 36.47 -11.76
N GLY Q 21 87.89 37.77 -11.66
CA GLY Q 21 89.21 38.28 -11.36
C GLY Q 21 90.15 38.23 -12.56
N ALA Q 22 91.40 38.56 -12.29
CA ALA Q 22 92.40 38.61 -13.35
C ALA Q 22 93.78 38.33 -12.78
N ARG Q 23 94.43 37.30 -13.30
CA ARG Q 23 95.79 36.96 -12.96
C ARG Q 23 96.72 37.37 -14.09
N GLN Q 24 98.02 37.42 -13.79
CA GLN Q 24 98.95 37.79 -14.84
C GLN Q 24 99.20 36.61 -15.77
N ASN Q 25 99.74 36.91 -16.94
CA ASN Q 25 99.83 35.94 -18.02
C ASN Q 25 101.13 35.16 -17.91
N TYR Q 26 101.19 34.30 -16.89
CA TYR Q 26 102.16 33.23 -16.92
C TYR Q 26 101.67 32.15 -17.87
N GLY Q 27 102.58 31.30 -18.32
CA GLY Q 27 102.23 30.38 -19.37
C GLY Q 27 102.41 30.94 -20.76
N ALA Q 28 102.83 32.20 -20.89
CA ALA Q 28 103.19 32.78 -22.17
C ALA Q 28 104.41 33.66 -22.00
N VAL Q 29 105.36 33.21 -21.18
CA VAL Q 29 106.51 34.00 -20.78
C VAL Q 29 107.76 33.40 -21.39
N ILE Q 30 108.55 34.23 -22.05
CA ILE Q 30 109.80 33.78 -22.66
C ILE Q 30 110.85 33.63 -21.56
N ASN Q 31 111.47 32.45 -21.49
CA ASN Q 31 112.49 32.17 -20.49
C ASN Q 31 113.80 32.80 -20.96
N TRP Q 32 114.08 34.01 -20.50
CA TRP Q 32 115.27 34.73 -20.90
C TRP Q 32 116.47 34.48 -19.98
N LEU Q 33 116.32 33.60 -18.99
CA LEU Q 33 117.28 33.49 -17.89
C LEU Q 33 118.63 32.90 -18.28
N SER Q 34 118.90 32.61 -19.55
CA SER Q 34 120.23 32.25 -20.00
C SER Q 34 120.56 32.94 -21.30
N ALA Q 35 120.25 34.23 -21.37
CA ALA Q 35 120.56 35.06 -22.52
C ALA Q 35 121.56 36.14 -22.15
N ASP Q 36 122.45 36.44 -23.08
CA ASP Q 36 123.45 37.49 -22.87
C ASP Q 36 122.81 38.86 -23.10
N ASN Q 37 123.63 39.90 -23.14
CA ASN Q 37 123.12 41.27 -23.30
C ASN Q 37 122.58 41.55 -24.70
N ASN Q 38 122.79 40.66 -25.66
CA ASN Q 38 122.30 40.88 -27.01
C ASN Q 38 120.97 40.16 -27.25
N MET Q 39 120.82 38.93 -26.74
CA MET Q 39 119.55 38.23 -26.86
C MET Q 39 118.52 38.81 -25.90
N PHE Q 40 118.96 39.37 -24.76
CA PHE Q 40 118.03 39.97 -23.83
C PHE Q 40 117.38 41.21 -24.42
N HIS Q 41 118.10 41.96 -25.26
CA HIS Q 41 117.49 43.11 -25.91
C HIS Q 41 116.53 42.66 -27.00
N ARG Q 42 116.78 41.52 -27.64
CA ARG Q 42 115.85 41.02 -28.65
C ARG Q 42 114.59 40.47 -28.00
N VAL Q 43 114.73 39.80 -26.86
CA VAL Q 43 113.57 39.23 -26.17
C VAL Q 43 112.71 40.34 -25.57
N GLN Q 44 113.32 41.33 -24.93
CA GLN Q 44 112.53 42.40 -24.34
C GLN Q 44 112.03 43.40 -25.38
N THR Q 45 112.41 43.26 -26.65
CA THR Q 45 111.78 44.05 -27.69
C THR Q 45 110.43 43.47 -28.09
N VAL Q 46 110.35 42.15 -28.24
CA VAL Q 46 109.06 41.54 -28.55
C VAL Q 46 108.16 41.41 -27.33
N ASN Q 47 108.67 41.70 -26.14
CA ASN Q 47 107.77 41.95 -25.02
C ASN Q 47 107.23 43.36 -25.06
N ARG Q 48 108.04 44.34 -25.47
CA ARG Q 48 107.53 45.69 -25.69
C ARG Q 48 106.69 45.80 -26.94
N ALA Q 49 106.71 44.81 -27.82
CA ALA Q 49 105.83 44.82 -28.98
C ALA Q 49 104.43 44.32 -28.63
N ARG Q 50 104.33 43.30 -27.78
CA ARG Q 50 103.02 42.79 -27.40
C ARG Q 50 102.32 43.70 -26.40
N ASN Q 51 103.05 44.49 -25.62
CA ASN Q 51 102.40 45.49 -24.80
C ASN Q 51 101.91 46.66 -25.64
N LEU Q 52 102.63 47.00 -26.70
CA LEU Q 52 102.20 48.09 -27.57
C LEU Q 52 100.94 47.71 -28.35
N ILE Q 53 100.78 46.43 -28.66
CA ILE Q 53 99.53 45.97 -29.27
C ILE Q 53 98.40 46.03 -28.26
N ASP Q 54 98.67 45.65 -27.01
CA ASP Q 54 97.62 45.63 -26.00
C ASP Q 54 97.23 47.02 -25.52
N GLU Q 55 98.12 48.00 -25.62
CA GLU Q 55 97.74 49.37 -25.26
C GLU Q 55 96.89 50.01 -26.34
N ILE Q 56 97.03 49.57 -27.60
CA ILE Q 56 96.13 50.03 -28.64
C ILE Q 56 94.75 49.42 -28.45
N ARG Q 57 94.69 48.13 -28.09
CA ARG Q 57 93.41 47.46 -27.95
C ARG Q 57 92.65 47.89 -26.71
N GLU Q 58 93.33 48.32 -25.65
CA GLU Q 58 92.64 48.76 -24.44
C GLU Q 58 92.23 50.22 -24.50
N GLU Q 59 92.42 50.88 -25.64
CA GLU Q 59 91.96 52.25 -25.83
C GLU Q 59 90.46 52.31 -26.13
N THR Q 60 89.86 51.18 -26.53
CA THR Q 60 88.48 51.13 -27.00
C THR Q 60 87.64 50.23 -26.10
N VAL Q 61 87.77 50.40 -24.77
CA VAL Q 61 87.11 49.52 -23.83
C VAL Q 61 85.69 49.94 -23.47
N ARG Q 62 85.15 50.99 -24.13
CA ARG Q 62 83.75 51.45 -24.04
C ARG Q 62 83.38 51.74 -22.59
N PRO Q 63 83.78 52.90 -22.06
CA PRO Q 63 83.99 53.06 -20.61
C PRO Q 63 82.77 53.12 -19.71
N ASP Q 64 81.57 52.77 -20.17
CA ASP Q 64 80.48 52.58 -19.23
C ASP Q 64 80.12 51.11 -19.02
N LEU Q 65 80.86 50.19 -19.61
CA LEU Q 65 80.81 48.81 -19.15
C LEU Q 65 81.72 48.62 -17.94
N ALA Q 66 82.85 49.33 -17.92
CA ALA Q 66 83.77 49.26 -16.80
C ALA Q 66 83.23 49.99 -15.57
N ALA Q 67 82.31 50.93 -15.75
CA ALA Q 67 81.71 51.61 -14.60
C ALA Q 67 80.79 50.69 -13.84
N SER Q 68 79.90 50.00 -14.56
CA SER Q 68 79.05 48.98 -13.96
C SER Q 68 79.66 47.59 -14.17
N PHE Q 69 80.84 47.41 -13.61
CA PHE Q 69 81.53 46.13 -13.71
C PHE Q 69 80.86 45.10 -12.80
N ASN Q 70 80.51 43.95 -13.39
CA ASN Q 70 79.73 42.85 -12.81
C ASN Q 70 78.33 43.28 -12.38
N ASP Q 71 77.83 44.39 -12.94
CA ASP Q 71 76.53 44.93 -12.59
C ASP Q 71 75.83 45.40 -13.87
N TRP Q 72 75.91 44.60 -14.92
CA TRP Q 72 75.40 45.01 -16.21
C TRP Q 72 73.90 44.79 -16.29
N THR Q 73 73.19 45.79 -16.80
CA THR Q 73 71.76 45.72 -17.00
C THR Q 73 71.46 45.44 -18.47
N TYR Q 74 70.17 45.51 -18.85
CA TYR Q 74 69.71 44.90 -20.08
C TYR Q 74 70.16 45.64 -21.33
N ASP Q 75 70.32 46.97 -21.24
CA ASP Q 75 70.67 47.73 -22.44
C ASP Q 75 72.16 47.71 -22.75
N GLN Q 76 72.98 47.06 -21.92
CA GLN Q 76 74.41 46.97 -22.13
C GLN Q 76 74.84 45.59 -22.57
N LEU Q 77 73.89 44.71 -22.89
CA LEU Q 77 74.18 43.32 -23.22
C LEU Q 77 73.71 43.02 -24.63
N THR Q 78 74.44 42.15 -25.31
CA THR Q 78 74.04 41.71 -26.65
C THR Q 78 72.87 40.75 -26.55
N GLN Q 79 71.80 41.10 -27.13
CA GLN Q 79 70.59 40.30 -27.07
C GLN Q 79 70.50 39.38 -28.28
N PRO Q 80 69.82 38.23 -28.14
CA PRO Q 80 69.52 37.43 -29.32
C PRO Q 80 68.53 38.14 -30.22
N PRO Q 81 68.70 38.03 -31.53
CA PRO Q 81 67.86 38.82 -32.45
C PRO Q 81 66.44 38.29 -32.54
N GLY Q 82 65.52 39.20 -32.80
CA GLY Q 82 64.11 38.86 -32.91
C GLY Q 82 63.26 40.10 -33.16
N THR Q 83 62.12 39.93 -33.81
CA THR Q 83 61.28 41.05 -34.20
C THR Q 83 60.50 41.57 -32.99
N ALA Q 84 59.74 42.64 -33.22
CA ALA Q 84 58.93 43.24 -32.17
C ALA Q 84 57.62 42.46 -32.02
N TYR Q 85 56.71 42.99 -31.22
CA TYR Q 85 55.45 42.32 -30.94
C TYR Q 85 54.39 42.72 -31.96
N LEU Q 86 53.97 41.75 -32.76
CA LEU Q 86 52.74 41.86 -33.54
C LEU Q 86 51.67 41.05 -32.83
N PRO Q 87 50.45 41.55 -32.69
CA PRO Q 87 49.42 40.79 -31.96
C PRO Q 87 48.96 39.59 -32.79
N ALA Q 88 48.55 38.54 -32.08
CA ALA Q 88 48.12 37.33 -32.76
C ALA Q 88 46.78 37.56 -33.44
N PRO Q 89 46.59 37.08 -34.67
CA PRO Q 89 45.34 37.35 -35.38
C PRO Q 89 44.19 36.55 -34.81
N ASP Q 90 42.98 36.96 -35.18
CA ASP Q 90 41.78 36.31 -34.68
C ASP Q 90 41.67 34.92 -35.29
N PRO Q 91 41.55 33.87 -34.46
CA PRO Q 91 41.33 32.52 -35.02
C PRO Q 91 39.97 32.33 -35.65
N LEU Q 92 39.03 33.27 -35.46
CA LEU Q 92 37.80 33.24 -36.24
C LEU Q 92 38.07 33.62 -37.70
N THR Q 93 39.12 34.42 -37.93
CA THR Q 93 39.46 34.84 -39.29
C THR Q 93 40.37 33.85 -40.00
N GLY Q 94 40.54 32.64 -39.47
CA GLY Q 94 41.29 31.60 -40.13
C GLY Q 94 40.61 31.18 -41.41
N PRO Q 95 41.37 30.60 -42.35
CA PRO Q 95 40.81 30.28 -43.68
C PRO Q 95 39.80 29.14 -43.67
N THR Q 96 40.00 28.16 -42.79
CA THR Q 96 38.99 27.11 -42.61
C THR Q 96 38.71 26.99 -41.11
N THR Q 97 37.90 27.92 -40.59
CA THR Q 97 37.29 27.79 -39.27
C THR Q 97 35.79 27.92 -39.31
N ILE Q 98 35.27 28.96 -39.97
CA ILE Q 98 33.83 29.17 -40.03
C ILE Q 98 33.21 28.24 -41.06
N ARG Q 99 33.89 28.02 -42.18
CA ARG Q 99 33.36 27.15 -43.23
C ARG Q 99 33.30 25.69 -42.80
N ASP Q 100 34.08 25.28 -41.80
CA ASP Q 100 33.88 23.95 -41.25
C ASP Q 100 32.63 23.87 -40.37
N LYS Q 101 32.21 25.00 -39.80
CA LYS Q 101 30.95 25.06 -39.06
C LYS Q 101 29.75 25.21 -39.98
N VAL Q 102 29.96 25.59 -41.23
CA VAL Q 102 28.86 25.80 -42.18
C VAL Q 102 28.69 24.61 -43.10
N LEU Q 103 29.78 24.09 -43.67
CA LEU Q 103 29.68 22.97 -44.60
C LEU Q 103 29.28 21.67 -43.89
N SER Q 104 29.65 21.51 -42.63
CA SER Q 104 29.22 20.34 -41.88
C SER Q 104 27.76 20.44 -41.47
N ALA Q 105 27.30 21.61 -41.05
CA ALA Q 105 25.91 21.80 -40.67
C ALA Q 105 24.94 21.73 -41.85
N GLU Q 106 25.44 21.81 -43.08
CA GLU Q 106 24.64 21.50 -44.26
C GLU Q 106 24.38 20.01 -44.41
N GLY Q 107 25.14 19.16 -43.71
CA GLY Q 107 24.95 17.73 -43.76
C GLY Q 107 26.20 16.91 -44.04
N GLU Q 108 27.31 17.56 -44.34
CA GLU Q 108 28.53 16.86 -44.71
C GLU Q 108 29.27 16.39 -43.48
N GLN Q 109 30.08 15.36 -43.66
CA GLN Q 109 31.13 15.01 -42.72
C GLN Q 109 32.46 15.20 -43.42
N LEU Q 110 33.34 15.96 -42.79
CA LEU Q 110 34.56 16.42 -43.43
C LEU Q 110 35.77 15.73 -42.79
N ALA Q 111 36.79 15.52 -43.61
CA ALA Q 111 38.07 15.00 -43.16
C ALA Q 111 39.10 15.37 -44.21
N GLY Q 112 40.19 15.99 -43.77
CA GLY Q 112 41.17 16.47 -44.70
C GLY Q 112 41.50 17.93 -44.52
N SER Q 113 42.73 18.32 -44.83
CA SER Q 113 43.17 19.70 -44.68
C SER Q 113 44.40 19.92 -45.54
N ARG Q 114 44.63 21.18 -45.88
CA ARG Q 114 45.71 21.80 -46.63
C ARG Q 114 46.91 22.05 -45.70
N PRO Q 115 48.13 21.73 -46.14
CA PRO Q 115 49.30 22.01 -45.29
C PRO Q 115 49.55 23.49 -45.13
N SER Q 116 50.25 23.83 -44.04
CA SER Q 116 50.41 25.21 -43.61
C SER Q 116 51.50 25.92 -44.42
N VAL Q 117 51.90 27.09 -43.94
CA VAL Q 117 52.90 27.89 -44.63
C VAL Q 117 54.28 27.25 -44.49
N LEU Q 118 54.56 26.64 -43.33
CA LEU Q 118 55.79 25.90 -43.12
C LEU Q 118 55.78 24.52 -43.76
N HIS Q 119 54.70 24.17 -44.47
CA HIS Q 119 54.43 22.83 -45.01
C HIS Q 119 54.50 21.77 -43.91
N GLY Q 120 53.95 22.12 -42.75
CA GLY Q 120 53.94 21.24 -41.61
C GLY Q 120 54.27 21.94 -40.31
N ALA Q 207 48.11 43.78 -42.27
CA ALA Q 207 49.04 42.64 -42.24
C ALA Q 207 48.27 41.32 -42.25
N PRO Q 208 47.90 40.83 -43.46
CA PRO Q 208 47.16 39.57 -43.53
C PRO Q 208 47.99 38.33 -43.17
N SER Q 209 49.17 38.19 -43.76
CA SER Q 209 50.00 37.01 -43.54
C SER Q 209 51.35 37.31 -42.92
N SER Q 210 51.83 38.55 -42.98
CA SER Q 210 53.05 38.91 -42.27
C SER Q 210 52.84 38.96 -40.77
N LYS Q 211 51.60 39.15 -40.33
CA LYS Q 211 51.28 39.09 -38.91
C LYS Q 211 51.34 37.66 -38.38
N VAL Q 212 51.05 36.68 -39.23
CA VAL Q 212 51.05 35.29 -38.80
C VAL Q 212 52.48 34.75 -38.73
N LEU Q 213 53.28 35.03 -39.74
CA LEU Q 213 54.65 34.52 -39.80
C LEU Q 213 55.63 35.30 -38.92
N SER Q 214 55.18 36.34 -38.23
CA SER Q 214 56.03 37.04 -37.28
C SER Q 214 56.08 36.36 -35.92
N LEU Q 215 55.32 35.27 -35.74
CA LEU Q 215 55.33 34.57 -34.46
C LEU Q 215 56.61 33.75 -34.28
N LEU Q 216 57.24 33.36 -35.38
CA LEU Q 216 58.37 32.44 -35.33
C LEU Q 216 59.69 33.15 -35.04
N SER Q 217 59.75 34.47 -35.21
CA SER Q 217 60.98 35.23 -35.00
C SER Q 217 60.73 36.37 -34.03
N GLU Q 218 60.11 36.08 -32.90
CA GLU Q 218 59.66 37.11 -31.97
C GLU Q 218 60.57 37.16 -30.75
N ALA Q 219 60.87 38.37 -30.30
CA ALA Q 219 61.68 38.59 -29.13
C ALA Q 219 60.88 38.30 -27.87
N PRO Q 220 61.54 37.95 -26.76
CA PRO Q 220 60.81 37.78 -25.50
C PRO Q 220 60.35 39.12 -24.92
N ARG Q 221 59.59 39.02 -23.83
CA ARG Q 221 58.98 40.20 -23.23
C ARG Q 221 60.03 41.09 -22.56
N ILE Q 222 60.72 40.55 -21.57
CA ILE Q 222 61.78 41.26 -20.87
C ILE Q 222 63.11 40.73 -21.39
N PRO Q 223 64.03 41.58 -21.82
CA PRO Q 223 65.32 41.09 -22.31
C PRO Q 223 66.19 40.58 -21.17
N ARG Q 224 67.30 39.96 -21.55
CA ARG Q 224 68.19 39.33 -20.60
C ARG Q 224 68.93 40.36 -19.75
N THR Q 225 69.00 40.12 -18.45
CA THR Q 225 69.76 40.93 -17.52
C THR Q 225 70.81 40.08 -16.84
N GLU Q 226 71.93 40.73 -16.48
CA GLU Q 226 73.00 40.19 -15.64
C GLU Q 226 73.62 38.93 -16.25
N GLY Q 227 74.31 39.13 -17.37
CA GLY Q 227 75.16 38.09 -17.92
C GLY Q 227 75.69 38.45 -19.29
N MET Q 228 76.97 38.20 -19.52
CA MET Q 228 77.54 38.42 -20.85
C MET Q 228 77.91 37.11 -21.51
N THR Q 229 77.57 37.01 -22.80
CA THR Q 229 78.06 35.94 -23.62
C THR Q 229 79.58 36.09 -23.80
N PRO Q 230 80.29 34.99 -24.08
CA PRO Q 230 81.74 35.13 -24.34
C PRO Q 230 82.08 35.84 -25.64
N TYR Q 231 81.11 36.04 -26.53
CA TYR Q 231 81.31 36.91 -27.68
C TYR Q 231 81.54 38.35 -27.22
N GLN Q 232 80.85 38.77 -26.16
CA GLN Q 232 80.93 40.13 -25.68
C GLN Q 232 82.01 40.32 -24.64
N PHE Q 233 82.32 39.28 -23.86
CA PHE Q 233 83.41 39.37 -22.91
C PHE Q 233 84.77 39.37 -23.58
N ALA Q 234 84.87 38.87 -24.81
CA ALA Q 234 86.13 38.96 -25.53
C ALA Q 234 86.23 40.21 -26.38
N ASN Q 235 85.10 40.73 -26.84
CA ASN Q 235 85.12 41.97 -27.61
C ASN Q 235 85.49 43.15 -26.73
N SER Q 236 84.77 43.33 -25.63
CA SER Q 236 85.22 44.21 -24.56
C SER Q 236 86.26 43.47 -23.74
N PHE Q 237 86.83 44.17 -22.76
CA PHE Q 237 87.78 43.67 -21.77
C PHE Q 237 88.99 42.92 -22.34
N PRO Q 238 89.93 43.61 -22.97
CA PRO Q 238 91.14 42.95 -23.46
C PRO Q 238 92.09 42.68 -22.30
N PRO Q 239 93.18 41.96 -22.52
CA PRO Q 239 94.20 41.84 -21.46
C PRO Q 239 94.83 43.18 -21.13
N VAL Q 240 94.58 43.65 -19.91
CA VAL Q 240 95.06 44.96 -19.51
C VAL Q 240 96.53 44.88 -19.16
N VAL Q 241 97.21 46.02 -19.26
CA VAL Q 241 98.61 46.15 -18.88
C VAL Q 241 98.69 47.18 -17.76
N TYR Q 242 99.55 46.91 -16.80
CA TYR Q 242 99.52 47.60 -15.51
C TYR Q 242 100.91 48.16 -15.22
N GLU Q 243 101.38 49.06 -16.11
CA GLU Q 243 102.76 49.52 -16.28
C GLU Q 243 103.60 49.66 -15.01
N ASP Q 244 103.08 50.36 -14.00
CA ASP Q 244 103.73 50.39 -12.69
C ASP Q 244 102.90 49.60 -11.69
N PRO Q 245 103.46 48.63 -11.02
CA PRO Q 245 102.66 47.82 -10.10
C PRO Q 245 102.39 48.54 -8.78
N PHE Q 246 101.15 49.02 -8.63
CA PHE Q 246 100.54 49.40 -7.36
C PHE Q 246 101.19 50.64 -6.74
N SER Q 247 101.54 51.63 -7.56
CA SER Q 247 102.22 52.82 -7.09
C SER Q 247 101.38 54.08 -7.29
N GLN Q 248 100.08 53.98 -7.04
CA GLN Q 248 99.17 55.11 -7.10
C GLN Q 248 98.42 55.23 -5.77
N ASN Q 249 97.39 56.08 -5.78
CA ASN Q 249 96.50 56.23 -4.65
C ASN Q 249 95.70 54.94 -4.44
N LEU Q 250 95.21 54.75 -3.22
CA LEU Q 250 94.43 53.57 -2.89
C LEU Q 250 93.00 53.64 -3.42
N ALA Q 251 92.56 54.81 -3.89
CA ALA Q 251 91.24 54.89 -4.51
C ALA Q 251 91.23 54.23 -5.88
N VAL Q 252 92.34 54.25 -6.60
CA VAL Q 252 92.44 53.61 -7.90
C VAL Q 252 93.16 52.28 -7.75
N PHE Q 253 93.12 51.71 -6.56
CA PHE Q 253 93.63 50.37 -6.35
C PHE Q 253 92.79 49.37 -7.14
N PRO Q 254 93.39 48.50 -7.90
CA PRO Q 254 92.62 47.57 -8.75
C PRO Q 254 92.00 46.42 -7.96
N LYS Q 255 90.84 46.72 -7.37
CA LYS Q 255 90.15 45.77 -6.53
C LYS Q 255 89.43 44.68 -7.32
N GLU Q 256 89.24 44.88 -8.63
CA GLU Q 256 88.51 43.92 -9.45
C GLU Q 256 89.36 42.74 -9.88
N PHE Q 257 90.67 42.79 -9.67
CA PHE Q 257 91.53 41.71 -10.11
C PHE Q 257 91.49 40.51 -9.18
N SER Q 258 90.97 40.68 -7.98
CA SER Q 258 90.77 39.55 -7.08
C SER Q 258 89.59 38.72 -7.55
N PRO Q 259 89.68 37.39 -7.48
CA PRO Q 259 88.53 36.56 -7.89
C PRO Q 259 87.39 36.59 -6.91
N LEU Q 260 87.64 36.99 -5.66
CA LEU Q 260 86.59 37.08 -4.64
C LEU Q 260 86.07 38.50 -4.56
N PHE Q 261 85.59 39.02 -5.69
CA PHE Q 261 85.13 40.40 -5.80
C PHE Q 261 83.63 40.40 -6.03
N GLU Q 262 82.92 40.82 -5.05
CA GLU Q 262 81.50 41.07 -5.25
C GLU Q 262 81.26 42.56 -5.45
N PRO Q 263 80.19 42.96 -6.14
CA PRO Q 263 79.87 44.39 -6.27
C PRO Q 263 79.11 44.98 -5.08
N GLU Q 264 79.58 44.68 -3.87
CA GLU Q 264 79.05 45.25 -2.64
C GLU Q 264 80.24 45.72 -1.80
N ASN Q 265 80.63 46.98 -2.01
CA ASN Q 265 81.77 47.60 -1.34
C ASN Q 265 81.65 49.11 -1.47
N GLN Q 266 82.54 49.82 -0.77
CA GLN Q 266 82.38 51.26 -0.61
C GLN Q 266 82.73 52.03 -1.88
N VAL Q 267 83.97 51.93 -2.33
CA VAL Q 267 84.39 52.68 -3.51
C VAL Q 267 83.83 52.00 -4.76
N LEU Q 268 83.55 52.81 -5.78
CA LEU Q 268 82.86 52.34 -6.98
C LEU Q 268 83.87 52.19 -8.13
N ALA Q 269 83.53 51.29 -9.05
CA ALA Q 269 84.42 50.92 -10.15
C ALA Q 269 84.41 52.00 -11.24
N SER Q 270 85.47 51.99 -12.05
CA SER Q 270 85.62 52.91 -13.16
C SER Q 270 86.61 52.31 -14.15
N SER Q 271 86.98 53.09 -15.16
CA SER Q 271 88.01 52.65 -16.09
C SER Q 271 89.38 52.74 -15.42
N LEU Q 272 89.83 51.63 -14.87
CA LEU Q 272 91.14 51.53 -14.23
C LEU Q 272 91.85 50.30 -14.79
N ALA Q 273 93.06 50.51 -15.29
CA ALA Q 273 93.87 49.42 -15.81
C ALA Q 273 94.72 48.89 -14.68
N ASP R 2 52.47 66.96 37.34
CA ASP R 2 52.46 66.96 35.88
C ASP R 2 51.47 65.95 35.30
N ALA R 3 50.51 65.53 36.12
CA ALA R 3 49.51 64.57 35.71
C ALA R 3 48.13 65.21 35.72
N PRO R 4 47.35 65.09 34.65
CA PRO R 4 45.98 65.59 34.67
C PRO R 4 45.07 64.66 35.44
N VAL R 5 43.88 65.15 35.74
CA VAL R 5 42.94 64.43 36.56
C VAL R 5 42.01 63.62 35.67
N THR R 6 41.43 62.57 36.23
CA THR R 6 40.46 61.73 35.55
C THR R 6 39.08 62.37 35.63
N PRO R 7 38.32 62.36 34.53
CA PRO R 7 37.03 63.05 34.53
C PRO R 7 35.96 62.28 35.26
N TYR R 8 35.09 63.02 35.94
CA TYR R 8 33.98 62.42 36.68
C TYR R 8 32.87 62.05 35.71
N ILE R 9 32.47 60.80 35.72
CA ILE R 9 31.45 60.28 34.81
C ILE R 9 30.13 60.24 35.57
N TRP R 10 29.02 60.44 34.87
CA TRP R 10 27.74 60.54 35.55
C TRP R 10 27.06 59.19 35.64
N GLN R 11 26.10 59.12 36.56
CA GLN R 11 25.30 57.93 36.80
C GLN R 11 23.84 58.24 36.50
N TYR R 12 23.27 57.55 35.52
CA TYR R 12 21.87 57.76 35.15
C TYR R 12 21.01 56.70 35.82
N GLN R 13 19.97 57.16 36.51
CA GLN R 13 19.03 56.26 37.15
C GLN R 13 17.87 56.04 36.20
N PRO R 14 17.60 54.81 35.77
CA PRO R 14 16.59 54.61 34.71
C PRO R 14 15.17 54.92 35.14
N GLN R 15 14.79 54.58 36.36
CA GLN R 15 13.54 55.09 36.91
C GLN R 15 13.79 56.48 37.46
N THR R 16 12.81 57.38 37.26
CA THR R 16 12.75 58.80 37.61
C THR R 16 13.64 59.68 36.75
N GLY R 17 14.54 59.12 35.96
CA GLY R 17 15.36 59.89 35.06
C GLY R 17 16.39 60.81 35.69
N LYS R 18 16.50 60.85 37.01
CA LYS R 18 17.46 61.74 37.66
C LYS R 18 18.87 61.20 37.54
N ALA R 19 19.83 62.02 37.97
CA ALA R 19 21.23 61.64 37.99
C ALA R 19 21.59 61.18 39.40
N ALA R 20 22.12 59.97 39.51
CA ALA R 20 22.46 59.40 40.81
C ALA R 20 23.95 59.58 41.11
N GLY R 21 24.37 60.84 41.22
CA GLY R 21 25.73 61.15 41.60
C GLY R 21 26.71 60.96 40.46
N ALA R 22 27.99 61.09 40.80
CA ALA R 22 29.04 60.99 39.80
C ALA R 22 30.33 60.51 40.45
N ARG R 23 30.84 59.39 39.97
CA ARG R 23 32.12 58.85 40.39
C ARG R 23 33.17 59.12 39.32
N GLN R 24 34.43 58.97 39.69
CA GLN R 24 35.47 59.20 38.69
C GLN R 24 35.60 57.99 37.79
N ASN R 25 36.25 58.20 36.65
CA ASN R 25 36.24 57.21 35.57
C ASN R 25 37.41 56.25 35.76
N TYR R 26 37.28 55.40 36.78
CA TYR R 26 38.09 54.20 36.80
C TYR R 26 37.49 53.20 35.82
N GLY R 27 38.29 52.23 35.42
CA GLY R 27 37.87 51.36 34.35
C GLY R 27 38.21 51.87 32.97
N ALA R 28 38.81 53.05 32.86
CA ALA R 28 39.34 53.56 31.61
C ALA R 28 40.67 54.25 31.86
N VAL R 29 41.48 53.68 32.74
CA VAL R 29 42.72 54.30 33.21
C VAL R 29 43.89 53.51 32.66
N ILE R 30 44.85 54.21 32.05
CA ILE R 30 46.04 53.58 31.52
C ILE R 30 46.99 53.27 32.67
N ASN R 31 47.42 52.02 32.77
CA ASN R 31 48.33 51.59 33.83
C ASN R 31 49.74 52.02 33.44
N TRP R 32 50.17 53.18 33.92
CA TRP R 32 51.48 53.71 33.59
C TRP R 32 52.57 53.30 34.58
N LEU R 33 52.24 52.45 35.56
CA LEU R 33 53.10 52.20 36.71
C LEU R 33 54.38 51.42 36.41
N SER R 34 54.66 51.08 35.16
CA SER R 34 55.95 50.52 34.78
C SER R 34 56.46 51.15 33.50
N ALA R 35 56.35 52.48 33.42
CA ALA R 35 56.84 53.24 32.29
C ALA R 35 57.97 54.16 32.73
N ASP R 36 58.95 54.33 31.84
CA ASP R 36 60.08 55.22 32.11
C ASP R 36 59.66 56.66 31.85
N ASN R 37 60.63 57.57 31.86
CA ASN R 37 60.35 59.00 31.67
C ASN R 37 59.93 59.34 30.25
N ASN R 38 60.06 58.42 29.29
CA ASN R 38 59.69 58.71 27.92
C ASN R 38 58.29 58.19 27.60
N MET R 39 57.94 57.01 28.10
CA MET R 39 56.58 56.51 27.90
C MET R 39 55.59 57.23 28.81
N PHE R 40 56.04 57.72 29.96
CA PHE R 40 55.16 58.48 30.84
C PHE R 40 54.73 59.80 30.22
N HIS R 41 55.60 60.41 29.44
CA HIS R 41 55.21 61.63 28.75
C HIS R 41 54.25 61.34 27.60
N ARG R 42 54.37 60.17 26.98
CA ARG R 42 53.44 59.80 25.91
C ARG R 42 52.07 59.44 26.47
N VAL R 43 52.05 58.77 27.63
CA VAL R 43 50.78 58.39 28.24
C VAL R 43 50.06 59.60 28.79
N GLN R 44 50.78 60.49 29.47
CA GLN R 44 50.12 61.68 30.01
C GLN R 44 49.82 62.73 28.96
N THR R 45 50.26 62.53 27.71
CA THR R 45 49.82 63.40 26.63
C THR R 45 48.42 63.03 26.15
N VAL R 46 48.14 61.73 26.00
CA VAL R 46 46.80 61.31 25.61
C VAL R 46 45.83 61.33 26.78
N ASN R 47 46.30 61.55 27.99
CA ASN R 47 45.39 61.94 29.06
C ASN R 47 45.06 63.42 28.99
N ARG R 48 46.04 64.25 28.64
CA ARG R 48 45.75 65.67 28.39
C ARG R 48 45.00 65.90 27.09
N ALA R 49 44.93 64.89 26.20
CA ALA R 49 44.13 65.03 25.00
C ALA R 49 42.66 64.75 25.27
N ARG R 50 42.35 63.76 26.11
CA ARG R 50 40.96 63.47 26.41
C ARG R 50 40.34 64.47 27.37
N ASN R 51 41.15 65.14 28.19
CA ASN R 51 40.59 66.24 28.97
C ASN R 51 40.34 67.46 28.12
N LEU R 52 41.16 67.69 27.09
CA LEU R 52 40.95 68.82 26.20
C LEU R 52 39.70 68.63 25.35
N ILE R 53 39.36 67.39 25.02
CA ILE R 53 38.09 67.11 24.34
C ILE R 53 36.92 67.35 25.28
N ASP R 54 37.06 66.94 26.55
CA ASP R 54 35.97 67.08 27.50
C ASP R 54 35.77 68.51 27.95
N GLU R 55 36.80 69.35 27.90
CA GLU R 55 36.61 70.76 28.24
C GLU R 55 35.91 71.52 27.12
N ILE R 56 36.06 71.05 25.88
CA ILE R 56 35.31 71.63 24.78
C ILE R 56 33.84 71.24 24.89
N ARG R 57 33.57 69.98 25.25
CA ARG R 57 32.21 69.49 25.31
C ARG R 57 31.44 70.04 26.50
N GLU R 58 32.12 70.38 27.60
CA GLU R 58 31.44 70.92 28.77
C GLU R 58 31.24 72.43 28.69
N GLU R 59 31.59 73.05 27.57
CA GLU R 59 31.36 74.46 27.35
C GLU R 59 29.91 74.73 26.97
N THR R 60 29.17 73.71 26.52
CA THR R 60 27.83 73.87 25.98
C THR R 60 26.81 73.10 26.83
N VAL R 61 26.88 73.26 28.16
CA VAL R 61 26.04 72.49 29.06
C VAL R 61 24.69 73.12 29.33
N ARG R 62 24.34 74.24 28.64
CA ARG R 62 23.03 74.90 28.66
C ARG R 62 22.62 75.26 30.08
N PRO R 63 23.16 76.35 30.64
CA PRO R 63 23.30 76.49 32.09
C PRO R 63 22.05 76.73 32.92
N ASP R 64 20.85 76.56 32.39
CA ASP R 64 19.69 76.54 33.27
C ASP R 64 19.10 75.14 33.45
N LEU R 65 19.74 74.11 32.89
CA LEU R 65 19.45 72.76 33.36
C LEU R 65 20.26 72.45 34.61
N ALA R 66 21.47 72.99 34.71
CA ALA R 66 22.30 72.79 35.88
C ALA R 66 21.80 73.58 37.08
N ALA R 67 21.05 74.66 36.85
CA ALA R 67 20.50 75.43 37.96
C ALA R 67 19.39 74.66 38.67
N SER R 68 18.47 74.10 37.89
CA SER R 68 17.43 73.22 38.43
C SER R 68 17.84 71.76 38.26
N PHE R 69 18.95 71.40 38.89
CA PHE R 69 19.45 70.04 38.82
C PHE R 69 18.58 69.13 39.68
N ASN R 70 18.09 68.04 39.07
CA ASN R 70 17.13 67.07 39.61
C ASN R 70 15.78 67.70 39.96
N ASP R 71 15.49 68.87 39.38
CA ASP R 71 14.26 69.60 39.64
C ASP R 71 13.72 70.15 38.33
N TRP R 72 13.74 69.34 37.29
CA TRP R 72 13.37 69.84 35.96
C TRP R 72 11.86 69.83 35.79
N THR R 73 11.34 70.92 35.25
CA THR R 73 9.92 71.07 34.97
C THR R 73 9.67 70.82 33.49
N TYR R 74 8.44 71.07 33.03
CA TYR R 74 7.97 70.52 31.77
C TYR R 74 8.60 71.20 30.55
N ASP R 75 8.94 72.48 30.64
CA ASP R 75 9.47 73.17 29.48
C ASP R 75 10.96 72.93 29.26
N GLN R 76 11.61 72.18 30.13
CA GLN R 76 13.03 71.88 30.00
C GLN R 76 13.27 70.43 29.59
N LEU R 77 12.23 69.71 29.22
CA LEU R 77 12.32 68.29 28.90
C LEU R 77 11.90 68.06 27.46
N THR R 78 12.52 67.07 26.82
CA THR R 78 12.16 66.70 25.46
C THR R 78 10.85 65.93 25.49
N GLN R 79 9.87 66.42 24.85
CA GLN R 79 8.56 65.81 24.84
C GLN R 79 8.40 64.90 23.62
N PRO R 80 7.56 63.88 23.71
CA PRO R 80 7.20 63.11 22.52
C PRO R 80 6.39 63.96 21.56
N PRO R 81 6.61 63.82 20.27
CA PRO R 81 5.95 64.72 19.31
C PRO R 81 4.48 64.40 19.13
N GLY R 82 3.72 65.44 18.81
CA GLY R 82 2.29 65.32 18.62
C GLY R 82 1.66 66.66 18.32
N THR R 83 0.53 66.66 17.60
CA THR R 83 -0.10 67.89 17.18
C THR R 83 -0.87 68.53 18.33
N ALA R 84 -1.45 69.69 18.07
CA ALA R 84 -2.23 70.42 19.05
C ALA R 84 -3.63 69.83 19.14
N TYR R 85 -4.50 70.51 19.89
CA TYR R 85 -5.87 70.03 20.09
C TYR R 85 -6.78 70.58 19.01
N LEU R 86 -7.31 69.68 18.17
CA LEU R 86 -8.46 69.96 17.34
C LEU R 86 -9.67 69.32 17.98
N PRO R 87 -10.81 70.00 18.05
CA PRO R 87 -11.98 69.40 18.70
C PRO R 87 -12.57 68.28 17.86
N ALA R 88 -13.16 67.30 18.53
CA ALA R 88 -13.73 66.17 17.83
C ALA R 88 -14.99 66.60 17.08
N PRO R 89 -15.16 66.14 15.83
CA PRO R 89 -16.32 66.59 15.05
C PRO R 89 -17.61 65.97 15.55
N ASP R 90 -18.72 66.55 15.12
CA ASP R 90 -20.03 66.09 15.54
C ASP R 90 -20.31 64.72 14.93
N PRO R 91 -20.63 63.71 15.74
CA PRO R 91 -21.01 62.41 15.17
C PRO R 91 -22.35 62.42 14.46
N LEU R 92 -23.16 63.48 14.60
CA LEU R 92 -24.32 63.63 13.74
C LEU R 92 -23.91 63.96 12.30
N THR R 93 -22.76 64.60 12.13
CA THR R 93 -22.28 64.95 10.80
C THR R 93 -21.48 63.83 10.14
N GLY R 94 -21.53 62.62 10.68
CA GLY R 94 -20.91 61.46 10.06
C GLY R 94 -21.56 61.13 8.73
N PRO R 95 -20.83 60.45 7.85
CA PRO R 95 -21.36 60.22 6.48
C PRO R 95 -22.54 59.24 6.43
N THR R 96 -22.53 58.24 7.32
CA THR R 96 -23.69 57.35 7.44
C THR R 96 -24.07 57.29 8.92
N THR R 97 -24.77 58.32 9.39
CA THR R 97 -25.46 58.31 10.68
C THR R 97 -26.92 58.66 10.56
N ILE R 98 -27.24 59.74 9.86
CA ILE R 98 -28.62 60.18 9.71
C ILE R 98 -29.32 59.35 8.65
N ARG R 99 -28.61 59.01 7.57
CA ARG R 99 -29.21 58.23 6.50
C ARG R 99 -29.50 56.79 6.91
N ASP R 100 -28.86 56.28 7.96
CA ASP R 100 -29.28 55.00 8.49
C ASP R 100 -30.58 55.12 9.30
N LYS R 101 -30.86 56.29 9.84
CA LYS R 101 -32.13 56.53 10.51
C LYS R 101 -33.25 56.85 9.53
N VAL R 102 -32.92 57.19 8.28
CA VAL R 102 -33.91 57.57 7.28
C VAL R 102 -34.21 56.40 6.34
N LEU R 103 -33.17 55.73 5.83
CA LEU R 103 -33.38 54.62 4.90
C LEU R 103 -34.01 53.41 5.58
N SER R 104 -33.74 53.21 6.87
CA SER R 104 -34.39 52.11 7.58
C SER R 104 -35.84 52.42 7.91
N ALA R 105 -36.14 53.66 8.29
CA ALA R 105 -37.50 54.05 8.60
C ALA R 105 -38.40 54.12 7.37
N GLU R 106 -37.83 54.12 6.16
CA GLU R 106 -38.60 53.92 4.94
C GLU R 106 -39.07 52.49 4.78
N GLY R 107 -38.48 51.54 5.51
CA GLY R 107 -38.88 50.16 5.44
C GLY R 107 -37.75 49.17 5.25
N GLU R 108 -36.54 49.63 5.02
CA GLU R 108 -35.42 48.75 4.71
C GLU R 108 -34.82 48.19 5.98
N GLN R 109 -34.18 47.04 5.84
CA GLN R 109 -33.24 46.55 6.85
C GLN R 109 -31.86 46.53 6.22
N LEU R 110 -30.91 47.16 6.91
CA LEU R 110 -29.61 47.44 6.34
C LEU R 110 -28.56 46.59 7.04
N ALA R 111 -27.54 46.21 6.29
CA ALA R 111 -26.37 45.52 6.82
C ALA R 111 -25.23 45.72 5.82
N GLY R 112 -24.09 46.17 6.33
CA GLY R 112 -23.00 46.50 5.45
C GLY R 112 -22.47 47.90 5.67
N SER R 113 -21.17 48.09 5.43
CA SER R 113 -20.55 49.39 5.60
C SER R 113 -19.25 49.43 4.82
N ARG R 114 -18.81 50.64 4.50
CA ARG R 114 -17.61 51.08 3.81
C ARG R 114 -16.44 51.15 4.80
N PRO R 115 -15.27 50.65 4.45
CA PRO R 115 -14.12 50.76 5.36
C PRO R 115 -13.66 52.19 5.55
N SER R 116 -12.98 52.43 6.66
CA SER R 116 -12.64 53.78 7.11
C SER R 116 -11.42 54.31 6.36
N VAL R 117 -10.86 55.42 6.87
CA VAL R 117 -9.72 56.04 6.23
C VAL R 117 -8.46 55.21 6.46
N LEU R 118 -8.35 54.58 7.63
CA LEU R 118 -7.26 53.67 7.90
C LEU R 118 -7.44 52.30 7.27
N HIS R 119 -8.52 52.10 6.50
CA HIS R 119 -8.94 50.82 5.94
C HIS R 119 -9.10 49.77 7.03
N GLY R 120 -9.65 50.20 8.16
CA GLY R 120 -9.86 49.34 9.30
C GLY R 120 -9.52 49.99 10.62
N ALA R 207 -12.22 72.48 8.36
CA ALA R 207 -11.49 71.23 8.43
C ALA R 207 -12.44 70.03 8.37
N PRO R 208 -12.81 69.60 7.15
CA PRO R 208 -13.72 68.45 7.02
C PRO R 208 -13.11 67.12 7.43
N SER R 209 -11.93 66.79 6.91
CA SER R 209 -11.30 65.51 7.18
C SER R 209 -9.95 65.60 7.88
N SER R 210 -9.30 66.76 7.85
CA SER R 210 -8.07 66.94 8.63
C SER R 210 -8.37 67.03 10.11
N LYS R 211 -9.59 67.41 10.48
CA LYS R 211 -9.99 67.40 11.89
C LYS R 211 -10.17 65.99 12.41
N VAL R 212 -10.56 65.05 11.54
CA VAL R 212 -10.79 63.68 11.96
C VAL R 212 -9.47 62.93 12.12
N LEU R 213 -8.57 63.08 11.16
CA LEU R 213 -7.29 62.38 11.19
C LEU R 213 -6.27 63.01 12.12
N SER R 214 -6.60 64.11 12.78
CA SER R 214 -5.70 64.68 13.78
C SER R 214 -5.84 64.00 15.14
N LEU R 215 -6.76 63.04 15.28
CA LEU R 215 -6.93 62.35 16.54
C LEU R 215 -5.80 61.36 16.80
N LEU R 216 -5.17 60.87 15.74
CA LEU R 216 -4.19 59.80 15.85
C LEU R 216 -2.81 60.31 16.22
N SER R 217 -2.53 61.59 16.06
CA SER R 217 -1.23 62.17 16.34
C SER R 217 -1.35 63.34 17.30
N GLU R 218 -2.08 63.16 18.39
CA GLU R 218 -2.42 64.24 19.29
C GLU R 218 -1.59 64.17 20.56
N ALA R 219 -1.13 65.32 21.03
CA ALA R 219 -0.37 65.43 22.26
C ALA R 219 -1.29 65.27 23.47
N PRO R 220 -0.74 64.84 24.61
CA PRO R 220 -1.56 64.79 25.83
C PRO R 220 -1.86 66.17 26.37
N ARG R 221 -2.67 66.20 27.43
CA ARG R 221 -3.14 67.45 27.99
C ARG R 221 -2.02 68.18 28.72
N ILE R 222 -1.47 67.56 29.75
CA ILE R 222 -0.35 68.10 30.52
C ILE R 222 0.90 67.38 30.06
N PRO R 223 1.96 68.09 29.70
CA PRO R 223 3.20 67.40 29.28
C PRO R 223 3.92 66.78 30.47
N ARG R 224 4.95 65.99 30.15
CA ARG R 224 5.67 65.24 31.16
C ARG R 224 6.50 66.17 32.05
N THR R 225 6.46 65.92 33.35
CA THR R 225 7.28 66.62 34.32
C THR R 225 8.16 65.63 35.06
N GLU R 226 9.33 66.10 35.48
CA GLU R 226 10.25 65.41 36.38
C GLU R 226 10.72 64.06 35.81
N GLY R 227 11.49 64.16 34.73
CA GLY R 227 12.20 63.01 34.23
C GLY R 227 12.87 63.28 32.90
N MET R 228 14.11 62.83 32.74
CA MET R 228 14.78 62.96 31.45
C MET R 228 14.98 61.60 30.80
N THR R 229 14.72 61.56 29.51
CA THR R 229 15.09 60.41 28.70
C THR R 229 16.61 60.33 28.61
N PRO R 230 17.18 59.15 28.38
CA PRO R 230 18.64 59.06 28.20
C PRO R 230 19.15 59.70 26.93
N TYR R 231 18.27 60.05 25.97
CA TYR R 231 18.67 60.87 24.85
C TYR R 231 19.09 62.25 25.32
N GLN R 232 18.40 62.78 26.33
CA GLN R 232 18.66 64.12 26.82
C GLN R 232 19.70 64.15 27.93
N PHE R 233 19.80 63.08 28.72
CA PHE R 233 20.83 63.02 29.74
C PHE R 233 22.22 62.81 29.14
N ALA R 234 22.32 62.29 27.93
CA ALA R 234 23.62 62.18 27.28
C ALA R 234 23.95 63.40 26.44
N ASN R 235 22.94 64.09 25.91
CA ASN R 235 23.17 65.31 25.14
C ASN R 235 23.67 66.42 26.06
N SER R 236 22.91 66.71 27.12
CA SER R 236 23.43 67.51 28.20
C SER R 236 24.31 66.64 29.08
N PHE R 237 24.91 67.25 30.10
CA PHE R 237 25.72 66.63 31.15
C PHE R 237 26.83 65.70 30.64
N PRO R 238 27.90 66.24 30.06
CA PRO R 238 29.02 65.41 29.65
C PRO R 238 29.86 65.02 30.85
N PRO R 239 30.85 64.13 30.70
CA PRO R 239 31.77 63.86 31.82
C PRO R 239 32.57 65.09 32.19
N VAL R 240 32.32 65.60 33.39
CA VAL R 240 32.97 66.83 33.83
C VAL R 240 34.38 66.53 34.26
N VAL R 241 35.23 67.57 34.21
CA VAL R 241 36.60 67.49 34.66
C VAL R 241 36.78 68.51 35.78
N TYR R 242 37.54 68.12 36.80
CA TYR R 242 37.54 68.81 38.09
C TYR R 242 38.97 69.17 38.46
N GLU R 243 39.61 69.98 37.60
CA GLU R 243 41.06 70.22 37.51
C GLU R 243 41.84 70.26 38.82
N ASP R 244 41.36 71.02 39.80
CA ASP R 244 41.94 70.96 41.14
C ASP R 244 40.94 70.32 42.10
N PRO R 245 41.31 69.27 42.81
CA PRO R 245 40.35 68.60 43.68
C PRO R 245 40.11 69.37 44.97
N PHE R 246 38.95 70.02 45.05
CA PHE R 246 38.32 70.50 46.29
C PHE R 246 39.11 71.62 46.95
N SER R 247 39.65 72.54 46.15
CA SER R 247 40.48 73.63 46.65
C SER R 247 39.85 75.00 46.42
N GLN R 248 38.53 75.09 46.59
CA GLN R 248 37.81 76.35 46.48
C GLN R 248 37.00 76.59 47.76
N ASN R 249 36.11 77.58 47.69
CA ASN R 249 35.19 77.86 48.76
C ASN R 249 34.20 76.71 48.93
N LEU R 250 33.62 76.61 50.12
CA LEU R 250 32.67 75.55 50.40
C LEU R 250 31.30 75.84 49.79
N ALA R 251 31.05 77.05 49.29
CA ALA R 251 29.81 77.32 48.60
C ALA R 251 29.76 76.66 47.23
N VAL R 252 30.92 76.51 46.58
CA VAL R 252 30.99 75.85 45.28
C VAL R 252 31.50 74.43 45.46
N PHE R 253 31.29 73.88 46.65
CA PHE R 253 31.59 72.48 46.90
C PHE R 253 30.65 71.62 46.05
N PRO R 254 31.17 70.66 45.32
CA PRO R 254 30.32 69.85 44.43
C PRO R 254 29.49 68.81 45.17
N LYS R 255 28.36 69.28 45.70
CA LYS R 255 27.48 68.44 46.50
C LYS R 255 26.66 67.47 45.67
N GLU R 256 26.57 67.69 44.35
CA GLU R 256 25.76 66.84 43.48
C GLU R 256 26.45 65.55 43.10
N PHE R 257 27.73 65.40 43.39
CA PHE R 257 28.46 64.21 43.00
C PHE R 257 28.18 63.04 43.92
N SER R 258 27.62 63.28 45.08
CA SER R 258 27.21 62.20 45.97
C SER R 258 25.94 61.55 45.43
N PRO R 259 25.82 60.22 45.49
CA PRO R 259 24.59 59.58 45.01
C PRO R 259 23.41 59.78 45.94
N LEU R 260 23.65 60.14 47.19
CA LEU R 260 22.57 60.40 48.15
C LEU R 260 22.26 61.89 48.21
N PHE R 261 21.93 62.45 47.06
CA PHE R 261 21.69 63.88 46.92
C PHE R 261 20.22 64.11 46.60
N GLU R 262 19.52 64.64 47.53
CA GLU R 262 18.16 65.09 47.26
C GLU R 262 18.16 66.59 47.04
N PRO R 263 17.21 67.15 46.30
CA PRO R 263 17.11 68.61 46.15
C PRO R 263 16.39 69.32 47.30
N GLU R 264 16.73 68.96 48.52
CA GLU R 264 16.22 69.62 49.73
C GLU R 264 17.41 69.91 50.64
N ASN R 265 18.00 71.09 50.45
CA ASN R 265 19.18 71.53 51.19
C ASN R 265 19.29 73.04 51.06
N GLN R 266 20.24 73.62 51.81
CA GLN R 266 20.28 75.07 51.96
C GLN R 266 20.81 75.77 50.71
N VAL R 267 22.06 75.48 50.34
CA VAL R 267 22.66 76.15 49.19
C VAL R 267 22.07 75.57 47.91
N LEU R 268 21.97 76.39 46.87
CA LEU R 268 21.30 76.02 45.63
C LEU R 268 22.32 75.72 44.55
N ALA R 269 21.91 74.87 43.60
CA ALA R 269 22.80 74.38 42.55
C ALA R 269 23.02 75.43 41.47
N SER R 270 24.11 75.26 40.73
CA SER R 270 24.46 76.14 39.63
C SER R 270 25.40 75.40 38.69
N SER R 271 25.94 76.10 37.70
CA SER R 271 26.96 75.51 36.84
C SER R 271 28.27 75.40 37.58
N LEU R 272 28.52 74.23 38.17
CA LEU R 272 29.76 73.95 38.88
C LEU R 272 30.31 72.62 38.36
N ALA R 273 31.57 72.65 37.93
CA ALA R 273 32.23 71.45 37.45
C ALA R 273 32.94 70.80 38.63
N ASP S 2 3.54 87.06 57.64
CA ASP S 2 3.35 86.47 58.96
C ASP S 2 3.77 85.01 59.00
N PRO S 3 4.13 84.50 60.20
CA PRO S 3 4.41 83.06 60.34
C PRO S 3 3.35 82.04 59.87
N GLY S 4 2.04 82.13 60.20
CA GLY S 4 1.27 83.25 60.71
C GLY S 4 0.66 83.16 62.09
N LEU S 5 0.87 84.24 62.85
CA LEU S 5 0.19 84.46 64.12
C LEU S 5 -1.01 85.37 63.97
N LYS S 6 -1.43 85.66 62.75
CA LYS S 6 -2.52 86.61 62.53
C LYS S 6 -3.77 85.87 62.07
N PRO S 7 -4.93 86.07 62.70
CA PRO S 7 -6.15 85.48 62.19
C PRO S 7 -6.61 86.19 60.93
N SER S 8 -7.45 85.51 60.18
CA SER S 8 -8.08 86.08 59.00
C SER S 8 -9.56 86.25 59.25
N SER S 9 -10.18 87.15 58.48
CA SER S 9 -11.62 87.43 58.49
C SER S 9 -12.10 87.87 59.88
N LEU S 10 -11.70 89.09 60.23
CA LEU S 10 -11.99 89.68 61.53
C LEU S 10 -13.30 90.44 61.54
N TRP S 11 -14.31 89.96 60.79
CA TRP S 11 -15.55 90.69 60.60
C TRP S 11 -16.35 90.89 61.89
N THR S 12 -16.13 90.07 62.91
CA THR S 12 -16.84 90.30 64.15
C THR S 12 -16.32 91.51 64.92
N HIS S 13 -15.14 92.02 64.58
CA HIS S 13 -14.62 93.25 65.16
C HIS S 13 -14.71 94.44 64.22
N LYS S 14 -14.88 94.21 62.92
CA LYS S 14 -14.76 95.27 61.94
C LYS S 14 -16.04 95.60 61.19
N ILE S 15 -17.13 94.84 61.37
CA ILE S 15 -18.34 95.12 60.60
C ILE S 15 -19.08 96.34 61.14
N ILE S 16 -18.82 96.73 62.38
CA ILE S 16 -19.62 97.80 62.96
C ILE S 16 -18.96 99.17 62.78
N ASP S 17 -17.64 99.24 62.61
CA ASP S 17 -16.99 100.47 62.21
C ASP S 17 -16.70 100.50 60.72
N SER S 18 -17.21 99.54 59.96
CA SER S 18 -17.27 99.66 58.52
C SER S 18 -18.60 100.20 58.06
N ILE S 19 -19.61 100.20 58.93
CA ILE S 19 -20.89 100.82 58.63
C ILE S 19 -20.91 102.27 59.10
N ILE S 20 -20.47 102.52 60.34
CA ILE S 20 -20.48 103.89 60.85
C ILE S 20 -19.39 104.72 60.20
N ALA S 21 -18.13 104.31 60.38
CA ALA S 21 -17.04 104.89 59.60
C ALA S 21 -17.02 104.26 58.22
N ASN S 22 -16.77 105.09 57.21
CA ASN S 22 -16.56 104.85 55.79
C ASN S 22 -17.73 104.18 55.06
N ARG S 23 -18.84 103.92 55.77
CA ARG S 23 -20.20 103.79 55.18
C ARG S 23 -20.31 102.71 54.10
N SER S 24 -19.87 101.50 54.44
CA SER S 24 -19.88 100.41 53.46
C SER S 24 -21.29 99.86 53.29
N LEU S 25 -21.74 99.79 52.03
CA LEU S 25 -23.05 99.23 51.73
C LEU S 25 -23.03 97.71 51.75
N SER S 26 -21.89 97.11 51.43
CA SER S 26 -21.80 95.64 51.47
C SER S 26 -21.77 95.11 52.89
N ALA S 27 -21.25 95.90 53.83
CA ALA S 27 -21.25 95.48 55.22
C ALA S 27 -22.64 95.58 55.85
N VAL S 28 -23.50 96.44 55.32
CA VAL S 28 -24.87 96.51 55.81
C VAL S 28 -25.66 95.30 55.36
N GLN S 29 -25.46 94.86 54.11
CA GLN S 29 -26.20 93.73 53.57
C GLN S 29 -25.82 92.42 54.24
N ASN S 30 -24.57 92.29 54.69
CA ASN S 30 -24.18 91.11 55.44
C ASN S 30 -24.67 91.18 56.88
N PHE S 31 -24.83 92.37 57.43
CA PHE S 31 -25.15 92.52 58.84
C PHE S 31 -26.62 92.25 59.12
N ARG S 32 -27.51 92.65 58.19
CA ARG S 32 -28.93 92.36 58.36
C ARG S 32 -29.23 90.88 58.21
N LYS S 33 -28.43 90.17 57.41
CA LYS S 33 -28.61 88.75 57.17
C LYS S 33 -28.30 87.91 58.40
N GLN S 34 -27.46 88.40 59.31
CA GLN S 34 -26.96 87.60 60.41
C GLN S 34 -28.07 87.30 61.43
N PRO S 35 -27.97 86.15 62.12
CA PRO S 35 -28.90 85.87 63.21
C PRO S 35 -28.64 86.79 64.41
N LEU S 36 -29.53 86.67 65.39
CA LEU S 36 -29.50 87.57 66.54
C LEU S 36 -28.29 87.33 67.44
N ALA S 37 -27.75 86.11 67.45
CA ALA S 37 -26.59 85.85 68.28
C ALA S 37 -25.31 86.33 67.60
N ASN S 38 -25.21 86.17 66.28
CA ASN S 38 -24.10 86.73 65.52
C ASN S 38 -24.13 88.25 65.48
N LYS S 39 -25.30 88.84 65.69
CA LYS S 39 -25.45 90.29 65.64
C LYS S 39 -25.06 90.95 66.95
N LEU S 40 -25.33 90.32 68.09
CA LEU S 40 -24.99 90.92 69.37
C LEU S 40 -23.51 90.81 69.71
N THR S 41 -22.76 89.95 69.02
CA THR S 41 -21.33 89.86 69.23
C THR S 41 -20.55 90.84 68.37
N ALA S 42 -21.25 91.73 67.67
CA ALA S 42 -20.60 92.78 66.91
C ALA S 42 -21.01 94.16 67.40
N LEU S 43 -22.02 94.26 68.26
CA LEU S 43 -22.42 95.54 68.84
C LEU S 43 -21.62 95.92 70.07
N GLU S 44 -21.06 94.95 70.80
CA GLU S 44 -20.17 95.29 71.90
C GLU S 44 -18.81 95.75 71.40
N ASP S 45 -18.35 95.24 70.25
CA ASP S 45 -17.04 95.63 69.75
C ASP S 45 -17.03 97.04 69.19
N ALA S 46 -18.21 97.63 68.96
CA ALA S 46 -18.27 99.08 68.80
C ALA S 46 -18.01 99.78 70.12
N ILE S 47 -18.59 99.27 71.21
CA ILE S 47 -18.51 99.96 72.50
C ILE S 47 -17.12 99.81 73.09
N VAL S 48 -16.72 98.57 73.39
CA VAL S 48 -15.39 98.30 73.91
C VAL S 48 -14.63 97.43 72.92
N GLN S 49 -13.41 97.80 72.64
CA GLN S 49 -12.63 96.99 71.71
C GLN S 49 -11.67 96.11 72.50
N PRO S 50 -11.60 94.81 72.19
CA PRO S 50 -10.74 93.91 72.98
C PRO S 50 -9.27 94.14 72.68
N ARG S 51 -8.49 94.38 73.74
CA ARG S 51 -7.07 94.67 73.60
C ARG S 51 -6.29 93.36 73.50
N LYS S 52 -5.45 93.26 72.48
CA LYS S 52 -4.66 92.06 72.22
C LYS S 52 -3.20 92.32 72.53
N ASP S 53 -2.56 91.35 73.19
CA ASP S 53 -1.13 91.45 73.46
C ASP S 53 -0.36 91.21 72.17
N THR S 54 0.48 92.18 71.79
CA THR S 54 1.25 92.10 70.57
C THR S 54 2.68 91.61 70.82
N THR S 55 2.98 91.16 72.04
CA THR S 55 4.32 90.66 72.34
C THR S 55 4.68 89.36 71.62
N PRO S 56 3.85 88.28 71.62
CA PRO S 56 4.29 87.07 70.89
C PRO S 56 4.27 87.22 69.38
N GLU S 57 3.53 88.17 68.84
CA GLU S 57 3.61 88.45 67.42
C GLU S 57 4.82 89.28 67.05
N THR S 58 5.36 90.05 68.00
CA THR S 58 6.55 90.84 67.73
C THR S 58 7.81 89.99 67.87
N VAL S 59 7.83 89.09 68.85
CA VAL S 59 8.97 88.20 69.04
C VAL S 59 9.07 87.20 67.90
N ALA S 60 7.94 86.65 67.45
CA ALA S 60 7.96 85.75 66.30
C ALA S 60 8.25 86.46 64.99
N ALA S 61 8.17 87.79 64.94
CA ALA S 61 8.50 88.51 63.73
C ALA S 61 10.00 88.53 63.46
N ILE S 62 10.81 88.56 64.52
CA ILE S 62 12.26 88.62 64.34
C ILE S 62 12.91 87.25 64.34
N LEU S 63 12.22 86.21 64.81
CA LEU S 63 12.72 84.85 64.62
C LEU S 63 12.62 84.44 63.15
N GLN S 64 11.59 84.92 62.46
CA GLN S 64 11.46 84.63 61.03
C GLN S 64 12.46 85.41 60.20
N GLU S 65 12.97 86.53 60.70
CA GLU S 65 13.98 87.28 59.96
C GLU S 65 15.34 86.59 60.02
N LEU S 66 15.66 85.99 61.17
CA LEU S 66 16.92 85.26 61.30
C LEU S 66 16.90 83.97 60.48
N VAL S 67 15.72 83.41 60.25
CA VAL S 67 15.59 82.33 59.28
C VAL S 67 15.78 82.87 57.87
N ALA S 68 15.25 84.06 57.61
CA ALA S 68 15.30 84.65 56.27
C ALA S 68 16.71 85.06 55.89
N MET S 69 17.50 85.54 56.85
CA MET S 69 18.90 85.83 56.60
C MET S 69 19.78 84.58 56.64
N GLY S 70 19.21 83.42 56.93
CA GLY S 70 20.01 82.21 57.02
C GLY S 70 20.87 82.13 58.26
N ALA S 71 20.50 82.85 59.33
CA ALA S 71 21.30 82.83 60.54
C ALA S 71 21.09 81.55 61.33
N LEU S 72 19.87 81.02 61.33
CA LEU S 72 19.57 79.80 62.07
C LEU S 72 18.61 78.94 61.28
N GLN S 73 18.64 77.63 61.57
CA GLN S 73 17.85 76.67 60.83
C GLN S 73 16.38 76.80 61.19
N PRO S 74 15.47 76.35 60.30
CA PRO S 74 14.03 76.47 60.61
C PRO S 74 13.55 75.56 61.72
N ASN S 75 14.30 74.52 62.10
CA ASN S 75 13.89 73.71 63.23
C ASN S 75 14.20 74.35 64.58
N GLU S 76 14.90 75.48 64.59
CA GLU S 76 15.32 76.10 65.84
C GLU S 76 14.37 77.19 66.33
N VAL S 77 13.49 77.72 65.47
CA VAL S 77 12.47 78.64 65.96
C VAL S 77 11.36 77.94 66.74
N GLY S 78 11.36 76.62 66.77
CA GLY S 78 10.58 75.88 67.73
C GLY S 78 11.03 76.12 69.15
N PRO S 79 12.22 75.63 69.52
CA PRO S 79 12.67 75.81 70.91
C PRO S 79 13.10 77.22 71.26
N MET S 80 13.65 78.01 70.33
CA MET S 80 14.14 79.33 70.68
C MET S 80 13.02 80.34 70.89
N PHE S 81 11.82 80.09 70.35
CA PHE S 81 10.73 81.03 70.57
C PHE S 81 10.20 80.95 71.99
N SER S 82 10.03 79.74 72.50
CA SER S 82 9.57 79.57 73.87
C SER S 82 10.65 79.87 74.90
N ASP S 83 11.91 79.97 74.48
CA ASP S 83 12.98 80.41 75.37
C ASP S 83 13.12 81.92 75.41
N LEU S 84 12.62 82.63 74.40
CA LEU S 84 12.62 84.08 74.43
C LEU S 84 11.32 84.66 74.99
N MET S 85 10.21 83.94 74.85
CA MET S 85 8.98 84.39 75.49
C MET S 85 9.03 84.20 76.99
N ILE S 86 9.73 83.17 77.47
CA ILE S 86 9.83 82.95 78.91
C ILE S 86 10.76 83.96 79.57
N ARG S 87 11.58 84.66 78.79
CA ARG S 87 12.41 85.73 79.32
C ARG S 87 11.66 87.06 79.39
N VAL S 88 10.83 87.36 78.40
CA VAL S 88 10.08 88.62 78.43
C VAL S 88 8.85 88.54 79.30
N HIS S 89 8.37 87.34 79.65
CA HIS S 89 7.36 87.26 80.69
C HIS S 89 7.95 87.57 82.06
N LYS S 90 9.18 87.16 82.30
CA LYS S 90 9.82 87.43 83.59
C LYS S 90 10.27 88.88 83.70
N TYR S 91 11.16 89.30 82.81
CA TYR S 91 11.79 90.61 82.90
C TYR S 91 11.05 91.65 82.08
N ASN S 92 9.74 91.78 82.30
CA ASN S 92 8.93 92.71 81.51
C ASN S 92 9.07 94.10 82.10
N SER S 93 9.44 95.07 81.27
CA SER S 93 9.60 96.46 81.68
C SER S 93 9.42 97.36 80.46
N THR S 94 9.47 98.67 80.69
CA THR S 94 9.38 99.61 79.59
C THR S 94 10.64 99.60 78.73
N ASN S 95 11.80 99.35 79.35
CA ASN S 95 13.04 99.25 78.59
C ASN S 95 13.10 98.00 77.72
N VAL S 96 12.29 96.99 78.02
CA VAL S 96 12.21 95.80 77.18
C VAL S 96 11.19 96.00 76.06
N GLN S 97 10.05 96.59 76.39
CA GLN S 97 9.02 96.86 75.38
C GLN S 97 9.45 97.89 74.35
N ASN S 98 10.43 98.73 74.66
CA ASN S 98 11.01 99.58 73.64
C ASN S 98 12.06 98.83 72.83
N ASN S 99 12.71 97.82 73.42
CA ASN S 99 13.71 97.05 72.68
C ASN S 99 13.05 96.17 71.64
N LEU S 100 11.82 95.70 71.89
CA LEU S 100 11.13 94.92 70.88
C LEU S 100 10.68 95.80 69.71
N SER S 101 10.30 97.05 69.98
CA SER S 101 9.79 97.91 68.91
C SER S 101 10.91 98.43 68.02
N VAL S 102 12.09 98.68 68.58
CA VAL S 102 13.20 99.18 67.77
C VAL S 102 13.75 98.07 66.88
N LEU S 103 13.82 96.84 67.40
CA LEU S 103 14.17 95.70 66.56
C LEU S 103 13.10 95.44 65.51
N LEU S 104 11.83 95.65 65.86
CA LEU S 104 10.76 95.47 64.88
C LEU S 104 10.74 96.61 63.87
N GLY S 105 11.17 97.81 64.27
CA GLY S 105 11.26 98.90 63.33
C GLY S 105 12.40 98.75 62.34
N ASP S 106 13.41 97.95 62.68
CA ASP S 106 14.49 97.68 61.75
C ASP S 106 14.17 96.54 60.79
N ILE S 107 13.12 95.77 61.06
CA ILE S 107 12.70 94.74 60.10
C ILE S 107 12.01 95.38 58.91
N ARG S 108 11.09 96.31 59.18
CA ARG S 108 10.34 96.94 58.10
C ARG S 108 11.20 97.90 57.31
N ALA S 109 12.14 98.58 57.99
CA ALA S 109 13.03 99.50 57.29
C ALA S 109 14.08 98.76 56.46
N ALA S 110 14.35 97.49 56.78
CA ALA S 110 15.29 96.72 55.96
C ALA S 110 14.65 96.24 54.68
N GLN S 111 13.36 95.95 54.69
CA GLN S 111 12.68 95.46 53.49
C GLN S 111 12.06 96.57 52.67
N SER S 112 11.79 97.74 53.27
CA SER S 112 11.32 98.87 52.47
C SER S 112 12.45 99.47 51.65
N GLU S 113 13.70 99.32 52.09
CA GLU S 113 14.84 99.70 51.27
C GLU S 113 15.00 98.73 50.10
N ALA S 114 14.63 97.46 50.29
CA ALA S 114 14.66 96.51 49.19
C ALA S 114 13.53 96.72 48.19
N ILE S 115 12.51 97.51 48.54
CA ILE S 115 11.44 97.83 47.61
C ILE S 115 11.78 99.05 46.76
N ARG S 116 12.30 100.11 47.37
CA ARG S 116 12.57 101.32 46.60
C ARG S 116 13.82 101.21 45.74
N SER S 117 14.82 100.44 46.16
CA SER S 117 16.05 100.34 45.39
C SER S 117 15.90 99.45 44.18
N THR S 118 15.17 98.34 44.31
CA THR S 118 14.95 97.43 43.20
C THR S 118 13.82 97.92 42.29
N ASN S 119 12.96 98.80 42.81
CA ASN S 119 11.74 99.29 42.16
C ASN S 119 10.82 98.12 41.77
N VAL S 120 10.42 97.36 42.78
CA VAL S 120 9.40 96.33 42.58
C VAL S 120 8.00 96.89 42.65
N GLY S 121 7.84 98.18 42.96
CA GLY S 121 6.55 98.83 42.85
C GLY S 121 6.08 99.00 41.42
N GLU S 122 7.01 98.99 40.46
CA GLU S 122 6.63 98.93 39.06
C GLU S 122 5.98 97.59 38.72
N LEU S 123 6.39 96.52 39.40
CA LEU S 123 5.80 95.20 39.23
C LEU S 123 4.79 94.88 40.31
N SER S 124 4.08 95.89 40.82
CA SER S 124 3.08 95.64 41.85
C SER S 124 1.83 94.98 41.29
N ASN S 125 1.64 95.01 39.97
CA ASN S 125 0.52 94.31 39.37
C ASN S 125 0.76 92.81 39.34
N GLN S 126 2.00 92.39 39.06
CA GLN S 126 2.30 90.98 38.92
C GLN S 126 2.29 90.24 40.25
N VAL S 127 2.63 90.93 41.34
CA VAL S 127 2.71 90.26 42.64
C VAL S 127 1.32 89.90 43.14
N VAL S 128 0.36 90.80 42.95
CA VAL S 128 -1.03 90.51 43.32
C VAL S 128 -1.62 89.48 42.34
N LEU S 129 -1.15 89.48 41.10
CA LEU S 129 -1.71 88.58 40.09
C LEU S 129 -1.10 87.19 40.17
N ASN S 130 0.20 87.06 40.47
CA ASN S 130 0.79 85.74 40.65
C ASN S 130 0.34 85.09 41.94
N ASP S 131 -0.10 85.90 42.91
CA ASP S 131 -0.74 85.35 44.11
C ASP S 131 -2.15 84.86 43.80
N PHE S 132 -2.78 85.40 42.77
CA PHE S 132 -4.14 84.98 42.45
C PHE S 132 -4.17 83.67 41.68
N LEU S 133 -3.20 83.46 40.79
CA LEU S 133 -3.11 82.26 39.97
C LEU S 133 -2.41 81.12 40.69
N SER S 134 -2.37 81.14 42.01
CA SER S 134 -1.65 80.16 42.82
C SER S 134 -2.58 79.09 43.40
N ARG S 135 -3.66 79.49 44.07
CA ARG S 135 -4.54 78.51 44.70
C ARG S 135 -5.57 77.93 43.74
N GLU S 136 -5.52 78.31 42.46
CA GLU S 136 -6.37 77.79 41.40
C GLU S 136 -6.03 76.33 41.12
N PRO S 137 -6.98 75.55 40.56
CA PRO S 137 -6.71 74.11 40.41
C PRO S 137 -5.65 73.76 39.38
N ALA S 138 -5.50 74.58 38.34
CA ALA S 138 -4.55 74.51 37.22
C ALA S 138 -4.81 73.32 36.29
N VAL S 139 -5.77 72.45 36.61
CA VAL S 139 -6.24 71.41 35.71
C VAL S 139 -7.75 71.39 35.70
N VAL S 140 -8.34 71.84 34.59
CA VAL S 140 -9.80 71.91 34.50
C VAL S 140 -10.30 70.73 33.69
N PRO S 141 -11.48 70.21 33.98
CA PRO S 141 -12.09 69.22 33.09
C PRO S 141 -12.72 69.93 31.90
N GLN S 142 -12.67 69.30 30.72
CA GLN S 142 -13.25 69.81 29.47
C GLN S 142 -12.68 71.19 29.13
N GLY S 143 -11.41 71.23 28.74
CA GLY S 143 -10.70 72.48 28.54
C GLY S 143 -9.22 72.29 28.31
N GLN S 144 -8.40 72.97 29.10
CA GLN S 144 -6.97 72.79 29.34
C GLN S 144 -6.09 73.33 28.20
N HIS S 145 -6.63 73.63 27.04
CA HIS S 145 -5.86 74.40 26.08
C HIS S 145 -6.36 75.82 25.95
N ASN S 146 -7.66 76.01 26.13
CA ASN S 146 -8.19 77.35 26.31
C ASN S 146 -7.83 77.89 27.68
N TYR S 147 -7.68 77.01 28.67
CA TYR S 147 -7.43 77.46 30.04
C TYR S 147 -5.99 77.91 30.23
N GLU S 148 -5.03 77.19 29.65
CA GLU S 148 -3.64 77.63 29.71
C GLU S 148 -3.41 78.89 28.87
N ALA S 149 -4.07 78.99 27.71
CA ALA S 149 -3.90 80.16 26.86
C ALA S 149 -4.61 81.39 27.41
N PHE S 150 -5.66 81.20 28.20
CA PHE S 150 -6.35 82.34 28.81
C PHE S 150 -5.50 83.00 29.89
N LYS S 151 -4.72 82.20 30.63
CA LYS S 151 -3.84 82.78 31.64
C LYS S 151 -2.68 83.53 31.01
N GLN S 152 -2.17 83.06 29.88
CA GLN S 152 -1.03 83.70 29.24
C GLN S 152 -1.43 85.04 28.61
N THR S 153 -2.65 85.12 28.08
CA THR S 153 -3.15 86.40 27.60
C THR S 153 -3.62 87.30 28.73
N LEU S 154 -3.85 86.75 29.92
CA LEU S 154 -4.14 87.58 31.07
C LEU S 154 -2.87 88.12 31.70
N ARG S 155 -1.78 87.35 31.66
CA ARG S 155 -0.49 87.88 32.09
C ARG S 155 0.07 88.87 31.09
N LEU S 156 -0.35 88.78 29.83
CA LEU S 156 0.07 89.74 28.82
C LEU S 156 -0.61 91.09 29.03
N MET S 157 -1.88 91.07 29.45
CA MET S 157 -2.62 92.30 29.71
C MET S 157 -2.08 93.04 30.93
N VAL S 158 -1.59 92.30 31.92
CA VAL S 158 -1.02 92.91 33.12
C VAL S 158 0.23 93.70 32.79
N ASN S 159 1.02 93.23 31.82
CA ASN S 159 2.28 93.88 31.48
C ASN S 159 2.14 94.92 30.38
N GLU S 160 1.17 94.77 29.48
CA GLU S 160 1.11 95.62 28.30
C GLU S 160 0.09 96.76 28.39
N ALA S 161 -0.93 96.63 29.23
CA ALA S 161 -1.91 97.70 29.36
C ALA S 161 -1.30 98.86 30.14
N PRO S 162 -1.65 100.11 29.80
CA PRO S 162 -0.98 101.27 30.43
C PRO S 162 -1.25 101.45 31.91
N ASN S 163 -2.51 101.49 32.33
CA ASN S 163 -2.85 101.74 33.73
C ASN S 163 -3.89 100.72 34.19
N VAL S 164 -3.42 99.65 34.82
CA VAL S 164 -4.26 98.68 35.51
C VAL S 164 -3.77 98.62 36.94
N THR S 165 -4.67 98.82 37.90
CA THR S 165 -4.26 98.84 39.30
C THR S 165 -4.14 97.43 39.85
N LEU S 166 -5.17 96.61 39.65
CA LEU S 166 -5.25 95.19 40.03
C LEU S 166 -4.99 95.03 41.53
N PHE S 167 -5.89 95.59 42.32
CA PHE S 167 -5.81 95.51 43.77
C PHE S 167 -6.59 94.28 44.22
N LYS S 168 -6.75 94.12 45.53
CA LYS S 168 -7.56 93.01 46.02
C LYS S 168 -8.23 93.41 47.32
N SER S 169 -9.42 92.86 47.54
CA SER S 169 -10.10 92.94 48.82
C SER S 169 -9.66 91.73 49.66
N GLY S 170 -10.40 91.43 50.71
CA GLY S 170 -10.10 90.30 51.57
C GLY S 170 -10.09 88.95 50.89
N PRO S 171 -11.25 88.45 50.47
CA PRO S 171 -11.29 87.10 49.87
C PRO S 171 -10.82 87.02 48.42
N ASP S 172 -11.12 88.04 47.61
CA ASP S 172 -10.96 87.95 46.16
C ASP S 172 -9.99 89.01 45.65
N THR S 173 -9.89 89.09 44.32
CA THR S 173 -9.00 90.01 43.64
C THR S 173 -9.79 90.78 42.60
N LEU S 174 -9.86 92.10 42.75
CA LEU S 174 -10.53 92.96 41.80
C LEU S 174 -9.52 93.44 40.75
N MET S 175 -10.01 94.23 39.79
CA MET S 175 -9.17 94.72 38.70
C MET S 175 -9.83 95.94 38.09
N GLN S 176 -9.12 97.07 38.07
CA GLN S 176 -9.71 98.37 37.79
C GLN S 176 -8.95 99.02 36.63
N VAL S 177 -9.65 99.28 35.53
CA VAL S 177 -9.07 99.99 34.38
C VAL S 177 -9.80 101.31 34.22
N ASN S 178 -9.34 102.15 33.30
CA ASN S 178 -9.76 103.55 33.26
C ASN S 178 -11.07 103.80 32.52
N ILE S 179 -11.74 102.77 32.02
CA ILE S 179 -13.06 102.95 31.44
C ILE S 179 -14.03 103.26 32.57
N ARG S 180 -14.55 104.49 32.62
CA ARG S 180 -15.33 104.95 33.76
C ARG S 180 -16.66 104.22 33.87
N GLY S 181 -17.24 104.24 35.06
CA GLY S 181 -18.43 103.46 35.29
C GLY S 181 -18.17 102.14 35.98
N VAL S 182 -18.00 101.08 35.19
CA VAL S 182 -17.98 99.70 35.68
C VAL S 182 -16.55 99.20 35.52
N ASN S 183 -15.61 100.07 35.90
CA ASN S 183 -14.18 99.77 36.00
C ASN S 183 -13.85 98.36 36.52
N THR S 184 -14.42 98.01 37.66
CA THR S 184 -13.97 96.86 38.42
C THR S 184 -14.47 95.55 37.82
N VAL S 185 -13.63 94.53 37.91
CA VAL S 185 -13.96 93.17 37.51
C VAL S 185 -13.46 92.23 38.61
N ASN S 186 -14.36 91.45 39.19
CA ASN S 186 -13.96 90.42 40.14
C ASN S 186 -13.36 89.26 39.36
N LEU S 187 -12.07 89.00 39.57
CA LEU S 187 -11.42 87.90 38.86
C LEU S 187 -11.75 86.55 39.47
N ASN S 188 -12.20 86.51 40.72
CA ASN S 188 -12.47 85.24 41.38
C ASN S 188 -13.81 84.66 40.95
N SER S 189 -14.87 85.46 41.02
CA SER S 189 -16.19 84.99 40.61
C SER S 189 -16.34 84.91 39.10
N ALA S 190 -15.41 85.48 38.34
CA ALA S 190 -15.39 85.26 36.90
C ALA S 190 -14.79 83.90 36.54
N PHE S 191 -13.98 83.31 37.41
CA PHE S 191 -13.44 81.99 37.13
C PHE S 191 -14.30 80.87 37.67
N LYS S 192 -15.31 81.18 38.48
CA LYS S 192 -16.30 80.17 38.82
C LYS S 192 -17.38 80.11 37.76
N ASN S 193 -17.66 81.23 37.08
CA ASN S 193 -18.60 81.21 35.97
C ASN S 193 -17.96 80.57 34.74
N LEU S 194 -16.66 80.77 34.55
CA LEU S 194 -15.92 80.15 33.47
C LEU S 194 -15.34 78.79 33.84
N LYS S 195 -15.93 78.11 34.82
CA LYS S 195 -15.41 76.81 35.21
C LYS S 195 -15.80 75.73 34.20
N ASN S 196 -17.00 75.81 33.66
CA ASN S 196 -17.51 74.80 32.74
C ASN S 196 -17.40 75.19 31.28
N PHE S 197 -17.13 76.45 30.98
CA PHE S 197 -17.28 76.98 29.63
C PHE S 197 -15.98 77.03 28.85
N TRP S 198 -15.08 76.06 29.08
CA TRP S 198 -13.82 76.04 28.34
C TRP S 198 -13.92 75.15 27.11
N GLY S 199 -14.30 73.90 27.30
CA GLY S 199 -14.35 72.96 26.20
C GLY S 199 -15.74 72.81 25.60
N VAL S 200 -16.60 73.79 25.84
CA VAL S 200 -17.94 73.78 25.27
C VAL S 200 -17.83 74.08 23.78
N GLN S 201 -18.43 73.22 22.96
CA GLN S 201 -18.47 73.39 21.52
C GLN S 201 -19.89 73.73 21.11
N LEU S 202 -20.03 74.66 20.15
CA LEU S 202 -21.34 75.13 19.72
C LEU S 202 -21.98 74.13 18.76
N ASP S 203 -22.45 73.03 19.33
CA ASP S 203 -23.24 72.04 18.59
C ASP S 203 -24.62 71.83 19.17
N THR S 204 -24.72 71.54 20.46
CA THR S 204 -25.98 71.16 21.08
C THR S 204 -26.69 72.43 21.55
N GLU S 205 -27.51 73.00 20.67
CA GLU S 205 -28.39 74.11 20.99
C GLU S 205 -29.73 73.87 20.30
N ILE S 206 -30.77 73.62 21.09
CA ILE S 206 -32.12 73.63 20.55
C ILE S 206 -32.51 75.06 20.16
N VAL S 207 -32.22 76.01 21.05
CA VAL S 207 -32.32 77.43 20.75
C VAL S 207 -30.94 78.02 21.04
N PRO S 208 -30.45 78.96 20.22
CA PRO S 208 -29.25 79.71 20.62
C PRO S 208 -29.52 80.52 21.88
N GLY S 209 -28.58 80.46 22.81
CA GLY S 209 -28.86 80.83 24.18
C GLY S 209 -28.82 79.61 25.07
N SER S 210 -28.83 79.85 26.40
CA SER S 210 -28.65 78.90 27.49
C SER S 210 -27.23 78.32 27.52
N ILE S 211 -26.35 78.91 26.72
CA ILE S 211 -24.91 78.78 26.90
C ILE S 211 -24.27 80.14 27.10
N SER S 212 -24.58 81.11 26.23
CA SER S 212 -24.11 82.47 26.38
C SER S 212 -24.94 83.29 27.34
N SER S 213 -26.04 82.75 27.86
CA SER S 213 -26.83 83.47 28.84
C SER S 213 -26.39 83.19 30.27
N LYS S 214 -25.71 82.07 30.51
CA LYS S 214 -25.16 81.78 31.81
C LYS S 214 -23.89 82.58 32.10
N LEU S 215 -23.32 83.23 31.10
CA LEU S 215 -22.25 84.19 31.30
C LEU S 215 -22.82 85.40 32.02
N SER S 216 -22.41 85.61 33.27
CA SER S 216 -22.96 86.72 34.03
C SER S 216 -22.36 88.04 33.56
N SER S 217 -22.91 89.13 34.09
CA SER S 217 -22.41 90.47 33.75
C SER S 217 -21.03 90.75 34.34
N ASN S 218 -20.57 89.93 35.29
CA ASN S 218 -19.20 90.06 35.79
C ASN S 218 -18.20 89.55 34.76
N THR S 219 -18.31 88.27 34.40
CA THR S 219 -17.34 87.63 33.52
C THR S 219 -17.48 88.05 32.07
N ARG S 220 -18.57 88.70 31.69
CA ARG S 220 -18.68 89.22 30.34
C ARG S 220 -17.82 90.46 30.15
N VAL S 221 -17.66 91.27 31.19
CA VAL S 221 -16.78 92.43 31.11
C VAL S 221 -15.32 92.01 31.09
N LEU S 222 -14.99 90.90 31.75
CA LEU S 222 -13.63 90.36 31.67
C LEU S 222 -13.30 89.87 30.27
N LEU S 223 -14.28 89.26 29.59
CA LEU S 223 -14.09 88.89 28.19
C LEU S 223 -14.06 90.09 27.26
N LEU S 224 -14.49 91.27 27.74
CA LEU S 224 -14.39 92.49 26.95
C LEU S 224 -13.05 93.18 27.12
N PHE S 225 -12.42 93.06 28.30
CA PHE S 225 -11.15 93.72 28.53
C PHE S 225 -9.99 92.97 27.90
N LEU S 226 -10.08 91.65 27.81
CA LEU S 226 -9.02 90.83 27.24
C LEU S 226 -9.14 90.64 25.75
N ALA S 227 -10.22 91.13 25.15
CA ALA S 227 -10.45 90.92 23.72
C ALA S 227 -9.45 91.61 22.78
N PRO S 228 -8.98 92.86 22.99
CA PRO S 228 -8.00 93.41 22.04
C PRO S 228 -6.61 92.79 22.16
N PHE S 229 -6.25 92.22 23.31
CA PHE S 229 -4.89 91.76 23.52
C PHE S 229 -4.68 90.30 23.13
N THR S 230 -5.62 89.69 22.42
CA THR S 230 -5.48 88.33 21.92
C THR S 230 -5.34 88.34 20.40
N ASN S 231 -5.30 87.13 19.83
CA ASN S 231 -5.12 86.93 18.40
C ASN S 231 -6.02 85.83 17.89
N ASP S 232 -5.74 85.33 16.69
CA ASP S 232 -6.29 84.07 16.22
C ASP S 232 -5.36 82.90 16.46
N SER S 233 -4.09 83.16 16.75
CA SER S 233 -3.16 82.13 17.19
C SER S 233 -3.21 82.02 18.73
N THR S 234 -4.40 81.66 19.20
CA THR S 234 -4.80 81.74 20.60
C THR S 234 -5.72 80.52 20.74
N PHE S 235 -6.78 80.63 21.57
CA PHE S 235 -7.81 79.63 21.88
C PHE S 235 -8.18 78.71 20.71
N THR S 236 -8.31 77.42 21.00
CA THR S 236 -8.46 76.40 19.97
C THR S 236 -9.76 76.59 19.20
N PRO S 237 -9.73 76.44 17.87
CA PRO S 237 -10.86 76.90 17.04
C PRO S 237 -12.09 76.03 17.16
N ASP S 238 -13.21 76.61 16.71
CA ASP S 238 -14.55 75.99 16.70
C ASP S 238 -15.01 75.61 18.10
N THR S 239 -14.59 76.37 19.10
CA THR S 239 -15.09 76.23 20.45
C THR S 239 -15.94 77.45 20.80
N PHE S 240 -16.47 77.46 22.02
CA PHE S 240 -17.33 78.57 22.41
C PHE S 240 -16.53 79.79 22.83
N ILE S 241 -15.40 79.59 23.49
CA ILE S 241 -14.65 80.73 23.97
C ILE S 241 -13.80 81.34 22.85
N SER S 242 -13.44 80.54 21.84
CA SER S 242 -12.65 81.08 20.74
C SER S 242 -13.48 81.91 19.78
N GLN S 243 -14.79 81.78 19.82
CA GLN S 243 -15.66 82.60 18.97
C GLN S 243 -16.26 83.78 19.71
N ILE S 244 -16.28 83.77 21.04
CA ILE S 244 -16.51 85.00 21.80
C ILE S 244 -15.37 85.98 21.57
N MET S 245 -14.13 85.50 21.71
CA MET S 245 -12.98 86.37 21.69
C MET S 245 -12.65 86.90 20.31
N ARG S 246 -13.26 86.37 19.25
CA ARG S 246 -13.20 87.01 17.95
C ARG S 246 -14.47 87.77 17.63
N LEU S 247 -15.47 87.72 18.50
CA LEU S 247 -16.64 88.58 18.40
C LEU S 247 -16.43 89.85 19.22
N TYR S 248 -15.92 89.72 20.44
CA TYR S 248 -15.65 90.90 21.26
C TYR S 248 -14.45 91.68 20.78
N ARG S 249 -13.54 91.04 20.04
CA ARG S 249 -12.41 91.76 19.46
C ARG S 249 -12.86 92.67 18.34
N GLU S 250 -13.79 92.20 17.50
CA GLU S 250 -14.26 92.95 16.36
C GLU S 250 -15.46 93.83 16.68
N THR S 251 -15.85 93.94 17.95
CA THR S 251 -16.73 95.00 18.39
C THR S 251 -15.96 96.09 19.13
N VAL S 252 -14.65 95.91 19.33
CA VAL S 252 -13.78 96.94 19.85
C VAL S 252 -12.88 97.50 18.75
N ALA S 253 -12.36 96.64 17.88
CA ALA S 253 -11.56 97.11 16.75
C ALA S 253 -12.40 97.81 15.70
N ALA S 254 -13.71 97.60 15.70
CA ALA S 254 -14.61 98.32 14.79
C ALA S 254 -15.21 99.57 15.42
N SER S 255 -15.30 99.63 16.75
CA SER S 255 -15.86 100.79 17.43
C SER S 255 -14.79 101.81 17.79
N ILE S 256 -14.00 102.22 16.80
CA ILE S 256 -12.97 103.24 16.98
C ILE S 256 -13.18 104.33 15.94
N MET T 1 -20.01 134.41 76.26
CA MET T 1 -18.82 135.08 76.78
C MET T 1 -18.13 134.19 77.83
N GLU T 2 -17.46 133.16 77.31
CA GLU T 2 -16.61 132.24 78.08
C GLU T 2 -17.39 131.54 79.19
N VAL T 3 -18.43 130.82 78.79
CA VAL T 3 -19.26 130.07 79.73
C VAL T 3 -18.55 128.76 80.07
N TYR T 4 -18.35 128.53 81.37
CA TYR T 4 -17.64 127.33 81.82
C TYR T 4 -18.57 126.13 81.74
N VAL T 5 -18.30 125.24 80.79
CA VAL T 5 -19.05 123.98 80.65
C VAL T 5 -18.32 122.92 81.46
N PRO T 6 -18.90 122.42 82.55
CA PRO T 6 -18.18 121.46 83.39
C PRO T 6 -18.20 120.08 82.76
N PRO T 7 -17.21 119.25 83.04
CA PRO T 7 -17.19 117.89 82.48
C PRO T 7 -18.20 117.00 83.19
N PRO T 8 -18.96 116.20 82.44
CA PRO T 8 -19.88 115.25 83.08
C PRO T 8 -19.12 114.09 83.71
N ARG T 9 -19.43 113.76 84.96
CA ARG T 9 -18.63 112.77 85.67
C ARG T 9 -18.98 111.36 85.22
N VAL T 10 -18.12 110.41 85.61
CA VAL T 10 -18.02 109.16 84.86
C VAL T 10 -18.86 108.06 85.53
N MET T 11 -19.02 108.13 86.86
CA MET T 11 -19.60 107.08 87.69
C MET T 11 -18.82 105.78 87.51
N ALA T 12 -17.61 105.76 88.13
CA ALA T 12 -16.54 104.77 87.97
C ALA T 12 -17.05 103.33 87.85
N PRO T 13 -16.48 102.53 86.94
CA PRO T 13 -17.25 101.42 86.35
C PRO T 13 -17.40 100.23 87.29
N THR T 14 -18.54 99.56 87.17
CA THR T 14 -18.76 98.25 87.78
C THR T 14 -18.01 97.19 86.97
N GLU T 15 -17.91 95.99 87.55
CA GLU T 15 -17.04 94.91 87.08
C GLU T 15 -15.59 95.38 86.92
N GLY T 16 -15.15 96.23 87.85
CA GLY T 16 -13.92 96.99 87.69
C GLY T 16 -12.69 96.24 88.15
N ARG T 17 -11.75 97.01 88.71
CA ARG T 17 -10.45 96.47 89.09
C ARG T 17 -10.54 95.59 90.33
N ASN T 18 -11.25 96.04 91.36
CA ASN T 18 -11.46 95.26 92.59
C ASN T 18 -12.93 94.88 92.66
N SER T 19 -13.29 93.79 91.99
CA SER T 19 -14.69 93.42 91.84
C SER T 19 -14.86 91.95 92.12
N ILE T 20 -15.36 91.64 93.32
CA ILE T 20 -15.81 90.29 93.62
C ILE T 20 -17.10 90.05 92.83
N SER T 21 -17.07 89.07 91.94
CA SER T 21 -18.10 88.91 90.94
C SER T 21 -18.94 87.66 91.21
N TYR T 22 -20.25 87.86 91.29
CA TYR T 22 -21.24 86.80 91.28
C TYR T 22 -22.32 87.23 90.30
N ASN T 23 -22.84 86.28 89.50
CA ASN T 23 -23.51 86.67 88.26
C ASN T 23 -24.90 87.29 88.47
N PRO T 24 -25.86 86.70 89.21
CA PRO T 24 -27.18 87.34 89.26
C PRO T 24 -27.23 88.60 90.13
N ILE T 25 -26.58 88.59 91.28
CA ILE T 25 -26.63 89.75 92.17
C ILE T 25 -25.56 90.74 91.74
N ALA T 26 -25.62 91.95 92.29
CA ALA T 26 -24.65 92.98 91.93
C ALA T 26 -23.29 92.68 92.56
N PRO T 27 -22.20 93.02 91.89
CA PRO T 27 -20.86 92.80 92.43
C PRO T 27 -20.53 93.85 93.50
N LEU T 28 -19.34 93.71 94.07
CA LEU T 28 -18.88 94.56 95.15
C LEU T 28 -17.55 95.20 94.77
N GLN T 29 -17.50 96.53 94.80
CA GLN T 29 -16.25 97.27 94.57
C GLN T 29 -15.52 97.52 95.88
N ASP T 30 -15.38 96.48 96.69
CA ASP T 30 -14.95 96.62 98.08
C ASP T 30 -14.18 95.37 98.47
N THR T 31 -13.94 95.23 99.78
CA THR T 31 -13.64 93.93 100.34
C THR T 31 -14.92 93.30 100.86
N THR T 32 -14.89 91.97 100.99
CA THR T 32 -16.07 91.22 101.39
C THR T 32 -15.66 90.18 102.42
N HIS T 33 -16.59 89.29 102.77
CA HIS T 33 -16.32 88.22 103.72
C HIS T 33 -16.96 86.94 103.22
N ILE T 34 -16.16 85.88 103.13
CA ILE T 34 -16.69 84.54 102.87
C ILE T 34 -16.37 83.68 104.09
N TYR T 35 -17.10 82.58 104.21
CA TYR T 35 -17.03 81.73 105.38
C TYR T 35 -16.85 80.28 104.95
N ILE T 36 -16.13 79.51 105.77
CA ILE T 36 -16.05 78.07 105.61
C ILE T 36 -16.54 77.39 106.89
N ILE T 37 -17.84 77.14 106.96
CA ILE T 37 -18.49 76.66 108.18
C ILE T 37 -18.66 75.16 108.09
N ASP T 38 -18.92 74.52 109.23
CA ASP T 38 -19.19 73.09 109.23
C ASP T 38 -20.67 72.79 109.44
N ASN T 39 -21.51 73.84 109.51
CA ASN T 39 -22.94 73.64 109.45
C ASN T 39 -23.37 73.19 108.06
N LYS T 40 -23.06 74.01 107.05
CA LYS T 40 -22.96 73.51 105.69
C LYS T 40 -21.70 72.65 105.58
N THR T 41 -21.63 71.84 104.51
CA THR T 41 -21.17 70.45 104.37
C THR T 41 -22.31 69.50 104.73
N SER T 42 -23.45 70.05 105.11
CA SER T 42 -24.66 69.26 105.20
C SER T 42 -25.58 69.64 104.03
N ASP T 43 -26.35 68.64 103.60
CA ASP T 43 -27.24 68.62 102.43
C ASP T 43 -26.49 68.75 101.10
N ILE T 44 -25.15 68.79 101.10
CA ILE T 44 -24.36 68.53 99.92
C ILE T 44 -23.79 67.13 100.06
N GLU T 45 -23.80 66.38 98.96
CA GLU T 45 -23.44 64.97 98.97
C GLU T 45 -22.40 64.75 97.87
N ASN T 46 -21.71 63.62 97.97
CA ASN T 46 -20.56 63.14 97.17
C ASN T 46 -19.29 63.89 97.53
N LEU T 47 -19.27 64.60 98.65
CA LEU T 47 -18.07 65.27 99.11
C LEU T 47 -17.66 64.82 100.50
N ASN T 48 -18.60 64.43 101.33
CA ASN T 48 -18.29 63.77 102.60
C ASN T 48 -19.38 62.73 102.86
N ILE T 49 -19.01 61.46 102.73
CA ILE T 49 -19.99 60.39 102.89
C ILE T 49 -19.68 59.62 104.16
N HIS T 50 -18.40 59.54 104.54
CA HIS T 50 -18.01 59.30 105.93
C HIS T 50 -16.66 60.01 106.14
N LYS T 51 -16.75 61.27 106.59
CA LYS T 51 -15.56 62.11 106.74
C LYS T 51 -15.66 62.94 108.01
N ASP T 52 -14.52 63.11 108.67
CA ASP T 52 -14.40 63.84 109.91
C ASP T 52 -14.35 65.34 109.61
N HIS T 53 -14.32 66.18 110.65
CA HIS T 53 -14.07 67.60 110.50
C HIS T 53 -12.59 67.92 110.25
N SER T 54 -11.75 66.91 110.06
CA SER T 54 -10.40 67.13 109.53
C SER T 54 -10.45 67.35 108.02
N ASN T 55 -11.10 66.45 107.30
CA ASN T 55 -11.24 66.53 105.85
C ASN T 55 -12.72 66.69 105.53
N PHE T 56 -13.13 67.91 105.18
CA PHE T 56 -14.52 68.19 104.87
C PHE T 56 -14.57 69.24 103.77
N TYR T 57 -15.62 69.18 102.95
CA TYR T 57 -15.70 69.97 101.72
C TYR T 57 -16.93 70.87 101.80
N THR T 58 -16.70 72.16 101.89
CA THR T 58 -17.73 73.12 102.24
C THR T 58 -18.16 73.95 101.04
N ASN T 59 -19.29 74.64 101.23
CA ASN T 59 -19.84 75.58 100.26
C ASN T 59 -19.73 76.98 100.82
N ILE T 60 -19.23 77.90 100.00
CA ILE T 60 -18.91 79.26 100.43
C ILE T 60 -19.80 80.31 99.80
N VAL T 61 -20.86 79.91 99.11
CA VAL T 61 -21.62 80.83 98.27
C VAL T 61 -22.77 81.48 99.05
N GLN T 62 -23.39 80.71 99.96
CA GLN T 62 -24.41 81.20 100.92
C GLN T 62 -25.65 81.75 100.22
N ASN T 63 -25.97 81.24 99.04
CA ASN T 63 -27.07 81.77 98.25
C ASN T 63 -28.31 80.94 98.53
N VAL T 64 -29.27 81.53 99.25
CA VAL T 64 -30.54 80.85 99.54
C VAL T 64 -31.53 80.94 98.40
N ASP T 65 -31.23 81.76 97.37
CA ASP T 65 -32.13 81.85 96.22
C ASP T 65 -32.03 80.60 95.35
N VAL T 66 -30.84 80.29 94.87
CA VAL T 66 -30.61 79.06 94.11
C VAL T 66 -29.90 78.07 95.04
N ALA T 67 -30.58 76.96 95.32
CA ALA T 67 -30.24 76.01 96.38
C ALA T 67 -31.12 74.77 96.27
N PRO T 68 -30.67 73.58 96.72
CA PRO T 68 -29.31 73.22 97.12
C PRO T 68 -28.56 72.56 95.98
N SER T 69 -27.24 72.41 96.13
CA SER T 69 -26.28 71.83 95.20
C SER T 69 -26.10 72.64 93.91
N ASP T 70 -26.84 73.74 93.73
CA ASP T 70 -26.59 74.69 92.67
C ASP T 70 -26.10 76.02 93.24
N ALA T 71 -26.21 76.20 94.56
CA ALA T 71 -25.38 77.20 95.24
C ALA T 71 -23.91 76.84 95.09
N ALA T 72 -23.59 75.55 95.20
CA ALA T 72 -22.28 75.06 94.81
C ALA T 72 -22.14 75.06 93.29
N THR T 73 -20.94 74.68 92.82
CA THR T 73 -20.49 74.52 91.43
C THR T 73 -20.29 75.89 90.76
N GLN T 74 -20.73 76.97 91.41
CA GLN T 74 -20.49 78.31 90.93
C GLN T 74 -19.31 78.93 91.66
N THR T 75 -18.54 79.72 90.95
CA THR T 75 -17.27 80.23 91.48
C THR T 75 -17.40 81.71 91.79
N ILE T 76 -16.67 82.12 92.83
CA ILE T 76 -16.52 83.52 93.17
C ILE T 76 -15.32 84.05 92.39
N LYS T 77 -15.57 84.85 91.38
CA LYS T 77 -14.55 85.27 90.42
C LYS T 77 -13.92 86.58 90.88
N LEU T 78 -12.71 86.50 91.40
CA LEU T 78 -11.90 87.69 91.59
C LEU T 78 -11.36 88.18 90.25
N ASP T 79 -10.88 89.42 90.23
CA ASP T 79 -10.43 90.00 88.97
C ASP T 79 -9.05 89.49 88.59
N GLU T 80 -8.82 89.37 87.27
CA GLU T 80 -7.52 89.00 86.75
C GLU T 80 -6.54 90.16 86.77
N ARG T 81 -7.04 91.41 86.79
CA ARG T 81 -6.18 92.57 86.69
C ARG T 81 -5.35 92.76 87.96
N SER T 82 -5.90 92.42 89.11
CA SER T 82 -5.20 92.58 90.38
C SER T 82 -4.76 91.23 90.93
N ARG T 83 -3.67 91.27 91.70
CA ARG T 83 -3.20 90.11 92.45
C ARG T 83 -3.73 90.24 93.87
N TRP T 84 -4.47 89.23 94.31
CA TRP T 84 -5.28 89.33 95.51
C TRP T 84 -4.55 88.78 96.73
N GLY T 85 -5.19 88.93 97.88
CA GLY T 85 -4.63 88.46 99.13
C GLY T 85 -5.70 88.25 100.17
N GLY T 86 -5.61 87.15 100.93
CA GLY T 86 -6.66 86.84 101.88
C GLY T 86 -6.19 86.67 103.30
N GLU T 87 -6.89 87.29 104.23
CA GLU T 87 -6.59 87.15 105.65
C GLU T 87 -7.41 86.01 106.25
N LEU T 88 -6.74 85.10 106.93
CA LEU T 88 -7.37 83.91 107.49
C LEU T 88 -7.56 84.09 108.98
N HIS T 89 -8.76 83.74 109.47
CA HIS T 89 -9.12 83.91 110.87
C HIS T 89 -9.94 82.70 111.29
N THR T 90 -9.33 81.80 112.04
CA THR T 90 -9.91 80.50 112.33
C THR T 90 -10.41 80.41 113.76
N ILE T 91 -11.35 79.47 113.98
CA ILE T 91 -11.90 79.17 115.30
C ILE T 91 -11.96 77.65 115.43
N LEU T 92 -11.38 77.12 116.51
CA LEU T 92 -11.30 75.68 116.73
C LEU T 92 -11.97 75.25 118.03
N LYS T 93 -12.47 74.01 118.03
CA LYS T 93 -12.96 73.33 119.21
C LYS T 93 -12.53 71.87 119.12
N THR T 94 -12.15 71.30 120.26
CA THR T 94 -11.67 69.92 120.28
C THR T 94 -12.03 69.26 121.61
N ASN T 95 -11.96 67.94 121.63
CA ASN T 95 -12.24 67.15 122.84
C ASN T 95 -11.22 66.02 122.98
N ALA T 96 -9.96 66.36 122.78
CA ALA T 96 -8.91 65.33 122.73
C ALA T 96 -8.55 64.88 124.15
N PRO T 97 -8.57 63.59 124.44
CA PRO T 97 -8.17 63.11 125.77
C PRO T 97 -6.65 63.10 125.91
N ASN T 98 -6.21 62.73 127.11
CA ASN T 98 -4.77 62.65 127.39
C ASN T 98 -4.15 61.42 126.75
N VAL T 99 -4.72 60.26 127.01
CA VAL T 99 -4.21 58.98 126.54
C VAL T 99 -5.14 58.47 125.45
N THR T 100 -4.58 58.14 124.30
CA THR T 100 -5.39 57.70 123.16
C THR T 100 -4.55 56.79 122.27
N GLU T 101 -5.23 56.23 121.26
CA GLU T 101 -4.56 55.37 120.28
C GLU T 101 -3.95 56.18 119.15
N PHE T 102 -4.55 57.31 118.79
CA PHE T 102 -4.15 58.03 117.59
C PHE T 102 -2.82 58.76 117.79
N PHE T 103 -2.66 59.45 118.92
CA PHE T 103 -1.46 60.24 119.16
C PHE T 103 -0.31 59.44 119.76
N ASN T 104 -0.46 58.11 119.85
CA ASN T 104 0.59 57.16 120.27
C ASN T 104 1.12 57.48 121.67
N SER T 105 0.22 57.37 122.66
CA SER T 105 0.58 57.69 124.03
C SER T 105 0.01 56.67 125.01
N ASN T 106 -0.12 55.42 124.59
CA ASN T 106 -0.67 54.40 125.47
C ASN T 106 0.20 53.14 125.58
N SER T 107 0.87 52.75 124.50
CA SER T 107 1.47 51.43 124.40
C SER T 107 2.99 51.53 124.30
N PHE T 108 3.68 50.63 124.99
CA PHE T 108 5.13 50.69 125.10
C PHE T 108 5.63 49.30 125.52
N LYS T 109 6.93 49.20 125.79
CA LYS T 109 7.57 47.94 126.15
C LYS T 109 8.28 48.09 127.49
N ALA T 110 8.38 46.98 128.23
CA ALA T 110 8.98 47.05 129.57
C ALA T 110 9.96 45.93 129.93
N LEU T 111 10.04 44.82 129.18
CA LEU T 111 11.01 43.73 129.37
C LEU T 111 10.90 43.13 130.78
N LEU T 112 9.78 42.47 131.03
CA LEU T 112 9.52 41.87 132.32
C LEU T 112 10.00 40.43 132.35
N MET T 113 10.64 40.05 133.45
CA MET T 113 11.04 38.67 133.66
C MET T 113 9.82 37.79 133.87
N SER T 114 9.76 36.66 133.15
CA SER T 114 8.55 35.84 133.18
C SER T 114 8.85 34.34 133.22
N ASP T 115 10.07 33.95 133.57
CA ASP T 115 10.45 32.54 133.59
C ASP T 115 11.11 32.19 134.92
N LYS T 116 10.98 30.92 135.29
CA LYS T 116 11.71 30.36 136.44
C LYS T 116 12.33 29.05 136.00
N THR T 117 13.65 29.03 135.90
CA THR T 117 14.38 27.85 135.44
C THR T 117 15.36 27.35 136.50
N ASP T 118 14.94 27.31 137.79
CA ASP T 118 15.82 27.09 138.95
C ASP T 118 16.95 28.11 138.88
N PRO T 119 16.74 29.30 139.46
CA PRO T 119 16.82 30.58 138.71
C PRO T 119 17.76 30.66 137.51
N ALA T 120 18.99 30.14 137.60
CA ALA T 120 20.22 30.80 137.13
C ALA T 120 20.04 31.69 135.90
N ASN T 121 19.39 31.20 134.85
CA ASN T 121 19.21 32.00 133.64
C ASN T 121 17.77 31.95 133.12
N PRO T 122 16.94 32.96 133.44
CA PRO T 122 15.63 33.05 132.79
C PRO T 122 15.67 33.91 131.54
N VAL T 123 14.83 33.59 130.54
CA VAL T 123 14.78 34.37 129.32
C VAL T 123 13.81 35.53 129.52
N TYR T 124 14.20 36.72 129.04
CA TYR T 124 13.55 37.96 129.47
C TYR T 124 12.36 38.37 128.61
N THR T 125 12.39 38.09 127.30
CA THR T 125 11.22 38.08 126.40
C THR T 125 10.53 39.44 126.32
N TRP T 126 11.17 40.36 125.60
CA TRP T 126 10.60 41.65 125.17
C TRP T 126 9.16 41.52 124.68
N PHE T 127 8.25 42.31 125.27
CA PHE T 127 6.87 42.34 124.83
C PHE T 127 6.33 43.76 124.95
N GLU T 128 5.14 43.98 124.43
CA GLU T 128 4.51 45.28 124.34
C GLU T 128 3.34 45.38 125.31
N LEU T 129 3.18 46.55 125.94
CA LEU T 129 2.14 46.79 126.92
C LEU T 129 1.01 47.61 126.30
N SER T 130 -0.01 47.90 127.12
CA SER T 130 -1.14 48.71 126.70
C SER T 130 -1.83 49.27 127.93
N ILE T 131 -2.70 50.25 127.68
CA ILE T 131 -3.53 50.87 128.71
C ILE T 131 -4.78 51.39 128.00
N PRO T 132 -5.97 51.34 128.60
CA PRO T 132 -7.16 51.88 127.93
C PRO T 132 -7.13 53.40 127.88
N GLU T 133 -7.78 53.94 126.85
CA GLU T 133 -7.76 55.38 126.60
C GLU T 133 -8.75 56.11 127.50
N GLY T 134 -8.47 57.39 127.73
CA GLY T 134 -9.33 58.21 128.56
C GLY T 134 -8.65 59.52 128.89
N ASP T 135 -9.29 60.27 129.79
CA ASP T 135 -8.78 61.55 130.28
C ASP T 135 -8.14 61.32 131.64
N TYR T 136 -6.81 61.25 131.67
CA TYR T 136 -6.07 60.79 132.84
C TYR T 136 -5.22 61.91 133.42
N THR T 137 -4.83 61.74 134.68
CA THR T 137 -3.98 62.67 135.40
C THR T 137 -2.83 61.86 136.01
N VAL T 138 -1.68 62.50 136.21
CA VAL T 138 -0.44 61.84 136.64
C VAL T 138 -0.57 61.17 138.01
N GLY T 139 -1.49 61.65 138.85
CA GLY T 139 -1.80 60.91 140.07
C GLY T 139 -2.54 59.63 139.77
N SER T 140 -3.60 59.71 138.96
CA SER T 140 -4.41 58.55 138.67
C SER T 140 -3.79 57.63 137.62
N LEU T 141 -2.90 58.15 136.76
CA LEU T 141 -2.34 57.32 135.71
C LEU T 141 -1.22 56.43 136.22
N ILE T 142 -0.39 56.92 137.14
CA ILE T 142 0.69 56.09 137.65
C ILE T 142 0.15 55.03 138.61
N ASP T 143 -1.09 55.19 139.07
CA ASP T 143 -1.78 54.09 139.73
C ASP T 143 -2.10 52.97 138.74
N MET T 144 -2.56 53.33 137.54
CA MET T 144 -2.99 52.34 136.56
C MET T 144 -1.91 51.99 135.55
N LEU T 145 -0.82 52.74 135.49
CA LEU T 145 0.28 52.32 134.63
C LEU T 145 1.15 51.29 135.34
N ASN T 146 1.11 51.24 136.66
CA ASN T 146 1.63 50.07 137.38
C ASN T 146 0.69 48.87 137.21
N ASN T 147 -0.60 49.13 137.01
CA ASN T 147 -1.54 48.06 136.70
C ASN T 147 -1.26 47.47 135.32
N ALA T 148 -0.75 48.28 134.39
CA ALA T 148 -0.42 47.78 133.06
C ALA T 148 0.82 46.90 133.08
N VAL T 149 1.71 47.10 134.05
CA VAL T 149 2.85 46.22 134.22
C VAL T 149 2.40 44.87 134.77
N VAL T 150 1.66 44.88 135.88
CA VAL T 150 1.30 43.65 136.58
C VAL T 150 0.12 42.94 135.92
N GLU T 151 -0.46 43.54 134.87
CA GLU T 151 -1.47 42.82 134.09
C GLU T 151 -0.86 41.64 133.35
N ASN T 152 0.35 41.80 132.82
CA ASN T 152 1.04 40.68 132.20
C ASN T 152 1.80 39.83 133.21
N TYR T 153 1.73 40.18 134.49
CA TYR T 153 2.22 39.27 135.53
C TYR T 153 1.20 38.18 135.82
N LEU T 154 -0.07 38.42 135.57
CA LEU T 154 -1.14 37.55 136.02
C LEU T 154 -1.43 36.39 135.08
N GLU T 155 -0.99 36.44 133.83
CA GLU T 155 -1.26 35.36 132.89
C GLU T 155 -0.02 34.75 132.24
N VAL T 156 1.16 35.35 132.42
CA VAL T 156 2.41 34.75 131.99
C VAL T 156 3.36 34.53 133.17
N GLY T 157 3.47 35.52 134.06
CA GLY T 157 4.33 35.43 135.23
C GLY T 157 3.90 34.40 136.25
N ARG T 158 2.72 34.58 136.87
CA ARG T 158 2.29 33.67 137.92
C ARG T 158 1.81 32.33 137.38
N GLN T 159 1.53 32.23 136.08
CA GLN T 159 1.23 30.95 135.45
C GLN T 159 2.48 30.24 134.97
N LYS T 160 3.66 30.73 135.32
CA LYS T 160 4.94 30.07 135.10
C LYS T 160 5.58 29.57 136.39
N GLY T 161 5.58 30.39 137.43
CA GLY T 161 6.10 29.97 138.72
C GLY T 161 7.02 30.97 139.39
N VAL T 162 7.09 32.19 138.85
CA VAL T 162 8.04 33.19 139.35
C VAL T 162 7.56 33.72 140.71
N GLN T 163 8.53 34.14 141.53
CA GLN T 163 8.28 34.63 142.88
C GLN T 163 7.46 35.92 142.84
N ILE T 164 6.69 36.14 143.90
CA ILE T 164 5.71 37.23 143.96
C ILE T 164 6.42 38.59 143.95
N SER T 165 7.55 38.71 144.64
CA SER T 165 8.28 39.98 144.69
C SER T 165 9.32 40.07 143.58
N ASP T 166 8.90 39.81 142.34
CA ASP T 166 9.75 39.94 141.16
C ASP T 166 9.07 40.79 140.10
N ILE T 167 8.31 41.80 140.51
CA ILE T 167 7.74 42.75 139.58
C ILE T 167 8.88 43.62 139.06
N GLY T 168 9.11 43.57 137.74
CA GLY T 168 10.25 44.21 137.13
C GLY T 168 10.25 45.72 137.12
N VAL T 169 9.29 46.31 136.42
CA VAL T 169 9.24 47.76 136.22
C VAL T 169 8.15 48.33 137.12
N LYS T 170 8.53 49.22 138.03
CA LYS T 170 7.56 49.97 138.80
C LYS T 170 7.82 51.46 138.60
N PHE T 171 6.75 52.21 138.45
CA PHE T 171 6.79 53.65 138.23
C PHE T 171 6.51 54.32 139.57
N ASP T 172 7.57 54.82 140.21
CA ASP T 172 7.54 55.37 141.55
C ASP T 172 7.44 56.89 141.48
N THR T 173 7.02 57.50 142.59
CA THR T 173 6.87 58.95 142.68
C THR T 173 7.71 59.60 143.77
N ARG T 174 7.98 58.91 144.87
CA ARG T 174 8.63 59.52 146.02
C ARG T 174 10.15 59.41 145.93
N ASN T 175 10.84 60.26 146.68
CA ASN T 175 12.30 60.22 146.74
C ASN T 175 12.71 59.24 147.82
N PHE T 176 13.56 58.29 147.44
CA PHE T 176 14.26 57.49 148.43
C PHE T 176 15.46 58.29 148.95
N SER T 177 16.03 57.81 150.06
CA SER T 177 17.18 58.42 150.74
C SER T 177 16.89 59.86 151.15
N LEU T 178 15.76 60.08 151.82
CA LEU T 178 15.50 61.38 152.40
C LEU T 178 15.85 61.43 153.88
N GLY T 179 15.56 60.37 154.62
CA GLY T 179 16.01 60.24 155.99
C GLY T 179 17.37 59.60 156.14
N ARG T 180 18.02 59.28 155.02
CA ARG T 180 19.30 58.59 155.03
C ARG T 180 20.41 59.59 155.32
N ASP T 181 21.07 59.42 156.46
CA ASP T 181 22.29 60.20 156.68
C ASP T 181 23.47 59.50 156.02
N PRO T 182 24.48 60.26 155.55
CA PRO T 182 25.60 59.60 154.85
C PRO T 182 26.54 58.81 155.75
N LEU T 183 26.39 58.88 157.07
CA LEU T 183 27.26 58.11 157.95
C LEU T 183 26.76 56.69 158.15
N THR T 184 25.50 56.51 158.53
CA THR T 184 24.88 55.19 158.64
C THR T 184 24.12 54.94 157.34
N SER T 185 24.51 53.90 156.61
CA SER T 185 24.02 53.64 155.25
C SER T 185 22.53 53.25 155.18
N LEU T 186 21.75 53.24 156.27
CA LEU T 186 20.34 52.96 156.20
C LEU T 186 19.55 54.27 156.25
N VAL T 187 18.24 54.16 156.13
CA VAL T 187 17.35 55.30 156.29
C VAL T 187 16.86 55.32 157.74
N THR T 188 16.80 56.52 158.34
CA THR T 188 16.69 56.62 159.79
C THR T 188 15.30 56.31 160.35
N PRO T 189 14.17 56.87 159.85
CA PRO T 189 12.89 56.56 160.51
C PRO T 189 12.38 55.14 160.29
N GLY T 190 13.02 54.35 159.45
CA GLY T 190 12.57 52.99 159.19
C GLY T 190 11.52 52.87 158.12
N ASN T 191 11.05 53.97 157.58
CA ASN T 191 10.14 53.97 156.45
C ASN T 191 10.60 55.06 155.50
N TYR T 192 10.51 54.78 154.20
CA TYR T 192 10.82 55.82 153.22
C TYR T 192 9.73 56.88 153.27
N THR T 193 10.14 58.13 153.01
CA THR T 193 9.31 59.29 153.29
C THR T 193 8.10 59.33 152.38
N PHE T 194 6.91 59.33 152.98
CA PHE T 194 5.65 59.18 152.27
C PHE T 194 5.23 60.55 151.70
N LYS T 195 5.96 60.97 150.69
CA LYS T 195 5.76 62.27 150.05
C LYS T 195 6.42 62.24 148.68
N ALA T 196 5.64 62.57 147.66
CA ALA T 196 6.09 62.46 146.27
C ALA T 196 6.77 63.74 145.82
N PHE T 197 7.89 63.59 145.10
CA PHE T 197 8.60 64.73 144.53
C PHE T 197 8.51 64.75 143.01
N HIS T 198 8.92 63.67 142.35
CA HIS T 198 8.91 63.59 140.89
C HIS T 198 8.74 62.13 140.46
N PRO T 199 7.91 61.86 139.46
CA PRO T 199 7.70 60.47 139.01
C PRO T 199 8.94 59.89 138.34
N ASP T 200 9.44 58.79 138.88
CA ASP T 200 10.59 58.10 138.30
C ASP T 200 10.34 56.61 138.09
N ILE T 201 11.40 55.88 137.76
CA ILE T 201 11.33 54.46 137.43
C ILE T 201 12.33 53.69 138.30
N VAL T 202 11.85 52.64 138.97
CA VAL T 202 12.73 51.69 139.64
C VAL T 202 12.73 50.39 138.84
N LEU T 203 13.87 49.70 138.84
CA LEU T 203 14.10 48.61 137.90
C LEU T 203 14.76 47.43 138.59
N LEU T 204 15.03 46.40 137.79
CA LEU T 204 15.68 45.16 138.18
C LEU T 204 16.74 44.82 137.14
N PRO T 205 17.64 43.86 137.41
CA PRO T 205 18.60 43.45 136.39
C PRO T 205 17.97 42.83 135.15
N GLY T 206 18.52 43.18 134.00
CA GLY T 206 18.01 42.72 132.72
C GLY T 206 16.61 43.19 132.42
N CYS T 207 16.28 44.42 132.84
CA CYS T 207 14.90 44.89 132.84
C CYS T 207 14.90 46.39 132.55
N GLY T 208 14.66 46.74 131.29
CA GLY T 208 14.65 48.12 130.86
C GLY T 208 13.25 48.70 130.78
N VAL T 209 13.11 49.71 129.93
CA VAL T 209 11.82 50.28 129.52
C VAL T 209 12.03 51.05 128.22
N ASP T 210 11.13 50.86 127.25
CA ASP T 210 11.26 51.43 125.92
C ASP T 210 10.33 52.62 125.76
N PHE T 211 10.82 53.66 125.08
CA PHE T 211 10.05 54.87 124.80
C PHE T 211 10.21 55.29 123.34
N THR T 212 10.23 54.31 122.43
CA THR T 212 10.53 54.62 121.03
C THR T 212 9.32 55.19 120.31
N HIS T 213 8.23 54.43 120.23
CA HIS T 213 7.03 54.86 119.51
C HIS T 213 5.96 55.44 120.43
N SER T 214 6.26 55.62 121.71
CA SER T 214 5.29 56.13 122.67
C SER T 214 5.64 57.55 123.09
N ARG T 215 4.64 58.22 123.64
CA ARG T 215 4.78 59.56 124.22
C ARG T 215 4.22 59.55 125.65
N ILE T 216 4.68 58.59 126.45
CA ILE T 216 4.44 58.66 127.88
C ILE T 216 5.64 59.23 128.63
N ASN T 217 6.82 59.30 128.02
CA ASN T 217 7.97 59.86 128.70
C ASN T 217 7.82 61.37 128.88
N ASN T 218 7.22 62.05 127.90
CA ASN T 218 6.95 63.47 128.03
C ASN T 218 5.89 63.74 129.08
N MET T 219 4.93 62.82 129.24
CA MET T 219 3.88 62.99 130.24
C MET T 219 4.13 62.19 131.51
N LEU T 220 5.34 61.67 131.69
CA LEU T 220 5.83 61.27 133.00
C LEU T 220 6.86 62.23 133.57
N GLY T 221 7.60 62.93 132.71
CA GLY T 221 8.57 63.91 133.16
C GLY T 221 10.01 63.54 132.94
N MET T 222 10.31 62.86 131.84
CA MET T 222 11.68 62.52 131.49
C MET T 222 11.88 62.65 129.98
N ARG T 223 13.01 63.22 129.58
CA ARG T 223 13.35 63.40 128.19
C ARG T 223 14.83 63.10 127.99
N LYS T 224 15.29 63.24 126.75
CA LYS T 224 16.70 63.21 126.45
C LYS T 224 17.28 64.62 126.54
N ARG T 225 18.59 64.72 126.35
CA ARG T 225 19.23 66.00 126.08
C ARG T 225 19.55 66.17 124.60
N PHE T 226 19.26 65.16 123.79
CA PHE T 226 19.37 65.22 122.33
C PHE T 226 18.06 64.74 121.75
N PRO T 227 17.13 65.64 121.43
CA PRO T 227 15.82 65.21 120.90
C PRO T 227 15.85 64.70 119.47
N TYR T 228 17.00 64.65 118.82
CA TYR T 228 17.09 64.26 117.41
C TYR T 228 17.70 62.88 117.21
N GLU T 229 18.06 62.18 118.28
CA GLU T 229 18.48 60.81 118.01
C GLU T 229 17.27 59.87 118.09
N PRO T 230 17.20 58.83 117.26
CA PRO T 230 15.99 57.99 117.20
C PRO T 230 15.94 56.97 118.34
N GLY T 231 15.03 57.20 119.29
CA GLY T 231 14.70 56.21 120.29
C GLY T 231 15.72 56.00 121.39
N TYR T 232 15.26 55.52 122.54
CA TYR T 232 16.14 55.26 123.68
C TYR T 232 15.45 54.29 124.63
N VAL T 233 16.24 53.40 125.21
CA VAL T 233 15.76 52.43 126.19
C VAL T 233 16.48 52.69 127.50
N ILE T 234 15.72 52.85 128.58
CA ILE T 234 16.32 53.11 129.91
C ILE T 234 16.59 51.73 130.51
N THR T 235 17.75 51.18 130.16
CA THR T 235 18.10 49.83 130.57
C THR T 235 18.65 49.81 131.99
N TYR T 236 18.76 48.60 132.53
CA TYR T 236 19.59 48.37 133.70
C TYR T 236 21.06 48.55 133.30
N GLU T 237 21.87 48.96 134.27
CA GLU T 237 23.27 49.40 134.16
C GLU T 237 23.45 50.66 133.31
N ASP T 238 22.35 51.35 132.98
CA ASP T 238 22.42 52.67 132.39
C ASP T 238 22.23 53.77 133.41
N LEU T 239 21.40 53.53 134.41
CA LEU T 239 21.27 54.38 135.60
C LEU T 239 22.19 53.89 136.72
N VAL T 240 23.45 53.69 136.36
CA VAL T 240 24.42 53.08 137.27
C VAL T 240 24.82 54.09 138.34
N GLY T 241 24.94 53.60 139.58
CA GLY T 241 25.11 54.48 140.71
C GLY T 241 23.79 55.03 141.19
N GLY T 242 23.52 54.94 142.49
CA GLY T 242 22.23 55.39 142.99
C GLY T 242 21.27 54.25 143.25
N ASN T 243 21.74 53.21 143.91
CA ASN T 243 20.86 52.16 144.42
C ASN T 243 20.01 52.70 145.56
N ILE T 244 18.80 52.16 145.67
CA ILE T 244 17.97 52.40 146.86
C ILE T 244 18.60 51.71 148.06
N PRO T 245 18.73 52.37 149.20
CA PRO T 245 19.34 51.73 150.36
C PRO T 245 18.38 50.73 151.02
N ALA T 246 18.89 50.07 152.05
CA ALA T 246 18.06 49.22 152.90
C ALA T 246 17.50 50.07 154.04
N LEU T 247 16.93 49.43 155.04
CA LEU T 247 16.23 50.12 156.12
C LEU T 247 16.61 49.51 157.45
N LEU T 248 16.19 50.18 158.53
CA LEU T 248 16.31 49.67 159.88
C LEU T 248 14.94 49.49 160.49
N ASP T 249 14.74 48.41 161.23
CA ASP T 249 13.45 48.18 161.87
C ASP T 249 13.38 48.91 163.21
N LEU T 250 12.19 48.86 163.82
CA LEU T 250 12.01 49.48 165.13
C LEU T 250 12.72 48.69 166.23
N ALA T 251 12.68 47.36 166.17
CA ALA T 251 13.24 46.55 167.23
C ALA T 251 14.76 46.50 167.12
N LYS T 252 15.39 46.08 168.23
CA LYS T 252 16.83 45.75 168.39
C LYS T 252 17.79 46.81 167.82
N TYR T 253 17.35 48.06 167.72
CA TYR T 253 18.19 49.11 167.16
C TYR T 253 19.29 49.56 168.13
N PRO T 254 19.08 49.63 169.47
CA PRO T 254 20.25 49.61 170.35
C PRO T 254 20.86 48.20 170.41
N GLY T 255 21.98 48.03 169.71
CA GLY T 255 22.67 46.75 169.69
C GLY T 255 22.98 46.24 168.30
N GLU T 256 22.06 46.43 167.36
CA GLU T 256 22.25 46.00 165.98
C GLU T 256 21.76 47.09 165.04
N THR T 257 22.11 46.94 163.76
CA THR T 257 21.69 47.91 162.75
C THR T 257 20.56 47.37 161.86
N SER T 258 20.46 46.05 161.68
CA SER T 258 19.35 45.33 161.09
C SER T 258 18.89 45.79 159.69
N PRO T 259 19.61 45.43 158.61
CA PRO T 259 19.08 45.64 157.25
C PRO T 259 18.08 44.58 156.79
N VAL T 260 17.43 43.89 157.73
CA VAL T 260 16.64 42.69 157.49
C VAL T 260 15.51 42.93 156.48
N LEU T 261 15.15 41.86 155.75
CA LEU T 261 14.15 41.89 154.69
C LEU T 261 12.99 40.91 154.90
N GLN T 262 12.88 40.27 156.08
CA GLN T 262 11.92 39.20 156.30
C GLN T 262 10.54 39.71 156.70
N ASP T 263 10.43 40.99 157.08
CA ASP T 263 9.16 41.55 157.54
C ASP T 263 8.03 41.52 156.50
N PRO T 264 8.21 41.93 155.20
CA PRO T 264 6.97 42.05 154.39
C PRO T 264 6.40 40.75 153.84
N ASP T 265 5.99 39.86 154.76
CA ASP T 265 5.24 38.63 154.47
C ASP T 265 5.99 37.68 153.53
N GLY T 266 7.32 37.71 153.59
CA GLY T 266 8.15 36.86 152.75
C GLY T 266 8.66 37.50 151.49
N ASN T 267 8.44 38.80 151.28
CA ASN T 267 8.98 39.49 150.12
C ASN T 267 10.43 39.87 150.40
N SER T 268 11.34 39.43 149.52
CA SER T 268 12.75 39.68 149.69
C SER T 268 13.14 40.99 149.01
N TYR T 269 13.94 41.79 149.70
CA TYR T 269 14.35 43.11 149.22
C TYR T 269 15.55 43.05 148.28
N HIS T 270 16.27 41.93 148.26
CA HIS T 270 17.53 41.75 147.54
C HIS T 270 18.56 42.81 147.94
N VAL T 271 18.87 42.85 149.23
CA VAL T 271 19.84 43.81 149.72
C VAL T 271 21.25 43.39 149.31
N GLU T 272 22.13 44.39 149.16
CA GLU T 272 23.47 44.18 148.66
C GLU T 272 24.49 44.71 149.64
N GLU T 273 25.69 44.12 149.61
CA GLU T 273 26.80 44.49 150.49
C GLU T 273 28.00 44.81 149.61
N VAL T 274 28.14 46.08 149.25
CA VAL T 274 29.29 46.51 148.46
C VAL T 274 30.52 46.62 149.35
N SER T 275 30.45 47.46 150.33
CA SER T 275 31.36 47.73 151.43
C SER T 275 30.96 46.92 152.65
N PRO T 276 31.92 46.55 153.51
CA PRO T 276 31.55 45.93 154.80
C PRO T 276 30.74 46.90 155.66
N LYS T 277 29.69 46.35 156.29
CA LYS T 277 28.67 47.00 157.13
C LYS T 277 28.01 48.23 156.48
N LYS T 278 28.10 48.37 155.16
CA LYS T 278 27.38 49.38 154.39
C LYS T 278 26.50 48.66 153.39
N TRP T 279 25.23 49.03 153.32
CA TRP T 279 24.22 48.20 152.68
C TRP T 279 23.44 48.98 151.64
N GLN T 280 23.34 48.42 150.45
CA GLN T 280 22.46 48.88 149.38
C GLN T 280 21.48 47.77 149.04
N THR T 281 20.66 48.00 148.02
CA THR T 281 19.74 46.99 147.51
C THR T 281 19.99 46.78 146.02
N LYS T 282 19.08 46.04 145.39
CA LYS T 282 19.20 45.75 143.97
C LYS T 282 18.46 46.75 143.09
N TYR T 283 17.40 47.37 143.61
CA TYR T 283 16.61 48.32 142.85
C TYR T 283 17.41 49.60 142.58
N ARG T 284 17.11 50.23 141.44
CA ARG T 284 17.77 51.47 141.02
C ARG T 284 16.71 52.45 140.55
N SER T 285 16.64 53.59 141.23
CA SER T 285 15.66 54.62 140.89
C SER T 285 16.29 55.66 139.97
N TRP T 286 15.42 56.33 139.20
CA TRP T 286 15.88 57.34 138.26
C TRP T 286 16.20 58.66 138.95
N CYS T 287 15.59 58.91 140.12
CA CYS T 287 15.87 60.14 140.86
C CYS T 287 17.23 60.08 141.54
N LEU T 288 17.54 58.96 142.21
CA LEU T 288 18.82 58.84 142.90
C LEU T 288 19.98 58.70 141.93
N ALA T 289 19.74 58.13 140.76
CA ALA T 289 20.76 58.06 139.72
C ALA T 289 20.94 59.37 138.97
N TYR T 290 20.08 60.37 139.22
CA TYR T 290 20.23 61.67 138.61
C TYR T 290 21.11 62.59 139.45
N ASN T 291 20.89 62.64 140.76
CA ASN T 291 21.71 63.41 141.67
C ASN T 291 22.81 62.57 142.31
N SER T 292 23.28 61.53 141.63
CA SER T 292 24.30 60.65 142.15
C SER T 292 25.67 61.33 142.16
N SER T 293 26.54 60.83 143.03
CA SER T 293 27.89 61.38 143.11
C SER T 293 28.73 61.00 141.90
N GLN T 294 28.40 59.88 141.26
CA GLN T 294 29.11 59.47 140.06
C GLN T 294 28.64 60.28 138.85
N GLY T 295 27.37 60.13 138.49
CA GLY T 295 26.84 60.81 137.32
C GLY T 295 26.42 59.86 136.21
N THR T 296 26.75 60.23 134.96
CA THR T 296 26.64 59.47 133.70
C THR T 296 25.19 59.36 133.23
N LEU T 297 24.23 59.73 134.07
CA LEU T 297 22.85 59.90 133.66
C LEU T 297 22.52 61.36 133.40
N LYS T 298 23.31 62.27 133.97
CA LYS T 298 23.16 63.70 133.73
C LYS T 298 23.48 64.06 132.28
N SER T 299 24.37 63.30 131.64
CA SER T 299 24.83 63.60 130.30
C SER T 299 23.82 63.29 129.20
N GLU T 300 22.77 62.52 129.49
CA GLU T 300 21.82 62.16 128.44
C GLU T 300 20.36 62.23 128.86
N GLN T 301 20.04 62.54 130.11
CA GLN T 301 18.67 62.68 130.56
C GLN T 301 18.49 64.06 131.18
N ILE T 302 17.25 64.40 131.52
CA ILE T 302 16.93 65.74 131.99
C ILE T 302 15.68 65.69 132.85
N LEU T 303 15.65 66.53 133.89
CA LEU T 303 14.44 66.75 134.67
C LEU T 303 13.59 67.86 134.07
N THR T 304 12.28 67.70 134.17
CA THR T 304 11.36 68.64 133.54
C THR T 304 10.02 68.59 134.27
N VAL T 305 9.11 69.43 133.82
CA VAL T 305 7.73 69.44 134.29
C VAL T 305 7.05 68.14 133.86
N PRO T 306 6.16 67.55 134.67
CA PRO T 306 5.50 66.30 134.25
C PRO T 306 4.69 66.36 132.97
N ASP T 307 4.10 67.52 132.61
CA ASP T 307 3.67 67.85 131.24
C ASP T 307 2.61 66.87 130.70
N ILE T 308 1.41 66.96 131.30
CA ILE T 308 0.27 66.10 130.98
C ILE T 308 -0.12 66.15 129.51
N THR T 309 0.11 67.27 128.83
CA THR T 309 -0.04 67.32 127.38
C THR T 309 0.94 66.38 126.70
N GLY T 310 2.22 66.51 127.03
CA GLY T 310 3.25 65.72 126.40
C GLY T 310 3.96 66.44 125.27
N GLY T 311 3.71 67.73 125.08
CA GLY T 311 4.30 68.45 123.98
C GLY T 311 3.72 68.00 122.66
N LEU T 312 2.44 68.29 122.43
CA LEU T 312 1.79 67.91 121.18
C LEU T 312 2.41 68.65 120.00
N GLY T 313 2.33 68.02 118.84
CA GLY T 313 2.80 68.66 117.64
C GLY T 313 1.89 69.78 117.17
N GLN T 314 2.43 70.60 116.29
CA GLN T 314 1.70 71.72 115.74
C GLN T 314 0.59 71.23 114.81
N LEU T 315 -0.48 72.02 114.73
CA LEU T 315 -1.65 71.67 113.95
C LEU T 315 -1.69 72.55 112.71
N TYR T 316 -1.50 71.93 111.54
CA TYR T 316 -1.36 72.67 110.30
C TYR T 316 -2.72 72.94 109.67
N TRP T 317 -2.88 74.14 109.13
CA TRP T 317 -4.02 74.49 108.28
C TRP T 317 -3.62 74.32 106.82
N SER T 318 -4.47 73.66 106.05
CA SER T 318 -4.18 73.46 104.64
C SER T 318 -5.48 73.59 103.85
N LEU T 319 -5.44 74.41 102.81
CA LEU T 319 -6.64 74.72 102.01
C LEU T 319 -6.19 75.03 100.59
N PRO T 320 -6.28 74.07 99.68
CA PRO T 320 -5.70 74.27 98.35
C PRO T 320 -6.56 75.08 97.40
N ASP T 321 -7.88 74.99 97.54
CA ASP T 321 -8.78 75.42 96.47
C ASP T 321 -8.91 76.93 96.34
N ALA T 322 -8.57 77.71 97.36
CA ALA T 322 -8.64 79.17 97.29
C ALA T 322 -7.30 79.85 97.38
N PHE T 323 -6.40 79.33 98.20
CA PHE T 323 -5.14 79.99 98.48
C PHE T 323 -4.08 79.57 97.46
N LYS T 324 -3.28 80.54 97.01
CA LYS T 324 -2.05 80.21 96.33
C LYS T 324 -1.09 79.56 97.33
N PRO T 325 -0.22 78.66 96.88
CA PRO T 325 0.68 77.97 97.80
C PRO T 325 1.74 78.90 98.38
N PRO T 326 2.40 78.49 99.46
CA PRO T 326 3.56 79.23 99.95
C PRO T 326 4.80 79.10 99.07
N VAL T 327 5.95 79.57 99.59
CA VAL T 327 7.12 79.86 98.76
C VAL T 327 7.67 78.59 98.10
N THR T 328 7.78 77.50 98.86
CA THR T 328 8.39 76.29 98.34
C THR T 328 7.43 75.13 98.17
N PHE T 329 6.16 75.28 98.52
CA PHE T 329 5.24 74.17 98.43
C PHE T 329 4.74 73.99 97.00
N THR T 330 4.11 72.83 96.74
CA THR T 330 3.64 72.46 95.43
C THR T 330 2.13 72.22 95.45
N ASN T 331 1.48 72.52 94.33
CA ASN T 331 0.05 72.21 94.19
C ASN T 331 -0.19 70.72 94.09
N ASN T 332 0.35 70.09 93.04
CA ASN T 332 -0.01 68.73 92.67
C ASN T 332 0.69 67.71 93.56
N THR T 333 0.02 67.35 94.65
CA THR T 333 0.25 66.06 95.29
C THR T 333 -1.05 65.31 95.52
N THR T 334 -2.10 66.03 95.94
CA THR T 334 -3.46 65.52 96.20
C THR T 334 -3.43 64.28 97.10
N ASP T 335 -2.91 64.50 98.31
CA ASP T 335 -2.80 63.45 99.32
C ASP T 335 -3.31 64.00 100.64
N ILE T 336 -3.83 63.10 101.48
CA ILE T 336 -4.23 63.49 102.82
C ILE T 336 -3.01 63.80 103.70
N SER T 337 -1.84 63.27 103.34
CA SER T 337 -0.63 63.52 104.14
C SER T 337 -0.08 64.92 103.89
N THR T 338 0.34 65.19 102.67
CA THR T 338 1.08 66.41 102.34
C THR T 338 0.20 67.33 101.51
N GLN T 339 -0.02 68.54 102.01
CA GLN T 339 -0.83 69.56 101.37
C GLN T 339 -0.13 70.90 101.53
N PRO T 340 -0.46 71.89 100.68
CA PRO T 340 0.05 73.25 100.90
C PRO T 340 -0.48 73.84 102.19
N VAL T 341 0.42 74.10 103.13
CA VAL T 341 0.04 74.53 104.47
C VAL T 341 -0.18 76.03 104.51
N THR T 342 -1.39 76.44 104.83
CA THR T 342 -1.72 77.84 105.10
C THR T 342 -1.75 78.15 106.60
N GLY T 343 -0.69 77.79 107.32
CA GLY T 343 -0.56 78.22 108.70
C GLY T 343 -0.52 77.12 109.75
N MET T 344 0.32 77.32 110.76
CA MET T 344 0.45 76.40 111.88
C MET T 344 0.22 77.15 113.19
N HIS T 345 -0.10 76.38 114.24
CA HIS T 345 -0.20 76.90 115.59
C HIS T 345 -0.11 75.73 116.56
N LEU T 346 -0.09 76.06 117.85
CA LEU T 346 0.04 75.04 118.89
C LEU T 346 -1.31 74.38 119.14
N PHE T 347 -1.28 73.06 119.31
CA PHE T 347 -2.49 72.24 119.50
C PHE T 347 -3.26 72.66 120.74
N PRO T 348 -4.55 72.97 120.63
CA PRO T 348 -5.28 73.57 121.75
C PRO T 348 -5.59 72.59 122.87
N LEU T 349 -4.58 72.30 123.70
CA LEU T 349 -4.76 71.43 124.86
C LEU T 349 -3.84 71.99 125.94
N SER T 350 -4.40 72.82 126.81
CA SER T 350 -3.63 73.51 127.84
C SER T 350 -3.80 72.82 129.19
N GLN T 351 -3.06 73.32 130.17
CA GLN T 351 -2.99 72.72 131.50
C GLN T 351 -3.59 73.67 132.54
N ARG T 352 -4.44 73.13 133.39
CA ARG T 352 -4.96 73.84 134.56
C ARG T 352 -4.31 73.25 135.81
N ILE T 353 -3.84 74.12 136.69
CA ILE T 353 -3.11 73.69 137.88
C ILE T 353 -4.04 73.66 139.07
N VAL T 354 -3.70 72.80 140.03
CA VAL T 354 -4.35 72.77 141.34
C VAL T 354 -3.31 72.30 142.36
N TYR T 355 -3.37 72.85 143.56
CA TYR T 355 -2.38 72.57 144.60
C TYR T 355 -3.06 72.68 145.95
N ASN T 356 -2.67 71.80 146.88
CA ASN T 356 -3.30 71.79 148.19
C ASN T 356 -2.40 71.15 149.23
N THR T 357 -2.63 71.54 150.49
CA THR T 357 -2.20 70.79 151.67
C THR T 357 -3.17 69.63 151.94
N SER T 358 -4.25 69.54 151.16
CA SER T 358 -5.21 68.45 151.19
C SER T 358 -4.80 67.31 150.26
N ALA T 359 -3.50 67.08 150.16
CA ALA T 359 -2.81 66.10 149.33
C ALA T 359 -2.96 64.70 149.91
N VAL T 360 -1.94 63.86 149.68
CA VAL T 360 -1.88 62.38 149.70
C VAL T 360 -2.70 61.71 150.79
N TYR T 361 -2.88 62.38 151.93
CA TYR T 361 -3.88 61.94 152.93
C TYR T 361 -5.28 61.83 152.34
N ALA T 362 -5.64 62.66 151.35
CA ALA T 362 -6.92 62.50 150.67
C ALA T 362 -6.98 61.21 149.85
N GLN T 363 -5.83 60.72 149.38
CA GLN T 363 -5.80 59.44 148.69
C GLN T 363 -6.06 58.28 149.66
N LEU T 364 -5.62 58.43 150.92
CA LEU T 364 -5.92 57.42 151.94
C LEU T 364 -7.40 57.41 152.29
N VAL T 365 -8.07 58.56 152.21
CA VAL T 365 -9.50 58.61 152.49
C VAL T 365 -10.29 57.96 151.36
N GLU T 366 -9.78 58.07 150.12
CA GLU T 366 -10.49 57.51 148.97
C GLU T 366 -10.45 55.98 148.97
N GLN T 367 -9.31 55.39 149.29
CA GLN T 367 -9.19 53.94 149.28
C GLN T 367 -9.84 53.28 150.49
N MET T 368 -10.21 54.06 151.52
CA MET T 368 -11.11 53.53 152.54
C MET T 368 -12.52 53.36 151.99
N THR T 369 -12.93 54.24 151.08
CA THR T 369 -14.23 54.15 150.43
C THR T 369 -14.13 53.21 149.23
N ASN T 370 -15.22 53.17 148.44
CA ASN T 370 -15.46 52.49 147.16
C ASN T 370 -14.74 51.15 147.00
N ASN T 371 -14.99 50.24 147.97
CA ASN T 371 -14.12 49.16 148.44
C ASN T 371 -13.37 48.45 147.33
N THR T 372 -12.04 48.47 147.43
CA THR T 372 -11.18 48.28 146.28
C THR T 372 -9.88 47.63 146.74
N LYS T 373 -9.54 46.50 146.11
CA LYS T 373 -8.24 45.88 146.30
C LYS T 373 -7.35 46.00 145.07
N VAL T 374 -7.90 46.37 143.92
CA VAL T 374 -7.06 46.65 142.75
C VAL T 374 -6.36 48.00 142.98
N PHE T 375 -5.26 48.20 142.22
CA PHE T 375 -4.23 49.25 142.31
C PHE T 375 -3.32 49.05 143.54
N ASN T 376 -3.64 48.08 144.39
CA ASN T 376 -3.01 47.95 145.69
C ASN T 376 -2.72 46.48 145.98
N ARG T 377 -2.18 45.77 144.99
CA ARG T 377 -1.85 44.36 145.14
C ARG T 377 -0.61 44.12 146.00
N PHE T 378 0.12 45.17 146.38
CA PHE T 378 1.23 45.06 147.34
C PHE T 378 1.09 46.19 148.35
N PRO T 379 0.25 46.02 149.38
CA PRO T 379 0.05 47.10 150.35
C PRO T 379 1.21 47.25 151.32
N LYS T 380 1.97 46.18 151.56
CA LYS T 380 3.02 46.14 152.57
C LYS T 380 4.29 45.54 151.96
N ASN T 381 4.79 46.15 150.88
CA ASN T 381 6.08 45.72 150.37
C ASN T 381 7.19 46.71 150.71
N ALA T 382 6.81 47.96 151.00
CA ALA T 382 7.63 49.16 151.24
C ALA T 382 8.42 49.60 150.01
N ILE T 383 8.29 48.92 148.87
CA ILE T 383 8.77 49.39 147.58
C ILE T 383 7.64 49.45 146.56
N LEU T 384 6.87 48.37 146.46
CA LEU T 384 5.72 48.30 145.57
C LEU T 384 4.42 48.76 146.23
N MET T 385 4.49 49.67 147.20
CA MET T 385 3.27 50.16 147.85
C MET T 385 2.45 51.05 146.93
N GLN T 386 1.32 51.53 147.43
CA GLN T 386 0.55 52.55 146.74
C GLN T 386 1.37 53.84 146.70
N PRO T 387 1.76 54.33 145.52
CA PRO T 387 2.67 55.47 145.47
C PRO T 387 1.95 56.76 145.81
N PRO T 388 2.64 57.70 146.45
CA PRO T 388 1.99 58.97 146.81
C PRO T 388 1.74 59.84 145.58
N TYR T 389 0.62 60.55 145.61
CA TYR T 389 0.37 61.59 144.63
C TYR T 389 1.36 62.74 144.83
N ASP T 390 1.76 63.36 143.72
CA ASP T 390 2.47 64.62 143.85
C ASP T 390 1.51 65.70 144.34
N THR T 391 2.06 66.69 145.04
CA THR T 391 1.24 67.67 145.75
C THR T 391 0.48 68.61 144.82
N THR T 392 0.86 68.70 143.55
CA THR T 392 0.09 69.45 142.56
C THR T 392 -0.25 68.56 141.37
N GLN T 393 -1.48 68.67 140.88
CA GLN T 393 -1.97 67.89 139.77
C GLN T 393 -2.29 68.82 138.61
N TRP T 394 -1.77 68.49 137.43
CA TRP T 394 -2.04 69.30 136.23
C TRP T 394 -3.23 68.70 135.49
N ILE T 395 -4.32 69.45 135.43
CA ILE T 395 -5.53 69.03 134.73
C ILE T 395 -5.49 69.61 133.33
N SER T 396 -5.74 68.76 132.33
CA SER T 396 -5.66 69.16 130.93
C SER T 396 -7.06 69.50 130.42
N GLU T 397 -7.25 70.76 130.04
CA GLU T 397 -8.51 71.24 129.49
C GLU T 397 -8.34 71.51 128.00
N ASN T 398 -9.42 71.95 127.36
CA ASN T 398 -9.44 72.22 125.93
C ASN T 398 -10.10 73.58 125.71
N VAL T 399 -9.29 74.63 125.66
CA VAL T 399 -9.76 75.99 125.42
C VAL T 399 -10.05 76.12 123.92
N PRO T 400 -11.12 76.81 123.53
CA PRO T 400 -11.33 77.07 122.10
C PRO T 400 -10.32 78.10 121.58
N TYR T 401 -9.62 77.73 120.51
CA TYR T 401 -8.55 78.54 119.97
C TYR T 401 -9.04 79.40 118.81
N VAL T 402 -8.63 80.67 118.81
CA VAL T 402 -8.99 81.63 117.77
C VAL T 402 -7.70 82.27 117.27
N ALA T 403 -7.46 82.17 115.96
CA ALA T 403 -6.20 82.61 115.37
C ALA T 403 -6.39 83.89 114.55
N ASP T 404 -5.26 84.45 114.13
CA ASP T 404 -5.26 85.64 113.28
C ASP T 404 -4.01 85.54 112.41
N HIS T 405 -4.19 85.06 111.18
CA HIS T 405 -3.07 84.89 110.26
C HIS T 405 -2.83 86.18 109.49
N GLY T 406 -1.81 86.19 108.65
CA GLY T 406 -1.46 87.34 107.85
C GLY T 406 -1.99 87.25 106.44
N ILE T 407 -1.36 88.01 105.55
CA ILE T 407 -1.76 88.01 104.14
C ILE T 407 -1.15 86.81 103.44
N GLN T 408 -1.95 86.17 102.59
CA GLN T 408 -1.52 85.09 101.71
C GLN T 408 -2.30 85.29 100.42
N PRO T 409 -1.66 85.10 99.27
CA PRO T 409 -2.31 85.42 98.00
C PRO T 409 -3.42 84.45 97.65
N LEU T 410 -4.52 85.00 97.13
CA LEU T 410 -5.68 84.24 96.72
C LEU T 410 -5.59 83.85 95.25
N LYS T 411 -6.31 82.81 94.89
CA LYS T 411 -6.48 82.47 93.49
C LYS T 411 -7.52 83.38 92.86
N ASN T 412 -7.52 83.43 91.53
CA ASN T 412 -8.41 84.31 90.80
C ASN T 412 -9.79 83.70 90.57
N SER T 413 -10.03 82.46 91.00
CA SER T 413 -11.34 81.84 90.85
C SER T 413 -11.53 80.89 92.03
N LEU T 414 -12.35 81.30 92.99
CA LEU T 414 -12.61 80.51 94.18
C LEU T 414 -13.84 79.66 93.92
N THR T 415 -13.68 78.34 93.90
CA THR T 415 -14.75 77.43 93.50
C THR T 415 -15.81 77.32 94.59
N GLY T 416 -16.89 76.60 94.27
CA GLY T 416 -17.96 76.42 95.23
C GLY T 416 -17.61 75.41 96.30
N VAL T 417 -17.03 74.27 95.90
CA VAL T 417 -16.61 73.23 96.84
C VAL T 417 -15.14 73.48 97.17
N GLN T 418 -14.84 73.56 98.46
CA GLN T 418 -13.52 73.94 98.94
C GLN T 418 -12.92 72.84 99.80
N ARG T 419 -11.67 72.47 99.51
CA ARG T 419 -10.97 71.44 100.26
C ARG T 419 -10.42 72.05 101.53
N VAL T 420 -10.89 71.57 102.68
CA VAL T 420 -10.36 71.97 103.98
C VAL T 420 -9.79 70.71 104.61
N THR T 421 -8.46 70.58 104.57
CA THR T 421 -7.76 69.44 105.16
C THR T 421 -7.05 69.91 106.41
N LEU T 422 -7.28 69.22 107.53
CA LEU T 422 -6.79 69.61 108.84
C LEU T 422 -5.95 68.47 109.39
N THR T 423 -4.66 68.73 109.65
CA THR T 423 -3.74 67.66 110.01
C THR T 423 -2.90 68.07 111.21
N ASP T 424 -2.23 67.07 111.79
CA ASP T 424 -1.29 67.27 112.89
C ASP T 424 0.12 67.50 112.33
N ASP T 425 1.12 67.39 113.21
CA ASP T 425 2.52 67.57 112.78
C ASP T 425 2.97 66.42 111.89
N ARG T 426 2.43 65.23 112.11
CA ARG T 426 2.87 64.02 111.40
C ARG T 426 1.90 63.60 110.31
N ARG T 427 1.39 64.58 109.56
CA ARG T 427 0.69 64.44 108.27
C ARG T 427 -0.50 63.46 108.33
N ARG T 428 -1.17 63.42 109.48
CA ARG T 428 -2.29 62.51 109.66
C ARG T 428 -3.58 63.28 109.89
N SER T 429 -4.69 62.68 109.47
CA SER T 429 -6.02 63.25 109.63
C SER T 429 -6.45 63.12 111.09
N CYS T 430 -6.57 64.25 111.78
CA CYS T 430 -6.89 64.24 113.21
C CYS T 430 -8.38 64.02 113.43
N PRO T 431 -8.79 62.95 114.12
CA PRO T 431 -10.21 62.67 114.30
C PRO T 431 -10.87 63.35 115.48
N TYR T 432 -10.13 64.10 116.28
CA TYR T 432 -10.65 64.70 117.51
C TYR T 432 -11.05 66.15 117.33
N ILE T 433 -11.56 66.51 116.15
CA ILE T 433 -12.08 67.84 115.88
C ILE T 433 -13.56 67.71 115.55
N TYR T 434 -14.39 68.49 116.23
CA TYR T 434 -15.82 68.49 115.97
C TYR T 434 -16.37 69.82 115.47
N LYS T 435 -15.67 70.92 115.71
CA LYS T 435 -16.16 72.24 115.32
C LYS T 435 -14.99 73.07 114.84
N THR T 436 -15.03 73.47 113.57
CA THR T 436 -14.03 74.36 113.00
C THR T 436 -14.65 75.22 111.92
N LEU T 437 -14.17 76.45 111.80
CA LEU T 437 -14.67 77.43 110.84
C LEU T 437 -13.65 78.54 110.72
N ALA T 438 -13.67 79.22 109.56
CA ALA T 438 -12.73 80.29 109.31
C ALA T 438 -13.33 81.31 108.35
N THR T 439 -12.73 82.50 108.32
CA THR T 439 -13.16 83.59 107.45
C THR T 439 -12.03 83.98 106.54
N VAL T 440 -12.36 84.36 105.30
CA VAL T 440 -11.39 84.82 104.31
C VAL T 440 -11.90 86.13 103.71
N THR T 441 -11.11 87.18 103.83
CA THR T 441 -11.46 88.47 103.24
C THR T 441 -10.48 88.85 102.14
N PRO T 442 -10.95 89.11 100.93
CA PRO T 442 -10.05 89.48 99.84
C PRO T 442 -9.61 90.93 99.91
N LYS T 443 -8.32 91.16 99.68
CA LYS T 443 -7.77 92.49 99.54
C LYS T 443 -6.82 92.51 98.35
N VAL T 444 -6.48 93.71 97.91
CA VAL T 444 -5.61 93.91 96.76
C VAL T 444 -4.17 94.05 97.25
N LEU T 445 -3.27 93.22 96.71
CA LEU T 445 -1.85 93.33 97.00
C LEU T 445 -1.09 94.08 95.91
N SER T 446 -1.24 93.66 94.65
CA SER T 446 -0.59 94.32 93.54
C SER T 446 -1.45 94.12 92.29
N SER T 447 -0.99 94.67 91.18
CA SER T 447 -1.72 94.61 89.91
C SER T 447 -0.85 93.89 88.88
N ALA T 448 -1.47 92.95 88.15
CA ALA T 448 -0.80 92.23 87.08
C ALA T 448 -1.09 92.82 85.70
N THR T 449 -1.25 94.14 85.62
CA THR T 449 -1.70 94.74 84.37
C THR T 449 -0.57 94.82 83.34
N LEU T 450 0.47 95.59 83.63
CA LEU T 450 1.52 95.83 82.66
C LEU T 450 2.76 96.38 83.36
N GLN T 451 3.83 96.53 82.58
CA GLN T 451 5.06 97.22 82.96
C GLN T 451 5.76 96.61 84.19
#